data_7T65
#
_entry.id   7T65
#
_cell.length_a   1.00
_cell.length_b   1.00
_cell.length_c   1.00
_cell.angle_alpha   90.00
_cell.angle_beta   90.00
_cell.angle_gamma   90.00
#
_symmetry.space_group_name_H-M   'P 1'
#
loop_
_entity.id
_entity.type
_entity.pdbx_description
1 polymer 'Ryanodine receptor 1'
2 polymer 'Peptidyl-prolyl cis-trans isomerase FKBP1B'
3 non-polymer "ADENOSINE-5'-TRIPHOSPHATE"
4 non-polymer 'CALCIUM ION'
5 non-polymer 'ZINC ION'
#
loop_
_entity_poly.entity_id
_entity_poly.type
_entity_poly.pdbx_seq_one_letter_code
_entity_poly.pdbx_strand_id
1 'polypeptide(L)'
;MGDGGEGEDEVQFLRTDDEVVLQCSATVLKEQLKLCLAAEGFGNRLCFLEPTSNAQNVPPDLAICCFTLEQSLSVRALQE
MLANTVEAGVESSQGGGHRTLLYGHAILLRHAHSRMYLSCLTTSRSMTDKLAFDVGLQEDATGEACWWTMHPASKQRSEG
EKVRVGDDLILVSVSSERYLHLSTASGELQVDASFMQTLWNMNPICSCCEEGYVTGGHVLRLFHGHMDECLTISAADSDD
QRRLVYYEGGAVCTHARSLWRLEPLRISWSGSHLRWGQPLRIRHVTTGRYLALTEDQGLVVVDACKAHTKATSFCFRVSK
EKLDTAPKRDVEGMGPPEIKYGESLCFVQHVASGLWLTYAAPDPKALRLGVLKKKAILHQEGHMDDALFLTRCQQEESQA
ARMIHSTAGLYNQFIKGLDSFSGKPRGSGPPAGPALPIEAVILSLQDLIGYFEPPSEELQHEEKQSKLRSLRNRQSLFQE
EGMLSLVLNCIDRLNVYTTAAHFAEYAGEEAAESWKEIVNLLSELLASLIRGNRANCALFSTNLDWVVSKLDRLEASSGI
LEVLYCVLIESPEVLNIIQENHIKSIISLLDKHGRNHKVLDVLCSLCVCNGVAVRSNQDLITENLLPGRELLLQTNLINY
VTSIRPNIFVGRAEGSTQYGKWYFEVMVDEVVPFLTAQATHLRVGWALTEGYSPYPGGGEGWGGNGVGDDLYSYGFDGLH
LWTGHVARPVTSPGQHLLAPEDVVSCCLDLSVPSISFRINGCPVQGVFEAFNLDGLFFPVVSFSAGVKVRFLLGGRHGEF
KFLPPPGYAPCHEAVLPRERLRLEPIKEYRREGPRGPHLVGPSRCLSHTDFVPCPVDTVQIVLPPHLERIREKLAENIHE
LWALTRIEQGWTYGPVRDDNKRLHPCLVNFHSLPEPERNYNLQMSGETLKTLLALGCHVGMADEKAEDNLKKTKLPKTYM
MSNGYKPAPLDLSHVRLTPAQTTLVDRLAENGHNVWARDRVAQGWSYSAVQDIPARRNPRLVPYRLLDEATKRSNRDSLC
QAVRTLLGYGYNIEPPDQEPSQVENQSRWDRVRIFRAEKSYTVQSGRWYFEFEAVTTGEMRVGWARPELRPDVELGADEL
AYVFNGHRGQRWHLGSEPFGRPWQSGDVVGCMIDLTENTIIFTLNGEVLMSDSGSETAFREIEIGDGFLPVCSLGPGQVG
HLNLGQDVSSLRFFAICGLQEGFEPFAINMQRPVTTWFSKSLPQFEPVPPEHPHYEVARMDGTVDTPPCLRLAHRTWGSQ
NSLVEMLFLRLSLPVQFHQHFRCTAGATPLAPPGLQPPAEDEARAAEPDPDYENLRRSAGGWGEAEGGKEGTAKEGTPGG
TPQPGVEAQPVRAENEKDATTEKNKKRGFLFKAKKAAMMTQPPATPALPRLPHDVVPADNRDDPEIILNTTTYYYSVRVF
AGQEPSCVWVGWVTPDYHQHDMNFDLSKVRAVTVTMGDEQGNVHSSLKCSNCYMVWGGDFVSPGQQGRISHTDLVIGCLV
DLATGLMTFTANGKESNTFFQVEPNTKLFPAVFVLPTHQNVIQFELGKQKNIMPLSAAMFLSERKNPAPQCPPRLEVQML
MPVSWSRMPNHFLQVETRRAGERLGWAVQCQDPLTMMALHIPEENRCMDILELSERLDLQRFHSHTLRLYRAVCALGNNR
VAHALCSHVDQAQLLHALEDAHLPGPLRAGYYDLLISIHLESACRSRRSMLSEYIVPLTPETRAITLFPPGRKGGNARRH
GLPGVGVTTSLRPPHHFSPPCFVAALPAAGVAEAPARLSPAIPLEALRDKALRMLGEAVRDGGQHARDPVGGSVEFQFVP
VLKLVSTLLVMGIFGDEDVKQILKMIEPEVFTEEEEEEEEEEEEEEEEEEDEEEKEEDEEEEEKEDAEKEEEEAPEGEKE
DLEEGLLQMKLPESVKLQMCNLLEYFCDQELQHRVESLAAFAERYVDKLQANQRSRYALLMRAFTMSAAETARRTREFRS
PPQEQINMLLHFKDEADEEDCPLPEDIRQDLQDFHQDLLAHCGIQLEGEEEEPEEETSLSSRLRSLLETVRLVKKKEEKP
EEELPAEEKKPQSLQELVSHMVVRWAQEDYVQSPELVRAMFSLLHRQYDGLGELLRALPRAYTISPSSVEDTMSLLECLG
QIRSLLIVQMGPQEENLMIQSIGNIMNNKVFYQHPNLMRALGMHETVMEVMVNVLGGGETKEIRFPKMVTSCCRFLCYFC
RISRQNQRSMFDHLSYLLENSGIGLGMQGSTPLDVAAASVIDNNELALALQEQDLEKVVSYLAGCGLQSCPMLLAKGYPD
IGWNPCGGERYLDFLRFAVFVNGESVEENANVVVRLLIRKPECFGPALRGEGGSGLLAAIEEAIRISEDPARDGPGVRRD
RRREHFGEEPPEENRVHLGHAIMSFYAALIDLLGRCAPEMHLIQAGKGEALRIRAILRSLVPLDDLVGIISLPLQIPTLG
KDGALVQPKMSASFVPDHKASMVLFLDRVYGIENQDFLLHVLDVGFLPDMRAAASLDTATFSTTEMALALNRYLCLAVLP
LITKCAPLFAGTEHRAIMVDSMLHTVYRLSRGRSLTKAQRDVIEDCLMALCRYIRPSMLQHLLRRLVFDVPILNEFAKMP
LKLLTNHYERCWKYYCLPTGWANFGVTSEEELHLTRKLFWGIFDSLAHKKYDQELYRMAMPCLCAIAGALPPDYVDASYS
SKAEKKATVDAEGNFDPRPVETLNVIIPEKLDSFINKFAEYTHEKWAFDKIQNNWSYGENVDEELKTHPMLRPYKTFSEK
DKEIYRWPIKESLKAMIAWEWTIEKAREGEEERTEKKKTRKISQTAQTYDPREGYNPQPPDLSGVTLSRELQAMAEQLAE
NYHNTWGRKKKQELEAKGGGTHPLLVPYDTLTAKEKARDREKAQELLKFLQMNGYAVTRGLKDMELDTSSIEKRFAFGFL
QQLLRWMDISQEFIAHLEAVVSSGRVEKSPHEQEIKFFAKILLPLINQYFTNHCLYFLSTPAKVLGSGGHASNKEKEMIT
SLFCKLAALVRHRVSLFGTDAPAVVNCLHILARSLDARTVMKSGPEIVKAGLRSFFESASEDIEKMVENLRLGKVSQART
QVKGVGQNLTYTTVALLPVLTTLFQHIAQHQFGDDVILDDVQVSCYRTLCSIYSLGTTKNTYVEKLRPALGECLARLAAA
MPVAFLEPQLNEYNACSVYTTKSPRERAILGLPNSVEEMCPDIPVLDRLMADIGGLAESGARYTEMPHVIEITLPMLCSY
LPRWWERGPEAPPPALPAGAPPPCTAVTSDHLNSLLGNILRIIVNNLGIDEATWMKRLAVFAQPIVSRARPELLHSHFIP
TIGRLRKRAGKVVAEEEQLRLEAKAEAEEGELLVRDEFSVLCRDLYALYPLLIRYVDNNRAHWLTEPNANAEELFRMVGE
IFIYWSKSHNFKREEQNFVVQNEINNMSFLTADSKSKMAKAGDAQSGGSDQERTKKKRRGDRYSVQTSLIVATLKKMLPI
GLNMCAPTDQDLIMLAKTRYALKDTDEEVREFLQNNLHLQGKVEGSPSLRWQMALYRGLPGREEDADDPEKIVRRVQEVS
AVLYHLEQTEHPYKSKKAVWHKLLSKQRRRAVVACFRMTPLYNLPTHRACNMFLESYKAAWILTEDHSFEDRMIDDLSKA
GEQEEEEEEVEEKKPDPLHQLVLHFSRTALTEKSKLDEDYLYMAYADIMAKSCHLEEGGENGEAEEEEVEVSFEEKEMEK
QRLLYQQSRLHTRGAAEMVLQMISACKGETGAMVSSTLKLGISILNGGNAEVQQKMLDYLKDKKEVGFFQSIQALMQTCS
VLDLNAFERQNKAEGLGMVNEDGTVINRQNGEKVMADDEFTQDLFRFLQLLCEGHNNDFQNYLRTQTGNTTTINIIICTV
DYLLRLQESISDFYWYYSGKDVIEEQGKRNFSKAMSVAKQVFNSLTEYIQGPCTGNQQSLAHSRLWDAVVGFLHVFAHMM
MKLAQDSSQIELLKELLDLQKDMVVMLLSLLEGNVVNGMIARQMVDMLVESSSNVEMILKFFDMFLKLKDIVGSEAFQDY
VTDPRGLISKKDFQKAMDSQKQFTGPEIQFLLSCSEADENEMINFEEFANRFQEPARDIGFNVAVLLTNLSEHVPHDPRL
RNFLELAESILEYFRPYLGRIEIMGASRRIERIYFEISETNRAQWEMPQVKESKRQFIFDVVNEGGEAEKMELFVSFCED
TIFEMQIAAQISEPEGEPEADEDEGMGEAAAEGAEEGAAGAEGAAGTVAAGATARLAAAAARALRGLSYRSLRRRVRRLR
RLTAREAATALAALLWAVVARAGAAGAGAAAGALRLLWGSLFGGGLVEGAKKVTVTELLAGMPDPTSDEVHGEQPAGPGG
DADGAGEGEGEGDAAEGDGDEEVAGHEAGPGGAEGVVAVADGGPFRPEGAGGLGDMGDTTPAEPPTPEGSPILKRKLGVD
GEEEELVPEPEPEPEPEPEKADEENGEKEEVPEAPPEPPKKAPPSPPAKKEEAGGAGMEFWGELEVQRVKFLNYLSRNFY
TLRFLALFLAFAINFILLFYKVSDSPPGEDDMEGSAAGDLAGAGSGGGSGWGSGAGEEAEGDEDENMVYYFLEESTGYME
PALWCLSLLHTLVAFLCIIGYNCLKVPLVIFKREKELARKLEFDGLYITEQPGDDDVKGQWDRLVLNTPSFPSNYWDKFV
KRKVLDKHGDIFGRERIAELLGMDLASLEITAHNERKPDPPPGLLTWLMSIDVKYQIWKFGVIFTDNSFLYLGWYMVMSL
LGHYNNFFFAAHLLDIAMGVKTLRTILSSVTHNGKQLVMTVGLLAVVVYLYTVVAFNFFRKFYNKSEDEDEPDMKCDDMM
TCYLFHMYVGVRAGGGIGDEIEDPAGDEYELYRVVFDITFFFFVIVILLAIIQGLIIDAFGELRDQQEQVKEDMETKCFI
CGIGSDYFDTTPHGFETHTLEEHNLANYMFFLMYLINKDETEHTGQESYVWKMYQERCWDFFPAGDCFRKQYEDQLS
;
A,B,C,D
2 'polypeptide(L)'
;GVEIETISPGDGRTFPKKGQTCVVHYTGMLQNGKKFDSSRDRNKPFKFRIGKQEVIKGFEEGAAQMSLGQRAKLTCTPDV
AYGATGHPGVIPPNATLIFDVELLNLE
;
E,F,G,H
#
loop_
_chem_comp.id
_chem_comp.type
_chem_comp.name
_chem_comp.formula
ATP non-polymer ADENOSINE-5'-TRIPHOSPHATE 'C10 H16 N5 O13 P3'
CA non-polymer 'CALCIUM ION' 'Ca 2'
ZN non-polymer 'ZINC ION' 'Zn 2'
#
# COMPACT_ATOMS: atom_id res chain seq x y z
N GLU A 10 -22.14 16.41 16.30
CA GLU A 10 -22.20 17.62 17.10
C GLU A 10 -23.64 17.90 17.51
N VAL A 11 -23.84 18.97 18.27
CA VAL A 11 -25.17 19.31 18.78
C VAL A 11 -25.95 20.00 17.66
N GLN A 12 -27.08 19.41 17.29
CA GLN A 12 -27.92 19.97 16.26
C GLN A 12 -28.74 21.13 16.81
N PHE A 13 -29.34 21.89 15.89
CA PHE A 13 -30.17 23.05 16.19
C PHE A 13 -31.51 22.89 15.51
N LEU A 14 -32.51 23.56 16.07
CA LEU A 14 -33.88 23.41 15.63
C LEU A 14 -34.11 24.32 14.42
N ARG A 15 -34.06 23.72 13.23
CA ARG A 15 -34.24 24.42 11.98
C ARG A 15 -35.72 24.52 11.64
N THR A 16 -36.06 25.54 10.87
CA THR A 16 -37.43 25.71 10.42
C THR A 16 -37.78 24.67 9.37
N ASP A 17 -39.08 24.52 9.13
CA ASP A 17 -39.63 23.54 8.19
C ASP A 17 -39.21 22.11 8.55
N ASP A 18 -39.19 21.83 9.86
CA ASP A 18 -38.88 20.53 10.41
C ASP A 18 -39.98 20.11 11.37
N GLU A 19 -40.36 18.85 11.32
CA GLU A 19 -41.38 18.33 12.22
C GLU A 19 -40.84 18.33 13.64
N VAL A 20 -41.75 18.48 14.60
CA VAL A 20 -41.37 18.58 16.00
C VAL A 20 -42.57 18.22 16.86
N VAL A 21 -42.30 17.91 18.13
CA VAL A 21 -43.31 17.54 19.11
C VAL A 21 -43.00 18.27 20.40
N LEU A 22 -44.03 18.89 20.99
CA LEU A 22 -43.90 19.49 22.31
C LEU A 22 -43.88 18.40 23.38
N GLN A 23 -43.30 18.74 24.53
CA GLN A 23 -43.10 17.76 25.58
C GLN A 23 -43.00 18.46 26.92
N CYS A 24 -43.49 17.78 27.95
CA CYS A 24 -43.46 18.27 29.32
C CYS A 24 -43.54 17.07 30.25
N SER A 25 -43.21 17.31 31.51
CA SER A 25 -43.28 16.29 32.54
C SER A 25 -43.71 16.92 33.86
N ALA A 26 -44.44 16.12 34.65
CA ALA A 26 -44.90 16.54 35.96
C ALA A 26 -45.09 15.29 36.81
N THR A 27 -45.10 15.51 38.13
CA THR A 27 -45.15 14.42 39.11
C THR A 27 -46.59 14.25 39.62
N VAL A 28 -47.08 13.02 39.51
CA VAL A 28 -48.39 12.61 40.03
C VAL A 28 -48.24 11.56 41.11
N LEU A 29 -47.17 10.75 41.04
CA LEU A 29 -46.86 9.71 42.02
C LEU A 29 -45.37 9.76 42.39
N LYS A 30 -44.76 10.94 42.33
CA LYS A 30 -43.31 11.11 42.47
C LYS A 30 -42.58 10.37 41.36
N GLU A 31 -42.89 10.75 40.12
CA GLU A 31 -42.22 10.22 38.95
C GLU A 31 -42.41 11.20 37.81
N GLN A 32 -41.36 11.41 37.02
CA GLN A 32 -41.40 12.35 35.90
C GLN A 32 -42.09 11.66 34.74
N LEU A 33 -43.39 11.88 34.64
CA LEU A 33 -44.18 11.28 33.57
C LEU A 33 -43.83 11.91 32.24
N LYS A 34 -43.78 11.08 31.19
CA LYS A 34 -43.52 11.55 29.84
C LYS A 34 -44.85 11.90 29.18
N LEU A 35 -45.01 13.18 28.82
CA LEU A 35 -46.26 13.74 28.32
C LEU A 35 -45.98 14.54 27.06
N CYS A 36 -47.03 14.74 26.26
CA CYS A 36 -46.90 15.48 25.03
C CYS A 36 -48.27 16.01 24.60
N LEU A 37 -48.27 17.23 24.07
CA LEU A 37 -49.49 17.86 23.63
C LEU A 37 -50.00 17.22 22.35
N ALA A 38 -51.32 17.29 22.15
CA ALA A 38 -51.93 16.74 20.95
C ALA A 38 -53.32 17.35 20.78
N ALA A 39 -53.94 17.01 19.66
CA ALA A 39 -55.29 17.43 19.36
C ALA A 39 -55.82 16.61 18.20
N GLU A 40 -57.11 16.26 18.25
CA GLU A 40 -57.69 15.42 17.21
C GLU A 40 -57.90 16.22 15.93
N GLY A 41 -58.30 17.48 16.06
CA GLY A 41 -58.60 18.32 14.91
C GLY A 41 -60.06 18.26 14.50
N PHE A 42 -60.36 17.42 13.53
CA PHE A 42 -61.72 17.33 13.01
C PHE A 42 -62.64 16.70 14.05
N GLY A 43 -63.28 17.54 14.85
CA GLY A 43 -64.11 17.11 15.95
C GLY A 43 -63.94 18.04 17.13
N ASN A 44 -63.59 17.48 18.28
CA ASN A 44 -63.22 18.31 19.42
C ASN A 44 -61.92 19.04 19.10
N ARG A 45 -62.03 20.35 18.88
CA ARG A 45 -60.88 21.15 18.49
C ARG A 45 -59.95 21.47 19.66
N LEU A 46 -60.43 21.37 20.90
CA LEU A 46 -59.59 21.69 22.04
C LEU A 46 -58.49 20.66 22.20
N CYS A 47 -57.31 21.14 22.53
CA CYS A 47 -56.16 20.26 22.68
C CYS A 47 -56.31 19.41 23.94
N PHE A 48 -55.56 18.31 23.95
CA PHE A 48 -55.58 17.37 25.06
C PHE A 48 -54.21 16.72 25.17
N LEU A 49 -53.95 16.16 26.34
CA LEU A 49 -52.65 15.65 26.71
C LEU A 49 -52.60 14.16 26.48
N GLU A 50 -51.49 13.71 25.86
CA GLU A 50 -51.27 12.32 25.50
C GLU A 50 -50.12 11.77 26.37
N PRO A 51 -50.39 10.93 27.39
CA PRO A 51 -49.28 10.31 28.10
C PRO A 51 -48.48 9.36 27.22
N THR A 52 -47.18 9.28 27.52
CA THR A 52 -46.26 8.37 26.84
C THR A 52 -45.31 7.68 27.80
N SER A 53 -45.52 7.75 29.12
CA SER A 53 -44.59 7.17 30.06
C SER A 53 -44.53 5.65 29.98
N ASN A 54 -45.63 5.01 29.58
CA ASN A 54 -45.74 3.56 29.47
C ASN A 54 -45.31 3.03 28.11
N ALA A 55 -44.49 3.78 27.37
CA ALA A 55 -44.15 3.40 26.00
C ALA A 55 -43.38 2.10 25.92
N GLN A 56 -42.62 1.77 26.97
CA GLN A 56 -41.88 0.51 26.99
C GLN A 56 -42.82 -0.69 27.00
N ASN A 57 -43.91 -0.60 27.75
CA ASN A 57 -44.84 -1.70 27.95
C ASN A 57 -46.10 -1.61 27.08
N VAL A 58 -46.40 -0.44 26.53
CA VAL A 58 -47.50 -0.32 25.57
C VAL A 58 -47.31 1.00 24.80
N PRO A 59 -47.31 1.02 23.47
CA PRO A 59 -46.87 2.23 22.78
C PRO A 59 -47.98 3.29 22.74
N PRO A 60 -47.63 4.59 22.53
CA PRO A 60 -48.67 5.61 22.40
C PRO A 60 -49.10 5.80 20.96
N ASP A 61 -50.02 6.75 20.71
CA ASP A 61 -50.47 7.15 19.38
C ASP A 61 -49.89 8.53 19.10
N LEU A 62 -48.76 8.56 18.41
CA LEU A 62 -48.01 9.79 18.15
C LEU A 62 -48.36 10.47 16.83
N ALA A 63 -49.31 9.94 16.06
CA ALA A 63 -49.60 10.49 14.74
C ALA A 63 -50.20 11.89 14.85
N ILE A 64 -51.18 12.07 15.74
CA ILE A 64 -51.76 13.39 15.94
C ILE A 64 -50.77 14.35 16.56
N CYS A 65 -49.84 13.84 17.37
CA CYS A 65 -48.93 14.69 18.12
C CYS A 65 -47.95 15.45 17.23
N CYS A 66 -47.70 14.97 16.02
CA CYS A 66 -46.64 15.53 15.18
C CYS A 66 -47.02 16.92 14.71
N PHE A 67 -46.27 17.92 15.18
CA PHE A 67 -46.38 19.31 14.77
C PHE A 67 -45.27 19.65 13.78
N THR A 68 -45.42 20.80 13.13
CA THR A 68 -44.49 21.28 12.12
C THR A 68 -44.27 22.78 12.31
N LEU A 69 -43.02 23.20 12.15
CA LEU A 69 -42.63 24.60 12.23
C LEU A 69 -42.85 25.23 10.87
N GLU A 70 -43.82 26.12 10.77
CA GLU A 70 -44.14 26.73 9.49
C GLU A 70 -43.11 27.78 9.11
N GLN A 71 -42.88 28.75 10.00
CA GLN A 71 -41.92 29.81 9.75
C GLN A 71 -41.65 30.52 11.07
N SER A 72 -40.72 31.47 11.03
CA SER A 72 -40.33 32.22 12.21
C SER A 72 -39.75 33.54 11.76
N LEU A 73 -39.87 34.54 12.63
CA LEU A 73 -39.41 35.90 12.33
C LEU A 73 -39.40 36.67 13.64
N SER A 74 -39.05 37.95 13.55
CA SER A 74 -38.97 38.82 14.70
C SER A 74 -40.34 39.39 15.04
N VAL A 75 -40.42 40.00 16.22
CA VAL A 75 -41.70 40.51 16.71
C VAL A 75 -42.13 41.73 15.90
N ARG A 76 -41.20 42.65 15.66
CA ARG A 76 -41.53 43.84 14.89
C ARG A 76 -41.87 43.50 13.45
N ALA A 77 -41.15 42.53 12.90
CA ALA A 77 -41.45 42.05 11.56
C ALA A 77 -42.83 41.40 11.51
N LEU A 78 -43.19 40.69 12.58
CA LEU A 78 -44.53 40.10 12.66
C LEU A 78 -45.59 41.20 12.74
N GLN A 79 -45.31 42.28 13.47
CA GLN A 79 -46.27 43.38 13.52
C GLN A 79 -46.41 44.05 12.17
N GLU A 80 -45.32 44.14 11.41
CA GLU A 80 -45.41 44.70 10.07
C GLU A 80 -46.19 43.77 9.15
N MET A 81 -46.05 42.45 9.34
CA MET A 81 -46.86 41.49 8.61
C MET A 81 -48.33 41.65 8.97
N LEU A 82 -48.61 41.90 10.24
CA LEU A 82 -49.97 42.14 10.70
C LEU A 82 -50.56 43.38 10.02
N ALA A 83 -49.79 44.47 9.98
CA ALA A 83 -50.25 45.67 9.30
C ALA A 83 -50.39 45.43 7.81
N ASN A 84 -49.43 44.72 7.21
CA ASN A 84 -49.48 44.33 5.81
C ASN A 84 -50.24 43.01 5.68
N THR A 85 -51.53 43.08 6.01
CA THR A 85 -52.39 41.91 5.96
C THR A 85 -52.57 41.40 4.53
N VAL A 86 -52.54 42.30 3.55
CA VAL A 86 -52.69 41.89 2.16
C VAL A 86 -51.46 41.13 1.71
N GLU A 87 -51.69 39.96 1.11
CA GLU A 87 -50.59 39.13 0.61
C GLU A 87 -50.03 39.70 -0.68
N GLY A 95 -39.32 31.60 0.68
CA GLY A 95 -38.40 31.16 -0.36
C GLY A 95 -37.62 29.92 0.05
N GLY A 96 -36.31 30.07 0.23
CA GLY A 96 -35.49 28.95 0.63
C GLY A 96 -35.82 28.48 2.03
N GLY A 97 -36.09 29.41 2.95
CA GLY A 97 -36.42 29.03 4.29
C GLY A 97 -35.23 28.45 5.04
N HIS A 98 -35.54 27.53 5.96
CA HIS A 98 -34.56 26.86 6.80
C HIS A 98 -33.76 27.85 7.65
N ARG A 99 -34.38 28.97 8.03
CA ARG A 99 -33.73 29.90 8.93
C ARG A 99 -33.66 29.29 10.32
N THR A 100 -32.48 29.34 10.92
CA THR A 100 -32.31 28.80 12.26
C THR A 100 -33.07 29.66 13.27
N LEU A 101 -33.63 29.00 14.27
CA LEU A 101 -34.44 29.68 15.27
C LEU A 101 -33.56 30.32 16.32
N LEU A 102 -33.99 31.49 16.79
CA LEU A 102 -33.36 32.23 17.86
C LEU A 102 -34.39 32.56 18.92
N TYR A 103 -33.92 32.71 20.15
CA TYR A 103 -34.78 33.13 21.23
C TYR A 103 -35.29 34.54 20.97
N GLY A 104 -36.55 34.78 21.34
CA GLY A 104 -37.21 36.03 21.07
C GLY A 104 -37.93 36.12 19.74
N HIS A 105 -37.74 35.13 18.86
CA HIS A 105 -38.46 35.10 17.61
C HIS A 105 -39.91 34.67 17.85
N ALA A 106 -40.77 35.04 16.90
CA ALA A 106 -42.20 34.70 16.93
C ALA A 106 -42.40 33.41 16.14
N ILE A 107 -42.59 32.32 16.86
CA ILE A 107 -42.76 31.02 16.24
C ILE A 107 -44.20 30.87 15.73
N LEU A 108 -44.40 29.89 14.86
CA LEU A 108 -45.71 29.55 14.32
C LEU A 108 -45.77 28.02 14.16
N LEU A 109 -46.38 27.37 15.14
CA LEU A 109 -46.59 25.93 15.08
C LEU A 109 -47.75 25.60 14.15
N ARG A 110 -47.78 24.35 13.71
CA ARG A 110 -48.85 23.87 12.85
C ARG A 110 -49.01 22.37 13.08
N HIS A 111 -50.26 21.93 13.08
CA HIS A 111 -50.54 20.51 13.15
C HIS A 111 -50.22 19.90 11.80
N ALA A 112 -49.27 18.95 11.79
CA ALA A 112 -48.86 18.34 10.54
C ALA A 112 -49.99 17.56 9.89
N HIS A 113 -50.82 16.93 10.72
CA HIS A 113 -51.88 16.06 10.21
C HIS A 113 -53.11 16.86 9.78
N SER A 114 -53.74 17.53 10.74
CA SER A 114 -55.01 18.19 10.48
C SER A 114 -54.87 19.42 9.57
N ARG A 115 -53.66 19.97 9.45
CA ARG A 115 -53.44 21.20 8.69
C ARG A 115 -54.24 22.37 9.25
N MET A 116 -54.38 22.40 10.58
CA MET A 116 -54.98 23.49 11.33
C MET A 116 -53.97 24.00 12.33
N TYR A 117 -53.89 25.32 12.44
CA TYR A 117 -52.78 25.96 13.13
C TYR A 117 -53.08 26.13 14.61
N LEU A 118 -52.07 25.95 15.43
CA LEU A 118 -52.21 26.11 16.86
C LEU A 118 -52.47 27.57 17.22
N SER A 119 -53.34 27.78 18.20
CA SER A 119 -53.70 29.14 18.58
C SER A 119 -54.38 29.10 19.95
N CYS A 120 -54.57 30.30 20.51
CA CYS A 120 -55.39 30.47 21.70
C CYS A 120 -56.86 30.55 21.32
N LEU A 121 -57.72 30.48 22.33
CA LEU A 121 -59.16 30.58 22.15
C LEU A 121 -59.75 31.37 23.31
N THR A 122 -60.83 32.09 23.01
CA THR A 122 -61.50 32.96 23.97
C THR A 122 -62.60 32.19 24.69
N THR A 123 -62.15 31.21 25.48
CA THR A 123 -63.02 30.32 26.24
C THR A 123 -62.58 30.24 27.70
N SER A 124 -63.20 29.35 28.46
CA SER A 124 -62.84 29.14 29.86
C SER A 124 -63.21 27.72 30.24
N ARG A 125 -62.58 27.24 31.31
CA ARG A 125 -62.82 25.88 31.78
C ARG A 125 -62.35 25.75 33.21
N SER A 126 -63.05 24.92 33.98
CA SER A 126 -62.83 24.56 35.37
C SER A 126 -63.25 25.64 36.36
N MET A 127 -63.68 26.83 35.91
CA MET A 127 -64.25 27.88 36.77
C MET A 127 -63.23 28.36 37.80
N THR A 128 -62.07 28.78 37.29
CA THR A 128 -61.03 29.32 38.15
C THR A 128 -61.27 30.77 38.58
N ASP A 129 -62.32 31.43 38.07
CA ASP A 129 -62.54 32.87 38.26
C ASP A 129 -61.34 33.67 37.78
N LYS A 130 -60.74 33.22 36.69
CA LYS A 130 -59.49 33.76 36.19
C LYS A 130 -59.36 33.29 34.75
N LEU A 131 -58.53 34.00 33.98
CA LEU A 131 -58.27 33.62 32.60
C LEU A 131 -57.62 32.24 32.55
N ALA A 132 -58.18 31.39 31.69
CA ALA A 132 -57.63 30.10 31.32
C ALA A 132 -57.24 30.07 29.86
N PHE A 133 -58.18 30.42 28.97
CA PHE A 133 -57.98 30.49 27.52
C PHE A 133 -57.46 29.16 26.98
N ASP A 134 -58.37 28.19 27.02
CA ASP A 134 -58.08 26.81 26.61
C ASP A 134 -57.60 26.78 25.17
N VAL A 135 -56.37 26.30 24.97
CA VAL A 135 -55.74 26.37 23.67
C VAL A 135 -56.43 25.39 22.71
N GLY A 136 -56.32 25.70 21.43
CA GLY A 136 -56.92 24.87 20.42
C GLY A 136 -56.31 25.16 19.05
N LEU A 137 -56.93 24.57 18.03
CA LEU A 137 -56.43 24.60 16.66
C LEU A 137 -57.36 25.48 15.84
N GLN A 138 -56.87 26.66 15.48
CA GLN A 138 -57.62 27.53 14.60
C GLN A 138 -57.60 26.99 13.18
N GLU A 139 -58.69 27.24 12.46
CA GLU A 139 -58.85 26.71 11.12
C GLU A 139 -57.99 27.43 10.08
N ASP A 140 -57.53 28.65 10.38
CA ASP A 140 -56.74 29.43 9.44
C ASP A 140 -55.70 30.21 10.23
N ALA A 141 -54.56 30.43 9.58
CA ALA A 141 -53.44 31.16 10.19
C ALA A 141 -53.64 32.66 10.18
N THR A 142 -54.67 33.18 9.51
CA THR A 142 -54.94 34.60 9.55
C THR A 142 -55.32 35.04 10.95
N GLY A 143 -55.02 36.28 11.25
CA GLY A 143 -55.22 36.83 12.59
C GLY A 143 -53.99 36.65 13.45
N GLU A 144 -53.84 37.55 14.41
CA GLU A 144 -52.63 37.62 15.21
C GLU A 144 -52.61 36.63 16.37
N ALA A 145 -53.75 36.05 16.74
CA ALA A 145 -53.78 35.11 17.85
C ALA A 145 -53.03 33.82 17.54
N CYS A 146 -52.85 33.47 16.27
CA CYS A 146 -52.21 32.23 15.92
C CYS A 146 -50.73 32.20 16.31
N TRP A 147 -50.08 33.36 16.35
CA TRP A 147 -48.64 33.40 16.54
C TRP A 147 -48.27 33.26 18.01
N TRP A 148 -47.09 32.68 18.23
CA TRP A 148 -46.52 32.47 19.55
C TRP A 148 -45.08 32.94 19.56
N THR A 149 -44.55 33.20 20.76
CA THR A 149 -43.19 33.66 20.97
C THR A 149 -42.49 32.76 21.97
N MET A 150 -41.23 32.46 21.69
CA MET A 150 -40.39 31.65 22.54
C MET A 150 -39.70 32.50 23.59
N HIS A 151 -39.16 31.85 24.61
CA HIS A 151 -38.37 32.52 25.64
C HIS A 151 -37.50 31.48 26.32
N PRO A 152 -36.44 31.91 27.02
CA PRO A 152 -35.53 30.94 27.63
C PRO A 152 -35.94 30.54 29.02
N ALA A 153 -35.81 29.24 29.29
CA ALA A 153 -36.12 28.68 30.60
C ALA A 153 -34.89 28.73 31.51
N SER A 154 -33.81 28.08 31.09
CA SER A 154 -32.57 28.08 31.87
C SER A 154 -31.82 29.39 31.66
N LYS A 155 -31.17 29.86 32.74
CA LYS A 155 -30.44 31.12 32.68
C LYS A 155 -29.12 30.99 31.92
N GLN A 156 -28.62 29.77 31.71
CA GLN A 156 -27.34 29.59 31.02
C GLN A 156 -27.40 30.06 29.57
N ARG A 157 -28.57 30.02 28.95
CA ARG A 157 -28.85 30.69 27.70
C ARG A 157 -29.45 32.07 27.98
N SER A 158 -29.52 32.89 26.93
CA SER A 158 -30.10 34.22 27.02
C SER A 158 -30.76 34.53 25.68
N GLU A 159 -31.21 35.78 25.55
CA GLU A 159 -31.87 36.20 24.32
C GLU A 159 -30.86 36.35 23.19
N GLY A 160 -31.27 35.95 21.98
CA GLY A 160 -30.45 36.04 20.80
C GLY A 160 -29.59 34.82 20.52
N GLU A 161 -29.45 33.91 21.48
CA GLU A 161 -28.69 32.70 21.23
C GLU A 161 -29.40 31.81 20.23
N LYS A 162 -28.62 30.95 19.58
CA LYS A 162 -29.19 29.93 18.71
C LYS A 162 -29.73 28.80 19.57
N VAL A 163 -31.05 28.60 19.52
CA VAL A 163 -31.67 27.54 20.30
C VAL A 163 -31.24 26.19 19.75
N ARG A 164 -30.91 25.28 20.66
CA ARG A 164 -30.50 23.92 20.36
C ARG A 164 -31.62 22.96 20.73
N VAL A 165 -31.33 21.68 20.59
CA VAL A 165 -32.26 20.61 20.95
C VAL A 165 -32.07 20.27 22.41
N GLY A 166 -33.15 19.80 23.04
CA GLY A 166 -33.12 19.32 24.40
C GLY A 166 -33.35 20.38 25.46
N ASP A 167 -32.90 21.60 25.23
CA ASP A 167 -33.06 22.65 26.22
C ASP A 167 -34.54 23.02 26.39
N ASP A 168 -34.88 23.46 27.59
CA ASP A 168 -36.26 23.76 27.94
C ASP A 168 -36.63 25.15 27.47
N LEU A 169 -37.89 25.30 27.04
CA LEU A 169 -38.40 26.52 26.44
C LEU A 169 -39.65 26.98 27.18
N ILE A 170 -39.95 28.26 27.02
CA ILE A 170 -41.11 28.92 27.62
C ILE A 170 -41.88 29.58 26.49
N LEU A 171 -42.88 28.89 25.97
CA LEU A 171 -43.71 29.47 24.92
C LEU A 171 -44.68 30.47 25.51
N VAL A 172 -44.91 31.56 24.77
CA VAL A 172 -45.78 32.65 25.17
C VAL A 172 -46.68 33.00 23.99
N SER A 173 -47.92 33.37 24.30
CA SER A 173 -48.86 33.82 23.30
C SER A 173 -48.63 35.29 22.97
N VAL A 174 -49.02 35.66 21.76
CA VAL A 174 -48.82 37.01 21.25
C VAL A 174 -50.01 37.85 21.65
N SER A 175 -51.19 37.51 21.13
CA SER A 175 -52.36 38.33 21.36
C SER A 175 -52.88 38.18 22.78
N SER A 176 -52.92 36.93 23.27
CA SER A 176 -53.41 36.69 24.62
C SER A 176 -52.49 37.26 25.68
N GLU A 177 -51.19 37.35 25.39
CA GLU A 177 -50.18 37.82 26.34
C GLU A 177 -50.16 36.94 27.58
N ARG A 178 -50.28 35.64 27.36
CA ARG A 178 -50.40 34.63 28.41
C ARG A 178 -49.48 33.48 28.08
N TYR A 179 -49.04 32.79 29.13
CA TYR A 179 -47.97 31.81 29.06
C TYR A 179 -48.57 30.41 29.04
N LEU A 180 -47.95 29.53 28.25
CA LEU A 180 -48.38 28.14 28.20
C LEU A 180 -48.12 27.48 29.55
N HIS A 181 -49.01 26.55 29.91
CA HIS A 181 -49.09 26.08 31.28
C HIS A 181 -49.72 24.69 31.30
N LEU A 182 -49.09 23.79 32.05
CA LEU A 182 -49.67 22.49 32.40
C LEU A 182 -50.48 22.67 33.66
N SER A 183 -51.80 22.63 33.52
CA SER A 183 -52.72 22.89 34.63
C SER A 183 -53.08 21.58 35.31
N THR A 184 -52.51 21.36 36.48
CA THR A 184 -52.90 20.26 37.34
C THR A 184 -54.13 20.65 38.15
N ALA A 185 -55.09 19.73 38.22
CA ALA A 185 -56.35 19.98 38.88
C ALA A 185 -56.90 18.64 39.36
N SER A 186 -58.17 18.64 39.77
CA SER A 186 -58.80 17.42 40.24
C SER A 186 -58.91 16.38 39.15
N GLY A 187 -59.26 16.81 37.93
CA GLY A 187 -59.45 15.91 36.82
C GLY A 187 -58.15 15.54 36.14
N GLU A 188 -58.28 15.15 34.88
CA GLU A 188 -57.12 14.84 34.07
C GLU A 188 -56.28 16.11 33.86
N LEU A 189 -54.99 15.90 33.56
CA LEU A 189 -54.03 16.99 33.47
C LEU A 189 -54.38 17.86 32.27
N GLN A 190 -54.96 19.02 32.56
CA GLN A 190 -55.32 19.98 31.53
C GLN A 190 -54.10 20.83 31.15
N VAL A 191 -54.11 21.29 29.90
CA VAL A 191 -53.01 22.04 29.30
C VAL A 191 -53.41 23.46 28.97
N ASP A 192 -54.33 24.04 29.76
CA ASP A 192 -54.73 25.41 29.55
C ASP A 192 -53.60 26.38 29.88
N ALA A 193 -53.48 27.42 29.06
CA ALA A 193 -52.43 28.43 29.22
C ALA A 193 -52.95 29.53 30.13
N SER A 194 -52.81 29.29 31.44
CA SER A 194 -53.39 30.15 32.48
C SER A 194 -52.35 30.83 33.35
N PHE A 195 -51.48 30.09 34.05
CA PHE A 195 -50.81 30.59 35.25
C PHE A 195 -49.29 30.56 35.17
N MET A 196 -48.67 29.40 34.91
CA MET A 196 -47.26 29.16 35.23
C MET A 196 -46.47 28.88 33.95
N GLN A 197 -45.22 29.34 33.96
CA GLN A 197 -44.33 29.26 32.81
C GLN A 197 -43.64 27.89 32.81
N THR A 198 -44.39 26.89 32.36
CA THR A 198 -43.91 25.51 32.44
C THR A 198 -42.73 25.27 31.52
N LEU A 199 -41.79 24.48 32.01
CA LEU A 199 -40.59 24.14 31.24
C LEU A 199 -41.00 23.19 30.14
N TRP A 200 -41.17 23.73 28.94
CA TRP A 200 -41.68 22.99 27.79
C TRP A 200 -40.50 22.54 26.96
N ASN A 201 -40.16 21.26 27.07
CA ASN A 201 -39.14 20.69 26.22
C ASN A 201 -39.68 20.57 24.80
N MET A 202 -38.76 20.38 23.86
CA MET A 202 -39.05 20.53 22.43
C MET A 202 -38.26 19.43 21.71
N ASN A 203 -38.94 18.32 21.43
CA ASN A 203 -38.29 17.14 20.87
C ASN A 203 -38.39 17.14 19.35
N PRO A 204 -37.27 17.18 18.59
CA PRO A 204 -37.40 17.01 17.14
C PRO A 204 -37.71 15.58 16.74
N ILE A 205 -38.96 15.38 16.30
CA ILE A 205 -39.38 14.07 15.81
C ILE A 205 -38.73 13.75 14.48
N CYS A 206 -38.48 14.76 13.64
CA CYS A 206 -37.93 14.53 12.31
C CYS A 206 -37.48 15.88 11.77
N SER A 207 -36.95 15.86 10.56
CA SER A 207 -36.38 17.03 9.92
C SER A 207 -36.38 16.79 8.41
N CYS A 208 -35.59 17.56 7.68
CA CYS A 208 -35.51 17.43 6.22
C CYS A 208 -35.05 16.05 5.82
N CYS A 209 -35.91 15.34 5.08
CA CYS A 209 -35.70 13.96 4.66
C CYS A 209 -35.15 13.91 3.24
N GLU A 210 -34.54 12.78 2.92
CA GLU A 210 -34.00 12.55 1.59
C GLU A 210 -35.11 12.17 0.63
N GLU A 211 -34.96 12.60 -0.62
CA GLU A 211 -35.97 12.32 -1.63
C GLU A 211 -35.99 10.85 -1.97
N GLY A 212 -37.19 10.28 -2.03
CA GLY A 212 -37.37 8.90 -2.45
C GLY A 212 -36.76 7.88 -1.52
N TYR A 213 -36.92 8.07 -0.21
CA TYR A 213 -36.42 7.13 0.78
C TYR A 213 -37.37 7.10 1.96
N VAL A 214 -37.40 5.96 2.62
CA VAL A 214 -38.39 5.70 3.66
C VAL A 214 -37.94 6.28 4.98
N THR A 215 -38.91 6.70 5.79
CA THR A 215 -38.69 7.20 7.13
C THR A 215 -39.87 6.79 8.00
N GLY A 216 -39.68 6.91 9.30
CA GLY A 216 -40.77 6.65 10.22
C GLY A 216 -41.89 7.67 10.07
N GLY A 217 -43.10 7.21 10.34
CA GLY A 217 -44.31 8.01 10.25
C GLY A 217 -45.00 7.95 8.91
N HIS A 218 -44.25 7.77 7.83
CA HIS A 218 -44.85 7.69 6.50
C HIS A 218 -45.64 6.40 6.37
N VAL A 219 -46.92 6.53 6.01
CA VAL A 219 -47.78 5.38 5.79
C VAL A 219 -47.55 4.85 4.39
N LEU A 220 -47.52 3.52 4.27
CA LEU A 220 -47.12 2.84 3.05
C LEU A 220 -47.99 1.62 2.84
N ARG A 221 -47.97 1.12 1.61
CA ARG A 221 -48.69 -0.08 1.20
C ARG A 221 -47.67 -1.16 0.85
N LEU A 222 -47.81 -2.33 1.49
CA LEU A 222 -46.88 -3.43 1.30
C LEU A 222 -47.28 -4.24 0.08
N PHE A 223 -46.37 -4.34 -0.89
CA PHE A 223 -46.57 -5.07 -2.13
C PHE A 223 -45.84 -6.40 -2.08
N HIS A 224 -46.33 -7.35 -2.90
CA HIS A 224 -45.83 -8.70 -2.97
C HIS A 224 -45.91 -9.15 -4.42
N GLY A 225 -45.12 -10.17 -4.76
CA GLY A 225 -45.02 -10.55 -6.16
C GLY A 225 -44.36 -9.46 -6.95
N HIS A 226 -44.79 -9.30 -8.21
CA HIS A 226 -44.27 -8.22 -9.05
C HIS A 226 -44.99 -6.90 -8.74
N MET A 227 -46.32 -6.86 -8.92
CA MET A 227 -47.14 -5.72 -8.48
C MET A 227 -48.50 -6.09 -7.92
N ASP A 228 -49.08 -7.22 -8.29
CA ASP A 228 -50.53 -7.46 -8.13
C ASP A 228 -50.86 -8.20 -6.84
N GLU A 229 -50.35 -7.70 -5.72
CA GLU A 229 -50.68 -8.24 -4.41
C GLU A 229 -50.49 -7.15 -3.38
N CYS A 230 -51.32 -7.20 -2.33
CA CYS A 230 -51.27 -6.22 -1.25
C CYS A 230 -51.74 -6.86 0.03
N LEU A 231 -50.99 -6.64 1.10
CA LEU A 231 -51.41 -7.11 2.42
C LEU A 231 -52.54 -6.25 2.94
N THR A 232 -53.56 -6.90 3.49
CA THR A 232 -54.71 -6.16 4.01
C THR A 232 -55.50 -7.04 4.95
N ILE A 233 -56.32 -6.39 5.75
CA ILE A 233 -57.37 -7.02 6.55
C ILE A 233 -58.62 -7.04 5.68
N SER A 234 -59.48 -8.03 5.91
CA SER A 234 -60.73 -8.10 5.18
C SER A 234 -61.61 -6.89 5.49
N ALA A 235 -62.54 -6.61 4.58
CA ALA A 235 -63.41 -5.46 4.73
C ALA A 235 -64.37 -5.67 5.89
N ALA A 236 -65.04 -4.59 6.28
CA ALA A 236 -65.94 -4.61 7.41
C ALA A 236 -67.18 -5.46 7.09
N ASP A 237 -67.98 -5.70 8.13
CA ASP A 237 -69.11 -6.61 8.08
C ASP A 237 -68.66 -8.01 7.62
N SER A 238 -67.75 -8.58 8.41
CA SER A 238 -67.14 -9.87 8.13
C SER A 238 -67.08 -10.67 9.42
N ASP A 239 -67.03 -12.00 9.25
CA ASP A 239 -67.04 -12.90 10.39
C ASP A 239 -65.73 -12.90 11.17
N ASP A 240 -64.62 -12.54 10.54
CA ASP A 240 -63.33 -12.51 11.23
C ASP A 240 -63.19 -11.35 12.20
N GLN A 241 -64.11 -10.38 12.21
CA GLN A 241 -64.03 -9.16 13.01
C GLN A 241 -62.83 -8.28 12.63
N ARG A 242 -62.30 -8.45 11.41
CA ARG A 242 -61.18 -7.65 10.89
C ARG A 242 -59.94 -7.77 11.80
N ARG A 243 -59.41 -8.99 11.88
CA ARG A 243 -58.22 -9.30 12.66
C ARG A 243 -57.20 -10.14 11.91
N LEU A 244 -57.61 -10.90 10.90
CA LEU A 244 -56.69 -11.65 10.07
C LEU A 244 -56.10 -10.74 8.98
N VAL A 245 -55.06 -11.24 8.33
CA VAL A 245 -54.36 -10.55 7.25
C VAL A 245 -54.23 -11.50 6.08
N TYR A 246 -54.46 -10.98 4.87
CA TYR A 246 -54.44 -11.76 3.64
C TYR A 246 -53.72 -10.97 2.55
N TYR A 247 -53.13 -11.72 1.61
CA TYR A 247 -52.45 -11.14 0.45
C TYR A 247 -53.48 -11.03 -0.69
N GLU A 248 -54.32 -10.01 -0.57
CA GLU A 248 -55.37 -9.80 -1.55
C GLU A 248 -54.80 -9.23 -2.84
N GLY A 249 -55.60 -9.30 -3.90
CA GLY A 249 -55.16 -8.90 -5.22
C GLY A 249 -55.10 -7.39 -5.39
N GLY A 250 -55.22 -6.98 -6.65
CA GLY A 250 -55.06 -5.59 -7.03
C GLY A 250 -56.31 -4.72 -6.90
N ALA A 251 -57.47 -5.29 -6.61
CA ALA A 251 -58.67 -4.48 -6.46
C ALA A 251 -58.58 -3.59 -5.23
N VAL A 252 -58.05 -4.13 -4.13
CA VAL A 252 -57.94 -3.39 -2.87
C VAL A 252 -56.74 -2.45 -2.84
N CYS A 253 -55.97 -2.36 -3.92
CA CYS A 253 -54.73 -1.57 -3.89
C CYS A 253 -55.02 -0.08 -3.73
N THR A 254 -56.06 0.42 -4.40
CA THR A 254 -56.42 1.82 -4.27
C THR A 254 -57.19 2.12 -2.99
N HIS A 255 -57.84 1.12 -2.39
CA HIS A 255 -58.71 1.39 -1.26
C HIS A 255 -57.90 1.75 -0.03
N ALA A 256 -58.62 2.19 1.00
CA ALA A 256 -58.06 2.57 2.28
C ALA A 256 -58.02 1.42 3.28
N ARG A 257 -58.01 0.18 2.79
CA ARG A 257 -57.99 -1.00 3.64
C ARG A 257 -56.58 -1.46 3.96
N SER A 258 -55.66 -1.30 3.01
CA SER A 258 -54.30 -1.81 3.11
C SER A 258 -53.31 -0.78 3.63
N LEU A 259 -53.78 0.14 4.48
CA LEU A 259 -52.94 1.21 4.99
C LEU A 259 -52.24 0.76 6.26
N TRP A 260 -50.92 0.95 6.31
CA TRP A 260 -50.09 0.59 7.44
C TRP A 260 -49.18 1.75 7.78
N ARG A 261 -48.94 1.94 9.08
CA ARG A 261 -48.07 2.99 9.61
C ARG A 261 -46.87 2.33 10.26
N LEU A 262 -45.67 2.82 9.90
CA LEU A 262 -44.42 2.34 10.47
C LEU A 262 -44.05 3.24 11.64
N GLU A 263 -44.20 2.71 12.86
CA GLU A 263 -43.92 3.41 14.11
C GLU A 263 -42.69 2.81 14.76
N PRO A 264 -41.51 3.43 14.68
CA PRO A 264 -40.39 2.94 15.48
C PRO A 264 -40.64 3.04 16.98
N LEU A 265 -39.74 2.41 17.72
CA LEU A 265 -39.98 2.17 19.14
C LEU A 265 -39.90 3.46 19.94
N ARG A 266 -38.74 4.11 19.93
CA ARG A 266 -38.50 5.25 20.81
C ARG A 266 -39.06 6.53 20.20
N ILE A 267 -39.48 7.43 21.09
CA ILE A 267 -40.14 8.66 20.67
C ILE A 267 -39.16 9.59 19.97
N SER A 268 -37.94 9.69 20.49
CA SER A 268 -36.99 10.68 20.01
C SER A 268 -36.51 10.32 18.62
N TRP A 269 -36.71 11.24 17.66
CA TRP A 269 -36.27 11.10 16.27
C TRP A 269 -36.91 9.87 15.63
N SER A 270 -38.22 9.78 15.75
CA SER A 270 -38.95 8.64 15.21
C SER A 270 -38.90 8.61 13.69
N GLY A 271 -38.87 9.77 13.04
CA GLY A 271 -38.89 9.85 11.60
C GLY A 271 -37.52 9.87 10.95
N SER A 272 -36.55 9.22 11.60
CA SER A 272 -35.23 9.13 11.02
C SER A 272 -35.22 8.16 9.83
N HIS A 273 -34.10 8.13 9.13
CA HIS A 273 -33.96 7.22 8.00
C HIS A 273 -33.90 5.78 8.51
N LEU A 274 -34.88 4.98 8.11
CA LEU A 274 -34.93 3.60 8.55
C LEU A 274 -33.80 2.80 7.93
N ARG A 275 -33.37 1.78 8.65
CA ARG A 275 -32.24 0.92 8.28
C ARG A 275 -32.65 -0.53 8.40
N TRP A 276 -31.84 -1.39 7.81
CA TRP A 276 -32.11 -2.83 7.86
C TRP A 276 -31.91 -3.34 9.28
N GLY A 277 -32.83 -4.21 9.70
CA GLY A 277 -32.77 -4.78 11.03
C GLY A 277 -33.21 -3.85 12.15
N GLN A 278 -33.67 -2.64 11.84
CA GLN A 278 -34.13 -1.74 12.88
C GLN A 278 -35.42 -2.28 13.48
N PRO A 279 -35.56 -2.42 14.80
CA PRO A 279 -36.87 -2.76 15.35
C PRO A 279 -37.87 -1.64 15.11
N LEU A 280 -39.12 -2.03 14.89
CA LEU A 280 -40.18 -1.07 14.67
C LEU A 280 -41.50 -1.76 14.98
N ARG A 281 -42.61 -1.05 14.72
CA ARG A 281 -43.95 -1.54 14.97
C ARG A 281 -44.84 -1.14 13.82
N ILE A 282 -45.87 -1.96 13.58
CA ILE A 282 -46.84 -1.78 12.50
C ILE A 282 -48.16 -1.39 13.12
N ARG A 283 -48.83 -0.41 12.51
CA ARG A 283 -50.04 0.21 13.03
C ARG A 283 -51.03 0.32 11.88
N HIS A 284 -52.14 -0.40 11.98
CA HIS A 284 -53.22 -0.25 11.02
C HIS A 284 -53.96 1.04 11.33
N VAL A 285 -53.75 2.06 10.50
CA VAL A 285 -54.27 3.38 10.79
C VAL A 285 -55.80 3.42 10.69
N THR A 286 -56.37 2.62 9.79
CA THR A 286 -57.82 2.69 9.56
C THR A 286 -58.58 2.15 10.77
N THR A 287 -58.14 1.01 11.28
CA THR A 287 -58.75 0.39 12.45
C THR A 287 -58.11 0.81 13.77
N GLY A 288 -56.90 1.37 13.73
CA GLY A 288 -56.21 1.74 14.95
C GLY A 288 -55.54 0.60 15.68
N ARG A 289 -55.34 -0.54 15.02
CA ARG A 289 -54.81 -1.75 15.63
C ARG A 289 -53.34 -1.93 15.25
N TYR A 290 -52.73 -2.95 15.86
CA TYR A 290 -51.31 -3.26 15.68
C TYR A 290 -51.16 -4.71 15.29
N LEU A 291 -50.29 -4.96 14.31
CA LEU A 291 -49.94 -6.32 13.93
C LEU A 291 -49.03 -6.91 14.99
N ALA A 292 -49.23 -8.19 15.30
CA ALA A 292 -48.44 -8.87 16.31
C ALA A 292 -48.59 -10.37 16.14
N LEU A 293 -48.01 -11.12 17.09
CA LEU A 293 -48.13 -12.58 17.18
C LEU A 293 -48.44 -12.91 18.64
N THR A 294 -49.72 -12.94 18.98
CA THR A 294 -50.12 -13.21 20.36
C THR A 294 -50.03 -14.68 20.76
N GLU A 295 -49.94 -15.60 19.79
CA GLU A 295 -49.70 -17.04 19.92
C GLU A 295 -50.96 -17.80 20.37
N ASP A 296 -52.04 -17.13 20.77
CA ASP A 296 -53.26 -17.85 21.14
C ASP A 296 -53.92 -18.48 19.92
N GLN A 297 -53.80 -17.84 18.75
CA GLN A 297 -54.23 -18.37 17.45
C GLN A 297 -53.13 -18.35 16.41
N GLY A 298 -52.26 -17.33 16.44
CA GLY A 298 -51.17 -17.19 15.49
C GLY A 298 -50.91 -15.73 15.15
N LEU A 299 -50.44 -15.49 13.94
CA LEU A 299 -50.25 -14.13 13.46
C LEU A 299 -51.60 -13.45 13.34
N VAL A 300 -51.78 -12.34 14.07
CA VAL A 300 -53.07 -11.70 14.20
C VAL A 300 -52.85 -10.24 14.58
N VAL A 301 -53.86 -9.42 14.30
CA VAL A 301 -53.80 -7.97 14.51
C VAL A 301 -54.48 -7.69 15.84
N VAL A 302 -53.68 -7.37 16.85
CA VAL A 302 -54.15 -7.19 18.21
C VAL A 302 -54.47 -5.72 18.45
N ASP A 303 -55.18 -5.47 19.54
CA ASP A 303 -55.50 -4.11 19.96
C ASP A 303 -54.26 -3.41 20.50
N ALA A 304 -54.32 -2.08 20.49
CA ALA A 304 -53.20 -1.28 20.95
C ALA A 304 -52.96 -1.44 22.45
N CYS A 305 -54.01 -1.73 23.22
CA CYS A 305 -53.91 -1.82 24.68
C CYS A 305 -53.47 -3.20 25.17
N LYS A 306 -52.87 -4.03 24.30
CA LYS A 306 -52.32 -5.34 24.68
C LYS A 306 -50.98 -5.59 24.01
N ALA A 307 -50.24 -4.53 23.68
CA ALA A 307 -49.00 -4.63 22.92
C ALA A 307 -47.83 -4.68 23.89
N HIS A 308 -47.15 -5.81 23.93
CA HIS A 308 -46.02 -6.03 24.83
C HIS A 308 -44.67 -5.57 24.27
N THR A 309 -44.64 -5.05 23.04
CA THR A 309 -43.42 -4.52 22.41
C THR A 309 -42.36 -5.57 22.14
N LYS A 310 -42.72 -6.88 22.14
CA LYS A 310 -41.87 -7.97 21.69
C LYS A 310 -42.58 -8.89 20.71
N ALA A 311 -43.87 -9.19 20.94
CA ALA A 311 -44.68 -9.84 19.94
C ALA A 311 -45.11 -8.86 18.85
N THR A 312 -45.37 -7.61 19.25
CA THR A 312 -45.78 -6.59 18.30
C THR A 312 -44.61 -6.06 17.48
N SER A 313 -43.41 -6.07 18.05
CA SER A 313 -42.26 -5.50 17.37
C SER A 313 -41.84 -6.36 16.18
N PHE A 314 -41.34 -5.69 15.15
CA PHE A 314 -40.90 -6.32 13.91
C PHE A 314 -39.66 -5.59 13.41
N CYS A 315 -38.98 -6.21 12.44
CA CYS A 315 -37.82 -5.62 11.83
C CYS A 315 -37.65 -6.16 10.42
N PHE A 316 -37.01 -5.37 9.57
CA PHE A 316 -36.71 -5.74 8.20
C PHE A 316 -35.37 -6.46 8.15
N ARG A 317 -35.04 -6.99 6.97
CA ARG A 317 -33.77 -7.67 6.76
C ARG A 317 -33.38 -7.57 5.30
N VAL A 318 -32.06 -7.54 5.06
CA VAL A 318 -31.54 -7.40 3.70
C VAL A 318 -31.92 -8.61 2.86
N SER A 319 -31.87 -9.80 3.44
CA SER A 319 -32.12 -11.03 2.70
C SER A 319 -32.46 -12.13 3.70
N LYS A 320 -32.93 -13.25 3.16
CA LYS A 320 -33.28 -14.40 3.97
C LYS A 320 -32.08 -15.23 4.41
N GLU A 321 -30.85 -14.84 4.03
CA GLU A 321 -29.67 -15.51 4.54
C GLU A 321 -29.59 -15.34 6.05
N LYS A 322 -29.33 -16.44 6.76
CA LYS A 322 -29.38 -16.45 8.21
C LYS A 322 -28.14 -15.72 8.74
N LEU A 323 -28.36 -14.56 9.35
CA LEU A 323 -27.34 -13.76 10.01
C LEU A 323 -27.84 -13.38 11.38
N ASP A 324 -26.96 -13.53 12.38
CA ASP A 324 -27.36 -13.25 13.76
C ASP A 324 -27.68 -11.77 13.96
N THR A 325 -26.90 -10.89 13.32
CA THR A 325 -27.02 -9.45 13.49
C THR A 325 -26.83 -9.07 14.96
N ALA A 326 -25.82 -9.67 15.59
CA ALA A 326 -25.49 -9.36 16.97
C ALA A 326 -25.06 -7.90 17.17
N PRO A 327 -24.09 -7.35 16.41
CA PRO A 327 -23.73 -5.94 16.64
C PRO A 327 -24.78 -4.97 16.11
N LYS A 328 -25.52 -4.35 17.02
CA LYS A 328 -26.48 -3.33 16.65
C LYS A 328 -25.74 -2.03 16.29
N ARG A 329 -26.52 -1.00 15.96
CA ARG A 329 -26.00 0.34 15.69
C ARG A 329 -27.02 1.36 16.19
N ASP A 330 -26.53 2.58 16.42
CA ASP A 330 -27.38 3.66 16.93
C ASP A 330 -26.75 5.00 16.57
N VAL A 331 -27.60 5.95 16.23
CA VAL A 331 -27.18 7.33 15.99
C VAL A 331 -28.37 8.24 16.24
N GLU A 332 -28.10 9.41 16.80
CA GLU A 332 -29.16 10.36 17.10
C GLU A 332 -29.67 11.06 15.84
N GLY A 333 -28.80 11.30 14.87
CA GLY A 333 -29.16 12.05 13.69
C GLY A 333 -30.01 11.23 12.73
N MET A 334 -30.13 11.76 11.51
CA MET A 334 -30.90 11.07 10.47
C MET A 334 -30.23 9.76 10.08
N GLY A 335 -28.91 9.77 9.92
CA GLY A 335 -28.19 8.63 9.41
C GLY A 335 -28.33 8.52 7.91
N PRO A 336 -27.69 7.52 7.31
CA PRO A 336 -27.76 7.37 5.86
C PRO A 336 -29.15 6.92 5.43
N PRO A 337 -29.57 7.16 4.18
CA PRO A 337 -30.77 6.48 3.67
C PRO A 337 -30.39 5.11 3.12
N GLU A 338 -30.98 4.06 3.70
CA GLU A 338 -30.77 2.69 3.26
C GLU A 338 -31.84 2.24 2.27
N ILE A 339 -33.10 2.27 2.69
CA ILE A 339 -34.19 1.63 1.97
C ILE A 339 -34.91 2.69 1.16
N LYS A 340 -34.91 2.50 -0.16
CA LYS A 340 -35.58 3.38 -1.11
C LYS A 340 -36.85 2.71 -1.61
N TYR A 341 -37.86 3.52 -1.88
CA TYR A 341 -39.12 3.01 -2.41
C TYR A 341 -38.91 2.47 -3.82
N GLY A 342 -39.88 1.68 -4.26
CA GLY A 342 -39.89 1.12 -5.60
C GLY A 342 -39.16 -0.18 -5.76
N GLU A 343 -37.91 -0.24 -5.29
CA GLU A 343 -37.02 -1.40 -5.45
C GLU A 343 -36.32 -1.65 -4.12
N SER A 344 -36.92 -2.50 -3.30
CA SER A 344 -36.33 -3.00 -2.07
C SER A 344 -36.22 -4.52 -2.05
N LEU A 345 -37.32 -5.21 -2.35
CA LEU A 345 -37.40 -6.68 -2.30
C LEU A 345 -37.05 -7.20 -0.91
N CYS A 346 -37.55 -6.50 0.11
CA CYS A 346 -37.17 -6.74 1.49
C CYS A 346 -38.00 -7.86 2.11
N PHE A 347 -37.53 -8.35 3.25
CA PHE A 347 -38.19 -9.37 4.06
C PHE A 347 -38.33 -8.85 5.48
N VAL A 348 -39.33 -9.37 6.18
CA VAL A 348 -39.73 -8.90 7.51
C VAL A 348 -39.96 -10.11 8.39
N GLN A 349 -39.54 -9.99 9.65
CA GLN A 349 -39.72 -11.05 10.65
C GLN A 349 -39.83 -10.40 12.02
N HIS A 350 -39.99 -11.24 13.04
CA HIS A 350 -40.05 -10.76 14.40
C HIS A 350 -38.67 -10.38 14.90
N VAL A 351 -38.64 -9.46 15.87
CA VAL A 351 -37.38 -9.10 16.50
C VAL A 351 -36.91 -10.21 17.43
N ALA A 352 -37.84 -10.89 18.10
CA ALA A 352 -37.51 -11.94 19.05
C ALA A 352 -37.26 -13.27 18.35
N SER A 353 -38.30 -13.79 17.68
CA SER A 353 -38.19 -15.10 17.05
C SER A 353 -37.38 -15.06 15.76
N GLY A 354 -37.47 -13.98 15.01
CA GLY A 354 -36.86 -13.95 13.69
C GLY A 354 -37.52 -14.89 12.71
N LEU A 355 -38.79 -15.20 12.91
CA LEU A 355 -39.51 -16.19 12.12
C LEU A 355 -40.18 -15.50 10.95
N TRP A 356 -39.77 -15.87 9.73
CA TRP A 356 -40.28 -15.21 8.53
C TRP A 356 -41.75 -15.51 8.32
N LEU A 357 -42.51 -14.48 7.96
CA LEU A 357 -43.93 -14.61 7.61
C LEU A 357 -44.03 -14.84 6.11
N THR A 358 -44.87 -15.79 5.70
CA THR A 358 -45.15 -16.01 4.30
C THR A 358 -46.47 -16.75 4.18
N TYR A 359 -47.12 -16.59 3.03
CA TYR A 359 -48.25 -17.44 2.65
C TYR A 359 -47.79 -18.88 2.45
N ALA A 360 -48.77 -19.78 2.44
CA ALA A 360 -48.57 -21.19 2.15
C ALA A 360 -49.57 -21.78 1.17
N ALA A 361 -50.74 -21.19 1.01
CA ALA A 361 -51.84 -21.75 0.22
C ALA A 361 -52.22 -23.17 0.63
N PRO A 362 -52.70 -23.39 1.85
CA PRO A 362 -53.19 -24.72 2.25
C PRO A 362 -54.68 -24.94 2.02
N ASP A 363 -55.35 -24.04 1.30
CA ASP A 363 -56.80 -23.97 1.36
C ASP A 363 -57.46 -25.14 0.63
N PRO A 364 -58.76 -25.44 0.91
CA PRO A 364 -59.45 -26.46 0.12
C PRO A 364 -59.85 -25.94 -1.26
N LYS A 365 -60.62 -26.75 -2.00
CA LYS A 365 -61.09 -26.34 -3.32
C LYS A 365 -61.99 -25.11 -3.26
N ALA A 366 -62.76 -24.97 -2.17
CA ALA A 366 -63.83 -23.97 -2.15
C ALA A 366 -63.26 -22.56 -2.14
N LEU A 367 -62.30 -22.30 -1.27
CA LEU A 367 -61.60 -21.02 -1.29
C LEU A 367 -60.72 -20.90 -2.52
N ARG A 368 -60.17 -22.03 -3.02
CA ARG A 368 -59.27 -22.00 -4.17
C ARG A 368 -59.99 -21.49 -5.42
N LEU A 369 -61.20 -21.98 -5.67
CA LEU A 369 -61.99 -21.49 -6.78
C LEU A 369 -62.61 -20.13 -6.52
N GLY A 370 -62.81 -19.76 -5.26
CA GLY A 370 -63.41 -18.47 -4.91
C GLY A 370 -62.38 -17.36 -4.75
N VAL A 371 -62.36 -16.74 -3.57
CA VAL A 371 -61.48 -15.61 -3.34
C VAL A 371 -60.04 -16.09 -3.21
N LEU A 372 -59.10 -15.22 -3.60
CA LEU A 372 -57.67 -15.51 -3.58
C LEU A 372 -57.01 -15.07 -2.28
N LYS A 373 -57.75 -15.07 -1.17
CA LYS A 373 -57.16 -14.71 0.10
C LYS A 373 -56.16 -15.77 0.55
N LYS A 374 -54.96 -15.32 0.92
CA LYS A 374 -53.86 -16.16 1.36
C LYS A 374 -53.48 -15.75 2.77
N LYS A 375 -53.92 -16.52 3.76
CA LYS A 375 -53.56 -16.25 5.14
C LYS A 375 -52.05 -16.43 5.31
N ALA A 376 -51.37 -15.34 5.64
CA ALA A 376 -49.91 -15.32 5.70
C ALA A 376 -49.42 -15.75 7.09
N ILE A 377 -49.77 -16.99 7.45
CA ILE A 377 -49.31 -17.55 8.71
C ILE A 377 -47.82 -17.84 8.61
N LEU A 378 -47.08 -17.42 9.63
CA LEU A 378 -45.63 -17.54 9.60
C LEU A 378 -45.18 -18.95 9.96
N HIS A 379 -44.04 -19.34 9.38
CA HIS A 379 -43.47 -20.66 9.60
C HIS A 379 -41.97 -20.58 9.34
N GLN A 380 -41.28 -21.68 9.64
CA GLN A 380 -39.83 -21.70 9.49
C GLN A 380 -39.44 -21.67 8.03
N GLU A 381 -38.54 -20.76 7.69
CA GLU A 381 -37.91 -20.53 6.40
C GLU A 381 -38.82 -19.81 5.39
N GLY A 382 -40.11 -19.63 5.68
CA GLY A 382 -41.00 -18.93 4.77
C GLY A 382 -41.11 -19.60 3.41
N HIS A 383 -40.91 -18.79 2.37
CA HIS A 383 -40.73 -19.27 1.01
C HIS A 383 -39.74 -18.36 0.31
N MET A 384 -39.29 -18.82 -0.87
CA MET A 384 -38.28 -18.09 -1.62
C MET A 384 -38.80 -16.75 -2.13
N ASP A 385 -40.09 -16.67 -2.48
CA ASP A 385 -40.69 -15.49 -3.06
C ASP A 385 -41.37 -14.59 -2.03
N ASP A 386 -40.82 -14.53 -0.83
CA ASP A 386 -41.33 -13.67 0.24
C ASP A 386 -40.84 -12.21 0.14
N ALA A 387 -40.19 -11.83 -0.96
CA ALA A 387 -39.69 -10.47 -1.09
C ALA A 387 -40.84 -9.49 -1.22
N LEU A 388 -40.65 -8.30 -0.65
CA LEU A 388 -41.66 -7.25 -0.63
C LEU A 388 -40.98 -5.93 -0.94
N PHE A 389 -41.76 -5.00 -1.48
CA PHE A 389 -41.31 -3.64 -1.76
C PHE A 389 -42.43 -2.68 -1.40
N LEU A 390 -42.06 -1.42 -1.24
CA LEU A 390 -42.90 -0.40 -0.61
C LEU A 390 -43.35 0.64 -1.63
N THR A 391 -44.58 1.12 -1.45
CA THR A 391 -45.16 2.18 -2.25
C THR A 391 -45.80 3.18 -1.31
N ARG A 392 -45.35 4.43 -1.37
CA ARG A 392 -45.88 5.47 -0.51
C ARG A 392 -47.22 5.96 -1.02
N CYS A 393 -48.08 6.35 -0.08
CA CYS A 393 -49.41 6.87 -0.35
C CYS A 393 -49.39 8.39 -0.36
N GLN A 394 -50.30 8.97 -1.13
CA GLN A 394 -50.41 10.40 -1.25
C GLN A 394 -51.01 10.99 0.02
N GLN A 395 -51.02 12.33 0.09
CA GLN A 395 -51.38 13.04 1.31
C GLN A 395 -52.83 12.83 1.70
N GLU A 396 -53.73 12.79 0.72
CA GLU A 396 -55.16 12.86 1.01
C GLU A 396 -55.66 11.60 1.70
N GLU A 397 -55.20 10.44 1.25
CA GLU A 397 -55.80 9.18 1.69
C GLU A 397 -55.46 8.88 3.14
N SER A 398 -54.25 9.24 3.59
CA SER A 398 -53.88 9.02 4.97
C SER A 398 -54.73 9.87 5.91
N GLN A 399 -54.91 11.13 5.54
CA GLN A 399 -55.75 12.03 6.30
C GLN A 399 -57.18 11.52 6.36
N ALA A 400 -57.70 11.07 5.21
CA ALA A 400 -59.06 10.56 5.14
C ALA A 400 -59.23 9.31 6.00
N ALA A 401 -58.22 8.44 6.00
CA ALA A 401 -58.29 7.24 6.82
C ALA A 401 -58.31 7.57 8.30
N ARG A 402 -57.54 8.58 8.70
CA ARG A 402 -57.55 8.97 10.11
C ARG A 402 -58.90 9.58 10.50
N MET A 403 -59.49 10.39 9.61
CA MET A 403 -60.82 10.91 9.88
C MET A 403 -61.85 9.79 9.95
N ILE A 404 -61.67 8.76 9.12
CA ILE A 404 -62.55 7.60 9.14
C ILE A 404 -62.46 6.90 10.49
N HIS A 405 -61.24 6.73 10.99
CA HIS A 405 -61.05 6.05 12.27
C HIS A 405 -61.66 6.84 13.42
N SER A 406 -61.43 8.15 13.43
CA SER A 406 -61.95 8.97 14.52
C SER A 406 -63.47 9.05 14.49
N THR A 407 -64.04 9.24 13.30
CA THR A 407 -65.49 9.32 13.18
C THR A 407 -66.14 7.98 13.50
N ALA A 408 -65.49 6.88 13.09
CA ALA A 408 -66.00 5.56 13.40
C ALA A 408 -66.01 5.31 14.90
N GLY A 409 -64.93 5.72 15.58
CA GLY A 409 -64.90 5.55 17.03
C GLY A 409 -65.95 6.38 17.73
N LEU A 410 -66.11 7.64 17.31
CA LEU A 410 -67.10 8.51 17.95
C LEU A 410 -68.52 8.01 17.70
N TYR A 411 -68.82 7.60 16.48
CA TYR A 411 -70.17 7.14 16.17
C TYR A 411 -70.44 5.78 16.78
N ASN A 412 -69.42 4.94 16.94
CA ASN A 412 -69.61 3.69 17.64
C ASN A 412 -69.90 3.93 19.11
N GLN A 413 -69.23 4.91 19.72
CA GLN A 413 -69.55 5.29 21.08
C GLN A 413 -70.98 5.82 21.17
N PHE A 414 -71.38 6.60 20.16
CA PHE A 414 -72.75 7.13 20.12
C PHE A 414 -73.77 6.01 20.03
N ILE A 415 -73.52 5.03 19.16
CA ILE A 415 -74.45 3.91 18.98
C ILE A 415 -74.52 3.09 20.25
N LYS A 416 -73.38 2.86 20.90
CA LYS A 416 -73.35 2.11 22.15
C LYS A 416 -74.13 2.85 23.23
N GLY A 417 -73.99 4.17 23.28
CA GLY A 417 -74.74 4.95 24.25
C GLY A 417 -76.24 4.88 24.02
N LEU A 418 -76.66 5.04 22.76
CA LEU A 418 -78.09 5.01 22.45
C LEU A 418 -78.68 3.63 22.71
N ASP A 419 -77.93 2.58 22.40
CA ASP A 419 -78.40 1.23 22.71
C ASP A 419 -78.35 0.94 24.21
N SER A 420 -77.57 1.69 24.98
CA SER A 420 -77.49 1.43 26.42
C SER A 420 -78.82 1.70 27.11
N PHE A 421 -79.50 2.79 26.73
CA PHE A 421 -80.75 3.23 27.34
C PHE A 421 -81.94 3.09 26.40
N SER A 422 -81.83 2.25 25.37
CA SER A 422 -82.91 2.12 24.40
C SER A 422 -84.13 1.45 25.03
N GLY A 423 -83.97 0.20 25.46
CA GLY A 423 -85.03 -0.56 26.10
C GLY A 423 -85.01 -0.42 27.60
N LYS A 424 -85.28 0.79 28.09
CA LYS A 424 -85.24 1.08 29.52
C LYS A 424 -86.15 2.27 29.84
N PRO A 425 -87.32 2.07 30.44
CA PRO A 425 -88.04 3.22 31.01
C PRO A 425 -87.22 3.89 32.09
N ARG A 426 -87.41 5.20 32.22
CA ARG A 426 -86.64 6.00 33.16
C ARG A 426 -87.50 7.18 33.61
N GLY A 427 -87.37 7.53 34.89
CA GLY A 427 -88.19 8.55 35.51
C GLY A 427 -87.56 9.92 35.53
N SER A 428 -87.79 10.67 36.62
CA SER A 428 -87.22 12.01 36.77
C SER A 428 -85.80 11.87 37.31
N GLY A 429 -84.82 11.93 36.42
CA GLY A 429 -83.44 11.85 36.79
C GLY A 429 -82.55 11.59 35.59
N PRO A 430 -81.23 11.52 35.81
CA PRO A 430 -80.33 11.23 34.70
C PRO A 430 -80.47 9.78 34.27
N PRO A 431 -80.15 9.45 33.00
CA PRO A 431 -80.36 8.07 32.54
C PRO A 431 -79.32 7.10 33.06
N ALA A 432 -78.05 7.50 33.01
CA ALA A 432 -76.94 6.61 33.36
C ALA A 432 -75.70 7.49 33.54
N GLY A 433 -74.58 6.83 33.81
CA GLY A 433 -73.33 7.51 34.02
C GLY A 433 -72.82 8.21 32.78
N PRO A 434 -72.41 7.45 31.74
CA PRO A 434 -71.79 8.07 30.57
C PRO A 434 -72.83 8.72 29.67
N ALA A 435 -72.87 10.04 29.69
CA ALA A 435 -73.72 10.79 28.78
C ALA A 435 -73.11 10.78 27.39
N LEU A 436 -73.92 11.15 26.41
CA LEU A 436 -73.49 11.12 25.03
C LEU A 436 -72.57 12.30 24.73
N PRO A 437 -71.68 12.18 23.70
CA PRO A 437 -70.83 13.32 23.33
C PRO A 437 -71.52 14.22 22.30
N ILE A 438 -72.42 15.06 22.79
CA ILE A 438 -73.31 15.82 21.92
C ILE A 438 -72.53 16.88 21.15
N GLU A 439 -71.74 17.69 21.87
CA GLU A 439 -71.04 18.81 21.23
C GLU A 439 -69.98 18.33 20.27
N ALA A 440 -69.24 17.29 20.66
CA ALA A 440 -68.20 16.74 19.80
C ALA A 440 -68.81 16.16 18.53
N VAL A 441 -69.95 15.49 18.66
CA VAL A 441 -70.60 14.91 17.49
C VAL A 441 -71.12 16.00 16.58
N ILE A 442 -71.63 17.10 17.15
CA ILE A 442 -72.15 18.19 16.34
C ILE A 442 -71.02 18.84 15.55
N LEU A 443 -69.90 19.12 16.22
CA LEU A 443 -68.75 19.70 15.53
C LEU A 443 -68.21 18.76 14.47
N SER A 444 -68.25 17.45 14.75
CA SER A 444 -67.83 16.46 13.78
C SER A 444 -68.71 16.50 12.55
N LEU A 445 -70.03 16.53 12.74
CA LEU A 445 -70.95 16.53 11.61
C LEU A 445 -70.78 17.79 10.77
N GLN A 446 -70.60 18.95 11.43
CA GLN A 446 -70.38 20.20 10.71
C GLN A 446 -69.09 20.16 9.90
N ASP A 447 -68.01 19.66 10.50
CA ASP A 447 -66.74 19.64 9.79
C ASP A 447 -66.77 18.63 8.65
N LEU A 448 -67.46 17.50 8.84
CA LEU A 448 -67.52 16.50 7.78
C LEU A 448 -68.33 17.00 6.60
N ILE A 449 -69.46 17.69 6.84
CA ILE A 449 -70.21 18.21 5.70
C ILE A 449 -69.42 19.33 5.03
N GLY A 450 -68.67 20.11 5.80
CA GLY A 450 -67.80 21.09 5.18
C GLY A 450 -66.70 20.47 4.34
N TYR A 451 -66.23 19.28 4.72
CA TYR A 451 -65.12 18.65 4.03
C TYR A 451 -65.51 18.18 2.64
N PHE A 452 -66.67 17.55 2.52
CA PHE A 452 -67.14 16.96 1.27
C PHE A 452 -67.88 17.97 0.38
N GLU A 453 -67.77 19.27 0.67
CA GLU A 453 -68.50 20.27 -0.09
C GLU A 453 -67.95 20.34 -1.52
N PRO A 454 -68.80 20.42 -2.55
CA PRO A 454 -68.28 20.36 -3.90
C PRO A 454 -67.61 21.67 -4.28
N PRO A 455 -66.80 21.68 -5.34
CA PRO A 455 -66.09 22.91 -5.70
C PRO A 455 -67.02 23.92 -6.36
N SER A 456 -66.56 25.16 -6.38
CA SER A 456 -67.34 26.23 -6.98
C SER A 456 -67.38 26.06 -8.50
N GLU A 457 -68.59 26.16 -9.05
CA GLU A 457 -68.74 26.05 -10.51
C GLU A 457 -68.12 27.23 -11.25
N GLU A 458 -67.96 28.39 -10.60
CA GLU A 458 -67.32 29.53 -11.24
C GLU A 458 -65.84 29.30 -11.54
N LEU A 459 -65.20 28.35 -10.88
CA LEU A 459 -63.78 28.13 -11.07
C LEU A 459 -63.49 27.60 -12.46
N GLN A 460 -62.22 27.69 -12.85
CA GLN A 460 -61.79 27.27 -14.17
C GLN A 460 -61.97 25.77 -14.35
N HIS A 461 -61.93 25.35 -15.61
CA HIS A 461 -62.38 24.01 -15.97
C HIS A 461 -61.45 22.92 -15.45
N GLU A 462 -60.14 23.09 -15.66
CA GLU A 462 -59.20 22.00 -15.41
C GLU A 462 -59.06 21.72 -13.92
N GLU A 463 -58.85 22.76 -13.13
CA GLU A 463 -58.73 22.57 -11.69
C GLU A 463 -60.06 22.13 -11.08
N LYS A 464 -61.19 22.55 -11.67
CA LYS A 464 -62.48 22.05 -11.24
C LYS A 464 -62.60 20.56 -11.48
N GLN A 465 -62.12 20.10 -12.64
CA GLN A 465 -62.13 18.67 -12.94
C GLN A 465 -61.24 17.91 -11.96
N SER A 466 -60.09 18.49 -11.62
CA SER A 466 -59.18 17.83 -10.69
C SER A 466 -59.80 17.72 -9.30
N LYS A 467 -60.44 18.80 -8.84
CA LYS A 467 -61.11 18.77 -7.55
C LYS A 467 -62.28 17.79 -7.57
N LEU A 468 -62.97 17.68 -8.70
CA LEU A 468 -64.06 16.73 -8.82
C LEU A 468 -63.54 15.30 -8.71
N ARG A 469 -62.41 15.02 -9.36
CA ARG A 469 -61.83 13.69 -9.28
C ARG A 469 -61.37 13.38 -7.87
N SER A 470 -60.81 14.38 -7.18
CA SER A 470 -60.39 14.19 -5.80
C SER A 470 -61.58 13.91 -4.91
N LEU A 471 -62.68 14.63 -5.12
CA LEU A 471 -63.88 14.41 -4.33
C LEU A 471 -64.47 13.03 -4.58
N ARG A 472 -64.49 12.59 -5.84
CA ARG A 472 -65.00 11.27 -6.16
C ARG A 472 -64.16 10.20 -5.51
N ASN A 473 -62.84 10.38 -5.52
CA ASN A 473 -61.94 9.45 -4.86
C ASN A 473 -62.18 9.41 -3.37
N ARG A 474 -62.36 10.58 -2.74
CA ARG A 474 -62.58 10.64 -1.30
C ARG A 474 -63.89 9.98 -0.92
N GLN A 475 -64.92 10.17 -1.74
CA GLN A 475 -66.19 9.50 -1.50
C GLN A 475 -66.04 7.99 -1.62
N SER A 476 -65.25 7.53 -2.59
CA SER A 476 -65.03 6.10 -2.73
C SER A 476 -64.27 5.53 -1.54
N LEU A 477 -63.25 6.25 -1.07
CA LEU A 477 -62.49 5.79 0.09
C LEU A 477 -63.36 5.72 1.33
N PHE A 478 -64.25 6.69 1.51
CA PHE A 478 -65.14 6.65 2.67
C PHE A 478 -66.16 5.52 2.53
N GLN A 479 -66.73 5.34 1.34
CA GLN A 479 -67.83 4.39 1.20
C GLN A 479 -67.35 2.95 1.21
N GLU A 480 -66.12 2.69 0.74
CA GLU A 480 -65.65 1.31 0.68
C GLU A 480 -65.47 0.72 2.08
N GLU A 481 -64.87 1.50 2.99
CA GLU A 481 -64.68 1.03 4.34
C GLU A 481 -65.97 1.03 5.15
N GLY A 482 -66.94 1.88 4.77
CA GLY A 482 -68.26 1.88 5.36
C GLY A 482 -68.87 3.26 5.41
N MET A 483 -69.38 3.64 6.57
CA MET A 483 -69.87 4.97 6.97
C MET A 483 -71.22 5.33 6.39
N LEU A 484 -71.80 4.49 5.53
CA LEU A 484 -73.22 4.56 5.21
C LEU A 484 -74.02 3.68 6.16
N SER A 485 -73.45 2.52 6.53
CA SER A 485 -74.09 1.66 7.51
C SER A 485 -74.16 2.34 8.87
N LEU A 486 -73.10 3.03 9.26
CA LEU A 486 -73.09 3.72 10.55
C LEU A 486 -74.10 4.84 10.57
N VAL A 487 -74.16 5.62 9.48
CA VAL A 487 -75.09 6.74 9.41
C VAL A 487 -76.52 6.23 9.37
N LEU A 488 -76.76 5.17 8.60
CA LEU A 488 -78.09 4.57 8.52
C LEU A 488 -78.53 4.03 9.87
N ASN A 489 -77.62 3.36 10.56
CA ASN A 489 -77.95 2.82 11.88
C ASN A 489 -78.22 3.95 12.87
N CYS A 490 -77.45 5.03 12.78
CA CYS A 490 -77.61 6.14 13.71
C CYS A 490 -78.94 6.84 13.50
N ILE A 491 -79.29 7.13 12.25
CA ILE A 491 -80.55 7.82 11.99
C ILE A 491 -81.74 6.92 12.30
N ASP A 492 -81.61 5.62 12.02
CA ASP A 492 -82.68 4.69 12.35
C ASP A 492 -82.88 4.58 13.85
N ARG A 493 -81.78 4.56 14.61
CA ARG A 493 -81.89 4.53 16.06
C ARG A 493 -82.49 5.82 16.58
N LEU A 494 -82.14 6.96 15.99
CA LEU A 494 -82.66 8.23 16.46
C LEU A 494 -84.14 8.36 16.16
N ASN A 495 -84.58 7.89 15.00
CA ASN A 495 -85.95 8.09 14.56
C ASN A 495 -86.97 7.16 15.20
N VAL A 496 -86.58 6.38 16.22
CA VAL A 496 -87.56 5.65 17.02
C VAL A 496 -88.50 6.61 17.73
N TYR A 497 -87.98 7.75 18.17
CA TYR A 497 -88.78 8.82 18.76
C TYR A 497 -89.34 9.70 17.66
N THR A 498 -90.42 10.43 18.00
CA THR A 498 -91.20 11.20 17.04
C THR A 498 -91.44 12.64 17.49
N THR A 499 -91.47 12.89 18.79
CA THR A 499 -91.79 14.23 19.28
C THR A 499 -90.71 15.23 18.94
N ALA A 500 -89.44 14.83 19.10
CA ALA A 500 -88.20 15.60 18.98
C ALA A 500 -87.94 16.50 20.19
N ALA A 501 -88.89 16.65 21.12
CA ALA A 501 -88.72 17.41 22.36
C ALA A 501 -89.00 16.56 23.59
N HIS A 502 -90.16 15.92 23.64
CA HIS A 502 -90.66 15.29 24.85
C HIS A 502 -90.32 13.80 24.91
N PHE A 503 -90.75 13.03 23.90
CA PHE A 503 -90.62 11.58 23.95
C PHE A 503 -89.18 11.11 23.90
N ALA A 504 -88.27 11.92 23.39
CA ALA A 504 -86.83 11.65 23.51
C ALA A 504 -86.41 11.96 24.94
N GLU A 505 -86.71 11.03 25.83
CA GLU A 505 -86.48 11.15 27.27
C GLU A 505 -85.20 10.47 27.71
N TYR A 506 -84.95 9.25 27.23
CA TYR A 506 -83.86 8.44 27.77
C TYR A 506 -82.48 9.01 27.47
N ALA A 507 -82.36 9.88 26.46
CA ALA A 507 -81.11 10.57 26.24
C ALA A 507 -80.82 11.58 27.35
N GLY A 508 -81.84 12.33 27.75
CA GLY A 508 -81.71 13.39 28.73
C GLY A 508 -82.47 14.62 28.28
N GLU A 509 -82.90 15.42 29.26
CA GLU A 509 -83.55 16.70 28.94
C GLU A 509 -82.59 17.67 28.28
N GLU A 510 -81.29 17.56 28.58
CA GLU A 510 -80.29 18.41 27.92
C GLU A 510 -80.26 18.18 26.42
N ALA A 511 -80.53 16.96 25.97
CA ALA A 511 -80.54 16.62 24.55
C ALA A 511 -81.86 16.95 23.87
N ALA A 512 -82.75 17.73 24.49
CA ALA A 512 -84.02 18.07 23.88
C ALA A 512 -83.81 18.92 22.63
N GLU A 513 -82.95 19.94 22.73
CA GLU A 513 -82.75 20.86 21.62
C GLU A 513 -81.89 20.26 20.52
N SER A 514 -80.94 19.39 20.88
CA SER A 514 -79.93 18.95 19.94
C SER A 514 -80.44 17.94 18.92
N TRP A 515 -81.60 17.32 19.15
CA TRP A 515 -82.06 16.21 18.33
C TRP A 515 -82.36 16.65 16.89
N LYS A 516 -83.02 17.80 16.76
CA LYS A 516 -83.36 18.32 15.44
C LYS A 516 -82.11 18.66 14.64
N GLU A 517 -81.13 19.29 15.30
CA GLU A 517 -79.88 19.61 14.64
C GLU A 517 -79.13 18.36 14.23
N ILE A 518 -79.16 17.33 15.09
CA ILE A 518 -78.44 16.10 14.80
C ILE A 518 -79.03 15.41 13.58
N VAL A 519 -80.36 15.29 13.54
CA VAL A 519 -80.98 14.56 12.44
C VAL A 519 -80.85 15.33 11.12
N ASN A 520 -80.99 16.66 11.18
CA ASN A 520 -80.84 17.47 9.97
C ASN A 520 -79.42 17.40 9.43
N LEU A 521 -78.43 17.53 10.32
CA LEU A 521 -77.05 17.49 9.87
C LEU A 521 -76.68 16.10 9.37
N LEU A 522 -77.24 15.06 9.98
CA LEU A 522 -76.95 13.71 9.52
C LEU A 522 -77.52 13.46 8.13
N SER A 523 -78.73 13.96 7.87
CA SER A 523 -79.30 13.86 6.53
C SER A 523 -78.46 14.62 5.52
N GLU A 524 -77.99 15.81 5.89
CA GLU A 524 -77.15 16.58 4.98
C GLU A 524 -75.81 15.91 4.75
N LEU A 525 -75.29 15.21 5.75
CA LEU A 525 -74.01 14.51 5.60
C LEU A 525 -74.18 13.34 4.64
N LEU A 526 -75.30 12.63 4.75
CA LEU A 526 -75.58 11.55 3.81
C LEU A 526 -75.73 12.09 2.40
N ALA A 527 -76.34 13.26 2.27
CA ALA A 527 -76.43 13.93 0.98
C ALA A 527 -75.05 14.28 0.45
N SER A 528 -74.15 14.69 1.33
CA SER A 528 -72.82 15.07 0.90
C SER A 528 -72.05 13.87 0.39
N LEU A 529 -72.23 12.70 1.03
CA LEU A 529 -71.61 11.49 0.49
C LEU A 529 -72.18 11.11 -0.85
N ILE A 530 -73.51 11.03 -0.93
CA ILE A 530 -74.13 10.43 -2.10
C ILE A 530 -74.04 11.30 -3.36
N ARG A 531 -73.67 12.57 -3.24
CA ARG A 531 -73.63 13.47 -4.39
C ARG A 531 -72.55 13.06 -5.37
N GLY A 532 -72.90 13.03 -6.65
CA GLY A 532 -71.92 12.93 -7.72
C GLY A 532 -71.53 11.52 -8.11
N ASN A 533 -71.02 10.76 -7.15
CA ASN A 533 -70.38 9.49 -7.48
C ASN A 533 -71.40 8.45 -7.90
N ARG A 534 -71.12 7.78 -9.02
CA ARG A 534 -72.03 6.76 -9.53
C ARG A 534 -72.02 5.52 -8.64
N ALA A 535 -70.84 5.14 -8.14
CA ALA A 535 -70.72 3.90 -7.38
C ALA A 535 -71.46 3.99 -6.06
N ASN A 536 -71.44 5.16 -5.43
CA ASN A 536 -72.10 5.34 -4.14
C ASN A 536 -73.60 5.13 -4.26
N CYS A 537 -74.23 5.81 -5.22
CA CYS A 537 -75.67 5.66 -5.39
C CYS A 537 -76.02 4.29 -5.95
N ALA A 538 -75.13 3.70 -6.74
CA ALA A 538 -75.35 2.34 -7.23
C ALA A 538 -75.41 1.35 -6.07
N LEU A 539 -74.52 1.51 -5.09
CA LEU A 539 -74.59 0.69 -3.89
C LEU A 539 -75.83 1.03 -3.07
N PHE A 540 -76.14 2.31 -2.94
CA PHE A 540 -77.20 2.77 -2.07
C PHE A 540 -78.60 2.56 -2.63
N SER A 541 -78.73 2.13 -3.89
CA SER A 541 -80.05 1.91 -4.47
C SER A 541 -80.86 0.82 -3.78
N THR A 542 -80.22 -0.06 -3.01
CA THR A 542 -80.95 -1.09 -2.27
C THR A 542 -81.89 -0.50 -1.23
N ASN A 543 -81.57 0.68 -0.69
CA ASN A 543 -82.31 1.28 0.42
C ASN A 543 -83.44 2.21 -0.07
N LEU A 544 -84.00 1.94 -1.25
CA LEU A 544 -85.08 2.76 -1.78
C LEU A 544 -86.31 2.68 -0.88
N ASP A 545 -86.65 1.47 -0.43
CA ASP A 545 -87.80 1.30 0.46
C ASP A 545 -87.56 1.99 1.79
N TRP A 546 -86.32 1.93 2.29
CA TRP A 546 -86.01 2.56 3.56
C TRP A 546 -86.13 4.08 3.48
N VAL A 547 -85.57 4.69 2.44
CA VAL A 547 -85.61 6.15 2.34
C VAL A 547 -87.04 6.62 2.05
N VAL A 548 -87.77 5.92 1.18
CA VAL A 548 -89.11 6.37 0.86
C VAL A 548 -90.06 6.15 2.02
N SER A 549 -89.80 5.15 2.86
CA SER A 549 -90.57 5.00 4.09
C SER A 549 -90.21 6.10 5.09
N LYS A 550 -88.96 6.54 5.09
CA LYS A 550 -88.55 7.58 6.04
C LYS A 550 -89.17 8.95 5.76
N LEU A 551 -89.75 9.18 4.58
CA LEU A 551 -90.32 10.48 4.23
C LEU A 551 -91.73 10.63 4.80
N ASP A 552 -91.82 10.64 6.14
CA ASP A 552 -93.10 10.78 6.82
C ASP A 552 -92.92 11.56 8.14
N ARG A 553 -91.99 12.52 8.17
CA ARG A 553 -91.78 13.27 9.41
C ARG A 553 -91.07 14.58 9.10
N LEU A 554 -91.37 15.59 9.92
CA LEU A 554 -90.71 16.89 9.79
C LEU A 554 -89.22 16.79 10.12
N GLU A 555 -88.85 15.92 11.06
CA GLU A 555 -87.44 15.69 11.33
C GLU A 555 -86.77 15.01 10.15
N ALA A 556 -87.51 14.17 9.43
CA ALA A 556 -87.09 13.63 8.15
C ALA A 556 -87.40 14.68 7.07
N SER A 557 -86.62 15.74 7.09
CA SER A 557 -86.89 16.94 6.31
C SER A 557 -86.43 16.71 4.87
N SER A 558 -86.32 17.80 4.10
CA SER A 558 -86.00 17.76 2.68
C SER A 558 -84.57 17.32 2.38
N GLY A 559 -83.71 17.15 3.39
CA GLY A 559 -82.39 16.59 3.12
C GLY A 559 -82.46 15.21 2.51
N ILE A 560 -83.26 14.33 3.10
CA ILE A 560 -83.44 13.00 2.52
C ILE A 560 -84.19 13.08 1.19
N LEU A 561 -85.05 14.09 1.02
CA LEU A 561 -85.76 14.28 -0.23
C LEU A 561 -84.79 14.55 -1.37
N GLU A 562 -83.88 15.50 -1.17
CA GLU A 562 -82.89 15.78 -2.20
C GLU A 562 -81.82 14.70 -2.29
N VAL A 563 -81.65 13.88 -1.25
CA VAL A 563 -80.85 12.66 -1.39
C VAL A 563 -81.49 11.73 -2.41
N LEU A 564 -82.81 11.53 -2.28
CA LEU A 564 -83.53 10.72 -3.25
C LEU A 564 -83.46 11.33 -4.64
N TYR A 565 -83.49 12.65 -4.72
CA TYR A 565 -83.38 13.35 -6.00
C TYR A 565 -82.04 13.04 -6.66
N CYS A 566 -80.97 13.11 -5.88
CA CYS A 566 -79.64 12.79 -6.40
C CYS A 566 -79.55 11.32 -6.81
N VAL A 567 -80.16 10.44 -6.02
CA VAL A 567 -80.11 9.01 -6.31
C VAL A 567 -80.80 8.71 -7.62
N LEU A 568 -81.96 9.33 -7.85
CA LEU A 568 -82.66 9.12 -9.10
C LEU A 568 -81.93 9.75 -10.27
N ILE A 569 -81.22 10.85 -10.04
CA ILE A 569 -80.46 11.47 -11.12
C ILE A 569 -79.30 10.58 -11.53
N GLU A 570 -78.54 10.08 -10.55
CA GLU A 570 -77.25 9.48 -10.82
C GLU A 570 -77.32 7.98 -11.07
N SER A 571 -78.25 7.29 -10.43
CA SER A 571 -78.43 5.84 -10.54
C SER A 571 -79.74 5.52 -11.24
N PRO A 572 -79.83 5.71 -12.57
CA PRO A 572 -81.11 5.47 -13.25
C PRO A 572 -81.57 4.02 -13.26
N GLU A 573 -80.68 3.06 -12.97
CA GLU A 573 -81.06 1.66 -13.03
C GLU A 573 -82.10 1.29 -11.98
N VAL A 574 -82.16 2.03 -10.87
CA VAL A 574 -83.16 1.76 -9.84
C VAL A 574 -84.57 2.14 -10.24
N LEU A 575 -84.75 2.87 -11.36
CA LEU A 575 -86.05 3.40 -11.73
C LEU A 575 -87.06 2.29 -12.05
N ASN A 576 -86.58 1.13 -12.49
CA ASN A 576 -87.50 0.03 -12.75
C ASN A 576 -88.11 -0.53 -11.48
N ILE A 577 -87.36 -0.48 -10.36
CA ILE A 577 -87.81 -1.08 -9.12
C ILE A 577 -89.04 -0.38 -8.53
N ILE A 578 -89.29 0.88 -8.90
CA ILE A 578 -90.31 1.70 -8.26
C ILE A 578 -91.71 1.14 -8.51
N GLN A 579 -92.55 1.18 -7.49
CA GLN A 579 -93.92 0.68 -7.49
C GLN A 579 -94.89 1.82 -7.21
N GLU A 580 -96.16 1.46 -7.13
CA GLU A 580 -97.23 2.46 -7.01
C GLU A 580 -97.26 3.09 -5.63
N ASN A 581 -97.00 2.30 -4.59
CA ASN A 581 -97.07 2.81 -3.23
C ASN A 581 -96.03 3.88 -2.96
N HIS A 582 -94.87 3.79 -3.62
CA HIS A 582 -93.87 4.83 -3.47
C HIS A 582 -94.35 6.14 -4.07
N ILE A 583 -95.03 6.06 -5.21
CA ILE A 583 -95.59 7.26 -5.83
C ILE A 583 -96.67 7.86 -4.96
N LYS A 584 -97.48 7.00 -4.33
CA LYS A 584 -98.51 7.49 -3.41
C LYS A 584 -97.88 8.16 -2.20
N SER A 585 -96.76 7.62 -1.72
CA SER A 585 -96.06 8.24 -0.60
C SER A 585 -95.51 9.60 -0.99
N ILE A 586 -94.98 9.72 -2.20
CA ILE A 586 -94.44 10.99 -2.67
C ILE A 586 -95.54 12.03 -2.79
N ILE A 587 -96.69 11.63 -3.35
CA ILE A 587 -97.80 12.56 -3.49
C ILE A 587 -98.35 12.93 -2.12
N SER A 588 -98.34 11.99 -1.18
CA SER A 588 -98.74 12.31 0.18
C SER A 588 -97.80 13.31 0.81
N LEU A 589 -96.50 13.21 0.50
CA LEU A 589 -95.56 14.22 0.97
C LEU A 589 -95.87 15.58 0.39
N LEU A 590 -96.22 15.62 -0.90
CA LEU A 590 -96.53 16.90 -1.53
C LEU A 590 -97.76 17.52 -0.91
N ASP A 591 -98.76 16.70 -0.60
CA ASP A 591 -99.97 17.22 0.02
C ASP A 591 -99.72 17.65 1.46
N LYS A 592 -98.88 16.90 2.17
CA LYS A 592 -98.71 17.13 3.61
C LYS A 592 -97.79 18.30 3.92
N HIS A 593 -96.79 18.57 3.06
CA HIS A 593 -95.79 19.61 3.27
C HIS A 593 -95.94 20.79 2.31
N GLY A 594 -97.12 20.94 1.69
CA GLY A 594 -97.36 22.09 0.85
C GLY A 594 -96.64 22.02 -0.48
N ARG A 595 -96.83 23.08 -1.26
CA ARG A 595 -96.24 23.15 -2.59
C ARG A 595 -94.73 23.31 -2.49
N ASN A 596 -94.03 22.58 -3.36
CA ASN A 596 -92.57 22.59 -3.37
C ASN A 596 -92.09 22.17 -4.74
N HIS A 597 -91.30 23.01 -5.39
CA HIS A 597 -90.75 22.68 -6.70
C HIS A 597 -89.77 21.52 -6.67
N LYS A 598 -89.15 21.26 -5.51
CA LYS A 598 -88.17 20.18 -5.43
C LYS A 598 -88.82 18.83 -5.66
N VAL A 599 -90.04 18.64 -5.14
CA VAL A 599 -90.76 17.39 -5.38
C VAL A 599 -91.12 17.27 -6.84
N LEU A 600 -91.44 18.40 -7.49
CA LEU A 600 -91.74 18.38 -8.91
C LEU A 600 -90.54 17.94 -9.72
N ASP A 601 -89.35 18.44 -9.37
CA ASP A 601 -88.14 17.98 -10.04
C ASP A 601 -87.86 16.52 -9.74
N VAL A 602 -88.20 16.06 -8.53
CA VAL A 602 -88.03 14.66 -8.16
C VAL A 602 -88.88 13.78 -9.06
N LEU A 603 -90.14 14.15 -9.23
CA LEU A 603 -91.05 13.37 -10.06
C LEU A 603 -90.64 13.42 -11.53
N CYS A 604 -90.15 14.58 -11.98
CA CYS A 604 -89.70 14.70 -13.36
C CYS A 604 -88.50 13.82 -13.62
N SER A 605 -87.55 13.79 -12.69
CA SER A 605 -86.41 12.89 -12.84
C SER A 605 -86.84 11.44 -12.76
N LEU A 606 -87.82 11.15 -11.90
CA LEU A 606 -88.35 9.80 -11.77
C LEU A 606 -89.05 9.35 -13.04
N CYS A 607 -89.58 10.27 -13.83
CA CYS A 607 -90.41 9.90 -14.96
C CYS A 607 -89.61 9.20 -16.05
N VAL A 608 -88.48 9.79 -16.45
CA VAL A 608 -87.75 9.41 -17.65
C VAL A 608 -86.37 8.90 -17.24
N CYS A 609 -85.96 7.79 -17.84
CA CYS A 609 -84.68 7.17 -17.57
C CYS A 609 -83.62 7.83 -18.44
N ASN A 610 -82.41 7.25 -18.47
CA ASN A 610 -81.33 7.84 -19.25
C ASN A 610 -81.59 7.66 -20.74
N GLY A 611 -82.21 8.66 -21.35
CA GLY A 611 -82.56 8.58 -22.75
C GLY A 611 -83.60 7.54 -23.09
N VAL A 612 -84.35 7.05 -22.11
CA VAL A 612 -85.33 5.99 -22.29
C VAL A 612 -86.56 6.33 -21.46
N ALA A 613 -87.74 6.12 -22.04
CA ALA A 613 -88.99 6.34 -21.34
C ALA A 613 -89.36 5.12 -20.50
N VAL A 614 -90.31 5.32 -19.60
CA VAL A 614 -90.88 4.27 -18.77
C VAL A 614 -92.38 4.48 -18.72
N ARG A 615 -93.13 3.66 -19.46
CA ARG A 615 -94.56 3.84 -19.56
C ARG A 615 -95.26 3.51 -18.24
N SER A 616 -94.69 2.62 -17.44
CA SER A 616 -95.36 2.15 -16.24
C SER A 616 -95.53 3.26 -15.21
N ASN A 617 -94.40 3.82 -14.76
CA ASN A 617 -94.47 4.92 -13.79
C ASN A 617 -95.14 6.16 -14.38
N GLN A 618 -95.01 6.36 -15.69
CA GLN A 618 -95.74 7.45 -16.36
C GLN A 618 -97.24 7.31 -16.20
N ASP A 619 -97.77 6.12 -16.50
CA ASP A 619 -99.20 5.90 -16.35
C ASP A 619 -99.61 5.97 -14.89
N LEU A 620 -98.77 5.48 -13.98
CA LEU A 620 -99.11 5.48 -12.56
C LEU A 620 -99.21 6.91 -12.01
N ILE A 621 -98.21 7.73 -12.29
CA ILE A 621 -98.22 9.10 -11.78
C ILE A 621 -99.32 9.91 -12.46
N THR A 622 -99.57 9.63 -13.75
CA THR A 622 -100.64 10.34 -14.45
C THR A 622 -102.01 9.99 -13.86
N GLU A 623 -102.20 8.72 -13.50
CA GLU A 623 -103.46 8.34 -12.88
C GLU A 623 -103.61 8.94 -11.49
N ASN A 624 -102.54 8.93 -10.70
CA ASN A 624 -102.67 9.32 -9.31
C ASN A 624 -102.82 10.82 -9.15
N LEU A 625 -102.03 11.61 -9.89
CA LEU A 625 -101.89 13.03 -9.59
C LEU A 625 -102.94 13.88 -10.30
N LEU A 626 -103.02 13.79 -11.62
CA LEU A 626 -103.76 14.77 -12.40
C LEU A 626 -105.27 14.75 -12.19
N PRO A 627 -105.98 13.63 -12.40
CA PRO A 627 -107.44 13.71 -12.53
C PRO A 627 -108.18 14.07 -11.25
N GLY A 628 -107.52 14.00 -10.09
CA GLY A 628 -108.16 14.49 -8.88
C GLY A 628 -108.43 15.98 -8.95
N ARG A 629 -107.44 16.75 -9.39
CA ARG A 629 -107.48 18.18 -9.64
C ARG A 629 -107.57 19.05 -8.38
N GLU A 630 -107.61 18.46 -7.18
CA GLU A 630 -107.69 19.24 -5.95
C GLU A 630 -106.35 19.79 -5.48
N LEU A 631 -105.25 19.45 -6.17
CA LEU A 631 -103.90 19.64 -5.64
C LEU A 631 -103.09 20.64 -6.45
N LEU A 632 -102.93 20.40 -7.75
CA LEU A 632 -102.21 21.32 -8.62
C LEU A 632 -103.12 22.47 -9.03
N LEU A 633 -102.51 23.48 -9.63
CA LEU A 633 -103.23 24.62 -10.16
C LEU A 633 -103.94 24.24 -11.45
N GLN A 634 -104.90 25.07 -11.83
CA GLN A 634 -105.72 24.88 -13.02
C GLN A 634 -105.77 26.18 -13.80
N THR A 635 -106.06 26.05 -15.10
CA THR A 635 -106.14 27.17 -16.03
C THR A 635 -107.36 27.01 -16.91
N ASN A 636 -107.94 28.14 -17.29
CA ASN A 636 -109.05 28.18 -18.23
C ASN A 636 -109.24 29.60 -18.70
N LEU A 637 -109.75 29.75 -19.91
CA LEU A 637 -110.19 31.05 -20.39
C LEU A 637 -111.46 31.46 -19.65
N ILE A 638 -111.68 32.77 -19.57
CA ILE A 638 -112.81 33.30 -18.82
C ILE A 638 -113.14 34.67 -19.39
N ASN A 639 -114.43 34.97 -19.43
CA ASN A 639 -114.94 36.25 -19.93
C ASN A 639 -115.13 37.22 -18.78
N TYR A 640 -115.29 38.49 -19.14
CA TYR A 640 -115.64 39.50 -18.16
C TYR A 640 -117.00 39.21 -17.54
N VAL A 641 -117.18 39.68 -16.31
CA VAL A 641 -118.49 39.93 -15.73
C VAL A 641 -118.46 41.33 -15.15
N THR A 642 -119.39 42.17 -15.58
CA THR A 642 -119.44 43.57 -15.21
C THR A 642 -120.89 43.96 -14.97
N SER A 643 -121.05 45.03 -14.19
CA SER A 643 -122.37 45.46 -13.76
C SER A 643 -122.39 46.97 -13.59
N ILE A 644 -123.60 47.52 -13.67
CA ILE A 644 -123.87 48.95 -13.49
C ILE A 644 -125.10 49.07 -12.60
N ARG A 645 -125.30 50.28 -12.07
CA ARG A 645 -126.37 50.60 -11.13
C ARG A 645 -127.07 51.88 -11.54
N PRO A 646 -128.39 51.98 -11.35
CA PRO A 646 -128.97 53.30 -11.10
C PRO A 646 -128.56 53.81 -9.73
N ASN A 647 -128.57 55.13 -9.59
CA ASN A 647 -128.21 55.80 -8.32
C ASN A 647 -129.45 56.00 -7.46
N ILE A 648 -130.14 54.89 -7.19
CA ILE A 648 -131.44 54.87 -6.52
C ILE A 648 -131.27 54.21 -5.17
N PHE A 649 -130.99 55.01 -4.16
CA PHE A 649 -130.72 54.52 -2.81
C PHE A 649 -131.99 54.48 -1.99
N VAL A 650 -132.16 53.39 -1.24
CA VAL A 650 -133.26 53.20 -0.30
C VAL A 650 -132.69 52.57 0.96
N GLY A 651 -133.55 52.27 1.92
CA GLY A 651 -133.13 51.60 3.14
C GLY A 651 -134.08 51.76 4.32
N ARG A 652 -134.08 50.77 5.22
CA ARG A 652 -134.94 50.79 6.39
C ARG A 652 -134.26 51.62 7.48
N ALA A 653 -134.63 52.89 7.56
CA ALA A 653 -134.20 53.78 8.64
C ALA A 653 -135.08 53.52 9.87
N GLU A 654 -135.04 54.43 10.84
CA GLU A 654 -135.85 54.36 12.05
C GLU A 654 -137.27 54.94 11.86
N GLY A 655 -137.78 55.01 10.63
CA GLY A 655 -139.14 55.46 10.35
C GLY A 655 -139.25 56.22 9.05
N SER A 656 -138.18 56.87 8.61
CA SER A 656 -138.13 57.59 7.33
C SER A 656 -137.59 56.71 6.23
N THR A 657 -138.15 55.50 6.11
CA THR A 657 -137.75 54.53 5.11
C THR A 657 -138.48 54.68 3.77
N GLN A 658 -139.36 55.68 3.64
CA GLN A 658 -140.15 55.90 2.43
C GLN A 658 -140.98 54.66 2.06
N TYR A 659 -141.55 54.02 3.10
CA TYR A 659 -142.52 52.90 3.05
C TYR A 659 -142.09 51.72 2.17
N GLY A 660 -140.78 51.55 1.91
CA GLY A 660 -140.17 50.38 1.28
C GLY A 660 -140.85 49.67 0.12
N LYS A 661 -141.07 50.37 -0.99
CA LYS A 661 -141.86 49.82 -2.09
C LYS A 661 -141.43 50.46 -3.40
N TRP A 662 -140.70 49.69 -4.21
CA TRP A 662 -140.31 50.09 -5.56
C TRP A 662 -140.42 48.87 -6.45
N TYR A 663 -140.38 49.11 -7.77
CA TYR A 663 -140.61 48.10 -8.79
C TYR A 663 -139.58 48.22 -9.89
N PHE A 664 -139.11 47.08 -10.38
CA PHE A 664 -138.09 46.98 -11.41
C PHE A 664 -138.76 46.86 -12.78
N GLU A 665 -137.95 47.03 -13.82
CA GLU A 665 -138.37 46.73 -15.18
C GLU A 665 -137.14 46.71 -16.07
N VAL A 666 -137.03 45.67 -16.91
CA VAL A 666 -135.89 45.46 -17.79
C VAL A 666 -136.40 45.03 -19.16
N MET A 667 -135.60 45.32 -20.18
CA MET A 667 -135.86 44.93 -21.56
C MET A 667 -134.54 44.51 -22.20
N VAL A 668 -134.60 43.44 -22.99
CA VAL A 668 -133.46 42.92 -23.73
C VAL A 668 -133.92 42.66 -25.15
N ASP A 669 -133.05 42.97 -26.12
CA ASP A 669 -133.33 42.92 -27.55
C ASP A 669 -132.21 42.20 -28.27
N GLU A 670 -131.83 41.03 -27.76
CA GLU A 670 -130.67 40.29 -28.24
C GLU A 670 -130.79 38.87 -27.72
N VAL A 671 -129.91 38.00 -28.22
CA VAL A 671 -129.71 36.66 -27.66
C VAL A 671 -128.25 36.50 -27.30
N VAL A 672 -127.39 36.42 -28.31
CA VAL A 672 -125.94 36.21 -28.25
C VAL A 672 -125.58 35.15 -27.20
N PRO A 673 -125.99 33.90 -27.40
CA PRO A 673 -125.76 32.89 -26.34
C PRO A 673 -124.30 32.53 -26.17
N PHE A 674 -123.52 32.54 -27.25
CA PHE A 674 -122.10 32.21 -27.24
C PHE A 674 -121.41 33.24 -28.12
N LEU A 675 -120.84 34.28 -27.49
CA LEU A 675 -120.17 35.31 -28.27
C LEU A 675 -118.92 34.76 -28.94
N THR A 676 -117.94 34.34 -28.12
CA THR A 676 -116.74 33.66 -28.60
C THR A 676 -116.62 32.25 -28.04
N ALA A 677 -116.53 32.09 -26.72
CA ALA A 677 -116.18 30.81 -26.10
C ALA A 677 -117.22 30.32 -25.10
N GLN A 678 -117.51 31.09 -24.05
CA GLN A 678 -118.12 30.51 -22.86
C GLN A 678 -119.64 30.66 -22.82
N ALA A 679 -120.13 31.90 -22.69
CA ALA A 679 -121.54 32.15 -22.43
C ALA A 679 -121.79 33.65 -22.44
N THR A 680 -123.00 34.07 -22.09
CA THR A 680 -123.32 35.45 -21.73
C THR A 680 -123.91 35.43 -20.33
N HIS A 681 -123.64 36.50 -19.56
CA HIS A 681 -123.84 36.53 -18.12
C HIS A 681 -124.82 37.61 -17.68
N LEU A 682 -125.98 37.68 -18.32
CA LEU A 682 -126.99 38.66 -17.94
C LEU A 682 -127.69 38.22 -16.66
N ARG A 683 -127.64 39.06 -15.63
CA ARG A 683 -128.39 38.87 -14.40
C ARG A 683 -128.87 40.23 -13.92
N VAL A 684 -129.93 40.19 -13.11
CA VAL A 684 -130.56 41.40 -12.56
C VAL A 684 -130.87 41.13 -11.09
N GLY A 685 -130.69 42.14 -10.26
CA GLY A 685 -130.83 41.91 -8.83
C GLY A 685 -130.70 43.18 -8.02
N TRP A 686 -130.59 42.98 -6.71
CA TRP A 686 -130.43 44.04 -5.71
C TRP A 686 -128.96 44.22 -5.36
N ALA A 687 -128.67 45.26 -4.57
CA ALA A 687 -127.30 45.65 -4.27
C ALA A 687 -127.26 46.50 -3.01
N LEU A 688 -126.64 45.99 -1.95
CA LEU A 688 -126.75 46.60 -0.63
C LEU A 688 -125.54 47.47 -0.22
N THR A 689 -124.65 47.82 -1.14
CA THR A 689 -123.62 48.86 -1.02
C THR A 689 -122.41 48.44 -0.17
N GLU A 690 -122.46 47.34 0.58
CA GLU A 690 -121.42 46.96 1.54
C GLU A 690 -120.50 45.87 1.01
N GLY A 691 -121.05 44.78 0.53
CA GLY A 691 -120.24 43.67 0.07
C GLY A 691 -119.57 43.85 -1.27
N TYR A 692 -119.86 44.94 -1.99
CA TYR A 692 -119.51 45.09 -3.39
C TYR A 692 -118.30 45.99 -3.61
N SER A 693 -117.25 45.39 -4.16
CA SER A 693 -116.25 46.08 -4.97
C SER A 693 -115.93 45.16 -6.15
N PRO A 694 -116.87 45.01 -7.12
CA PRO A 694 -116.63 44.01 -8.17
C PRO A 694 -115.55 44.44 -9.14
N TYR A 695 -114.30 44.26 -8.72
CA TYR A 695 -113.19 44.63 -9.57
C TYR A 695 -113.12 43.68 -10.77
N PRO A 696 -112.65 44.15 -11.94
CA PRO A 696 -112.57 43.25 -13.10
C PRO A 696 -111.31 42.41 -13.03
N GLY A 697 -111.50 41.11 -12.82
CA GLY A 697 -110.38 40.20 -12.68
C GLY A 697 -110.70 38.99 -11.83
N GLY A 698 -109.92 38.79 -10.77
CA GLY A 698 -110.11 37.67 -9.89
C GLY A 698 -111.40 37.79 -9.09
N GLY A 699 -111.57 36.84 -8.19
CA GLY A 699 -112.81 36.78 -7.44
C GLY A 699 -112.70 35.88 -6.24
N GLU A 700 -113.82 35.80 -5.51
CA GLU A 700 -113.97 34.88 -4.39
C GLU A 700 -114.60 33.56 -4.80
N GLY A 701 -114.28 33.08 -6.00
CA GLY A 701 -114.80 31.81 -6.45
C GLY A 701 -114.04 31.26 -7.61
N TRP A 702 -114.78 30.70 -8.57
CA TRP A 702 -114.26 30.22 -9.85
C TRP A 702 -114.64 31.20 -10.93
N GLY A 703 -113.66 31.68 -11.68
CA GLY A 703 -113.96 32.66 -12.70
C GLY A 703 -114.29 34.02 -12.08
N GLY A 704 -115.16 34.74 -12.77
CA GLY A 704 -115.46 36.12 -12.42
C GLY A 704 -116.41 36.26 -11.25
N ASN A 705 -116.63 37.51 -10.87
CA ASN A 705 -117.52 37.87 -9.77
C ASN A 705 -118.96 37.87 -10.28
N GLY A 706 -119.65 36.76 -10.06
CA GLY A 706 -121.05 36.71 -10.44
C GLY A 706 -121.90 37.61 -9.55
N VAL A 707 -122.86 38.28 -10.17
CA VAL A 707 -123.82 39.08 -9.41
C VAL A 707 -124.77 38.08 -8.76
N GLY A 708 -124.50 37.78 -7.49
CA GLY A 708 -125.04 36.62 -6.81
C GLY A 708 -123.96 35.78 -6.15
N ASP A 709 -122.70 35.94 -6.59
CA ASP A 709 -121.60 35.14 -6.06
C ASP A 709 -121.36 35.44 -4.58
N ASP A 710 -121.32 36.72 -4.23
CA ASP A 710 -121.15 37.10 -2.84
C ASP A 710 -122.44 36.83 -2.07
N LEU A 711 -122.31 36.71 -0.74
CA LEU A 711 -123.49 36.57 0.08
C LEU A 711 -124.34 37.84 0.05
N TYR A 712 -123.70 39.00 -0.05
CA TYR A 712 -124.39 40.28 -0.14
C TYR A 712 -124.80 40.58 -1.59
N SER A 713 -125.59 39.66 -2.16
CA SER A 713 -125.97 39.75 -3.56
C SER A 713 -127.19 38.88 -3.80
N TYR A 714 -128.26 39.47 -4.33
CA TYR A 714 -129.54 38.80 -4.59
C TYR A 714 -129.96 39.14 -6.00
N GLY A 715 -129.93 38.16 -6.90
CA GLY A 715 -130.26 38.36 -8.30
C GLY A 715 -130.81 37.12 -8.97
N PHE A 716 -130.88 37.13 -10.30
CA PHE A 716 -131.55 36.06 -11.03
C PHE A 716 -131.14 36.11 -12.49
N ASP A 717 -130.96 34.93 -13.09
CA ASP A 717 -130.39 34.79 -14.42
C ASP A 717 -131.45 34.73 -15.51
N GLY A 718 -132.57 34.08 -15.25
CA GLY A 718 -133.60 33.83 -16.24
C GLY A 718 -134.16 32.43 -16.13
N LEU A 719 -133.29 31.47 -15.78
CA LEU A 719 -133.66 30.09 -15.49
C LEU A 719 -133.31 29.65 -14.08
N HIS A 720 -132.36 30.31 -13.42
CA HIS A 720 -132.01 30.01 -12.05
C HIS A 720 -131.41 31.28 -11.45
N LEU A 721 -131.12 31.20 -10.16
CA LEU A 721 -130.59 32.32 -9.38
C LEU A 721 -129.38 31.86 -8.58
N TRP A 722 -128.51 32.82 -8.28
CA TRP A 722 -127.34 32.63 -7.43
C TRP A 722 -127.38 33.64 -6.31
N THR A 723 -127.24 33.16 -5.08
CA THR A 723 -127.02 34.00 -3.92
C THR A 723 -125.98 33.30 -3.06
N GLY A 724 -124.79 33.89 -2.99
CA GLY A 724 -123.68 33.22 -2.35
C GLY A 724 -123.01 32.19 -3.22
N HIS A 725 -123.11 32.31 -4.55
CA HIS A 725 -122.43 31.43 -5.50
C HIS A 725 -122.90 29.98 -5.35
N VAL A 726 -124.22 29.80 -5.40
CA VAL A 726 -124.86 28.49 -5.29
C VAL A 726 -125.93 28.40 -6.35
N ALA A 727 -125.94 27.30 -7.08
CA ALA A 727 -127.00 27.04 -8.04
C ALA A 727 -128.29 26.71 -7.31
N ARG A 728 -129.39 27.31 -7.76
CA ARG A 728 -130.69 27.17 -7.11
C ARG A 728 -131.77 27.37 -8.16
N PRO A 729 -132.01 26.37 -9.00
CA PRO A 729 -133.06 26.51 -10.01
C PRO A 729 -134.44 26.53 -9.39
N VAL A 730 -135.37 27.15 -10.12
CA VAL A 730 -136.75 27.37 -9.69
C VAL A 730 -137.68 26.90 -10.80
N THR A 731 -138.70 26.13 -10.41
CA THR A 731 -139.68 25.67 -11.37
C THR A 731 -140.67 26.78 -11.68
N SER A 732 -140.92 26.99 -12.98
CA SER A 732 -141.88 27.99 -13.42
C SER A 732 -142.30 27.64 -14.85
N PRO A 733 -143.45 28.14 -15.32
CA PRO A 733 -143.75 28.02 -16.74
C PRO A 733 -142.82 28.87 -17.57
N GLY A 734 -142.62 28.45 -18.82
CA GLY A 734 -141.78 29.19 -19.75
C GLY A 734 -140.35 29.28 -19.31
N GLN A 735 -139.77 28.15 -18.89
CA GLN A 735 -138.39 28.16 -18.43
C GLN A 735 -137.45 28.34 -19.60
N HIS A 736 -136.55 29.31 -19.47
CA HIS A 736 -135.51 29.59 -20.46
C HIS A 736 -134.59 30.63 -19.86
N LEU A 737 -133.50 30.92 -20.57
CA LEU A 737 -132.64 32.03 -20.22
C LEU A 737 -133.33 33.34 -20.61
N LEU A 738 -132.60 34.44 -20.49
CA LEU A 738 -133.14 35.73 -20.86
C LEU A 738 -133.24 35.84 -22.37
N ALA A 739 -134.39 35.47 -22.91
CA ALA A 739 -134.62 35.53 -24.35
C ALA A 739 -134.85 36.97 -24.78
N PRO A 740 -134.73 37.29 -26.07
CA PRO A 740 -135.09 38.63 -26.53
C PRO A 740 -136.59 38.90 -26.37
N GLU A 741 -136.92 40.16 -26.13
CA GLU A 741 -138.28 40.65 -25.93
C GLU A 741 -138.95 39.92 -24.76
N ASP A 742 -138.40 40.18 -23.57
CA ASP A 742 -138.92 39.66 -22.32
C ASP A 742 -138.89 40.77 -21.27
N VAL A 743 -139.76 40.62 -20.27
CA VAL A 743 -139.88 41.54 -19.14
C VAL A 743 -139.64 40.76 -17.86
N VAL A 744 -138.82 41.33 -16.99
CA VAL A 744 -138.51 40.79 -15.67
C VAL A 744 -138.54 41.95 -14.69
N SER A 745 -138.95 41.67 -13.47
CA SER A 745 -139.06 42.71 -12.46
C SER A 745 -139.00 42.08 -11.07
N CYS A 746 -139.20 42.91 -10.05
CA CYS A 746 -139.03 42.52 -8.66
C CYS A 746 -139.87 43.44 -7.79
N CYS A 747 -139.97 43.08 -6.52
CA CYS A 747 -140.58 43.94 -5.52
C CYS A 747 -139.95 43.64 -4.17
N LEU A 748 -139.82 44.68 -3.35
CA LEU A 748 -139.14 44.63 -2.07
C LEU A 748 -140.01 45.27 -1.00
N ASP A 749 -139.92 44.71 0.21
CA ASP A 749 -140.56 45.27 1.40
C ASP A 749 -139.51 45.40 2.49
N LEU A 750 -139.36 46.62 3.02
CA LEU A 750 -138.42 46.86 4.11
C LEU A 750 -138.95 46.46 5.47
N SER A 751 -140.28 46.34 5.62
CA SER A 751 -140.84 45.94 6.90
C SER A 751 -140.42 44.51 7.25
N VAL A 752 -140.85 43.56 6.45
CA VAL A 752 -140.44 42.16 6.53
C VAL A 752 -139.51 41.91 5.35
N PRO A 753 -138.33 41.23 5.54
CA PRO A 753 -137.48 40.99 4.36
C PRO A 753 -138.13 40.02 3.40
N SER A 754 -138.49 40.52 2.22
CA SER A 754 -139.23 39.74 1.22
C SER A 754 -138.85 40.26 -0.16
N ILE A 755 -137.97 39.55 -0.85
CA ILE A 755 -137.55 39.84 -2.20
C ILE A 755 -138.22 38.82 -3.11
N SER A 756 -139.16 39.29 -3.92
CA SER A 756 -139.95 38.46 -4.82
C SER A 756 -139.79 38.97 -6.25
N PHE A 757 -139.65 38.04 -7.18
CA PHE A 757 -139.38 38.33 -8.58
C PHE A 757 -140.56 37.89 -9.43
N ARG A 758 -140.59 38.41 -10.65
CA ARG A 758 -141.62 38.04 -11.61
C ARG A 758 -141.09 38.28 -13.01
N ILE A 759 -141.72 37.61 -13.97
CA ILE A 759 -141.31 37.58 -15.36
C ILE A 759 -142.54 37.87 -16.23
N ASN A 760 -142.35 37.81 -17.54
CA ASN A 760 -143.46 37.98 -18.47
C ASN A 760 -144.50 36.89 -18.26
N GLY A 761 -145.76 37.28 -18.27
CA GLY A 761 -146.87 36.35 -18.19
C GLY A 761 -147.32 35.95 -16.80
N CYS A 762 -146.37 35.60 -15.93
CA CYS A 762 -146.68 35.05 -14.62
C CYS A 762 -145.47 35.24 -13.72
N PRO A 763 -145.62 35.11 -12.40
CA PRO A 763 -144.49 35.27 -11.50
C PRO A 763 -143.73 33.96 -11.31
N VAL A 764 -142.48 34.10 -10.90
CA VAL A 764 -141.62 32.96 -10.63
C VAL A 764 -141.88 32.45 -9.22
N GLN A 765 -141.63 31.16 -9.02
CA GLN A 765 -141.94 30.47 -7.76
C GLN A 765 -140.68 30.42 -6.89
N GLY A 766 -140.31 31.59 -6.39
CA GLY A 766 -139.16 31.69 -5.51
C GLY A 766 -138.94 33.11 -5.02
N VAL A 767 -138.62 33.25 -3.73
CA VAL A 767 -138.37 34.52 -3.09
C VAL A 767 -137.17 34.36 -2.17
N PHE A 768 -136.79 35.47 -1.51
CA PHE A 768 -135.76 35.51 -0.49
C PHE A 768 -136.35 36.16 0.76
N GLU A 769 -135.74 35.85 1.90
CA GLU A 769 -136.21 36.40 3.16
C GLU A 769 -135.15 36.14 4.23
N ALA A 770 -135.33 36.80 5.37
CA ALA A 770 -134.51 36.60 6.57
C ALA A 770 -133.05 36.94 6.30
N PHE A 771 -132.80 38.22 6.02
CA PHE A 771 -131.47 38.75 5.81
C PHE A 771 -131.33 40.09 6.51
N ASN A 772 -130.10 40.39 6.91
CA ASN A 772 -129.81 41.70 7.48
C ASN A 772 -129.99 42.78 6.43
N LEU A 773 -130.45 43.95 6.88
CA LEU A 773 -130.72 45.11 6.04
C LEU A 773 -130.21 46.37 6.69
N ASP A 774 -129.05 46.28 7.35
CA ASP A 774 -128.44 47.41 8.02
C ASP A 774 -127.71 48.38 7.08
N GLY A 775 -127.79 48.18 5.76
CA GLY A 775 -127.28 49.10 4.77
C GLY A 775 -128.36 49.48 3.78
N LEU A 776 -127.98 50.19 2.73
CA LEU A 776 -128.94 50.66 1.73
C LEU A 776 -129.28 49.51 0.79
N PHE A 777 -130.01 49.82 -0.30
CA PHE A 777 -130.24 48.90 -1.40
C PHE A 777 -130.35 49.72 -2.69
N PHE A 778 -130.08 49.09 -3.82
CA PHE A 778 -130.35 49.73 -5.11
C PHE A 778 -130.38 48.67 -6.21
N PRO A 779 -131.00 48.96 -7.36
CA PRO A 779 -131.00 47.99 -8.46
C PRO A 779 -129.66 47.86 -9.15
N VAL A 780 -129.42 46.68 -9.72
CA VAL A 780 -128.26 46.40 -10.56
C VAL A 780 -128.62 45.45 -11.69
N VAL A 781 -127.76 45.47 -12.71
CA VAL A 781 -127.86 44.59 -13.88
C VAL A 781 -126.45 44.15 -14.24
N SER A 782 -126.26 42.85 -14.44
CA SER A 782 -124.99 42.26 -14.84
C SER A 782 -124.95 42.08 -16.36
N PHE A 783 -123.74 41.99 -16.89
CA PHE A 783 -123.56 41.85 -18.32
C PHE A 783 -122.10 41.51 -18.60
N SER A 784 -121.89 40.55 -19.50
CA SER A 784 -120.55 40.13 -19.91
C SER A 784 -120.11 40.86 -21.16
N ALA A 785 -120.81 40.64 -22.28
CA ALA A 785 -120.51 41.27 -23.55
C ALA A 785 -121.59 40.83 -24.54
N GLY A 786 -121.65 41.55 -25.67
CA GLY A 786 -122.57 41.19 -26.73
C GLY A 786 -124.03 41.32 -26.35
N VAL A 787 -124.38 42.37 -25.60
CA VAL A 787 -125.76 42.64 -25.19
C VAL A 787 -126.01 44.13 -25.35
N LYS A 788 -127.24 44.48 -25.76
CA LYS A 788 -127.67 45.85 -26.03
C LYS A 788 -128.97 46.15 -25.30
N VAL A 789 -129.02 45.76 -24.02
CA VAL A 789 -130.23 45.86 -23.22
C VAL A 789 -130.53 47.31 -22.89
N ARG A 790 -131.71 47.56 -22.32
CA ARG A 790 -132.10 48.88 -21.85
C ARG A 790 -132.90 48.70 -20.56
N PHE A 791 -132.56 49.51 -19.54
CA PHE A 791 -133.13 49.38 -18.20
C PHE A 791 -134.23 50.42 -18.04
N LEU A 792 -135.42 50.09 -18.54
CA LEU A 792 -136.58 50.96 -18.41
C LEU A 792 -136.95 51.05 -16.94
N LEU A 793 -136.79 52.24 -16.36
CA LEU A 793 -136.97 52.38 -14.92
C LEU A 793 -138.45 52.49 -14.54
N GLY A 794 -139.12 53.54 -15.00
CA GLY A 794 -140.46 53.88 -14.56
C GLY A 794 -140.75 55.37 -14.44
N GLY A 795 -139.73 56.23 -14.61
CA GLY A 795 -139.88 57.66 -14.41
C GLY A 795 -140.89 58.32 -15.31
N ARG A 796 -140.63 58.32 -16.62
CA ARG A 796 -141.57 58.77 -17.63
C ARG A 796 -141.74 57.79 -18.78
N HIS A 797 -140.69 57.10 -19.19
CA HIS A 797 -140.69 56.17 -20.33
C HIS A 797 -140.74 54.70 -19.92
N GLY A 798 -140.70 54.38 -18.63
CA GLY A 798 -140.75 53.00 -18.21
C GLY A 798 -142.16 52.44 -18.14
N GLU A 799 -142.75 52.18 -19.29
CA GLU A 799 -144.10 51.64 -19.34
C GLU A 799 -144.10 50.20 -18.85
N PHE A 800 -144.61 49.99 -17.64
CA PHE A 800 -144.63 48.68 -17.02
C PHE A 800 -145.68 47.82 -17.72
N LYS A 801 -145.23 46.99 -18.67
CA LYS A 801 -146.14 46.08 -19.35
C LYS A 801 -146.71 45.06 -18.39
N PHE A 802 -145.83 44.41 -17.61
CA PHE A 802 -146.24 43.57 -16.49
C PHE A 802 -146.47 44.50 -15.31
N LEU A 803 -147.73 44.60 -14.87
CA LEU A 803 -148.13 45.70 -13.99
C LEU A 803 -147.53 45.51 -12.58
N PRO A 804 -147.29 46.60 -11.83
CA PRO A 804 -146.86 46.43 -10.44
C PRO A 804 -148.02 46.05 -9.55
N PRO A 805 -147.77 45.60 -8.31
CA PRO A 805 -148.83 45.61 -7.30
C PRO A 805 -149.05 47.03 -6.80
N PRO A 806 -150.06 47.26 -5.97
CA PRO A 806 -150.23 48.59 -5.39
C PRO A 806 -149.09 48.93 -4.43
N GLY A 807 -148.78 50.23 -4.35
CA GLY A 807 -147.81 50.75 -3.42
C GLY A 807 -146.39 50.85 -3.95
N TYR A 808 -146.04 50.08 -4.97
CA TYR A 808 -144.73 50.13 -5.60
C TYR A 808 -144.79 51.12 -6.76
N ALA A 809 -144.04 52.21 -6.64
CA ALA A 809 -144.05 53.35 -7.54
C ALA A 809 -142.64 53.75 -7.94
N PRO A 810 -142.45 54.40 -9.12
CA PRO A 810 -141.09 54.74 -9.59
C PRO A 810 -140.55 56.10 -9.13
N CYS A 811 -140.00 56.12 -7.92
CA CYS A 811 -139.24 57.26 -7.40
C CYS A 811 -140.13 58.51 -7.25
N HIS A 812 -141.10 58.40 -6.35
CA HIS A 812 -142.15 59.41 -6.26
C HIS A 812 -141.70 60.67 -5.51
N GLU A 813 -141.37 60.53 -4.23
CA GLU A 813 -141.35 61.71 -3.36
C GLU A 813 -140.10 62.56 -3.58
N ALA A 814 -138.92 62.01 -3.24
CA ALA A 814 -137.65 62.71 -3.39
C ALA A 814 -136.52 61.79 -3.85
N VAL A 815 -136.81 60.54 -4.22
CA VAL A 815 -135.81 59.71 -4.89
C VAL A 815 -135.46 60.38 -6.21
N LEU A 816 -134.20 60.21 -6.63
CA LEU A 816 -133.43 61.14 -7.46
C LEU A 816 -133.28 62.44 -6.69
N PRO A 817 -132.57 62.45 -5.56
CA PRO A 817 -132.49 63.67 -4.75
C PRO A 817 -131.65 64.75 -5.42
N ARG A 818 -132.30 65.76 -6.00
CA ARG A 818 -131.70 66.97 -6.55
C ARG A 818 -130.86 66.78 -7.82
N GLU A 819 -130.64 65.54 -8.26
CA GLU A 819 -129.67 65.19 -9.27
C GLU A 819 -130.34 64.39 -10.37
N ARG A 820 -129.96 64.69 -11.61
CA ARG A 820 -130.49 63.96 -12.75
C ARG A 820 -130.03 62.51 -12.70
N LEU A 821 -130.90 61.61 -13.11
CA LEU A 821 -130.56 60.19 -13.11
C LEU A 821 -129.46 59.90 -14.10
N ARG A 822 -128.57 58.99 -13.73
CA ARG A 822 -127.49 58.59 -14.61
C ARG A 822 -126.92 57.27 -14.09
N LEU A 823 -126.86 56.28 -14.97
CA LEU A 823 -126.24 55.02 -14.62
C LEU A 823 -124.75 55.23 -14.43
N GLU A 824 -124.18 54.46 -13.51
CA GLU A 824 -122.79 54.55 -13.09
C GLU A 824 -122.19 53.15 -13.00
N PRO A 825 -120.87 52.99 -13.20
CA PRO A 825 -120.24 51.73 -12.79
C PRO A 825 -120.15 51.64 -11.28
N ILE A 826 -120.19 50.41 -10.78
CA ILE A 826 -120.19 50.16 -9.35
C ILE A 826 -118.76 50.25 -8.85
N LYS A 827 -118.43 51.33 -8.14
CA LYS A 827 -117.15 51.52 -7.49
C LYS A 827 -116.02 51.57 -8.51
N GLU A 828 -116.14 52.51 -9.44
CA GLU A 828 -115.17 52.66 -10.50
C GLU A 828 -113.82 53.11 -9.95
N TYR A 829 -112.76 52.67 -10.63
CA TYR A 829 -111.39 53.10 -10.34
C TYR A 829 -110.58 53.38 -11.60
N ARG A 830 -111.22 53.47 -12.77
CA ARG A 830 -110.55 53.85 -14.01
C ARG A 830 -111.63 54.25 -15.00
N ARG A 831 -111.47 55.44 -15.59
CA ARG A 831 -112.40 55.96 -16.59
C ARG A 831 -111.61 56.65 -17.68
N GLU A 832 -112.05 56.46 -18.92
CA GLU A 832 -111.39 57.09 -20.06
C GLU A 832 -111.79 58.55 -20.13
N GLY A 833 -110.80 59.42 -20.28
CA GLY A 833 -111.00 60.81 -20.60
C GLY A 833 -110.80 61.04 -22.08
N PRO A 834 -111.01 62.26 -22.55
CA PRO A 834 -110.77 62.55 -23.96
C PRO A 834 -109.28 62.52 -24.28
N ARG A 835 -108.49 63.21 -23.45
CA ARG A 835 -107.05 63.24 -23.63
C ARG A 835 -106.39 61.96 -23.16
N GLY A 836 -106.90 61.35 -22.11
CA GLY A 836 -106.35 60.11 -21.62
C GLY A 836 -107.14 59.50 -20.48
N PRO A 837 -106.74 58.32 -20.01
CA PRO A 837 -107.42 57.72 -18.86
C PRO A 837 -107.19 58.52 -17.59
N HIS A 838 -108.13 58.38 -16.65
CA HIS A 838 -108.11 59.08 -15.38
C HIS A 838 -108.32 58.06 -14.26
N LEU A 839 -107.37 58.00 -13.34
CA LEU A 839 -107.54 57.20 -12.14
C LEU A 839 -108.53 57.89 -11.21
N VAL A 840 -109.29 57.06 -10.49
CA VAL A 840 -110.41 57.52 -9.66
C VAL A 840 -110.23 56.94 -8.26
N GLY A 841 -110.38 57.80 -7.26
CA GLY A 841 -110.31 57.37 -5.88
C GLY A 841 -111.59 56.72 -5.42
N PRO A 842 -111.60 56.28 -4.17
CA PRO A 842 -112.80 55.61 -3.65
C PRO A 842 -113.95 56.58 -3.47
N SER A 843 -115.16 56.03 -3.53
CA SER A 843 -116.39 56.78 -3.37
C SER A 843 -116.86 56.65 -1.93
N ARG A 844 -117.26 57.77 -1.33
CA ARG A 844 -117.78 57.74 0.02
C ARG A 844 -119.12 57.04 0.07
N CYS A 845 -119.50 56.63 1.27
CA CYS A 845 -120.83 56.09 1.50
C CYS A 845 -121.84 57.22 1.40
N LEU A 846 -122.76 57.11 0.45
CA LEU A 846 -123.77 58.16 0.22
C LEU A 846 -124.90 58.00 1.23
N SER A 847 -124.57 58.31 2.49
CA SER A 847 -125.51 58.21 3.62
C SER A 847 -126.00 56.76 3.77
N HIS A 848 -125.04 55.90 4.14
CA HIS A 848 -125.29 54.46 4.19
C HIS A 848 -126.39 54.09 5.18
N THR A 849 -126.49 54.84 6.28
CA THR A 849 -127.61 54.76 7.20
C THR A 849 -127.93 56.20 7.61
N ASP A 850 -128.79 56.34 8.62
CA ASP A 850 -129.15 57.65 9.19
C ASP A 850 -129.85 58.53 8.18
N PHE A 851 -130.75 57.93 7.39
CA PHE A 851 -131.72 58.73 6.66
C PHE A 851 -132.61 59.50 7.63
N VAL A 852 -132.98 58.86 8.73
CA VAL A 852 -133.68 59.57 9.81
C VAL A 852 -132.72 60.61 10.39
N PRO A 853 -133.10 61.90 10.48
CA PRO A 853 -132.09 62.92 10.81
C PRO A 853 -131.84 63.01 12.30
N CYS A 854 -131.04 64.00 12.72
CA CYS A 854 -130.64 64.19 14.12
C CYS A 854 -130.99 65.61 14.54
N PRO A 855 -132.26 65.90 14.79
CA PRO A 855 -132.62 67.22 15.32
C PRO A 855 -132.08 67.41 16.73
N VAL A 856 -131.94 68.69 17.09
CA VAL A 856 -131.45 69.04 18.42
C VAL A 856 -132.47 68.62 19.47
N ASP A 857 -131.97 68.16 20.62
CA ASP A 857 -132.79 67.70 21.73
C ASP A 857 -132.23 68.22 23.05
N ILE A 861 -135.10 72.97 29.24
CA ILE A 861 -136.53 73.07 29.46
C ILE A 861 -136.75 74.00 30.65
N VAL A 862 -136.79 75.31 30.37
CA VAL A 862 -136.93 76.34 31.38
C VAL A 862 -137.74 77.49 30.78
N LEU A 863 -138.06 78.48 31.62
CA LEU A 863 -138.78 79.67 31.17
C LEU A 863 -138.46 80.83 32.11
N PRO A 864 -137.28 81.45 31.97
CA PRO A 864 -136.97 82.65 32.78
C PRO A 864 -137.82 83.83 32.35
N PRO A 865 -137.81 84.94 33.15
CA PRO A 865 -138.65 86.09 32.77
C PRO A 865 -138.09 86.91 31.62
N HIS A 866 -136.77 87.10 31.59
CA HIS A 866 -136.17 87.88 30.51
C HIS A 866 -136.36 87.18 29.17
N LEU A 867 -136.23 85.85 29.17
CA LEU A 867 -136.53 85.09 27.96
C LEU A 867 -138.02 85.16 27.64
N GLU A 868 -138.89 85.26 28.66
CA GLU A 868 -140.32 85.36 28.42
C GLU A 868 -140.66 86.66 27.68
N ARG A 869 -140.13 87.79 28.15
CA ARG A 869 -140.45 89.05 27.49
C ARG A 869 -139.82 89.14 26.11
N ILE A 870 -138.58 88.65 25.95
CA ILE A 870 -137.95 88.77 24.64
C ILE A 870 -138.61 87.83 23.64
N ARG A 871 -139.11 86.66 24.09
CA ARG A 871 -139.81 85.78 23.16
C ARG A 871 -141.21 86.31 22.86
N GLU A 872 -141.83 87.05 23.78
CA GLU A 872 -143.06 87.75 23.43
C GLU A 872 -142.81 88.79 22.35
N LYS A 873 -141.71 89.53 22.48
CA LYS A 873 -141.32 90.49 21.45
C LYS A 873 -141.04 89.79 20.13
N LEU A 874 -140.37 88.64 20.18
CA LEU A 874 -140.11 87.87 18.96
C LEU A 874 -141.40 87.34 18.36
N ALA A 875 -142.37 86.95 19.20
CA ALA A 875 -143.66 86.50 18.70
C ALA A 875 -144.36 87.61 17.94
N GLU A 876 -144.31 88.83 18.49
CA GLU A 876 -144.88 89.97 17.78
C GLU A 876 -144.14 90.25 16.48
N ASN A 877 -142.81 90.12 16.49
CA ASN A 877 -142.02 90.38 15.28
C ASN A 877 -142.32 89.38 14.19
N ILE A 878 -142.37 88.08 14.53
CA ILE A 878 -142.64 87.07 13.50
C ILE A 878 -144.08 87.19 13.02
N HIS A 879 -145.02 87.56 13.89
CA HIS A 879 -146.41 87.71 13.44
C HIS A 879 -146.56 88.89 12.48
N GLU A 880 -145.96 90.05 12.81
CA GLU A 880 -146.08 91.18 11.89
C GLU A 880 -145.32 90.92 10.59
N LEU A 881 -144.20 90.21 10.65
CA LEU A 881 -143.52 89.82 9.41
C LEU A 881 -144.34 88.80 8.62
N TRP A 882 -145.07 87.92 9.31
CA TRP A 882 -145.95 86.97 8.62
C TRP A 882 -147.07 87.70 7.90
N ALA A 883 -147.66 88.70 8.56
CA ALA A 883 -148.70 89.50 7.91
C ALA A 883 -148.12 90.29 6.74
N LEU A 884 -146.88 90.77 6.89
CA LEU A 884 -146.20 91.44 5.78
C LEU A 884 -146.03 90.51 4.59
N THR A 885 -145.61 89.28 4.84
CA THR A 885 -145.44 88.32 3.75
C THR A 885 -146.77 87.96 3.12
N ARG A 886 -147.83 87.89 3.94
CA ARG A 886 -149.16 87.57 3.41
C ARG A 886 -149.65 88.68 2.48
N ILE A 887 -149.57 89.94 2.93
CA ILE A 887 -150.07 91.03 2.09
C ILE A 887 -149.15 91.27 0.90
N GLU A 888 -147.85 90.98 1.03
CA GLU A 888 -146.98 91.05 -0.13
C GLU A 888 -147.35 89.99 -1.16
N GLN A 889 -147.71 88.79 -0.70
CA GLN A 889 -148.23 87.78 -1.61
C GLN A 889 -149.54 88.24 -2.23
N GLY A 890 -150.38 88.92 -1.45
CA GLY A 890 -151.67 89.43 -1.87
C GLY A 890 -152.82 88.79 -1.12
N TRP A 891 -152.58 88.39 0.13
CA TRP A 891 -153.56 87.68 0.94
C TRP A 891 -154.23 88.70 1.87
N THR A 892 -155.49 89.01 1.59
CA THR A 892 -156.27 89.87 2.45
C THR A 892 -156.78 89.07 3.66
N TYR A 893 -157.36 89.79 4.61
CA TYR A 893 -157.90 89.19 5.82
C TYR A 893 -159.37 88.83 5.63
N GLY A 894 -159.73 87.63 6.08
CA GLY A 894 -161.11 87.23 6.11
C GLY A 894 -161.34 86.11 7.10
N PRO A 895 -162.61 85.85 7.46
CA PRO A 895 -162.88 84.86 8.52
C PRO A 895 -162.61 83.43 8.07
N VAL A 896 -163.08 83.09 6.86
CA VAL A 896 -162.90 81.76 6.30
C VAL A 896 -161.63 81.77 5.46
N ARG A 897 -161.10 80.56 5.21
CA ARG A 897 -159.92 80.37 4.39
C ARG A 897 -160.36 80.14 2.94
N ASP A 898 -159.93 81.03 2.04
CA ASP A 898 -160.23 80.96 0.63
C ASP A 898 -158.95 81.18 -0.17
N ASP A 899 -158.91 80.58 -1.36
CA ASP A 899 -157.75 80.63 -2.25
C ASP A 899 -157.90 81.66 -3.36
N ASN A 900 -159.07 81.75 -4.00
CA ASN A 900 -159.28 82.77 -5.02
C ASN A 900 -159.28 84.16 -4.41
N LYS A 901 -160.07 84.36 -3.35
CA LYS A 901 -160.07 85.63 -2.63
C LYS A 901 -158.86 85.79 -1.72
N ARG A 902 -158.18 84.69 -1.37
CA ARG A 902 -156.94 84.73 -0.60
C ARG A 902 -157.17 85.29 0.80
N LEU A 903 -158.18 84.74 1.48
CA LEU A 903 -158.51 85.08 2.85
C LEU A 903 -157.77 84.16 3.82
N HIS A 904 -157.63 84.64 5.06
CA HIS A 904 -157.03 83.85 6.13
C HIS A 904 -157.37 84.53 7.45
N PRO A 905 -157.74 83.79 8.51
CA PRO A 905 -158.16 84.47 9.75
C PRO A 905 -157.02 84.83 10.71
N CYS A 906 -155.77 84.49 10.40
CA CYS A 906 -154.65 84.84 11.25
C CYS A 906 -154.21 86.30 11.10
N LEU A 907 -154.83 87.08 10.22
CA LEU A 907 -154.31 88.39 9.81
C LEU A 907 -154.88 89.50 10.71
N VAL A 908 -154.61 89.35 12.01
CA VAL A 908 -155.00 90.32 13.04
C VAL A 908 -153.89 90.34 14.08
N ASN A 909 -153.67 91.51 14.69
CA ASN A 909 -152.72 91.63 15.77
C ASN A 909 -153.20 90.86 17.00
N PHE A 910 -152.27 90.62 17.94
CA PHE A 910 -152.54 89.81 19.13
C PHE A 910 -153.64 90.38 20.01
N HIS A 911 -153.90 91.68 19.95
CA HIS A 911 -154.95 92.27 20.78
C HIS A 911 -156.35 91.81 20.37
N SER A 912 -156.52 91.31 19.14
CA SER A 912 -157.78 90.69 18.71
C SER A 912 -157.57 89.47 17.81
N LEU A 913 -156.38 88.85 17.83
CA LEU A 913 -156.18 87.62 17.08
C LEU A 913 -156.98 86.50 17.75
N PRO A 914 -157.38 85.44 17.01
CA PRO A 914 -157.95 84.28 17.69
C PRO A 914 -156.95 83.61 18.61
N GLU A 915 -157.48 83.05 19.71
CA GLU A 915 -156.63 82.43 20.72
C GLU A 915 -155.80 81.25 20.23
N PRO A 916 -156.32 80.30 19.43
CA PRO A 916 -155.43 79.24 18.89
C PRO A 916 -154.26 79.76 18.08
N GLU A 917 -154.48 80.83 17.30
CA GLU A 917 -153.37 81.43 16.56
C GLU A 917 -152.35 82.06 17.50
N ARG A 918 -152.83 82.70 18.58
CA ARG A 918 -151.92 83.25 19.58
C ARG A 918 -151.08 82.17 20.24
N ASN A 919 -151.72 81.06 20.62
CA ASN A 919 -151.01 79.96 21.25
C ASN A 919 -150.00 79.34 20.31
N TYR A 920 -150.39 79.16 19.03
CA TYR A 920 -149.49 78.62 18.02
C TYR A 920 -148.27 79.52 17.81
N ASN A 921 -148.53 80.84 17.72
CA ASN A 921 -147.47 81.82 17.52
C ASN A 921 -146.46 81.80 18.67
N LEU A 922 -146.97 81.91 19.90
CA LEU A 922 -146.11 81.88 21.08
C LEU A 922 -145.41 80.54 21.23
N GLN A 923 -146.05 79.45 20.80
CA GLN A 923 -145.45 78.13 20.92
C GLN A 923 -144.19 78.00 20.08
N MET A 924 -144.30 78.25 18.75
CA MET A 924 -143.07 78.05 17.97
C MET A 924 -142.09 79.20 18.18
N SER A 925 -142.53 80.38 18.65
CA SER A 925 -141.56 81.40 19.05
C SER A 925 -140.72 80.93 20.23
N GLY A 926 -141.37 80.36 21.25
CA GLY A 926 -140.63 79.84 22.39
C GLY A 926 -139.76 78.66 22.02
N GLU A 927 -140.23 77.81 21.10
CA GLU A 927 -139.41 76.69 20.66
C GLU A 927 -138.20 77.17 19.86
N THR A 928 -138.36 78.22 19.06
CA THR A 928 -137.23 78.79 18.34
C THR A 928 -136.19 79.36 19.32
N LEU A 929 -136.66 80.04 20.36
CA LEU A 929 -135.71 80.55 21.35
C LEU A 929 -135.04 79.43 22.13
N LYS A 930 -135.79 78.35 22.42
CA LYS A 930 -135.19 77.21 23.12
C LYS A 930 -134.13 76.54 22.26
N THR A 931 -134.39 76.42 20.96
CA THR A 931 -133.37 75.90 20.05
C THR A 931 -132.18 76.84 19.97
N LEU A 932 -132.43 78.15 20.06
CA LEU A 932 -131.34 79.12 20.02
C LEU A 932 -130.38 78.96 21.19
N LEU A 933 -130.88 78.50 22.34
CA LEU A 933 -130.09 78.23 23.54
C LEU A 933 -130.38 76.83 24.06
N ALA A 934 -130.50 75.86 23.16
CA ALA A 934 -130.65 74.47 23.58
C ALA A 934 -129.38 73.99 24.28
N LEU A 935 -128.23 74.27 23.68
CA LEU A 935 -126.94 73.90 24.26
C LEU A 935 -126.54 74.96 25.29
N GLY A 936 -125.29 74.92 25.74
CA GLY A 936 -124.80 75.87 26.72
C GLY A 936 -124.45 77.22 26.15
N CYS A 937 -125.44 77.92 25.59
CA CYS A 937 -125.26 79.25 25.04
C CYS A 937 -125.45 80.30 26.11
N HIS A 938 -124.58 81.31 26.10
CA HIS A 938 -124.57 82.34 27.11
C HIS A 938 -125.53 83.47 26.76
N VAL A 939 -126.16 84.03 27.80
CA VAL A 939 -127.05 85.18 27.66
C VAL A 939 -127.26 85.75 29.06
N GLY A 940 -127.52 87.04 29.15
CA GLY A 940 -127.67 87.66 30.44
C GLY A 940 -128.26 89.05 30.36
N MET A 941 -127.98 89.83 31.40
CA MET A 941 -128.53 91.17 31.51
C MET A 941 -127.90 92.08 30.46
N ALA A 942 -128.73 92.91 29.81
CA ALA A 942 -128.25 93.96 28.92
C ALA A 942 -129.06 95.26 29.05
N ASP A 943 -129.73 95.49 30.19
CA ASP A 943 -130.48 96.71 30.48
C ASP A 943 -131.70 96.93 29.59
N GLU A 944 -132.13 95.93 28.81
CA GLU A 944 -133.30 96.02 27.93
C GLU A 944 -133.13 97.13 26.90
N LYS A 945 -132.15 96.91 26.01
CA LYS A 945 -131.84 97.89 24.97
C LYS A 945 -132.89 98.00 23.88
N ALA A 946 -133.90 97.10 23.84
CA ALA A 946 -134.94 97.19 22.83
C ALA A 946 -135.74 98.47 22.96
N GLU A 947 -136.11 98.85 24.19
CA GLU A 947 -136.74 100.15 24.40
C GLU A 947 -135.75 101.30 24.23
N ASP A 948 -134.45 101.04 24.47
CA ASP A 948 -133.45 102.10 24.41
C ASP A 948 -133.29 102.63 22.98
N ASN A 949 -133.27 101.73 21.99
CA ASN A 949 -132.89 102.02 20.62
C ASN A 949 -134.02 101.68 19.65
N LEU A 950 -135.23 102.11 19.97
CA LEU A 950 -136.40 101.78 19.16
C LEU A 950 -136.32 102.42 17.78
N LYS A 951 -136.58 101.61 16.76
CA LYS A 951 -136.70 102.07 15.38
C LYS A 951 -137.85 101.30 14.74
N LYS A 952 -138.49 101.93 13.74
CA LYS A 952 -139.63 101.36 13.04
C LYS A 952 -139.51 101.59 11.55
N THR A 953 -139.98 100.62 10.78
CA THR A 953 -139.92 100.68 9.32
C THR A 953 -140.98 101.63 8.79
N LYS A 954 -140.72 102.20 7.62
CA LYS A 954 -141.68 103.08 6.97
C LYS A 954 -142.96 102.32 6.62
N LEU A 955 -144.08 103.07 6.58
CA LEU A 955 -145.40 102.51 6.33
C LEU A 955 -146.12 103.33 5.25
N PRO A 956 -145.81 103.08 3.96
CA PRO A 956 -146.69 103.61 2.90
C PRO A 956 -147.98 102.81 2.80
N LYS A 957 -148.80 103.11 1.78
CA LYS A 957 -150.04 102.37 1.57
C LYS A 957 -149.81 100.95 1.05
N THR A 958 -148.58 100.59 0.64
CA THR A 958 -148.31 99.23 0.20
C THR A 958 -148.52 98.22 1.32
N TYR A 959 -148.24 98.62 2.57
CA TYR A 959 -148.48 97.77 3.73
C TYR A 959 -149.91 97.81 4.23
N MET A 960 -150.81 98.57 3.58
CA MET A 960 -152.18 98.72 4.08
C MET A 960 -152.92 97.38 4.00
N MET A 961 -153.56 97.03 5.12
CA MET A 961 -154.17 95.73 5.33
C MET A 961 -155.68 95.88 5.27
N SER A 962 -156.36 94.77 4.98
CA SER A 962 -157.82 94.79 4.86
C SER A 962 -158.48 95.19 6.17
N ASN A 963 -158.02 94.63 7.29
CA ASN A 963 -158.60 95.01 8.58
C ASN A 963 -158.18 96.43 8.97
N GLY A 964 -156.94 96.81 8.65
CA GLY A 964 -156.35 98.08 9.05
C GLY A 964 -155.08 97.94 9.85
N TYR A 965 -154.85 96.80 10.50
CA TYR A 965 -153.65 96.58 11.32
C TYR A 965 -152.50 96.19 10.40
N LYS A 966 -151.95 97.21 9.73
CA LYS A 966 -150.81 96.97 8.87
C LYS A 966 -149.59 96.56 9.70
N PRO A 967 -148.66 95.78 9.14
CA PRO A 967 -147.49 95.38 9.93
C PRO A 967 -146.58 96.56 10.19
N ALA A 968 -145.88 96.50 11.33
CA ALA A 968 -144.94 97.53 11.78
C ALA A 968 -143.63 96.86 12.17
N PRO A 969 -142.89 96.31 11.19
CA PRO A 969 -141.64 95.61 11.52
C PRO A 969 -140.59 96.57 12.05
N LEU A 970 -139.74 96.03 12.93
CA LEU A 970 -138.67 96.81 13.54
C LEU A 970 -137.55 97.01 12.52
N ASP A 971 -137.21 98.26 12.24
CA ASP A 971 -136.18 98.59 11.25
C ASP A 971 -134.79 98.45 11.89
N LEU A 972 -134.42 97.19 12.13
CA LEU A 972 -133.13 96.80 12.71
C LEU A 972 -132.20 96.27 11.63
N SER A 973 -132.23 96.88 10.45
CA SER A 973 -131.40 96.45 9.33
C SER A 973 -129.92 96.77 9.52
N HIS A 974 -129.54 97.56 10.51
CA HIS A 974 -128.13 97.82 10.81
C HIS A 974 -127.37 96.59 11.31
N VAL A 975 -128.07 95.53 11.72
CA VAL A 975 -127.41 94.25 11.96
C VAL A 975 -126.80 93.77 10.65
N ARG A 976 -125.47 93.65 10.62
CA ARG A 976 -124.78 93.25 9.39
C ARG A 976 -124.81 91.73 9.20
N LEU A 977 -124.15 90.99 10.07
CA LEU A 977 -124.06 89.53 9.99
C LEU A 977 -123.30 89.01 11.20
N THR A 978 -123.35 87.70 11.38
CA THR A 978 -122.44 86.96 12.25
C THR A 978 -122.38 85.52 11.69
N PRO A 979 -121.20 84.99 11.22
CA PRO A 979 -121.25 83.73 10.46
C PRO A 979 -121.66 82.50 11.27
N ALA A 980 -121.05 82.33 12.44
CA ALA A 980 -121.23 81.11 13.21
C ALA A 980 -122.66 80.95 13.70
N GLN A 981 -123.24 82.02 14.25
CA GLN A 981 -124.61 81.93 14.74
C GLN A 981 -125.62 81.86 13.60
N THR A 982 -125.31 82.45 12.45
CA THR A 982 -126.18 82.29 11.29
C THR A 982 -126.21 80.84 10.83
N THR A 983 -125.05 80.20 10.77
CA THR A 983 -125.00 78.79 10.40
C THR A 983 -125.69 77.91 11.45
N LEU A 984 -125.52 78.24 12.73
CA LEU A 984 -126.18 77.49 13.78
C LEU A 984 -127.69 77.66 13.73
N VAL A 985 -128.16 78.87 13.43
CA VAL A 985 -129.59 79.09 13.27
C VAL A 985 -130.08 78.37 12.01
N ASP A 986 -129.27 78.28 10.97
CA ASP A 986 -129.69 77.57 9.76
C ASP A 986 -129.86 76.08 10.02
N ARG A 987 -128.89 75.45 10.69
CA ARG A 987 -129.07 74.03 11.01
C ARG A 987 -130.12 73.82 12.10
N LEU A 988 -130.40 74.82 12.93
CA LEU A 988 -131.54 74.71 13.84
C LEU A 988 -132.87 74.81 13.09
N ALA A 989 -132.91 75.61 12.01
CA ALA A 989 -134.06 75.60 11.13
C ALA A 989 -134.20 74.25 10.46
N GLU A 990 -133.07 73.64 10.11
CA GLU A 990 -133.09 72.29 9.57
C GLU A 990 -133.61 71.29 10.61
N ASN A 991 -133.30 71.52 11.89
CA ASN A 991 -133.86 70.67 12.95
C ASN A 991 -135.36 70.89 13.09
N GLY A 992 -135.80 72.13 12.91
CA GLY A 992 -137.23 72.40 12.82
C GLY A 992 -137.89 71.64 11.69
N HIS A 993 -137.21 71.61 10.54
CA HIS A 993 -137.70 70.84 9.40
C HIS A 993 -137.67 69.35 9.69
N ASN A 994 -136.69 68.90 10.46
CA ASN A 994 -136.59 67.49 10.82
C ASN A 994 -137.78 67.06 11.67
N VAL A 995 -138.07 67.82 12.72
CA VAL A 995 -139.23 67.47 13.56
C VAL A 995 -140.54 67.64 12.78
N TRP A 996 -140.60 68.63 11.88
CA TRP A 996 -141.78 68.80 11.04
C TRP A 996 -141.98 67.60 10.13
N ALA A 997 -140.90 67.09 9.53
CA ALA A 997 -141.01 65.92 8.68
C ALA A 997 -141.34 64.68 9.50
N ARG A 998 -140.84 64.59 10.73
CA ARG A 998 -141.21 63.48 11.60
C ARG A 998 -142.70 63.50 11.90
N ASP A 999 -143.23 64.68 12.22
CA ASP A 999 -144.66 64.81 12.45
C ASP A 999 -145.46 64.50 11.20
N ARG A 1000 -144.95 64.90 10.04
CA ARG A 1000 -145.68 64.70 8.79
C ARG A 1000 -145.73 63.23 8.38
N VAL A 1001 -144.61 62.51 8.53
CA VAL A 1001 -144.43 61.17 7.98
C VAL A 1001 -144.50 60.10 9.07
N ALA A 1002 -143.75 60.29 10.17
CA ALA A 1002 -143.63 59.23 11.16
C ALA A 1002 -144.94 59.02 11.91
N GLN A 1003 -145.65 60.10 12.22
CA GLN A 1003 -146.96 60.06 12.86
C GLN A 1003 -148.11 60.24 11.88
N GLY A 1004 -147.90 60.96 10.78
CA GLY A 1004 -148.94 61.20 9.80
C GLY A 1004 -149.00 60.12 8.73
N TRP A 1005 -147.83 59.77 8.20
CA TRP A 1005 -147.61 58.82 7.08
C TRP A 1005 -148.63 59.01 5.95
N SER A 1006 -148.84 60.27 5.57
CA SER A 1006 -149.73 60.60 4.48
C SER A 1006 -148.99 60.39 3.15
N TYR A 1007 -149.57 60.89 2.05
CA TYR A 1007 -149.05 60.69 0.71
C TYR A 1007 -149.25 61.95 -0.11
N SER A 1008 -148.27 62.27 -0.95
CA SER A 1008 -148.35 63.35 -1.93
C SER A 1008 -148.87 62.84 -3.27
N ALA A 1009 -150.02 62.17 -3.23
CA ALA A 1009 -150.65 61.55 -4.40
C ALA A 1009 -149.72 60.55 -5.08
N ARG A 1020 -145.36 63.04 0.42
CA ARG A 1020 -144.53 63.55 1.51
C ARG A 1020 -143.19 64.00 0.95
N LEU A 1021 -142.27 64.37 1.85
CA LEU A 1021 -140.91 64.73 1.50
C LEU A 1021 -139.95 64.05 2.46
N VAL A 1022 -138.80 63.66 1.94
CA VAL A 1022 -137.80 62.93 2.74
C VAL A 1022 -137.24 63.87 3.80
N PRO A 1023 -136.89 63.38 5.03
CA PRO A 1023 -136.12 64.24 5.93
C PRO A 1023 -134.68 64.38 5.48
N TYR A 1024 -134.34 65.57 5.00
CA TYR A 1024 -133.04 65.90 4.43
C TYR A 1024 -132.36 66.94 5.30
N ARG A 1025 -131.16 67.34 4.88
CA ARG A 1025 -130.41 68.45 5.45
C ARG A 1025 -129.97 69.47 4.41
N LEU A 1026 -129.54 69.01 3.23
CA LEU A 1026 -129.07 69.88 2.15
C LEU A 1026 -129.56 69.35 0.80
N LEU A 1027 -130.82 68.94 0.72
CA LEU A 1027 -131.34 68.42 -0.53
C LEU A 1027 -131.47 69.53 -1.56
N ASP A 1028 -132.35 70.49 -1.31
CA ASP A 1028 -132.73 71.52 -2.26
C ASP A 1028 -132.19 72.86 -1.81
N GLU A 1029 -131.45 73.54 -2.69
CA GLU A 1029 -130.85 74.81 -2.35
C GLU A 1029 -131.86 75.96 -2.36
N ALA A 1030 -132.92 75.86 -3.17
CA ALA A 1030 -133.91 76.94 -3.20
C ALA A 1030 -134.69 77.02 -1.90
N THR A 1031 -135.19 75.88 -1.41
CA THR A 1031 -135.94 75.87 -0.16
C THR A 1031 -135.03 76.21 1.02
N LYS A 1032 -133.79 75.71 0.98
CA LYS A 1032 -132.82 76.04 2.02
C LYS A 1032 -132.51 77.52 2.02
N ARG A 1033 -132.40 78.13 0.83
CA ARG A 1033 -132.18 79.57 0.74
C ARG A 1033 -133.36 80.35 1.29
N SER A 1034 -134.58 79.89 1.01
CA SER A 1034 -135.77 80.58 1.50
C SER A 1034 -135.84 80.52 3.03
N ASN A 1035 -135.61 79.34 3.60
CA ASN A 1035 -135.62 79.20 5.05
C ASN A 1035 -134.48 79.99 5.68
N ARG A 1036 -133.30 80.00 5.04
CA ARG A 1036 -132.19 80.77 5.56
C ARG A 1036 -132.48 82.26 5.51
N ASP A 1037 -133.17 82.73 4.46
CA ASP A 1037 -133.50 84.15 4.37
C ASP A 1037 -134.51 84.54 5.44
N SER A 1038 -135.54 83.72 5.65
CA SER A 1038 -136.54 84.01 6.68
C SER A 1038 -135.91 84.02 8.07
N LEU A 1039 -135.13 82.99 8.38
CA LEU A 1039 -134.45 82.96 9.67
C LEU A 1039 -133.32 83.97 9.76
N CYS A 1040 -132.81 84.47 8.64
CA CYS A 1040 -131.83 85.55 8.67
C CYS A 1040 -132.48 86.86 9.04
N GLN A 1041 -133.68 87.12 8.53
CA GLN A 1041 -134.44 88.27 9.00
C GLN A 1041 -134.79 88.13 10.48
N ALA A 1042 -135.10 86.89 10.91
CA ALA A 1042 -135.32 86.62 12.33
C ALA A 1042 -134.08 86.95 13.16
N VAL A 1043 -132.90 86.49 12.71
CA VAL A 1043 -131.65 86.74 13.41
C VAL A 1043 -131.32 88.23 13.41
N ARG A 1044 -131.67 88.94 12.33
CA ARG A 1044 -131.49 90.38 12.30
C ARG A 1044 -132.30 91.05 13.40
N THR A 1045 -133.55 90.62 13.59
CA THR A 1045 -134.35 91.15 14.70
C THR A 1045 -133.76 90.76 16.05
N LEU A 1046 -133.29 89.51 16.17
CA LEU A 1046 -132.75 89.02 17.45
C LEU A 1046 -131.51 89.80 17.88
N LEU A 1047 -130.56 90.00 16.96
CA LEU A 1047 -129.38 90.78 17.27
C LEU A 1047 -129.66 92.28 17.33
N GLY A 1048 -130.73 92.75 16.67
CA GLY A 1048 -131.14 94.13 16.83
C GLY A 1048 -131.77 94.43 18.18
N TYR A 1049 -132.32 93.41 18.84
CA TYR A 1049 -132.71 93.59 20.24
C TYR A 1049 -131.50 93.90 21.11
N GLY A 1050 -130.35 93.30 20.80
CA GLY A 1050 -129.13 93.47 21.57
C GLY A 1050 -128.88 92.32 22.52
N TYR A 1051 -129.04 91.09 21.99
CA TYR A 1051 -128.87 89.85 22.74
C TYR A 1051 -127.82 89.02 22.01
N ASN A 1052 -126.56 89.15 22.42
CA ASN A 1052 -125.48 88.42 21.80
C ASN A 1052 -125.53 86.94 22.19
N ILE A 1053 -124.87 86.12 21.38
CA ILE A 1053 -124.84 84.68 21.60
C ILE A 1053 -123.61 84.12 20.90
N GLU A 1054 -123.04 83.07 21.48
CA GLU A 1054 -121.88 82.36 20.95
C GLU A 1054 -122.05 80.88 21.26
N PRO A 1055 -121.36 79.99 20.54
CA PRO A 1055 -121.59 78.56 20.74
C PRO A 1055 -121.02 78.11 22.08
N PRO A 1056 -121.33 76.87 22.52
CA PRO A 1056 -120.79 76.43 23.82
C PRO A 1056 -119.29 76.20 23.79
N ASP A 1057 -118.80 75.44 22.81
CA ASP A 1057 -117.38 75.14 22.65
C ASP A 1057 -116.98 75.22 21.18
N GLN A 1058 -117.53 76.22 20.47
CA GLN A 1058 -117.25 76.45 19.05
C GLN A 1058 -117.66 75.26 18.18
N GLU A 1059 -118.71 74.52 18.59
CA GLU A 1059 -119.26 73.39 17.85
C GLU A 1059 -118.20 72.31 17.64
N PRO A 1060 -117.76 71.63 18.71
CA PRO A 1060 -116.73 70.60 18.52
C PRO A 1060 -117.28 69.30 17.93
N ASN A 1065 -115.43 59.21 11.59
CA ASN A 1065 -114.37 58.20 11.67
C ASN A 1065 -114.83 56.96 12.45
N GLN A 1066 -116.12 56.64 12.35
CA GLN A 1066 -116.68 55.50 13.08
C GLN A 1066 -116.45 54.19 12.33
N SER A 1067 -116.56 54.22 10.99
CA SER A 1067 -116.30 53.03 10.18
C SER A 1067 -115.97 53.53 8.77
N ARG A 1068 -114.68 53.55 8.44
CA ARG A 1068 -114.25 54.16 7.19
C ARG A 1068 -114.39 53.19 6.02
N TRP A 1069 -113.69 52.05 6.10
CA TRP A 1069 -113.72 50.95 5.12
C TRP A 1069 -112.99 51.27 3.81
N ASP A 1070 -112.52 52.51 3.62
CA ASP A 1070 -111.99 52.95 2.33
C ASP A 1070 -110.86 53.93 2.61
N ARG A 1071 -109.64 53.41 2.62
CA ARG A 1071 -108.45 54.25 2.72
C ARG A 1071 -108.20 54.91 1.37
N VAL A 1072 -107.20 55.80 1.35
CA VAL A 1072 -106.77 56.38 0.08
C VAL A 1072 -106.15 55.28 -0.78
N ARG A 1073 -106.61 55.17 -2.01
CA ARG A 1073 -106.17 54.10 -2.90
C ARG A 1073 -104.83 54.46 -3.51
N ILE A 1074 -103.97 53.45 -3.62
CA ILE A 1074 -102.55 53.61 -3.92
C ILE A 1074 -102.23 52.92 -5.23
N PHE A 1075 -101.39 53.57 -6.04
CA PHE A 1075 -101.08 53.14 -7.39
C PHE A 1075 -99.58 53.16 -7.59
N ARG A 1076 -99.07 52.17 -8.32
CA ARG A 1076 -97.65 52.09 -8.61
C ARG A 1076 -97.46 51.26 -9.87
N ALA A 1077 -96.20 51.15 -10.29
CA ALA A 1077 -95.77 50.23 -11.32
C ALA A 1077 -95.26 48.94 -10.69
N GLU A 1078 -95.09 47.93 -11.52
CA GLU A 1078 -94.62 46.65 -11.01
C GLU A 1078 -93.14 46.73 -10.65
N LYS A 1079 -92.65 45.65 -10.06
CA LYS A 1079 -91.24 45.56 -9.70
C LYS A 1079 -90.33 45.39 -10.90
N SER A 1080 -90.87 45.00 -12.06
CA SER A 1080 -90.04 44.81 -13.24
C SER A 1080 -89.46 46.11 -13.75
N TYR A 1081 -90.19 47.21 -13.62
CA TYR A 1081 -89.76 48.54 -14.05
C TYR A 1081 -88.97 49.28 -12.96
N THR A 1082 -88.39 48.56 -12.00
CA THR A 1082 -87.64 49.20 -10.94
C THR A 1082 -86.38 49.86 -11.48
N VAL A 1083 -86.14 51.10 -11.05
CA VAL A 1083 -84.99 51.88 -11.51
C VAL A 1083 -83.90 51.63 -10.48
N GLN A 1084 -83.04 50.66 -10.77
CA GLN A 1084 -81.89 50.42 -9.91
C GLN A 1084 -80.90 51.58 -10.00
N SER A 1085 -80.70 52.12 -11.18
CA SER A 1085 -79.75 53.20 -11.37
C SER A 1085 -80.09 53.93 -12.67
N GLY A 1086 -80.11 55.25 -12.60
CA GLY A 1086 -80.44 56.06 -13.76
C GLY A 1086 -80.90 57.43 -13.33
N ARG A 1087 -81.61 58.09 -14.23
CA ARG A 1087 -82.12 59.44 -13.97
C ARG A 1087 -83.19 59.74 -15.00
N TRP A 1088 -84.44 59.89 -14.53
CA TRP A 1088 -85.61 59.97 -15.40
C TRP A 1088 -86.55 61.09 -14.96
N TYR A 1089 -87.74 61.15 -15.57
CA TYR A 1089 -88.71 62.19 -15.29
C TYR A 1089 -90.09 61.67 -15.67
N PHE A 1090 -91.10 62.12 -14.95
CA PHE A 1090 -92.49 61.96 -15.36
C PHE A 1090 -93.31 63.10 -14.77
N GLU A 1091 -94.61 63.07 -14.99
CA GLU A 1091 -95.50 64.11 -14.50
C GLU A 1091 -96.89 63.55 -14.26
N PHE A 1092 -97.66 64.29 -13.45
CA PHE A 1092 -99.00 63.93 -13.04
C PHE A 1092 -99.89 65.16 -13.15
N GLU A 1093 -101.16 64.92 -13.48
CA GLU A 1093 -102.22 65.93 -13.46
C GLU A 1093 -103.40 65.37 -12.70
N ALA A 1094 -104.10 66.26 -11.99
CA ALA A 1094 -105.33 65.95 -11.27
C ALA A 1094 -106.37 67.01 -11.56
N VAL A 1095 -107.58 66.56 -11.89
CA VAL A 1095 -108.64 67.50 -12.25
C VAL A 1095 -109.09 68.29 -11.04
N THR A 1096 -109.21 67.62 -9.89
CA THR A 1096 -109.74 68.19 -8.65
C THR A 1096 -108.69 68.11 -7.55
N THR A 1097 -108.54 69.19 -6.81
CA THR A 1097 -107.62 69.22 -5.68
C THR A 1097 -108.18 68.39 -4.52
N GLY A 1098 -107.27 67.81 -3.75
CA GLY A 1098 -107.67 67.01 -2.61
C GLY A 1098 -106.47 66.28 -2.03
N GLU A 1099 -106.77 65.30 -1.19
CA GLU A 1099 -105.72 64.52 -0.54
C GLU A 1099 -105.13 63.56 -1.56
N MET A 1100 -103.92 63.88 -2.03
CA MET A 1100 -103.22 63.05 -2.99
C MET A 1100 -101.74 63.35 -2.88
N ARG A 1101 -100.93 62.31 -3.11
CA ARG A 1101 -99.47 62.38 -3.01
C ARG A 1101 -98.85 61.68 -4.21
N VAL A 1102 -97.80 62.29 -4.75
CA VAL A 1102 -97.11 61.84 -5.95
C VAL A 1102 -95.61 61.90 -5.67
N GLY A 1103 -94.89 60.94 -6.26
CA GLY A 1103 -93.45 60.91 -6.13
C GLY A 1103 -92.84 59.60 -6.55
N TRP A 1104 -91.83 59.16 -5.80
CA TRP A 1104 -91.10 57.92 -6.03
C TRP A 1104 -91.09 57.12 -4.75
N ALA A 1105 -90.87 55.81 -4.89
CA ALA A 1105 -90.91 54.94 -3.73
C ALA A 1105 -90.18 53.64 -4.03
N ARG A 1106 -89.74 52.99 -2.96
CA ARG A 1106 -89.14 51.68 -3.06
C ARG A 1106 -90.23 50.63 -3.34
N PRO A 1107 -89.87 49.49 -3.93
CA PRO A 1107 -90.90 48.57 -4.44
C PRO A 1107 -91.56 47.71 -3.38
N GLU A 1108 -91.16 47.81 -2.11
CA GLU A 1108 -91.72 47.01 -1.02
C GLU A 1108 -92.78 47.77 -0.24
N LEU A 1109 -93.57 48.59 -0.93
CA LEU A 1109 -94.60 49.39 -0.27
C LEU A 1109 -95.69 48.47 0.25
N ARG A 1110 -95.69 48.24 1.55
CA ARG A 1110 -96.80 47.54 2.15
C ARG A 1110 -98.02 48.45 2.12
N PRO A 1111 -99.22 47.94 1.81
CA PRO A 1111 -100.41 48.79 1.90
C PRO A 1111 -100.84 48.93 3.36
N ASP A 1112 -101.98 49.59 3.56
CA ASP A 1112 -102.48 49.98 4.88
C ASP A 1112 -101.52 50.93 5.60
N VAL A 1113 -100.73 51.70 4.84
CA VAL A 1113 -99.83 52.71 5.37
C VAL A 1113 -99.94 53.92 4.45
N GLU A 1114 -100.10 55.09 5.03
CA GLU A 1114 -100.15 56.31 4.23
C GLU A 1114 -98.78 56.56 3.62
N LEU A 1115 -98.79 57.06 2.40
CA LEU A 1115 -97.54 57.24 1.66
C LEU A 1115 -96.68 58.31 2.31
N GLY A 1116 -95.42 57.98 2.53
CA GLY A 1116 -94.51 58.85 3.25
C GLY A 1116 -94.59 58.75 4.75
N ALA A 1117 -95.52 57.96 5.30
CA ALA A 1117 -95.55 57.72 6.74
C ALA A 1117 -94.42 56.83 7.24
N ASP A 1118 -93.67 56.17 6.34
CA ASP A 1118 -92.57 55.29 6.68
C ASP A 1118 -91.40 55.64 5.75
N GLU A 1119 -90.27 54.95 5.92
CA GLU A 1119 -89.09 55.26 5.12
C GLU A 1119 -89.19 54.88 3.65
N LEU A 1120 -90.22 54.13 3.25
CA LEU A 1120 -90.29 53.52 1.93
C LEU A 1120 -90.92 54.43 0.88
N ALA A 1121 -90.88 55.75 1.08
CA ALA A 1121 -91.46 56.67 0.10
C ALA A 1121 -90.84 58.04 0.28
N TYR A 1122 -90.93 58.83 -0.79
CA TYR A 1122 -90.47 60.21 -0.81
C TYR A 1122 -91.47 61.08 -1.54
N VAL A 1123 -92.76 60.87 -1.27
CA VAL A 1123 -93.83 61.57 -1.96
C VAL A 1123 -93.86 63.03 -1.56
N PHE A 1124 -94.64 63.82 -2.30
CA PHE A 1124 -94.98 65.19 -1.94
C PHE A 1124 -96.49 65.33 -1.95
N ASN A 1125 -97.03 65.91 -0.89
CA ASN A 1125 -98.46 66.22 -0.77
C ASN A 1125 -98.60 67.73 -0.73
N GLY A 1126 -99.41 68.26 -1.65
CA GLY A 1126 -99.54 69.70 -1.82
C GLY A 1126 -100.72 70.31 -1.12
N HIS A 1127 -101.80 69.55 -0.95
CA HIS A 1127 -103.04 70.08 -0.37
C HIS A 1127 -102.82 70.55 1.06
N ARG A 1128 -102.23 69.70 1.90
CA ARG A 1128 -101.74 70.17 3.19
C ARG A 1128 -100.50 71.05 3.01
N GLY A 1129 -99.69 70.78 1.98
CA GLY A 1129 -98.54 71.60 1.69
C GLY A 1129 -97.32 71.23 2.51
N GLN A 1130 -96.92 69.95 2.45
CA GLN A 1130 -95.74 69.51 3.18
C GLN A 1130 -95.25 68.20 2.57
N ARG A 1131 -93.94 68.13 2.35
CA ARG A 1131 -93.33 66.91 1.83
C ARG A 1131 -93.25 65.87 2.94
N TRP A 1132 -93.65 64.64 2.62
CA TRP A 1132 -93.94 63.62 3.62
C TRP A 1132 -92.81 62.62 3.70
N HIS A 1133 -92.37 62.35 4.92
CA HIS A 1133 -91.40 61.32 5.26
C HIS A 1133 -91.61 61.01 6.74
N LEU A 1134 -90.63 60.38 7.38
CA LEU A 1134 -90.70 60.23 8.82
C LEU A 1134 -90.51 61.62 9.44
N GLY A 1135 -91.62 62.30 9.68
CA GLY A 1135 -91.62 63.69 10.08
C GLY A 1135 -91.88 64.58 8.89
N SER A 1136 -93.13 65.03 8.73
CA SER A 1136 -93.54 65.76 7.54
C SER A 1136 -93.14 67.22 7.68
N GLU A 1137 -92.01 67.58 7.11
CA GLU A 1137 -91.53 68.94 7.14
C GLU A 1137 -92.32 69.81 6.16
N PRO A 1138 -92.44 71.11 6.40
CA PRO A 1138 -93.25 71.93 5.48
C PRO A 1138 -92.48 72.21 4.19
N PHE A 1139 -93.24 72.22 3.10
CA PHE A 1139 -92.66 72.40 1.78
C PHE A 1139 -93.80 72.56 0.78
N GLY A 1140 -93.58 73.44 -0.20
CA GLY A 1140 -94.57 73.61 -1.24
C GLY A 1140 -95.75 74.44 -0.79
N ARG A 1141 -96.88 74.22 -1.45
CA ARG A 1141 -98.08 75.03 -1.25
C ARG A 1141 -99.28 74.25 -1.77
N PRO A 1142 -100.49 74.74 -1.53
CA PRO A 1142 -101.64 74.20 -2.26
C PRO A 1142 -101.57 74.55 -3.73
N TRP A 1143 -102.47 73.94 -4.49
CA TRP A 1143 -102.52 74.08 -5.94
C TRP A 1143 -103.96 73.86 -6.39
N GLN A 1144 -104.37 74.65 -7.39
CA GLN A 1144 -105.76 74.69 -7.79
C GLN A 1144 -106.07 73.49 -8.70
N SER A 1145 -107.25 73.48 -9.31
CA SER A 1145 -107.65 72.42 -10.23
C SER A 1145 -106.85 72.56 -11.52
N GLY A 1146 -105.63 72.03 -11.48
CA GLY A 1146 -104.67 72.18 -12.56
C GLY A 1146 -103.28 71.98 -12.00
N ASP A 1147 -102.31 72.78 -12.45
CA ASP A 1147 -100.95 72.76 -11.92
C ASP A 1147 -100.31 71.38 -12.11
N VAL A 1148 -100.02 71.09 -13.38
CA VAL A 1148 -99.42 69.81 -13.78
C VAL A 1148 -98.09 69.64 -13.06
N VAL A 1149 -98.02 68.62 -12.20
CA VAL A 1149 -96.88 68.39 -11.34
C VAL A 1149 -95.91 67.48 -12.07
N GLY A 1150 -94.68 67.96 -12.27
CA GLY A 1150 -93.61 67.16 -12.87
C GLY A 1150 -92.66 66.61 -11.82
N CYS A 1151 -92.84 65.35 -11.46
CA CYS A 1151 -91.95 64.69 -10.52
C CYS A 1151 -90.64 64.32 -11.21
N MET A 1152 -89.59 64.15 -10.41
CA MET A 1152 -88.24 64.13 -10.92
C MET A 1152 -87.34 63.40 -9.94
N ILE A 1153 -86.23 62.85 -10.46
CA ILE A 1153 -85.31 62.06 -9.66
C ILE A 1153 -83.96 62.06 -10.36
N ASP A 1154 -82.89 61.92 -9.57
CA ASP A 1154 -81.54 61.80 -10.10
C ASP A 1154 -80.73 60.96 -9.12
N LEU A 1155 -80.42 59.73 -9.54
CA LEU A 1155 -79.61 58.82 -8.74
C LEU A 1155 -78.10 58.97 -8.97
N THR A 1156 -77.67 59.76 -9.95
CA THR A 1156 -76.25 59.99 -10.14
C THR A 1156 -75.66 60.75 -8.96
N GLU A 1157 -76.35 61.81 -8.54
CA GLU A 1157 -75.97 62.64 -7.40
C GLU A 1157 -76.93 62.50 -6.22
N ASN A 1158 -77.91 61.59 -6.28
CA ASN A 1158 -78.84 61.31 -5.17
C ASN A 1158 -79.63 62.55 -4.77
N THR A 1159 -80.45 63.02 -5.72
CA THR A 1159 -81.30 64.19 -5.52
C THR A 1159 -82.67 63.95 -6.12
N ILE A 1160 -83.68 64.51 -5.46
CA ILE A 1160 -85.07 64.46 -5.89
C ILE A 1160 -85.61 65.88 -5.86
N ILE A 1161 -86.37 66.26 -6.88
CA ILE A 1161 -87.01 67.57 -6.98
C ILE A 1161 -88.42 67.40 -7.50
N PHE A 1162 -89.23 68.44 -7.32
CA PHE A 1162 -90.60 68.49 -7.79
C PHE A 1162 -90.84 69.86 -8.44
N THR A 1163 -91.90 69.93 -9.25
CA THR A 1163 -92.23 71.10 -10.06
C THR A 1163 -93.72 71.40 -9.96
N LEU A 1164 -94.08 72.64 -10.27
CA LEU A 1164 -95.46 73.10 -10.30
C LEU A 1164 -95.67 74.01 -11.49
N ASN A 1165 -96.73 73.74 -12.26
CA ASN A 1165 -97.12 74.55 -13.42
C ASN A 1165 -95.97 74.57 -14.44
N GLY A 1166 -95.32 73.42 -14.60
CA GLY A 1166 -94.17 73.35 -15.48
C GLY A 1166 -93.01 74.21 -15.03
N GLU A 1167 -92.85 74.42 -13.72
CA GLU A 1167 -91.82 75.29 -13.17
C GLU A 1167 -91.34 74.71 -11.86
N VAL A 1168 -90.06 74.92 -11.58
CA VAL A 1168 -89.43 74.33 -10.39
C VAL A 1168 -90.02 74.95 -9.14
N LEU A 1169 -90.27 74.11 -8.14
CA LEU A 1169 -90.79 74.52 -6.85
C LEU A 1169 -89.63 74.86 -5.91
N MET A 1170 -89.89 75.79 -5.00
CA MET A 1170 -88.92 76.31 -4.05
C MET A 1170 -89.35 75.94 -2.64
N SER A 1171 -88.38 75.64 -1.79
CA SER A 1171 -88.61 75.23 -0.41
C SER A 1171 -88.55 76.42 0.53
N ASP A 1172 -89.02 76.20 1.75
CA ASP A 1172 -88.96 77.23 2.79
C ASP A 1172 -87.55 77.38 3.37
N SER A 1173 -86.77 76.30 3.38
CA SER A 1173 -85.48 76.28 4.05
C SER A 1173 -84.32 76.73 3.15
N GLY A 1174 -84.61 77.48 2.09
CA GLY A 1174 -83.56 77.98 1.22
C GLY A 1174 -82.80 76.90 0.47
N SER A 1175 -83.51 75.92 -0.09
CA SER A 1175 -82.87 74.84 -0.83
C SER A 1175 -83.89 74.25 -1.79
N GLU A 1176 -83.39 73.41 -2.69
CA GLU A 1176 -84.18 72.81 -3.78
C GLU A 1176 -84.49 71.36 -3.42
N THR A 1177 -85.54 71.18 -2.61
CA THR A 1177 -86.13 69.86 -2.31
C THR A 1177 -85.11 68.94 -1.62
N ALA A 1178 -84.80 69.29 -0.39
CA ALA A 1178 -83.68 68.67 0.32
C ALA A 1178 -83.97 67.22 0.67
N PHE A 1179 -83.69 66.32 -0.28
CA PHE A 1179 -83.65 64.88 -0.09
C PHE A 1179 -82.30 64.33 -0.52
N ARG A 1180 -81.23 65.05 -0.20
CA ARG A 1180 -79.90 64.62 -0.55
C ARG A 1180 -79.44 63.47 0.32
N GLU A 1181 -78.46 62.72 -0.19
CA GLU A 1181 -77.85 61.60 0.53
C GLU A 1181 -78.89 60.52 0.81
N ILE A 1182 -79.40 59.95 -0.27
CA ILE A 1182 -80.43 58.90 -0.23
C ILE A 1182 -79.80 57.62 -0.76
N GLU A 1183 -79.89 56.55 0.01
CA GLU A 1183 -79.34 55.28 -0.40
C GLU A 1183 -80.16 54.72 -1.56
N ILE A 1184 -79.45 54.21 -2.56
CA ILE A 1184 -80.13 53.64 -3.72
C ILE A 1184 -80.90 52.39 -3.32
N GLY A 1185 -80.24 51.47 -2.63
CA GLY A 1185 -80.90 50.23 -2.23
C GLY A 1185 -81.25 49.39 -3.45
N ASP A 1186 -82.51 48.95 -3.48
CA ASP A 1186 -83.03 48.11 -4.55
C ASP A 1186 -83.77 48.91 -5.63
N GLY A 1187 -83.44 50.18 -5.79
CA GLY A 1187 -84.08 51.02 -6.77
C GLY A 1187 -85.40 51.58 -6.29
N PHE A 1188 -85.97 52.45 -7.14
CA PHE A 1188 -87.24 53.13 -6.89
C PHE A 1188 -88.10 53.05 -8.14
N LEU A 1189 -89.32 53.55 -8.02
CA LEU A 1189 -90.28 53.53 -9.10
C LEU A 1189 -91.35 54.57 -8.82
N PRO A 1190 -92.07 55.06 -9.84
CA PRO A 1190 -93.10 56.06 -9.57
C PRO A 1190 -94.29 55.48 -8.82
N VAL A 1191 -94.93 56.36 -8.04
CA VAL A 1191 -96.04 56.00 -7.17
C VAL A 1191 -97.05 57.14 -7.20
N CYS A 1192 -98.31 56.80 -6.91
CA CYS A 1192 -99.40 57.77 -6.88
C CYS A 1192 -100.41 57.36 -5.83
N SER A 1193 -101.25 58.32 -5.46
CA SER A 1193 -102.32 58.11 -4.49
C SER A 1193 -103.51 58.97 -4.89
N LEU A 1194 -104.66 58.65 -4.31
CA LEU A 1194 -105.88 59.41 -4.54
C LEU A 1194 -106.74 59.38 -3.29
N GLY A 1195 -107.28 60.54 -2.92
CA GLY A 1195 -108.20 60.63 -1.82
C GLY A 1195 -109.59 60.18 -2.22
N PRO A 1196 -110.51 60.18 -1.25
CA PRO A 1196 -111.87 59.72 -1.57
C PRO A 1196 -112.63 60.76 -2.40
N GLY A 1197 -113.09 60.32 -3.57
CA GLY A 1197 -113.81 61.17 -4.49
C GLY A 1197 -112.95 61.99 -5.43
N GLN A 1198 -111.64 61.99 -5.26
CA GLN A 1198 -110.75 62.77 -6.13
C GLN A 1198 -110.53 62.04 -7.45
N VAL A 1199 -109.92 62.76 -8.40
CA VAL A 1199 -109.64 62.29 -9.75
C VAL A 1199 -108.19 62.64 -10.08
N GLY A 1200 -107.50 61.70 -10.75
CA GLY A 1200 -106.12 61.90 -11.16
C GLY A 1200 -105.97 61.63 -12.64
N HIS A 1201 -104.78 61.98 -13.15
CA HIS A 1201 -104.44 61.75 -14.55
C HIS A 1201 -102.92 61.62 -14.62
N LEU A 1202 -102.43 60.39 -14.66
CA LEU A 1202 -101.00 60.08 -14.61
C LEU A 1202 -100.54 59.75 -16.02
N ASN A 1203 -100.05 60.77 -16.71
CA ASN A 1203 -99.34 60.58 -17.97
C ASN A 1203 -97.89 60.24 -17.64
N LEU A 1204 -97.51 59.00 -17.90
CA LEU A 1204 -96.16 58.52 -17.63
C LEU A 1204 -95.16 58.90 -18.72
N GLY A 1205 -95.54 59.73 -19.69
CA GLY A 1205 -94.61 60.18 -20.70
C GLY A 1205 -94.26 59.17 -21.75
N GLN A 1206 -95.25 58.43 -22.25
CA GLN A 1206 -95.00 57.46 -23.32
C GLN A 1206 -94.49 58.13 -24.59
N ASP A 1207 -94.91 59.37 -24.83
CA ASP A 1207 -94.40 60.17 -25.94
C ASP A 1207 -94.30 61.63 -25.51
N VAL A 1208 -93.51 62.40 -26.25
CA VAL A 1208 -93.26 63.79 -25.90
C VAL A 1208 -94.54 64.61 -26.05
N SER A 1209 -95.31 64.35 -27.10
CA SER A 1209 -96.45 65.20 -27.44
C SER A 1209 -97.54 65.13 -26.38
N SER A 1210 -97.68 63.99 -25.70
CA SER A 1210 -98.70 63.87 -24.67
C SER A 1210 -98.36 64.67 -23.41
N LEU A 1211 -97.09 65.00 -23.19
CA LEU A 1211 -96.72 65.77 -22.01
C LEU A 1211 -97.24 67.20 -22.12
N ARG A 1212 -97.86 67.69 -21.06
CA ARG A 1212 -98.50 69.00 -21.05
C ARG A 1212 -97.49 70.12 -21.23
N PHE A 1213 -96.61 70.30 -20.24
CA PHE A 1213 -95.65 71.40 -20.25
C PHE A 1213 -94.31 70.95 -20.80
N PHE A 1214 -93.64 70.09 -20.03
CA PHE A 1214 -92.26 69.63 -20.29
C PHE A 1214 -91.32 70.79 -20.61
N ALA A 1215 -91.44 71.87 -19.83
CA ALA A 1215 -90.62 73.07 -19.96
C ALA A 1215 -89.47 73.11 -18.97
N ILE A 1216 -89.02 71.95 -18.50
CA ILE A 1216 -88.05 71.83 -17.42
C ILE A 1216 -86.66 71.70 -18.02
N CYS A 1217 -85.65 72.09 -17.24
CA CYS A 1217 -84.26 72.13 -17.69
C CYS A 1217 -83.67 70.74 -17.98
N GLY A 1218 -84.31 69.66 -17.54
CA GLY A 1218 -83.73 68.34 -17.71
C GLY A 1218 -83.60 67.89 -19.15
N LEU A 1219 -84.50 68.35 -20.02
CA LEU A 1219 -84.41 67.96 -21.43
C LEU A 1219 -83.18 68.54 -22.11
N GLN A 1220 -82.66 69.66 -21.62
CA GLN A 1220 -81.42 70.22 -22.17
C GLN A 1220 -80.21 69.36 -21.85
N GLU A 1221 -80.25 68.56 -20.79
CA GLU A 1221 -79.14 67.79 -20.27
C GLU A 1221 -79.53 66.31 -20.26
N GLY A 1222 -78.72 65.49 -19.59
CA GLY A 1222 -78.86 64.03 -19.66
C GLY A 1222 -80.17 63.46 -19.14
N PHE A 1223 -80.93 64.24 -18.38
CA PHE A 1223 -82.23 63.79 -17.92
C PHE A 1223 -83.18 63.58 -19.10
N GLU A 1224 -84.06 62.58 -18.97
CA GLU A 1224 -85.09 62.27 -19.96
C GLU A 1224 -86.39 61.89 -19.23
N PRO A 1225 -87.51 61.74 -19.95
CA PRO A 1225 -88.71 61.17 -19.32
C PRO A 1225 -88.53 59.74 -18.87
N PHE A 1226 -89.55 59.23 -18.19
CA PHE A 1226 -89.53 57.84 -17.72
C PHE A 1226 -89.84 56.88 -18.85
N ALA A 1227 -91.01 57.00 -19.45
CA ALA A 1227 -91.53 56.00 -20.38
C ALA A 1227 -91.06 56.31 -21.80
N ILE A 1228 -89.79 56.02 -22.05
CA ILE A 1228 -89.11 56.53 -23.24
C ILE A 1228 -89.60 55.77 -24.47
N ASN A 1229 -89.33 54.46 -24.52
CA ASN A 1229 -89.59 53.67 -25.72
C ASN A 1229 -89.98 52.25 -25.29
N MET A 1230 -91.29 52.03 -25.19
CA MET A 1230 -91.88 50.70 -25.08
C MET A 1230 -92.98 50.55 -26.11
N GLN A 1231 -93.13 49.31 -26.59
CA GLN A 1231 -94.24 49.01 -27.48
C GLN A 1231 -95.57 49.12 -26.75
N ARG A 1232 -95.63 48.61 -25.52
CA ARG A 1232 -96.81 48.60 -24.68
C ARG A 1232 -96.78 49.78 -23.72
N PRO A 1233 -97.89 50.09 -23.07
CA PRO A 1233 -97.84 50.93 -21.87
C PRO A 1233 -97.41 50.11 -20.66
N VAL A 1234 -97.02 50.83 -19.61
CA VAL A 1234 -96.69 50.17 -18.36
C VAL A 1234 -97.97 49.61 -17.75
N THR A 1235 -97.87 48.44 -17.12
CA THR A 1235 -99.06 47.71 -16.72
C THR A 1235 -99.74 48.36 -15.52
N THR A 1236 -98.93 48.89 -14.58
CA THR A 1236 -99.40 49.51 -13.35
C THR A 1236 -100.03 48.51 -12.38
N TRP A 1237 -100.06 48.87 -11.10
CA TRP A 1237 -100.64 48.06 -10.04
C TRP A 1237 -101.49 48.96 -9.15
N PHE A 1238 -102.41 48.34 -8.43
CA PHE A 1238 -103.27 49.06 -7.51
C PHE A 1238 -103.70 48.14 -6.40
N SER A 1239 -104.21 48.76 -5.33
CA SER A 1239 -104.58 48.07 -4.11
C SER A 1239 -106.08 47.90 -4.03
N LYS A 1240 -106.49 46.74 -3.52
CA LYS A 1240 -107.88 46.38 -3.30
C LYS A 1240 -108.13 46.35 -1.80
N SER A 1241 -109.22 46.98 -1.38
CA SER A 1241 -109.69 46.90 -0.01
C SER A 1241 -110.53 45.66 0.27
N LEU A 1242 -110.52 44.66 -0.63
CA LEU A 1242 -110.94 43.30 -0.31
C LEU A 1242 -110.33 42.84 1.00
N PRO A 1243 -111.14 42.48 2.02
CA PRO A 1243 -110.53 41.84 3.19
C PRO A 1243 -110.15 40.41 2.89
N GLN A 1244 -108.98 40.26 2.30
CA GLN A 1244 -108.51 39.00 1.75
C GLN A 1244 -107.61 38.33 2.76
N PHE A 1245 -107.78 37.02 2.93
CA PHE A 1245 -106.94 36.26 3.83
C PHE A 1245 -105.48 36.27 3.40
N GLU A 1246 -104.63 35.93 4.34
CA GLU A 1246 -103.20 35.82 4.13
C GLU A 1246 -102.59 35.08 5.32
N PRO A 1247 -101.34 34.65 5.24
CA PRO A 1247 -100.71 33.97 6.37
C PRO A 1247 -100.13 34.95 7.38
N VAL A 1248 -99.92 34.44 8.58
CA VAL A 1248 -99.30 35.26 9.63
C VAL A 1248 -97.84 35.52 9.24
N PRO A 1249 -97.29 36.72 9.41
CA PRO A 1249 -95.88 36.90 9.11
C PRO A 1249 -95.00 36.17 10.12
N PRO A 1250 -93.76 35.83 9.78
CA PRO A 1250 -92.96 35.03 10.72
C PRO A 1250 -92.56 35.81 11.95
N GLU A 1251 -92.30 37.11 11.82
CA GLU A 1251 -91.84 37.97 12.90
C GLU A 1251 -92.62 39.28 12.88
N HIS A 1252 -93.94 39.17 12.85
CA HIS A 1252 -94.77 40.32 13.15
C HIS A 1252 -94.42 40.83 14.55
N PRO A 1253 -94.26 42.15 14.77
CA PRO A 1253 -93.58 42.57 16.00
C PRO A 1253 -94.39 42.35 17.26
N HIS A 1254 -95.71 42.54 17.19
CA HIS A 1254 -96.55 42.36 18.37
C HIS A 1254 -96.90 40.90 18.61
N TYR A 1255 -97.03 40.09 17.55
CA TYR A 1255 -97.63 38.77 17.61
C TYR A 1255 -96.57 37.71 17.39
N GLU A 1256 -96.71 36.60 18.11
CA GLU A 1256 -95.88 35.42 17.95
C GLU A 1256 -96.76 34.21 18.17
N VAL A 1257 -96.34 33.08 17.59
CA VAL A 1257 -97.06 31.82 17.68
C VAL A 1257 -96.05 30.70 17.92
N ALA A 1258 -96.58 29.50 18.13
CA ALA A 1258 -95.76 28.34 18.42
C ALA A 1258 -96.53 27.07 18.10
N ARG A 1259 -95.81 26.08 17.58
CA ARG A 1259 -96.36 24.77 17.22
C ARG A 1259 -95.90 23.79 18.31
N MET A 1260 -96.68 23.70 19.38
CA MET A 1260 -96.30 22.86 20.51
C MET A 1260 -96.48 21.39 20.14
N ASP A 1261 -95.40 20.64 20.22
CA ASP A 1261 -95.46 19.21 19.94
C ASP A 1261 -96.19 18.47 21.07
N GLY A 1262 -96.90 17.42 20.68
CA GLY A 1262 -97.71 16.68 21.63
C GLY A 1262 -96.94 15.60 22.37
N THR A 1263 -97.59 15.07 23.40
CA THR A 1263 -97.10 13.95 24.18
C THR A 1263 -98.27 12.99 24.41
N VAL A 1264 -98.07 12.03 25.30
CA VAL A 1264 -99.20 11.22 25.77
C VAL A 1264 -100.15 12.07 26.60
N ASP A 1265 -99.63 13.08 27.30
CA ASP A 1265 -100.49 13.93 28.13
C ASP A 1265 -101.45 14.75 27.30
N THR A 1266 -101.04 15.17 26.09
CA THR A 1266 -101.89 15.96 25.22
C THR A 1266 -101.36 15.84 23.78
N PRO A 1267 -102.22 15.92 22.76
CA PRO A 1267 -101.72 15.91 21.38
C PRO A 1267 -101.06 17.23 21.03
N PRO A 1268 -100.46 17.36 19.84
CA PRO A 1268 -99.80 18.61 19.49
C PRO A 1268 -100.76 19.77 19.36
N CYS A 1269 -100.26 20.96 19.68
CA CYS A 1269 -101.05 22.14 19.91
C CYS A 1269 -100.37 23.35 19.30
N LEU A 1270 -101.18 24.23 18.71
CA LEU A 1270 -100.74 25.51 18.19
C LEU A 1270 -101.04 26.58 19.24
N ARG A 1271 -99.99 27.26 19.70
CA ARG A 1271 -100.07 28.23 20.79
C ARG A 1271 -99.86 29.63 20.23
N LEU A 1272 -100.78 30.53 20.54
CA LEU A 1272 -100.66 31.95 20.23
C LEU A 1272 -99.91 32.67 21.35
N ALA A 1273 -99.37 33.83 21.01
CA ALA A 1273 -98.67 34.67 21.98
C ALA A 1273 -98.83 36.13 21.58
N HIS A 1274 -98.64 37.02 22.56
CA HIS A 1274 -98.81 38.44 22.34
C HIS A 1274 -98.11 39.20 23.45
N ARG A 1275 -97.52 40.35 23.11
CA ARG A 1275 -96.93 41.22 24.12
C ARG A 1275 -98.02 41.80 25.01
N THR A 1276 -97.68 41.97 26.28
CA THR A 1276 -98.65 42.42 27.30
C THR A 1276 -98.64 43.95 27.47
N TRP A 1277 -98.68 44.66 26.33
CA TRP A 1277 -98.92 46.09 26.24
C TRP A 1277 -98.95 46.40 24.75
N GLY A 1278 -97.80 46.58 24.11
CA GLY A 1278 -97.69 46.61 22.65
C GLY A 1278 -98.18 47.85 21.91
N SER A 1279 -99.09 48.62 22.52
CA SER A 1279 -99.93 49.58 21.80
C SER A 1279 -100.63 48.91 20.63
N GLN A 1280 -101.12 47.68 20.86
CA GLN A 1280 -101.71 46.83 19.84
C GLN A 1280 -102.91 46.09 20.40
N ASN A 1281 -103.74 46.78 21.17
CA ASN A 1281 -105.07 46.31 21.56
C ASN A 1281 -106.10 46.76 20.52
N SER A 1282 -105.85 46.31 19.30
CA SER A 1282 -106.59 46.76 18.13
C SER A 1282 -107.92 46.00 18.05
N LEU A 1283 -108.57 46.07 16.90
CA LEU A 1283 -109.83 45.37 16.70
C LEU A 1283 -109.64 43.86 16.81
N VAL A 1284 -110.75 43.17 17.05
CA VAL A 1284 -110.72 41.74 17.28
C VAL A 1284 -110.32 41.04 15.99
N GLU A 1285 -109.40 40.09 16.10
CA GLU A 1285 -108.78 39.50 14.93
C GLU A 1285 -109.65 38.41 14.34
N MET A 1286 -109.52 38.23 13.02
CA MET A 1286 -110.16 37.16 12.25
C MET A 1286 -109.05 36.20 11.80
N LEU A 1287 -108.80 35.18 12.62
CA LEU A 1287 -107.79 34.15 12.37
C LEU A 1287 -108.44 32.88 11.85
N PHE A 1288 -107.62 32.04 11.21
CA PHE A 1288 -108.11 30.78 10.66
C PHE A 1288 -106.94 29.86 10.38
N LEU A 1289 -107.23 28.57 10.33
CA LEU A 1289 -106.27 27.53 9.97
C LEU A 1289 -106.31 27.28 8.47
N ARG A 1290 -105.19 26.79 7.95
CA ARG A 1290 -104.90 26.92 6.51
C ARG A 1290 -105.82 26.06 5.65
N LEU A 1291 -105.75 24.75 5.82
CA LEU A 1291 -106.37 23.86 4.84
C LEU A 1291 -107.88 23.82 5.02
N SER A 1292 -108.55 23.37 3.96
CA SER A 1292 -110.00 23.34 3.86
C SER A 1292 -110.55 21.98 4.28
N LEU A 1293 -111.89 21.88 4.26
CA LEU A 1293 -112.59 20.62 4.51
C LEU A 1293 -113.91 20.65 3.75
N PRO A 1294 -113.95 20.11 2.53
CA PRO A 1294 -115.26 19.98 1.87
C PRO A 1294 -116.12 18.94 2.57
N VAL A 1295 -117.41 19.23 2.64
CA VAL A 1295 -118.36 18.22 3.06
C VAL A 1295 -118.39 17.14 1.98
N GLN A 1296 -118.79 15.92 2.38
CA GLN A 1296 -118.43 14.66 1.70
C GLN A 1296 -118.86 14.65 0.23
N PHE A 1297 -120.17 14.75 -0.03
CA PHE A 1297 -120.63 14.80 -1.41
C PHE A 1297 -122.06 15.32 -1.43
N HIS A 1298 -122.48 15.74 -2.62
CA HIS A 1298 -123.85 16.15 -2.87
C HIS A 1298 -124.78 14.99 -3.22
N GLN A 1299 -124.37 13.74 -2.98
CA GLN A 1299 -125.21 12.60 -3.29
C GLN A 1299 -126.42 12.57 -2.36
N LEU A 1428 -131.80 12.23 2.68
CA LEU A 1428 -131.15 11.32 1.77
C LEU A 1428 -130.33 10.27 2.52
N ASN A 1429 -129.56 10.74 3.50
CA ASN A 1429 -128.72 9.95 4.41
C ASN A 1429 -127.45 9.41 3.75
N THR A 1430 -127.23 9.65 2.46
CA THR A 1430 -126.01 9.17 1.81
C THR A 1430 -124.82 10.07 2.14
N THR A 1431 -124.95 11.37 1.88
CA THR A 1431 -123.92 12.35 2.19
C THR A 1431 -124.65 13.65 2.54
N THR A 1432 -124.92 13.82 3.85
CA THR A 1432 -125.68 14.95 4.37
C THR A 1432 -125.01 15.64 5.55
N TYR A 1433 -124.35 14.89 6.45
CA TYR A 1433 -123.68 15.41 7.64
C TYR A 1433 -124.66 16.15 8.58
N TYR A 1434 -124.17 16.66 9.71
CA TYR A 1434 -124.95 17.43 10.66
C TYR A 1434 -124.12 18.62 11.11
N TYR A 1435 -124.65 19.39 12.06
CA TYR A 1435 -123.94 20.56 12.57
C TYR A 1435 -124.39 20.88 13.98
N SER A 1436 -123.42 20.91 14.90
CA SER A 1436 -123.67 21.21 16.31
C SER A 1436 -122.35 21.63 16.94
N VAL A 1437 -122.45 22.19 18.16
CA VAL A 1437 -121.31 22.59 18.96
C VAL A 1437 -121.52 22.10 20.38
N ARG A 1438 -120.42 21.68 21.02
CA ARG A 1438 -120.43 21.17 22.39
C ARG A 1438 -119.24 21.78 23.14
N VAL A 1439 -119.53 22.43 24.28
CA VAL A 1439 -118.51 23.05 25.11
C VAL A 1439 -118.04 22.03 26.14
N PHE A 1440 -118.96 21.62 27.01
CA PHE A 1440 -118.75 20.52 27.95
C PHE A 1440 -119.89 19.52 27.97
N ALA A 1441 -121.09 19.89 27.53
CA ALA A 1441 -122.23 19.00 27.39
C ALA A 1441 -122.92 19.35 26.08
N GLY A 1442 -124.14 18.84 25.89
CA GLY A 1442 -124.86 19.07 24.66
C GLY A 1442 -125.64 20.36 24.68
N GLN A 1443 -125.07 21.41 24.10
CA GLN A 1443 -125.77 22.66 23.87
C GLN A 1443 -126.66 22.53 22.63
N GLU A 1444 -127.48 23.55 22.40
CA GLU A 1444 -128.45 23.57 21.29
C GLU A 1444 -128.26 24.86 20.49
N PRO A 1445 -127.15 24.97 19.74
CA PRO A 1445 -127.05 26.06 18.76
C PRO A 1445 -127.87 25.78 17.52
N SER A 1446 -127.80 24.53 17.06
CA SER A 1446 -128.54 24.07 15.88
C SER A 1446 -128.17 24.88 14.63
N CYS A 1447 -126.86 25.08 14.44
CA CYS A 1447 -126.39 25.68 13.20
C CYS A 1447 -126.70 24.75 12.03
N VAL A 1448 -127.19 25.33 10.95
CA VAL A 1448 -127.75 24.52 9.87
C VAL A 1448 -126.61 23.88 9.08
N TRP A 1449 -126.64 22.55 9.00
CA TRP A 1449 -125.79 21.85 8.04
C TRP A 1449 -126.28 22.15 6.64
N VAL A 1450 -125.35 22.30 5.70
CA VAL A 1450 -125.68 22.71 4.34
C VAL A 1450 -126.06 21.50 3.49
N GLY A 1451 -125.25 20.44 3.54
CA GLY A 1451 -125.56 19.17 2.88
C GLY A 1451 -124.84 18.95 1.57
N TRP A 1452 -124.66 20.01 0.77
CA TRP A 1452 -123.89 19.94 -0.45
C TRP A 1452 -122.40 19.96 -0.08
N VAL A 1453 -121.52 20.06 -1.09
CA VAL A 1453 -120.09 19.90 -0.86
C VAL A 1453 -119.53 21.04 0.01
N THR A 1454 -119.92 22.30 -0.32
CA THR A 1454 -119.88 23.54 0.47
C THR A 1454 -118.68 23.67 1.41
N PRO A 1455 -117.46 23.87 0.90
CA PRO A 1455 -116.30 23.87 1.78
C PRO A 1455 -116.30 25.07 2.72
N ASP A 1456 -115.89 24.80 3.96
CA ASP A 1456 -115.88 25.77 5.03
C ASP A 1456 -114.61 25.57 5.84
N TYR A 1457 -114.00 26.68 6.21
CA TYR A 1457 -112.71 26.67 6.89
C TYR A 1457 -112.91 26.62 8.39
N HIS A 1458 -111.84 26.22 9.07
CA HIS A 1458 -111.68 26.56 10.47
C HIS A 1458 -111.74 28.07 10.63
N GLN A 1459 -112.18 28.52 11.80
CA GLN A 1459 -112.23 29.96 12.05
C GLN A 1459 -112.37 30.20 13.54
N HIS A 1460 -111.89 31.36 13.96
CA HIS A 1460 -112.01 31.80 15.34
C HIS A 1460 -111.58 33.25 15.41
N ASP A 1461 -111.96 33.89 16.51
CA ASP A 1461 -111.63 35.28 16.78
C ASP A 1461 -111.27 35.42 18.24
N MET A 1462 -110.49 36.45 18.55
CA MET A 1462 -109.99 36.64 19.90
C MET A 1462 -109.49 38.06 20.06
N ASN A 1463 -109.99 38.74 21.09
CA ASN A 1463 -109.50 40.05 21.47
C ASN A 1463 -108.31 39.90 22.42
N PHE A 1464 -107.47 40.92 22.45
CA PHE A 1464 -106.29 40.88 23.29
C PHE A 1464 -106.67 40.97 24.77
N ASP A 1465 -105.90 40.25 25.60
CA ASP A 1465 -106.01 40.29 27.05
C ASP A 1465 -104.67 40.53 27.75
N LEU A 1466 -103.60 40.83 27.00
CA LEU A 1466 -102.26 41.00 27.56
C LEU A 1466 -101.79 39.74 28.28
N SER A 1467 -102.05 38.59 27.67
CA SER A 1467 -101.71 37.29 28.23
C SER A 1467 -101.42 36.35 27.06
N LYS A 1468 -101.44 35.04 27.33
CA LYS A 1468 -101.28 34.05 26.27
C LYS A 1468 -102.46 34.01 25.30
N VAL A 1469 -103.61 34.56 25.68
CA VAL A 1469 -104.83 34.63 24.87
C VAL A 1469 -105.40 33.21 24.73
N ARG A 1470 -104.80 32.38 23.88
CA ARG A 1470 -105.42 31.10 23.53
C ARG A 1470 -104.39 30.22 22.84
N ALA A 1471 -104.83 29.01 22.48
CA ALA A 1471 -103.97 28.02 21.84
C ALA A 1471 -104.84 26.99 21.15
N VAL A 1472 -104.75 26.90 19.82
CA VAL A 1472 -105.52 25.93 19.04
C VAL A 1472 -104.87 24.57 19.17
N THR A 1473 -105.69 23.52 19.21
CA THR A 1473 -105.20 22.15 19.38
C THR A 1473 -106.14 21.23 18.61
N VAL A 1474 -105.60 20.08 18.19
CA VAL A 1474 -106.36 18.99 17.58
C VAL A 1474 -106.38 17.83 18.56
N THR A 1475 -107.58 17.41 18.97
CA THR A 1475 -107.77 16.41 20.03
C THR A 1475 -108.82 15.37 19.63
N MET A 1476 -109.29 14.59 20.61
CA MET A 1476 -110.48 13.75 20.48
C MET A 1476 -110.28 12.66 19.45
N GLY A 1477 -109.30 11.79 19.69
CA GLY A 1477 -109.00 10.69 18.80
C GLY A 1477 -109.71 9.39 19.11
N ASP A 1478 -110.74 9.43 19.96
CA ASP A 1478 -111.37 8.19 20.42
C ASP A 1478 -112.35 7.64 19.38
N GLU A 1479 -113.42 8.42 19.06
CA GLU A 1479 -114.44 7.97 18.11
C GLU A 1479 -115.04 9.06 17.22
N GLN A 1480 -114.61 10.33 17.32
CA GLN A 1480 -115.23 11.40 16.56
C GLN A 1480 -114.22 12.50 16.28
N GLY A 1481 -114.47 13.26 15.20
CA GLY A 1481 -113.70 14.46 14.93
C GLY A 1481 -114.21 15.64 15.73
N ASN A 1482 -113.27 16.49 16.16
CA ASN A 1482 -113.64 17.60 17.04
C ASN A 1482 -112.53 18.63 17.12
N VAL A 1483 -112.86 19.88 16.80
CA VAL A 1483 -111.97 21.00 17.07
C VAL A 1483 -111.84 21.17 18.57
N HIS A 1484 -110.67 21.63 19.01
CA HIS A 1484 -110.42 22.03 20.40
C HIS A 1484 -110.00 23.49 20.41
N SER A 1485 -110.58 24.27 21.33
CA SER A 1485 -110.35 25.72 21.44
C SER A 1485 -110.27 26.07 22.92
N SER A 1486 -109.04 26.10 23.45
CA SER A 1486 -108.81 26.52 24.82
C SER A 1486 -108.88 28.04 24.94
N LEU A 1487 -109.19 28.50 26.15
CA LEU A 1487 -109.26 29.93 26.44
C LEU A 1487 -109.33 30.10 27.95
N LYS A 1488 -108.54 31.06 28.48
CA LYS A 1488 -108.36 31.22 29.92
C LYS A 1488 -108.32 32.68 30.38
N CYS A 1489 -108.74 33.65 29.55
CA CYS A 1489 -108.63 35.07 29.89
C CYS A 1489 -109.81 35.95 29.53
N SER A 1490 -110.76 35.53 28.69
CA SER A 1490 -111.85 36.43 28.31
C SER A 1490 -112.94 35.63 27.59
N ASN A 1491 -113.90 36.36 27.03
CA ASN A 1491 -114.96 35.83 26.18
C ASN A 1491 -114.70 36.27 24.74
N CYS A 1492 -114.77 35.33 23.81
CA CYS A 1492 -114.55 35.62 22.40
C CYS A 1492 -115.15 34.50 21.56
N TYR A 1493 -115.23 34.76 20.25
CA TYR A 1493 -115.91 33.88 19.31
C TYR A 1493 -114.93 32.84 18.76
N MET A 1494 -115.30 31.55 18.85
CA MET A 1494 -114.44 30.48 18.33
C MET A 1494 -115.31 29.30 17.90
N VAL A 1495 -115.72 29.30 16.63
CA VAL A 1495 -116.45 28.20 15.99
C VAL A 1495 -116.08 28.29 14.51
N TRP A 1496 -116.25 27.15 13.80
CA TRP A 1496 -116.06 27.01 12.34
C TRP A 1496 -116.62 28.16 11.53
N GLY A 1497 -115.87 28.55 10.50
CA GLY A 1497 -116.20 29.64 9.61
C GLY A 1497 -116.78 29.15 8.29
N GLY A 1498 -116.48 29.91 7.24
CA GLY A 1498 -116.91 29.65 5.88
C GLY A 1498 -115.72 29.57 4.95
N ASP A 1499 -115.95 30.03 3.73
CA ASP A 1499 -114.91 30.12 2.70
C ASP A 1499 -114.84 31.49 2.05
N PHE A 1500 -115.99 32.18 1.94
CA PHE A 1500 -116.07 33.45 1.25
C PHE A 1500 -115.94 34.62 2.21
N VAL A 1501 -115.29 34.39 3.36
CA VAL A 1501 -115.36 35.33 4.47
C VAL A 1501 -114.51 36.55 4.13
N SER A 1502 -115.15 37.69 4.07
CA SER A 1502 -114.44 38.94 3.87
C SER A 1502 -115.29 40.11 4.35
N PRO A 1503 -115.62 40.18 5.65
CA PRO A 1503 -116.55 41.21 6.13
C PRO A 1503 -115.92 42.55 6.48
N GLY A 1504 -114.59 42.65 6.50
CA GLY A 1504 -113.88 43.82 6.98
C GLY A 1504 -113.34 43.57 8.37
N GLN A 1505 -113.17 44.63 9.15
CA GLN A 1505 -112.62 44.55 10.50
C GLN A 1505 -113.43 45.47 11.41
N GLN A 1506 -114.23 44.87 12.28
CA GLN A 1506 -115.00 45.61 13.28
C GLN A 1506 -115.45 44.61 14.34
N GLY A 1507 -115.96 45.12 15.45
CA GLY A 1507 -116.60 44.29 16.45
C GLY A 1507 -117.78 43.52 15.87
N ARG A 1508 -117.64 42.20 15.80
CA ARG A 1508 -118.50 41.38 14.97
C ARG A 1508 -119.66 40.82 15.78
N ILE A 1509 -120.87 41.03 15.26
CA ILE A 1509 -122.05 40.34 15.76
C ILE A 1509 -123.14 40.41 14.69
N SER A 1510 -123.75 39.26 14.39
CA SER A 1510 -124.96 39.13 13.57
C SER A 1510 -124.80 39.75 12.18
N HIS A 1511 -123.82 39.23 11.43
CA HIS A 1511 -123.48 39.71 10.09
C HIS A 1511 -123.74 38.69 8.99
N THR A 1512 -123.83 37.41 9.31
CA THR A 1512 -124.33 36.43 8.36
C THR A 1512 -125.82 36.65 8.13
N ASP A 1513 -126.30 36.19 6.98
CA ASP A 1513 -127.64 36.57 6.54
C ASP A 1513 -128.15 35.56 5.51
N LEU A 1514 -129.43 35.73 5.17
CA LEU A 1514 -130.14 35.15 4.03
C LEU A 1514 -130.67 33.74 4.29
N VAL A 1515 -131.91 33.52 3.84
CA VAL A 1515 -132.55 32.21 3.79
C VAL A 1515 -133.32 32.15 2.48
N ILE A 1516 -133.19 31.03 1.77
CA ILE A 1516 -133.83 30.89 0.46
C ILE A 1516 -135.32 30.62 0.65
N GLY A 1517 -136.15 31.45 0.02
CA GLY A 1517 -137.59 31.24 -0.04
C GLY A 1517 -138.01 30.51 -1.29
N CYS A 1518 -137.50 29.31 -1.50
CA CYS A 1518 -137.88 28.53 -2.68
C CYS A 1518 -139.35 28.14 -2.58
N LEU A 1519 -140.09 28.30 -3.68
CA LEU A 1519 -141.54 28.23 -3.71
C LEU A 1519 -141.99 27.35 -4.87
N VAL A 1520 -143.31 27.23 -4.99
CA VAL A 1520 -143.99 26.41 -5.98
C VAL A 1520 -145.20 27.22 -6.48
N ASP A 1521 -145.91 26.69 -7.48
CA ASP A 1521 -147.01 27.41 -8.11
C ASP A 1521 -148.13 27.76 -7.14
N LEU A 1522 -148.35 26.92 -6.12
CA LEU A 1522 -149.25 27.24 -5.03
C LEU A 1522 -148.68 28.26 -4.04
N ALA A 1523 -147.41 28.64 -4.16
CA ALA A 1523 -146.74 29.57 -3.26
C ALA A 1523 -146.71 29.05 -1.82
N THR A 1524 -146.51 27.73 -1.68
CA THR A 1524 -146.32 27.07 -0.40
C THR A 1524 -145.26 25.98 -0.48
N GLY A 1525 -144.26 26.16 -1.35
CA GLY A 1525 -143.24 25.15 -1.58
C GLY A 1525 -142.41 24.80 -0.37
N LEU A 1526 -142.26 23.51 -0.10
CA LEU A 1526 -141.52 23.01 1.07
C LEU A 1526 -140.06 22.75 0.73
N MET A 1527 -139.41 23.75 0.13
CA MET A 1527 -138.00 23.71 -0.23
C MET A 1527 -137.19 24.85 0.39
N THR A 1528 -137.78 25.67 1.25
CA THR A 1528 -137.03 26.73 1.90
C THR A 1528 -136.03 26.14 2.89
N PHE A 1529 -134.90 26.80 3.03
CA PHE A 1529 -133.75 26.20 3.70
C PHE A 1529 -132.78 27.29 4.13
N THR A 1530 -132.59 27.45 5.43
CA THR A 1530 -131.57 28.37 5.91
C THR A 1530 -130.19 27.88 5.50
N ALA A 1531 -129.38 28.80 5.00
CA ALA A 1531 -128.10 28.45 4.40
C ALA A 1531 -127.22 29.69 4.44
N ASN A 1532 -126.12 29.65 3.67
CA ASN A 1532 -125.21 30.78 3.52
C ASN A 1532 -124.53 31.11 4.85
N GLY A 1533 -123.98 30.08 5.50
CA GLY A 1533 -123.21 30.26 6.71
C GLY A 1533 -121.83 30.81 6.41
N LYS A 1534 -121.78 32.08 6.01
CA LYS A 1534 -120.51 32.74 5.72
C LYS A 1534 -119.62 32.79 6.96
N GLU A 1535 -120.17 33.30 8.06
CA GLU A 1535 -119.59 33.22 9.40
C GLU A 1535 -120.56 32.40 10.23
N SER A 1536 -120.45 31.08 10.12
CA SER A 1536 -121.30 30.16 10.85
C SER A 1536 -120.71 29.89 12.24
N ASN A 1537 -120.62 30.96 13.02
CA ASN A 1537 -119.96 30.99 14.32
C ASN A 1537 -121.01 31.26 15.40
N THR A 1538 -121.02 30.40 16.42
CA THR A 1538 -121.92 30.60 17.56
C THR A 1538 -121.29 31.57 18.54
N PHE A 1539 -122.11 32.46 19.07
CA PHE A 1539 -121.61 33.57 19.88
C PHE A 1539 -121.42 33.11 21.31
N PHE A 1540 -120.18 33.18 21.79
CA PHE A 1540 -119.82 32.81 23.15
C PHE A 1540 -120.13 33.91 24.17
N GLN A 1541 -120.73 35.02 23.75
CA GLN A 1541 -121.19 36.01 24.72
C GLN A 1541 -122.26 35.46 25.65
N VAL A 1542 -123.06 34.51 25.16
CA VAL A 1542 -124.25 34.05 25.88
C VAL A 1542 -123.96 32.82 26.75
N GLU A 1543 -122.97 32.00 26.38
CA GLU A 1543 -122.89 30.67 26.99
C GLU A 1543 -122.42 30.72 28.44
N PRO A 1544 -121.29 31.36 28.80
CA PRO A 1544 -120.94 31.52 30.22
C PRO A 1544 -121.42 32.84 30.79
N ASN A 1545 -121.48 32.89 32.11
CA ASN A 1545 -121.51 34.16 32.83
C ASN A 1545 -120.96 33.89 34.24
N THR A 1546 -119.66 34.16 34.43
CA THR A 1546 -118.98 33.87 35.67
C THR A 1546 -117.80 34.84 35.79
N LYS A 1547 -117.25 34.93 37.00
CA LYS A 1547 -116.18 35.87 37.32
C LYS A 1547 -114.82 35.22 37.09
N LEU A 1548 -114.36 35.30 35.83
CA LEU A 1548 -113.06 34.89 35.28
C LEU A 1548 -112.40 33.67 35.92
N PHE A 1549 -111.04 33.56 35.91
CA PHE A 1549 -110.22 32.34 36.02
C PHE A 1549 -110.90 31.11 35.41
N PRO A 1550 -111.29 31.15 34.13
CA PRO A 1550 -112.04 30.03 33.56
C PRO A 1550 -111.10 28.93 33.08
N ALA A 1551 -111.70 27.84 32.62
CA ALA A 1551 -111.03 26.72 31.96
C ALA A 1551 -111.80 26.35 30.70
N VAL A 1552 -112.09 27.35 29.87
CA VAL A 1552 -112.95 27.18 28.71
C VAL A 1552 -112.25 26.27 27.71
N PHE A 1553 -112.97 25.24 27.25
CA PHE A 1553 -112.51 24.26 26.27
C PHE A 1553 -113.61 24.00 25.25
N VAL A 1554 -114.11 25.09 24.64
CA VAL A 1554 -115.08 25.02 23.56
C VAL A 1554 -114.53 24.12 22.45
N LEU A 1555 -115.42 23.34 21.85
CA LEU A 1555 -115.03 22.28 20.93
C LEU A 1555 -116.18 21.91 19.98
N PRO A 1556 -116.33 22.56 18.83
CA PRO A 1556 -117.36 22.10 17.88
C PRO A 1556 -116.97 20.81 17.19
N THR A 1557 -117.98 20.20 16.58
CA THR A 1557 -117.86 18.91 15.91
C THR A 1557 -118.75 18.94 14.69
N HIS A 1558 -118.14 18.91 13.50
CA HIS A 1558 -118.83 18.72 12.23
C HIS A 1558 -118.54 17.38 11.58
N GLN A 1559 -117.36 16.82 11.79
CA GLN A 1559 -116.98 15.56 11.16
C GLN A 1559 -117.79 14.45 11.82
N ASN A 1560 -118.86 14.02 11.16
CA ASN A 1560 -119.73 13.01 11.73
C ASN A 1560 -119.03 11.66 11.84
N VAL A 1561 -118.17 11.34 10.87
CA VAL A 1561 -117.36 10.12 10.85
C VAL A 1561 -118.22 8.88 10.81
N ILE A 1562 -118.34 8.27 9.64
CA ILE A 1562 -118.82 6.91 9.58
C ILE A 1562 -117.80 6.02 10.28
N GLN A 1563 -118.29 5.06 11.06
CA GLN A 1563 -117.42 4.23 11.87
C GLN A 1563 -116.70 3.23 10.98
N PHE A 1564 -115.44 3.53 10.68
CA PHE A 1564 -114.51 2.56 10.13
C PHE A 1564 -113.76 1.94 11.30
N GLU A 1565 -113.94 0.62 11.48
CA GLU A 1565 -113.36 -0.13 12.59
C GLU A 1565 -113.81 0.46 13.93
N LEU A 1566 -115.12 0.30 14.20
CA LEU A 1566 -115.77 0.88 15.36
C LEU A 1566 -115.10 0.42 16.65
N GLY A 1567 -115.19 -0.88 16.93
CA GLY A 1567 -114.34 -1.61 17.86
C GLY A 1567 -114.02 -1.01 19.22
N LYS A 1568 -114.90 -0.13 19.73
CA LYS A 1568 -114.63 0.66 20.92
C LYS A 1568 -113.39 1.53 20.73
N GLN A 1569 -112.80 2.01 21.81
CA GLN A 1569 -111.56 2.79 21.70
C GLN A 1569 -110.93 2.98 23.08
N MET A 1573 -110.75 8.80 15.09
CA MET A 1573 -111.44 9.74 14.21
C MET A 1573 -110.92 11.16 14.39
N PRO A 1574 -109.64 11.39 14.11
CA PRO A 1574 -109.06 12.71 14.36
C PRO A 1574 -109.46 13.69 13.26
N LEU A 1575 -109.15 14.96 13.51
CA LEU A 1575 -109.36 15.98 12.48
C LEU A 1575 -108.46 15.73 11.28
N SER A 1576 -107.20 15.38 11.53
CA SER A 1576 -106.19 15.27 10.48
C SER A 1576 -106.51 14.20 9.44
N ALA A 1577 -107.35 13.22 9.78
CA ALA A 1577 -107.73 12.20 8.83
C ALA A 1577 -108.51 12.80 7.66
N ALA A 1578 -109.37 13.76 7.95
CA ALA A 1578 -110.20 14.38 6.92
C ALA A 1578 -109.49 15.48 6.15
N MET A 1579 -108.36 15.99 6.64
CA MET A 1579 -107.71 17.12 5.99
C MET A 1579 -107.02 16.69 4.70
N PHE A 1580 -106.06 15.77 4.81
CA PHE A 1580 -105.08 15.54 3.76
C PHE A 1580 -105.45 14.47 2.75
N LEU A 1581 -106.48 13.66 3.00
CA LEU A 1581 -106.89 12.57 2.12
C LEU A 1581 -105.82 11.51 1.92
N SER A 1582 -104.90 11.37 2.89
CA SER A 1582 -103.94 10.28 2.91
C SER A 1582 -103.67 9.76 4.32
N GLU A 1583 -104.56 10.05 5.28
CA GLU A 1583 -104.48 9.54 6.65
C GLU A 1583 -105.87 9.15 7.15
N ARG A 1584 -106.75 8.70 6.25
CA ARG A 1584 -108.07 8.27 6.67
C ARG A 1584 -107.99 7.02 7.52
N LYS A 1585 -107.13 6.09 7.14
CA LYS A 1585 -106.89 4.92 7.99
C LYS A 1585 -106.20 5.30 9.29
N ASN A 1586 -105.44 6.38 9.31
CA ASN A 1586 -104.70 6.74 10.50
C ASN A 1586 -105.65 7.26 11.58
N PRO A 1587 -105.76 6.61 12.78
CA PRO A 1587 -106.67 7.14 13.80
C PRO A 1587 -106.03 8.18 14.72
N ALA A 1588 -104.70 8.18 14.82
CA ALA A 1588 -104.03 9.12 15.70
C ALA A 1588 -104.05 10.53 15.08
N PRO A 1589 -103.99 11.58 15.90
CA PRO A 1589 -103.92 12.93 15.33
C PRO A 1589 -102.50 13.27 14.91
N GLN A 1590 -102.41 14.21 13.96
CA GLN A 1590 -101.12 14.68 13.47
C GLN A 1590 -101.27 16.14 13.03
N CYS A 1591 -100.13 16.84 13.00
CA CYS A 1591 -100.04 18.24 12.62
C CYS A 1591 -98.88 18.41 11.64
N PRO A 1592 -99.07 18.13 10.36
CA PRO A 1592 -98.01 18.38 9.40
C PRO A 1592 -97.77 19.87 9.22
N PRO A 1593 -96.65 20.25 8.59
CA PRO A 1593 -96.31 21.69 8.53
C PRO A 1593 -97.24 22.52 7.67
N ARG A 1594 -98.02 21.90 6.77
CA ARG A 1594 -98.90 22.68 5.91
C ARG A 1594 -100.00 23.34 6.71
N LEU A 1595 -100.43 22.73 7.80
CA LEU A 1595 -101.35 23.41 8.72
C LEU A 1595 -100.63 24.55 9.39
N GLU A 1596 -101.13 25.76 9.17
CA GLU A 1596 -100.56 26.97 9.73
C GLU A 1596 -101.67 27.92 10.10
N VAL A 1597 -101.49 28.59 11.24
CA VAL A 1597 -102.38 29.68 11.61
C VAL A 1597 -102.21 30.82 10.62
N GLN A 1598 -103.31 31.46 10.27
CA GLN A 1598 -103.35 32.48 9.23
C GLN A 1598 -104.32 33.57 9.66
N MET A 1599 -103.98 34.81 9.32
CA MET A 1599 -104.66 36.00 9.85
C MET A 1599 -105.06 36.87 8.67
N LEU A 1600 -106.16 37.60 8.87
CA LEU A 1600 -106.84 38.30 7.79
C LEU A 1600 -106.28 39.72 7.66
N MET A 1601 -105.64 39.99 6.52
CA MET A 1601 -105.31 41.36 6.16
C MET A 1601 -106.56 42.09 5.67
N PRO A 1602 -106.63 43.42 5.83
CA PRO A 1602 -107.76 44.16 5.27
C PRO A 1602 -107.62 44.55 3.81
N VAL A 1603 -106.40 44.46 3.26
CA VAL A 1603 -106.07 45.12 2.00
C VAL A 1603 -104.85 44.40 1.43
N SER A 1604 -104.79 44.32 0.10
CA SER A 1604 -103.66 43.70 -0.56
C SER A 1604 -103.52 44.29 -1.96
N TRP A 1605 -102.34 44.05 -2.55
CA TRP A 1605 -102.00 44.58 -3.84
C TRP A 1605 -102.68 43.80 -4.96
N SER A 1606 -102.70 44.40 -6.14
CA SER A 1606 -103.28 43.76 -7.31
C SER A 1606 -102.81 44.49 -8.56
N ARG A 1607 -103.26 43.98 -9.70
CA ARG A 1607 -102.86 44.47 -11.02
C ARG A 1607 -104.10 44.51 -11.89
N MET A 1608 -104.40 45.70 -12.43
CA MET A 1608 -105.55 45.85 -13.29
C MET A 1608 -105.24 45.34 -14.69
N PRO A 1609 -106.26 45.10 -15.52
CA PRO A 1609 -105.98 44.75 -16.91
C PRO A 1609 -105.36 45.89 -17.67
N ASN A 1610 -104.57 45.53 -18.69
CA ASN A 1610 -104.02 46.54 -19.58
C ASN A 1610 -105.12 47.18 -20.41
N HIS A 1611 -106.06 46.38 -20.90
CA HIS A 1611 -107.19 46.82 -21.71
C HIS A 1611 -108.46 46.59 -20.90
N PHE A 1612 -109.05 47.69 -20.43
CA PHE A 1612 -110.35 47.61 -19.78
C PHE A 1612 -111.43 47.33 -20.83
N LEU A 1613 -112.62 47.01 -20.34
CA LEU A 1613 -113.77 46.78 -21.22
C LEU A 1613 -114.14 48.11 -21.85
N GLN A 1614 -113.71 48.31 -23.10
CA GLN A 1614 -113.95 49.57 -23.79
C GLN A 1614 -115.44 49.77 -24.07
N VAL A 1615 -116.15 48.69 -24.34
CA VAL A 1615 -117.61 48.72 -24.45
C VAL A 1615 -118.19 48.83 -23.04
N GLU A 1616 -119.51 49.01 -22.97
CA GLU A 1616 -120.23 49.48 -21.77
C GLU A 1616 -119.90 50.95 -21.50
N THR A 1617 -119.88 51.74 -22.57
CA THR A 1617 -119.74 53.19 -22.52
C THR A 1617 -120.70 53.84 -23.49
N ARG A 1618 -121.90 53.26 -23.62
CA ARG A 1618 -122.93 53.76 -24.55
C ARG A 1618 -123.74 54.85 -23.87
N ARG A 1619 -123.06 55.97 -23.59
CA ARG A 1619 -123.62 57.18 -22.98
C ARG A 1619 -124.08 57.01 -21.54
N ALA A 1620 -123.81 55.86 -20.90
CA ALA A 1620 -124.26 55.58 -19.53
C ALA A 1620 -125.79 55.68 -19.41
N GLY A 1621 -126.49 55.22 -20.44
CA GLY A 1621 -127.94 55.32 -20.54
C GLY A 1621 -128.37 56.45 -21.45
N GLU A 1622 -128.77 56.12 -22.68
CA GLU A 1622 -128.99 57.15 -23.70
C GLU A 1622 -130.37 57.79 -23.56
N ARG A 1623 -131.43 57.02 -23.82
CA ARG A 1623 -132.79 57.52 -23.89
C ARG A 1623 -133.71 56.31 -24.07
N LEU A 1624 -135.01 56.55 -23.88
CA LEU A 1624 -136.04 55.52 -24.04
C LEU A 1624 -135.83 54.40 -23.02
N GLY A 1625 -135.53 54.80 -21.79
CA GLY A 1625 -135.24 53.87 -20.73
C GLY A 1625 -133.77 53.57 -20.53
N TRP A 1626 -132.89 54.50 -20.89
CA TRP A 1626 -131.45 54.43 -20.57
C TRP A 1626 -130.79 53.19 -21.19
N ALA A 1627 -130.76 53.18 -22.52
CA ALA A 1627 -130.18 52.06 -23.25
C ALA A 1627 -128.66 51.98 -23.03
N VAL A 1628 -128.16 50.75 -22.93
CA VAL A 1628 -126.74 50.46 -22.75
C VAL A 1628 -126.34 49.41 -23.79
N GLN A 1629 -125.15 49.59 -24.36
CA GLN A 1629 -124.64 48.80 -25.47
C GLN A 1629 -123.34 48.11 -25.08
N CYS A 1630 -123.20 46.85 -25.46
CA CYS A 1630 -122.01 46.07 -25.17
C CYS A 1630 -121.85 45.04 -26.28
N GLN A 1631 -120.73 45.11 -27.01
CA GLN A 1631 -120.48 44.27 -28.19
C GLN A 1631 -119.22 43.43 -28.07
N ASP A 1632 -118.07 44.04 -27.79
CA ASP A 1632 -116.82 43.39 -28.12
C ASP A 1632 -116.40 42.37 -27.04
N PRO A 1633 -115.57 41.34 -27.40
CA PRO A 1633 -115.12 40.36 -26.41
C PRO A 1633 -113.77 40.69 -25.82
N LEU A 1634 -113.50 40.24 -24.59
CA LEU A 1634 -112.16 40.33 -24.01
C LEU A 1634 -112.13 39.41 -22.79
N THR A 1635 -110.98 38.75 -22.56
CA THR A 1635 -110.88 37.62 -21.64
C THR A 1635 -109.60 37.68 -20.83
N MET A 1636 -109.60 36.92 -19.72
CA MET A 1636 -108.41 36.48 -19.01
C MET A 1636 -108.18 34.99 -19.22
N MET A 1637 -107.05 34.52 -18.71
CA MET A 1637 -106.86 33.16 -18.26
C MET A 1637 -106.99 33.19 -16.74
N ALA A 1638 -106.66 32.08 -16.07
CA ALA A 1638 -106.80 31.99 -14.62
C ALA A 1638 -105.78 31.03 -14.02
N LEU A 1639 -105.55 31.22 -12.72
CA LEU A 1639 -104.75 30.36 -11.85
C LEU A 1639 -105.60 29.96 -10.65
N HIS A 1640 -106.76 29.39 -10.91
CA HIS A 1640 -107.69 29.05 -9.84
C HIS A 1640 -107.11 28.02 -8.91
N ILE A 1641 -106.79 28.44 -7.70
CA ILE A 1641 -106.28 27.49 -6.71
C ILE A 1641 -107.41 26.56 -6.32
N PRO A 1642 -107.21 25.25 -6.17
CA PRO A 1642 -108.36 24.40 -5.81
C PRO A 1642 -108.81 24.61 -4.38
N GLU A 1643 -107.86 24.81 -3.46
CA GLU A 1643 -108.21 24.92 -2.05
C GLU A 1643 -108.85 26.26 -1.73
N GLU A 1644 -108.29 27.34 -2.26
CA GLU A 1644 -108.68 28.68 -1.84
C GLU A 1644 -109.91 29.20 -2.57
N ASN A 1645 -110.14 28.73 -3.79
CA ASN A 1645 -111.34 29.06 -4.56
C ASN A 1645 -111.40 30.55 -4.89
N ARG A 1646 -110.29 31.07 -5.42
CA ARG A 1646 -110.23 32.39 -6.02
C ARG A 1646 -109.60 32.24 -7.40
N CYS A 1647 -109.32 33.35 -8.08
CA CYS A 1647 -108.75 33.34 -9.43
C CYS A 1647 -107.69 34.42 -9.56
N MET A 1648 -106.59 34.09 -10.24
CA MET A 1648 -105.50 35.00 -10.54
C MET A 1648 -105.07 34.79 -11.98
N ASP A 1649 -104.83 35.95 -12.65
CA ASP A 1649 -104.42 35.95 -14.06
C ASP A 1649 -102.99 35.52 -14.13
N ILE A 1650 -102.52 35.08 -15.30
CA ILE A 1650 -101.18 34.54 -15.43
C ILE A 1650 -100.26 35.75 -15.56
N LEU A 1651 -100.11 36.56 -14.50
CA LEU A 1651 -99.68 37.96 -14.64
C LEU A 1651 -99.11 38.66 -13.37
N GLU A 1652 -99.56 38.34 -12.16
CA GLU A 1652 -99.10 39.12 -10.95
C GLU A 1652 -97.59 38.90 -10.63
N LEU A 1653 -96.60 39.63 -11.16
CA LEU A 1653 -95.17 39.30 -11.12
C LEU A 1653 -94.57 39.48 -9.74
N SER A 1654 -95.09 40.39 -8.94
CA SER A 1654 -94.64 40.50 -7.56
C SER A 1654 -95.06 39.28 -6.74
N GLU A 1655 -96.37 38.97 -6.74
CA GLU A 1655 -96.84 37.78 -6.04
C GLU A 1655 -96.37 36.51 -6.72
N ARG A 1656 -96.17 36.55 -8.04
CA ARG A 1656 -95.85 35.35 -8.79
C ARG A 1656 -94.40 34.92 -8.64
N LEU A 1657 -93.57 35.63 -7.86
CA LEU A 1657 -92.16 35.26 -7.75
C LEU A 1657 -91.99 33.91 -7.08
N ASP A 1658 -92.83 33.60 -6.10
CA ASP A 1658 -92.84 32.27 -5.51
C ASP A 1658 -93.68 31.29 -6.32
N LEU A 1659 -94.82 31.74 -6.83
CA LEU A 1659 -95.77 30.82 -7.45
C LEU A 1659 -95.31 30.36 -8.83
N GLN A 1660 -94.75 31.26 -9.64
CA GLN A 1660 -94.37 30.92 -11.00
C GLN A 1660 -93.22 29.93 -11.03
N ARG A 1661 -92.37 29.93 -10.00
CA ARG A 1661 -91.35 28.89 -9.86
C ARG A 1661 -92.01 27.51 -9.80
N PHE A 1662 -93.02 27.36 -8.96
CA PHE A 1662 -93.75 26.12 -8.83
C PHE A 1662 -94.50 25.78 -10.11
N HIS A 1663 -95.09 26.79 -10.74
CA HIS A 1663 -95.94 26.53 -11.89
C HIS A 1663 -95.14 26.13 -13.11
N SER A 1664 -94.01 26.80 -13.33
CA SER A 1664 -93.12 26.42 -14.43
C SER A 1664 -92.55 25.04 -14.22
N HIS A 1665 -92.24 24.69 -12.97
CA HIS A 1665 -91.74 23.35 -12.72
C HIS A 1665 -92.86 22.32 -12.91
N THR A 1666 -94.12 22.71 -12.68
CA THR A 1666 -95.22 21.79 -12.98
C THR A 1666 -95.36 21.57 -14.47
N LEU A 1667 -95.08 22.61 -15.26
CA LEU A 1667 -95.03 22.40 -16.70
C LEU A 1667 -93.90 21.47 -17.08
N ARG A 1668 -92.81 21.47 -16.31
CA ARG A 1668 -91.78 20.46 -16.52
C ARG A 1668 -92.33 19.07 -16.29
N LEU A 1669 -93.16 18.90 -15.26
CA LEU A 1669 -93.80 17.60 -15.05
C LEU A 1669 -94.71 17.23 -16.22
N TYR A 1670 -95.46 18.21 -16.72
CA TYR A 1670 -96.39 17.96 -17.83
C TYR A 1670 -95.64 17.49 -19.07
N ARG A 1671 -94.51 18.12 -19.37
CA ARG A 1671 -93.71 17.68 -20.51
C ARG A 1671 -93.04 16.36 -20.23
N ALA A 1672 -92.72 16.06 -18.98
CA ALA A 1672 -92.07 14.80 -18.66
C ALA A 1672 -93.00 13.62 -18.88
N VAL A 1673 -94.22 13.69 -18.32
CA VAL A 1673 -95.17 12.58 -18.49
C VAL A 1673 -95.65 12.45 -19.93
N CYS A 1674 -95.56 13.50 -20.73
CA CYS A 1674 -95.62 13.40 -22.18
C CYS A 1674 -94.22 13.12 -22.71
N ALA A 1675 -93.74 11.93 -22.37
CA ALA A 1675 -92.36 11.56 -22.62
C ALA A 1675 -92.14 11.29 -24.09
N LEU A 1676 -90.96 10.78 -24.42
CA LEU A 1676 -90.64 10.39 -25.78
C LEU A 1676 -91.54 9.22 -26.18
N GLY A 1677 -92.30 9.41 -27.26
CA GLY A 1677 -93.10 8.33 -27.80
C GLY A 1677 -94.23 7.87 -26.91
N ASN A 1678 -94.98 8.80 -26.35
CA ASN A 1678 -96.22 8.52 -25.63
C ASN A 1678 -97.30 9.44 -26.15
N ASN A 1679 -98.51 8.89 -26.29
CA ASN A 1679 -99.66 9.60 -26.87
C ASN A 1679 -100.92 9.49 -26.02
N ARG A 1680 -101.05 8.40 -25.27
CA ARG A 1680 -102.22 8.22 -24.40
C ARG A 1680 -102.26 9.31 -23.32
N VAL A 1681 -101.11 9.53 -22.68
CA VAL A 1681 -100.99 10.58 -21.68
C VAL A 1681 -101.20 11.94 -22.32
N ALA A 1682 -100.74 12.12 -23.56
CA ALA A 1682 -100.88 13.40 -24.25
C ALA A 1682 -102.34 13.75 -24.48
N HIS A 1683 -103.12 12.76 -24.91
CA HIS A 1683 -104.56 12.95 -25.05
C HIS A 1683 -105.18 13.29 -23.71
N ALA A 1684 -104.70 12.66 -22.63
CA ALA A 1684 -105.22 13.02 -21.31
C ALA A 1684 -104.86 14.46 -20.95
N LEU A 1685 -103.65 14.90 -21.29
CA LEU A 1685 -103.24 16.26 -20.96
C LEU A 1685 -103.96 17.32 -21.77
N CYS A 1686 -104.55 16.95 -22.91
CA CYS A 1686 -105.32 17.94 -23.66
C CYS A 1686 -106.52 18.49 -22.87
N SER A 1687 -107.06 17.70 -21.94
CA SER A 1687 -108.14 18.21 -21.08
C SER A 1687 -107.66 19.33 -20.17
N HIS A 1688 -106.54 19.11 -19.49
CA HIS A 1688 -106.03 20.10 -18.55
C HIS A 1688 -105.60 21.37 -19.25
N VAL A 1689 -105.10 21.26 -20.47
CA VAL A 1689 -104.68 22.39 -21.29
C VAL A 1689 -105.25 22.16 -22.67
N ASP A 1690 -106.25 22.95 -23.04
CA ASP A 1690 -106.94 22.80 -24.30
C ASP A 1690 -106.24 23.63 -25.39
N GLN A 1691 -106.83 23.60 -26.57
CA GLN A 1691 -106.29 24.32 -27.72
C GLN A 1691 -106.35 25.83 -27.51
N ALA A 1692 -107.46 26.33 -26.98
CA ALA A 1692 -107.67 27.77 -26.93
C ALA A 1692 -106.74 28.44 -25.93
N GLN A 1693 -106.54 27.79 -24.77
CA GLN A 1693 -105.60 28.27 -23.77
C GLN A 1693 -104.19 28.35 -24.35
N LEU A 1694 -103.82 27.32 -25.11
CA LEU A 1694 -102.48 27.23 -25.68
C LEU A 1694 -102.27 28.33 -26.72
N LEU A 1695 -103.25 28.52 -27.60
CA LEU A 1695 -103.12 29.50 -28.66
C LEU A 1695 -103.09 30.91 -28.10
N HIS A 1696 -103.89 31.17 -27.07
CA HIS A 1696 -103.84 32.50 -26.47
C HIS A 1696 -102.54 32.71 -25.72
N ALA A 1697 -101.93 31.63 -25.22
CA ALA A 1697 -100.57 31.78 -24.68
C ALA A 1697 -99.58 32.13 -25.77
N LEU A 1698 -99.76 31.58 -26.97
CA LEU A 1698 -98.86 31.93 -28.07
C LEU A 1698 -98.97 33.41 -28.43
N GLU A 1699 -100.20 33.94 -28.51
CA GLU A 1699 -100.32 35.32 -28.97
C GLU A 1699 -99.90 36.35 -27.92
N ASP A 1700 -99.99 36.02 -26.63
CA ASP A 1700 -99.80 37.02 -25.59
C ASP A 1700 -98.34 37.46 -25.50
N ALA A 1701 -98.16 38.69 -24.99
CA ALA A 1701 -96.85 39.32 -24.83
C ALA A 1701 -96.78 40.08 -23.51
N HIS A 1702 -97.32 39.50 -22.45
CA HIS A 1702 -97.21 40.02 -21.09
C HIS A 1702 -96.79 38.95 -20.08
N LEU A 1703 -96.27 37.82 -20.55
CA LEU A 1703 -95.96 36.73 -19.66
C LEU A 1703 -94.71 37.05 -18.84
N PRO A 1704 -94.49 36.34 -17.72
CA PRO A 1704 -93.22 36.54 -17.01
C PRO A 1704 -92.00 36.14 -17.81
N GLY A 1705 -92.15 35.15 -18.71
CA GLY A 1705 -91.11 34.74 -19.63
C GLY A 1705 -90.70 33.28 -19.50
N PRO A 1706 -90.46 32.81 -18.26
CA PRO A 1706 -90.30 31.36 -18.08
C PRO A 1706 -91.54 30.59 -18.47
N LEU A 1707 -92.70 31.14 -18.17
CA LEU A 1707 -93.94 30.50 -18.60
C LEU A 1707 -94.11 30.58 -20.10
N ARG A 1708 -93.59 31.63 -20.75
CA ARG A 1708 -93.73 31.72 -22.20
C ARG A 1708 -92.94 30.60 -22.87
N ALA A 1709 -91.72 30.38 -22.40
CA ALA A 1709 -90.92 29.26 -22.88
C ALA A 1709 -91.58 27.94 -22.56
N GLY A 1710 -92.14 27.83 -21.35
CA GLY A 1710 -92.77 26.58 -20.95
C GLY A 1710 -94.00 26.25 -21.77
N TYR A 1711 -94.82 27.26 -22.08
CA TYR A 1711 -96.07 27.01 -22.80
C TYR A 1711 -95.80 26.70 -24.26
N TYR A 1712 -94.84 27.42 -24.87
CA TYR A 1712 -94.42 27.08 -26.23
C TYR A 1712 -93.86 25.67 -26.27
N ASP A 1713 -93.03 25.32 -25.28
CA ASP A 1713 -92.44 23.99 -25.22
C ASP A 1713 -93.49 22.92 -24.96
N LEU A 1714 -94.54 23.26 -24.22
CA LEU A 1714 -95.61 22.30 -23.99
C LEU A 1714 -96.38 22.01 -25.27
N LEU A 1715 -96.59 23.05 -26.10
CA LEU A 1715 -97.16 22.84 -27.42
C LEU A 1715 -96.30 21.89 -28.23
N ILE A 1716 -94.98 22.07 -28.17
CA ILE A 1716 -94.11 21.15 -28.90
C ILE A 1716 -94.17 19.74 -28.32
N SER A 1717 -94.24 19.64 -26.99
CA SER A 1717 -94.16 18.33 -26.34
C SER A 1717 -95.40 17.50 -26.63
N ILE A 1718 -96.57 18.13 -26.64
CA ILE A 1718 -97.81 17.35 -26.80
C ILE A 1718 -97.98 16.92 -28.24
N HIS A 1719 -98.12 17.89 -29.14
CA HIS A 1719 -98.54 17.62 -30.51
C HIS A 1719 -97.37 17.27 -31.42
N LEU A 1720 -96.34 18.11 -31.45
CA LEU A 1720 -95.32 18.09 -32.49
C LEU A 1720 -94.11 17.22 -32.19
N GLU A 1721 -93.99 16.65 -30.99
CA GLU A 1721 -92.80 15.90 -30.62
C GLU A 1721 -92.66 14.61 -31.44
N SER A 1722 -93.74 13.83 -31.49
CA SER A 1722 -93.72 12.49 -32.08
C SER A 1722 -93.39 12.55 -33.57
N ALA A 1723 -94.11 13.40 -34.29
CA ALA A 1723 -93.93 13.52 -35.73
C ALA A 1723 -92.55 14.04 -36.06
N CYS A 1724 -92.07 15.01 -35.28
CA CYS A 1724 -90.77 15.61 -35.55
C CYS A 1724 -89.65 14.60 -35.37
N ARG A 1725 -89.72 13.80 -34.30
CA ARG A 1725 -88.71 12.78 -34.07
C ARG A 1725 -88.71 11.73 -35.18
N SER A 1726 -89.90 11.26 -35.57
CA SER A 1726 -89.98 10.23 -36.60
C SER A 1726 -89.50 10.73 -37.95
N ARG A 1727 -89.96 11.92 -38.35
CA ARG A 1727 -89.57 12.44 -39.65
C ARG A 1727 -88.10 12.81 -39.68
N ARG A 1728 -87.53 13.22 -38.54
CA ARG A 1728 -86.11 13.49 -38.53
C ARG A 1728 -85.31 12.20 -38.69
N SER A 1729 -85.81 11.10 -38.12
CA SER A 1729 -85.11 9.84 -38.32
C SER A 1729 -85.14 9.42 -39.78
N MET A 1730 -86.28 9.59 -40.46
CA MET A 1730 -86.33 9.26 -41.88
C MET A 1730 -85.73 10.33 -42.79
N LEU A 1731 -85.36 11.50 -42.27
CA LEU A 1731 -84.79 12.54 -43.11
C LEU A 1731 -83.44 12.17 -43.71
N SER A 1732 -82.72 11.21 -43.14
CA SER A 1732 -81.41 10.81 -43.64
C SER A 1732 -81.47 9.72 -44.71
N GLU A 1733 -82.59 9.61 -45.44
CA GLU A 1733 -82.75 8.71 -46.57
C GLU A 1733 -83.21 9.52 -47.76
N TYR A 1734 -82.82 9.05 -48.95
CA TYR A 1734 -82.92 9.80 -50.20
C TYR A 1734 -83.49 8.92 -51.30
N ILE A 1735 -84.56 8.21 -51.00
CA ILE A 1735 -85.24 7.44 -52.02
C ILE A 1735 -85.91 8.39 -53.00
N VAL A 1736 -85.73 8.12 -54.29
CA VAL A 1736 -86.20 8.96 -55.38
C VAL A 1736 -87.05 8.09 -56.32
N PRO A 1737 -88.38 8.15 -56.28
CA PRO A 1737 -89.14 7.41 -57.28
C PRO A 1737 -88.99 8.04 -58.65
N LEU A 1738 -89.12 7.20 -59.67
CA LEU A 1738 -88.99 7.61 -61.06
C LEU A 1738 -90.35 8.03 -61.58
N THR A 1739 -90.47 9.30 -61.97
CA THR A 1739 -91.70 9.92 -62.43
C THR A 1739 -91.33 10.95 -63.48
N PRO A 1740 -92.29 11.36 -64.34
CA PRO A 1740 -92.04 12.57 -65.14
C PRO A 1740 -91.73 13.81 -64.32
N GLU A 1741 -92.38 13.98 -63.18
CA GLU A 1741 -92.08 15.11 -62.30
C GLU A 1741 -90.66 15.00 -61.76
N THR A 1742 -90.17 13.78 -61.54
CA THR A 1742 -88.79 13.61 -61.11
C THR A 1742 -87.82 14.05 -62.19
N ARG A 1743 -88.11 13.71 -63.45
CA ARG A 1743 -87.18 14.00 -64.54
C ARG A 1743 -87.08 15.50 -64.81
N ALA A 1744 -88.14 16.26 -64.53
CA ALA A 1744 -88.11 17.70 -64.76
C ALA A 1744 -87.11 18.42 -63.86
N ILE A 1745 -86.80 17.85 -62.69
CA ILE A 1745 -85.94 18.53 -61.74
C ILE A 1745 -84.51 18.54 -62.26
N THR A 1746 -83.81 19.65 -62.01
CA THR A 1746 -82.43 19.80 -62.45
C THR A 1746 -81.75 20.85 -61.60
N LEU A 1747 -80.43 20.89 -61.70
CA LEU A 1747 -79.65 21.94 -61.05
C LEU A 1747 -79.89 23.31 -61.65
N PHE A 1748 -80.36 23.37 -62.90
CA PHE A 1748 -80.60 24.65 -63.57
C PHE A 1748 -81.71 25.40 -62.85
N PRO A 1749 -81.51 26.66 -62.44
CA PRO A 1749 -82.65 27.44 -61.96
C PRO A 1749 -83.65 27.67 -63.09
N PRO A 1750 -84.94 27.82 -62.76
CA PRO A 1750 -85.97 27.71 -63.80
C PRO A 1750 -86.00 28.85 -64.80
N GLY A 1751 -86.05 30.09 -64.32
CA GLY A 1751 -86.40 31.24 -65.13
C GLY A 1751 -85.28 32.18 -65.48
N ARG A 1752 -84.06 31.67 -65.63
CA ARG A 1752 -82.94 32.50 -66.05
C ARG A 1752 -81.84 31.60 -66.59
N LYS A 1753 -81.53 31.75 -67.87
CA LYS A 1753 -80.47 30.96 -68.49
C LYS A 1753 -79.11 31.32 -67.88
N GLY A 1754 -78.24 30.33 -67.84
CA GLY A 1754 -76.93 30.50 -67.22
C GLY A 1754 -77.01 30.75 -65.73
N GLY A 1755 -77.94 30.07 -65.05
CA GLY A 1755 -78.12 30.29 -63.63
C GLY A 1755 -77.05 29.68 -62.75
N ASN A 1756 -76.25 28.76 -63.30
CA ASN A 1756 -75.12 28.24 -62.53
C ASN A 1756 -74.09 29.33 -62.24
N ALA A 1757 -73.88 30.23 -63.21
CA ALA A 1757 -73.06 31.42 -62.94
C ALA A 1757 -73.74 32.32 -61.93
N ARG A 1758 -75.07 32.45 -62.04
CA ARG A 1758 -75.86 33.24 -61.10
C ARG A 1758 -76.11 32.40 -59.85
N ARG A 1759 -77.04 32.85 -59.01
CA ARG A 1759 -77.39 32.11 -57.81
C ARG A 1759 -78.04 30.79 -58.17
N HIS A 1760 -78.19 29.93 -57.15
CA HIS A 1760 -78.73 28.59 -57.28
C HIS A 1760 -80.24 28.54 -57.08
N GLY A 1761 -80.94 29.60 -57.43
CA GLY A 1761 -82.34 29.70 -57.07
C GLY A 1761 -82.46 30.10 -55.63
N LEU A 1762 -83.21 29.32 -54.87
CA LEU A 1762 -83.34 29.48 -53.43
C LEU A 1762 -83.45 28.09 -52.82
N PRO A 1763 -83.11 27.93 -51.52
CA PRO A 1763 -83.11 26.58 -50.94
C PRO A 1763 -84.47 26.16 -50.41
N GLY A 1764 -84.91 24.96 -50.80
CA GLY A 1764 -86.15 24.40 -50.32
C GLY A 1764 -87.39 24.85 -51.06
N VAL A 1765 -87.31 25.87 -51.90
CA VAL A 1765 -88.48 26.33 -52.65
C VAL A 1765 -88.90 25.29 -53.67
N GLY A 1766 -87.93 24.59 -54.27
CA GLY A 1766 -88.25 23.63 -55.29
C GLY A 1766 -88.98 22.42 -54.75
N VAL A 1767 -89.65 21.72 -55.65
CA VAL A 1767 -90.38 20.52 -55.27
C VAL A 1767 -89.38 19.42 -54.97
N THR A 1768 -89.62 18.72 -53.86
CA THR A 1768 -88.69 17.69 -53.38
C THR A 1768 -88.93 16.33 -54.04
N THR A 1769 -90.19 15.94 -54.20
CA THR A 1769 -90.65 14.60 -54.64
C THR A 1769 -89.81 13.45 -54.09
N SER A 1770 -89.55 13.52 -52.79
CA SER A 1770 -88.82 12.51 -52.05
C SER A 1770 -89.79 11.59 -51.33
N LEU A 1771 -89.41 10.33 -51.23
CA LEU A 1771 -90.28 9.31 -50.69
C LEU A 1771 -90.23 9.36 -49.17
N ARG A 1772 -91.29 9.85 -48.55
CA ARG A 1772 -91.42 9.91 -47.10
C ARG A 1772 -92.89 9.81 -46.75
N PRO A 1773 -93.22 9.34 -45.54
CA PRO A 1773 -94.60 8.99 -45.25
C PRO A 1773 -95.39 10.18 -44.72
N PRO A 1774 -96.73 10.06 -44.56
CA PRO A 1774 -97.49 11.11 -43.86
C PRO A 1774 -97.45 10.92 -42.35
N HIS A 1775 -98.21 11.75 -41.62
CA HIS A 1775 -98.21 11.80 -40.16
C HIS A 1775 -99.39 11.07 -39.53
N HIS A 1776 -100.60 11.29 -40.04
CA HIS A 1776 -101.82 10.64 -39.56
C HIS A 1776 -102.11 10.97 -38.09
N PHE A 1777 -102.40 12.24 -37.85
CA PHE A 1777 -102.90 12.65 -36.54
C PHE A 1777 -104.33 12.14 -36.33
N SER A 1778 -104.79 12.25 -35.09
CA SER A 1778 -106.14 11.92 -34.66
C SER A 1778 -106.65 13.02 -33.74
N PRO A 1779 -107.96 13.32 -33.74
CA PRO A 1779 -108.44 14.45 -32.94
C PRO A 1779 -108.73 14.02 -31.51
N PRO A 1780 -108.80 14.95 -30.57
CA PRO A 1780 -109.06 14.58 -29.18
C PRO A 1780 -110.55 14.57 -28.85
N CYS A 1781 -110.91 13.70 -27.91
CA CYS A 1781 -112.26 13.68 -27.36
C CYS A 1781 -112.22 12.93 -26.05
N PHE A 1782 -113.27 13.16 -25.25
CA PHE A 1782 -113.45 12.50 -23.96
C PHE A 1782 -114.88 12.00 -23.77
N VAL A 1783 -115.61 11.77 -24.86
CA VAL A 1783 -117.01 11.31 -24.82
C VAL A 1783 -117.17 10.07 -25.70
N ALA A 1784 -116.10 9.29 -25.86
CA ALA A 1784 -116.08 8.09 -26.67
C ALA A 1784 -115.94 6.88 -25.76
N ALA A 1785 -116.66 5.82 -26.09
CA ALA A 1785 -116.63 4.61 -25.28
C ALA A 1785 -115.25 3.97 -25.35
N LEU A 1786 -114.78 3.49 -24.22
CA LEU A 1786 -113.48 2.85 -24.15
C LEU A 1786 -113.51 1.54 -24.94
N PRO A 1787 -112.34 1.02 -25.36
CA PRO A 1787 -112.36 -0.31 -25.98
C PRO A 1787 -112.72 -1.40 -24.98
N ALA A 1788 -113.88 -2.02 -25.20
CA ALA A 1788 -114.35 -3.06 -24.28
C ALA A 1788 -113.43 -4.28 -24.29
N ALA A 1789 -112.92 -4.65 -25.45
CA ALA A 1789 -112.01 -5.78 -25.56
C ALA A 1789 -110.62 -5.39 -25.03
N GLY A 1790 -109.68 -6.30 -25.15
CA GLY A 1790 -108.33 -6.06 -24.70
C GLY A 1790 -107.61 -5.05 -25.57
N VAL A 1791 -106.35 -4.79 -25.20
CA VAL A 1791 -105.52 -3.87 -25.97
C VAL A 1791 -105.27 -4.43 -27.37
N ALA A 1792 -104.92 -5.73 -27.43
CA ALA A 1792 -104.63 -6.42 -28.70
C ALA A 1792 -103.48 -5.77 -29.46
N GLU A 1793 -102.51 -5.20 -28.73
CA GLU A 1793 -101.40 -4.46 -29.31
C GLU A 1793 -101.89 -3.29 -30.16
N ALA A 1794 -102.94 -2.62 -29.70
CA ALA A 1794 -103.49 -1.51 -30.44
C ALA A 1794 -102.53 -0.31 -30.38
N PRO A 1795 -102.68 0.67 -31.28
CA PRO A 1795 -101.81 1.85 -31.20
C PRO A 1795 -102.16 2.83 -30.10
N ALA A 1796 -103.21 2.59 -29.31
CA ALA A 1796 -103.70 3.49 -28.27
C ALA A 1796 -104.21 4.79 -28.89
N ARG A 1797 -103.30 5.66 -29.33
CA ARG A 1797 -103.65 6.83 -30.10
C ARG A 1797 -102.54 7.08 -31.10
N LEU A 1798 -102.86 7.84 -32.14
CA LEU A 1798 -101.84 8.31 -33.07
C LEU A 1798 -101.09 9.49 -32.46
N SER A 1799 -101.79 10.61 -32.30
CA SER A 1799 -101.34 11.78 -31.58
C SER A 1799 -102.49 12.77 -31.60
N PRO A 1800 -102.63 13.67 -30.62
CA PRO A 1800 -103.69 14.67 -30.71
C PRO A 1800 -103.42 15.66 -31.83
N ALA A 1801 -104.49 16.09 -32.47
CA ALA A 1801 -104.43 16.90 -33.67
C ALA A 1801 -104.64 18.38 -33.35
N ILE A 1802 -104.12 19.21 -34.25
CA ILE A 1802 -104.32 20.66 -34.23
C ILE A 1802 -104.54 21.14 -35.65
N PRO A 1803 -105.40 22.19 -35.86
CA PRO A 1803 -105.40 22.82 -37.18
C PRO A 1803 -104.06 23.47 -37.48
N LEU A 1804 -103.34 22.89 -38.44
CA LEU A 1804 -101.98 23.32 -38.73
C LEU A 1804 -101.92 24.60 -39.55
N GLU A 1805 -102.94 24.87 -40.36
CA GLU A 1805 -102.96 26.10 -41.15
C GLU A 1805 -102.97 27.34 -40.26
N ALA A 1806 -103.72 27.27 -39.16
CA ALA A 1806 -103.73 28.36 -38.19
C ALA A 1806 -102.35 28.56 -37.60
N LEU A 1807 -101.67 27.47 -37.25
CA LEU A 1807 -100.33 27.60 -36.67
C LEU A 1807 -99.34 28.13 -37.69
N ARG A 1808 -99.47 27.74 -38.95
CA ARG A 1808 -98.55 28.19 -39.98
C ARG A 1808 -98.69 29.69 -40.19
N ASP A 1809 -99.93 30.15 -40.40
CA ASP A 1809 -100.16 31.57 -40.62
C ASP A 1809 -99.87 32.39 -39.37
N LYS A 1810 -100.08 31.81 -38.18
CA LYS A 1810 -99.73 32.50 -36.95
C LYS A 1810 -98.22 32.64 -36.82
N ALA A 1811 -97.51 31.52 -36.97
CA ALA A 1811 -96.09 31.47 -36.71
C ALA A 1811 -95.30 32.33 -37.68
N LEU A 1812 -95.82 32.52 -38.89
CA LEU A 1812 -95.22 33.51 -39.76
C LEU A 1812 -95.38 34.93 -39.24
N ARG A 1813 -96.38 35.20 -38.40
CA ARG A 1813 -96.77 36.58 -38.10
C ARG A 1813 -95.90 37.19 -37.01
N MET A 1814 -95.90 36.60 -35.81
CA MET A 1814 -95.20 37.26 -34.72
C MET A 1814 -93.70 37.13 -34.85
N LEU A 1815 -93.19 36.25 -35.71
CA LEU A 1815 -91.78 36.31 -36.06
C LEU A 1815 -91.47 37.62 -36.74
N GLY A 1816 -92.30 38.02 -37.71
CA GLY A 1816 -92.12 39.31 -38.35
C GLY A 1816 -92.34 40.46 -37.38
N GLU A 1817 -93.32 40.33 -36.50
CA GLU A 1817 -93.55 41.38 -35.50
C GLU A 1817 -92.38 41.48 -34.53
N ALA A 1818 -91.84 40.34 -34.10
CA ALA A 1818 -90.71 40.34 -33.17
C ALA A 1818 -89.47 40.92 -33.82
N VAL A 1819 -89.24 40.58 -35.10
CA VAL A 1819 -88.10 41.12 -35.82
C VAL A 1819 -88.25 42.62 -36.02
N ARG A 1820 -89.47 43.07 -36.33
CA ARG A 1820 -89.71 44.50 -36.51
C ARG A 1820 -89.55 45.27 -35.21
N ASP A 1821 -90.06 44.70 -34.11
CA ASP A 1821 -89.90 45.31 -32.79
C ASP A 1821 -88.44 45.33 -32.38
N GLY A 1822 -87.69 44.28 -32.69
CA GLY A 1822 -86.26 44.29 -32.46
C GLY A 1822 -85.56 45.34 -33.32
N GLY A 1823 -86.07 45.55 -34.53
CA GLY A 1823 -85.54 46.59 -35.39
C GLY A 1823 -85.76 47.97 -34.81
N GLN A 1824 -86.87 48.16 -34.11
CA GLN A 1824 -87.05 49.39 -33.34
C GLN A 1824 -86.08 49.49 -32.18
N HIS A 1825 -85.57 48.37 -31.68
CA HIS A 1825 -84.53 48.33 -30.64
C HIS A 1825 -85.09 48.91 -29.33
N ALA A 1826 -86.14 48.28 -28.85
CA ALA A 1826 -86.83 48.72 -27.64
C ALA A 1826 -86.01 48.32 -26.41
N ARG A 1827 -86.60 48.53 -25.23
CA ARG A 1827 -85.98 48.23 -23.93
C ARG A 1827 -86.91 47.47 -22.99
N ASP A 1828 -88.01 46.91 -23.50
CA ASP A 1828 -88.92 46.05 -22.74
C ASP A 1828 -89.22 44.82 -23.59
N PRO A 1829 -88.28 43.89 -23.72
CA PRO A 1829 -88.53 42.70 -24.51
C PRO A 1829 -89.58 41.82 -23.86
N VAL A 1830 -90.24 41.02 -24.70
CA VAL A 1830 -91.33 40.18 -24.22
C VAL A 1830 -90.76 39.09 -23.33
N GLY A 1831 -91.41 38.90 -22.18
CA GLY A 1831 -90.93 37.94 -21.20
C GLY A 1831 -89.79 38.41 -20.33
N GLY A 1832 -89.45 39.71 -20.38
CA GLY A 1832 -88.41 40.25 -19.53
C GLY A 1832 -87.00 40.12 -20.05
N SER A 1833 -86.80 39.56 -21.25
CA SER A 1833 -85.46 39.46 -21.80
C SER A 1833 -85.57 39.15 -23.28
N VAL A 1834 -84.52 39.53 -24.02
CA VAL A 1834 -84.52 39.36 -25.47
C VAL A 1834 -84.45 37.89 -25.83
N GLU A 1835 -83.62 37.13 -25.11
CA GLU A 1835 -83.48 35.72 -25.41
C GLU A 1835 -84.78 34.96 -25.12
N PHE A 1836 -85.50 35.36 -24.07
CA PHE A 1836 -86.81 34.78 -23.83
C PHE A 1836 -87.78 35.13 -24.94
N GLN A 1837 -87.62 36.29 -25.56
CA GLN A 1837 -88.49 36.65 -26.67
C GLN A 1837 -88.23 35.76 -27.88
N PHE A 1838 -86.95 35.57 -28.22
CA PHE A 1838 -86.60 34.98 -29.51
C PHE A 1838 -86.38 33.47 -29.51
N VAL A 1839 -86.04 32.86 -28.37
CA VAL A 1839 -85.76 31.42 -28.31
C VAL A 1839 -86.97 30.58 -28.69
N PRO A 1840 -88.07 30.62 -27.94
CA PRO A 1840 -89.13 29.62 -28.16
C PRO A 1840 -89.88 29.77 -29.48
N VAL A 1841 -90.04 30.99 -29.97
CA VAL A 1841 -90.68 31.22 -31.26
C VAL A 1841 -89.85 30.59 -32.38
N LEU A 1842 -88.53 30.74 -32.32
CA LEU A 1842 -87.67 30.12 -33.30
C LEU A 1842 -87.66 28.61 -33.13
N LYS A 1843 -87.87 28.12 -31.91
CA LYS A 1843 -87.99 26.68 -31.70
C LYS A 1843 -89.20 26.13 -32.43
N LEU A 1844 -90.32 26.86 -32.35
CA LEU A 1844 -91.55 26.44 -33.02
C LEU A 1844 -91.38 26.40 -34.53
N VAL A 1845 -90.85 27.49 -35.10
CA VAL A 1845 -90.75 27.53 -36.57
C VAL A 1845 -89.70 26.55 -37.06
N SER A 1846 -88.66 26.28 -36.25
CA SER A 1846 -87.68 25.28 -36.61
C SER A 1846 -88.30 23.90 -36.68
N THR A 1847 -89.19 23.57 -35.74
CA THR A 1847 -89.83 22.26 -35.81
C THR A 1847 -90.78 22.17 -37.00
N LEU A 1848 -91.49 23.26 -37.30
CA LEU A 1848 -92.42 23.20 -38.41
C LEU A 1848 -91.73 23.12 -39.75
N LEU A 1849 -90.47 23.55 -39.85
CA LEU A 1849 -89.74 23.27 -41.08
C LEU A 1849 -89.51 21.78 -41.25
N VAL A 1850 -89.23 21.07 -40.15
CA VAL A 1850 -89.04 19.63 -40.22
C VAL A 1850 -90.34 18.96 -40.58
N MET A 1851 -91.48 19.53 -40.17
CA MET A 1851 -92.76 19.00 -40.64
C MET A 1851 -92.91 19.13 -42.16
N GLY A 1852 -92.29 20.12 -42.76
CA GLY A 1852 -92.40 20.30 -44.20
C GLY A 1852 -93.80 20.67 -44.65
N ILE A 1853 -94.49 21.48 -43.85
CA ILE A 1853 -95.88 21.91 -44.11
C ILE A 1853 -95.93 23.41 -44.38
N PHE A 1854 -94.86 23.96 -44.96
CA PHE A 1854 -94.78 25.36 -45.35
C PHE A 1854 -94.89 25.44 -46.87
N GLY A 1855 -95.62 26.43 -47.35
CA GLY A 1855 -95.68 26.66 -48.76
C GLY A 1855 -94.36 27.16 -49.31
N ASP A 1856 -94.25 27.09 -50.65
CA ASP A 1856 -93.06 27.63 -51.31
C ASP A 1856 -92.95 29.14 -51.10
N GLU A 1857 -94.08 29.85 -51.14
CA GLU A 1857 -94.07 31.26 -50.80
C GLU A 1857 -93.77 31.45 -49.31
N ASP A 1858 -94.15 30.50 -48.47
CA ASP A 1858 -93.91 30.64 -47.04
C ASP A 1858 -92.44 30.55 -46.71
N VAL A 1859 -91.73 29.56 -47.26
CA VAL A 1859 -90.30 29.46 -47.00
C VAL A 1859 -89.55 30.60 -47.70
N LYS A 1860 -90.07 31.09 -48.83
CA LYS A 1860 -89.50 32.30 -49.42
C LYS A 1860 -89.63 33.50 -48.48
N GLN A 1861 -90.80 33.63 -47.85
CA GLN A 1861 -91.03 34.71 -46.90
C GLN A 1861 -90.12 34.58 -45.69
N ILE A 1862 -89.99 33.36 -45.17
CA ILE A 1862 -89.13 33.11 -44.01
C ILE A 1862 -87.68 33.38 -44.36
N LEU A 1863 -87.29 33.14 -45.62
CA LEU A 1863 -85.97 33.54 -46.07
C LEU A 1863 -85.80 35.05 -46.15
N LYS A 1864 -86.91 35.79 -46.28
CA LYS A 1864 -86.81 37.25 -46.37
C LYS A 1864 -86.20 37.87 -45.11
N MET A 1865 -86.85 37.74 -43.94
CA MET A 1865 -86.43 38.55 -42.80
C MET A 1865 -85.18 38.06 -42.11
N ILE A 1866 -84.56 36.96 -42.54
CA ILE A 1866 -83.22 36.62 -42.07
C ILE A 1866 -82.26 37.74 -42.46
N GLU A 1867 -82.27 38.11 -43.72
CA GLU A 1867 -81.69 39.34 -44.22
C GLU A 1867 -82.11 39.50 -45.68
N PRO A 1868 -82.36 40.72 -46.20
CA PRO A 1868 -82.57 40.85 -47.64
C PRO A 1868 -81.29 40.73 -48.47
N GLU A 1869 -80.75 39.50 -48.51
CA GLU A 1869 -79.62 39.12 -49.35
C GLU A 1869 -79.99 37.97 -50.27
N VAL A 1870 -80.61 36.93 -49.72
CA VAL A 1870 -81.07 35.78 -50.53
C VAL A 1870 -82.44 36.19 -51.06
N PHE A 1871 -82.41 36.94 -52.16
CA PHE A 1871 -83.56 37.63 -52.72
C PHE A 1871 -83.70 37.28 -54.19
N THR A 1872 -84.93 37.06 -54.62
CA THR A 1872 -85.21 36.75 -56.01
C THR A 1872 -84.98 37.98 -56.89
N GLU A 1873 -84.75 37.73 -58.17
CA GLU A 1873 -84.56 38.82 -59.12
C GLU A 1873 -85.81 39.68 -59.27
N GLU A 1874 -86.99 39.04 -59.17
CA GLU A 1874 -88.28 39.74 -59.26
C GLU A 1874 -88.46 40.40 -60.62
N ASP A 1921 -87.10 52.09 -41.75
CA ASP A 1921 -86.28 50.88 -41.70
C ASP A 1921 -86.94 49.74 -42.46
N LEU A 1922 -86.21 49.17 -43.41
CA LEU A 1922 -86.74 48.13 -44.31
C LEU A 1922 -86.50 46.73 -43.75
N GLU A 1923 -86.96 46.50 -42.52
CA GLU A 1923 -86.93 45.22 -41.77
C GLU A 1923 -85.55 44.55 -41.86
N GLU A 1924 -84.60 45.22 -41.19
CA GLU A 1924 -83.19 44.82 -41.23
C GLU A 1924 -83.00 43.38 -40.75
N GLY A 1925 -81.92 42.77 -41.24
CA GLY A 1925 -81.75 41.34 -41.11
C GLY A 1925 -81.53 40.92 -39.67
N LEU A 1926 -82.08 39.74 -39.34
CA LEU A 1926 -81.95 39.20 -38.00
C LEU A 1926 -80.50 38.87 -37.69
N LEU A 1927 -79.76 38.39 -38.68
CA LEU A 1927 -78.37 38.04 -38.47
C LEU A 1927 -77.51 39.26 -38.16
N GLN A 1928 -77.83 40.40 -38.79
CA GLN A 1928 -77.07 41.61 -38.57
C GLN A 1928 -77.17 42.11 -37.13
N MET A 1929 -78.28 41.82 -36.46
CA MET A 1929 -78.47 42.26 -35.09
C MET A 1929 -77.52 41.52 -34.15
N LYS A 1930 -77.12 42.21 -33.10
CA LYS A 1930 -76.41 41.58 -31.98
C LYS A 1930 -77.41 40.94 -31.06
N LEU A 1931 -77.17 39.66 -30.72
CA LEU A 1931 -78.12 38.86 -29.97
C LEU A 1931 -77.36 37.75 -29.26
N PRO A 1932 -77.87 37.24 -28.11
CA PRO A 1932 -77.03 36.39 -27.25
C PRO A 1932 -76.82 34.99 -27.81
N GLU A 1933 -76.22 34.10 -27.02
CA GLU A 1933 -75.76 32.79 -27.48
C GLU A 1933 -76.88 31.76 -27.64
N SER A 1934 -77.87 31.81 -26.75
CA SER A 1934 -78.93 30.81 -26.74
C SER A 1934 -79.76 30.88 -28.01
N VAL A 1935 -80.10 32.10 -28.43
CA VAL A 1935 -80.77 32.32 -29.71
C VAL A 1935 -79.89 31.87 -30.88
N LYS A 1936 -78.57 32.07 -30.77
CA LYS A 1936 -77.65 31.73 -31.86
C LYS A 1936 -77.65 30.22 -32.12
N LEU A 1937 -77.86 29.42 -31.08
CA LEU A 1937 -77.95 27.97 -31.25
C LEU A 1937 -79.15 27.59 -32.14
N GLN A 1938 -80.29 28.22 -31.92
CA GLN A 1938 -81.47 27.94 -32.74
C GLN A 1938 -81.27 28.41 -34.17
N MET A 1939 -80.52 29.51 -34.35
CA MET A 1939 -80.18 29.95 -35.69
C MET A 1939 -79.35 28.90 -36.42
N CYS A 1940 -78.44 28.25 -35.70
CA CYS A 1940 -77.68 27.15 -36.30
C CYS A 1940 -78.59 26.01 -36.72
N ASN A 1941 -79.63 25.73 -35.93
CA ASN A 1941 -80.57 24.67 -36.31
C ASN A 1941 -81.30 24.99 -37.62
N LEU A 1942 -81.74 26.25 -37.77
CA LEU A 1942 -82.43 26.66 -38.99
C LEU A 1942 -81.52 26.53 -40.22
N LEU A 1943 -80.29 26.99 -40.08
CA LEU A 1943 -79.37 26.93 -41.20
C LEU A 1943 -79.01 25.49 -41.55
N GLU A 1944 -78.99 24.61 -40.55
CA GLU A 1944 -78.74 23.19 -40.82
C GLU A 1944 -79.86 22.59 -41.64
N TYR A 1945 -81.10 22.99 -41.36
CA TYR A 1945 -82.22 22.52 -42.18
C TYR A 1945 -82.08 22.97 -43.63
N PHE A 1946 -81.66 24.23 -43.82
CA PHE A 1946 -81.51 24.71 -45.19
C PHE A 1946 -80.39 23.98 -45.93
N CYS A 1947 -79.30 23.65 -45.23
CA CYS A 1947 -78.24 22.88 -45.87
C CYS A 1947 -78.73 21.49 -46.26
N ASP A 1948 -79.56 20.88 -45.41
CA ASP A 1948 -80.11 19.57 -45.77
C ASP A 1948 -81.02 19.66 -46.98
N GLN A 1949 -81.82 20.73 -47.09
CA GLN A 1949 -82.67 20.90 -48.26
C GLN A 1949 -81.85 21.10 -49.54
N GLU A 1950 -80.75 21.85 -49.43
CA GLU A 1950 -79.87 22.04 -50.58
C GLU A 1950 -79.26 20.73 -51.04
N LEU A 1951 -78.82 19.91 -50.08
CA LEU A 1951 -78.24 18.61 -50.39
C LEU A 1951 -79.27 17.68 -51.05
N GLN A 1952 -80.49 17.68 -50.52
CA GLN A 1952 -81.52 16.81 -51.06
C GLN A 1952 -81.91 17.23 -52.47
N HIS A 1953 -81.96 18.54 -52.72
CA HIS A 1953 -82.22 19.03 -54.08
C HIS A 1953 -81.10 18.62 -55.03
N ARG A 1954 -79.87 18.67 -54.55
CA ARG A 1954 -78.70 18.31 -55.36
C ARG A 1954 -78.75 16.83 -55.78
N VAL A 1955 -78.94 15.94 -54.80
CA VAL A 1955 -78.94 14.52 -55.10
C VAL A 1955 -80.19 14.12 -55.90
N GLU A 1956 -81.31 14.81 -55.67
CA GLU A 1956 -82.52 14.54 -56.45
C GLU A 1956 -82.31 14.89 -57.91
N SER A 1957 -81.67 16.03 -58.18
CA SER A 1957 -81.37 16.39 -59.56
C SER A 1957 -80.36 15.43 -60.17
N LEU A 1958 -79.47 14.86 -59.35
CA LEU A 1958 -78.56 13.84 -59.85
C LEU A 1958 -79.32 12.61 -60.34
N ALA A 1959 -80.31 12.16 -59.58
CA ALA A 1959 -81.11 11.01 -60.03
C ALA A 1959 -81.89 11.34 -61.29
N ALA A 1960 -82.40 12.58 -61.38
CA ALA A 1960 -83.11 13.02 -62.58
C ALA A 1960 -82.21 12.98 -63.80
N PHE A 1961 -80.95 13.38 -63.64
CA PHE A 1961 -80.00 13.26 -64.73
C PHE A 1961 -79.71 11.80 -65.08
N ALA A 1962 -79.66 10.95 -64.04
CA ALA A 1962 -79.28 9.56 -64.23
C ALA A 1962 -80.27 8.82 -65.11
N GLU A 1963 -81.56 9.08 -64.92
CA GLU A 1963 -82.57 8.34 -65.69
C GLU A 1963 -82.47 8.62 -67.18
N ARG A 1964 -82.41 9.90 -67.57
CA ARG A 1964 -82.31 10.23 -68.99
C ARG A 1964 -80.98 9.77 -69.57
N TYR A 1965 -79.90 9.88 -68.80
CA TYR A 1965 -78.59 9.54 -69.33
C TYR A 1965 -78.47 8.03 -69.55
N VAL A 1966 -78.93 7.22 -68.60
CA VAL A 1966 -78.82 5.78 -68.78
C VAL A 1966 -79.76 5.31 -69.88
N ASP A 1967 -80.93 5.97 -70.06
CA ASP A 1967 -81.83 5.54 -71.13
C ASP A 1967 -81.20 5.78 -72.50
N LYS A 1968 -80.68 6.99 -72.74
CA LYS A 1968 -80.07 7.24 -74.04
C LYS A 1968 -78.77 6.44 -74.24
N LEU A 1969 -78.04 6.19 -73.15
CA LEU A 1969 -76.82 5.39 -73.25
C LEU A 1969 -77.14 3.94 -73.62
N GLN A 1970 -78.18 3.37 -73.00
CA GLN A 1970 -78.55 2.00 -73.33
C GLN A 1970 -79.09 1.91 -74.76
N ALA A 1971 -79.77 2.96 -75.22
CA ALA A 1971 -80.21 2.95 -76.61
C ALA A 1971 -79.01 3.00 -77.57
N ASN A 1972 -77.97 3.76 -77.22
CA ASN A 1972 -76.77 3.76 -78.04
C ASN A 1972 -76.08 2.39 -78.01
N GLN A 1973 -76.10 1.72 -76.86
CA GLN A 1973 -75.54 0.36 -76.80
C GLN A 1973 -76.33 -0.60 -77.69
N ARG A 1974 -77.66 -0.46 -77.68
CA ARG A 1974 -78.52 -1.26 -78.57
C ARG A 1974 -78.17 -1.01 -80.02
N SER A 1975 -78.00 0.27 -80.39
CA SER A 1975 -77.72 0.60 -81.78
C SER A 1975 -76.32 0.14 -82.20
N ARG A 1976 -75.34 0.22 -81.28
CA ARG A 1976 -73.99 -0.23 -81.62
C ARG A 1976 -73.94 -1.74 -81.82
N TYR A 1977 -74.61 -2.49 -80.94
CA TYR A 1977 -74.69 -3.94 -81.12
C TYR A 1977 -75.45 -4.30 -82.39
N ALA A 1978 -76.50 -3.54 -82.71
CA ALA A 1978 -77.24 -3.77 -83.93
C ALA A 1978 -76.39 -3.47 -85.17
N LEU A 1979 -75.57 -2.42 -85.10
CA LEU A 1979 -74.66 -2.09 -86.18
C LEU A 1979 -73.64 -3.20 -86.38
N LEU A 1980 -73.18 -3.79 -85.28
CA LEU A 1980 -72.32 -4.97 -85.39
C LEU A 1980 -73.07 -6.11 -86.06
N MET A 1981 -74.34 -6.30 -85.70
CA MET A 1981 -75.11 -7.41 -86.25
C MET A 1981 -75.35 -7.25 -87.74
N ARG A 1982 -75.51 -6.01 -88.22
CA ARG A 1982 -75.76 -5.80 -89.64
C ARG A 1982 -74.51 -6.01 -90.49
N ALA A 1983 -73.35 -5.56 -90.00
CA ALA A 1983 -72.09 -5.50 -90.74
C ALA A 1983 -70.95 -6.04 -89.90
N PHE A 1984 -71.14 -7.27 -89.39
CA PHE A 1984 -70.16 -7.85 -88.46
C PHE A 1984 -68.79 -8.04 -89.11
N THR A 1985 -68.73 -8.73 -90.27
CA THR A 1985 -67.50 -8.89 -91.06
C THR A 1985 -66.39 -9.55 -90.23
N MET A 1986 -66.60 -10.84 -89.95
CA MET A 1986 -65.95 -11.53 -88.84
C MET A 1986 -64.44 -11.54 -88.95
N SER A 1987 -63.77 -11.21 -87.85
CA SER A 1987 -62.32 -11.23 -87.73
C SER A 1987 -61.97 -11.44 -86.27
N ALA A 1988 -60.68 -11.62 -85.99
CA ALA A 1988 -60.22 -11.84 -84.62
C ALA A 1988 -60.48 -10.61 -83.75
N ALA A 1989 -60.14 -9.42 -84.25
CA ALA A 1989 -60.32 -8.19 -83.49
C ALA A 1989 -61.79 -7.89 -83.23
N GLU A 1990 -62.62 -8.10 -84.26
CA GLU A 1990 -64.05 -7.87 -84.11
C GLU A 1990 -64.65 -8.83 -83.10
N THR A 1991 -64.18 -10.08 -83.09
CA THR A 1991 -64.63 -11.02 -82.08
C THR A 1991 -64.16 -10.60 -80.69
N ALA A 1992 -62.97 -9.99 -80.58
CA ALA A 1992 -62.51 -9.52 -79.27
C ALA A 1992 -63.43 -8.44 -78.71
N ARG A 1993 -63.73 -7.43 -79.53
CA ARG A 1993 -64.65 -6.37 -79.09
C ARG A 1993 -66.05 -6.91 -78.82
N ARG A 1994 -66.57 -7.75 -79.71
CA ARG A 1994 -67.92 -8.29 -79.56
C ARG A 1994 -68.04 -9.19 -78.33
N THR A 1995 -67.01 -9.99 -78.06
CA THR A 1995 -67.03 -10.83 -76.87
C THR A 1995 -66.96 -9.97 -75.62
N ARG A 1996 -66.11 -8.95 -75.60
CA ARG A 1996 -65.96 -8.15 -74.40
C ARG A 1996 -67.23 -7.35 -74.10
N GLU A 1997 -68.03 -7.03 -75.12
CA GLU A 1997 -69.27 -6.32 -74.84
C GLU A 1997 -70.26 -7.19 -74.07
N PHE A 1998 -70.39 -8.47 -74.43
CA PHE A 1998 -71.41 -9.35 -73.87
C PHE A 1998 -70.93 -10.15 -72.66
N ARG A 1999 -69.77 -10.80 -72.79
CA ARG A 1999 -69.31 -11.74 -71.77
C ARG A 1999 -68.99 -11.05 -70.46
N SER A 2000 -68.54 -9.81 -70.51
CA SER A 2000 -68.29 -9.07 -69.30
C SER A 2000 -69.64 -8.77 -68.62
N PRO A 2001 -69.68 -8.70 -67.29
CA PRO A 2001 -70.95 -8.46 -66.62
C PRO A 2001 -71.35 -7.00 -66.74
N PRO A 2002 -72.56 -6.63 -66.29
CA PRO A 2002 -72.92 -5.20 -66.28
C PRO A 2002 -72.01 -4.33 -65.41
N GLN A 2003 -71.42 -4.91 -64.36
CA GLN A 2003 -70.55 -4.18 -63.45
C GLN A 2003 -69.37 -3.59 -64.20
N GLU A 2004 -68.59 -4.44 -64.85
CA GLU A 2004 -67.42 -3.99 -65.58
C GLU A 2004 -67.81 -3.22 -66.83
N GLN A 2005 -68.98 -3.48 -67.40
CA GLN A 2005 -69.39 -2.74 -68.58
C GLN A 2005 -69.62 -1.28 -68.25
N ILE A 2006 -70.41 -1.00 -67.20
CA ILE A 2006 -70.64 0.39 -66.82
C ILE A 2006 -69.36 1.02 -66.30
N ASN A 2007 -68.55 0.25 -65.56
CA ASN A 2007 -67.30 0.78 -65.03
C ASN A 2007 -66.34 1.16 -66.16
N MET A 2008 -66.22 0.32 -67.19
CA MET A 2008 -65.32 0.62 -68.29
C MET A 2008 -65.85 1.76 -69.14
N LEU A 2009 -67.18 1.80 -69.35
CA LEU A 2009 -67.81 2.83 -70.16
C LEU A 2009 -67.56 4.20 -69.57
N LEU A 2010 -67.65 4.32 -68.24
CA LEU A 2010 -67.44 5.60 -67.59
C LEU A 2010 -65.97 5.86 -67.27
N HIS A 2011 -65.16 4.82 -67.10
CA HIS A 2011 -63.73 5.00 -66.87
C HIS A 2011 -63.06 5.58 -68.11
N PHE A 2012 -63.46 5.11 -69.29
CA PHE A 2012 -62.92 5.66 -70.52
C PHE A 2012 -63.30 7.12 -70.70
N LYS A 2013 -64.49 7.51 -70.22
CA LYS A 2013 -64.95 8.88 -70.40
C LYS A 2013 -64.11 9.87 -69.61
N ASP A 2014 -63.79 9.53 -68.36
CA ASP A 2014 -63.00 10.39 -67.48
C ASP A 2014 -61.54 10.01 -67.66
N GLU A 2015 -60.88 10.72 -68.57
CA GLU A 2015 -59.46 10.48 -68.81
C GLU A 2015 -58.87 11.72 -69.48
N ALA A 2016 -57.55 11.86 -69.33
CA ALA A 2016 -56.81 12.96 -69.94
C ALA A 2016 -56.41 12.56 -71.36
N ASP A 2017 -57.44 12.51 -72.21
CA ASP A 2017 -57.35 12.24 -73.65
C ASP A 2017 -57.02 10.79 -74.02
N GLU A 2018 -56.77 9.91 -73.05
CA GLU A 2018 -56.56 8.49 -73.29
C GLU A 2018 -57.87 7.72 -73.15
N GLU A 2019 -58.90 8.20 -73.85
CA GLU A 2019 -60.26 7.70 -73.59
C GLU A 2019 -60.43 6.27 -74.07
N ASP A 2020 -60.09 5.99 -75.33
CA ASP A 2020 -60.38 4.71 -75.98
C ASP A 2020 -61.88 4.39 -75.88
N CYS A 2021 -62.70 5.40 -76.11
CA CYS A 2021 -64.12 5.30 -75.83
C CYS A 2021 -64.80 4.34 -76.81
N PRO A 2022 -65.57 3.34 -76.36
CA PRO A 2022 -66.45 2.63 -77.29
C PRO A 2022 -67.68 3.40 -77.74
N LEU A 2023 -67.91 4.62 -77.23
CA LEU A 2023 -69.07 5.46 -77.48
C LEU A 2023 -68.62 6.79 -78.06
N PRO A 2024 -69.51 7.52 -78.74
CA PRO A 2024 -69.07 8.74 -79.41
C PRO A 2024 -68.89 9.89 -78.42
N GLU A 2025 -68.30 10.96 -78.94
CA GLU A 2025 -67.99 12.14 -78.15
C GLU A 2025 -69.23 12.94 -77.72
N ASP A 2026 -70.37 12.74 -78.38
CA ASP A 2026 -71.55 13.57 -78.17
C ASP A 2026 -72.09 13.43 -76.75
N ILE A 2027 -72.23 12.19 -76.28
CA ILE A 2027 -72.70 11.97 -74.92
C ILE A 2027 -71.69 12.45 -73.89
N ARG A 2028 -70.40 12.30 -74.20
CA ARG A 2028 -69.33 12.69 -73.27
C ARG A 2028 -69.33 14.19 -73.03
N GLN A 2029 -69.62 14.98 -74.07
CA GLN A 2029 -69.70 16.43 -73.89
C GLN A 2029 -70.82 16.80 -72.93
N ASP A 2030 -71.98 16.16 -73.06
CA ASP A 2030 -73.10 16.43 -72.17
C ASP A 2030 -72.77 16.06 -70.74
N LEU A 2031 -72.10 14.92 -70.55
CA LEU A 2031 -71.74 14.51 -69.19
C LEU A 2031 -70.74 15.47 -68.57
N GLN A 2032 -69.78 15.95 -69.36
CA GLN A 2032 -68.82 16.92 -68.82
C GLN A 2032 -69.51 18.22 -68.48
N ASP A 2033 -70.51 18.63 -69.28
CA ASP A 2033 -71.27 19.84 -68.95
C ASP A 2033 -72.04 19.66 -67.64
N PHE A 2034 -72.64 18.48 -67.45
CA PHE A 2034 -73.37 18.23 -66.20
C PHE A 2034 -72.43 18.21 -65.00
N HIS A 2035 -71.27 17.58 -65.14
CA HIS A 2035 -70.33 17.51 -64.03
C HIS A 2035 -69.78 18.89 -63.69
N GLN A 2036 -69.50 19.70 -64.71
CA GLN A 2036 -69.06 21.07 -64.47
C GLN A 2036 -70.15 21.87 -63.81
N ASP A 2037 -71.42 21.63 -64.18
CA ASP A 2037 -72.52 22.32 -63.53
C ASP A 2037 -72.64 21.93 -62.05
N LEU A 2038 -72.44 20.64 -61.76
CA LEU A 2038 -72.50 20.19 -60.37
C LEU A 2038 -71.37 20.80 -59.54
N LEU A 2039 -70.16 20.78 -60.08
CA LEU A 2039 -69.03 21.37 -59.38
C LEU A 2039 -69.18 22.88 -59.25
N ALA A 2040 -69.81 23.52 -60.24
CA ALA A 2040 -70.11 24.94 -60.15
C ALA A 2040 -71.16 25.22 -59.10
N HIS A 2041 -72.09 24.30 -58.90
CA HIS A 2041 -73.10 24.47 -57.86
C HIS A 2041 -72.46 24.46 -56.48
N CYS A 2042 -71.43 23.65 -56.30
CA CYS A 2042 -70.69 23.61 -55.05
C CYS A 2042 -69.78 24.84 -54.97
N GLY A 2043 -68.98 24.90 -53.91
CA GLY A 2043 -68.12 26.06 -53.70
C GLY A 2043 -66.99 26.19 -54.70
N ILE A 2044 -66.64 25.12 -55.41
CA ILE A 2044 -65.55 25.17 -56.36
C ILE A 2044 -66.00 25.99 -57.56
N GLN A 2045 -65.38 27.15 -57.76
CA GLN A 2045 -65.74 28.07 -58.83
C GLN A 2045 -64.99 27.80 -60.12
N LEU A 2046 -63.68 27.59 -60.02
CA LEU A 2046 -62.81 27.39 -61.18
C LEU A 2046 -62.83 28.60 -62.11
N GLU A 2088 -68.87 44.09 -52.83
CA GLU A 2088 -67.94 43.90 -51.73
C GLU A 2088 -68.70 43.44 -50.49
N LYS A 2089 -68.36 42.24 -50.01
CA LYS A 2089 -69.09 41.56 -48.93
C LYS A 2089 -70.58 41.44 -49.31
N LYS A 2090 -70.81 40.98 -50.53
CA LYS A 2090 -72.14 40.74 -51.09
C LYS A 2090 -72.11 39.35 -51.71
N PRO A 2091 -72.08 38.29 -50.88
CA PRO A 2091 -71.95 36.92 -51.42
C PRO A 2091 -73.09 36.50 -52.33
N GLN A 2092 -74.32 36.92 -52.02
CA GLN A 2092 -75.49 36.62 -52.84
C GLN A 2092 -75.75 35.11 -52.94
N SER A 2093 -75.39 34.36 -51.91
CA SER A 2093 -75.58 32.92 -51.90
C SER A 2093 -75.45 32.42 -50.48
N LEU A 2094 -76.13 31.31 -50.20
CA LEU A 2094 -76.14 30.76 -48.84
C LEU A 2094 -74.76 30.27 -48.43
N GLN A 2095 -74.06 29.62 -49.36
CA GLN A 2095 -72.81 28.93 -49.07
C GLN A 2095 -71.74 29.90 -48.58
N GLU A 2096 -71.60 31.04 -49.26
CA GLU A 2096 -70.64 32.05 -48.85
C GLU A 2096 -71.14 32.86 -47.66
N LEU A 2097 -72.47 33.06 -47.59
CA LEU A 2097 -73.07 33.89 -46.56
C LEU A 2097 -72.81 33.32 -45.18
N VAL A 2098 -73.12 32.04 -44.99
CA VAL A 2098 -72.98 31.47 -43.65
C VAL A 2098 -71.51 31.34 -43.25
N SER A 2099 -70.61 31.17 -44.22
CA SER A 2099 -69.18 31.12 -43.89
C SER A 2099 -68.71 32.45 -43.31
N HIS A 2100 -69.07 33.55 -43.98
CA HIS A 2100 -68.77 34.87 -43.43
C HIS A 2100 -69.45 35.09 -42.10
N MET A 2101 -70.65 34.54 -41.93
CA MET A 2101 -71.41 34.78 -40.71
C MET A 2101 -70.77 34.09 -39.51
N VAL A 2102 -70.41 32.82 -39.65
CA VAL A 2102 -69.83 32.11 -38.51
C VAL A 2102 -68.46 32.67 -38.18
N VAL A 2103 -67.71 33.13 -39.18
CA VAL A 2103 -66.44 33.80 -38.88
C VAL A 2103 -66.70 35.07 -38.08
N ARG A 2104 -67.73 35.83 -38.48
CA ARG A 2104 -68.03 37.08 -37.80
C ARG A 2104 -68.47 36.84 -36.36
N TRP A 2105 -69.22 35.77 -36.12
CA TRP A 2105 -69.55 35.40 -34.75
C TRP A 2105 -68.29 35.02 -33.98
N ALA A 2106 -67.33 34.39 -34.65
CA ALA A 2106 -66.12 33.99 -33.94
C ALA A 2106 -65.22 35.14 -33.58
N GLN A 2107 -65.31 36.28 -34.29
CA GLN A 2107 -64.42 37.40 -33.95
C GLN A 2107 -64.69 37.94 -32.55
N GLU A 2108 -65.87 38.50 -32.33
CA GLU A 2108 -66.27 39.04 -31.04
C GLU A 2108 -67.01 37.99 -30.24
N ASP A 2109 -67.10 38.24 -28.92
CA ASP A 2109 -67.88 37.42 -28.01
C ASP A 2109 -67.34 35.99 -27.98
N TYR A 2110 -66.14 35.87 -27.40
CA TYR A 2110 -65.51 34.58 -27.15
C TYR A 2110 -66.45 33.68 -26.37
N VAL A 2111 -66.91 32.61 -27.01
CA VAL A 2111 -68.08 31.87 -26.58
C VAL A 2111 -67.76 31.05 -25.35
N GLN A 2112 -68.80 30.53 -24.71
CA GLN A 2112 -68.69 29.66 -23.55
C GLN A 2112 -69.61 28.44 -23.61
N SER A 2113 -70.62 28.43 -24.48
CA SER A 2113 -71.46 27.26 -24.62
C SER A 2113 -70.74 26.19 -25.45
N PRO A 2114 -70.48 24.99 -24.92
CA PRO A 2114 -69.85 23.96 -25.76
C PRO A 2114 -70.70 23.51 -26.96
N GLU A 2115 -72.01 23.43 -26.75
CA GLU A 2115 -72.91 22.94 -27.79
C GLU A 2115 -72.94 23.88 -28.98
N LEU A 2116 -72.87 25.19 -28.71
CA LEU A 2116 -72.81 26.16 -29.79
C LEU A 2116 -71.56 26.01 -30.62
N VAL A 2117 -70.44 25.69 -29.97
CA VAL A 2117 -69.18 25.49 -30.67
C VAL A 2117 -69.29 24.32 -31.63
N ARG A 2118 -69.81 23.19 -31.13
CA ARG A 2118 -69.91 21.99 -31.95
C ARG A 2118 -70.87 22.22 -33.12
N ALA A 2119 -72.00 22.87 -32.87
CA ALA A 2119 -72.98 23.12 -33.92
C ALA A 2119 -72.41 24.07 -34.98
N MET A 2120 -71.73 25.12 -34.54
CA MET A 2120 -71.22 26.13 -35.44
C MET A 2120 -70.18 25.55 -36.38
N PHE A 2121 -69.20 24.84 -35.82
CA PHE A 2121 -68.14 24.31 -36.69
C PHE A 2121 -68.63 23.15 -37.53
N SER A 2122 -69.63 22.40 -37.04
CA SER A 2122 -70.26 21.39 -37.86
C SER A 2122 -70.93 22.02 -39.07
N LEU A 2123 -71.55 23.18 -38.87
CA LEU A 2123 -72.15 23.87 -40.01
C LEU A 2123 -71.08 24.38 -40.95
N LEU A 2124 -69.97 24.88 -40.41
CA LEU A 2124 -68.97 25.55 -41.23
C LEU A 2124 -68.27 24.56 -42.17
N HIS A 2125 -67.82 23.43 -41.63
CA HIS A 2125 -67.11 22.45 -42.46
C HIS A 2125 -68.00 21.87 -43.55
N ARG A 2126 -69.30 21.76 -43.30
CA ARG A 2126 -70.23 21.14 -44.25
C ARG A 2126 -70.32 21.90 -45.56
N GLN A 2127 -70.10 23.21 -45.54
CA GLN A 2127 -70.36 24.02 -46.73
C GLN A 2127 -69.29 23.82 -47.79
N TYR A 2128 -68.02 24.02 -47.43
CA TYR A 2128 -66.97 24.02 -48.43
C TYR A 2128 -66.64 22.64 -48.94
N ASP A 2129 -66.77 21.62 -48.09
CA ASP A 2129 -66.62 20.22 -48.49
C ASP A 2129 -67.97 19.65 -48.93
N GLY A 2130 -68.55 20.31 -49.94
CA GLY A 2130 -69.79 19.82 -50.51
C GLY A 2130 -69.61 18.49 -51.19
N LEU A 2131 -68.44 18.25 -51.77
CA LEU A 2131 -68.15 16.94 -52.33
C LEU A 2131 -68.11 15.88 -51.25
N GLY A 2132 -67.57 16.20 -50.08
CA GLY A 2132 -67.56 15.23 -48.99
C GLY A 2132 -68.95 14.89 -48.49
N GLU A 2133 -69.79 15.92 -48.33
CA GLU A 2133 -71.17 15.73 -47.92
C GLU A 2133 -71.93 14.89 -48.94
N LEU A 2134 -71.77 15.23 -50.22
CA LEU A 2134 -72.44 14.53 -51.30
C LEU A 2134 -71.99 13.07 -51.36
N LEU A 2135 -70.68 12.87 -51.31
CA LEU A 2135 -70.10 11.53 -51.37
C LEU A 2135 -70.52 10.69 -50.19
N ARG A 2136 -70.68 11.30 -49.03
CA ARG A 2136 -71.17 10.57 -47.87
C ARG A 2136 -72.64 10.24 -47.99
N ALA A 2137 -73.42 11.07 -48.70
CA ALA A 2137 -74.84 10.82 -48.82
C ALA A 2137 -75.20 9.78 -49.88
N LEU A 2138 -74.46 9.75 -50.99
CA LEU A 2138 -74.81 8.84 -52.08
C LEU A 2138 -74.82 7.34 -51.78
N PRO A 2139 -74.04 6.78 -50.84
CA PRO A 2139 -74.18 5.34 -50.55
C PRO A 2139 -75.57 4.89 -50.13
N ARG A 2140 -76.29 5.72 -49.37
CA ARG A 2140 -77.63 5.39 -48.92
C ARG A 2140 -78.73 5.89 -49.86
N ALA A 2141 -78.38 6.60 -50.94
CA ALA A 2141 -79.35 6.92 -51.96
C ALA A 2141 -79.66 5.70 -52.82
N TYR A 2142 -80.92 5.60 -53.27
CA TYR A 2142 -81.36 4.42 -54.03
C TYR A 2142 -82.66 4.76 -54.72
N THR A 2143 -82.70 4.57 -56.05
CA THR A 2143 -83.89 4.82 -56.86
C THR A 2143 -84.73 3.56 -57.02
N ILE A 2144 -86.02 3.78 -57.32
CA ILE A 2144 -87.00 2.71 -57.47
C ILE A 2144 -88.00 3.10 -58.56
N SER A 2145 -88.84 2.14 -58.93
CA SER A 2145 -89.81 2.28 -59.99
C SER A 2145 -90.95 3.21 -59.57
N PRO A 2146 -91.74 3.72 -60.53
CA PRO A 2146 -93.02 4.33 -60.15
C PRO A 2146 -94.00 3.37 -59.55
N SER A 2147 -93.97 2.10 -59.95
CA SER A 2147 -95.05 1.19 -59.62
C SER A 2147 -95.04 0.79 -58.16
N SER A 2148 -93.87 0.59 -57.58
CA SER A 2148 -93.72 0.00 -56.25
C SER A 2148 -93.70 1.04 -55.12
N VAL A 2149 -94.12 2.28 -55.39
CA VAL A 2149 -94.10 3.29 -54.34
C VAL A 2149 -95.13 2.99 -53.25
N GLU A 2150 -96.25 2.36 -53.62
CA GLU A 2150 -97.31 2.12 -52.64
C GLU A 2150 -96.88 1.13 -51.56
N ASP A 2151 -96.17 0.07 -51.95
CA ASP A 2151 -95.72 -0.92 -50.96
C ASP A 2151 -94.66 -0.35 -50.03
N THR A 2152 -93.88 0.61 -50.53
CA THR A 2152 -92.87 1.25 -49.70
C THR A 2152 -93.49 2.04 -48.55
N MET A 2153 -94.74 2.48 -48.68
CA MET A 2153 -95.40 3.13 -47.56
C MET A 2153 -95.61 2.17 -46.40
N SER A 2154 -96.03 0.94 -46.71
CA SER A 2154 -96.16 -0.10 -45.70
C SER A 2154 -94.82 -0.38 -45.05
N LEU A 2155 -93.77 -0.51 -45.88
CA LEU A 2155 -92.43 -0.79 -45.37
C LEU A 2155 -91.92 0.35 -44.48
N LEU A 2156 -91.99 1.58 -44.99
CA LEU A 2156 -91.40 2.71 -44.29
C LEU A 2156 -92.16 3.05 -43.03
N GLU A 2157 -93.49 2.99 -43.06
CA GLU A 2157 -94.25 3.30 -41.87
C GLU A 2157 -94.06 2.24 -40.79
N CYS A 2158 -93.92 0.97 -41.21
CA CYS A 2158 -93.59 -0.07 -40.25
C CYS A 2158 -92.20 0.15 -39.66
N LEU A 2159 -91.27 0.62 -40.49
CA LEU A 2159 -89.93 0.90 -40.01
C LEU A 2159 -89.93 2.07 -39.03
N GLY A 2160 -90.77 3.06 -39.29
CA GLY A 2160 -90.92 4.17 -38.36
C GLY A 2160 -91.49 3.72 -37.03
N GLN A 2161 -92.43 2.76 -37.07
CA GLN A 2161 -92.91 2.16 -35.84
C GLN A 2161 -91.78 1.48 -35.08
N ILE A 2162 -90.91 0.76 -35.80
CA ILE A 2162 -89.82 0.04 -35.15
C ILE A 2162 -88.84 1.03 -34.51
N ARG A 2163 -88.47 2.06 -35.26
CA ARG A 2163 -87.51 3.04 -34.75
C ARG A 2163 -88.07 3.82 -33.58
N SER A 2164 -89.37 4.14 -33.63
CA SER A 2164 -89.99 4.84 -32.52
C SER A 2164 -90.05 3.95 -31.28
N LEU A 2165 -90.37 2.67 -31.46
CA LEU A 2165 -90.43 1.75 -30.32
C LEU A 2165 -89.05 1.33 -29.82
N LEU A 2166 -87.97 1.66 -30.52
CA LEU A 2166 -86.64 1.31 -30.06
C LEU A 2166 -86.30 1.99 -28.74
N ILE A 2167 -86.69 3.26 -28.59
CA ILE A 2167 -86.20 4.05 -27.47
C ILE A 2167 -86.90 3.69 -26.16
N VAL A 2168 -88.12 3.17 -26.21
CA VAL A 2168 -88.92 2.99 -25.02
C VAL A 2168 -88.46 1.74 -24.28
N GLN A 2169 -88.53 1.78 -22.96
CA GLN A 2169 -88.23 0.59 -22.16
C GLN A 2169 -89.27 -0.48 -22.44
N MET A 2170 -88.81 -1.72 -22.44
CA MET A 2170 -89.61 -2.82 -22.97
C MET A 2170 -90.72 -3.18 -22.00
N GLY A 2171 -91.83 -3.65 -22.57
CA GLY A 2171 -92.99 -4.06 -21.80
C GLY A 2171 -93.90 -4.98 -22.61
N PRO A 2172 -94.92 -5.55 -21.97
CA PRO A 2172 -95.74 -6.56 -22.69
C PRO A 2172 -96.53 -6.02 -23.88
N GLN A 2173 -97.00 -4.78 -23.83
CA GLN A 2173 -97.89 -4.26 -24.87
C GLN A 2173 -97.14 -4.06 -26.18
N GLU A 2174 -95.98 -3.40 -26.09
CA GLU A 2174 -95.17 -3.15 -27.28
C GLU A 2174 -94.62 -4.43 -27.90
N GLU A 2175 -94.54 -5.52 -27.15
CA GLU A 2175 -94.08 -6.79 -27.71
C GLU A 2175 -95.03 -7.27 -28.79
N ASN A 2176 -96.32 -7.34 -28.44
CA ASN A 2176 -97.35 -7.71 -29.40
C ASN A 2176 -97.42 -6.71 -30.53
N LEU A 2177 -97.23 -5.42 -30.22
CA LEU A 2177 -97.25 -4.44 -31.30
C LEU A 2177 -96.04 -4.59 -32.23
N MET A 2178 -94.87 -4.92 -31.68
CA MET A 2178 -93.64 -4.97 -32.46
C MET A 2178 -93.66 -6.13 -33.45
N ILE A 2179 -94.27 -7.26 -33.03
CA ILE A 2179 -94.38 -8.40 -33.94
C ILE A 2179 -95.20 -8.05 -35.18
N GLN A 2180 -96.15 -7.11 -35.09
CA GLN A 2180 -96.94 -6.75 -36.26
C GLN A 2180 -96.09 -6.07 -37.32
N SER A 2181 -95.21 -5.16 -36.89
CA SER A 2181 -94.30 -4.49 -37.80
C SER A 2181 -93.36 -5.49 -38.44
N ILE A 2182 -92.80 -6.40 -37.64
CA ILE A 2182 -91.88 -7.40 -38.17
C ILE A 2182 -92.61 -8.33 -39.14
N GLY A 2183 -93.84 -8.69 -38.83
CA GLY A 2183 -94.59 -9.58 -39.69
C GLY A 2183 -94.93 -8.96 -41.02
N ASN A 2184 -95.36 -7.70 -41.01
CA ASN A 2184 -95.71 -7.05 -42.28
C ASN A 2184 -94.49 -6.82 -43.14
N ILE A 2185 -93.39 -6.35 -42.54
CA ILE A 2185 -92.21 -6.05 -43.35
C ILE A 2185 -91.57 -7.33 -43.86
N MET A 2186 -91.59 -8.40 -43.06
CA MET A 2186 -90.99 -9.66 -43.49
C MET A 2186 -91.75 -10.27 -44.67
N ASN A 2187 -93.08 -10.24 -44.60
CA ASN A 2187 -93.97 -10.77 -45.63
C ASN A 2187 -94.58 -9.69 -46.50
N ASN A 2188 -93.84 -8.61 -46.76
CA ASN A 2188 -94.40 -7.52 -47.52
C ASN A 2188 -94.52 -7.91 -48.98
N LYS A 2189 -93.36 -8.10 -49.62
CA LYS A 2189 -93.10 -8.37 -51.05
C LYS A 2189 -91.81 -7.64 -51.40
N VAL A 2190 -91.77 -6.35 -51.07
CA VAL A 2190 -90.66 -5.50 -51.44
C VAL A 2190 -89.38 -5.92 -50.74
N PHE A 2191 -89.49 -6.54 -49.56
CA PHE A 2191 -88.30 -7.05 -48.89
C PHE A 2191 -87.63 -8.16 -49.68
N TYR A 2192 -88.39 -8.91 -50.50
CA TYR A 2192 -87.79 -9.92 -51.35
C TYR A 2192 -86.85 -9.28 -52.36
N GLN A 2193 -87.27 -8.15 -52.93
CA GLN A 2193 -86.55 -7.47 -53.99
C GLN A 2193 -85.65 -6.39 -53.40
N HIS A 2194 -84.67 -5.96 -54.21
CA HIS A 2194 -83.78 -4.84 -53.91
C HIS A 2194 -83.04 -4.98 -52.59
N PRO A 2195 -82.18 -6.00 -52.42
CA PRO A 2195 -81.46 -6.12 -51.15
C PRO A 2195 -80.45 -5.02 -50.90
N ASN A 2196 -80.04 -4.28 -51.94
CA ASN A 2196 -79.15 -3.14 -51.74
C ASN A 2196 -79.82 -2.07 -50.89
N LEU A 2197 -81.11 -1.84 -51.13
CA LEU A 2197 -81.88 -0.92 -50.30
C LEU A 2197 -81.97 -1.43 -48.87
N MET A 2198 -82.14 -2.74 -48.70
CA MET A 2198 -82.23 -3.29 -47.35
C MET A 2198 -80.88 -3.21 -46.63
N ARG A 2199 -79.78 -3.35 -47.35
CA ARG A 2199 -78.48 -3.13 -46.75
C ARG A 2199 -78.30 -1.67 -46.37
N ALA A 2200 -78.88 -0.76 -47.15
CA ALA A 2200 -79.01 0.61 -46.70
C ALA A 2200 -80.05 0.68 -45.58
N LEU A 2201 -80.12 1.85 -44.94
CA LEU A 2201 -81.02 2.22 -43.85
C LEU A 2201 -80.67 1.58 -42.51
N GLY A 2202 -79.71 0.67 -42.44
CA GLY A 2202 -79.32 0.06 -41.17
C GLY A 2202 -80.41 -0.73 -40.51
N MET A 2203 -81.29 -1.35 -41.29
CA MET A 2203 -82.40 -2.09 -40.70
C MET A 2203 -81.93 -3.36 -40.01
N HIS A 2204 -80.93 -4.05 -40.57
CA HIS A 2204 -80.39 -5.22 -39.89
C HIS A 2204 -79.72 -4.83 -38.59
N GLU A 2205 -79.01 -3.70 -38.58
CA GLU A 2205 -78.47 -3.16 -37.33
C GLU A 2205 -79.57 -2.82 -36.35
N THR A 2206 -80.70 -2.31 -36.86
CA THR A 2206 -81.80 -1.91 -36.00
C THR A 2206 -82.43 -3.12 -35.31
N VAL A 2207 -82.65 -4.19 -36.08
CA VAL A 2207 -83.20 -5.41 -35.50
C VAL A 2207 -82.21 -6.00 -34.50
N MET A 2208 -80.92 -5.91 -34.81
CA MET A 2208 -79.90 -6.35 -33.87
C MET A 2208 -79.91 -5.51 -32.60
N GLU A 2209 -80.16 -4.20 -32.77
CA GLU A 2209 -80.18 -3.28 -31.64
C GLU A 2209 -81.29 -3.61 -30.68
N VAL A 2210 -82.48 -3.92 -31.21
CA VAL A 2210 -83.57 -4.31 -30.31
C VAL A 2210 -83.27 -5.66 -29.68
N MET A 2211 -82.61 -6.57 -30.40
CA MET A 2211 -82.37 -7.89 -29.84
C MET A 2211 -81.38 -7.85 -28.69
N VAL A 2212 -80.34 -7.01 -28.79
CA VAL A 2212 -79.32 -6.98 -27.74
C VAL A 2212 -79.90 -6.44 -26.44
N ASN A 2213 -80.89 -5.56 -26.51
CA ASN A 2213 -81.47 -4.97 -25.30
C ASN A 2213 -82.18 -6.03 -24.46
N VAL A 2214 -83.03 -6.83 -25.09
CA VAL A 2214 -83.70 -7.90 -24.36
C VAL A 2214 -82.70 -8.96 -23.95
N LEU A 2215 -81.72 -9.27 -24.81
CA LEU A 2215 -80.69 -10.23 -24.41
C LEU A 2215 -79.76 -9.65 -23.35
N GLY A 2216 -79.59 -8.34 -23.31
CA GLY A 2216 -78.69 -7.74 -22.36
C GLY A 2216 -79.18 -7.88 -20.93
N GLY A 2217 -78.24 -7.71 -20.00
CA GLY A 2217 -78.46 -7.84 -18.57
C GLY A 2217 -77.40 -8.69 -17.90
N GLY A 2218 -76.97 -9.74 -18.59
CA GLY A 2218 -75.90 -10.61 -18.11
C GLY A 2218 -76.37 -11.81 -17.31
N GLU A 2219 -77.37 -11.62 -16.45
CA GLU A 2219 -77.85 -12.73 -15.64
C GLU A 2219 -78.59 -13.75 -16.50
N THR A 2220 -78.61 -15.00 -16.01
CA THR A 2220 -79.34 -16.06 -16.70
C THR A 2220 -80.84 -15.80 -16.72
N LYS A 2221 -81.36 -15.07 -15.72
CA LYS A 2221 -82.77 -14.70 -15.65
C LYS A 2221 -83.07 -13.39 -16.37
N GLU A 2222 -82.24 -12.99 -17.35
CA GLU A 2222 -82.49 -11.82 -18.20
C GLU A 2222 -83.23 -12.17 -19.48
N ILE A 2223 -84.06 -13.22 -19.45
CA ILE A 2223 -84.77 -13.74 -20.63
C ILE A 2223 -86.22 -13.28 -20.61
N ARG A 2224 -86.49 -12.12 -19.99
CA ARG A 2224 -87.85 -11.61 -19.95
C ARG A 2224 -88.32 -11.25 -21.35
N PHE A 2225 -89.59 -11.55 -21.61
CA PHE A 2225 -90.18 -11.47 -22.94
C PHE A 2225 -89.40 -12.35 -23.92
N PRO A 2226 -89.44 -13.70 -23.76
CA PRO A 2226 -88.66 -14.61 -24.61
C PRO A 2226 -89.40 -15.01 -25.88
N LYS A 2227 -89.94 -14.02 -26.60
CA LYS A 2227 -90.57 -14.20 -27.89
C LYS A 2227 -89.95 -13.28 -28.94
N MET A 2228 -89.48 -12.10 -28.51
CA MET A 2228 -88.80 -11.20 -29.44
C MET A 2228 -87.52 -11.81 -29.98
N VAL A 2229 -86.85 -12.64 -29.19
CA VAL A 2229 -85.64 -13.30 -29.67
C VAL A 2229 -85.97 -14.23 -30.84
N THR A 2230 -87.10 -14.94 -30.75
CA THR A 2230 -87.49 -15.86 -31.82
C THR A 2230 -87.85 -15.09 -33.09
N SER A 2231 -88.62 -14.02 -32.94
CA SER A 2231 -89.05 -13.24 -34.10
C SER A 2231 -87.86 -12.56 -34.76
N CYS A 2232 -86.95 -12.00 -33.95
CA CYS A 2232 -85.78 -11.34 -34.48
C CYS A 2232 -84.87 -12.32 -35.21
N CYS A 2233 -84.65 -13.49 -34.63
CA CYS A 2233 -83.79 -14.47 -35.26
C CYS A 2233 -84.44 -15.03 -36.52
N ARG A 2234 -85.77 -15.16 -36.54
CA ARG A 2234 -86.46 -15.62 -37.73
C ARG A 2234 -86.29 -14.64 -38.87
N PHE A 2235 -86.44 -13.35 -38.57
CA PHE A 2235 -86.27 -12.33 -39.60
C PHE A 2235 -84.83 -12.27 -40.10
N LEU A 2236 -83.86 -12.39 -39.19
CA LEU A 2236 -82.47 -12.33 -39.61
C LEU A 2236 -82.08 -13.55 -40.44
N CYS A 2237 -82.61 -14.72 -40.07
CA CYS A 2237 -82.38 -15.93 -40.85
C CYS A 2237 -82.91 -15.77 -42.26
N TYR A 2238 -84.11 -15.19 -42.40
CA TYR A 2238 -84.65 -15.00 -43.74
C TYR A 2238 -83.88 -13.91 -44.48
N PHE A 2239 -83.32 -12.94 -43.75
CA PHE A 2239 -82.59 -11.85 -44.41
C PHE A 2239 -81.27 -12.34 -44.99
N CYS A 2240 -80.61 -13.28 -44.31
CA CYS A 2240 -79.33 -13.77 -44.83
C CYS A 2240 -79.51 -14.51 -46.16
N ARG A 2241 -80.62 -15.23 -46.32
CA ARG A 2241 -80.82 -16.05 -47.51
C ARG A 2241 -81.13 -15.25 -48.76
N ILE A 2242 -81.37 -13.94 -48.66
CA ILE A 2242 -81.81 -13.19 -49.83
C ILE A 2242 -80.65 -13.01 -50.80
N SER A 2243 -79.45 -12.78 -50.28
CA SER A 2243 -78.30 -12.53 -51.13
C SER A 2243 -77.02 -12.75 -50.33
N ARG A 2244 -75.92 -12.89 -51.06
CA ARG A 2244 -74.62 -13.21 -50.46
C ARG A 2244 -74.08 -12.05 -49.64
N GLN A 2245 -74.21 -10.84 -50.16
CA GLN A 2245 -73.65 -9.67 -49.50
C GLN A 2245 -74.35 -9.38 -48.19
N ASN A 2246 -75.60 -9.81 -48.03
CA ASN A 2246 -76.27 -9.69 -46.75
C ASN A 2246 -75.57 -10.54 -45.70
N GLN A 2247 -75.13 -11.74 -46.10
CA GLN A 2247 -74.35 -12.56 -45.18
C GLN A 2247 -73.02 -11.91 -44.89
N ARG A 2248 -72.43 -11.20 -45.86
CA ARG A 2248 -71.21 -10.47 -45.57
C ARG A 2248 -71.45 -9.38 -44.54
N SER A 2249 -72.58 -8.68 -44.64
CA SER A 2249 -72.89 -7.65 -43.66
C SER A 2249 -73.13 -8.25 -42.28
N MET A 2250 -73.80 -9.40 -42.23
CA MET A 2250 -74.09 -10.06 -40.95
C MET A 2250 -72.87 -10.74 -40.34
N PHE A 2251 -71.84 -11.02 -41.11
CA PHE A 2251 -70.68 -11.74 -40.60
C PHE A 2251 -69.92 -10.95 -39.53
N ASP A 2252 -70.02 -9.62 -39.53
CA ASP A 2252 -69.26 -8.81 -38.60
C ASP A 2252 -69.66 -9.01 -37.15
N HIS A 2253 -70.93 -9.36 -36.90
CA HIS A 2253 -71.46 -9.54 -35.54
C HIS A 2253 -71.31 -10.98 -35.04
N LEU A 2254 -70.67 -11.86 -35.81
CA LEU A 2254 -70.74 -13.29 -35.58
C LEU A 2254 -70.05 -13.68 -34.28
N SER A 2255 -69.00 -12.96 -33.89
CA SER A 2255 -68.36 -13.22 -32.61
C SER A 2255 -69.30 -12.93 -31.46
N TYR A 2256 -70.11 -11.89 -31.59
CA TYR A 2256 -71.00 -11.52 -30.50
C TYR A 2256 -72.13 -12.51 -30.35
N LEU A 2257 -72.66 -13.01 -31.48
CA LEU A 2257 -73.83 -13.90 -31.40
C LEU A 2257 -73.55 -15.20 -30.68
N LEU A 2258 -72.42 -15.83 -30.97
CA LEU A 2258 -72.07 -17.07 -30.30
C LEU A 2258 -71.73 -16.88 -28.83
N GLU A 2259 -71.40 -15.66 -28.40
CA GLU A 2259 -71.16 -15.41 -26.98
C GLU A 2259 -72.43 -15.65 -26.16
N ASN A 2260 -73.58 -15.25 -26.70
CA ASN A 2260 -74.88 -15.47 -26.08
C ASN A 2260 -75.55 -16.75 -26.54
N SER A 2261 -74.81 -17.69 -27.15
CA SER A 2261 -75.42 -18.92 -27.62
C SER A 2261 -75.90 -19.82 -26.49
N GLY A 2262 -75.38 -19.66 -25.28
CA GLY A 2262 -75.90 -20.40 -24.15
C GLY A 2262 -77.30 -19.96 -23.80
N ILE A 2263 -78.28 -20.80 -24.08
CA ILE A 2263 -79.70 -20.51 -23.88
C ILE A 2263 -80.36 -21.72 -23.25
N GLY A 2264 -81.69 -21.70 -23.12
CA GLY A 2264 -82.45 -22.82 -22.60
C GLY A 2264 -82.29 -24.12 -23.37
N LEU A 2265 -81.95 -24.04 -24.66
CA LEU A 2265 -81.62 -25.19 -25.51
C LEU A 2265 -82.80 -26.16 -25.60
N GLY A 2266 -83.84 -25.69 -26.31
CA GLY A 2266 -85.07 -26.44 -26.45
C GLY A 2266 -86.34 -25.63 -26.63
N MET A 2267 -86.28 -24.30 -26.54
CA MET A 2267 -87.42 -23.51 -26.95
C MET A 2267 -87.62 -23.67 -28.45
N GLN A 2268 -88.88 -23.61 -28.87
CA GLN A 2268 -89.21 -23.77 -30.27
C GLN A 2268 -88.80 -22.53 -31.06
N GLY A 2269 -88.74 -22.70 -32.37
CA GLY A 2269 -88.40 -21.60 -33.24
C GLY A 2269 -86.90 -21.35 -33.30
N SER A 2270 -86.57 -20.27 -34.01
CA SER A 2270 -85.18 -19.91 -34.21
C SER A 2270 -84.52 -19.46 -32.91
N THR A 2271 -83.20 -19.41 -32.93
CA THR A 2271 -82.35 -19.06 -31.80
C THR A 2271 -81.16 -18.27 -32.32
N PRO A 2272 -80.37 -17.62 -31.46
CA PRO A 2272 -79.16 -16.90 -31.95
C PRO A 2272 -78.15 -17.80 -32.64
N LEU A 2273 -78.00 -19.02 -32.15
CA LEU A 2273 -77.03 -19.94 -32.73
C LEU A 2273 -77.44 -20.37 -34.14
N ASP A 2274 -78.74 -20.51 -34.37
CA ASP A 2274 -79.24 -20.91 -35.68
C ASP A 2274 -78.95 -19.86 -36.73
N VAL A 2275 -79.17 -18.59 -36.41
CA VAL A 2275 -78.88 -17.53 -37.36
C VAL A 2275 -77.38 -17.41 -37.58
N ALA A 2276 -76.58 -17.66 -36.53
CA ALA A 2276 -75.13 -17.65 -36.68
C ALA A 2276 -74.68 -18.72 -37.66
N ALA A 2277 -75.29 -19.89 -37.60
CA ALA A 2277 -74.99 -20.91 -38.59
C ALA A 2277 -75.48 -20.50 -39.97
N ALA A 2278 -76.66 -19.86 -40.04
CA ALA A 2278 -77.25 -19.49 -41.32
C ALA A 2278 -76.45 -18.46 -42.07
N SER A 2279 -75.65 -17.66 -41.37
CA SER A 2279 -74.85 -16.64 -42.06
C SER A 2279 -73.83 -17.24 -43.01
N VAL A 2280 -73.13 -18.30 -42.59
CA VAL A 2280 -71.94 -18.82 -43.28
C VAL A 2280 -72.25 -20.14 -43.98
N ILE A 2281 -73.50 -20.33 -44.39
CA ILE A 2281 -73.93 -21.66 -44.84
C ILE A 2281 -73.33 -22.02 -46.20
N ASP A 2282 -73.30 -21.07 -47.14
CA ASP A 2282 -73.00 -21.33 -48.55
C ASP A 2282 -72.15 -20.22 -49.14
N ASN A 2283 -71.16 -19.75 -48.39
CA ASN A 2283 -70.35 -18.60 -48.79
C ASN A 2283 -69.08 -19.01 -49.52
N ASN A 2284 -68.29 -19.91 -48.91
CA ASN A 2284 -67.01 -20.43 -49.40
C ASN A 2284 -65.85 -19.43 -49.30
N GLU A 2285 -66.07 -18.24 -48.73
CA GLU A 2285 -65.01 -17.31 -48.34
C GLU A 2285 -65.17 -16.86 -46.90
N LEU A 2286 -66.40 -16.68 -46.43
CA LEU A 2286 -66.62 -16.38 -45.03
C LEU A 2286 -66.22 -17.55 -44.15
N ALA A 2287 -66.35 -18.77 -44.67
CA ALA A 2287 -65.90 -19.94 -43.95
C ALA A 2287 -64.40 -19.88 -43.69
N LEU A 2288 -63.65 -19.43 -44.68
CA LEU A 2288 -62.22 -19.22 -44.49
C LEU A 2288 -61.95 -18.11 -43.49
N ALA A 2289 -62.82 -17.11 -43.43
CA ALA A 2289 -62.61 -15.95 -42.58
C ALA A 2289 -62.83 -16.22 -41.09
N LEU A 2290 -63.32 -17.40 -40.71
CA LEU A 2290 -63.57 -17.67 -39.30
C LEU A 2290 -62.26 -17.73 -38.52
N GLN A 2291 -62.27 -17.09 -37.36
CA GLN A 2291 -61.12 -17.06 -36.47
C GLN A 2291 -61.19 -18.23 -35.50
N GLU A 2292 -60.03 -18.59 -34.97
CA GLU A 2292 -59.93 -19.73 -34.05
C GLU A 2292 -60.69 -19.48 -32.75
N GLN A 2293 -60.74 -18.21 -32.32
CA GLN A 2293 -61.44 -17.83 -31.10
C GLN A 2293 -62.92 -18.14 -31.18
N ASP A 2294 -63.50 -18.06 -32.39
CA ASP A 2294 -64.91 -18.40 -32.55
C ASP A 2294 -65.12 -19.89 -32.35
N LEU A 2295 -64.22 -20.72 -32.89
CA LEU A 2295 -64.46 -22.15 -32.88
C LEU A 2295 -64.22 -22.74 -31.50
N GLU A 2296 -63.24 -22.22 -30.75
CA GLU A 2296 -63.01 -22.76 -29.42
C GLU A 2296 -64.14 -22.44 -28.43
N LYS A 2297 -64.94 -21.42 -28.70
CA LYS A 2297 -65.98 -21.03 -27.75
C LYS A 2297 -67.13 -22.03 -27.74
N VAL A 2298 -67.58 -22.45 -28.92
CA VAL A 2298 -68.74 -23.34 -29.01
C VAL A 2298 -68.41 -24.71 -28.45
N VAL A 2299 -67.19 -25.19 -28.71
CA VAL A 2299 -66.80 -26.50 -28.17
C VAL A 2299 -66.54 -26.39 -26.67
N SER A 2300 -66.14 -25.21 -26.18
CA SER A 2300 -66.06 -25.02 -24.73
C SER A 2300 -67.43 -25.13 -24.10
N TYR A 2301 -68.46 -24.63 -24.77
CA TYR A 2301 -69.83 -24.90 -24.28
C TYR A 2301 -70.19 -26.36 -24.40
N LEU A 2302 -69.71 -27.04 -25.45
CA LEU A 2302 -69.99 -28.46 -25.61
C LEU A 2302 -69.40 -29.31 -24.49
N ALA A 2303 -68.31 -28.84 -23.87
CA ALA A 2303 -67.73 -29.58 -22.75
C ALA A 2303 -68.71 -29.72 -21.60
N GLY A 2304 -69.47 -28.66 -21.29
CA GLY A 2304 -70.42 -28.72 -20.20
C GLY A 2304 -71.64 -29.58 -20.46
N CYS A 2305 -71.91 -29.92 -21.73
CA CYS A 2305 -73.09 -30.70 -22.06
C CYS A 2305 -73.01 -32.11 -21.48
N GLY A 2306 -71.82 -32.72 -21.52
CA GLY A 2306 -71.64 -34.03 -20.93
C GLY A 2306 -71.80 -34.03 -19.42
N LEU A 2307 -71.38 -32.96 -18.77
CA LEU A 2307 -71.45 -32.87 -17.31
C LEU A 2307 -72.86 -32.52 -16.85
N GLN A 2308 -73.39 -31.40 -17.32
CA GLN A 2308 -74.68 -30.92 -16.86
C GLN A 2308 -75.81 -31.80 -17.39
N SER A 2309 -76.93 -31.75 -16.68
CA SER A 2309 -78.07 -32.64 -16.89
C SER A 2309 -79.27 -31.95 -17.56
N CYS A 2310 -79.08 -30.75 -18.16
CA CYS A 2310 -80.17 -30.00 -18.82
C CYS A 2310 -81.30 -29.70 -17.85
N PRO A 2311 -81.13 -28.75 -16.91
CA PRO A 2311 -82.15 -28.55 -15.85
C PRO A 2311 -83.55 -28.12 -16.31
N MET A 2312 -83.71 -27.62 -17.55
CA MET A 2312 -85.04 -27.31 -18.05
C MET A 2312 -85.90 -28.57 -18.14
N LEU A 2313 -85.32 -29.66 -18.63
CA LEU A 2313 -86.05 -30.92 -18.65
C LEU A 2313 -86.19 -31.54 -17.26
N LEU A 2314 -85.34 -31.15 -16.30
CA LEU A 2314 -85.57 -31.58 -14.93
C LEU A 2314 -86.85 -30.96 -14.39
N ALA A 2315 -87.07 -29.67 -14.68
CA ALA A 2315 -88.37 -29.09 -14.33
C ALA A 2315 -89.49 -29.67 -15.18
N LYS A 2316 -89.19 -30.13 -16.40
CA LYS A 2316 -90.22 -30.75 -17.23
C LYS A 2316 -90.75 -32.04 -16.59
N GLY A 2317 -89.85 -32.86 -16.04
CA GLY A 2317 -90.22 -34.13 -15.43
C GLY A 2317 -89.23 -35.26 -15.62
N TYR A 2318 -88.27 -35.10 -16.53
CA TYR A 2318 -87.32 -36.16 -16.79
C TYR A 2318 -86.35 -36.30 -15.62
N PRO A 2319 -86.17 -37.52 -15.05
CA PRO A 2319 -85.59 -37.61 -13.71
C PRO A 2319 -84.12 -37.23 -13.59
N ASP A 2320 -83.24 -37.89 -14.35
CA ASP A 2320 -81.81 -37.64 -14.24
C ASP A 2320 -81.04 -38.32 -15.36
N ILE A 2321 -80.26 -37.54 -16.10
CA ILE A 2321 -79.27 -38.05 -17.04
C ILE A 2321 -78.02 -37.19 -16.91
N GLY A 2322 -76.85 -37.83 -16.92
CA GLY A 2322 -75.62 -37.09 -16.75
C GLY A 2322 -75.32 -36.16 -17.92
N TRP A 2323 -75.62 -36.60 -19.13
CA TRP A 2323 -75.25 -35.88 -20.35
C TRP A 2323 -76.34 -34.88 -20.72
N ASN A 2324 -76.09 -34.13 -21.79
CA ASN A 2324 -77.04 -33.20 -22.40
C ASN A 2324 -77.00 -33.38 -23.92
N PRO A 2325 -77.58 -34.47 -24.44
CA PRO A 2325 -77.59 -34.66 -25.90
C PRO A 2325 -78.32 -33.57 -26.66
N CYS A 2326 -79.41 -33.05 -26.10
CA CYS A 2326 -80.21 -32.02 -26.78
C CYS A 2326 -79.41 -30.74 -26.96
N GLY A 2327 -78.70 -30.31 -25.92
CA GLY A 2327 -77.87 -29.14 -26.05
C GLY A 2327 -76.71 -29.35 -26.99
N GLY A 2328 -76.12 -30.54 -26.96
CA GLY A 2328 -74.98 -30.83 -27.81
C GLY A 2328 -75.33 -30.85 -29.30
N GLU A 2329 -76.55 -31.30 -29.64
CA GLU A 2329 -76.90 -31.49 -31.04
C GLU A 2329 -76.92 -30.17 -31.81
N ARG A 2330 -77.42 -29.10 -31.18
CA ARG A 2330 -77.50 -27.81 -31.84
C ARG A 2330 -76.11 -27.23 -32.11
N TYR A 2331 -75.22 -27.35 -31.13
CA TYR A 2331 -73.86 -26.87 -31.28
C TYR A 2331 -73.14 -27.67 -32.35
N LEU A 2332 -73.36 -28.99 -32.38
CA LEU A 2332 -72.75 -29.81 -33.40
C LEU A 2332 -73.32 -29.52 -34.79
N ASP A 2333 -74.59 -29.09 -34.86
CA ASP A 2333 -75.15 -28.72 -36.15
C ASP A 2333 -74.45 -27.49 -36.70
N PHE A 2334 -74.23 -26.48 -35.85
CA PHE A 2334 -73.48 -25.30 -36.30
C PHE A 2334 -72.05 -25.67 -36.68
N LEU A 2335 -71.43 -26.57 -35.92
CA LEU A 2335 -70.11 -27.06 -36.29
C LEU A 2335 -70.13 -27.81 -37.61
N ARG A 2336 -71.24 -28.49 -37.92
CA ARG A 2336 -71.38 -29.14 -39.21
C ARG A 2336 -71.35 -28.13 -40.34
N PHE A 2337 -72.10 -27.04 -40.19
CA PHE A 2337 -72.22 -26.08 -41.30
C PHE A 2337 -70.92 -25.36 -41.62
N ALA A 2338 -69.90 -25.42 -40.76
CA ALA A 2338 -68.64 -24.78 -41.06
C ALA A 2338 -67.91 -25.45 -42.24
N VAL A 2339 -68.06 -26.76 -42.41
CA VAL A 2339 -67.08 -27.56 -43.13
C VAL A 2339 -67.56 -27.97 -44.52
N PHE A 2340 -68.82 -28.39 -44.68
CA PHE A 2340 -69.28 -28.94 -45.97
C PHE A 2340 -69.80 -27.85 -46.91
N VAL A 2341 -68.98 -26.81 -47.10
CA VAL A 2341 -69.36 -25.67 -47.90
C VAL A 2341 -69.26 -26.09 -49.36
N ASN A 2342 -70.41 -26.21 -50.03
CA ASN A 2342 -70.48 -26.54 -51.45
C ASN A 2342 -69.91 -27.93 -51.74
N GLY A 2343 -70.20 -28.88 -50.85
CA GLY A 2343 -69.81 -30.26 -51.06
C GLY A 2343 -68.32 -30.50 -51.09
N GLU A 2344 -67.61 -29.94 -50.12
CA GLU A 2344 -66.16 -30.07 -49.98
C GLU A 2344 -65.87 -30.25 -48.50
N SER A 2345 -64.61 -30.05 -48.12
CA SER A 2345 -64.24 -30.02 -46.71
C SER A 2345 -63.03 -29.12 -46.59
N VAL A 2346 -63.22 -27.92 -46.04
CA VAL A 2346 -62.13 -26.97 -45.91
C VAL A 2346 -61.13 -27.48 -44.88
N GLU A 2347 -59.85 -27.40 -45.23
CA GLU A 2347 -58.83 -28.05 -44.42
C GLU A 2347 -58.54 -27.27 -43.15
N GLU A 2348 -58.53 -25.94 -43.22
CA GLU A 2348 -58.03 -25.13 -42.11
C GLU A 2348 -58.96 -25.22 -40.90
N ASN A 2349 -60.26 -24.98 -41.14
CA ASN A 2349 -61.24 -25.06 -40.05
C ASN A 2349 -61.36 -26.49 -39.55
N ALA A 2350 -61.27 -27.45 -40.46
CA ALA A 2350 -61.34 -28.86 -40.07
C ALA A 2350 -60.17 -29.24 -39.19
N ASN A 2351 -58.98 -28.74 -39.51
CA ASN A 2351 -57.79 -29.01 -38.70
C ASN A 2351 -57.95 -28.47 -37.30
N VAL A 2352 -58.39 -27.21 -37.19
CA VAL A 2352 -58.56 -26.62 -35.86
C VAL A 2352 -59.65 -27.36 -35.08
N VAL A 2353 -60.69 -27.81 -35.79
CA VAL A 2353 -61.78 -28.51 -35.14
C VAL A 2353 -61.30 -29.85 -34.59
N VAL A 2354 -60.50 -30.60 -35.36
CA VAL A 2354 -60.10 -31.92 -34.90
C VAL A 2354 -59.10 -31.82 -33.75
N ARG A 2355 -58.24 -30.79 -33.76
CA ARG A 2355 -57.38 -30.60 -32.59
C ARG A 2355 -58.21 -30.26 -31.35
N LEU A 2356 -59.20 -29.37 -31.48
CA LEU A 2356 -59.98 -29.00 -30.32
C LEU A 2356 -60.91 -30.13 -29.86
N LEU A 2357 -61.36 -30.96 -30.80
CA LEU A 2357 -62.30 -32.03 -30.47
C LEU A 2357 -61.68 -33.17 -29.69
N ILE A 2358 -60.36 -33.26 -29.62
CA ILE A 2358 -59.74 -34.29 -28.81
C ILE A 2358 -59.97 -34.00 -27.33
N ARG A 2359 -59.85 -32.72 -26.94
CA ARG A 2359 -59.83 -32.36 -25.53
C ARG A 2359 -61.23 -32.24 -24.94
N LYS A 2360 -62.04 -31.32 -25.46
CA LYS A 2360 -63.25 -30.93 -24.73
C LYS A 2360 -64.37 -31.98 -24.82
N PRO A 2361 -64.55 -32.68 -25.97
CA PRO A 2361 -65.35 -33.91 -25.94
C PRO A 2361 -64.74 -35.14 -25.27
N GLU A 2362 -63.72 -34.99 -24.41
CA GLU A 2362 -63.37 -36.05 -23.46
C GLU A 2362 -64.49 -36.34 -22.45
N CYS A 2363 -65.44 -35.41 -22.28
CA CYS A 2363 -66.69 -35.67 -21.57
C CYS A 2363 -67.61 -36.50 -22.47
N PHE A 2364 -68.90 -36.59 -22.10
CA PHE A 2364 -69.85 -37.62 -22.56
C PHE A 2364 -69.43 -38.99 -22.02
N GLY A 2365 -69.08 -39.01 -20.74
CA GLY A 2365 -68.88 -40.24 -20.01
C GLY A 2365 -67.65 -41.00 -20.45
N PRO A 2366 -67.40 -42.15 -19.84
CA PRO A 2366 -66.29 -43.01 -20.27
C PRO A 2366 -66.59 -43.89 -21.47
N ALA A 2367 -67.72 -43.72 -22.14
CA ALA A 2367 -68.07 -44.57 -23.26
C ALA A 2367 -67.17 -44.30 -24.45
N LEU A 2368 -67.24 -43.09 -24.99
CA LEU A 2368 -66.40 -42.67 -26.11
C LEU A 2368 -65.05 -42.10 -25.67
N ARG A 2369 -64.90 -41.77 -24.39
CA ARG A 2369 -63.60 -41.32 -23.90
C ARG A 2369 -62.56 -42.41 -23.99
N GLY A 2370 -62.95 -43.68 -23.88
CA GLY A 2370 -62.06 -44.81 -23.86
C GLY A 2370 -61.71 -45.31 -22.48
N GLU A 2371 -61.93 -44.50 -21.44
CA GLU A 2371 -61.73 -44.98 -20.07
C GLU A 2371 -62.68 -46.11 -19.68
N GLY A 2372 -63.82 -46.23 -20.36
CA GLY A 2372 -64.79 -47.29 -20.12
C GLY A 2372 -64.63 -48.40 -21.13
N GLY A 2373 -65.46 -48.37 -22.17
CA GLY A 2373 -65.46 -49.40 -23.18
C GLY A 2373 -66.82 -49.69 -23.80
N SER A 2374 -67.89 -49.11 -23.27
CA SER A 2374 -69.21 -49.22 -23.90
C SER A 2374 -69.15 -48.48 -25.23
N GLY A 2375 -69.09 -49.24 -26.32
CA GLY A 2375 -68.91 -48.66 -27.62
C GLY A 2375 -70.19 -48.02 -28.12
N LEU A 2376 -70.13 -47.61 -29.38
CA LEU A 2376 -71.29 -47.02 -30.03
C LEU A 2376 -72.42 -48.02 -30.14
N LEU A 2377 -72.08 -49.28 -30.45
CA LEU A 2377 -73.10 -50.32 -30.48
C LEU A 2377 -73.68 -50.55 -29.09
N ALA A 2378 -72.83 -50.52 -28.06
CA ALA A 2378 -73.31 -50.70 -26.70
C ALA A 2378 -74.23 -49.55 -26.28
N ALA A 2379 -73.83 -48.32 -26.57
CA ALA A 2379 -74.66 -47.18 -26.22
C ALA A 2379 -75.96 -47.16 -27.02
N ILE A 2380 -75.91 -47.55 -28.29
CA ILE A 2380 -77.11 -47.54 -29.11
C ILE A 2380 -78.06 -48.64 -28.67
N GLU A 2381 -77.52 -49.81 -28.30
CA GLU A 2381 -78.35 -50.87 -27.77
C GLU A 2381 -78.99 -50.46 -26.44
N GLU A 2382 -78.22 -49.75 -25.62
CA GLU A 2382 -78.76 -49.21 -24.37
C GLU A 2382 -79.86 -48.19 -24.65
N ALA A 2383 -79.66 -47.36 -25.67
CA ALA A 2383 -80.65 -46.36 -26.04
C ALA A 2383 -81.91 -47.02 -26.56
N ILE A 2384 -81.76 -48.11 -27.31
CA ILE A 2384 -82.93 -48.86 -27.78
C ILE A 2384 -83.64 -49.49 -26.60
N ARG A 2385 -82.90 -49.96 -25.60
CA ARG A 2385 -83.50 -50.50 -24.39
C ARG A 2385 -84.32 -49.45 -23.66
N ILE A 2386 -83.80 -48.23 -23.56
CA ILE A 2386 -84.58 -47.14 -22.98
C ILE A 2386 -85.75 -46.76 -23.89
N SER A 2387 -85.58 -46.89 -25.21
CA SER A 2387 -86.63 -46.45 -26.14
C SER A 2387 -87.85 -47.34 -26.03
N GLU A 2388 -87.66 -48.66 -26.00
CA GLU A 2388 -88.80 -49.55 -25.83
C GLU A 2388 -89.36 -49.49 -24.41
N ASP A 2389 -88.51 -49.16 -23.41
CA ASP A 2389 -88.91 -49.09 -22.00
C ASP A 2389 -89.12 -47.65 -21.57
N PRO A 2390 -90.34 -47.09 -21.64
CA PRO A 2390 -90.53 -45.71 -21.15
C PRO A 2390 -90.40 -45.55 -19.64
N ALA A 2391 -90.36 -46.63 -18.86
CA ALA A 2391 -90.29 -46.50 -17.41
C ALA A 2391 -88.96 -45.90 -16.97
N ARG A 2392 -87.86 -46.30 -17.60
CA ARG A 2392 -86.55 -45.81 -17.19
C ARG A 2392 -86.40 -44.32 -17.46
N ASP A 2393 -86.72 -43.90 -18.67
CA ASP A 2393 -86.79 -42.47 -18.97
C ASP A 2393 -88.03 -41.86 -18.33
N GLY A 2394 -88.10 -40.53 -18.37
CA GLY A 2394 -89.21 -39.83 -17.77
C GLY A 2394 -90.44 -39.88 -18.64
N PRO A 2395 -91.53 -39.26 -18.15
CA PRO A 2395 -92.78 -39.25 -18.92
C PRO A 2395 -92.77 -38.27 -20.08
N ARG A 2415 -92.67 -35.08 -27.08
CA ARG A 2415 -91.70 -34.58 -28.04
C ARG A 2415 -90.34 -35.24 -27.84
N VAL A 2416 -89.67 -34.88 -26.76
CA VAL A 2416 -88.31 -35.33 -26.50
C VAL A 2416 -88.35 -36.71 -25.83
N HIS A 2417 -87.46 -37.59 -26.29
CA HIS A 2417 -87.21 -38.88 -25.67
C HIS A 2417 -85.70 -39.05 -25.53
N LEU A 2418 -85.26 -39.51 -24.35
CA LEU A 2418 -83.83 -39.60 -24.08
C LEU A 2418 -83.14 -40.63 -24.98
N GLY A 2419 -83.80 -41.75 -25.26
CA GLY A 2419 -83.21 -42.75 -26.15
C GLY A 2419 -83.03 -42.22 -27.57
N HIS A 2420 -84.08 -41.59 -28.10
CA HIS A 2420 -83.98 -40.98 -29.41
C HIS A 2420 -82.98 -39.83 -29.39
N ALA A 2421 -82.87 -39.13 -28.26
CA ALA A 2421 -81.90 -38.04 -28.14
C ALA A 2421 -80.48 -38.56 -28.24
N ILE A 2422 -80.18 -39.68 -27.58
CA ILE A 2422 -78.84 -40.23 -27.62
C ILE A 2422 -78.52 -40.75 -29.02
N MET A 2423 -79.52 -41.36 -29.68
CA MET A 2423 -79.38 -41.80 -31.06
C MET A 2423 -79.03 -40.62 -31.97
N SER A 2424 -79.78 -39.54 -31.84
CA SER A 2424 -79.57 -38.36 -32.68
C SER A 2424 -78.24 -37.70 -32.40
N PHE A 2425 -77.82 -37.68 -31.13
CA PHE A 2425 -76.57 -37.03 -30.75
C PHE A 2425 -75.38 -37.75 -31.37
N TYR A 2426 -75.31 -39.08 -31.20
CA TYR A 2426 -74.17 -39.79 -31.75
C TYR A 2426 -74.19 -39.81 -33.28
N ALA A 2427 -75.38 -39.85 -33.90
CA ALA A 2427 -75.46 -39.77 -35.35
C ALA A 2427 -74.98 -38.41 -35.86
N ALA A 2428 -75.29 -37.32 -35.16
CA ALA A 2428 -74.77 -36.03 -35.58
C ALA A 2428 -73.27 -35.91 -35.36
N LEU A 2429 -72.77 -36.54 -34.28
CA LEU A 2429 -71.34 -36.46 -33.98
C LEU A 2429 -70.53 -37.16 -35.05
N ILE A 2430 -70.95 -38.36 -35.46
CA ILE A 2430 -70.24 -39.01 -36.55
C ILE A 2430 -70.48 -38.29 -37.86
N ASP A 2431 -71.59 -37.55 -38.02
CA ASP A 2431 -71.76 -36.75 -39.23
C ASP A 2431 -70.65 -35.70 -39.35
N LEU A 2432 -70.36 -35.02 -38.23
CA LEU A 2432 -69.24 -34.07 -38.24
C LEU A 2432 -67.92 -34.78 -38.49
N LEU A 2433 -67.67 -35.87 -37.77
CA LEU A 2433 -66.37 -36.52 -37.84
C LEU A 2433 -66.11 -37.14 -39.21
N GLY A 2434 -67.13 -37.74 -39.82
CA GLY A 2434 -66.98 -38.28 -41.15
C GLY A 2434 -66.83 -37.20 -42.19
N ARG A 2435 -67.50 -36.06 -42.00
CA ARG A 2435 -67.49 -35.04 -43.05
C ARG A 2435 -66.11 -34.39 -43.17
N CYS A 2436 -65.40 -34.21 -42.07
CA CYS A 2436 -64.13 -33.48 -42.07
C CYS A 2436 -62.94 -34.40 -42.31
N ALA A 2437 -63.03 -35.25 -43.34
CA ALA A 2437 -61.89 -36.02 -43.79
C ALA A 2437 -60.99 -35.14 -44.65
N PRO A 2438 -59.71 -35.48 -44.79
CA PRO A 2438 -58.84 -34.62 -45.61
C PRO A 2438 -59.14 -34.79 -47.10
N GLU A 2439 -59.84 -33.81 -47.66
CA GLU A 2439 -60.22 -33.74 -49.07
C GLU A 2439 -61.02 -35.00 -49.42
N MET A 2440 -60.89 -35.49 -50.66
CA MET A 2440 -61.25 -36.84 -51.04
C MET A 2440 -60.02 -37.67 -51.38
N HIS A 2441 -59.23 -37.22 -52.37
CA HIS A 2441 -57.98 -37.88 -52.75
C HIS A 2441 -56.86 -36.93 -53.13
N LEU A 2442 -57.08 -35.61 -53.10
CA LEU A 2442 -56.07 -34.68 -53.58
C LEU A 2442 -54.86 -34.66 -52.66
N ILE A 2443 -55.06 -34.19 -51.42
CA ILE A 2443 -53.96 -34.15 -50.45
C ILE A 2443 -53.66 -35.52 -49.86
N GLN A 2444 -54.60 -36.47 -49.91
CA GLN A 2444 -54.35 -37.80 -49.38
C GLN A 2444 -53.25 -38.51 -50.14
N ALA A 2445 -53.12 -38.23 -51.44
CA ALA A 2445 -52.07 -38.81 -52.28
C ALA A 2445 -50.82 -37.92 -52.22
N GLY A 2446 -50.22 -37.90 -51.02
CA GLY A 2446 -48.87 -37.39 -50.82
C GLY A 2446 -48.61 -36.53 -49.60
N LYS A 2447 -49.56 -35.68 -49.21
CA LYS A 2447 -49.32 -34.76 -48.11
C LYS A 2447 -49.49 -35.46 -46.77
N GLY A 2448 -48.68 -35.07 -45.78
CA GLY A 2448 -48.65 -35.75 -44.49
C GLY A 2448 -49.79 -35.42 -43.55
N GLU A 2449 -50.35 -34.21 -43.68
CA GLU A 2449 -51.41 -33.75 -42.80
C GLU A 2449 -52.64 -34.65 -42.92
N ALA A 2450 -52.94 -35.09 -44.14
CA ALA A 2450 -54.07 -35.96 -44.39
C ALA A 2450 -53.89 -37.30 -43.68
N LEU A 2451 -52.67 -37.84 -43.73
CA LEU A 2451 -52.41 -39.13 -43.12
C LEU A 2451 -52.53 -39.07 -41.61
N ARG A 2452 -52.00 -37.99 -41.01
CA ARG A 2452 -52.10 -37.84 -39.56
C ARG A 2452 -53.55 -37.72 -39.12
N ILE A 2453 -54.32 -36.90 -39.84
CA ILE A 2453 -55.71 -36.67 -39.46
C ILE A 2453 -56.53 -37.94 -39.66
N ARG A 2454 -56.26 -38.70 -40.73
CA ARG A 2454 -57.02 -39.92 -40.96
C ARG A 2454 -56.69 -40.99 -39.94
N ALA A 2455 -55.43 -41.07 -39.52
CA ALA A 2455 -55.06 -42.08 -38.53
C ALA A 2455 -55.73 -41.82 -37.19
N ILE A 2456 -55.68 -40.58 -36.71
CA ILE A 2456 -56.36 -40.24 -35.46
C ILE A 2456 -57.86 -40.40 -35.62
N LEU A 2457 -58.38 -40.13 -36.81
CA LEU A 2457 -59.82 -40.26 -37.03
C LEU A 2457 -60.26 -41.73 -36.95
N ARG A 2458 -59.47 -42.64 -37.52
CA ARG A 2458 -59.86 -44.05 -37.49
C ARG A 2458 -59.70 -44.65 -36.11
N SER A 2459 -58.77 -44.13 -35.29
CA SER A 2459 -58.54 -44.73 -33.99
C SER A 2459 -59.75 -44.60 -33.05
N LEU A 2460 -60.41 -43.43 -33.05
CA LEU A 2460 -61.44 -43.17 -32.04
C LEU A 2460 -62.68 -44.03 -32.24
N VAL A 2461 -63.06 -44.29 -33.49
CA VAL A 2461 -64.25 -45.05 -33.86
C VAL A 2461 -63.78 -46.17 -34.77
N PRO A 2462 -63.17 -47.23 -34.24
CA PRO A 2462 -62.56 -48.23 -35.12
C PRO A 2462 -63.59 -49.06 -35.87
N LEU A 2463 -63.11 -49.70 -36.93
CA LEU A 2463 -63.95 -50.58 -37.74
C LEU A 2463 -64.40 -51.79 -36.92
N ASP A 2464 -65.33 -52.54 -37.50
CA ASP A 2464 -66.04 -53.64 -36.85
C ASP A 2464 -66.95 -53.17 -35.71
N ASP A 2465 -67.33 -51.88 -35.71
CA ASP A 2465 -68.40 -51.33 -34.91
C ASP A 2465 -69.45 -50.64 -35.76
N LEU A 2466 -69.03 -50.00 -36.85
CA LEU A 2466 -69.98 -49.48 -37.82
C LEU A 2466 -70.80 -50.59 -38.45
N VAL A 2467 -70.15 -51.71 -38.76
CA VAL A 2467 -70.84 -52.80 -39.45
C VAL A 2467 -71.89 -53.43 -38.54
N GLY A 2468 -71.62 -53.50 -37.24
CA GLY A 2468 -72.61 -54.00 -36.31
C GLY A 2468 -73.79 -53.06 -36.17
N ILE A 2469 -73.52 -51.76 -36.12
CA ILE A 2469 -74.58 -50.78 -35.89
C ILE A 2469 -75.47 -50.66 -37.12
N ILE A 2470 -74.86 -50.59 -38.30
CA ILE A 2470 -75.63 -50.50 -39.53
C ILE A 2470 -76.42 -51.79 -39.76
N SER A 2471 -75.87 -52.93 -39.36
CA SER A 2471 -76.55 -54.20 -39.53
C SER A 2471 -77.68 -54.42 -38.52
N LEU A 2472 -77.83 -53.56 -37.52
CA LEU A 2472 -78.87 -53.77 -36.52
C LEU A 2472 -80.25 -53.57 -37.15
N PRO A 2473 -81.29 -54.19 -36.58
CA PRO A 2473 -82.62 -54.06 -37.16
C PRO A 2473 -83.30 -52.78 -36.68
N LEU A 2474 -84.46 -52.52 -37.26
CA LEU A 2474 -85.32 -51.41 -36.85
C LEU A 2474 -86.76 -51.83 -37.07
N GLN A 2475 -87.63 -51.33 -36.20
CA GLN A 2475 -89.05 -51.66 -36.31
C GLN A 2475 -89.63 -51.01 -37.55
N ILE A 2476 -90.17 -51.84 -38.45
CA ILE A 2476 -90.66 -51.42 -39.76
C ILE A 2476 -92.15 -51.77 -39.80
N PRO A 2477 -93.04 -50.91 -39.31
CA PRO A 2477 -94.47 -51.22 -39.39
C PRO A 2477 -95.04 -50.87 -40.75
N THR A 2478 -96.30 -51.24 -40.95
CA THR A 2478 -97.00 -50.94 -42.19
C THR A 2478 -97.21 -49.44 -42.30
N GLN A 2487 -100.52 -49.48 -34.80
CA GLN A 2487 -99.67 -50.20 -35.73
C GLN A 2487 -98.39 -49.41 -36.06
N PRO A 2488 -98.46 -48.19 -36.61
CA PRO A 2488 -97.23 -47.49 -36.93
C PRO A 2488 -96.51 -46.99 -35.68
N LYS A 2489 -95.20 -46.80 -35.83
CA LYS A 2489 -94.32 -46.25 -34.81
C LYS A 2489 -93.84 -44.88 -35.26
N MET A 2490 -93.67 -43.98 -34.30
CA MET A 2490 -93.19 -42.64 -34.61
C MET A 2490 -91.74 -42.68 -35.08
N SER A 2491 -91.39 -41.70 -35.90
CA SER A 2491 -89.99 -41.46 -36.24
C SER A 2491 -89.20 -40.83 -35.10
N ALA A 2492 -89.86 -40.35 -34.04
CA ALA A 2492 -89.19 -39.76 -32.88
C ALA A 2492 -88.66 -40.79 -31.89
N SER A 2493 -88.65 -42.09 -32.25
CA SER A 2493 -87.98 -43.14 -31.48
C SER A 2493 -86.71 -43.63 -32.18
N PHE A 2494 -86.80 -43.89 -33.49
CA PHE A 2494 -85.64 -44.24 -34.30
C PHE A 2494 -85.85 -43.69 -35.70
N VAL A 2495 -84.74 -43.48 -36.41
CA VAL A 2495 -84.70 -42.82 -37.72
C VAL A 2495 -83.84 -43.68 -38.66
N PRO A 2496 -84.20 -43.85 -39.97
CA PRO A 2496 -83.30 -44.56 -40.90
C PRO A 2496 -82.24 -43.67 -41.55
N ASP A 2497 -82.58 -42.38 -41.69
CA ASP A 2497 -81.62 -41.42 -42.21
C ASP A 2497 -80.41 -41.29 -41.30
N HIS A 2498 -80.63 -41.40 -39.99
CA HIS A 2498 -79.51 -41.34 -39.06
C HIS A 2498 -78.70 -42.62 -39.08
N LYS A 2499 -79.29 -43.73 -39.54
CA LYS A 2499 -78.45 -44.87 -39.90
C LYS A 2499 -77.58 -44.54 -41.09
N ALA A 2500 -78.14 -43.83 -42.09
CA ALA A 2500 -77.33 -43.44 -43.24
C ALA A 2500 -76.26 -42.42 -42.88
N SER A 2501 -76.39 -41.71 -41.76
CA SER A 2501 -75.33 -40.82 -41.29
C SER A 2501 -74.05 -41.59 -41.01
N MET A 2502 -74.16 -42.81 -40.49
CA MET A 2502 -72.98 -43.65 -40.24
C MET A 2502 -72.22 -43.99 -41.52
N VAL A 2503 -72.95 -44.14 -42.63
CA VAL A 2503 -72.35 -44.53 -43.90
C VAL A 2503 -71.38 -43.48 -44.42
N LEU A 2504 -71.64 -42.21 -44.11
CA LEU A 2504 -70.80 -41.11 -44.59
C LEU A 2504 -69.40 -41.21 -44.02
N PHE A 2505 -69.25 -41.76 -42.82
CA PHE A 2505 -67.92 -41.98 -42.28
C PHE A 2505 -67.18 -43.01 -43.11
N LEU A 2506 -67.85 -44.10 -43.46
CA LEU A 2506 -67.20 -45.20 -44.14
C LEU A 2506 -66.77 -44.81 -45.55
N ASP A 2507 -67.58 -43.97 -46.21
CA ASP A 2507 -67.26 -43.63 -47.60
C ASP A 2507 -65.97 -42.83 -47.71
N ARG A 2508 -65.77 -41.86 -46.82
CA ARG A 2508 -64.67 -40.91 -46.93
C ARG A 2508 -63.41 -41.38 -46.21
N VAL A 2509 -63.56 -42.04 -45.07
CA VAL A 2509 -62.43 -42.34 -44.19
C VAL A 2509 -61.80 -43.65 -44.57
N TYR A 2510 -62.56 -44.74 -44.46
CA TYR A 2510 -61.98 -46.07 -44.56
C TYR A 2510 -61.81 -46.50 -46.01
N GLY A 2511 -62.87 -46.42 -46.80
CA GLY A 2511 -62.90 -47.07 -48.09
C GLY A 2511 -63.09 -48.57 -47.91
N ILE A 2512 -63.04 -49.28 -49.03
CA ILE A 2512 -63.28 -50.72 -49.05
C ILE A 2512 -62.47 -51.33 -50.19
N GLU A 2513 -61.74 -52.42 -49.89
CA GLU A 2513 -60.91 -53.09 -50.89
C GLU A 2513 -61.61 -54.30 -51.52
N ASN A 2514 -61.94 -55.33 -50.73
CA ASN A 2514 -62.64 -56.52 -51.21
C ASN A 2514 -63.78 -56.97 -50.30
N GLN A 2515 -63.47 -57.15 -49.03
CA GLN A 2515 -64.26 -58.01 -48.16
C GLN A 2515 -65.34 -57.28 -47.40
N ASP A 2516 -65.11 -56.00 -47.10
CA ASP A 2516 -66.14 -55.20 -46.46
C ASP A 2516 -67.35 -55.05 -47.38
N PHE A 2517 -67.12 -54.99 -48.69
CA PHE A 2517 -68.25 -54.97 -49.63
C PHE A 2517 -69.03 -56.28 -49.58
N LEU A 2518 -68.34 -57.41 -49.48
CA LEU A 2518 -69.03 -58.69 -49.44
C LEU A 2518 -69.85 -58.85 -48.15
N LEU A 2519 -69.26 -58.47 -47.02
CA LEU A 2519 -69.97 -58.54 -45.76
C LEU A 2519 -71.14 -57.56 -45.74
N HIS A 2520 -70.90 -56.34 -46.22
CA HIS A 2520 -71.93 -55.31 -46.19
C HIS A 2520 -73.03 -55.58 -47.20
N VAL A 2521 -72.70 -56.12 -48.38
CA VAL A 2521 -73.77 -56.40 -49.33
C VAL A 2521 -74.59 -57.58 -48.85
N LEU A 2522 -73.99 -58.47 -48.05
CA LEU A 2522 -74.83 -59.49 -47.40
C LEU A 2522 -75.79 -58.86 -46.39
N ASP A 2523 -75.31 -57.94 -45.55
CA ASP A 2523 -76.14 -57.40 -44.47
C ASP A 2523 -76.98 -56.18 -44.87
N VAL A 2524 -76.31 -55.10 -45.26
CA VAL A 2524 -76.89 -53.77 -45.48
C VAL A 2524 -77.93 -53.82 -46.59
N GLY A 2525 -77.62 -54.54 -47.67
CA GLY A 2525 -78.59 -54.71 -48.74
C GLY A 2525 -79.83 -55.47 -48.32
N PHE A 2526 -79.71 -56.34 -47.31
CA PHE A 2526 -80.81 -57.15 -46.82
C PHE A 2526 -81.60 -56.50 -45.70
N LEU A 2527 -81.13 -55.40 -45.12
CA LEU A 2527 -81.97 -54.65 -44.18
C LEU A 2527 -83.28 -54.17 -44.82
N PRO A 2528 -83.30 -53.61 -46.03
CA PRO A 2528 -84.60 -53.40 -46.69
C PRO A 2528 -85.30 -54.71 -47.01
N ASP A 2529 -86.46 -54.92 -46.39
CA ASP A 2529 -87.31 -56.08 -46.70
C ASP A 2529 -88.21 -55.69 -47.88
N MET A 2530 -87.57 -55.59 -49.04
CA MET A 2530 -88.12 -54.91 -50.21
C MET A 2530 -88.47 -53.45 -49.89
N ARG A 2531 -87.70 -52.82 -49.00
CA ARG A 2531 -87.89 -51.44 -48.57
C ARG A 2531 -89.26 -51.17 -47.95
N ALA A 2532 -89.95 -52.20 -47.45
CA ALA A 2532 -91.35 -52.12 -47.03
C ALA A 2532 -92.21 -51.56 -48.16
N ALA A 2533 -92.30 -52.37 -49.23
CA ALA A 2533 -92.94 -51.94 -50.46
C ALA A 2533 -94.41 -51.63 -50.24
N ALA A 2534 -94.84 -50.47 -50.72
CA ALA A 2534 -96.16 -49.96 -50.40
C ALA A 2534 -97.25 -50.78 -51.08
N SER A 2535 -98.38 -50.90 -50.41
CA SER A 2535 -99.61 -51.44 -50.93
C SER A 2535 -100.77 -50.52 -50.57
N LEU A 2536 -100.50 -49.21 -50.62
CA LEU A 2536 -101.38 -48.17 -50.07
C LEU A 2536 -101.67 -48.46 -48.58
N ASP A 2537 -100.64 -48.93 -47.86
CA ASP A 2537 -100.69 -49.14 -46.43
C ASP A 2537 -99.38 -48.77 -45.73
N THR A 2538 -98.48 -48.05 -46.41
CA THR A 2538 -97.15 -47.75 -45.86
C THR A 2538 -96.71 -46.41 -46.43
N ALA A 2539 -96.87 -45.35 -45.63
CA ALA A 2539 -96.35 -44.03 -45.94
C ALA A 2539 -95.77 -43.35 -44.70
N THR A 2540 -95.30 -44.14 -43.73
CA THR A 2540 -94.67 -43.63 -42.51
C THR A 2540 -93.16 -43.60 -42.65
N PHE A 2541 -92.56 -44.75 -42.95
CA PHE A 2541 -91.12 -44.85 -43.18
C PHE A 2541 -90.84 -44.56 -44.66
N SER A 2542 -90.98 -43.28 -45.00
CA SER A 2542 -90.49 -42.75 -46.27
C SER A 2542 -89.03 -42.35 -46.20
N THR A 2543 -88.51 -42.07 -45.01
CA THR A 2543 -87.10 -41.70 -44.87
C THR A 2543 -86.18 -42.86 -45.21
N THR A 2544 -86.61 -44.09 -44.97
CA THR A 2544 -85.79 -45.24 -45.34
C THR A 2544 -85.67 -45.39 -46.85
N GLU A 2545 -86.65 -44.90 -47.60
CA GLU A 2545 -86.51 -44.82 -49.05
C GLU A 2545 -85.36 -43.89 -49.43
N MET A 2546 -85.24 -42.76 -48.73
CA MET A 2546 -84.17 -41.81 -48.95
C MET A 2546 -82.87 -42.21 -48.26
N ALA A 2547 -82.87 -43.25 -47.42
CA ALA A 2547 -81.64 -43.76 -46.84
C ALA A 2547 -80.73 -44.36 -47.89
N LEU A 2548 -81.27 -44.81 -49.02
CA LEU A 2548 -80.48 -45.23 -50.16
C LEU A 2548 -79.82 -44.08 -50.91
N ALA A 2549 -80.12 -42.82 -50.56
CA ALA A 2549 -79.39 -41.69 -51.13
C ALA A 2549 -77.91 -41.78 -50.82
N LEU A 2550 -77.57 -42.13 -49.57
CA LEU A 2550 -76.20 -42.33 -49.11
C LEU A 2550 -75.78 -43.79 -49.11
N ASN A 2551 -76.70 -44.69 -48.73
CA ASN A 2551 -76.34 -46.11 -48.62
C ASN A 2551 -76.10 -46.74 -49.99
N ARG A 2552 -77.00 -46.51 -50.95
CA ARG A 2552 -76.87 -47.08 -52.29
C ARG A 2552 -75.89 -46.31 -53.17
N TYR A 2553 -75.56 -45.07 -52.83
CA TYR A 2553 -74.62 -44.29 -53.64
C TYR A 2553 -73.23 -44.92 -53.62
N LEU A 2554 -72.84 -45.47 -52.47
CA LEU A 2554 -71.57 -46.19 -52.38
C LEU A 2554 -71.58 -47.42 -53.27
N CYS A 2555 -72.72 -48.11 -53.33
CA CYS A 2555 -72.81 -49.30 -54.18
C CYS A 2555 -72.70 -48.92 -55.65
N LEU A 2556 -73.31 -47.80 -56.03
CA LEU A 2556 -73.19 -47.32 -57.40
C LEU A 2556 -71.75 -46.95 -57.73
N ALA A 2557 -71.05 -46.32 -56.78
CA ALA A 2557 -69.71 -45.83 -57.07
C ALA A 2557 -68.71 -46.97 -57.24
N VAL A 2558 -68.70 -47.93 -56.31
CA VAL A 2558 -67.70 -48.98 -56.27
C VAL A 2558 -68.13 -50.14 -57.16
N LEU A 2559 -67.14 -50.74 -57.82
CA LEU A 2559 -67.35 -51.88 -58.73
C LEU A 2559 -66.16 -52.83 -58.64
N PRO A 2560 -66.04 -53.57 -57.53
CA PRO A 2560 -64.96 -54.55 -57.44
C PRO A 2560 -65.21 -55.79 -58.29
N THR A 2563 -67.46 -65.31 -57.74
CA THR A 2563 -67.37 -66.50 -56.90
C THR A 2563 -68.69 -66.83 -56.20
N LYS A 2564 -69.49 -65.81 -55.92
CA LYS A 2564 -70.77 -65.96 -55.22
C LYS A 2564 -70.54 -66.53 -53.81
N CYS A 2565 -69.77 -65.78 -53.02
CA CYS A 2565 -69.66 -66.08 -51.60
C CYS A 2565 -70.90 -65.63 -50.83
N ALA A 2566 -71.53 -64.54 -51.27
CA ALA A 2566 -72.74 -63.96 -50.70
C ALA A 2566 -73.82 -63.89 -51.78
N PRO A 2567 -75.12 -63.83 -51.40
CA PRO A 2567 -76.18 -63.93 -52.43
C PRO A 2567 -76.49 -62.61 -53.14
N LEU A 2568 -75.68 -62.32 -54.16
CA LEU A 2568 -75.85 -61.11 -54.97
C LEU A 2568 -77.14 -61.11 -55.82
N PHE A 2569 -77.73 -62.28 -56.07
CA PHE A 2569 -78.91 -62.38 -56.93
C PHE A 2569 -80.08 -61.64 -56.31
N ALA A 2570 -80.21 -61.71 -54.98
CA ALA A 2570 -81.22 -60.96 -54.26
C ALA A 2570 -81.04 -59.47 -54.45
N GLY A 2571 -79.80 -58.99 -54.43
CA GLY A 2571 -79.55 -57.57 -54.62
C GLY A 2571 -79.94 -57.08 -56.00
N THR A 2572 -79.62 -57.88 -57.03
CA THR A 2572 -79.97 -57.50 -58.39
C THR A 2572 -81.48 -57.43 -58.57
N GLU A 2573 -82.20 -58.45 -58.14
CA GLU A 2573 -83.65 -58.42 -58.31
C GLU A 2573 -84.31 -57.40 -57.37
N HIS A 2574 -83.68 -57.10 -56.24
CA HIS A 2574 -84.19 -56.07 -55.34
C HIS A 2574 -84.13 -54.70 -56.02
N ARG A 2575 -83.04 -54.42 -56.73
CA ARG A 2575 -83.00 -53.18 -57.51
C ARG A 2575 -84.01 -53.21 -58.66
N ALA A 2576 -84.20 -54.39 -59.27
CA ALA A 2576 -85.16 -54.52 -60.36
C ALA A 2576 -86.59 -54.26 -59.93
N ILE A 2577 -86.92 -54.51 -58.65
CA ILE A 2577 -88.27 -54.17 -58.18
C ILE A 2577 -88.45 -52.66 -58.19
N MET A 2578 -87.47 -51.92 -57.66
CA MET A 2578 -87.65 -50.50 -57.44
C MET A 2578 -87.60 -49.70 -58.74
N VAL A 2579 -86.81 -50.15 -59.71
CA VAL A 2579 -86.75 -49.41 -60.98
C VAL A 2579 -88.11 -49.45 -61.69
N ASP A 2580 -88.83 -50.57 -61.60
CA ASP A 2580 -90.14 -50.70 -62.22
C ASP A 2580 -91.27 -50.18 -61.34
N SER A 2581 -91.16 -50.36 -60.03
CA SER A 2581 -92.25 -50.00 -59.14
C SER A 2581 -92.39 -48.48 -59.03
N MET A 2582 -93.64 -48.01 -59.01
CA MET A 2582 -93.95 -46.60 -58.80
C MET A 2582 -95.21 -46.39 -57.94
N LEU A 2583 -95.62 -47.39 -57.15
CA LEU A 2583 -96.80 -47.22 -56.32
C LEU A 2583 -96.55 -46.21 -55.21
N HIS A 2584 -95.52 -46.45 -54.40
CA HIS A 2584 -95.07 -45.44 -53.45
C HIS A 2584 -94.47 -44.27 -54.22
N THR A 2585 -94.53 -43.09 -53.61
CA THR A 2585 -93.98 -41.88 -54.23
C THR A 2585 -92.47 -42.02 -54.31
N VAL A 2586 -91.98 -42.30 -55.52
CA VAL A 2586 -90.56 -42.60 -55.73
C VAL A 2586 -89.66 -41.37 -55.78
N TYR A 2587 -90.22 -40.17 -55.96
CA TYR A 2587 -89.47 -38.91 -55.95
C TYR A 2587 -88.41 -38.91 -57.07
N ARG A 2588 -88.93 -38.72 -58.29
CA ARG A 2588 -88.32 -38.98 -59.61
C ARG A 2588 -86.82 -38.66 -59.77
N LEU A 2589 -86.31 -37.63 -59.09
CA LEU A 2589 -84.85 -37.46 -59.02
C LEU A 2589 -84.20 -38.67 -58.36
N SER A 2590 -84.79 -39.16 -57.26
CA SER A 2590 -84.32 -40.41 -56.67
C SER A 2590 -84.57 -41.60 -57.59
N ARG A 2591 -85.55 -41.52 -58.49
CA ARG A 2591 -85.72 -42.60 -59.46
C ARG A 2591 -84.53 -42.69 -60.41
N GLY A 2592 -84.04 -41.54 -60.91
CA GLY A 2592 -82.82 -41.56 -61.70
C GLY A 2592 -81.62 -42.05 -60.91
N ARG A 2593 -81.53 -41.61 -59.65
CA ARG A 2593 -80.48 -42.08 -58.74
C ARG A 2593 -80.51 -43.60 -58.59
N SER A 2594 -81.71 -44.16 -58.39
CA SER A 2594 -81.82 -45.60 -58.21
C SER A 2594 -81.55 -46.36 -59.49
N LEU A 2595 -81.85 -45.76 -60.66
CA LEU A 2595 -81.53 -46.42 -61.92
C LEU A 2595 -80.03 -46.59 -62.11
N THR A 2596 -79.24 -45.60 -61.64
CA THR A 2596 -77.79 -45.66 -61.77
C THR A 2596 -77.18 -46.90 -61.13
N LYS A 2597 -77.80 -47.44 -60.08
CA LYS A 2597 -77.23 -48.58 -59.37
C LYS A 2597 -77.27 -49.85 -60.23
N ALA A 2598 -78.42 -50.13 -60.82
CA ALA A 2598 -78.54 -51.30 -61.70
C ALA A 2598 -77.67 -51.14 -62.94
N GLN A 2599 -77.63 -49.91 -63.48
CA GLN A 2599 -76.83 -49.67 -64.67
C GLN A 2599 -75.35 -49.89 -64.39
N ARG A 2600 -74.90 -49.54 -63.19
CA ARG A 2600 -73.52 -49.81 -62.81
C ARG A 2600 -73.30 -51.27 -62.48
N ASP A 2601 -74.30 -51.97 -61.95
CA ASP A 2601 -74.09 -53.34 -61.52
C ASP A 2601 -73.90 -54.28 -62.70
N VAL A 2602 -74.62 -54.05 -63.81
CA VAL A 2602 -74.52 -55.02 -64.91
C VAL A 2602 -73.15 -55.00 -65.58
N ILE A 2603 -72.47 -53.85 -65.61
CA ILE A 2603 -71.18 -53.75 -66.32
C ILE A 2603 -70.12 -54.59 -65.63
N GLU A 2604 -70.02 -54.48 -64.30
CA GLU A 2604 -69.02 -55.23 -63.55
C GLU A 2604 -69.38 -56.70 -63.37
N ASP A 2605 -70.64 -57.09 -63.58
CA ASP A 2605 -71.07 -58.45 -63.30
C ASP A 2605 -70.46 -59.43 -64.29
N CYS A 2606 -69.88 -60.51 -63.77
CA CYS A 2606 -69.27 -61.58 -64.57
C CYS A 2606 -70.24 -62.73 -64.82
N LEU A 2607 -71.42 -62.40 -65.33
CA LEU A 2607 -72.50 -63.35 -65.61
C LEU A 2607 -72.90 -64.15 -64.37
N MET A 2608 -73.43 -63.42 -63.39
CA MET A 2608 -74.12 -63.97 -62.23
C MET A 2608 -75.42 -63.20 -62.04
N ALA A 2609 -76.17 -63.04 -63.15
CA ALA A 2609 -77.46 -62.37 -63.16
C ALA A 2609 -78.47 -63.04 -64.09
N LEU A 2610 -78.29 -64.32 -64.43
CA LEU A 2610 -79.23 -65.02 -65.29
C LEU A 2610 -80.62 -65.12 -64.64
N CYS A 2611 -80.65 -65.41 -63.33
CA CYS A 2611 -81.88 -65.47 -62.57
C CYS A 2611 -82.59 -64.12 -62.57
N ARG A 2612 -81.83 -63.03 -62.43
CA ARG A 2612 -82.40 -61.70 -62.54
C ARG A 2612 -82.72 -61.34 -63.99
N TYR A 2613 -81.96 -61.88 -64.95
CA TYR A 2613 -82.22 -61.57 -66.36
C TYR A 2613 -83.52 -62.17 -66.85
N ILE A 2614 -84.05 -63.20 -66.19
CA ILE A 2614 -85.30 -63.80 -66.66
C ILE A 2614 -86.47 -62.82 -66.56
N ARG A 2615 -86.53 -62.04 -65.46
CA ARG A 2615 -87.71 -61.22 -65.21
C ARG A 2615 -87.95 -60.12 -66.24
N PRO A 2616 -86.97 -59.28 -66.61
CA PRO A 2616 -87.25 -58.23 -67.61
C PRO A 2616 -87.59 -58.75 -69.00
N SER A 2617 -87.22 -59.99 -69.32
CA SER A 2617 -87.53 -60.53 -70.65
C SER A 2617 -89.03 -60.68 -70.86
N MET A 2618 -89.76 -61.09 -69.82
CA MET A 2618 -91.19 -61.37 -69.91
C MET A 2618 -92.06 -60.17 -69.55
N LEU A 2619 -91.53 -58.96 -69.60
CA LEU A 2619 -92.29 -57.76 -69.29
C LEU A 2619 -91.68 -56.59 -70.05
N GLN A 2620 -92.01 -55.36 -69.64
CA GLN A 2620 -91.55 -54.11 -70.25
C GLN A 2620 -92.15 -53.96 -71.66
N HIS A 2621 -91.42 -54.32 -72.72
CA HIS A 2621 -91.98 -54.16 -74.06
C HIS A 2621 -92.95 -55.27 -74.41
N LEU A 2622 -92.71 -56.49 -73.91
CA LEU A 2622 -93.61 -57.60 -74.18
C LEU A 2622 -94.95 -57.39 -73.50
N LEU A 2623 -94.95 -57.31 -72.17
CA LEU A 2623 -96.10 -56.87 -71.39
C LEU A 2623 -95.96 -55.37 -71.18
N ARG A 2624 -96.79 -54.59 -71.90
CA ARG A 2624 -96.57 -53.17 -72.11
C ARG A 2624 -96.58 -52.36 -70.83
N ARG A 2625 -95.41 -51.85 -70.45
CA ARG A 2625 -95.22 -50.94 -69.32
C ARG A 2625 -94.30 -49.81 -69.75
N LEU A 2626 -94.62 -49.21 -70.90
CA LEU A 2626 -93.72 -48.26 -71.57
C LEU A 2626 -93.46 -47.02 -70.73
N VAL A 2627 -94.40 -46.65 -69.85
CA VAL A 2627 -94.16 -45.50 -68.97
C VAL A 2627 -93.03 -45.78 -67.99
N PHE A 2628 -92.89 -47.03 -67.53
CA PHE A 2628 -91.83 -47.47 -66.61
C PHE A 2628 -91.10 -48.69 -67.15
N ASP A 2629 -90.77 -48.68 -68.45
CA ASP A 2629 -89.88 -49.69 -69.05
C ASP A 2629 -88.88 -49.16 -70.07
N VAL A 2630 -89.05 -47.94 -70.58
CA VAL A 2630 -88.08 -47.39 -71.54
C VAL A 2630 -86.68 -47.24 -70.95
N PRO A 2631 -86.49 -46.62 -69.77
CA PRO A 2631 -85.14 -46.65 -69.17
C PRO A 2631 -84.64 -48.05 -68.86
N ILE A 2632 -85.54 -48.94 -68.43
CA ILE A 2632 -85.18 -50.33 -68.26
C ILE A 2632 -84.86 -50.95 -69.61
N LEU A 2633 -85.53 -50.48 -70.67
CA LEU A 2633 -85.22 -50.96 -72.02
C LEU A 2633 -83.79 -50.60 -72.41
N ASN A 2634 -83.34 -49.39 -72.06
CA ASN A 2634 -81.95 -49.04 -72.33
C ASN A 2634 -80.98 -49.89 -71.51
N GLU A 2635 -81.32 -50.13 -70.24
CA GLU A 2635 -80.47 -50.96 -69.38
C GLU A 2635 -80.36 -52.38 -69.91
N PHE A 2636 -81.47 -52.94 -70.39
CA PHE A 2636 -81.44 -54.26 -71.02
C PHE A 2636 -80.75 -54.23 -72.37
N ALA A 2637 -80.83 -53.11 -73.09
CA ALA A 2637 -80.15 -52.98 -74.37
C ALA A 2637 -78.65 -53.03 -74.22
N LYS A 2638 -78.13 -52.54 -73.08
CA LYS A 2638 -76.70 -52.64 -72.81
C LYS A 2638 -76.22 -54.06 -72.52
N MET A 2639 -77.12 -55.04 -72.32
CA MET A 2639 -76.68 -56.36 -71.87
C MET A 2639 -76.02 -57.18 -72.97
N PRO A 2640 -76.61 -57.37 -74.17
CA PRO A 2640 -75.96 -58.27 -75.13
C PRO A 2640 -74.69 -57.70 -75.74
N LEU A 2641 -74.60 -56.38 -75.89
CA LEU A 2641 -73.41 -55.78 -76.49
C LEU A 2641 -72.19 -55.96 -75.58
N LYS A 2642 -72.40 -56.05 -74.27
CA LYS A 2642 -71.29 -56.24 -73.34
C LYS A 2642 -70.66 -57.62 -73.47
N LEU A 2643 -71.37 -58.61 -74.03
CA LEU A 2643 -70.87 -59.97 -74.23
C LEU A 2643 -71.20 -60.44 -75.64
N LEU A 2644 -70.19 -60.45 -76.50
CA LEU A 2644 -70.25 -61.25 -77.71
C LEU A 2644 -70.17 -62.73 -77.33
N THR A 2645 -70.48 -63.60 -78.29
CA THR A 2645 -70.40 -65.05 -78.04
C THR A 2645 -68.94 -65.51 -78.00
N ASN A 2646 -68.24 -65.15 -76.92
CA ASN A 2646 -66.79 -65.29 -76.81
C ASN A 2646 -66.38 -66.28 -75.73
N HIS A 2647 -66.81 -66.06 -74.49
CA HIS A 2647 -66.40 -66.84 -73.32
C HIS A 2647 -67.59 -67.13 -72.42
N TYR A 2648 -68.75 -67.42 -73.01
CA TYR A 2648 -69.93 -67.74 -72.22
C TYR A 2648 -70.90 -68.58 -73.06
N GLU A 2649 -71.71 -69.37 -72.36
CA GLU A 2649 -72.74 -70.18 -72.97
C GLU A 2649 -73.80 -70.45 -71.91
N ARG A 2650 -75.07 -70.43 -72.32
CA ARG A 2650 -76.18 -70.66 -71.40
C ARG A 2650 -77.36 -71.16 -72.20
N CYS A 2651 -77.67 -72.45 -72.07
CA CYS A 2651 -78.75 -73.05 -72.84
C CYS A 2651 -80.10 -72.47 -72.47
N TRP A 2652 -80.35 -72.25 -71.18
CA TRP A 2652 -81.60 -71.64 -70.75
C TRP A 2652 -81.72 -70.21 -71.26
N LYS A 2653 -80.64 -69.45 -71.20
CA LYS A 2653 -80.62 -68.09 -71.73
C LYS A 2653 -80.40 -68.04 -73.23
N TYR A 2654 -79.99 -69.15 -73.87
CA TYR A 2654 -79.73 -69.14 -75.31
C TYR A 2654 -81.01 -68.90 -76.10
N TYR A 2655 -82.12 -69.51 -75.69
CA TYR A 2655 -83.41 -69.36 -76.36
C TYR A 2655 -84.29 -68.28 -75.76
N CYS A 2656 -84.02 -67.84 -74.53
CA CYS A 2656 -84.83 -66.79 -73.92
C CYS A 2656 -84.66 -65.46 -74.65
N LEU A 2657 -83.42 -65.10 -74.95
CA LEU A 2657 -83.16 -63.80 -75.56
C LEU A 2657 -83.74 -63.68 -76.97
N PRO A 2658 -83.55 -64.64 -77.88
CA PRO A 2658 -84.25 -64.54 -79.19
C PRO A 2658 -85.76 -64.55 -79.09
N THR A 2659 -86.36 -65.28 -78.15
CA THR A 2659 -87.81 -65.23 -77.98
C THR A 2659 -88.26 -63.83 -77.57
N GLY A 2660 -87.55 -63.24 -76.61
CA GLY A 2660 -87.87 -61.88 -76.21
C GLY A 2660 -87.64 -60.88 -77.32
N TRP A 2661 -86.58 -61.07 -78.10
CA TRP A 2661 -86.29 -60.18 -79.23
C TRP A 2661 -87.37 -60.28 -80.29
N ALA A 2662 -87.85 -61.49 -80.56
CA ALA A 2662 -88.93 -61.71 -81.52
C ALA A 2662 -90.19 -61.00 -81.07
N ASN A 2663 -90.60 -61.23 -79.82
CA ASN A 2663 -91.82 -60.62 -79.30
C ASN A 2663 -91.71 -59.10 -79.23
N PHE A 2664 -90.55 -58.58 -78.82
CA PHE A 2664 -90.39 -57.14 -78.68
C PHE A 2664 -90.39 -56.44 -80.04
N GLY A 2665 -89.65 -56.98 -81.01
CA GLY A 2665 -89.60 -56.36 -82.32
C GLY A 2665 -90.94 -56.39 -83.03
N VAL A 2666 -91.61 -57.55 -83.02
CA VAL A 2666 -92.92 -57.61 -83.67
C VAL A 2666 -93.95 -56.81 -82.89
N THR A 2667 -93.80 -56.70 -81.57
CA THR A 2667 -94.77 -55.93 -80.78
C THR A 2667 -94.65 -54.44 -81.07
N SER A 2668 -93.41 -53.94 -81.16
CA SER A 2668 -93.22 -52.55 -81.58
C SER A 2668 -93.71 -52.34 -83.01
N GLU A 2669 -93.53 -53.34 -83.88
CA GLU A 2669 -93.90 -53.17 -85.27
C GLU A 2669 -95.41 -53.21 -85.51
N GLU A 2670 -96.16 -53.98 -84.71
CA GLU A 2670 -97.58 -54.24 -84.97
C GLU A 2670 -98.54 -53.34 -84.18
N GLU A 2671 -98.05 -52.57 -83.21
CA GLU A 2671 -98.93 -51.73 -82.40
C GLU A 2671 -98.07 -50.61 -81.79
N LEU A 2672 -98.60 -49.96 -80.75
CA LEU A 2672 -97.93 -48.93 -79.97
C LEU A 2672 -97.90 -47.61 -80.75
N HIS A 2673 -97.26 -46.59 -80.16
CA HIS A 2673 -97.37 -45.24 -80.68
C HIS A 2673 -96.67 -45.09 -82.03
N LEU A 2674 -97.23 -44.23 -82.87
CA LEU A 2674 -96.74 -44.01 -84.22
C LEU A 2674 -95.30 -43.47 -84.22
N THR A 2675 -95.02 -42.51 -83.35
CA THR A 2675 -93.73 -41.82 -83.38
C THR A 2675 -92.61 -42.75 -82.94
N ARG A 2676 -91.63 -42.94 -83.82
CA ARG A 2676 -90.48 -43.79 -83.50
C ARG A 2676 -89.49 -43.12 -82.56
N LYS A 2677 -89.47 -41.79 -82.48
CA LYS A 2677 -88.51 -41.10 -81.62
C LYS A 2677 -88.76 -41.37 -80.15
N LEU A 2678 -90.01 -41.63 -79.76
CA LEU A 2678 -90.32 -41.88 -78.36
C LEU A 2678 -89.84 -43.25 -77.87
N PHE A 2679 -89.42 -44.15 -78.76
CA PHE A 2679 -88.75 -45.38 -78.39
C PHE A 2679 -87.54 -45.69 -79.27
N TRP A 2680 -87.04 -44.73 -80.05
CA TRP A 2680 -85.85 -44.97 -80.85
C TRP A 2680 -84.63 -45.20 -79.98
N GLY A 2681 -84.51 -44.43 -78.89
CA GLY A 2681 -83.43 -44.67 -77.95
C GLY A 2681 -83.55 -46.01 -77.26
N ILE A 2682 -84.77 -46.39 -76.87
CA ILE A 2682 -85.00 -47.73 -76.34
C ILE A 2682 -84.77 -48.78 -77.41
N PHE A 2683 -85.09 -48.47 -78.66
CA PHE A 2683 -84.95 -49.43 -79.75
C PHE A 2683 -83.49 -49.71 -80.03
N ASP A 2684 -83.13 -50.99 -80.08
CA ASP A 2684 -81.80 -51.44 -80.46
C ASP A 2684 -81.91 -52.86 -80.99
N SER A 2685 -80.89 -53.26 -81.75
CA SER A 2685 -80.82 -54.63 -82.24
C SER A 2685 -80.71 -55.62 -81.08
N LEU A 2686 -79.59 -55.56 -80.36
CA LEU A 2686 -79.40 -56.30 -79.11
C LEU A 2686 -79.52 -57.81 -79.31
N ALA A 2687 -79.02 -58.31 -80.44
CA ALA A 2687 -79.11 -59.74 -80.71
C ALA A 2687 -78.20 -60.08 -81.88
N HIS A 2688 -77.76 -61.34 -81.90
CA HIS A 2688 -77.06 -61.90 -83.04
C HIS A 2688 -77.42 -63.38 -83.15
N LYS A 2689 -77.31 -63.90 -84.37
CA LYS A 2689 -77.68 -65.28 -84.65
C LYS A 2689 -76.54 -66.23 -84.31
N LYS A 2690 -76.90 -67.39 -83.77
CA LYS A 2690 -75.95 -68.45 -83.46
C LYS A 2690 -75.73 -69.30 -84.72
N TYR A 2691 -75.06 -70.43 -84.56
CA TYR A 2691 -74.63 -71.20 -85.73
C TYR A 2691 -75.78 -71.99 -86.32
N ASP A 2692 -76.31 -72.97 -85.58
CA ASP A 2692 -77.39 -73.84 -85.99
C ASP A 2692 -78.52 -73.92 -84.97
N GLN A 2693 -78.20 -73.94 -83.68
CA GLN A 2693 -79.23 -74.08 -82.65
C GLN A 2693 -78.63 -73.87 -81.28
N GLU A 2694 -79.48 -73.41 -80.36
CA GLU A 2694 -79.10 -73.13 -78.97
C GLU A 2694 -80.18 -73.57 -77.97
N LEU A 2695 -81.13 -74.41 -78.37
CA LEU A 2695 -82.14 -74.92 -77.45
C LEU A 2695 -81.55 -76.01 -76.57
N ASN A 2734 -106.55 -60.03 -65.66
CA ASN A 2734 -106.32 -60.47 -67.03
C ASN A 2734 -106.51 -61.98 -67.16
N PHE A 2735 -106.01 -62.72 -66.18
CA PHE A 2735 -106.11 -64.17 -66.19
C PHE A 2735 -107.50 -64.60 -65.72
N ASP A 2736 -107.91 -65.80 -66.15
CA ASP A 2736 -109.24 -66.30 -65.86
C ASP A 2736 -109.31 -67.82 -66.02
N PRO A 2737 -108.83 -68.60 -65.05
CA PRO A 2737 -109.01 -70.05 -65.14
C PRO A 2737 -110.48 -70.43 -65.00
N ARG A 2738 -110.85 -71.52 -65.66
CA ARG A 2738 -112.24 -71.96 -65.68
C ARG A 2738 -112.62 -72.52 -64.31
N PRO A 2739 -113.65 -71.97 -63.58
CA PRO A 2739 -114.11 -72.64 -62.36
C PRO A 2739 -115.03 -73.80 -62.67
N VAL A 2740 -114.57 -75.02 -62.37
CA VAL A 2740 -115.32 -76.25 -62.57
C VAL A 2740 -115.79 -76.72 -61.20
N GLU A 2741 -117.08 -77.04 -61.09
CA GLU A 2741 -117.64 -77.49 -59.83
C GLU A 2741 -117.07 -78.86 -59.44
N THR A 2742 -116.74 -78.99 -58.14
CA THR A 2742 -116.17 -80.20 -57.56
C THR A 2742 -117.01 -80.79 -56.44
N LEU A 2743 -117.81 -79.97 -55.75
CA LEU A 2743 -118.67 -80.48 -54.68
C LEU A 2743 -119.90 -81.20 -55.24
N ASN A 2744 -120.44 -80.71 -56.35
CA ASN A 2744 -121.70 -81.25 -56.86
C ASN A 2744 -121.52 -82.59 -57.55
N VAL A 2745 -120.36 -82.85 -58.15
CA VAL A 2745 -120.16 -84.09 -58.90
C VAL A 2745 -120.10 -85.27 -57.93
N ILE A 2746 -120.81 -86.34 -58.27
CA ILE A 2746 -120.86 -87.57 -57.50
C ILE A 2746 -119.99 -88.59 -58.22
N ILE A 2747 -119.07 -89.21 -57.48
CA ILE A 2747 -118.11 -90.15 -58.07
C ILE A 2747 -118.87 -91.41 -58.51
N PRO A 2748 -118.50 -92.09 -59.59
CA PRO A 2748 -119.13 -93.40 -59.87
C PRO A 2748 -118.66 -94.46 -58.90
N GLU A 2749 -119.45 -95.54 -58.83
CA GLU A 2749 -119.06 -96.67 -57.99
C GLU A 2749 -117.80 -97.36 -58.51
N LYS A 2750 -117.67 -97.46 -59.83
CA LYS A 2750 -116.51 -98.13 -60.43
C LYS A 2750 -115.22 -97.38 -60.13
N LEU A 2751 -115.24 -96.05 -60.24
CA LEU A 2751 -114.05 -95.25 -59.95
C LEU A 2751 -113.71 -95.21 -58.46
N ASP A 2752 -114.66 -95.51 -57.57
CA ASP A 2752 -114.40 -95.46 -56.14
C ASP A 2752 -113.51 -96.60 -55.64
N SER A 2753 -113.42 -97.70 -56.40
CA SER A 2753 -112.57 -98.82 -55.97
C SER A 2753 -111.10 -98.42 -55.92
N PHE A 2754 -110.66 -97.60 -56.88
CA PHE A 2754 -109.26 -97.21 -56.94
C PHE A 2754 -108.88 -96.34 -55.74
N ILE A 2755 -109.70 -95.34 -55.44
CA ILE A 2755 -109.40 -94.44 -54.33
C ILE A 2755 -109.50 -95.18 -53.00
N ASN A 2756 -110.43 -96.13 -52.89
CA ASN A 2756 -110.51 -96.89 -51.64
C ASN A 2756 -109.29 -97.80 -51.44
N LYS A 2757 -108.78 -98.42 -52.52
CA LYS A 2757 -107.63 -99.33 -52.38
C LYS A 2757 -106.30 -98.59 -52.16
N PHE A 2758 -106.18 -97.36 -52.66
CA PHE A 2758 -104.94 -96.58 -52.50
C PHE A 2758 -104.60 -96.33 -51.04
N ALA A 2759 -105.61 -96.09 -50.20
CA ALA A 2759 -105.40 -95.82 -48.79
C ALA A 2759 -104.78 -97.03 -48.08
N GLU A 2760 -105.23 -98.23 -48.42
CA GLU A 2760 -104.61 -99.41 -47.82
C GLU A 2760 -103.21 -99.63 -48.37
N TYR A 2761 -102.94 -99.23 -49.63
CA TYR A 2761 -101.57 -99.30 -50.10
C TYR A 2761 -100.63 -98.35 -49.36
N THR A 2762 -101.15 -97.25 -48.80
CA THR A 2762 -100.26 -96.30 -48.14
C THR A 2762 -99.54 -96.87 -46.91
N HIS A 2763 -100.13 -97.83 -46.19
CA HIS A 2763 -99.58 -98.29 -44.91
C HIS A 2763 -98.60 -99.46 -45.06
N GLU A 2764 -99.09 -100.59 -45.60
CA GLU A 2764 -98.35 -101.84 -45.53
C GLU A 2764 -97.09 -101.79 -46.40
N LYS A 2765 -97.19 -101.23 -47.61
CA LYS A 2765 -96.02 -101.16 -48.48
C LYS A 2765 -94.98 -100.19 -47.92
N TRP A 2766 -95.42 -99.11 -47.27
CA TRP A 2766 -94.50 -98.15 -46.68
C TRP A 2766 -93.76 -98.72 -45.46
N ALA A 2767 -94.42 -99.64 -44.74
CA ALA A 2767 -93.78 -100.25 -43.57
C ALA A 2767 -92.55 -101.08 -43.94
N PHE A 2768 -92.56 -101.74 -45.10
CA PHE A 2768 -91.41 -102.53 -45.52
C PHE A 2768 -90.20 -101.65 -45.79
N ASP A 2769 -90.43 -100.46 -46.38
CA ASP A 2769 -89.33 -99.50 -46.55
C ASP A 2769 -88.83 -98.99 -45.22
N LYS A 2770 -89.75 -98.76 -44.27
CA LYS A 2770 -89.32 -98.31 -42.95
C LYS A 2770 -88.52 -99.37 -42.20
N ILE A 2771 -88.71 -100.65 -42.52
CA ILE A 2771 -87.84 -101.68 -41.94
C ILE A 2771 -86.40 -101.48 -42.41
N GLN A 2772 -86.21 -101.13 -43.69
CA GLN A 2772 -84.87 -100.83 -44.17
C GLN A 2772 -84.31 -99.60 -43.48
N ASN A 2773 -85.13 -98.55 -43.35
CA ASN A 2773 -84.69 -97.35 -42.63
C ASN A 2773 -84.70 -97.50 -41.11
N ASN A 2774 -85.44 -98.49 -40.58
CA ASN A 2774 -85.53 -98.74 -39.13
C ASN A 2774 -86.08 -97.52 -38.40
N TRP A 2775 -87.26 -97.08 -38.83
CA TRP A 2775 -88.01 -95.98 -38.20
C TRP A 2775 -89.08 -96.61 -37.31
N SER A 2776 -88.64 -97.10 -36.16
CA SER A 2776 -89.47 -97.88 -35.25
C SER A 2776 -90.32 -96.95 -34.37
N TYR A 2777 -91.13 -97.56 -33.52
CA TYR A 2777 -91.99 -96.80 -32.61
C TYR A 2777 -91.14 -96.10 -31.55
N GLY A 2778 -91.75 -95.12 -30.90
CA GLY A 2778 -91.08 -94.36 -29.86
C GLY A 2778 -92.09 -93.64 -29.00
N GLU A 2779 -91.58 -93.09 -27.89
CA GLU A 2779 -92.44 -92.37 -26.96
C GLU A 2779 -93.01 -91.10 -27.58
N ASN A 2780 -92.18 -90.36 -28.32
CA ASN A 2780 -92.61 -89.11 -28.94
C ASN A 2780 -91.72 -88.84 -30.15
N VAL A 2781 -92.17 -87.92 -30.99
CA VAL A 2781 -91.43 -87.56 -32.19
C VAL A 2781 -90.15 -86.83 -31.78
N ASP A 2782 -89.02 -87.29 -32.30
CA ASP A 2782 -87.73 -86.68 -32.00
C ASP A 2782 -86.75 -87.04 -33.11
N GLU A 2783 -85.83 -86.11 -33.38
CA GLU A 2783 -84.90 -86.27 -34.49
C GLU A 2783 -83.69 -87.12 -34.13
N GLU A 2784 -83.31 -87.19 -32.85
CA GLU A 2784 -82.10 -87.93 -32.47
C GLU A 2784 -82.24 -89.42 -32.71
N LEU A 2785 -83.40 -89.99 -32.37
CA LEU A 2785 -83.73 -91.38 -32.68
C LEU A 2785 -84.58 -91.54 -33.94
N LYS A 2786 -85.02 -90.45 -34.57
CA LYS A 2786 -85.90 -90.47 -35.76
C LYS A 2786 -87.19 -91.26 -35.47
N THR A 2787 -87.78 -90.96 -34.32
CA THR A 2787 -89.02 -91.61 -33.93
C THR A 2787 -90.17 -91.20 -34.86
N HIS A 2788 -91.06 -92.16 -35.12
CA HIS A 2788 -92.14 -91.97 -36.09
C HIS A 2788 -93.31 -92.89 -35.72
N PRO A 2789 -93.96 -92.64 -34.58
CA PRO A 2789 -94.89 -93.63 -34.03
C PRO A 2789 -96.33 -93.59 -34.54
N MET A 2790 -96.69 -92.67 -35.43
CA MET A 2790 -98.08 -92.48 -35.83
C MET A 2790 -98.52 -93.41 -36.96
N LEU A 2791 -97.81 -94.51 -37.21
CA LEU A 2791 -98.26 -95.48 -38.20
C LEU A 2791 -99.54 -96.15 -37.71
N ARG A 2792 -100.65 -95.83 -38.34
CA ARG A 2792 -101.95 -96.39 -37.96
C ARG A 2792 -102.92 -96.14 -39.10
N PRO A 2793 -104.07 -96.82 -39.12
CA PRO A 2793 -105.07 -96.54 -40.17
C PRO A 2793 -105.64 -95.15 -40.05
N TYR A 2794 -106.11 -94.65 -41.20
CA TYR A 2794 -106.73 -93.32 -41.28
C TYR A 2794 -108.08 -93.23 -40.56
N LYS A 2795 -108.71 -94.36 -40.22
CA LYS A 2795 -110.05 -94.32 -39.64
C LYS A 2795 -110.08 -93.66 -38.26
N THR A 2796 -108.95 -93.67 -37.53
CA THR A 2796 -108.92 -93.05 -36.21
C THR A 2796 -109.07 -91.53 -36.30
N PHE A 2797 -108.63 -90.91 -37.40
CA PHE A 2797 -108.72 -89.47 -37.56
C PHE A 2797 -110.14 -89.06 -37.92
N SER A 2798 -110.40 -87.76 -37.81
CA SER A 2798 -111.71 -87.21 -38.13
C SER A 2798 -111.92 -87.18 -39.63
N GLU A 2799 -113.19 -87.07 -40.03
CA GLU A 2799 -113.53 -87.02 -41.45
C GLU A 2799 -113.01 -85.75 -42.12
N LYS A 2800 -113.08 -84.62 -41.41
CA LYS A 2800 -112.60 -83.37 -41.96
C LYS A 2800 -111.09 -83.39 -42.18
N ASP A 2801 -110.35 -84.09 -41.31
CA ASP A 2801 -108.91 -84.24 -41.53
C ASP A 2801 -108.60 -85.08 -42.77
N LYS A 2802 -109.50 -86.01 -43.12
CA LYS A 2802 -109.30 -86.84 -44.30
C LYS A 2802 -109.49 -86.07 -45.62
N GLU A 2803 -110.09 -84.87 -45.58
CA GLU A 2803 -110.33 -84.11 -46.81
C GLU A 2803 -109.02 -83.70 -47.47
N ILE A 2804 -108.04 -83.27 -46.68
CA ILE A 2804 -106.74 -82.88 -47.24
C ILE A 2804 -106.03 -84.09 -47.85
N TYR A 2805 -106.21 -85.28 -47.27
CA TYR A 2805 -105.68 -86.53 -47.81
C TYR A 2805 -106.64 -87.23 -48.79
N ARG A 2806 -107.79 -86.63 -49.10
CA ARG A 2806 -108.75 -87.30 -49.96
C ARG A 2806 -108.25 -87.38 -51.40
N TRP A 2807 -107.80 -86.25 -51.95
CA TRP A 2807 -107.33 -86.15 -53.35
C TRP A 2807 -105.99 -85.44 -53.38
N PRO A 2808 -104.91 -86.08 -52.87
CA PRO A 2808 -103.58 -85.47 -53.00
C PRO A 2808 -103.00 -85.66 -54.40
N ILE A 2809 -103.25 -86.84 -54.98
CA ILE A 2809 -102.79 -87.22 -56.31
C ILE A 2809 -104.01 -87.39 -57.22
N LYS A 2810 -105.15 -87.81 -56.65
CA LYS A 2810 -106.36 -88.01 -57.45
C LYS A 2810 -106.91 -86.70 -57.99
N GLU A 2811 -106.57 -85.56 -57.39
CA GLU A 2811 -106.97 -84.29 -57.99
C GLU A 2811 -106.28 -84.07 -59.32
N SER A 2812 -105.00 -84.43 -59.42
CA SER A 2812 -104.28 -84.31 -60.69
C SER A 2812 -104.84 -85.25 -61.74
N LEU A 2813 -105.21 -86.47 -61.34
CA LEU A 2813 -105.82 -87.41 -62.27
C LEU A 2813 -107.23 -86.96 -62.68
N LYS A 2814 -107.95 -86.35 -61.74
CA LYS A 2814 -109.24 -85.75 -62.05
C LYS A 2814 -109.07 -84.63 -63.07
N ALA A 2815 -108.02 -83.83 -62.92
CA ALA A 2815 -107.71 -82.82 -63.92
C ALA A 2815 -107.29 -83.45 -65.25
N MET A 2816 -106.66 -84.63 -65.21
CA MET A 2816 -106.33 -85.34 -66.45
C MET A 2816 -107.58 -85.75 -67.20
N ILE A 2817 -108.71 -86.00 -66.51
CA ILE A 2817 -109.98 -86.35 -67.17
C ILE A 2817 -110.92 -85.15 -67.27
N ALA A 2818 -110.94 -84.27 -66.26
CA ALA A 2818 -111.91 -83.17 -66.21
C ALA A 2818 -111.36 -81.91 -66.89
N TRP A 2819 -110.24 -81.38 -66.40
CA TRP A 2819 -109.65 -80.20 -66.99
C TRP A 2819 -109.13 -80.48 -68.40
N GLU A 2820 -108.43 -81.60 -68.56
CA GLU A 2820 -108.02 -82.12 -69.86
C GLU A 2820 -109.07 -83.12 -70.32
N TRP A 2821 -109.72 -82.82 -71.45
CA TRP A 2821 -110.83 -83.63 -71.95
C TRP A 2821 -110.27 -84.84 -72.69
N THR A 2822 -109.79 -85.81 -71.90
CA THR A 2822 -109.23 -87.05 -72.43
C THR A 2822 -109.47 -88.17 -71.43
N ILE A 2823 -109.88 -89.33 -71.95
CA ILE A 2823 -109.96 -90.58 -71.19
C ILE A 2823 -109.37 -91.69 -72.05
N GLU A 2824 -108.48 -92.49 -71.46
CA GLU A 2824 -107.87 -93.60 -72.17
C GLU A 2824 -108.83 -94.78 -72.23
N LYS A 2825 -109.00 -95.34 -73.43
CA LYS A 2825 -109.84 -96.52 -73.63
C LYS A 2825 -108.97 -97.78 -73.48
N ALA A 2826 -108.58 -98.03 -72.23
CA ALA A 2826 -107.78 -99.21 -71.93
C ALA A 2826 -108.59 -100.48 -72.08
N ARG A 2827 -109.68 -100.60 -71.32
CA ARG A 2827 -110.55 -101.75 -71.39
C ARG A 2827 -111.96 -101.33 -70.98
N GLU A 2828 -112.95 -102.11 -71.40
CA GLU A 2828 -114.33 -101.84 -71.05
C GLU A 2828 -114.64 -102.36 -69.65
N GLY A 2829 -115.85 -102.06 -69.19
CA GLY A 2829 -116.26 -102.51 -67.86
C GLY A 2829 -116.39 -104.02 -67.81
N GLU A 2830 -115.79 -104.63 -66.80
CA GLU A 2830 -115.84 -106.08 -66.63
C GLU A 2830 -117.24 -106.51 -66.16
N TYR A 2855 -93.43 -114.21 -65.34
CA TYR A 2855 -93.41 -113.93 -63.90
C TYR A 2855 -92.23 -113.04 -63.53
N ASN A 2856 -91.07 -113.34 -64.12
CA ASN A 2856 -89.82 -112.62 -63.87
C ASN A 2856 -89.19 -112.27 -65.21
N PRO A 2857 -89.78 -111.34 -65.96
CA PRO A 2857 -89.21 -110.98 -67.26
C PRO A 2857 -87.88 -110.27 -67.13
N GLN A 2858 -87.02 -110.49 -68.12
CA GLN A 2858 -85.71 -109.88 -68.14
C GLN A 2858 -85.83 -108.40 -68.47
N PRO A 2859 -84.85 -107.58 -68.10
CA PRO A 2859 -84.96 -106.14 -68.37
C PRO A 2859 -84.54 -105.84 -69.81
N PRO A 2860 -85.43 -105.35 -70.68
CA PRO A 2860 -84.97 -105.03 -72.04
C PRO A 2860 -84.04 -103.83 -72.05
N ASP A 2861 -83.13 -103.83 -73.03
CA ASP A 2861 -82.11 -102.80 -73.14
C ASP A 2861 -82.73 -101.53 -73.74
N LEU A 2862 -82.95 -100.53 -72.89
CA LEU A 2862 -83.47 -99.22 -73.29
C LEU A 2862 -82.43 -98.11 -73.23
N SER A 2863 -81.38 -98.26 -72.42
CA SER A 2863 -80.34 -97.24 -72.29
C SER A 2863 -79.33 -97.25 -73.44
N GLY A 2864 -79.36 -98.26 -74.32
CA GLY A 2864 -78.41 -98.27 -75.43
C GLY A 2864 -78.64 -97.15 -76.41
N VAL A 2865 -79.90 -96.80 -76.66
CA VAL A 2865 -80.24 -95.76 -77.62
C VAL A 2865 -80.09 -94.40 -76.95
N THR A 2866 -79.66 -93.42 -77.74
CA THR A 2866 -79.50 -92.06 -77.24
C THR A 2866 -80.86 -91.44 -76.89
N LEU A 2867 -80.85 -90.61 -75.86
CA LEU A 2867 -82.07 -89.96 -75.40
C LEU A 2867 -82.62 -89.01 -76.47
N SER A 2868 -83.92 -89.11 -76.72
CA SER A 2868 -84.60 -88.33 -77.74
C SER A 2868 -85.21 -87.06 -77.16
N ARG A 2869 -85.40 -86.07 -78.04
CA ARG A 2869 -85.99 -84.80 -77.63
C ARG A 2869 -87.51 -84.89 -77.43
N GLU A 2870 -88.16 -85.78 -78.18
CA GLU A 2870 -89.61 -85.99 -78.03
C GLU A 2870 -89.95 -86.52 -76.64
N LEU A 2871 -89.09 -87.35 -76.07
CA LEU A 2871 -89.30 -87.79 -74.70
C LEU A 2871 -89.18 -86.62 -73.72
N GLN A 2872 -88.32 -85.65 -74.05
CA GLN A 2872 -88.31 -84.40 -73.28
C GLN A 2872 -89.64 -83.68 -73.41
N ALA A 2873 -90.26 -83.73 -74.59
CA ALA A 2873 -91.59 -83.10 -74.73
C ALA A 2873 -92.62 -83.80 -73.86
N MET A 2874 -92.57 -85.14 -73.78
CA MET A 2874 -93.50 -85.87 -72.92
C MET A 2874 -93.31 -85.48 -71.45
N ALA A 2875 -92.05 -85.53 -70.98
CA ALA A 2875 -91.76 -85.20 -69.58
C ALA A 2875 -92.10 -83.75 -69.27
N GLU A 2876 -91.75 -82.83 -70.17
CA GLU A 2876 -91.99 -81.42 -69.91
C GLU A 2876 -93.47 -81.07 -69.96
N GLN A 2877 -94.22 -81.66 -70.89
CA GLN A 2877 -95.64 -81.34 -70.99
C GLN A 2877 -96.40 -81.89 -69.79
N LEU A 2878 -96.13 -83.15 -69.41
CA LEU A 2878 -96.82 -83.70 -68.25
C LEU A 2878 -96.40 -83.00 -66.96
N ALA A 2879 -95.10 -82.72 -66.80
CA ALA A 2879 -94.66 -81.98 -65.62
C ALA A 2879 -95.19 -80.55 -65.63
N GLU A 2880 -95.40 -79.97 -66.82
CA GLU A 2880 -96.07 -78.67 -66.89
C GLU A 2880 -97.50 -78.76 -66.41
N ASN A 2881 -98.21 -79.83 -66.76
CA ASN A 2881 -99.58 -79.98 -66.27
C ASN A 2881 -99.62 -80.19 -64.76
N TYR A 2882 -98.73 -81.05 -64.25
CA TYR A 2882 -98.65 -81.29 -62.82
C TYR A 2882 -98.26 -80.01 -62.07
N HIS A 2883 -97.28 -79.28 -62.59
CA HIS A 2883 -96.85 -78.04 -61.97
C HIS A 2883 -97.86 -76.93 -62.16
N ASN A 2884 -98.64 -76.94 -63.24
CA ASN A 2884 -99.68 -75.93 -63.42
C ASN A 2884 -100.78 -76.12 -62.38
N THR A 2885 -101.23 -77.36 -62.19
CA THR A 2885 -102.26 -77.63 -61.18
C THR A 2885 -101.73 -77.38 -59.77
N TRP A 2886 -100.53 -77.88 -59.45
CA TRP A 2886 -99.96 -77.67 -58.12
C TRP A 2886 -99.60 -76.21 -57.89
N GLY A 2887 -99.10 -75.51 -58.92
CA GLY A 2887 -98.75 -74.11 -58.76
C GLY A 2887 -99.95 -73.23 -58.53
N ARG A 2888 -101.03 -73.47 -59.28
CA ARG A 2888 -102.26 -72.73 -59.00
C ARG A 2888 -102.84 -73.11 -57.64
N LYS A 2889 -102.65 -74.35 -57.20
CA LYS A 2889 -103.12 -74.76 -55.88
C LYS A 2889 -102.42 -73.97 -54.78
N LYS A 2890 -101.08 -73.89 -54.86
CA LYS A 2890 -100.36 -73.03 -53.92
C LYS A 2890 -100.64 -71.55 -54.16
N LYS A 2891 -101.06 -71.16 -55.37
CA LYS A 2891 -101.47 -69.79 -55.62
C LYS A 2891 -102.72 -69.45 -54.82
N GLN A 2892 -103.72 -70.35 -54.82
CA GLN A 2892 -104.88 -70.13 -53.97
C GLN A 2892 -104.51 -70.19 -52.50
N GLU A 2893 -103.52 -71.00 -52.12
CA GLU A 2893 -103.07 -70.96 -50.73
C GLU A 2893 -102.48 -69.60 -50.35
N LEU A 2894 -101.67 -69.02 -51.24
CA LEU A 2894 -101.10 -67.69 -51.00
C LEU A 2894 -102.19 -66.62 -50.94
N GLU A 2895 -103.19 -66.71 -51.82
CA GLU A 2895 -104.28 -65.73 -51.77
C GLU A 2895 -105.13 -65.91 -50.53
N ALA A 2896 -105.31 -67.16 -50.09
CA ALA A 2896 -106.15 -67.43 -48.92
C ALA A 2896 -105.49 -66.91 -47.65
N LYS A 2897 -104.19 -67.16 -47.48
CA LYS A 2897 -103.51 -66.71 -46.26
C LYS A 2897 -103.28 -65.20 -46.22
N GLY A 2898 -103.48 -64.48 -47.32
CA GLY A 2898 -103.40 -63.03 -47.31
C GLY A 2898 -102.00 -62.49 -47.53
N GLY A 2899 -101.38 -62.85 -48.66
CA GLY A 2899 -100.07 -62.33 -49.01
C GLY A 2899 -98.97 -62.82 -48.09
N GLY A 2900 -98.25 -61.87 -47.49
CA GLY A 2900 -97.13 -62.21 -46.63
C GLY A 2900 -95.89 -62.57 -47.44
N THR A 2901 -94.95 -63.23 -46.76
CA THR A 2901 -93.72 -63.65 -47.40
C THR A 2901 -94.01 -64.72 -48.45
N HIS A 2902 -93.33 -64.62 -49.59
CA HIS A 2902 -93.60 -65.43 -50.79
C HIS A 2902 -92.29 -65.96 -51.35
N PRO A 2903 -91.65 -66.93 -50.65
CA PRO A 2903 -90.36 -67.45 -51.14
C PRO A 2903 -90.50 -68.54 -52.21
N LEU A 2904 -91.58 -69.31 -52.16
CA LEU A 2904 -91.75 -70.46 -53.03
C LEU A 2904 -92.03 -70.10 -54.50
N LEU A 2905 -92.26 -68.83 -54.82
CA LEU A 2905 -92.53 -68.46 -56.20
C LEU A 2905 -91.26 -68.57 -57.03
N VAL A 2906 -91.26 -69.47 -58.01
CA VAL A 2906 -90.15 -69.70 -58.94
C VAL A 2906 -90.75 -69.81 -60.34
N PRO A 2907 -90.00 -69.52 -61.45
CA PRO A 2907 -90.52 -69.86 -62.78
C PRO A 2907 -90.57 -71.37 -63.04
N TYR A 2908 -90.93 -71.74 -64.26
CA TYR A 2908 -91.22 -73.13 -64.61
C TYR A 2908 -90.00 -73.86 -65.18
N ASP A 2909 -89.38 -73.31 -66.23
CA ASP A 2909 -88.27 -73.98 -66.88
C ASP A 2909 -86.98 -73.86 -66.08
N THR A 2910 -86.79 -72.75 -65.36
CA THR A 2910 -85.56 -72.45 -64.62
C THR A 2910 -85.65 -72.85 -63.16
N LEU A 2911 -86.34 -73.95 -62.86
CA LEU A 2911 -86.46 -74.42 -61.49
C LEU A 2911 -85.11 -74.89 -60.98
N THR A 2912 -85.05 -75.16 -59.67
CA THR A 2912 -83.82 -75.52 -58.99
C THR A 2912 -83.30 -76.87 -59.49
N ALA A 2913 -82.09 -77.22 -59.03
CA ALA A 2913 -81.47 -78.47 -59.44
C ALA A 2913 -82.25 -79.68 -58.94
N LYS A 2914 -82.86 -79.56 -57.76
CA LYS A 2914 -83.64 -80.67 -57.22
C LYS A 2914 -84.87 -80.95 -58.09
N GLU A 2915 -85.52 -79.91 -58.59
CA GLU A 2915 -86.67 -80.14 -59.47
C GLU A 2915 -86.24 -80.72 -60.82
N LYS A 2916 -85.10 -80.26 -61.35
CA LYS A 2916 -84.60 -80.81 -62.60
C LYS A 2916 -84.21 -82.28 -62.47
N ALA A 2917 -83.73 -82.69 -61.29
CA ALA A 2917 -83.31 -84.07 -61.07
C ALA A 2917 -84.43 -84.98 -60.59
N ARG A 2918 -85.40 -84.46 -59.84
CA ARG A 2918 -86.39 -85.32 -59.19
C ARG A 2918 -87.37 -85.91 -60.20
N ASP A 2919 -87.80 -85.12 -61.18
CA ASP A 2919 -88.74 -85.61 -62.18
C ASP A 2919 -88.13 -86.74 -63.02
N ARG A 2920 -86.82 -86.68 -63.26
CA ARG A 2920 -86.13 -87.75 -63.96
C ARG A 2920 -85.88 -88.95 -63.04
N GLU A 2921 -85.56 -88.69 -61.77
CA GLU A 2921 -85.11 -89.75 -60.85
C GLU A 2921 -86.26 -90.51 -60.21
N LYS A 2922 -87.47 -89.94 -60.16
CA LYS A 2922 -88.59 -90.64 -59.52
C LYS A 2922 -89.23 -91.71 -60.38
N ALA A 2923 -88.82 -91.85 -61.65
CA ALA A 2923 -89.33 -92.95 -62.47
C ALA A 2923 -88.83 -94.30 -61.98
N GLN A 2924 -87.59 -94.37 -61.49
CA GLN A 2924 -87.02 -95.67 -61.11
C GLN A 2924 -87.67 -96.22 -59.84
N GLU A 2925 -88.01 -95.36 -58.88
CA GLU A 2925 -88.50 -95.84 -57.59
C GLU A 2925 -89.90 -96.43 -57.73
N LEU A 2926 -90.81 -95.73 -58.40
CA LEU A 2926 -92.22 -96.13 -58.45
C LEU A 2926 -92.52 -97.15 -59.55
N LEU A 2927 -91.58 -97.43 -60.47
CA LEU A 2927 -91.87 -98.34 -61.57
C LEU A 2927 -92.05 -99.77 -61.08
N LYS A 2928 -91.27 -100.19 -60.09
CA LYS A 2928 -91.40 -101.55 -59.57
C LYS A 2928 -92.74 -101.74 -58.88
N PHE A 2929 -93.23 -100.72 -58.17
CA PHE A 2929 -94.56 -100.79 -57.58
C PHE A 2929 -95.63 -100.66 -58.65
N LEU A 2930 -95.43 -99.78 -59.63
CA LEU A 2930 -96.37 -99.51 -60.71
C LEU A 2930 -95.97 -100.21 -62.01
N GLN A 2931 -95.31 -101.35 -61.93
CA GLN A 2931 -95.00 -102.11 -63.14
C GLN A 2931 -96.25 -102.65 -63.81
N MET A 2932 -97.30 -102.93 -63.03
CA MET A 2932 -98.58 -103.31 -63.60
C MET A 2932 -99.18 -102.15 -64.38
N ASN A 2933 -99.96 -102.50 -65.40
CA ASN A 2933 -100.63 -101.53 -66.28
C ASN A 2933 -99.61 -100.71 -67.08
N GLY A 2934 -98.90 -99.80 -66.43
CA GLY A 2934 -97.88 -99.00 -67.09
C GLY A 2934 -98.45 -97.77 -67.78
N TYR A 2935 -97.84 -96.62 -67.55
CA TYR A 2935 -98.27 -95.40 -68.19
C TYR A 2935 -97.98 -95.45 -69.68
N ALA A 2936 -98.99 -95.14 -70.50
CA ALA A 2936 -98.89 -95.20 -71.96
C ALA A 2936 -99.62 -93.99 -72.56
N VAL A 2937 -98.87 -92.90 -72.75
CA VAL A 2937 -99.36 -91.71 -73.45
C VAL A 2937 -98.23 -91.22 -74.34
N THR A 2938 -98.58 -90.76 -75.54
CA THR A 2938 -97.62 -90.29 -76.54
C THR A 2938 -98.21 -89.07 -77.25
N ARG A 2939 -97.54 -87.93 -77.09
CA ARG A 2939 -97.98 -86.70 -77.76
C ARG A 2939 -96.78 -85.76 -77.85
N GLY A 2940 -96.25 -85.57 -79.07
CA GLY A 2940 -95.12 -84.68 -79.29
C GLY A 2940 -94.33 -84.91 -80.57
N LEU A 2941 -93.70 -83.84 -81.08
CA LEU A 2941 -92.82 -83.91 -82.24
C LEU A 2941 -92.09 -82.57 -82.36
N LYS A 2942 -90.79 -82.61 -82.68
CA LYS A 2942 -90.00 -81.39 -82.77
C LYS A 2942 -88.72 -81.63 -83.56
N ASP A 2943 -88.11 -80.53 -84.02
CA ASP A 2943 -86.83 -80.53 -84.70
C ASP A 2943 -86.19 -79.14 -84.55
N MET A 2944 -85.03 -78.93 -85.18
CA MET A 2944 -84.24 -77.70 -84.99
C MET A 2944 -83.45 -77.41 -86.28
N GLU A 2945 -84.07 -76.66 -87.19
CA GLU A 2945 -83.55 -76.36 -88.54
C GLU A 2945 -84.20 -75.05 -89.04
N LEU A 2946 -84.45 -74.89 -90.36
CA LEU A 2946 -84.83 -73.68 -91.07
C LEU A 2946 -86.30 -73.33 -90.73
N ASP A 2947 -86.99 -72.52 -91.55
CA ASP A 2947 -88.41 -72.15 -91.39
C ASP A 2947 -88.48 -71.25 -90.16
N THR A 2948 -89.57 -71.25 -89.38
CA THR A 2948 -89.51 -70.60 -88.08
C THR A 2948 -88.38 -71.21 -87.26
N SER A 2949 -88.43 -72.51 -87.04
CA SER A 2949 -87.31 -73.19 -86.43
C SER A 2949 -87.25 -74.71 -86.67
N SER A 2950 -87.96 -75.20 -87.67
CA SER A 2950 -88.42 -76.59 -87.69
C SER A 2950 -89.13 -76.92 -86.38
N ILE A 2951 -90.05 -76.03 -85.97
CA ILE A 2951 -90.86 -76.14 -84.76
C ILE A 2951 -89.95 -76.10 -83.52
N GLU A 2952 -89.98 -74.96 -82.81
CA GLU A 2952 -89.39 -74.83 -81.47
C GLU A 2952 -87.88 -75.03 -81.37
N LYS A 2953 -87.10 -74.10 -81.94
CA LYS A 2953 -85.63 -74.09 -81.94
C LYS A 2953 -85.12 -72.78 -82.56
N ARG A 2954 -83.96 -72.80 -83.26
CA ARG A 2954 -83.32 -71.60 -83.81
C ARG A 2954 -84.21 -70.81 -84.75
N PHE A 2955 -84.20 -69.50 -84.57
CA PHE A 2955 -85.04 -68.52 -85.24
C PHE A 2955 -84.58 -68.13 -86.65
N ALA A 2956 -83.46 -67.38 -86.78
CA ALA A 2956 -82.77 -66.97 -88.02
C ALA A 2956 -83.63 -66.80 -89.28
N PHE A 2957 -83.85 -67.91 -90.03
CA PHE A 2957 -84.77 -67.97 -91.16
C PHE A 2957 -86.17 -67.45 -90.85
N GLY A 2958 -86.62 -67.68 -89.60
CA GLY A 2958 -87.97 -67.30 -89.21
C GLY A 2958 -88.25 -65.82 -89.36
N PHE A 2959 -87.23 -64.99 -89.17
CA PHE A 2959 -87.47 -63.54 -89.10
C PHE A 2959 -87.74 -62.94 -90.48
N LEU A 2960 -87.20 -63.57 -91.51
CA LEU A 2960 -87.32 -63.12 -92.91
C LEU A 2960 -88.79 -63.16 -93.39
N GLN A 2961 -89.59 -64.05 -92.80
CA GLN A 2961 -91.03 -64.08 -93.07
C GLN A 2961 -91.69 -62.76 -92.71
N GLN A 2962 -91.35 -62.22 -91.54
CA GLN A 2962 -91.92 -60.94 -91.12
C GLN A 2962 -91.44 -59.79 -92.01
N LEU A 2963 -90.21 -59.87 -92.51
CA LEU A 2963 -89.72 -58.85 -93.45
C LEU A 2963 -90.55 -58.83 -94.71
N LEU A 2964 -90.81 -60.01 -95.28
CA LEU A 2964 -91.58 -60.10 -96.51
C LEU A 2964 -93.03 -59.60 -96.29
N ARG A 2965 -93.62 -59.96 -95.16
CA ARG A 2965 -94.99 -59.56 -94.85
C ARG A 2965 -95.08 -58.04 -94.63
N TRP A 2966 -94.17 -57.49 -93.82
CA TRP A 2966 -94.21 -56.05 -93.54
C TRP A 2966 -93.87 -55.23 -94.78
N MET A 2967 -93.06 -55.79 -95.70
CA MET A 2967 -92.82 -55.13 -96.97
C MET A 2967 -94.11 -55.06 -97.80
N ASP A 2968 -94.88 -56.16 -97.78
CA ASP A 2968 -96.16 -56.17 -98.49
C ASP A 2968 -97.13 -55.14 -97.91
N ILE A 2969 -97.01 -54.83 -96.62
CA ILE A 2969 -97.82 -53.72 -96.09
C ILE A 2969 -97.43 -52.38 -96.71
N SER A 2970 -96.15 -52.13 -96.99
CA SER A 2970 -95.74 -50.86 -97.59
C SER A 2970 -96.05 -50.75 -99.08
N GLN A 2971 -96.31 -51.89 -99.74
CA GLN A 2971 -96.61 -51.85 -101.18
C GLN A 2971 -97.85 -51.00 -101.49
N GLU A 2972 -98.91 -51.12 -100.68
CA GLU A 2972 -100.11 -50.35 -100.96
C GLU A 2972 -99.89 -48.86 -100.72
N PHE A 2973 -99.06 -48.50 -99.74
CA PHE A 2973 -98.81 -47.09 -99.47
C PHE A 2973 -98.06 -46.45 -100.64
N ILE A 2974 -97.01 -47.13 -101.14
CA ILE A 2974 -96.26 -46.54 -102.25
C ILE A 2974 -97.11 -46.49 -103.51
N ALA A 2975 -97.98 -47.50 -103.72
CA ALA A 2975 -98.85 -47.44 -104.89
C ALA A 2975 -99.90 -46.34 -104.76
N HIS A 2976 -100.51 -46.19 -103.58
CA HIS A 2976 -101.60 -45.24 -103.41
C HIS A 2976 -101.09 -43.80 -103.46
N LEU A 2977 -99.94 -43.53 -102.85
CA LEU A 2977 -99.44 -42.16 -102.83
C LEU A 2977 -98.97 -41.72 -104.21
N GLU A 2978 -98.50 -42.66 -105.04
CA GLU A 2978 -98.08 -42.32 -106.40
C GLU A 2978 -99.28 -41.90 -107.24
N HIS A 2991 -102.55 -45.05 -91.69
CA HIS A 2991 -101.76 -45.04 -92.90
C HIS A 2991 -100.31 -44.65 -92.57
N GLU A 2992 -100.16 -43.59 -91.78
CA GLU A 2992 -98.83 -43.09 -91.43
C GLU A 2992 -98.08 -44.00 -90.46
N GLN A 2993 -98.78 -44.90 -89.74
CA GLN A 2993 -98.14 -45.77 -88.76
C GLN A 2993 -97.16 -46.72 -89.43
N GLU A 2994 -97.56 -47.29 -90.57
CA GLU A 2994 -96.77 -48.29 -91.25
C GLU A 2994 -95.48 -47.68 -91.80
N ILE A 2995 -95.53 -46.41 -92.21
CA ILE A 2995 -94.36 -45.72 -92.77
C ILE A 2995 -93.27 -45.64 -91.72
N LYS A 2996 -93.62 -45.16 -90.52
CA LYS A 2996 -92.60 -44.95 -89.51
C LYS A 2996 -92.09 -46.26 -88.97
N PHE A 2997 -92.97 -47.26 -88.79
CA PHE A 2997 -92.51 -48.53 -88.23
C PHE A 2997 -91.62 -49.28 -89.22
N PHE A 2998 -92.04 -49.38 -90.49
CA PHE A 2998 -91.28 -50.16 -91.46
C PHE A 2998 -90.11 -49.36 -92.03
N ALA A 2999 -90.39 -48.20 -92.62
CA ALA A 2999 -89.41 -47.40 -93.35
C ALA A 2999 -88.67 -46.39 -92.47
N LYS A 3000 -88.89 -46.39 -91.14
CA LYS A 3000 -88.16 -45.52 -90.23
C LYS A 3000 -87.74 -46.16 -88.91
N ILE A 3001 -88.09 -47.43 -88.66
CA ILE A 3001 -87.76 -48.12 -87.40
C ILE A 3001 -87.01 -49.43 -87.65
N LEU A 3002 -87.27 -50.09 -88.78
CA LEU A 3002 -86.66 -51.38 -89.11
C LEU A 3002 -85.41 -51.26 -89.98
N LEU A 3003 -85.11 -50.09 -90.52
CA LEU A 3003 -83.92 -49.94 -91.37
C LEU A 3003 -82.61 -50.21 -90.62
N PRO A 3004 -82.32 -49.61 -89.47
CA PRO A 3004 -81.07 -49.96 -88.77
C PRO A 3004 -81.00 -51.40 -88.29
N LEU A 3005 -82.15 -52.03 -87.99
CA LEU A 3005 -82.15 -53.43 -87.56
C LEU A 3005 -81.65 -54.36 -88.68
N ILE A 3006 -82.27 -54.26 -89.85
CA ILE A 3006 -81.87 -55.11 -90.98
C ILE A 3006 -80.47 -54.74 -91.46
N ASN A 3007 -80.15 -53.44 -91.45
CA ASN A 3007 -78.84 -53.02 -91.91
C ASN A 3007 -77.72 -53.49 -90.98
N GLN A 3008 -77.99 -53.56 -89.67
CA GLN A 3008 -77.04 -54.17 -88.76
C GLN A 3008 -76.93 -55.68 -89.00
N TYR A 3009 -78.06 -56.31 -89.34
CA TYR A 3009 -78.08 -57.75 -89.56
C TYR A 3009 -77.20 -58.15 -90.73
N PHE A 3010 -77.20 -57.38 -91.82
CA PHE A 3010 -76.35 -57.74 -92.95
C PHE A 3010 -74.88 -57.53 -92.65
N THR A 3011 -74.54 -56.55 -91.82
CA THR A 3011 -73.13 -56.27 -91.56
C THR A 3011 -72.52 -57.29 -90.61
N ASN A 3012 -73.16 -57.52 -89.45
CA ASN A 3012 -72.56 -58.43 -88.48
C ASN A 3012 -72.56 -59.89 -88.96
N HIS A 3013 -73.50 -60.26 -89.84
CA HIS A 3013 -73.67 -61.62 -90.35
C HIS A 3013 -73.44 -61.70 -91.86
N CYS A 3014 -72.38 -61.04 -92.35
CA CYS A 3014 -72.06 -61.09 -93.77
C CYS A 3014 -71.64 -62.49 -94.20
N LEU A 3015 -70.80 -63.14 -93.39
CA LEU A 3015 -70.35 -64.50 -93.69
C LEU A 3015 -71.50 -65.50 -93.67
N TYR A 3016 -72.53 -65.24 -92.87
CA TYR A 3016 -73.68 -66.14 -92.81
C TYR A 3016 -74.41 -66.16 -94.14
N PHE A 3017 -74.54 -65.00 -94.79
CA PHE A 3017 -75.28 -64.91 -96.04
C PHE A 3017 -74.44 -65.36 -97.23
N LEU A 3018 -73.21 -64.81 -97.36
CA LEU A 3018 -72.46 -65.09 -98.59
C LEU A 3018 -71.93 -66.52 -98.64
N SER A 3019 -71.63 -67.12 -97.48
CA SER A 3019 -71.03 -68.45 -97.46
C SER A 3019 -72.08 -69.51 -97.77
N THR A 3020 -71.66 -70.78 -97.68
CA THR A 3020 -72.47 -71.97 -97.91
C THR A 3020 -72.48 -72.80 -96.63
N PRO A 3021 -73.32 -73.85 -96.51
CA PRO A 3021 -73.23 -74.69 -95.32
C PRO A 3021 -71.91 -75.46 -95.24
N ALA A 3022 -71.51 -76.06 -96.37
CA ALA A 3022 -70.28 -76.84 -96.39
C ALA A 3022 -69.05 -75.96 -96.25
N LYS A 3023 -69.00 -74.89 -97.05
CA LYS A 3023 -67.87 -73.96 -97.09
C LYS A 3023 -68.23 -72.70 -96.30
N VAL A 3024 -67.43 -72.41 -95.27
CA VAL A 3024 -67.60 -71.23 -94.44
C VAL A 3024 -66.23 -70.65 -94.14
N LEU A 3025 -66.15 -69.32 -94.14
CA LEU A 3025 -64.90 -68.60 -93.91
C LEU A 3025 -64.73 -68.26 -92.43
N HIS A 3030 -72.93 -71.58 -93.40
CA HIS A 3030 -73.77 -72.23 -92.39
C HIS A 3030 -75.25 -72.05 -92.72
N ALA A 3031 -75.82 -73.03 -93.43
CA ALA A 3031 -77.26 -73.07 -93.75
C ALA A 3031 -77.67 -71.86 -94.58
N SER A 3032 -77.06 -71.78 -95.77
CA SER A 3032 -77.30 -70.71 -96.74
C SER A 3032 -77.72 -71.27 -98.09
N ASN A 3033 -78.45 -72.39 -98.09
CA ASN A 3033 -78.98 -72.94 -99.33
C ASN A 3033 -80.22 -72.18 -99.77
N LYS A 3034 -81.27 -72.20 -98.94
CA LYS A 3034 -82.48 -71.42 -99.16
C LYS A 3034 -82.40 -70.01 -98.60
N GLU A 3035 -81.46 -69.74 -97.67
CA GLU A 3035 -81.28 -68.38 -97.16
C GLU A 3035 -80.94 -67.40 -98.27
N LYS A 3036 -80.09 -67.81 -99.22
CA LYS A 3036 -79.68 -66.94 -100.31
C LYS A 3036 -80.81 -66.59 -101.26
N GLU A 3037 -81.89 -67.36 -101.29
CA GLU A 3037 -82.93 -67.16 -102.30
C GLU A 3037 -83.84 -65.99 -101.95
N MET A 3038 -84.50 -66.03 -100.79
CA MET A 3038 -85.50 -65.01 -100.50
C MET A 3038 -84.87 -63.67 -100.18
N ILE A 3039 -83.61 -63.64 -99.72
CA ILE A 3039 -82.94 -62.37 -99.57
C ILE A 3039 -82.69 -61.75 -100.93
N THR A 3040 -82.38 -62.57 -101.94
CA THR A 3040 -82.26 -62.04 -103.30
C THR A 3040 -83.61 -61.57 -103.81
N SER A 3041 -84.69 -62.24 -103.40
CA SER A 3041 -86.01 -61.75 -103.75
C SER A 3041 -86.25 -60.37 -103.14
N LEU A 3042 -85.81 -60.18 -101.89
CA LEU A 3042 -85.89 -58.87 -101.25
C LEU A 3042 -85.05 -57.83 -101.98
N PHE A 3043 -83.85 -58.20 -102.42
CA PHE A 3043 -82.98 -57.25 -103.12
C PHE A 3043 -83.55 -56.86 -104.49
N CYS A 3044 -84.06 -57.85 -105.22
CA CYS A 3044 -84.70 -57.57 -106.51
C CYS A 3044 -85.94 -56.72 -106.31
N LYS A 3045 -86.68 -56.97 -105.23
CA LYS A 3045 -87.82 -56.13 -104.91
C LYS A 3045 -87.38 -54.73 -104.54
N LEU A 3046 -86.21 -54.58 -103.91
CA LEU A 3046 -85.70 -53.24 -103.62
C LEU A 3046 -85.36 -52.52 -104.90
N ALA A 3047 -84.84 -53.24 -105.90
CA ALA A 3047 -84.61 -52.63 -107.21
C ALA A 3047 -85.93 -52.18 -107.83
N ALA A 3048 -86.99 -52.97 -107.64
CA ALA A 3048 -88.31 -52.54 -108.10
C ALA A 3048 -88.84 -51.35 -107.30
N LEU A 3049 -88.56 -51.30 -105.99
CA LEU A 3049 -89.03 -50.21 -105.14
C LEU A 3049 -88.39 -48.89 -105.56
N VAL A 3050 -87.10 -48.91 -105.87
CA VAL A 3050 -86.40 -47.72 -106.38
C VAL A 3050 -86.62 -47.70 -107.89
N ARG A 3051 -87.78 -47.20 -108.29
CA ARG A 3051 -88.13 -47.13 -109.69
C ARG A 3051 -87.33 -46.02 -110.38
N HIS A 3052 -87.41 -46.02 -111.71
CA HIS A 3052 -86.70 -44.99 -112.47
C HIS A 3052 -87.31 -43.61 -112.23
N ARG A 3053 -88.61 -43.53 -111.97
CA ARG A 3053 -89.24 -42.26 -111.63
C ARG A 3053 -88.82 -41.84 -110.23
N VAL A 3054 -88.72 -40.53 -110.04
CA VAL A 3054 -88.24 -40.00 -108.76
C VAL A 3054 -89.33 -40.12 -107.70
N SER A 3055 -90.45 -39.44 -107.92
CA SER A 3055 -91.56 -39.36 -106.96
C SER A 3055 -91.01 -38.73 -105.68
N LEU A 3056 -91.52 -39.12 -104.50
CA LEU A 3056 -90.91 -38.75 -103.23
C LEU A 3056 -89.72 -39.68 -102.98
N PHE A 3057 -88.63 -39.35 -103.66
CA PHE A 3057 -87.25 -39.75 -103.36
C PHE A 3057 -86.96 -39.79 -101.87
N GLY A 3058 -87.38 -38.76 -101.13
CA GLY A 3058 -87.25 -38.76 -99.68
C GLY A 3058 -85.86 -38.40 -99.21
N THR A 3059 -85.79 -37.65 -98.10
CA THR A 3059 -84.50 -37.23 -97.55
C THR A 3059 -83.77 -38.35 -96.82
N ASP A 3060 -84.41 -39.49 -96.55
CA ASP A 3060 -83.77 -40.55 -95.78
C ASP A 3060 -82.72 -41.28 -96.61
N ALA A 3061 -81.49 -40.78 -96.58
CA ALA A 3061 -80.39 -41.47 -97.27
C ALA A 3061 -80.13 -42.89 -96.76
N PRO A 3062 -80.11 -43.18 -95.45
CA PRO A 3062 -79.98 -44.58 -95.00
C PRO A 3062 -81.08 -45.49 -95.51
N ALA A 3063 -82.29 -44.96 -95.74
CA ALA A 3063 -83.36 -45.77 -96.29
C ALA A 3063 -83.05 -46.22 -97.71
N VAL A 3064 -82.29 -45.42 -98.48
CA VAL A 3064 -82.15 -45.62 -99.92
C VAL A 3064 -80.81 -46.28 -100.23
N VAL A 3065 -79.70 -45.59 -99.96
CA VAL A 3065 -78.42 -45.91 -100.59
C VAL A 3065 -77.55 -46.81 -99.72
N ASN A 3066 -77.48 -46.54 -98.41
CA ASN A 3066 -76.55 -47.27 -97.54
C ASN A 3066 -76.98 -48.71 -97.37
N CYS A 3067 -78.29 -48.93 -97.22
CA CYS A 3067 -78.84 -50.27 -97.15
C CYS A 3067 -78.55 -51.04 -98.43
N LEU A 3068 -78.65 -50.37 -99.58
CA LEU A 3068 -78.35 -51.02 -100.85
C LEU A 3068 -76.87 -51.40 -100.95
N HIS A 3069 -75.98 -50.55 -100.43
CA HIS A 3069 -74.54 -50.84 -100.50
C HIS A 3069 -74.21 -52.08 -99.67
N ILE A 3070 -74.65 -52.10 -98.41
CA ILE A 3070 -74.39 -53.27 -97.57
C ILE A 3070 -75.15 -54.50 -98.08
N LEU A 3071 -76.30 -54.30 -98.73
CA LEU A 3071 -77.02 -55.42 -99.33
C LEU A 3071 -76.21 -56.05 -100.44
N ALA A 3072 -75.59 -55.22 -101.29
CA ALA A 3072 -74.70 -55.75 -102.31
C ALA A 3072 -73.47 -56.40 -101.68
N ARG A 3073 -73.01 -55.89 -100.54
CA ARG A 3073 -71.94 -56.56 -99.83
C ARG A 3073 -72.40 -57.92 -99.30
N SER A 3074 -73.64 -58.01 -98.84
CA SER A 3074 -74.24 -59.26 -98.37
C SER A 3074 -74.95 -59.99 -99.50
N LEU A 3075 -74.24 -60.20 -100.60
CA LEU A 3075 -74.76 -60.87 -101.79
C LEU A 3075 -74.26 -62.31 -101.82
N ARG A 3078 -75.28 -71.74 -104.40
CA ARG A 3078 -74.90 -70.35 -104.59
C ARG A 3078 -75.43 -69.83 -105.92
N THR A 3079 -75.25 -70.61 -106.97
CA THR A 3079 -75.68 -70.25 -108.30
C THR A 3079 -77.14 -70.63 -108.51
N VAL A 3080 -77.73 -70.01 -109.53
CA VAL A 3080 -79.10 -70.27 -109.95
C VAL A 3080 -79.18 -70.88 -111.35
N MET A 3081 -78.10 -70.89 -112.12
CA MET A 3081 -78.11 -71.33 -113.51
C MET A 3081 -78.07 -72.83 -113.66
N SER A 3083 -81.25 -74.08 -110.49
CA SER A 3083 -81.03 -74.34 -109.08
C SER A 3083 -81.94 -73.45 -108.23
N GLY A 3084 -82.84 -74.08 -107.47
CA GLY A 3084 -83.75 -73.35 -106.63
C GLY A 3084 -84.81 -72.64 -107.44
N PRO A 3085 -85.56 -71.74 -106.81
CA PRO A 3085 -86.47 -70.87 -107.57
C PRO A 3085 -85.71 -70.00 -108.55
N GLU A 3086 -86.29 -69.82 -109.74
CA GLU A 3086 -85.69 -69.08 -110.83
C GLU A 3086 -86.13 -67.62 -110.85
N ILE A 3087 -86.58 -67.08 -109.72
CA ILE A 3087 -86.90 -65.66 -109.64
C ILE A 3087 -85.61 -64.83 -109.63
N VAL A 3088 -84.48 -65.41 -109.24
CA VAL A 3088 -83.22 -64.66 -109.26
C VAL A 3088 -82.81 -64.33 -110.68
N LYS A 3089 -82.94 -65.29 -111.61
CA LYS A 3089 -82.63 -65.01 -113.01
C LYS A 3089 -83.59 -63.97 -113.60
N ALA A 3090 -84.88 -64.10 -113.24
CA ALA A 3090 -85.89 -63.13 -113.66
C ALA A 3090 -85.56 -61.73 -113.16
N GLY A 3091 -85.16 -61.62 -111.89
CA GLY A 3091 -84.74 -60.34 -111.36
C GLY A 3091 -83.48 -59.83 -112.02
N LEU A 3092 -82.49 -60.71 -112.19
CA LEU A 3092 -81.19 -60.35 -112.72
C LEU A 3092 -81.27 -59.82 -114.14
N ARG A 3093 -82.27 -60.23 -114.91
CA ARG A 3093 -82.55 -59.65 -116.22
C ARG A 3093 -83.51 -58.47 -116.17
N SER A 3094 -84.57 -58.52 -115.35
CA SER A 3094 -85.66 -57.55 -115.41
C SER A 3094 -85.23 -56.12 -115.08
N PHE A 3095 -84.87 -55.87 -113.81
CA PHE A 3095 -84.51 -54.51 -113.44
C PHE A 3095 -83.17 -54.10 -114.01
N PHE A 3096 -82.27 -55.08 -114.24
CA PHE A 3096 -80.99 -54.77 -114.88
C PHE A 3096 -81.22 -54.20 -116.28
N GLU A 3097 -82.03 -54.89 -117.08
CA GLU A 3097 -82.32 -54.41 -118.42
C GLU A 3097 -83.12 -53.11 -118.40
N SER A 3098 -84.08 -52.97 -117.49
CA SER A 3098 -84.91 -51.77 -117.48
C SER A 3098 -84.09 -50.54 -117.06
N ALA A 3099 -83.37 -50.65 -115.94
CA ALA A 3099 -82.54 -49.57 -115.43
C ALA A 3099 -81.44 -49.21 -116.41
N SER A 3100 -80.86 -50.20 -117.09
CA SER A 3100 -79.87 -49.91 -118.11
C SER A 3100 -80.53 -49.23 -119.31
N GLU A 3101 -81.63 -49.80 -119.83
CA GLU A 3101 -82.23 -49.38 -121.09
C GLU A 3101 -82.75 -47.95 -121.01
N ASP A 3102 -83.09 -47.47 -119.82
CA ASP A 3102 -83.27 -46.03 -119.64
C ASP A 3102 -82.00 -45.26 -120.01
N ILE A 3103 -80.84 -45.74 -119.55
CA ILE A 3103 -79.59 -45.02 -119.77
C ILE A 3103 -79.24 -45.03 -121.25
N GLU A 3104 -79.34 -46.21 -121.89
CA GLU A 3104 -79.08 -46.23 -123.34
C GLU A 3104 -80.14 -45.48 -124.12
N LYS A 3105 -81.33 -45.28 -123.56
CA LYS A 3105 -82.26 -44.32 -124.14
C LYS A 3105 -81.67 -42.91 -124.12
N MET A 3106 -81.05 -42.50 -123.00
CA MET A 3106 -80.66 -41.11 -122.77
C MET A 3106 -79.15 -40.87 -122.64
N VAL A 3107 -78.29 -41.73 -123.21
CA VAL A 3107 -76.87 -41.37 -123.29
C VAL A 3107 -76.65 -40.21 -124.24
N GLU A 3108 -77.43 -40.13 -125.32
CA GLU A 3108 -77.35 -38.96 -126.21
C GLU A 3108 -78.04 -37.75 -125.60
N ASN A 3109 -79.11 -37.96 -124.82
CA ASN A 3109 -79.83 -36.85 -124.19
C ASN A 3109 -79.16 -36.44 -122.88
N LEU A 3110 -79.09 -37.36 -121.92
CA LEU A 3110 -78.60 -37.12 -120.56
C LEU A 3110 -79.48 -36.03 -119.96
N ARG A 3111 -78.95 -34.86 -119.57
CA ARG A 3111 -79.81 -33.79 -119.08
C ARG A 3111 -80.55 -33.07 -120.22
N LEU A 3112 -80.04 -33.14 -121.45
CA LEU A 3112 -80.60 -32.38 -122.58
C LEU A 3112 -82.04 -32.78 -122.86
N GLY A 3113 -82.39 -34.04 -122.65
CA GLY A 3113 -83.76 -34.50 -122.83
C GLY A 3113 -84.70 -33.94 -121.78
N VAL A 3125 -86.04 -35.50 -118.76
CA VAL A 3125 -85.91 -34.43 -117.77
C VAL A 3125 -84.67 -34.67 -116.92
N GLY A 3126 -84.31 -33.66 -116.13
CA GLY A 3126 -83.08 -33.66 -115.35
C GLY A 3126 -83.27 -34.00 -113.89
N GLN A 3127 -84.18 -34.94 -113.57
CA GLN A 3127 -84.37 -35.47 -112.23
C GLN A 3127 -84.36 -36.99 -112.19
N ASN A 3128 -84.89 -37.67 -113.21
CA ASN A 3128 -84.86 -39.13 -113.21
C ASN A 3128 -83.45 -39.65 -113.41
N LEU A 3129 -82.60 -38.90 -114.13
CA LEU A 3129 -81.22 -39.33 -114.32
C LEU A 3129 -80.44 -39.33 -113.01
N THR A 3130 -80.64 -38.31 -112.17
CA THR A 3130 -79.95 -38.24 -110.89
C THR A 3130 -80.42 -39.32 -109.92
N TYR A 3131 -81.74 -39.56 -109.89
CA TYR A 3131 -82.29 -40.62 -109.05
C TYR A 3131 -81.79 -41.98 -109.50
N THR A 3132 -81.77 -42.21 -110.81
CA THR A 3132 -81.21 -43.43 -111.36
C THR A 3132 -79.73 -43.56 -111.05
N THR A 3133 -79.00 -42.42 -111.05
CA THR A 3133 -77.58 -42.43 -110.76
C THR A 3133 -77.31 -42.93 -109.34
N VAL A 3134 -77.86 -42.26 -108.34
CA VAL A 3134 -77.57 -42.70 -106.97
C VAL A 3134 -78.26 -44.02 -106.65
N ALA A 3135 -79.32 -44.39 -107.37
CA ALA A 3135 -79.92 -45.70 -107.17
C ALA A 3135 -79.00 -46.82 -107.64
N LEU A 3136 -78.37 -46.66 -108.81
CA LEU A 3136 -77.64 -47.73 -109.48
C LEU A 3136 -76.13 -47.64 -109.31
N LEU A 3137 -75.53 -46.50 -109.66
CA LEU A 3137 -74.08 -46.40 -109.86
C LEU A 3137 -73.25 -46.69 -108.61
N PRO A 3138 -73.57 -46.17 -107.41
CA PRO A 3138 -72.78 -46.61 -106.24
C PRO A 3138 -73.09 -48.05 -105.80
N VAL A 3139 -74.33 -48.50 -105.96
CA VAL A 3139 -74.74 -49.82 -105.48
C VAL A 3139 -74.10 -50.94 -106.31
N LEU A 3140 -74.08 -50.75 -107.63
CA LEU A 3140 -73.61 -51.80 -108.52
C LEU A 3140 -72.11 -52.05 -108.38
N THR A 3141 -71.35 -51.03 -107.96
CA THR A 3141 -69.92 -51.20 -107.73
C THR A 3141 -69.66 -52.26 -106.65
N THR A 3142 -70.38 -52.14 -105.53
CA THR A 3142 -70.29 -53.13 -104.48
C THR A 3142 -70.81 -54.49 -104.94
N LEU A 3143 -71.82 -54.50 -105.82
CA LEU A 3143 -72.32 -55.76 -106.36
C LEU A 3143 -71.23 -56.53 -107.11
N PHE A 3144 -70.58 -55.86 -108.07
CA PHE A 3144 -69.53 -56.58 -108.81
C PHE A 3144 -68.30 -56.81 -107.96
N GLN A 3145 -68.07 -56.01 -106.91
CA GLN A 3145 -66.99 -56.34 -106.00
C GLN A 3145 -67.24 -57.66 -105.30
N HIS A 3146 -68.47 -57.88 -104.84
CA HIS A 3146 -68.81 -59.16 -104.22
C HIS A 3146 -68.67 -60.31 -105.20
N ILE A 3147 -69.11 -60.11 -106.45
CA ILE A 3147 -69.00 -61.18 -107.44
C ILE A 3147 -67.54 -61.44 -107.80
N ALA A 3148 -66.76 -60.38 -108.04
CA ALA A 3148 -65.42 -60.53 -108.56
C ALA A 3148 -64.47 -61.10 -107.51
N GLN A 3149 -64.66 -60.73 -106.24
CA GLN A 3149 -63.79 -61.25 -105.19
C GLN A 3149 -63.95 -62.76 -105.03
N HIS A 3150 -65.19 -63.24 -105.09
CA HIS A 3150 -65.48 -64.67 -105.03
C HIS A 3150 -65.34 -65.39 -106.37
N GLN A 3151 -64.89 -64.70 -107.43
CA GLN A 3151 -64.64 -65.26 -108.78
C GLN A 3151 -65.83 -66.05 -109.32
N PHE A 3152 -67.04 -65.56 -109.05
CA PHE A 3152 -68.28 -66.07 -109.64
C PHE A 3152 -68.66 -65.37 -110.93
N GLY A 3153 -67.92 -64.33 -111.36
CA GLY A 3153 -68.29 -63.61 -112.56
C GLY A 3153 -68.15 -64.39 -113.85
N ASP A 3154 -67.41 -65.51 -113.83
CA ASP A 3154 -67.16 -66.27 -115.05
C ASP A 3154 -68.43 -66.92 -115.59
N ASP A 3155 -69.31 -67.39 -114.69
CA ASP A 3155 -70.43 -68.27 -115.04
C ASP A 3155 -71.81 -67.75 -114.69
N VAL A 3156 -71.95 -66.96 -113.61
CA VAL A 3156 -73.28 -66.69 -113.05
C VAL A 3156 -74.08 -65.63 -113.81
N ILE A 3157 -73.54 -65.04 -114.90
CA ILE A 3157 -74.23 -64.01 -115.68
C ILE A 3157 -74.18 -64.28 -117.19
N LEU A 3158 -73.96 -65.55 -117.57
CA LEU A 3158 -73.82 -65.99 -118.96
C LEU A 3158 -74.99 -65.56 -119.86
N ASP A 3159 -76.22 -65.72 -119.40
CA ASP A 3159 -77.38 -65.79 -120.29
C ASP A 3159 -78.08 -64.43 -120.36
N ASP A 3160 -77.64 -63.61 -121.33
CA ASP A 3160 -78.22 -62.32 -121.72
C ASP A 3160 -77.97 -61.17 -120.75
N VAL A 3161 -77.39 -61.45 -119.58
CA VAL A 3161 -76.85 -60.40 -118.74
C VAL A 3161 -75.54 -59.88 -119.34
N GLN A 3162 -74.76 -60.78 -119.96
CA GLN A 3162 -73.62 -60.37 -120.77
C GLN A 3162 -74.07 -59.43 -121.88
N VAL A 3163 -75.14 -59.78 -122.58
CA VAL A 3163 -75.60 -58.99 -123.71
C VAL A 3163 -76.11 -57.63 -123.23
N SER A 3164 -76.84 -57.63 -122.11
CA SER A 3164 -77.40 -56.39 -121.58
C SER A 3164 -76.31 -55.44 -121.08
N CYS A 3165 -75.27 -55.96 -120.42
CA CYS A 3165 -74.18 -55.09 -119.96
C CYS A 3165 -73.30 -54.65 -121.13
N TYR A 3166 -73.10 -55.53 -122.10
CA TYR A 3166 -72.30 -55.16 -123.26
C TYR A 3166 -73.02 -54.10 -124.11
N ARG A 3167 -74.35 -54.04 -124.04
CA ARG A 3167 -75.06 -52.90 -124.65
C ARG A 3167 -74.66 -51.58 -123.99
N THR A 3168 -74.44 -51.58 -122.68
CA THR A 3168 -73.89 -50.40 -122.02
C THR A 3168 -72.49 -50.10 -122.53
N LEU A 3169 -71.72 -51.15 -122.82
CA LEU A 3169 -70.44 -50.91 -123.47
C LEU A 3169 -70.62 -50.31 -124.87
N CYS A 3170 -71.68 -50.68 -125.58
CA CYS A 3170 -71.93 -50.04 -126.87
C CYS A 3170 -72.29 -48.57 -126.71
N SER A 3171 -72.99 -48.20 -125.64
CA SER A 3171 -73.41 -46.82 -125.41
C SER A 3171 -72.38 -45.99 -124.64
N ILE A 3172 -71.26 -46.57 -124.20
CA ILE A 3172 -70.30 -45.81 -123.41
C ILE A 3172 -69.55 -44.76 -124.22
N TYR A 3173 -69.56 -44.86 -125.56
CA TYR A 3173 -68.86 -43.88 -126.39
C TYR A 3173 -69.45 -42.49 -126.26
N SER A 3174 -70.78 -42.40 -126.13
CA SER A 3174 -71.45 -41.11 -126.01
C SER A 3174 -71.05 -40.37 -124.73
N LEU A 3175 -70.69 -41.12 -123.68
CA LEU A 3175 -70.16 -40.52 -122.44
C LEU A 3175 -68.68 -40.23 -122.68
N GLY A 3176 -68.43 -39.14 -123.41
CA GLY A 3176 -67.10 -38.69 -123.77
C GLY A 3176 -67.01 -38.19 -125.20
N THR A 3177 -67.79 -38.79 -126.10
CA THR A 3177 -67.82 -38.32 -127.48
C THR A 3177 -68.58 -37.01 -127.61
N THR A 3178 -69.70 -36.90 -126.89
CA THR A 3178 -70.55 -35.71 -126.85
C THR A 3178 -70.64 -35.21 -125.42
N LYS A 3179 -70.51 -33.89 -125.25
CA LYS A 3179 -70.50 -33.24 -123.95
C LYS A 3179 -71.29 -31.94 -124.08
N ASN A 3180 -72.53 -31.94 -123.59
CA ASN A 3180 -73.36 -30.74 -123.56
C ASN A 3180 -73.28 -30.07 -122.18
N THR A 3181 -73.66 -30.78 -121.12
CA THR A 3181 -73.42 -30.36 -119.73
C THR A 3181 -72.98 -31.48 -118.82
N TYR A 3182 -73.27 -32.74 -119.13
CA TYR A 3182 -73.29 -33.84 -118.17
C TYR A 3182 -72.08 -34.75 -118.33
N LYS A 3185 -68.64 -34.41 -115.47
CA LYS A 3185 -68.85 -34.32 -114.03
C LYS A 3185 -68.88 -35.72 -113.41
N LEU A 3186 -69.87 -36.52 -113.80
CA LEU A 3186 -70.01 -37.89 -113.32
C LEU A 3186 -69.08 -38.87 -114.03
N ARG A 3187 -68.33 -38.44 -115.05
CA ARG A 3187 -67.46 -39.35 -115.79
C ARG A 3187 -66.40 -40.06 -114.95
N PRO A 3188 -65.74 -39.46 -113.96
CA PRO A 3188 -64.87 -40.28 -113.10
C PRO A 3188 -65.62 -41.31 -112.25
N ALA A 3189 -66.72 -40.92 -111.60
CA ALA A 3189 -67.49 -41.88 -110.82
C ALA A 3189 -68.11 -42.94 -111.72
N LEU A 3190 -68.57 -42.52 -112.90
CA LEU A 3190 -69.06 -43.47 -113.90
C LEU A 3190 -67.92 -44.38 -114.34
N GLY A 3191 -66.72 -43.84 -114.45
CA GLY A 3191 -65.59 -44.66 -114.83
C GLY A 3191 -65.24 -45.70 -113.79
N GLU A 3192 -65.41 -45.37 -112.51
CA GLU A 3192 -65.20 -46.36 -111.45
C GLU A 3192 -66.22 -47.48 -111.54
N CYS A 3193 -67.51 -47.10 -111.68
CA CYS A 3193 -68.56 -48.11 -111.84
C CYS A 3193 -68.36 -48.92 -113.12
N LEU A 3194 -67.86 -48.28 -114.17
CA LEU A 3194 -67.52 -48.98 -115.40
C LEU A 3194 -66.36 -49.94 -115.19
N ALA A 3195 -65.35 -49.52 -114.43
CA ALA A 3195 -64.16 -50.33 -114.19
C ALA A 3195 -64.51 -51.59 -113.43
N ARG A 3196 -65.54 -51.53 -112.59
CA ARG A 3196 -65.97 -52.76 -111.92
C ARG A 3196 -66.55 -53.81 -112.88
N LEU A 3197 -67.02 -53.42 -114.07
CA LEU A 3197 -67.53 -54.42 -115.01
C LEU A 3197 -66.42 -55.30 -115.55
N ALA A 3198 -65.22 -54.74 -115.75
CA ALA A 3198 -64.10 -55.53 -116.22
C ALA A 3198 -63.68 -56.59 -115.22
N ALA A 3199 -63.87 -56.31 -113.92
CA ALA A 3199 -63.65 -57.32 -112.90
C ALA A 3199 -64.63 -58.49 -113.02
N ALA A 3200 -65.84 -58.20 -113.52
CA ALA A 3200 -66.90 -59.20 -113.72
C ALA A 3200 -67.17 -59.40 -115.21
N MET A 3201 -66.09 -59.53 -115.98
CA MET A 3201 -66.12 -59.70 -117.43
C MET A 3201 -65.89 -61.17 -117.79
N PRO A 3202 -66.93 -62.01 -117.92
CA PRO A 3202 -66.70 -63.41 -118.28
C PRO A 3202 -66.16 -63.62 -119.69
N VAL A 3203 -66.73 -62.92 -120.67
CA VAL A 3203 -66.32 -63.11 -122.05
C VAL A 3203 -64.95 -62.50 -122.27
N ALA A 3204 -64.05 -63.27 -122.89
CA ALA A 3204 -62.72 -62.82 -123.26
C ALA A 3204 -62.76 -62.32 -124.70
N PHE A 3205 -62.72 -61.00 -124.87
CA PHE A 3205 -62.89 -60.35 -126.17
C PHE A 3205 -61.60 -59.76 -126.74
N LEU A 3206 -60.43 -60.25 -126.30
CA LEU A 3206 -59.19 -59.85 -126.95
C LEU A 3206 -59.17 -60.33 -128.39
N GLU A 3207 -59.64 -61.56 -128.63
CA GLU A 3207 -59.83 -62.15 -129.94
C GLU A 3207 -61.14 -62.94 -129.91
N PRO A 3208 -62.19 -62.56 -130.66
CA PRO A 3208 -63.43 -63.37 -130.61
C PRO A 3208 -63.27 -64.80 -131.13
N GLN A 3209 -62.35 -65.03 -132.06
CA GLN A 3209 -62.14 -66.37 -132.60
C GLN A 3209 -61.64 -67.33 -131.53
N LEU A 3210 -60.63 -66.90 -130.76
CA LEU A 3210 -60.15 -67.71 -129.66
C LEU A 3210 -61.21 -67.84 -128.57
N ASN A 3211 -62.09 -66.84 -128.43
CA ASN A 3211 -63.21 -66.95 -127.51
C ASN A 3211 -64.14 -68.07 -127.91
N GLU A 3212 -64.41 -68.22 -129.20
CA GLU A 3212 -65.14 -69.41 -129.65
C GLU A 3212 -64.33 -70.67 -129.42
N TYR A 3213 -63.01 -70.58 -129.47
CA TYR A 3213 -62.18 -71.70 -129.04
C TYR A 3213 -62.38 -72.00 -127.56
N ASN A 3214 -62.45 -70.96 -126.73
CA ASN A 3214 -62.60 -71.13 -125.29
C ASN A 3214 -64.04 -71.49 -124.92
N ALA A 3215 -64.20 -72.05 -123.72
CA ALA A 3215 -65.53 -72.48 -123.25
C ALA A 3215 -66.40 -71.29 -122.86
N CYS A 3216 -65.81 -70.24 -122.30
CA CYS A 3216 -66.58 -69.08 -121.86
C CYS A 3216 -67.18 -68.33 -123.05
N VAL A 3218 -70.13 -67.12 -125.33
CA VAL A 3218 -71.58 -67.11 -125.20
C VAL A 3218 -72.23 -67.83 -126.39
N TYR A 3219 -71.59 -67.77 -127.55
CA TYR A 3219 -72.10 -68.49 -128.72
C TYR A 3219 -71.90 -70.00 -128.60
N THR A 3220 -70.85 -70.43 -127.89
CA THR A 3220 -70.50 -71.84 -127.87
C THR A 3220 -71.48 -72.67 -127.05
N THR A 3221 -71.86 -72.16 -125.87
CA THR A 3221 -72.64 -72.94 -124.90
C THR A 3221 -74.02 -73.31 -125.42
N LYS A 3222 -74.88 -72.31 -125.64
CA LYS A 3222 -76.17 -72.52 -126.25
C LYS A 3222 -76.03 -72.56 -127.76
N SER A 3223 -77.12 -72.84 -128.45
CA SER A 3223 -77.10 -72.79 -129.91
C SER A 3223 -76.95 -71.33 -130.36
N PRO A 3224 -76.03 -70.99 -131.28
CA PRO A 3224 -75.90 -69.58 -131.65
C PRO A 3224 -77.08 -69.02 -132.43
N ARG A 3225 -77.92 -69.88 -133.01
CA ARG A 3225 -79.14 -69.39 -133.67
C ARG A 3225 -80.09 -68.78 -132.66
N GLU A 3226 -80.18 -69.38 -131.46
CA GLU A 3226 -81.04 -68.82 -130.42
C GLU A 3226 -80.54 -67.45 -129.95
N ARG A 3227 -79.23 -67.23 -129.98
CA ARG A 3227 -78.70 -65.93 -129.57
C ARG A 3227 -79.11 -64.82 -130.53
N ALA A 3228 -79.34 -65.14 -131.80
CA ALA A 3228 -79.78 -64.14 -132.78
C ALA A 3228 -81.17 -63.64 -132.44
N ASN A 3234 -75.84 -62.05 -137.10
CA ASN A 3234 -75.56 -62.60 -135.79
C ASN A 3234 -74.08 -62.95 -135.66
N SER A 3235 -73.33 -62.08 -134.98
CA SER A 3235 -71.91 -62.31 -134.73
C SER A 3235 -71.53 -61.59 -133.45
N VAL A 3236 -70.48 -62.12 -132.80
CA VAL A 3236 -70.01 -61.53 -131.54
C VAL A 3236 -69.47 -60.12 -131.77
N GLU A 3237 -68.74 -59.91 -132.88
CA GLU A 3237 -68.23 -58.58 -133.18
C GLU A 3237 -69.31 -57.64 -133.71
N GLU A 3238 -70.41 -58.18 -134.24
CA GLU A 3238 -71.52 -57.35 -134.70
C GLU A 3238 -72.22 -56.62 -133.56
N MET A 3239 -72.09 -57.11 -132.32
CA MET A 3239 -72.67 -56.41 -131.18
C MET A 3239 -72.04 -55.04 -131.00
N CYS A 3240 -70.70 -54.96 -131.08
CA CYS A 3240 -69.93 -53.72 -130.97
C CYS A 3240 -68.93 -53.70 -132.12
N PRO A 3241 -69.35 -53.30 -133.33
CA PRO A 3241 -68.38 -53.20 -134.44
C PRO A 3241 -67.26 -52.19 -134.20
N ASP A 3242 -67.51 -51.15 -133.38
CA ASP A 3242 -66.53 -50.13 -133.05
C ASP A 3242 -65.81 -50.44 -131.75
N ILE A 3243 -65.58 -51.72 -131.45
CA ILE A 3243 -64.92 -52.10 -130.20
C ILE A 3243 -63.46 -51.63 -130.25
N PRO A 3244 -62.86 -51.18 -129.14
CA PRO A 3244 -61.42 -50.92 -129.16
C PRO A 3244 -60.65 -52.22 -128.97
N VAL A 3245 -59.86 -52.60 -129.98
CA VAL A 3245 -58.97 -53.74 -129.84
C VAL A 3245 -57.89 -53.39 -128.84
N LEU A 3246 -57.50 -54.37 -128.02
CA LEU A 3246 -56.54 -54.10 -126.95
C LEU A 3246 -55.16 -53.74 -127.49
N ASP A 3247 -54.75 -54.39 -128.59
CA ASP A 3247 -53.55 -53.95 -129.28
C ASP A 3247 -53.71 -52.55 -129.87
N ARG A 3248 -54.90 -52.25 -130.37
CA ARG A 3248 -55.15 -50.92 -130.91
C ARG A 3248 -55.23 -49.90 -129.77
N LEU A 3249 -55.78 -50.31 -128.63
CA LEU A 3249 -55.78 -49.44 -127.45
C LEU A 3249 -54.37 -49.16 -126.96
N MET A 3250 -53.51 -50.18 -127.02
CA MET A 3250 -52.10 -50.03 -126.69
C MET A 3250 -51.45 -48.97 -127.57
N ALA A 3251 -51.69 -49.05 -128.88
CA ALA A 3251 -51.16 -48.01 -129.77
C ALA A 3251 -51.76 -46.65 -129.49
N ASP A 3252 -53.05 -46.61 -129.12
CA ASP A 3252 -53.72 -45.35 -128.82
C ASP A 3252 -53.09 -44.67 -127.60
N ILE A 3253 -52.93 -45.42 -126.50
CA ILE A 3253 -52.34 -44.82 -125.31
C ILE A 3253 -50.86 -44.52 -125.55
N GLY A 3254 -50.17 -45.32 -126.35
CA GLY A 3254 -48.76 -45.05 -126.62
C GLY A 3254 -48.57 -43.74 -127.38
N GLY A 3255 -49.39 -43.50 -128.40
CA GLY A 3255 -49.34 -42.22 -129.07
C GLY A 3255 -49.81 -41.07 -128.19
N LEU A 3256 -50.85 -41.30 -127.39
CA LEU A 3256 -51.40 -40.26 -126.53
C LEU A 3256 -50.49 -39.94 -125.34
N ALA A 3257 -49.59 -40.85 -124.97
CA ALA A 3257 -48.71 -40.64 -123.83
C ALA A 3257 -47.75 -39.49 -124.07
N GLU A 3258 -47.22 -39.39 -125.30
CA GLU A 3258 -46.30 -38.31 -125.61
C GLU A 3258 -47.01 -36.96 -125.60
N SER A 3259 -48.27 -36.93 -126.02
CA SER A 3259 -49.03 -35.68 -125.99
C SER A 3259 -49.36 -35.28 -124.57
N GLY A 3260 -50.19 -36.07 -123.89
CA GLY A 3260 -50.51 -35.84 -122.49
C GLY A 3260 -51.22 -34.54 -122.20
N ALA A 3261 -52.19 -34.18 -123.03
CA ALA A 3261 -52.96 -32.97 -122.80
C ALA A 3261 -53.99 -33.19 -121.69
N ARG A 3262 -54.65 -32.11 -121.29
CA ARG A 3262 -55.62 -32.18 -120.21
C ARG A 3262 -56.85 -32.97 -120.61
N TYR A 3263 -57.51 -33.56 -119.62
CA TYR A 3263 -58.70 -34.37 -119.85
C TYR A 3263 -59.88 -33.46 -120.19
N PRO A 3267 -57.92 -36.49 -124.34
CA PRO A 3267 -57.53 -37.29 -123.18
C PRO A 3267 -58.65 -37.53 -122.16
N HIS A 3268 -59.87 -37.03 -122.42
CA HIS A 3268 -60.99 -37.30 -121.51
C HIS A 3268 -61.31 -38.80 -121.44
N VAL A 3269 -61.02 -39.55 -122.51
CA VAL A 3269 -61.28 -40.98 -122.50
C VAL A 3269 -60.32 -41.75 -121.57
N ILE A 3270 -59.24 -41.13 -121.09
CA ILE A 3270 -58.35 -41.83 -120.17
C ILE A 3270 -59.05 -42.11 -118.85
N GLU A 3271 -59.98 -41.24 -118.43
CA GLU A 3271 -60.63 -41.42 -117.14
C GLU A 3271 -61.50 -42.69 -117.08
N ILE A 3272 -61.98 -43.18 -118.23
CA ILE A 3272 -62.91 -44.30 -118.30
C ILE A 3272 -62.31 -45.50 -119.05
N THR A 3273 -61.49 -45.23 -120.07
CA THR A 3273 -60.92 -46.28 -120.92
C THR A 3273 -59.62 -46.84 -120.36
N LEU A 3274 -58.81 -46.01 -119.70
CA LEU A 3274 -57.63 -46.54 -119.02
C LEU A 3274 -57.95 -47.55 -117.92
N PRO A 3275 -58.93 -47.34 -117.03
CA PRO A 3275 -59.21 -48.38 -116.03
C PRO A 3275 -59.75 -49.69 -116.59
N MET A 3276 -60.22 -49.72 -117.86
CA MET A 3276 -60.50 -50.99 -118.50
C MET A 3276 -59.24 -51.85 -118.57
N LEU A 3277 -58.11 -51.23 -118.94
CA LEU A 3277 -56.87 -51.97 -119.14
C LEU A 3277 -56.38 -52.58 -117.83
N CYS A 3278 -56.32 -51.77 -116.77
CA CYS A 3278 -55.83 -52.26 -115.49
C CYS A 3278 -56.83 -53.20 -114.81
N SER A 3279 -58.13 -52.97 -115.00
CA SER A 3279 -59.14 -53.85 -114.41
C SER A 3279 -59.31 -55.16 -115.16
N TYR A 3280 -58.86 -55.25 -116.43
CA TYR A 3280 -59.12 -56.40 -117.29
C TYR A 3280 -57.88 -57.23 -117.58
N LEU A 3281 -56.79 -56.61 -118.03
CA LEU A 3281 -55.64 -57.39 -118.47
C LEU A 3281 -54.90 -58.00 -117.29
N PRO A 3282 -54.73 -57.29 -116.16
CA PRO A 3282 -54.36 -58.01 -114.92
C PRO A 3282 -55.36 -59.09 -114.53
N ARG A 3283 -56.66 -58.85 -114.73
CA ARG A 3283 -57.65 -59.85 -114.36
C ARG A 3283 -57.58 -61.09 -115.25
N TRP A 3284 -57.15 -60.94 -116.51
CA TRP A 3284 -57.13 -62.01 -117.50
C TRP A 3284 -55.74 -62.56 -117.83
N TRP A 3285 -54.66 -61.96 -117.34
CA TRP A 3285 -53.32 -62.41 -117.70
C TRP A 3285 -53.03 -63.79 -117.13
N GLU A 3286 -53.33 -63.99 -115.85
CA GLU A 3286 -53.14 -65.30 -115.24
C GLU A 3286 -54.06 -66.35 -115.86
N ARG A 3287 -55.23 -65.93 -116.33
CA ARG A 3287 -56.17 -66.89 -116.92
C ARG A 3287 -55.64 -67.43 -118.23
N GLY A 3288 -55.07 -66.55 -119.07
CA GLY A 3288 -54.72 -66.87 -120.43
C GLY A 3288 -53.23 -67.09 -120.63
N PRO A 3289 -52.68 -66.82 -121.82
CA PRO A 3289 -51.31 -67.25 -122.12
C PRO A 3289 -50.30 -66.30 -121.48
N GLU A 3290 -49.02 -66.68 -121.61
CA GLU A 3290 -47.90 -65.94 -121.05
C GLU A 3290 -48.02 -65.81 -119.54
N ALA A 3291 -48.51 -66.88 -118.91
CA ALA A 3291 -48.71 -66.94 -117.47
C ALA A 3291 -48.72 -68.41 -117.07
N PRO A 3292 -47.62 -68.98 -116.54
CA PRO A 3292 -47.66 -70.39 -116.13
C PRO A 3292 -48.60 -70.59 -114.96
N PRO A 3293 -49.73 -71.34 -115.14
CA PRO A 3293 -50.63 -71.42 -113.97
C PRO A 3293 -50.14 -72.42 -112.93
N ALA A 3300 -56.25 -76.32 -121.26
CA ALA A 3300 -56.20 -77.29 -122.35
C ALA A 3300 -56.75 -76.74 -123.68
N PRO A 3301 -57.85 -75.97 -123.68
CA PRO A 3301 -58.19 -75.22 -124.90
C PRO A 3301 -57.19 -74.10 -125.17
N PRO A 3302 -57.31 -73.41 -126.30
CA PRO A 3302 -56.40 -72.28 -126.57
C PRO A 3302 -56.62 -71.16 -125.55
N PRO A 3303 -55.57 -70.50 -125.04
CA PRO A 3303 -55.80 -69.30 -124.23
C PRO A 3303 -56.35 -68.18 -125.08
N CYS A 3304 -57.44 -67.56 -124.60
CA CYS A 3304 -58.11 -66.55 -125.40
C CYS A 3304 -57.31 -65.26 -125.47
N THR A 3305 -56.79 -64.80 -124.34
CA THR A 3305 -56.10 -63.51 -124.30
C THR A 3305 -54.67 -63.67 -124.82
N VAL A 3307 -52.80 -61.12 -124.60
CA VAL A 3307 -52.02 -60.32 -123.65
C VAL A 3307 -50.80 -61.10 -123.21
N THR A 3308 -49.74 -60.36 -122.94
CA THR A 3308 -48.47 -60.90 -122.47
C THR A 3308 -48.08 -60.19 -121.18
N SER A 3309 -47.15 -60.80 -120.46
CA SER A 3309 -46.54 -60.10 -119.32
C SER A 3309 -45.80 -58.86 -119.79
N ASP A 3310 -45.16 -58.95 -120.96
CA ASP A 3310 -44.54 -57.77 -121.54
C ASP A 3310 -45.58 -56.75 -121.97
N HIS A 3311 -46.80 -57.18 -122.29
CA HIS A 3311 -47.86 -56.21 -122.58
C HIS A 3311 -48.21 -55.41 -121.33
N LEU A 3312 -48.30 -56.09 -120.18
CA LEU A 3312 -48.53 -55.40 -118.92
C LEU A 3312 -47.37 -54.46 -118.59
N ASN A 3313 -46.14 -54.90 -118.87
CA ASN A 3313 -44.96 -54.06 -118.66
C ASN A 3313 -44.99 -52.83 -119.56
N SER A 3314 -45.35 -53.01 -120.84
CA SER A 3314 -45.33 -51.92 -121.80
C SER A 3314 -46.38 -50.88 -121.46
N LEU A 3315 -47.61 -51.34 -121.18
CA LEU A 3315 -48.65 -50.40 -120.83
C LEU A 3315 -48.34 -49.74 -119.50
N LEU A 3316 -47.71 -50.45 -118.56
CA LEU A 3316 -47.35 -49.86 -117.28
C LEU A 3316 -46.30 -48.76 -117.43
N GLY A 3317 -45.35 -48.96 -118.35
CA GLY A 3317 -44.47 -47.88 -118.75
C GLY A 3317 -45.25 -46.68 -119.26
N ASN A 3318 -46.29 -46.94 -120.05
CA ASN A 3318 -47.14 -45.82 -120.49
C ASN A 3318 -48.02 -45.24 -119.38
N ILE A 3319 -48.38 -46.03 -118.36
CA ILE A 3319 -49.12 -45.50 -117.20
C ILE A 3319 -48.27 -44.47 -116.48
N LEU A 3320 -47.01 -44.84 -116.22
CA LEU A 3320 -46.08 -43.91 -115.59
C LEU A 3320 -45.82 -42.72 -116.49
N ARG A 3321 -45.74 -42.93 -117.81
CA ARG A 3321 -45.52 -41.81 -118.71
C ARG A 3321 -46.72 -40.88 -118.76
N ILE A 3322 -47.95 -41.41 -118.61
CA ILE A 3322 -49.13 -40.57 -118.56
C ILE A 3322 -49.09 -39.68 -117.34
N ILE A 3323 -48.70 -40.24 -116.19
CA ILE A 3323 -48.59 -39.39 -115.00
C ILE A 3323 -47.44 -38.39 -115.15
N VAL A 3324 -46.36 -38.78 -115.83
CA VAL A 3324 -45.23 -37.87 -116.02
C VAL A 3324 -45.64 -36.68 -116.88
N ASN A 3325 -46.36 -36.93 -117.98
CA ASN A 3325 -46.72 -35.84 -118.88
C ASN A 3325 -47.78 -34.93 -118.25
N ASN A 3326 -48.75 -35.53 -117.57
CA ASN A 3326 -49.87 -34.77 -116.97
C ASN A 3326 -49.44 -34.24 -115.61
N LEU A 3327 -48.52 -33.27 -115.64
CA LEU A 3327 -48.03 -32.68 -114.41
C LEU A 3327 -49.10 -31.82 -113.75
N GLY A 3328 -49.79 -31.00 -114.53
CA GLY A 3328 -50.73 -30.04 -114.00
C GLY A 3328 -50.05 -28.82 -113.41
N ILE A 3329 -50.76 -27.69 -113.36
CA ILE A 3329 -50.20 -26.41 -112.93
C ILE A 3329 -50.94 -25.87 -111.71
N ASP A 3330 -52.24 -26.19 -111.57
CA ASP A 3330 -53.03 -25.77 -110.40
C ASP A 3330 -54.01 -26.80 -109.89
N GLU A 3331 -54.36 -27.85 -110.64
CA GLU A 3331 -55.44 -28.73 -110.22
C GLU A 3331 -55.35 -30.06 -110.95
N ALA A 3332 -55.64 -31.13 -110.20
CA ALA A 3332 -55.85 -32.47 -110.75
C ALA A 3332 -56.43 -33.34 -109.65
N THR A 3333 -57.53 -34.03 -109.95
CA THR A 3333 -58.24 -34.87 -108.98
C THR A 3333 -58.64 -36.19 -109.63
N TRP A 3334 -57.67 -36.81 -110.32
CA TRP A 3334 -57.87 -38.11 -110.98
C TRP A 3334 -56.73 -39.09 -110.76
N MET A 3335 -55.57 -38.69 -110.22
CA MET A 3335 -54.50 -39.64 -109.99
C MET A 3335 -54.84 -40.66 -108.91
N LYS A 3336 -55.72 -40.30 -107.98
CA LYS A 3336 -55.97 -41.11 -106.80
C LYS A 3336 -56.59 -42.45 -107.16
N ARG A 3337 -57.67 -42.41 -107.94
CA ARG A 3337 -58.37 -43.64 -108.32
C ARG A 3337 -57.51 -44.50 -109.23
N LEU A 3338 -56.78 -43.87 -110.16
CA LEU A 3338 -56.00 -44.65 -111.11
C LEU A 3338 -54.80 -45.32 -110.43
N ALA A 3339 -54.13 -44.60 -109.52
CA ALA A 3339 -53.02 -45.20 -108.80
C ALA A 3339 -53.50 -46.30 -107.86
N VAL A 3340 -54.63 -46.08 -107.18
CA VAL A 3340 -55.15 -47.10 -106.27
C VAL A 3340 -55.66 -48.31 -107.05
N PHE A 3341 -56.27 -48.08 -108.21
CA PHE A 3341 -56.86 -49.16 -108.99
C PHE A 3341 -55.81 -50.08 -109.57
N ALA A 3342 -54.66 -49.52 -109.96
CA ALA A 3342 -53.57 -50.28 -110.58
C ALA A 3342 -52.62 -50.87 -109.55
N GLN A 3343 -53.18 -51.59 -108.58
CA GLN A 3343 -52.39 -52.28 -107.55
C GLN A 3343 -51.84 -53.62 -108.04
N PRO A 3344 -52.66 -54.55 -108.56
CA PRO A 3344 -52.11 -55.88 -108.89
C PRO A 3344 -51.13 -55.89 -110.06
N ILE A 3345 -51.12 -54.86 -110.90
CA ILE A 3345 -50.14 -54.80 -111.99
C ILE A 3345 -48.73 -54.62 -111.43
N VAL A 3346 -48.59 -53.95 -110.28
CA VAL A 3346 -47.29 -53.82 -109.63
C VAL A 3346 -46.84 -55.11 -108.96
N SER A 3347 -47.74 -56.09 -108.78
CA SER A 3347 -47.38 -57.31 -108.06
C SER A 3347 -46.38 -58.15 -108.84
N ARG A 3348 -46.60 -58.36 -110.14
CA ARG A 3348 -45.66 -59.16 -110.92
C ARG A 3348 -44.40 -58.35 -111.17
N ALA A 3349 -44.51 -57.28 -111.98
CA ALA A 3349 -43.51 -56.22 -112.14
C ALA A 3349 -42.12 -56.77 -112.49
N ARG A 3350 -42.00 -57.28 -113.72
CA ARG A 3350 -40.77 -57.89 -114.19
C ARG A 3350 -39.61 -56.91 -114.14
N PRO A 3351 -38.41 -57.34 -113.73
CA PRO A 3351 -37.41 -56.38 -113.22
C PRO A 3351 -36.78 -55.46 -114.27
N GLU A 3352 -37.00 -55.71 -115.56
CA GLU A 3352 -36.42 -54.84 -116.59
C GLU A 3352 -36.99 -53.43 -116.58
N LEU A 3353 -38.21 -53.26 -116.04
CA LEU A 3353 -38.84 -51.95 -116.02
C LEU A 3353 -38.11 -50.94 -115.15
N LEU A 3354 -37.33 -51.41 -114.18
CA LEU A 3354 -36.54 -50.50 -113.36
C LEU A 3354 -35.50 -49.78 -114.22
N HIS A 3355 -34.80 -50.53 -115.07
CA HIS A 3355 -33.88 -49.91 -116.01
C HIS A 3355 -34.62 -49.08 -117.04
N SER A 3356 -35.79 -49.55 -117.49
CA SER A 3356 -36.47 -48.89 -118.60
C SER A 3356 -37.03 -47.53 -118.19
N HIS A 3357 -37.99 -47.53 -117.26
CA HIS A 3357 -38.89 -46.39 -117.02
C HIS A 3357 -38.72 -45.73 -115.66
N PHE A 3358 -38.52 -46.51 -114.59
CA PHE A 3358 -38.59 -45.95 -113.25
C PHE A 3358 -37.42 -45.02 -112.96
N ILE A 3359 -36.25 -45.29 -113.51
CA ILE A 3359 -35.08 -44.47 -113.24
C ILE A 3359 -35.19 -43.16 -114.00
N PRO A 3360 -35.54 -43.15 -115.30
CA PRO A 3360 -35.91 -41.87 -115.93
C PRO A 3360 -37.08 -41.15 -115.27
N THR A 3361 -38.08 -41.90 -114.78
CA THR A 3361 -39.23 -41.27 -114.16
C THR A 3361 -38.86 -40.60 -112.85
N ILE A 3362 -38.04 -41.27 -112.03
CA ILE A 3362 -37.56 -40.68 -110.80
C ILE A 3362 -36.60 -39.54 -111.09
N GLY A 3363 -35.87 -39.61 -112.21
CA GLY A 3363 -35.13 -38.45 -112.67
C GLY A 3363 -36.04 -37.28 -113.00
N ARG A 3364 -37.22 -37.58 -113.55
CA ARG A 3364 -38.19 -36.51 -113.78
C ARG A 3364 -38.69 -35.95 -112.47
N LEU A 3365 -38.81 -36.77 -111.44
CA LEU A 3365 -39.15 -36.24 -110.11
C LEU A 3365 -38.00 -35.43 -109.52
N ARG A 3366 -36.77 -35.79 -109.86
CA ARG A 3366 -35.63 -34.94 -109.50
C ARG A 3366 -35.73 -33.59 -110.19
N LYS A 3367 -36.20 -33.58 -111.43
CA LYS A 3367 -36.46 -32.32 -112.13
C LYS A 3367 -37.69 -31.62 -111.58
N ARG A 3368 -38.63 -32.37 -111.00
CA ARG A 3368 -39.73 -31.77 -110.26
C ARG A 3368 -39.22 -31.12 -108.97
N ALA A 3369 -38.10 -31.62 -108.45
CA ALA A 3369 -37.31 -30.94 -107.45
C ALA A 3369 -36.27 -30.08 -108.15
N GLY A 3370 -35.26 -29.61 -107.42
CA GLY A 3370 -34.20 -28.85 -108.05
C GLY A 3370 -34.64 -27.46 -108.46
N LYS A 3371 -34.84 -26.59 -107.47
CA LYS A 3371 -35.26 -25.18 -107.57
C LYS A 3371 -36.77 -25.02 -107.80
N VAL A 3372 -37.52 -26.09 -107.99
CA VAL A 3372 -38.99 -26.05 -108.04
C VAL A 3372 -39.57 -26.34 -106.67
N VAL A 3373 -39.12 -27.43 -106.03
CA VAL A 3373 -39.46 -27.66 -104.63
C VAL A 3373 -38.88 -26.55 -103.75
N ALA A 3374 -37.71 -26.02 -104.12
CA ALA A 3374 -37.06 -24.92 -103.41
C ALA A 3374 -37.47 -23.56 -103.97
N GLU A 3375 -38.69 -23.43 -104.49
CA GLU A 3375 -39.16 -22.10 -104.92
C GLU A 3375 -39.36 -21.16 -103.75
N GLU A 3376 -39.77 -21.69 -102.59
CA GLU A 3376 -40.14 -20.83 -101.46
C GLU A 3376 -38.92 -20.12 -100.89
N GLU A 3377 -37.78 -20.80 -100.79
CA GLU A 3377 -36.63 -20.24 -100.10
C GLU A 3377 -36.03 -19.05 -100.84
N GLN A 3378 -36.16 -19.03 -102.17
CA GLN A 3378 -35.73 -17.85 -102.93
C GLN A 3378 -36.57 -16.64 -102.56
N LEU A 3379 -37.88 -16.82 -102.40
CA LEU A 3379 -38.75 -15.73 -102.00
C LEU A 3379 -38.45 -15.25 -100.57
N ARG A 3380 -38.01 -16.16 -99.70
CA ARG A 3380 -37.68 -15.78 -98.33
C ARG A 3380 -36.39 -14.99 -98.21
N LEU A 3381 -35.60 -14.85 -99.26
CA LEU A 3381 -34.37 -14.07 -99.23
C LEU A 3381 -34.66 -12.60 -98.97
N GLU A 3388 -44.91 -12.54 -97.05
CA GLU A 3388 -45.79 -13.68 -96.81
C GLU A 3388 -46.52 -14.16 -98.08
N GLU A 3389 -46.71 -13.27 -99.04
CA GLU A 3389 -47.49 -13.58 -100.24
C GLU A 3389 -46.83 -14.68 -101.09
N GLY A 3390 -45.51 -14.63 -101.20
CA GLY A 3390 -44.78 -15.60 -102.01
C GLY A 3390 -44.94 -17.02 -101.48
N GLU A 3391 -44.97 -17.16 -100.16
CA GLU A 3391 -45.18 -18.47 -99.55
C GLU A 3391 -46.55 -19.03 -99.90
N LEU A 3392 -47.57 -18.16 -99.98
CA LEU A 3392 -48.90 -18.61 -100.37
C LEU A 3392 -48.91 -19.11 -101.81
N LEU A 3393 -48.26 -18.37 -102.71
CA LEU A 3393 -48.28 -18.76 -104.12
C LEU A 3393 -47.51 -20.08 -104.34
N VAL A 3394 -46.31 -20.19 -103.75
CA VAL A 3394 -45.56 -21.43 -103.92
C VAL A 3394 -46.24 -22.58 -103.18
N ARG A 3395 -46.99 -22.30 -102.11
CA ARG A 3395 -47.75 -23.35 -101.45
C ARG A 3395 -48.84 -23.89 -102.37
N ASP A 3396 -49.50 -22.99 -103.11
CA ASP A 3396 -50.50 -23.43 -104.08
C ASP A 3396 -49.89 -24.30 -105.18
N GLU A 3397 -48.66 -23.98 -105.60
CA GLU A 3397 -47.97 -24.86 -106.55
C GLU A 3397 -47.55 -26.19 -105.88
N PHE A 3398 -47.17 -26.13 -104.61
CA PHE A 3398 -46.79 -27.33 -103.88
C PHE A 3398 -47.97 -28.27 -103.67
N SER A 3399 -49.20 -27.77 -103.76
CA SER A 3399 -50.36 -28.67 -103.79
C SER A 3399 -50.28 -29.67 -104.94
N VAL A 3400 -49.96 -29.18 -106.14
CA VAL A 3400 -49.77 -30.07 -107.30
C VAL A 3400 -48.61 -31.01 -107.06
N LEU A 3401 -47.51 -30.51 -106.47
CA LEU A 3401 -46.37 -31.38 -106.22
C LEU A 3401 -46.70 -32.50 -105.23
N CYS A 3402 -47.37 -32.18 -104.13
CA CYS A 3402 -47.70 -33.19 -103.12
C CYS A 3402 -48.67 -34.23 -103.66
N ARG A 3403 -49.64 -33.81 -104.48
CA ARG A 3403 -50.51 -34.77 -105.15
C ARG A 3403 -49.71 -35.67 -106.10
N ASP A 3404 -48.69 -35.12 -106.77
CA ASP A 3404 -47.85 -35.96 -107.64
C ASP A 3404 -47.02 -36.95 -106.85
N LEU A 3405 -46.56 -36.56 -105.66
CA LEU A 3405 -45.85 -37.49 -104.79
C LEU A 3405 -46.75 -38.66 -104.40
N TYR A 3406 -48.01 -38.37 -104.06
CA TYR A 3406 -48.95 -39.46 -103.80
C TYR A 3406 -49.39 -40.19 -105.06
N ALA A 3407 -49.16 -39.63 -106.25
CA ALA A 3407 -49.39 -40.39 -107.46
C ALA A 3407 -48.30 -41.46 -107.65
N LEU A 3408 -47.03 -41.09 -107.49
CA LEU A 3408 -45.95 -42.02 -107.81
C LEU A 3408 -45.62 -42.97 -106.66
N TYR A 3409 -45.70 -42.50 -105.41
CA TYR A 3409 -45.19 -43.30 -104.28
C TYR A 3409 -45.93 -44.60 -104.03
N PRO A 3410 -47.26 -44.67 -103.89
CA PRO A 3410 -47.90 -45.97 -103.53
C PRO A 3410 -47.73 -47.09 -104.54
N LEU A 3411 -47.43 -46.77 -105.81
CA LEU A 3411 -46.93 -47.80 -106.72
C LEU A 3411 -45.50 -48.20 -106.36
N LEU A 3412 -44.67 -47.20 -106.00
CA LEU A 3412 -43.28 -47.46 -105.70
C LEU A 3412 -43.09 -48.27 -104.42
N ILE A 3413 -43.97 -48.10 -103.43
CA ILE A 3413 -43.87 -48.82 -102.16
C ILE A 3413 -44.05 -50.31 -102.39
N ARG A 3414 -45.12 -50.66 -103.12
CA ARG A 3414 -45.39 -52.07 -103.38
C ARG A 3414 -44.36 -52.66 -104.32
N TYR A 3415 -43.82 -51.86 -105.25
CA TYR A 3415 -42.73 -52.37 -106.08
C TYR A 3415 -41.48 -52.61 -105.26
N VAL A 3416 -41.20 -51.72 -104.29
CA VAL A 3416 -40.01 -51.86 -103.44
C VAL A 3416 -40.13 -53.10 -102.56
N ASP A 3417 -41.33 -53.39 -102.08
CA ASP A 3417 -41.52 -54.55 -101.19
C ASP A 3417 -41.23 -55.86 -101.92
N ASN A 3418 -41.64 -55.97 -103.17
CA ASN A 3418 -41.47 -57.18 -103.95
C ASN A 3418 -40.10 -57.30 -104.62
N ASN A 3419 -39.23 -56.27 -104.51
CA ASN A 3419 -37.92 -56.28 -105.16
C ASN A 3419 -36.77 -55.79 -104.29
N ARG A 3420 -37.00 -55.48 -103.01
CA ARG A 3420 -35.90 -55.07 -102.13
C ARG A 3420 -34.93 -56.23 -101.88
N ALA A 3421 -35.44 -57.47 -101.89
CA ALA A 3421 -34.59 -58.63 -101.63
C ALA A 3421 -33.51 -58.79 -102.70
N HIS A 3422 -33.90 -58.65 -103.97
CA HIS A 3422 -32.93 -58.78 -105.05
C HIS A 3422 -32.01 -57.57 -105.14
N TRP A 3423 -32.51 -56.39 -104.74
CA TRP A 3423 -31.62 -55.23 -104.68
C TRP A 3423 -30.56 -55.42 -103.61
N LEU A 3424 -30.94 -56.01 -102.48
CA LEU A 3424 -29.95 -56.27 -101.43
C LEU A 3424 -28.98 -57.37 -101.85
N THR A 3425 -29.49 -58.47 -102.39
CA THR A 3425 -28.64 -59.60 -102.75
C THR A 3425 -27.74 -59.24 -103.92
N GLU A 3426 -28.31 -58.67 -104.98
CA GLU A 3426 -27.56 -58.15 -106.12
C GLU A 3426 -27.48 -56.64 -105.99
N PRO A 3427 -26.30 -56.02 -105.69
CA PRO A 3427 -26.29 -54.56 -105.53
C PRO A 3427 -26.50 -53.81 -106.83
N ASN A 3428 -27.68 -53.19 -106.96
CA ASN A 3428 -28.07 -52.49 -108.18
C ASN A 3428 -27.57 -51.04 -108.16
N ALA A 3429 -26.85 -50.66 -109.21
CA ALA A 3429 -26.36 -49.28 -109.32
C ALA A 3429 -27.51 -48.30 -109.47
N ASN A 3430 -28.53 -48.68 -110.24
CA ASN A 3430 -29.70 -47.84 -110.45
C ASN A 3430 -30.43 -47.58 -109.13
N ALA A 3431 -30.43 -48.58 -108.24
CA ALA A 3431 -30.96 -48.38 -106.90
C ALA A 3431 -30.13 -47.39 -106.10
N GLU A 3432 -28.82 -47.33 -106.36
CA GLU A 3432 -27.97 -46.31 -105.71
C GLU A 3432 -28.42 -44.91 -106.11
N GLU A 3433 -28.67 -44.71 -107.41
CA GLU A 3433 -29.15 -43.41 -107.84
C GLU A 3433 -30.53 -43.10 -107.28
N LEU A 3434 -31.42 -44.11 -107.18
CA LEU A 3434 -32.72 -43.89 -106.58
C LEU A 3434 -32.59 -43.50 -105.11
N PHE A 3435 -31.65 -44.12 -104.39
CA PHE A 3435 -31.48 -43.83 -102.97
C PHE A 3435 -31.06 -42.38 -102.76
N ARG A 3436 -30.06 -41.92 -103.50
CA ARG A 3436 -29.67 -40.51 -103.34
C ARG A 3436 -30.76 -39.54 -103.80
N MET A 3437 -31.52 -39.88 -104.85
CA MET A 3437 -32.57 -38.97 -105.32
C MET A 3437 -33.69 -38.82 -104.29
N VAL A 3438 -34.22 -39.94 -103.81
CA VAL A 3438 -35.31 -39.88 -102.85
C VAL A 3438 -34.82 -39.32 -101.52
N GLY A 3439 -33.54 -39.52 -101.18
CA GLY A 3439 -32.99 -38.84 -100.02
C GLY A 3439 -32.91 -37.34 -100.20
N GLU A 3440 -32.64 -36.87 -101.42
CA GLU A 3440 -32.69 -35.44 -101.67
C GLU A 3440 -34.10 -34.89 -101.50
N ILE A 3441 -35.10 -35.66 -101.94
CA ILE A 3441 -36.49 -35.27 -101.71
C ILE A 3441 -36.78 -35.18 -100.22
N PHE A 3442 -36.31 -36.16 -99.45
CA PHE A 3442 -36.52 -36.13 -98.01
C PHE A 3442 -35.78 -34.97 -97.35
N ILE A 3443 -34.60 -34.61 -97.87
CA ILE A 3443 -33.86 -33.48 -97.30
C ILE A 3443 -34.63 -32.19 -97.53
N TYR A 3444 -35.24 -32.04 -98.71
CA TYR A 3444 -36.13 -30.90 -98.94
C TYR A 3444 -37.32 -30.95 -98.00
N TRP A 3445 -37.86 -32.15 -97.75
CA TRP A 3445 -38.98 -32.31 -96.84
C TRP A 3445 -38.61 -32.00 -95.39
N SER A 3446 -37.34 -32.20 -95.02
CA SER A 3446 -36.94 -32.12 -93.62
C SER A 3446 -37.05 -30.70 -93.07
N LYS A 3447 -36.50 -29.73 -93.80
CA LYS A 3447 -36.46 -28.34 -93.36
C LYS A 3447 -37.67 -27.54 -93.82
N SER A 3448 -38.45 -28.03 -94.79
CA SER A 3448 -39.56 -27.27 -95.35
C SER A 3448 -40.80 -27.48 -94.48
N HIS A 3449 -41.09 -26.50 -93.63
CA HIS A 3449 -42.30 -26.55 -92.82
C HIS A 3449 -43.55 -26.37 -93.67
N ASN A 3450 -43.47 -25.51 -94.69
CA ASN A 3450 -44.62 -25.28 -95.56
C ASN A 3450 -44.96 -26.53 -96.36
N PHE A 3451 -43.94 -27.30 -96.75
CA PHE A 3451 -44.21 -28.57 -97.43
C PHE A 3451 -44.89 -29.55 -96.49
N LYS A 3452 -44.53 -29.52 -95.20
CA LYS A 3452 -45.23 -30.37 -94.23
C LYS A 3452 -46.67 -29.96 -94.06
N ARG A 3453 -46.94 -28.65 -94.06
CA ARG A 3453 -48.33 -28.19 -93.96
C ARG A 3453 -49.13 -28.57 -95.22
N GLU A 3454 -48.49 -28.47 -96.39
CA GLU A 3454 -49.14 -28.89 -97.61
C GLU A 3454 -49.40 -30.40 -97.62
N GLU A 3455 -48.47 -31.17 -97.03
CA GLU A 3455 -48.71 -32.60 -96.81
C GLU A 3455 -49.89 -32.81 -95.88
N GLN A 3456 -49.98 -31.99 -94.83
CA GLN A 3456 -51.09 -32.09 -93.89
C GLN A 3456 -52.43 -31.76 -94.52
N ASN A 3457 -52.43 -30.97 -95.59
CA ASN A 3457 -53.70 -30.59 -96.21
C ASN A 3457 -54.42 -31.80 -96.83
N PHE A 3458 -53.71 -32.58 -97.66
CA PHE A 3458 -54.37 -33.64 -98.39
C PHE A 3458 -54.69 -34.85 -97.52
N VAL A 3459 -53.90 -35.12 -96.49
CA VAL A 3459 -54.17 -36.28 -95.64
C VAL A 3459 -55.46 -36.09 -94.86
N VAL A 3460 -55.70 -34.88 -94.35
CA VAL A 3460 -56.94 -34.61 -93.62
C VAL A 3460 -58.10 -34.36 -94.57
N GLN A 3461 -57.84 -33.82 -95.77
CA GLN A 3461 -58.92 -33.64 -96.73
C GLN A 3461 -59.42 -34.98 -97.26
N ASN A 3462 -58.50 -35.85 -97.67
CA ASN A 3462 -58.86 -37.14 -98.23
C ASN A 3462 -59.28 -38.15 -97.18
N GLU A 3463 -58.74 -38.04 -95.96
CA GLU A 3463 -59.00 -38.97 -94.86
C GLU A 3463 -58.59 -40.39 -95.24
N ILE A 3464 -57.31 -40.54 -95.57
CA ILE A 3464 -56.71 -41.80 -95.96
C ILE A 3464 -55.99 -42.39 -94.75
N ASN A 3465 -56.32 -43.64 -94.41
CA ASN A 3465 -55.67 -44.30 -93.27
C ASN A 3465 -54.19 -44.52 -93.52
N ASN A 3466 -53.79 -44.77 -94.77
CA ASN A 3466 -52.40 -45.02 -95.14
C ASN A 3466 -51.80 -46.23 -94.42
N MET A 3467 -52.63 -47.24 -94.17
CA MET A 3467 -52.23 -48.51 -93.56
C MET A 3467 -52.44 -49.68 -94.49
N SER A 3468 -53.64 -49.81 -95.08
CA SER A 3468 -53.87 -50.86 -96.06
C SER A 3468 -53.08 -50.64 -97.34
N PHE A 3469 -52.78 -49.37 -97.67
CA PHE A 3469 -51.98 -49.08 -98.85
C PHE A 3469 -50.58 -49.66 -98.73
N LEU A 3470 -49.99 -49.58 -97.54
CA LEU A 3470 -48.67 -50.13 -97.30
C LEU A 3470 -48.74 -51.65 -97.30
N GLN A 3506 -47.30 -38.21 -88.90
CA GLN A 3506 -46.69 -39.37 -88.26
C GLN A 3506 -46.71 -40.57 -89.20
N THR A 3507 -47.88 -40.86 -89.74
CA THR A 3507 -48.06 -41.94 -90.72
C THR A 3507 -47.85 -41.42 -92.14
N SER A 3508 -46.69 -40.80 -92.37
CA SER A 3508 -46.38 -40.20 -93.66
C SER A 3508 -45.90 -41.25 -94.64
N LEU A 3509 -46.15 -40.99 -95.93
CA LEU A 3509 -45.71 -41.87 -97.01
C LEU A 3509 -44.30 -41.55 -97.51
N ILE A 3510 -43.88 -40.29 -97.42
CA ILE A 3510 -42.55 -39.90 -97.88
C ILE A 3510 -41.46 -40.52 -96.99
N VAL A 3511 -41.68 -40.48 -95.67
CA VAL A 3511 -40.76 -41.10 -94.73
C VAL A 3511 -40.78 -42.62 -94.89
N ALA A 3512 -41.91 -43.18 -95.29
CA ALA A 3512 -41.98 -44.61 -95.55
C ALA A 3512 -41.10 -45.01 -96.73
N THR A 3513 -41.08 -44.20 -97.79
CA THR A 3513 -40.20 -44.46 -98.92
C THR A 3513 -38.75 -44.45 -98.47
N LEU A 3514 -38.38 -43.44 -97.66
CA LEU A 3514 -37.00 -43.36 -97.17
C LEU A 3514 -36.63 -44.56 -96.31
N LYS A 3515 -37.48 -44.89 -95.35
CA LYS A 3515 -37.12 -45.94 -94.39
C LYS A 3515 -37.14 -47.32 -95.05
N LYS A 3516 -38.07 -47.54 -95.97
CA LYS A 3516 -38.12 -48.84 -96.65
C LYS A 3516 -36.91 -49.03 -97.56
N MET A 3517 -36.46 -47.95 -98.22
CA MET A 3517 -35.26 -48.07 -99.05
C MET A 3517 -33.96 -48.06 -98.23
N LEU A 3518 -33.98 -47.55 -97.00
CA LEU A 3518 -32.75 -47.35 -96.24
C LEU A 3518 -31.88 -48.60 -96.00
N PRO A 3519 -32.43 -49.82 -95.88
CA PRO A 3519 -31.56 -51.02 -95.94
C PRO A 3519 -30.72 -51.11 -97.21
N ILE A 3520 -31.27 -50.75 -98.36
CA ILE A 3520 -30.51 -50.88 -99.61
C ILE A 3520 -29.36 -49.88 -99.65
N GLY A 3521 -29.66 -48.62 -99.32
CA GLY A 3521 -28.63 -47.59 -99.33
C GLY A 3521 -27.57 -47.81 -98.27
N LEU A 3522 -27.97 -48.29 -97.09
CA LEU A 3522 -26.97 -48.65 -96.09
C LEU A 3522 -26.18 -49.87 -96.51
N ASN A 3523 -26.80 -50.79 -97.26
CA ASN A 3523 -26.10 -51.98 -97.71
C ASN A 3523 -25.04 -51.64 -98.74
N MET A 3524 -25.22 -50.55 -99.49
CA MET A 3524 -24.17 -50.11 -100.42
C MET A 3524 -22.89 -49.73 -99.67
N CYS A 3525 -23.02 -48.99 -98.57
CA CYS A 3525 -21.84 -48.52 -97.85
C CYS A 3525 -21.19 -49.65 -97.05
N ALA A 3526 -19.86 -49.60 -96.94
CA ALA A 3526 -19.10 -50.65 -96.27
C ALA A 3526 -19.19 -50.50 -94.75
N PRO A 3527 -18.89 -51.57 -93.98
CA PRO A 3527 -18.88 -51.41 -92.51
C PRO A 3527 -17.76 -50.55 -92.00
N THR A 3528 -16.66 -50.41 -92.74
CA THR A 3528 -15.53 -49.60 -92.28
C THR A 3528 -15.89 -48.13 -92.12
N ASP A 3529 -16.87 -47.65 -92.88
CA ASP A 3529 -17.34 -46.27 -92.82
C ASP A 3529 -18.24 -45.99 -91.61
N GLN A 3530 -18.59 -47.00 -90.80
CA GLN A 3530 -19.59 -46.81 -89.74
C GLN A 3530 -19.11 -45.84 -88.66
N ASP A 3531 -17.84 -45.98 -88.24
CA ASP A 3531 -17.26 -45.05 -87.28
C ASP A 3531 -17.21 -43.64 -87.86
N LEU A 3532 -16.87 -43.53 -89.15
CA LEU A 3532 -16.89 -42.23 -89.79
C LEU A 3532 -18.30 -41.70 -89.96
N ILE A 3533 -19.29 -42.59 -90.06
CA ILE A 3533 -20.68 -42.13 -90.11
C ILE A 3533 -21.09 -41.53 -88.77
N MET A 3534 -20.62 -42.11 -87.67
CA MET A 3534 -20.87 -41.49 -86.36
C MET A 3534 -20.21 -40.11 -86.27
N LEU A 3535 -18.96 -40.01 -86.75
CA LEU A 3535 -18.27 -38.73 -86.77
C LEU A 3535 -18.98 -37.72 -87.68
N ALA A 3536 -19.52 -38.19 -88.80
CA ALA A 3536 -20.28 -37.33 -89.71
C ALA A 3536 -21.58 -36.84 -89.08
N LYS A 3537 -22.24 -37.72 -88.31
CA LYS A 3537 -23.43 -37.32 -87.58
C LYS A 3537 -23.11 -36.22 -86.59
N THR A 3538 -21.96 -36.31 -85.93
CA THR A 3538 -21.54 -35.17 -85.10
C THR A 3538 -21.20 -33.95 -85.95
N ARG A 3539 -20.67 -34.16 -87.16
CA ARG A 3539 -20.29 -33.05 -88.02
C ARG A 3539 -21.50 -32.19 -88.41
N TYR A 3540 -22.63 -32.84 -88.74
CA TYR A 3540 -23.83 -32.08 -89.10
C TYR A 3540 -24.49 -31.35 -87.94
N ALA A 3541 -24.09 -31.61 -86.70
CA ALA A 3541 -24.57 -30.79 -85.59
C ALA A 3541 -24.11 -29.35 -85.72
N LEU A 3542 -22.93 -29.14 -86.30
CA LEU A 3542 -22.41 -27.79 -86.54
C LEU A 3542 -23.14 -27.04 -87.65
N LYS A 3543 -24.02 -27.71 -88.42
CA LYS A 3543 -24.73 -27.09 -89.54
C LYS A 3543 -23.76 -26.64 -90.63
N ASP A 3544 -22.72 -27.44 -90.85
CA ASP A 3544 -21.73 -27.15 -91.88
C ASP A 3544 -22.32 -27.45 -93.26
N THR A 3545 -21.61 -26.96 -94.28
CA THR A 3545 -22.03 -27.16 -95.66
C THR A 3545 -21.66 -28.57 -96.12
N ASP A 3546 -22.20 -28.94 -97.29
CA ASP A 3546 -21.90 -30.25 -97.86
C ASP A 3546 -20.42 -30.36 -98.24
N GLU A 3547 -19.87 -29.29 -98.82
CA GLU A 3547 -18.46 -29.31 -99.18
C GLU A 3547 -17.57 -29.30 -97.94
N GLU A 3548 -18.02 -28.63 -96.88
CA GLU A 3548 -17.22 -28.56 -95.66
C GLU A 3548 -17.07 -29.93 -95.01
N VAL A 3549 -18.20 -30.63 -94.80
CA VAL A 3549 -18.12 -31.96 -94.22
C VAL A 3549 -17.44 -32.93 -95.17
N ARG A 3550 -17.62 -32.73 -96.49
CA ARG A 3550 -16.95 -33.59 -97.47
C ARG A 3550 -15.44 -33.49 -97.36
N GLU A 3551 -14.91 -32.27 -97.38
CA GLU A 3551 -13.45 -32.12 -97.31
C GLU A 3551 -12.93 -32.44 -95.92
N PHE A 3552 -13.68 -32.10 -94.87
CA PHE A 3552 -13.25 -32.38 -93.50
C PHE A 3552 -13.19 -33.86 -93.21
N LEU A 3553 -14.02 -34.67 -93.88
CA LEU A 3553 -13.90 -36.12 -93.83
C LEU A 3553 -12.85 -36.66 -94.79
N GLN A 3554 -12.66 -36.03 -95.94
CA GLN A 3554 -11.74 -36.57 -96.94
C GLN A 3554 -10.29 -36.42 -96.50
N ASN A 3555 -9.92 -35.25 -96.00
CA ASN A 3555 -8.54 -35.04 -95.57
C ASN A 3555 -8.20 -35.92 -94.37
N ASN A 3556 -9.16 -36.11 -93.46
CA ASN A 3556 -9.03 -37.01 -92.32
C ASN A 3556 -9.55 -38.40 -92.63
N LEU A 3557 -9.07 -38.97 -93.75
CA LEU A 3557 -9.50 -40.31 -94.15
C LEU A 3557 -8.84 -41.42 -93.34
N HIS A 3558 -7.73 -41.15 -92.67
CA HIS A 3558 -7.04 -42.18 -91.87
C HIS A 3558 -7.78 -42.54 -90.60
N LEU A 3559 -8.82 -41.80 -90.20
CA LEU A 3559 -9.56 -42.12 -88.99
C LEU A 3559 -10.31 -43.45 -89.08
N GLN A 3560 -10.61 -43.93 -90.29
CA GLN A 3560 -11.36 -45.17 -90.46
C GLN A 3560 -10.44 -46.36 -90.18
N GLY A 3561 -10.95 -47.56 -90.43
CA GLY A 3561 -10.22 -48.81 -90.23
C GLY A 3561 -10.61 -49.52 -88.95
N LYS A 3562 -9.67 -49.61 -88.00
CA LYS A 3562 -9.87 -50.33 -86.75
C LYS A 3562 -10.19 -51.81 -87.00
N VAL A 3563 -9.54 -52.37 -88.01
CA VAL A 3563 -9.81 -53.76 -88.40
C VAL A 3563 -9.23 -54.71 -87.35
N GLU A 3564 -7.94 -54.56 -87.06
CA GLU A 3564 -7.25 -55.52 -86.21
C GLU A 3564 -7.60 -55.36 -84.74
N GLY A 3565 -7.94 -54.14 -84.30
CA GLY A 3565 -8.17 -53.90 -82.88
C GLY A 3565 -9.39 -54.63 -82.35
N SER A 3566 -10.48 -54.62 -83.12
CA SER A 3566 -11.76 -55.18 -82.72
C SER A 3566 -12.05 -56.45 -83.53
N PRO A 3567 -12.01 -57.67 -82.97
CA PRO A 3567 -12.38 -58.84 -83.78
C PRO A 3567 -13.84 -58.86 -84.18
N SER A 3568 -14.71 -58.30 -83.33
CA SER A 3568 -16.14 -58.21 -83.62
C SER A 3568 -16.39 -57.41 -84.89
N LEU A 3569 -15.59 -56.37 -85.13
CA LEU A 3569 -15.65 -55.66 -86.39
C LEU A 3569 -15.12 -56.50 -87.54
N ARG A 3570 -14.01 -57.23 -87.30
CA ARG A 3570 -13.33 -58.00 -88.35
C ARG A 3570 -14.26 -59.01 -89.00
N TRP A 3571 -15.10 -59.65 -88.17
CA TRP A 3571 -16.14 -60.54 -88.67
C TRP A 3571 -17.11 -59.81 -89.60
N GLN A 3572 -17.33 -58.52 -89.37
CA GLN A 3572 -18.36 -57.80 -90.13
C GLN A 3572 -17.99 -57.66 -91.59
N MET A 3573 -16.87 -56.98 -91.91
CA MET A 3573 -16.51 -56.81 -93.31
C MET A 3573 -15.84 -58.05 -93.90
N ALA A 3574 -15.57 -59.10 -93.10
CA ALA A 3574 -15.31 -60.40 -93.70
C ALA A 3574 -16.49 -60.85 -94.58
N LEU A 3575 -17.72 -60.55 -94.15
CA LEU A 3575 -18.86 -60.75 -95.04
C LEU A 3575 -18.82 -59.80 -96.22
N TYR A 3576 -18.49 -58.52 -95.97
CA TYR A 3576 -18.61 -57.47 -97.00
C TYR A 3576 -17.72 -57.75 -98.21
N ARG A 3577 -16.55 -58.35 -97.98
CA ARG A 3577 -15.75 -58.80 -99.13
C ARG A 3577 -16.38 -60.00 -99.82
N GLY A 3578 -17.19 -60.80 -99.11
CA GLY A 3578 -17.84 -61.95 -99.70
C GLY A 3578 -19.05 -61.68 -100.59
N LEU A 3579 -19.55 -60.44 -100.60
CA LEU A 3579 -20.66 -60.08 -101.48
C LEU A 3579 -20.24 -60.11 -102.94
N PRO A 3580 -21.18 -59.96 -103.89
CA PRO A 3580 -20.78 -59.81 -105.30
C PRO A 3580 -19.96 -58.57 -105.59
N GLY A 3581 -19.97 -57.56 -104.72
CA GLY A 3581 -19.09 -56.42 -104.91
C GLY A 3581 -17.63 -56.81 -104.87
N ARG A 3582 -16.82 -56.08 -105.63
CA ARG A 3582 -15.42 -56.40 -105.85
C ARG A 3582 -14.56 -55.69 -104.80
N GLU A 3583 -13.24 -55.89 -104.88
CA GLU A 3583 -12.31 -55.31 -103.93
C GLU A 3583 -12.17 -53.80 -104.21
N GLU A 3584 -11.23 -53.16 -103.52
CA GLU A 3584 -11.12 -51.70 -103.51
C GLU A 3584 -10.58 -51.21 -104.86
N ASP A 3585 -11.46 -51.22 -105.86
CA ASP A 3585 -11.24 -50.64 -107.18
C ASP A 3585 -12.26 -49.55 -107.48
N ALA A 3586 -13.55 -49.86 -107.37
CA ALA A 3586 -14.60 -48.87 -107.59
C ALA A 3586 -14.74 -47.92 -106.41
N ASP A 3587 -14.52 -48.40 -105.19
CA ASP A 3587 -14.73 -47.60 -103.98
C ASP A 3587 -13.51 -46.68 -103.77
N ASP A 3588 -13.47 -45.64 -104.59
CA ASP A 3588 -12.48 -44.59 -104.44
C ASP A 3588 -12.89 -43.67 -103.29
N PRO A 3589 -12.00 -42.79 -102.83
CA PRO A 3589 -12.39 -41.86 -101.74
C PRO A 3589 -13.56 -40.93 -102.07
N GLU A 3590 -13.73 -40.53 -103.34
CA GLU A 3590 -14.82 -39.63 -103.71
C GLU A 3590 -16.19 -40.29 -103.53
N LYS A 3591 -16.35 -41.53 -103.98
CA LYS A 3591 -17.63 -42.21 -103.78
C LYS A 3591 -17.88 -42.49 -102.30
N ILE A 3592 -16.81 -42.75 -101.54
CA ILE A 3592 -16.95 -43.07 -100.13
C ILE A 3592 -17.48 -41.86 -99.37
N VAL A 3593 -16.87 -40.69 -99.59
CA VAL A 3593 -17.38 -39.49 -98.92
C VAL A 3593 -18.74 -39.08 -99.48
N ARG A 3594 -19.07 -39.44 -100.72
CA ARG A 3594 -20.44 -39.20 -101.21
C ARG A 3594 -21.47 -39.98 -100.39
N ARG A 3595 -21.17 -41.25 -100.09
CA ARG A 3595 -22.03 -42.04 -99.22
C ARG A 3595 -22.15 -41.42 -97.83
N VAL A 3596 -21.03 -40.90 -97.31
CA VAL A 3596 -21.06 -40.22 -96.01
C VAL A 3596 -21.98 -39.01 -96.06
N GLN A 3597 -21.88 -38.23 -97.15
CA GLN A 3597 -22.66 -37.00 -97.33
C GLN A 3597 -24.15 -37.28 -97.32
N GLU A 3598 -24.57 -38.35 -97.98
CA GLU A 3598 -26.00 -38.66 -97.98
C GLU A 3598 -26.46 -39.18 -96.62
N VAL A 3599 -25.85 -40.27 -96.15
CA VAL A 3599 -26.45 -41.02 -95.04
C VAL A 3599 -26.35 -40.28 -93.71
N SER A 3600 -25.32 -39.47 -93.51
CA SER A 3600 -25.19 -38.75 -92.24
C SER A 3600 -26.33 -37.75 -92.01
N ALA A 3601 -26.65 -36.97 -93.04
CA ALA A 3601 -27.78 -36.05 -92.91
C ALA A 3601 -29.10 -36.80 -92.86
N VAL A 3602 -29.19 -37.97 -93.53
CA VAL A 3602 -30.44 -38.72 -93.52
C VAL A 3602 -30.76 -39.21 -92.11
N LEU A 3603 -29.78 -39.83 -91.43
CA LEU A 3603 -30.04 -40.28 -90.07
C LEU A 3603 -30.21 -39.11 -89.12
N TYR A 3604 -29.60 -37.95 -89.39
CA TYR A 3604 -29.82 -36.79 -88.53
C TYR A 3604 -31.28 -36.34 -88.55
N HIS A 3605 -31.84 -36.18 -89.75
CA HIS A 3605 -33.23 -35.75 -89.85
C HIS A 3605 -34.19 -36.83 -89.34
N LEU A 3606 -33.88 -38.11 -89.64
CA LEU A 3606 -34.77 -39.19 -89.20
C LEU A 3606 -34.75 -39.35 -87.69
N GLU A 3607 -33.57 -39.16 -87.07
CA GLU A 3607 -33.48 -39.27 -85.62
C GLU A 3607 -34.21 -38.13 -84.95
N GLN A 3608 -34.19 -36.93 -85.55
CA GLN A 3608 -34.95 -35.83 -84.95
C GLN A 3608 -36.45 -36.08 -85.06
N THR A 3609 -36.94 -36.43 -86.26
CA THR A 3609 -38.38 -36.63 -86.42
C THR A 3609 -38.90 -37.92 -85.82
N GLU A 3610 -38.03 -38.84 -85.37
CA GLU A 3610 -38.50 -40.05 -84.71
C GLU A 3610 -39.23 -39.73 -83.41
N HIS A 3611 -38.74 -38.73 -82.65
CA HIS A 3611 -39.34 -38.37 -81.38
C HIS A 3611 -40.75 -37.79 -81.61
N PRO A 3612 -41.84 -38.53 -81.34
CA PRO A 3612 -43.14 -37.95 -81.73
C PRO A 3612 -43.66 -36.93 -80.72
N THR A 3639 -74.21 -11.96 -70.12
CA THR A 3639 -75.51 -11.34 -69.89
C THR A 3639 -75.49 -9.91 -70.46
N PRO A 3640 -76.51 -9.49 -71.23
CA PRO A 3640 -76.38 -8.22 -71.93
C PRO A 3640 -76.71 -7.04 -71.03
N LEU A 3641 -75.96 -5.95 -71.23
CA LEU A 3641 -76.28 -4.71 -70.54
C LEU A 3641 -77.62 -4.17 -70.97
N TYR A 3642 -77.94 -4.30 -72.26
CA TYR A 3642 -79.23 -3.86 -72.76
C TYR A 3642 -80.34 -4.77 -72.23
N ASN A 3643 -81.58 -4.40 -72.56
CA ASN A 3643 -82.85 -4.95 -72.05
C ASN A 3643 -82.87 -5.19 -70.54
N LEU A 3644 -82.24 -4.30 -69.77
CA LEU A 3644 -82.28 -4.33 -68.32
C LEU A 3644 -83.39 -3.41 -67.81
N PRO A 3645 -83.73 -3.47 -66.52
CA PRO A 3645 -84.69 -2.48 -66.00
C PRO A 3645 -84.10 -1.08 -66.03
N THR A 3646 -84.96 -0.10 -66.31
CA THR A 3646 -84.51 1.28 -66.41
C THR A 3646 -84.06 1.82 -65.05
N HIS A 3647 -84.69 1.38 -63.97
CA HIS A 3647 -84.31 1.85 -62.64
C HIS A 3647 -83.00 1.21 -62.17
N ARG A 3648 -82.69 0.00 -62.64
CA ARG A 3648 -81.47 -0.67 -62.22
C ARG A 3648 -80.24 0.07 -62.74
N ALA A 3649 -80.31 0.56 -63.97
CA ALA A 3649 -79.18 1.24 -64.59
C ALA A 3649 -78.82 2.53 -63.86
N CYS A 3650 -79.80 3.20 -63.25
CA CYS A 3650 -79.50 4.38 -62.46
C CYS A 3650 -78.65 4.04 -61.24
N ASN A 3651 -78.99 2.94 -60.57
CA ASN A 3651 -78.21 2.47 -59.43
C ASN A 3651 -76.80 2.09 -59.86
N MET A 3652 -76.66 1.48 -61.04
CA MET A 3652 -75.32 1.21 -61.55
C MET A 3652 -74.57 2.50 -61.87
N PHE A 3653 -75.26 3.47 -62.45
CA PHE A 3653 -74.65 4.69 -62.95
C PHE A 3653 -74.09 5.52 -61.83
N LEU A 3654 -74.82 5.63 -60.72
CA LEU A 3654 -74.32 6.44 -59.61
C LEU A 3654 -73.10 5.80 -58.98
N GLU A 3655 -73.01 4.46 -58.99
CA GLU A 3655 -71.86 3.79 -58.41
C GLU A 3655 -70.61 4.05 -59.24
N SER A 3656 -70.73 3.87 -60.56
CA SER A 3656 -69.58 4.12 -61.42
C SER A 3656 -69.20 5.59 -61.43
N TYR A 3657 -70.18 6.48 -61.44
CA TYR A 3657 -69.88 7.91 -61.43
C TYR A 3657 -69.27 8.35 -60.11
N LYS A 3658 -69.67 7.71 -59.01
CA LYS A 3658 -69.04 7.98 -57.73
C LYS A 3658 -67.58 7.56 -57.75
N ALA A 3659 -67.30 6.43 -58.39
CA ALA A 3659 -65.92 5.94 -58.47
C ALA A 3659 -65.12 6.53 -59.63
N ALA A 3660 -65.71 7.39 -60.48
CA ALA A 3660 -65.07 7.88 -61.70
C ALA A 3660 -64.69 9.35 -61.61
N TRP A 3661 -65.67 10.24 -61.40
CA TRP A 3661 -65.44 11.67 -61.30
C TRP A 3661 -65.23 12.09 -59.86
N ILE A 3662 -66.11 11.63 -58.97
CA ILE A 3662 -65.89 11.80 -57.55
C ILE A 3662 -64.78 10.85 -57.12
N LEU A 3663 -64.10 11.21 -56.02
CA LEU A 3663 -62.80 10.66 -55.61
C LEU A 3663 -61.73 11.08 -56.62
N THR A 3664 -61.74 12.37 -56.96
CA THR A 3664 -60.71 13.02 -57.74
C THR A 3664 -60.24 14.26 -56.99
N GLU A 3665 -58.94 14.49 -56.99
CA GLU A 3665 -58.36 15.56 -56.19
C GLU A 3665 -58.71 16.91 -56.80
N ASP A 3666 -59.85 17.45 -56.38
CA ASP A 3666 -60.33 18.78 -56.78
C ASP A 3666 -60.73 19.62 -55.58
N HIS A 3667 -60.32 19.25 -54.37
CA HIS A 3667 -60.75 19.94 -53.15
C HIS A 3667 -60.23 21.37 -53.11
N SER A 3668 -58.91 21.52 -52.97
CA SER A 3668 -58.23 22.81 -53.10
C SER A 3668 -58.74 23.87 -52.13
N PHE A 3669 -58.99 23.46 -50.88
CA PHE A 3669 -59.49 24.37 -49.84
C PHE A 3669 -58.90 24.12 -48.47
N GLU A 3670 -57.91 23.23 -48.33
CA GLU A 3670 -57.37 22.92 -47.01
C GLU A 3670 -56.63 24.11 -46.41
N ASP A 3671 -55.84 24.80 -47.23
CA ASP A 3671 -55.08 25.95 -46.72
C ASP A 3671 -56.00 27.10 -46.36
N ARG A 3672 -57.11 27.27 -47.09
CA ARG A 3672 -57.98 28.41 -46.90
C ARG A 3672 -58.64 28.40 -45.53
N MET A 3673 -58.92 27.23 -44.97
CA MET A 3673 -59.57 27.17 -43.66
C MET A 3673 -58.66 27.71 -42.58
N ILE A 3674 -57.42 27.23 -42.53
CA ILE A 3674 -56.49 27.65 -41.49
C ILE A 3674 -56.16 29.11 -41.67
N ASP A 3675 -55.96 29.54 -42.92
CA ASP A 3675 -55.69 30.94 -43.21
C ASP A 3675 -56.84 31.84 -42.81
N ASP A 3676 -58.06 31.48 -43.19
CA ASP A 3676 -59.21 32.34 -42.93
C ASP A 3676 -59.54 32.39 -41.45
N LEU A 3677 -59.41 31.26 -40.76
CA LEU A 3677 -59.76 31.25 -39.34
C LEU A 3677 -58.76 32.05 -38.53
N SER A 3678 -57.46 31.95 -38.86
CA SER A 3678 -56.44 32.59 -38.03
C SER A 3678 -56.11 34.01 -38.45
N LYS A 3679 -56.35 34.40 -39.71
CA LYS A 3679 -55.99 35.73 -40.17
C LYS A 3679 -56.83 36.80 -39.48
N ALA A 3680 -58.11 36.52 -39.28
CA ALA A 3680 -59.04 37.47 -38.67
C ALA A 3680 -58.98 37.31 -37.15
N GLY A 3681 -57.85 37.76 -36.60
CA GLY A 3681 -57.73 37.83 -35.15
C GLY A 3681 -58.74 38.78 -34.54
N GLU A 3682 -59.04 39.87 -35.25
CA GLU A 3682 -60.06 40.81 -34.83
C GLU A 3682 -60.48 41.63 -36.04
N GLN A 3683 -61.69 42.16 -35.98
CA GLN A 3683 -62.17 43.05 -37.03
C GLN A 3683 -61.38 44.35 -37.02
N GLU A 3684 -61.42 45.04 -38.15
CA GLU A 3684 -60.73 46.33 -38.26
C GLU A 3684 -61.33 47.35 -37.30
N GLU A 3685 -62.66 47.40 -37.22
CA GLU A 3685 -63.32 48.25 -36.24
C GLU A 3685 -63.27 47.65 -34.84
N GLU A 3686 -63.33 46.33 -34.74
CA GLU A 3686 -63.36 45.69 -33.43
C GLU A 3686 -61.98 45.78 -32.77
N GLU A 3687 -61.95 46.23 -31.52
CA GLU A 3687 -60.72 46.32 -30.75
C GLU A 3687 -61.02 46.54 -29.28
N GLU A 3688 -60.42 45.74 -28.41
CA GLU A 3688 -60.62 45.92 -26.98
C GLU A 3688 -60.01 47.23 -26.50
N GLU A 3689 -58.82 47.56 -27.00
CA GLU A 3689 -58.11 48.80 -26.67
C GLU A 3689 -57.73 48.88 -25.18
N VAL A 3690 -57.62 47.74 -24.50
CA VAL A 3690 -57.10 47.67 -23.13
C VAL A 3690 -56.08 46.54 -22.96
N GLU A 3691 -55.52 46.04 -24.07
CA GLU A 3691 -54.54 44.96 -24.06
C GLU A 3691 -55.09 43.65 -23.49
N GLU A 3692 -56.41 43.45 -23.52
CA GLU A 3692 -57.06 42.21 -23.10
C GLU A 3692 -57.37 41.39 -24.35
N LYS A 3693 -56.33 40.78 -24.91
CA LYS A 3693 -56.50 39.94 -26.07
C LYS A 3693 -57.26 38.66 -25.69
N LYS A 3694 -58.13 38.22 -26.60
CA LYS A 3694 -58.99 37.06 -26.43
C LYS A 3694 -58.58 36.01 -27.45
N PRO A 3695 -59.05 34.77 -27.36
CA PRO A 3695 -58.67 33.77 -28.35
C PRO A 3695 -59.21 34.08 -29.73
N ASP A 3696 -58.53 33.52 -30.71
CA ASP A 3696 -58.92 33.65 -32.10
C ASP A 3696 -59.98 32.58 -32.41
N PRO A 3697 -60.55 32.58 -33.61
CA PRO A 3697 -61.48 31.49 -33.96
C PRO A 3697 -60.84 30.11 -33.94
N LEU A 3698 -59.64 30.01 -34.50
CA LEU A 3698 -58.92 28.73 -34.54
C LEU A 3698 -58.58 28.25 -33.15
N HIS A 3699 -58.21 29.17 -32.26
CA HIS A 3699 -57.86 28.82 -30.90
C HIS A 3699 -59.07 28.26 -30.15
N GLN A 3700 -60.24 28.84 -30.41
CA GLN A 3700 -61.49 28.34 -29.82
C GLN A 3700 -61.76 26.93 -30.31
N LEU A 3701 -61.51 26.69 -31.61
CA LEU A 3701 -61.74 25.36 -32.16
C LEU A 3701 -60.85 24.33 -31.50
N VAL A 3702 -59.58 24.68 -31.26
CA VAL A 3702 -58.67 23.72 -30.64
C VAL A 3702 -59.09 23.46 -29.21
N LEU A 3703 -59.47 24.53 -28.49
CA LEU A 3703 -59.79 24.35 -27.08
C LEU A 3703 -61.04 23.54 -26.87
N HIS A 3704 -61.96 23.54 -27.83
CA HIS A 3704 -63.15 22.69 -27.70
C HIS A 3704 -62.77 21.22 -27.68
N PHE A 3705 -61.88 20.80 -28.59
CA PHE A 3705 -61.46 19.39 -28.61
C PHE A 3705 -60.66 19.05 -27.37
N SER A 3706 -59.83 19.98 -26.90
CA SER A 3706 -59.05 19.69 -25.71
C SER A 3706 -59.95 19.55 -24.48
N ARG A 3707 -60.99 20.37 -24.40
CA ARG A 3707 -61.95 20.24 -23.32
C ARG A 3707 -62.71 18.93 -23.42
N THR A 3708 -63.03 18.50 -24.64
CA THR A 3708 -63.74 17.24 -24.82
C THR A 3708 -62.87 16.06 -24.41
N ALA A 3709 -61.57 16.12 -24.70
CA ALA A 3709 -60.69 15.01 -24.38
C ALA A 3709 -60.51 14.84 -22.89
N LEU A 3710 -60.54 15.93 -22.13
CA LEU A 3710 -60.28 15.87 -20.70
C LEU A 3710 -61.42 15.27 -19.89
N THR A 3711 -62.59 15.04 -20.49
CA THR A 3711 -63.70 14.49 -19.75
C THR A 3711 -63.41 13.06 -19.33
N GLU A 3712 -63.90 12.69 -18.16
CA GLU A 3712 -63.68 11.35 -17.62
C GLU A 3712 -64.59 10.37 -18.35
N LYS A 3713 -63.97 9.37 -18.98
CA LYS A 3713 -64.71 8.38 -19.75
C LYS A 3713 -63.85 7.14 -19.89
N SER A 3714 -64.51 6.03 -20.24
CA SER A 3714 -63.83 4.76 -20.48
C SER A 3714 -63.38 4.64 -21.93
N LYS A 3715 -64.34 4.76 -22.86
CA LYS A 3715 -64.11 4.63 -24.29
C LYS A 3715 -64.49 5.93 -24.97
N LEU A 3716 -63.64 6.38 -25.88
CA LEU A 3716 -63.88 7.63 -26.57
C LEU A 3716 -64.92 7.46 -27.67
N ASP A 3717 -65.65 8.54 -27.93
CA ASP A 3717 -66.71 8.53 -28.92
C ASP A 3717 -66.14 8.54 -30.34
N GLU A 3718 -67.02 8.26 -31.30
CA GLU A 3718 -66.60 8.21 -32.70
C GLU A 3718 -66.15 9.58 -33.19
N ASP A 3719 -67.01 10.60 -33.04
CA ASP A 3719 -66.67 11.99 -33.30
C ASP A 3719 -66.24 12.21 -34.75
N TYR A 3720 -67.21 12.04 -35.65
CA TYR A 3720 -66.93 12.18 -37.07
C TYR A 3720 -66.54 13.60 -37.46
N LEU A 3721 -66.91 14.60 -36.66
CA LEU A 3721 -66.50 15.97 -36.96
C LEU A 3721 -64.99 16.12 -36.85
N TYR A 3722 -64.38 15.45 -35.87
CA TYR A 3722 -62.95 15.63 -35.61
C TYR A 3722 -62.08 15.16 -36.76
N MET A 3723 -62.54 14.15 -37.51
CA MET A 3723 -61.80 13.65 -38.66
C MET A 3723 -61.55 14.75 -39.69
N ALA A 3724 -62.55 15.59 -39.92
CA ALA A 3724 -62.46 16.65 -40.89
C ALA A 3724 -61.39 17.66 -40.49
N TYR A 3725 -61.52 18.25 -39.30
CA TYR A 3725 -60.57 19.28 -38.90
C TYR A 3725 -59.18 18.73 -38.63
N ALA A 3726 -59.07 17.46 -38.23
CA ALA A 3726 -57.75 16.84 -38.11
C ALA A 3726 -57.05 16.77 -39.47
N ASP A 3727 -57.75 16.28 -40.49
CA ASP A 3727 -57.13 16.17 -41.79
C ASP A 3727 -56.88 17.53 -42.42
N ILE A 3728 -57.80 18.48 -42.20
CA ILE A 3728 -57.66 19.84 -42.73
C ILE A 3728 -56.45 20.51 -42.12
N MET A 3729 -56.24 20.34 -40.81
CA MET A 3729 -55.08 20.92 -40.18
C MET A 3729 -53.80 20.27 -40.68
N ALA A 3730 -53.77 18.95 -40.78
CA ALA A 3730 -52.53 18.25 -41.13
C ALA A 3730 -52.10 18.53 -42.56
N LYS A 3731 -53.05 18.62 -43.48
CA LYS A 3731 -52.68 18.84 -44.88
C LYS A 3731 -52.09 20.22 -45.13
N SER A 3732 -52.34 21.19 -44.24
CA SER A 3732 -51.79 22.54 -44.41
C SER A 3732 -50.27 22.52 -44.32
N CYS A 3733 -49.73 21.94 -43.25
CA CYS A 3733 -48.29 21.81 -43.15
C CYS A 3733 -47.75 20.76 -44.12
N HIS A 3734 -48.59 19.79 -44.52
CA HIS A 3734 -48.16 18.88 -45.58
C HIS A 3734 -47.97 19.59 -46.92
N LEU A 3735 -48.62 20.74 -47.14
CA LEU A 3735 -48.53 21.43 -48.43
C LEU A 3735 -47.10 21.84 -48.77
N GLU A 3736 -46.33 22.28 -47.77
CA GLU A 3736 -44.97 22.74 -48.05
C GLU A 3736 -44.08 21.60 -48.50
N GLU A 3737 -44.08 20.50 -47.74
CA GLU A 3737 -43.18 19.38 -48.03
C GLU A 3737 -43.67 18.53 -49.21
N GLY A 3738 -44.98 18.34 -49.34
CA GLY A 3738 -45.54 17.48 -50.37
C GLY A 3738 -45.85 18.21 -51.66
N GLY A 3739 -46.49 19.38 -51.54
CA GLY A 3739 -46.83 20.15 -52.72
C GLY A 3739 -45.61 20.63 -53.48
N GLU A 3740 -44.54 20.96 -52.76
CA GLU A 3740 -43.29 21.37 -53.38
C GLU A 3740 -42.13 21.21 -52.41
N GLU A 3748 -35.12 15.81 -63.73
CA GLU A 3748 -34.79 16.32 -62.40
C GLU A 3748 -34.04 17.64 -62.49
N VAL A 3749 -34.04 18.39 -61.38
CA VAL A 3749 -33.32 19.64 -61.28
C VAL A 3749 -32.93 19.84 -59.82
N GLU A 3750 -31.72 20.32 -59.59
CA GLU A 3750 -31.23 20.58 -58.24
C GLU A 3750 -31.73 21.94 -57.79
N VAL A 3751 -32.45 21.95 -56.67
CA VAL A 3751 -33.00 23.20 -56.15
C VAL A 3751 -31.87 24.08 -55.63
N SER A 3752 -32.08 25.40 -55.75
CA SER A 3752 -31.08 26.34 -55.29
C SER A 3752 -31.02 26.33 -53.76
N PHE A 3753 -29.91 26.85 -53.24
CA PHE A 3753 -29.77 27.02 -51.80
C PHE A 3753 -30.81 28.00 -51.26
N GLU A 3754 -31.02 29.10 -51.99
CA GLU A 3754 -32.02 30.08 -51.58
C GLU A 3754 -33.41 29.49 -51.60
N GLU A 3755 -33.73 28.71 -52.64
CA GLU A 3755 -35.06 28.11 -52.71
C GLU A 3755 -35.24 27.06 -51.62
N LYS A 3756 -34.20 26.29 -51.32
CA LYS A 3756 -34.35 25.26 -50.28
C LYS A 3756 -34.50 25.88 -48.90
N GLU A 3757 -33.72 26.91 -48.60
CA GLU A 3757 -33.89 27.59 -47.32
C GLU A 3757 -35.24 28.29 -47.26
N MET A 3758 -35.70 28.81 -48.38
CA MET A 3758 -37.03 29.42 -48.45
C MET A 3758 -38.13 28.37 -48.28
N GLU A 3759 -37.85 27.13 -48.67
CA GLU A 3759 -38.79 26.04 -48.46
C GLU A 3759 -38.79 25.55 -47.03
N LYS A 3760 -37.64 25.64 -46.36
CA LYS A 3760 -37.62 25.40 -44.92
C LYS A 3760 -38.42 26.46 -44.19
N GLN A 3761 -38.28 27.72 -44.62
CA GLN A 3761 -39.25 28.74 -44.26
C GLN A 3761 -40.54 28.47 -45.01
N ARG A 3762 -41.60 29.18 -44.60
CA ARG A 3762 -42.98 28.92 -45.01
C ARG A 3762 -43.49 27.55 -44.55
N LEU A 3763 -42.80 26.90 -43.60
CA LEU A 3763 -43.21 25.67 -42.93
C LEU A 3763 -43.22 25.83 -41.43
N LEU A 3764 -42.18 26.46 -40.88
CA LEU A 3764 -42.23 26.84 -39.48
C LEU A 3764 -43.27 27.92 -39.25
N TYR A 3765 -43.48 28.79 -40.25
CA TYR A 3765 -44.57 29.75 -40.14
C TYR A 3765 -45.91 29.05 -40.24
N GLN A 3766 -46.04 28.07 -41.12
CA GLN A 3766 -47.29 27.31 -41.22
C GLN A 3766 -47.54 26.51 -39.95
N GLN A 3767 -46.49 25.87 -39.43
CA GLN A 3767 -46.60 25.14 -38.17
C GLN A 3767 -46.92 26.07 -37.01
N SER A 3768 -46.36 27.29 -37.04
CA SER A 3768 -46.62 28.26 -36.00
C SER A 3768 -48.01 28.85 -36.12
N ARG A 3769 -48.53 28.95 -37.34
CA ARG A 3769 -49.92 29.29 -37.55
C ARG A 3769 -50.82 28.26 -36.91
N LEU A 3770 -50.42 26.99 -36.95
CA LEU A 3770 -51.33 25.92 -36.55
C LEU A 3770 -51.26 25.62 -35.06
N HIS A 3771 -50.09 25.16 -34.55
CA HIS A 3771 -50.05 24.36 -33.33
C HIS A 3771 -48.92 24.67 -32.35
N THR A 3772 -48.00 25.58 -32.66
CA THR A 3772 -47.00 25.93 -31.65
C THR A 3772 -47.67 26.62 -30.47
N ARG A 3773 -48.72 27.39 -30.75
CA ARG A 3773 -49.63 27.92 -29.74
C ARG A 3773 -50.99 27.29 -29.95
N GLY A 3774 -51.55 26.75 -28.87
CA GLY A 3774 -52.93 26.29 -28.84
C GLY A 3774 -53.10 24.78 -28.90
N ALA A 3775 -52.34 24.10 -29.77
CA ALA A 3775 -52.55 22.68 -30.07
C ALA A 3775 -51.29 21.85 -29.89
N ALA A 3776 -50.34 22.29 -29.06
CA ALA A 3776 -49.17 21.47 -28.80
C ALA A 3776 -49.55 20.24 -28.00
N GLU A 3777 -50.29 20.44 -26.91
CA GLU A 3777 -50.71 19.37 -26.03
C GLU A 3777 -52.04 18.74 -26.42
N MET A 3778 -52.75 19.29 -27.42
CA MET A 3778 -54.02 18.71 -27.85
C MET A 3778 -53.79 17.33 -28.43
N VAL A 3779 -52.78 17.19 -29.28
CA VAL A 3779 -52.46 15.90 -29.87
C VAL A 3779 -51.99 14.93 -28.81
N LEU A 3780 -51.15 15.41 -27.89
CA LEU A 3780 -50.60 14.54 -26.87
C LEU A 3780 -51.65 14.05 -25.88
N GLN A 3781 -52.70 14.85 -25.64
CA GLN A 3781 -53.70 14.49 -24.65
C GLN A 3781 -54.51 13.28 -25.09
N MET A 3782 -54.97 13.28 -26.33
CA MET A 3782 -55.90 12.27 -26.77
C MET A 3782 -55.24 10.94 -27.05
N ILE A 3783 -53.92 10.93 -27.24
CA ILE A 3783 -53.21 9.66 -27.28
C ILE A 3783 -53.31 8.98 -25.92
N SER A 3784 -53.18 9.76 -24.85
CA SER A 3784 -53.35 9.20 -23.52
C SER A 3784 -54.79 8.78 -23.29
N ALA A 3785 -55.75 9.51 -23.86
CA ALA A 3785 -57.13 9.09 -23.77
C ALA A 3785 -57.36 7.76 -24.49
N CYS A 3786 -56.79 7.61 -25.69
CA CYS A 3786 -56.91 6.36 -26.42
C CYS A 3786 -56.03 5.30 -25.79
N LYS A 3787 -56.61 4.50 -24.90
CA LYS A 3787 -55.79 3.67 -24.02
C LYS A 3787 -55.20 2.47 -24.74
N GLY A 3788 -55.99 1.81 -25.59
CA GLY A 3788 -55.51 0.65 -26.34
C GLY A 3788 -56.13 0.42 -27.70
N GLU A 3789 -56.93 1.35 -28.18
CA GLU A 3789 -57.69 1.12 -29.40
C GLU A 3789 -56.83 1.37 -30.63
N THR A 3790 -56.98 0.50 -31.62
CA THR A 3790 -56.36 0.65 -32.93
C THR A 3790 -57.28 1.33 -33.93
N GLY A 3791 -58.22 2.14 -33.46
CA GLY A 3791 -59.21 2.76 -34.32
C GLY A 3791 -58.66 4.00 -35.00
N ALA A 3792 -59.57 4.73 -35.64
CA ALA A 3792 -59.20 5.88 -36.45
C ALA A 3792 -58.84 7.12 -35.64
N MET A 3793 -59.16 7.13 -34.33
CA MET A 3793 -58.73 8.21 -33.43
C MET A 3793 -57.22 8.37 -33.46
N VAL A 3794 -56.52 7.28 -33.20
CA VAL A 3794 -55.07 7.30 -33.11
C VAL A 3794 -54.47 7.61 -34.46
N SER A 3795 -55.06 7.09 -35.53
CA SER A 3795 -54.55 7.31 -36.88
C SER A 3795 -54.60 8.78 -37.26
N SER A 3796 -55.75 9.42 -37.07
CA SER A 3796 -55.88 10.82 -37.49
C SER A 3796 -55.06 11.75 -36.59
N THR A 3797 -55.06 11.47 -35.28
CA THR A 3797 -54.29 12.29 -34.36
C THR A 3797 -52.80 12.18 -34.65
N LEU A 3798 -52.34 10.98 -34.96
CA LEU A 3798 -50.93 10.79 -35.26
C LEU A 3798 -50.55 11.48 -36.55
N LYS A 3799 -51.44 11.47 -37.54
CA LYS A 3799 -51.11 12.16 -38.79
C LYS A 3799 -50.94 13.66 -38.58
N LEU A 3800 -51.78 14.25 -37.71
CA LEU A 3800 -51.54 15.64 -37.34
C LEU A 3800 -50.21 15.81 -36.61
N GLY A 3801 -49.88 14.85 -35.74
CA GLY A 3801 -48.63 14.93 -34.99
C GLY A 3801 -47.41 14.86 -35.88
N ILE A 3802 -47.47 14.05 -36.94
CA ILE A 3802 -46.37 14.05 -37.91
C ILE A 3802 -46.30 15.38 -38.62
N SER A 3803 -47.45 15.97 -38.94
CA SER A 3803 -47.43 17.20 -39.74
C SER A 3803 -46.78 18.35 -38.98
N ILE A 3804 -47.06 18.49 -37.69
CA ILE A 3804 -46.54 19.66 -36.98
C ILE A 3804 -45.06 19.49 -36.60
N LEU A 3805 -44.62 18.27 -36.30
CA LEU A 3805 -43.25 18.05 -35.83
C LEU A 3805 -42.20 17.98 -36.94
N ASN A 3806 -42.60 18.09 -38.21
CA ASN A 3806 -41.67 17.82 -39.31
C ASN A 3806 -40.59 18.89 -39.39
N GLY A 3807 -39.35 18.44 -39.53
CA GLY A 3807 -38.17 19.28 -39.52
C GLY A 3807 -37.45 19.31 -38.20
N GLY A 3808 -38.18 19.07 -37.10
CA GLY A 3808 -37.62 18.91 -35.77
C GLY A 3808 -38.34 19.76 -34.74
N ASN A 3809 -38.63 21.00 -35.10
CA ASN A 3809 -39.53 21.93 -34.39
C ASN A 3809 -39.24 22.01 -32.89
N ALA A 3810 -38.08 22.60 -32.60
CA ALA A 3810 -37.55 22.65 -31.23
C ALA A 3810 -38.50 23.37 -30.27
N GLU A 3811 -39.23 24.36 -30.78
CA GLU A 3811 -40.28 25.01 -29.99
C GLU A 3811 -41.34 24.00 -29.59
N VAL A 3812 -41.73 23.14 -30.53
CA VAL A 3812 -42.79 22.19 -30.27
C VAL A 3812 -42.31 21.13 -29.29
N GLN A 3813 -41.05 20.71 -29.42
CA GLN A 3813 -40.51 19.72 -28.49
C GLN A 3813 -40.45 20.30 -27.08
N GLN A 3814 -40.11 21.58 -26.96
CA GLN A 3814 -40.13 22.23 -25.66
C GLN A 3814 -41.54 22.26 -25.08
N LYS A 3815 -42.53 22.61 -25.90
CA LYS A 3815 -43.92 22.69 -25.44
C LYS A 3815 -44.43 21.34 -24.99
N MET A 3816 -44.21 20.33 -25.81
CA MET A 3816 -44.68 18.97 -25.53
C MET A 3816 -44.03 18.41 -24.29
N LEU A 3817 -42.71 18.58 -24.20
CA LEU A 3817 -41.97 17.99 -23.09
C LEU A 3817 -42.31 18.69 -21.78
N ASP A 3818 -42.47 20.02 -21.82
CA ASP A 3818 -42.78 20.73 -20.58
C ASP A 3818 -44.18 20.39 -20.09
N TYR A 3819 -45.14 20.25 -21.00
CA TYR A 3819 -46.49 19.86 -20.60
C TYR A 3819 -46.50 18.47 -19.98
N LEU A 3820 -45.84 17.52 -20.65
CA LEU A 3820 -45.89 16.15 -20.19
C LEU A 3820 -45.09 15.96 -18.90
N LYS A 3821 -44.01 16.71 -18.73
CA LYS A 3821 -43.27 16.65 -17.48
C LYS A 3821 -44.04 17.32 -16.36
N ASP A 3822 -44.78 18.38 -16.66
CA ASP A 3822 -45.49 19.10 -15.61
C ASP A 3822 -46.63 18.27 -15.05
N LYS A 3823 -47.45 17.69 -15.92
CA LYS A 3823 -48.66 17.04 -15.43
C LYS A 3823 -48.43 15.71 -14.73
N LYS A 3824 -47.29 15.06 -14.96
CA LYS A 3824 -47.02 13.70 -14.44
C LYS A 3824 -48.07 12.71 -14.93
N GLU A 3825 -48.58 12.92 -16.15
CA GLU A 3825 -49.70 12.14 -16.66
C GLU A 3825 -49.20 10.76 -17.07
N VAL A 3826 -49.10 9.89 -16.07
CA VAL A 3826 -48.79 8.49 -16.34
C VAL A 3826 -50.00 7.84 -17.01
N GLY A 3827 -49.75 7.10 -18.09
CA GLY A 3827 -50.77 6.47 -18.89
C GLY A 3827 -50.58 6.68 -20.38
N PHE A 3828 -49.98 7.81 -20.75
CA PHE A 3828 -49.68 8.09 -22.15
C PHE A 3828 -48.71 7.07 -22.70
N PHE A 3829 -47.62 6.83 -21.98
CA PHE A 3829 -46.66 5.83 -22.40
C PHE A 3829 -47.25 4.43 -22.32
N GLN A 3830 -48.18 4.20 -21.39
CA GLN A 3830 -48.91 2.94 -21.36
C GLN A 3830 -49.75 2.78 -22.62
N SER A 3831 -50.35 3.88 -23.08
CA SER A 3831 -51.14 3.83 -24.31
C SER A 3831 -50.26 3.51 -25.50
N ILE A 3832 -49.05 4.08 -25.53
CA ILE A 3832 -48.11 3.78 -26.60
C ILE A 3832 -47.70 2.32 -26.56
N GLN A 3833 -47.49 1.78 -25.37
CA GLN A 3833 -47.10 0.37 -25.23
C GLN A 3833 -48.20 -0.55 -25.75
N ALA A 3834 -49.45 -0.24 -25.38
CA ALA A 3834 -50.59 -1.03 -25.85
C ALA A 3834 -50.72 -0.94 -27.36
N LEU A 3835 -50.49 0.24 -27.93
CA LEU A 3835 -50.56 0.37 -29.37
C LEU A 3835 -49.47 -0.43 -30.05
N MET A 3836 -48.26 -0.40 -29.48
CA MET A 3836 -47.13 -1.06 -30.12
C MET A 3836 -47.28 -2.56 -30.10
N GLN A 3837 -47.91 -3.11 -29.06
CA GLN A 3837 -48.00 -4.57 -28.98
C GLN A 3837 -48.90 -5.16 -30.07
N THR A 3838 -49.92 -4.44 -30.50
CA THR A 3838 -50.89 -4.95 -31.46
C THR A 3838 -50.48 -4.79 -32.92
N CYS A 3839 -49.24 -4.41 -33.20
CA CYS A 3839 -48.83 -4.18 -34.58
C CYS A 3839 -48.73 -5.50 -35.34
N SER A 3840 -49.03 -5.44 -36.63
CA SER A 3840 -49.02 -6.62 -37.48
C SER A 3840 -47.59 -7.05 -37.80
N VAL A 3841 -47.44 -8.34 -38.07
CA VAL A 3841 -46.18 -8.94 -38.51
C VAL A 3841 -46.49 -9.88 -39.67
N LEU A 3842 -45.49 -10.62 -40.13
CA LEU A 3842 -45.65 -11.55 -41.24
C LEU A 3842 -46.24 -12.86 -40.73
N ASP A 3843 -47.54 -13.03 -40.92
CA ASP A 3843 -48.26 -14.25 -40.58
C ASP A 3843 -48.31 -15.15 -41.81
N LEU A 3844 -47.59 -16.28 -41.75
CA LEU A 3844 -47.57 -17.18 -42.88
C LEU A 3844 -48.85 -17.99 -43.01
N ASN A 3845 -49.50 -18.31 -41.90
CA ASN A 3845 -50.75 -19.08 -41.96
C ASN A 3845 -51.84 -18.28 -42.63
N ALA A 3846 -51.98 -17.00 -42.25
CA ALA A 3846 -52.95 -16.14 -42.89
C ALA A 3846 -52.61 -15.90 -44.34
N PHE A 3847 -51.31 -15.79 -44.65
CA PHE A 3847 -50.91 -15.63 -46.04
C PHE A 3847 -51.25 -16.86 -46.86
N GLU A 3848 -51.06 -18.05 -46.30
CA GLU A 3848 -51.37 -19.28 -47.03
C GLU A 3848 -52.87 -19.41 -47.25
N ARG A 3849 -53.66 -19.09 -46.22
CA ARG A 3849 -55.11 -19.12 -46.37
C ARG A 3849 -55.58 -18.09 -47.39
N GLN A 3850 -54.97 -16.91 -47.38
CA GLN A 3850 -55.34 -15.88 -48.35
C GLN A 3850 -54.85 -16.25 -49.74
N ASN A 3851 -53.75 -17.00 -49.85
CA ASN A 3851 -53.30 -17.46 -51.15
C ASN A 3851 -54.27 -18.48 -51.71
N LYS A 3852 -54.82 -19.33 -50.86
CA LYS A 3852 -55.87 -20.24 -51.32
C LYS A 3852 -57.11 -19.47 -51.73
N ALA A 3853 -57.45 -18.42 -50.98
CA ALA A 3853 -58.59 -17.59 -51.33
C ALA A 3853 -58.38 -16.88 -52.66
N GLU A 3854 -57.17 -16.36 -52.89
CA GLU A 3854 -56.86 -15.73 -54.17
C GLU A 3854 -56.85 -16.76 -55.29
N GLY A 3855 -56.40 -17.98 -54.99
CA GLY A 3855 -56.48 -19.05 -55.97
C GLY A 3855 -57.90 -19.40 -56.34
N LEU A 3856 -58.82 -19.29 -55.36
CA LEU A 3856 -60.25 -19.47 -55.61
C LEU A 3856 -60.74 -18.19 -56.29
N GLY A 3857 -60.55 -18.14 -57.61
CA GLY A 3857 -60.93 -16.99 -58.40
C GLY A 3857 -62.34 -17.04 -58.95
N MET A 3858 -63.20 -17.85 -58.35
CA MET A 3858 -64.57 -17.99 -58.83
C MET A 3858 -65.32 -16.69 -58.57
N VAL A 3859 -66.12 -16.27 -59.55
CA VAL A 3859 -66.93 -15.07 -59.44
C VAL A 3859 -68.21 -15.38 -58.66
N ASN A 3860 -68.85 -14.33 -58.15
CA ASN A 3860 -70.10 -14.47 -57.39
C ASN A 3860 -70.93 -13.21 -57.64
N GLU A 3861 -71.83 -13.32 -58.62
CA GLU A 3861 -72.69 -12.20 -59.03
C GLU A 3861 -71.85 -11.01 -59.50
N ASP A 3862 -70.75 -11.30 -60.19
CA ASP A 3862 -69.78 -10.29 -60.62
C ASP A 3862 -69.22 -9.54 -59.40
N GLY A 3863 -68.97 -10.27 -58.32
CA GLY A 3863 -68.48 -9.73 -57.07
C GLY A 3863 -67.31 -10.53 -56.52
N THR A 3864 -66.43 -11.00 -57.40
CA THR A 3864 -65.26 -11.75 -56.96
C THR A 3864 -64.29 -10.87 -56.19
N VAL A 3865 -64.10 -9.62 -56.64
CA VAL A 3865 -63.08 -8.73 -56.09
C VAL A 3865 -63.60 -7.85 -54.96
N ILE A 3866 -64.76 -8.19 -54.38
CA ILE A 3866 -65.27 -7.41 -53.25
C ILE A 3866 -64.38 -7.62 -52.03
N ASN A 3867 -63.85 -8.85 -51.86
CA ASN A 3867 -62.93 -9.19 -50.77
C ASN A 3867 -61.77 -10.06 -51.25
N ARG A 3868 -61.38 -9.91 -52.53
CA ARG A 3868 -60.20 -10.58 -53.09
C ARG A 3868 -58.99 -9.65 -53.09
N GLN A 3869 -58.89 -8.76 -52.11
CA GLN A 3869 -57.84 -7.76 -52.10
C GLN A 3869 -56.48 -8.40 -51.86
N ASN A 3870 -56.39 -9.26 -50.83
CA ASN A 3870 -55.19 -9.97 -50.38
C ASN A 3870 -54.15 -9.07 -49.72
N GLY A 3871 -54.41 -7.76 -49.54
CA GLY A 3871 -53.52 -6.84 -48.87
C GLY A 3871 -54.07 -6.42 -47.53
N GLU A 3872 -55.39 -6.25 -47.47
CA GLU A 3872 -56.05 -5.90 -46.22
C GLU A 3872 -56.09 -7.07 -45.23
N LYS A 3873 -55.80 -8.30 -45.66
CA LYS A 3873 -55.85 -9.47 -44.79
C LYS A 3873 -54.52 -9.75 -44.12
N VAL A 3874 -53.42 -9.59 -44.83
CA VAL A 3874 -52.12 -10.10 -44.37
C VAL A 3874 -51.43 -9.13 -43.42
N MET A 3875 -51.33 -7.84 -43.78
CA MET A 3875 -50.76 -6.80 -42.92
C MET A 3875 -51.84 -6.01 -42.20
N ALA A 3876 -52.67 -5.30 -42.96
CA ALA A 3876 -53.80 -4.48 -42.52
C ALA A 3876 -53.40 -3.22 -41.73
N ASP A 3877 -52.11 -2.98 -41.46
CA ASP A 3877 -51.66 -1.94 -40.54
C ASP A 3877 -50.40 -1.24 -41.05
N ASP A 3878 -50.20 -1.16 -42.36
CA ASP A 3878 -48.96 -0.57 -42.88
C ASP A 3878 -48.87 0.92 -42.56
N GLU A 3879 -49.97 1.65 -42.81
CA GLU A 3879 -49.97 3.10 -42.64
C GLU A 3879 -49.85 3.47 -41.17
N PHE A 3880 -50.61 2.78 -40.32
CA PHE A 3880 -50.63 3.13 -38.90
C PHE A 3880 -49.32 2.80 -38.23
N THR A 3881 -48.73 1.65 -38.57
CA THR A 3881 -47.45 1.27 -37.97
C THR A 3881 -46.34 2.22 -38.38
N GLN A 3882 -46.31 2.59 -39.67
CA GLN A 3882 -45.31 3.54 -40.13
C GLN A 3882 -45.50 4.90 -39.47
N ASP A 3883 -46.74 5.35 -39.33
CA ASP A 3883 -46.97 6.66 -38.73
C ASP A 3883 -46.61 6.67 -37.24
N LEU A 3884 -46.85 5.57 -36.55
CA LEU A 3884 -46.55 5.50 -35.12
C LEU A 3884 -45.06 5.61 -34.89
N PHE A 3885 -44.28 4.77 -35.58
CA PHE A 3885 -42.84 4.85 -35.37
C PHE A 3885 -42.25 6.13 -35.96
N ARG A 3886 -42.92 6.71 -36.96
CA ARG A 3886 -42.49 8.01 -37.47
C ARG A 3886 -42.65 9.09 -36.43
N PHE A 3887 -43.74 9.03 -35.65
CA PHE A 3887 -43.95 10.02 -34.60
C PHE A 3887 -42.89 9.89 -33.54
N LEU A 3888 -42.55 8.65 -33.19
CA LEU A 3888 -41.48 8.46 -32.22
C LEU A 3888 -40.14 8.92 -32.76
N GLN A 3889 -39.91 8.80 -34.07
CA GLN A 3889 -38.70 9.34 -34.66
C GLN A 3889 -38.67 10.85 -34.56
N LEU A 3890 -39.75 11.49 -34.99
CA LEU A 3890 -39.75 12.95 -35.09
C LEU A 3890 -39.80 13.63 -33.73
N LEU A 3891 -40.14 12.91 -32.66
CA LEU A 3891 -40.05 13.53 -31.33
C LEU A 3891 -38.62 13.93 -31.00
N CYS A 3892 -37.66 13.09 -31.36
CA CYS A 3892 -36.24 13.27 -31.07
C CYS A 3892 -35.42 13.26 -32.35
N GLU A 3893 -35.92 13.94 -33.39
CA GLU A 3893 -35.14 14.10 -34.61
C GLU A 3893 -33.90 14.93 -34.36
N GLY A 3894 -34.09 16.11 -33.78
CA GLY A 3894 -32.95 16.85 -33.29
C GLY A 3894 -32.31 16.13 -32.13
N HIS A 3895 -31.00 16.29 -32.02
CA HIS A 3895 -30.23 15.59 -31.00
C HIS A 3895 -30.47 16.28 -29.66
N ASN A 3896 -31.60 15.95 -29.06
CA ASN A 3896 -31.98 16.57 -27.79
C ASN A 3896 -31.08 16.11 -26.67
N ASN A 3897 -31.08 14.80 -26.40
CA ASN A 3897 -30.50 14.18 -25.21
C ASN A 3897 -31.17 14.63 -23.91
N ASP A 3898 -32.40 15.17 -23.99
CA ASP A 3898 -33.28 15.41 -22.85
C ASP A 3898 -34.60 14.69 -23.02
N PHE A 3899 -35.22 14.84 -24.19
CA PHE A 3899 -36.41 14.05 -24.49
C PHE A 3899 -36.06 12.56 -24.60
N GLN A 3900 -34.88 12.26 -25.12
CA GLN A 3900 -34.45 10.87 -25.23
C GLN A 3900 -34.29 10.23 -23.87
N ASN A 3901 -33.69 10.96 -22.92
CA ASN A 3901 -33.54 10.44 -21.57
C ASN A 3901 -34.89 10.25 -20.89
N TYR A 3902 -35.82 11.18 -21.10
CA TYR A 3902 -37.14 11.05 -20.52
C TYR A 3902 -37.88 9.86 -21.12
N LEU A 3903 -37.74 9.66 -22.42
CA LEU A 3903 -38.38 8.52 -23.08
C LEU A 3903 -37.80 7.21 -22.58
N ARG A 3904 -36.50 7.19 -22.31
CA ARG A 3904 -35.88 5.97 -21.79
C ARG A 3904 -36.42 5.65 -20.41
N THR A 3905 -36.59 6.66 -19.57
CA THR A 3905 -36.96 6.44 -18.17
C THR A 3905 -37.57 7.72 -17.62
N GLN A 3906 -38.85 7.64 -17.25
CA GLN A 3906 -39.52 8.76 -16.59
C GLN A 3906 -39.05 8.84 -15.15
N THR A 3907 -38.89 10.07 -14.67
CA THR A 3907 -38.40 10.34 -13.32
C THR A 3907 -39.53 10.58 -12.34
N GLY A 3908 -40.35 11.61 -12.60
CA GLY A 3908 -41.38 11.99 -11.64
C GLY A 3908 -42.54 11.02 -11.58
N ASN A 3909 -42.83 10.35 -12.68
CA ASN A 3909 -43.95 9.41 -12.71
C ASN A 3909 -43.65 8.19 -11.85
N THR A 3910 -44.72 7.58 -11.36
CA THR A 3910 -44.57 6.43 -10.47
C THR A 3910 -43.96 5.23 -11.18
N THR A 3911 -44.40 4.98 -12.42
CA THR A 3911 -44.03 3.81 -13.20
C THR A 3911 -43.36 4.27 -14.50
N THR A 3912 -42.33 3.53 -14.90
CA THR A 3912 -41.56 3.80 -16.11
C THR A 3912 -41.77 2.66 -17.10
N ILE A 3913 -42.13 3.03 -18.33
CA ILE A 3913 -42.46 2.04 -19.36
C ILE A 3913 -41.22 1.62 -20.13
N ASN A 3914 -40.30 2.55 -20.39
CA ASN A 3914 -39.07 2.29 -21.12
C ASN A 3914 -39.36 1.79 -22.54
N ILE A 3915 -39.91 2.72 -23.33
CA ILE A 3915 -40.38 2.43 -24.69
C ILE A 3915 -39.25 1.95 -25.60
N ILE A 3916 -38.01 2.39 -25.33
CA ILE A 3916 -36.89 2.11 -26.21
C ILE A 3916 -36.60 0.60 -26.24
N ILE A 3917 -36.80 -0.08 -25.11
CA ILE A 3917 -36.66 -1.53 -25.07
C ILE A 3917 -37.85 -2.20 -25.79
N CYS A 3918 -39.04 -1.61 -25.66
CA CYS A 3918 -40.24 -2.18 -26.27
C CYS A 3918 -40.15 -2.18 -27.79
N THR A 3919 -39.49 -1.16 -28.34
CA THR A 3919 -39.25 -1.13 -29.78
C THR A 3919 -38.38 -2.29 -30.21
N VAL A 3920 -37.40 -2.66 -29.39
CA VAL A 3920 -36.55 -3.80 -29.69
C VAL A 3920 -37.37 -5.07 -29.68
N ASP A 3921 -38.34 -5.16 -28.76
CA ASP A 3921 -39.19 -6.35 -28.72
C ASP A 3921 -40.03 -6.47 -30.00
N TYR A 3922 -40.55 -5.33 -30.49
CA TYR A 3922 -41.31 -5.37 -31.75
C TYR A 3922 -40.41 -5.78 -32.92
N LEU A 3923 -39.17 -5.29 -32.91
CA LEU A 3923 -38.22 -5.66 -33.95
C LEU A 3923 -37.92 -7.15 -33.91
N LEU A 3924 -37.80 -7.71 -32.72
CA LEU A 3924 -37.49 -9.14 -32.59
C LEU A 3924 -38.64 -10.00 -33.11
N ARG A 3925 -39.88 -9.57 -32.84
CA ARG A 3925 -41.04 -10.26 -33.39
C ARG A 3925 -41.04 -10.22 -34.91
N LEU A 3926 -40.69 -9.06 -35.47
CA LEU A 3926 -40.62 -8.95 -36.92
C LEU A 3926 -39.51 -9.80 -37.50
N GLN A 3927 -38.40 -9.92 -36.77
CA GLN A 3927 -37.29 -10.75 -37.24
C GLN A 3927 -37.70 -12.20 -37.34
N GLU A 3928 -38.39 -12.71 -36.33
CA GLU A 3928 -38.81 -14.11 -36.39
C GLU A 3928 -39.82 -14.34 -37.51
N SER A 3929 -40.73 -13.37 -37.71
CA SER A 3929 -41.74 -13.52 -38.75
C SER A 3929 -41.13 -13.54 -40.15
N ILE A 3930 -40.28 -12.56 -40.44
CA ILE A 3930 -39.69 -12.45 -41.77
C ILE A 3930 -38.71 -13.59 -42.03
N SER A 3931 -38.03 -14.06 -40.98
CA SER A 3931 -37.16 -15.22 -41.11
C SER A 3931 -37.94 -16.48 -41.47
N ASP A 3932 -39.15 -16.64 -40.90
CA ASP A 3932 -39.96 -17.79 -41.28
C ASP A 3932 -40.43 -17.71 -42.72
N PHE A 3933 -40.72 -16.48 -43.19
CA PHE A 3933 -41.11 -16.32 -44.60
C PHE A 3933 -40.00 -16.75 -45.54
N TYR A 3934 -38.75 -16.48 -45.16
CA TYR A 3934 -37.62 -16.91 -45.99
C TYR A 3934 -37.58 -18.42 -46.11
N TRP A 3935 -37.86 -19.13 -45.02
CA TRP A 3935 -37.83 -20.59 -45.07
C TRP A 3935 -38.95 -21.12 -45.93
N TYR A 3936 -40.11 -20.45 -45.92
CA TYR A 3936 -41.20 -20.93 -46.78
C TYR A 3936 -40.85 -20.82 -48.25
N TYR A 3937 -40.20 -19.72 -48.66
CA TYR A 3937 -39.81 -19.53 -50.07
C TYR A 3937 -38.41 -20.06 -50.40
N SER A 3938 -37.69 -20.66 -49.45
CA SER A 3938 -36.32 -21.10 -49.73
C SER A 3938 -36.26 -22.23 -50.76
N GLY A 3939 -37.14 -23.21 -50.64
CA GLY A 3939 -37.16 -24.30 -51.61
C GLY A 3939 -37.56 -23.82 -52.99
N LYS A 3940 -38.53 -22.91 -53.05
CA LYS A 3940 -38.95 -22.37 -54.33
C LYS A 3940 -37.85 -21.50 -54.92
N ASP A 3941 -37.64 -21.64 -56.23
CA ASP A 3941 -36.61 -20.88 -56.92
C ASP A 3941 -37.10 -19.48 -57.30
N VAL A 3942 -38.14 -19.42 -58.13
CA VAL A 3942 -38.73 -18.16 -58.55
C VAL A 3942 -39.76 -17.73 -57.52
N ILE A 3943 -39.81 -16.44 -57.25
CA ILE A 3943 -40.70 -15.84 -56.26
C ILE A 3943 -41.92 -15.30 -56.98
N GLU A 3944 -43.08 -15.49 -56.38
CA GLU A 3944 -44.32 -14.98 -56.94
C GLU A 3944 -44.34 -13.46 -56.90
N GLU A 3945 -45.09 -12.86 -57.82
CA GLU A 3945 -45.26 -11.41 -57.83
C GLU A 3945 -45.94 -10.94 -56.55
N GLN A 3946 -46.99 -11.64 -56.12
CA GLN A 3946 -47.69 -11.29 -54.90
C GLN A 3946 -46.77 -11.43 -53.69
N GLY A 3947 -45.93 -12.46 -53.70
CA GLY A 3947 -44.99 -12.66 -52.60
C GLY A 3947 -43.98 -11.53 -52.49
N LYS A 3948 -43.43 -11.11 -53.63
CA LYS A 3948 -42.46 -10.02 -53.62
C LYS A 3948 -43.11 -8.70 -53.20
N ARG A 3949 -44.36 -8.47 -53.64
CA ARG A 3949 -45.08 -7.26 -53.23
C ARG A 3949 -45.31 -7.22 -51.72
N ASN A 3950 -45.74 -8.34 -51.15
CA ASN A 3950 -45.92 -8.46 -49.71
C ASN A 3950 -44.62 -8.23 -48.96
N PHE A 3951 -43.54 -8.83 -49.46
CA PHE A 3951 -42.26 -8.75 -48.79
C PHE A 3951 -41.70 -7.33 -48.86
N SER A 3952 -41.98 -6.61 -49.95
CA SER A 3952 -41.55 -5.22 -50.07
C SER A 3952 -42.28 -4.34 -49.07
N LYS A 3953 -43.57 -4.60 -48.85
CA LYS A 3953 -44.32 -3.84 -47.85
C LYS A 3953 -43.73 -4.02 -46.46
N ALA A 3954 -43.42 -5.29 -46.11
CA ALA A 3954 -42.80 -5.57 -44.82
C ALA A 3954 -41.42 -4.92 -44.71
N MET A 3955 -40.67 -4.89 -45.82
CA MET A 3955 -39.34 -4.31 -45.80
C MET A 3955 -39.38 -2.81 -45.57
N SER A 3956 -40.37 -2.12 -46.16
CA SER A 3956 -40.50 -0.69 -45.96
C SER A 3956 -40.77 -0.36 -44.49
N VAL A 3957 -41.65 -1.13 -43.86
CA VAL A 3957 -41.93 -0.90 -42.44
C VAL A 3957 -40.69 -1.19 -41.59
N ALA A 3958 -39.91 -2.20 -42.00
CA ALA A 3958 -38.67 -2.51 -41.30
C ALA A 3958 -37.68 -1.36 -41.39
N LYS A 3959 -37.62 -0.70 -42.55
CA LYS A 3959 -36.73 0.44 -42.74
C LYS A 3959 -37.10 1.57 -41.79
N GLN A 3960 -38.41 1.83 -41.66
CA GLN A 3960 -38.83 2.94 -40.82
C GLN A 3960 -38.50 2.67 -39.36
N VAL A 3961 -38.66 1.42 -38.90
CA VAL A 3961 -38.30 1.14 -37.51
C VAL A 3961 -36.80 1.27 -37.31
N PHE A 3962 -35.98 0.91 -38.31
CA PHE A 3962 -34.53 1.08 -38.14
C PHE A 3962 -34.14 2.54 -38.01
N ASN A 3963 -34.72 3.42 -38.82
CA ASN A 3963 -34.39 4.84 -38.69
C ASN A 3963 -34.84 5.41 -37.35
N SER A 3964 -36.06 5.04 -36.93
CA SER A 3964 -36.56 5.48 -35.63
C SER A 3964 -35.72 4.95 -34.50
N LEU A 3965 -35.17 3.75 -34.66
CA LEU A 3965 -34.25 3.22 -33.67
C LEU A 3965 -32.96 4.01 -33.65
N THR A 3966 -32.51 4.48 -34.80
CA THR A 3966 -31.26 5.22 -34.86
C THR A 3966 -31.36 6.54 -34.10
N GLU A 3967 -32.51 7.21 -34.22
CA GLU A 3967 -32.58 8.56 -33.64
C GLU A 3967 -32.56 8.58 -32.11
N TYR A 3968 -32.82 7.46 -31.44
CA TYR A 3968 -32.69 7.42 -29.99
C TYR A 3968 -31.24 7.50 -29.52
N ILE A 3969 -30.28 7.15 -30.37
CA ILE A 3969 -28.87 7.06 -30.01
C ILE A 3969 -27.97 7.93 -30.87
N GLN A 3970 -28.47 8.44 -32.00
CA GLN A 3970 -27.72 9.46 -32.72
C GLN A 3970 -27.55 10.69 -31.84
N GLY A 3971 -26.31 11.14 -31.73
CA GLY A 3971 -25.93 12.06 -30.70
C GLY A 3971 -25.63 11.25 -29.45
N PRO A 3972 -24.49 11.49 -28.78
CA PRO A 3972 -24.05 10.52 -27.78
C PRO A 3972 -24.89 10.57 -26.51
N CYS A 3973 -25.76 9.58 -26.37
CA CYS A 3973 -26.64 9.42 -25.21
C CYS A 3973 -26.25 8.09 -24.57
N THR A 3974 -25.51 8.17 -23.47
CA THR A 3974 -24.98 6.98 -22.84
C THR A 3974 -26.08 6.09 -22.28
N GLY A 3975 -27.19 6.67 -21.81
CA GLY A 3975 -28.27 5.87 -21.26
C GLY A 3975 -28.91 4.95 -22.28
N ASN A 3976 -29.30 5.51 -23.42
CA ASN A 3976 -29.94 4.72 -24.47
C ASN A 3976 -28.99 3.69 -25.04
N GLN A 3977 -27.74 4.07 -25.23
CA GLN A 3977 -26.75 3.19 -25.82
C GLN A 3977 -26.45 2.03 -24.88
N GLN A 3978 -26.27 2.33 -23.59
CA GLN A 3978 -26.01 1.29 -22.61
C GLN A 3978 -27.20 0.38 -22.43
N SER A 3979 -28.42 0.92 -22.53
CA SER A 3979 -29.60 0.07 -22.44
C SER A 3979 -29.66 -0.89 -23.60
N LEU A 3980 -29.38 -0.40 -24.82
CA LEU A 3980 -29.41 -1.31 -25.96
C LEU A 3980 -28.27 -2.31 -25.96
N ALA A 3981 -27.19 -2.05 -25.24
CA ALA A 3981 -26.11 -3.03 -25.19
C ALA A 3981 -26.56 -4.33 -24.52
N HIS A 3982 -27.31 -4.23 -23.42
CA HIS A 3982 -27.77 -5.39 -22.67
C HIS A 3982 -29.08 -5.99 -23.19
N SER A 3983 -29.68 -5.41 -24.21
CA SER A 3983 -30.98 -5.86 -24.68
C SER A 3983 -30.83 -7.08 -25.59
N ARG A 3984 -31.93 -7.46 -26.24
CA ARG A 3984 -31.97 -8.56 -27.20
C ARG A 3984 -31.59 -8.12 -28.61
N LEU A 3985 -31.09 -6.91 -28.79
CA LEU A 3985 -30.78 -6.42 -30.14
C LEU A 3985 -29.66 -7.20 -30.78
N TRP A 3986 -28.73 -7.73 -29.98
CA TRP A 3986 -27.65 -8.53 -30.52
C TRP A 3986 -28.19 -9.80 -31.19
N ASP A 3987 -29.14 -10.46 -30.54
CA ASP A 3987 -29.80 -11.63 -31.10
C ASP A 3987 -30.56 -11.27 -32.37
N ALA A 3988 -31.19 -10.10 -32.37
CA ALA A 3988 -31.96 -9.65 -33.53
C ALA A 3988 -31.05 -9.43 -34.72
N VAL A 3989 -29.92 -8.76 -34.50
CA VAL A 3989 -29.05 -8.44 -35.64
C VAL A 3989 -28.38 -9.70 -36.16
N VAL A 3990 -28.04 -10.66 -35.28
CA VAL A 3990 -27.42 -11.88 -35.81
C VAL A 3990 -28.45 -12.67 -36.63
N GLY A 3991 -29.71 -12.65 -36.22
CA GLY A 3991 -30.75 -13.27 -37.03
C GLY A 3991 -30.91 -12.58 -38.38
N PHE A 3992 -30.88 -11.24 -38.36
CA PHE A 3992 -30.94 -10.49 -39.61
C PHE A 3992 -29.73 -10.77 -40.47
N LEU A 3993 -28.56 -10.88 -39.87
CA LEU A 3993 -27.33 -11.07 -40.63
C LEU A 3993 -27.32 -12.44 -41.28
N HIS A 3994 -27.87 -13.44 -40.59
CA HIS A 3994 -27.98 -14.75 -41.20
C HIS A 3994 -28.95 -14.72 -42.36
N VAL A 3995 -30.14 -14.15 -42.15
CA VAL A 3995 -31.16 -14.31 -43.17
C VAL A 3995 -30.87 -13.42 -44.37
N PHE A 3996 -30.23 -12.25 -44.17
CA PHE A 3996 -29.96 -11.32 -45.26
C PHE A 3996 -29.03 -11.93 -46.30
N ALA A 3997 -28.02 -12.66 -45.87
CA ALA A 3997 -27.02 -13.17 -46.80
C ALA A 3997 -27.57 -14.24 -47.73
N HIS A 3998 -28.57 -14.99 -47.29
CA HIS A 3998 -29.05 -16.11 -48.08
C HIS A 3998 -29.92 -15.66 -49.25
N MET A 3999 -30.94 -14.85 -48.96
CA MET A 3999 -31.89 -14.53 -50.02
C MET A 3999 -31.28 -13.62 -51.05
N MET A 4000 -30.27 -12.82 -50.70
CA MET A 4000 -29.71 -11.89 -51.68
C MET A 4000 -28.99 -12.63 -52.79
N MET A 4001 -28.29 -13.72 -52.45
CA MET A 4001 -27.68 -14.55 -53.46
C MET A 4001 -28.73 -15.39 -54.18
N LYS A 4002 -29.81 -15.75 -53.47
CA LYS A 4002 -30.93 -16.38 -54.15
C LYS A 4002 -31.59 -15.44 -55.16
N LEU A 4003 -31.73 -14.16 -54.80
CA LEU A 4003 -32.46 -13.17 -55.58
C LEU A 4003 -31.67 -12.66 -56.78
N ALA A 4004 -30.34 -12.80 -56.74
CA ALA A 4004 -29.53 -12.40 -57.89
C ALA A 4004 -29.81 -13.23 -59.13
N GLN A 4005 -30.35 -14.44 -58.97
CA GLN A 4005 -30.57 -15.33 -60.11
C GLN A 4005 -31.65 -14.76 -61.02
N ASP A 4006 -31.34 -14.70 -62.32
CA ASP A 4006 -32.26 -14.37 -63.41
C ASP A 4006 -32.64 -12.90 -63.51
N SER A 4007 -32.24 -12.05 -62.57
CA SER A 4007 -32.46 -10.60 -62.60
C SER A 4007 -33.94 -10.20 -62.58
N SER A 4008 -34.85 -11.11 -62.21
CA SER A 4008 -36.24 -10.76 -62.06
C SER A 4008 -36.50 -9.99 -60.77
N GLN A 4009 -35.73 -10.28 -59.72
CA GLN A 4009 -35.95 -9.75 -58.37
C GLN A 4009 -34.99 -8.61 -58.05
N ILE A 4010 -34.54 -7.86 -59.05
CA ILE A 4010 -33.58 -6.78 -58.82
C ILE A 4010 -34.20 -5.64 -58.01
N GLU A 4011 -35.51 -5.41 -58.16
CA GLU A 4011 -36.18 -4.38 -57.37
C GLU A 4011 -36.14 -4.73 -55.89
N LEU A 4012 -36.40 -5.99 -55.58
CA LEU A 4012 -36.33 -6.45 -54.20
C LEU A 4012 -34.90 -6.42 -53.70
N LEU A 4013 -33.93 -6.68 -54.57
CA LEU A 4013 -32.53 -6.61 -54.17
C LEU A 4013 -32.14 -5.19 -53.80
N LYS A 4014 -32.66 -4.21 -54.56
CA LYS A 4014 -32.45 -2.82 -54.21
C LYS A 4014 -33.05 -2.49 -52.86
N GLU A 4015 -34.24 -3.00 -52.59
CA GLU A 4015 -34.88 -2.73 -51.30
C GLU A 4015 -34.10 -3.36 -50.15
N LEU A 4016 -33.63 -4.60 -50.32
CA LEU A 4016 -32.88 -5.29 -49.26
C LEU A 4016 -31.57 -4.56 -48.96
N LEU A 4017 -30.82 -4.19 -50.00
CA LEU A 4017 -29.56 -3.51 -49.77
C LEU A 4017 -29.77 -2.11 -49.21
N ASP A 4018 -30.85 -1.45 -49.62
CA ASP A 4018 -31.18 -0.14 -49.09
C ASP A 4018 -31.48 -0.22 -47.61
N LEU A 4019 -32.18 -1.27 -47.18
CA LEU A 4019 -32.42 -1.44 -45.76
C LEU A 4019 -31.15 -1.84 -45.01
N GLN A 4020 -30.24 -2.56 -45.68
CA GLN A 4020 -29.00 -2.94 -45.03
C GLN A 4020 -28.14 -1.73 -44.72
N LYS A 4021 -28.24 -0.68 -45.55
CA LYS A 4021 -27.62 0.59 -45.21
C LYS A 4021 -28.16 1.14 -43.89
N ASP A 4022 -29.48 1.10 -43.72
CA ASP A 4022 -30.10 1.57 -42.48
C ASP A 4022 -29.72 0.70 -41.29
N MET A 4023 -29.45 -0.58 -41.53
CA MET A 4023 -28.97 -1.44 -40.45
C MET A 4023 -27.57 -1.01 -40.00
N VAL A 4024 -26.69 -0.80 -40.97
CA VAL A 4024 -25.30 -0.54 -40.62
C VAL A 4024 -25.15 0.83 -39.97
N VAL A 4025 -25.92 1.82 -40.43
CA VAL A 4025 -25.80 3.14 -39.80
C VAL A 4025 -26.32 3.12 -38.37
N MET A 4026 -27.30 2.25 -38.07
CA MET A 4026 -27.68 2.04 -36.69
C MET A 4026 -26.53 1.50 -35.88
N LEU A 4027 -25.79 0.56 -36.45
CA LEU A 4027 -24.63 0.03 -35.73
C LEU A 4027 -23.55 1.08 -35.56
N LEU A 4028 -23.35 1.93 -36.56
CA LEU A 4028 -22.34 2.98 -36.45
C LEU A 4028 -22.72 4.00 -35.39
N SER A 4029 -24.00 4.38 -35.36
CA SER A 4029 -24.46 5.30 -34.32
C SER A 4029 -24.36 4.67 -32.94
N LEU A 4030 -24.52 3.35 -32.86
CA LEU A 4030 -24.27 2.67 -31.61
C LEU A 4030 -22.80 2.78 -31.22
N LEU A 4031 -21.91 2.72 -32.19
CA LEU A 4031 -20.48 2.77 -31.93
C LEU A 4031 -19.96 4.16 -31.60
N GLU A 4032 -20.78 5.20 -31.71
CA GLU A 4032 -20.31 6.57 -31.53
C GLU A 4032 -19.87 6.83 -30.10
N GLY A 4033 -18.83 7.65 -29.96
CA GLY A 4033 -18.40 8.09 -28.66
C GLY A 4033 -17.82 7.03 -27.77
N ASN A 4034 -17.33 5.93 -28.35
CA ASN A 4034 -16.82 4.83 -27.55
C ASN A 4034 -15.41 5.13 -27.07
N VAL A 4035 -15.02 4.40 -26.02
CA VAL A 4035 -13.65 4.38 -25.52
C VAL A 4035 -12.92 3.41 -26.44
N VAL A 4036 -11.59 3.38 -26.37
CA VAL A 4036 -10.80 2.46 -27.17
C VAL A 4036 -11.13 1.01 -26.81
N ASN A 4037 -11.39 0.74 -25.53
CA ASN A 4037 -11.92 -0.54 -25.04
C ASN A 4037 -13.10 -0.19 -24.13
N GLY A 4038 -14.27 -0.02 -24.73
CA GLY A 4038 -15.46 0.39 -24.01
C GLY A 4038 -16.46 -0.71 -23.65
N MET A 4039 -16.22 -1.93 -24.13
CA MET A 4039 -17.02 -3.14 -23.97
C MET A 4039 -18.24 -3.16 -24.91
N ILE A 4040 -18.55 -2.07 -25.61
CA ILE A 4040 -19.57 -2.10 -26.66
C ILE A 4040 -18.99 -2.58 -27.97
N ALA A 4041 -17.79 -2.11 -28.29
CA ALA A 4041 -17.06 -2.66 -29.42
C ALA A 4041 -16.70 -4.12 -29.16
N ARG A 4042 -16.40 -4.45 -27.91
CA ARG A 4042 -16.14 -5.84 -27.54
C ARG A 4042 -17.38 -6.69 -27.75
N GLN A 4043 -18.53 -6.17 -27.35
CA GLN A 4043 -19.79 -6.86 -27.61
C GLN A 4043 -20.08 -6.93 -29.10
N MET A 4044 -19.66 -5.93 -29.87
CA MET A 4044 -19.90 -5.91 -31.29
C MET A 4044 -19.13 -7.02 -31.98
N VAL A 4045 -17.86 -7.18 -31.61
CA VAL A 4045 -17.08 -8.27 -32.19
C VAL A 4045 -17.59 -9.61 -31.69
N ASP A 4046 -18.14 -9.68 -30.47
CA ASP A 4046 -18.73 -10.95 -30.02
C ASP A 4046 -19.97 -11.30 -30.84
N MET A 4047 -20.77 -10.30 -31.18
CA MET A 4047 -21.88 -10.51 -32.11
C MET A 4047 -21.36 -10.97 -33.46
N LEU A 4048 -20.30 -10.33 -33.94
CA LEU A 4048 -19.82 -10.59 -35.28
C LEU A 4048 -19.21 -11.97 -35.40
N VAL A 4049 -18.41 -12.37 -34.41
CA VAL A 4049 -17.82 -13.70 -34.42
C VAL A 4049 -18.89 -14.76 -34.19
N GLU A 4050 -19.96 -14.42 -33.47
CA GLU A 4050 -21.09 -15.35 -33.40
C GLU A 4050 -21.76 -15.53 -34.77
N SER A 4051 -21.67 -14.52 -35.64
CA SER A 4051 -22.16 -14.60 -37.02
C SER A 4051 -21.08 -15.06 -38.00
N SER A 4052 -20.09 -15.81 -37.53
CA SER A 4052 -18.93 -16.17 -38.35
C SER A 4052 -19.30 -17.03 -39.54
N SER A 4053 -20.41 -17.77 -39.46
CA SER A 4053 -20.97 -18.45 -40.62
C SER A 4053 -21.70 -17.52 -41.58
N ASN A 4054 -21.80 -16.20 -41.27
CA ASN A 4054 -22.59 -15.24 -42.04
C ASN A 4054 -21.82 -13.98 -42.43
N VAL A 4055 -20.97 -13.46 -41.55
CA VAL A 4055 -20.25 -12.23 -41.87
C VAL A 4055 -19.19 -12.45 -42.95
N GLU A 4056 -18.74 -13.70 -43.15
CA GLU A 4056 -17.81 -13.96 -44.25
C GLU A 4056 -18.51 -13.89 -45.61
N MET A 4057 -19.67 -14.55 -45.75
CA MET A 4057 -20.26 -14.72 -47.08
C MET A 4057 -20.85 -13.43 -47.63
N ILE A 4058 -21.41 -12.60 -46.73
CA ILE A 4058 -21.91 -11.28 -47.09
C ILE A 4058 -20.78 -10.44 -47.64
N LEU A 4059 -19.55 -10.61 -47.13
CA LEU A 4059 -18.40 -9.92 -47.70
C LEU A 4059 -18.02 -10.54 -49.04
N LYS A 4060 -18.19 -11.85 -49.20
CA LYS A 4060 -17.70 -12.51 -50.40
C LYS A 4060 -18.51 -12.13 -51.63
N PHE A 4061 -19.80 -11.81 -51.47
CA PHE A 4061 -20.57 -11.35 -52.64
C PHE A 4061 -19.95 -10.10 -53.26
N PHE A 4062 -19.56 -9.15 -52.41
CA PHE A 4062 -18.84 -7.98 -52.88
C PHE A 4062 -17.47 -8.35 -53.41
N ASP A 4063 -16.83 -9.35 -52.80
CA ASP A 4063 -15.48 -9.75 -53.23
C ASP A 4063 -15.49 -10.26 -54.67
N MET A 4064 -16.40 -11.20 -54.98
CA MET A 4064 -16.55 -11.69 -56.35
C MET A 4064 -16.94 -10.57 -57.31
N PHE A 4065 -17.90 -9.73 -56.91
CA PHE A 4065 -18.43 -8.79 -57.89
C PHE A 4065 -17.50 -7.63 -58.18
N LEU A 4066 -16.69 -7.22 -57.20
CA LEU A 4066 -15.64 -6.25 -57.47
C LEU A 4066 -14.54 -6.88 -58.32
N LYS A 4067 -14.19 -8.13 -58.02
CA LYS A 4067 -13.04 -8.73 -58.67
C LYS A 4067 -13.31 -9.01 -60.14
N LEU A 4068 -14.55 -9.38 -60.50
CA LEU A 4068 -14.81 -9.65 -61.91
C LEU A 4068 -14.79 -8.37 -62.74
N LYS A 4069 -15.23 -7.25 -62.15
CA LYS A 4069 -15.12 -5.98 -62.85
C LYS A 4069 -13.66 -5.61 -63.06
N ASP A 4070 -12.80 -5.95 -62.09
CA ASP A 4070 -11.37 -5.75 -62.34
C ASP A 4070 -10.85 -6.69 -63.42
N ILE A 4071 -11.27 -7.95 -63.38
CA ILE A 4071 -10.69 -8.98 -64.26
C ILE A 4071 -11.11 -8.74 -65.71
N VAL A 4072 -12.37 -8.35 -65.92
CA VAL A 4072 -12.86 -8.16 -67.28
C VAL A 4072 -12.19 -6.95 -67.91
N GLY A 4073 -11.78 -7.10 -69.16
CA GLY A 4073 -11.10 -6.03 -69.86
C GLY A 4073 -9.72 -5.71 -69.33
N SER A 4074 -9.07 -6.66 -68.65
CA SER A 4074 -7.72 -6.49 -68.11
C SER A 4074 -6.90 -7.76 -68.33
N GLU A 4075 -7.09 -8.41 -69.48
CA GLU A 4075 -6.31 -9.59 -69.80
C GLU A 4075 -6.41 -9.68 -71.32
N ALA A 4076 -5.72 -10.67 -71.89
CA ALA A 4076 -5.92 -11.04 -73.30
C ALA A 4076 -7.36 -11.31 -73.68
N PHE A 4077 -8.19 -11.86 -72.79
CA PHE A 4077 -9.56 -12.16 -73.22
C PHE A 4077 -10.36 -10.85 -73.33
N GLN A 4078 -11.04 -10.71 -74.46
CA GLN A 4078 -11.73 -9.51 -74.90
C GLN A 4078 -12.96 -9.98 -75.68
N ASP A 4079 -13.46 -9.14 -76.58
CA ASP A 4079 -14.48 -9.60 -77.53
C ASP A 4079 -13.99 -10.79 -78.33
N TYR A 4080 -12.93 -10.59 -79.12
CA TYR A 4080 -12.30 -11.55 -80.03
C TYR A 4080 -13.33 -12.26 -80.93
N VAL A 4081 -12.99 -13.44 -81.48
CA VAL A 4081 -13.77 -14.08 -82.55
C VAL A 4081 -15.13 -14.63 -82.09
N THR A 4082 -15.44 -14.56 -80.79
CA THR A 4082 -16.77 -14.93 -80.32
C THR A 4082 -17.83 -14.03 -80.94
N ASP A 4083 -17.72 -12.72 -80.72
CA ASP A 4083 -18.56 -11.75 -81.40
C ASP A 4083 -17.87 -10.38 -81.38
N PRO A 4084 -17.23 -9.94 -82.47
CA PRO A 4084 -16.75 -8.54 -82.50
C PRO A 4084 -17.86 -7.51 -82.39
N ARG A 4085 -19.09 -7.84 -82.78
CA ARG A 4085 -20.20 -6.90 -82.79
C ARG A 4085 -20.92 -6.78 -81.45
N GLY A 4086 -20.30 -7.21 -80.35
CA GLY A 4086 -20.91 -7.05 -79.04
C GLY A 4086 -22.17 -7.85 -78.83
N LEU A 4087 -22.20 -9.08 -79.33
CA LEU A 4087 -23.32 -10.01 -79.19
C LEU A 4087 -22.80 -11.38 -78.81
N ILE A 4088 -21.90 -11.40 -77.83
CA ILE A 4088 -21.20 -12.63 -77.44
C ILE A 4088 -22.18 -13.65 -76.87
N SER A 4089 -21.84 -14.92 -77.05
CA SER A 4089 -22.68 -16.04 -76.67
C SER A 4089 -22.33 -16.50 -75.25
N LYS A 4090 -22.87 -17.66 -74.86
CA LYS A 4090 -22.67 -18.16 -73.50
C LYS A 4090 -21.22 -18.56 -73.24
N LYS A 4091 -20.50 -19.02 -74.27
CA LYS A 4091 -19.16 -19.56 -74.12
C LYS A 4091 -18.08 -18.51 -74.28
N ASP A 4092 -18.39 -17.24 -74.02
CA ASP A 4092 -17.43 -16.18 -74.28
C ASP A 4092 -16.27 -16.20 -73.29
N PHE A 4093 -16.57 -16.52 -72.03
CA PHE A 4093 -15.60 -16.51 -70.93
C PHE A 4093 -15.86 -17.71 -70.02
N GLN A 4094 -16.00 -18.89 -70.64
CA GLN A 4094 -16.44 -20.07 -69.91
C GLN A 4094 -15.42 -20.50 -68.85
N LYS A 4095 -14.15 -20.58 -69.24
CA LYS A 4095 -13.06 -20.90 -68.31
C LYS A 4095 -11.82 -20.05 -68.58
N ALA A 4096 -12.00 -18.85 -69.15
CA ALA A 4096 -10.92 -17.88 -69.16
C ALA A 4096 -10.59 -17.45 -67.73
N MET A 4097 -11.61 -17.32 -66.89
CA MET A 4097 -11.40 -17.03 -65.48
C MET A 4097 -10.69 -18.17 -64.76
N ASP A 4098 -10.85 -19.41 -65.24
CA ASP A 4098 -10.25 -20.55 -64.58
C ASP A 4098 -8.73 -20.52 -64.59
N SER A 4099 -8.12 -19.83 -65.56
CA SER A 4099 -6.67 -19.67 -65.56
C SER A 4099 -6.22 -18.89 -64.32
N GLN A 4100 -6.97 -17.87 -63.94
CA GLN A 4100 -6.67 -17.13 -62.73
C GLN A 4100 -6.91 -18.02 -61.51
N LYS A 4101 -6.09 -17.82 -60.50
CA LYS A 4101 -6.24 -18.49 -59.21
C LYS A 4101 -7.17 -17.74 -58.25
N GLN A 4102 -7.81 -16.66 -58.69
CA GLN A 4102 -8.66 -15.88 -57.78
C GLN A 4102 -9.92 -16.64 -57.42
N PHE A 4103 -10.61 -17.19 -58.43
CA PHE A 4103 -11.84 -17.95 -58.23
C PHE A 4103 -11.52 -19.44 -58.13
N THR A 4104 -12.07 -20.08 -57.10
CA THR A 4104 -11.87 -21.50 -56.88
C THR A 4104 -13.10 -22.04 -56.18
N GLY A 4105 -13.26 -23.36 -56.24
CA GLY A 4105 -14.35 -24.02 -55.56
C GLY A 4105 -15.66 -23.80 -56.28
N PRO A 4106 -16.80 -23.91 -55.58
CA PRO A 4106 -18.09 -23.63 -56.23
C PRO A 4106 -18.36 -22.16 -56.52
N GLU A 4107 -17.46 -21.23 -56.19
CA GLU A 4107 -17.71 -19.82 -56.47
C GLU A 4107 -17.76 -19.55 -57.98
N ILE A 4108 -16.85 -20.18 -58.73
CA ILE A 4108 -16.84 -20.01 -60.18
C ILE A 4108 -18.11 -20.60 -60.79
N GLN A 4109 -18.58 -21.73 -60.24
CA GLN A 4109 -19.83 -22.31 -60.69
C GLN A 4109 -21.00 -21.41 -60.32
N PHE A 4110 -20.92 -20.74 -59.18
CA PHE A 4110 -21.97 -19.83 -58.78
C PHE A 4110 -22.03 -18.63 -59.71
N LEU A 4111 -20.87 -18.14 -60.16
CA LEU A 4111 -20.88 -17.05 -61.13
C LEU A 4111 -21.44 -17.53 -62.47
N LEU A 4112 -21.11 -18.75 -62.87
CA LEU A 4112 -21.68 -19.29 -64.11
C LEU A 4112 -23.20 -19.46 -63.99
N SER A 4113 -23.66 -19.90 -62.82
CA SER A 4113 -25.09 -20.04 -62.58
C SER A 4113 -25.77 -18.68 -62.57
N CYS A 4114 -25.14 -17.70 -61.93
CA CYS A 4114 -25.63 -16.33 -61.89
C CYS A 4114 -25.44 -15.60 -63.22
N SER A 4115 -24.68 -16.16 -64.16
CA SER A 4115 -24.52 -15.56 -65.47
C SER A 4115 -25.86 -15.56 -66.18
N GLU A 4116 -26.47 -14.38 -66.26
CA GLU A 4116 -27.75 -14.24 -66.94
C GLU A 4116 -27.52 -14.45 -68.43
N ALA A 4117 -27.87 -15.63 -68.90
CA ALA A 4117 -27.71 -15.98 -70.32
C ALA A 4117 -28.95 -15.57 -71.12
N ASP A 4118 -29.24 -14.27 -71.07
CA ASP A 4118 -30.35 -13.71 -71.82
C ASP A 4118 -30.00 -13.68 -73.31
N GLU A 4119 -30.94 -14.14 -74.15
CA GLU A 4119 -30.73 -14.24 -75.59
C GLU A 4119 -29.56 -15.16 -75.92
N ASN A 4120 -29.60 -16.37 -75.33
CA ASN A 4120 -28.56 -17.34 -75.58
C ASN A 4120 -28.53 -17.81 -77.03
N GLU A 4121 -29.67 -17.83 -77.69
CA GLU A 4121 -29.74 -18.25 -79.09
C GLU A 4121 -29.07 -17.21 -79.99
N ASN A 4124 -23.00 -11.09 -71.31
CA ASN A 4124 -22.35 -9.91 -71.91
C ASN A 4124 -21.48 -9.20 -70.88
N PHE A 4125 -20.31 -8.75 -71.33
CA PHE A 4125 -19.43 -7.99 -70.45
C PHE A 4125 -20.04 -6.65 -70.06
N GLU A 4126 -20.67 -5.97 -71.01
CA GLU A 4126 -21.19 -4.63 -70.78
C GLU A 4126 -22.52 -4.61 -70.01
N GLU A 4127 -23.17 -5.76 -69.79
CA GLU A 4127 -24.46 -5.86 -69.13
C GLU A 4127 -24.44 -6.68 -67.85
N PHE A 4128 -23.56 -7.68 -67.76
CA PHE A 4128 -23.52 -8.52 -66.57
C PHE A 4128 -23.00 -7.74 -65.37
N ALA A 4129 -21.76 -7.26 -65.45
CA ALA A 4129 -21.14 -6.54 -64.36
C ALA A 4129 -21.65 -5.11 -64.19
N ASN A 4130 -22.34 -4.57 -65.19
CA ASN A 4130 -22.67 -3.14 -65.18
C ASN A 4130 -23.71 -2.82 -64.12
N ARG A 4131 -24.80 -3.61 -64.06
CA ARG A 4131 -25.93 -3.25 -63.22
C ARG A 4131 -25.66 -3.42 -61.72
N PHE A 4132 -24.63 -4.17 -61.35
CA PHE A 4132 -24.32 -4.47 -59.94
C PHE A 4132 -23.25 -3.55 -59.37
N GLN A 4133 -23.25 -2.28 -59.78
CA GLN A 4133 -22.38 -1.23 -59.26
C GLN A 4133 -23.15 -0.13 -58.56
N GLU A 4134 -24.23 0.35 -59.18
CA GLU A 4134 -25.07 1.37 -58.53
C GLU A 4134 -25.68 0.90 -57.21
N PRO A 4135 -26.36 -0.25 -57.13
CA PRO A 4135 -27.03 -0.58 -55.85
C PRO A 4135 -26.07 -0.98 -54.76
N ALA A 4136 -25.03 -1.74 -55.09
CA ALA A 4136 -24.11 -2.29 -54.09
C ALA A 4136 -23.07 -1.29 -53.60
N ARG A 4137 -23.07 -0.06 -54.09
CA ARG A 4137 -22.01 0.89 -53.75
C ARG A 4137 -22.07 1.29 -52.27
N ASP A 4138 -23.27 1.68 -51.82
CA ASP A 4138 -23.42 2.33 -50.52
C ASP A 4138 -23.15 1.35 -49.40
N ILE A 4139 -23.74 0.16 -49.50
CA ILE A 4139 -23.60 -0.84 -48.44
C ILE A 4139 -22.16 -1.31 -48.35
N GLY A 4140 -21.49 -1.47 -49.49
CA GLY A 4140 -20.10 -1.89 -49.48
C GLY A 4140 -19.22 -0.86 -48.81
N PHE A 4141 -19.47 0.42 -49.08
CA PHE A 4141 -18.71 1.45 -48.40
C PHE A 4141 -19.00 1.45 -46.89
N ASN A 4142 -20.27 1.24 -46.53
CA ASN A 4142 -20.63 1.32 -45.11
C ASN A 4142 -20.03 0.16 -44.31
N VAL A 4143 -20.07 -1.05 -44.88
CA VAL A 4143 -19.48 -2.19 -44.17
C VAL A 4143 -17.97 -2.03 -44.09
N ALA A 4144 -17.36 -1.45 -45.14
CA ALA A 4144 -15.92 -1.18 -45.06
C ALA A 4144 -15.61 -0.18 -43.96
N VAL A 4145 -16.48 0.82 -43.78
CA VAL A 4145 -16.29 1.79 -42.71
C VAL A 4145 -16.37 1.11 -41.36
N LEU A 4146 -17.35 0.21 -41.20
CA LEU A 4146 -17.55 -0.45 -39.92
C LEU A 4146 -16.34 -1.31 -39.55
N LEU A 4147 -15.85 -2.10 -40.51
CA LEU A 4147 -14.70 -2.95 -40.23
C LEU A 4147 -13.45 -2.13 -39.98
N THR A 4148 -13.28 -1.03 -40.72
CA THR A 4148 -12.09 -0.20 -40.55
C THR A 4148 -12.07 0.45 -39.19
N ASN A 4149 -13.22 1.01 -38.78
CA ASN A 4149 -13.33 1.65 -37.48
C ASN A 4149 -13.12 0.65 -36.36
N LEU A 4150 -13.70 -0.54 -36.51
CA LEU A 4150 -13.55 -1.56 -35.48
C LEU A 4150 -12.11 -2.05 -35.39
N SER A 4151 -11.43 -2.15 -36.53
CA SER A 4151 -10.05 -2.59 -36.52
C SER A 4151 -9.18 -1.58 -35.79
N GLU A 4152 -9.45 -0.29 -35.99
CA GLU A 4152 -8.66 0.71 -35.29
C GLU A 4152 -9.03 0.82 -33.82
N HIS A 4153 -10.29 0.56 -33.46
CA HIS A 4153 -10.72 0.82 -32.09
C HIS A 4153 -10.16 -0.20 -31.11
N VAL A 4154 -10.22 -1.49 -31.45
CA VAL A 4154 -9.91 -2.58 -30.54
C VAL A 4154 -8.90 -3.52 -31.19
N PRO A 4155 -7.61 -3.18 -31.17
CA PRO A 4155 -6.58 -4.15 -31.59
C PRO A 4155 -6.39 -5.24 -30.54
N HIS A 4156 -5.48 -6.17 -30.80
CA HIS A 4156 -5.27 -7.35 -29.95
C HIS A 4156 -6.55 -8.16 -29.81
N ASP A 4157 -7.25 -8.31 -30.93
CA ASP A 4157 -8.51 -9.06 -31.02
C ASP A 4157 -8.36 -10.01 -32.20
N PRO A 4158 -7.63 -11.13 -32.03
CA PRO A 4158 -7.26 -11.95 -33.20
C PRO A 4158 -8.43 -12.60 -33.93
N ARG A 4159 -9.58 -12.75 -33.27
CA ARG A 4159 -10.76 -13.25 -33.97
C ARG A 4159 -11.21 -12.26 -35.02
N LEU A 4160 -11.13 -10.96 -34.72
CA LEU A 4160 -11.43 -9.94 -35.70
C LEU A 4160 -10.41 -9.93 -36.83
N ARG A 4161 -9.15 -10.26 -36.53
CA ARG A 4161 -8.09 -10.15 -37.52
C ARG A 4161 -8.23 -11.18 -38.64
N ASN A 4162 -9.02 -12.23 -38.46
CA ASN A 4162 -9.28 -13.15 -39.55
C ASN A 4162 -10.07 -12.47 -40.67
N PHE A 4163 -11.03 -11.61 -40.31
CA PHE A 4163 -11.99 -11.11 -41.29
C PHE A 4163 -11.36 -10.16 -42.29
N LEU A 4164 -10.36 -9.39 -41.88
CA LEU A 4164 -9.86 -8.32 -42.74
C LEU A 4164 -9.13 -8.87 -43.96
N GLU A 4165 -8.55 -10.07 -43.85
CA GLU A 4165 -8.01 -10.73 -45.04
C GLU A 4165 -9.10 -11.01 -46.05
N LEU A 4166 -10.26 -11.45 -45.58
CA LEU A 4166 -11.39 -11.69 -46.46
C LEU A 4166 -11.93 -10.39 -47.02
N ALA A 4167 -11.88 -9.31 -46.24
CA ALA A 4167 -12.42 -8.01 -46.61
C ALA A 4167 -11.41 -7.08 -47.27
N GLU A 4168 -10.23 -7.58 -47.64
CA GLU A 4168 -9.18 -6.71 -48.13
C GLU A 4168 -9.53 -6.08 -49.48
N SER A 4169 -10.19 -6.84 -50.36
CA SER A 4169 -10.45 -6.38 -51.72
C SER A 4169 -11.42 -5.21 -51.74
N ILE A 4170 -12.56 -5.37 -51.06
CA ILE A 4170 -13.55 -4.31 -50.99
C ILE A 4170 -12.99 -3.15 -50.19
N LEU A 4171 -12.14 -3.42 -49.20
CA LEU A 4171 -11.60 -2.35 -48.39
C LEU A 4171 -10.66 -1.47 -49.20
N GLU A 4172 -9.73 -2.09 -49.94
CA GLU A 4172 -8.80 -1.29 -50.74
C GLU A 4172 -9.49 -0.63 -51.92
N TYR A 4173 -10.64 -1.14 -52.37
CA TYR A 4173 -11.35 -0.45 -53.44
C TYR A 4173 -11.82 0.93 -52.99
N PHE A 4174 -12.36 1.03 -51.77
CA PHE A 4174 -12.84 2.28 -51.21
C PHE A 4174 -11.78 3.07 -50.45
N ARG A 4175 -10.49 2.73 -50.62
CA ARG A 4175 -9.43 3.56 -50.06
C ARG A 4175 -9.43 5.00 -50.58
N PRO A 4176 -9.60 5.30 -51.88
CA PRO A 4176 -9.66 6.71 -52.27
C PRO A 4176 -10.86 7.46 -51.73
N TYR A 4177 -11.97 6.78 -51.48
CA TYR A 4177 -13.23 7.38 -51.07
C TYR A 4177 -13.54 7.08 -49.61
N LEU A 4178 -12.51 7.07 -48.76
CA LEU A 4178 -12.65 6.93 -47.31
C LEU A 4178 -11.68 7.92 -46.68
N GLY A 4179 -12.18 9.14 -46.46
CA GLY A 4179 -11.42 10.14 -45.75
C GLY A 4179 -11.60 10.00 -44.26
N ARG A 4180 -10.59 10.46 -43.53
CA ARG A 4180 -10.48 10.25 -42.09
C ARG A 4180 -10.07 11.56 -41.44
N ILE A 4181 -10.76 11.91 -40.36
CA ILE A 4181 -10.57 13.17 -39.66
C ILE A 4181 -10.55 12.89 -38.17
N GLU A 4182 -9.71 13.61 -37.46
CA GLU A 4182 -9.69 13.65 -36.00
C GLU A 4182 -10.26 14.99 -35.56
N ILE A 4183 -11.04 14.97 -34.47
CA ILE A 4183 -11.67 16.16 -33.92
C ILE A 4183 -11.54 16.11 -32.40
N MET A 4184 -12.14 17.10 -31.74
CA MET A 4184 -12.18 17.19 -30.30
C MET A 4184 -13.40 17.99 -29.91
N GLY A 4185 -13.72 17.92 -28.62
CA GLY A 4185 -14.81 18.68 -28.02
C GLY A 4185 -15.87 17.81 -27.38
N ALA A 4186 -16.44 18.33 -26.29
CA ALA A 4186 -17.52 17.77 -25.47
C ALA A 4186 -17.05 16.66 -24.53
N SER A 4187 -15.79 16.18 -24.65
CA SER A 4187 -15.26 15.15 -23.75
C SER A 4187 -13.79 15.35 -23.37
N ARG A 4188 -13.11 16.35 -23.93
CA ARG A 4188 -11.64 16.47 -23.85
C ARG A 4188 -10.98 15.16 -24.30
N ARG A 4189 -11.38 14.70 -25.48
CA ARG A 4189 -10.91 13.45 -26.02
C ARG A 4189 -10.98 13.51 -27.54
N ILE A 4190 -10.11 12.74 -28.18
CA ILE A 4190 -10.00 12.68 -29.64
C ILE A 4190 -10.76 11.46 -30.12
N GLU A 4191 -11.52 11.64 -31.20
CA GLU A 4191 -12.26 10.56 -31.83
C GLU A 4191 -12.23 10.74 -33.33
N ARG A 4192 -12.32 9.62 -34.04
CA ARG A 4192 -12.23 9.60 -35.48
C ARG A 4192 -13.59 9.81 -36.12
N ILE A 4193 -13.55 10.15 -37.40
CA ILE A 4193 -14.73 10.37 -38.23
C ILE A 4193 -14.44 9.76 -39.58
N TYR A 4194 -15.49 9.23 -40.22
CA TYR A 4194 -15.41 8.60 -41.52
C TYR A 4194 -16.56 9.10 -42.37
N PHE A 4195 -16.35 9.10 -43.67
CA PHE A 4195 -17.30 9.71 -44.59
C PHE A 4195 -16.98 9.30 -46.02
N GLU A 4196 -17.87 9.67 -46.93
CA GLU A 4196 -17.74 9.45 -48.36
C GLU A 4196 -17.34 10.74 -49.04
N ILE A 4197 -16.67 10.59 -50.19
CA ILE A 4197 -16.24 11.69 -51.03
C ILE A 4197 -16.74 11.43 -52.44
N SER A 4198 -17.23 12.48 -53.08
CA SER A 4198 -17.67 12.37 -54.46
C SER A 4198 -16.48 12.23 -55.40
N GLU A 4199 -16.71 11.54 -56.51
CA GLU A 4199 -15.68 11.33 -57.51
C GLU A 4199 -15.26 12.66 -58.15
N THR A 4200 -16.26 13.45 -58.52
CA THR A 4200 -16.01 14.69 -59.26
C THR A 4200 -15.26 15.69 -58.42
N ASN A 4201 -15.55 15.74 -57.12
CA ASN A 4201 -14.88 16.70 -56.26
C ASN A 4201 -13.41 16.33 -56.04
N ARG A 4202 -13.14 15.03 -55.94
CA ARG A 4202 -11.76 14.57 -55.86
C ARG A 4202 -10.99 14.95 -57.11
N ALA A 4203 -11.62 14.79 -58.29
CA ALA A 4203 -10.94 15.22 -59.50
C ALA A 4203 -10.83 16.73 -59.59
N GLN A 4204 -11.84 17.46 -59.09
CA GLN A 4204 -11.87 18.91 -59.21
C GLN A 4204 -10.78 19.56 -58.37
N TRP A 4205 -10.50 19.01 -57.18
CA TRP A 4205 -9.46 19.59 -56.34
C TRP A 4205 -8.08 19.43 -56.95
N GLU A 4206 -7.86 18.38 -57.74
CA GLU A 4206 -6.56 18.13 -58.35
C GLU A 4206 -6.29 18.99 -59.60
N MET A 4207 -7.20 19.89 -59.96
CA MET A 4207 -6.97 20.74 -61.12
C MET A 4207 -5.82 21.71 -60.83
N PRO A 4208 -5.13 22.21 -61.87
CA PRO A 4208 -3.97 23.08 -61.61
C PRO A 4208 -4.29 24.40 -60.93
N GLN A 4209 -5.48 24.95 -61.17
CA GLN A 4209 -5.81 26.28 -60.65
C GLN A 4209 -5.90 26.25 -59.12
N VAL A 4210 -6.67 25.31 -58.60
CA VAL A 4210 -6.82 25.14 -57.16
C VAL A 4210 -5.49 24.73 -56.54
N LYS A 4211 -4.70 23.94 -57.28
CA LYS A 4211 -3.39 23.53 -56.80
C LYS A 4211 -2.49 24.73 -56.60
N GLU A 4212 -2.54 25.70 -57.51
CA GLU A 4212 -1.77 26.93 -57.36
C GLU A 4212 -2.26 27.76 -56.18
N SER A 4213 -3.59 27.84 -56.03
CA SER A 4213 -4.15 28.65 -54.96
C SER A 4213 -3.80 28.10 -53.58
N LYS A 4214 -3.62 26.77 -53.49
CA LYS A 4214 -3.15 26.17 -52.24
C LYS A 4214 -1.78 26.70 -51.85
N ARG A 4215 -0.87 26.82 -52.83
CA ARG A 4215 0.46 27.34 -52.57
C ARG A 4215 0.40 28.78 -52.09
N GLN A 4216 -0.44 29.58 -52.75
CA GLN A 4216 -0.54 30.99 -52.39
C GLN A 4216 -1.08 31.18 -50.98
N PHE A 4217 -2.09 30.41 -50.59
CA PHE A 4217 -2.66 30.56 -49.25
C PHE A 4217 -1.68 30.05 -48.18
N ILE A 4218 -1.12 28.86 -48.42
CA ILE A 4218 -0.35 28.18 -47.41
C ILE A 4218 0.95 28.90 -47.13
N PHE A 4219 1.48 29.63 -48.13
CA PHE A 4219 2.68 30.42 -47.85
C PHE A 4219 2.41 31.53 -46.83
N ASP A 4220 1.30 32.25 -47.00
CA ASP A 4220 1.05 33.44 -46.20
C ASP A 4220 0.78 33.09 -44.76
N VAL A 4221 -0.13 32.13 -44.54
CA VAL A 4221 -0.61 31.91 -43.16
C VAL A 4221 0.49 31.33 -42.29
N VAL A 4222 1.34 30.48 -42.86
CA VAL A 4222 2.43 29.92 -42.10
C VAL A 4222 3.57 30.91 -41.97
N ASN A 4223 3.74 31.82 -42.94
CA ASN A 4223 4.89 32.72 -42.86
C ASN A 4223 4.71 33.75 -41.76
N GLU A 4224 3.49 34.33 -41.64
CA GLU A 4224 3.29 35.48 -40.76
C GLU A 4224 2.08 35.40 -39.82
N GLY A 4225 1.14 34.50 -40.06
CA GLY A 4225 -0.06 34.48 -39.25
C GLY A 4225 0.22 34.00 -37.83
N GLY A 4226 -0.41 34.65 -36.87
CA GLY A 4226 -0.29 34.25 -35.49
C GLY A 4226 -1.01 32.95 -35.21
N GLU A 4227 -0.71 32.38 -34.04
CA GLU A 4227 -1.28 31.09 -33.68
C GLU A 4227 -2.78 31.20 -33.46
N ALA A 4228 -3.24 32.26 -32.80
CA ALA A 4228 -4.66 32.41 -32.51
C ALA A 4228 -5.47 32.62 -33.79
N GLU A 4229 -4.97 33.46 -34.68
CA GLU A 4229 -5.55 33.70 -35.99
C GLU A 4229 -4.94 32.80 -37.06
N LYS A 4230 -4.44 31.63 -36.67
CA LYS A 4230 -3.75 30.77 -37.62
C LYS A 4230 -4.69 30.23 -38.68
N MET A 4231 -5.91 29.86 -38.28
CA MET A 4231 -6.74 28.95 -39.05
C MET A 4231 -8.20 29.35 -39.14
N GLU A 4232 -8.59 30.53 -38.63
CA GLU A 4232 -9.81 31.13 -39.13
C GLU A 4232 -9.66 31.45 -40.60
N LEU A 4233 -8.47 31.90 -41.00
CA LEU A 4233 -8.15 32.08 -42.40
C LEU A 4233 -8.23 30.76 -43.16
N PHE A 4234 -7.87 29.66 -42.51
CA PHE A 4234 -7.95 28.36 -43.17
C PHE A 4234 -9.39 27.96 -43.47
N VAL A 4235 -10.29 28.19 -42.53
CA VAL A 4235 -11.70 27.90 -42.78
C VAL A 4235 -12.24 28.84 -43.85
N SER A 4236 -11.78 30.09 -43.84
CA SER A 4236 -12.18 31.03 -44.88
C SER A 4236 -11.68 30.59 -46.25
N PHE A 4237 -10.47 30.05 -46.28
CA PHE A 4237 -9.87 29.52 -47.50
C PHE A 4237 -10.67 28.35 -48.03
N CYS A 4238 -11.10 27.47 -47.13
CA CYS A 4238 -11.97 26.36 -47.54
C CYS A 4238 -13.29 26.88 -48.08
N GLU A 4239 -13.81 27.94 -47.43
CA GLU A 4239 -15.14 28.45 -47.74
C GLU A 4239 -15.19 29.04 -49.15
N ASP A 4240 -14.22 29.89 -49.50
CA ASP A 4240 -14.18 30.44 -50.86
C ASP A 4240 -13.57 29.48 -51.88
N THR A 4241 -12.80 28.50 -51.41
CA THR A 4241 -12.33 27.45 -52.30
C THR A 4241 -13.49 26.61 -52.82
N ILE A 4242 -14.57 26.50 -52.05
CA ILE A 4242 -15.78 25.87 -52.57
C ILE A 4242 -16.32 26.65 -53.75
N PHE A 4243 -16.31 27.98 -53.66
CA PHE A 4243 -16.76 28.84 -54.75
C PHE A 4243 -15.93 28.65 -55.99
N GLU A 4244 -14.64 28.36 -55.82
CA GLU A 4244 -13.78 28.12 -56.98
C GLU A 4244 -14.24 26.90 -57.77
N MET A 4245 -14.54 25.78 -57.10
CA MET A 4245 -15.02 24.62 -57.83
C MET A 4245 -16.42 24.86 -58.39
N GLN A 4246 -17.23 25.67 -57.72
CA GLN A 4246 -18.58 25.90 -58.23
C GLN A 4246 -18.55 26.67 -59.55
N ILE A 4247 -17.81 27.77 -59.57
CA ILE A 4247 -17.70 28.55 -60.81
C ILE A 4247 -16.92 27.76 -61.86
N ALA A 4248 -15.97 26.93 -61.44
CA ALA A 4248 -15.29 26.06 -62.40
C ALA A 4248 -16.20 24.97 -62.91
N ALA A 4249 -17.19 24.54 -62.12
CA ALA A 4249 -18.11 23.52 -62.54
C ALA A 4249 -19.07 24.06 -63.59
N GLN A 4250 -19.40 25.35 -63.53
CA GLN A 4250 -20.25 25.92 -64.59
C GLN A 4250 -19.56 25.83 -65.95
N ILE A 4251 -18.33 26.34 -66.06
CA ILE A 4251 -17.61 26.19 -67.30
C ILE A 4251 -17.24 24.72 -67.47
N SER A 4252 -17.34 24.23 -68.68
CA SER A 4252 -17.07 22.82 -68.94
C SER A 4252 -17.08 22.62 -70.44
N GLU A 4253 -16.62 21.44 -70.84
CA GLU A 4253 -16.62 20.98 -72.22
C GLU A 4253 -17.84 20.08 -72.27
N PRO A 4254 -19.04 20.66 -72.52
CA PRO A 4254 -20.23 20.31 -71.71
C PRO A 4254 -20.59 18.84 -71.64
N GLU A 4255 -20.54 18.13 -72.75
CA GLU A 4255 -20.76 16.68 -72.75
C GLU A 4255 -19.61 15.98 -72.03
N PHE A 4540 -32.09 36.38 -84.68
CA PHE A 4540 -32.00 35.22 -83.80
C PHE A 4540 -31.55 35.65 -82.40
N TRP A 4541 -32.37 36.48 -81.76
CA TRP A 4541 -32.05 36.94 -80.41
C TRP A 4541 -32.04 35.78 -79.42
N GLY A 4542 -33.00 34.86 -79.54
CA GLY A 4542 -32.99 33.69 -78.69
C GLY A 4542 -31.80 32.79 -78.94
N GLU A 4543 -31.38 32.68 -80.20
CA GLU A 4543 -30.23 31.85 -80.58
C GLU A 4543 -28.88 32.52 -80.30
N LEU A 4544 -28.86 33.80 -79.93
CA LEU A 4544 -27.60 34.50 -79.67
C LEU A 4544 -27.00 34.16 -78.30
N GLU A 4545 -27.86 33.82 -77.33
CA GLU A 4545 -27.41 33.58 -75.96
C GLU A 4545 -26.47 32.38 -75.89
N VAL A 4546 -26.79 31.31 -76.62
CA VAL A 4546 -25.94 30.13 -76.63
C VAL A 4546 -24.58 30.45 -77.24
N GLN A 4547 -24.55 31.34 -78.24
CA GLN A 4547 -23.30 31.73 -78.88
C GLN A 4547 -22.40 32.45 -77.89
N ARG A 4548 -22.96 33.43 -77.17
CA ARG A 4548 -22.12 34.18 -76.24
C ARG A 4548 -21.69 33.32 -75.06
N VAL A 4549 -22.55 32.41 -74.60
CA VAL A 4549 -22.19 31.56 -73.45
C VAL A 4549 -21.06 30.62 -73.82
N LYS A 4550 -21.15 29.99 -75.00
CA LYS A 4550 -20.09 29.10 -75.46
C LYS A 4550 -18.78 29.85 -75.65
N PHE A 4551 -18.85 31.06 -76.19
CA PHE A 4551 -17.65 31.83 -76.48
C PHE A 4551 -16.94 32.25 -75.19
N LEU A 4552 -17.71 32.80 -74.24
CA LEU A 4552 -17.10 33.27 -73.00
C LEU A 4552 -16.54 32.11 -72.19
N ASN A 4553 -17.23 30.96 -72.21
CA ASN A 4553 -16.69 29.81 -71.48
C ASN A 4553 -15.42 29.28 -72.12
N TYR A 4554 -15.35 29.35 -73.47
CA TYR A 4554 -14.13 28.97 -74.16
C TYR A 4554 -12.97 29.86 -73.75
N LEU A 4555 -13.24 31.15 -73.52
CA LEU A 4555 -12.21 31.99 -72.95
C LEU A 4555 -11.84 31.55 -71.54
N SER A 4556 -12.85 31.20 -70.75
CA SER A 4556 -12.62 30.98 -69.32
C SER A 4556 -11.72 29.77 -69.07
N ARG A 4557 -11.85 28.71 -69.87
CA ARG A 4557 -10.98 27.56 -69.67
C ARG A 4557 -9.52 27.88 -69.97
N ASN A 4558 -9.25 28.45 -71.15
CA ASN A 4558 -7.90 28.59 -71.67
C ASN A 4558 -7.34 29.99 -71.45
N PHE A 4559 -7.65 30.59 -70.31
CA PHE A 4559 -7.17 31.95 -70.01
C PHE A 4559 -5.66 31.99 -69.85
N TYR A 4560 -5.11 31.05 -69.09
CA TYR A 4560 -3.67 31.01 -68.88
C TYR A 4560 -2.93 30.70 -70.18
N THR A 4561 -3.53 29.90 -71.05
CA THR A 4561 -2.88 29.53 -72.30
C THR A 4561 -2.73 30.73 -73.23
N LEU A 4562 -3.80 31.50 -73.40
CA LEU A 4562 -3.70 32.71 -74.22
C LEU A 4562 -2.88 33.79 -73.53
N ARG A 4563 -2.81 33.77 -72.20
CA ARG A 4563 -1.88 34.67 -71.54
C ARG A 4563 -0.44 34.30 -71.87
N PHE A 4564 -0.15 33.00 -71.95
CA PHE A 4564 1.16 32.57 -72.43
C PHE A 4564 1.36 32.92 -73.90
N LEU A 4565 0.28 32.92 -74.69
CA LEU A 4565 0.39 33.29 -76.09
C LEU A 4565 0.82 34.73 -76.27
N ALA A 4566 0.43 35.59 -75.33
CA ALA A 4566 0.87 36.99 -75.38
C ALA A 4566 2.39 37.12 -75.33
N LEU A 4567 3.07 36.22 -74.63
CA LEU A 4567 4.54 36.24 -74.62
C LEU A 4567 5.10 35.95 -76.00
N PHE A 4568 4.55 34.96 -76.69
CA PHE A 4568 5.04 34.62 -78.01
C PHE A 4568 4.84 35.76 -78.99
N LEU A 4569 3.68 36.42 -78.90
CA LEU A 4569 3.45 37.61 -79.72
C LEU A 4569 4.45 38.72 -79.39
N ALA A 4570 4.72 38.94 -78.11
CA ALA A 4570 5.59 40.03 -77.69
C ALA A 4570 7.03 39.78 -78.09
N PHE A 4571 7.51 38.55 -77.91
CA PHE A 4571 8.88 38.25 -78.29
C PHE A 4571 9.05 38.30 -79.80
N ALA A 4572 8.05 37.80 -80.53
CA ALA A 4572 8.15 37.76 -81.98
C ALA A 4572 8.12 39.16 -82.57
N ILE A 4573 7.26 40.04 -82.06
CA ILE A 4573 7.23 41.41 -82.57
C ILE A 4573 8.51 42.13 -82.19
N ASN A 4574 9.03 41.90 -80.98
CA ASN A 4574 10.24 42.59 -80.60
C ASN A 4574 11.47 42.08 -81.35
N PHE A 4575 11.41 40.86 -81.91
CA PHE A 4575 12.48 40.44 -82.80
C PHE A 4575 12.52 41.28 -84.06
N ILE A 4576 11.34 41.59 -84.61
CA ILE A 4576 11.27 42.45 -85.79
C ILE A 4576 11.62 43.89 -85.44
N LEU A 4577 11.48 44.29 -84.18
CA LEU A 4577 11.84 45.66 -83.81
C LEU A 4577 13.32 45.99 -84.00
N LEU A 4578 14.21 45.00 -84.15
CA LEU A 4578 15.63 45.30 -84.28
C LEU A 4578 15.98 45.82 -85.67
N PHE A 4579 15.48 45.18 -86.71
CA PHE A 4579 15.91 45.50 -88.07
C PHE A 4579 15.32 46.85 -88.47
N TYR A 4580 16.03 47.91 -88.07
CA TYR A 4580 15.72 49.29 -88.42
C TYR A 4580 16.98 50.03 -88.84
N LYS A 4581 16.76 51.20 -89.44
CA LYS A 4581 17.82 52.10 -89.85
C LYS A 4581 17.23 53.48 -89.95
N VAL A 4582 18.11 54.48 -90.01
CA VAL A 4582 17.76 55.88 -90.26
C VAL A 4582 18.66 56.40 -91.37
N SER A 4583 18.27 57.54 -91.93
CA SER A 4583 19.01 58.13 -93.02
C SER A 4583 18.73 59.63 -93.06
N ASP A 4584 19.65 60.35 -93.72
CA ASP A 4584 19.50 61.79 -93.87
C ASP A 4584 18.29 62.16 -94.73
N SER A 4585 17.89 61.30 -95.65
CA SER A 4585 16.75 61.45 -96.54
C SER A 4585 15.96 60.15 -96.53
N PRO A 4586 14.71 60.16 -97.00
CA PRO A 4586 14.00 58.89 -97.16
C PRO A 4586 14.63 58.05 -98.25
N PRO A 4587 14.33 56.75 -98.31
CA PRO A 4587 15.05 55.88 -99.25
C PRO A 4587 14.66 56.15 -100.69
N GLY A 4588 15.57 55.80 -101.59
CA GLY A 4588 15.34 55.99 -103.01
C GLY A 4588 16.39 55.29 -103.86
N ASP A 4624 19.18 67.78 -91.17
CA ASP A 4624 18.44 68.98 -91.51
C ASP A 4624 16.94 68.77 -91.32
N GLU A 4625 16.59 68.08 -90.23
CA GLU A 4625 15.20 67.76 -89.90
C GLU A 4625 14.55 66.93 -91.00
N ASN A 4626 15.23 65.85 -91.39
CA ASN A 4626 14.77 64.92 -92.41
C ASN A 4626 15.04 63.48 -91.97
N MET A 4627 14.87 63.20 -90.69
CA MET A 4627 15.01 61.84 -90.19
C MET A 4627 13.86 60.98 -90.70
N VAL A 4628 14.19 59.77 -91.13
CA VAL A 4628 13.23 58.83 -91.71
C VAL A 4628 13.54 57.45 -91.14
N TYR A 4629 12.65 56.93 -90.30
CA TYR A 4629 12.77 55.58 -89.77
C TYR A 4629 12.19 54.59 -90.76
N TYR A 4630 12.95 53.54 -91.05
CA TYR A 4630 12.49 52.52 -91.98
C TYR A 4630 13.31 51.26 -91.79
N PHE A 4631 12.87 50.19 -92.45
CA PHE A 4631 13.40 48.86 -92.22
C PHE A 4631 14.70 48.64 -92.99
N LEU A 4632 15.39 47.58 -92.61
CA LEU A 4632 16.61 47.10 -93.25
C LEU A 4632 16.53 45.58 -93.40
N GLU A 4633 15.40 45.12 -93.95
CA GLU A 4633 15.14 43.70 -94.11
C GLU A 4633 16.16 43.05 -95.03
N GLU A 4634 16.56 41.83 -94.68
CA GLU A 4634 17.67 41.14 -95.34
C GLU A 4634 17.17 40.44 -96.59
N SER A 4635 16.80 41.26 -97.58
CA SER A 4635 16.40 40.79 -98.91
C SER A 4635 15.14 39.93 -98.86
N THR A 4636 14.18 40.36 -98.04
CA THR A 4636 12.88 39.70 -97.96
C THR A 4636 11.84 40.72 -97.52
N GLY A 4637 10.79 40.87 -98.31
CA GLY A 4637 9.77 41.87 -98.08
C GLY A 4637 8.62 41.47 -97.17
N TYR A 4638 8.66 40.29 -96.58
CA TYR A 4638 7.53 39.82 -95.79
C TYR A 4638 7.44 40.47 -94.40
N MET A 4639 8.56 41.05 -93.92
CA MET A 4639 8.61 41.54 -92.55
C MET A 4639 7.68 42.73 -92.32
N GLU A 4640 7.65 43.66 -93.28
CA GLU A 4640 6.86 44.86 -93.10
C GLU A 4640 5.35 44.58 -93.06
N PRO A 4641 4.77 43.79 -93.96
CA PRO A 4641 3.39 43.32 -93.72
C PRO A 4641 3.23 42.51 -92.45
N ALA A 4642 4.25 41.72 -92.10
CA ALA A 4642 4.13 40.82 -90.96
C ALA A 4642 4.01 41.60 -89.67
N LEU A 4643 4.66 42.76 -89.58
CA LEU A 4643 4.58 43.57 -88.36
C LEU A 4643 3.16 44.07 -88.12
N TRP A 4644 2.48 44.51 -89.19
CA TRP A 4644 1.10 44.96 -89.06
C TRP A 4644 0.17 43.82 -88.64
N CYS A 4645 0.36 42.65 -89.26
CA CYS A 4645 -0.45 41.47 -88.90
C CYS A 4645 -0.25 41.07 -87.45
N LEU A 4646 1.01 41.04 -87.02
CA LEU A 4646 1.35 40.64 -85.65
C LEU A 4646 0.82 41.64 -84.64
N SER A 4647 0.85 42.94 -84.99
CA SER A 4647 0.35 43.97 -84.08
C SER A 4647 -1.14 43.81 -83.85
N LEU A 4648 -1.88 43.55 -84.93
CA LEU A 4648 -3.32 43.34 -84.82
C LEU A 4648 -3.63 42.13 -83.94
N LEU A 4649 -2.86 41.06 -84.12
CA LEU A 4649 -3.09 39.87 -83.30
C LEU A 4649 -2.79 40.11 -81.84
N HIS A 4650 -1.72 40.87 -81.56
CA HIS A 4650 -1.35 41.13 -80.16
C HIS A 4650 -2.42 41.94 -79.44
N THR A 4651 -2.98 42.94 -80.13
CA THR A 4651 -4.05 43.73 -79.54
C THR A 4651 -5.28 42.87 -79.27
N LEU A 4652 -5.60 41.99 -80.22
CA LEU A 4652 -6.79 41.16 -80.06
C LEU A 4652 -6.65 40.20 -78.89
N VAL A 4653 -5.52 39.49 -78.81
CA VAL A 4653 -5.37 38.48 -77.76
C VAL A 4653 -5.28 39.13 -76.39
N ALA A 4654 -4.75 40.36 -76.29
CA ALA A 4654 -4.81 41.06 -75.02
C ALA A 4654 -6.25 41.34 -74.60
N PHE A 4655 -7.08 41.73 -75.56
CA PHE A 4655 -8.50 41.94 -75.27
C PHE A 4655 -9.17 40.64 -74.83
N LEU A 4656 -8.73 39.53 -75.40
CA LEU A 4656 -9.25 38.24 -74.95
C LEU A 4656 -8.86 37.96 -73.51
N CYS A 4657 -7.64 38.37 -73.11
CA CYS A 4657 -7.21 38.20 -71.72
C CYS A 4657 -8.12 38.95 -70.76
N ILE A 4658 -8.41 40.22 -71.07
CA ILE A 4658 -9.18 41.00 -70.10
C ILE A 4658 -10.63 40.51 -70.02
N ILE A 4659 -11.20 40.08 -71.14
CA ILE A 4659 -12.57 39.58 -71.10
C ILE A 4659 -12.66 38.26 -70.30
N GLY A 4660 -11.70 37.35 -70.51
CA GLY A 4660 -11.69 36.12 -69.75
C GLY A 4660 -11.46 36.34 -68.27
N TYR A 4661 -10.62 37.31 -67.94
CA TYR A 4661 -10.39 37.64 -66.54
C TYR A 4661 -11.62 38.23 -65.90
N ASN A 4662 -12.43 38.97 -66.67
CA ASN A 4662 -13.70 39.42 -66.14
C ASN A 4662 -14.61 38.27 -65.83
N CYS A 4663 -14.60 37.24 -66.67
CA CYS A 4663 -15.47 36.10 -66.38
C CYS A 4663 -14.98 35.29 -65.17
N LEU A 4664 -13.68 35.05 -65.04
CA LEU A 4664 -13.21 33.99 -64.14
C LEU A 4664 -13.01 34.47 -62.70
N LYS A 4665 -12.07 35.40 -62.47
CA LYS A 4665 -11.60 35.71 -61.12
C LYS A 4665 -12.37 36.81 -60.41
N VAL A 4666 -13.07 37.66 -61.18
CA VAL A 4666 -13.89 38.72 -60.57
C VAL A 4666 -14.94 38.20 -59.61
N PRO A 4667 -15.63 37.08 -59.87
CA PRO A 4667 -16.52 36.50 -58.85
C PRO A 4667 -15.83 36.20 -57.52
N LEU A 4668 -14.57 35.80 -57.53
CA LEU A 4668 -13.91 35.44 -56.30
C LEU A 4668 -13.62 36.65 -55.43
N VAL A 4669 -13.13 37.74 -56.04
CA VAL A 4669 -12.78 38.91 -55.24
C VAL A 4669 -14.04 39.58 -54.71
N ILE A 4670 -15.11 39.56 -55.51
CA ILE A 4670 -16.39 40.04 -54.99
C ILE A 4670 -16.89 39.16 -53.86
N PHE A 4671 -16.64 37.85 -53.94
CA PHE A 4671 -17.04 36.94 -52.88
C PHE A 4671 -16.33 37.25 -51.58
N LYS A 4672 -15.04 37.59 -51.66
CA LYS A 4672 -14.28 37.94 -50.48
C LYS A 4672 -14.85 39.18 -49.79
N ARG A 4673 -15.14 40.23 -50.57
CA ARG A 4673 -15.66 41.44 -49.95
C ARG A 4673 -17.05 41.24 -49.36
N GLU A 4674 -17.89 40.48 -50.06
CA GLU A 4674 -19.25 40.23 -49.56
C GLU A 4674 -19.21 39.45 -48.26
N LYS A 4675 -18.33 38.45 -48.17
CA LYS A 4675 -18.18 37.69 -46.95
C LYS A 4675 -17.69 38.56 -45.81
N GLU A 4676 -16.77 39.48 -46.10
CA GLU A 4676 -16.23 40.34 -45.05
C GLU A 4676 -17.32 41.21 -44.43
N LEU A 4677 -18.16 41.81 -45.28
CA LEU A 4677 -19.23 42.64 -44.75
C LEU A 4677 -20.25 41.81 -43.97
N ALA A 4678 -20.58 40.62 -44.47
CA ALA A 4678 -21.62 39.84 -43.81
C ALA A 4678 -21.18 39.36 -42.44
N ARG A 4679 -19.96 38.81 -42.33
CA ARG A 4679 -19.48 38.31 -41.05
C ARG A 4679 -19.28 39.46 -40.06
N LYS A 4680 -18.74 40.59 -40.53
CA LYS A 4680 -18.48 41.69 -39.63
C LYS A 4680 -19.78 42.31 -39.12
N LEU A 4681 -20.79 42.41 -39.98
CA LEU A 4681 -22.06 42.96 -39.53
C LEU A 4681 -22.78 42.01 -38.59
N GLU A 4682 -22.73 40.71 -38.87
CA GLU A 4682 -23.45 39.76 -38.03
C GLU A 4682 -22.85 39.68 -36.64
N PHE A 4683 -21.53 39.48 -36.56
CA PHE A 4683 -20.85 39.27 -35.29
C PHE A 4683 -20.24 40.54 -34.70
N ASP A 4684 -20.47 41.71 -35.31
CA ASP A 4684 -19.88 42.95 -34.81
C ASP A 4684 -20.68 44.11 -35.38
N GLY A 4685 -20.36 45.32 -34.91
CA GLY A 4685 -21.13 46.52 -35.15
C GLY A 4685 -20.43 47.57 -36.00
N LEU A 4686 -19.80 47.15 -37.10
CA LEU A 4686 -18.97 48.05 -37.89
C LEU A 4686 -19.73 49.19 -38.55
N TYR A 4687 -21.06 49.08 -38.70
CA TYR A 4687 -21.89 50.13 -39.27
C TYR A 4687 -23.14 50.45 -38.45
N ILE A 4688 -23.38 49.74 -37.33
CA ILE A 4688 -24.57 49.92 -36.51
C ILE A 4688 -24.22 50.41 -35.11
N THR A 4689 -23.12 49.92 -34.54
CA THR A 4689 -22.67 50.24 -33.19
C THR A 4689 -21.57 51.28 -33.20
N GLU A 4690 -20.50 51.04 -33.97
CA GLU A 4690 -19.39 51.98 -34.15
C GLU A 4690 -19.10 52.13 -35.62
N GLN A 4691 -18.91 53.37 -36.05
CA GLN A 4691 -18.52 53.64 -37.42
C GLN A 4691 -17.06 53.25 -37.60
N PRO A 4692 -16.55 53.23 -38.85
CA PRO A 4692 -15.12 52.99 -39.03
C PRO A 4692 -14.26 54.15 -38.54
N GLY A 4693 -12.95 54.04 -38.77
CA GLY A 4693 -12.02 55.05 -38.33
C GLY A 4693 -12.04 56.36 -39.12
N ASP A 4694 -12.85 56.47 -40.17
CA ASP A 4694 -12.95 57.66 -41.00
C ASP A 4694 -11.63 58.01 -41.72
N ASP A 4695 -10.74 57.03 -41.90
CA ASP A 4695 -9.51 57.17 -42.69
C ASP A 4695 -9.40 56.05 -43.71
N ASP A 4696 -9.83 54.84 -43.36
CA ASP A 4696 -9.78 53.71 -44.27
C ASP A 4696 -10.82 53.87 -45.36
N VAL A 4697 -10.35 53.90 -46.61
CA VAL A 4697 -11.26 54.04 -47.75
C VAL A 4697 -12.09 52.79 -47.99
N LYS A 4698 -11.61 51.62 -47.54
CA LYS A 4698 -12.33 50.37 -47.74
C LYS A 4698 -13.67 50.40 -47.01
N GLY A 4699 -13.64 50.81 -45.74
CA GLY A 4699 -14.85 50.88 -44.96
C GLY A 4699 -15.81 51.93 -45.47
N GLN A 4700 -15.29 53.08 -45.92
CA GLN A 4700 -16.17 54.13 -46.41
C GLN A 4700 -16.82 53.73 -47.72
N TRP A 4701 -16.05 53.08 -48.61
CA TRP A 4701 -16.62 52.69 -49.89
C TRP A 4701 -17.64 51.58 -49.71
N ASP A 4702 -17.49 50.75 -48.67
CA ASP A 4702 -18.49 49.70 -48.46
C ASP A 4702 -19.84 50.24 -47.96
N ARG A 4703 -19.94 51.51 -47.59
CA ARG A 4703 -21.20 52.03 -47.04
C ARG A 4703 -22.32 52.05 -48.06
N LEU A 4704 -22.00 52.22 -49.35
CA LEU A 4704 -23.04 52.44 -50.35
C LEU A 4704 -23.88 51.20 -50.58
N VAL A 4705 -23.26 50.03 -50.58
CA VAL A 4705 -23.95 48.81 -50.97
C VAL A 4705 -24.99 48.36 -49.94
N LEU A 4706 -24.94 48.89 -48.71
CA LEU A 4706 -25.83 48.43 -47.65
C LEU A 4706 -27.29 48.74 -47.97
N ASN A 4707 -27.55 49.92 -48.51
CA ASN A 4707 -28.92 50.30 -48.85
C ASN A 4707 -29.48 49.49 -50.01
N THR A 4708 -28.63 48.91 -50.86
CA THR A 4708 -29.12 48.26 -52.05
C THR A 4708 -29.83 46.95 -51.70
N PRO A 4709 -30.74 46.47 -52.57
CA PRO A 4709 -31.45 45.22 -52.27
C PRO A 4709 -30.68 43.98 -52.67
N SER A 4710 -29.82 44.08 -53.69
CA SER A 4710 -29.09 42.96 -54.27
C SER A 4710 -27.67 42.87 -53.73
N PHE A 4711 -27.51 43.18 -52.44
CA PHE A 4711 -26.19 43.17 -51.82
C PHE A 4711 -25.54 41.78 -51.84
N PRO A 4712 -26.15 40.71 -51.30
CA PRO A 4712 -25.48 39.40 -51.30
C PRO A 4712 -25.73 38.65 -52.62
N SER A 4713 -25.23 39.23 -53.71
CA SER A 4713 -25.46 38.64 -55.03
C SER A 4713 -24.70 37.33 -55.17
N ASN A 4714 -23.41 37.33 -54.83
CA ASN A 4714 -22.53 36.20 -55.00
C ASN A 4714 -22.38 35.33 -53.76
N TYR A 4715 -22.52 35.93 -52.58
CA TYR A 4715 -22.49 35.16 -51.35
C TYR A 4715 -23.68 34.20 -51.29
N TRP A 4716 -23.52 33.15 -50.50
CA TRP A 4716 -24.56 32.13 -50.41
C TRP A 4716 -25.80 32.66 -49.71
N ASP A 4717 -25.64 33.11 -48.47
CA ASP A 4717 -26.78 33.49 -47.64
C ASP A 4717 -27.43 34.76 -48.16
N LYS A 4718 -28.76 34.72 -48.31
CA LYS A 4718 -29.59 35.86 -48.67
C LYS A 4718 -30.43 36.33 -47.50
N PHE A 4719 -29.94 36.16 -46.27
CA PHE A 4719 -30.68 36.37 -45.04
C PHE A 4719 -29.91 37.14 -43.97
N VAL A 4720 -28.72 37.67 -44.29
CA VAL A 4720 -27.95 38.38 -43.29
C VAL A 4720 -28.62 39.70 -42.91
N LYS A 4721 -29.30 40.32 -43.90
CA LYS A 4721 -30.06 41.54 -43.66
C LYS A 4721 -31.15 41.31 -42.64
N ARG A 4722 -31.79 40.14 -42.70
CA ARG A 4722 -32.81 39.78 -41.71
C ARG A 4722 -32.22 39.28 -40.41
N LYS A 4723 -30.95 38.87 -40.40
CA LYS A 4723 -30.34 38.34 -39.17
C LYS A 4723 -29.89 39.46 -38.25
N VAL A 4724 -29.35 40.54 -38.83
CA VAL A 4724 -28.78 41.60 -37.98
C VAL A 4724 -29.88 42.32 -37.21
N LEU A 4725 -31.04 42.52 -37.83
CA LEU A 4725 -32.13 43.15 -37.10
C LEU A 4725 -32.65 42.25 -35.99
N ASP A 4726 -32.58 40.94 -36.19
CA ASP A 4726 -32.94 40.02 -35.10
C ASP A 4726 -31.95 40.14 -33.96
N LYS A 4727 -30.66 40.29 -34.27
CA LYS A 4727 -29.67 40.40 -33.20
C LYS A 4727 -29.75 41.77 -32.53
N HIS A 4728 -29.43 42.83 -33.26
CA HIS A 4728 -29.38 44.20 -32.74
C HIS A 4728 -30.69 44.94 -32.99
N GLY A 4729 -31.81 44.34 -32.59
CA GLY A 4729 -33.12 44.92 -32.82
C GLY A 4729 -33.66 45.73 -31.67
N ASP A 4730 -33.54 45.18 -30.45
CA ASP A 4730 -34.15 45.81 -29.29
C ASP A 4730 -33.36 47.02 -28.80
N ILE A 4731 -32.05 47.02 -28.97
CA ILE A 4731 -31.24 48.13 -28.45
C ILE A 4731 -31.48 49.37 -29.27
N PHE A 4732 -31.14 49.32 -30.56
CA PHE A 4732 -31.32 50.44 -31.47
C PHE A 4732 -32.71 50.41 -32.10
N GLY A 4733 -33.08 51.54 -32.70
CA GLY A 4733 -34.35 51.62 -33.38
C GLY A 4733 -34.38 50.75 -34.62
N ARG A 4734 -35.30 49.80 -34.67
CA ARG A 4734 -35.38 48.89 -35.82
C ARG A 4734 -35.75 49.62 -37.11
N GLU A 4735 -36.51 50.70 -37.01
CA GLU A 4735 -36.82 51.50 -38.19
C GLU A 4735 -35.58 52.19 -38.74
N ARG A 4736 -34.75 52.73 -37.85
CA ARG A 4736 -33.48 53.31 -38.27
C ARG A 4736 -32.57 52.24 -38.88
N ILE A 4737 -32.63 51.02 -38.34
CA ILE A 4737 -31.88 49.91 -38.88
C ILE A 4737 -32.37 49.57 -40.28
N ALA A 4738 -33.68 49.69 -40.52
CA ALA A 4738 -34.19 49.53 -41.87
C ALA A 4738 -33.65 50.61 -42.78
N GLU A 4739 -33.46 51.82 -42.25
CA GLU A 4739 -32.82 52.86 -43.05
C GLU A 4739 -31.39 52.49 -43.41
N LEU A 4740 -30.64 51.88 -42.47
CA LEU A 4740 -29.25 51.55 -42.75
C LEU A 4740 -29.13 50.48 -43.83
N LEU A 4741 -29.98 49.46 -43.79
CA LEU A 4741 -29.95 48.36 -44.74
C LEU A 4741 -30.77 48.61 -46.00
N GLY A 4742 -31.43 49.76 -46.12
CA GLY A 4742 -32.38 49.99 -47.18
C GLY A 4742 -33.73 49.39 -46.83
N MET A 4743 -33.83 48.06 -46.97
CA MET A 4743 -35.02 47.28 -46.59
C MET A 4743 -36.27 47.80 -47.30
N ASP A 4744 -36.25 47.64 -48.62
CA ASP A 4744 -37.37 48.07 -49.46
C ASP A 4744 -38.63 47.32 -49.08
N LEU A 4745 -39.66 48.08 -48.67
CA LEU A 4745 -40.86 47.53 -48.07
C LEU A 4745 -40.52 46.74 -46.80
N ALA A 4746 -39.97 47.47 -45.82
CA ALA A 4746 -39.60 46.85 -44.55
C ALA A 4746 -40.80 46.29 -43.81
N SER A 4747 -41.96 46.94 -43.96
CA SER A 4747 -43.19 46.39 -43.41
C SER A 4747 -43.53 45.06 -44.08
N LEU A 4748 -43.29 44.98 -45.39
CA LEU A 4748 -43.54 43.73 -46.11
C LEU A 4748 -42.53 42.64 -45.76
N GLU A 4749 -41.41 42.97 -45.12
CA GLU A 4749 -40.42 41.96 -44.76
C GLU A 4749 -40.96 40.96 -43.74
N ILE A 4750 -41.95 41.37 -42.94
CA ILE A 4750 -42.57 40.44 -41.99
C ILE A 4750 -43.31 39.33 -42.75
N THR A 4751 -43.92 39.65 -43.89
CA THR A 4751 -44.71 38.72 -44.69
C THR A 4751 -44.38 38.89 -46.17
N ALA A 4752 -43.07 38.95 -46.47
CA ALA A 4752 -42.65 39.05 -47.87
C ALA A 4752 -42.97 37.79 -48.65
N HIS A 4753 -42.74 36.61 -48.05
CA HIS A 4753 -43.04 35.32 -48.67
C HIS A 4753 -43.61 34.34 -47.66
N ASN A 4754 -44.34 34.82 -46.66
CA ASN A 4754 -44.97 34.00 -45.62
C ASN A 4754 -46.46 33.83 -45.86
N GLU A 4755 -47.17 34.93 -46.11
CA GLU A 4755 -48.61 34.87 -46.38
C GLU A 4755 -48.88 34.15 -47.69
N ARG A 4756 -48.07 34.39 -48.70
CA ARG A 4756 -48.24 33.76 -50.01
C ARG A 4756 -46.89 33.77 -50.72
N LYS A 4757 -46.89 33.33 -51.98
CA LYS A 4757 -45.71 33.28 -52.85
C LYS A 4757 -46.05 33.91 -54.20
N PRO A 4758 -46.23 35.23 -54.24
CA PRO A 4758 -46.54 35.89 -55.52
C PRO A 4758 -45.36 35.84 -56.48
N ASP A 4759 -45.68 35.90 -57.77
CA ASP A 4759 -44.69 35.76 -58.83
C ASP A 4759 -45.19 36.38 -60.13
N PRO A 4760 -45.03 37.69 -60.34
CA PRO A 4760 -45.46 38.28 -61.62
C PRO A 4760 -44.57 37.81 -62.76
N PRO A 4761 -45.02 37.96 -64.02
CA PRO A 4761 -44.32 37.31 -65.12
C PRO A 4761 -43.13 38.13 -65.59
N PRO A 4762 -42.26 37.56 -66.46
CA PRO A 4762 -41.12 38.34 -66.98
C PRO A 4762 -41.50 39.10 -68.25
N GLY A 4763 -40.53 39.80 -68.85
CA GLY A 4763 -40.76 40.50 -70.10
C GLY A 4763 -39.45 40.76 -70.82
N LEU A 4764 -39.57 41.22 -72.05
CA LEU A 4764 -38.42 41.54 -72.87
C LEU A 4764 -37.88 42.92 -72.52
N LEU A 4765 -36.56 43.08 -72.67
CA LEU A 4765 -35.86 44.33 -72.37
C LEU A 4765 -35.99 44.74 -70.91
N THR A 4766 -36.13 43.77 -70.01
CA THR A 4766 -36.16 44.07 -68.59
C THR A 4766 -34.80 44.45 -68.03
N TRP A 4767 -33.71 44.05 -68.71
CA TRP A 4767 -32.36 44.36 -68.24
C TRP A 4767 -32.08 45.87 -68.20
N LEU A 4768 -32.76 46.65 -69.04
CA LEU A 4768 -32.50 48.08 -69.11
C LEU A 4768 -33.05 48.86 -67.93
N MET A 4769 -33.95 48.27 -67.12
CA MET A 4769 -34.50 48.93 -65.93
C MET A 4769 -34.64 47.96 -64.76
N SER A 4770 -33.78 46.94 -64.69
CA SER A 4770 -33.77 45.96 -63.60
C SER A 4770 -32.34 45.71 -63.15
N ILE A 4771 -31.57 46.78 -62.99
CA ILE A 4771 -30.19 46.72 -62.51
C ILE A 4771 -30.00 47.83 -61.49
N ASP A 4772 -29.40 47.48 -60.36
CA ASP A 4772 -29.16 48.46 -59.29
C ASP A 4772 -27.91 49.26 -59.62
N VAL A 4773 -28.09 50.55 -59.83
CA VAL A 4773 -26.98 51.41 -60.26
C VAL A 4773 -25.95 51.54 -59.16
N LYS A 4774 -26.41 51.65 -57.91
CA LYS A 4774 -25.48 51.80 -56.78
C LYS A 4774 -24.61 50.56 -56.62
N TYR A 4775 -25.22 49.38 -56.77
CA TYR A 4775 -24.47 48.13 -56.67
C TYR A 4775 -23.45 48.00 -57.78
N GLN A 4776 -23.83 48.38 -59.00
CA GLN A 4776 -22.92 48.27 -60.13
C GLN A 4776 -21.75 49.23 -59.99
N ILE A 4777 -22.01 50.44 -59.48
CA ILE A 4777 -20.94 51.41 -59.25
C ILE A 4777 -19.98 50.90 -58.20
N TRP A 4778 -20.52 50.28 -57.15
CA TRP A 4778 -19.68 49.67 -56.12
C TRP A 4778 -18.82 48.55 -56.69
N LYS A 4779 -19.42 47.75 -57.57
CA LYS A 4779 -18.69 46.67 -58.23
C LYS A 4779 -17.54 47.22 -59.05
N PHE A 4780 -17.78 48.28 -59.81
CA PHE A 4780 -16.74 48.83 -60.65
C PHE A 4780 -15.63 49.45 -59.82
N GLY A 4781 -15.98 50.05 -58.69
CA GLY A 4781 -14.95 50.59 -57.80
C GLY A 4781 -14.02 49.51 -57.27
N VAL A 4782 -14.60 48.41 -56.78
CA VAL A 4782 -13.74 47.35 -56.25
C VAL A 4782 -12.98 46.65 -57.38
N ILE A 4783 -13.59 46.53 -58.56
CA ILE A 4783 -12.92 45.87 -59.67
C ILE A 4783 -11.73 46.69 -60.14
N PHE A 4784 -11.83 48.01 -60.08
CA PHE A 4784 -10.70 48.86 -60.42
C PHE A 4784 -9.70 49.00 -59.28
N THR A 4785 -10.05 48.64 -58.05
CA THR A 4785 -9.14 48.86 -56.93
C THR A 4785 -8.04 47.81 -56.86
N ASP A 4786 -8.31 46.56 -57.23
CA ASP A 4786 -7.31 45.51 -57.04
C ASP A 4786 -6.18 45.64 -58.05
N ASN A 4787 -5.03 45.10 -57.69
CA ASN A 4787 -3.83 45.27 -58.51
C ASN A 4787 -3.89 44.49 -59.80
N SER A 4788 -4.46 43.28 -59.76
CA SER A 4788 -4.39 42.36 -60.89
C SER A 4788 -5.14 42.89 -62.10
N PHE A 4789 -6.33 43.45 -61.89
CA PHE A 4789 -7.12 43.96 -63.01
C PHE A 4789 -6.46 45.20 -63.61
N LEU A 4790 -5.89 46.04 -62.75
CA LEU A 4790 -5.20 47.23 -63.23
C LEU A 4790 -3.97 46.87 -64.04
N TYR A 4791 -3.33 45.73 -63.74
CA TYR A 4791 -2.20 45.32 -64.54
C TYR A 4791 -2.63 44.99 -65.97
N LEU A 4792 -3.79 44.36 -66.12
CA LEU A 4792 -4.31 44.09 -67.45
C LEU A 4792 -4.68 45.38 -68.17
N GLY A 4793 -5.27 46.32 -67.45
CA GLY A 4793 -5.58 47.60 -68.07
C GLY A 4793 -4.34 48.37 -68.50
N TRP A 4794 -3.26 48.26 -67.71
CA TRP A 4794 -1.98 48.82 -68.08
C TRP A 4794 -1.45 48.18 -69.34
N TYR A 4795 -1.61 46.86 -69.46
CA TYR A 4795 -1.27 46.17 -70.69
C TYR A 4795 -2.09 46.69 -71.86
N MET A 4796 -3.37 46.96 -71.61
CA MET A 4796 -4.27 47.37 -72.68
C MET A 4796 -3.93 48.74 -73.21
N VAL A 4797 -3.53 49.66 -72.32
CA VAL A 4797 -3.31 51.04 -72.76
C VAL A 4797 -2.12 51.10 -73.70
N MET A 4798 -0.99 50.49 -73.32
CA MET A 4798 0.12 50.42 -74.26
C MET A 4798 -0.19 49.53 -75.44
N SER A 4799 -1.10 48.56 -75.32
CA SER A 4799 -1.45 47.76 -76.49
C SER A 4799 -2.18 48.59 -77.53
N LEU A 4800 -3.23 49.31 -77.11
CA LEU A 4800 -3.98 50.16 -78.03
C LEU A 4800 -3.12 51.29 -78.56
N LEU A 4801 -2.30 51.89 -77.69
CA LEU A 4801 -1.36 52.90 -78.12
C LEU A 4801 -0.27 52.31 -79.01
N GLY A 4802 -0.02 51.01 -78.94
CA GLY A 4802 1.03 50.41 -79.73
C GLY A 4802 0.74 50.40 -81.21
N HIS A 4803 -0.53 50.50 -81.59
CA HIS A 4803 -0.86 50.61 -83.00
C HIS A 4803 -0.39 51.95 -83.58
N TYR A 4804 -0.17 52.96 -82.73
CA TYR A 4804 0.64 54.10 -83.14
C TYR A 4804 2.05 53.63 -83.50
N ASN A 4805 2.60 52.73 -82.69
CA ASN A 4805 3.88 52.07 -82.95
C ASN A 4805 5.03 53.07 -83.07
N ASN A 4806 5.19 53.86 -82.01
CA ASN A 4806 6.41 54.58 -81.72
C ASN A 4806 7.31 53.76 -80.78
N PHE A 4807 7.53 52.50 -81.16
CA PHE A 4807 8.38 51.51 -80.50
C PHE A 4807 7.83 51.02 -79.17
N PHE A 4808 6.65 51.45 -78.73
CA PHE A 4808 6.17 51.18 -77.39
C PHE A 4808 5.54 49.80 -77.23
N PHE A 4809 5.67 48.92 -78.22
CA PHE A 4809 5.35 47.51 -77.97
C PHE A 4809 6.31 46.88 -76.98
N ALA A 4810 7.56 47.36 -76.93
CA ALA A 4810 8.56 46.77 -76.06
C ALA A 4810 8.25 46.93 -74.59
N ALA A 4811 7.41 47.89 -74.21
CA ALA A 4811 7.08 48.06 -72.80
C ALA A 4811 6.29 46.88 -72.25
N HIS A 4812 5.56 46.17 -73.11
CA HIS A 4812 4.90 44.95 -72.68
C HIS A 4812 5.92 43.91 -72.24
N LEU A 4813 7.03 43.82 -72.96
CA LEU A 4813 8.00 42.76 -72.81
C LEU A 4813 8.71 42.81 -71.47
N LEU A 4814 8.79 43.97 -70.84
CA LEU A 4814 9.49 44.03 -69.56
C LEU A 4814 8.64 43.37 -68.48
N ASP A 4815 7.50 43.96 -68.18
CA ASP A 4815 6.72 43.55 -67.03
C ASP A 4815 5.88 42.31 -67.30
N ILE A 4816 5.85 41.79 -68.54
CA ILE A 4816 5.18 40.50 -68.73
C ILE A 4816 5.93 39.37 -68.03
N ALA A 4817 7.24 39.50 -67.83
CA ALA A 4817 8.02 38.40 -67.27
C ALA A 4817 7.87 38.21 -65.76
N MET A 4818 6.91 38.87 -65.10
CA MET A 4818 6.59 38.60 -63.70
C MET A 4818 6.18 37.17 -63.42
N GLY A 4819 5.68 36.43 -64.43
CA GLY A 4819 5.18 35.09 -64.21
C GLY A 4819 6.23 34.12 -63.68
N VAL A 4820 7.50 34.37 -63.97
CA VAL A 4820 8.56 33.60 -63.35
C VAL A 4820 8.65 33.99 -61.88
N LYS A 4821 8.81 33.00 -61.03
CA LYS A 4821 8.84 33.25 -59.59
C LYS A 4821 10.14 33.92 -59.17
N THR A 4822 11.26 33.41 -59.67
CA THR A 4822 12.58 33.91 -59.32
C THR A 4822 12.75 35.36 -59.75
N LEU A 4823 12.27 35.67 -60.94
CA LEU A 4823 12.35 37.04 -61.42
C LEU A 4823 11.42 37.94 -60.62
N ARG A 4824 10.27 37.42 -60.19
CA ARG A 4824 9.32 38.24 -59.45
C ARG A 4824 9.86 38.64 -58.09
N THR A 4825 10.67 37.77 -57.49
CA THR A 4825 11.30 38.10 -56.22
C THR A 4825 12.21 39.31 -56.34
N ILE A 4826 12.88 39.48 -57.49
CA ILE A 4826 13.80 40.59 -57.68
C ILE A 4826 13.05 41.91 -57.63
N LEU A 4827 11.95 42.00 -58.38
CA LEU A 4827 11.20 43.24 -58.41
C LEU A 4827 10.54 43.51 -57.08
N SER A 4828 10.08 42.46 -56.39
CA SER A 4828 9.52 42.68 -55.07
C SER A 4828 10.56 43.10 -54.05
N SER A 4829 11.83 42.77 -54.27
CA SER A 4829 12.84 43.09 -53.26
C SER A 4829 13.09 44.58 -53.13
N VAL A 4830 12.93 45.34 -54.21
CA VAL A 4830 13.22 46.78 -54.19
C VAL A 4830 12.26 47.49 -53.25
N THR A 4831 10.98 47.17 -53.33
CA THR A 4831 9.98 47.77 -52.47
C THR A 4831 9.90 47.12 -51.10
N HIS A 4832 10.70 46.09 -50.82
CA HIS A 4832 10.64 45.45 -49.51
C HIS A 4832 11.14 46.38 -48.42
N ASN A 4833 12.10 47.24 -48.74
CA ASN A 4833 12.71 48.20 -47.81
C ASN A 4833 12.65 49.60 -48.38
N GLY A 4834 11.46 49.99 -48.84
CA GLY A 4834 11.33 51.28 -49.50
C GLY A 4834 11.57 52.46 -48.56
N LYS A 4835 11.07 52.37 -47.33
CA LYS A 4835 11.21 53.45 -46.36
C LYS A 4835 12.67 53.74 -46.03
N GLN A 4836 13.41 52.68 -45.70
CA GLN A 4836 14.80 52.80 -45.32
C GLN A 4836 15.64 53.27 -46.51
N LEU A 4837 15.34 52.73 -47.69
CA LEU A 4837 16.07 53.09 -48.90
C LEU A 4837 15.88 54.55 -49.25
N VAL A 4838 14.65 55.03 -49.16
CA VAL A 4838 14.37 56.40 -49.57
C VAL A 4838 15.02 57.38 -48.60
N MET A 4839 14.97 57.08 -47.30
CA MET A 4839 15.65 57.91 -46.31
C MET A 4839 17.16 57.93 -46.54
N THR A 4840 17.73 56.81 -46.91
CA THR A 4840 19.18 56.74 -47.12
C THR A 4840 19.58 57.54 -48.35
N VAL A 4841 18.77 57.48 -49.41
CA VAL A 4841 19.06 58.26 -50.60
C VAL A 4841 18.96 59.75 -50.28
N GLY A 4842 18.04 60.13 -49.38
CA GLY A 4842 17.99 61.51 -48.94
C GLY A 4842 19.26 61.95 -48.23
N LEU A 4843 19.82 61.05 -47.41
CA LEU A 4843 21.07 61.39 -46.73
C LEU A 4843 22.23 61.52 -47.70
N LEU A 4844 22.19 60.75 -48.79
CA LEU A 4844 23.19 60.96 -49.84
C LEU A 4844 23.04 62.35 -50.45
N ALA A 4845 21.80 62.75 -50.70
CA ALA A 4845 21.54 64.03 -51.34
C ALA A 4845 21.98 65.22 -50.49
N VAL A 4846 21.96 65.07 -49.17
CA VAL A 4846 22.35 66.18 -48.29
C VAL A 4846 23.86 66.17 -47.96
N VAL A 4847 24.44 64.98 -47.77
CA VAL A 4847 25.85 64.92 -47.40
C VAL A 4847 26.71 65.38 -48.56
N VAL A 4848 26.28 65.13 -49.79
CA VAL A 4848 27.01 65.67 -50.95
C VAL A 4848 26.85 67.18 -51.08
N TYR A 4849 25.70 67.72 -50.67
CA TYR A 4849 25.42 69.14 -50.81
C TYR A 4849 26.36 69.98 -49.97
N LEU A 4850 26.75 69.45 -48.80
CA LEU A 4850 27.75 70.16 -48.01
C LEU A 4850 29.09 70.26 -48.75
N TYR A 4851 29.47 69.23 -49.49
CA TYR A 4851 30.72 69.29 -50.22
C TYR A 4851 30.63 70.31 -51.34
N THR A 4852 29.45 70.45 -51.95
CA THR A 4852 29.33 71.41 -53.03
C THR A 4852 29.47 72.84 -52.53
N VAL A 4853 28.87 73.17 -51.38
CA VAL A 4853 28.98 74.56 -50.93
C VAL A 4853 30.40 74.87 -50.48
N VAL A 4854 31.10 73.87 -49.92
CA VAL A 4854 32.50 74.09 -49.55
C VAL A 4854 33.35 74.37 -50.80
N ALA A 4855 33.10 73.59 -51.87
CA ALA A 4855 33.82 73.81 -53.12
C ALA A 4855 33.51 75.15 -53.73
N PHE A 4856 32.25 75.59 -53.61
CA PHE A 4856 31.86 76.88 -54.18
C PHE A 4856 32.56 78.02 -53.48
N ASN A 4857 32.70 77.94 -52.16
CA ASN A 4857 33.41 79.00 -51.45
C ASN A 4857 34.88 79.03 -51.84
N PHE A 4858 35.56 77.89 -51.78
CA PHE A 4858 37.02 77.85 -51.80
C PHE A 4858 37.62 77.44 -53.12
N PHE A 4859 37.20 76.31 -53.68
CA PHE A 4859 37.89 75.61 -54.76
C PHE A 4859 37.31 75.91 -56.13
N ARG A 4860 36.90 77.15 -56.37
CA ARG A 4860 36.25 77.48 -57.64
C ARG A 4860 37.22 77.38 -58.81
N LYS A 4861 38.49 77.76 -58.60
CA LYS A 4861 39.43 77.83 -59.70
C LYS A 4861 39.77 76.47 -60.29
N PHE A 4862 39.65 75.40 -59.50
CA PHE A 4862 40.09 74.10 -59.98
C PHE A 4862 39.16 73.55 -61.05
N TYR A 4863 37.86 73.73 -60.89
CA TYR A 4863 36.90 73.13 -61.80
C TYR A 4863 36.92 73.90 -63.10
N ASN A 4864 37.62 73.37 -64.09
CA ASN A 4864 37.73 74.03 -65.39
C ASN A 4864 38.07 72.98 -66.43
N LYS A 4865 37.10 72.68 -67.30
CA LYS A 4865 37.35 71.79 -68.42
C LYS A 4865 38.06 72.55 -69.53
N SER A 4866 39.01 71.88 -70.17
CA SER A 4866 39.89 72.56 -71.11
C SER A 4866 39.14 72.94 -72.38
N GLU A 4867 39.47 74.12 -72.91
CA GLU A 4867 39.00 74.59 -74.20
C GLU A 4867 40.13 75.30 -74.94
N ASP A 4868 41.35 74.77 -74.81
CA ASP A 4868 42.54 75.37 -75.42
C ASP A 4868 42.77 76.79 -74.92
N GLU A 4869 42.62 76.98 -73.60
CA GLU A 4869 42.72 78.30 -72.97
C GLU A 4869 41.72 79.30 -73.56
N ASP A 4870 40.53 78.80 -73.89
CA ASP A 4870 39.39 79.63 -74.28
C ASP A 4870 38.15 79.04 -73.62
N GLU A 4871 38.29 78.74 -72.33
CA GLU A 4871 37.33 77.92 -71.58
C GLU A 4871 36.51 78.81 -70.66
N PRO A 4872 35.26 79.16 -71.03
CA PRO A 4872 34.30 79.67 -70.03
C PRO A 4872 33.51 78.57 -69.34
N ASP A 4873 33.97 77.31 -69.42
CA ASP A 4873 33.21 76.15 -68.96
C ASP A 4873 33.49 75.82 -67.51
N MET A 4874 33.80 76.80 -66.68
CA MET A 4874 33.88 76.57 -65.25
C MET A 4874 32.51 76.19 -64.72
N LYS A 4875 32.36 74.95 -64.25
CA LYS A 4875 31.07 74.38 -63.91
C LYS A 4875 30.67 74.63 -62.46
N CYS A 4876 31.26 75.61 -61.79
CA CYS A 4876 30.86 75.99 -60.44
C CYS A 4876 30.87 77.50 -60.28
N ASP A 4877 30.41 78.22 -61.30
CA ASP A 4877 29.96 79.60 -61.18
C ASP A 4877 28.49 79.71 -60.82
N ASP A 4878 27.87 78.63 -60.35
CA ASP A 4878 26.44 78.58 -60.10
C ASP A 4878 26.14 77.29 -59.34
N MET A 4879 25.33 77.40 -58.30
CA MET A 4879 25.11 76.26 -57.42
C MET A 4879 24.37 75.12 -58.11
N MET A 4880 23.40 75.46 -58.97
CA MET A 4880 22.68 74.42 -59.69
C MET A 4880 23.61 73.64 -60.60
N THR A 4881 24.51 74.34 -61.28
CA THR A 4881 25.49 73.70 -62.15
C THR A 4881 26.44 72.82 -61.35
N CYS A 4882 26.93 73.32 -60.22
CA CYS A 4882 27.89 72.57 -59.41
C CYS A 4882 27.24 71.35 -58.78
N TYR A 4883 26.02 71.53 -58.29
CA TYR A 4883 25.34 70.44 -57.61
C TYR A 4883 24.98 69.34 -58.58
N LEU A 4884 24.60 69.71 -59.80
CA LEU A 4884 24.34 68.69 -60.80
C LEU A 4884 25.63 68.05 -61.28
N PHE A 4885 26.73 68.81 -61.29
CA PHE A 4885 28.01 68.25 -61.68
C PHE A 4885 28.44 67.16 -60.72
N HIS A 4886 28.20 67.38 -59.43
CA HIS A 4886 28.57 66.36 -58.46
C HIS A 4886 27.70 65.11 -58.54
N MET A 4887 26.49 65.21 -59.12
CA MET A 4887 25.69 64.02 -59.37
C MET A 4887 26.16 63.27 -60.60
N TYR A 4888 26.19 63.95 -61.75
CA TYR A 4888 26.45 63.25 -62.99
C TYR A 4888 27.89 62.79 -63.09
N VAL A 4889 28.83 63.73 -62.99
CA VAL A 4889 30.24 63.44 -63.15
C VAL A 4889 30.86 62.82 -61.91
N GLY A 4890 30.18 62.84 -60.77
CA GLY A 4890 30.75 62.60 -59.47
C GLY A 4890 30.53 61.17 -59.05
N VAL A 4891 29.41 60.91 -58.36
CA VAL A 4891 29.17 59.69 -57.59
C VAL A 4891 29.28 58.45 -58.45
N ARG A 4892 28.80 58.51 -59.70
CA ARG A 4892 28.90 57.39 -60.63
C ARG A 4892 30.25 57.42 -61.33
N ALA A 4893 31.30 57.25 -60.52
CA ALA A 4893 32.67 57.22 -61.00
C ALA A 4893 33.55 56.71 -59.88
N GLY A 4894 34.47 55.82 -60.23
CA GLY A 4894 35.41 55.34 -59.25
C GLY A 4894 36.35 56.43 -58.80
N GLY A 4895 36.82 56.30 -57.57
CA GLY A 4895 37.78 57.23 -57.03
C GLY A 4895 37.24 58.57 -56.63
N GLY A 4896 35.94 58.81 -56.76
CA GLY A 4896 35.40 60.08 -56.35
C GLY A 4896 35.71 61.19 -57.32
N ILE A 4897 35.60 62.41 -56.79
CA ILE A 4897 35.68 63.62 -57.61
C ILE A 4897 37.07 63.80 -58.19
N GLY A 4898 38.12 63.38 -57.47
CA GLY A 4898 39.48 63.77 -57.77
C GLY A 4898 40.01 63.30 -59.11
N ASP A 4899 39.38 62.30 -59.72
CA ASP A 4899 39.84 61.83 -61.01
C ASP A 4899 39.61 62.86 -62.10
N GLU A 4900 38.48 63.56 -62.05
CA GLU A 4900 38.05 64.43 -63.13
C GLU A 4900 38.58 65.85 -63.00
N ILE A 4901 38.81 66.32 -61.77
CA ILE A 4901 39.22 67.69 -61.55
C ILE A 4901 40.72 67.80 -61.81
N GLU A 4902 41.16 69.01 -62.15
CA GLU A 4902 42.57 69.29 -62.35
C GLU A 4902 43.36 69.01 -61.08
N ASP A 4903 44.58 68.53 -61.25
CA ASP A 4903 45.41 68.15 -60.13
C ASP A 4903 45.82 69.40 -59.35
N PRO A 4904 45.73 69.40 -58.00
CA PRO A 4904 46.39 70.48 -57.26
C PRO A 4904 47.90 70.37 -57.35
N ALA A 4905 48.51 71.28 -58.11
CA ALA A 4905 49.95 71.26 -58.38
C ALA A 4905 50.73 72.10 -57.39
N GLY A 4906 50.51 71.89 -56.10
CA GLY A 4906 51.22 72.62 -55.07
C GLY A 4906 50.95 74.10 -55.10
N ASP A 4907 49.67 74.45 -55.21
CA ASP A 4907 49.22 75.82 -55.49
C ASP A 4907 48.25 76.27 -54.42
N GLU A 4908 48.65 76.11 -53.16
CA GLU A 4908 47.91 76.56 -51.98
C GLU A 4908 46.67 75.70 -51.74
N TYR A 4909 46.28 75.57 -50.48
CA TYR A 4909 45.20 74.69 -50.04
C TYR A 4909 45.47 73.23 -50.44
N GLU A 4910 46.73 72.83 -50.45
CA GLU A 4910 47.09 71.48 -50.88
C GLU A 4910 46.55 70.43 -49.93
N LEU A 4911 46.83 70.59 -48.64
CA LEU A 4911 46.29 69.68 -47.64
C LEU A 4911 44.78 69.85 -47.51
N TYR A 4912 44.30 71.08 -47.61
CA TYR A 4912 42.87 71.34 -47.55
C TYR A 4912 42.12 70.71 -48.71
N ARG A 4913 42.79 70.52 -49.85
CA ARG A 4913 42.18 69.89 -51.03
C ARG A 4913 42.28 68.37 -50.98
N VAL A 4914 43.43 67.86 -50.54
CA VAL A 4914 43.63 66.43 -50.57
C VAL A 4914 42.72 65.77 -49.54
N VAL A 4915 42.49 66.44 -48.41
CA VAL A 4915 41.54 65.89 -47.45
C VAL A 4915 40.12 65.94 -48.00
N PHE A 4916 39.82 66.93 -48.86
CA PHE A 4916 38.48 67.05 -49.40
C PHE A 4916 38.16 65.86 -50.29
N ASP A 4917 39.08 65.50 -51.18
CA ASP A 4917 38.81 64.35 -52.03
C ASP A 4917 38.85 63.04 -51.25
N ILE A 4918 39.77 62.90 -50.28
CA ILE A 4918 39.81 61.64 -49.53
C ILE A 4918 38.57 61.46 -48.69
N THR A 4919 38.12 62.50 -47.99
CA THR A 4919 36.95 62.33 -47.13
C THR A 4919 35.68 62.16 -47.95
N PHE A 4920 35.62 62.76 -49.15
CA PHE A 4920 34.50 62.51 -50.04
C PHE A 4920 34.44 61.04 -50.43
N PHE A 4921 35.56 60.51 -50.93
CA PHE A 4921 35.59 59.10 -51.31
C PHE A 4921 35.40 58.18 -50.12
N PHE A 4922 35.81 58.62 -48.94
CA PHE A 4922 35.70 57.79 -47.75
C PHE A 4922 34.27 57.69 -47.27
N PHE A 4923 33.43 58.70 -47.52
CA PHE A 4923 32.06 58.70 -47.01
C PHE A 4923 31.02 58.35 -48.07
N VAL A 4924 31.04 58.98 -49.25
CA VAL A 4924 29.90 58.83 -50.14
C VAL A 4924 29.92 57.50 -50.87
N ILE A 4925 31.10 57.01 -51.27
CA ILE A 4925 31.21 55.95 -52.26
C ILE A 4925 31.41 54.62 -51.56
N VAL A 4926 32.55 54.47 -50.88
CA VAL A 4926 32.92 53.19 -50.31
C VAL A 4926 32.05 52.77 -49.13
N ILE A 4927 31.24 53.68 -48.57
CA ILE A 4927 30.41 53.43 -47.39
C ILE A 4927 28.94 53.55 -47.75
N LEU A 4928 28.51 54.75 -48.13
CA LEU A 4928 27.10 55.05 -48.19
C LEU A 4928 26.45 54.42 -49.42
N LEU A 4929 27.14 54.48 -50.55
CA LEU A 4929 26.66 53.79 -51.74
C LEU A 4929 26.66 52.29 -51.51
N ALA A 4930 27.60 51.78 -50.73
CA ALA A 4930 27.57 50.38 -50.37
C ALA A 4930 26.39 50.07 -49.46
N ILE A 4931 25.90 51.04 -48.68
CA ILE A 4931 24.67 50.78 -47.93
C ILE A 4931 23.51 50.63 -48.89
N ILE A 4932 23.45 51.50 -49.90
CA ILE A 4932 22.36 51.43 -50.88
C ILE A 4932 22.40 50.11 -51.62
N GLN A 4933 23.59 49.66 -51.99
CA GLN A 4933 23.72 48.34 -52.58
C GLN A 4933 23.35 47.26 -51.58
N GLY A 4934 23.79 47.40 -50.33
CA GLY A 4934 23.68 46.33 -49.37
C GLY A 4934 22.29 46.09 -48.85
N LEU A 4935 21.39 47.07 -49.00
CA LEU A 4935 20.07 46.91 -48.42
C LEU A 4935 19.26 45.85 -49.15
N ILE A 4936 19.00 46.07 -50.43
CA ILE A 4936 18.03 45.21 -51.11
C ILE A 4936 18.63 43.86 -51.46
N ILE A 4937 19.94 43.77 -51.62
CA ILE A 4937 20.57 42.48 -51.86
C ILE A 4937 20.40 41.58 -50.65
N ASP A 4938 20.58 42.14 -49.46
CA ASP A 4938 20.25 41.43 -48.23
C ASP A 4938 18.76 41.10 -48.17
N ALA A 4939 17.93 42.00 -48.67
CA ALA A 4939 16.48 41.75 -48.67
C ALA A 4939 16.13 40.59 -49.59
N PHE A 4940 16.79 40.51 -50.74
CA PHE A 4940 16.57 39.43 -51.69
C PHE A 4940 16.96 38.09 -51.10
N GLY A 4941 18.09 38.07 -50.40
CA GLY A 4941 18.49 36.89 -49.66
C GLY A 4941 17.48 36.53 -48.59
N GLU A 4942 16.91 37.53 -47.94
CA GLU A 4942 15.92 37.29 -46.89
C GLU A 4942 14.65 36.68 -47.45
N LEU A 4943 14.19 37.18 -48.59
CA LEU A 4943 12.96 36.67 -49.17
C LEU A 4943 13.12 35.23 -49.64
N ARG A 4944 14.27 34.94 -50.26
CA ARG A 4944 14.56 33.57 -50.68
C ARG A 4944 14.64 32.64 -49.47
N ASP A 4945 15.25 33.13 -48.38
CA ASP A 4945 15.33 32.34 -47.17
C ASP A 4945 13.95 32.12 -46.55
N GLN A 4946 13.04 33.07 -46.69
CA GLN A 4946 11.70 32.88 -46.16
C GLN A 4946 10.96 31.79 -46.91
N GLN A 4947 11.11 31.74 -48.23
CA GLN A 4947 10.46 30.68 -49.01
C GLN A 4947 11.00 29.30 -48.62
N GLU A 4948 12.32 29.21 -48.51
CA GLU A 4948 12.91 27.95 -48.08
C GLU A 4948 12.54 27.61 -46.63
N GLN A 4949 12.36 28.63 -45.81
CA GLN A 4949 11.97 28.42 -44.42
C GLN A 4949 10.58 27.81 -44.33
N VAL A 4950 9.67 28.26 -45.19
CA VAL A 4950 8.33 27.69 -45.18
C VAL A 4950 8.38 26.23 -45.58
N LYS A 4951 9.14 25.92 -46.64
CA LYS A 4951 9.21 24.53 -47.10
C LYS A 4951 9.83 23.62 -46.06
N GLU A 4952 10.88 24.09 -45.38
CA GLU A 4952 11.48 23.27 -44.34
C GLU A 4952 10.61 23.17 -43.10
N ASP A 4953 9.88 24.24 -42.77
CA ASP A 4953 9.07 24.24 -41.56
C ASP A 4953 7.88 23.30 -41.68
N MET A 4954 7.33 23.15 -42.89
CA MET A 4954 6.20 22.24 -43.04
C MET A 4954 6.60 20.79 -42.80
N GLU A 4955 7.76 20.38 -43.30
CA GLU A 4955 8.16 18.98 -43.18
C GLU A 4955 8.47 18.60 -41.74
N THR A 4956 9.02 19.53 -40.96
CA THR A 4956 9.44 19.28 -39.59
C THR A 4956 8.38 19.57 -38.55
N LYS A 4957 7.14 19.86 -38.96
CA LYS A 4957 6.09 20.14 -37.99
C LYS A 4957 4.73 19.90 -38.64
N CYS A 4958 3.82 19.30 -37.87
CA CYS A 4958 2.45 19.13 -38.32
C CYS A 4958 1.78 20.48 -38.45
N PHE A 4959 0.98 20.63 -39.49
CA PHE A 4959 0.36 21.91 -39.77
C PHE A 4959 -0.83 22.15 -38.86
N ILE A 4960 -1.84 21.28 -38.94
CA ILE A 4960 -3.05 21.47 -38.16
C ILE A 4960 -2.76 21.24 -36.69
N CYS A 4961 -2.36 20.03 -36.35
CA CYS A 4961 -1.92 19.74 -35.00
C CYS A 4961 -0.60 20.42 -34.73
N GLY A 4962 -0.42 20.88 -33.49
CA GLY A 4962 0.79 21.55 -33.10
C GLY A 4962 1.96 20.65 -32.77
N ILE A 4963 1.82 19.34 -32.94
CA ILE A 4963 2.86 18.40 -32.53
C ILE A 4963 3.97 18.42 -33.58
N GLY A 4964 5.21 18.38 -33.11
CA GLY A 4964 6.34 18.33 -34.02
C GLY A 4964 6.47 16.97 -34.68
N SER A 4965 7.20 16.97 -35.79
CA SER A 4965 7.39 15.73 -36.54
C SER A 4965 8.27 14.72 -35.81
N ASP A 4966 9.08 15.16 -34.85
CA ASP A 4966 10.01 14.25 -34.18
C ASP A 4966 9.29 13.18 -33.38
N TYR A 4967 8.12 13.50 -32.84
CA TYR A 4967 7.34 12.50 -32.11
C TYR A 4967 6.87 11.39 -33.03
N PHE A 4968 6.36 11.75 -34.21
CA PHE A 4968 5.95 10.77 -35.20
C PHE A 4968 7.11 10.14 -35.94
N ASP A 4969 8.33 10.67 -35.79
CA ASP A 4969 9.51 10.05 -36.38
C ASP A 4969 10.00 8.84 -35.59
N THR A 4970 9.35 8.46 -34.47
CA THR A 4970 9.72 7.29 -33.70
C THR A 4970 9.14 5.98 -34.25
N THR A 4971 8.68 5.95 -35.50
CA THR A 4971 8.17 4.78 -36.18
C THR A 4971 8.59 4.86 -37.64
N PRO A 4972 8.74 3.74 -38.35
CA PRO A 4972 8.92 3.83 -39.80
C PRO A 4972 7.70 4.43 -40.48
N HIS A 4973 7.91 5.53 -41.18
CA HIS A 4973 6.85 6.26 -41.89
C HIS A 4973 5.76 6.76 -40.96
N GLY A 4974 6.08 7.01 -39.69
CA GLY A 4974 5.05 7.45 -38.76
C GLY A 4974 4.51 8.82 -39.10
N PHE A 4975 5.40 9.78 -39.36
CA PHE A 4975 4.96 11.12 -39.72
C PHE A 4975 4.30 11.13 -41.08
N GLU A 4976 4.82 10.34 -42.02
CA GLU A 4976 4.28 10.32 -43.37
C GLU A 4976 2.86 9.76 -43.40
N THR A 4977 2.63 8.65 -42.70
CA THR A 4977 1.28 8.12 -42.60
C THR A 4977 0.37 9.06 -41.81
N HIS A 4978 0.92 9.68 -40.77
CA HIS A 4978 0.15 10.58 -39.91
C HIS A 4978 -0.38 11.76 -40.69
N THR A 4979 0.49 12.46 -41.40
CA THR A 4979 0.04 13.57 -42.23
C THR A 4979 -0.71 13.08 -43.46
N LEU A 4980 -0.53 11.83 -43.87
CA LEU A 4980 -1.30 11.34 -45.01
C LEU A 4980 -2.77 11.24 -44.69
N GLU A 4981 -3.10 10.68 -43.52
CA GLU A 4981 -4.48 10.31 -43.19
C GLU A 4981 -5.11 11.17 -42.11
N GLU A 4982 -4.44 11.33 -40.96
CA GLU A 4982 -5.06 11.99 -39.82
C GLU A 4982 -5.30 13.48 -40.09
N HIS A 4983 -4.31 14.16 -40.67
CA HIS A 4983 -4.39 15.57 -41.04
C HIS A 4983 -3.90 15.68 -42.47
N ASN A 4984 -4.80 15.43 -43.41
CA ASN A 4984 -4.43 15.41 -44.82
C ASN A 4984 -4.38 16.79 -45.47
N LEU A 4985 -5.08 17.78 -44.90
CA LEU A 4985 -5.30 19.16 -45.33
C LEU A 4985 -6.30 19.28 -46.49
N ALA A 4986 -6.68 18.19 -47.15
CA ALA A 4986 -7.74 18.16 -48.16
C ALA A 4986 -9.00 17.53 -47.61
N ASN A 4987 -8.84 16.50 -46.77
CA ASN A 4987 -9.99 15.82 -46.19
C ASN A 4987 -10.79 16.75 -45.28
N TYR A 4988 -10.14 17.73 -44.66
CA TYR A 4988 -10.88 18.74 -43.91
C TYR A 4988 -11.73 19.60 -44.84
N MET A 4989 -11.16 19.99 -45.98
CA MET A 4989 -11.90 20.74 -46.98
C MET A 4989 -13.04 19.89 -47.52
N PHE A 4990 -12.79 18.61 -47.74
CA PHE A 4990 -13.88 17.71 -48.13
C PHE A 4990 -14.89 17.55 -47.01
N PHE A 4991 -14.46 17.68 -45.76
CA PHE A 4991 -15.37 17.56 -44.62
C PHE A 4991 -16.40 18.67 -44.67
N LEU A 4992 -15.95 19.89 -44.94
CA LEU A 4992 -16.89 21.00 -44.94
C LEU A 4992 -17.87 20.98 -46.10
N MET A 4993 -17.64 20.17 -47.14
CA MET A 4993 -18.46 20.26 -48.35
C MET A 4993 -19.77 19.50 -48.20
N TYR A 4994 -19.70 18.18 -47.95
CA TYR A 4994 -20.91 17.39 -47.89
C TYR A 4994 -21.76 17.76 -46.68
N LEU A 4995 -21.16 18.36 -45.65
CA LEU A 4995 -21.94 18.94 -44.57
C LEU A 4995 -22.88 20.00 -45.10
N ILE A 4996 -22.40 20.84 -46.03
CA ILE A 4996 -23.28 21.77 -46.70
C ILE A 4996 -24.26 21.02 -47.58
N ASN A 4997 -23.79 19.98 -48.26
CA ASN A 4997 -24.64 19.27 -49.21
C ASN A 4997 -25.67 18.37 -48.51
N LYS A 4998 -25.33 17.81 -47.36
CA LYS A 4998 -26.20 16.85 -46.69
C LYS A 4998 -27.30 17.58 -45.94
N ASP A 4999 -28.46 16.94 -45.86
CA ASP A 4999 -29.61 17.53 -45.21
C ASP A 4999 -29.42 17.60 -43.69
N GLU A 5000 -30.09 18.58 -43.08
CA GLU A 5000 -29.94 18.81 -41.65
C GLU A 5000 -30.46 17.64 -40.84
N THR A 5001 -31.55 17.02 -41.30
CA THR A 5001 -32.11 15.89 -40.57
C THR A 5001 -31.18 14.69 -40.58
N GLU A 5002 -30.45 14.50 -41.68
CA GLU A 5002 -29.58 13.34 -41.85
C GLU A 5002 -28.22 13.50 -41.21
N HIS A 5003 -27.93 14.64 -40.58
CA HIS A 5003 -26.64 14.79 -39.91
C HIS A 5003 -26.57 13.84 -38.72
N THR A 5004 -25.42 13.21 -38.57
CA THR A 5004 -25.18 12.33 -37.44
C THR A 5004 -24.90 13.17 -36.19
N GLY A 5005 -24.52 12.50 -35.11
CA GLY A 5005 -24.24 13.23 -33.88
C GLY A 5005 -23.02 14.12 -33.99
N GLN A 5006 -21.90 13.52 -34.36
CA GLN A 5006 -20.64 14.24 -34.45
C GLN A 5006 -20.66 15.26 -35.59
N GLU A 5007 -21.35 14.92 -36.68
CA GLU A 5007 -21.48 15.82 -37.81
C GLU A 5007 -22.23 17.10 -37.41
N SER A 5008 -23.33 16.93 -36.69
CA SER A 5008 -24.08 18.08 -36.22
C SER A 5008 -23.30 18.88 -35.18
N TYR A 5009 -22.48 18.17 -34.38
CA TYR A 5009 -21.62 18.86 -33.42
C TYR A 5009 -20.65 19.80 -34.10
N VAL A 5010 -20.09 19.38 -35.23
CA VAL A 5010 -19.20 20.27 -35.97
C VAL A 5010 -19.99 21.41 -36.61
N TRP A 5011 -21.12 21.09 -37.24
CA TRP A 5011 -21.86 22.08 -38.03
C TRP A 5011 -22.38 23.23 -37.18
N LYS A 5012 -22.77 22.95 -35.95
CA LYS A 5012 -23.26 23.99 -35.06
C LYS A 5012 -22.18 25.02 -34.77
N MET A 5013 -20.96 24.56 -34.48
CA MET A 5013 -19.88 25.49 -34.20
C MET A 5013 -19.45 26.22 -35.46
N TYR A 5014 -19.58 25.58 -36.63
CA TYR A 5014 -19.23 26.28 -37.86
C TYR A 5014 -20.17 27.45 -38.10
N GLN A 5015 -21.45 27.27 -37.78
CA GLN A 5015 -22.35 28.43 -37.83
C GLN A 5015 -21.99 29.45 -36.77
N GLU A 5016 -21.63 29.00 -35.57
CA GLU A 5016 -21.28 29.93 -34.50
C GLU A 5016 -19.87 30.51 -34.61
N ARG A 5017 -19.01 29.98 -35.47
CA ARG A 5017 -17.64 30.48 -35.67
C ARG A 5017 -16.84 30.36 -34.37
N CYS A 5018 -16.68 29.12 -33.91
CA CYS A 5018 -15.83 28.76 -32.78
C CYS A 5018 -14.92 27.62 -33.22
N TRP A 5019 -13.64 27.92 -33.37
CA TRP A 5019 -12.67 26.98 -33.93
C TRP A 5019 -11.94 26.20 -32.84
N ASP A 5020 -12.71 25.63 -31.92
CA ASP A 5020 -12.19 24.87 -30.79
C ASP A 5020 -12.21 23.36 -31.02
N PHE A 5021 -13.10 22.87 -31.88
CA PHE A 5021 -13.25 21.43 -32.05
C PHE A 5021 -12.07 20.76 -32.72
N PHE A 5022 -11.20 21.51 -33.38
CA PHE A 5022 -9.98 20.94 -33.92
C PHE A 5022 -9.08 20.47 -32.78
N PRO A 5023 -8.17 19.51 -33.04
CA PRO A 5023 -7.47 18.83 -31.93
C PRO A 5023 -6.55 19.75 -31.13
N ALA A 5024 -5.59 20.39 -31.80
CA ALA A 5024 -4.70 21.37 -31.19
C ALA A 5024 -3.93 20.82 -29.99
N GLY A 5025 -3.22 19.71 -30.21
CA GLY A 5025 -2.34 19.13 -29.21
C GLY A 5025 -2.28 17.62 -29.16
N ASP A 5026 -3.34 16.94 -29.60
CA ASP A 5026 -3.43 15.48 -29.57
C ASP A 5026 -3.96 14.97 -30.90
N CYS A 5027 -3.52 13.77 -31.28
CA CYS A 5027 -3.77 13.19 -32.59
C CYS A 5027 -4.12 11.72 -32.49
N PHE A 5028 -4.94 11.35 -31.49
CA PHE A 5028 -5.41 9.98 -31.22
C PHE A 5028 -4.33 9.05 -30.67
N ARG A 5029 -3.09 9.50 -30.53
CA ARG A 5029 -1.94 8.71 -30.15
C ARG A 5029 -1.36 9.12 -28.80
N LYS A 5030 -1.27 10.42 -28.55
CA LYS A 5030 -0.88 10.89 -27.23
C LYS A 5030 -1.92 10.55 -26.19
N GLN A 5031 -3.19 10.44 -26.58
CA GLN A 5031 -4.23 10.05 -25.63
C GLN A 5031 -4.05 8.60 -25.20
N TYR A 5032 -3.74 7.72 -26.15
CA TYR A 5032 -3.65 6.28 -25.94
C TYR A 5032 -2.23 5.77 -26.17
N GLU A 5033 -1.24 6.57 -25.77
CA GLU A 5033 0.15 6.14 -25.94
C GLU A 5033 0.48 4.97 -25.02
N ASP A 5034 -0.14 4.91 -23.84
CA ASP A 5034 0.18 3.84 -22.89
C ASP A 5034 -0.35 2.51 -23.39
N GLN A 5035 -1.55 2.49 -23.95
CA GLN A 5035 -2.18 1.23 -24.35
C GLN A 5035 -1.63 0.78 -25.71
N LEU A 5036 -1.96 1.53 -26.76
CA LEU A 5036 -1.56 1.25 -28.14
C LEU A 5036 -2.10 2.38 -28.99
N SER A 5037 -1.50 2.56 -30.15
CA SER A 5037 -1.93 3.57 -31.10
C SER A 5037 -3.33 3.27 -31.62
N GLU B 10 -25.55 -15.17 -11.92
CA GLU B 10 -26.82 -14.82 -12.54
C GLU B 10 -27.54 -16.08 -12.99
N VAL B 11 -28.74 -15.90 -13.55
CA VAL B 11 -29.56 -17.03 -13.97
C VAL B 11 -29.03 -17.54 -15.30
N GLN B 12 -28.64 -18.81 -15.34
CA GLN B 12 -28.15 -19.42 -16.55
C GLN B 12 -29.30 -19.79 -17.48
N PHE B 13 -28.95 -20.11 -18.71
CA PHE B 13 -29.89 -20.49 -19.76
C PHE B 13 -29.45 -21.81 -20.36
N LEU B 14 -30.42 -22.52 -20.93
CA LEU B 14 -30.20 -23.87 -21.42
C LEU B 14 -29.60 -23.79 -22.82
N ARG B 15 -28.29 -23.95 -22.89
CA ARG B 15 -27.54 -23.90 -24.14
C ARG B 15 -27.54 -25.26 -24.82
N THR B 16 -27.41 -25.24 -26.13
CA THR B 16 -27.32 -26.48 -26.89
C THR B 16 -25.99 -27.17 -26.65
N ASP B 17 -25.94 -28.44 -27.02
CA ASP B 17 -24.77 -29.30 -26.83
C ASP B 17 -24.35 -29.39 -25.36
N ASP B 18 -25.37 -29.46 -24.49
CA ASP B 18 -25.19 -29.59 -23.05
C ASP B 18 -26.03 -30.76 -22.56
N GLU B 19 -25.47 -31.55 -21.66
CA GLU B 19 -26.20 -32.66 -21.08
C GLU B 19 -27.34 -32.15 -20.24
N VAL B 20 -28.39 -32.95 -20.14
CA VAL B 20 -29.61 -32.54 -19.44
C VAL B 20 -30.40 -33.78 -19.07
N VAL B 21 -31.31 -33.63 -18.11
CA VAL B 21 -32.17 -34.69 -17.62
C VAL B 21 -33.59 -34.15 -17.50
N LEU B 22 -34.56 -34.90 -18.02
CA LEU B 22 -35.96 -34.57 -17.83
C LEU B 22 -36.39 -34.90 -16.40
N GLN B 23 -37.44 -34.24 -15.95
CA GLN B 23 -37.88 -34.36 -14.58
C GLN B 23 -39.35 -34.03 -14.47
N CYS B 24 -40.02 -34.71 -13.53
CA CYS B 24 -41.44 -34.49 -13.27
C CYS B 24 -41.71 -34.97 -11.86
N SER B 25 -42.86 -34.56 -11.33
CA SER B 25 -43.32 -34.97 -10.00
C SER B 25 -44.82 -35.15 -10.00
N ALA B 26 -45.26 -36.10 -9.17
CA ALA B 26 -46.68 -36.39 -9.01
C ALA B 26 -46.88 -36.98 -7.62
N THR B 27 -48.12 -36.90 -7.15
CA THR B 27 -48.49 -37.31 -5.80
C THR B 27 -49.10 -38.70 -5.82
N VAL B 28 -48.54 -39.60 -5.01
CA VAL B 28 -49.03 -40.95 -4.81
C VAL B 28 -49.46 -41.16 -3.35
N LEU B 29 -48.84 -40.43 -2.41
CA LEU B 29 -49.16 -40.47 -1.00
C LEU B 29 -49.26 -39.06 -0.41
N LYS B 30 -49.64 -38.08 -1.24
CA LYS B 30 -49.59 -36.66 -0.90
C LYS B 30 -48.15 -36.23 -0.61
N GLU B 31 -47.31 -36.40 -1.63
CA GLU B 31 -45.92 -35.96 -1.56
C GLU B 31 -45.41 -35.82 -2.98
N GLN B 32 -44.64 -34.77 -3.24
CA GLN B 32 -44.11 -34.50 -4.57
C GLN B 32 -42.89 -35.39 -4.78
N LEU B 33 -43.14 -36.55 -5.38
CA LEU B 33 -42.06 -37.51 -5.64
C LEU B 33 -41.13 -36.97 -6.71
N LYS B 34 -39.83 -37.21 -6.54
CA LYS B 34 -38.82 -36.83 -7.51
C LYS B 34 -38.63 -37.96 -8.51
N LEU B 35 -38.93 -37.69 -9.77
CA LEU B 35 -38.97 -38.67 -10.84
C LEU B 35 -38.19 -38.16 -12.04
N CYS B 36 -37.77 -39.09 -12.89
CA CYS B 36 -37.00 -38.72 -14.07
C CYS B 36 -37.12 -39.82 -15.11
N LEU B 37 -37.21 -39.42 -16.37
CA LEU B 37 -37.32 -40.36 -17.47
C LEU B 37 -36.00 -41.08 -17.72
N ALA B 38 -36.09 -42.29 -18.25
CA ALA B 38 -34.90 -43.07 -18.56
C ALA B 38 -35.27 -44.16 -19.55
N ALA B 39 -34.24 -44.87 -20.01
CA ALA B 39 -34.41 -46.02 -20.89
C ALA B 39 -33.11 -46.79 -20.93
N GLU B 40 -33.22 -48.11 -20.99
CA GLU B 40 -32.03 -48.96 -20.99
C GLU B 40 -31.31 -48.91 -22.33
N GLY B 41 -32.07 -48.86 -23.43
CA GLY B 41 -31.51 -48.85 -24.76
C GLY B 41 -31.38 -50.25 -25.33
N PHE B 42 -30.19 -50.84 -25.20
CA PHE B 42 -29.94 -52.15 -25.78
C PHE B 42 -30.70 -53.21 -25.02
N GLY B 43 -31.91 -53.53 -25.51
CA GLY B 43 -32.81 -54.45 -24.86
C GLY B 43 -34.24 -53.96 -24.99
N ASN B 44 -34.92 -53.81 -23.87
CA ASN B 44 -36.23 -53.17 -23.88
C ASN B 44 -36.07 -51.70 -24.26
N ARG B 45 -36.49 -51.37 -25.48
CA ARG B 45 -36.32 -50.02 -25.99
C ARG B 45 -37.33 -49.03 -25.42
N LEU B 46 -38.44 -49.50 -24.86
CA LEU B 46 -39.44 -48.59 -24.33
C LEU B 46 -38.92 -47.91 -23.08
N CYS B 47 -39.23 -46.62 -22.97
CA CYS B 47 -38.76 -45.84 -21.84
C CYS B 47 -39.48 -46.26 -20.57
N PHE B 48 -38.86 -45.92 -19.43
CA PHE B 48 -39.40 -46.25 -18.13
C PHE B 48 -38.96 -45.18 -17.15
N LEU B 49 -39.68 -45.12 -16.04
CA LEU B 49 -39.55 -44.05 -15.05
C LEU B 49 -38.65 -44.51 -13.92
N GLU B 50 -37.71 -43.63 -13.54
CA GLU B 50 -36.71 -43.89 -12.50
C GLU B 50 -37.03 -42.99 -11.31
N PRO B 51 -37.58 -43.52 -10.20
CA PRO B 51 -37.73 -42.67 -9.00
C PRO B 51 -36.39 -42.26 -8.43
N THR B 52 -36.39 -41.05 -7.84
CA THR B 52 -35.22 -40.50 -7.15
C THR B 52 -35.57 -39.82 -5.83
N SER B 53 -36.79 -40.00 -5.31
CA SER B 53 -37.19 -39.29 -4.10
C SER B 53 -36.41 -39.77 -2.87
N ASN B 54 -35.95 -41.03 -2.87
CA ASN B 54 -35.21 -41.61 -1.76
C ASN B 54 -33.71 -41.41 -1.87
N ALA B 55 -33.26 -40.37 -2.60
CA ALA B 55 -31.85 -40.19 -2.87
C ALA B 55 -31.04 -39.91 -1.61
N GLN B 56 -31.68 -39.30 -0.60
CA GLN B 56 -30.99 -39.03 0.65
C GLN B 56 -30.61 -40.31 1.37
N ASN B 57 -31.50 -41.30 1.35
CA ASN B 57 -31.33 -42.56 2.08
C ASN B 57 -30.83 -43.71 1.22
N VAL B 58 -30.93 -43.61 -0.11
CA VAL B 58 -30.33 -44.60 -1.00
C VAL B 58 -30.24 -44.00 -2.40
N PRO B 59 -29.10 -44.00 -3.07
CA PRO B 59 -28.97 -43.19 -4.27
C PRO B 59 -29.61 -43.87 -5.48
N PRO B 60 -29.95 -43.11 -6.55
CA PRO B 60 -30.50 -43.73 -7.76
C PRO B 60 -29.40 -44.09 -8.75
N ASP B 61 -29.78 -44.64 -9.91
CA ASP B 61 -28.88 -44.94 -11.02
C ASP B 61 -29.17 -43.94 -12.13
N LEU B 62 -28.39 -42.86 -12.17
CA LEU B 62 -28.59 -41.75 -13.09
C LEU B 62 -27.80 -41.85 -14.39
N ALA B 63 -27.07 -42.94 -14.61
CA ALA B 63 -26.22 -43.03 -15.80
C ALA B 63 -27.06 -43.12 -17.06
N ILE B 64 -28.08 -43.98 -17.05
CA ILE B 64 -28.97 -44.09 -18.21
C ILE B 64 -29.78 -42.81 -18.41
N CYS B 65 -30.09 -42.11 -17.32
CA CYS B 65 -30.98 -40.96 -17.39
C CYS B 65 -30.38 -39.78 -18.16
N CYS B 66 -29.06 -39.72 -18.30
CA CYS B 66 -28.39 -38.56 -18.87
C CYS B 66 -28.69 -38.43 -20.35
N PHE B 67 -29.43 -37.39 -20.72
CA PHE B 67 -29.73 -37.03 -22.09
C PHE B 67 -28.84 -35.87 -22.53
N THR B 68 -28.82 -35.64 -23.84
CA THR B 68 -28.01 -34.60 -24.47
C THR B 68 -28.82 -33.88 -25.53
N LEU B 69 -28.64 -32.56 -25.58
CA LEU B 69 -29.29 -31.73 -26.60
C LEU B 69 -28.44 -31.73 -27.84
N GLU B 70 -28.93 -32.35 -28.91
CA GLU B 70 -28.14 -32.45 -30.13
C GLU B 70 -28.12 -31.13 -30.88
N GLN B 71 -29.29 -30.59 -31.18
CA GLN B 71 -29.40 -29.33 -31.89
C GLN B 71 -30.82 -28.82 -31.75
N SER B 72 -31.07 -27.63 -32.28
CA SER B 72 -32.37 -26.99 -32.20
C SER B 72 -32.50 -26.00 -33.35
N LEU B 73 -33.73 -25.77 -33.77
CA LEU B 73 -34.01 -24.88 -34.90
C LEU B 73 -35.50 -24.61 -34.89
N SER B 74 -35.94 -23.84 -35.89
CA SER B 74 -37.34 -23.46 -36.01
C SER B 74 -38.13 -24.56 -36.73
N VAL B 75 -39.45 -24.43 -36.66
CA VAL B 75 -40.33 -25.44 -37.21
C VAL B 75 -40.26 -25.45 -38.73
N ARG B 76 -40.32 -24.27 -39.34
CA ARG B 76 -40.25 -24.18 -40.79
C ARG B 76 -38.89 -24.63 -41.30
N ALA B 77 -37.84 -24.29 -40.58
CA ALA B 77 -36.51 -24.74 -40.94
C ALA B 77 -36.40 -26.25 -40.82
N LEU B 78 -37.06 -26.83 -39.82
CA LEU B 78 -37.11 -28.28 -39.69
C LEU B 78 -37.86 -28.91 -40.85
N GLN B 79 -38.94 -28.27 -41.30
CA GLN B 79 -39.66 -28.80 -42.45
C GLN B 79 -38.81 -28.72 -43.71
N GLU B 80 -38.00 -27.67 -43.84
CA GLU B 80 -37.10 -27.59 -44.98
C GLU B 80 -36.01 -28.64 -44.90
N MET B 81 -35.55 -28.95 -43.68
CA MET B 81 -34.62 -30.04 -43.49
C MET B 81 -35.25 -31.37 -43.87
N LEU B 82 -36.53 -31.54 -43.54
CA LEU B 82 -37.27 -32.74 -43.90
C LEU B 82 -37.34 -32.88 -45.42
N ALA B 83 -37.67 -31.78 -46.11
CA ALA B 83 -37.71 -31.82 -47.56
C ALA B 83 -36.32 -32.04 -48.14
N ASN B 84 -35.32 -31.38 -47.57
CA ASN B 84 -33.92 -31.58 -47.95
C ASN B 84 -33.34 -32.74 -47.16
N THR B 85 -33.88 -33.92 -47.43
CA THR B 85 -33.44 -35.13 -46.73
C THR B 85 -32.00 -35.48 -47.07
N VAL B 86 -31.54 -35.15 -48.28
CA VAL B 86 -30.18 -35.46 -48.67
C VAL B 86 -29.22 -34.56 -47.90
N GLU B 87 -28.20 -35.17 -47.30
CA GLU B 87 -27.21 -34.42 -46.55
C GLU B 87 -26.23 -33.71 -47.48
N GLY B 95 -21.85 -26.35 -37.05
CA GLY B 95 -20.60 -25.64 -36.92
C GLY B 95 -20.24 -25.33 -35.48
N GLY B 96 -20.24 -24.04 -35.14
CA GLY B 96 -19.94 -23.65 -33.78
C GLY B 96 -21.00 -24.10 -32.80
N GLY B 97 -22.27 -24.03 -33.20
CA GLY B 97 -23.34 -24.46 -32.33
C GLY B 97 -23.51 -23.54 -31.13
N HIS B 98 -23.95 -24.12 -30.02
CA HIS B 98 -24.21 -23.41 -28.78
C HIS B 98 -25.26 -22.32 -28.94
N ARG B 99 -26.21 -22.52 -29.85
CA ARG B 99 -27.31 -21.59 -29.99
C ARG B 99 -28.24 -21.72 -28.79
N THR B 100 -28.57 -20.60 -28.18
CA THR B 100 -29.46 -20.60 -27.04
C THR B 100 -30.87 -21.01 -27.47
N LEU B 101 -31.54 -21.77 -26.60
CA LEU B 101 -32.86 -22.29 -26.90
C LEU B 101 -33.91 -21.23 -26.67
N LEU B 102 -34.93 -21.24 -27.52
CA LEU B 102 -36.10 -20.38 -27.42
C LEU B 102 -37.35 -21.23 -27.47
N TYR B 103 -38.42 -20.72 -26.86
CA TYR B 103 -39.70 -21.39 -26.92
C TYR B 103 -40.21 -21.39 -28.36
N GLY B 104 -40.86 -22.49 -28.74
CA GLY B 104 -41.31 -22.69 -30.09
C GLY B 104 -40.31 -23.35 -31.01
N HIS B 105 -39.05 -23.51 -30.59
CA HIS B 105 -38.08 -24.23 -31.38
C HIS B 105 -38.34 -25.73 -31.34
N ALA B 106 -37.83 -26.42 -32.36
CA ALA B 106 -37.95 -27.87 -32.48
C ALA B 106 -36.70 -28.51 -31.86
N ILE B 107 -36.86 -29.04 -30.66
CA ILE B 107 -35.75 -29.66 -29.95
C ILE B 107 -35.49 -31.06 -30.49
N LEU B 108 -34.31 -31.59 -30.17
CA LEU B 108 -33.92 -32.95 -30.53
C LEU B 108 -33.10 -33.52 -29.38
N LEU B 109 -33.75 -34.30 -28.54
CA LEU B 109 -33.07 -34.98 -27.45
C LEU B 109 -32.31 -36.20 -27.96
N ARG B 110 -31.36 -36.65 -27.16
CA ARG B 110 -30.58 -37.83 -27.49
C ARG B 110 -30.12 -38.48 -26.20
N HIS B 111 -30.13 -39.81 -26.20
CA HIS B 111 -29.59 -40.56 -25.08
C HIS B 111 -28.07 -40.46 -25.15
N ALA B 112 -27.46 -39.89 -24.11
CA ALA B 112 -26.02 -39.72 -24.09
C ALA B 112 -25.30 -41.06 -24.09
N HIS B 113 -25.87 -42.04 -23.41
CA HIS B 113 -25.21 -43.33 -23.26
C HIS B 113 -25.42 -44.23 -24.47
N SER B 114 -26.67 -44.59 -24.74
CA SER B 114 -26.96 -45.56 -25.79
C SER B 114 -26.71 -45.03 -27.19
N ARG B 115 -26.65 -43.70 -27.36
CA ARG B 115 -26.51 -43.08 -28.67
C ARG B 115 -27.68 -43.44 -29.60
N MET B 116 -28.87 -43.55 -29.01
CA MET B 116 -30.13 -43.74 -29.72
C MET B 116 -31.06 -42.61 -29.35
N TYR B 117 -31.75 -42.08 -30.35
CA TYR B 117 -32.45 -40.81 -30.22
C TYR B 117 -33.87 -41.04 -29.72
N LEU B 118 -34.34 -40.13 -28.88
CA LEU B 118 -35.68 -40.20 -28.35
C LEU B 118 -36.71 -39.95 -29.45
N SER B 119 -37.80 -40.68 -29.41
CA SER B 119 -38.83 -40.57 -30.43
C SER B 119 -40.12 -41.20 -29.93
N CYS B 120 -41.19 -40.97 -30.69
CA CYS B 120 -42.44 -41.67 -30.49
C CYS B 120 -42.40 -43.03 -31.17
N LEU B 121 -43.40 -43.87 -30.86
CA LEU B 121 -43.54 -45.18 -31.45
C LEU B 121 -45.01 -45.46 -31.71
N THR B 122 -45.26 -46.24 -32.77
CA THR B 122 -46.62 -46.56 -33.20
C THR B 122 -47.09 -47.85 -32.53
N THR B 123 -47.25 -47.76 -31.21
CA THR B 123 -47.65 -48.87 -30.35
C THR B 123 -48.80 -48.47 -29.46
N SER B 124 -49.18 -49.34 -28.53
CA SER B 124 -50.22 -49.06 -27.56
C SER B 124 -49.98 -49.90 -26.31
N ARG B 125 -50.58 -49.45 -25.22
CA ARG B 125 -50.41 -50.14 -23.94
C ARG B 125 -51.51 -49.71 -23.00
N SER B 126 -51.92 -50.65 -22.14
CA SER B 126 -52.93 -50.54 -21.09
C SER B 126 -54.37 -50.58 -21.63
N MET B 127 -54.60 -50.59 -22.94
CA MET B 127 -55.92 -50.76 -23.54
C MET B 127 -56.87 -49.62 -23.15
N THR B 128 -56.42 -48.40 -23.40
CA THR B 128 -57.23 -47.22 -23.13
C THR B 128 -58.31 -46.96 -24.17
N ASP B 129 -58.35 -47.74 -25.27
CA ASP B 129 -59.22 -47.45 -26.43
C ASP B 129 -58.95 -46.06 -26.97
N LYS B 130 -57.69 -45.66 -26.96
CA LYS B 130 -57.29 -44.30 -27.30
C LYS B 130 -55.80 -44.35 -27.58
N LEU B 131 -55.31 -43.33 -28.29
CA LEU B 131 -53.89 -43.23 -28.57
C LEU B 131 -53.10 -43.09 -27.29
N ALA B 132 -52.06 -43.91 -27.17
CA ALA B 132 -51.05 -43.82 -26.12
C ALA B 132 -49.69 -43.48 -26.71
N PHE B 133 -49.25 -44.25 -27.70
CA PHE B 133 -47.98 -44.05 -28.41
C PHE B 133 -46.81 -44.02 -27.43
N ASP B 134 -46.54 -45.21 -26.87
CA ASP B 134 -45.52 -45.39 -25.86
C ASP B 134 -44.16 -44.97 -26.39
N VAL B 135 -43.56 -43.98 -25.75
CA VAL B 135 -42.34 -43.38 -26.26
C VAL B 135 -41.17 -44.35 -26.13
N GLY B 136 -40.18 -44.16 -26.98
CA GLY B 136 -39.01 -45.02 -26.96
C GLY B 136 -37.86 -44.36 -27.68
N LEU B 137 -36.81 -45.15 -27.88
CA LEU B 137 -35.54 -44.68 -28.43
C LEU B 137 -35.38 -45.26 -29.83
N GLN B 138 -35.53 -44.41 -30.83
CA GLN B 138 -35.29 -44.83 -32.20
C GLN B 138 -33.80 -45.01 -32.45
N GLU B 139 -33.48 -45.96 -33.32
CA GLU B 139 -32.09 -46.30 -33.58
C GLU B 139 -31.37 -45.26 -34.43
N ASP B 140 -32.11 -44.41 -35.16
CA ASP B 140 -31.51 -43.40 -36.02
C ASP B 140 -32.37 -42.15 -35.99
N ALA B 141 -31.72 -41.00 -36.15
CA ALA B 141 -32.39 -39.72 -36.12
C ALA B 141 -33.11 -39.40 -37.43
N THR B 142 -32.93 -40.19 -38.48
CA THR B 142 -33.66 -39.97 -39.71
C THR B 142 -35.15 -40.17 -39.49
N GLY B 143 -35.94 -39.46 -40.28
CA GLY B 143 -37.38 -39.45 -40.13
C GLY B 143 -37.84 -38.35 -39.20
N GLU B 144 -39.07 -37.89 -39.43
CA GLU B 144 -39.59 -36.72 -38.74
C GLU B 144 -40.14 -37.02 -37.36
N ALA B 145 -40.40 -38.30 -37.03
CA ALA B 145 -40.93 -38.63 -35.72
C ALA B 145 -39.95 -38.37 -34.59
N CYS B 146 -38.65 -38.32 -34.88
CA CYS B 146 -37.66 -38.14 -33.84
C CYS B 146 -37.74 -36.76 -33.20
N TRP B 147 -38.18 -35.75 -33.94
CA TRP B 147 -38.12 -34.38 -33.47
C TRP B 147 -39.27 -34.07 -32.52
N TRP B 148 -39.01 -33.14 -31.60
CA TRP B 148 -39.96 -32.67 -30.61
C TRP B 148 -39.93 -31.16 -30.58
N THR B 149 -41.01 -30.57 -30.05
CA THR B 149 -41.17 -29.12 -29.92
C THR B 149 -41.50 -28.76 -28.50
N MET B 150 -40.91 -27.67 -28.02
CA MET B 150 -41.13 -27.15 -26.68
C MET B 150 -42.31 -26.20 -26.68
N HIS B 151 -42.81 -25.91 -25.49
CA HIS B 151 -43.87 -24.93 -25.31
C HIS B 151 -43.85 -24.46 -23.86
N PRO B 152 -44.46 -23.31 -23.56
CA PRO B 152 -44.40 -22.77 -22.21
C PRO B 152 -45.50 -23.28 -21.31
N ALA B 153 -45.12 -23.60 -20.07
CA ALA B 153 -46.06 -24.06 -19.06
C ALA B 153 -46.66 -22.88 -18.30
N SER B 154 -45.81 -22.08 -17.66
CA SER B 154 -46.27 -20.92 -16.92
C SER B 154 -46.56 -19.76 -17.88
N LYS B 155 -47.61 -18.99 -17.55
CA LYS B 155 -47.99 -17.87 -18.40
C LYS B 155 -47.06 -16.68 -18.28
N GLN B 156 -46.23 -16.62 -17.24
CA GLN B 156 -45.32 -15.48 -17.06
C GLN B 156 -44.29 -15.40 -18.17
N ARG B 157 -43.93 -16.53 -18.77
CA ARG B 157 -43.19 -16.58 -20.03
C ARG B 157 -44.18 -16.66 -21.20
N SER B 158 -43.65 -16.46 -22.39
CA SER B 158 -44.44 -16.57 -23.62
C SER B 158 -43.53 -17.08 -24.73
N GLU B 159 -44.06 -17.10 -25.95
CA GLU B 159 -43.30 -17.58 -27.09
C GLU B 159 -42.21 -16.59 -27.47
N GLY B 160 -41.04 -17.12 -27.85
CA GLY B 160 -39.91 -16.33 -28.26
C GLY B 160 -38.96 -15.94 -27.16
N GLU B 161 -39.35 -16.09 -25.89
CA GLU B 161 -38.45 -15.79 -24.79
C GLU B 161 -37.29 -16.78 -24.76
N LYS B 162 -36.19 -16.35 -24.15
CA LYS B 162 -35.07 -17.22 -23.90
C LYS B 162 -35.39 -18.11 -22.71
N VAL B 163 -35.48 -19.40 -22.95
CA VAL B 163 -35.79 -20.35 -21.89
C VAL B 163 -34.61 -20.40 -20.91
N ARG B 164 -34.94 -20.40 -19.63
CA ARG B 164 -33.98 -20.47 -18.53
C ARG B 164 -34.05 -21.85 -17.89
N VAL B 165 -33.30 -22.01 -16.82
CA VAL B 165 -33.28 -23.24 -16.04
C VAL B 165 -34.36 -23.17 -14.98
N GLY B 166 -34.88 -24.33 -14.60
CA GLY B 166 -35.84 -24.46 -13.53
C GLY B 166 -37.29 -24.31 -13.95
N ASP B 167 -37.57 -23.48 -14.94
CA ASP B 167 -38.94 -23.26 -15.38
C ASP B 167 -39.51 -24.52 -16.02
N ASP B 168 -40.83 -24.69 -15.88
CA ASP B 168 -41.51 -25.88 -16.36
C ASP B 168 -41.80 -25.77 -17.85
N LEU B 169 -41.71 -26.90 -18.54
CA LEU B 169 -41.83 -26.97 -19.99
C LEU B 169 -42.91 -27.99 -20.36
N ILE B 170 -43.41 -27.84 -21.59
CA ILE B 170 -44.43 -28.71 -22.17
C ILE B 170 -43.87 -29.21 -23.49
N LEU B 171 -43.29 -30.39 -23.48
CA LEU B 171 -42.78 -31.00 -24.70
C LEU B 171 -43.91 -31.55 -25.52
N VAL B 172 -43.80 -31.42 -26.84
CA VAL B 172 -44.81 -31.87 -27.79
C VAL B 172 -44.10 -32.60 -28.92
N SER B 173 -44.76 -33.64 -29.43
CA SER B 173 -44.25 -34.38 -30.56
C SER B 173 -44.59 -33.67 -31.87
N VAL B 174 -43.77 -33.93 -32.88
CA VAL B 174 -43.91 -33.29 -34.18
C VAL B 174 -44.86 -34.12 -35.02
N SER B 175 -44.45 -35.35 -35.33
CA SER B 175 -45.24 -36.18 -36.24
C SER B 175 -46.48 -36.71 -35.57
N SER B 176 -46.35 -37.16 -34.32
CA SER B 176 -47.50 -37.69 -33.60
C SER B 176 -48.52 -36.62 -33.28
N GLU B 177 -48.09 -35.37 -33.12
CA GLU B 177 -48.96 -34.24 -32.75
C GLU B 177 -49.64 -34.52 -31.41
N ARG B 178 -48.87 -35.07 -30.48
CA ARG B 178 -49.34 -35.51 -29.18
C ARG B 178 -48.36 -35.04 -28.11
N TYR B 179 -48.89 -34.84 -26.92
CA TYR B 179 -48.19 -34.18 -25.83
C TYR B 179 -47.64 -35.21 -24.85
N LEU B 180 -46.44 -34.94 -24.35
CA LEU B 180 -45.84 -35.81 -23.35
C LEU B 180 -46.66 -35.78 -22.07
N HIS B 181 -46.70 -36.92 -21.40
CA HIS B 181 -47.69 -37.15 -20.36
C HIS B 181 -47.19 -38.21 -19.39
N LEU B 182 -47.32 -37.91 -18.10
CA LEU B 182 -47.12 -38.89 -17.04
C LEU B 182 -48.45 -39.59 -16.79
N SER B 183 -48.53 -40.85 -17.21
CA SER B 183 -49.78 -41.61 -17.16
C SER B 183 -49.84 -42.39 -15.85
N THR B 184 -50.66 -41.91 -14.93
CA THR B 184 -50.98 -42.64 -13.71
C THR B 184 -52.06 -43.66 -14.00
N ALA B 185 -51.87 -44.88 -13.50
CA ALA B 185 -52.78 -45.97 -13.73
C ALA B 185 -52.68 -46.93 -12.55
N SER B 186 -53.26 -48.13 -12.72
CA SER B 186 -53.22 -49.13 -11.67
C SER B 186 -51.79 -49.60 -11.38
N GLY B 187 -51.01 -49.79 -12.43
CA GLY B 187 -49.65 -50.28 -12.29
C GLY B 187 -48.67 -49.19 -11.95
N GLU B 188 -47.40 -49.45 -12.28
CA GLU B 188 -46.36 -48.47 -12.09
C GLU B 188 -46.60 -47.26 -12.99
N LEU B 189 -46.04 -46.12 -12.59
CA LEU B 189 -46.29 -44.84 -13.25
C LEU B 189 -45.71 -44.88 -14.65
N GLN B 190 -46.59 -45.03 -15.63
CA GLN B 190 -46.19 -45.06 -17.04
C GLN B 190 -46.04 -43.64 -17.56
N VAL B 191 -45.17 -43.50 -18.56
CA VAL B 191 -44.79 -42.21 -19.14
C VAL B 191 -45.23 -42.12 -20.60
N ASP B 192 -46.33 -42.78 -20.94
CA ASP B 192 -46.86 -42.69 -22.30
C ASP B 192 -47.38 -41.30 -22.59
N ALA B 193 -47.13 -40.84 -23.82
CA ALA B 193 -47.55 -39.52 -24.27
C ALA B 193 -48.94 -39.62 -24.88
N SER B 194 -49.96 -39.56 -24.00
CA SER B 194 -51.35 -39.81 -24.37
C SER B 194 -52.24 -38.58 -24.20
N PHE B 195 -52.36 -38.02 -22.99
CA PHE B 195 -53.51 -37.21 -22.62
C PHE B 195 -53.17 -35.79 -22.19
N MET B 196 -52.31 -35.59 -21.20
CA MET B 196 -52.23 -34.36 -20.43
C MET B 196 -50.86 -33.71 -20.59
N GLN B 197 -50.86 -32.38 -20.61
CA GLN B 197 -49.65 -31.59 -20.84
C GLN B 197 -48.92 -31.40 -19.52
N THR B 198 -48.20 -32.44 -19.12
CA THR B 198 -47.55 -32.46 -17.82
C THR B 198 -46.43 -31.44 -17.73
N LEU B 199 -46.33 -30.81 -16.58
CA LEU B 199 -45.30 -29.80 -16.32
C LEU B 199 -43.97 -30.51 -16.18
N TRP B 200 -43.21 -30.51 -17.27
CA TRP B 200 -41.96 -31.25 -17.37
C TRP B 200 -40.82 -30.29 -17.07
N ASN B 201 -40.28 -30.41 -15.86
CA ASN B 201 -39.09 -29.65 -15.51
C ASN B 201 -37.89 -30.21 -16.27
N MET B 202 -36.82 -29.41 -16.31
CA MET B 202 -35.71 -29.65 -17.22
C MET B 202 -34.44 -29.29 -16.43
N ASN B 203 -33.80 -30.30 -15.86
CA ASN B 203 -32.66 -30.09 -14.97
C ASN B 203 -31.35 -30.20 -15.75
N PRO B 204 -30.51 -29.13 -15.83
CA PRO B 204 -29.19 -29.32 -16.43
C PRO B 204 -28.24 -30.11 -15.55
N ILE B 205 -27.98 -31.35 -15.96
CA ILE B 205 -27.02 -32.19 -15.24
C ILE B 205 -25.60 -31.70 -15.44
N CYS B 206 -25.30 -31.14 -16.61
CA CYS B 206 -23.94 -30.71 -16.92
C CYS B 206 -24.00 -29.83 -18.16
N SER B 207 -22.85 -29.35 -18.58
CA SER B 207 -22.73 -28.43 -19.70
C SER B 207 -21.30 -28.53 -20.23
N CYS B 208 -20.88 -27.53 -20.99
CA CYS B 208 -19.55 -27.50 -21.58
C CYS B 208 -18.47 -27.54 -20.51
N CYS B 209 -17.66 -28.60 -20.54
CA CYS B 209 -16.63 -28.86 -19.55
C CYS B 209 -15.27 -28.38 -20.04
N GLU B 210 -14.37 -28.18 -19.08
CA GLU B 210 -13.00 -27.77 -19.39
C GLU B 210 -12.18 -28.96 -19.87
N GLU B 211 -11.27 -28.68 -20.80
CA GLU B 211 -10.44 -29.72 -21.37
C GLU B 211 -9.47 -30.25 -20.31
N GLY B 212 -9.36 -31.57 -20.23
CA GLY B 212 -8.39 -32.21 -19.36
C GLY B 212 -8.63 -31.96 -17.88
N TYR B 213 -9.88 -32.04 -17.45
CA TYR B 213 -10.23 -31.87 -16.04
C TYR B 213 -11.40 -32.78 -15.72
N VAL B 214 -11.47 -33.18 -14.47
CA VAL B 214 -12.42 -34.20 -14.03
C VAL B 214 -13.77 -33.56 -13.71
N THR B 215 -14.82 -34.32 -13.96
CA THR B 215 -16.19 -33.94 -13.64
C THR B 215 -16.96 -35.18 -13.23
N GLY B 216 -18.13 -34.95 -12.63
CA GLY B 216 -19.00 -36.06 -12.28
C GLY B 216 -19.52 -36.77 -13.52
N GLY B 217 -19.75 -38.08 -13.36
CA GLY B 217 -20.25 -38.92 -14.42
C GLY B 217 -19.18 -39.61 -15.22
N HIS B 218 -18.02 -38.98 -15.38
CA HIS B 218 -16.93 -39.59 -16.14
C HIS B 218 -16.36 -40.76 -15.38
N VAL B 219 -16.33 -41.92 -16.03
CA VAL B 219 -15.76 -43.12 -15.45
C VAL B 219 -14.25 -43.10 -15.63
N LEU B 220 -13.54 -43.52 -14.59
CA LEU B 220 -12.09 -43.38 -14.51
C LEU B 220 -11.50 -44.61 -13.86
N ARG B 221 -10.19 -44.78 -14.05
CA ARG B 221 -9.40 -45.86 -13.46
C ARG B 221 -8.43 -45.27 -12.45
N LEU B 222 -8.47 -45.80 -11.23
CA LEU B 222 -7.65 -45.29 -10.14
C LEU B 222 -6.28 -45.96 -10.20
N PHE B 223 -5.24 -45.14 -10.31
CA PHE B 223 -3.86 -45.58 -10.38
C PHE B 223 -3.16 -45.35 -9.05
N HIS B 224 -2.10 -46.13 -8.82
CA HIS B 224 -1.33 -46.12 -7.59
C HIS B 224 0.13 -46.37 -7.96
N GLY B 225 1.03 -45.96 -7.06
CA GLY B 225 2.44 -46.02 -7.40
C GLY B 225 2.74 -45.02 -8.51
N HIS B 226 3.69 -45.39 -9.36
CA HIS B 226 4.02 -44.55 -10.51
C HIS B 226 3.03 -44.77 -11.65
N MET B 227 2.93 -46.02 -12.17
CA MET B 227 1.88 -46.39 -13.12
C MET B 227 1.33 -47.80 -12.94
N ASP B 228 2.07 -48.74 -12.36
CA ASP B 228 1.79 -50.17 -12.51
C ASP B 228 0.94 -50.71 -11.37
N GLU B 229 -0.18 -50.06 -11.07
CA GLU B 229 -1.13 -50.54 -10.08
C GLU B 229 -2.49 -49.99 -10.42
N CYS B 230 -3.52 -50.77 -10.11
CA CYS B 230 -4.90 -50.39 -10.37
C CYS B 230 -5.82 -51.04 -9.35
N LEU B 231 -6.72 -50.25 -8.79
CA LEU B 231 -7.72 -50.79 -7.88
C LEU B 231 -8.77 -51.56 -8.67
N THR B 232 -9.13 -52.73 -8.15
CA THR B 232 -10.12 -53.56 -8.84
C THR B 232 -10.66 -54.60 -7.89
N ILE B 233 -11.79 -55.14 -8.27
CA ILE B 233 -12.40 -56.32 -7.66
C ILE B 233 -11.84 -57.52 -8.43
N SER B 234 -11.73 -58.66 -7.76
CA SER B 234 -11.28 -59.87 -8.43
C SER B 234 -12.26 -60.30 -9.52
N ALA B 235 -11.76 -61.06 -10.47
CA ALA B 235 -12.56 -61.51 -11.59
C ALA B 235 -13.64 -62.48 -11.12
N ALA B 236 -14.59 -62.73 -12.02
CA ALA B 236 -15.72 -63.58 -11.71
C ALA B 236 -15.27 -65.03 -11.53
N ASP B 237 -16.20 -65.85 -11.06
CA ASP B 237 -15.94 -67.23 -10.65
C ASP B 237 -14.82 -67.28 -9.60
N SER B 238 -15.09 -66.61 -8.48
CA SER B 238 -14.15 -66.47 -7.38
C SER B 238 -14.89 -66.68 -6.07
N ASP B 239 -14.13 -67.07 -5.05
CA ASP B 239 -14.72 -67.39 -3.75
C ASP B 239 -15.17 -66.14 -3.00
N ASP B 240 -14.59 -64.98 -3.28
CA ASP B 240 -14.99 -63.76 -2.59
C ASP B 240 -16.34 -63.22 -3.03
N GLN B 241 -16.95 -63.76 -4.08
CA GLN B 241 -18.19 -63.26 -4.68
C GLN B 241 -18.06 -61.84 -5.23
N ARG B 242 -16.82 -61.41 -5.55
CA ARG B 242 -16.53 -60.09 -6.12
C ARG B 242 -17.07 -58.96 -5.22
N ARG B 243 -16.49 -58.87 -4.02
CA ARG B 243 -16.82 -57.84 -3.05
C ARG B 243 -15.61 -57.18 -2.42
N LEU B 244 -14.45 -57.83 -2.41
CA LEU B 244 -13.21 -57.22 -1.94
C LEU B 244 -12.59 -56.37 -3.04
N VAL B 245 -11.60 -55.56 -2.66
CA VAL B 245 -10.87 -54.69 -3.55
C VAL B 245 -9.38 -54.90 -3.30
N TYR B 246 -8.61 -54.95 -4.39
CA TYR B 246 -7.17 -55.20 -4.35
C TYR B 246 -6.46 -54.26 -5.30
N TYR B 247 -5.20 -53.97 -4.99
CA TYR B 247 -4.33 -53.15 -5.84
C TYR B 247 -3.58 -54.09 -6.78
N GLU B 248 -4.29 -54.54 -7.81
CA GLU B 248 -3.71 -55.47 -8.77
C GLU B 248 -2.75 -54.74 -9.70
N GLY B 249 -1.93 -55.52 -10.39
CA GLY B 249 -0.89 -55.00 -11.24
C GLY B 249 -1.42 -54.43 -12.54
N GLY B 250 -0.53 -54.41 -13.54
CA GLY B 250 -0.81 -53.81 -14.82
C GLY B 250 -1.53 -54.67 -15.84
N ALA B 251 -1.72 -55.96 -15.56
CA ALA B 251 -2.43 -56.82 -16.50
C ALA B 251 -3.90 -56.42 -16.60
N VAL B 252 -4.52 -56.09 -15.46
CA VAL B 252 -5.94 -55.73 -15.43
C VAL B 252 -6.20 -54.28 -15.83
N CYS B 253 -5.15 -53.52 -16.22
CA CYS B 253 -5.33 -52.11 -16.49
C CYS B 253 -6.20 -51.87 -17.72
N THR B 254 -6.03 -52.68 -18.76
CA THR B 254 -6.85 -52.56 -19.96
C THR B 254 -8.24 -53.16 -19.80
N HIS B 255 -8.41 -54.10 -18.88
CA HIS B 255 -9.66 -54.83 -18.80
C HIS B 255 -10.77 -53.93 -18.24
N ALA B 256 -11.99 -54.45 -18.32
CA ALA B 256 -13.19 -53.77 -17.84
C ALA B 256 -13.52 -54.11 -16.39
N ARG B 257 -12.52 -54.54 -15.61
CA ARG B 257 -12.72 -54.91 -14.21
C ARG B 257 -12.53 -53.74 -13.27
N SER B 258 -11.63 -52.82 -13.60
CA SER B 258 -11.24 -51.72 -12.74
C SER B 258 -12.01 -50.43 -13.04
N LEU B 259 -13.24 -50.56 -13.52
CA LEU B 259 -14.04 -49.40 -13.91
C LEU B 259 -14.82 -48.89 -12.71
N TRP B 260 -14.72 -47.58 -12.47
CA TRP B 260 -15.40 -46.90 -11.37
C TRP B 260 -16.07 -45.64 -11.89
N ARG B 261 -17.24 -45.34 -11.34
CA ARG B 261 -18.03 -44.17 -11.70
C ARG B 261 -18.10 -43.25 -10.49
N LEU B 262 -17.81 -41.97 -10.71
CA LEU B 262 -17.87 -40.94 -9.68
C LEU B 262 -19.24 -40.29 -9.73
N GLU B 263 -20.08 -40.60 -8.75
CA GLU B 263 -21.44 -40.09 -8.64
C GLU B 263 -21.51 -39.13 -7.45
N PRO B 264 -21.53 -37.81 -7.67
CA PRO B 264 -21.81 -36.90 -6.55
C PRO B 264 -23.20 -37.09 -5.97
N LEU B 265 -23.41 -36.45 -4.82
CA LEU B 265 -24.58 -36.75 -4.01
C LEU B 265 -25.86 -36.23 -4.65
N ARG B 266 -25.95 -34.92 -4.86
CA ARG B 266 -27.19 -34.30 -5.30
C ARG B 266 -27.34 -34.41 -6.81
N ILE B 267 -28.61 -34.48 -7.23
CA ILE B 267 -28.91 -34.70 -8.64
C ILE B 267 -28.56 -33.46 -9.45
N SER B 268 -28.86 -32.28 -8.93
CA SER B 268 -28.72 -31.05 -9.70
C SER B 268 -27.26 -30.74 -9.95
N TRP B 269 -26.89 -30.63 -11.23
CA TRP B 269 -25.53 -30.27 -11.67
C TRP B 269 -24.51 -31.29 -11.15
N SER B 270 -24.81 -32.56 -11.41
CA SER B 270 -23.94 -33.63 -10.95
C SER B 270 -22.59 -33.61 -11.65
N GLY B 271 -22.56 -33.19 -12.92
CA GLY B 271 -21.33 -33.21 -13.70
C GLY B 271 -20.54 -31.91 -13.63
N SER B 272 -20.64 -31.21 -12.50
CA SER B 272 -19.87 -30.00 -12.32
C SER B 272 -18.39 -30.33 -12.11
N HIS B 273 -17.57 -29.29 -12.10
CA HIS B 273 -16.14 -29.47 -11.86
C HIS B 273 -15.92 -29.90 -10.41
N LEU B 274 -15.37 -31.10 -10.24
CA LEU B 274 -15.13 -31.61 -8.90
C LEU B 274 -14.02 -30.83 -8.23
N ARG B 275 -14.11 -30.75 -6.89
CA ARG B 275 -13.21 -29.98 -6.05
C ARG B 275 -12.72 -30.86 -4.92
N TRP B 276 -11.67 -30.39 -4.26
CA TRP B 276 -11.10 -31.12 -3.13
C TRP B 276 -12.05 -31.11 -1.96
N GLY B 277 -12.19 -32.25 -1.30
CA GLY B 277 -13.08 -32.38 -0.17
C GLY B 277 -14.56 -32.47 -0.51
N GLN B 278 -14.91 -32.50 -1.78
CA GLN B 278 -16.32 -32.62 -2.16
C GLN B 278 -16.81 -34.02 -1.80
N PRO B 279 -17.93 -34.17 -1.07
CA PRO B 279 -18.48 -35.52 -0.91
C PRO B 279 -18.95 -36.09 -2.23
N LEU B 280 -18.80 -37.39 -2.39
CA LEU B 280 -19.23 -38.08 -3.59
C LEU B 280 -19.41 -39.55 -3.25
N ARG B 281 -19.70 -40.34 -4.28
CA ARG B 281 -19.93 -41.78 -4.15
C ARG B 281 -19.26 -42.49 -5.30
N ILE B 282 -18.85 -43.73 -5.05
CA ILE B 282 -18.16 -44.59 -6.01
C ILE B 282 -19.12 -45.71 -6.40
N ARG B 283 -19.14 -46.01 -7.70
CA ARG B 283 -20.09 -46.92 -8.30
C ARG B 283 -19.31 -47.83 -9.25
N HIS B 284 -19.25 -49.12 -8.92
CA HIS B 284 -18.68 -50.10 -9.83
C HIS B 284 -19.67 -50.36 -10.95
N VAL B 285 -19.37 -49.83 -12.14
CA VAL B 285 -20.32 -49.87 -13.24
C VAL B 285 -20.51 -51.29 -13.77
N THR B 286 -19.46 -52.12 -13.71
CA THR B 286 -19.55 -53.44 -14.30
C THR B 286 -20.47 -54.34 -13.50
N THR B 287 -20.33 -54.31 -12.18
CA THR B 287 -21.17 -55.08 -11.27
C THR B 287 -22.40 -54.32 -10.79
N GLY B 288 -22.42 -53.00 -10.91
CA GLY B 288 -23.53 -52.20 -10.42
C GLY B 288 -23.53 -51.96 -8.93
N ARG B 289 -22.40 -52.15 -8.25
CA ARG B 289 -22.28 -52.06 -6.81
C ARG B 289 -21.62 -50.74 -6.42
N TYR B 290 -21.57 -50.51 -5.11
CA TYR B 290 -21.03 -49.28 -4.53
C TYR B 290 -19.99 -49.63 -3.48
N LEU B 291 -18.88 -48.91 -3.51
CA LEU B 291 -17.87 -49.03 -2.47
C LEU B 291 -18.37 -48.37 -1.19
N ALA B 292 -18.07 -48.99 -0.06
CA ALA B 292 -18.52 -48.46 1.23
C ALA B 292 -17.71 -49.12 2.34
N LEU B 293 -18.09 -48.82 3.59
CA LEU B 293 -17.52 -49.41 4.79
C LEU B 293 -18.69 -49.80 5.69
N THR B 294 -19.19 -51.02 5.52
CA THR B 294 -20.34 -51.47 6.30
C THR B 294 -19.99 -51.88 7.72
N GLU B 295 -18.72 -52.12 8.03
CA GLU B 295 -18.14 -52.38 9.35
C GLU B 295 -18.39 -53.81 9.84
N ASP B 296 -19.23 -54.61 9.16
CA ASP B 296 -19.42 -55.99 9.58
C ASP B 296 -18.19 -56.84 9.30
N GLN B 297 -17.44 -56.52 8.24
CA GLN B 297 -16.15 -57.12 7.92
C GLN B 297 -15.07 -56.07 7.71
N GLY B 298 -15.40 -54.91 7.14
CA GLY B 298 -14.46 -53.86 6.87
C GLY B 298 -14.78 -53.12 5.59
N LEU B 299 -13.75 -52.60 4.93
CA LEU B 299 -13.93 -51.97 3.63
C LEU B 299 -14.37 -53.01 2.62
N VAL B 300 -15.54 -52.79 2.02
CA VAL B 300 -16.18 -53.80 1.18
C VAL B 300 -17.12 -53.10 0.23
N VAL B 301 -17.45 -53.77 -0.88
CA VAL B 301 -18.27 -53.23 -1.95
C VAL B 301 -19.68 -53.75 -1.72
N VAL B 302 -20.56 -52.89 -1.26
CA VAL B 302 -21.92 -53.25 -0.88
C VAL B 302 -22.86 -53.06 -2.06
N ASP B 303 -24.05 -53.64 -1.94
CA ASP B 303 -25.08 -53.47 -2.94
C ASP B 303 -25.67 -52.07 -2.90
N ALA B 304 -26.28 -51.67 -4.02
CA ALA B 304 -26.86 -50.33 -4.12
C ALA B 304 -28.04 -50.16 -3.18
N CYS B 305 -28.77 -51.23 -2.87
CA CYS B 305 -29.97 -51.15 -2.05
C CYS B 305 -29.70 -51.20 -0.54
N LYS B 306 -28.45 -50.93 -0.12
CA LYS B 306 -28.10 -50.85 1.30
C LYS B 306 -27.16 -49.69 1.57
N ALA B 307 -27.24 -48.63 0.75
CA ALA B 307 -26.32 -47.50 0.81
C ALA B 307 -26.94 -46.40 1.67
N HIS B 308 -26.33 -46.15 2.82
CA HIS B 308 -26.82 -45.15 3.77
C HIS B 308 -26.31 -43.74 3.51
N THR B 309 -25.48 -43.53 2.49
CA THR B 309 -24.96 -42.22 2.10
C THR B 309 -24.05 -41.58 3.14
N LYS B 310 -23.53 -42.36 4.11
CA LYS B 310 -22.48 -41.93 5.04
C LYS B 310 -21.32 -42.92 5.11
N ALA B 311 -21.62 -44.22 5.08
CA ALA B 311 -20.58 -45.22 4.90
C ALA B 311 -20.16 -45.30 3.43
N THR B 312 -21.12 -45.13 2.52
CA THR B 312 -20.83 -45.18 1.09
C THR B 312 -20.16 -43.91 0.61
N SER B 313 -20.44 -42.77 1.24
CA SER B 313 -19.91 -41.51 0.77
C SER B 313 -18.41 -41.40 1.02
N PHE B 314 -17.73 -40.72 0.11
CA PHE B 314 -16.29 -40.54 0.15
C PHE B 314 -15.97 -39.12 -0.33
N CYS B 315 -14.72 -38.70 -0.10
CA CYS B 315 -14.26 -37.40 -0.56
C CYS B 315 -12.76 -37.44 -0.75
N PHE B 316 -12.26 -36.59 -1.63
CA PHE B 316 -10.85 -36.44 -1.91
C PHE B 316 -10.24 -35.43 -0.95
N ARG B 317 -8.91 -35.30 -1.00
CA ARG B 317 -8.21 -34.34 -0.17
C ARG B 317 -6.91 -33.95 -0.86
N VAL B 318 -6.49 -32.71 -0.62
CA VAL B 318 -5.28 -32.17 -1.25
C VAL B 318 -4.05 -32.94 -0.78
N SER B 319 -4.01 -33.30 0.50
CA SER B 319 -2.84 -33.94 1.08
C SER B 319 -3.26 -34.63 2.37
N LYS B 320 -2.36 -35.46 2.89
CA LYS B 320 -2.60 -36.18 4.13
C LYS B 320 -2.39 -35.31 5.38
N GLU B 321 -2.03 -34.04 5.23
CA GLU B 321 -1.97 -33.14 6.38
C GLU B 321 -3.35 -33.00 7.00
N LYS B 322 -3.42 -33.11 8.33
CA LYS B 322 -4.69 -33.15 9.03
C LYS B 322 -5.27 -31.74 9.05
N LEU B 323 -6.37 -31.55 8.33
CA LEU B 323 -7.13 -30.31 8.29
C LEU B 323 -8.59 -30.64 8.51
N ASP B 324 -9.24 -29.86 9.37
CA ASP B 324 -10.64 -30.13 9.70
C ASP B 324 -11.54 -29.93 8.49
N THR B 325 -11.26 -28.89 7.68
CA THR B 325 -12.09 -28.52 6.54
C THR B 325 -13.51 -28.20 7.00
N ALA B 326 -13.60 -27.45 8.10
CA ALA B 326 -14.90 -27.03 8.61
C ALA B 326 -15.67 -26.13 7.64
N PRO B 327 -15.09 -25.02 7.10
CA PRO B 327 -15.88 -24.22 6.16
C PRO B 327 -16.03 -24.87 4.80
N LYS B 328 -17.24 -25.35 4.51
CA LYS B 328 -17.56 -25.92 3.21
C LYS B 328 -17.72 -24.79 2.19
N ARG B 329 -18.03 -25.18 0.95
CA ARG B 329 -18.32 -24.25 -0.13
C ARG B 329 -19.40 -24.85 -1.01
N ASP B 330 -20.07 -23.97 -1.77
CA ASP B 330 -21.16 -24.41 -2.65
C ASP B 330 -21.35 -23.37 -3.74
N VAL B 331 -21.63 -23.85 -4.95
CA VAL B 331 -21.98 -22.99 -6.07
C VAL B 331 -22.82 -23.79 -7.04
N GLU B 332 -23.81 -23.14 -7.66
CA GLU B 332 -24.69 -23.82 -8.60
C GLU B 332 -24.00 -24.07 -9.93
N GLY B 333 -23.11 -23.17 -10.35
CA GLY B 333 -22.48 -23.28 -11.66
C GLY B 333 -21.42 -24.36 -11.70
N MET B 334 -20.62 -24.31 -12.77
CA MET B 334 -19.53 -25.27 -12.93
C MET B 334 -18.47 -25.09 -11.85
N GLY B 335 -18.11 -23.85 -11.56
CA GLY B 335 -17.03 -23.56 -10.66
C GLY B 335 -15.69 -23.74 -11.34
N PRO B 336 -14.60 -23.48 -10.63
CA PRO B 336 -13.28 -23.61 -11.24
C PRO B 336 -12.94 -25.07 -11.46
N PRO B 337 -12.03 -25.39 -12.40
CA PRO B 337 -11.48 -26.75 -12.45
C PRO B 337 -10.30 -26.88 -11.48
N GLU B 338 -10.43 -27.78 -10.50
CA GLU B 338 -9.38 -28.05 -9.53
C GLU B 338 -8.49 -29.21 -9.97
N ILE B 339 -9.09 -30.39 -10.15
CA ILE B 339 -8.36 -31.64 -10.28
C ILE B 339 -8.26 -31.97 -11.76
N LYS B 340 -7.03 -32.03 -12.26
CA LYS B 340 -6.72 -32.38 -13.64
C LYS B 340 -6.20 -33.81 -13.70
N TYR B 341 -6.52 -34.49 -14.81
CA TYR B 341 -6.03 -35.84 -15.00
C TYR B 341 -4.52 -35.85 -15.18
N GLY B 342 -3.95 -37.02 -15.03
CA GLY B 342 -2.51 -37.23 -15.24
C GLY B 342 -1.65 -36.98 -14.03
N GLU B 343 -1.82 -35.83 -13.38
CA GLU B 343 -0.99 -35.39 -12.26
C GLU B 343 -1.91 -34.80 -11.20
N SER B 344 -2.35 -35.64 -10.26
CA SER B 344 -3.09 -35.24 -9.08
C SER B 344 -2.39 -35.66 -7.79
N LEU B 345 -1.99 -36.94 -7.69
CA LEU B 345 -1.38 -37.50 -6.48
C LEU B 345 -2.30 -37.33 -5.27
N CYS B 346 -3.59 -37.55 -5.49
CA CYS B 346 -4.62 -37.27 -4.50
C CYS B 346 -4.79 -38.44 -3.52
N PHE B 347 -5.48 -38.13 -2.43
CA PHE B 347 -5.83 -39.09 -1.38
C PHE B 347 -7.33 -39.03 -1.16
N VAL B 348 -7.88 -40.15 -0.68
CA VAL B 348 -9.31 -40.35 -0.53
C VAL B 348 -9.58 -40.97 0.84
N GLN B 349 -10.66 -40.53 1.48
CA GLN B 349 -11.07 -41.04 2.77
C GLN B 349 -12.58 -40.92 2.88
N HIS B 350 -13.11 -41.34 4.02
CA HIS B 350 -14.54 -41.23 4.28
C HIS B 350 -14.91 -39.79 4.61
N VAL B 351 -16.17 -39.44 4.34
CA VAL B 351 -16.66 -38.13 4.72
C VAL B 351 -16.88 -38.06 6.23
N ALA B 352 -17.31 -39.15 6.84
CA ALA B 352 -17.60 -39.19 8.28
C ALA B 352 -16.34 -39.41 9.09
N SER B 353 -15.70 -40.57 8.89
CA SER B 353 -14.53 -40.91 9.69
C SER B 353 -13.29 -40.15 9.26
N GLY B 354 -13.14 -39.87 7.97
CA GLY B 354 -11.90 -39.31 7.49
C GLY B 354 -10.72 -40.25 7.59
N LEU B 355 -10.98 -41.56 7.57
CA LEU B 355 -9.96 -42.57 7.79
C LEU B 355 -9.36 -42.98 6.45
N TRP B 356 -8.07 -42.73 6.28
CA TRP B 356 -7.42 -42.99 5.00
C TRP B 356 -7.34 -44.49 4.72
N LEU B 357 -7.64 -44.86 3.47
CA LEU B 357 -7.50 -46.23 3.00
C LEU B 357 -6.12 -46.42 2.42
N THR B 358 -5.48 -47.53 2.77
CA THR B 358 -4.19 -47.89 2.17
C THR B 358 -3.99 -49.38 2.34
N TYR B 359 -3.17 -49.95 1.46
CA TYR B 359 -2.65 -51.29 1.64
C TYR B 359 -1.73 -51.35 2.85
N ALA B 360 -1.47 -52.58 3.31
CA ALA B 360 -0.54 -52.87 4.40
C ALA B 360 0.42 -54.02 4.11
N ALA B 361 0.08 -54.93 3.20
CA ALA B 361 0.83 -56.16 2.95
C ALA B 361 1.08 -56.99 4.21
N PRO B 362 0.02 -57.51 4.85
CA PRO B 362 0.20 -58.41 6.00
C PRO B 362 0.24 -59.89 5.63
N ASP B 363 0.33 -60.23 4.35
CA ASP B 363 0.00 -61.56 3.90
C ASP B 363 1.07 -62.58 4.31
N PRO B 364 0.73 -63.91 4.32
CA PRO B 364 1.78 -64.92 4.56
C PRO B 364 2.67 -65.12 3.34
N LYS B 365 3.55 -66.13 3.42
CA LYS B 365 4.43 -66.44 2.30
C LYS B 365 3.66 -66.89 1.07
N ALA B 366 2.51 -67.55 1.25
CA ALA B 366 1.84 -68.21 0.13
C ALA B 366 1.29 -67.20 -0.86
N LEU B 367 0.58 -66.20 -0.36
CA LEU B 367 0.13 -65.12 -1.23
C LEU B 367 1.31 -64.25 -1.66
N ARG B 368 2.35 -64.12 -0.83
CA ARG B 368 3.49 -63.27 -1.16
C ARG B 368 4.22 -63.78 -2.39
N LEU B 369 4.45 -65.09 -2.45
CA LEU B 369 5.08 -65.69 -3.64
C LEU B 369 4.12 -65.80 -4.82
N GLY B 370 2.80 -65.86 -4.56
CA GLY B 370 1.81 -65.98 -5.61
C GLY B 370 1.34 -64.64 -6.15
N VAL B 371 0.03 -64.40 -6.08
CA VAL B 371 -0.55 -63.18 -6.64
C VAL B 371 -0.18 -61.99 -5.77
N LEU B 372 -0.08 -60.83 -6.40
CA LEU B 372 0.28 -59.58 -5.73
C LEU B 372 -0.94 -58.79 -5.27
N LYS B 373 -2.03 -59.47 -4.94
CA LYS B 373 -3.22 -58.78 -4.43
C LYS B 373 -2.94 -58.20 -3.07
N LYS B 374 -3.27 -56.91 -2.90
CA LYS B 374 -3.06 -56.16 -1.66
C LYS B 374 -4.42 -55.65 -1.22
N LYS B 375 -4.99 -56.31 -0.22
CA LYS B 375 -6.27 -55.86 0.34
C LYS B 375 -6.08 -54.52 1.01
N ALA B 376 -6.74 -53.50 0.48
CA ALA B 376 -6.56 -52.11 0.92
C ALA B 376 -7.49 -51.80 2.09
N ILE B 377 -7.29 -52.54 3.17
CA ILE B 377 -8.06 -52.28 4.39
C ILE B 377 -7.58 -50.98 5.01
N LEU B 378 -8.53 -50.13 5.38
CA LEU B 378 -8.21 -48.81 5.89
C LEU B 378 -7.79 -48.85 7.35
N HIS B 379 -6.91 -47.92 7.72
CA HIS B 379 -6.40 -47.82 9.08
C HIS B 379 -5.95 -46.39 9.32
N GLN B 380 -5.59 -46.11 10.56
CA GLN B 380 -5.20 -44.76 10.94
C GLN B 380 -3.87 -44.39 10.30
N GLU B 381 -3.84 -43.22 9.66
CA GLU B 381 -2.70 -42.58 9.01
C GLU B 381 -2.32 -43.21 7.67
N GLY B 382 -2.87 -44.36 7.29
CA GLY B 382 -2.56 -44.96 6.00
C GLY B 382 -1.08 -45.30 5.86
N HIS B 383 -0.51 -44.84 4.75
CA HIS B 383 0.93 -44.86 4.53
C HIS B 383 1.31 -43.62 3.72
N MET B 384 2.60 -43.36 3.65
CA MET B 384 3.10 -42.18 2.97
C MET B 384 2.85 -42.22 1.48
N ASP B 385 2.88 -43.40 0.87
CA ASP B 385 2.75 -43.59 -0.57
C ASP B 385 1.33 -43.90 -1.00
N ASP B 386 0.34 -43.35 -0.30
CA ASP B 386 -1.08 -43.53 -0.63
C ASP B 386 -1.56 -42.59 -1.74
N ALA B 387 -0.68 -41.85 -2.40
CA ALA B 387 -1.10 -40.92 -3.44
C ALA B 387 -1.63 -41.67 -4.64
N LEU B 388 -2.64 -41.09 -5.28
CA LEU B 388 -3.31 -41.69 -6.43
C LEU B 388 -3.53 -40.60 -7.48
N PHE B 389 -3.62 -41.03 -8.73
CA PHE B 389 -3.93 -40.15 -9.85
C PHE B 389 -4.87 -40.87 -10.78
N LEU B 390 -5.52 -40.10 -11.64
CA LEU B 390 -6.68 -40.54 -12.41
C LEU B 390 -6.34 -40.62 -13.89
N THR B 391 -6.94 -41.62 -14.56
CA THR B 391 -6.83 -41.81 -16.00
C THR B 391 -8.22 -42.07 -16.54
N ARG B 392 -8.65 -41.22 -17.47
CA ARG B 392 -9.98 -41.37 -18.05
C ARG B 392 -9.99 -42.46 -19.10
N CYS B 393 -11.14 -43.13 -19.21
CA CYS B 393 -11.36 -44.21 -20.15
C CYS B 393 -12.05 -43.68 -21.40
N GLN B 394 -11.80 -44.35 -22.52
CA GLN B 394 -12.38 -43.96 -23.78
C GLN B 394 -13.86 -44.33 -23.82
N GLN B 395 -14.53 -43.88 -24.89
CA GLN B 395 -15.99 -43.96 -24.98
C GLN B 395 -16.48 -45.40 -25.04
N GLU B 396 -15.76 -46.27 -25.75
CA GLU B 396 -16.29 -47.59 -26.08
C GLU B 396 -16.41 -48.48 -24.85
N GLU B 397 -15.40 -48.44 -23.98
CA GLU B 397 -15.31 -49.43 -22.90
C GLU B 397 -16.38 -49.20 -21.85
N SER B 398 -16.72 -47.94 -21.58
CA SER B 398 -17.77 -47.65 -20.60
C SER B 398 -19.11 -48.14 -21.09
N GLN B 399 -19.40 -47.90 -22.37
CA GLN B 399 -20.63 -48.38 -22.98
C GLN B 399 -20.68 -49.90 -22.95
N ALA B 400 -19.57 -50.55 -23.29
CA ALA B 400 -19.50 -52.00 -23.30
C ALA B 400 -19.71 -52.57 -21.91
N ALA B 401 -19.15 -51.91 -20.89
CA ALA B 401 -19.32 -52.38 -19.52
C ALA B 401 -20.77 -52.27 -19.08
N ARG B 402 -21.45 -51.20 -19.48
CA ARG B 402 -22.85 -51.08 -19.12
C ARG B 402 -23.70 -52.14 -19.82
N MET B 403 -23.40 -52.42 -21.09
CA MET B 403 -24.10 -53.50 -21.78
C MET B 403 -23.83 -54.84 -21.11
N ILE B 404 -22.61 -55.03 -20.63
CA ILE B 404 -22.25 -56.26 -19.92
C ILE B 404 -23.09 -56.39 -18.66
N HIS B 405 -23.23 -55.29 -17.92
CA HIS B 405 -24.00 -55.33 -16.67
C HIS B 405 -25.47 -55.63 -16.94
N SER B 406 -26.04 -54.97 -17.95
CA SER B 406 -27.46 -55.17 -18.24
C SER B 406 -27.73 -56.58 -18.76
N THR B 407 -26.88 -57.06 -19.66
CA THR B 407 -27.07 -58.40 -20.20
C THR B 407 -26.83 -59.46 -19.13
N ALA B 408 -25.86 -59.23 -18.25
CA ALA B 408 -25.62 -60.15 -17.16
C ALA B 408 -26.81 -60.22 -16.22
N GLY B 409 -27.41 -59.07 -15.91
CA GLY B 409 -28.59 -59.08 -15.05
C GLY B 409 -29.77 -59.79 -15.70
N LEU B 410 -30.01 -59.51 -16.98
CA LEU B 410 -31.13 -60.14 -17.68
C LEU B 410 -30.93 -61.65 -17.79
N TYR B 411 -29.72 -62.08 -18.15
CA TYR B 411 -29.48 -63.51 -18.32
C TYR B 411 -29.42 -64.22 -16.97
N ASN B 412 -29.01 -63.54 -15.91
CA ASN B 412 -29.08 -64.14 -14.59
C ASN B 412 -30.52 -64.32 -14.15
N GLN B 413 -31.38 -63.34 -14.47
CA GLN B 413 -32.81 -63.51 -14.21
C GLN B 413 -33.37 -64.68 -15.02
N PHE B 414 -32.92 -64.81 -16.27
CA PHE B 414 -33.35 -65.90 -17.12
C PHE B 414 -32.95 -67.25 -16.53
N ILE B 415 -31.70 -67.36 -16.09
CA ILE B 415 -31.19 -68.61 -15.53
C ILE B 415 -31.93 -68.95 -14.24
N LYS B 416 -32.19 -67.94 -13.41
CA LYS B 416 -32.93 -68.16 -12.18
C LYS B 416 -34.34 -68.63 -12.47
N GLY B 417 -34.98 -68.05 -13.49
CA GLY B 417 -36.31 -68.49 -13.88
C GLY B 417 -36.33 -69.92 -14.37
N LEU B 418 -35.39 -70.27 -15.25
CA LEU B 418 -35.35 -71.63 -15.78
C LEU B 418 -35.04 -72.65 -14.70
N ASP B 419 -34.15 -72.31 -13.76
CA ASP B 419 -33.90 -73.19 -12.64
C ASP B 419 -35.05 -73.24 -11.66
N SER B 420 -35.94 -72.24 -11.66
CA SER B 420 -37.06 -72.24 -10.72
C SER B 420 -38.02 -73.39 -10.99
N PHE B 421 -38.31 -73.66 -12.27
CA PHE B 421 -39.26 -74.70 -12.70
C PHE B 421 -38.56 -75.87 -13.39
N SER B 422 -37.26 -76.06 -13.17
CA SER B 422 -36.55 -77.13 -13.85
C SER B 422 -37.00 -78.50 -13.34
N GLY B 423 -36.79 -78.76 -12.06
CA GLY B 423 -37.17 -80.01 -11.43
C GLY B 423 -38.54 -79.94 -10.80
N LYS B 424 -39.57 -79.78 -11.64
CA LYS B 424 -40.94 -79.63 -11.16
C LYS B 424 -41.92 -80.08 -12.25
N PRO B 425 -42.55 -81.24 -12.14
CA PRO B 425 -43.70 -81.53 -13.01
C PRO B 425 -44.81 -80.52 -12.79
N ARG B 426 -45.56 -80.24 -13.86
CA ARG B 426 -46.61 -79.24 -13.84
C ARG B 426 -47.68 -79.65 -14.83
N GLY B 427 -48.94 -79.40 -14.45
CA GLY B 427 -50.10 -79.83 -15.23
C GLY B 427 -50.64 -78.78 -16.17
N SER B 428 -51.96 -78.72 -16.31
CA SER B 428 -52.62 -77.73 -17.17
C SER B 428 -52.78 -76.44 -16.39
N GLY B 429 -51.85 -75.51 -16.58
CA GLY B 429 -51.90 -74.22 -15.93
C GLY B 429 -50.58 -73.49 -16.05
N PRO B 430 -50.51 -72.27 -15.50
CA PRO B 430 -49.25 -71.53 -15.55
C PRO B 430 -48.24 -72.16 -14.61
N PRO B 431 -46.94 -71.97 -14.87
CA PRO B 431 -45.94 -72.64 -14.02
C PRO B 431 -45.77 -71.98 -12.65
N ALA B 432 -45.68 -70.66 -12.64
CA ALA B 432 -45.40 -69.91 -11.42
C ALA B 432 -45.73 -68.45 -11.69
N GLY B 433 -45.48 -67.61 -10.70
CA GLY B 433 -45.76 -66.20 -10.79
C GLY B 433 -44.90 -65.49 -11.82
N PRO B 434 -43.58 -65.37 -11.59
CA PRO B 434 -42.74 -64.59 -12.49
C PRO B 434 -42.43 -65.37 -13.77
N ALA B 435 -43.06 -64.96 -14.86
CA ALA B 435 -42.77 -65.52 -16.16
C ALA B 435 -41.44 -64.95 -16.66
N LEU B 436 -40.89 -65.60 -17.68
CA LEU B 436 -39.59 -65.22 -18.20
C LEU B 436 -39.72 -63.95 -19.05
N PRO B 437 -38.62 -63.17 -19.20
CA PRO B 437 -38.66 -61.98 -20.07
C PRO B 437 -38.30 -62.34 -21.52
N ILE B 438 -39.27 -62.90 -22.23
CA ILE B 438 -39.01 -63.49 -23.55
C ILE B 438 -38.69 -62.40 -24.56
N GLU B 439 -39.55 -61.38 -24.65
CA GLU B 439 -39.39 -60.35 -25.68
C GLU B 439 -38.15 -59.52 -25.44
N ALA B 440 -37.89 -59.17 -24.18
CA ALA B 440 -36.71 -58.40 -23.84
C ALA B 440 -35.44 -59.16 -24.17
N VAL B 441 -35.44 -60.46 -23.89
CA VAL B 441 -34.27 -61.28 -24.17
C VAL B 441 -34.06 -61.41 -25.68
N ILE B 442 -35.16 -61.51 -26.44
CA ILE B 442 -35.04 -61.65 -27.89
C ILE B 442 -34.45 -60.37 -28.48
N LEU B 443 -34.96 -59.22 -28.05
CA LEU B 443 -34.44 -57.94 -28.53
C LEU B 443 -32.99 -57.77 -28.12
N SER B 444 -32.64 -58.23 -26.92
CA SER B 444 -31.26 -58.19 -26.46
C SER B 444 -30.36 -59.01 -27.35
N LEU B 445 -30.78 -60.24 -27.67
CA LEU B 445 -29.94 -61.12 -28.50
C LEU B 445 -29.75 -60.54 -29.89
N GLN B 446 -30.82 -59.97 -30.46
CA GLN B 446 -30.74 -59.36 -31.78
C GLN B 446 -29.79 -58.16 -31.77
N ASP B 447 -29.90 -57.30 -30.75
CA ASP B 447 -29.06 -56.12 -30.71
C ASP B 447 -27.60 -56.50 -30.44
N LEU B 448 -27.37 -57.53 -29.62
CA LEU B 448 -26.00 -57.93 -29.34
C LEU B 448 -25.33 -58.55 -30.57
N ILE B 449 -26.06 -59.37 -31.34
CA ILE B 449 -25.43 -59.90 -32.55
C ILE B 449 -25.22 -58.79 -33.57
N GLY B 450 -26.12 -57.81 -33.62
CA GLY B 450 -25.88 -56.67 -34.47
C GLY B 450 -24.68 -55.86 -34.05
N TYR B 451 -24.39 -55.81 -32.75
CA TYR B 451 -23.30 -54.97 -32.25
C TYR B 451 -21.94 -55.52 -32.65
N PHE B 452 -21.75 -56.83 -32.53
CA PHE B 452 -20.46 -57.47 -32.80
C PHE B 452 -20.28 -57.84 -34.28
N GLU B 453 -21.12 -57.30 -35.18
CA GLU B 453 -21.03 -57.65 -36.58
C GLU B 453 -19.73 -57.13 -37.18
N PRO B 454 -19.01 -57.90 -38.00
CA PRO B 454 -17.72 -57.44 -38.46
C PRO B 454 -17.87 -56.38 -39.53
N PRO B 455 -16.80 -55.63 -39.83
CA PRO B 455 -16.93 -54.55 -40.81
C PRO B 455 -16.99 -55.09 -42.22
N SER B 456 -17.45 -54.24 -43.12
CA SER B 456 -17.55 -54.61 -44.53
C SER B 456 -16.16 -54.72 -45.14
N GLU B 457 -15.93 -55.82 -45.84
CA GLU B 457 -14.65 -56.02 -46.50
C GLU B 457 -14.43 -55.04 -47.66
N GLU B 458 -15.50 -54.49 -48.24
CA GLU B 458 -15.35 -53.52 -49.32
C GLU B 458 -14.73 -52.21 -48.85
N LEU B 459 -14.76 -51.91 -47.55
CA LEU B 459 -14.26 -50.65 -47.05
C LEU B 459 -12.74 -50.57 -47.22
N GLN B 460 -12.23 -49.35 -47.10
CA GLN B 460 -10.81 -49.09 -47.29
C GLN B 460 -10.00 -49.77 -46.20
N HIS B 461 -8.69 -49.89 -46.45
CA HIS B 461 -7.84 -50.77 -45.66
C HIS B 461 -7.64 -50.25 -44.24
N GLU B 462 -7.30 -48.97 -44.10
CA GLU B 462 -6.87 -48.45 -42.81
C GLU B 462 -8.01 -48.40 -41.81
N GLU B 463 -9.14 -47.84 -42.21
CA GLU B 463 -10.30 -47.79 -41.32
C GLU B 463 -10.84 -49.19 -41.04
N LYS B 464 -10.72 -50.09 -42.01
CA LYS B 464 -11.10 -51.48 -41.77
C LYS B 464 -10.22 -52.10 -40.69
N GLN B 465 -8.91 -51.82 -40.73
CA GLN B 465 -8.01 -52.31 -39.70
C GLN B 465 -8.34 -51.73 -38.35
N SER B 466 -8.71 -50.44 -38.33
CA SER B 466 -9.06 -49.80 -37.06
C SER B 466 -10.33 -50.40 -36.47
N LYS B 467 -11.34 -50.64 -37.32
CA LYS B 467 -12.57 -51.28 -36.86
C LYS B 467 -12.30 -52.70 -36.40
N LEU B 468 -11.38 -53.40 -37.07
CA LEU B 468 -11.02 -54.75 -36.66
C LEU B 468 -10.38 -54.74 -35.28
N ARG B 469 -9.49 -53.77 -35.04
CA ARG B 469 -8.85 -53.68 -33.74
C ARG B 469 -9.86 -53.34 -32.66
N SER B 470 -10.82 -52.46 -32.98
CA SER B 470 -11.87 -52.12 -32.03
C SER B 470 -12.72 -53.33 -31.71
N LEU B 471 -13.05 -54.12 -32.72
CA LEU B 471 -13.86 -55.32 -32.49
C LEU B 471 -13.11 -56.35 -31.66
N ARG B 472 -11.81 -56.52 -31.92
CA ARG B 472 -11.01 -57.45 -31.15
C ARG B 472 -10.94 -57.02 -29.69
N ASN B 473 -10.79 -55.71 -29.48
CA ASN B 473 -10.77 -55.17 -28.12
C ASN B 473 -12.11 -55.40 -27.42
N ARG B 474 -13.22 -55.17 -28.14
CA ARG B 474 -14.54 -55.34 -27.54
C ARG B 474 -14.80 -56.79 -27.18
N GLN B 475 -14.35 -57.71 -28.05
CA GLN B 475 -14.47 -59.13 -27.76
C GLN B 475 -13.64 -59.49 -26.52
N SER B 476 -12.45 -58.92 -26.40
CA SER B 476 -11.63 -59.20 -25.23
C SER B 476 -12.27 -58.66 -23.95
N LEU B 477 -12.85 -57.46 -24.02
CA LEU B 477 -13.51 -56.89 -22.84
C LEU B 477 -14.72 -57.72 -22.43
N PHE B 478 -15.47 -58.23 -23.40
CA PHE B 478 -16.61 -59.07 -23.06
C PHE B 478 -16.16 -60.41 -22.49
N GLN B 479 -15.14 -61.02 -23.09
CA GLN B 479 -14.76 -62.36 -22.70
C GLN B 479 -14.03 -62.41 -21.37
N GLU B 480 -13.29 -61.35 -21.03
CA GLU B 480 -12.53 -61.36 -19.78
C GLU B 480 -13.44 -61.37 -18.57
N GLU B 481 -14.49 -60.56 -18.59
CA GLU B 481 -15.42 -60.52 -17.48
C GLU B 481 -16.35 -61.71 -17.47
N GLY B 482 -16.57 -62.34 -18.63
CA GLY B 482 -17.31 -63.59 -18.73
C GLY B 482 -18.09 -63.69 -20.02
N MET B 483 -19.37 -64.04 -19.90
CA MET B 483 -20.41 -64.03 -20.94
C MET B 483 -20.29 -65.20 -21.91
N LEU B 484 -19.27 -66.04 -21.82
CA LEU B 484 -19.26 -67.35 -22.44
C LEU B 484 -19.83 -68.40 -21.49
N SER B 485 -19.52 -68.25 -20.19
CA SER B 485 -20.09 -69.13 -19.19
C SER B 485 -21.60 -68.96 -19.09
N LEU B 486 -22.07 -67.71 -19.16
CA LEU B 486 -23.51 -67.47 -19.10
C LEU B 486 -24.22 -68.04 -20.31
N VAL B 487 -23.64 -67.84 -21.49
CA VAL B 487 -24.25 -68.34 -22.72
C VAL B 487 -24.23 -69.86 -22.74
N LEU B 488 -23.11 -70.45 -22.31
CA LEU B 488 -23.00 -71.90 -22.25
C LEU B 488 -24.00 -72.48 -21.27
N ASN B 489 -24.15 -71.86 -20.11
CA ASN B 489 -25.10 -72.33 -19.12
C ASN B 489 -26.52 -72.19 -19.64
N CYS B 490 -26.81 -71.10 -20.35
CA CYS B 490 -28.16 -70.87 -20.86
C CYS B 490 -28.53 -71.89 -21.92
N ILE B 491 -27.63 -72.13 -22.87
CA ILE B 491 -27.94 -73.09 -23.93
C ILE B 491 -27.99 -74.51 -23.38
N ASP B 492 -27.13 -74.83 -22.40
CA ASP B 492 -27.19 -76.16 -21.80
C ASP B 492 -28.48 -76.36 -21.03
N ARG B 493 -28.94 -75.34 -20.33
CA ARG B 493 -30.21 -75.42 -19.62
C ARG B 493 -31.37 -75.56 -20.60
N LEU B 494 -31.30 -74.84 -21.72
CA LEU B 494 -32.38 -74.89 -22.69
C LEU B 494 -32.45 -76.25 -23.37
N ASN B 495 -31.28 -76.84 -23.68
CA ASN B 495 -31.23 -78.07 -24.47
C ASN B 495 -31.55 -79.33 -23.67
N VAL B 496 -32.01 -79.21 -22.43
CA VAL B 496 -32.53 -80.38 -21.71
C VAL B 496 -33.76 -80.93 -22.44
N TYR B 497 -34.58 -80.05 -23.00
CA TYR B 497 -35.72 -80.44 -23.82
C TYR B 497 -35.27 -80.68 -25.25
N THR B 498 -36.07 -81.44 -25.99
CA THR B 498 -35.73 -81.93 -27.32
C THR B 498 -36.81 -81.67 -28.36
N THR B 499 -38.08 -81.59 -27.93
CA THR B 499 -39.18 -81.45 -28.89
C THR B 499 -39.14 -80.09 -29.57
N ALA B 500 -38.89 -79.03 -28.79
CA ALA B 500 -38.92 -77.61 -29.12
C ALA B 500 -40.34 -77.05 -29.20
N ALA B 501 -41.39 -77.88 -29.15
CA ALA B 501 -42.78 -77.45 -29.11
C ALA B 501 -43.51 -77.99 -27.89
N HIS B 502 -43.47 -79.30 -27.68
CA HIS B 502 -44.31 -79.98 -26.70
C HIS B 502 -43.62 -80.15 -25.36
N PHE B 503 -42.47 -80.82 -25.34
CA PHE B 503 -41.83 -81.20 -24.08
C PHE B 503 -41.32 -80.00 -23.31
N ALA B 504 -41.09 -78.86 -23.96
CA ALA B 504 -40.82 -77.61 -23.27
C ALA B 504 -42.14 -77.09 -22.69
N GLU B 505 -42.53 -77.69 -21.57
CA GLU B 505 -43.80 -77.42 -20.90
C GLU B 505 -43.66 -76.43 -19.76
N TYR B 506 -42.65 -76.61 -18.91
CA TYR B 506 -42.54 -75.86 -17.67
C TYR B 506 -42.32 -74.37 -17.89
N ALA B 507 -41.82 -73.97 -19.06
CA ALA B 507 -41.72 -72.56 -19.37
C ALA B 507 -43.09 -71.95 -19.58
N GLY B 508 -43.96 -72.64 -20.30
CA GLY B 508 -45.29 -72.15 -20.65
C GLY B 508 -45.60 -72.45 -22.10
N GLU B 509 -46.88 -72.57 -22.41
CA GLU B 509 -47.31 -72.77 -23.80
C GLU B 509 -47.00 -71.54 -24.64
N GLU B 510 -47.00 -70.35 -24.03
CA GLU B 510 -46.63 -69.13 -24.76
C GLU B 510 -45.22 -69.19 -25.30
N ALA B 511 -44.31 -69.86 -24.59
CA ALA B 511 -42.92 -70.00 -25.01
C ALA B 511 -42.70 -71.13 -26.00
N ALA B 512 -43.76 -71.70 -26.58
CA ALA B 512 -43.59 -72.79 -27.55
C ALA B 512 -42.87 -72.31 -28.80
N GLU B 513 -43.28 -71.17 -29.33
CA GLU B 513 -42.69 -70.67 -30.57
C GLU B 513 -41.31 -70.08 -30.36
N SER B 514 -41.07 -69.48 -29.20
CA SER B 514 -39.86 -68.68 -29.01
C SER B 514 -38.60 -69.51 -28.82
N TRP B 515 -38.72 -70.81 -28.53
CA TRP B 515 -37.56 -71.62 -28.16
C TRP B 515 -36.58 -71.77 -29.31
N LYS B 516 -37.10 -72.01 -30.52
CA LYS B 516 -36.25 -72.16 -31.69
C LYS B 516 -35.49 -70.87 -31.98
N GLU B 517 -36.18 -69.74 -31.90
CA GLU B 517 -35.54 -68.45 -32.14
C GLU B 517 -34.48 -68.18 -31.08
N ILE B 518 -34.76 -68.55 -29.83
CA ILE B 518 -33.82 -68.29 -28.74
C ILE B 518 -32.54 -69.09 -28.95
N VAL B 519 -32.68 -70.37 -29.26
CA VAL B 519 -31.50 -71.22 -29.38
C VAL B 519 -30.68 -70.84 -30.61
N ASN B 520 -31.36 -70.53 -31.73
CA ASN B 520 -30.65 -70.13 -32.94
C ASN B 520 -29.90 -68.82 -32.73
N LEU B 521 -30.56 -67.83 -32.12
CA LEU B 521 -29.92 -66.55 -31.90
C LEU B 521 -28.79 -66.67 -30.89
N LEU B 522 -28.92 -67.55 -29.90
CA LEU B 522 -27.85 -67.74 -28.93
C LEU B 522 -26.63 -68.37 -29.58
N SER B 523 -26.85 -69.34 -30.47
CA SER B 523 -25.74 -69.92 -31.21
C SER B 523 -25.05 -68.88 -32.08
N GLU B 524 -25.84 -68.03 -32.75
CA GLU B 524 -25.26 -66.99 -33.58
C GLU B 524 -24.51 -65.96 -32.75
N LEU B 525 -24.98 -65.69 -31.53
CA LEU B 525 -24.30 -64.74 -30.66
C LEU B 525 -22.96 -65.29 -30.21
N LEU B 526 -22.92 -66.59 -29.90
CA LEU B 526 -21.65 -67.23 -29.55
C LEU B 526 -20.70 -67.19 -30.74
N ALA B 527 -21.24 -67.38 -31.94
CA ALA B 527 -20.43 -67.24 -33.15
C ALA B 527 -19.89 -65.83 -33.29
N SER B 528 -20.69 -64.84 -32.94
CA SER B 528 -20.26 -63.46 -33.07
C SER B 528 -19.14 -63.15 -32.11
N LEU B 529 -19.18 -63.72 -30.90
CA LEU B 529 -18.05 -63.53 -29.98
C LEU B 529 -16.80 -64.22 -30.50
N ILE B 530 -16.92 -65.50 -30.86
CA ILE B 530 -15.74 -66.29 -31.12
C ILE B 530 -15.03 -65.93 -32.42
N ARG B 531 -15.65 -65.15 -33.30
CA ARG B 531 -15.05 -64.82 -34.58
C ARG B 531 -13.82 -63.94 -34.41
N GLY B 532 -12.75 -64.29 -35.12
CA GLY B 532 -11.61 -63.42 -35.28
C GLY B 532 -10.56 -63.53 -34.20
N ASN B 533 -10.95 -63.29 -32.95
CA ASN B 533 -9.97 -63.12 -31.89
C ASN B 533 -9.30 -64.44 -31.53
N ARG B 534 -7.98 -64.41 -31.44
CA ARG B 534 -7.22 -65.62 -31.12
C ARG B 534 -7.42 -66.02 -29.66
N ALA B 535 -7.48 -65.04 -28.77
CA ALA B 535 -7.55 -65.33 -27.33
C ALA B 535 -8.88 -65.98 -26.98
N ASN B 536 -9.96 -65.56 -27.63
CA ASN B 536 -11.28 -66.12 -27.34
C ASN B 536 -11.34 -67.61 -27.66
N CYS B 537 -10.92 -67.97 -28.88
CA CYS B 537 -10.95 -69.38 -29.25
C CYS B 537 -9.90 -70.18 -28.50
N ALA B 538 -8.78 -69.54 -28.13
CA ALA B 538 -7.78 -70.21 -27.32
C ALA B 538 -8.34 -70.59 -25.96
N LEU B 539 -9.12 -69.69 -25.36
CA LEU B 539 -9.79 -70.03 -24.11
C LEU B 539 -10.89 -71.06 -24.35
N PHE B 540 -11.63 -70.93 -25.44
CA PHE B 540 -12.79 -71.77 -25.69
C PHE B 540 -12.45 -73.16 -26.20
N SER B 541 -11.17 -73.44 -26.51
CA SER B 541 -10.79 -74.76 -26.99
C SER B 541 -11.04 -75.89 -25.99
N THR B 542 -11.19 -75.57 -24.70
CA THR B 542 -11.49 -76.61 -23.70
C THR B 542 -12.83 -77.28 -23.96
N ASN B 543 -13.78 -76.57 -24.57
CA ASN B 543 -15.16 -77.06 -24.74
C ASN B 543 -15.35 -77.81 -26.06
N LEU B 544 -14.29 -78.43 -26.58
CA LEU B 544 -14.40 -79.19 -27.82
C LEU B 544 -15.36 -80.37 -27.68
N ASP B 545 -15.26 -81.09 -26.56
CA ASP B 545 -16.15 -82.21 -26.32
C ASP B 545 -17.58 -81.75 -26.16
N TRP B 546 -17.78 -80.60 -25.51
CA TRP B 546 -19.12 -80.08 -25.32
C TRP B 546 -19.77 -79.69 -26.64
N VAL B 547 -19.04 -78.95 -27.49
CA VAL B 547 -19.63 -78.51 -28.75
C VAL B 547 -19.85 -79.69 -29.69
N VAL B 548 -18.89 -80.63 -29.76
CA VAL B 548 -19.05 -81.74 -30.68
C VAL B 548 -20.12 -82.70 -30.20
N SER B 549 -20.36 -82.79 -28.89
CA SER B 549 -21.49 -83.54 -28.39
C SER B 549 -22.81 -82.83 -28.69
N LYS B 550 -22.80 -81.50 -28.70
CA LYS B 550 -24.03 -80.76 -28.97
C LYS B 550 -24.52 -80.88 -30.41
N LEU B 551 -23.70 -81.35 -31.34
CA LEU B 551 -24.08 -81.46 -32.75
C LEU B 551 -24.89 -82.73 -33.02
N ASP B 552 -26.07 -82.79 -32.37
CA ASP B 552 -26.96 -83.95 -32.53
C ASP B 552 -28.43 -83.50 -32.48
N ARG B 553 -28.74 -82.30 -32.98
CA ARG B 553 -30.11 -81.84 -32.94
C ARG B 553 -30.34 -80.73 -33.95
N LEU B 554 -31.57 -80.66 -34.47
CA LEU B 554 -31.92 -79.61 -35.41
C LEU B 554 -31.92 -78.24 -34.74
N GLU B 555 -32.26 -78.18 -33.45
CA GLU B 555 -32.16 -76.93 -32.72
C GLU B 555 -30.71 -76.53 -32.55
N ALA B 556 -29.82 -77.52 -32.43
CA ALA B 556 -28.38 -77.32 -32.49
C ALA B 556 -27.98 -77.27 -33.97
N SER B 557 -28.35 -76.17 -34.60
CA SER B 557 -28.25 -76.03 -36.05
C SER B 557 -26.82 -75.68 -36.43
N SER B 558 -26.63 -75.23 -37.68
CA SER B 558 -25.32 -74.96 -38.24
C SER B 558 -24.61 -73.75 -37.61
N GLY B 559 -25.26 -72.99 -36.72
CA GLY B 559 -24.54 -71.94 -36.02
C GLY B 559 -23.38 -72.47 -35.20
N ILE B 560 -23.64 -73.53 -34.42
CA ILE B 560 -22.55 -74.15 -33.67
C ILE B 560 -21.56 -74.85 -34.60
N LEU B 561 -22.03 -75.30 -35.76
CA LEU B 561 -21.13 -75.93 -36.73
C LEU B 561 -20.11 -74.93 -37.24
N GLU B 562 -20.56 -73.75 -37.66
CA GLU B 562 -19.61 -72.74 -38.11
C GLU B 562 -18.87 -72.09 -36.94
N VAL B 563 -19.36 -72.20 -35.71
CA VAL B 563 -18.55 -71.86 -34.55
C VAL B 563 -17.35 -72.78 -34.47
N LEU B 564 -17.58 -74.08 -34.63
CA LEU B 564 -16.49 -75.05 -34.64
C LEU B 564 -15.55 -74.80 -35.80
N TYR B 565 -16.10 -74.37 -36.95
CA TYR B 565 -15.27 -74.04 -38.10
C TYR B 565 -14.33 -72.90 -37.79
N CYS B 566 -14.86 -71.86 -37.15
CA CYS B 566 -14.02 -70.73 -36.76
C CYS B 566 -12.98 -71.13 -35.72
N VAL B 567 -13.37 -72.00 -34.79
CA VAL B 567 -12.46 -72.44 -33.74
C VAL B 567 -11.29 -73.19 -34.34
N LEU B 568 -11.58 -74.08 -35.29
CA LEU B 568 -10.50 -74.83 -35.94
C LEU B 568 -9.65 -73.93 -36.83
N ILE B 569 -10.24 -72.89 -37.41
CA ILE B 569 -9.45 -71.97 -38.22
C ILE B 569 -8.48 -71.19 -37.35
N GLU B 570 -8.98 -70.63 -36.24
CA GLU B 570 -8.25 -69.62 -35.50
C GLU B 570 -7.34 -70.20 -34.43
N SER B 571 -7.75 -71.31 -33.80
CA SER B 571 -7.02 -71.96 -32.72
C SER B 571 -6.49 -73.31 -33.18
N PRO B 572 -5.44 -73.34 -34.01
CA PRO B 572 -4.95 -74.63 -34.52
C PRO B 572 -4.36 -75.55 -33.47
N GLU B 573 -4.01 -75.04 -32.28
CA GLU B 573 -3.39 -75.87 -31.26
C GLU B 573 -4.31 -76.97 -30.74
N VAL B 574 -5.64 -76.76 -30.83
CA VAL B 574 -6.58 -77.78 -30.39
C VAL B 574 -6.64 -78.99 -31.32
N LEU B 575 -6.04 -78.91 -32.51
CA LEU B 575 -6.18 -79.97 -33.50
C LEU B 575 -5.57 -81.30 -33.05
N ASN B 576 -4.57 -81.25 -32.17
CA ASN B 576 -4.00 -82.48 -31.66
C ASN B 576 -4.96 -83.23 -30.75
N ILE B 577 -5.82 -82.50 -30.03
CA ILE B 577 -6.71 -83.13 -29.05
C ILE B 577 -7.75 -84.04 -29.71
N ILE B 578 -8.05 -83.84 -31.00
CA ILE B 578 -9.17 -84.52 -31.64
C ILE B 578 -8.93 -86.03 -31.72
N GLN B 579 -9.98 -86.80 -31.50
CA GLN B 579 -9.98 -88.25 -31.48
C GLN B 579 -10.92 -88.78 -32.56
N GLU B 580 -11.05 -90.11 -32.59
CA GLU B 580 -11.79 -90.76 -33.66
C GLU B 580 -13.30 -90.57 -33.52
N ASN B 581 -13.79 -90.58 -32.29
CA ASN B 581 -15.23 -90.47 -32.06
C ASN B 581 -15.77 -89.12 -32.51
N HIS B 582 -14.96 -88.08 -32.41
CA HIS B 582 -15.39 -86.77 -32.92
C HIS B 582 -15.55 -86.78 -34.42
N ILE B 583 -14.63 -87.47 -35.12
CA ILE B 583 -14.74 -87.59 -36.57
C ILE B 583 -15.96 -88.40 -36.94
N LYS B 584 -16.26 -89.45 -36.17
CA LYS B 584 -17.46 -90.24 -36.41
C LYS B 584 -18.71 -89.41 -36.19
N SER B 585 -18.69 -88.53 -35.18
CA SER B 585 -19.83 -87.66 -34.95
C SER B 585 -20.03 -86.69 -36.09
N ILE B 586 -18.93 -86.16 -36.63
CA ILE B 586 -19.01 -85.22 -37.74
C ILE B 586 -19.56 -85.91 -38.99
N ILE B 587 -19.10 -87.13 -39.26
CA ILE B 587 -19.59 -87.86 -40.42
C ILE B 587 -21.05 -88.24 -40.21
N SER B 588 -21.44 -88.54 -38.98
CA SER B 588 -22.84 -88.81 -38.68
C SER B 588 -23.69 -87.57 -38.92
N LEU B 589 -23.15 -86.39 -38.62
CA LEU B 589 -23.86 -85.16 -38.94
C LEU B 589 -24.02 -84.99 -40.44
N LEU B 590 -22.98 -85.31 -41.20
CA LEU B 590 -23.07 -85.17 -42.66
C LEU B 590 -24.11 -86.13 -43.21
N ASP B 591 -24.18 -87.34 -42.69
CA ASP B 591 -25.17 -88.30 -43.15
C ASP B 591 -26.57 -87.91 -42.73
N LYS B 592 -26.71 -87.36 -41.53
CA LYS B 592 -28.03 -87.11 -40.96
C LYS B 592 -28.69 -85.84 -41.50
N HIS B 593 -27.89 -84.83 -41.86
CA HIS B 593 -28.37 -83.52 -42.32
C HIS B 593 -28.10 -83.29 -43.80
N GLY B 594 -27.82 -84.34 -44.57
CA GLY B 594 -27.67 -84.18 -46.00
C GLY B 594 -26.35 -83.55 -46.38
N ARG B 595 -26.19 -83.39 -47.69
CA ARG B 595 -24.97 -82.81 -48.22
C ARG B 595 -24.86 -81.34 -47.87
N ASN B 596 -23.65 -80.92 -47.50
CA ASN B 596 -23.39 -79.55 -47.08
C ASN B 596 -21.92 -79.25 -47.26
N HIS B 597 -21.60 -78.23 -48.05
CA HIS B 597 -20.21 -77.84 -48.26
C HIS B 597 -19.54 -77.31 -47.01
N LYS B 598 -20.32 -76.80 -46.05
CA LYS B 598 -19.74 -76.25 -44.83
C LYS B 598 -19.02 -77.32 -44.02
N VAL B 599 -19.61 -78.52 -43.96
CA VAL B 599 -18.94 -79.62 -43.26
C VAL B 599 -17.68 -80.01 -44.00
N LEU B 600 -17.69 -79.94 -45.33
CA LEU B 600 -16.49 -80.24 -46.10
C LEU B 600 -15.37 -79.26 -45.78
N ASP B 601 -15.70 -77.98 -45.68
CA ASP B 601 -14.70 -77.00 -45.27
C ASP B 601 -14.25 -77.22 -43.85
N VAL B 602 -15.14 -77.69 -42.98
CA VAL B 602 -14.79 -77.99 -41.59
C VAL B 602 -13.75 -79.10 -41.56
N LEU B 603 -13.99 -80.17 -42.31
CA LEU B 603 -13.07 -81.29 -42.34
C LEU B 603 -11.74 -80.90 -42.98
N CYS B 604 -11.80 -80.06 -44.01
CA CYS B 604 -10.57 -79.61 -44.66
C CYS B 604 -9.73 -78.77 -43.72
N SER B 605 -10.37 -77.89 -42.95
CA SER B 605 -9.62 -77.11 -41.96
C SER B 605 -9.11 -78.01 -40.85
N LEU B 606 -9.89 -79.02 -40.48
CA LEU B 606 -9.48 -79.97 -39.46
C LEU B 606 -8.29 -80.80 -39.90
N CYS B 607 -8.11 -80.99 -41.21
CA CYS B 607 -7.10 -81.90 -41.71
C CYS B 607 -5.69 -81.40 -41.43
N VAL B 608 -5.42 -80.14 -41.78
CA VAL B 608 -4.07 -79.59 -41.84
C VAL B 608 -3.95 -78.47 -40.82
N CYS B 609 -2.85 -78.47 -40.09
CA CYS B 609 -2.58 -77.46 -39.07
C CYS B 609 -1.94 -76.24 -39.73
N ASN B 610 -1.44 -75.31 -38.92
CA ASN B 610 -0.84 -74.09 -39.47
C ASN B 610 0.49 -74.41 -40.13
N GLY B 611 0.45 -74.66 -41.43
CA GLY B 611 1.65 -75.03 -42.15
C GLY B 611 2.25 -76.36 -41.76
N VAL B 612 1.49 -77.23 -41.10
CA VAL B 612 1.97 -78.52 -40.60
C VAL B 612 0.87 -79.54 -40.83
N ALA B 613 1.26 -80.73 -41.28
CA ALA B 613 0.35 -81.83 -41.48
C ALA B 613 0.11 -82.58 -40.18
N VAL B 614 -0.94 -83.41 -40.19
CA VAL B 614 -1.27 -84.28 -39.07
C VAL B 614 -1.67 -85.63 -39.66
N ARG B 615 -0.77 -86.60 -39.57
CA ARG B 615 -1.02 -87.89 -40.18
C ARG B 615 -2.14 -88.66 -39.47
N SER B 616 -2.34 -88.41 -38.17
CA SER B 616 -3.29 -89.20 -37.39
C SER B 616 -4.72 -88.96 -37.85
N ASN B 617 -5.18 -87.71 -37.76
CA ASN B 617 -6.53 -87.39 -38.21
C ASN B 617 -6.71 -87.61 -39.71
N GLN B 618 -5.63 -87.45 -40.48
CA GLN B 618 -5.67 -87.75 -41.92
C GLN B 618 -6.01 -89.22 -42.16
N ASP B 619 -5.30 -90.12 -41.48
CA ASP B 619 -5.57 -91.54 -41.64
C ASP B 619 -6.95 -91.89 -41.10
N LEU B 620 -7.37 -91.25 -40.01
CA LEU B 620 -8.67 -91.57 -39.42
C LEU B 620 -9.82 -91.17 -40.35
N ILE B 621 -9.78 -89.95 -40.87
CA ILE B 621 -10.85 -89.51 -41.75
C ILE B 621 -10.82 -90.27 -43.07
N THR B 622 -9.61 -90.61 -43.55
CA THR B 622 -9.51 -91.39 -44.77
C THR B 622 -10.10 -92.77 -44.60
N GLU B 623 -9.87 -93.39 -43.43
CA GLU B 623 -10.45 -94.70 -43.18
C GLU B 623 -11.96 -94.62 -43.05
N ASN B 624 -12.46 -93.61 -42.34
CA ASN B 624 -13.87 -93.59 -42.01
C ASN B 624 -14.73 -93.22 -43.22
N LEU B 625 -14.30 -92.22 -44.00
CA LEU B 625 -15.20 -91.62 -44.98
C LEU B 625 -15.15 -92.32 -46.33
N LEU B 626 -13.97 -92.44 -46.92
CA LEU B 626 -13.86 -92.80 -48.33
C LEU B 626 -14.30 -94.24 -48.64
N PRO B 627 -13.73 -95.29 -48.03
CA PRO B 627 -13.90 -96.63 -48.59
C PRO B 627 -15.31 -97.20 -48.47
N GLY B 628 -16.18 -96.59 -47.66
CA GLY B 628 -17.57 -97.01 -47.65
C GLY B 628 -18.24 -96.76 -48.99
N ARG B 629 -18.03 -95.57 -49.55
CA ARG B 629 -18.48 -95.13 -50.87
C ARG B 629 -19.99 -94.91 -50.98
N GLU B 630 -20.77 -95.13 -49.93
CA GLU B 630 -22.22 -94.94 -49.98
C GLU B 630 -22.64 -93.49 -49.81
N LEU B 631 -21.71 -92.57 -49.55
CA LEU B 631 -22.02 -91.23 -49.06
C LEU B 631 -21.63 -90.14 -50.04
N LEU B 632 -20.36 -90.08 -50.43
CA LEU B 632 -19.90 -89.10 -51.41
C LEU B 632 -20.22 -89.57 -52.82
N LEU B 633 -20.06 -88.66 -53.77
CA LEU B 633 -20.24 -88.96 -55.17
C LEU B 633 -19.06 -89.76 -55.70
N GLN B 634 -19.28 -90.40 -56.84
CA GLN B 634 -18.30 -91.24 -57.52
C GLN B 634 -18.23 -90.85 -58.98
N THR B 635 -17.08 -91.18 -59.59
CA THR B 635 -16.80 -90.90 -60.99
C THR B 635 -16.17 -92.10 -61.64
N ASN B 636 -16.45 -92.27 -62.93
CA ASN B 636 -15.84 -93.31 -63.74
C ASN B 636 -16.13 -93.01 -65.20
N LEU B 637 -15.22 -93.45 -66.05
CA LEU B 637 -15.48 -93.43 -67.48
C LEU B 637 -16.53 -94.48 -67.83
N ILE B 638 -17.23 -94.25 -68.93
CA ILE B 638 -18.32 -95.13 -69.33
C ILE B 638 -18.52 -94.97 -70.83
N ASN B 639 -18.84 -96.09 -71.48
CA ASN B 639 -19.08 -96.15 -72.92
C ASN B 639 -20.56 -95.97 -73.21
N TYR B 640 -20.86 -95.71 -74.48
CA TYR B 640 -22.23 -95.69 -74.93
C TYR B 640 -22.88 -97.07 -74.78
N VAL B 641 -24.19 -97.06 -74.62
CA VAL B 641 -25.03 -98.20 -74.92
C VAL B 641 -26.18 -97.69 -75.78
N THR B 642 -26.35 -98.29 -76.95
CA THR B 642 -27.32 -97.86 -77.94
C THR B 642 -27.97 -99.09 -78.55
N SER B 643 -29.16 -98.88 -79.11
CA SER B 643 -29.96 -99.98 -79.63
C SER B 643 -30.80 -99.48 -80.79
N ILE B 644 -31.21 -100.44 -81.63
CA ILE B 644 -32.07 -100.20 -82.79
C ILE B 644 -33.09 -101.31 -82.82
N ARG B 645 -34.15 -101.09 -83.61
CA ARG B 645 -35.30 -101.98 -83.72
C ARG B 645 -35.65 -102.21 -85.18
N PRO B 646 -36.09 -103.41 -85.55
CA PRO B 646 -37.02 -103.52 -86.68
C PRO B 646 -38.37 -102.95 -86.31
N ASN B 647 -39.10 -102.50 -87.33
CA ASN B 647 -40.45 -101.93 -87.16
C ASN B 647 -41.52 -103.02 -87.26
N ILE B 648 -41.35 -104.04 -86.42
CA ILE B 648 -42.15 -105.27 -86.45
C ILE B 648 -43.00 -105.32 -85.19
N PHE B 649 -44.20 -104.77 -85.27
CA PHE B 649 -45.10 -104.67 -84.14
C PHE B 649 -46.02 -105.88 -84.06
N VAL B 650 -46.21 -106.40 -82.85
CA VAL B 650 -47.13 -107.49 -82.55
C VAL B 650 -47.84 -107.15 -81.26
N GLY B 651 -48.69 -108.06 -80.79
CA GLY B 651 -49.37 -107.87 -79.52
C GLY B 651 -50.62 -108.71 -79.35
N ARG B 652 -50.96 -109.02 -78.10
CA ARG B 652 -52.15 -109.82 -77.79
C ARG B 652 -53.35 -108.90 -77.73
N ALA B 653 -54.07 -108.82 -78.85
CA ALA B 653 -55.34 -108.11 -78.92
C ALA B 653 -56.45 -109.00 -78.37
N GLU B 654 -57.71 -108.65 -78.64
CA GLU B 654 -58.87 -109.43 -78.22
C GLU B 654 -59.22 -110.58 -79.19
N GLY B 655 -58.27 -111.04 -80.00
CA GLY B 655 -58.46 -112.16 -80.90
C GLY B 655 -57.69 -112.03 -82.21
N SER B 656 -57.42 -110.80 -82.64
CA SER B 656 -56.63 -110.52 -83.84
C SER B 656 -55.17 -110.32 -83.49
N THR B 657 -54.61 -111.25 -82.73
CA THR B 657 -53.22 -111.21 -82.30
C THR B 657 -52.27 -111.86 -83.30
N GLN B 658 -52.75 -112.35 -84.44
CA GLN B 658 -51.93 -113.05 -85.44
C GLN B 658 -51.19 -114.24 -84.84
N TYR B 659 -51.90 -114.98 -83.97
CA TYR B 659 -51.51 -116.28 -83.36
C TYR B 659 -50.12 -116.28 -82.69
N GLY B 660 -49.59 -115.11 -82.31
CA GLY B 660 -48.40 -114.93 -81.47
C GLY B 660 -47.19 -115.82 -81.66
N LYS B 661 -46.57 -115.81 -82.84
CA LYS B 661 -45.50 -116.75 -83.15
C LYS B 661 -44.58 -116.13 -84.19
N TRP B 662 -43.39 -115.71 -83.75
CA TRP B 662 -42.34 -115.22 -84.62
C TRP B 662 -41.01 -115.73 -84.09
N TYR B 663 -39.97 -115.64 -84.92
CA TYR B 663 -38.66 -116.20 -84.65
C TYR B 663 -37.57 -115.19 -85.00
N PHE B 664 -36.54 -115.16 -84.16
CA PHE B 664 -35.42 -114.24 -84.29
C PHE B 664 -34.29 -114.92 -85.05
N GLU B 665 -33.32 -114.10 -85.47
CA GLU B 665 -32.07 -114.61 -86.01
C GLU B 665 -31.07 -113.47 -86.07
N VAL B 666 -29.85 -113.73 -85.59
CA VAL B 666 -28.78 -112.74 -85.53
C VAL B 666 -27.48 -113.38 -85.98
N MET B 667 -26.59 -112.53 -86.51
CA MET B 667 -25.25 -112.92 -86.92
C MET B 667 -24.28 -111.83 -86.51
N VAL B 668 -23.11 -112.25 -86.03
CA VAL B 668 -22.02 -111.35 -85.64
C VAL B 668 -20.74 -111.89 -86.25
N ASP B 669 -19.89 -110.98 -86.72
CA ASP B 669 -18.67 -111.27 -87.47
C ASP B 669 -17.51 -110.46 -86.91
N GLU B 670 -17.36 -110.49 -85.59
CA GLU B 670 -16.41 -109.65 -84.88
C GLU B 670 -16.23 -110.24 -83.48
N VAL B 671 -15.23 -109.72 -82.77
CA VAL B 671 -15.08 -109.98 -81.34
C VAL B 671 -15.07 -108.65 -80.59
N VAL B 672 -13.99 -107.88 -80.78
CA VAL B 672 -13.70 -106.58 -80.16
C VAL B 672 -14.07 -106.59 -78.67
N PRO B 673 -13.40 -107.41 -77.85
CA PRO B 673 -13.82 -107.52 -76.44
C PRO B 673 -13.55 -106.26 -75.63
N PHE B 674 -12.48 -105.54 -75.95
CA PHE B 674 -12.09 -104.31 -75.26
C PHE B 674 -11.69 -103.32 -76.34
N LEU B 675 -12.60 -102.43 -76.71
CA LEU B 675 -12.28 -101.45 -77.74
C LEU B 675 -11.23 -100.47 -77.26
N THR B 676 -11.58 -99.68 -76.23
CA THR B 676 -10.65 -98.78 -75.55
C THR B 676 -10.45 -99.15 -74.10
N ALA B 677 -11.52 -99.10 -73.28
CA ALA B 677 -11.43 -99.19 -71.83
C ALA B 677 -12.24 -100.34 -71.25
N GLN B 678 -13.56 -100.34 -71.45
CA GLN B 678 -14.44 -101.10 -70.56
C GLN B 678 -14.81 -102.47 -71.10
N ALA B 679 -15.57 -102.51 -72.20
CA ALA B 679 -16.16 -103.76 -72.69
C ALA B 679 -16.88 -103.47 -74.00
N THR B 680 -17.59 -104.49 -74.52
CA THR B 680 -18.59 -104.32 -75.57
C THR B 680 -19.90 -104.87 -75.05
N HIS B 681 -21.01 -104.24 -75.47
CA HIS B 681 -22.32 -104.40 -74.84
C HIS B 681 -23.38 -104.97 -75.80
N LEU B 682 -23.04 -106.04 -76.51
CA LEU B 682 -24.00 -106.66 -77.42
C LEU B 682 -25.03 -107.45 -76.64
N ARG B 683 -26.30 -107.11 -76.81
CA ARG B 683 -27.42 -107.87 -76.27
C ARG B 683 -28.54 -107.87 -77.30
N VAL B 684 -29.42 -108.85 -77.18
CA VAL B 684 -30.56 -109.04 -78.07
C VAL B 684 -31.77 -109.41 -77.23
N GLY B 685 -32.93 -108.89 -77.59
CA GLY B 685 -34.09 -109.09 -76.75
C GLY B 685 -35.36 -108.52 -77.36
N TRP B 686 -36.39 -108.48 -76.52
CA TRP B 686 -37.71 -107.96 -76.85
C TRP B 686 -37.85 -106.51 -76.40
N ALA B 687 -38.98 -105.90 -76.79
CA ALA B 687 -39.17 -104.46 -76.57
C ALA B 687 -40.65 -104.13 -76.64
N LEU B 688 -41.24 -103.71 -75.53
CA LEU B 688 -42.70 -103.59 -75.41
C LEU B 688 -43.24 -102.16 -75.56
N THR B 689 -42.44 -101.21 -76.05
CA THR B 689 -42.84 -99.90 -76.54
C THR B 689 -43.20 -98.89 -75.43
N GLU B 690 -43.34 -99.30 -74.17
CA GLU B 690 -43.83 -98.44 -73.09
C GLU B 690 -42.71 -97.94 -72.18
N GLY B 691 -41.88 -98.84 -71.68
CA GLY B 691 -40.83 -98.45 -70.76
C GLY B 691 -39.63 -97.78 -71.38
N TYR B 692 -39.55 -97.68 -72.70
CA TYR B 692 -38.34 -97.32 -73.41
C TYR B 692 -38.35 -95.88 -73.91
N SER B 693 -37.41 -95.09 -73.37
CA SER B 693 -36.86 -93.93 -74.05
C SER B 693 -35.35 -93.94 -73.78
N PRO B 694 -34.60 -94.88 -74.40
CA PRO B 694 -33.18 -95.01 -74.02
C PRO B 694 -32.34 -93.85 -74.55
N TYR B 695 -32.41 -92.74 -73.83
CA TYR B 695 -31.65 -91.57 -74.22
C TYR B 695 -30.16 -91.84 -74.01
N PRO B 696 -29.27 -91.25 -74.83
CA PRO B 696 -27.83 -91.48 -74.65
C PRO B 696 -27.29 -90.59 -73.55
N GLY B 697 -26.92 -91.20 -72.42
CA GLY B 697 -26.42 -90.44 -71.29
C GLY B 697 -26.66 -91.15 -69.97
N GLY B 698 -27.36 -90.48 -69.06
CA GLY B 698 -27.64 -91.03 -67.77
C GLY B 698 -28.62 -92.19 -67.86
N GLY B 699 -29.00 -92.67 -66.68
CA GLY B 699 -29.84 -93.85 -66.62
C GLY B 699 -30.46 -94.04 -65.25
N GLU B 700 -31.25 -95.11 -65.16
CA GLU B 700 -31.83 -95.56 -63.90
C GLU B 700 -30.98 -96.60 -63.20
N GLY B 701 -29.66 -96.47 -63.30
CA GLY B 701 -28.78 -97.39 -62.62
C GLY B 701 -27.37 -96.87 -62.53
N TRP B 702 -26.41 -97.76 -62.75
CA TRP B 702 -24.99 -97.45 -62.82
C TRP B 702 -24.56 -97.50 -64.28
N GLY B 703 -23.96 -96.41 -64.74
CA GLY B 703 -23.57 -96.37 -66.14
C GLY B 703 -24.77 -96.21 -67.05
N GLY B 704 -24.67 -96.79 -68.24
CA GLY B 704 -25.65 -96.61 -69.29
C GLY B 704 -26.90 -97.44 -69.11
N ASN B 705 -27.84 -97.22 -70.01
CA ASN B 705 -29.12 -97.93 -70.03
C ASN B 705 -28.93 -99.29 -70.69
N GLY B 706 -28.73 -100.32 -69.87
CA GLY B 706 -28.62 -101.66 -70.41
C GLY B 706 -29.95 -102.14 -70.97
N VAL B 707 -29.89 -102.82 -72.11
CA VAL B 707 -31.07 -103.45 -72.66
C VAL B 707 -31.35 -104.67 -71.81
N GLY B 708 -32.28 -104.51 -70.86
CA GLY B 708 -32.43 -105.40 -69.73
C GLY B 708 -32.44 -104.67 -68.39
N ASP B 709 -31.91 -103.44 -68.38
CA ASP B 709 -31.82 -102.67 -67.14
C ASP B 709 -33.20 -102.32 -66.59
N ASP B 710 -34.09 -101.84 -67.47
CA ASP B 710 -35.44 -101.55 -67.05
C ASP B 710 -36.22 -102.85 -66.82
N LEU B 711 -37.29 -102.75 -66.04
CA LEU B 711 -38.15 -103.91 -65.86
C LEU B 711 -38.85 -104.28 -67.17
N TYR B 712 -39.19 -103.27 -67.99
CA TYR B 712 -39.81 -103.51 -69.28
C TYR B 712 -38.75 -103.80 -70.35
N SER B 713 -37.97 -104.86 -70.11
CA SER B 713 -36.86 -105.21 -70.98
C SER B 713 -36.46 -106.65 -70.73
N TYR B 714 -36.46 -107.45 -71.79
CA TYR B 714 -36.15 -108.88 -71.73
C TYR B 714 -35.14 -109.19 -72.84
N GLY B 715 -33.91 -109.50 -72.46
CA GLY B 715 -32.83 -109.74 -73.40
C GLY B 715 -31.77 -110.69 -72.87
N PHE B 716 -30.63 -110.76 -73.55
CA PHE B 716 -29.62 -111.76 -73.22
C PHE B 716 -28.30 -111.36 -73.86
N ASP B 717 -27.21 -111.60 -73.13
CA ASP B 717 -25.88 -111.13 -73.51
C ASP B 717 -25.08 -112.15 -74.30
N GLY B 718 -25.21 -113.43 -73.96
CA GLY B 718 -24.41 -114.49 -74.54
C GLY B 718 -23.96 -115.49 -73.50
N LEU B 719 -23.67 -114.99 -72.29
CA LEU B 719 -23.35 -115.80 -71.13
C LEU B 719 -24.32 -115.61 -69.97
N HIS B 720 -25.03 -114.49 -69.91
CA HIS B 720 -26.03 -114.24 -68.89
C HIS B 720 -27.03 -113.24 -69.46
N LEU B 721 -28.08 -112.98 -68.68
CA LEU B 721 -29.18 -112.10 -69.07
C LEU B 721 -29.46 -111.11 -67.94
N TRP B 722 -30.01 -109.97 -68.33
CA TRP B 722 -30.45 -108.93 -67.42
C TRP B 722 -31.90 -108.61 -67.72
N THR B 723 -32.73 -108.64 -66.67
CA THR B 723 -34.10 -108.13 -66.73
C THR B 723 -34.33 -107.38 -65.44
N GLY B 724 -34.48 -106.06 -65.54
CA GLY B 724 -34.52 -105.23 -64.36
C GLY B 724 -33.17 -104.95 -63.73
N HIS B 725 -32.09 -105.02 -64.52
CA HIS B 725 -30.74 -104.68 -64.06
C HIS B 725 -30.29 -105.62 -62.93
N VAL B 726 -30.39 -106.93 -63.19
CA VAL B 726 -30.00 -107.97 -62.25
C VAL B 726 -29.21 -109.02 -63.00
N ALA B 727 -28.07 -109.41 -62.46
CA ALA B 727 -27.30 -110.50 -63.03
C ALA B 727 -28.01 -111.82 -62.77
N ARG B 728 -28.08 -112.65 -63.80
CA ARG B 728 -28.81 -113.92 -63.75
C ARG B 728 -28.18 -114.88 -64.74
N PRO B 729 -27.02 -115.45 -64.40
CA PRO B 729 -26.39 -116.41 -65.31
C PRO B 729 -27.18 -117.69 -65.43
N VAL B 730 -26.99 -118.36 -66.56
CA VAL B 730 -27.70 -119.58 -66.92
C VAL B 730 -26.69 -120.62 -67.36
N THR B 731 -26.84 -121.84 -66.84
CA THR B 731 -25.96 -122.94 -67.21
C THR B 731 -26.37 -123.49 -68.56
N SER B 732 -25.38 -123.67 -69.44
CA SER B 732 -25.62 -124.23 -70.77
C SER B 732 -24.29 -124.76 -71.29
N PRO B 733 -24.31 -125.67 -72.27
CA PRO B 733 -23.05 -126.01 -72.95
C PRO B 733 -22.57 -124.85 -73.79
N GLY B 734 -21.25 -124.81 -74.00
CA GLY B 734 -20.63 -123.79 -74.83
C GLY B 734 -20.81 -122.40 -74.26
N GLN B 735 -20.56 -122.24 -72.97
CA GLN B 735 -20.73 -120.95 -72.34
C GLN B 735 -19.63 -119.99 -72.79
N HIS B 736 -20.03 -118.83 -73.26
CA HIS B 736 -19.12 -117.77 -73.67
C HIS B 736 -19.95 -116.53 -73.97
N LEU B 737 -19.28 -115.42 -74.23
CA LEU B 737 -19.94 -114.23 -74.73
C LEU B 737 -20.32 -114.44 -76.21
N LEU B 738 -20.81 -113.39 -76.83
CA LEU B 738 -21.18 -113.47 -78.24
C LEU B 738 -19.92 -113.53 -79.09
N ALA B 739 -19.48 -114.74 -79.38
CA ALA B 739 -18.30 -114.95 -80.20
C ALA B 739 -18.62 -114.68 -81.67
N PRO B 740 -17.61 -114.47 -82.53
CA PRO B 740 -17.89 -114.37 -83.96
C PRO B 740 -18.41 -115.68 -84.53
N GLU B 741 -19.27 -115.56 -85.56
CA GLU B 741 -19.89 -116.68 -86.25
C GLU B 741 -20.70 -117.55 -85.27
N ASP B 742 -21.75 -116.93 -84.74
CA ASP B 742 -22.70 -117.58 -83.85
C ASP B 742 -24.11 -117.17 -84.24
N VAL B 743 -25.07 -118.03 -83.88
CA VAL B 743 -26.49 -117.82 -84.13
C VAL B 743 -27.21 -117.85 -82.79
N VAL B 744 -28.09 -116.87 -82.59
CA VAL B 744 -28.94 -116.77 -81.41
C VAL B 744 -30.33 -116.39 -81.90
N SER B 745 -31.34 -116.86 -81.18
CA SER B 745 -32.72 -116.61 -81.57
C SER B 745 -33.63 -116.74 -80.35
N CYS B 746 -34.93 -116.64 -80.60
CA CYS B 746 -35.93 -116.61 -79.55
C CYS B 746 -37.26 -117.08 -80.12
N CYS B 747 -38.22 -117.28 -79.23
CA CYS B 747 -39.59 -117.56 -79.63
C CYS B 747 -40.52 -117.05 -78.54
N LEU B 748 -41.69 -116.56 -78.96
CA LEU B 748 -42.67 -115.94 -78.08
C LEU B 748 -44.04 -116.53 -78.33
N ASP B 749 -44.83 -116.63 -77.27
CA ASP B 749 -46.23 -117.03 -77.32
C ASP B 749 -47.05 -115.98 -76.59
N LEU B 750 -48.06 -115.43 -77.29
CA LEU B 750 -48.95 -114.45 -76.69
C LEU B 750 -50.04 -115.07 -75.84
N SER B 751 -50.36 -116.35 -76.05
CA SER B 751 -51.38 -117.02 -75.25
C SER B 751 -50.96 -117.09 -73.80
N VAL B 752 -49.90 -117.83 -73.52
CA VAL B 752 -49.25 -117.92 -72.22
C VAL B 752 -47.95 -117.13 -72.32
N PRO B 753 -47.61 -116.25 -71.33
CA PRO B 753 -46.32 -115.54 -71.47
C PRO B 753 -45.15 -116.49 -71.32
N SER B 754 -44.41 -116.67 -72.42
CA SER B 754 -43.32 -117.63 -72.47
C SER B 754 -42.28 -117.12 -73.48
N ILE B 755 -41.20 -116.54 -72.97
CA ILE B 755 -40.08 -116.05 -73.76
C ILE B 755 -38.94 -117.04 -73.55
N SER B 756 -38.61 -117.78 -74.61
CA SER B 756 -37.58 -118.81 -74.60
C SER B 756 -36.55 -118.50 -75.67
N PHE B 757 -35.28 -118.67 -75.32
CA PHE B 757 -34.14 -118.34 -76.15
C PHE B 757 -33.41 -119.61 -76.57
N ARG B 758 -32.59 -119.47 -77.60
CA ARG B 758 -31.75 -120.57 -78.06
C ARG B 758 -30.56 -120.01 -78.79
N ILE B 759 -29.52 -120.83 -78.89
CA ILE B 759 -28.22 -120.47 -79.44
C ILE B 759 -27.81 -121.54 -80.45
N ASN B 760 -26.60 -121.40 -80.99
CA ASN B 760 -26.07 -122.40 -81.90
C ASN B 760 -25.92 -123.74 -81.21
N GLY B 761 -26.31 -124.79 -81.90
CA GLY B 761 -26.16 -126.15 -81.42
C GLY B 761 -27.26 -126.69 -80.54
N CYS B 762 -27.70 -125.91 -79.55
CA CYS B 762 -28.64 -126.38 -78.55
C CYS B 762 -29.30 -125.16 -77.91
N PRO B 763 -30.42 -125.35 -77.20
CA PRO B 763 -31.08 -124.20 -76.56
C PRO B 763 -30.52 -123.94 -75.17
N VAL B 764 -30.72 -122.71 -74.72
CA VAL B 764 -30.29 -122.27 -73.40
C VAL B 764 -31.33 -122.68 -72.37
N GLN B 765 -30.86 -122.89 -71.14
CA GLN B 765 -31.69 -123.39 -70.05
C GLN B 765 -32.22 -122.23 -69.21
N GLY B 766 -33.11 -121.47 -69.82
CA GLY B 766 -33.73 -120.35 -69.15
C GLY B 766 -34.78 -119.67 -70.00
N VAL B 767 -35.90 -119.31 -69.39
CA VAL B 767 -37.01 -118.63 -70.05
C VAL B 767 -37.54 -117.54 -69.12
N PHE B 768 -38.55 -116.81 -69.60
CA PHE B 768 -39.29 -115.82 -68.83
C PHE B 768 -40.77 -116.14 -68.92
N GLU B 769 -41.52 -115.67 -67.94
CA GLU B 769 -42.96 -115.91 -67.90
C GLU B 769 -43.58 -114.99 -66.87
N ALA B 770 -44.92 -114.93 -66.89
CA ALA B 770 -45.72 -114.21 -65.90
C ALA B 770 -45.38 -112.72 -65.89
N PHE B 771 -45.69 -112.06 -67.01
CA PHE B 771 -45.51 -110.63 -67.16
C PHE B 771 -46.72 -110.04 -67.88
N ASN B 772 -46.99 -108.78 -67.58
CA ASN B 772 -48.03 -108.05 -68.29
C ASN B 772 -47.65 -107.87 -69.75
N LEU B 773 -48.66 -107.90 -70.61
CA LEU B 773 -48.50 -107.78 -72.06
C LEU B 773 -49.57 -106.86 -72.63
N ASP B 774 -49.89 -105.80 -71.90
CA ASP B 774 -50.89 -104.83 -72.32
C ASP B 774 -50.39 -103.84 -73.37
N GLY B 775 -49.17 -103.98 -73.87
CA GLY B 775 -48.64 -103.20 -74.97
C GLY B 775 -48.13 -104.10 -76.08
N LEU B 776 -47.47 -103.52 -77.07
CA LEU B 776 -46.98 -104.26 -78.23
C LEU B 776 -45.69 -104.98 -77.84
N PHE B 777 -45.02 -105.57 -78.83
CA PHE B 777 -43.67 -106.10 -78.69
C PHE B 777 -42.95 -105.94 -80.02
N PHE B 778 -41.62 -105.92 -79.99
CA PHE B 778 -40.84 -105.96 -81.22
C PHE B 778 -39.40 -106.36 -80.89
N PRO B 779 -38.64 -106.85 -81.88
CA PRO B 779 -37.23 -107.20 -81.62
C PRO B 779 -36.34 -105.98 -81.46
N VAL B 780 -35.26 -106.16 -80.70
CA VAL B 780 -34.20 -105.17 -80.55
C VAL B 780 -32.84 -105.83 -80.43
N VAL B 781 -31.81 -105.03 -80.68
CA VAL B 781 -30.41 -105.42 -80.56
C VAL B 781 -29.65 -104.26 -79.97
N SER B 782 -28.84 -104.52 -78.94
CA SER B 782 -28.00 -103.53 -78.29
C SER B 782 -26.59 -103.57 -78.87
N PHE B 783 -25.88 -102.46 -78.70
CA PHE B 783 -24.54 -102.35 -79.24
C PHE B 783 -23.89 -101.10 -78.67
N SER B 784 -22.63 -101.22 -78.25
CA SER B 784 -21.85 -100.11 -77.72
C SER B 784 -21.01 -99.46 -78.81
N ALA B 785 -20.06 -100.20 -79.38
CA ALA B 785 -19.18 -99.73 -80.44
C ALA B 785 -18.30 -100.88 -80.88
N GLY B 786 -17.66 -100.71 -82.03
CA GLY B 786 -16.73 -101.72 -82.54
C GLY B 786 -17.38 -103.04 -82.87
N VAL B 787 -18.57 -103.02 -83.46
CA VAL B 787 -19.30 -104.21 -83.89
C VAL B 787 -19.87 -103.94 -85.28
N LYS B 788 -19.89 -104.99 -86.10
CA LYS B 788 -20.35 -104.94 -87.49
C LYS B 788 -21.36 -106.06 -87.76
N VAL B 789 -22.30 -106.21 -86.83
CA VAL B 789 -23.26 -107.32 -86.88
C VAL B 789 -24.26 -107.10 -87.99
N ARG B 790 -25.07 -108.13 -88.26
CA ARG B 790 -26.16 -108.05 -89.22
C ARG B 790 -27.34 -108.85 -88.68
N PHE B 791 -28.54 -108.25 -88.74
CA PHE B 791 -29.74 -108.82 -88.14
C PHE B 791 -30.55 -109.50 -89.24
N LEU B 792 -30.16 -110.73 -89.56
CA LEU B 792 -30.88 -111.52 -90.55
C LEU B 792 -32.27 -111.84 -90.02
N LEU B 793 -33.30 -111.28 -90.66
CA LEU B 793 -34.65 -111.39 -90.13
C LEU B 793 -35.28 -112.74 -90.46
N GLY B 794 -35.47 -113.01 -91.74
CA GLY B 794 -36.24 -114.16 -92.19
C GLY B 794 -37.08 -113.92 -93.44
N GLY B 795 -37.15 -112.68 -93.93
CA GLY B 795 -38.02 -112.33 -95.05
C GLY B 795 -37.70 -113.08 -96.32
N ARG B 796 -36.51 -112.84 -96.89
CA ARG B 796 -36.00 -113.58 -98.04
C ARG B 796 -34.58 -114.09 -97.84
N HIS B 797 -33.72 -113.33 -97.17
CA HIS B 797 -32.32 -113.67 -96.97
C HIS B 797 -32.00 -114.20 -95.58
N GLY B 798 -32.97 -114.26 -94.67
CA GLY B 798 -32.72 -114.76 -93.33
C GLY B 798 -32.76 -116.28 -93.26
N GLU B 799 -31.73 -116.93 -93.78
CA GLU B 799 -31.67 -118.39 -93.75
C GLU B 799 -31.45 -118.87 -92.33
N PHE B 800 -32.50 -119.41 -91.71
CA PHE B 800 -32.44 -119.87 -90.32
C PHE B 800 -31.62 -121.16 -90.27
N LYS B 801 -30.33 -121.02 -89.92
CA LYS B 801 -29.48 -122.19 -89.77
C LYS B 801 -29.95 -123.06 -88.62
N PHE B 802 -30.17 -122.44 -87.46
CA PHE B 802 -30.84 -123.10 -86.34
C PHE B 802 -32.34 -123.00 -86.58
N LEU B 803 -32.98 -124.14 -86.82
CA LEU B 803 -34.32 -124.14 -87.40
C LEU B 803 -35.36 -123.63 -86.40
N PRO B 804 -36.47 -123.02 -86.85
CA PRO B 804 -37.52 -122.66 -85.91
C PRO B 804 -38.33 -123.88 -85.50
N PRO B 805 -39.16 -123.78 -84.45
CA PRO B 805 -40.23 -124.76 -84.27
C PRO B 805 -41.35 -124.50 -85.26
N PRO B 806 -42.36 -125.37 -85.33
CA PRO B 806 -43.51 -125.06 -86.18
C PRO B 806 -44.30 -123.87 -85.67
N GLY B 807 -44.91 -123.13 -86.60
CA GLY B 807 -45.79 -122.04 -86.29
C GLY B 807 -45.13 -120.68 -86.24
N TYR B 808 -43.83 -120.62 -85.99
CA TYR B 808 -43.07 -119.37 -85.96
C TYR B 808 -42.53 -119.10 -87.36
N ALA B 809 -43.01 -118.02 -87.97
CA ALA B 809 -42.74 -117.67 -89.36
C ALA B 809 -42.33 -116.20 -89.47
N PRO B 810 -41.58 -115.81 -90.54
CA PRO B 810 -41.08 -114.43 -90.65
C PRO B 810 -42.01 -113.46 -91.38
N CYS B 811 -42.98 -112.92 -90.64
CA CYS B 811 -43.83 -111.81 -91.11
C CYS B 811 -44.69 -112.22 -92.32
N HIS B 812 -45.59 -113.17 -92.07
CA HIS B 812 -46.31 -113.81 -93.16
C HIS B 812 -47.46 -112.95 -93.70
N GLU B 813 -48.46 -112.69 -92.86
CA GLU B 813 -49.76 -112.25 -93.40
C GLU B 813 -49.74 -110.80 -93.85
N ALA B 814 -49.58 -109.87 -92.89
CA ALA B 814 -49.55 -108.44 -93.16
C ALA B 814 -48.53 -107.69 -92.31
N VAL B 815 -47.68 -108.39 -91.54
CA VAL B 815 -46.55 -107.74 -90.90
C VAL B 815 -45.64 -107.19 -91.99
N LEU B 816 -44.98 -106.06 -91.69
CA LEU B 816 -44.55 -105.03 -92.64
C LEU B 816 -45.80 -104.45 -93.29
N PRO B 817 -46.66 -103.76 -92.54
CA PRO B 817 -47.91 -103.27 -93.13
C PRO B 817 -47.68 -102.12 -94.09
N ARG B 818 -47.75 -102.40 -95.39
CA ARG B 818 -47.73 -101.42 -96.49
C ARG B 818 -46.38 -100.72 -96.71
N GLU B 819 -45.39 -100.93 -95.84
CA GLU B 819 -44.18 -100.13 -95.77
C GLU B 819 -42.97 -101.05 -95.84
N ARG B 820 -41.97 -100.60 -96.59
CA ARG B 820 -40.73 -101.36 -96.69
C ARG B 820 -40.03 -101.40 -95.35
N LEU B 821 -39.40 -102.55 -95.06
CA LEU B 821 -38.71 -102.70 -93.79
C LEU B 821 -37.51 -101.77 -93.73
N ARG B 822 -37.26 -101.24 -92.53
CA ARG B 822 -36.13 -100.36 -92.32
C ARG B 822 -35.87 -100.27 -90.82
N LEU B 823 -34.64 -100.56 -90.42
CA LEU B 823 -34.26 -100.40 -89.03
C LEU B 823 -34.26 -98.92 -88.68
N GLU B 824 -34.62 -98.62 -87.42
CA GLU B 824 -34.79 -97.28 -86.89
C GLU B 824 -34.12 -97.19 -85.52
N PRO B 825 -33.64 -96.01 -85.11
CA PRO B 825 -33.31 -95.84 -83.69
C PRO B 825 -34.57 -95.77 -82.85
N ILE B 826 -34.45 -96.22 -81.61
CA ILE B 826 -35.59 -96.30 -80.70
C ILE B 826 -35.81 -94.90 -80.11
N LYS B 827 -36.88 -94.24 -80.56
CA LYS B 827 -37.31 -92.95 -80.02
C LYS B 827 -36.25 -91.88 -80.23
N GLU B 828 -35.89 -91.70 -81.50
CA GLU B 828 -34.86 -90.73 -81.86
C GLU B 828 -35.31 -89.31 -81.57
N TYR B 829 -34.33 -88.46 -81.23
CA TYR B 829 -34.55 -87.03 -81.04
C TYR B 829 -33.45 -86.18 -81.67
N ARG B 830 -32.58 -86.76 -82.49
CA ARG B 830 -31.55 -86.02 -83.21
C ARG B 830 -31.07 -86.90 -84.34
N ARG B 831 -31.07 -86.37 -85.57
CA ARG B 831 -30.59 -87.06 -86.75
C ARG B 831 -29.82 -86.10 -87.62
N GLU B 832 -28.72 -86.58 -88.20
CA GLU B 832 -27.90 -85.77 -89.08
C GLU B 832 -28.58 -85.65 -90.44
N GLY B 833 -28.68 -84.42 -90.94
CA GLY B 833 -29.08 -84.15 -92.30
C GLY B 833 -27.85 -83.90 -93.14
N PRO B 834 -28.04 -83.68 -94.44
CA PRO B 834 -26.90 -83.36 -95.30
C PRO B 834 -26.35 -81.98 -95.00
N ARG B 835 -27.25 -81.00 -94.94
CA ARG B 835 -26.85 -79.63 -94.64
C ARG B 835 -26.57 -79.44 -93.15
N GLY B 836 -27.31 -80.12 -92.28
CA GLY B 836 -27.06 -80.02 -90.86
C GLY B 836 -27.91 -80.96 -90.04
N PRO B 837 -27.72 -80.98 -88.72
CA PRO B 837 -28.56 -81.80 -87.87
C PRO B 837 -29.99 -81.30 -87.83
N HIS B 838 -30.90 -82.23 -87.54
CA HIS B 838 -32.33 -81.96 -87.47
C HIS B 838 -32.89 -82.49 -86.15
N LEU B 839 -33.48 -81.61 -85.37
CA LEU B 839 -34.20 -82.04 -84.18
C LEU B 839 -35.49 -82.72 -84.57
N VAL B 840 -35.88 -83.72 -83.77
CA VAL B 840 -37.00 -84.60 -84.06
C VAL B 840 -37.92 -84.62 -82.85
N GLY B 841 -39.22 -84.46 -83.10
CA GLY B 841 -40.21 -84.52 -82.05
C GLY B 841 -40.54 -85.95 -81.68
N PRO B 842 -41.42 -86.10 -80.69
CA PRO B 842 -41.78 -87.45 -80.24
C PRO B 842 -42.58 -88.20 -81.27
N SER B 843 -42.48 -89.52 -81.21
CA SER B 843 -43.18 -90.43 -82.11
C SER B 843 -44.46 -90.90 -81.43
N ARG B 844 -45.56 -90.90 -82.18
CA ARG B 844 -46.82 -91.38 -81.64
C ARG B 844 -46.77 -92.88 -81.43
N CYS B 845 -47.69 -93.37 -80.61
CA CYS B 845 -47.87 -94.80 -80.45
C CYS B 845 -48.48 -95.37 -81.71
N LEU B 846 -47.77 -96.29 -82.36
CA LEU B 846 -48.21 -96.87 -83.63
C LEU B 846 -49.22 -97.99 -83.33
N SER B 847 -50.40 -97.56 -82.87
CA SER B 847 -51.50 -98.47 -82.50
C SER B 847 -51.05 -99.42 -81.38
N HIS B 848 -50.81 -98.80 -80.21
CA HIS B 848 -50.24 -99.52 -79.08
C HIS B 848 -51.12 -100.66 -78.62
N THR B 849 -52.44 -100.50 -78.72
CA THR B 849 -53.41 -101.57 -78.53
C THR B 849 -54.47 -101.40 -79.60
N ASP B 850 -55.57 -102.15 -79.47
CA ASP B 850 -56.73 -102.03 -80.37
C ASP B 850 -56.37 -102.41 -81.80
N PHE B 851 -55.56 -103.46 -81.95
CA PHE B 851 -55.46 -104.12 -83.25
C PHE B 851 -56.82 -104.68 -83.66
N VAL B 852 -57.54 -105.25 -82.71
CA VAL B 852 -58.93 -105.64 -82.96
C VAL B 852 -59.76 -104.38 -83.26
N PRO B 853 -60.49 -104.30 -84.38
CA PRO B 853 -61.06 -103.01 -84.77
C PRO B 853 -62.36 -102.74 -84.04
N CYS B 854 -63.04 -101.64 -84.41
CA CYS B 854 -64.28 -101.19 -83.77
C CYS B 854 -65.36 -101.04 -84.84
N PRO B 855 -65.93 -102.13 -85.32
CA PRO B 855 -67.05 -102.01 -86.25
C PRO B 855 -68.28 -101.44 -85.57
N VAL B 856 -69.15 -100.86 -86.39
CA VAL B 856 -70.39 -100.27 -85.90
C VAL B 856 -71.29 -101.37 -85.33
N ASP B 857 -72.00 -101.03 -84.24
CA ASP B 857 -72.89 -101.96 -83.55
C ASP B 857 -74.19 -101.25 -83.17
N ILE B 861 -82.26 -102.28 -84.87
CA ILE B 861 -82.74 -103.59 -85.27
C ILE B 861 -84.24 -103.48 -85.51
N VAL B 862 -84.61 -103.09 -86.73
CA VAL B 862 -85.99 -102.85 -87.13
C VAL B 862 -86.13 -103.23 -88.60
N LEU B 863 -87.37 -103.19 -89.10
CA LEU B 863 -87.65 -103.47 -90.51
C LEU B 863 -88.95 -102.76 -90.90
N PRO B 864 -88.91 -101.46 -91.15
CA PRO B 864 -90.10 -100.76 -91.63
C PRO B 864 -90.43 -101.14 -93.07
N PRO B 865 -91.62 -100.77 -93.59
CA PRO B 865 -91.97 -101.17 -94.96
C PRO B 865 -91.24 -100.38 -96.04
N HIS B 866 -91.08 -99.06 -95.83
CA HIS B 866 -90.39 -98.25 -96.83
C HIS B 866 -88.93 -98.67 -96.95
N LEU B 867 -88.29 -99.00 -95.83
CA LEU B 867 -86.95 -99.56 -95.89
C LEU B 867 -86.95 -100.94 -96.52
N GLU B 868 -88.04 -101.70 -96.36
CA GLU B 868 -88.12 -103.02 -96.98
C GLU B 868 -88.13 -102.92 -98.50
N ARG B 869 -88.97 -102.02 -99.05
CA ARG B 869 -89.03 -101.91 -100.50
C ARG B 869 -87.76 -101.30 -101.07
N ILE B 870 -87.18 -100.29 -100.39
CA ILE B 870 -85.99 -99.67 -100.95
C ILE B 870 -84.79 -100.62 -100.85
N ARG B 871 -84.73 -101.48 -99.82
CA ARG B 871 -83.65 -102.46 -99.75
C ARG B 871 -83.86 -103.59 -100.74
N GLU B 872 -85.11 -103.91 -101.08
CA GLU B 872 -85.35 -104.84 -102.18
C GLU B 872 -84.84 -104.26 -103.49
N LYS B 873 -85.10 -102.97 -103.72
CA LYS B 873 -84.57 -102.29 -104.90
C LYS B 873 -83.05 -102.28 -104.90
N LEU B 874 -82.45 -102.04 -103.73
CA LEU B 874 -81.00 -102.07 -103.61
C LEU B 874 -80.45 -103.46 -103.84
N ALA B 875 -81.17 -104.50 -103.40
CA ALA B 875 -80.75 -105.87 -103.65
C ALA B 875 -80.72 -106.16 -105.13
N GLU B 876 -81.75 -105.70 -105.85
CA GLU B 876 -81.75 -105.85 -107.31
C GLU B 876 -80.61 -105.07 -107.96
N ASN B 877 -80.34 -103.87 -107.47
CA ASN B 877 -79.27 -103.05 -108.04
C ASN B 877 -77.90 -103.68 -107.84
N ILE B 878 -77.61 -104.15 -106.62
CA ILE B 878 -76.30 -104.76 -106.37
C ILE B 878 -76.19 -106.09 -107.11
N HIS B 879 -77.28 -106.83 -107.27
CA HIS B 879 -77.20 -108.08 -108.01
C HIS B 879 -76.93 -107.84 -109.50
N GLU B 880 -77.63 -106.88 -110.12
CA GLU B 880 -77.38 -106.63 -111.53
C GLU B 880 -75.99 -106.01 -111.74
N LEU B 881 -75.53 -105.19 -110.79
CA LEU B 881 -74.15 -104.70 -110.89
C LEU B 881 -73.14 -105.82 -110.67
N TRP B 882 -73.45 -106.80 -109.82
CA TRP B 882 -72.58 -107.95 -109.63
C TRP B 882 -72.48 -108.77 -110.91
N ALA B 883 -73.61 -108.99 -111.58
CA ALA B 883 -73.60 -109.69 -112.85
C ALA B 883 -72.84 -108.90 -113.91
N LEU B 884 -72.96 -107.56 -113.88
CA LEU B 884 -72.19 -106.70 -114.78
C LEU B 884 -70.70 -106.87 -114.55
N THR B 885 -70.28 -106.88 -113.28
CA THR B 885 -68.86 -107.06 -112.97
C THR B 885 -68.38 -108.44 -113.39
N ARG B 886 -69.23 -109.46 -113.23
CA ARG B 886 -68.87 -110.81 -113.62
C ARG B 886 -68.64 -110.92 -115.12
N ILE B 887 -69.59 -110.40 -115.91
CA ILE B 887 -69.46 -110.53 -117.36
C ILE B 887 -68.36 -109.59 -117.88
N GLU B 888 -68.11 -108.46 -117.21
CA GLU B 888 -66.99 -107.61 -117.58
C GLU B 888 -65.67 -108.33 -117.32
N GLN B 889 -65.58 -109.07 -116.21
CA GLN B 889 -64.42 -109.91 -115.97
C GLN B 889 -64.31 -111.01 -117.03
N GLY B 890 -65.46 -111.55 -117.45
CA GLY B 890 -65.55 -112.59 -118.46
C GLY B 890 -66.10 -113.89 -117.90
N TRP B 891 -66.96 -113.79 -116.89
CA TRP B 891 -67.52 -114.95 -116.19
C TRP B 891 -68.91 -115.22 -116.76
N THR B 892 -69.02 -116.30 -117.52
CA THR B 892 -70.30 -116.74 -118.04
C THR B 892 -71.08 -117.47 -116.95
N TYR B 893 -72.34 -117.78 -117.23
CA TYR B 893 -73.22 -118.47 -116.29
C TYR B 893 -73.14 -119.98 -116.53
N GLY B 894 -73.04 -120.73 -115.42
CA GLY B 894 -73.12 -122.16 -115.48
C GLY B 894 -73.51 -122.75 -114.14
N PRO B 895 -73.93 -124.02 -114.11
CA PRO B 895 -74.44 -124.60 -112.87
C PRO B 895 -73.35 -124.84 -111.84
N VAL B 896 -72.23 -125.41 -112.29
CA VAL B 896 -71.09 -125.69 -111.41
C VAL B 896 -70.14 -124.50 -111.46
N ARG B 897 -69.28 -124.41 -110.43
CA ARG B 897 -68.27 -123.36 -110.34
C ARG B 897 -66.98 -123.87 -110.98
N ASP B 898 -66.53 -123.18 -112.03
CA ASP B 898 -65.31 -123.50 -112.76
C ASP B 898 -64.50 -122.23 -112.95
N ASP B 899 -63.17 -122.39 -113.03
CA ASP B 899 -62.23 -121.30 -113.18
C ASP B 899 -61.75 -121.09 -114.61
N ASN B 900 -61.45 -122.18 -115.33
CA ASN B 900 -61.06 -122.04 -116.73
C ASN B 900 -62.23 -121.56 -117.58
N LYS B 901 -63.37 -122.23 -117.46
CA LYS B 901 -64.59 -121.80 -118.14
C LYS B 901 -65.25 -120.60 -117.48
N ARG B 902 -64.93 -120.33 -116.20
CA ARG B 902 -65.40 -119.14 -115.50
C ARG B 902 -66.92 -119.15 -115.35
N LEU B 903 -67.44 -120.27 -114.85
CA LEU B 903 -68.84 -120.46 -114.56
C LEU B 903 -69.14 -120.07 -113.11
N HIS B 904 -70.42 -119.76 -112.86
CA HIS B 904 -70.89 -119.46 -111.51
C HIS B 904 -72.41 -119.53 -111.52
N PRO B 905 -73.05 -120.12 -110.50
CA PRO B 905 -74.52 -120.28 -110.56
C PRO B 905 -75.32 -119.08 -110.07
N CYS B 906 -74.68 -118.02 -109.58
CA CYS B 906 -75.39 -116.83 -109.13
C CYS B 906 -75.85 -115.93 -110.27
N LEU B 907 -75.55 -116.26 -111.52
CA LEU B 907 -75.71 -115.33 -112.65
C LEU B 907 -77.09 -115.49 -113.29
N VAL B 908 -78.12 -115.26 -112.45
CA VAL B 908 -79.52 -115.30 -112.85
C VAL B 908 -80.25 -114.24 -112.04
N ASN B 909 -81.28 -113.64 -112.63
CA ASN B 909 -82.11 -112.69 -111.92
C ASN B 909 -82.91 -113.39 -110.83
N PHE B 910 -83.46 -112.59 -109.90
CA PHE B 910 -84.17 -113.11 -108.72
C PHE B 910 -85.40 -113.94 -109.09
N HIS B 911 -85.99 -113.75 -110.27
CA HIS B 911 -87.16 -114.53 -110.65
C HIS B 911 -86.83 -116.00 -110.88
N SER B 912 -85.55 -116.34 -111.12
CA SER B 912 -85.11 -117.74 -111.19
C SER B 912 -83.74 -117.96 -110.55
N LEU B 913 -83.26 -117.05 -109.70
CA LEU B 913 -82.01 -117.29 -109.00
C LEU B 913 -82.22 -118.42 -107.98
N PRO B 914 -81.16 -119.15 -107.59
CA PRO B 914 -81.32 -120.08 -106.47
C PRO B 914 -81.65 -119.35 -105.17
N GLU B 915 -82.43 -120.03 -104.34
CA GLU B 915 -82.89 -119.44 -103.07
C GLU B 915 -81.77 -119.05 -102.10
N PRO B 916 -80.72 -119.87 -101.87
CA PRO B 916 -79.62 -119.39 -101.01
C PRO B 916 -78.94 -118.13 -101.50
N GLU B 917 -78.80 -117.97 -102.81
CA GLU B 917 -78.23 -116.74 -103.35
C GLU B 917 -79.16 -115.56 -103.12
N ARG B 918 -80.48 -115.78 -103.23
CA ARG B 918 -81.45 -114.73 -102.95
C ARG B 918 -81.39 -114.30 -101.49
N ASN B 919 -81.32 -115.28 -100.58
CA ASN B 919 -81.25 -114.97 -99.15
C ASN B 919 -79.96 -114.24 -98.82
N TYR B 920 -78.84 -114.67 -99.40
CA TYR B 920 -77.55 -114.02 -99.19
C TYR B 920 -77.57 -112.58 -99.69
N ASN B 921 -78.14 -112.37 -100.88
CA ASN B 921 -78.23 -111.04 -101.48
C ASN B 921 -79.05 -110.10 -100.61
N LEU B 922 -80.27 -110.53 -100.25
CA LEU B 922 -81.13 -109.71 -99.40
C LEU B 922 -80.53 -109.50 -98.02
N GLN B 923 -79.76 -110.48 -97.52
CA GLN B 923 -79.16 -110.36 -96.19
C GLN B 923 -78.15 -109.23 -96.14
N MET B 924 -77.13 -109.25 -97.02
CA MET B 924 -76.14 -108.17 -96.89
C MET B 924 -76.67 -106.86 -97.44
N SER B 925 -77.71 -106.87 -98.31
CA SER B 925 -78.35 -105.61 -98.67
C SER B 925 -79.02 -104.96 -97.46
N GLY B 926 -79.76 -105.76 -96.68
CA GLY B 926 -80.38 -105.24 -95.48
C GLY B 926 -79.38 -104.82 -94.44
N GLU B 927 -78.27 -105.55 -94.33
CA GLU B 927 -77.23 -105.17 -93.39
C GLU B 927 -76.55 -103.86 -93.82
N THR B 928 -76.35 -103.67 -95.13
CA THR B 928 -75.79 -102.42 -95.61
C THR B 928 -76.72 -101.25 -95.31
N LEU B 929 -78.03 -101.44 -95.48
CA LEU B 929 -78.96 -100.36 -95.15
C LEU B 929 -79.01 -100.11 -93.65
N LYS B 930 -78.90 -101.17 -92.84
CA LYS B 930 -78.88 -100.99 -91.39
C LYS B 930 -77.64 -100.23 -90.94
N THR B 931 -76.49 -100.53 -91.55
CA THR B 931 -75.29 -99.75 -91.28
C THR B 931 -75.45 -98.31 -91.74
N LEU B 932 -76.17 -98.10 -92.86
CA LEU B 932 -76.39 -96.75 -93.35
C LEU B 932 -77.17 -95.89 -92.38
N LEU B 933 -78.05 -96.50 -91.58
CA LEU B 933 -78.84 -95.84 -90.54
C LEU B 933 -78.70 -96.58 -89.21
N ALA B 934 -77.49 -97.03 -88.89
CA ALA B 934 -77.25 -97.63 -87.59
C ALA B 934 -77.40 -96.61 -86.48
N LEU B 935 -76.82 -95.43 -86.67
CA LEU B 935 -76.94 -94.33 -85.71
C LEU B 935 -78.25 -93.60 -85.96
N GLY B 936 -78.41 -92.42 -85.35
CA GLY B 936 -79.61 -91.63 -85.50
C GLY B 936 -79.68 -90.85 -86.79
N CYS B 937 -79.68 -91.56 -87.92
CA CYS B 937 -79.76 -90.94 -89.25
C CYS B 937 -81.23 -90.75 -89.63
N HIS B 938 -81.52 -89.60 -90.22
CA HIS B 938 -82.89 -89.23 -90.57
C HIS B 938 -83.25 -89.76 -91.95
N VAL B 939 -84.53 -90.15 -92.08
CA VAL B 939 -85.09 -90.60 -93.35
C VAL B 939 -86.60 -90.59 -93.19
N GLY B 940 -87.32 -90.40 -94.29
CA GLY B 940 -88.76 -90.33 -94.20
C GLY B 940 -89.43 -90.40 -95.56
N MET B 941 -90.64 -89.87 -95.61
CA MET B 941 -91.45 -89.93 -96.82
C MET B 941 -90.84 -89.04 -97.90
N ALA B 942 -90.80 -89.55 -99.14
CA ALA B 942 -90.42 -88.76 -100.30
C ALA B 942 -91.27 -89.08 -101.54
N ASP B 943 -92.48 -89.62 -101.37
CA ASP B 943 -93.43 -89.91 -102.44
C ASP B 943 -92.96 -90.99 -103.42
N GLU B 944 -91.90 -91.74 -103.10
CA GLU B 944 -91.37 -92.82 -103.94
C GLU B 944 -90.95 -92.29 -105.32
N LYS B 945 -89.90 -91.46 -105.29
CA LYS B 945 -89.40 -90.83 -106.50
C LYS B 945 -88.67 -91.80 -107.44
N ALA B 946 -88.41 -93.04 -107.01
CA ALA B 946 -87.74 -94.02 -107.88
C ALA B 946 -88.58 -94.33 -109.11
N GLU B 947 -89.89 -94.54 -108.92
CA GLU B 947 -90.79 -94.70 -110.07
C GLU B 947 -90.99 -93.38 -110.81
N ASP B 948 -90.86 -92.24 -110.10
CA ASP B 948 -91.11 -90.94 -110.72
C ASP B 948 -90.09 -90.61 -111.80
N ASN B 949 -88.81 -90.92 -111.54
CA ASN B 949 -87.67 -90.47 -112.35
C ASN B 949 -86.87 -91.65 -112.86
N LEU B 950 -87.55 -92.65 -113.42
CA LEU B 950 -86.90 -93.87 -113.88
C LEU B 950 -85.98 -93.59 -115.05
N LYS B 951 -84.76 -94.11 -114.97
CA LYS B 951 -83.79 -94.09 -116.05
C LYS B 951 -83.08 -95.44 -116.07
N LYS B 952 -82.60 -95.83 -117.26
CA LYS B 952 -81.93 -97.11 -117.47
C LYS B 952 -80.72 -96.92 -118.35
N THR B 953 -79.68 -97.70 -118.06
CA THR B 953 -78.43 -97.64 -118.80
C THR B 953 -78.60 -98.33 -120.17
N LYS B 954 -77.79 -97.90 -121.13
CA LYS B 954 -77.79 -98.51 -122.45
C LYS B 954 -77.36 -99.97 -122.37
N LEU B 955 -77.84 -100.77 -123.33
CA LEU B 955 -77.60 -102.21 -123.37
C LEU B 955 -77.16 -102.62 -124.78
N PRO B 956 -75.88 -102.42 -125.12
CA PRO B 956 -75.34 -103.08 -126.32
C PRO B 956 -75.11 -104.57 -126.09
N LYS B 957 -74.50 -105.25 -127.08
CA LYS B 957 -74.18 -106.66 -126.94
C LYS B 957 -73.05 -106.92 -125.95
N THR B 958 -72.32 -105.91 -125.50
CA THR B 958 -71.25 -106.11 -124.52
C THR B 958 -71.81 -106.63 -123.20
N TYR B 959 -73.03 -106.24 -122.84
CA TYR B 959 -73.69 -106.73 -121.64
C TYR B 959 -74.40 -108.07 -121.84
N MET B 960 -74.34 -108.65 -123.05
CA MET B 960 -75.07 -109.89 -123.32
C MET B 960 -74.52 -111.03 -122.48
N MET B 961 -75.44 -111.75 -121.83
CA MET B 961 -75.13 -112.76 -120.83
C MET B 961 -75.41 -114.13 -121.43
N SER B 962 -74.77 -115.15 -120.85
CA SER B 962 -74.93 -116.52 -121.36
C SER B 962 -76.37 -117.00 -121.24
N ASN B 963 -77.01 -116.74 -120.10
CA ASN B 963 -78.41 -117.15 -119.95
C ASN B 963 -79.33 -116.27 -120.80
N GLY B 964 -79.02 -114.98 -120.90
CA GLY B 964 -79.83 -113.99 -121.58
C GLY B 964 -80.25 -112.82 -120.70
N TYR B 965 -80.25 -112.99 -119.38
CA TYR B 965 -80.67 -111.94 -118.45
C TYR B 965 -79.48 -110.99 -118.24
N LYS B 966 -79.28 -110.13 -119.24
CA LYS B 966 -78.21 -109.15 -119.15
C LYS B 966 -78.54 -108.13 -118.04
N PRO B 967 -77.53 -107.53 -117.41
CA PRO B 967 -77.84 -106.55 -116.36
C PRO B 967 -78.45 -105.29 -116.93
N ALA B 968 -79.29 -104.65 -116.12
CA ALA B 968 -79.99 -103.42 -116.47
C ALA B 968 -79.80 -102.40 -115.36
N PRO B 969 -78.57 -101.89 -115.17
CA PRO B 969 -78.32 -100.96 -114.07
C PRO B 969 -79.04 -99.63 -114.28
N LEU B 970 -79.41 -99.01 -113.17
CA LEU B 970 -80.12 -97.74 -113.21
C LEU B 970 -79.12 -96.63 -113.54
N ASP B 971 -79.39 -95.87 -114.60
CA ASP B 971 -78.51 -94.81 -115.06
C ASP B 971 -78.76 -93.55 -114.23
N LEU B 972 -78.33 -93.62 -112.97
CA LEU B 972 -78.43 -92.53 -112.00
C LEU B 972 -77.08 -91.84 -111.81
N SER B 973 -76.33 -91.68 -112.91
CA SER B 973 -75.02 -91.05 -112.86
C SER B 973 -75.07 -89.54 -112.60
N HIS B 974 -76.26 -88.92 -112.65
CA HIS B 974 -76.38 -87.50 -112.31
C HIS B 974 -76.12 -87.20 -110.84
N VAL B 975 -76.10 -88.21 -109.97
CA VAL B 975 -75.62 -88.01 -108.61
C VAL B 975 -74.16 -87.61 -108.67
N ARG B 976 -73.84 -86.41 -108.19
CA ARG B 976 -72.47 -85.90 -108.27
C ARG B 976 -71.62 -86.45 -107.14
N LEU B 977 -71.92 -86.07 -105.89
CA LEU B 977 -71.16 -86.47 -104.72
C LEU B 977 -71.85 -85.93 -103.48
N THR B 978 -71.41 -86.40 -102.32
CA THR B 978 -71.67 -85.80 -101.02
C THR B 978 -70.52 -86.22 -100.11
N PRO B 979 -69.67 -85.30 -99.56
CA PRO B 979 -68.43 -85.78 -98.89
C PRO B 979 -68.64 -86.57 -97.61
N ALA B 980 -69.48 -86.05 -96.72
CA ALA B 980 -69.62 -86.62 -95.38
C ALA B 980 -70.22 -88.03 -95.44
N GLN B 981 -71.29 -88.20 -96.23
CA GLN B 981 -71.92 -89.51 -96.29
C GLN B 981 -71.07 -90.49 -97.09
N THR B 982 -70.28 -90.01 -98.06
CA THR B 982 -69.34 -90.91 -98.74
C THR B 982 -68.28 -91.42 -97.79
N THR B 983 -67.74 -90.54 -96.95
CA THR B 983 -66.76 -90.99 -95.95
C THR B 983 -67.39 -91.92 -94.93
N LEU B 984 -68.62 -91.63 -94.52
CA LEU B 984 -69.31 -92.50 -93.57
C LEU B 984 -69.61 -93.86 -94.18
N VAL B 985 -69.98 -93.89 -95.46
CA VAL B 985 -70.18 -95.17 -96.13
C VAL B 985 -68.86 -95.90 -96.30
N ASP B 986 -67.76 -95.16 -96.50
CA ASP B 986 -66.46 -95.80 -96.63
C ASP B 986 -66.03 -96.48 -95.33
N ARG B 987 -66.16 -95.77 -94.21
CA ARG B 987 -65.81 -96.40 -92.92
C ARG B 987 -66.84 -97.46 -92.53
N LEU B 988 -68.07 -97.38 -93.02
CA LEU B 988 -69.02 -98.48 -92.82
C LEU B 988 -68.63 -99.70 -93.65
N ALA B 989 -68.08 -99.48 -94.86
CA ALA B 989 -67.50 -100.58 -95.61
C ALA B 989 -66.31 -101.16 -94.87
N GLU B 990 -65.54 -100.32 -94.21
CA GLU B 990 -64.45 -100.80 -93.37
C GLU B 990 -64.99 -101.61 -92.19
N ASN B 991 -66.16 -101.24 -91.66
CA ASN B 991 -66.79 -102.04 -90.61
C ASN B 991 -67.27 -103.38 -91.15
N GLY B 992 -67.76 -103.37 -92.39
CA GLY B 992 -68.06 -104.62 -93.07
C GLY B 992 -66.83 -105.51 -93.19
N HIS B 993 -65.69 -104.91 -93.54
CA HIS B 993 -64.43 -105.64 -93.60
C HIS B 993 -64.00 -106.10 -92.22
N ASN B 994 -64.30 -105.32 -91.18
CA ASN B 994 -63.95 -105.70 -89.82
C ASN B 994 -64.69 -106.95 -89.40
N VAL B 995 -66.01 -106.98 -89.60
CA VAL B 995 -66.78 -108.16 -89.24
C VAL B 995 -66.41 -109.34 -90.14
N TRP B 996 -66.09 -109.08 -91.41
CA TRP B 996 -65.63 -110.14 -92.30
C TRP B 996 -64.32 -110.75 -91.82
N ALA B 997 -63.39 -109.91 -91.38
CA ALA B 997 -62.12 -110.41 -90.86
C ALA B 997 -62.32 -111.14 -89.54
N ARG B 998 -63.27 -110.68 -88.72
CA ARG B 998 -63.59 -111.40 -87.49
C ARG B 998 -64.12 -112.79 -87.79
N ASP B 999 -65.03 -112.89 -88.77
CA ASP B 999 -65.54 -114.19 -89.17
C ASP B 999 -64.44 -115.07 -89.76
N ARG B 1000 -63.51 -114.45 -90.49
CA ARG B 1000 -62.47 -115.21 -91.16
C ARG B 1000 -61.44 -115.75 -90.17
N VAL B 1001 -61.05 -114.94 -89.18
CA VAL B 1001 -59.93 -115.23 -88.30
C VAL B 1001 -60.40 -115.64 -86.91
N ALA B 1002 -61.31 -114.88 -86.31
CA ALA B 1002 -61.68 -115.11 -84.91
C ALA B 1002 -62.46 -116.42 -84.75
N GLN B 1003 -63.35 -116.71 -85.69
CA GLN B 1003 -64.11 -117.96 -85.73
C GLN B 1003 -63.53 -118.98 -86.69
N GLY B 1004 -62.87 -118.55 -87.77
CA GLY B 1004 -62.30 -119.46 -88.74
C GLY B 1004 -60.89 -119.89 -88.39
N TRP B 1005 -60.06 -118.91 -88.03
CA TRP B 1005 -58.62 -119.04 -87.73
C TRP B 1005 -57.89 -119.94 -88.73
N SER B 1006 -58.17 -119.71 -90.01
CA SER B 1006 -57.53 -120.45 -91.09
C SER B 1006 -56.14 -119.84 -91.34
N TYR B 1007 -55.51 -120.22 -92.46
CA TYR B 1007 -54.16 -119.81 -92.80
C TYR B 1007 -54.07 -119.58 -94.30
N SER B 1008 -53.30 -118.56 -94.68
CA SER B 1008 -52.96 -118.29 -96.09
C SER B 1008 -51.65 -118.95 -96.47
N ALA B 1009 -51.58 -120.26 -96.23
CA ALA B 1009 -50.38 -121.06 -96.48
C ALA B 1009 -49.17 -120.54 -95.72
N ARG B 1020 -54.36 -115.55 -93.81
CA ARG B 1020 -55.39 -114.59 -93.45
C ARG B 1020 -54.88 -113.18 -93.71
N LEU B 1021 -55.67 -112.18 -93.31
CA LEU B 1021 -55.30 -110.78 -93.38
C LEU B 1021 -55.66 -110.10 -92.06
N VAL B 1022 -54.83 -109.15 -91.67
CA VAL B 1022 -55.01 -108.45 -90.40
C VAL B 1022 -56.28 -107.60 -90.47
N PRO B 1023 -57.06 -107.42 -89.37
CA PRO B 1023 -58.11 -106.40 -89.41
C PRO B 1023 -57.54 -104.99 -89.34
N TYR B 1024 -57.59 -104.28 -90.45
CA TYR B 1024 -57.03 -102.95 -90.61
C TYR B 1024 -58.15 -101.95 -90.85
N ARG B 1025 -57.77 -100.70 -91.04
CA ARG B 1025 -58.64 -99.61 -91.45
C ARG B 1025 -58.12 -98.86 -92.67
N LEU B 1026 -56.81 -98.63 -92.75
CA LEU B 1026 -56.18 -97.89 -93.85
C LEU B 1026 -54.85 -98.54 -94.21
N LEU B 1027 -54.81 -99.87 -94.29
CA LEU B 1027 -53.57 -100.55 -94.62
C LEU B 1027 -53.20 -100.30 -96.08
N ASP B 1028 -54.02 -100.81 -97.00
CA ASP B 1028 -53.72 -100.83 -98.43
C ASP B 1028 -54.65 -99.85 -99.15
N GLU B 1029 -54.05 -98.95 -99.93
CA GLU B 1029 -54.83 -97.94 -100.64
C GLU B 1029 -55.51 -98.50 -101.88
N ALA B 1030 -54.97 -99.55 -102.49
CA ALA B 1030 -55.59 -100.11 -103.69
C ALA B 1030 -56.89 -100.81 -103.34
N THR B 1031 -56.88 -101.66 -102.31
CA THR B 1031 -58.10 -102.36 -101.91
C THR B 1031 -59.12 -101.37 -101.35
N LYS B 1032 -58.65 -100.38 -100.58
CA LYS B 1032 -59.54 -99.34 -100.07
C LYS B 1032 -60.16 -98.55 -101.21
N ARG B 1033 -59.39 -98.26 -102.25
CA ARG B 1033 -59.94 -97.55 -103.41
C ARG B 1033 -60.97 -98.40 -104.14
N SER B 1034 -60.72 -99.72 -104.24
CA SER B 1034 -61.68 -100.60 -104.91
C SER B 1034 -63.00 -100.66 -104.15
N ASN B 1035 -62.91 -100.85 -102.82
CA ASN B 1035 -64.12 -100.88 -102.00
C ASN B 1035 -64.84 -99.54 -102.01
N ARG B 1036 -64.08 -98.44 -101.99
CA ARG B 1036 -64.68 -97.12 -102.04
C ARG B 1036 -65.38 -96.89 -103.38
N ASP B 1037 -64.79 -97.39 -104.47
CA ASP B 1037 -65.42 -97.22 -105.78
C ASP B 1037 -66.72 -98.03 -105.88
N SER B 1038 -66.70 -99.27 -105.39
CA SER B 1038 -67.89 -100.11 -105.42
C SER B 1038 -69.01 -99.50 -104.57
N LEU B 1039 -68.67 -99.11 -103.33
CA LEU B 1039 -69.67 -98.48 -102.49
C LEU B 1039 -70.02 -97.06 -102.95
N CYS B 1040 -69.17 -96.43 -103.76
CA CYS B 1040 -69.53 -95.13 -104.34
C CYS B 1040 -70.57 -95.30 -105.43
N GLN B 1041 -70.44 -96.36 -106.24
CA GLN B 1041 -71.52 -96.68 -107.18
C GLN B 1041 -72.80 -97.03 -106.43
N ALA B 1042 -72.66 -97.75 -105.30
CA ALA B 1042 -73.81 -98.04 -104.45
C ALA B 1042 -74.47 -96.74 -103.95
N VAL B 1043 -73.66 -95.80 -103.45
CA VAL B 1043 -74.18 -94.52 -102.95
C VAL B 1043 -74.80 -93.71 -104.08
N ARG B 1044 -74.25 -93.82 -105.28
CA ARG B 1044 -74.85 -93.16 -106.44
C ARG B 1044 -76.25 -93.68 -106.69
N THR B 1045 -76.43 -95.01 -106.61
CA THR B 1045 -77.78 -95.57 -106.73
C THR B 1045 -78.68 -95.14 -105.57
N LEU B 1046 -78.14 -95.12 -104.34
CA LEU B 1046 -78.93 -94.76 -103.17
C LEU B 1046 -79.45 -93.33 -103.23
N LEU B 1047 -78.57 -92.38 -103.57
CA LEU B 1047 -79.01 -90.99 -103.72
C LEU B 1047 -79.79 -90.76 -105.00
N GLY B 1048 -79.61 -91.60 -106.02
CA GLY B 1048 -80.46 -91.53 -107.20
C GLY B 1048 -81.87 -92.01 -106.97
N TYR B 1049 -82.08 -92.86 -105.97
CA TYR B 1049 -83.45 -93.16 -105.54
C TYR B 1049 -84.14 -91.91 -105.02
N GLY B 1050 -83.40 -91.02 -104.35
CA GLY B 1050 -83.93 -89.81 -103.76
C GLY B 1050 -84.19 -89.95 -102.28
N TYR B 1051 -83.21 -90.52 -101.56
CA TYR B 1051 -83.26 -90.78 -100.12
C TYR B 1051 -82.05 -90.08 -99.50
N ASN B 1052 -82.27 -88.85 -99.05
CA ASN B 1052 -81.19 -88.08 -98.42
C ASN B 1052 -80.86 -88.63 -97.04
N ILE B 1053 -79.67 -88.29 -96.57
CA ILE B 1053 -79.19 -88.74 -95.26
C ILE B 1053 -78.11 -87.78 -94.79
N GLU B 1054 -78.04 -87.59 -93.48
CA GLU B 1054 -77.06 -86.75 -92.82
C GLU B 1054 -76.68 -87.40 -91.51
N PRO B 1055 -75.52 -87.06 -90.92
CA PRO B 1055 -75.08 -87.76 -89.71
C PRO B 1055 -75.94 -87.36 -88.52
N PRO B 1056 -75.82 -88.07 -87.38
CA PRO B 1056 -76.64 -87.70 -86.22
C PRO B 1056 -76.27 -86.36 -85.62
N ASP B 1057 -74.98 -86.16 -85.33
CA ASP B 1057 -74.45 -84.93 -84.74
C ASP B 1057 -73.15 -84.54 -85.42
N GLN B 1058 -73.07 -84.73 -86.75
CA GLN B 1058 -71.88 -84.40 -87.54
C GLN B 1058 -70.65 -85.20 -87.11
N GLU B 1059 -70.85 -86.43 -86.62
CA GLU B 1059 -69.79 -87.33 -86.20
C GLU B 1059 -68.93 -86.71 -85.11
N PRO B 1060 -69.47 -86.51 -83.90
CA PRO B 1060 -68.66 -85.89 -82.84
C PRO B 1060 -67.64 -86.85 -82.23
N ASN B 1065 -57.17 -88.58 -76.49
CA ASN B 1065 -56.60 -87.92 -75.32
C ASN B 1065 -56.78 -88.76 -74.05
N GLN B 1066 -56.78 -90.09 -74.21
CA GLN B 1066 -56.99 -90.99 -73.08
C GLN B 1066 -55.68 -91.21 -72.31
N SER B 1067 -54.56 -91.33 -73.01
CA SER B 1067 -53.26 -91.49 -72.36
C SER B 1067 -52.20 -91.04 -73.37
N ARG B 1068 -51.70 -89.81 -73.17
CA ARG B 1068 -50.81 -89.20 -74.16
C ARG B 1068 -49.37 -89.67 -73.98
N TRP B 1069 -48.79 -89.40 -72.80
CA TRP B 1069 -47.45 -89.81 -72.38
C TRP B 1069 -46.32 -89.03 -73.07
N ASP B 1070 -46.63 -88.17 -74.05
CA ASP B 1070 -45.63 -87.53 -74.90
C ASP B 1070 -46.13 -86.13 -75.23
N ARG B 1071 -45.69 -85.16 -74.45
CA ARG B 1071 -45.96 -83.76 -74.73
C ARG B 1071 -45.04 -83.31 -75.87
N VAL B 1072 -45.25 -82.07 -76.32
CA VAL B 1072 -44.34 -81.48 -77.30
C VAL B 1072 -42.99 -81.28 -76.62
N ARG B 1073 -41.93 -81.76 -77.28
CA ARG B 1073 -40.60 -81.70 -76.70
C ARG B 1073 -39.99 -80.33 -76.92
N ILE B 1074 -39.28 -79.86 -75.89
CA ILE B 1074 -38.87 -78.47 -75.75
C ILE B 1074 -37.34 -78.42 -75.73
N PHE B 1075 -36.80 -77.42 -76.42
CA PHE B 1075 -35.37 -77.28 -76.64
C PHE B 1075 -34.94 -75.86 -76.32
N ARG B 1076 -33.76 -75.72 -75.71
CA ARG B 1076 -33.23 -74.42 -75.38
C ARG B 1076 -31.71 -74.53 -75.26
N ALA B 1077 -31.09 -73.39 -75.00
CA ALA B 1077 -29.68 -73.30 -74.63
C ALA B 1077 -29.56 -73.24 -73.12
N GLU B 1078 -28.34 -73.44 -72.63
CA GLU B 1078 -28.11 -73.42 -71.20
C GLU B 1078 -28.21 -72.00 -70.66
N LYS B 1079 -28.15 -71.90 -69.34
CA LYS B 1079 -28.19 -70.60 -68.68
C LYS B 1079 -26.90 -69.81 -68.86
N SER B 1080 -25.80 -70.46 -69.27
CA SER B 1080 -24.54 -69.75 -69.44
C SER B 1080 -24.59 -68.77 -70.60
N TYR B 1081 -25.34 -69.09 -71.66
CA TYR B 1081 -25.49 -68.24 -72.82
C TYR B 1081 -26.64 -67.24 -72.67
N THR B 1082 -27.05 -66.93 -71.44
CA THR B 1082 -28.14 -65.99 -71.23
C THR B 1082 -27.75 -64.59 -71.67
N VAL B 1083 -28.65 -63.95 -72.41
CA VAL B 1083 -28.41 -62.61 -72.94
C VAL B 1083 -29.00 -61.64 -71.93
N GLN B 1084 -28.16 -61.17 -71.02
CA GLN B 1084 -28.60 -60.16 -70.06
C GLN B 1084 -28.89 -58.84 -70.77
N SER B 1085 -28.07 -58.48 -71.74
CA SER B 1085 -28.24 -57.21 -72.45
C SER B 1085 -27.50 -57.30 -73.78
N GLY B 1086 -28.17 -56.87 -74.84
CA GLY B 1086 -27.58 -56.93 -76.16
C GLY B 1086 -28.67 -56.88 -77.22
N ARG B 1087 -28.31 -57.35 -78.42
CA ARG B 1087 -29.25 -57.36 -79.53
C ARG B 1087 -28.67 -58.28 -80.61
N TRP B 1088 -29.35 -59.40 -80.85
CA TRP B 1088 -28.85 -60.49 -81.69
C TRP B 1088 -29.90 -61.00 -82.66
N TYR B 1089 -29.60 -62.09 -83.35
CA TYR B 1089 -30.48 -62.66 -84.36
C TYR B 1089 -30.16 -64.14 -84.51
N PHE B 1090 -31.17 -64.93 -84.83
CA PHE B 1090 -30.97 -66.29 -85.30
C PHE B 1090 -32.16 -66.66 -86.19
N GLU B 1091 -32.16 -67.91 -86.65
CA GLU B 1091 -33.23 -68.39 -87.52
C GLU B 1091 -33.42 -69.89 -87.35
N PHE B 1092 -34.59 -70.35 -87.79
CA PHE B 1092 -35.02 -71.73 -87.67
C PHE B 1092 -35.65 -72.16 -89.00
N GLU B 1093 -35.47 -73.43 -89.33
CA GLU B 1093 -36.13 -74.08 -90.45
C GLU B 1093 -36.75 -75.38 -89.97
N ALA B 1094 -37.89 -75.73 -90.56
CA ALA B 1094 -38.58 -76.99 -90.30
C ALA B 1094 -38.99 -77.62 -91.62
N VAL B 1095 -38.71 -78.91 -91.76
CA VAL B 1095 -39.01 -79.59 -93.02
C VAL B 1095 -40.51 -79.75 -93.20
N THR B 1096 -41.23 -80.07 -92.13
CA THR B 1096 -42.66 -80.36 -92.15
C THR B 1096 -43.39 -79.39 -91.23
N THR B 1097 -44.52 -78.87 -91.72
CA THR B 1097 -45.35 -78.00 -90.91
C THR B 1097 -46.07 -78.78 -89.83
N GLY B 1098 -46.32 -78.12 -88.71
CA GLY B 1098 -47.02 -78.75 -87.62
C GLY B 1098 -46.99 -77.87 -86.38
N GLU B 1099 -47.32 -78.47 -85.25
CA GLU B 1099 -47.35 -77.75 -83.98
C GLU B 1099 -45.91 -77.52 -83.53
N MET B 1100 -45.45 -76.28 -83.66
CA MET B 1100 -44.11 -75.91 -83.24
C MET B 1100 -44.08 -74.42 -83.01
N ARG B 1101 -43.27 -74.00 -82.04
CA ARG B 1101 -43.14 -72.61 -81.62
C ARG B 1101 -41.67 -72.28 -81.46
N VAL B 1102 -41.30 -71.08 -81.92
CA VAL B 1102 -39.93 -70.60 -81.93
C VAL B 1102 -39.93 -69.17 -81.40
N GLY B 1103 -38.86 -68.81 -80.70
CA GLY B 1103 -38.71 -67.47 -80.20
C GLY B 1103 -37.63 -67.34 -79.15
N TRP B 1104 -37.91 -66.53 -78.13
CA TRP B 1104 -37.01 -66.26 -77.01
C TRP B 1104 -37.77 -66.52 -75.72
N ALA B 1105 -37.01 -66.75 -74.65
CA ALA B 1105 -37.62 -67.07 -73.37
C ALA B 1105 -36.64 -66.83 -72.24
N ARG B 1106 -37.19 -66.63 -71.05
CA ARG B 1106 -36.40 -66.50 -69.85
C ARG B 1106 -35.87 -67.88 -69.44
N PRO B 1107 -34.77 -67.93 -68.69
CA PRO B 1107 -34.09 -69.21 -68.49
C PRO B 1107 -34.72 -70.12 -67.45
N GLU B 1108 -35.80 -69.71 -66.79
CA GLU B 1108 -36.49 -70.49 -65.76
C GLU B 1108 -37.70 -71.21 -66.31
N LEU B 1109 -37.61 -71.69 -67.56
CA LEU B 1109 -38.73 -72.39 -68.19
C LEU B 1109 -38.95 -73.72 -67.49
N ARG B 1110 -39.98 -73.78 -66.67
CA ARG B 1110 -40.37 -75.06 -66.12
C ARG B 1110 -40.98 -75.91 -67.24
N PRO B 1111 -40.68 -77.21 -67.32
CA PRO B 1111 -41.35 -78.04 -68.32
C PRO B 1111 -42.76 -78.39 -67.84
N ASP B 1112 -43.44 -79.23 -68.63
CA ASP B 1112 -44.85 -79.55 -68.44
C ASP B 1112 -45.75 -78.32 -68.59
N VAL B 1113 -45.30 -77.33 -69.37
CA VAL B 1113 -46.07 -76.14 -69.67
C VAL B 1113 -45.84 -75.84 -71.14
N GLU B 1114 -46.92 -75.60 -71.87
CA GLU B 1114 -46.78 -75.24 -73.28
C GLU B 1114 -46.13 -73.87 -73.38
N LEU B 1115 -45.29 -73.71 -74.41
CA LEU B 1115 -44.52 -72.49 -74.55
C LEU B 1115 -45.43 -71.32 -74.86
N GLY B 1116 -45.25 -70.23 -74.11
CA GLY B 1116 -46.11 -69.08 -74.21
C GLY B 1116 -47.40 -69.17 -73.43
N ALA B 1117 -47.67 -70.30 -72.77
CA ALA B 1117 -48.82 -70.41 -71.88
C ALA B 1117 -48.66 -69.65 -70.58
N ASP B 1118 -47.45 -69.17 -70.25
CA ASP B 1118 -47.14 -68.42 -69.04
C ASP B 1118 -46.30 -67.21 -69.45
N GLU B 1119 -45.93 -66.38 -68.47
CA GLU B 1119 -45.17 -65.16 -68.77
C GLU B 1119 -43.74 -65.41 -69.20
N LEU B 1120 -43.22 -66.63 -69.09
CA LEU B 1120 -41.80 -66.91 -69.25
C LEU B 1120 -41.41 -67.21 -70.70
N ALA B 1121 -42.17 -66.73 -71.68
CA ALA B 1121 -41.85 -66.97 -73.07
C ALA B 1121 -42.52 -65.93 -73.94
N TYR B 1122 -41.98 -65.75 -75.14
CA TYR B 1122 -42.51 -64.85 -76.14
C TYR B 1122 -42.44 -65.52 -77.52
N VAL B 1123 -42.81 -66.79 -77.58
CA VAL B 1123 -42.70 -67.57 -78.81
C VAL B 1123 -43.74 -67.10 -79.81
N PHE B 1124 -43.59 -67.57 -81.05
CA PHE B 1124 -44.58 -67.43 -82.10
C PHE B 1124 -44.89 -68.80 -82.67
N ASN B 1125 -46.18 -69.10 -82.78
CA ASN B 1125 -46.68 -70.34 -83.38
C ASN B 1125 -47.43 -69.97 -84.65
N GLY B 1126 -47.01 -70.55 -85.77
CA GLY B 1126 -47.54 -70.19 -87.07
C GLY B 1126 -48.65 -71.09 -87.58
N HIS B 1127 -48.62 -72.37 -87.18
CA HIS B 1127 -49.58 -73.35 -87.69
C HIS B 1127 -51.02 -72.97 -87.32
N ARG B 1128 -51.26 -72.69 -86.04
CA ARG B 1128 -52.50 -72.05 -85.65
C ARG B 1128 -52.55 -70.60 -86.10
N GLY B 1129 -51.39 -69.94 -86.15
CA GLY B 1129 -51.30 -68.58 -86.62
C GLY B 1129 -51.63 -67.55 -85.57
N GLN B 1130 -50.93 -67.60 -84.44
CA GLN B 1130 -51.15 -66.65 -83.37
C GLN B 1130 -49.94 -66.62 -82.45
N ARG B 1131 -49.49 -65.41 -82.12
CA ARG B 1131 -48.37 -65.26 -81.19
C ARG B 1131 -48.85 -65.52 -79.77
N TRP B 1132 -48.08 -66.32 -79.03
CA TRP B 1132 -48.53 -66.92 -77.79
C TRP B 1132 -47.94 -66.20 -76.60
N HIS B 1133 -48.81 -65.87 -75.64
CA HIS B 1133 -48.47 -65.29 -74.35
C HIS B 1133 -49.66 -65.58 -73.45
N LEU B 1134 -49.75 -64.88 -72.32
CA LEU B 1134 -50.96 -64.97 -71.51
C LEU B 1134 -52.10 -64.32 -72.29
N GLY B 1135 -52.81 -65.14 -73.06
CA GLY B 1135 -53.81 -64.67 -74.01
C GLY B 1135 -53.21 -64.62 -75.40
N SER B 1136 -53.50 -65.65 -76.21
CA SER B 1136 -52.86 -65.79 -77.52
C SER B 1136 -53.59 -64.92 -78.52
N GLU B 1137 -53.05 -63.74 -78.78
CA GLU B 1137 -53.62 -62.82 -79.74
C GLU B 1137 -53.30 -63.29 -81.16
N PRO B 1138 -54.13 -62.96 -82.16
CA PRO B 1138 -53.84 -63.45 -83.51
C PRO B 1138 -52.73 -62.66 -84.14
N PHE B 1139 -51.90 -63.37 -84.91
CA PHE B 1139 -50.73 -62.77 -85.54
C PHE B 1139 -50.13 -63.79 -86.48
N GLY B 1140 -49.65 -63.31 -87.63
CA GLY B 1140 -48.98 -64.19 -88.56
C GLY B 1140 -49.96 -65.02 -89.37
N ARG B 1141 -49.47 -66.17 -89.84
CA ARG B 1141 -50.23 -67.01 -90.75
C ARG B 1141 -49.62 -68.41 -90.72
N PRO B 1142 -50.27 -69.39 -91.36
CA PRO B 1142 -49.59 -70.66 -91.61
C PRO B 1142 -48.45 -70.48 -92.60
N TRP B 1143 -47.66 -71.55 -92.72
CA TRP B 1143 -46.47 -71.55 -93.56
C TRP B 1143 -46.22 -72.98 -94.02
N GLN B 1144 -45.80 -73.12 -95.27
CA GLN B 1144 -45.69 -74.42 -95.91
C GLN B 1144 -44.41 -75.12 -95.46
N SER B 1145 -44.08 -76.24 -96.09
CA SER B 1145 -42.86 -76.99 -95.78
C SER B 1145 -41.67 -76.19 -96.30
N GLY B 1146 -41.24 -75.23 -95.49
CA GLY B 1146 -40.21 -74.29 -95.86
C GLY B 1146 -40.36 -73.04 -95.02
N ASP B 1147 -40.16 -71.86 -95.62
CA ASP B 1147 -40.38 -70.58 -94.96
C ASP B 1147 -39.47 -70.43 -93.72
N VAL B 1148 -38.18 -70.28 -94.02
CA VAL B 1148 -37.15 -70.15 -93.00
C VAL B 1148 -37.46 -68.95 -92.10
N VAL B 1149 -37.74 -69.23 -90.84
CA VAL B 1149 -38.18 -68.21 -89.89
C VAL B 1149 -36.96 -67.62 -89.21
N GLY B 1150 -36.79 -66.30 -89.35
CA GLY B 1150 -35.74 -65.57 -88.68
C GLY B 1150 -36.23 -64.85 -87.44
N CYS B 1151 -35.99 -65.45 -86.27
CA CYS B 1151 -36.35 -64.81 -85.02
C CYS B 1151 -35.35 -63.72 -84.67
N MET B 1152 -35.79 -62.78 -83.83
CA MET B 1152 -35.10 -61.52 -83.67
C MET B 1152 -35.46 -60.90 -82.33
N ILE B 1153 -34.58 -60.06 -81.82
CA ILE B 1153 -34.74 -59.45 -80.51
C ILE B 1153 -33.90 -58.18 -80.45
N ASP B 1154 -34.35 -57.22 -79.65
CA ASP B 1154 -33.60 -55.98 -79.41
C ASP B 1154 -33.92 -55.51 -78.01
N LEU B 1155 -32.94 -55.62 -77.11
CA LEU B 1155 -33.08 -55.17 -75.74
C LEU B 1155 -32.69 -53.71 -75.54
N THR B 1156 -32.12 -53.04 -76.55
CA THR B 1156 -31.82 -51.62 -76.41
C THR B 1156 -33.09 -50.81 -76.28
N GLU B 1157 -34.06 -51.09 -77.15
CA GLU B 1157 -35.38 -50.44 -77.16
C GLU B 1157 -36.52 -51.38 -76.74
N ASN B 1158 -36.21 -52.62 -76.31
CA ASN B 1158 -37.20 -53.57 -75.80
C ASN B 1158 -38.25 -53.90 -76.86
N THR B 1159 -37.79 -54.52 -77.95
CA THR B 1159 -38.64 -54.91 -79.06
C THR B 1159 -38.25 -56.29 -79.56
N ILE B 1160 -39.25 -57.05 -79.99
CA ILE B 1160 -39.09 -58.38 -80.57
C ILE B 1160 -39.88 -58.40 -81.87
N ILE B 1161 -39.28 -59.00 -82.91
CA ILE B 1161 -39.92 -59.16 -84.21
C ILE B 1161 -39.61 -60.55 -84.74
N PHE B 1162 -40.39 -60.96 -85.74
CA PHE B 1162 -40.25 -62.25 -86.42
C PHE B 1162 -40.34 -62.02 -87.93
N THR B 1163 -39.84 -62.99 -88.69
CA THR B 1163 -39.74 -62.91 -90.14
C THR B 1163 -40.22 -64.21 -90.77
N LEU B 1164 -40.58 -64.14 -92.05
CA LEU B 1164 -41.01 -65.28 -92.83
C LEU B 1164 -40.43 -65.18 -94.24
N ASN B 1165 -39.81 -66.28 -94.70
CA ASN B 1165 -39.23 -66.39 -96.04
C ASN B 1165 -38.16 -65.31 -96.23
N GLY B 1166 -37.38 -65.07 -95.18
CA GLY B 1166 -36.38 -64.02 -95.20
C GLY B 1166 -36.96 -62.63 -95.36
N GLU B 1167 -38.17 -62.42 -94.84
CA GLU B 1167 -38.87 -61.15 -95.00
C GLU B 1167 -39.68 -60.88 -93.73
N VAL B 1168 -39.80 -59.59 -93.39
CA VAL B 1168 -40.45 -59.19 -92.15
C VAL B 1168 -41.93 -59.52 -92.22
N LEU B 1169 -42.45 -60.03 -91.11
CA LEU B 1169 -43.86 -60.37 -90.97
C LEU B 1169 -44.63 -59.16 -90.44
N MET B 1170 -45.90 -59.09 -90.84
CA MET B 1170 -46.79 -57.99 -90.52
C MET B 1170 -47.93 -58.51 -89.64
N SER B 1171 -48.36 -57.69 -88.70
CA SER B 1171 -49.42 -58.02 -87.76
C SER B 1171 -50.78 -57.56 -88.27
N ASP B 1172 -51.83 -58.07 -87.63
CA ASP B 1172 -53.19 -57.65 -87.93
C ASP B 1172 -53.52 -56.28 -87.36
N SER B 1173 -52.90 -55.90 -86.24
CA SER B 1173 -53.25 -54.68 -85.52
C SER B 1173 -52.47 -53.46 -86.00
N GLY B 1174 -51.94 -53.48 -87.22
CA GLY B 1174 -51.23 -52.32 -87.75
C GLY B 1174 -49.96 -51.98 -87.01
N SER B 1175 -49.14 -52.99 -86.70
CA SER B 1175 -47.89 -52.76 -85.98
C SER B 1175 -46.95 -53.92 -86.26
N GLU B 1176 -45.69 -53.75 -85.87
CA GLU B 1176 -44.62 -54.71 -86.14
C GLU B 1176 -44.32 -55.48 -84.85
N THR B 1177 -45.11 -56.53 -84.62
CA THR B 1177 -44.89 -57.52 -83.56
C THR B 1177 -44.87 -56.87 -82.17
N ALA B 1178 -46.06 -56.45 -81.76
CA ALA B 1178 -46.20 -55.60 -80.59
C ALA B 1178 -45.88 -56.35 -79.30
N PHE B 1179 -44.60 -56.40 -78.95
CA PHE B 1179 -44.11 -56.85 -77.65
C PHE B 1179 -43.23 -55.77 -77.03
N ARG B 1180 -43.68 -54.52 -77.14
CA ARG B 1180 -42.93 -53.41 -76.59
C ARG B 1180 -43.08 -53.36 -75.07
N GLU B 1181 -42.13 -52.70 -74.42
CA GLU B 1181 -42.13 -52.49 -72.98
C GLU B 1181 -42.06 -53.83 -72.24
N ILE B 1182 -40.95 -54.53 -72.46
CA ILE B 1182 -40.68 -55.84 -71.87
C ILE B 1182 -39.51 -55.68 -70.90
N GLU B 1183 -39.72 -56.12 -69.66
CA GLU B 1183 -38.67 -56.04 -68.67
C GLU B 1183 -37.56 -57.00 -69.01
N ILE B 1184 -36.32 -56.52 -68.88
CA ILE B 1184 -35.17 -57.37 -69.16
C ILE B 1184 -35.08 -58.51 -68.17
N GLY B 1185 -35.14 -58.19 -66.89
CA GLY B 1185 -35.04 -59.22 -65.86
C GLY B 1185 -33.66 -59.85 -65.88
N ASP B 1186 -33.63 -61.19 -65.89
CA ASP B 1186 -32.41 -61.97 -65.87
C ASP B 1186 -31.97 -62.41 -67.26
N GLY B 1187 -32.36 -61.66 -68.30
CA GLY B 1187 -31.99 -62.00 -69.66
C GLY B 1187 -32.90 -63.05 -70.27
N PHE B 1188 -32.66 -63.30 -71.56
CA PHE B 1188 -33.40 -64.25 -72.37
C PHE B 1188 -32.43 -65.10 -73.16
N LEU B 1189 -32.97 -66.08 -73.86
CA LEU B 1189 -32.18 -67.00 -74.66
C LEU B 1189 -33.10 -67.66 -75.69
N PRO B 1190 -32.55 -68.17 -76.79
CA PRO B 1190 -33.42 -68.81 -77.79
C PRO B 1190 -34.02 -70.11 -77.29
N VAL B 1191 -35.21 -70.41 -77.81
CA VAL B 1191 -35.99 -71.57 -77.42
C VAL B 1191 -36.67 -72.13 -78.67
N CYS B 1192 -36.98 -73.43 -78.61
CA CYS B 1192 -37.63 -74.13 -79.71
C CYS B 1192 -38.54 -75.21 -79.15
N SER B 1193 -39.45 -75.68 -79.99
CA SER B 1193 -40.38 -76.75 -79.66
C SER B 1193 -40.63 -77.58 -80.91
N LEU B 1194 -41.19 -78.77 -80.69
CA LEU B 1194 -41.55 -79.66 -81.79
C LEU B 1194 -42.77 -80.47 -81.40
N GLY B 1195 -43.72 -80.57 -82.33
CA GLY B 1195 -44.88 -81.41 -82.14
C GLY B 1195 -44.56 -82.86 -82.36
N PRO B 1196 -45.57 -83.72 -82.16
CA PRO B 1196 -45.32 -85.16 -82.34
C PRO B 1196 -45.19 -85.53 -83.81
N GLY B 1197 -44.05 -86.13 -84.16
CA GLY B 1197 -43.77 -86.54 -85.51
C GLY B 1197 -43.17 -85.46 -86.40
N GLN B 1198 -43.09 -84.22 -85.94
CA GLN B 1198 -42.55 -83.13 -86.73
C GLN B 1198 -41.02 -83.17 -86.73
N VAL B 1199 -40.42 -82.37 -87.61
CA VAL B 1199 -38.98 -82.27 -87.80
C VAL B 1199 -38.60 -80.79 -87.83
N GLY B 1200 -37.47 -80.46 -87.19
CA GLY B 1200 -36.96 -79.11 -87.15
C GLY B 1200 -35.51 -79.06 -87.61
N HIS B 1201 -35.03 -77.83 -87.80
CA HIS B 1201 -33.64 -77.60 -88.20
C HIS B 1201 -33.27 -76.21 -87.69
N LEU B 1202 -32.58 -76.17 -86.55
CA LEU B 1202 -32.24 -74.93 -85.86
C LEU B 1202 -30.78 -74.62 -86.15
N ASN B 1203 -30.56 -73.82 -87.19
CA ASN B 1203 -29.25 -73.23 -87.44
C ASN B 1203 -29.14 -71.98 -86.57
N LEU B 1204 -28.26 -72.05 -85.56
CA LEU B 1204 -28.06 -70.94 -84.65
C LEU B 1204 -27.11 -69.87 -85.21
N GLY B 1205 -26.70 -69.95 -86.47
CA GLY B 1205 -25.87 -68.94 -87.08
C GLY B 1205 -24.43 -68.95 -86.64
N GLN B 1206 -23.83 -70.14 -86.58
CA GLN B 1206 -22.41 -70.25 -86.23
C GLN B 1206 -21.52 -69.55 -87.26
N ASP B 1207 -21.95 -69.52 -88.52
CA ASP B 1207 -21.26 -68.80 -89.58
C ASP B 1207 -22.29 -68.20 -90.51
N VAL B 1208 -21.85 -67.20 -91.29
CA VAL B 1208 -22.76 -66.49 -92.19
C VAL B 1208 -23.22 -67.41 -93.31
N SER B 1209 -22.32 -68.24 -93.83
CA SER B 1209 -22.61 -69.03 -95.02
C SER B 1209 -23.69 -70.07 -94.77
N SER B 1210 -23.79 -70.58 -93.54
CA SER B 1210 -24.81 -71.57 -93.23
C SER B 1210 -26.21 -70.97 -93.18
N LEU B 1211 -26.34 -69.66 -92.97
CA LEU B 1211 -27.66 -69.04 -92.93
C LEU B 1211 -28.29 -69.06 -94.30
N ARG B 1212 -29.56 -69.46 -94.35
CA ARG B 1212 -30.27 -69.62 -95.61
C ARG B 1212 -30.46 -68.29 -96.32
N PHE B 1213 -31.25 -67.39 -95.74
CA PHE B 1213 -31.58 -66.12 -96.36
C PHE B 1213 -30.67 -65.01 -95.89
N PHE B 1214 -30.82 -64.66 -94.60
CA PHE B 1214 -30.15 -63.53 -93.96
C PHE B 1214 -30.24 -62.26 -94.79
N ALA B 1215 -31.44 -62.00 -95.33
CA ALA B 1215 -31.73 -60.82 -96.15
C ALA B 1215 -32.42 -59.72 -95.36
N ILE B 1216 -32.22 -59.68 -94.04
CA ILE B 1216 -32.94 -58.80 -93.14
C ILE B 1216 -32.12 -57.54 -92.91
N CYS B 1217 -32.81 -56.45 -92.56
CA CYS B 1217 -32.18 -55.13 -92.41
C CYS B 1217 -31.19 -55.05 -91.24
N GLY B 1218 -31.19 -56.02 -90.33
CA GLY B 1218 -30.34 -55.91 -89.15
C GLY B 1218 -28.85 -55.95 -89.45
N LEU B 1219 -28.45 -56.65 -90.52
CA LEU B 1219 -27.05 -56.72 -90.86
C LEU B 1219 -26.50 -55.37 -91.30
N GLN B 1220 -27.36 -54.50 -91.85
CA GLN B 1220 -26.92 -53.14 -92.21
C GLN B 1220 -26.59 -52.29 -91.00
N GLU B 1221 -27.15 -52.59 -89.83
CA GLU B 1221 -27.07 -51.79 -88.61
C GLU B 1221 -26.47 -52.66 -87.51
N GLY B 1222 -26.53 -52.17 -86.27
CA GLY B 1222 -25.82 -52.79 -85.16
C GLY B 1222 -26.24 -54.21 -84.80
N PHE B 1223 -27.39 -54.67 -85.29
CA PHE B 1223 -27.80 -56.05 -85.08
C PHE B 1223 -26.86 -57.01 -85.76
N GLU B 1224 -26.66 -58.18 -85.14
CA GLU B 1224 -25.84 -59.27 -85.66
C GLU B 1224 -26.51 -60.60 -85.36
N PRO B 1225 -26.01 -61.73 -85.92
CA PRO B 1225 -26.51 -63.04 -85.48
C PRO B 1225 -26.22 -63.34 -84.04
N PHE B 1226 -26.75 -64.47 -83.58
CA PHE B 1226 -26.52 -64.90 -82.21
C PHE B 1226 -25.14 -65.54 -82.05
N ALA B 1227 -24.89 -66.61 -82.80
CA ALA B 1227 -23.70 -67.44 -82.58
C ALA B 1227 -22.52 -66.91 -83.39
N ILE B 1228 -21.96 -65.81 -82.91
CA ILE B 1228 -21.03 -65.02 -83.70
C ILE B 1228 -19.69 -65.73 -83.83
N ASN B 1229 -19.00 -65.92 -82.71
CA ASN B 1229 -17.63 -66.46 -82.72
C ASN B 1229 -17.43 -67.29 -81.45
N MET B 1230 -17.64 -68.59 -81.60
CA MET B 1230 -17.24 -69.60 -80.63
C MET B 1230 -16.45 -70.70 -81.33
N GLN B 1231 -15.51 -71.26 -80.59
CA GLN B 1231 -14.78 -72.41 -81.09
C GLN B 1231 -15.69 -73.62 -81.21
N ARG B 1232 -16.53 -73.84 -80.21
CA ARG B 1232 -17.47 -74.95 -80.13
C ARG B 1232 -18.84 -74.52 -80.63
N PRO B 1233 -19.75 -75.45 -80.89
CA PRO B 1233 -21.16 -75.09 -80.97
C PRO B 1233 -21.77 -74.97 -79.59
N VAL B 1234 -22.94 -74.35 -79.54
CA VAL B 1234 -23.68 -74.26 -78.29
C VAL B 1234 -24.18 -75.64 -77.92
N THR B 1235 -24.17 -75.93 -76.61
CA THR B 1235 -24.39 -77.30 -76.16
C THR B 1235 -25.85 -77.70 -76.30
N THR B 1236 -26.77 -76.77 -76.05
CA THR B 1236 -28.22 -76.98 -76.09
C THR B 1236 -28.72 -77.90 -74.97
N TRP B 1237 -29.99 -77.80 -74.64
CA TRP B 1237 -30.65 -78.60 -73.63
C TRP B 1237 -31.98 -79.10 -74.19
N PHE B 1238 -32.48 -80.16 -73.58
CA PHE B 1238 -33.76 -80.73 -73.99
C PHE B 1238 -34.39 -81.42 -72.79
N SER B 1239 -35.69 -81.68 -72.93
CA SER B 1239 -36.51 -82.25 -71.88
C SER B 1239 -36.75 -83.74 -72.13
N LYS B 1240 -36.73 -84.50 -71.05
CA LYS B 1240 -37.00 -85.93 -71.06
C LYS B 1240 -38.33 -86.16 -70.37
N SER B 1241 -39.18 -86.97 -71.00
CA SER B 1241 -40.42 -87.42 -70.40
C SER B 1241 -40.24 -88.63 -69.48
N LEU B 1242 -39.00 -88.98 -69.10
CA LEU B 1242 -38.72 -89.82 -67.95
C LEU B 1242 -39.55 -89.40 -66.75
N PRO B 1243 -40.42 -90.27 -66.18
CA PRO B 1243 -41.05 -89.90 -64.90
C PRO B 1243 -40.06 -90.04 -63.76
N GLN B 1244 -39.27 -88.98 -63.59
CA GLN B 1244 -38.13 -88.98 -62.70
C GLN B 1244 -38.55 -88.34 -61.38
N PHE B 1245 -38.13 -88.95 -60.28
CA PHE B 1245 -38.42 -88.40 -58.97
C PHE B 1245 -37.79 -87.02 -58.77
N GLU B 1246 -38.31 -86.32 -57.77
CA GLU B 1246 -37.83 -85.02 -57.37
C GLU B 1246 -38.42 -84.69 -56.01
N PRO B 1247 -37.94 -83.66 -55.32
CA PRO B 1247 -38.51 -83.28 -54.03
C PRO B 1247 -39.73 -82.41 -54.18
N VAL B 1248 -40.52 -82.36 -53.11
CA VAL B 1248 -41.69 -81.49 -53.09
C VAL B 1248 -41.22 -80.04 -53.07
N PRO B 1249 -41.82 -79.11 -53.81
CA PRO B 1249 -41.40 -77.71 -53.70
C PRO B 1249 -41.80 -77.15 -52.35
N PRO B 1250 -41.12 -76.09 -51.87
CA PRO B 1250 -41.45 -75.60 -50.53
C PRO B 1250 -42.81 -74.94 -50.45
N GLU B 1251 -43.24 -74.26 -51.50
CA GLU B 1251 -44.50 -73.53 -51.54
C GLU B 1251 -45.22 -73.81 -52.86
N HIS B 1252 -45.37 -75.09 -53.17
CA HIS B 1252 -46.30 -75.49 -54.21
C HIS B 1252 -47.69 -74.97 -53.83
N PRO B 1253 -48.46 -74.38 -54.77
CA PRO B 1253 -49.61 -73.58 -54.32
C PRO B 1253 -50.75 -74.41 -53.75
N HIS B 1254 -51.00 -75.58 -54.32
CA HIS B 1254 -52.09 -76.44 -53.85
C HIS B 1254 -51.70 -77.26 -52.63
N TYR B 1255 -50.43 -77.65 -52.52
CA TYR B 1255 -49.98 -78.66 -51.58
C TYR B 1255 -49.11 -78.02 -50.50
N GLU B 1256 -49.25 -78.52 -49.28
CA GLU B 1256 -48.44 -78.14 -48.15
C GLU B 1256 -48.23 -79.38 -47.29
N VAL B 1257 -47.12 -79.38 -46.53
CA VAL B 1257 -46.74 -80.48 -45.66
C VAL B 1257 -46.28 -79.91 -44.33
N ALA B 1258 -46.00 -80.82 -43.39
CA ALA B 1258 -45.57 -80.42 -42.06
C ALA B 1258 -44.85 -81.58 -41.41
N ARG B 1259 -43.82 -81.24 -40.63
CA ARG B 1259 -43.00 -82.21 -39.89
C ARG B 1259 -43.41 -82.10 -38.43
N MET B 1260 -44.45 -82.85 -38.05
CA MET B 1260 -44.98 -82.77 -36.70
C MET B 1260 -44.02 -83.43 -35.72
N ASP B 1261 -43.55 -82.67 -34.74
CA ASP B 1261 -42.67 -83.21 -33.73
C ASP B 1261 -43.44 -84.13 -32.78
N GLY B 1262 -42.75 -85.16 -32.30
CA GLY B 1262 -43.36 -86.16 -31.47
C GLY B 1262 -43.38 -85.80 -30.01
N THR B 1263 -44.14 -86.58 -29.25
CA THR B 1263 -44.23 -86.49 -27.79
C THR B 1263 -44.20 -87.91 -27.24
N VAL B 1264 -44.50 -88.05 -25.95
CA VAL B 1264 -44.73 -89.38 -25.39
C VAL B 1264 -46.00 -89.98 -25.96
N ASP B 1265 -47.00 -89.14 -26.30
CA ASP B 1265 -48.25 -89.64 -26.83
C ASP B 1265 -48.06 -90.29 -28.20
N THR B 1266 -47.14 -89.77 -29.00
CA THR B 1266 -46.88 -90.31 -30.35
C THR B 1266 -45.49 -89.87 -30.79
N PRO B 1267 -44.79 -90.66 -31.60
CA PRO B 1267 -43.49 -90.20 -32.13
C PRO B 1267 -43.68 -89.14 -33.20
N PRO B 1268 -42.60 -88.54 -33.70
CA PRO B 1268 -42.75 -87.50 -34.71
C PRO B 1268 -43.32 -88.02 -36.01
N CYS B 1269 -44.06 -87.14 -36.68
CA CYS B 1269 -44.95 -87.48 -37.78
C CYS B 1269 -44.85 -86.44 -38.88
N LEU B 1270 -44.87 -86.91 -40.12
CA LEU B 1270 -44.94 -86.06 -41.31
C LEU B 1270 -46.39 -85.97 -41.76
N ARG B 1271 -46.93 -84.75 -41.78
CA ARG B 1271 -48.34 -84.49 -42.07
C ARG B 1271 -48.45 -83.83 -43.43
N LEU B 1272 -49.30 -84.39 -44.29
CA LEU B 1272 -49.65 -83.80 -45.56
C LEU B 1272 -50.83 -82.85 -45.39
N ALA B 1273 -50.97 -81.94 -46.36
CA ALA B 1273 -52.08 -80.99 -46.38
C ALA B 1273 -52.43 -80.66 -47.82
N HIS B 1274 -53.66 -80.16 -48.01
CA HIS B 1274 -54.15 -79.84 -49.34
C HIS B 1274 -55.35 -78.93 -49.21
N ARG B 1275 -55.48 -77.99 -50.15
CA ARG B 1275 -56.65 -77.13 -50.20
C ARG B 1275 -57.88 -77.95 -50.57
N THR B 1276 -59.02 -77.56 -49.98
CA THR B 1276 -60.27 -78.30 -50.14
C THR B 1276 -61.11 -77.79 -51.29
N TRP B 1277 -60.46 -77.60 -52.45
CA TRP B 1277 -61.08 -77.32 -53.75
C TRP B 1277 -59.92 -77.27 -54.75
N GLY B 1278 -59.24 -76.13 -54.87
CA GLY B 1278 -57.98 -76.04 -55.57
C GLY B 1278 -57.99 -76.08 -57.09
N SER B 1279 -59.02 -76.66 -57.70
CA SER B 1279 -58.98 -77.14 -59.08
C SER B 1279 -57.77 -78.05 -59.31
N GLN B 1280 -57.50 -78.91 -58.32
CA GLN B 1280 -56.32 -79.77 -58.30
C GLN B 1280 -56.67 -81.15 -57.77
N ASN B 1281 -57.81 -81.68 -58.20
CA ASN B 1281 -58.16 -83.09 -58.00
C ASN B 1281 -57.63 -83.91 -59.17
N SER B 1282 -56.32 -83.84 -59.34
CA SER B 1282 -55.64 -84.40 -60.49
C SER B 1282 -55.45 -85.90 -60.29
N LEU B 1283 -54.58 -86.50 -61.10
CA LEU B 1283 -54.30 -87.93 -60.99
C LEU B 1283 -53.69 -88.26 -59.64
N VAL B 1284 -53.77 -89.54 -59.28
CA VAL B 1284 -53.31 -89.99 -57.98
C VAL B 1284 -51.80 -89.87 -57.92
N GLU B 1285 -51.30 -89.31 -56.82
CA GLU B 1285 -49.89 -88.94 -56.73
C GLU B 1285 -49.03 -90.14 -56.37
N MET B 1286 -47.78 -90.09 -56.83
CA MET B 1286 -46.73 -91.04 -56.51
C MET B 1286 -45.71 -90.33 -55.62
N LEU B 1287 -45.91 -90.44 -54.31
CA LEU B 1287 -45.04 -89.83 -53.30
C LEU B 1287 -44.12 -90.88 -52.69
N PHE B 1288 -43.03 -90.40 -52.09
CA PHE B 1288 -42.06 -91.29 -51.46
C PHE B 1288 -41.19 -90.49 -50.50
N LEU B 1289 -40.61 -91.22 -49.54
CA LEU B 1289 -39.66 -90.67 -48.59
C LEU B 1289 -38.23 -90.80 -49.13
N ARG B 1290 -37.36 -89.91 -48.66
CA ARG B 1290 -36.12 -89.61 -49.38
C ARG B 1290 -35.14 -90.77 -49.36
N LEU B 1291 -34.66 -91.15 -48.19
CA LEU B 1291 -33.51 -92.04 -48.12
C LEU B 1291 -33.91 -93.48 -48.43
N SER B 1292 -32.90 -94.27 -48.77
CA SER B 1292 -33.05 -95.64 -49.22
C SER B 1292 -32.88 -96.62 -48.06
N LEU B 1293 -33.06 -97.91 -48.37
CA LEU B 1293 -32.81 -99.00 -47.42
C LEU B 1293 -32.39 -100.23 -48.20
N PRO B 1294 -31.09 -100.46 -48.37
CA PRO B 1294 -30.68 -101.74 -48.96
C PRO B 1294 -30.96 -102.89 -48.02
N VAL B 1295 -31.38 -104.01 -48.59
CA VAL B 1295 -31.44 -105.24 -47.83
C VAL B 1295 -30.01 -105.64 -47.48
N GLN B 1296 -29.87 -106.43 -46.40
CA GLN B 1296 -28.64 -106.53 -45.60
C GLN B 1296 -27.43 -106.95 -46.43
N PHE B 1297 -27.47 -108.14 -47.02
CA PHE B 1297 -26.38 -108.58 -47.86
C PHE B 1297 -26.84 -109.74 -48.72
N HIS B 1298 -26.07 -110.02 -49.76
CA HIS B 1298 -26.28 -111.17 -50.62
C HIS B 1298 -25.60 -112.44 -50.12
N GLN B 1299 -25.17 -112.46 -48.85
CA GLN B 1299 -24.51 -113.64 -48.30
C GLN B 1299 -25.52 -114.79 -48.18
N LEU B 1428 -30.70 -119.92 -46.99
CA LEU B 1428 -29.35 -119.63 -46.50
C LEU B 1428 -29.40 -119.21 -45.03
N ASN B 1429 -30.34 -118.32 -44.71
CA ASN B 1429 -30.62 -117.78 -43.39
C ASN B 1429 -29.58 -116.78 -42.88
N THR B 1430 -28.52 -116.48 -43.65
CA THR B 1430 -27.53 -115.51 -43.23
C THR B 1430 -28.02 -114.09 -43.45
N THR B 1431 -28.41 -113.77 -44.69
CA THR B 1431 -28.96 -112.46 -45.05
C THR B 1431 -29.99 -112.73 -46.15
N THR B 1432 -31.25 -112.89 -45.74
CA THR B 1432 -32.36 -113.23 -46.62
C THR B 1432 -33.58 -112.35 -46.42
N TYR B 1433 -33.91 -111.98 -45.17
CA TYR B 1433 -35.07 -111.16 -44.81
C TYR B 1433 -36.39 -111.83 -45.26
N TYR B 1434 -37.52 -111.18 -44.98
CA TYR B 1434 -38.85 -111.65 -45.38
C TYR B 1434 -39.64 -110.46 -45.88
N TYR B 1435 -40.92 -110.69 -46.21
CA TYR B 1435 -41.77 -109.63 -46.72
C TYR B 1435 -43.23 -109.92 -46.42
N SER B 1436 -43.88 -109.00 -45.71
CA SER B 1436 -45.27 -109.12 -45.33
C SER B 1436 -45.80 -107.73 -44.99
N VAL B 1437 -47.13 -107.63 -44.88
CA VAL B 1437 -47.83 -106.40 -44.49
C VAL B 1437 -48.87 -106.76 -43.46
N ARG B 1438 -49.05 -105.86 -42.48
CA ARG B 1438 -50.01 -106.03 -41.39
C ARG B 1438 -50.74 -104.70 -41.18
N VAL B 1439 -52.07 -104.74 -41.23
CA VAL B 1439 -52.91 -103.56 -41.05
C VAL B 1439 -53.26 -103.45 -39.57
N PHE B 1440 -53.98 -104.45 -39.07
CA PHE B 1440 -54.28 -104.62 -37.64
C PHE B 1440 -54.02 -106.03 -37.14
N ALA B 1441 -54.01 -107.03 -38.02
CA ALA B 1441 -53.68 -108.41 -37.68
C ALA B 1441 -52.83 -108.96 -38.81
N GLY B 1442 -52.63 -110.27 -38.83
CA GLY B 1442 -51.79 -110.89 -39.84
C GLY B 1442 -52.52 -111.19 -41.13
N GLN B 1443 -52.40 -110.29 -42.10
CA GLN B 1443 -52.90 -110.54 -43.44
C GLN B 1443 -51.91 -111.43 -44.19
N GLU B 1444 -52.32 -111.86 -45.38
CA GLU B 1444 -51.54 -112.77 -46.23
C GLU B 1444 -51.39 -112.17 -47.63
N PRO B 1445 -50.60 -111.09 -47.77
CA PRO B 1445 -50.23 -110.63 -49.11
C PRO B 1445 -49.17 -111.52 -49.73
N SER B 1446 -48.17 -111.88 -48.91
CA SER B 1446 -47.06 -112.74 -49.31
C SER B 1446 -46.29 -112.13 -50.48
N CYS B 1447 -45.98 -110.83 -50.36
CA CYS B 1447 -45.10 -110.20 -51.32
C CYS B 1447 -43.71 -110.81 -51.23
N VAL B 1448 -43.11 -111.09 -52.38
CA VAL B 1448 -41.90 -111.90 -52.39
C VAL B 1448 -40.72 -111.05 -51.93
N TRP B 1449 -40.04 -111.52 -50.89
CA TRP B 1449 -38.74 -110.97 -50.53
C TRP B 1449 -37.73 -111.34 -51.61
N VAL B 1450 -36.83 -110.42 -51.91
CA VAL B 1450 -35.89 -110.61 -53.01
C VAL B 1450 -34.65 -111.37 -52.55
N GLY B 1451 -34.07 -110.98 -51.42
CA GLY B 1451 -32.97 -111.71 -50.80
C GLY B 1451 -31.60 -111.10 -51.05
N TRP B 1452 -31.36 -110.59 -52.25
CA TRP B 1452 -30.12 -109.90 -52.56
C TRP B 1452 -30.20 -108.49 -51.97
N VAL B 1453 -29.21 -107.64 -52.28
CA VAL B 1453 -29.10 -106.34 -51.63
C VAL B 1453 -30.28 -105.42 -51.99
N THR B 1454 -30.64 -105.37 -53.29
CA THR B 1454 -31.88 -104.90 -53.91
C THR B 1454 -32.56 -103.72 -53.22
N PRO B 1455 -32.00 -102.52 -53.27
CA PRO B 1455 -32.57 -101.40 -52.50
C PRO B 1455 -33.93 -101.00 -53.02
N ASP B 1456 -34.81 -100.69 -52.08
CA ASP B 1456 -36.21 -100.34 -52.35
C ASP B 1456 -36.60 -99.21 -51.42
N TYR B 1457 -37.32 -98.25 -51.98
CA TYR B 1457 -37.68 -97.04 -51.26
C TYR B 1457 -39.01 -97.23 -50.54
N HIS B 1458 -39.23 -96.35 -49.58
CA HIS B 1458 -40.58 -96.08 -49.12
C HIS B 1458 -41.42 -95.62 -50.30
N GLN B 1459 -42.73 -95.88 -50.22
CA GLN B 1459 -43.60 -95.44 -51.29
C GLN B 1459 -45.04 -95.47 -50.81
N HIS B 1460 -45.86 -94.63 -51.41
CA HIS B 1460 -47.28 -94.59 -51.14
C HIS B 1460 -47.93 -93.69 -52.18
N ASP B 1461 -49.24 -93.81 -52.27
CA ASP B 1461 -50.06 -93.03 -53.19
C ASP B 1461 -51.34 -92.63 -52.47
N MET B 1462 -51.95 -91.54 -52.96
CA MET B 1462 -53.12 -91.00 -52.29
C MET B 1462 -53.83 -90.05 -53.24
N ASN B 1463 -55.12 -90.28 -53.43
CA ASN B 1463 -55.97 -89.37 -54.19
C ASN B 1463 -56.53 -88.30 -53.26
N PHE B 1464 -56.88 -87.16 -53.83
CA PHE B 1464 -57.39 -86.06 -53.05
C PHE B 1464 -58.78 -86.37 -52.50
N ASP B 1465 -59.04 -85.88 -51.28
CA ASP B 1465 -60.34 -85.96 -50.64
C ASP B 1465 -60.84 -84.61 -50.11
N LEU B 1466 -60.14 -83.51 -50.41
CA LEU B 1466 -60.47 -82.19 -49.88
C LEU B 1466 -60.44 -82.16 -48.36
N SER B 1467 -59.43 -82.81 -47.79
CA SER B 1467 -59.26 -82.92 -46.35
C SER B 1467 -57.76 -82.98 -46.07
N LYS B 1468 -57.40 -83.42 -44.86
CA LYS B 1468 -55.98 -83.62 -44.52
C LYS B 1468 -55.33 -84.75 -45.30
N VAL B 1469 -56.11 -85.66 -45.90
CA VAL B 1469 -55.64 -86.78 -46.71
C VAL B 1469 -54.97 -87.79 -45.78
N ARG B 1470 -53.75 -87.53 -45.34
CA ARG B 1470 -52.96 -88.54 -44.63
C ARG B 1470 -51.77 -87.87 -43.94
N ALA B 1471 -50.99 -88.69 -43.26
CA ALA B 1471 -49.82 -88.22 -42.51
C ALA B 1471 -48.90 -89.41 -42.26
N VAL B 1472 -47.68 -89.35 -42.80
CA VAL B 1472 -46.70 -90.41 -42.61
C VAL B 1472 -46.07 -90.25 -41.25
N THR B 1473 -45.77 -91.38 -40.59
CA THR B 1473 -45.21 -91.39 -39.25
C THR B 1473 -44.28 -92.60 -39.14
N VAL B 1474 -43.29 -92.48 -38.25
CA VAL B 1474 -42.39 -93.56 -37.87
C VAL B 1474 -42.72 -93.95 -36.44
N THR B 1475 -43.09 -95.23 -36.23
CA THR B 1475 -43.59 -95.74 -34.95
C THR B 1475 -42.94 -97.08 -34.61
N MET B 1476 -43.52 -97.78 -33.62
CA MET B 1476 -43.23 -99.19 -33.34
C MET B 1476 -41.79 -99.37 -32.89
N GLY B 1477 -41.43 -98.73 -31.77
CA GLY B 1477 -40.09 -98.84 -31.21
C GLY B 1477 -39.89 -99.94 -30.20
N ASP B 1478 -40.83 -100.89 -30.11
CA ASP B 1478 -40.77 -101.89 -29.05
C ASP B 1478 -39.79 -103.02 -29.40
N GLU B 1479 -40.05 -103.76 -30.50
CA GLU B 1479 -39.20 -104.88 -30.90
C GLU B 1479 -39.02 -105.09 -32.40
N GLN B 1480 -39.61 -104.26 -33.26
CA GLN B 1480 -39.55 -104.48 -34.71
C GLN B 1480 -39.64 -103.17 -35.46
N GLY B 1481 -39.09 -103.17 -36.67
CA GLY B 1481 -39.26 -102.03 -37.57
C GLY B 1481 -40.60 -102.10 -38.30
N ASN B 1482 -41.19 -100.93 -38.51
CA ASN B 1482 -42.53 -100.89 -39.09
C ASN B 1482 -42.89 -99.49 -39.59
N VAL B 1483 -43.23 -99.39 -40.87
CA VAL B 1483 -43.82 -98.16 -41.39
C VAL B 1483 -45.20 -97.97 -40.76
N HIS B 1484 -45.59 -96.71 -40.58
CA HIS B 1484 -46.93 -96.32 -40.17
C HIS B 1484 -47.55 -95.44 -41.24
N SER B 1485 -48.80 -95.73 -41.60
CA SER B 1485 -49.52 -95.02 -42.67
C SER B 1485 -50.97 -94.80 -42.21
N SER B 1486 -51.23 -93.63 -41.62
CA SER B 1486 -52.58 -93.26 -41.22
C SER B 1486 -53.39 -92.81 -42.43
N LEU B 1487 -54.71 -92.94 -42.32
CA LEU B 1487 -55.63 -92.52 -43.36
C LEU B 1487 -57.03 -92.51 -42.79
N LYS B 1488 -57.80 -91.44 -43.09
CA LYS B 1488 -59.10 -91.20 -42.46
C LYS B 1488 -60.17 -90.66 -43.42
N CYS B 1489 -59.95 -90.74 -44.74
CA CYS B 1489 -60.88 -90.15 -45.72
C CYS B 1489 -61.18 -90.99 -46.96
N SER B 1490 -60.42 -92.02 -47.30
CA SER B 1490 -60.67 -92.75 -48.54
C SER B 1490 -59.87 -94.04 -48.55
N ASN B 1491 -59.89 -94.72 -49.71
CA ASN B 1491 -59.09 -95.90 -50.00
C ASN B 1491 -58.00 -95.51 -50.99
N CYS B 1492 -56.75 -95.90 -50.68
CA CYS B 1492 -55.63 -95.62 -51.57
C CYS B 1492 -54.48 -96.56 -51.22
N TYR B 1493 -53.48 -96.57 -52.10
CA TYR B 1493 -52.37 -97.51 -52.03
C TYR B 1493 -51.25 -96.95 -51.17
N MET B 1494 -50.79 -97.73 -50.17
CA MET B 1494 -49.70 -97.28 -49.30
C MET B 1494 -48.95 -98.51 -48.78
N VAL B 1495 -47.89 -98.90 -49.53
CA VAL B 1495 -46.96 -99.96 -49.15
C VAL B 1495 -45.65 -99.60 -49.84
N TRP B 1496 -44.53 -100.14 -49.30
CA TRP B 1496 -43.16 -100.03 -49.83
C TRP B 1496 -43.08 -100.18 -51.34
N GLY B 1497 -42.24 -99.35 -51.95
CA GLY B 1497 -42.02 -99.30 -53.38
C GLY B 1497 -40.75 -100.02 -53.80
N GLY B 1498 -40.12 -99.49 -54.84
CA GLY B 1498 -38.90 -100.00 -55.42
C GLY B 1498 -37.84 -98.91 -55.47
N ASP B 1499 -37.03 -98.98 -56.52
CA ASP B 1499 -36.00 -97.99 -56.79
C ASP B 1499 -36.04 -97.47 -58.21
N PHE B 1500 -36.47 -98.31 -59.16
CA PHE B 1500 -36.45 -97.97 -60.57
C PHE B 1500 -37.81 -97.43 -61.02
N VAL B 1501 -38.59 -96.89 -60.08
CA VAL B 1501 -40.01 -96.63 -60.33
C VAL B 1501 -40.12 -95.42 -61.25
N SER B 1502 -40.70 -95.65 -62.41
CA SER B 1502 -40.98 -94.55 -63.32
C SER B 1502 -42.07 -94.96 -64.30
N PRO B 1503 -43.30 -95.22 -63.82
CA PRO B 1503 -44.35 -95.75 -64.70
C PRO B 1503 -45.16 -94.71 -65.45
N GLY B 1504 -44.99 -93.43 -65.14
CA GLY B 1504 -45.82 -92.36 -65.66
C GLY B 1504 -46.83 -91.91 -64.61
N GLN B 1505 -47.96 -91.38 -65.05
CA GLN B 1505 -49.02 -90.89 -64.16
C GLN B 1505 -50.36 -91.33 -64.72
N GLN B 1506 -50.99 -92.28 -64.02
CA GLN B 1506 -52.33 -92.74 -64.37
C GLN B 1506 -52.87 -93.50 -63.16
N GLY B 1507 -54.17 -93.80 -63.18
CA GLY B 1507 -54.77 -94.68 -62.19
C GLY B 1507 -54.11 -96.04 -62.19
N ARG B 1508 -53.42 -96.36 -61.10
CA ARG B 1508 -52.47 -97.45 -61.07
C ARG B 1508 -53.12 -98.73 -60.56
N ILE B 1509 -52.98 -99.80 -61.33
CA ILE B 1509 -53.30 -101.15 -60.86
C ILE B 1509 -52.58 -102.15 -61.77
N SER B 1510 -51.90 -103.12 -61.14
CA SER B 1510 -51.33 -104.31 -61.78
C SER B 1510 -50.38 -103.96 -62.93
N HIS B 1511 -49.31 -103.21 -62.59
CA HIS B 1511 -48.31 -102.75 -63.54
C HIS B 1511 -46.92 -103.34 -63.32
N THR B 1512 -46.64 -103.86 -62.13
CA THR B 1512 -45.45 -104.67 -61.93
C THR B 1512 -45.60 -105.99 -62.66
N ASP B 1513 -44.47 -106.62 -63.00
CA ASP B 1513 -44.48 -107.75 -63.91
C ASP B 1513 -43.23 -108.59 -63.73
N LEU B 1514 -43.23 -109.74 -64.41
CA LEU B 1514 -42.08 -110.61 -64.68
C LEU B 1514 -41.75 -111.58 -63.56
N VAL B 1515 -41.49 -112.83 -63.96
CA VAL B 1515 -40.95 -113.87 -63.10
C VAL B 1515 -39.91 -114.63 -63.91
N ILE B 1516 -38.76 -114.89 -63.30
CA ILE B 1516 -37.66 -115.55 -64.01
C ILE B 1516 -37.96 -117.04 -64.12
N GLY B 1517 -37.93 -117.55 -65.36
CA GLY B 1517 -38.04 -118.97 -65.63
C GLY B 1517 -36.68 -119.62 -65.78
N CYS B 1518 -35.86 -119.56 -64.74
CA CYS B 1518 -34.55 -120.19 -64.78
C CYS B 1518 -34.71 -121.70 -64.83
N LEU B 1519 -33.94 -122.35 -65.73
CA LEU B 1519 -34.13 -123.74 -66.10
C LEU B 1519 -32.80 -124.48 -66.07
N VAL B 1520 -32.86 -125.75 -66.43
CA VAL B 1520 -31.74 -126.68 -66.43
C VAL B 1520 -31.88 -127.55 -67.69
N ASP B 1521 -30.89 -128.41 -67.94
CA ASP B 1521 -30.87 -129.20 -69.18
C ASP B 1521 -32.07 -130.14 -69.30
N LEU B 1522 -32.61 -130.61 -68.18
CA LEU B 1522 -33.87 -131.35 -68.17
C LEU B 1522 -35.09 -130.46 -68.36
N ALA B 1523 -34.93 -129.13 -68.36
CA ALA B 1523 -36.04 -128.18 -68.50
C ALA B 1523 -37.05 -128.33 -67.35
N THR B 1524 -36.53 -128.57 -66.14
CA THR B 1524 -37.32 -128.60 -64.91
C THR B 1524 -36.56 -127.98 -63.75
N GLY B 1525 -35.71 -126.98 -64.03
CA GLY B 1525 -34.87 -126.36 -63.03
C GLY B 1525 -35.63 -125.69 -61.90
N LEU B 1526 -35.24 -125.98 -60.67
CA LEU B 1526 -35.90 -125.45 -59.46
C LEU B 1526 -35.24 -124.16 -58.99
N MET B 1527 -35.07 -123.22 -59.92
CA MET B 1527 -34.47 -121.91 -59.66
C MET B 1527 -35.40 -120.75 -60.06
N THR B 1528 -36.63 -121.03 -60.49
CA THR B 1528 -37.56 -119.95 -60.81
C THR B 1528 -37.98 -119.22 -59.56
N PHE B 1529 -38.21 -117.91 -59.70
CA PHE B 1529 -38.32 -117.04 -58.55
C PHE B 1529 -39.02 -115.75 -58.95
N THR B 1530 -40.19 -115.50 -58.38
CA THR B 1530 -40.87 -114.23 -58.61
C THR B 1530 -40.05 -113.10 -58.01
N ALA B 1531 -39.88 -112.03 -58.77
CA ALA B 1531 -38.98 -110.94 -58.41
C ALA B 1531 -39.44 -109.69 -59.16
N ASN B 1532 -38.56 -108.69 -59.18
CA ASN B 1532 -38.79 -107.45 -59.92
C ASN B 1532 -39.99 -106.69 -59.34
N GLY B 1533 -39.97 -106.52 -58.03
CA GLY B 1533 -40.99 -105.72 -57.35
C GLY B 1533 -40.74 -104.24 -57.55
N LYS B 1534 -40.96 -103.75 -58.78
CA LYS B 1534 -40.79 -102.34 -59.09
C LYS B 1534 -41.75 -101.49 -58.26
N GLU B 1535 -43.04 -101.82 -58.31
CA GLU B 1535 -44.06 -101.28 -57.41
C GLU B 1535 -44.57 -102.48 -56.62
N SER B 1536 -43.86 -102.80 -55.55
CA SER B 1536 -44.22 -103.92 -54.68
C SER B 1536 -45.21 -103.44 -53.61
N ASN B 1537 -46.36 -102.99 -54.08
CA ASN B 1537 -47.40 -102.34 -53.28
C ASN B 1537 -48.64 -103.22 -53.27
N THR B 1538 -49.14 -103.53 -52.07
CA THR B 1538 -50.37 -104.29 -51.94
C THR B 1538 -51.56 -103.36 -52.07
N PHE B 1539 -52.59 -103.82 -52.78
CA PHE B 1539 -53.70 -102.97 -53.15
C PHE B 1539 -54.71 -102.93 -52.01
N PHE B 1540 -54.95 -101.73 -51.48
CA PHE B 1540 -55.91 -101.51 -50.41
C PHE B 1540 -57.35 -101.43 -50.91
N GLN B 1541 -57.60 -101.63 -52.20
CA GLN B 1541 -58.97 -101.70 -52.68
C GLN B 1541 -59.71 -102.90 -52.08
N VAL B 1542 -59.00 -103.98 -51.77
CA VAL B 1542 -59.62 -105.24 -51.38
C VAL B 1542 -59.76 -105.37 -49.86
N GLU B 1543 -58.88 -104.73 -49.07
CA GLU B 1543 -58.80 -105.09 -47.65
C GLU B 1543 -60.01 -104.62 -46.85
N PRO B 1544 -60.41 -103.34 -46.87
CA PRO B 1544 -61.66 -102.95 -46.20
C PRO B 1544 -62.84 -102.94 -47.16
N ASN B 1545 -64.04 -102.97 -46.56
CA ASN B 1545 -65.25 -102.55 -47.26
C ASN B 1545 -66.26 -102.12 -46.21
N THR B 1546 -66.32 -100.82 -45.94
CA THR B 1546 -67.17 -100.25 -44.90
C THR B 1546 -67.50 -98.81 -45.29
N LYS B 1547 -68.51 -98.26 -44.62
CA LYS B 1547 -69.04 -96.93 -44.93
C LYS B 1547 -68.30 -95.88 -44.12
N LEU B 1548 -67.15 -95.43 -44.66
CA LEU B 1548 -66.26 -94.34 -44.22
C LEU B 1548 -66.15 -94.14 -42.70
N PHE B 1549 -65.85 -92.89 -42.23
CA PHE B 1549 -65.25 -92.53 -40.93
C PHE B 1549 -64.27 -93.59 -40.42
N PRO B 1550 -63.23 -93.96 -41.19
CA PRO B 1550 -62.35 -95.04 -40.76
C PRO B 1550 -61.27 -94.52 -39.82
N ALA B 1551 -60.47 -95.47 -39.33
CA ALA B 1551 -59.27 -95.22 -38.54
C ALA B 1551 -58.13 -96.08 -39.06
N VAL B 1552 -57.93 -96.02 -40.38
CA VAL B 1552 -56.97 -96.90 -41.05
C VAL B 1552 -55.56 -96.56 -40.60
N PHE B 1553 -54.82 -97.60 -40.18
CA PHE B 1553 -53.44 -97.50 -39.74
C PHE B 1553 -52.63 -98.62 -40.34
N VAL B 1554 -52.68 -98.73 -41.68
CA VAL B 1554 -51.86 -99.69 -42.42
C VAL B 1554 -50.40 -99.48 -42.08
N LEU B 1555 -49.66 -100.59 -41.99
CA LEU B 1555 -48.31 -100.59 -41.45
C LEU B 1555 -47.51 -101.80 -41.94
N PRO B 1556 -46.83 -101.74 -43.09
CA PRO B 1556 -45.98 -102.86 -43.47
C PRO B 1556 -44.71 -102.94 -42.64
N THR B 1557 -44.07 -104.10 -42.73
CA THR B 1557 -42.87 -104.43 -41.95
C THR B 1557 -41.97 -105.28 -42.83
N HIS B 1558 -40.82 -104.72 -43.22
CA HIS B 1558 -39.75 -105.45 -43.89
C HIS B 1558 -38.52 -105.62 -43.02
N GLN B 1559 -38.24 -104.69 -42.11
CA GLN B 1559 -37.06 -104.77 -41.27
C GLN B 1559 -37.27 -105.90 -40.27
N ASN B 1560 -36.67 -107.06 -40.55
CA ASN B 1560 -36.85 -108.22 -39.70
C ASN B 1560 -36.22 -108.01 -38.33
N VAL B 1561 -35.06 -107.33 -38.29
CA VAL B 1561 -34.36 -106.96 -37.06
C VAL B 1561 -33.91 -108.20 -36.32
N ILE B 1562 -32.61 -108.52 -36.43
CA ILE B 1562 -32.02 -109.44 -35.46
C ILE B 1562 -32.04 -108.77 -34.10
N GLN B 1563 -32.38 -109.55 -33.08
CA GLN B 1563 -32.56 -109.01 -31.74
C GLN B 1563 -31.20 -108.67 -31.15
N PHE B 1564 -30.85 -107.39 -31.18
CA PHE B 1564 -29.76 -106.85 -30.37
C PHE B 1564 -30.38 -106.34 -29.07
N GLU B 1565 -29.96 -106.95 -27.96
CA GLU B 1565 -30.48 -106.66 -26.62
C GLU B 1565 -32.00 -106.87 -26.58
N LEU B 1566 -32.38 -108.14 -26.71
CA LEU B 1566 -33.78 -108.55 -26.80
C LEU B 1566 -34.57 -108.07 -25.59
N GLY B 1567 -34.23 -108.59 -24.41
CA GLY B 1567 -34.56 -108.02 -23.11
C GLY B 1567 -35.97 -107.50 -22.85
N LYS B 1568 -36.96 -108.03 -23.57
CA LYS B 1568 -38.33 -107.51 -23.56
C LYS B 1568 -38.33 -106.05 -24.01
N GLN B 1569 -39.41 -105.31 -23.71
CA GLN B 1569 -39.46 -103.90 -24.04
C GLN B 1569 -40.63 -103.23 -23.34
N MET B 1573 -36.30 -101.16 -31.99
CA MET B 1573 -36.08 -101.50 -33.39
C MET B 1573 -36.80 -100.53 -34.32
N PRO B 1574 -36.44 -99.25 -34.26
CA PRO B 1574 -37.16 -98.26 -35.07
C PRO B 1574 -36.73 -98.31 -36.52
N LEU B 1575 -37.47 -97.58 -37.36
CA LEU B 1575 -37.08 -97.44 -38.76
C LEU B 1575 -35.77 -96.70 -38.89
N SER B 1576 -35.60 -95.62 -38.11
CA SER B 1576 -34.46 -94.73 -38.25
C SER B 1576 -33.12 -95.39 -37.96
N ALA B 1577 -33.12 -96.51 -37.23
CA ALA B 1577 -31.87 -97.23 -36.97
C ALA B 1577 -31.26 -97.76 -38.25
N ALA B 1578 -32.11 -98.26 -39.17
CA ALA B 1578 -31.65 -98.82 -40.42
C ALA B 1578 -31.36 -97.80 -41.49
N MET B 1579 -31.82 -96.55 -41.34
CA MET B 1579 -31.65 -95.58 -42.40
C MET B 1579 -30.22 -95.07 -42.47
N PHE B 1580 -29.73 -94.48 -41.39
CA PHE B 1580 -28.53 -93.64 -41.43
C PHE B 1580 -27.23 -94.37 -41.16
N LEU B 1581 -27.25 -95.61 -40.65
CA LEU B 1581 -26.05 -96.37 -40.33
C LEU B 1581 -25.22 -95.72 -39.23
N SER B 1582 -25.83 -94.89 -38.37
CA SER B 1582 -25.18 -94.35 -37.18
C SER B 1582 -26.13 -94.27 -35.99
N GLU B 1583 -27.26 -94.99 -36.02
CA GLU B 1583 -28.19 -95.09 -34.91
C GLU B 1583 -28.69 -96.52 -34.75
N ARG B 1584 -27.86 -97.51 -35.08
CA ARG B 1584 -28.25 -98.89 -34.90
C ARG B 1584 -28.41 -99.22 -33.43
N LYS B 1585 -27.51 -98.73 -32.59
CA LYS B 1585 -27.66 -98.90 -31.15
C LYS B 1585 -28.86 -98.12 -30.62
N ASN B 1586 -29.24 -97.03 -31.28
CA ASN B 1586 -30.32 -96.19 -30.78
C ASN B 1586 -31.65 -96.91 -30.96
N PRO B 1587 -32.43 -97.21 -29.87
CA PRO B 1587 -33.72 -97.88 -30.07
C PRO B 1587 -34.88 -96.92 -30.28
N ALA B 1588 -34.73 -95.67 -29.85
CA ALA B 1588 -35.82 -94.73 -30.00
C ALA B 1588 -35.92 -94.28 -31.46
N PRO B 1589 -37.11 -93.85 -31.91
CA PRO B 1589 -37.22 -93.34 -33.27
C PRO B 1589 -36.77 -91.88 -33.36
N GLN B 1590 -36.35 -91.49 -34.56
CA GLN B 1590 -35.92 -90.13 -34.82
C GLN B 1590 -36.23 -89.78 -36.26
N CYS B 1591 -36.33 -88.47 -36.52
CA CYS B 1591 -36.63 -87.91 -37.85
C CYS B 1591 -35.66 -86.77 -38.13
N PRO B 1592 -34.44 -87.06 -38.57
CA PRO B 1592 -33.53 -85.98 -38.95
C PRO B 1592 -34.01 -85.25 -40.19
N PRO B 1593 -33.45 -84.07 -40.49
CA PRO B 1593 -34.00 -83.27 -41.60
C PRO B 1593 -33.79 -83.88 -42.98
N ARG B 1594 -32.86 -84.82 -43.13
CA ARG B 1594 -32.62 -85.39 -44.45
C ARG B 1594 -33.81 -86.21 -44.92
N LEU B 1595 -34.56 -86.80 -44.00
CA LEU B 1595 -35.81 -87.44 -44.38
C LEU B 1595 -36.81 -86.37 -44.79
N GLU B 1596 -37.26 -86.43 -46.04
CA GLU B 1596 -38.19 -85.48 -46.59
C GLU B 1596 -39.16 -86.21 -47.51
N VAL B 1597 -40.42 -85.79 -47.46
CA VAL B 1597 -41.39 -86.26 -48.43
C VAL B 1597 -41.03 -85.72 -49.79
N GLN B 1598 -41.20 -86.55 -50.81
CA GLN B 1598 -40.77 -86.25 -52.17
C GLN B 1598 -41.81 -86.79 -53.15
N MET B 1599 -42.03 -86.05 -54.22
CA MET B 1599 -43.15 -86.28 -55.14
C MET B 1599 -42.60 -86.39 -56.55
N LEU B 1600 -43.29 -87.16 -57.37
CA LEU B 1600 -42.79 -87.58 -58.67
C LEU B 1600 -43.23 -86.58 -59.75
N MET B 1601 -42.25 -85.89 -60.34
CA MET B 1601 -42.50 -85.12 -61.54
C MET B 1601 -42.63 -86.06 -62.74
N PRO B 1602 -43.39 -85.68 -63.78
CA PRO B 1602 -43.44 -86.50 -64.99
C PRO B 1602 -42.31 -86.24 -65.99
N VAL B 1603 -41.59 -85.13 -65.83
CA VAL B 1603 -40.74 -84.61 -66.89
C VAL B 1603 -39.71 -83.71 -66.23
N SER B 1604 -38.50 -83.68 -66.79
CA SER B 1604 -37.43 -82.84 -66.28
C SER B 1604 -36.46 -82.51 -67.41
N TRP B 1605 -35.64 -81.50 -67.15
CA TRP B 1605 -34.69 -81.00 -68.13
C TRP B 1605 -33.48 -81.91 -68.23
N SER B 1606 -32.72 -81.74 -69.31
CA SER B 1606 -31.51 -82.52 -69.52
C SER B 1606 -30.68 -81.84 -70.60
N ARG B 1607 -29.52 -82.45 -70.88
CA ARG B 1607 -28.53 -81.91 -71.80
C ARG B 1607 -28.01 -83.07 -72.63
N MET B 1608 -28.13 -82.96 -73.95
CA MET B 1608 -27.65 -84.01 -74.84
C MET B 1608 -26.14 -83.90 -75.00
N PRO B 1609 -25.48 -84.94 -75.51
CA PRO B 1609 -24.06 -84.82 -75.82
C PRO B 1609 -23.82 -83.85 -76.96
N ASN B 1610 -22.62 -83.25 -76.93
CA ASN B 1610 -22.22 -82.38 -78.03
C ASN B 1610 -21.97 -83.21 -79.30
N HIS B 1611 -21.35 -84.38 -79.14
CA HIS B 1611 -21.04 -85.29 -80.23
C HIS B 1611 -21.86 -86.56 -80.03
N PHE B 1612 -22.86 -86.75 -80.86
CA PHE B 1612 -23.61 -87.99 -80.86
C PHE B 1612 -22.77 -89.10 -81.45
N LEU B 1613 -23.25 -90.33 -81.30
CA LEU B 1613 -22.58 -91.49 -81.86
C LEU B 1613 -22.71 -91.42 -83.38
N GLN B 1614 -21.63 -90.93 -84.03
CA GLN B 1614 -21.66 -90.75 -85.48
C GLN B 1614 -21.77 -92.09 -86.21
N VAL B 1615 -21.15 -93.12 -85.66
CA VAL B 1615 -21.32 -94.48 -86.16
C VAL B 1615 -22.69 -94.98 -85.73
N GLU B 1616 -23.08 -96.16 -86.23
CA GLU B 1616 -24.46 -96.67 -86.24
C GLU B 1616 -25.30 -95.86 -87.21
N THR B 1617 -24.73 -95.58 -88.38
CA THR B 1617 -25.42 -94.96 -89.51
C THR B 1617 -25.03 -95.66 -90.79
N ARG B 1618 -24.86 -96.98 -90.73
CA ARG B 1618 -24.45 -97.79 -91.89
C ARG B 1618 -25.69 -98.19 -92.70
N ARG B 1619 -26.33 -97.16 -93.27
CA ARG B 1619 -27.51 -97.27 -94.14
C ARG B 1619 -28.77 -97.75 -93.43
N ALA B 1620 -28.76 -97.89 -92.09
CA ALA B 1620 -29.90 -98.39 -91.33
C ALA B 1620 -30.31 -99.78 -91.78
N GLY B 1621 -29.32 -100.61 -92.12
CA GLY B 1621 -29.54 -101.94 -92.67
C GLY B 1621 -29.33 -101.97 -94.17
N GLU B 1622 -28.17 -102.47 -94.62
CA GLU B 1622 -27.80 -102.35 -96.02
C GLU B 1622 -28.45 -103.43 -96.88
N ARG B 1623 -28.06 -104.68 -96.69
CA ARG B 1623 -28.46 -105.80 -97.53
C ARG B 1623 -27.91 -107.07 -96.89
N LEU B 1624 -28.40 -108.22 -97.38
CA LEU B 1624 -27.98 -109.53 -96.90
C LEU B 1624 -28.31 -109.70 -95.42
N GLY B 1625 -29.51 -109.28 -95.06
CA GLY B 1625 -29.97 -109.31 -93.69
C GLY B 1625 -29.75 -108.03 -92.92
N TRP B 1626 -29.70 -106.87 -93.61
CA TRP B 1626 -29.70 -105.55 -92.97
C TRP B 1626 -28.47 -105.35 -92.07
N ALA B 1627 -27.30 -105.34 -92.71
CA ALA B 1627 -26.06 -105.17 -91.98
C ALA B 1627 -25.95 -103.78 -91.36
N VAL B 1628 -25.39 -103.72 -90.14
CA VAL B 1628 -25.17 -102.48 -89.41
C VAL B 1628 -23.72 -102.46 -88.93
N GLN B 1629 -23.09 -101.29 -89.03
CA GLN B 1629 -21.67 -101.09 -88.77
C GLN B 1629 -21.49 -100.09 -87.64
N CYS B 1630 -20.55 -100.39 -86.74
CA CYS B 1630 -20.23 -99.52 -85.60
C CYS B 1630 -18.76 -99.74 -85.26
N GLN B 1631 -17.97 -98.67 -85.36
CA GLN B 1631 -16.52 -98.72 -85.16
C GLN B 1631 -16.01 -97.82 -84.05
N ASP B 1632 -16.34 -96.53 -84.08
CA ASP B 1632 -15.54 -95.57 -83.34
C ASP B 1632 -15.95 -95.51 -81.86
N PRO B 1633 -15.01 -95.08 -80.95
CA PRO B 1633 -15.35 -94.98 -79.53
C PRO B 1633 -15.78 -93.59 -79.11
N LEU B 1634 -16.60 -93.48 -78.06
CA LEU B 1634 -16.91 -92.19 -77.46
C LEU B 1634 -17.55 -92.45 -76.10
N THR B 1635 -17.24 -91.60 -75.12
CA THR B 1635 -17.51 -91.87 -73.71
C THR B 1635 -18.03 -90.64 -72.98
N MET B 1636 -18.64 -90.89 -71.82
CA MET B 1636 -18.86 -89.90 -70.76
C MET B 1636 -17.95 -90.20 -69.58
N MET B 1637 -17.99 -89.29 -68.61
CA MET B 1637 -17.73 -89.57 -67.22
C MET B 1637 -19.09 -89.66 -66.52
N ALA B 1638 -19.10 -89.72 -65.20
CA ALA B 1638 -20.35 -89.87 -64.45
C ALA B 1638 -20.26 -89.23 -63.08
N LEU B 1639 -21.44 -88.94 -62.52
CA LEU B 1639 -21.66 -88.47 -61.17
C LEU B 1639 -22.68 -89.39 -60.48
N HIS B 1640 -22.38 -90.68 -60.49
CA HIS B 1640 -23.33 -91.66 -59.96
C HIS B 1640 -23.56 -91.46 -58.48
N ILE B 1641 -24.75 -91.00 -58.14
CA ILE B 1641 -25.09 -90.83 -56.73
C ILE B 1641 -25.21 -92.22 -56.10
N PRO B 1642 -24.69 -92.46 -54.89
CA PRO B 1642 -24.82 -93.82 -54.35
C PRO B 1642 -26.24 -94.16 -53.96
N GLU B 1643 -26.97 -93.20 -53.40
CA GLU B 1643 -28.31 -93.48 -52.89
C GLU B 1643 -29.31 -93.62 -54.02
N GLU B 1644 -29.25 -92.73 -55.01
CA GLU B 1644 -30.30 -92.65 -56.02
C GLU B 1644 -30.11 -93.63 -57.16
N ASN B 1645 -28.87 -94.03 -57.44
CA ASN B 1645 -28.57 -95.05 -58.43
C ASN B 1645 -28.97 -94.61 -59.84
N ARG B 1646 -28.56 -93.39 -60.20
CA ARG B 1646 -28.63 -92.89 -61.57
C ARG B 1646 -27.25 -92.35 -61.93
N CYS B 1647 -27.10 -91.72 -63.10
CA CYS B 1647 -25.83 -91.20 -63.59
C CYS B 1647 -26.03 -89.85 -64.23
N MET B 1648 -25.09 -88.93 -63.97
CA MET B 1648 -25.06 -87.60 -64.55
C MET B 1648 -23.64 -87.27 -64.96
N ASP B 1649 -23.55 -86.66 -66.17
CA ASP B 1649 -22.25 -86.28 -66.74
C ASP B 1649 -21.74 -85.08 -66.00
N ILE B 1650 -20.45 -84.79 -66.08
CA ILE B 1650 -19.85 -83.72 -65.30
C ILE B 1650 -20.14 -82.45 -66.09
N LEU B 1651 -21.41 -82.02 -66.19
CA LEU B 1651 -21.84 -81.16 -67.29
C LEU B 1651 -23.18 -80.37 -67.09
N GLU B 1652 -24.17 -80.88 -66.35
CA GLU B 1652 -25.50 -80.19 -66.27
C GLU B 1652 -25.40 -78.84 -65.51
N LEU B 1653 -25.11 -77.67 -66.07
CA LEU B 1653 -24.74 -76.43 -65.38
C LEU B 1653 -25.92 -75.78 -64.66
N SER B 1654 -27.14 -75.97 -65.17
CA SER B 1654 -28.31 -75.49 -64.45
C SER B 1654 -28.53 -76.30 -63.18
N GLU B 1655 -28.62 -77.62 -63.31
CA GLU B 1655 -28.76 -78.46 -62.12
C GLU B 1655 -27.51 -78.46 -61.27
N ARG B 1656 -26.34 -78.28 -61.88
CA ARG B 1656 -25.08 -78.39 -61.18
C ARG B 1656 -24.76 -77.16 -60.33
N LEU B 1657 -25.62 -76.13 -60.30
CA LEU B 1657 -25.31 -74.93 -59.54
C LEU B 1657 -25.24 -75.21 -58.04
N ASP B 1658 -26.10 -76.11 -57.55
CA ASP B 1658 -26.01 -76.55 -56.17
C ASP B 1658 -25.00 -77.68 -56.00
N LEU B 1659 -24.95 -78.61 -56.96
CA LEU B 1659 -24.16 -79.82 -56.78
C LEU B 1659 -22.67 -79.56 -56.94
N GLN B 1660 -22.28 -78.74 -57.92
CA GLN B 1660 -20.87 -78.51 -58.19
C GLN B 1660 -20.18 -77.75 -57.06
N ARG B 1661 -20.94 -76.95 -56.31
CA ARG B 1661 -20.41 -76.34 -55.08
C ARG B 1661 -19.94 -77.42 -54.12
N PHE B 1662 -20.79 -78.41 -53.88
CA PHE B 1662 -20.46 -79.52 -53.00
C PHE B 1662 -19.32 -80.35 -53.57
N HIS B 1663 -19.33 -80.58 -54.88
CA HIS B 1663 -18.36 -81.47 -55.48
C HIS B 1663 -16.97 -80.86 -55.52
N SER B 1664 -16.89 -79.57 -55.84
CA SER B 1664 -15.60 -78.88 -55.81
C SER B 1664 -15.06 -78.81 -54.40
N HIS B 1665 -15.93 -78.61 -53.41
CA HIS B 1665 -15.45 -78.61 -52.04
C HIS B 1665 -15.00 -80.00 -51.62
N THR B 1666 -15.60 -81.05 -52.19
CA THR B 1666 -15.11 -82.40 -51.90
C THR B 1666 -13.73 -82.62 -52.49
N LEU B 1667 -13.47 -82.02 -53.65
CA LEU B 1667 -12.11 -82.05 -54.17
C LEU B 1667 -11.15 -81.31 -53.26
N ARG B 1668 -11.63 -80.27 -52.58
CA ARG B 1668 -10.81 -79.64 -51.55
C ARG B 1668 -10.47 -80.63 -50.45
N LEU B 1669 -11.44 -81.46 -50.05
CA LEU B 1669 -11.14 -82.50 -49.06
C LEU B 1669 -10.11 -83.49 -49.59
N TYR B 1670 -10.24 -83.87 -50.86
CA TYR B 1670 -9.32 -84.84 -51.47
C TYR B 1670 -7.89 -84.30 -51.48
N ARG B 1671 -7.73 -83.03 -51.81
CA ARG B 1671 -6.40 -82.44 -51.77
C ARG B 1671 -5.91 -82.25 -50.35
N ALA B 1672 -6.82 -82.03 -49.40
CA ALA B 1672 -6.41 -81.85 -48.02
C ALA B 1672 -5.83 -83.12 -47.43
N VAL B 1673 -6.56 -84.24 -47.57
CA VAL B 1673 -6.07 -85.51 -47.02
C VAL B 1673 -4.84 -86.02 -47.75
N CYS B 1674 -4.61 -85.58 -48.99
CA CYS B 1674 -3.30 -85.69 -49.63
C CYS B 1674 -2.49 -84.47 -49.24
N ALA B 1675 -2.14 -84.41 -47.97
CA ALA B 1675 -1.52 -83.25 -47.38
C ALA B 1675 -0.07 -83.14 -47.82
N LEU B 1676 0.66 -82.21 -47.22
CA LEU B 1676 2.07 -82.06 -47.47
C LEU B 1676 2.80 -83.30 -46.97
N GLY B 1677 3.52 -83.95 -47.87
CA GLY B 1677 4.36 -85.08 -47.48
C GLY B 1677 3.60 -86.29 -47.00
N ASN B 1678 2.54 -86.67 -47.70
CA ASN B 1678 1.84 -87.93 -47.48
C ASN B 1678 1.68 -88.65 -48.81
N ASN B 1679 1.85 -89.97 -48.78
CA ASN B 1679 1.83 -90.81 -49.98
C ASN B 1679 0.92 -92.04 -49.83
N ARG B 1680 0.74 -92.52 -48.60
CA ARG B 1680 -0.14 -93.67 -48.37
C ARG B 1680 -1.58 -93.33 -48.75
N VAL B 1681 -2.04 -92.17 -48.29
CA VAL B 1681 -3.38 -91.71 -48.63
C VAL B 1681 -3.48 -91.44 -50.12
N ALA B 1682 -2.40 -90.96 -50.74
CA ALA B 1682 -2.41 -90.66 -52.17
C ALA B 1682 -2.62 -91.92 -53.00
N HIS B 1683 -1.92 -92.99 -52.62
CA HIS B 1683 -2.14 -94.28 -53.26
C HIS B 1683 -3.57 -94.75 -53.06
N ALA B 1684 -4.14 -94.49 -51.87
CA ALA B 1684 -5.55 -94.85 -51.68
C ALA B 1684 -6.46 -94.02 -52.58
N LEU B 1685 -6.16 -92.73 -52.76
CA LEU B 1685 -6.99 -91.89 -53.59
C LEU B 1685 -6.90 -92.21 -55.07
N CYS B 1686 -5.84 -92.91 -55.49
CA CYS B 1686 -5.77 -93.30 -56.91
C CYS B 1686 -6.91 -94.24 -57.32
N SER B 1687 -7.47 -95.01 -56.37
CA SER B 1687 -8.63 -95.85 -56.68
C SER B 1687 -9.86 -95.00 -57.01
N HIS B 1688 -10.15 -94.02 -56.17
CA HIS B 1688 -11.34 -93.20 -56.37
C HIS B 1688 -11.24 -92.38 -57.64
N VAL B 1689 -10.04 -91.95 -58.00
CA VAL B 1689 -9.77 -91.18 -59.21
C VAL B 1689 -8.56 -91.81 -59.86
N ASP B 1690 -8.77 -92.48 -60.99
CA ASP B 1690 -7.72 -93.19 -61.68
C ASP B 1690 -7.04 -92.27 -62.70
N GLN B 1691 -6.09 -92.84 -63.42
CA GLN B 1691 -5.33 -92.09 -64.41
C GLN B 1691 -6.20 -91.65 -65.57
N ALA B 1692 -7.09 -92.52 -66.04
CA ALA B 1692 -7.84 -92.23 -67.27
C ALA B 1692 -8.86 -91.11 -67.05
N GLN B 1693 -9.53 -91.14 -65.90
CA GLN B 1693 -10.46 -90.08 -65.52
C GLN B 1693 -9.74 -88.74 -65.47
N LEU B 1694 -8.55 -88.73 -64.89
CA LEU B 1694 -7.79 -87.51 -64.71
C LEU B 1694 -7.35 -86.95 -66.05
N LEU B 1695 -6.84 -87.82 -66.92
CA LEU B 1695 -6.33 -87.38 -68.22
C LEU B 1695 -7.46 -86.86 -69.09
N HIS B 1696 -8.62 -87.51 -69.04
CA HIS B 1696 -9.74 -87.01 -69.82
C HIS B 1696 -10.26 -85.71 -69.24
N ALA B 1697 -10.11 -85.50 -67.94
CA ALA B 1697 -10.42 -84.17 -67.40
C ALA B 1697 -9.44 -83.13 -67.93
N LEU B 1698 -8.17 -83.49 -68.12
CA LEU B 1698 -7.23 -82.53 -68.69
C LEU B 1698 -7.62 -82.15 -70.10
N GLU B 1699 -7.99 -83.12 -70.94
CA GLU B 1699 -8.26 -82.78 -72.34
C GLU B 1699 -9.56 -82.02 -72.54
N ASP B 1700 -10.55 -82.20 -71.67
CA ASP B 1700 -11.88 -81.67 -71.93
C ASP B 1700 -11.92 -80.16 -71.83
N ALA B 1701 -12.89 -79.56 -72.53
CA ALA B 1701 -13.09 -78.12 -72.59
C ALA B 1701 -14.57 -77.78 -72.55
N HIS B 1702 -15.33 -78.49 -71.71
CA HIS B 1702 -16.74 -78.20 -71.45
C HIS B 1702 -17.05 -78.14 -69.94
N LEU B 1703 -16.03 -78.04 -69.09
CA LEU B 1703 -16.25 -78.11 -67.67
C LEU B 1703 -16.90 -76.82 -67.17
N PRO B 1704 -17.51 -76.84 -65.98
CA PRO B 1704 -18.01 -75.57 -65.42
C PRO B 1704 -16.91 -74.57 -65.13
N GLY B 1705 -15.71 -75.05 -64.80
CA GLY B 1705 -14.53 -74.22 -64.60
C GLY B 1705 -13.92 -74.32 -63.24
N PRO B 1706 -14.73 -74.24 -62.16
CA PRO B 1706 -14.19 -74.58 -60.84
C PRO B 1706 -13.72 -76.01 -60.75
N LEU B 1707 -14.44 -76.92 -61.40
CA LEU B 1707 -13.98 -78.30 -61.45
C LEU B 1707 -12.73 -78.45 -62.30
N ARG B 1708 -12.57 -77.61 -63.32
CA ARG B 1708 -11.37 -77.73 -64.15
C ARG B 1708 -10.13 -77.38 -63.34
N ALA B 1709 -10.22 -76.30 -62.56
CA ALA B 1709 -9.15 -75.92 -61.65
C ALA B 1709 -8.94 -76.99 -60.60
N GLY B 1710 -10.04 -77.54 -60.07
CA GLY B 1710 -9.93 -78.55 -59.03
C GLY B 1710 -9.28 -79.83 -59.52
N TYR B 1711 -9.61 -80.25 -60.74
CA TYR B 1711 -9.09 -81.52 -61.24
C TYR B 1711 -7.62 -81.39 -61.63
N TYR B 1712 -7.25 -80.25 -62.24
CA TYR B 1712 -5.84 -79.98 -62.51
C TYR B 1712 -5.06 -79.92 -61.20
N ASP B 1713 -5.62 -79.26 -60.19
CA ASP B 1713 -4.95 -79.16 -58.91
C ASP B 1713 -4.89 -80.51 -58.20
N LEU B 1714 -5.86 -81.37 -58.41
CA LEU B 1714 -5.81 -82.70 -57.83
C LEU B 1714 -4.69 -83.52 -58.45
N LEU B 1715 -4.49 -83.38 -59.76
CA LEU B 1715 -3.33 -84.01 -60.39
C LEU B 1715 -2.04 -83.52 -59.76
N ILE B 1716 -1.95 -82.22 -59.49
CA ILE B 1716 -0.74 -81.71 -58.85
C ILE B 1716 -0.62 -82.25 -57.43
N SER B 1717 -1.73 -82.32 -56.71
CA SER B 1717 -1.68 -82.69 -55.30
C SER B 1717 -1.27 -84.15 -55.11
N ILE B 1718 -1.75 -85.04 -55.97
CA ILE B 1718 -1.47 -86.45 -55.77
C ILE B 1718 -0.04 -86.78 -56.18
N HIS B 1719 0.27 -86.59 -57.45
CA HIS B 1719 1.52 -87.09 -58.02
C HIS B 1719 2.68 -86.12 -57.85
N LEU B 1720 2.49 -84.86 -58.25
CA LEU B 1720 3.58 -83.92 -58.45
C LEU B 1720 3.93 -83.06 -57.23
N GLU B 1721 3.16 -83.15 -56.14
CA GLU B 1721 3.40 -82.27 -55.00
C GLU B 1721 4.72 -82.58 -54.30
N SER B 1722 4.93 -83.87 -54.00
CA SER B 1722 6.06 -84.30 -53.18
C SER B 1722 7.40 -83.99 -53.85
N ALA B 1723 7.51 -84.38 -55.12
CA ALA B 1723 8.73 -84.18 -55.87
C ALA B 1723 9.03 -82.70 -56.06
N CYS B 1724 7.99 -81.91 -56.33
CA CYS B 1724 8.18 -80.50 -56.59
C CYS B 1724 8.68 -79.78 -55.34
N ARG B 1725 8.10 -80.11 -54.19
CA ARG B 1725 8.53 -79.50 -52.94
C ARG B 1725 9.98 -79.86 -52.61
N SER B 1726 10.33 -81.14 -52.77
CA SER B 1726 11.69 -81.58 -52.43
C SER B 1726 12.73 -80.97 -53.38
N ARG B 1727 12.45 -81.01 -54.68
CA ARG B 1727 13.40 -80.48 -55.63
C ARG B 1727 13.52 -78.97 -55.53
N ARG B 1728 12.44 -78.28 -55.15
CA ARG B 1728 12.56 -76.85 -54.95
C ARG B 1728 13.41 -76.54 -53.74
N SER B 1729 13.33 -77.38 -52.70
CA SER B 1729 14.21 -77.15 -51.55
C SER B 1729 15.67 -77.32 -51.93
N MET B 1730 15.98 -78.35 -52.73
CA MET B 1730 17.38 -78.53 -53.18
C MET B 1730 17.78 -77.60 -54.32
N LEU B 1731 16.85 -76.85 -54.93
CA LEU B 1731 17.21 -75.97 -56.03
C LEU B 1731 18.13 -74.83 -55.63
N SER B 1732 18.20 -74.47 -54.35
CA SER B 1732 19.04 -73.38 -53.89
C SER B 1732 20.46 -73.82 -53.54
N GLU B 1733 20.96 -74.91 -54.12
CA GLU B 1733 22.33 -75.38 -53.98
C GLU B 1733 22.92 -75.54 -55.36
N TYR B 1734 24.23 -75.35 -55.45
CA TYR B 1734 24.96 -75.21 -56.71
C TYR B 1734 26.22 -76.04 -56.69
N ILE B 1735 26.10 -77.29 -56.27
CA ILE B 1735 27.24 -78.20 -56.32
C ILE B 1735 27.54 -78.52 -57.78
N VAL B 1736 28.81 -78.45 -58.14
CA VAL B 1736 29.30 -78.62 -59.50
C VAL B 1736 30.36 -79.71 -59.49
N PRO B 1737 30.07 -80.95 -59.90
CA PRO B 1737 31.15 -81.93 -60.02
C PRO B 1737 32.09 -81.59 -61.16
N LEU B 1738 33.34 -81.99 -61.00
CA LEU B 1738 34.39 -81.75 -61.97
C LEU B 1738 34.42 -82.89 -62.98
N THR B 1739 34.15 -82.57 -64.24
CA THR B 1739 34.06 -83.54 -65.33
C THR B 1739 34.55 -82.85 -66.60
N PRO B 1740 34.96 -83.61 -67.63
CA PRO B 1740 35.15 -82.97 -68.94
C PRO B 1740 33.91 -82.27 -69.48
N GLU B 1741 32.72 -82.82 -69.24
CA GLU B 1741 31.51 -82.14 -69.66
C GLU B 1741 31.32 -80.83 -68.90
N THR B 1742 31.77 -80.78 -67.64
CA THR B 1742 31.72 -79.54 -66.88
C THR B 1742 32.63 -78.48 -67.49
N ARG B 1743 33.83 -78.88 -67.91
CA ARG B 1743 34.80 -77.91 -68.42
C ARG B 1743 34.37 -77.32 -69.75
N ALA B 1744 33.59 -78.06 -70.55
CA ALA B 1744 33.15 -77.54 -71.84
C ALA B 1744 32.20 -76.36 -71.70
N ILE B 1745 31.49 -76.25 -70.58
CA ILE B 1745 30.49 -75.20 -70.41
C ILE B 1745 31.20 -73.86 -70.27
N THR B 1746 30.59 -72.82 -70.84
CA THR B 1746 31.15 -71.47 -70.78
C THR B 1746 30.03 -70.47 -71.04
N LEU B 1747 30.33 -69.21 -70.73
CA LEU B 1747 29.42 -68.12 -71.05
C LEU B 1747 29.27 -67.89 -72.55
N PHE B 1748 30.25 -68.32 -73.34
CA PHE B 1748 30.21 -68.12 -74.78
C PHE B 1748 29.04 -68.91 -75.38
N PRO B 1749 28.14 -68.30 -76.15
CA PRO B 1749 27.17 -69.09 -76.89
C PRO B 1749 27.88 -69.96 -77.91
N PRO B 1750 27.30 -71.13 -78.25
CA PRO B 1750 28.08 -72.14 -78.97
C PRO B 1750 28.44 -71.79 -80.41
N GLY B 1751 27.43 -71.42 -81.20
CA GLY B 1751 27.55 -71.38 -82.66
C GLY B 1751 27.61 -70.00 -83.27
N ARG B 1752 28.19 -69.03 -82.57
CA ARG B 1752 28.37 -67.70 -83.14
C ARG B 1752 29.44 -66.97 -82.35
N LYS B 1753 30.55 -66.64 -83.01
CA LYS B 1753 31.63 -65.91 -82.35
C LYS B 1753 31.17 -64.51 -81.95
N GLY B 1754 31.74 -64.01 -80.86
CA GLY B 1754 31.34 -62.73 -80.32
C GLY B 1754 29.92 -62.70 -79.82
N GLY B 1755 29.48 -63.81 -79.19
CA GLY B 1755 28.11 -63.89 -78.73
C GLY B 1755 27.81 -63.07 -77.49
N ASN B 1756 28.84 -62.63 -76.76
CA ASN B 1756 28.60 -61.74 -75.63
C ASN B 1756 28.03 -60.41 -76.10
N ALA B 1757 28.50 -59.90 -77.25
CA ALA B 1757 27.87 -58.74 -77.85
C ALA B 1757 26.45 -59.07 -78.30
N ARG B 1758 26.25 -60.26 -78.84
CA ARG B 1758 24.94 -60.74 -79.27
C ARG B 1758 24.19 -61.25 -78.04
N ARG B 1759 23.09 -61.96 -78.26
CA ARG B 1759 22.32 -62.53 -77.17
C ARG B 1759 23.12 -63.60 -76.44
N HIS B 1760 22.61 -64.01 -75.29
CA HIS B 1760 23.26 -64.98 -74.40
C HIS B 1760 22.84 -66.41 -74.70
N GLY B 1761 22.53 -66.71 -75.95
CA GLY B 1761 21.93 -68.00 -76.26
C GLY B 1761 20.46 -67.96 -75.91
N LEU B 1762 20.03 -68.93 -75.12
CA LEU B 1762 18.68 -68.98 -74.57
C LEU B 1762 18.76 -69.56 -73.17
N PRO B 1763 17.76 -69.28 -72.31
CA PRO B 1763 17.88 -69.72 -70.92
C PRO B 1763 17.39 -71.14 -70.70
N GLY B 1764 18.20 -71.96 -70.04
CA GLY B 1764 17.83 -73.32 -69.70
C GLY B 1764 18.05 -74.33 -70.79
N VAL B 1765 18.32 -73.92 -72.03
CA VAL B 1765 18.56 -74.86 -73.11
C VAL B 1765 19.86 -75.62 -72.87
N GLY B 1766 20.86 -74.96 -72.31
CA GLY B 1766 22.15 -75.60 -72.12
C GLY B 1766 22.10 -76.68 -71.06
N VAL B 1767 23.09 -77.57 -71.14
CA VAL B 1767 23.18 -78.65 -70.16
C VAL B 1767 23.59 -78.08 -68.82
N THR B 1768 22.91 -78.53 -67.77
CA THR B 1768 23.12 -78.00 -66.43
C THR B 1768 24.28 -78.68 -65.71
N THR B 1769 24.38 -80.01 -65.82
CA THR B 1769 25.30 -80.90 -65.07
C THR B 1769 25.48 -80.48 -63.62
N SER B 1770 24.36 -80.21 -62.96
CA SER B 1770 24.32 -79.85 -61.54
C SER B 1770 23.95 -81.07 -60.73
N LEU B 1771 24.50 -81.14 -59.53
CA LEU B 1771 24.34 -82.31 -58.68
C LEU B 1771 23.01 -82.22 -57.96
N ARG B 1772 22.05 -83.04 -58.38
CA ARG B 1772 20.74 -83.14 -57.75
C ARG B 1772 20.23 -84.55 -57.91
N PRO B 1773 19.33 -85.01 -57.03
CA PRO B 1773 19.00 -86.44 -57.01
C PRO B 1773 17.86 -86.76 -57.96
N PRO B 1774 17.54 -88.06 -58.17
CA PRO B 1774 16.32 -88.41 -58.90
C PRO B 1774 15.10 -88.44 -58.00
N HIS B 1775 13.95 -88.87 -58.54
CA HIS B 1775 12.65 -88.83 -57.86
C HIS B 1775 12.24 -90.17 -57.30
N HIS B 1776 12.37 -91.24 -58.08
CA HIS B 1776 12.03 -92.61 -57.67
C HIS B 1776 10.56 -92.77 -57.30
N PHE B 1777 9.71 -92.61 -58.32
CA PHE B 1777 8.30 -92.93 -58.16
C PHE B 1777 8.10 -94.44 -58.05
N SER B 1778 6.89 -94.83 -57.68
CA SER B 1778 6.44 -96.20 -57.57
C SER B 1778 5.04 -96.30 -58.18
N PRO B 1779 4.68 -97.44 -58.80
CA PRO B 1779 3.39 -97.49 -59.48
C PRO B 1779 2.29 -97.90 -58.52
N PRO B 1780 1.02 -97.65 -58.84
CA PRO B 1780 -0.06 -98.01 -57.92
C PRO B 1780 -0.62 -99.41 -58.20
N CYS B 1781 -1.09 -100.03 -57.12
CA CYS B 1781 -1.78 -101.30 -57.23
C CYS B 1781 -2.59 -101.51 -55.96
N PHE B 1782 -3.57 -102.41 -56.05
CA PHE B 1782 -4.42 -102.80 -54.94
C PHE B 1782 -4.61 -104.30 -54.84
N VAL B 1783 -3.69 -105.09 -55.40
CA VAL B 1783 -3.73 -106.55 -55.41
C VAL B 1783 -2.43 -107.12 -54.87
N ALA B 1784 -1.76 -106.39 -53.99
CA ALA B 1784 -0.49 -106.77 -53.40
C ALA B 1784 -0.70 -107.04 -51.92
N ALA B 1785 -0.06 -108.09 -51.42
CA ALA B 1785 -0.20 -108.45 -50.02
C ALA B 1785 0.40 -107.38 -49.13
N LEU B 1786 -0.30 -107.09 -48.04
CA LEU B 1786 0.16 -106.08 -47.11
C LEU B 1786 1.45 -106.57 -46.42
N PRO B 1787 2.26 -105.64 -45.86
CA PRO B 1787 3.40 -106.11 -45.08
C PRO B 1787 2.97 -106.81 -43.80
N ALA B 1788 3.25 -108.12 -43.72
CA ALA B 1788 2.83 -108.90 -42.56
C ALA B 1788 3.56 -108.45 -41.29
N ALA B 1789 4.84 -108.10 -41.42
CA ALA B 1789 5.60 -107.62 -40.27
C ALA B 1789 5.20 -106.19 -39.93
N GLY B 1790 5.89 -105.61 -38.96
CA GLY B 1790 5.62 -104.25 -38.55
C GLY B 1790 6.04 -103.24 -39.60
N VAL B 1791 5.81 -101.97 -39.27
CA VAL B 1791 6.21 -100.88 -40.16
C VAL B 1791 7.72 -100.84 -40.31
N ALA B 1792 8.44 -100.95 -39.18
CA ALA B 1792 9.90 -100.92 -39.14
C ALA B 1792 10.47 -99.63 -39.71
N GLU B 1793 9.74 -98.52 -39.55
CA GLU B 1793 10.10 -97.22 -40.12
C GLU B 1793 10.21 -97.30 -41.63
N ALA B 1794 9.33 -98.06 -42.26
CA ALA B 1794 9.37 -98.21 -43.70
C ALA B 1794 8.94 -96.91 -44.38
N PRO B 1795 9.25 -96.71 -45.67
CA PRO B 1795 8.78 -95.49 -46.36
C PRO B 1795 7.31 -95.48 -46.72
N ALA B 1796 6.55 -96.55 -46.43
CA ALA B 1796 5.15 -96.70 -46.80
C ALA B 1796 5.01 -96.74 -48.32
N ARG B 1797 5.15 -95.60 -48.99
CA ARG B 1797 5.22 -95.54 -50.44
C ARG B 1797 6.17 -94.40 -50.81
N LEU B 1798 6.67 -94.47 -52.04
CA LEU B 1798 7.45 -93.36 -52.58
C LEU B 1798 6.51 -92.25 -53.04
N SER B 1799 5.73 -92.53 -54.08
CA SER B 1799 4.65 -91.71 -54.56
C SER B 1799 4.01 -92.46 -55.72
N PRO B 1800 2.72 -92.27 -56.02
CA PRO B 1800 2.16 -92.94 -57.19
C PRO B 1800 2.72 -92.35 -58.47
N ALA B 1801 2.90 -93.22 -59.46
CA ALA B 1801 3.59 -92.91 -60.69
C ALA B 1801 2.60 -92.60 -61.81
N ILE B 1802 3.09 -91.84 -62.79
CA ILE B 1802 2.37 -91.54 -64.02
C ILE B 1802 3.35 -91.59 -65.19
N PRO B 1803 2.89 -92.05 -66.39
CA PRO B 1803 3.76 -91.84 -67.56
C PRO B 1803 3.97 -90.37 -67.86
N LEU B 1804 5.19 -89.89 -67.64
CA LEU B 1804 5.47 -88.47 -67.74
C LEU B 1804 5.62 -87.99 -69.16
N GLU B 1805 6.01 -88.87 -70.09
CA GLU B 1805 6.14 -88.48 -71.49
C GLU B 1805 4.79 -88.07 -72.07
N ALA B 1806 3.73 -88.78 -71.70
CA ALA B 1806 2.40 -88.42 -72.12
C ALA B 1806 2.01 -87.05 -71.60
N LEU B 1807 2.33 -86.77 -70.33
CA LEU B 1807 2.00 -85.46 -69.77
C LEU B 1807 2.81 -84.36 -70.42
N ARG B 1808 4.08 -84.62 -70.74
CA ARG B 1808 4.93 -83.62 -71.36
C ARG B 1808 4.39 -83.24 -72.74
N ASP B 1809 4.16 -84.25 -73.57
CA ASP B 1809 3.65 -83.99 -74.91
C ASP B 1809 2.24 -83.42 -74.88
N LYS B 1810 1.43 -83.81 -73.90
CA LYS B 1810 0.10 -83.24 -73.76
C LYS B 1810 0.18 -81.78 -73.37
N ALA B 1811 0.95 -81.48 -72.32
CA ALA B 1811 0.99 -80.16 -71.74
C ALA B 1811 1.58 -79.14 -72.69
N LEU B 1812 2.46 -79.57 -73.58
CA LEU B 1812 2.88 -78.68 -74.65
C LEU B 1812 1.74 -78.34 -75.62
N ARG B 1813 0.71 -79.19 -75.72
CA ARG B 1813 -0.25 -79.09 -76.81
C ARG B 1813 -1.33 -78.06 -76.53
N MET B 1814 -2.12 -78.24 -75.46
CA MET B 1814 -3.24 -77.35 -75.26
C MET B 1814 -2.81 -75.98 -74.78
N LEU B 1815 -1.56 -75.82 -74.33
CA LEU B 1815 -1.04 -74.47 -74.14
C LEU B 1815 -1.00 -73.73 -75.48
N GLY B 1816 -0.48 -74.40 -76.51
CA GLY B 1816 -0.49 -73.80 -77.83
C GLY B 1816 -1.89 -73.59 -78.36
N GLU B 1817 -2.78 -74.56 -78.11
CA GLU B 1817 -4.16 -74.42 -78.54
C GLU B 1817 -4.86 -73.27 -77.81
N ALA B 1818 -4.62 -73.14 -76.51
CA ALA B 1818 -5.24 -72.08 -75.73
C ALA B 1818 -4.71 -70.72 -76.16
N VAL B 1819 -3.40 -70.63 -76.45
CA VAL B 1819 -2.83 -69.37 -76.91
C VAL B 1819 -3.37 -69.02 -78.29
N ARG B 1820 -3.52 -70.00 -79.17
CA ARG B 1820 -4.05 -69.76 -80.49
C ARG B 1820 -5.51 -69.33 -80.44
N ASP B 1821 -6.30 -70.00 -79.58
CA ASP B 1821 -7.69 -69.63 -79.40
C ASP B 1821 -7.82 -68.24 -78.79
N GLY B 1822 -6.93 -67.90 -77.86
CA GLY B 1822 -6.89 -66.54 -77.35
C GLY B 1822 -6.49 -65.54 -78.42
N GLY B 1823 -5.62 -65.96 -79.33
CA GLY B 1823 -5.26 -65.12 -80.45
C GLY B 1823 -6.44 -64.85 -81.36
N GLN B 1824 -7.34 -65.83 -81.51
CA GLN B 1824 -8.59 -65.57 -82.19
C GLN B 1824 -9.49 -64.61 -81.42
N HIS B 1825 -9.32 -64.50 -80.10
CA HIS B 1825 -10.04 -63.54 -79.28
C HIS B 1825 -11.53 -63.85 -79.27
N ALA B 1826 -11.85 -65.06 -78.81
CA ALA B 1826 -13.22 -65.54 -78.78
C ALA B 1826 -13.97 -64.89 -77.62
N ARG B 1827 -15.20 -65.36 -77.38
CA ARG B 1827 -16.09 -64.87 -76.33
C ARG B 1827 -16.71 -65.99 -75.50
N ASP B 1828 -16.20 -67.23 -75.61
CA ASP B 1828 -16.63 -68.37 -74.80
C ASP B 1828 -15.37 -69.08 -74.29
N PRO B 1829 -14.69 -68.49 -73.32
CA PRO B 1829 -13.48 -69.15 -72.80
C PRO B 1829 -13.83 -70.42 -72.05
N VAL B 1830 -12.85 -71.33 -72.01
CA VAL B 1830 -13.06 -72.63 -71.40
C VAL B 1830 -13.25 -72.45 -69.91
N GLY B 1831 -14.27 -73.12 -69.36
CA GLY B 1831 -14.60 -72.98 -67.96
C GLY B 1831 -15.38 -71.74 -67.60
N GLY B 1832 -15.87 -70.99 -68.57
CA GLY B 1832 -16.68 -69.82 -68.31
C GLY B 1832 -15.93 -68.54 -68.04
N SER B 1833 -14.59 -68.54 -68.11
CA SER B 1833 -13.83 -67.33 -67.92
C SER B 1833 -12.41 -67.55 -68.42
N VAL B 1834 -11.77 -66.44 -68.78
CA VAL B 1834 -10.43 -66.50 -69.36
C VAL B 1834 -9.42 -66.94 -68.30
N GLU B 1835 -9.56 -66.41 -67.09
CA GLU B 1835 -8.63 -66.77 -66.03
C GLU B 1835 -8.76 -68.23 -65.65
N PHE B 1836 -9.97 -68.77 -65.67
CA PHE B 1836 -10.15 -70.20 -65.45
C PHE B 1836 -9.51 -71.00 -66.56
N GLN B 1837 -9.47 -70.46 -67.78
CA GLN B 1837 -8.82 -71.17 -68.87
C GLN B 1837 -7.31 -71.23 -68.65
N PHE B 1838 -6.70 -70.10 -68.29
CA PHE B 1838 -5.25 -69.98 -68.35
C PHE B 1838 -4.52 -70.28 -67.03
N VAL B 1839 -5.18 -70.16 -65.88
CA VAL B 1839 -4.52 -70.38 -64.58
C VAL B 1839 -4.01 -71.81 -64.42
N PRO B 1840 -4.88 -72.83 -64.41
CA PRO B 1840 -4.41 -74.17 -64.00
C PRO B 1840 -3.46 -74.83 -64.99
N VAL B 1841 -3.62 -74.57 -66.28
CA VAL B 1841 -2.71 -75.10 -67.29
C VAL B 1841 -1.29 -74.55 -67.08
N LEU B 1842 -1.20 -73.26 -66.80
CA LEU B 1842 0.10 -72.66 -66.50
C LEU B 1842 0.65 -73.16 -65.18
N LYS B 1843 -0.24 -73.51 -64.24
CA LYS B 1843 0.21 -74.11 -63.00
C LYS B 1843 0.90 -75.44 -63.25
N LEU B 1844 0.30 -76.24 -64.14
CA LEU B 1844 0.87 -77.55 -64.48
C LEU B 1844 2.24 -77.42 -65.14
N VAL B 1845 2.33 -76.56 -66.16
CA VAL B 1845 3.59 -76.46 -66.88
C VAL B 1845 4.66 -75.82 -66.00
N SER B 1846 4.26 -74.92 -65.09
CA SER B 1846 5.21 -74.33 -64.16
C SER B 1846 5.79 -75.38 -63.24
N THR B 1847 4.97 -76.32 -62.76
CA THR B 1847 5.52 -77.37 -61.91
C THR B 1847 6.43 -78.30 -62.69
N LEU B 1848 6.07 -78.62 -63.93
CA LEU B 1848 6.90 -79.52 -64.70
C LEU B 1848 8.23 -78.90 -65.10
N LEU B 1849 8.33 -77.58 -65.13
CA LEU B 1849 9.65 -76.99 -65.29
C LEU B 1849 10.53 -77.27 -64.08
N VAL B 1850 9.94 -77.24 -62.89
CA VAL B 1850 10.70 -77.55 -61.68
C VAL B 1850 11.10 -79.02 -61.67
N MET B 1851 10.29 -79.88 -62.27
CA MET B 1851 10.70 -81.27 -62.45
C MET B 1851 11.95 -81.39 -63.32
N GLY B 1852 12.14 -80.47 -64.27
CA GLY B 1852 13.28 -80.53 -65.15
C GLY B 1852 13.26 -81.72 -66.08
N ILE B 1853 12.07 -82.09 -66.56
CA ILE B 1853 11.86 -83.25 -67.43
C ILE B 1853 11.40 -82.80 -68.82
N PHE B 1854 11.84 -81.62 -69.25
CA PHE B 1854 11.56 -81.07 -70.56
C PHE B 1854 12.81 -81.15 -71.40
N GLY B 1855 12.65 -81.51 -72.66
CA GLY B 1855 13.78 -81.51 -73.57
C GLY B 1855 14.26 -80.10 -73.86
N ASP B 1856 15.46 -80.03 -74.42
CA ASP B 1856 16.00 -78.74 -74.85
C ASP B 1856 15.15 -78.12 -75.95
N GLU B 1857 14.68 -78.95 -76.89
CA GLU B 1857 13.72 -78.46 -77.87
C GLU B 1857 12.39 -78.09 -77.23
N ASP B 1858 12.02 -78.76 -76.13
CA ASP B 1858 10.76 -78.49 -75.48
C ASP B 1858 10.76 -77.12 -74.81
N VAL B 1859 11.82 -76.80 -74.07
CA VAL B 1859 11.89 -75.48 -73.44
C VAL B 1859 12.10 -74.40 -74.51
N LYS B 1860 12.76 -74.73 -75.61
CA LYS B 1860 12.84 -73.79 -76.73
C LYS B 1860 11.44 -73.50 -77.29
N GLN B 1861 10.63 -74.55 -77.43
CA GLN B 1861 9.27 -74.40 -77.92
C GLN B 1861 8.44 -73.57 -76.95
N ILE B 1862 8.56 -73.86 -75.66
CA ILE B 1862 7.81 -73.13 -74.64
C ILE B 1862 8.24 -71.66 -74.61
N LEU B 1863 9.51 -71.40 -74.91
CA LEU B 1863 9.95 -70.02 -75.07
C LEU B 1863 9.35 -69.35 -76.31
N LYS B 1864 8.94 -70.14 -77.31
CA LYS B 1864 8.37 -69.56 -78.52
C LYS B 1864 7.09 -68.76 -78.23
N MET B 1865 6.03 -69.41 -77.75
CA MET B 1865 4.72 -68.74 -77.74
C MET B 1865 4.56 -67.71 -76.62
N ILE B 1866 5.56 -67.52 -75.75
CA ILE B 1866 5.52 -66.36 -74.86
C ILE B 1866 5.51 -65.08 -75.69
N GLU B 1867 6.46 -64.98 -76.62
CA GLU B 1867 6.42 -64.01 -77.70
C GLU B 1867 7.54 -64.38 -78.67
N PRO B 1868 7.39 -64.21 -80.00
CA PRO B 1868 8.56 -64.37 -80.87
C PRO B 1868 9.56 -63.21 -80.80
N GLU B 1869 10.25 -63.11 -79.67
CA GLU B 1869 11.35 -62.19 -79.44
C GLU B 1869 12.62 -62.93 -79.04
N VAL B 1870 12.50 -63.87 -78.10
CA VAL B 1870 13.65 -64.69 -77.69
C VAL B 1870 13.69 -65.84 -78.69
N PHE B 1871 14.32 -65.57 -79.84
CA PHE B 1871 14.30 -66.43 -81.00
C PHE B 1871 15.71 -66.69 -81.48
N THR B 1872 15.98 -67.93 -81.87
CA THR B 1872 17.29 -68.31 -82.37
C THR B 1872 17.52 -67.68 -83.74
N GLU B 1873 18.80 -67.56 -84.10
CA GLU B 1873 19.15 -67.02 -85.41
C GLU B 1873 18.69 -67.91 -86.55
N GLU B 1874 18.68 -69.23 -86.33
CA GLU B 1874 18.21 -70.21 -87.31
C GLU B 1874 19.07 -70.18 -88.57
N ASP B 1921 -2.50 -64.79 -88.54
CA ASP B 1921 -1.86 -64.41 -87.30
C ASP B 1921 -0.79 -65.43 -86.92
N LEU B 1922 0.43 -64.94 -86.70
CA LEU B 1922 1.59 -65.79 -86.44
C LEU B 1922 1.80 -66.05 -84.94
N GLU B 1923 0.74 -66.54 -84.28
CA GLU B 1923 0.69 -66.94 -82.86
C GLU B 1923 1.30 -65.87 -81.95
N GLU B 1924 0.59 -64.74 -81.89
CA GLU B 1924 1.05 -63.55 -81.17
C GLU B 1924 1.32 -63.85 -79.70
N GLY B 1925 2.22 -63.05 -79.13
CA GLY B 1925 2.77 -63.37 -77.84
C GLY B 1925 1.76 -63.29 -76.72
N LEU B 1926 1.92 -64.20 -75.76
CA LEU B 1926 1.02 -64.25 -74.62
C LEU B 1926 1.15 -63.00 -73.77
N LEU B 1927 2.36 -62.47 -73.65
CA LEU B 1927 2.58 -61.28 -72.84
C LEU B 1927 1.90 -60.07 -73.46
N GLN B 1928 1.86 -59.99 -74.80
CA GLN B 1928 1.25 -58.85 -75.46
C GLN B 1928 -0.24 -58.76 -75.19
N MET B 1929 -0.90 -59.90 -74.95
CA MET B 1929 -2.32 -59.91 -74.69
C MET B 1929 -2.63 -59.26 -73.35
N LYS B 1930 -3.80 -58.64 -73.29
CA LYS B 1930 -4.36 -58.17 -72.02
C LYS B 1930 -5.05 -59.34 -71.32
N LEU B 1931 -4.72 -59.54 -70.05
CA LEU B 1931 -5.16 -60.70 -69.29
C LEU B 1931 -5.16 -60.35 -67.81
N PRO B 1932 -6.00 -60.98 -66.98
CA PRO B 1932 -6.21 -60.48 -65.61
C PRO B 1932 -5.04 -60.76 -64.68
N GLU B 1933 -5.24 -60.50 -63.38
CA GLU B 1933 -4.15 -60.50 -62.39
C GLU B 1933 -3.74 -61.91 -61.96
N SER B 1934 -4.70 -62.81 -61.84
CA SER B 1934 -4.43 -64.15 -61.33
C SER B 1934 -3.50 -64.92 -62.25
N VAL B 1935 -3.75 -64.82 -63.55
CA VAL B 1935 -2.85 -65.39 -64.56
C VAL B 1935 -1.47 -64.73 -64.50
N LYS B 1936 -1.44 -63.42 -64.24
CA LYS B 1936 -0.17 -62.67 -64.21
C LYS B 1936 0.75 -63.18 -63.11
N LEU B 1937 0.17 -63.64 -62.00
CA LEU B 1937 0.98 -64.23 -60.92
C LEU B 1937 1.72 -65.49 -61.39
N GLN B 1938 1.03 -66.35 -62.14
CA GLN B 1938 1.68 -67.56 -62.64
C GLN B 1938 2.74 -67.22 -63.68
N MET B 1939 2.52 -66.14 -64.44
CA MET B 1939 3.56 -65.69 -65.37
C MET B 1939 4.82 -65.28 -64.62
N CYS B 1940 4.64 -64.62 -63.46
CA CYS B 1940 5.80 -64.28 -62.64
C CYS B 1940 6.53 -65.54 -62.17
N ASN B 1941 5.78 -66.60 -61.86
CA ASN B 1941 6.44 -67.85 -61.44
C ASN B 1941 7.31 -68.44 -62.56
N LEU B 1942 6.78 -68.43 -63.79
CA LEU B 1942 7.55 -68.96 -64.93
C LEU B 1942 8.83 -68.15 -65.16
N LEU B 1943 8.71 -66.83 -65.12
CA LEU B 1943 9.88 -65.99 -65.35
C LEU B 1943 10.91 -66.15 -64.23
N GLU B 1944 10.45 -66.41 -63.01
CA GLU B 1944 11.36 -66.67 -61.91
C GLU B 1944 12.17 -67.93 -62.14
N TYR B 1945 11.52 -68.97 -62.70
CA TYR B 1945 12.26 -70.18 -63.02
C TYR B 1945 13.33 -69.90 -64.07
N PHE B 1946 13.00 -69.08 -65.07
CA PHE B 1946 14.00 -68.79 -66.09
C PHE B 1946 15.18 -67.99 -65.53
N CYS B 1947 14.90 -67.08 -64.61
CA CYS B 1947 16.00 -66.34 -63.98
C CYS B 1947 16.89 -67.27 -63.17
N ASP B 1948 16.29 -68.26 -62.49
CA ASP B 1948 17.11 -69.22 -61.74
C ASP B 1948 17.98 -70.06 -62.68
N GLN B 1949 17.43 -70.44 -63.84
CA GLN B 1949 18.23 -71.20 -64.80
C GLN B 1949 19.38 -70.37 -65.35
N GLU B 1950 19.14 -69.08 -65.61
CA GLU B 1950 20.22 -68.21 -66.07
C GLU B 1950 21.32 -68.07 -65.03
N LEU B 1951 20.93 -67.92 -63.76
CA LEU B 1951 21.90 -67.82 -62.68
C LEU B 1951 22.72 -69.10 -62.54
N GLN B 1952 22.05 -70.25 -62.63
CA GLN B 1952 22.74 -71.52 -62.48
C GLN B 1952 23.70 -71.76 -63.63
N HIS B 1953 23.32 -71.37 -64.84
CA HIS B 1953 24.23 -71.46 -65.99
C HIS B 1953 25.44 -70.56 -65.79
N ARG B 1954 25.22 -69.37 -65.23
CA ARG B 1954 26.29 -68.41 -65.00
C ARG B 1954 27.32 -68.95 -64.01
N VAL B 1955 26.84 -69.43 -62.86
CA VAL B 1955 27.77 -69.91 -61.83
C VAL B 1955 28.43 -71.22 -62.25
N GLU B 1956 27.71 -72.04 -63.03
CA GLU B 1956 28.30 -73.27 -63.55
C GLU B 1956 29.47 -72.98 -64.49
N SER B 1957 29.28 -72.00 -65.38
CA SER B 1957 30.38 -71.60 -66.25
C SER B 1957 31.51 -70.97 -65.47
N LEU B 1958 31.21 -70.33 -64.34
CA LEU B 1958 32.28 -69.82 -63.49
C LEU B 1958 33.13 -70.96 -62.94
N ALA B 1959 32.50 -72.04 -62.48
CA ALA B 1959 33.28 -73.17 -61.99
C ALA B 1959 34.11 -73.82 -63.11
N ALA B 1960 33.53 -73.87 -64.31
CA ALA B 1960 34.25 -74.40 -65.46
C ALA B 1960 35.49 -73.58 -65.77
N PHE B 1961 35.37 -72.26 -65.66
CA PHE B 1961 36.55 -71.41 -65.82
C PHE B 1961 37.56 -71.64 -64.70
N ALA B 1962 37.07 -71.87 -63.48
CA ALA B 1962 37.94 -71.97 -62.32
C ALA B 1962 38.88 -73.16 -62.43
N GLU B 1963 38.37 -74.30 -62.93
CA GLU B 1963 39.20 -75.50 -62.99
C GLU B 1963 40.40 -75.33 -63.92
N ARG B 1964 40.15 -74.83 -65.14
CA ARG B 1964 41.25 -74.64 -66.09
C ARG B 1964 42.21 -73.57 -65.60
N TYR B 1965 41.66 -72.50 -65.00
CA TYR B 1965 42.51 -71.39 -64.60
C TYR B 1965 43.42 -71.78 -63.44
N VAL B 1966 42.88 -72.48 -62.44
CA VAL B 1966 43.72 -72.86 -61.31
C VAL B 1966 44.72 -73.93 -61.73
N ASP B 1967 44.38 -74.79 -62.70
CA ASP B 1967 45.35 -75.79 -63.14
C ASP B 1967 46.54 -75.13 -63.83
N LYS B 1968 46.29 -74.25 -64.78
CA LYS B 1968 47.42 -73.59 -65.45
C LYS B 1968 48.17 -72.65 -64.51
N LEU B 1969 47.47 -72.03 -63.57
CA LEU B 1969 48.13 -71.16 -62.60
C LEU B 1969 49.06 -71.95 -61.68
N GLN B 1970 48.61 -73.11 -61.21
CA GLN B 1970 49.46 -73.92 -60.35
C GLN B 1970 50.64 -74.48 -61.13
N ALA B 1971 50.45 -74.77 -62.42
CA ALA B 1971 51.59 -75.19 -63.23
C ALA B 1971 52.61 -74.06 -63.38
N ASN B 1972 52.13 -72.83 -63.53
CA ASN B 1972 53.07 -71.69 -63.58
C ASN B 1972 53.79 -71.51 -62.26
N GLN B 1973 53.10 -71.75 -61.14
CA GLN B 1973 53.75 -71.68 -59.83
C GLN B 1973 54.83 -72.75 -59.71
N ARG B 1974 54.54 -73.95 -60.20
CA ARG B 1974 55.53 -75.04 -60.22
C ARG B 1974 56.74 -74.64 -61.04
N SER B 1975 56.51 -74.05 -62.22
CA SER B 1975 57.61 -73.69 -63.09
C SER B 1975 58.42 -72.53 -62.52
N ARG B 1976 57.76 -71.58 -61.85
CA ARG B 1976 58.50 -70.45 -61.25
C ARG B 1976 59.37 -70.92 -60.10
N TYR B 1977 58.83 -71.79 -59.24
CA TYR B 1977 59.64 -72.37 -58.16
C TYR B 1977 60.78 -73.22 -58.72
N ALA B 1978 60.52 -73.95 -59.80
CA ALA B 1978 61.57 -74.73 -60.43
C ALA B 1978 62.66 -73.84 -61.02
N LEU B 1979 62.26 -72.72 -61.62
CA LEU B 1979 63.21 -71.76 -62.16
C LEU B 1979 64.07 -71.18 -61.04
N LEU B 1980 63.46 -70.93 -59.89
CA LEU B 1980 64.24 -70.52 -58.73
C LEU B 1980 65.21 -71.62 -58.33
N MET B 1981 64.77 -72.87 -58.36
CA MET B 1981 65.62 -73.98 -57.95
C MET B 1981 66.81 -74.16 -58.88
N ARG B 1982 66.64 -73.90 -60.18
CA ARG B 1982 67.73 -74.07 -61.13
C ARG B 1982 68.78 -72.98 -61.00
N ALA B 1983 68.35 -71.73 -60.79
CA ALA B 1983 69.19 -70.53 -60.84
C ALA B 1983 68.91 -69.64 -59.65
N PHE B 1984 68.98 -70.22 -58.44
CA PHE B 1984 68.62 -69.49 -57.22
C PHE B 1984 69.51 -68.27 -56.99
N THR B 1985 70.83 -68.46 -56.98
CA THR B 1985 71.82 -67.36 -56.88
C THR B 1985 71.58 -66.53 -55.60
N MET B 1986 71.89 -67.17 -54.47
CA MET B 1986 71.35 -66.77 -53.17
C MET B 1986 71.72 -65.34 -52.77
N SER B 1987 70.72 -64.60 -52.32
CA SER B 1987 70.89 -63.24 -51.82
C SER B 1987 69.76 -62.97 -50.83
N ALA B 1988 69.83 -61.81 -50.17
CA ALA B 1988 68.81 -61.45 -49.19
C ALA B 1988 67.44 -61.27 -49.84
N ALA B 1989 67.40 -60.54 -50.96
CA ALA B 1989 66.14 -60.28 -51.66
C ALA B 1989 65.53 -61.58 -52.20
N GLU B 1990 66.37 -62.44 -52.78
CA GLU B 1990 65.88 -63.71 -53.31
C GLU B 1990 65.34 -64.59 -52.20
N THR B 1991 65.99 -64.55 -51.03
CA THR B 1991 65.46 -65.28 -49.88
C THR B 1991 64.14 -64.70 -49.42
N ALA B 1992 63.96 -63.37 -49.53
CA ALA B 1992 62.68 -62.77 -49.13
C ALA B 1992 61.54 -63.27 -50.02
N ARG B 1993 61.74 -63.22 -51.33
CA ARG B 1993 60.71 -63.72 -52.25
C ARG B 1993 60.48 -65.22 -52.09
N ARG B 1994 61.57 -66.00 -51.97
CA ARG B 1994 61.44 -67.46 -51.86
C ARG B 1994 60.77 -67.85 -50.55
N THR B 1995 61.07 -67.15 -49.46
CA THR B 1995 60.41 -67.44 -48.19
C THR B 1995 58.94 -67.08 -48.26
N ARG B 1996 58.62 -65.93 -48.86
CA ARG B 1996 57.21 -65.52 -48.88
C ARG B 1996 56.37 -66.43 -49.76
N GLU B 1997 56.97 -67.08 -50.76
CA GLU B 1997 56.19 -68.02 -51.56
C GLU B 1997 55.75 -69.23 -50.76
N PHE B 1998 56.63 -69.79 -49.91
CA PHE B 1998 56.37 -71.05 -49.21
C PHE B 1998 55.76 -70.84 -47.82
N ARG B 1999 56.37 -69.98 -47.00
CA ARG B 1999 55.99 -69.86 -45.60
C ARG B 1999 54.58 -69.31 -45.44
N SER B 2000 54.15 -68.46 -46.36
CA SER B 2000 52.79 -67.98 -46.31
C SER B 2000 51.83 -69.13 -46.60
N PRO B 2001 50.62 -69.13 -46.02
CA PRO B 2001 49.72 -70.25 -46.25
C PRO B 2001 49.08 -70.13 -47.63
N PRO B 2002 48.31 -71.13 -48.06
CA PRO B 2002 47.59 -70.99 -49.35
C PRO B 2002 46.59 -69.84 -49.37
N GLN B 2003 46.05 -69.48 -48.20
CA GLN B 2003 45.06 -68.40 -48.11
C GLN B 2003 45.64 -67.09 -48.62
N GLU B 2004 46.74 -66.65 -48.01
CA GLU B 2004 47.36 -65.40 -48.40
C GLU B 2004 48.03 -65.52 -49.76
N GLN B 2005 48.46 -66.72 -50.16
CA GLN B 2005 49.07 -66.86 -51.47
C GLN B 2005 48.07 -66.57 -52.58
N ILE B 2006 46.90 -67.22 -52.51
CA ILE B 2006 45.89 -66.98 -53.54
C ILE B 2006 45.36 -65.55 -53.44
N ASN B 2007 45.21 -65.04 -52.21
CA ASN B 2007 44.73 -63.67 -52.01
C ASN B 2007 45.70 -62.66 -52.60
N MET B 2008 47.01 -62.83 -52.38
CA MET B 2008 47.98 -61.89 -52.91
C MET B 2008 48.12 -62.02 -54.42
N LEU B 2009 48.05 -63.25 -54.93
CA LEU B 2009 48.17 -63.51 -56.36
C LEU B 2009 47.06 -62.81 -57.13
N LEU B 2010 45.85 -62.83 -56.60
CA LEU B 2010 44.72 -62.20 -57.27
C LEU B 2010 44.57 -60.73 -56.91
N HIS B 2011 45.04 -60.32 -55.73
CA HIS B 2011 45.00 -58.91 -55.36
C HIS B 2011 45.94 -58.10 -56.24
N PHE B 2012 47.11 -58.65 -56.55
CA PHE B 2012 48.03 -57.95 -57.44
C PHE B 2012 47.44 -57.83 -58.85
N LYS B 2013 46.65 -58.80 -59.28
CA LYS B 2013 46.09 -58.77 -60.63
C LYS B 2013 45.09 -57.64 -60.81
N ASP B 2014 44.22 -57.44 -59.82
CA ASP B 2014 43.19 -56.41 -59.86
C ASP B 2014 43.78 -55.15 -59.23
N GLU B 2015 44.35 -54.30 -60.06
CA GLU B 2015 44.92 -53.05 -59.57
C GLU B 2015 45.04 -52.09 -60.74
N ALA B 2016 45.07 -50.80 -60.40
CA ALA B 2016 45.23 -49.73 -61.38
C ALA B 2016 46.72 -49.50 -61.64
N ASP B 2017 47.32 -50.49 -62.31
CA ASP B 2017 48.71 -50.51 -62.77
C ASP B 2017 49.75 -50.70 -61.67
N GLU B 2018 49.34 -50.75 -60.40
CA GLU B 2018 50.24 -51.04 -59.28
C GLU B 2018 50.24 -52.53 -58.97
N GLU B 2019 50.47 -53.35 -60.00
CA GLU B 2019 50.23 -54.78 -59.86
C GLU B 2019 51.28 -55.44 -58.97
N ASP B 2020 52.55 -55.21 -59.25
CA ASP B 2020 53.66 -55.94 -58.61
C ASP B 2020 53.46 -57.45 -58.72
N CYS B 2021 53.07 -57.89 -59.91
CA CYS B 2021 52.62 -59.26 -60.10
C CYS B 2021 53.80 -60.22 -59.98
N PRO B 2022 53.72 -61.28 -59.16
CA PRO B 2022 54.72 -62.36 -59.29
C PRO B 2022 54.53 -63.26 -60.51
N LEU B 2023 53.49 -63.06 -61.32
CA LEU B 2023 53.13 -63.87 -62.47
C LEU B 2023 53.10 -63.01 -63.73
N PRO B 2024 53.21 -63.60 -64.91
CA PRO B 2024 53.31 -62.78 -66.12
C PRO B 2024 51.96 -62.21 -66.52
N GLU B 2025 52.01 -61.31 -67.49
CA GLU B 2025 50.83 -60.60 -67.98
C GLU B 2025 49.88 -61.50 -68.80
N ASP B 2026 50.35 -62.65 -69.28
CA ASP B 2026 49.58 -63.47 -70.21
C ASP B 2026 48.31 -64.02 -69.55
N ILE B 2027 48.44 -64.56 -68.34
CA ILE B 2027 47.28 -65.08 -67.63
C ILE B 2027 46.34 -63.94 -67.21
N ARG B 2028 46.90 -62.78 -66.88
CA ARG B 2028 46.10 -61.64 -66.44
C ARG B 2028 45.20 -61.13 -67.55
N GLN B 2029 45.69 -61.14 -68.79
CA GLN B 2029 44.86 -60.73 -69.92
C GLN B 2029 43.65 -61.65 -70.08
N ASP B 2030 43.87 -62.95 -69.95
CA ASP B 2030 42.77 -63.91 -70.06
C ASP B 2030 41.75 -63.72 -68.96
N LEU B 2031 42.23 -63.47 -67.74
CA LEU B 2031 41.30 -63.26 -66.63
C LEU B 2031 40.49 -61.99 -66.83
N GLN B 2032 41.12 -60.93 -67.33
CA GLN B 2032 40.36 -59.70 -67.59
C GLN B 2032 39.34 -59.90 -68.69
N ASP B 2033 39.68 -60.70 -69.71
CA ASP B 2033 38.72 -61.00 -70.75
C ASP B 2033 37.52 -61.78 -70.19
N PHE B 2034 37.79 -62.75 -69.31
CA PHE B 2034 36.69 -63.51 -68.70
C PHE B 2034 35.82 -62.62 -67.83
N HIS B 2035 36.44 -61.74 -67.03
CA HIS B 2035 35.66 -60.86 -66.16
C HIS B 2035 34.83 -59.89 -66.97
N GLN B 2036 35.40 -59.36 -68.05
CA GLN B 2036 34.63 -58.48 -68.92
C GLN B 2036 33.50 -59.23 -69.59
N ASP B 2037 33.71 -60.50 -69.93
CA ASP B 2037 32.63 -61.30 -70.51
C ASP B 2037 31.52 -61.54 -69.49
N LEU B 2038 31.87 -61.78 -68.24
CA LEU B 2038 30.87 -61.98 -67.21
C LEU B 2038 30.07 -60.70 -66.97
N LEU B 2039 30.74 -59.57 -66.85
CA LEU B 2039 30.05 -58.30 -66.68
C LEU B 2039 29.22 -57.94 -67.90
N ALA B 2040 29.68 -58.32 -69.09
CA ALA B 2040 28.91 -58.11 -70.30
C ALA B 2040 27.68 -59.00 -70.33
N HIS B 2041 27.77 -60.20 -69.74
CA HIS B 2041 26.61 -61.08 -69.66
C HIS B 2041 25.52 -60.47 -68.80
N CYS B 2042 25.92 -59.76 -67.75
CA CYS B 2042 24.97 -59.07 -66.89
C CYS B 2042 24.48 -57.80 -67.59
N GLY B 2043 23.68 -57.01 -66.88
CA GLY B 2043 23.12 -55.81 -67.47
C GLY B 2043 24.12 -54.71 -67.75
N ILE B 2044 25.29 -54.75 -67.12
CA ILE B 2044 26.29 -53.71 -67.30
C ILE B 2044 26.88 -53.88 -68.71
N GLN B 2045 26.63 -52.90 -69.58
CA GLN B 2045 27.07 -52.95 -70.97
C GLN B 2045 28.45 -52.33 -71.15
N LEU B 2046 28.70 -51.17 -70.55
CA LEU B 2046 29.95 -50.43 -70.70
C LEU B 2046 30.21 -50.05 -72.16
N GLU B 2088 13.96 -50.42 -82.10
CA GLU B 2088 13.25 -49.60 -81.13
C GLU B 2088 12.24 -50.46 -80.37
N LYS B 2089 12.43 -50.54 -79.05
CA LYS B 2089 11.68 -51.45 -78.19
C LYS B 2089 11.81 -52.89 -78.69
N LYS B 2090 13.05 -53.27 -78.98
CA LYS B 2090 13.42 -54.61 -79.44
C LYS B 2090 14.60 -55.07 -78.60
N PRO B 2091 14.36 -55.38 -77.31
CA PRO B 2091 15.49 -55.72 -76.42
C PRO B 2091 16.27 -56.96 -76.84
N GLN B 2092 15.61 -57.97 -77.39
CA GLN B 2092 16.26 -59.18 -77.89
C GLN B 2092 16.98 -59.94 -76.78
N SER B 2093 16.50 -59.83 -75.55
CA SER B 2093 17.12 -60.50 -74.42
C SER B 2093 16.12 -60.54 -73.27
N LEU B 2094 16.27 -61.55 -72.42
CA LEU B 2094 15.35 -61.73 -71.30
C LEU B 2094 15.44 -60.59 -70.31
N GLN B 2095 16.68 -60.16 -70.01
CA GLN B 2095 16.95 -59.22 -68.94
C GLN B 2095 16.28 -57.88 -69.18
N GLU B 2096 16.36 -57.37 -70.41
CA GLU B 2096 15.71 -56.12 -70.76
C GLU B 2096 14.21 -56.31 -71.00
N LEU B 2097 13.83 -57.48 -71.51
CA LEU B 2097 12.44 -57.76 -71.87
C LEU B 2097 11.55 -57.70 -70.64
N VAL B 2098 11.92 -58.43 -69.59
CA VAL B 2098 11.04 -58.46 -68.42
C VAL B 2098 10.99 -57.13 -67.70
N SER B 2099 12.08 -56.34 -67.78
CA SER B 2099 12.06 -55.02 -67.16
C SER B 2099 11.03 -54.12 -67.83
N HIS B 2100 11.03 -54.10 -69.16
CA HIS B 2100 10.02 -53.35 -69.89
C HIS B 2100 8.62 -53.91 -69.62
N MET B 2101 8.53 -55.23 -69.43
CA MET B 2101 7.22 -55.85 -69.25
C MET B 2101 6.60 -55.47 -67.92
N VAL B 2102 7.38 -55.56 -66.83
CA VAL B 2102 6.82 -55.25 -65.52
C VAL B 2102 6.49 -53.77 -65.42
N VAL B 2103 7.29 -52.91 -66.07
CA VAL B 2103 6.94 -51.49 -66.10
C VAL B 2103 5.62 -51.29 -66.84
N ARG B 2104 5.43 -52.01 -67.95
CA ARG B 2104 4.21 -51.87 -68.74
C ARG B 2104 3.00 -52.34 -67.96
N TRP B 2105 3.15 -53.41 -67.18
CA TRP B 2105 2.06 -53.83 -66.31
C TRP B 2105 1.79 -52.78 -65.25
N ALA B 2106 2.82 -52.09 -64.78
CA ALA B 2106 2.60 -51.09 -63.74
C ALA B 2106 1.91 -49.84 -64.26
N GLN B 2107 1.99 -49.54 -65.56
CA GLN B 2107 1.34 -48.33 -66.08
C GLN B 2107 -0.18 -48.39 -65.89
N GLU B 2108 -0.82 -49.32 -66.59
CA GLU B 2108 -2.27 -49.48 -66.53
C GLU B 2108 -2.63 -50.53 -65.48
N ASP B 2109 -3.89 -50.52 -65.08
CA ASP B 2109 -4.45 -51.52 -64.17
C ASP B 2109 -3.72 -51.49 -62.82
N TYR B 2110 -3.97 -50.41 -62.09
CA TYR B 2110 -3.48 -50.25 -60.73
C TYR B 2110 -3.92 -51.43 -59.88
N VAL B 2111 -2.95 -52.22 -59.46
CA VAL B 2111 -3.19 -53.58 -58.98
C VAL B 2111 -3.83 -53.54 -57.61
N GLN B 2112 -4.33 -54.69 -57.16
CA GLN B 2112 -4.91 -54.87 -55.84
C GLN B 2112 -4.47 -56.14 -55.15
N SER B 2113 -3.88 -57.11 -55.84
CA SER B 2113 -3.36 -58.30 -55.19
C SER B 2113 -2.03 -57.99 -54.52
N PRO B 2114 -1.89 -58.15 -53.19
CA PRO B 2114 -0.57 -57.90 -52.58
C PRO B 2114 0.53 -58.87 -53.04
N GLU B 2115 0.16 -60.12 -53.26
CA GLU B 2115 1.13 -61.15 -53.62
C GLU B 2115 1.73 -60.87 -54.99
N LEU B 2116 0.91 -60.36 -55.90
CA LEU B 2116 1.41 -59.98 -57.23
C LEU B 2116 2.42 -58.86 -57.14
N VAL B 2117 2.20 -57.91 -56.23
CA VAL B 2117 3.13 -56.80 -56.05
C VAL B 2117 4.48 -57.31 -55.59
N ARG B 2118 4.46 -58.18 -54.56
CA ARG B 2118 5.71 -58.69 -54.01
C ARG B 2118 6.46 -59.51 -55.05
N ALA B 2119 5.74 -60.36 -55.79
CA ALA B 2119 6.38 -61.19 -56.80
C ALA B 2119 6.96 -60.36 -57.93
N MET B 2120 6.22 -59.36 -58.37
CA MET B 2120 6.63 -58.54 -59.51
C MET B 2120 7.89 -57.76 -59.18
N PHE B 2121 7.91 -57.07 -58.04
CA PHE B 2121 9.08 -56.27 -57.73
C PHE B 2121 10.27 -57.14 -57.33
N SER B 2122 10.00 -58.32 -56.76
CA SER B 2122 11.08 -59.27 -56.52
C SER B 2122 11.73 -59.69 -57.81
N LEU B 2123 10.92 -59.89 -58.86
CA LEU B 2123 11.49 -60.21 -60.15
C LEU B 2123 12.26 -59.05 -60.72
N LEU B 2124 11.75 -57.83 -60.54
CA LEU B 2124 12.34 -56.67 -61.20
C LEU B 2124 13.72 -56.37 -60.66
N HIS B 2125 13.85 -56.32 -59.33
CA HIS B 2125 15.14 -55.98 -58.73
C HIS B 2125 16.20 -57.02 -59.04
N ARG B 2126 15.81 -58.29 -59.21
CA ARG B 2126 16.77 -59.37 -59.42
C ARG B 2126 17.55 -59.21 -60.72
N GLN B 2127 16.97 -58.56 -61.72
CA GLN B 2127 17.59 -58.55 -63.05
C GLN B 2127 18.79 -57.62 -63.09
N TYR B 2128 18.60 -56.36 -62.72
CA TYR B 2128 19.65 -55.37 -62.90
C TYR B 2128 20.79 -55.54 -61.92
N ASP B 2129 20.49 -55.99 -60.70
CA ASP B 2129 21.50 -56.32 -59.70
C ASP B 2129 21.92 -57.79 -59.84
N GLY B 2130 22.40 -58.12 -61.05
CA GLY B 2130 22.90 -59.46 -61.28
C GLY B 2130 24.14 -59.75 -60.47
N LEU B 2131 24.96 -58.73 -60.22
CA LEU B 2131 26.10 -58.90 -59.33
C LEU B 2131 25.65 -59.23 -57.92
N GLY B 2132 24.57 -58.59 -57.45
CA GLY B 2132 24.08 -58.90 -56.11
C GLY B 2132 23.55 -60.31 -56.00
N GLU B 2133 22.80 -60.76 -57.01
CA GLU B 2133 22.29 -62.13 -57.05
C GLU B 2133 23.43 -63.13 -57.09
N LEU B 2134 24.42 -62.87 -57.95
CA LEU B 2134 25.57 -63.75 -58.08
C LEU B 2134 26.37 -63.82 -56.79
N LEU B 2135 26.63 -62.65 -56.21
CA LEU B 2135 27.40 -62.56 -54.97
C LEU B 2135 26.68 -63.24 -53.83
N ARG B 2136 25.36 -63.16 -53.81
CA ARG B 2136 24.61 -63.85 -52.78
C ARG B 2136 24.61 -65.36 -53.00
N ALA B 2137 24.71 -65.81 -54.25
CA ALA B 2137 24.69 -67.25 -54.53
C ALA B 2137 26.03 -67.93 -54.28
N LEU B 2138 27.14 -67.26 -54.60
CA LEU B 2138 28.45 -67.91 -54.49
C LEU B 2138 28.88 -68.43 -53.11
N PRO B 2139 28.43 -67.88 -51.96
CA PRO B 2139 28.82 -68.49 -50.68
C PRO B 2139 28.42 -69.94 -50.50
N ARG B 2140 27.26 -70.33 -51.02
CA ARG B 2140 26.77 -71.71 -50.92
C ARG B 2140 27.18 -72.57 -52.11
N ALA B 2141 27.87 -72.02 -53.11
CA ALA B 2141 28.43 -72.83 -54.17
C ALA B 2141 29.68 -73.55 -53.68
N TYR B 2142 29.91 -74.76 -54.17
CA TYR B 2142 31.03 -75.58 -53.70
C TYR B 2142 31.27 -76.70 -54.70
N THR B 2143 32.49 -76.82 -55.21
CA THR B 2143 32.88 -77.85 -56.15
C THR B 2143 33.45 -79.08 -55.44
N ILE B 2144 33.39 -80.22 -56.14
CA ILE B 2144 33.84 -81.51 -55.63
C ILE B 2144 34.45 -82.32 -56.77
N SER B 2145 35.06 -83.44 -56.39
CA SER B 2145 35.75 -84.30 -57.32
C SER B 2145 34.77 -85.06 -58.21
N PRO B 2146 35.24 -85.64 -59.33
CA PRO B 2146 34.40 -86.64 -60.01
C PRO B 2146 34.15 -87.89 -59.20
N SER B 2147 35.08 -88.28 -58.34
CA SER B 2147 35.03 -89.61 -57.76
C SER B 2147 33.93 -89.73 -56.71
N SER B 2148 33.72 -88.68 -55.93
CA SER B 2148 32.87 -88.73 -54.75
C SER B 2148 31.42 -88.35 -55.04
N VAL B 2149 31.01 -88.33 -56.31
CA VAL B 2149 29.62 -87.96 -56.63
C VAL B 2149 28.64 -89.01 -56.14
N GLU B 2150 29.06 -90.29 -56.13
CA GLU B 2150 28.13 -91.36 -55.76
C GLU B 2150 27.71 -91.29 -54.29
N ASP B 2151 28.66 -90.97 -53.40
CA ASP B 2151 28.33 -90.88 -51.98
C ASP B 2151 27.45 -89.67 -51.68
N THR B 2152 27.57 -88.62 -52.49
CA THR B 2152 26.73 -87.45 -52.31
C THR B 2152 25.26 -87.76 -52.58
N MET B 2153 24.96 -88.78 -53.37
CA MET B 2153 23.56 -89.17 -53.55
C MET B 2153 22.97 -89.69 -52.26
N SER B 2154 23.73 -90.51 -51.52
CA SER B 2154 23.29 -90.96 -50.21
C SER B 2154 23.08 -89.78 -49.27
N LEU B 2155 24.05 -88.86 -49.27
CA LEU B 2155 23.96 -87.68 -48.40
C LEU B 2155 22.76 -86.82 -48.76
N LEU B 2156 22.62 -86.48 -50.03
CA LEU B 2156 21.61 -85.52 -50.45
C LEU B 2156 20.21 -86.11 -50.32
N GLU B 2157 20.04 -87.38 -50.68
CA GLU B 2157 18.73 -87.99 -50.57
C GLU B 2157 18.31 -88.15 -49.12
N CYS B 2158 19.28 -88.46 -48.24
CA CYS B 2158 18.97 -88.49 -46.81
C CYS B 2158 18.60 -87.10 -46.31
N LEU B 2159 19.27 -86.07 -46.83
CA LEU B 2159 18.94 -84.71 -46.43
C LEU B 2159 17.55 -84.32 -46.92
N GLY B 2160 17.18 -84.78 -48.11
CA GLY B 2160 15.84 -84.53 -48.60
C GLY B 2160 14.80 -85.20 -47.75
N GLN B 2161 15.11 -86.40 -47.24
CA GLN B 2161 14.22 -87.05 -46.28
C GLN B 2161 14.07 -86.21 -45.03
N ILE B 2162 15.18 -85.65 -44.54
CA ILE B 2162 15.12 -84.85 -43.31
C ILE B 2162 14.29 -83.60 -43.53
N ARG B 2163 14.52 -82.90 -44.64
CA ARG B 2163 13.81 -81.67 -44.91
C ARG B 2163 12.33 -81.93 -45.15
N SER B 2164 12.00 -83.04 -45.81
CA SER B 2164 10.60 -83.38 -46.01
C SER B 2164 9.93 -83.72 -44.70
N LEU B 2165 10.61 -84.45 -43.82
CA LEU B 2165 10.03 -84.81 -42.53
C LEU B 2165 10.01 -83.65 -41.54
N LEU B 2166 10.67 -82.53 -41.85
CA LEU B 2166 10.65 -81.38 -40.94
C LEU B 2166 9.26 -80.82 -40.76
N ILE B 2167 8.47 -80.75 -41.84
CA ILE B 2167 7.22 -80.03 -41.80
C ILE B 2167 6.12 -80.80 -41.06
N VAL B 2168 6.19 -82.12 -41.02
CA VAL B 2168 5.09 -82.93 -40.51
C VAL B 2168 5.11 -82.91 -39.00
N GLN B 2169 3.92 -82.95 -38.39
CA GLN B 2169 3.82 -83.06 -36.94
C GLN B 2169 4.38 -84.40 -36.50
N MET B 2170 5.03 -84.39 -35.34
CA MET B 2170 5.85 -85.51 -34.93
C MET B 2170 4.98 -86.69 -34.49
N GLY B 2171 5.50 -87.89 -34.69
CA GLY B 2171 4.82 -89.11 -34.33
C GLY B 2171 5.79 -90.27 -34.23
N PRO B 2172 5.32 -91.44 -33.74
CA PRO B 2172 6.26 -92.55 -33.51
C PRO B 2172 6.93 -93.12 -34.76
N GLN B 2173 6.23 -93.14 -35.89
CA GLN B 2173 6.74 -93.81 -37.08
C GLN B 2173 7.92 -93.05 -37.68
N GLU B 2174 7.75 -91.74 -37.84
CA GLU B 2174 8.81 -90.91 -38.39
C GLU B 2174 10.02 -90.81 -37.48
N GLU B 2175 9.88 -91.11 -36.19
CA GLU B 2175 11.03 -91.10 -35.29
C GLU B 2175 12.04 -92.18 -35.70
N ASN B 2176 11.54 -93.41 -35.85
CA ASN B 2176 12.38 -94.51 -36.31
C ASN B 2176 12.88 -94.25 -37.71
N LEU B 2177 12.05 -93.64 -38.56
CA LEU B 2177 12.55 -93.34 -39.90
C LEU B 2177 13.63 -92.25 -39.88
N MET B 2178 13.51 -91.25 -39.00
CA MET B 2178 14.42 -90.12 -38.98
C MET B 2178 15.81 -90.54 -38.52
N ILE B 2179 15.85 -91.49 -37.56
CA ILE B 2179 17.15 -91.99 -37.11
C ILE B 2179 17.94 -92.65 -38.24
N GLN B 2180 17.26 -93.23 -39.24
CA GLN B 2180 17.98 -93.86 -40.34
C GLN B 2180 18.74 -92.84 -41.17
N SER B 2181 18.09 -91.71 -41.46
CA SER B 2181 18.74 -90.63 -42.19
C SER B 2181 19.92 -90.08 -41.41
N ILE B 2182 19.73 -89.86 -40.11
CA ILE B 2182 20.81 -89.34 -39.27
C ILE B 2182 21.97 -90.34 -39.20
N GLY B 2183 21.64 -91.63 -39.11
CA GLY B 2183 22.67 -92.64 -39.01
C GLY B 2183 23.49 -92.75 -40.27
N ASN B 2184 22.83 -92.73 -41.43
CA ASN B 2184 23.57 -92.87 -42.68
C ASN B 2184 24.42 -91.63 -42.94
N ILE B 2185 23.88 -90.44 -42.71
CA ILE B 2185 24.65 -89.24 -43.01
C ILE B 2185 25.79 -89.06 -42.02
N MET B 2186 25.59 -89.45 -40.76
CA MET B 2186 26.65 -89.30 -39.76
C MET B 2186 27.81 -90.24 -40.07
N ASN B 2187 27.52 -91.48 -40.44
CA ASN B 2187 28.50 -92.51 -40.75
C ASN B 2187 28.66 -92.72 -42.25
N ASN B 2188 28.52 -91.66 -43.04
CA ASN B 2188 28.59 -91.82 -44.49
C ASN B 2188 30.02 -92.09 -44.92
N LYS B 2189 30.87 -91.07 -44.74
CA LYS B 2189 32.27 -90.93 -45.14
C LYS B 2189 32.47 -89.48 -45.54
N VAL B 2190 31.59 -89.00 -46.42
CA VAL B 2190 31.73 -87.66 -46.99
C VAL B 2190 31.52 -86.60 -45.91
N PHE B 2191 30.76 -86.90 -44.86
CA PHE B 2191 30.62 -85.95 -43.77
C PHE B 2191 31.93 -85.70 -43.05
N TYR B 2192 32.85 -86.67 -43.07
CA TYR B 2192 34.17 -86.45 -42.47
C TYR B 2192 34.92 -85.36 -43.22
N GLN B 2193 34.83 -85.38 -44.55
CA GLN B 2193 35.56 -84.48 -45.41
C GLN B 2193 34.70 -83.27 -45.77
N HIS B 2194 35.37 -82.21 -46.23
CA HIS B 2194 34.76 -80.99 -46.73
C HIS B 2194 33.80 -80.33 -45.75
N PRO B 2195 34.27 -79.86 -44.60
CA PRO B 2195 33.34 -79.21 -43.65
C PRO B 2195 32.80 -77.88 -44.15
N ASN B 2196 33.43 -77.26 -45.14
CA ASN B 2196 32.88 -76.04 -45.73
C ASN B 2196 31.54 -76.30 -46.39
N LEU B 2197 31.43 -77.44 -47.07
CA LEU B 2197 30.14 -77.84 -47.64
C LEU B 2197 29.12 -78.08 -46.54
N MET B 2198 29.54 -78.68 -45.43
CA MET B 2198 28.60 -78.94 -44.35
C MET B 2198 28.16 -77.64 -43.68
N ARG B 2199 29.06 -76.66 -43.59
CA ARG B 2199 28.64 -75.35 -43.10
C ARG B 2199 27.67 -74.69 -44.06
N ALA B 2200 27.84 -74.94 -45.36
CA ALA B 2200 26.80 -74.59 -46.30
C ALA B 2200 25.62 -75.55 -46.12
N LEU B 2201 24.51 -75.20 -46.78
CA LEU B 2201 23.23 -75.92 -46.81
C LEU B 2201 22.41 -75.80 -45.52
N GLY B 2202 22.94 -75.19 -44.47
CA GLY B 2202 22.18 -75.03 -43.24
C GLY B 2202 21.78 -76.31 -42.57
N MET B 2203 22.60 -77.36 -42.70
CA MET B 2203 22.22 -78.64 -42.13
C MET B 2203 22.29 -78.63 -40.61
N HIS B 2204 23.26 -77.92 -40.03
CA HIS B 2204 23.30 -77.80 -38.58
C HIS B 2204 22.10 -77.02 -38.06
N GLU B 2205 21.69 -75.98 -38.78
CA GLU B 2205 20.45 -75.28 -38.45
C GLU B 2205 19.25 -76.19 -38.59
N THR B 2206 19.26 -77.08 -39.57
CA THR B 2206 18.14 -77.98 -39.80
C THR B 2206 17.98 -78.98 -38.66
N VAL B 2207 19.10 -79.55 -38.22
CA VAL B 2207 19.08 -80.47 -37.09
C VAL B 2207 18.65 -79.73 -35.83
N MET B 2208 19.10 -78.49 -35.67
CA MET B 2208 18.65 -77.67 -34.55
C MET B 2208 17.16 -77.38 -34.63
N GLU B 2209 16.66 -77.18 -35.85
CA GLU B 2209 15.25 -76.87 -36.06
C GLU B 2209 14.37 -78.03 -35.65
N VAL B 2210 14.77 -79.26 -35.99
CA VAL B 2210 13.98 -80.40 -35.55
C VAL B 2210 14.10 -80.57 -34.04
N MET B 2211 15.26 -80.26 -33.46
CA MET B 2211 15.42 -80.48 -32.03
C MET B 2211 14.57 -79.51 -31.21
N VAL B 2212 14.45 -78.26 -31.65
CA VAL B 2212 13.70 -77.28 -30.87
C VAL B 2212 12.21 -77.63 -30.84
N ASN B 2213 11.70 -78.26 -31.90
CA ASN B 2213 10.29 -78.60 -31.94
C ASN B 2213 9.91 -79.62 -30.87
N VAL B 2214 10.69 -80.70 -30.77
CA VAL B 2214 10.42 -81.69 -29.73
C VAL B 2214 10.72 -81.10 -28.36
N LEU B 2215 11.77 -80.28 -28.24
CA LEU B 2215 12.05 -79.63 -26.96
C LEU B 2215 11.02 -78.56 -26.64
N GLY B 2216 10.41 -77.95 -27.65
CA GLY B 2216 9.46 -76.89 -27.41
C GLY B 2216 8.19 -77.39 -26.75
N GLY B 2217 7.47 -76.43 -26.16
CA GLY B 2217 6.24 -76.68 -25.42
C GLY B 2217 6.24 -75.97 -24.09
N GLY B 2218 7.38 -75.91 -23.43
CA GLY B 2218 7.56 -75.20 -22.17
C GLY B 2218 7.33 -76.05 -20.93
N GLU B 2219 6.32 -76.91 -20.94
CA GLU B 2219 6.03 -77.74 -19.79
C GLU B 2219 7.12 -78.77 -19.57
N THR B 2220 7.27 -79.21 -18.32
CA THR B 2220 8.23 -80.27 -18.00
C THR B 2220 7.87 -81.60 -18.66
N LYS B 2221 6.58 -81.83 -18.92
CA LYS B 2221 6.10 -83.03 -19.60
C LYS B 2221 6.08 -82.88 -21.13
N GLU B 2222 6.89 -81.97 -21.68
CA GLU B 2222 7.04 -81.81 -23.13
C GLU B 2222 8.20 -82.64 -23.69
N ILE B 2223 8.51 -83.78 -23.05
CA ILE B 2223 9.65 -84.62 -23.40
C ILE B 2223 9.18 -85.83 -24.20
N ARG B 2224 8.07 -85.70 -24.92
CA ARG B 2224 7.55 -86.80 -25.72
C ARG B 2224 8.53 -87.14 -26.84
N PHE B 2225 8.68 -88.44 -27.09
CA PHE B 2225 9.70 -88.98 -27.97
C PHE B 2225 11.08 -88.56 -27.50
N PRO B 2226 11.56 -89.05 -26.32
CA PRO B 2226 12.85 -88.62 -25.77
C PRO B 2226 14.02 -89.46 -26.28
N LYS B 2227 14.09 -89.64 -27.60
CA LYS B 2227 15.20 -90.31 -28.27
C LYS B 2227 15.79 -89.43 -29.36
N MET B 2228 14.96 -88.58 -29.98
CA MET B 2228 15.47 -87.66 -30.97
C MET B 2228 16.45 -86.65 -30.38
N VAL B 2229 16.25 -86.29 -29.11
CA VAL B 2229 17.19 -85.38 -28.45
C VAL B 2229 18.57 -86.01 -28.35
N THR B 2230 18.63 -87.31 -28.05
CA THR B 2230 19.91 -88.00 -27.94
C THR B 2230 20.60 -88.09 -29.29
N SER B 2231 19.86 -88.46 -30.33
CA SER B 2231 20.43 -88.60 -31.66
C SER B 2231 20.90 -87.26 -32.20
N CYS B 2232 20.10 -86.22 -31.99
CA CYS B 2232 20.46 -84.89 -32.46
C CYS B 2232 21.70 -84.37 -31.75
N CYS B 2233 21.77 -84.56 -30.43
CA CYS B 2233 22.92 -84.09 -29.69
C CYS B 2233 24.16 -84.89 -30.03
N ARG B 2234 24.00 -86.19 -30.32
CA ARG B 2234 25.14 -87.01 -30.72
C ARG B 2234 25.71 -86.52 -32.05
N PHE B 2235 24.83 -86.22 -33.00
CA PHE B 2235 25.29 -85.74 -34.29
C PHE B 2235 25.95 -84.37 -34.17
N LEU B 2236 25.38 -83.49 -33.35
CA LEU B 2236 25.95 -82.16 -33.19
C LEU B 2236 27.29 -82.20 -32.48
N CYS B 2237 27.42 -83.10 -31.50
CA CYS B 2237 28.70 -83.30 -30.82
C CYS B 2237 29.76 -83.76 -31.80
N TYR B 2238 29.41 -84.70 -32.68
CA TYR B 2238 30.40 -85.13 -33.66
C TYR B 2238 30.68 -84.05 -34.68
N PHE B 2239 29.69 -83.20 -34.98
CA PHE B 2239 29.90 -82.16 -35.97
C PHE B 2239 30.85 -81.09 -35.47
N CYS B 2240 30.81 -80.77 -34.18
CA CYS B 2240 31.71 -79.73 -33.65
C CYS B 2240 33.18 -80.16 -33.75
N ARG B 2241 33.45 -81.45 -33.56
CA ARG B 2241 34.83 -81.93 -33.53
C ARG B 2241 35.51 -81.96 -34.88
N ILE B 2242 34.78 -81.75 -35.98
CA ILE B 2242 35.37 -81.91 -37.31
C ILE B 2242 36.34 -80.77 -37.59
N SER B 2243 35.98 -79.56 -37.18
CA SER B 2243 36.81 -78.40 -37.46
C SER B 2243 36.42 -77.27 -36.53
N ARG B 2244 37.32 -76.28 -36.44
CA ARG B 2244 37.18 -75.16 -35.50
C ARG B 2244 36.02 -74.25 -35.90
N GLN B 2245 35.90 -73.98 -37.19
CA GLN B 2245 34.88 -73.04 -37.66
C GLN B 2245 33.48 -73.60 -37.46
N ASN B 2246 33.32 -74.92 -37.40
CA ASN B 2246 32.04 -75.49 -37.06
C ASN B 2246 31.63 -75.11 -35.65
N GLN B 2247 32.60 -75.10 -34.73
CA GLN B 2247 32.32 -74.64 -33.38
C GLN B 2247 32.00 -73.16 -33.37
N ARG B 2248 32.62 -72.38 -34.27
CA ARG B 2248 32.24 -70.97 -34.37
C ARG B 2248 30.79 -70.84 -34.83
N SER B 2249 30.38 -71.66 -35.79
CA SER B 2249 28.99 -71.60 -36.25
C SER B 2249 28.03 -72.01 -35.14
N MET B 2250 28.39 -73.04 -34.37
CA MET B 2250 27.54 -73.51 -33.29
C MET B 2250 27.51 -72.60 -32.07
N PHE B 2251 28.50 -71.73 -31.92
CA PHE B 2251 28.57 -70.87 -30.74
C PHE B 2251 27.42 -69.88 -30.64
N ASP B 2252 26.79 -69.53 -31.77
CA ASP B 2252 25.75 -68.51 -31.76
C ASP B 2252 24.50 -68.96 -31.00
N HIS B 2253 24.22 -70.26 -30.96
CA HIS B 2253 23.03 -70.81 -30.29
C HIS B 2253 23.27 -71.16 -28.82
N LEU B 2254 24.46 -70.85 -28.30
CA LEU B 2254 24.90 -71.40 -27.02
C LEU B 2254 24.07 -70.87 -25.86
N SER B 2255 23.58 -69.64 -25.97
CA SER B 2255 22.70 -69.12 -24.94
C SER B 2255 21.40 -69.89 -24.88
N TYR B 2256 20.89 -70.30 -26.04
CA TYR B 2256 19.62 -71.01 -26.07
C TYR B 2256 19.75 -72.41 -25.50
N LEU B 2257 20.87 -73.08 -25.80
CA LEU B 2257 21.00 -74.48 -25.39
C LEU B 2257 21.02 -74.65 -23.87
N LEU B 2258 21.76 -73.80 -23.17
CA LEU B 2258 21.81 -73.90 -21.72
C LEU B 2258 20.49 -73.49 -21.05
N GLU B 2259 19.62 -72.77 -21.75
CA GLU B 2259 18.31 -72.45 -21.20
C GLU B 2259 17.49 -73.71 -20.96
N ASN B 2260 17.57 -74.66 -21.88
CA ASN B 2260 16.90 -75.95 -21.78
C ASN B 2260 17.78 -77.03 -21.15
N SER B 2261 18.86 -76.64 -20.46
CA SER B 2261 19.75 -77.64 -19.86
C SER B 2261 19.08 -78.38 -18.70
N GLY B 2262 18.04 -77.83 -18.09
CA GLY B 2262 17.31 -78.56 -17.08
C GLY B 2262 16.56 -79.72 -17.68
N ILE B 2263 17.02 -80.94 -17.40
CA ILE B 2263 16.46 -82.17 -17.96
C ILE B 2263 16.36 -83.20 -16.85
N GLY B 2264 16.02 -84.44 -17.19
CA GLY B 2264 15.94 -85.53 -16.23
C GLY B 2264 17.24 -85.82 -15.50
N LEU B 2265 18.38 -85.49 -16.10
CA LEU B 2265 19.70 -85.58 -15.47
C LEU B 2265 20.02 -87.01 -15.06
N GLY B 2266 20.24 -87.83 -16.08
CA GLY B 2266 20.49 -89.25 -15.90
C GLY B 2266 20.07 -90.17 -17.03
N MET B 2267 19.39 -89.66 -18.05
CA MET B 2267 19.19 -90.48 -19.24
C MET B 2267 20.53 -90.74 -19.91
N GLN B 2268 20.65 -91.91 -20.51
CA GLN B 2268 21.90 -92.27 -21.16
C GLN B 2268 22.08 -91.48 -22.45
N GLY B 2269 23.31 -91.49 -22.94
CA GLY B 2269 23.63 -90.81 -24.17
C GLY B 2269 23.82 -89.32 -23.98
N SER B 2270 24.00 -88.64 -25.11
CA SER B 2270 24.26 -87.22 -25.10
C SER B 2270 23.03 -86.44 -24.65
N THR B 2271 23.25 -85.17 -24.31
CA THR B 2271 22.25 -84.25 -23.80
C THR B 2271 22.55 -82.86 -24.36
N PRO B 2272 21.64 -81.89 -24.25
CA PRO B 2272 21.94 -80.52 -24.72
C PRO B 2272 23.14 -79.87 -24.03
N LEU B 2273 23.29 -80.14 -22.74
CA LEU B 2273 24.38 -79.55 -21.98
C LEU B 2273 25.74 -80.08 -22.44
N ASP B 2274 25.78 -81.36 -22.81
CA ASP B 2274 27.02 -81.98 -23.27
C ASP B 2274 27.50 -81.35 -24.57
N VAL B 2275 26.60 -81.14 -25.52
CA VAL B 2275 27.00 -80.51 -26.78
C VAL B 2275 27.39 -79.06 -26.54
N ALA B 2276 26.72 -78.39 -25.60
CA ALA B 2276 27.11 -77.02 -25.26
C ALA B 2276 28.53 -76.96 -24.73
N ALA B 2277 28.91 -77.94 -23.90
CA ALA B 2277 30.30 -78.00 -23.47
C ALA B 2277 31.22 -78.34 -24.63
N ALA B 2278 30.78 -79.23 -25.52
CA ALA B 2278 31.62 -79.68 -26.62
C ALA B 2278 31.95 -78.58 -27.61
N SER B 2279 31.11 -77.55 -27.70
CA SER B 2279 31.38 -76.47 -28.64
C SER B 2279 32.67 -75.71 -28.32
N VAL B 2280 32.91 -75.40 -27.04
CA VAL B 2280 33.94 -74.48 -26.59
C VAL B 2280 35.11 -75.22 -25.94
N ILE B 2281 35.34 -76.46 -26.35
CA ILE B 2281 36.27 -77.31 -25.61
C ILE B 2281 37.72 -76.88 -25.80
N ASP B 2282 38.11 -76.55 -27.04
CA ASP B 2282 39.51 -76.36 -27.42
C ASP B 2282 39.65 -75.19 -28.38
N ASN B 2283 38.96 -74.09 -28.11
CA ASN B 2283 38.93 -72.95 -29.02
C ASN B 2283 39.98 -71.90 -28.67
N ASN B 2284 39.99 -71.45 -27.40
CA ASN B 2284 40.87 -70.43 -26.83
C ASN B 2284 40.52 -69.00 -27.27
N GLU B 2285 39.45 -68.79 -28.04
CA GLU B 2285 38.86 -67.49 -28.32
C GLU B 2285 37.37 -67.47 -28.03
N LEU B 2286 36.68 -68.56 -28.30
CA LEU B 2286 35.26 -68.66 -27.92
C LEU B 2286 35.11 -68.67 -26.41
N ALA B 2287 36.10 -69.21 -25.70
CA ALA B 2287 36.09 -69.17 -24.24
C ALA B 2287 36.10 -67.74 -23.74
N LEU B 2288 36.89 -66.88 -24.39
CA LEU B 2288 36.86 -65.47 -24.04
C LEU B 2288 35.53 -64.83 -24.39
N ALA B 2289 34.86 -65.31 -25.44
CA ALA B 2289 33.62 -64.71 -25.90
C ALA B 2289 32.42 -65.00 -25.02
N LEU B 2290 32.55 -65.85 -24.01
CA LEU B 2290 31.39 -66.16 -23.16
C LEU B 2290 30.97 -64.95 -22.36
N GLN B 2291 29.66 -64.73 -22.32
CA GLN B 2291 29.07 -63.63 -21.57
C GLN B 2291 28.75 -64.08 -20.15
N GLU B 2292 28.65 -63.11 -19.26
CA GLU B 2292 28.39 -63.39 -17.85
C GLU B 2292 27.01 -64.01 -17.64
N GLN B 2293 26.04 -63.63 -18.48
CA GLN B 2293 24.69 -64.14 -18.40
C GLN B 2293 24.65 -65.65 -18.61
N ASP B 2294 25.56 -66.18 -19.44
CA ASP B 2294 25.61 -67.61 -19.64
C ASP B 2294 26.09 -68.32 -18.39
N LEU B 2295 27.09 -67.76 -17.71
CA LEU B 2295 27.70 -68.45 -16.59
C LEU B 2295 26.81 -68.42 -15.36
N GLU B 2296 26.08 -67.32 -15.15
CA GLU B 2296 25.21 -67.27 -13.98
C GLU B 2296 24.01 -68.22 -14.08
N LYS B 2297 23.63 -68.63 -15.29
CA LYS B 2297 22.45 -69.47 -15.45
C LYS B 2297 22.70 -70.89 -14.95
N VAL B 2298 23.84 -71.46 -15.31
CA VAL B 2298 24.13 -72.85 -14.97
C VAL B 2298 24.33 -72.99 -13.47
N VAL B 2299 24.98 -72.02 -12.84
CA VAL B 2299 25.18 -72.08 -11.39
C VAL B 2299 23.87 -71.79 -10.67
N SER B 2300 22.97 -71.01 -11.29
CA SER B 2300 21.64 -70.87 -10.71
C SER B 2300 20.89 -72.19 -10.70
N TYR B 2301 21.07 -73.00 -11.75
CA TYR B 2301 20.53 -74.36 -11.68
C TYR B 2301 21.25 -75.19 -10.64
N LEU B 2302 22.55 -74.98 -10.46
CA LEU B 2302 23.30 -75.74 -9.46
C LEU B 2302 22.81 -75.46 -8.04
N ALA B 2303 22.24 -74.27 -7.81
CA ALA B 2303 21.71 -73.96 -6.48
C ALA B 2303 20.60 -74.92 -6.08
N GLY B 2304 19.72 -75.27 -7.02
CA GLY B 2304 18.62 -76.18 -6.71
C GLY B 2304 19.04 -77.62 -6.49
N CYS B 2305 20.25 -78.00 -6.92
CA CYS B 2305 20.69 -79.38 -6.77
C CYS B 2305 20.84 -79.76 -5.30
N GLY B 2306 21.37 -78.85 -4.49
CA GLY B 2306 21.48 -79.13 -3.06
C GLY B 2306 20.14 -79.27 -2.37
N LEU B 2307 19.15 -78.49 -2.82
CA LEU B 2307 17.83 -78.53 -2.19
C LEU B 2307 17.02 -79.73 -2.66
N GLN B 2308 16.84 -79.85 -3.96
CA GLN B 2308 15.99 -80.90 -4.51
C GLN B 2308 16.66 -82.26 -4.38
N SER B 2309 15.82 -83.30 -4.39
CA SER B 2309 16.21 -84.68 -4.10
C SER B 2309 16.27 -85.57 -5.33
N CYS B 2310 16.28 -85.00 -6.56
CA CYS B 2310 16.33 -85.77 -7.81
C CYS B 2310 15.15 -86.73 -7.92
N PRO B 2311 13.92 -86.25 -8.19
CA PRO B 2311 12.73 -87.12 -8.12
C PRO B 2311 12.70 -88.31 -9.11
N MET B 2312 13.52 -88.29 -10.17
CA MET B 2312 13.58 -89.45 -11.06
C MET B 2312 14.09 -90.67 -10.32
N LEU B 2313 15.12 -90.51 -9.49
CA LEU B 2313 15.58 -91.62 -8.68
C LEU B 2313 14.63 -91.94 -7.54
N LEU B 2314 13.77 -91.00 -7.14
CA LEU B 2314 12.72 -91.35 -6.18
C LEU B 2314 11.75 -92.34 -6.80
N ALA B 2315 11.38 -92.12 -8.06
CA ALA B 2315 10.59 -93.13 -8.74
C ALA B 2315 11.40 -94.41 -9.00
N LYS B 2316 12.72 -94.28 -9.14
CA LYS B 2316 13.54 -95.48 -9.34
C LYS B 2316 13.49 -96.39 -8.12
N GLY B 2317 13.54 -95.84 -6.92
CA GLY B 2317 13.53 -96.60 -5.68
C GLY B 2317 14.39 -96.05 -4.56
N TYR B 2318 15.27 -95.11 -4.85
CA TYR B 2318 16.16 -94.57 -3.83
C TYR B 2318 15.36 -93.70 -2.86
N PRO B 2319 15.45 -93.93 -1.54
CA PRO B 2319 14.42 -93.40 -0.63
C PRO B 2319 14.41 -91.89 -0.46
N ASP B 2320 15.51 -91.30 -0.03
CA ASP B 2320 15.55 -89.87 0.23
C ASP B 2320 16.98 -89.37 0.46
N ILE B 2321 17.39 -88.37 -0.30
CA ILE B 2321 18.63 -87.62 -0.06
C ILE B 2321 18.33 -86.16 -0.35
N GLY B 2322 18.83 -85.28 0.52
CA GLY B 2322 18.56 -83.86 0.35
C GLY B 2322 19.20 -83.28 -0.90
N TRP B 2323 20.41 -83.72 -1.22
CA TRP B 2323 21.20 -83.15 -2.30
C TRP B 2323 20.89 -83.84 -3.62
N ASN B 2324 21.52 -83.35 -4.69
CA ASN B 2324 21.45 -83.94 -6.03
C ASN B 2324 22.86 -83.97 -6.61
N PRO B 2325 23.72 -84.89 -6.15
CA PRO B 2325 25.08 -84.98 -6.71
C PRO B 2325 25.12 -85.31 -8.19
N CYS B 2326 24.20 -86.16 -8.66
CA CYS B 2326 24.19 -86.56 -10.05
C CYS B 2326 23.89 -85.38 -10.97
N GLY B 2327 22.91 -84.55 -10.61
CA GLY B 2327 22.63 -83.38 -11.41
C GLY B 2327 23.75 -82.36 -11.35
N GLY B 2328 24.37 -82.22 -10.18
CA GLY B 2328 25.44 -81.25 -10.04
C GLY B 2328 26.68 -81.60 -10.84
N GLU B 2329 26.98 -82.89 -10.99
CA GLU B 2329 28.23 -83.30 -11.63
C GLU B 2329 28.29 -82.89 -13.10
N ARG B 2330 27.17 -83.00 -13.81
CA ARG B 2330 27.14 -82.64 -15.22
C ARG B 2330 27.35 -81.14 -15.42
N TYR B 2331 26.69 -80.34 -14.59
CA TYR B 2331 26.85 -78.88 -14.66
C TYR B 2331 28.28 -78.49 -14.31
N LEU B 2332 28.86 -79.14 -13.31
CA LEU B 2332 30.24 -78.85 -12.96
C LEU B 2332 31.20 -79.31 -14.04
N ASP B 2333 30.86 -80.35 -14.80
CA ASP B 2333 31.72 -80.77 -15.90
C ASP B 2333 31.75 -79.70 -16.98
N PHE B 2334 30.58 -79.14 -17.32
CA PHE B 2334 30.56 -78.05 -18.29
C PHE B 2334 31.32 -76.84 -17.77
N LEU B 2335 31.18 -76.55 -16.47
CA LEU B 2335 31.94 -75.47 -15.87
C LEU B 2335 33.44 -75.74 -15.91
N ARG B 2336 33.83 -77.03 -15.82
CA ARG B 2336 35.22 -77.40 -15.95
C ARG B 2336 35.75 -77.04 -17.33
N PHE B 2337 34.99 -77.37 -18.37
CA PHE B 2337 35.50 -77.17 -19.73
C PHE B 2337 35.68 -75.70 -20.12
N ALA B 2338 35.13 -74.76 -19.35
CA ALA B 2338 35.31 -73.36 -19.65
C ALA B 2338 36.76 -72.90 -19.47
N VAL B 2339 37.49 -73.49 -18.52
CA VAL B 2339 38.66 -72.85 -17.92
C VAL B 2339 39.98 -73.45 -18.42
N PHE B 2340 40.10 -74.77 -18.51
CA PHE B 2340 41.39 -75.41 -18.83
C PHE B 2340 41.62 -75.53 -20.34
N VAL B 2341 41.45 -74.42 -21.03
CA VAL B 2341 41.57 -74.40 -22.48
C VAL B 2341 43.05 -74.45 -22.82
N ASN B 2342 43.49 -75.58 -23.38
CA ASN B 2342 44.86 -75.78 -23.83
C ASN B 2342 45.85 -75.70 -22.66
N GLY B 2343 45.46 -76.29 -21.53
CA GLY B 2343 46.35 -76.40 -20.39
C GLY B 2343 46.74 -75.07 -19.77
N GLU B 2344 45.75 -74.21 -19.56
CA GLU B 2344 45.95 -72.89 -18.96
C GLU B 2344 44.79 -72.66 -18.00
N SER B 2345 44.58 -71.41 -17.60
CA SER B 2345 43.40 -71.03 -16.83
C SER B 2345 43.09 -69.58 -17.16
N VAL B 2346 42.03 -69.36 -17.93
CA VAL B 2346 41.67 -68.02 -18.34
C VAL B 2346 41.18 -67.24 -17.13
N GLU B 2347 41.67 -66.01 -16.99
CA GLU B 2347 41.43 -65.26 -15.76
C GLU B 2347 40.02 -64.71 -15.70
N GLU B 2348 39.48 -64.24 -16.82
CA GLU B 2348 38.22 -63.50 -16.80
C GLU B 2348 37.04 -64.39 -16.41
N ASN B 2349 36.92 -65.54 -17.09
CA ASN B 2349 35.84 -66.46 -16.78
C ASN B 2349 36.04 -67.07 -15.40
N ALA B 2350 37.29 -67.32 -15.02
CA ALA B 2350 37.59 -67.85 -13.70
C ALA B 2350 37.19 -66.88 -12.61
N ASN B 2351 37.44 -65.59 -12.83
CA ASN B 2351 37.08 -64.55 -11.88
C ASN B 2351 35.58 -64.51 -11.68
N VAL B 2352 34.82 -64.50 -12.79
CA VAL B 2352 33.36 -64.44 -12.66
C VAL B 2352 32.84 -65.71 -12.00
N VAL B 2353 33.48 -66.85 -12.28
CA VAL B 2353 33.04 -68.11 -11.69
C VAL B 2353 33.27 -68.10 -10.18
N VAL B 2354 34.42 -67.61 -9.73
CA VAL B 2354 34.69 -67.67 -8.28
C VAL B 2354 33.81 -66.69 -7.52
N ARG B 2355 33.50 -65.53 -8.11
CA ARG B 2355 32.53 -64.65 -7.45
C ARG B 2355 31.16 -65.30 -7.37
N LEU B 2356 30.70 -65.93 -8.45
CA LEU B 2356 29.37 -66.54 -8.41
C LEU B 2356 29.34 -67.79 -7.53
N LEU B 2357 30.45 -68.51 -7.43
CA LEU B 2357 30.50 -69.75 -6.67
C LEU B 2357 30.44 -69.54 -5.16
N ILE B 2358 30.65 -68.32 -4.67
CA ILE B 2358 30.52 -68.09 -3.24
C ILE B 2358 29.06 -68.18 -2.83
N ARG B 2359 28.16 -67.64 -3.66
CA ARG B 2359 26.77 -67.48 -3.26
C ARG B 2359 25.96 -68.76 -3.49
N LYS B 2360 25.84 -69.22 -4.73
CA LYS B 2360 24.82 -70.21 -5.04
C LYS B 2360 25.19 -71.61 -4.54
N PRO B 2361 26.48 -72.05 -4.58
CA PRO B 2361 26.88 -73.21 -3.78
C PRO B 2361 26.97 -73.05 -2.27
N GLU B 2362 26.32 -72.02 -1.67
CA GLU B 2362 26.06 -72.05 -0.24
C GLU B 2362 25.11 -73.19 0.16
N CYS B 2363 24.37 -73.77 -0.79
CA CYS B 2363 23.65 -75.02 -0.59
C CYS B 2363 24.65 -76.18 -0.62
N PHE B 2364 24.15 -77.42 -0.73
CA PHE B 2364 24.86 -78.67 -0.39
C PHE B 2364 25.10 -78.72 1.13
N GLY B 2365 24.05 -78.40 1.87
CA GLY B 2365 24.01 -78.62 3.29
C GLY B 2365 24.95 -77.72 4.05
N PRO B 2366 24.99 -77.87 5.39
CA PRO B 2366 25.94 -77.11 6.20
C PRO B 2366 27.35 -77.70 6.24
N ALA B 2367 27.66 -78.73 5.44
CA ALA B 2367 28.98 -79.35 5.50
C ALA B 2367 30.04 -78.42 4.96
N LEU B 2368 29.94 -78.07 3.67
CA LEU B 2368 30.87 -77.15 3.03
C LEU B 2368 30.45 -75.69 3.16
N ARG B 2369 29.21 -75.42 3.56
CA ARG B 2369 28.80 -74.05 3.81
C ARG B 2369 29.56 -73.43 4.97
N GLY B 2370 29.98 -74.23 5.95
CA GLY B 2370 30.63 -73.78 7.15
C GLY B 2370 29.73 -73.60 8.34
N GLU B 2371 28.41 -73.53 8.13
CA GLU B 2371 27.46 -73.48 9.24
C GLU B 2371 27.49 -74.76 10.08
N GLY B 2372 27.93 -75.88 9.52
CA GLY B 2372 28.03 -77.14 10.23
C GLY B 2372 29.45 -77.38 10.70
N GLY B 2373 30.21 -78.15 9.91
CA GLY B 2373 31.57 -78.53 10.26
C GLY B 2373 32.00 -79.90 9.80
N SER B 2374 31.08 -80.71 9.27
CA SER B 2374 31.46 -81.99 8.68
C SER B 2374 32.29 -81.70 7.45
N GLY B 2375 33.60 -81.91 7.55
CA GLY B 2375 34.49 -81.56 6.49
C GLY B 2375 34.41 -82.55 5.34
N LEU B 2376 35.34 -82.36 4.40
CA LEU B 2376 35.43 -83.26 3.26
C LEU B 2376 35.80 -84.67 3.70
N LEU B 2377 36.70 -84.77 4.68
CA LEU B 2377 37.02 -86.08 5.23
C LEU B 2377 35.81 -86.70 5.93
N ALA B 2378 35.05 -85.87 6.66
CA ALA B 2378 33.86 -86.38 7.34
C ALA B 2378 32.82 -86.85 6.34
N ALA B 2379 32.58 -86.07 5.29
CA ALA B 2379 31.60 -86.45 4.29
C ALA B 2379 32.06 -87.67 3.49
N ILE B 2380 33.36 -87.76 3.20
CA ILE B 2380 33.87 -88.90 2.45
C ILE B 2380 33.83 -90.17 3.30
N GLU B 2381 34.13 -90.05 4.59
CA GLU B 2381 34.01 -91.20 5.48
C GLU B 2381 32.55 -91.64 5.61
N GLU B 2382 31.64 -90.67 5.67
CA GLU B 2382 30.22 -90.99 5.67
C GLU B 2382 29.81 -91.69 4.38
N ALA B 2383 30.34 -91.21 3.25
CA ALA B 2383 30.04 -91.81 1.96
C ALA B 2383 30.57 -93.23 1.88
N ILE B 2384 31.76 -93.47 2.45
CA ILE B 2384 32.31 -94.81 2.50
C ILE B 2384 31.45 -95.70 3.38
N ARG B 2385 30.91 -95.13 4.47
CA ARG B 2385 30.01 -95.89 5.35
C ARG B 2385 28.75 -96.29 4.60
N ILE B 2386 28.19 -95.38 3.80
CA ILE B 2386 27.05 -95.75 2.96
C ILE B 2386 27.47 -96.73 1.86
N SER B 2387 28.71 -96.63 1.36
CA SER B 2387 29.14 -97.47 0.25
C SER B 2387 29.23 -98.93 0.67
N GLU B 2388 29.84 -99.18 1.83
CA GLU B 2388 29.90 -100.56 2.32
C GLU B 2388 28.55 -101.05 2.81
N ASP B 2389 27.67 -100.14 3.27
CA ASP B 2389 26.34 -100.48 3.78
C ASP B 2389 25.26 -100.18 2.74
N PRO B 2390 24.86 -101.14 1.89
CA PRO B 2390 23.78 -100.85 0.95
C PRO B 2390 22.40 -100.66 1.59
N ALA B 2391 22.23 -100.98 2.88
CA ALA B 2391 20.92 -100.86 3.50
C ALA B 2391 20.48 -99.41 3.62
N ARG B 2392 21.41 -98.50 3.95
CA ARG B 2392 21.06 -97.10 4.13
C ARG B 2392 20.63 -96.47 2.82
N ASP B 2393 21.44 -96.63 1.77
CA ASP B 2393 21.04 -96.22 0.43
C ASP B 2393 19.98 -97.17 -0.11
N GLY B 2394 19.38 -96.78 -1.24
CA GLY B 2394 18.35 -97.59 -1.85
C GLY B 2394 18.92 -98.78 -2.59
N PRO B 2395 18.03 -99.59 -3.17
CA PRO B 2395 18.48 -100.78 -3.91
C PRO B 2395 19.04 -100.43 -5.29
N ARG B 2415 23.70 -99.33 -11.32
CA ARG B 2415 24.47 -98.25 -11.91
C ARG B 2415 24.84 -97.19 -10.88
N VAL B 2416 23.84 -96.43 -10.45
CA VAL B 2416 24.06 -95.30 -9.56
C VAL B 2416 24.11 -95.80 -8.11
N HIS B 2417 25.06 -95.26 -7.36
CA HIS B 2417 25.16 -95.45 -5.91
C HIS B 2417 25.36 -94.09 -5.27
N LEU B 2418 24.63 -93.83 -4.19
CA LEU B 2418 24.68 -92.51 -3.55
C LEU B 2418 26.06 -92.21 -2.96
N GLY B 2419 26.70 -93.21 -2.36
CA GLY B 2419 28.03 -93.00 -1.81
C GLY B 2419 29.06 -92.67 -2.88
N HIS B 2420 29.06 -93.45 -3.96
CA HIS B 2420 29.93 -93.16 -5.09
C HIS B 2420 29.56 -91.83 -5.74
N ALA B 2421 28.27 -91.48 -5.72
CA ALA B 2421 27.84 -90.20 -6.27
C ALA B 2421 28.41 -89.04 -5.49
N ILE B 2422 28.39 -89.14 -4.15
CA ILE B 2422 28.93 -88.06 -3.32
C ILE B 2422 30.44 -87.94 -3.50
N MET B 2423 31.11 -89.09 -3.61
CA MET B 2423 32.55 -89.12 -3.88
C MET B 2423 32.85 -88.41 -5.19
N SER B 2424 32.11 -88.74 -6.24
CA SER B 2424 32.35 -88.16 -7.56
C SER B 2424 32.02 -86.67 -7.57
N PHE B 2425 30.98 -86.27 -6.85
CA PHE B 2425 30.57 -84.87 -6.84
C PHE B 2425 31.64 -83.99 -6.20
N TYR B 2426 32.12 -84.38 -5.01
CA TYR B 2426 33.12 -83.54 -4.37
C TYR B 2426 34.46 -83.59 -5.11
N ALA B 2427 34.81 -84.72 -5.71
CA ALA B 2427 36.02 -84.78 -6.51
C ALA B 2427 35.93 -83.87 -7.74
N ALA B 2428 34.77 -83.80 -8.38
CA ALA B 2428 34.63 -82.88 -9.51
C ALA B 2428 34.65 -81.43 -9.05
N LEU B 2429 34.09 -81.16 -7.87
CA LEU B 2429 34.03 -79.78 -7.37
C LEU B 2429 35.43 -79.26 -7.09
N ILE B 2430 36.26 -80.07 -6.42
CA ILE B 2430 37.63 -79.62 -6.21
C ILE B 2430 38.40 -79.62 -7.52
N ASP B 2431 38.01 -80.43 -8.52
CA ASP B 2431 38.67 -80.32 -9.81
C ASP B 2431 38.48 -78.93 -10.42
N LEU B 2432 37.25 -78.41 -10.36
CA LEU B 2432 37.01 -77.04 -10.82
C LEU B 2432 37.78 -76.03 -9.97
N LEU B 2433 37.70 -76.16 -8.64
CA LEU B 2433 38.28 -75.15 -7.77
C LEU B 2433 39.81 -75.13 -7.86
N GLY B 2434 40.42 -76.30 -7.95
CA GLY B 2434 41.87 -76.35 -8.12
C GLY B 2434 42.31 -75.85 -9.48
N ARG B 2435 41.50 -76.09 -10.51
CA ARG B 2435 41.94 -75.75 -11.85
C ARG B 2435 41.99 -74.24 -12.05
N CYS B 2436 41.07 -73.50 -11.46
CA CYS B 2436 40.96 -72.05 -11.69
C CYS B 2436 41.80 -71.24 -10.71
N ALA B 2437 43.07 -71.63 -10.53
CA ALA B 2437 44.01 -70.82 -9.80
C ALA B 2437 44.51 -69.68 -10.68
N PRO B 2438 45.02 -68.59 -10.10
CA PRO B 2438 45.48 -67.49 -10.95
C PRO B 2438 46.80 -67.85 -11.62
N GLU B 2439 46.72 -68.17 -12.91
CA GLU B 2439 47.86 -68.52 -13.77
C GLU B 2439 48.61 -69.71 -13.13
N MET B 2440 49.93 -69.75 -13.30
CA MET B 2440 50.81 -70.56 -12.47
C MET B 2440 51.71 -69.68 -11.61
N HIS B 2441 52.51 -68.80 -12.24
CA HIS B 2441 53.36 -67.85 -11.52
C HIS B 2441 53.43 -66.48 -12.16
N LEU B 2442 52.76 -66.23 -13.29
CA LEU B 2442 52.94 -64.97 -14.00
C LEU B 2442 52.33 -63.81 -13.21
N ILE B 2443 51.01 -63.85 -13.05
CA ILE B 2443 50.33 -62.79 -12.29
C ILE B 2443 50.50 -62.95 -10.79
N GLN B 2444 50.81 -64.16 -10.30
CA GLN B 2444 50.99 -64.37 -8.88
C GLN B 2444 52.18 -63.57 -8.35
N ALA B 2445 53.20 -63.39 -9.17
CA ALA B 2445 54.37 -62.60 -8.81
C ALA B 2445 54.14 -61.12 -9.14
N GLY B 2446 53.19 -60.53 -8.40
CA GLY B 2446 53.02 -59.08 -8.33
C GLY B 2446 51.60 -58.54 -8.36
N LYS B 2447 50.71 -59.15 -9.14
CA LYS B 2447 49.36 -58.60 -9.30
C LYS B 2447 48.49 -58.99 -8.11
N GLY B 2448 47.59 -58.08 -7.71
CA GLY B 2448 46.79 -58.28 -6.51
C GLY B 2448 45.62 -59.23 -6.65
N GLU B 2449 45.08 -59.35 -7.87
CA GLU B 2449 43.92 -60.19 -8.13
C GLU B 2449 44.22 -61.65 -7.81
N ALA B 2450 45.44 -62.08 -8.13
CA ALA B 2450 45.85 -63.44 -7.85
C ALA B 2450 45.88 -63.72 -6.36
N LEU B 2451 46.38 -62.76 -5.59
CA LEU B 2451 46.49 -62.95 -4.15
C LEU B 2451 45.12 -63.03 -3.50
N ARG B 2452 44.19 -62.15 -3.94
CA ARG B 2452 42.85 -62.18 -3.38
C ARG B 2452 42.15 -63.50 -3.69
N ILE B 2453 42.28 -63.96 -4.93
CA ILE B 2453 41.60 -65.19 -5.34
C ILE B 2453 42.21 -66.39 -4.63
N ARG B 2454 43.53 -66.40 -4.46
CA ARG B 2454 44.16 -67.53 -3.79
C ARG B 2454 43.83 -67.57 -2.31
N ALA B 2455 43.71 -66.41 -1.67
CA ALA B 2455 43.38 -66.39 -0.25
C ALA B 2455 41.98 -66.93 -0.01
N ILE B 2456 41.00 -66.45 -0.77
CA ILE B 2456 39.63 -66.97 -0.63
C ILE B 2456 39.59 -68.44 -1.02
N LEU B 2457 40.42 -68.85 -1.98
CA LEU B 2457 40.41 -70.24 -2.39
C LEU B 2457 40.95 -71.15 -1.28
N ARG B 2458 42.00 -70.72 -0.58
CA ARG B 2458 42.55 -71.56 0.48
C ARG B 2458 41.65 -71.61 1.70
N SER B 2459 40.87 -70.55 1.94
CA SER B 2459 40.03 -70.53 3.14
C SER B 2459 38.95 -71.61 3.13
N LEU B 2460 38.30 -71.84 1.99
CA LEU B 2460 37.13 -72.71 1.96
C LEU B 2460 37.47 -74.17 2.23
N VAL B 2461 38.61 -74.62 1.72
CA VAL B 2461 39.08 -76.01 1.81
C VAL B 2461 40.48 -75.95 2.42
N PRO B 2462 40.61 -75.72 3.73
CA PRO B 2462 41.93 -75.50 4.30
C PRO B 2462 42.79 -76.75 4.31
N LEU B 2463 44.09 -76.53 4.47
CA LEU B 2463 45.05 -77.61 4.54
C LEU B 2463 44.81 -78.44 5.82
N ASP B 2464 45.51 -79.58 5.87
CA ASP B 2464 45.33 -80.62 6.89
C ASP B 2464 43.96 -81.30 6.79
N ASP B 2465 43.30 -81.22 5.62
CA ASP B 2465 42.16 -82.05 5.26
C ASP B 2465 42.40 -82.80 3.96
N LEU B 2466 43.14 -82.20 3.03
CA LEU B 2466 43.58 -82.93 1.84
C LEU B 2466 44.49 -84.08 2.22
N VAL B 2467 45.40 -83.85 3.17
CA VAL B 2467 46.38 -84.88 3.54
C VAL B 2467 45.70 -86.06 4.20
N GLY B 2468 44.63 -85.82 4.97
CA GLY B 2468 43.89 -86.92 5.54
C GLY B 2468 43.13 -87.71 4.49
N ILE B 2469 42.53 -87.02 3.53
CA ILE B 2469 41.69 -87.68 2.53
C ILE B 2469 42.56 -88.49 1.57
N ILE B 2470 43.67 -87.90 1.11
CA ILE B 2470 44.56 -88.61 0.21
C ILE B 2470 45.22 -89.78 0.93
N SER B 2471 45.49 -89.65 2.22
CA SER B 2471 46.10 -90.73 2.98
C SER B 2471 45.12 -91.85 3.33
N LEU B 2472 43.82 -91.69 3.07
CA LEU B 2472 42.88 -92.73 3.43
C LEU B 2472 43.10 -93.97 2.56
N PRO B 2473 42.71 -95.16 3.04
CA PRO B 2473 42.93 -96.36 2.26
C PRO B 2473 41.80 -96.58 1.25
N LEU B 2474 41.99 -97.58 0.41
CA LEU B 2474 40.97 -98.00 -0.54
C LEU B 2474 41.10 -99.50 -0.73
N GLN B 2475 39.97 -100.16 -0.96
CA GLN B 2475 39.97 -101.60 -1.16
C GLN B 2475 40.67 -101.94 -2.47
N ILE B 2476 41.73 -102.73 -2.38
CA ILE B 2476 42.60 -103.07 -3.50
C ILE B 2476 42.53 -104.58 -3.67
N PRO B 2477 41.55 -105.13 -4.39
CA PRO B 2477 41.51 -106.58 -4.60
C PRO B 2477 42.45 -107.01 -5.72
N THR B 2478 42.58 -108.32 -5.87
CA THR B 2478 43.40 -108.89 -6.93
C THR B 2478 42.76 -108.59 -8.28
N GLN B 2487 35.67 -111.64 -5.53
CA GLN B 2487 36.97 -111.11 -5.15
C GLN B 2487 37.12 -109.63 -5.59
N PRO B 2488 37.01 -109.30 -6.87
CA PRO B 2488 37.18 -107.89 -7.26
C PRO B 2488 35.99 -107.04 -6.85
N LYS B 2489 36.26 -105.75 -6.70
CA LYS B 2489 35.28 -104.72 -6.40
C LYS B 2489 35.12 -103.80 -7.61
N MET B 2490 33.90 -103.34 -7.82
CA MET B 2490 33.63 -102.44 -8.93
C MET B 2490 34.31 -101.09 -8.72
N SER B 2491 34.64 -100.43 -9.83
CA SER B 2491 35.08 -99.05 -9.78
C SER B 2491 33.93 -98.08 -9.51
N ALA B 2492 32.66 -98.51 -9.58
CA ALA B 2492 31.51 -97.68 -9.30
C ALA B 2492 31.21 -97.52 -7.80
N SER B 2493 32.11 -97.95 -6.92
CA SER B 2493 32.04 -97.68 -5.48
C SER B 2493 33.09 -96.66 -5.06
N PHE B 2494 34.34 -96.83 -5.50
CA PHE B 2494 35.40 -95.86 -5.28
C PHE B 2494 36.33 -95.89 -6.48
N VAL B 2495 37.05 -94.78 -6.68
CA VAL B 2495 37.90 -94.53 -7.85
C VAL B 2495 39.26 -94.02 -7.36
N PRO B 2496 40.43 -94.43 -7.96
CA PRO B 2496 41.71 -93.83 -7.56
C PRO B 2496 42.04 -92.54 -8.31
N ASP B 2497 41.54 -92.43 -9.53
CA ASP B 2497 41.71 -91.20 -10.31
C ASP B 2497 41.06 -90.01 -9.61
N HIS B 2498 39.93 -90.25 -8.95
CA HIS B 2498 39.29 -89.16 -8.22
C HIS B 2498 40.03 -88.84 -6.93
N LYS B 2499 40.83 -89.76 -6.42
CA LYS B 2499 41.83 -89.37 -5.41
C LYS B 2499 42.86 -88.44 -6.03
N ALA B 2500 43.30 -88.74 -7.25
CA ALA B 2500 44.27 -87.86 -7.90
C ALA B 2500 43.67 -86.49 -8.26
N SER B 2501 42.35 -86.38 -8.33
CA SER B 2501 41.73 -85.07 -8.53
C SER B 2501 42.03 -84.12 -7.38
N MET B 2502 42.13 -84.63 -6.15
CA MET B 2502 42.50 -83.80 -5.00
C MET B 2502 43.90 -83.22 -5.13
N VAL B 2503 44.82 -83.96 -5.75
CA VAL B 2503 46.21 -83.55 -5.88
C VAL B 2503 46.34 -82.28 -6.72
N LEU B 2504 45.44 -82.10 -7.69
CA LEU B 2504 45.50 -80.93 -8.58
C LEU B 2504 45.29 -79.64 -7.82
N PHE B 2505 44.52 -79.68 -6.73
CA PHE B 2505 44.38 -78.49 -5.90
C PHE B 2505 45.71 -78.15 -5.24
N LEU B 2506 46.40 -79.16 -4.72
CA LEU B 2506 47.60 -78.91 -3.95
C LEU B 2506 48.73 -78.40 -4.84
N ASP B 2507 48.79 -78.88 -6.10
CA ASP B 2507 49.89 -78.48 -6.96
C ASP B 2507 49.85 -76.99 -7.30
N ARG B 2508 48.65 -76.47 -7.60
CA ARG B 2508 48.52 -75.11 -8.12
C ARG B 2508 48.32 -74.08 -7.01
N VAL B 2509 47.59 -74.44 -5.95
CA VAL B 2509 47.16 -73.48 -4.95
C VAL B 2509 48.21 -73.31 -3.87
N TYR B 2510 48.48 -74.41 -3.15
CA TYR B 2510 49.28 -74.31 -1.94
C TYR B 2510 50.76 -74.30 -2.25
N GLY B 2511 51.23 -75.28 -3.00
CA GLY B 2511 52.65 -75.54 -3.10
C GLY B 2511 53.15 -76.23 -1.85
N ILE B 2512 54.45 -76.43 -1.79
CA ILE B 2512 55.09 -77.14 -0.69
C ILE B 2512 56.50 -76.59 -0.51
N GLU B 2513 56.87 -76.28 0.74
CA GLU B 2513 58.19 -75.72 1.06
C GLU B 2513 59.17 -76.80 1.53
N ASN B 2514 58.90 -77.45 2.68
CA ASN B 2514 59.75 -78.52 3.21
C ASN B 2514 58.97 -79.74 3.69
N GLN B 2515 58.00 -79.49 4.56
CA GLN B 2515 57.50 -80.52 5.47
C GLN B 2515 56.31 -81.27 4.92
N ASP B 2516 55.50 -80.62 4.08
CA ASP B 2516 54.40 -81.32 3.43
C ASP B 2516 54.92 -82.42 2.52
N PHE B 2517 56.08 -82.20 1.89
CA PHE B 2517 56.69 -83.25 1.09
C PHE B 2517 57.11 -84.43 1.95
N LEU B 2518 57.66 -84.17 3.13
CA LEU B 2518 58.10 -85.25 4.01
C LEU B 2518 56.90 -86.05 4.53
N LEU B 2519 55.84 -85.36 4.95
CA LEU B 2519 54.65 -86.05 5.42
C LEU B 2519 53.99 -86.82 4.27
N HIS B 2520 53.89 -86.19 3.10
CA HIS B 2520 53.21 -86.80 1.98
C HIS B 2520 54.03 -87.93 1.38
N VAL B 2521 55.36 -87.82 1.35
CA VAL B 2521 56.14 -88.93 0.79
C VAL B 2521 56.11 -90.09 1.77
N LEU B 2522 55.93 -89.83 3.08
CA LEU B 2522 55.69 -90.96 3.97
C LEU B 2522 54.36 -91.63 3.67
N ASP B 2523 53.28 -90.87 3.47
CA ASP B 2523 51.94 -91.45 3.31
C ASP B 2523 51.59 -91.84 1.86
N VAL B 2524 51.55 -90.84 0.98
CA VAL B 2524 51.03 -90.96 -0.38
C VAL B 2524 51.85 -91.95 -1.19
N GLY B 2525 53.16 -91.92 -1.03
CA GLY B 2525 54.01 -92.90 -1.71
C GLY B 2525 53.79 -94.32 -1.22
N PHE B 2526 53.31 -94.49 0.02
CA PHE B 2526 53.07 -95.79 0.61
C PHE B 2526 51.66 -96.31 0.39
N LEU B 2527 50.73 -95.48 -0.10
CA LEU B 2527 49.43 -96.02 -0.49
C LEU B 2527 49.53 -97.09 -1.58
N PRO B 2528 50.33 -96.93 -2.65
CA PRO B 2528 50.58 -98.08 -3.52
C PRO B 2528 51.35 -99.19 -2.80
N ASP B 2529 50.70 -100.35 -2.66
CA ASP B 2529 51.35 -101.55 -2.11
C ASP B 2529 52.06 -102.28 -3.25
N MET B 2530 53.13 -101.64 -3.73
CA MET B 2530 53.74 -101.95 -5.02
C MET B 2530 52.74 -101.78 -6.17
N ARG B 2531 51.80 -100.84 -6.02
CA ARG B 2531 50.76 -100.55 -7.00
C ARG B 2531 49.86 -101.74 -7.32
N ALA B 2532 49.78 -102.72 -6.42
CA ALA B 2532 49.13 -104.02 -6.69
C ALA B 2532 49.71 -104.65 -7.96
N ALA B 2533 50.99 -105.01 -7.84
CA ALA B 2533 51.77 -105.48 -8.98
C ALA B 2533 51.18 -106.76 -9.56
N ALA B 2534 50.99 -106.78 -10.87
CA ALA B 2534 50.25 -107.85 -11.51
C ALA B 2534 51.04 -109.15 -11.49
N SER B 2535 50.30 -110.25 -11.39
CA SER B 2535 50.80 -111.60 -11.57
C SER B 2535 49.86 -112.37 -12.48
N LEU B 2536 49.35 -111.68 -13.50
CA LEU B 2536 48.24 -112.15 -14.34
C LEU B 2536 47.03 -112.51 -13.46
N ASP B 2537 46.79 -111.68 -12.43
CA ASP B 2537 45.62 -111.80 -11.56
C ASP B 2537 45.08 -110.43 -11.15
N THR B 2538 45.49 -109.34 -11.81
CA THR B 2538 45.11 -107.99 -11.39
C THR B 2538 45.07 -107.12 -12.66
N ALA B 2539 43.85 -106.91 -13.18
CA ALA B 2539 43.61 -105.98 -14.27
C ALA B 2539 42.32 -105.19 -14.05
N THR B 2540 41.91 -105.01 -12.79
CA THR B 2540 40.72 -104.24 -12.42
C THR B 2540 41.09 -102.81 -12.08
N PHE B 2541 41.99 -102.63 -11.11
CA PHE B 2541 42.48 -101.31 -10.72
C PHE B 2541 43.69 -100.96 -11.60
N SER B 2542 43.37 -100.66 -12.86
CA SER B 2542 44.32 -100.04 -13.77
C SER B 2542 44.33 -98.52 -13.65
N THR B 2543 43.24 -97.93 -13.14
CA THR B 2543 43.20 -96.48 -12.98
C THR B 2543 44.20 -96.01 -11.92
N THR B 2544 44.47 -96.83 -10.91
CA THR B 2544 45.46 -96.44 -9.91
C THR B 2544 46.86 -96.39 -10.49
N GLU B 2545 47.13 -97.17 -11.54
CA GLU B 2545 48.38 -97.01 -12.28
C GLU B 2545 48.48 -95.62 -12.89
N MET B 2546 47.38 -95.13 -13.45
CA MET B 2546 47.32 -93.79 -14.02
C MET B 2546 47.12 -92.70 -12.98
N ALA B 2547 46.86 -93.05 -11.72
CA ALA B 2547 46.81 -92.05 -10.66
C ALA B 2547 48.16 -91.40 -10.42
N LEU B 2548 49.26 -92.08 -10.76
CA LEU B 2548 50.58 -91.49 -10.74
C LEU B 2548 50.82 -90.48 -11.86
N ALA B 2549 49.88 -90.33 -12.81
CA ALA B 2549 49.99 -89.28 -13.81
C ALA B 2549 50.01 -87.90 -13.15
N LEU B 2550 49.15 -87.71 -12.15
CA LEU B 2550 49.08 -86.47 -11.37
C LEU B 2550 49.82 -86.58 -10.04
N ASN B 2551 49.74 -87.73 -9.39
CA ASN B 2551 50.35 -87.87 -8.06
C ASN B 2551 51.88 -87.86 -8.14
N ARG B 2552 52.45 -88.65 -9.06
CA ARG B 2552 53.90 -88.73 -9.20
C ARG B 2552 54.49 -87.56 -9.99
N TYR B 2553 53.68 -86.82 -10.75
CA TYR B 2553 54.19 -85.68 -11.50
C TYR B 2553 54.71 -84.59 -10.57
N LEU B 2554 54.01 -84.39 -9.45
CA LEU B 2554 54.48 -83.44 -8.45
C LEU B 2554 55.83 -83.87 -7.88
N CYS B 2555 56.00 -85.18 -7.67
CA CYS B 2555 57.27 -85.67 -7.14
C CYS B 2555 58.39 -85.45 -8.13
N LEU B 2556 58.11 -85.66 -9.41
CA LEU B 2556 59.11 -85.39 -10.44
C LEU B 2556 59.47 -83.91 -10.50
N ALA B 2557 58.48 -83.03 -10.34
CA ALA B 2557 58.74 -81.60 -10.50
C ALA B 2557 59.58 -81.06 -9.35
N VAL B 2558 59.20 -81.37 -8.12
CA VAL B 2558 59.83 -80.78 -6.93
C VAL B 2558 61.06 -81.58 -6.54
N LEU B 2559 62.09 -80.86 -6.08
CA LEU B 2559 63.37 -81.45 -5.66
C LEU B 2559 63.92 -80.65 -4.49
N PRO B 2560 63.32 -80.78 -3.29
CA PRO B 2560 63.88 -80.08 -2.14
C PRO B 2560 65.14 -80.75 -1.61
N THR B 2563 68.64 -86.07 5.84
CA THR B 2563 68.47 -86.38 7.25
C THR B 2563 67.78 -87.72 7.48
N LYS B 2564 66.93 -88.14 6.55
CA LYS B 2564 66.17 -89.39 6.64
C LYS B 2564 65.24 -89.36 7.86
N CYS B 2565 64.34 -88.37 7.86
CA CYS B 2565 63.26 -88.35 8.83
C CYS B 2565 62.17 -89.36 8.49
N ALA B 2566 61.94 -89.60 7.20
CA ALA B 2566 60.97 -90.53 6.64
C ALA B 2566 61.69 -91.54 5.74
N PRO B 2567 61.11 -92.73 5.50
CA PRO B 2567 61.87 -93.78 4.77
C PRO B 2567 61.83 -93.62 3.25
N LEU B 2568 62.73 -92.78 2.74
CA LEU B 2568 62.85 -92.54 1.30
C LEU B 2568 63.36 -93.75 0.52
N PHE B 2569 64.02 -94.70 1.19
CA PHE B 2569 64.61 -95.85 0.51
C PHE B 2569 63.53 -96.71 -0.15
N ALA B 2570 62.38 -96.83 0.53
CA ALA B 2570 61.23 -97.53 -0.02
C ALA B 2570 60.74 -96.86 -1.30
N GLY B 2571 60.73 -95.53 -1.32
CA GLY B 2571 60.27 -94.81 -2.50
C GLY B 2571 61.20 -95.02 -3.69
N THR B 2572 62.51 -95.00 -3.45
CA THR B 2572 63.47 -95.22 -4.53
C THR B 2572 63.34 -96.62 -5.13
N GLU B 2573 63.30 -97.64 -4.27
CA GLU B 2573 63.18 -99.00 -4.81
C GLU B 2573 61.79 -99.26 -5.37
N HIS B 2574 60.76 -98.56 -4.89
CA HIS B 2574 59.42 -98.68 -5.44
C HIS B 2574 59.39 -98.17 -6.87
N ARG B 2575 60.08 -97.06 -7.15
CA ARG B 2575 60.19 -96.61 -8.54
C ARG B 2575 61.04 -97.58 -9.37
N ALA B 2576 62.07 -98.16 -8.75
CA ALA B 2576 62.92 -99.12 -9.45
C ALA B 2576 62.18 -100.38 -9.87
N ILE B 2577 61.12 -100.76 -9.14
CA ILE B 2577 60.32 -101.90 -9.58
C ILE B 2577 59.60 -101.57 -10.87
N MET B 2578 58.98 -100.39 -10.95
CA MET B 2578 58.11 -100.08 -12.06
C MET B 2578 58.88 -99.77 -13.33
N VAL B 2579 60.07 -99.19 -13.21
CA VAL B 2579 60.84 -98.89 -14.42
C VAL B 2579 61.25 -100.18 -15.13
N ASP B 2580 61.55 -101.24 -14.37
CA ASP B 2580 61.93 -102.54 -14.95
C ASP B 2580 60.73 -103.41 -15.28
N SER B 2581 59.68 -103.36 -14.46
CA SER B 2581 58.56 -104.25 -14.63
C SER B 2581 57.74 -103.87 -15.87
N MET B 2582 57.30 -104.89 -16.61
CA MET B 2582 56.40 -104.70 -17.75
C MET B 2582 55.35 -105.81 -17.87
N LEU B 2583 55.05 -106.52 -16.78
CA LEU B 2583 54.04 -107.57 -16.85
C LEU B 2583 52.66 -106.97 -17.07
N HIS B 2584 52.23 -106.09 -16.17
CA HIS B 2584 51.03 -105.31 -16.41
C HIS B 2584 51.26 -104.37 -17.58
N THR B 2585 50.18 -104.01 -18.26
CA THR B 2585 50.26 -103.11 -19.40
C THR B 2585 50.67 -101.73 -18.89
N VAL B 2586 51.92 -101.36 -19.11
CA VAL B 2586 52.49 -100.13 -18.55
C VAL B 2586 52.12 -98.87 -19.32
N TYR B 2587 51.63 -98.99 -20.56
CA TYR B 2587 51.18 -97.86 -21.37
C TYR B 2587 52.33 -96.88 -21.62
N ARG B 2588 53.22 -97.32 -22.52
CA ARG B 2588 54.59 -96.83 -22.78
C ARG B 2588 54.85 -95.32 -22.69
N LEU B 2589 53.87 -94.48 -23.05
CA LEU B 2589 53.98 -93.05 -22.73
C LEU B 2589 54.08 -92.84 -21.23
N SER B 2590 53.25 -93.55 -20.46
CA SER B 2590 53.38 -93.52 -19.00
C SER B 2590 54.69 -94.17 -18.54
N ARG B 2591 55.27 -95.08 -19.33
CA ARG B 2591 56.58 -95.62 -18.97
C ARG B 2591 57.65 -94.53 -19.02
N GLY B 2592 57.65 -93.69 -20.07
CA GLY B 2592 58.56 -92.55 -20.08
C GLY B 2592 58.30 -91.58 -18.94
N ARG B 2593 57.01 -91.33 -18.66
CA ARG B 2593 56.62 -90.50 -17.53
C ARG B 2593 57.18 -91.03 -16.21
N SER B 2594 57.05 -92.35 -16.00
CA SER B 2594 57.53 -92.94 -14.76
C SER B 2594 59.05 -92.96 -14.69
N LEU B 2595 59.74 -93.05 -15.84
CA LEU B 2595 61.19 -92.98 -15.83
C LEU B 2595 61.69 -91.63 -15.34
N THR B 2596 60.97 -90.55 -15.70
CA THR B 2596 61.37 -89.20 -15.29
C THR B 2596 61.47 -89.04 -13.78
N LYS B 2597 60.70 -89.80 -13.00
CA LYS B 2597 60.70 -89.63 -11.54
C LYS B 2597 62.03 -90.11 -10.94
N ALA B 2598 62.47 -91.30 -11.33
CA ALA B 2598 63.75 -91.81 -10.84
C ALA B 2598 64.91 -90.95 -11.32
N GLN B 2599 64.83 -90.50 -12.58
CA GLN B 2599 65.89 -89.67 -13.15
C GLN B 2599 66.01 -88.36 -12.39
N ARG B 2600 64.88 -87.80 -11.96
CA ARG B 2600 64.91 -86.59 -11.14
C ARG B 2600 65.33 -86.87 -9.71
N ASP B 2601 65.01 -88.04 -9.18
CA ASP B 2601 65.30 -88.31 -7.77
C ASP B 2601 66.79 -88.45 -7.53
N VAL B 2602 67.53 -89.06 -8.47
CA VAL B 2602 68.95 -89.31 -8.18
C VAL B 2602 69.77 -88.02 -8.13
N ILE B 2603 69.38 -86.99 -8.89
CA ILE B 2603 70.18 -85.75 -8.95
C ILE B 2603 70.14 -85.03 -7.61
N GLU B 2604 68.95 -84.89 -7.02
CA GLU B 2604 68.81 -84.19 -5.75
C GLU B 2604 69.27 -85.02 -4.55
N ASP B 2605 69.41 -86.35 -4.70
CA ASP B 2605 69.72 -87.20 -3.57
C ASP B 2605 71.14 -86.97 -3.07
N CYS B 2606 71.28 -86.78 -1.76
CA CYS B 2606 72.57 -86.58 -1.09
C CYS B 2606 73.14 -87.88 -0.55
N LEU B 2607 73.23 -88.89 -1.42
CA LEU B 2607 73.73 -90.23 -1.09
C LEU B 2607 72.94 -90.86 0.06
N MET B 2608 71.67 -91.11 -0.22
CA MET B 2608 70.78 -91.93 0.60
C MET B 2608 70.05 -92.90 -0.32
N ALA B 2609 70.82 -93.56 -1.20
CA ALA B 2609 70.29 -94.54 -2.13
C ALA B 2609 71.23 -95.73 -2.34
N LEU B 2610 72.14 -96.00 -1.40
CA LEU B 2610 73.05 -97.13 -1.51
C LEU B 2610 72.29 -98.45 -1.52
N CYS B 2611 71.29 -98.56 -0.65
CA CYS B 2611 70.43 -99.75 -0.59
C CYS B 2611 69.69 -99.96 -1.90
N ARG B 2612 69.20 -98.88 -2.50
CA ARG B 2612 68.59 -98.96 -3.82
C ARG B 2612 69.63 -99.15 -4.92
N TYR B 2613 70.85 -98.63 -4.72
CA TYR B 2613 71.89 -98.77 -5.74
C TYR B 2613 72.37 -100.22 -5.88
N ILE B 2614 72.17 -101.06 -4.85
CA ILE B 2614 72.65 -102.45 -4.95
C ILE B 2614 71.90 -103.21 -6.04
N ARG B 2615 70.58 -102.99 -6.17
CA ARG B 2615 69.77 -103.82 -7.06
C ARG B 2615 70.13 -103.68 -8.54
N PRO B 2616 70.24 -102.48 -9.12
CA PRO B 2616 70.59 -102.40 -10.57
C PRO B 2616 71.97 -102.91 -10.91
N SER B 2617 72.89 -102.98 -9.95
CA SER B 2617 74.23 -103.47 -10.24
C SER B 2617 74.23 -104.93 -10.66
N MET B 2618 73.38 -105.74 -10.02
CA MET B 2618 73.34 -107.19 -10.24
C MET B 2618 72.33 -107.61 -11.32
N LEU B 2619 71.91 -106.69 -12.18
CA LEU B 2619 70.96 -107.00 -13.24
C LEU B 2619 71.19 -106.03 -14.40
N GLN B 2620 70.21 -105.93 -15.29
CA GLN B 2620 70.26 -105.08 -16.49
C GLN B 2620 71.30 -105.61 -17.46
N HIS B 2621 72.52 -105.05 -17.49
CA HIS B 2621 73.53 -105.54 -18.44
C HIS B 2621 74.17 -106.83 -17.97
N LEU B 2622 74.33 -107.00 -16.66
CA LEU B 2622 74.93 -108.23 -16.14
C LEU B 2622 74.00 -109.41 -16.37
N LEU B 2623 72.81 -109.38 -15.78
CA LEU B 2623 71.72 -110.30 -16.09
C LEU B 2623 70.88 -109.67 -17.19
N ARG B 2624 71.01 -110.18 -18.42
CA ARG B 2624 70.58 -109.50 -19.64
C ARG B 2624 69.08 -109.22 -19.67
N ARG B 2625 68.73 -107.95 -19.57
CA ARG B 2625 67.35 -107.46 -19.71
C ARG B 2625 67.37 -106.21 -20.58
N LEU B 2626 68.05 -106.31 -21.73
CA LEU B 2626 68.35 -105.16 -22.58
C LEU B 2626 67.09 -104.49 -23.11
N VAL B 2627 65.99 -105.23 -23.25
CA VAL B 2627 64.74 -104.62 -23.70
C VAL B 2627 64.21 -103.65 -22.65
N PHE B 2628 64.41 -103.93 -21.37
CA PHE B 2628 63.99 -103.08 -20.25
C PHE B 2628 65.15 -102.79 -19.30
N ASP B 2629 66.33 -102.50 -19.85
CA ASP B 2629 67.47 -102.01 -19.05
C ASP B 2629 68.28 -100.89 -19.69
N VAL B 2630 68.14 -100.65 -21.00
CA VAL B 2630 68.89 -99.56 -21.65
C VAL B 2630 68.55 -98.19 -21.07
N PRO B 2631 67.28 -97.79 -20.94
CA PRO B 2631 66.99 -96.51 -20.22
C PRO B 2631 67.45 -96.52 -18.78
N ILE B 2632 67.33 -97.66 -18.11
CA ILE B 2632 67.88 -97.79 -16.76
C ILE B 2632 69.40 -97.71 -16.83
N LEU B 2633 70.00 -98.19 -17.94
CA LEU B 2633 71.44 -98.07 -18.11
C LEU B 2633 71.86 -96.61 -18.19
N ASN B 2634 71.09 -95.77 -18.87
CA ASN B 2634 71.40 -94.34 -18.89
C ASN B 2634 71.24 -93.72 -17.50
N GLU B 2635 70.18 -94.11 -16.78
CA GLU B 2635 69.96 -93.58 -15.44
C GLU B 2635 71.09 -93.96 -14.49
N PHE B 2636 71.57 -95.20 -14.59
CA PHE B 2636 72.73 -95.62 -13.81
C PHE B 2636 74.02 -94.97 -14.30
N ALA B 2637 74.11 -94.67 -15.60
CA ALA B 2637 75.30 -94.00 -16.13
C ALA B 2637 75.44 -92.60 -15.57
N LYS B 2638 74.32 -91.95 -15.28
CA LYS B 2638 74.37 -90.63 -14.65
C LYS B 2638 74.85 -90.66 -13.19
N MET B 2639 74.97 -91.84 -12.55
CA MET B 2639 75.26 -91.86 -11.12
C MET B 2639 76.72 -91.52 -10.80
N PRO B 2640 77.74 -92.15 -11.39
CA PRO B 2640 79.11 -91.84 -10.93
C PRO B 2640 79.60 -90.47 -11.34
N LEU B 2641 79.14 -89.94 -12.48
CA LEU B 2641 79.59 -88.62 -12.90
C LEU B 2641 79.09 -87.53 -11.96
N LYS B 2642 77.95 -87.75 -11.30
CA LYS B 2642 77.43 -86.76 -10.37
C LYS B 2642 78.28 -86.63 -9.11
N LEU B 2643 79.10 -87.65 -8.78
CA LEU B 2643 79.98 -87.63 -7.61
C LEU B 2643 81.36 -88.11 -8.02
N LEU B 2644 82.30 -87.17 -8.13
CA LEU B 2644 83.71 -87.51 -8.09
C LEU B 2644 84.07 -87.93 -6.66
N THR B 2645 85.25 -88.53 -6.50
CA THR B 2645 85.69 -88.93 -5.17
C THR B 2645 86.14 -87.72 -4.35
N ASN B 2646 85.16 -86.92 -3.92
CA ASN B 2646 85.37 -85.60 -3.32
C ASN B 2646 84.95 -85.55 -1.86
N HIS B 2647 83.70 -85.87 -1.56
CA HIS B 2647 83.11 -85.74 -0.22
C HIS B 2647 82.24 -86.94 0.10
N TYR B 2648 82.69 -88.14 -0.28
CA TYR B 2648 81.95 -89.36 0.03
C TYR B 2648 82.89 -90.55 0.02
N GLU B 2649 82.51 -91.57 0.78
CA GLU B 2649 83.24 -92.83 0.85
C GLU B 2649 82.26 -93.91 1.29
N ARG B 2650 82.38 -95.09 0.69
CA ARG B 2650 81.49 -96.21 1.01
C ARG B 2650 82.21 -97.50 0.68
N CYS B 2651 82.64 -98.22 1.72
CA CYS B 2651 83.41 -99.45 1.53
C CYS B 2651 82.59 -100.53 0.83
N TRP B 2652 81.31 -100.66 1.22
CA TRP B 2652 80.44 -101.64 0.56
C TRP B 2652 80.21 -101.28 -0.89
N LYS B 2653 79.99 -100.00 -1.17
CA LYS B 2653 79.83 -99.52 -2.54
C LYS B 2653 81.17 -99.32 -3.27
N TYR B 2654 82.30 -99.32 -2.54
CA TYR B 2654 83.59 -99.08 -3.17
C TYR B 2654 83.96 -100.20 -4.14
N TYR B 2655 83.68 -101.45 -3.76
CA TYR B 2655 83.98 -102.63 -4.58
C TYR B 2655 82.80 -103.09 -5.43
N CYS B 2656 81.57 -102.66 -5.11
CA CYS B 2656 80.42 -103.07 -5.91
C CYS B 2656 80.48 -102.47 -7.30
N LEU B 2657 80.79 -101.17 -7.40
CA LEU B 2657 80.77 -100.50 -8.69
C LEU B 2657 81.84 -101.02 -9.65
N PRO B 2658 83.12 -101.17 -9.25
CA PRO B 2658 84.09 -101.80 -10.17
C PRO B 2658 83.74 -103.24 -10.56
N THR B 2659 83.15 -104.03 -9.67
CA THR B 2659 82.74 -105.38 -10.05
C THR B 2659 81.66 -105.33 -11.12
N GLY B 2660 80.66 -104.46 -10.94
CA GLY B 2660 79.64 -104.29 -11.96
C GLY B 2660 80.19 -103.74 -13.25
N TRP B 2661 81.15 -102.82 -13.17
CA TRP B 2661 81.77 -102.26 -14.37
C TRP B 2661 82.55 -103.32 -15.13
N ALA B 2662 83.26 -104.18 -14.40
CA ALA B 2662 84.01 -105.28 -14.99
C ALA B 2662 83.08 -106.22 -15.73
N ASN B 2663 82.02 -106.67 -15.05
CA ASN B 2663 81.08 -107.61 -15.64
C ASN B 2663 80.35 -106.99 -16.83
N PHE B 2664 79.95 -105.72 -16.72
CA PHE B 2664 79.18 -105.09 -17.79
C PHE B 2664 80.05 -104.85 -19.03
N GLY B 2665 81.28 -104.36 -18.84
CA GLY B 2665 82.15 -104.11 -19.98
C GLY B 2665 82.54 -105.39 -20.69
N VAL B 2666 82.95 -106.41 -19.93
CA VAL B 2666 83.33 -107.66 -20.58
C VAL B 2666 82.10 -108.36 -21.16
N THR B 2667 80.91 -108.18 -20.56
CA THR B 2667 79.71 -108.81 -21.07
C THR B 2667 79.30 -108.20 -22.41
N SER B 2668 79.36 -106.87 -22.51
CA SER B 2668 79.13 -106.22 -23.80
C SER B 2668 80.19 -106.63 -24.82
N GLU B 2669 81.44 -106.81 -24.37
CA GLU B 2669 82.52 -107.10 -25.30
C GLU B 2669 82.47 -108.55 -25.83
N GLU B 2670 82.00 -109.50 -25.01
CA GLU B 2670 82.10 -110.92 -25.34
C GLU B 2670 80.84 -111.52 -25.97
N GLU B 2671 79.71 -110.79 -25.99
CA GLU B 2671 78.48 -111.32 -26.53
C GLU B 2671 77.59 -110.14 -26.91
N LEU B 2672 76.29 -110.41 -27.09
CA LEU B 2672 75.24 -109.42 -27.36
C LEU B 2672 75.33 -108.96 -28.81
N HIS B 2673 74.46 -108.01 -29.18
CA HIS B 2673 74.28 -107.66 -30.58
C HIS B 2673 75.50 -106.96 -31.15
N LEU B 2674 75.74 -107.21 -32.44
CA LEU B 2674 76.91 -106.66 -33.14
C LEU B 2674 76.90 -105.15 -33.17
N THR B 2675 75.75 -104.54 -33.44
CA THR B 2675 75.69 -103.10 -33.65
C THR B 2675 75.92 -102.35 -32.35
N ARG B 2676 76.95 -101.50 -32.33
CA ARG B 2676 77.26 -100.70 -31.16
C ARG B 2676 76.30 -99.54 -30.95
N LYS B 2677 75.63 -99.07 -32.00
CA LYS B 2677 74.73 -97.93 -31.87
C LYS B 2677 73.53 -98.24 -31.00
N LEU B 2678 73.09 -99.50 -30.95
CA LEU B 2678 71.94 -99.87 -30.16
C LEU B 2678 72.20 -99.88 -28.66
N PHE B 2679 73.48 -99.79 -28.23
CA PHE B 2679 73.82 -99.56 -26.84
C PHE B 2679 74.94 -98.54 -26.67
N TRP B 2680 75.27 -97.75 -27.69
CA TRP B 2680 76.30 -96.73 -27.54
C TRP B 2680 75.84 -95.64 -26.57
N GLY B 2681 74.56 -95.27 -26.63
CA GLY B 2681 74.04 -94.32 -25.66
C GLY B 2681 74.03 -94.88 -24.25
N ILE B 2682 73.66 -96.15 -24.11
CA ILE B 2682 73.76 -96.81 -22.82
C ILE B 2682 75.22 -96.96 -22.41
N PHE B 2683 76.11 -97.17 -23.38
CA PHE B 2683 77.53 -97.36 -23.07
C PHE B 2683 78.15 -96.08 -22.55
N ASP B 2684 78.84 -96.19 -21.41
CA ASP B 2684 79.60 -95.09 -20.85
C ASP B 2684 80.71 -95.67 -19.98
N SER B 2685 81.73 -94.85 -19.72
CA SER B 2685 82.80 -95.26 -18.82
C SER B 2685 82.26 -95.48 -17.41
N LEU B 2686 81.80 -94.40 -16.78
CA LEU B 2686 81.08 -94.46 -15.50
C LEU B 2686 81.92 -95.08 -14.39
N ALA B 2687 83.22 -94.80 -14.39
CA ALA B 2687 84.09 -95.35 -13.37
C ALA B 2687 85.43 -94.63 -13.41
N HIS B 2688 86.11 -94.65 -12.25
CA HIS B 2688 87.48 -94.19 -12.15
C HIS B 2688 88.19 -95.02 -11.09
N LYS B 2689 89.51 -95.11 -11.22
CA LYS B 2689 90.32 -95.92 -10.33
C LYS B 2689 90.66 -95.17 -9.06
N LYS B 2690 90.65 -95.89 -7.94
CA LYS B 2690 91.03 -95.35 -6.64
C LYS B 2690 92.56 -95.45 -6.50
N TYR B 2691 93.06 -95.20 -5.29
CA TYR B 2691 94.50 -95.06 -5.10
C TYR B 2691 95.18 -96.41 -5.08
N ASP B 2692 94.88 -97.24 -4.07
CA ASP B 2692 95.46 -98.56 -3.87
C ASP B 2692 94.41 -99.64 -3.63
N GLN B 2693 93.35 -99.33 -2.89
CA GLN B 2693 92.34 -100.34 -2.57
C GLN B 2693 91.16 -99.68 -1.89
N GLU B 2694 90.00 -100.32 -2.07
CA GLU B 2694 88.73 -99.86 -1.51
C GLU B 2694 87.87 -101.02 -0.98
N LEU B 2695 88.44 -102.20 -0.75
CA LEU B 2695 87.69 -103.32 -0.18
C LEU B 2695 87.53 -103.12 1.32
N ASN B 2734 66.38 -121.16 -13.72
CA ASN B 2734 67.81 -121.10 -13.97
C ASN B 2734 68.58 -121.79 -12.86
N PHE B 2735 68.15 -121.57 -11.62
CA PHE B 2735 68.81 -122.15 -10.45
C PHE B 2735 68.35 -123.60 -10.27
N ASP B 2736 69.21 -124.39 -9.63
CA ASP B 2736 68.96 -125.82 -9.46
C ASP B 2736 69.78 -126.38 -8.30
N PRO B 2737 69.37 -126.18 -7.05
CA PRO B 2737 70.08 -126.86 -5.95
C PRO B 2737 69.88 -128.36 -6.00
N ARG B 2738 70.90 -129.09 -5.52
CA ARG B 2738 70.88 -130.54 -5.58
C ARG B 2738 69.87 -131.08 -4.56
N PRO B 2739 68.81 -131.86 -4.96
CA PRO B 2739 67.97 -132.50 -3.94
C PRO B 2739 68.63 -133.76 -3.41
N VAL B 2740 69.00 -133.74 -2.13
CA VAL B 2740 69.60 -134.87 -1.42
C VAL B 2740 68.54 -135.45 -0.51
N GLU B 2741 68.38 -136.77 -0.56
CA GLU B 2741 67.38 -137.44 0.27
C GLU B 2741 67.76 -137.36 1.74
N THR B 2742 66.76 -137.08 2.58
CA THR B 2742 66.90 -136.96 4.03
C THR B 2742 66.04 -137.93 4.81
N LEU B 2743 64.92 -138.40 4.26
CA LEU B 2743 64.09 -139.37 4.95
C LEU B 2743 64.69 -140.77 4.90
N ASN B 2744 65.34 -141.13 3.81
CA ASN B 2744 65.82 -142.50 3.63
C ASN B 2744 67.07 -142.80 4.44
N VAL B 2745 67.91 -141.80 4.70
CA VAL B 2745 69.16 -142.03 5.40
C VAL B 2745 68.87 -142.37 6.86
N ILE B 2746 69.53 -143.41 7.37
CA ILE B 2746 69.42 -143.86 8.76
C ILE B 2746 70.66 -143.38 9.49
N ILE B 2747 70.46 -142.73 10.63
CA ILE B 2747 71.57 -142.15 11.38
C ILE B 2747 72.40 -143.28 11.99
N PRO B 2748 73.72 -143.17 12.14
CA PRO B 2748 74.45 -144.21 12.88
C PRO B 2748 74.17 -144.11 14.37
N GLU B 2749 74.47 -145.22 15.07
CA GLU B 2749 74.33 -145.24 16.52
C GLU B 2749 75.31 -144.29 17.19
N LYS B 2750 76.54 -144.21 16.67
CA LYS B 2750 77.56 -143.35 17.26
C LYS B 2750 77.19 -141.88 17.17
N LEU B 2751 76.66 -141.45 16.01
CA LEU B 2751 76.25 -140.06 15.84
C LEU B 2751 74.99 -139.70 16.64
N ASP B 2752 74.19 -140.70 17.04
CA ASP B 2752 72.96 -140.43 17.78
C ASP B 2752 73.21 -139.97 19.22
N SER B 2753 74.39 -140.25 19.79
CA SER B 2753 74.67 -139.84 21.16
C SER B 2753 74.70 -138.32 21.28
N PHE B 2754 75.23 -137.63 20.26
CA PHE B 2754 75.35 -136.17 20.32
C PHE B 2754 73.97 -135.52 20.30
N ILE B 2755 73.11 -135.95 19.38
CA ILE B 2755 71.78 -135.35 19.28
C ILE B 2755 70.94 -135.70 20.51
N ASN B 2756 71.12 -136.89 21.09
CA ASN B 2756 70.37 -137.22 22.30
C ASN B 2756 70.82 -136.37 23.48
N LYS B 2757 72.13 -136.10 23.62
CA LYS B 2757 72.62 -135.32 24.77
C LYS B 2757 72.32 -133.83 24.66
N PHE B 2758 72.22 -133.30 23.43
CA PHE B 2758 71.95 -131.88 23.23
C PHE B 2758 70.61 -131.45 23.85
N ALA B 2759 69.59 -132.32 23.75
CA ALA B 2759 68.28 -132.02 24.30
C ALA B 2759 68.31 -131.83 25.80
N GLU B 2760 69.07 -132.66 26.51
CA GLU B 2760 69.21 -132.48 27.94
C GLU B 2760 70.02 -131.23 28.26
N TYR B 2761 70.99 -130.86 27.40
CA TYR B 2761 71.67 -129.58 27.63
C TYR B 2761 70.76 -128.38 27.47
N THR B 2762 69.67 -128.49 26.69
CA THR B 2762 68.81 -127.32 26.49
C THR B 2762 68.12 -126.82 27.77
N HIS B 2763 67.83 -127.71 28.74
CA HIS B 2763 67.04 -127.33 29.91
C HIS B 2763 67.87 -126.80 31.08
N GLU B 2764 68.76 -127.66 31.61
CA GLU B 2764 69.42 -127.38 32.88
C GLU B 2764 70.37 -126.18 32.78
N LYS B 2765 71.14 -126.09 31.70
CA LYS B 2765 72.06 -124.98 31.55
C LYS B 2765 71.32 -123.67 31.34
N TRP B 2766 70.18 -123.72 30.65
CA TRP B 2766 69.38 -122.52 30.39
C TRP B 2766 68.72 -122.01 31.68
N ALA B 2767 68.39 -122.93 32.61
CA ALA B 2767 67.75 -122.52 33.87
C ALA B 2767 68.68 -121.64 34.72
N PHE B 2768 69.99 -121.90 34.69
CA PHE B 2768 70.91 -121.08 35.47
C PHE B 2768 70.95 -119.64 34.96
N ASP B 2769 70.89 -119.45 33.63
CA ASP B 2769 70.78 -118.11 33.07
C ASP B 2769 69.47 -117.46 33.46
N LYS B 2770 68.38 -118.22 33.47
CA LYS B 2770 67.10 -117.66 33.87
C LYS B 2770 67.07 -117.27 35.34
N ILE B 2771 67.90 -117.88 36.19
CA ILE B 2771 68.02 -117.40 37.56
C ILE B 2771 68.59 -115.98 37.58
N GLN B 2772 69.57 -115.70 36.73
CA GLN B 2772 70.09 -114.34 36.63
C GLN B 2772 69.02 -113.38 36.12
N ASN B 2773 68.27 -113.80 35.09
CA ASN B 2773 67.19 -112.97 34.59
C ASN B 2773 65.93 -113.03 35.45
N ASN B 2774 65.78 -114.04 36.31
CA ASN B 2774 64.62 -114.22 37.19
C ASN B 2774 63.32 -114.31 36.38
N TRP B 2775 63.31 -115.27 35.46
CA TRP B 2775 62.13 -115.60 34.66
C TRP B 2775 61.45 -116.81 35.30
N SER B 2776 60.74 -116.54 36.39
CA SER B 2776 60.17 -117.59 37.23
C SER B 2776 58.83 -118.06 36.66
N TYR B 2777 58.22 -119.04 37.34
CA TYR B 2777 56.94 -119.57 36.92
C TYR B 2777 55.83 -118.53 37.10
N GLY B 2778 54.71 -118.77 36.44
CA GLY B 2778 53.58 -117.88 36.52
C GLY B 2778 52.31 -118.57 36.05
N GLU B 2779 51.19 -117.90 36.29
CA GLU B 2779 49.89 -118.45 35.91
C GLU B 2779 49.76 -118.57 34.40
N ASN B 2780 50.21 -117.54 33.66
CA ASN B 2780 50.11 -117.53 32.21
C ASN B 2780 51.19 -116.62 31.66
N VAL B 2781 51.41 -116.74 30.35
CA VAL B 2781 52.42 -115.92 29.68
C VAL B 2781 51.95 -114.47 29.67
N ASP B 2782 52.82 -113.57 30.11
CA ASP B 2782 52.50 -112.14 30.13
C ASP B 2782 53.80 -111.35 30.17
N GLU B 2783 53.77 -110.17 29.54
CA GLU B 2783 54.97 -109.36 29.40
C GLU B 2783 55.26 -108.50 30.62
N GLU B 2784 54.23 -108.17 31.42
CA GLU B 2784 54.45 -107.26 32.55
C GLU B 2784 55.33 -107.91 33.63
N LEU B 2785 55.09 -109.20 33.93
CA LEU B 2785 55.94 -109.98 34.82
C LEU B 2785 56.97 -110.84 34.09
N LYS B 2786 56.93 -110.89 32.75
CA LYS B 2786 57.83 -111.73 31.94
C LYS B 2786 57.72 -113.20 32.35
N THR B 2787 56.47 -113.66 32.49
CA THR B 2787 56.22 -115.05 32.87
C THR B 2787 56.64 -115.99 31.74
N HIS B 2788 57.15 -117.16 32.13
CA HIS B 2788 57.73 -118.12 31.19
C HIS B 2788 57.63 -119.53 31.79
N PRO B 2789 56.41 -120.04 31.96
CA PRO B 2789 56.21 -121.24 32.77
C PRO B 2789 56.40 -122.59 32.07
N MET B 2790 56.69 -122.63 30.76
CA MET B 2790 56.71 -123.88 30.01
C MET B 2790 58.04 -124.62 30.09
N LEU B 2791 58.89 -124.33 31.09
CA LEU B 2791 60.12 -125.08 31.28
C LEU B 2791 59.78 -126.51 31.69
N ARG B 2792 59.98 -127.45 30.79
CA ARG B 2792 59.70 -128.86 31.07
C ARG B 2792 60.41 -129.70 30.02
N PRO B 2793 60.53 -131.01 30.23
CA PRO B 2793 61.15 -131.86 29.21
C PRO B 2793 60.30 -131.93 27.94
N TYR B 2794 60.99 -132.22 26.83
CA TYR B 2794 60.35 -132.34 25.53
C TYR B 2794 59.45 -133.58 25.41
N LYS B 2795 59.55 -134.55 26.33
CA LYS B 2795 58.81 -135.79 26.19
C LYS B 2795 57.30 -135.58 26.32
N THR B 2796 56.87 -134.52 27.01
CA THR B 2796 55.43 -134.27 27.15
C THR B 2796 54.79 -133.90 25.82
N PHE B 2797 55.54 -133.30 24.90
CA PHE B 2797 54.99 -132.88 23.61
C PHE B 2797 54.87 -134.10 22.68
N SER B 2798 54.14 -133.89 21.58
CA SER B 2798 53.94 -134.95 20.60
C SER B 2798 55.20 -135.15 19.77
N GLU B 2799 55.28 -136.31 19.12
CA GLU B 2799 56.44 -136.63 18.30
C GLU B 2799 56.53 -135.71 17.08
N LYS B 2800 55.37 -135.39 16.47
CA LYS B 2800 55.37 -134.52 15.31
C LYS B 2800 55.84 -133.10 15.66
N ASP B 2801 55.52 -132.64 16.87
CA ASP B 2801 56.03 -131.34 17.31
C ASP B 2801 57.55 -131.35 17.48
N LYS B 2802 58.12 -132.51 17.81
CA LYS B 2802 59.57 -132.61 17.98
C LYS B 2802 60.33 -132.53 16.65
N GLU B 2803 59.65 -132.70 15.50
CA GLU B 2803 60.33 -132.68 14.21
C GLU B 2803 60.94 -131.31 13.92
N ILE B 2804 60.22 -130.23 14.24
CA ILE B 2804 60.77 -128.90 14.02
C ILE B 2804 61.97 -128.64 14.92
N TYR B 2805 61.98 -129.20 16.13
CA TYR B 2805 63.11 -129.13 17.05
C TYR B 2805 64.11 -130.27 16.87
N ARG B 2806 63.91 -131.16 15.89
CA ARG B 2806 64.81 -132.30 15.74
C ARG B 2806 66.18 -131.87 15.24
N TRP B 2807 66.24 -131.06 14.17
CA TRP B 2807 67.48 -130.60 13.55
C TRP B 2807 67.41 -129.09 13.33
N PRO B 2808 67.45 -128.30 14.42
CA PRO B 2808 67.52 -126.84 14.25
C PRO B 2808 68.91 -126.37 13.89
N ILE B 2809 69.92 -127.00 14.50
CA ILE B 2809 71.34 -126.72 14.29
C ILE B 2809 72.00 -127.93 13.64
N LYS B 2810 71.50 -129.14 13.94
CA LYS B 2810 72.07 -130.35 13.36
C LYS B 2810 71.85 -130.43 11.84
N GLU B 2811 70.87 -129.72 11.29
CA GLU B 2811 70.73 -129.67 9.85
C GLU B 2811 71.93 -128.96 9.21
N SER B 2812 72.39 -127.88 9.84
CA SER B 2812 73.56 -127.17 9.32
C SER B 2812 74.81 -128.03 9.42
N LEU B 2813 74.97 -128.79 10.52
CA LEU B 2813 76.11 -129.68 10.65
C LEU B 2813 76.00 -130.86 9.67
N LYS B 2814 74.77 -131.32 9.42
CA LYS B 2814 74.56 -132.35 8.41
C LYS B 2814 74.96 -131.82 7.04
N ALA B 2815 74.65 -130.55 6.75
CA ALA B 2815 75.12 -129.92 5.52
C ALA B 2815 76.62 -129.76 5.52
N MET B 2816 77.24 -129.56 6.70
CA MET B 2816 78.70 -129.51 6.76
C MET B 2816 79.34 -130.83 6.36
N ILE B 2817 78.65 -131.96 6.58
CA ILE B 2817 79.16 -133.28 6.18
C ILE B 2817 78.55 -133.76 4.87
N ALA B 2818 77.26 -133.48 4.63
CA ALA B 2818 76.54 -134.01 3.47
C ALA B 2818 76.65 -133.09 2.26
N TRP B 2819 76.16 -131.85 2.40
CA TRP B 2819 76.24 -130.89 1.30
C TRP B 2819 77.69 -130.51 1.00
N GLU B 2820 78.47 -130.22 2.05
CA GLU B 2820 79.91 -130.04 1.94
C GLU B 2820 80.59 -131.37 2.24
N TRP B 2821 81.33 -131.89 1.25
CA TRP B 2821 81.93 -133.21 1.35
C TRP B 2821 83.24 -133.09 2.15
N THR B 2822 83.07 -132.96 3.46
CA THR B 2822 84.19 -132.86 4.39
C THR B 2822 83.80 -133.46 5.73
N ILE B 2823 84.72 -134.24 6.31
CA ILE B 2823 84.61 -134.73 7.68
C ILE B 2823 85.97 -134.56 8.35
N GLU B 2824 85.97 -133.99 9.55
CA GLU B 2824 87.21 -133.79 10.30
C GLU B 2824 87.64 -135.09 10.96
N LYS B 2825 88.91 -135.46 10.78
CA LYS B 2825 89.49 -136.64 11.41
C LYS B 2825 90.08 -136.25 12.77
N ALA B 2826 89.16 -135.96 13.70
CA ALA B 2826 89.59 -135.59 15.04
C ALA B 2826 90.17 -136.79 15.77
N ARG B 2827 89.37 -137.85 15.94
CA ARG B 2827 89.80 -139.06 16.60
C ARG B 2827 89.01 -140.24 16.04
N GLU B 2828 89.57 -141.44 16.19
CA GLU B 2828 88.91 -142.65 15.75
C GLU B 2828 87.86 -143.09 16.76
N GLY B 2829 87.11 -144.13 16.40
CA GLY B 2829 86.09 -144.66 17.29
C GLY B 2829 86.72 -145.29 18.52
N GLU B 2830 86.21 -144.92 19.69
CA GLU B 2830 86.72 -145.46 20.95
C GLU B 2830 86.27 -146.91 21.13
N TYR B 2855 93.19 -127.09 34.77
CA TYR B 2855 91.82 -126.98 35.26
C TYR B 2855 91.28 -125.56 35.05
N ASN B 2856 92.13 -124.58 35.35
CA ASN B 2856 91.82 -123.15 35.24
C ASN B 2856 92.92 -122.45 34.48
N PRO B 2857 93.05 -122.70 33.17
CA PRO B 2857 94.12 -122.06 32.40
C PRO B 2857 93.91 -120.56 32.28
N GLN B 2858 95.03 -119.84 32.22
CA GLN B 2858 94.99 -118.40 32.10
C GLN B 2858 94.58 -118.01 30.67
N PRO B 2859 94.04 -116.80 30.46
CA PRO B 2859 93.61 -116.43 29.11
C PRO B 2859 94.79 -115.94 28.29
N PRO B 2860 95.18 -116.63 27.21
CA PRO B 2860 96.29 -116.10 26.40
C PRO B 2860 95.92 -114.82 25.69
N ASP B 2861 96.92 -113.97 25.46
CA ASP B 2861 96.71 -112.66 24.86
C ASP B 2861 96.55 -112.82 23.35
N LEU B 2862 95.32 -112.68 22.87
CA LEU B 2862 94.97 -112.73 21.46
C LEU B 2862 94.61 -111.38 20.88
N SER B 2863 94.14 -110.43 21.70
CA SER B 2863 93.74 -109.12 21.22
C SER B 2863 94.92 -108.17 20.97
N GLY B 2864 96.14 -108.54 21.35
CA GLY B 2864 97.28 -107.67 21.10
C GLY B 2864 97.58 -107.51 19.62
N VAL B 2865 97.43 -108.59 18.85
CA VAL B 2865 97.72 -108.56 17.42
C VAL B 2865 96.54 -107.96 16.68
N THR B 2866 96.85 -107.23 15.61
CA THR B 2866 95.82 -106.61 14.78
C THR B 2866 95.01 -107.68 14.06
N LEU B 2867 93.72 -107.38 13.88
CA LEU B 2867 92.81 -108.30 13.21
C LEU B 2867 93.21 -108.51 11.75
N SER B 2868 93.25 -109.77 11.33
CA SER B 2868 93.68 -110.15 9.99
C SER B 2868 92.47 -110.30 9.05
N ARG B 2869 92.75 -110.16 7.75
CA ARG B 2869 91.71 -110.26 6.74
C ARG B 2869 91.32 -111.73 6.47
N GLU B 2870 92.27 -112.66 6.65
CA GLU B 2870 91.98 -114.08 6.47
C GLU B 2870 90.96 -114.58 7.49
N LEU B 2871 90.98 -114.03 8.70
CA LEU B 2871 89.96 -114.37 9.68
C LEU B 2871 88.60 -113.85 9.22
N GLN B 2872 88.57 -112.73 8.51
CA GLN B 2872 87.34 -112.28 7.87
C GLN B 2872 86.90 -113.29 6.82
N ALA B 2873 87.84 -113.90 6.10
CA ALA B 2873 87.45 -114.94 5.14
C ALA B 2873 86.82 -116.14 5.84
N MET B 2874 87.38 -116.54 6.99
CA MET B 2874 86.80 -117.66 7.75
C MET B 2874 85.38 -117.34 8.21
N ALA B 2875 85.21 -116.17 8.84
CA ALA B 2875 83.89 -115.77 9.33
C ALA B 2875 82.89 -115.60 8.20
N GLU B 2876 83.31 -114.97 7.10
CA GLU B 2876 82.40 -114.71 6.00
C GLU B 2876 82.02 -115.98 5.26
N GLN B 2877 82.98 -116.90 5.06
CA GLN B 2877 82.67 -118.14 4.35
C GLN B 2877 81.75 -119.02 5.16
N LEU B 2878 82.04 -119.18 6.46
CA LEU B 2878 81.16 -120.01 7.29
C LEU B 2878 79.80 -119.37 7.47
N ALA B 2879 79.74 -118.05 7.69
CA ALA B 2879 78.46 -117.38 7.78
C ALA B 2879 77.73 -117.40 6.45
N GLU B 2880 78.45 -117.40 5.33
CA GLU B 2880 77.80 -117.59 4.03
C GLU B 2880 77.18 -118.96 3.93
N ASN B 2881 77.86 -120.00 4.44
CA ASN B 2881 77.26 -121.34 4.39
C ASN B 2881 76.04 -121.43 5.30
N TYR B 2882 76.13 -120.88 6.51
CA TYR B 2882 75.00 -120.87 7.43
C TYR B 2882 73.84 -120.06 6.87
N HIS B 2883 74.13 -118.90 6.28
CA HIS B 2883 73.08 -118.06 5.70
C HIS B 2883 72.57 -118.65 4.40
N ASN B 2884 73.38 -119.40 3.65
CA ASN B 2884 72.90 -120.05 2.44
C ASN B 2884 71.89 -121.13 2.78
N THR B 2885 72.22 -121.97 3.76
CA THR B 2885 71.29 -123.02 4.19
C THR B 2885 70.03 -122.43 4.81
N TRP B 2886 70.19 -121.47 5.73
CA TRP B 2886 69.03 -120.84 6.37
C TRP B 2886 68.21 -120.00 5.39
N GLY B 2887 68.88 -119.31 4.47
CA GLY B 2887 68.17 -118.50 3.50
C GLY B 2887 67.35 -119.33 2.53
N ARG B 2888 67.92 -120.44 2.05
CA ARG B 2888 67.13 -121.34 1.22
C ARG B 2888 66.02 -122.01 2.02
N LYS B 2889 66.23 -122.25 3.32
CA LYS B 2889 65.19 -122.82 4.16
C LYS B 2889 64.00 -121.87 4.26
N LYS B 2890 64.26 -120.60 4.54
CA LYS B 2890 63.17 -119.62 4.50
C LYS B 2890 62.65 -119.39 3.08
N LYS B 2891 63.46 -119.65 2.06
CA LYS B 2891 62.97 -119.58 0.68
C LYS B 2891 61.90 -120.63 0.43
N GLN B 2892 62.15 -121.87 0.89
CA GLN B 2892 61.11 -122.89 0.78
C GLN B 2892 59.91 -122.56 1.66
N GLU B 2893 60.12 -121.89 2.79
CA GLU B 2893 58.98 -121.44 3.59
C GLU B 2893 58.12 -120.43 2.82
N LEU B 2894 58.77 -119.48 2.14
CA LEU B 2894 58.06 -118.49 1.33
C LEU B 2894 57.32 -119.15 0.17
N GLU B 2895 57.95 -120.12 -0.49
CA GLU B 2895 57.28 -120.81 -1.58
C GLU B 2895 56.13 -121.67 -1.07
N ALA B 2896 56.28 -122.26 0.11
CA ALA B 2896 55.24 -123.12 0.67
C ALA B 2896 54.01 -122.33 1.05
N LYS B 2897 54.20 -121.18 1.72
CA LYS B 2897 53.05 -120.38 2.14
C LYS B 2897 52.37 -119.65 1.00
N GLY B 2898 52.96 -119.61 -0.20
CA GLY B 2898 52.30 -119.04 -1.36
C GLY B 2898 52.49 -117.54 -1.50
N GLY B 2899 53.74 -117.10 -1.59
CA GLY B 2899 54.04 -115.70 -1.80
C GLY B 2899 53.64 -114.80 -0.64
N GLY B 2900 52.80 -113.80 -0.90
CA GLY B 2900 52.41 -112.85 0.12
C GLY B 2900 53.49 -111.82 0.38
N THR B 2901 53.36 -111.16 1.53
CA THR B 2901 54.33 -110.13 1.91
C THR B 2901 55.69 -110.79 2.20
N HIS B 2902 56.76 -110.12 1.76
CA HIS B 2902 58.12 -110.66 1.76
C HIS B 2902 59.08 -109.61 2.31
N PRO B 2903 59.02 -109.33 3.62
CA PRO B 2903 59.91 -108.29 4.18
C PRO B 2903 61.32 -108.80 4.51
N LEU B 2904 61.44 -110.08 4.85
CA LEU B 2904 62.71 -110.63 5.33
C LEU B 2904 63.77 -110.79 4.24
N LEU B 2905 63.43 -110.58 2.97
CA LEU B 2905 64.41 -110.72 1.91
C LEU B 2905 65.41 -109.57 1.96
N VAL B 2906 66.68 -109.88 2.22
CA VAL B 2906 67.78 -108.93 2.27
C VAL B 2906 68.95 -109.54 1.50
N PRO B 2907 69.91 -108.75 0.94
CA PRO B 2907 71.14 -109.36 0.42
C PRO B 2907 72.05 -109.91 1.51
N TYR B 2908 73.22 -110.39 1.11
CA TYR B 2908 74.11 -111.14 2.01
C TYR B 2908 75.15 -110.24 2.68
N ASP B 2909 75.92 -109.49 1.90
CA ASP B 2909 76.98 -108.68 2.46
C ASP B 2909 76.46 -107.40 3.12
N THR B 2910 75.36 -106.85 2.61
CA THR B 2910 74.79 -105.59 3.08
C THR B 2910 73.68 -105.79 4.10
N LEU B 2911 73.80 -106.81 4.95
CA LEU B 2911 72.81 -107.07 5.97
C LEU B 2911 72.80 -105.95 7.01
N THR B 2912 71.80 -105.98 7.89
CA THR B 2912 71.59 -104.93 8.86
C THR B 2912 72.72 -104.91 9.89
N ALA B 2913 72.70 -103.88 10.74
CA ALA B 2913 73.73 -103.72 11.76
C ALA B 2913 73.72 -104.86 12.76
N LYS B 2914 72.53 -105.38 13.08
CA LYS B 2914 72.43 -106.50 14.02
C LYS B 2914 73.11 -107.74 13.48
N GLU B 2915 72.96 -108.02 12.17
CA GLU B 2915 73.64 -109.18 11.60
C GLU B 2915 75.14 -108.98 11.56
N LYS B 2916 75.59 -107.76 11.25
CA LYS B 2916 77.03 -107.48 11.22
C LYS B 2916 77.65 -107.61 12.60
N ALA B 2917 76.89 -107.29 13.67
CA ALA B 2917 77.41 -107.36 15.04
C ALA B 2917 77.22 -108.72 15.69
N ARG B 2918 76.15 -109.45 15.35
CA ARG B 2918 75.81 -110.67 16.08
C ARG B 2918 76.79 -111.80 15.78
N ASP B 2919 77.21 -111.94 14.53
CA ASP B 2919 78.15 -113.00 14.18
C ASP B 2919 79.50 -112.81 14.87
N ARG B 2920 79.91 -111.56 15.08
CA ARG B 2920 81.14 -111.28 15.82
C ARG B 2920 80.92 -111.43 17.33
N GLU B 2921 79.75 -111.03 17.84
CA GLU B 2921 79.51 -110.97 19.28
C GLU B 2921 79.10 -112.31 19.90
N LYS B 2922 78.59 -113.26 19.10
CA LYS B 2922 78.15 -114.52 19.66
C LYS B 2922 79.29 -115.50 19.92
N ALA B 2923 80.53 -115.17 19.54
CA ALA B 2923 81.65 -116.03 19.89
C ALA B 2923 81.93 -116.02 21.40
N GLN B 2924 81.76 -114.87 22.05
CA GLN B 2924 82.12 -114.76 23.46
C GLN B 2924 81.16 -115.55 24.36
N GLU B 2925 79.87 -115.57 24.02
CA GLU B 2925 78.88 -116.19 24.90
C GLU B 2925 79.03 -117.70 24.92
N LEU B 2926 79.13 -118.33 23.74
CA LEU B 2926 79.12 -119.79 23.64
C LEU B 2926 80.49 -120.43 23.86
N LEU B 2927 81.57 -119.65 23.90
CA LEU B 2927 82.90 -120.23 24.02
C LEU B 2927 83.10 -120.89 25.39
N LYS B 2928 82.57 -120.28 26.45
CA LYS B 2928 82.71 -120.86 27.78
C LYS B 2928 81.97 -122.19 27.88
N PHE B 2929 80.80 -122.30 27.26
CA PHE B 2929 80.08 -123.56 27.21
C PHE B 2929 80.77 -124.55 26.27
N LEU B 2930 81.26 -124.05 25.13
CA LEU B 2930 81.91 -124.86 24.11
C LEU B 2930 83.43 -124.74 24.16
N GLN B 2931 84.01 -124.50 25.34
CA GLN B 2931 85.46 -124.47 25.45
C GLN B 2931 86.07 -125.84 25.21
N MET B 2932 85.34 -126.91 25.51
CA MET B 2932 85.79 -128.26 25.18
C MET B 2932 85.84 -128.43 23.66
N ASN B 2933 86.75 -129.29 23.22
CA ASN B 2933 86.96 -129.60 21.80
C ASN B 2933 87.47 -128.37 21.03
N GLY B 2934 86.59 -127.39 20.80
CA GLY B 2934 86.98 -126.17 20.13
C GLY B 2934 86.92 -126.30 18.62
N TYR B 2935 86.30 -125.32 17.97
CA TYR B 2935 86.22 -125.34 16.51
C TYR B 2935 87.60 -125.08 15.91
N ALA B 2936 87.99 -125.93 14.95
CA ALA B 2936 89.32 -125.87 14.32
C ALA B 2936 89.15 -126.15 12.83
N VAL B 2937 88.95 -125.09 12.05
CA VAL B 2937 88.93 -125.15 10.59
C VAL B 2937 89.68 -123.93 10.07
N THR B 2938 90.45 -124.12 9.00
CA THR B 2938 91.27 -123.06 8.41
C THR B 2938 91.23 -123.21 6.89
N ARG B 2939 90.69 -122.20 6.22
CA ARG B 2939 90.63 -122.20 4.76
C ARG B 2939 90.50 -120.75 4.30
N GLY B 2940 91.56 -120.20 3.70
CA GLY B 2940 91.53 -118.84 3.17
C GLY B 2940 92.88 -118.18 2.97
N LEU B 2941 92.95 -117.24 2.03
CA LEU B 2941 94.14 -116.44 1.76
C LEU B 2941 93.77 -115.30 0.81
N LYS B 2942 94.28 -114.10 1.08
CA LYS B 2942 93.94 -112.94 0.25
C LYS B 2942 94.97 -111.82 0.43
N ASP B 2943 94.96 -110.89 -0.52
CA ASP B 2943 95.78 -109.68 -0.48
C ASP B 2943 95.12 -108.61 -1.36
N MET B 2944 95.78 -107.46 -1.51
CA MET B 2944 95.18 -106.30 -2.19
C MET B 2944 96.31 -105.47 -2.83
N GLU B 2945 96.65 -105.80 -4.08
CA GLU B 2945 97.77 -105.22 -4.83
C GLU B 2945 97.50 -105.39 -6.35
N LEU B 2946 98.53 -105.60 -7.19
CA LEU B 2946 98.54 -105.55 -8.64
C LEU B 2946 97.83 -106.81 -9.20
N ASP B 2947 98.06 -107.20 -10.47
CA ASP B 2947 97.49 -108.39 -11.10
C ASP B 2947 95.99 -108.14 -11.25
N THR B 2948 95.13 -109.17 -11.20
CA THR B 2948 93.70 -108.88 -11.08
C THR B 2948 93.47 -108.03 -9.84
N SER B 2949 93.86 -108.51 -8.68
CA SER B 2949 93.84 -107.68 -7.50
C SER B 2949 94.75 -108.13 -6.34
N SER B 2950 95.73 -108.97 -6.64
CA SER B 2950 96.30 -109.88 -5.64
C SER B 2950 95.18 -110.66 -4.93
N ILE B 2951 94.26 -111.21 -5.74
CA ILE B 2951 93.11 -112.00 -5.29
C ILE B 2951 92.18 -111.11 -4.45
N GLU B 2952 91.03 -110.75 -5.04
CA GLU B 2952 89.90 -110.15 -4.32
C GLU B 2952 90.17 -108.78 -3.67
N LYS B 2953 90.38 -107.75 -4.50
CA LYS B 2953 90.62 -106.36 -4.07
C LYS B 2953 90.65 -105.43 -5.30
N ARG B 2954 91.47 -104.36 -5.29
CA ARG B 2954 91.51 -103.36 -6.36
C ARG B 2954 91.82 -103.94 -7.73
N PHE B 2955 91.06 -103.48 -8.72
CA PHE B 2955 91.05 -103.95 -10.09
C PHE B 2955 92.18 -103.40 -10.97
N ALA B 2956 92.14 -102.09 -11.32
CA ALA B 2956 93.15 -101.31 -12.07
C ALA B 2956 94.03 -102.08 -13.07
N PHE B 2957 95.16 -102.66 -12.61
CA PHE B 2957 96.01 -103.56 -13.37
C PHE B 2957 95.24 -104.70 -14.04
N GLY B 2958 94.19 -105.19 -13.38
CA GLY B 2958 93.45 -106.33 -13.89
C GLY B 2958 92.85 -106.10 -15.26
N PHE B 2959 92.47 -104.86 -15.56
CA PHE B 2959 91.71 -104.58 -16.79
C PHE B 2959 92.60 -104.65 -18.04
N LEU B 2960 93.88 -104.37 -17.87
CA LEU B 2960 94.87 -104.35 -18.95
C LEU B 2960 95.05 -105.74 -19.58
N GLN B 2961 94.80 -106.80 -18.79
CA GLN B 2961 94.81 -108.16 -19.31
C GLN B 2961 93.77 -108.33 -20.42
N GLN B 2962 92.56 -107.81 -20.19
CA GLN B 2962 91.52 -107.92 -21.20
C GLN B 2962 91.85 -107.09 -22.44
N LEU B 2963 92.54 -105.95 -22.26
CA LEU B 2963 92.96 -105.16 -23.42
C LEU B 2963 93.92 -105.94 -24.30
N LEU B 2964 94.90 -106.61 -23.67
CA LEU B 2964 95.88 -107.37 -24.44
C LEU B 2964 95.22 -108.55 -25.16
N ARG B 2965 94.29 -109.21 -24.47
CA ARG B 2965 93.61 -110.37 -25.05
C ARG B 2965 92.70 -109.96 -26.22
N TRP B 2966 91.90 -108.90 -26.02
CA TRP B 2966 90.99 -108.46 -27.06
C TRP B 2966 91.75 -107.85 -28.25
N MET B 2967 92.94 -107.29 -28.01
CA MET B 2967 93.80 -106.86 -29.11
C MET B 2967 94.27 -108.05 -29.94
N ASP B 2968 94.62 -109.15 -29.26
CA ASP B 2968 95.01 -110.36 -29.97
C ASP B 2968 93.87 -110.92 -30.81
N ILE B 2969 92.62 -110.69 -30.41
CA ILE B 2969 91.52 -111.08 -31.28
C ILE B 2969 91.51 -110.26 -32.58
N SER B 2970 91.86 -108.97 -32.54
CA SER B 2970 91.87 -108.16 -33.77
C SER B 2970 93.06 -108.44 -34.68
N GLN B 2971 94.12 -109.07 -34.14
CA GLN B 2971 95.30 -109.34 -34.97
C GLN B 2971 94.98 -110.24 -36.18
N GLU B 2972 94.15 -111.27 -35.98
CA GLU B 2972 93.83 -112.13 -37.11
C GLU B 2972 92.97 -111.43 -38.14
N PHE B 2973 92.09 -110.51 -37.72
CA PHE B 2973 91.26 -109.79 -38.68
C PHE B 2973 92.12 -108.89 -39.56
N ILE B 2974 93.04 -108.13 -38.94
CA ILE B 2974 93.87 -107.24 -39.75
C ILE B 2974 94.80 -108.03 -40.65
N ALA B 2975 95.28 -109.19 -40.19
CA ALA B 2975 96.13 -110.01 -41.06
C ALA B 2975 95.33 -110.62 -42.21
N HIS B 2976 94.13 -111.13 -41.93
CA HIS B 2976 93.36 -111.83 -42.94
C HIS B 2976 92.83 -110.88 -44.00
N LEU B 2977 92.38 -109.69 -43.58
CA LEU B 2977 91.82 -108.76 -44.56
C LEU B 2977 92.90 -108.18 -45.46
N GLU B 2978 94.13 -108.06 -44.96
CA GLU B 2978 95.24 -107.56 -45.78
C GLU B 2978 95.57 -108.56 -46.88
N HIS B 2991 82.88 -112.58 -37.63
CA HIS B 2991 84.08 -111.82 -38.00
C HIS B 2991 83.86 -110.33 -37.73
N GLU B 2992 82.72 -109.81 -38.18
CA GLU B 2992 82.41 -108.40 -38.03
C GLU B 2992 82.12 -107.99 -36.59
N GLN B 2993 81.77 -108.94 -35.72
CA GLN B 2993 81.43 -108.63 -34.33
C GLN B 2993 82.62 -108.03 -33.59
N GLU B 2994 83.80 -108.62 -33.80
CA GLU B 2994 84.99 -108.20 -33.08
C GLU B 2994 85.42 -106.80 -33.47
N ILE B 2995 85.18 -106.43 -34.74
CA ILE B 2995 85.55 -105.10 -35.22
C ILE B 2995 84.78 -104.03 -34.47
N LYS B 2996 83.47 -104.18 -34.38
CA LYS B 2996 82.66 -103.14 -33.76
C LYS B 2996 82.88 -103.11 -32.26
N PHE B 2997 83.03 -104.27 -31.62
CA PHE B 2997 83.21 -104.25 -30.16
C PHE B 2997 84.58 -103.69 -29.78
N PHE B 2998 85.64 -104.13 -30.43
CA PHE B 2998 86.98 -103.67 -30.04
C PHE B 2998 87.31 -102.31 -30.65
N ALA B 2999 87.24 -102.19 -31.97
CA ALA B 2999 87.68 -101.01 -32.69
C ALA B 2999 86.58 -99.96 -32.88
N LYS B 3000 85.39 -100.15 -32.29
CA LYS B 3000 84.32 -99.16 -32.35
C LYS B 3000 83.54 -98.97 -31.05
N ILE B 3001 83.83 -99.73 -29.99
CA ILE B 3001 83.12 -99.64 -28.71
C ILE B 3001 84.05 -99.39 -27.54
N LEU B 3002 85.31 -99.86 -27.63
CA LEU B 3002 86.29 -99.73 -26.55
C LEU B 3002 87.20 -98.51 -26.70
N LEU B 3003 87.20 -97.83 -27.86
CA LEU B 3003 88.07 -96.68 -28.04
C LEU B 3003 87.77 -95.53 -27.08
N PRO B 3004 86.53 -95.05 -26.93
CA PRO B 3004 86.31 -93.98 -25.93
C PRO B 3004 86.56 -94.41 -24.49
N LEU B 3005 86.39 -95.68 -24.15
CA LEU B 3005 86.66 -96.16 -22.80
C LEU B 3005 88.14 -96.00 -22.43
N ILE B 3006 89.01 -96.57 -23.27
CA ILE B 3006 90.45 -96.49 -23.01
C ILE B 3006 90.94 -95.05 -23.14
N ASN B 3007 90.40 -94.31 -24.10
CA ASN B 3007 90.83 -92.94 -24.30
C ASN B 3007 90.43 -92.04 -23.15
N GLN B 3008 89.27 -92.30 -22.52
CA GLN B 3008 88.92 -91.61 -21.28
C GLN B 3008 89.84 -92.02 -20.15
N TYR B 3009 90.23 -93.30 -20.12
CA TYR B 3009 91.09 -93.80 -19.04
C TYR B 3009 92.44 -93.11 -19.02
N PHE B 3010 93.03 -92.87 -20.20
CA PHE B 3010 94.33 -92.20 -20.21
C PHE B 3010 94.22 -90.74 -19.81
N THR B 3011 93.10 -90.08 -20.11
CA THR B 3011 92.99 -88.66 -19.80
C THR B 3011 92.74 -88.42 -18.32
N ASN B 3012 91.74 -89.10 -17.75
CA ASN B 3012 91.41 -88.82 -16.35
C ASN B 3012 92.49 -89.32 -15.39
N HIS B 3013 93.27 -90.33 -15.78
CA HIS B 3013 94.31 -90.96 -14.97
C HIS B 3013 95.69 -90.78 -15.57
N CYS B 3014 96.00 -89.58 -16.04
CA CYS B 3014 97.32 -89.30 -16.61
C CYS B 3014 98.41 -89.38 -15.55
N LEU B 3015 98.14 -88.80 -14.37
CA LEU B 3015 99.11 -88.84 -13.27
C LEU B 3015 99.36 -90.25 -12.78
N TYR B 3016 98.35 -91.13 -12.90
CA TYR B 3016 98.52 -92.52 -12.46
C TYR B 3016 99.57 -93.24 -13.31
N PHE B 3017 99.58 -92.96 -14.61
CA PHE B 3017 100.50 -93.63 -15.52
C PHE B 3017 101.88 -93.00 -15.49
N LEU B 3018 101.97 -91.68 -15.65
CA LEU B 3018 103.28 -91.07 -15.80
C LEU B 3018 104.07 -91.05 -14.50
N SER B 3019 103.40 -90.96 -13.35
CA SER B 3019 104.09 -90.84 -12.07
C SER B 3019 104.67 -92.20 -11.65
N THR B 3020 105.24 -92.23 -10.45
CA THR B 3020 105.84 -93.40 -9.81
C THR B 3020 105.10 -93.67 -8.51
N PRO B 3021 105.34 -94.82 -7.83
CA PRO B 3021 104.70 -95.00 -6.52
C PRO B 3021 105.22 -94.03 -5.47
N ALA B 3022 106.54 -93.86 -5.42
CA ALA B 3022 107.13 -92.96 -4.42
C ALA B 3022 106.82 -91.51 -4.74
N LYS B 3023 107.03 -91.11 -5.99
CA LYS B 3023 106.84 -89.73 -6.45
C LYS B 3023 105.52 -89.63 -7.19
N VAL B 3024 104.62 -88.77 -6.70
CA VAL B 3024 103.32 -88.53 -7.31
C VAL B 3024 103.03 -87.04 -7.25
N LEU B 3025 102.43 -86.52 -8.31
CA LEU B 3025 102.12 -85.09 -8.43
C LEU B 3025 100.71 -84.82 -7.94
N HIS B 3030 101.66 -93.65 -8.05
CA HIS B 3030 100.93 -94.66 -7.27
C HIS B 3030 100.87 -95.99 -8.02
N ALA B 3031 101.84 -96.86 -7.72
CA ALA B 3031 101.90 -98.23 -8.25
C ALA B 3031 102.00 -98.23 -9.79
N SER B 3032 103.10 -97.63 -10.25
CA SER B 3032 103.42 -97.51 -11.68
C SER B 3032 104.78 -98.11 -12.01
N ASN B 3033 105.17 -99.17 -11.29
CA ASN B 3033 106.41 -99.87 -11.60
C ASN B 3033 106.23 -100.77 -12.80
N LYS B 3034 105.33 -101.76 -12.68
CA LYS B 3034 104.96 -102.64 -13.79
C LYS B 3034 103.84 -102.09 -14.64
N GLU B 3035 103.07 -101.11 -14.14
CA GLU B 3035 102.03 -100.47 -14.96
C GLU B 3035 102.61 -99.82 -16.21
N LYS B 3036 103.77 -99.17 -16.08
CA LYS B 3036 104.40 -98.50 -17.22
C LYS B 3036 104.87 -99.46 -18.31
N GLU B 3037 105.06 -100.75 -17.99
CA GLU B 3037 105.66 -101.66 -18.95
C GLU B 3037 104.66 -102.11 -20.02
N MET B 3038 103.56 -102.74 -19.59
CA MET B 3038 102.67 -103.34 -20.59
C MET B 3038 101.88 -102.28 -21.35
N ILE B 3039 101.69 -101.09 -20.78
CA ILE B 3039 101.09 -100.02 -21.56
C ILE B 3039 102.04 -99.58 -22.67
N THR B 3040 103.34 -99.58 -22.39
CA THR B 3040 104.30 -99.31 -23.45
C THR B 3040 104.30 -100.42 -24.48
N SER B 3041 104.06 -101.66 -24.05
CA SER B 3041 103.92 -102.75 -25.02
C SER B 3041 102.70 -102.50 -25.91
N LEU B 3042 101.61 -102.00 -25.33
CA LEU B 3042 100.44 -101.64 -26.11
C LEU B 3042 100.74 -100.50 -27.08
N PHE B 3043 101.50 -99.49 -26.65
CA PHE B 3043 101.82 -98.36 -27.53
C PHE B 3043 102.75 -98.78 -28.67
N CYS B 3044 103.74 -99.60 -28.37
CA CYS B 3044 104.63 -100.12 -29.40
C CYS B 3044 103.85 -101.00 -30.38
N LYS B 3045 102.90 -101.76 -29.85
CA LYS B 3045 102.04 -102.56 -30.72
C LYS B 3045 101.15 -101.66 -31.56
N LEU B 3046 100.72 -100.51 -31.03
CA LEU B 3046 99.96 -99.58 -31.85
C LEU B 3046 100.80 -99.02 -32.98
N ALA B 3047 102.09 -98.79 -32.72
CA ALA B 3047 102.99 -98.37 -33.80
C ALA B 3047 103.10 -99.48 -34.85
N ALA B 3048 103.11 -100.74 -34.42
CA ALA B 3048 103.08 -101.84 -35.38
C ALA B 3048 101.76 -101.92 -36.12
N LEU B 3049 100.64 -101.63 -35.43
CA LEU B 3049 99.33 -101.70 -36.05
C LEU B 3049 99.18 -100.66 -37.16
N VAL B 3050 99.69 -99.45 -36.92
CA VAL B 3050 99.70 -98.39 -37.95
C VAL B 3050 100.98 -98.61 -38.76
N ARG B 3051 100.88 -99.53 -39.70
CA ARG B 3051 102.02 -99.86 -40.55
C ARG B 3051 102.26 -98.74 -41.57
N HIS B 3052 103.41 -98.81 -42.25
CA HIS B 3052 103.71 -97.82 -43.27
C HIS B 3052 102.76 -97.91 -44.45
N ARG B 3053 102.28 -99.11 -44.77
CA ARG B 3053 101.30 -99.27 -45.82
C ARG B 3053 99.96 -98.71 -45.36
N VAL B 3054 99.20 -98.18 -46.32
CA VAL B 3054 97.93 -97.54 -45.99
C VAL B 3054 96.87 -98.60 -45.70
N SER B 3055 96.55 -99.42 -46.69
CA SER B 3055 95.49 -100.44 -46.60
C SER B 3055 94.18 -99.69 -46.33
N LEU B 3056 93.24 -100.29 -45.59
CA LEU B 3056 92.07 -99.57 -45.09
C LEU B 3056 92.49 -98.77 -43.85
N PHE B 3057 93.12 -97.63 -44.14
CA PHE B 3057 93.28 -96.48 -43.27
C PHE B 3057 92.04 -96.21 -42.41
N GLY B 3058 90.85 -96.24 -43.01
CA GLY B 3058 89.61 -96.11 -42.28
C GLY B 3058 89.27 -94.68 -41.94
N THR B 3059 87.99 -94.34 -42.00
CA THR B 3059 87.53 -93.00 -41.69
C THR B 3059 87.53 -92.67 -40.20
N ASP B 3060 87.71 -93.66 -39.32
CA ASP B 3060 87.63 -93.41 -37.89
C ASP B 3060 88.87 -92.68 -37.39
N ALA B 3061 88.84 -91.34 -37.42
CA ALA B 3061 89.94 -90.55 -36.87
C ALA B 3061 90.20 -90.77 -35.39
N PRO B 3062 89.18 -90.84 -34.50
CA PRO B 3062 89.46 -91.19 -33.09
C PRO B 3062 90.13 -92.54 -32.91
N ALA B 3063 89.87 -93.49 -33.81
CA ALA B 3063 90.55 -94.78 -33.71
C ALA B 3063 92.05 -94.65 -33.96
N VAL B 3064 92.48 -93.68 -34.77
CA VAL B 3064 93.85 -93.63 -35.26
C VAL B 3064 94.65 -92.58 -34.50
N VAL B 3065 94.29 -91.31 -34.62
CA VAL B 3065 95.22 -90.22 -34.28
C VAL B 3065 95.01 -89.70 -32.86
N ASN B 3066 93.76 -89.53 -32.42
CA ASN B 3066 93.50 -88.89 -31.13
C ASN B 3066 93.94 -89.78 -29.97
N CYS B 3067 93.68 -91.09 -30.11
CA CYS B 3067 94.14 -92.06 -29.13
C CYS B 3067 95.65 -92.05 -29.04
N LEU B 3068 96.33 -91.93 -30.18
CA LEU B 3068 97.79 -91.88 -30.19
C LEU B 3068 98.31 -90.62 -29.50
N HIS B 3069 97.62 -89.49 -29.68
CA HIS B 3069 98.07 -88.24 -29.05
C HIS B 3069 97.97 -88.33 -27.53
N ILE B 3070 96.80 -88.74 -27.03
CA ILE B 3070 96.65 -88.88 -25.57
C ILE B 3070 97.52 -90.02 -25.04
N LEU B 3071 97.80 -91.03 -25.86
CA LEU B 3071 98.71 -92.10 -25.44
C LEU B 3071 100.11 -91.56 -25.23
N ALA B 3072 100.57 -90.71 -26.14
CA ALA B 3072 101.86 -90.05 -25.94
C ALA B 3072 101.83 -89.12 -24.75
N ARG B 3073 100.67 -88.50 -24.48
CA ARG B 3073 100.54 -87.71 -23.27
C ARG B 3073 100.63 -88.60 -22.02
N SER B 3074 100.06 -89.79 -22.09
CA SER B 3074 100.11 -90.77 -20.99
C SER B 3074 101.31 -91.70 -21.16
N LEU B 3075 102.49 -91.11 -21.32
CA LEU B 3075 103.74 -91.84 -21.50
C LEU B 3075 104.53 -91.84 -20.19
N ARG B 3078 110.91 -96.03 -14.00
CA ARG B 3078 110.50 -95.19 -15.13
C ARG B 3078 111.34 -95.53 -16.36
N THR B 3079 112.64 -95.64 -16.17
CA THR B 3079 113.56 -95.93 -17.25
C THR B 3079 113.66 -97.43 -17.46
N VAL B 3080 114.16 -97.79 -18.64
CA VAL B 3080 114.41 -99.17 -19.03
C VAL B 3080 115.90 -99.47 -19.25
N MET B 3081 116.77 -98.46 -19.29
CA MET B 3081 118.18 -98.62 -19.62
C MET B 3081 119.01 -99.10 -18.45
N SER B 3083 116.27 -102.49 -16.79
CA SER B 3083 115.19 -102.35 -15.82
C SER B 3083 113.89 -102.89 -16.40
N GLY B 3084 113.36 -103.95 -15.78
CA GLY B 3084 112.14 -104.56 -16.22
C GLY B 3084 112.33 -105.32 -17.51
N PRO B 3085 111.23 -105.72 -18.17
CA PRO B 3085 111.35 -106.29 -19.51
C PRO B 3085 111.94 -105.28 -20.48
N GLU B 3086 112.79 -105.78 -21.38
CA GLU B 3086 113.51 -104.97 -22.35
C GLU B 3086 112.78 -104.89 -23.70
N ILE B 3087 111.46 -105.13 -23.71
CA ILE B 3087 110.69 -104.95 -24.93
C ILE B 3087 110.53 -103.46 -25.24
N VAL B 3088 110.64 -102.58 -24.24
CA VAL B 3088 110.53 -101.14 -24.50
C VAL B 3088 111.70 -100.66 -25.35
N LYS B 3089 112.92 -101.12 -25.06
CA LYS B 3089 114.06 -100.74 -25.89
C LYS B 3089 113.93 -101.30 -27.30
N ALA B 3090 113.45 -102.56 -27.40
CA ALA B 3090 113.21 -103.18 -28.69
C ALA B 3090 112.19 -102.39 -29.50
N GLY B 3091 111.10 -101.97 -28.85
CA GLY B 3091 110.12 -101.14 -29.53
C GLY B 3091 110.68 -99.79 -29.90
N LEU B 3092 111.41 -99.16 -28.97
CA LEU B 3092 111.92 -97.81 -29.15
C LEU B 3092 112.90 -97.72 -30.31
N ARG B 3093 113.59 -98.81 -30.64
CA ARG B 3093 114.41 -98.88 -31.83
C ARG B 3093 113.67 -99.39 -33.05
N SER B 3094 112.79 -100.39 -32.92
CA SER B 3094 112.21 -101.09 -34.06
C SER B 3094 111.35 -100.20 -34.96
N PHE B 3095 110.19 -99.77 -34.45
CA PHE B 3095 109.30 -98.97 -35.28
C PHE B 3095 109.85 -97.57 -35.49
N PHE B 3096 110.65 -97.06 -34.55
CA PHE B 3096 111.28 -95.76 -34.75
C PHE B 3096 112.21 -95.79 -35.95
N GLU B 3097 113.08 -96.79 -36.02
CA GLU B 3097 113.99 -96.93 -37.16
C GLU B 3097 113.23 -97.23 -38.44
N SER B 3098 112.20 -98.08 -38.39
CA SER B 3098 111.49 -98.45 -39.62
C SER B 3098 110.71 -97.27 -40.19
N ALA B 3099 109.91 -96.62 -39.33
CA ALA B 3099 109.11 -95.47 -39.74
C ALA B 3099 110.00 -94.31 -40.19
N SER B 3100 111.13 -94.11 -39.54
CA SER B 3100 112.07 -93.10 -40.00
C SER B 3100 112.70 -93.50 -41.33
N GLU B 3101 113.22 -94.72 -41.43
CA GLU B 3101 114.01 -95.15 -42.57
C GLU B 3101 113.20 -95.16 -43.86
N ASP B 3102 111.88 -95.31 -43.77
CA ASP B 3102 111.04 -94.99 -44.92
C ASP B 3102 111.22 -93.54 -45.36
N ILE B 3103 111.24 -92.61 -44.41
CA ILE B 3103 111.32 -91.19 -44.75
C ILE B 3103 112.67 -90.88 -45.36
N GLU B 3104 113.76 -91.38 -44.72
CA GLU B 3104 115.07 -91.15 -45.34
C GLU B 3104 115.23 -91.90 -46.66
N LYS B 3105 114.44 -92.95 -46.89
CA LYS B 3105 114.35 -93.50 -48.24
C LYS B 3105 113.79 -92.48 -49.21
N MET B 3106 112.73 -91.74 -48.82
CA MET B 3106 111.95 -90.90 -49.74
C MET B 3106 112.00 -89.40 -49.44
N VAL B 3107 113.04 -88.89 -48.75
CA VAL B 3107 113.20 -87.43 -48.67
C VAL B 3107 113.51 -86.84 -50.04
N GLU B 3108 114.29 -87.55 -50.86
CA GLU B 3108 114.55 -87.10 -52.23
C GLU B 3108 113.33 -87.33 -53.12
N ASN B 3109 112.57 -88.40 -52.89
CA ASN B 3109 111.40 -88.70 -53.69
C ASN B 3109 110.18 -87.92 -53.20
N LEU B 3110 109.78 -88.15 -51.95
CA LEU B 3110 108.56 -87.59 -51.33
C LEU B 3110 107.39 -88.05 -52.20
N ARG B 3111 106.59 -87.16 -52.81
CA ARG B 3111 105.53 -87.60 -53.71
C ARG B 3111 106.07 -88.07 -55.07
N LEU B 3112 107.27 -87.61 -55.46
CA LEU B 3112 107.80 -87.90 -56.80
C LEU B 3112 107.99 -89.40 -57.03
N GLY B 3113 108.32 -90.15 -55.99
CA GLY B 3113 108.44 -91.59 -56.10
C GLY B 3113 107.12 -92.28 -56.31
N VAL B 3125 104.96 -94.03 -53.95
CA VAL B 3125 103.63 -93.54 -54.30
C VAL B 3125 103.21 -92.45 -53.34
N GLY B 3126 102.12 -91.76 -53.68
CA GLY B 3126 101.66 -90.60 -52.93
C GLY B 3126 100.51 -90.88 -51.99
N GLN B 3127 100.51 -92.05 -51.33
CA GLN B 3127 99.55 -92.41 -50.28
C GLN B 3127 100.21 -92.90 -49.01
N ASN B 3128 101.31 -93.65 -49.11
CA ASN B 3128 101.99 -94.11 -47.90
C ASN B 3128 102.66 -92.96 -47.16
N LEU B 3129 103.07 -91.91 -47.88
CA LEU B 3129 103.68 -90.75 -47.23
C LEU B 3129 102.66 -90.01 -46.36
N THR B 3130 101.43 -89.84 -46.85
CA THR B 3130 100.40 -89.16 -46.08
C THR B 3130 99.98 -89.96 -44.85
N TYR B 3131 99.82 -91.28 -45.02
CA TYR B 3131 99.49 -92.15 -43.90
C TYR B 3131 100.60 -92.14 -42.85
N THR B 3132 101.85 -92.21 -43.30
CA THR B 3132 102.99 -92.10 -42.40
C THR B 3132 103.02 -90.74 -41.72
N THR B 3133 102.64 -89.69 -42.43
CA THR B 3133 102.63 -88.34 -41.87
C THR B 3133 101.67 -88.25 -40.70
N VAL B 3134 100.38 -88.53 -40.92
CA VAL B 3134 99.45 -88.38 -39.80
C VAL B 3134 99.66 -89.48 -38.75
N ALA B 3135 100.27 -90.61 -39.12
CA ALA B 3135 100.59 -91.63 -38.11
C ALA B 3135 101.67 -91.14 -37.15
N LEU B 3136 102.73 -90.50 -37.68
CA LEU B 3136 103.92 -90.18 -36.90
C LEU B 3136 104.00 -88.72 -36.46
N LEU B 3137 103.89 -87.78 -37.40
CA LEU B 3137 104.26 -86.39 -37.16
C LEU B 3137 103.45 -85.69 -36.06
N PRO B 3138 102.11 -85.80 -35.99
CA PRO B 3138 101.43 -85.21 -34.83
C PRO B 3138 101.65 -85.97 -33.53
N VAL B 3139 101.79 -87.29 -33.59
CA VAL B 3139 101.89 -88.12 -32.39
C VAL B 3139 103.25 -87.90 -31.70
N LEU B 3140 104.32 -87.83 -32.49
CA LEU B 3140 105.66 -87.75 -31.92
C LEU B 3140 105.91 -86.43 -31.22
N THR B 3141 105.20 -85.36 -31.63
CA THR B 3141 105.33 -84.07 -30.95
C THR B 3141 104.91 -84.17 -29.50
N THR B 3142 103.76 -84.80 -29.24
CA THR B 3142 103.31 -85.04 -27.88
C THR B 3142 104.24 -85.99 -27.15
N LEU B 3143 104.84 -86.95 -27.86
CA LEU B 3143 105.81 -87.86 -27.24
C LEU B 3143 107.00 -87.09 -26.66
N PHE B 3144 107.64 -86.26 -27.48
CA PHE B 3144 108.80 -85.53 -26.96
C PHE B 3144 108.37 -84.44 -25.99
N GLN B 3145 107.14 -83.95 -26.06
CA GLN B 3145 106.68 -83.02 -25.04
C GLN B 3145 106.62 -83.70 -23.67
N HIS B 3146 106.12 -84.94 -23.63
CA HIS B 3146 106.10 -85.68 -22.37
C HIS B 3146 107.52 -85.95 -21.87
N ILE B 3147 108.43 -86.31 -22.78
CA ILE B 3147 109.81 -86.57 -22.35
C ILE B 3147 110.50 -85.29 -21.89
N ALA B 3148 110.35 -84.20 -22.65
CA ALA B 3148 111.10 -82.99 -22.38
C ALA B 3148 110.61 -82.28 -21.13
N GLN B 3149 109.31 -82.32 -20.87
CA GLN B 3149 108.78 -81.67 -19.67
C GLN B 3149 109.30 -82.33 -18.41
N HIS B 3150 109.37 -83.66 -18.40
CA HIS B 3150 109.91 -84.41 -17.27
C HIS B 3150 111.44 -84.54 -17.29
N GLN B 3151 112.12 -83.90 -18.25
CA GLN B 3151 113.59 -83.86 -18.38
C GLN B 3151 114.23 -85.25 -18.34
N PHE B 3152 113.55 -86.22 -18.97
CA PHE B 3152 114.09 -87.55 -19.19
C PHE B 3152 114.83 -87.69 -20.52
N GLY B 3153 114.86 -86.66 -21.37
CA GLY B 3153 115.51 -86.77 -22.66
C GLY B 3153 117.02 -86.90 -22.60
N ASP B 3154 117.64 -86.59 -21.45
CA ASP B 3154 119.09 -86.62 -21.36
C ASP B 3154 119.64 -88.04 -21.46
N ASP B 3155 118.92 -89.03 -20.89
CA ASP B 3155 119.44 -90.38 -20.65
C ASP B 3155 118.64 -91.50 -21.31
N VAL B 3156 117.33 -91.35 -21.46
CA VAL B 3156 116.49 -92.51 -21.81
C VAL B 3156 116.52 -92.90 -23.28
N ILE B 3157 117.30 -92.22 -24.13
CA ILE B 3157 117.39 -92.51 -25.57
C ILE B 3157 118.84 -92.57 -26.07
N LEU B 3158 119.79 -92.80 -25.15
CA LEU B 3158 121.22 -92.83 -25.43
C LEU B 3158 121.61 -93.79 -26.56
N ASP B 3159 121.07 -95.01 -26.56
CA ASP B 3159 121.67 -96.13 -27.28
C ASP B 3159 121.00 -96.33 -28.63
N ASP B 3160 121.54 -95.64 -29.66
CA ASP B 3160 121.19 -95.76 -31.08
C ASP B 3160 119.85 -95.13 -31.48
N VAL B 3161 119.07 -94.66 -30.50
CA VAL B 3161 117.94 -93.79 -30.80
C VAL B 3161 118.46 -92.39 -31.13
N GLN B 3162 119.54 -91.97 -30.48
CA GLN B 3162 120.25 -90.76 -30.89
C GLN B 3162 120.73 -90.87 -32.33
N VAL B 3163 121.31 -92.01 -32.69
CA VAL B 3163 121.85 -92.18 -34.04
C VAL B 3163 120.71 -92.20 -35.07
N SER B 3164 119.62 -92.88 -34.72
CA SER B 3164 118.48 -92.98 -35.65
C SER B 3164 117.81 -91.63 -35.87
N CYS B 3165 117.64 -90.82 -34.82
CA CYS B 3165 117.03 -89.50 -34.99
C CYS B 3165 118.00 -88.53 -35.67
N TYR B 3166 119.29 -88.65 -35.36
CA TYR B 3166 120.27 -87.79 -36.01
C TYR B 3166 120.40 -88.11 -37.48
N ARG B 3167 120.08 -89.34 -37.90
CA ARG B 3167 119.97 -89.62 -39.33
C ARG B 3167 118.86 -88.80 -39.98
N THR B 3168 117.75 -88.58 -39.28
CA THR B 3168 116.73 -87.66 -39.77
C THR B 3168 117.29 -86.25 -39.86
N LEU B 3169 118.15 -85.88 -38.91
CA LEU B 3169 118.83 -84.59 -39.06
C LEU B 3169 119.73 -84.57 -40.28
N CYS B 3170 120.35 -85.71 -40.64
CA CYS B 3170 121.14 -85.74 -41.87
C CYS B 3170 120.27 -85.58 -43.11
N SER B 3171 119.04 -86.11 -43.08
CA SER B 3171 118.14 -86.03 -44.23
C SER B 3171 117.25 -84.78 -44.24
N ILE B 3172 117.33 -83.92 -43.22
CA ILE B 3172 116.46 -82.74 -43.17
C ILE B 3172 116.82 -81.69 -44.23
N TYR B 3173 118.03 -81.75 -44.80
CA TYR B 3173 118.43 -80.76 -45.80
C TYR B 3173 117.56 -80.85 -47.05
N SER B 3174 117.19 -82.07 -47.45
CA SER B 3174 116.37 -82.25 -48.65
C SER B 3174 114.99 -81.62 -48.50
N LEU B 3175 114.48 -81.53 -47.29
CA LEU B 3175 113.22 -80.81 -47.01
C LEU B 3175 113.54 -79.32 -46.94
N GLY B 3176 113.72 -78.73 -48.13
CA GLY B 3176 114.06 -77.33 -48.28
C GLY B 3176 115.09 -77.09 -49.37
N THR B 3177 116.02 -78.05 -49.54
CA THR B 3177 117.00 -77.92 -50.61
C THR B 3177 116.38 -78.20 -51.97
N THR B 3178 115.51 -79.21 -52.04
CA THR B 3178 114.79 -79.60 -53.25
C THR B 3178 113.29 -79.50 -52.98
N LYS B 3179 112.57 -78.94 -53.94
CA LYS B 3179 111.13 -78.70 -53.83
C LYS B 3179 110.52 -78.99 -55.19
N ASN B 3180 109.88 -80.16 -55.32
CA ASN B 3180 109.15 -80.54 -56.52
C ASN B 3180 107.66 -80.23 -56.39
N THR B 3181 106.99 -80.82 -55.39
CA THR B 3181 105.63 -80.43 -54.99
C THR B 3181 105.42 -80.39 -53.48
N TYR B 3182 106.23 -81.10 -52.69
CA TYR B 3182 105.89 -81.47 -51.33
C TYR B 3182 106.65 -80.63 -50.31
N LYS B 3185 104.60 -77.25 -48.18
CA LYS B 3185 103.27 -77.43 -47.61
C LYS B 3185 103.36 -77.91 -46.17
N LEU B 3186 103.90 -79.11 -45.99
CA LEU B 3186 104.08 -79.71 -44.67
C LEU B 3186 105.31 -79.17 -43.93
N ARG B 3187 106.13 -78.32 -44.57
CA ARG B 3187 107.34 -77.82 -43.93
C ARG B 3187 107.13 -77.06 -42.63
N PRO B 3188 106.10 -76.21 -42.45
CA PRO B 3188 105.87 -75.67 -41.09
C PRO B 3188 105.48 -76.72 -40.05
N ALA B 3189 104.55 -77.61 -40.38
CA ALA B 3189 104.16 -78.66 -39.43
C ALA B 3189 105.34 -79.61 -39.17
N LEU B 3190 106.09 -79.92 -40.24
CA LEU B 3190 107.30 -80.69 -40.08
C LEU B 3190 108.31 -79.94 -39.23
N GLY B 3191 108.37 -78.63 -39.37
CA GLY B 3191 109.28 -77.83 -38.55
C GLY B 3191 108.89 -77.85 -37.09
N GLU B 3192 107.60 -77.90 -36.78
CA GLU B 3192 107.18 -78.02 -35.39
C GLU B 3192 107.58 -79.36 -34.81
N CYS B 3193 107.32 -80.44 -35.56
CA CYS B 3193 107.73 -81.78 -35.11
C CYS B 3193 109.25 -81.88 -35.02
N LEU B 3194 109.96 -81.20 -35.92
CA LEU B 3194 111.41 -81.13 -35.84
C LEU B 3194 111.86 -80.36 -34.61
N ALA B 3195 111.18 -79.26 -34.30
CA ALA B 3195 111.55 -78.42 -33.17
C ALA B 3195 111.42 -79.16 -31.86
N ARG B 3196 110.48 -80.11 -31.79
CA ARG B 3196 110.38 -80.91 -30.58
C ARG B 3196 111.59 -81.83 -30.36
N LEU B 3197 112.37 -82.14 -31.40
CA LEU B 3197 113.56 -82.97 -31.18
C LEU B 3197 114.63 -82.22 -30.40
N ALA B 3198 114.75 -80.91 -30.62
CA ALA B 3198 115.73 -80.12 -29.87
C ALA B 3198 115.40 -80.10 -28.39
N ALA B 3199 114.11 -80.15 -28.04
CA ALA B 3199 113.73 -80.28 -26.63
C ALA B 3199 114.19 -81.59 -26.03
N ALA B 3200 114.30 -82.65 -26.85
CA ALA B 3200 114.74 -83.98 -26.45
C ALA B 3200 116.08 -84.31 -27.08
N MET B 3201 117.01 -83.35 -27.04
CA MET B 3201 118.35 -83.45 -27.62
C MET B 3201 119.38 -83.73 -26.52
N PRO B 3202 119.67 -85.00 -26.19
CA PRO B 3202 120.68 -85.26 -25.14
C PRO B 3202 122.09 -84.82 -25.52
N VAL B 3203 122.53 -85.14 -26.74
CA VAL B 3203 123.90 -84.83 -27.14
C VAL B 3203 124.04 -83.33 -27.34
N ALA B 3204 125.10 -82.75 -26.76
CA ALA B 3204 125.43 -81.35 -26.92
C ALA B 3204 126.46 -81.24 -28.05
N PHE B 3205 126.01 -80.75 -29.21
CA PHE B 3205 126.81 -80.71 -30.43
C PHE B 3205 127.26 -79.30 -30.81
N LEU B 3206 127.30 -78.37 -29.85
CA LEU B 3206 127.90 -77.06 -30.15
C LEU B 3206 129.39 -77.21 -30.45
N GLU B 3207 130.06 -78.08 -29.69
CA GLU B 3207 131.46 -78.46 -29.91
C GLU B 3207 131.56 -79.97 -29.63
N PRO B 3208 131.86 -80.84 -30.61
CA PRO B 3208 131.97 -82.27 -30.27
C PRO B 3208 133.11 -82.61 -29.31
N GLN B 3209 134.19 -81.83 -29.30
CA GLN B 3209 135.31 -82.09 -28.41
C GLN B 3209 134.90 -81.93 -26.95
N LEU B 3210 134.21 -80.83 -26.64
CA LEU B 3210 133.70 -80.65 -25.28
C LEU B 3210 132.62 -81.67 -24.96
N ASN B 3211 131.90 -82.16 -25.97
CA ASN B 3211 130.94 -83.23 -25.74
C ASN B 3211 131.65 -84.51 -25.28
N GLU B 3212 132.80 -84.82 -25.88
CA GLU B 3212 133.61 -85.91 -25.34
C GLU B 3212 134.12 -85.57 -23.95
N TYR B 3213 134.35 -84.30 -23.67
CA TYR B 3213 134.64 -83.90 -22.29
C TYR B 3213 133.44 -84.18 -21.38
N ASN B 3214 132.24 -83.88 -21.85
CA ASN B 3214 131.03 -84.06 -21.05
C ASN B 3214 130.63 -85.54 -20.98
N ALA B 3215 129.81 -85.87 -19.99
CA ALA B 3215 129.38 -87.26 -19.80
C ALA B 3215 128.34 -87.67 -20.83
N CYS B 3216 127.47 -86.76 -21.25
CA CYS B 3216 126.42 -87.09 -22.21
C CYS B 3216 127.00 -87.41 -23.58
N VAL B 3218 127.94 -89.80 -26.55
CA VAL B 3218 127.56 -91.16 -26.91
C VAL B 3218 128.81 -92.02 -27.10
N TYR B 3219 129.92 -91.41 -27.52
CA TYR B 3219 131.18 -92.15 -27.66
C TYR B 3219 131.79 -92.46 -26.30
N THR B 3220 131.56 -91.62 -25.29
CA THR B 3220 132.25 -91.76 -24.01
C THR B 3220 131.74 -92.96 -23.22
N THR B 3221 130.42 -93.13 -23.17
CA THR B 3221 129.80 -94.12 -22.29
C THR B 3221 130.17 -95.55 -22.65
N LYS B 3222 129.76 -96.02 -23.82
CA LYS B 3222 130.16 -97.33 -24.32
C LYS B 3222 131.53 -97.20 -24.98
N SER B 3223 132.07 -98.34 -25.42
CA SER B 3223 133.32 -98.31 -26.16
C SER B 3223 133.07 -97.68 -27.53
N PRO B 3224 133.88 -96.71 -28.00
CA PRO B 3224 133.58 -96.11 -29.30
C PRO B 3224 133.79 -97.05 -30.47
N ARG B 3225 134.55 -98.14 -30.31
CA ARG B 3225 134.70 -99.11 -31.38
C ARG B 3225 133.36 -99.80 -31.66
N GLU B 3226 132.57 -100.07 -30.62
CA GLU B 3226 131.26 -100.68 -30.82
C GLU B 3226 130.31 -99.75 -31.56
N ARG B 3227 130.46 -98.44 -31.38
CA ARG B 3227 129.61 -97.49 -32.10
C ARG B 3227 129.86 -97.51 -33.60
N ALA B 3228 131.07 -97.85 -34.03
CA ALA B 3228 131.40 -97.93 -35.45
C ALA B 3228 130.62 -99.07 -36.11
N ASN B 3234 134.88 -93.56 -38.15
CA ASN B 3234 134.04 -93.46 -36.97
C ASN B 3234 134.33 -92.20 -36.18
N SER B 3235 133.48 -91.19 -36.36
CA SER B 3235 133.61 -89.94 -35.63
C SER B 3235 132.24 -89.32 -35.47
N VAL B 3236 132.09 -88.51 -34.43
CA VAL B 3236 130.81 -87.85 -34.15
C VAL B 3236 130.46 -86.87 -35.27
N GLU B 3237 131.44 -86.12 -35.77
CA GLU B 3237 131.19 -85.19 -36.86
C GLU B 3237 131.03 -85.90 -38.21
N GLU B 3238 131.55 -87.12 -38.35
CA GLU B 3238 131.38 -87.88 -39.58
C GLU B 3238 129.93 -88.29 -39.81
N MET B 3239 129.10 -88.33 -38.77
CA MET B 3239 127.68 -88.62 -38.95
C MET B 3239 127.01 -87.56 -39.82
N CYS B 3240 127.28 -86.28 -39.53
CA CYS B 3240 126.74 -85.14 -40.27
C CYS B 3240 127.91 -84.20 -40.56
N PRO B 3241 128.70 -84.46 -41.60
CA PRO B 3241 129.79 -83.53 -41.95
C PRO B 3241 129.31 -82.13 -42.34
N ASP B 3242 128.09 -82.02 -42.86
CA ASP B 3242 127.50 -80.74 -43.25
C ASP B 3242 126.62 -80.15 -42.16
N ILE B 3243 126.99 -80.37 -40.89
CA ILE B 3243 126.20 -79.86 -39.77
C ILE B 3243 126.28 -78.34 -39.76
N PRO B 3244 125.20 -77.61 -39.41
CA PRO B 3244 125.35 -76.17 -39.22
C PRO B 3244 125.91 -75.87 -37.83
N VAL B 3245 127.10 -75.27 -37.79
CA VAL B 3245 127.66 -74.83 -36.52
C VAL B 3245 126.80 -73.67 -36.00
N LEU B 3246 126.61 -73.62 -34.68
CA LEU B 3246 125.72 -72.62 -34.10
C LEU B 3246 126.27 -71.21 -34.26
N ASP B 3247 127.59 -71.05 -34.15
CA ASP B 3247 128.20 -69.77 -34.50
C ASP B 3247 128.05 -69.47 -35.99
N ARG B 3248 128.14 -70.48 -36.83
CA ARG B 3248 127.95 -70.27 -38.25
C ARG B 3248 126.48 -69.99 -38.56
N LEU B 3249 125.58 -70.64 -37.82
CA LEU B 3249 124.15 -70.34 -37.96
C LEU B 3249 123.85 -68.91 -37.53
N MET B 3250 124.51 -68.45 -36.47
CA MET B 3250 124.39 -67.06 -36.03
C MET B 3250 124.78 -66.11 -37.15
N ALA B 3251 125.93 -66.38 -37.81
CA ALA B 3251 126.32 -65.52 -38.92
C ALA B 3251 125.34 -65.64 -40.09
N ASP B 3252 124.78 -66.83 -40.31
CA ASP B 3252 123.82 -67.03 -41.39
C ASP B 3252 122.56 -66.20 -41.18
N ILE B 3253 121.97 -66.29 -39.97
CA ILE B 3253 120.77 -65.52 -39.71
C ILE B 3253 121.08 -64.03 -39.64
N GLY B 3254 122.28 -63.66 -39.17
CA GLY B 3254 122.62 -62.25 -39.13
C GLY B 3254 122.72 -61.63 -40.51
N GLY B 3255 123.36 -62.33 -41.45
CA GLY B 3255 123.36 -61.85 -42.82
C GLY B 3255 121.99 -61.89 -43.47
N LEU B 3256 121.23 -62.95 -43.20
CA LEU B 3256 119.90 -63.11 -43.78
C LEU B 3256 118.88 -62.14 -43.19
N ALA B 3257 119.13 -61.59 -41.99
CA ALA B 3257 118.18 -60.69 -41.36
C ALA B 3257 118.04 -59.39 -42.14
N GLU B 3258 119.15 -58.87 -42.68
CA GLU B 3258 119.08 -57.64 -43.45
C GLU B 3258 118.32 -57.86 -44.76
N SER B 3259 118.47 -59.04 -45.37
CA SER B 3259 117.74 -59.33 -46.59
C SER B 3259 116.26 -59.49 -46.33
N GLY B 3260 115.89 -60.53 -45.58
CA GLY B 3260 114.50 -60.74 -45.18
C GLY B 3260 113.53 -60.97 -46.32
N ALA B 3261 113.92 -61.77 -47.30
CA ALA B 3261 113.03 -62.08 -48.41
C ALA B 3261 111.99 -63.12 -47.97
N ARG B 3262 111.03 -63.37 -48.87
CA ARG B 3262 109.95 -64.29 -48.56
C ARG B 3262 110.46 -65.72 -48.45
N TYR B 3263 109.74 -66.53 -47.68
CA TYR B 3263 110.12 -67.93 -47.47
C TYR B 3263 109.80 -68.74 -48.72
N PRO B 3267 115.14 -67.96 -47.70
CA PRO B 3267 114.56 -67.86 -46.37
C PRO B 3267 113.59 -68.97 -45.99
N HIS B 3268 113.37 -69.95 -46.88
CA HIS B 3268 112.52 -71.09 -46.54
C HIS B 3268 113.08 -71.90 -45.38
N VAL B 3269 114.40 -71.89 -45.19
CA VAL B 3269 115.01 -72.61 -44.08
C VAL B 3269 114.72 -71.97 -42.73
N ILE B 3270 114.21 -70.74 -42.69
CA ILE B 3270 113.88 -70.13 -41.40
C ILE B 3270 112.72 -70.86 -40.72
N GLU B 3271 111.81 -71.45 -41.50
CA GLU B 3271 110.65 -72.11 -40.91
C GLU B 3271 111.03 -73.36 -40.10
N ILE B 3272 112.17 -73.99 -40.39
CA ILE B 3272 112.60 -75.23 -39.77
C ILE B 3272 113.89 -75.07 -38.99
N THR B 3273 114.81 -74.23 -39.46
CA THR B 3273 116.12 -74.06 -38.85
C THR B 3273 116.11 -73.01 -37.74
N LEU B 3274 115.30 -71.97 -37.86
CA LEU B 3274 115.15 -71.03 -36.75
C LEU B 3274 114.61 -71.66 -35.48
N PRO B 3275 113.56 -72.50 -35.51
CA PRO B 3275 113.12 -73.11 -34.23
C PRO B 3275 114.12 -74.07 -33.59
N MET B 3276 115.14 -74.52 -34.32
CA MET B 3276 116.26 -75.23 -33.67
C MET B 3276 116.91 -74.33 -32.63
N LEU B 3277 117.15 -73.06 -33.00
CA LEU B 3277 117.88 -72.15 -32.12
C LEU B 3277 117.10 -71.88 -30.84
N CYS B 3278 115.81 -71.54 -30.97
CA CYS B 3278 115.01 -71.24 -29.80
C CYS B 3278 114.68 -72.48 -28.98
N SER B 3279 114.52 -73.64 -29.64
CA SER B 3279 114.23 -74.87 -28.92
C SER B 3279 115.45 -75.49 -28.26
N TYR B 3280 116.67 -75.11 -28.68
CA TYR B 3280 117.91 -75.74 -28.24
C TYR B 3280 118.75 -74.86 -27.33
N LEU B 3281 119.05 -73.62 -27.75
CA LEU B 3281 119.99 -72.82 -26.99
C LEU B 3281 119.37 -72.31 -25.69
N PRO B 3282 118.10 -71.90 -25.67
CA PRO B 3282 117.41 -71.79 -24.36
C PRO B 3282 117.38 -73.09 -23.58
N ARG B 3283 117.23 -74.23 -24.24
CA ARG B 3283 117.19 -75.50 -23.53
C ARG B 3283 118.55 -75.86 -22.92
N TRP B 3284 119.65 -75.41 -23.55
CA TRP B 3284 121.01 -75.76 -23.14
C TRP B 3284 121.80 -74.65 -22.45
N TRP B 3285 121.26 -73.43 -22.39
CA TRP B 3285 122.02 -72.32 -21.81
C TRP B 3285 122.21 -72.50 -20.31
N GLU B 3286 121.13 -72.84 -19.60
CA GLU B 3286 121.24 -73.10 -18.16
C GLU B 3286 122.09 -74.32 -17.88
N ARG B 3287 122.12 -75.29 -18.79
CA ARG B 3287 122.90 -76.50 -18.57
C ARG B 3287 124.40 -76.20 -18.62
N GLY B 3288 124.82 -75.37 -19.57
CA GLY B 3288 126.20 -75.17 -19.89
C GLY B 3288 126.74 -73.84 -19.37
N PRO B 3289 127.75 -73.24 -20.02
CA PRO B 3289 128.44 -72.10 -19.41
C PRO B 3289 127.63 -70.82 -19.58
N GLU B 3290 128.14 -69.75 -18.96
CA GLU B 3290 127.50 -68.43 -18.98
C GLU B 3290 126.09 -68.49 -18.37
N ALA B 3291 125.96 -69.31 -17.33
CA ALA B 3291 124.70 -69.52 -16.63
C ALA B 3291 125.02 -70.01 -15.22
N PRO B 3292 125.01 -69.16 -14.19
CA PRO B 3292 125.29 -69.66 -12.83
C PRO B 3292 124.19 -70.62 -12.36
N PRO B 3293 124.49 -71.93 -12.17
CA PRO B 3293 123.37 -72.79 -11.79
C PRO B 3293 123.01 -72.66 -10.32
N ALA B 3300 130.99 -79.80 -12.96
CA ALA B 3300 132.40 -80.10 -12.69
C ALA B 3300 133.22 -80.43 -13.95
N PRO B 3301 132.67 -81.20 -14.90
CA PRO B 3301 133.32 -81.29 -16.22
C PRO B 3301 133.22 -79.98 -16.97
N PRO B 3302 133.87 -79.86 -18.14
CA PRO B 3302 133.74 -78.63 -18.93
C PRO B 3302 132.31 -78.44 -19.42
N PRO B 3303 131.75 -77.23 -19.39
CA PRO B 3303 130.45 -77.03 -20.06
C PRO B 3303 130.58 -77.18 -21.57
N CYS B 3304 129.69 -77.99 -22.15
CA CYS B 3304 129.80 -78.30 -23.57
C CYS B 3304 129.42 -77.10 -24.43
N THR B 3305 128.30 -76.45 -24.11
CA THR B 3305 127.80 -75.36 -24.93
C THR B 3305 128.57 -74.07 -24.66
N VAL B 3307 127.53 -71.45 -26.09
CA VAL B 3307 126.48 -70.44 -26.08
C VAL B 3307 126.67 -69.56 -24.85
N THR B 3308 126.27 -68.29 -25.01
CA THR B 3308 126.32 -67.29 -23.97
C THR B 3308 124.94 -66.67 -23.82
N SER B 3309 124.74 -65.98 -22.69
CA SER B 3309 123.55 -65.18 -22.52
C SER B 3309 123.52 -64.06 -23.56
N ASP B 3310 124.69 -63.49 -23.87
CA ASP B 3310 124.77 -62.52 -24.95
C ASP B 3310 124.49 -63.16 -26.30
N HIS B 3311 124.75 -64.45 -26.46
CA HIS B 3311 124.37 -65.13 -27.71
C HIS B 3311 122.86 -65.17 -27.85
N LEU B 3312 122.15 -65.49 -26.77
CA LEU B 3312 120.69 -65.45 -26.77
C LEU B 3312 120.19 -64.04 -27.04
N ASN B 3313 120.84 -63.03 -26.45
CA ASN B 3313 120.48 -61.64 -26.71
C ASN B 3313 120.69 -61.26 -28.18
N SER B 3314 121.82 -61.67 -28.75
CA SER B 3314 122.17 -61.29 -30.12
C SER B 3314 121.21 -61.93 -31.12
N LEU B 3315 120.98 -63.23 -30.95
CA LEU B 3315 120.05 -63.89 -31.86
C LEU B 3315 118.64 -63.36 -31.66
N LEU B 3316 118.27 -63.00 -30.43
CA LEU B 3316 116.93 -62.46 -30.18
C LEU B 3316 116.75 -61.10 -30.85
N GLY B 3317 117.81 -60.29 -30.87
CA GLY B 3317 117.80 -59.09 -31.70
C GLY B 3317 117.57 -59.42 -33.15
N ASN B 3318 118.19 -60.50 -33.64
CA ASN B 3318 117.92 -60.93 -35.01
C ASN B 3318 116.53 -61.55 -35.20
N ILE B 3319 115.94 -62.15 -34.16
CA ILE B 3319 114.57 -62.65 -34.25
C ILE B 3319 113.61 -61.49 -34.50
N LEU B 3320 113.77 -60.43 -33.70
CA LEU B 3320 112.95 -59.23 -33.88
C LEU B 3320 113.23 -58.59 -35.23
N ARG B 3321 114.49 -58.61 -35.67
CA ARG B 3321 114.80 -58.03 -36.97
C ARG B 3321 114.21 -58.84 -38.12
N ILE B 3322 114.12 -60.17 -37.96
CA ILE B 3322 113.49 -61.01 -38.97
C ILE B 3322 112.02 -60.65 -39.09
N ILE B 3323 111.34 -60.46 -37.95
CA ILE B 3323 109.93 -60.07 -38.04
C ILE B 3323 109.80 -58.65 -38.59
N VAL B 3324 110.76 -57.77 -38.29
CA VAL B 3324 110.71 -56.40 -38.81
C VAL B 3324 110.84 -56.39 -40.33
N ASN B 3325 111.78 -57.16 -40.87
CA ASN B 3325 112.00 -57.15 -42.31
C ASN B 3325 110.87 -57.83 -43.05
N ASN B 3326 110.37 -58.94 -42.51
CA ASN B 3326 109.31 -59.73 -43.16
C ASN B 3326 107.95 -59.14 -42.81
N LEU B 3327 107.70 -57.94 -43.35
CA LEU B 3327 106.43 -57.27 -43.10
C LEU B 3327 105.28 -57.99 -43.80
N GLY B 3328 105.47 -58.35 -45.06
CA GLY B 3328 104.40 -58.93 -45.86
C GLY B 3328 103.45 -57.86 -46.38
N ILE B 3329 102.77 -58.15 -47.48
CA ILE B 3329 101.90 -57.18 -48.17
C ILE B 3329 100.46 -57.69 -48.22
N ASP B 3330 100.26 -59.02 -48.27
CA ASP B 3330 98.91 -59.61 -48.27
C ASP B 3330 98.76 -60.87 -47.45
N GLU B 3331 99.84 -61.56 -47.06
CA GLU B 3331 99.70 -62.87 -46.46
C GLU B 3331 100.95 -63.24 -45.69
N ALA B 3332 100.75 -63.87 -44.53
CA ALA B 3332 101.80 -64.52 -43.76
C ALA B 3332 101.15 -65.36 -42.67
N THR B 3333 101.53 -66.63 -42.55
CA THR B 3333 100.95 -67.58 -41.60
C THR B 3333 102.05 -68.40 -40.96
N TRP B 3334 103.10 -67.71 -40.49
CA TRP B 3334 104.24 -68.33 -39.82
C TRP B 3334 104.70 -67.59 -38.56
N MET B 3335 104.24 -66.36 -38.31
CA MET B 3335 104.66 -65.66 -37.09
C MET B 3335 104.12 -66.32 -35.83
N LYS B 3336 102.99 -67.03 -35.93
CA LYS B 3336 102.29 -67.53 -34.75
C LYS B 3336 103.12 -68.56 -34.01
N ARG B 3337 103.60 -69.58 -34.73
CA ARG B 3337 104.37 -70.64 -34.11
C ARG B 3337 105.70 -70.14 -33.60
N LEU B 3338 106.35 -69.25 -34.35
CA LEU B 3338 107.67 -68.78 -33.95
C LEU B 3338 107.58 -67.88 -32.72
N ALA B 3339 106.59 -67.00 -32.68
CA ALA B 3339 106.43 -66.15 -31.50
C ALA B 3339 106.02 -66.96 -30.29
N VAL B 3340 105.14 -67.95 -30.46
CA VAL B 3340 104.72 -68.76 -29.32
C VAL B 3340 105.87 -69.67 -28.86
N PHE B 3341 106.67 -70.18 -29.80
CA PHE B 3341 107.74 -71.10 -29.46
C PHE B 3341 108.85 -70.42 -28.69
N ALA B 3342 109.13 -69.16 -29.00
CA ALA B 3342 110.21 -68.39 -28.37
C ALA B 3342 109.75 -67.69 -27.10
N GLN B 3343 109.14 -68.44 -26.19
CA GLN B 3343 108.69 -67.94 -24.90
C GLN B 3343 109.83 -67.87 -23.88
N PRO B 3344 110.57 -68.96 -23.59
CA PRO B 3344 111.56 -68.89 -22.51
C PRO B 3344 112.75 -67.98 -22.79
N ILE B 3345 113.01 -67.64 -24.05
CA ILE B 3345 114.10 -66.70 -24.34
C ILE B 3345 113.78 -65.31 -23.81
N VAL B 3346 112.49 -64.94 -23.76
CA VAL B 3346 112.09 -63.67 -23.17
C VAL B 3346 112.19 -63.67 -21.65
N SER B 3347 112.32 -64.85 -21.02
CA SER B 3347 112.30 -64.92 -19.56
C SER B 3347 113.54 -64.27 -18.95
N ARG B 3348 114.74 -64.55 -19.49
CA ARG B 3348 115.94 -63.95 -18.95
C ARG B 3348 116.01 -62.49 -19.36
N ALA B 3349 116.21 -62.24 -20.66
CA ALA B 3349 116.04 -60.94 -21.32
C ALA B 3349 116.82 -59.82 -20.64
N ARG B 3350 118.15 -59.90 -20.79
CA ARG B 3350 119.06 -58.95 -20.15
C ARG B 3350 118.76 -57.52 -20.61
N PRO B 3351 118.82 -56.54 -19.70
CA PRO B 3351 118.09 -55.27 -19.95
C PRO B 3351 118.71 -54.37 -21.03
N GLU B 3352 119.90 -54.67 -21.54
CA GLU B 3352 120.51 -53.84 -22.57
C GLU B 3352 119.75 -53.92 -23.90
N LEU B 3353 119.00 -55.00 -24.13
CA LEU B 3353 118.27 -55.15 -25.38
C LEU B 3353 117.17 -54.11 -25.57
N LEU B 3354 116.66 -53.52 -24.48
CA LEU B 3354 115.68 -52.45 -24.60
C LEU B 3354 116.28 -51.25 -25.31
N HIS B 3355 117.48 -50.85 -24.91
CA HIS B 3355 118.17 -49.79 -25.61
C HIS B 3355 118.57 -50.21 -27.02
N SER B 3356 118.97 -51.48 -27.19
CA SER B 3356 119.52 -51.89 -28.47
C SER B 3356 118.44 -51.97 -29.55
N HIS B 3357 117.46 -52.86 -29.37
CA HIS B 3357 116.58 -53.32 -30.45
C HIS B 3357 115.12 -52.92 -30.28
N PHE B 3358 114.59 -53.00 -29.05
CA PHE B 3358 113.14 -52.86 -28.88
C PHE B 3358 112.66 -51.44 -29.16
N ILE B 3359 113.47 -50.44 -28.87
CA ILE B 3359 113.05 -49.05 -29.07
C ILE B 3359 113.10 -48.73 -30.56
N PRO B 3360 114.17 -49.06 -31.31
CA PRO B 3360 114.07 -48.97 -32.78
C PRO B 3360 112.96 -49.84 -33.38
N THR B 3361 112.72 -51.01 -32.82
CA THR B 3361 111.68 -51.89 -33.36
C THR B 3361 110.29 -51.29 -33.17
N ILE B 3362 110.03 -50.74 -31.97
CA ILE B 3362 108.77 -50.09 -31.71
C ILE B 3362 108.66 -48.80 -32.52
N GLY B 3363 109.80 -48.14 -32.80
CA GLY B 3363 109.79 -47.06 -33.76
C GLY B 3363 109.39 -47.53 -35.15
N ARG B 3364 109.80 -48.74 -35.51
CA ARG B 3364 109.34 -49.30 -36.78
C ARG B 3364 107.85 -49.57 -36.75
N LEU B 3365 107.31 -49.96 -35.60
CA LEU B 3365 105.85 -50.08 -35.49
C LEU B 3365 105.17 -48.71 -35.53
N ARG B 3366 105.84 -47.68 -35.05
CA ARG B 3366 105.34 -46.32 -35.24
C ARG B 3366 105.30 -45.96 -36.72
N LYS B 3367 106.31 -46.41 -37.46
CA LYS B 3367 106.29 -46.24 -38.92
C LYS B 3367 105.27 -47.16 -39.59
N ARG B 3368 104.95 -48.29 -38.96
CA ARG B 3368 103.83 -49.12 -39.40
C ARG B 3368 102.51 -48.40 -39.16
N ALA B 3369 102.47 -47.52 -38.16
CA ALA B 3369 101.43 -46.53 -38.01
C ALA B 3369 101.82 -45.26 -38.76
N GLY B 3370 101.14 -44.15 -38.50
CA GLY B 3370 101.52 -42.90 -39.13
C GLY B 3370 101.17 -42.85 -40.60
N LYS B 3371 99.87 -42.74 -40.88
CA LYS B 3371 99.24 -42.67 -42.20
C LYS B 3371 99.11 -44.03 -42.89
N VAL B 3372 99.64 -45.11 -42.31
CA VAL B 3372 99.41 -46.47 -42.81
C VAL B 3372 98.24 -47.11 -42.06
N VAL B 3373 98.26 -47.04 -40.73
CA VAL B 3373 97.09 -47.42 -39.95
C VAL B 3373 95.91 -46.49 -40.26
N ALA B 3374 96.20 -45.22 -40.54
CA ALA B 3374 95.19 -44.23 -40.91
C ALA B 3374 94.98 -44.16 -42.42
N GLU B 3375 95.16 -45.27 -43.14
CA GLU B 3375 94.85 -45.27 -44.56
C GLU B 3375 93.36 -45.13 -44.83
N GLU B 3376 92.52 -45.68 -43.95
CA GLU B 3376 91.08 -45.72 -44.21
C GLU B 3376 90.46 -44.34 -44.16
N GLU B 3377 90.90 -43.49 -43.22
CA GLU B 3377 90.22 -42.21 -43.01
C GLU B 3377 90.43 -41.26 -44.18
N GLN B 3378 91.56 -41.37 -44.88
CA GLN B 3378 91.76 -40.59 -46.09
C GLN B 3378 90.73 -40.97 -47.16
N LEU B 3379 90.46 -42.26 -47.30
CA LEU B 3379 89.45 -42.71 -48.26
C LEU B 3379 88.05 -42.25 -47.87
N ARG B 3380 87.77 -42.13 -46.56
CA ARG B 3380 86.46 -41.69 -46.11
C ARG B 3380 86.21 -40.20 -46.33
N LEU B 3381 87.22 -39.42 -46.73
CA LEU B 3381 87.03 -38.00 -46.99
C LEU B 3381 86.08 -37.77 -48.17
N GLU B 3388 82.61 -47.38 -50.25
CA GLU B 3388 82.77 -48.59 -49.46
C GLU B 3388 83.97 -49.46 -49.88
N GLU B 3389 84.38 -49.34 -51.15
CA GLU B 3389 85.43 -50.19 -51.71
C GLU B 3389 86.78 -49.94 -51.03
N GLY B 3390 87.10 -48.68 -50.74
CA GLY B 3390 88.36 -48.34 -50.11
C GLY B 3390 88.52 -48.95 -48.74
N GLU B 3391 87.42 -49.02 -47.98
CA GLU B 3391 87.46 -49.65 -46.68
C GLU B 3391 87.79 -51.13 -46.79
N LEU B 3392 87.28 -51.81 -47.84
CA LEU B 3392 87.60 -53.21 -48.04
C LEU B 3392 89.07 -53.41 -48.34
N LEU B 3393 89.64 -52.55 -49.21
CA LEU B 3393 91.04 -52.71 -49.58
C LEU B 3393 91.97 -52.44 -48.38
N VAL B 3394 91.73 -51.34 -47.65
CA VAL B 3394 92.57 -51.06 -46.50
C VAL B 3394 92.33 -52.07 -45.38
N ARG B 3395 91.14 -52.67 -45.30
CA ARG B 3395 90.92 -53.74 -44.34
C ARG B 3395 91.78 -54.97 -44.67
N ASP B 3396 91.90 -55.29 -45.96
CA ASP B 3396 92.77 -56.39 -46.36
C ASP B 3396 94.22 -56.11 -46.01
N GLU B 3397 94.66 -54.85 -46.12
CA GLU B 3397 96.02 -54.50 -45.65
C GLU B 3397 96.12 -54.55 -44.11
N PHE B 3398 95.04 -54.16 -43.43
CA PHE B 3398 95.03 -54.21 -41.98
C PHE B 3398 95.07 -55.63 -41.45
N SER B 3399 94.71 -56.63 -42.26
CA SER B 3399 94.93 -58.02 -41.87
C SER B 3399 96.41 -58.29 -41.59
N VAL B 3400 97.29 -57.84 -42.49
CA VAL B 3400 98.74 -57.97 -42.27
C VAL B 3400 99.16 -57.19 -41.04
N LEU B 3401 98.61 -55.98 -40.85
CA LEU B 3401 98.99 -55.19 -39.67
C LEU B 3401 98.59 -55.88 -38.37
N CYS B 3402 97.36 -56.39 -38.29
CA CYS B 3402 96.89 -57.02 -37.05
C CYS B 3402 97.68 -58.30 -36.74
N ARG B 3403 98.01 -59.09 -37.78
CA ARG B 3403 98.90 -60.22 -37.57
C ARG B 3403 100.27 -59.79 -37.06
N ASP B 3404 100.78 -58.64 -37.54
CA ASP B 3404 102.07 -58.16 -37.05
C ASP B 3404 101.99 -57.69 -35.59
N LEU B 3405 100.84 -57.12 -35.20
CA LEU B 3405 100.63 -56.76 -33.80
C LEU B 3405 100.67 -58.00 -32.91
N TYR B 3406 100.03 -59.08 -33.35
CA TYR B 3406 100.14 -60.33 -32.59
C TYR B 3406 101.49 -61.00 -32.74
N ALA B 3407 102.31 -60.62 -33.73
CA ALA B 3407 103.69 -61.08 -33.75
C ALA B 3407 104.52 -60.44 -32.65
N LEU B 3408 104.43 -59.11 -32.51
CA LEU B 3408 105.33 -58.41 -31.59
C LEU B 3408 104.82 -58.41 -30.14
N TYR B 3409 103.50 -58.31 -29.93
CA TYR B 3409 102.96 -58.10 -28.59
C TYR B 3409 103.22 -59.23 -27.60
N PRO B 3410 102.90 -60.51 -27.87
CA PRO B 3410 103.06 -61.54 -26.81
C PRO B 3410 104.50 -61.76 -26.33
N LEU B 3411 105.51 -61.38 -27.12
CA LEU B 3411 106.86 -61.27 -26.58
C LEU B 3411 106.97 -60.06 -25.66
N LEU B 3412 106.35 -58.94 -26.06
CA LEU B 3412 106.43 -57.70 -25.30
C LEU B 3412 105.74 -57.80 -23.95
N ILE B 3413 104.63 -58.56 -23.88
CA ILE B 3413 103.88 -58.69 -22.62
C ILE B 3413 104.73 -59.37 -21.57
N ARG B 3414 105.34 -60.50 -21.94
CA ARG B 3414 106.17 -61.24 -21.00
C ARG B 3414 107.43 -60.47 -20.67
N TYR B 3415 107.98 -59.70 -21.63
CA TYR B 3415 109.12 -58.86 -21.29
C TYR B 3415 108.73 -57.75 -20.33
N VAL B 3416 107.52 -57.19 -20.49
CA VAL B 3416 107.06 -56.11 -19.63
C VAL B 3416 106.83 -56.63 -18.22
N ASP B 3417 106.33 -57.86 -18.09
CA ASP B 3417 106.06 -58.41 -16.76
C ASP B 3417 107.34 -58.58 -15.95
N ASN B 3418 108.42 -59.02 -16.60
CA ASN B 3418 109.69 -59.28 -15.93
C ASN B 3418 110.55 -58.03 -15.76
N ASN B 3419 110.14 -56.86 -16.29
CA ASN B 3419 110.94 -55.64 -16.24
C ASN B 3419 110.16 -54.39 -15.88
N ARG B 3420 108.85 -54.49 -15.58
CA ARG B 3420 108.09 -53.30 -15.16
C ARG B 3420 108.57 -52.78 -13.80
N ALA B 3421 109.06 -53.68 -12.94
CA ALA B 3421 109.51 -53.27 -11.61
C ALA B 3421 110.70 -52.32 -11.69
N HIS B 3422 111.68 -52.65 -12.53
CA HIS B 3422 112.84 -51.79 -12.67
C HIS B 3422 112.53 -50.52 -13.45
N TRP B 3423 111.56 -50.57 -14.36
CA TRP B 3423 111.14 -49.35 -15.03
C TRP B 3423 110.46 -48.41 -14.05
N LEU B 3424 109.68 -48.95 -13.11
CA LEU B 3424 109.06 -48.11 -12.10
C LEU B 3424 110.10 -47.56 -11.12
N THR B 3425 110.98 -48.43 -10.63
CA THR B 3425 111.95 -48.01 -9.63
C THR B 3425 112.97 -47.04 -10.22
N GLU B 3426 113.54 -47.40 -11.39
CA GLU B 3426 114.43 -46.53 -12.15
C GLU B 3426 113.63 -45.94 -13.31
N PRO B 3427 113.28 -44.61 -13.32
CA PRO B 3427 112.48 -44.11 -14.45
C PRO B 3427 113.24 -44.08 -15.76
N ASN B 3428 112.86 -44.97 -16.68
CA ASN B 3428 113.54 -45.12 -17.96
C ASN B 3428 112.94 -44.16 -18.99
N ALA B 3429 113.80 -43.37 -19.62
CA ALA B 3429 113.36 -42.43 -20.66
C ALA B 3429 112.83 -43.18 -21.89
N ASN B 3430 113.51 -44.28 -22.24
CA ASN B 3430 113.10 -45.11 -23.37
C ASN B 3430 111.71 -45.69 -23.15
N ALA B 3431 111.38 -46.03 -21.90
CA ALA B 3431 110.03 -46.44 -21.56
C ALA B 3431 109.03 -45.31 -21.74
N GLU B 3432 109.45 -44.06 -21.54
CA GLU B 3432 108.58 -42.92 -21.81
C GLU B 3432 108.19 -42.87 -23.28
N GLU B 3433 109.20 -43.05 -24.15
CA GLU B 3433 108.90 -43.06 -25.58
C GLU B 3433 108.02 -44.26 -25.96
N LEU B 3434 108.24 -45.42 -25.34
CA LEU B 3434 107.39 -46.57 -25.61
C LEU B 3434 105.96 -46.31 -25.17
N PHE B 3435 105.78 -45.62 -24.04
CA PHE B 3435 104.44 -45.36 -23.53
C PHE B 3435 103.66 -44.48 -24.49
N ARG B 3436 104.27 -43.38 -24.96
CA ARG B 3436 103.54 -42.54 -25.90
C ARG B 3436 103.32 -43.23 -27.25
N MET B 3437 104.25 -44.08 -27.70
CA MET B 3437 104.06 -44.76 -28.99
C MET B 3437 102.91 -45.76 -28.94
N VAL B 3438 102.92 -46.64 -27.93
CA VAL B 3438 101.85 -47.63 -27.83
C VAL B 3438 100.52 -46.97 -27.49
N GLY B 3439 100.54 -45.83 -26.79
CA GLY B 3439 99.32 -45.07 -26.62
C GLY B 3439 98.79 -44.49 -27.91
N GLU B 3440 99.69 -44.08 -28.82
CA GLU B 3440 99.24 -43.64 -30.15
C GLU B 3440 98.60 -44.79 -30.92
N ILE B 3441 99.16 -46.00 -30.78
CA ILE B 3441 98.55 -47.17 -31.40
C ILE B 3441 97.15 -47.40 -30.82
N PHE B 3442 97.02 -47.28 -29.50
CA PHE B 3442 95.71 -47.46 -28.90
C PHE B 3442 94.74 -46.36 -29.31
N ILE B 3443 95.23 -45.14 -29.53
CA ILE B 3443 94.33 -44.06 -29.95
C ILE B 3443 93.80 -44.34 -31.35
N TYR B 3444 94.67 -44.88 -32.22
CA TYR B 3444 94.20 -45.33 -33.53
C TYR B 3444 93.19 -46.47 -33.37
N TRP B 3445 93.43 -47.37 -32.42
CA TRP B 3445 92.51 -48.47 -32.17
C TRP B 3445 91.17 -48.01 -31.60
N SER B 3446 91.16 -46.88 -30.89
CA SER B 3446 89.96 -46.46 -30.15
C SER B 3446 88.83 -46.08 -31.09
N LYS B 3447 89.12 -45.24 -32.08
CA LYS B 3447 88.10 -44.74 -33.00
C LYS B 3447 87.91 -45.61 -34.24
N SER B 3448 88.85 -46.51 -34.53
CA SER B 3448 88.80 -47.32 -35.75
C SER B 3448 87.93 -48.54 -35.52
N HIS B 3449 86.68 -48.47 -35.98
CA HIS B 3449 85.79 -49.63 -35.90
C HIS B 3449 86.24 -50.75 -36.84
N ASN B 3450 86.75 -50.39 -38.02
CA ASN B 3450 87.20 -51.39 -38.96
C ASN B 3450 88.41 -52.15 -38.43
N PHE B 3451 89.28 -51.45 -37.68
CA PHE B 3451 90.40 -52.14 -37.05
C PHE B 3451 89.92 -53.10 -35.98
N LYS B 3452 88.85 -52.74 -35.28
CA LYS B 3452 88.28 -53.67 -34.30
C LYS B 3452 87.68 -54.90 -34.98
N ARG B 3453 87.03 -54.71 -36.13
CA ARG B 3453 86.50 -55.86 -36.87
C ARG B 3453 87.63 -56.74 -37.40
N GLU B 3454 88.72 -56.12 -37.86
CA GLU B 3454 89.88 -56.89 -38.31
C GLU B 3454 90.52 -57.63 -37.14
N GLU B 3455 90.52 -57.02 -35.96
CA GLU B 3455 90.94 -57.72 -34.75
C GLU B 3455 90.03 -58.90 -34.46
N GLN B 3456 88.71 -58.70 -34.63
CA GLN B 3456 87.74 -59.77 -34.42
C GLN B 3456 87.91 -60.93 -35.39
N ASN B 3457 88.48 -60.67 -36.57
CA ASN B 3457 88.64 -61.74 -37.56
C ASN B 3457 89.61 -62.83 -37.07
N PHE B 3458 90.80 -62.44 -36.63
CA PHE B 3458 91.83 -63.43 -36.30
C PHE B 3458 91.56 -64.12 -34.98
N VAL B 3459 90.92 -63.46 -34.02
CA VAL B 3459 90.67 -64.10 -32.73
C VAL B 3459 89.68 -65.24 -32.88
N VAL B 3460 88.63 -65.06 -33.70
CA VAL B 3460 87.66 -66.12 -33.91
C VAL B 3460 88.18 -67.13 -34.93
N GLN B 3461 89.02 -66.72 -35.88
CA GLN B 3461 89.59 -67.69 -36.82
C GLN B 3461 90.57 -68.62 -36.11
N ASN B 3462 91.49 -68.05 -35.34
CA ASN B 3462 92.51 -68.83 -34.65
C ASN B 3462 91.97 -69.56 -33.43
N GLU B 3463 90.96 -69.00 -32.77
CA GLU B 3463 90.38 -69.55 -31.54
C GLU B 3463 91.44 -69.65 -30.44
N ILE B 3464 92.02 -68.48 -30.11
CA ILE B 3464 93.04 -68.35 -29.08
C ILE B 3464 92.37 -67.87 -27.80
N ASN B 3465 92.60 -68.59 -26.70
CA ASN B 3465 92.01 -68.19 -25.42
C ASN B 3465 92.59 -66.87 -24.92
N ASN B 3466 93.87 -66.59 -25.21
CA ASN B 3466 94.54 -65.38 -24.79
C ASN B 3466 94.56 -65.21 -23.27
N MET B 3467 94.68 -66.34 -22.55
CA MET B 3467 94.79 -66.39 -21.10
C MET B 3467 96.11 -66.99 -20.65
N SER B 3468 96.47 -68.16 -21.18
CA SER B 3468 97.77 -68.75 -20.85
C SER B 3468 98.91 -67.95 -21.45
N PHE B 3469 98.67 -67.23 -22.56
CA PHE B 3469 99.72 -66.40 -23.15
C PHE B 3469 100.11 -65.27 -22.20
N LEU B 3470 99.14 -64.67 -21.53
CA LEU B 3470 99.41 -63.62 -20.56
C LEU B 3470 100.10 -64.19 -19.33
N GLN B 3506 86.86 -58.22 -25.85
CA GLN B 3506 86.93 -58.04 -24.41
C GLN B 3506 88.30 -58.46 -23.89
N THR B 3507 88.71 -59.68 -24.24
CA THR B 3507 90.02 -60.22 -23.90
C THR B 3507 91.06 -59.86 -24.96
N SER B 3508 91.17 -58.56 -25.25
CA SER B 3508 92.07 -58.07 -26.28
C SER B 3508 93.50 -57.98 -25.76
N LEU B 3509 94.46 -58.14 -26.67
CA LEU B 3509 95.89 -58.04 -26.35
C LEU B 3509 96.41 -56.61 -26.45
N ILE B 3510 95.83 -55.79 -27.32
CA ILE B 3510 96.28 -54.41 -27.48
C ILE B 3510 95.98 -53.59 -26.21
N VAL B 3511 94.78 -53.77 -25.66
CA VAL B 3511 94.40 -53.10 -24.43
C VAL B 3511 95.23 -53.62 -23.27
N ALA B 3512 95.65 -54.89 -23.33
CA ALA B 3512 96.52 -55.44 -22.30
C ALA B 3512 97.87 -54.76 -22.29
N THR B 3513 98.42 -54.47 -23.48
CA THR B 3513 99.68 -53.74 -23.56
C THR B 3513 99.53 -52.36 -22.92
N LEU B 3514 98.44 -51.67 -23.25
CA LEU B 3514 98.21 -50.34 -22.68
C LEU B 3514 98.08 -50.40 -21.17
N LYS B 3515 97.24 -51.30 -20.66
CA LYS B 3515 96.96 -51.30 -19.23
C LYS B 3515 98.15 -51.79 -18.43
N LYS B 3516 98.90 -52.75 -18.96
CA LYS B 3516 100.07 -53.24 -18.25
C LYS B 3516 101.16 -52.18 -18.19
N MET B 3517 101.33 -51.39 -19.26
CA MET B 3517 102.30 -50.31 -19.23
C MET B 3517 101.82 -49.08 -18.45
N LEU B 3518 100.51 -48.92 -18.27
CA LEU B 3518 99.96 -47.67 -17.70
C LEU B 3518 100.47 -47.29 -16.31
N PRO B 3519 100.84 -48.22 -15.40
CA PRO B 3519 101.59 -47.79 -14.21
C PRO B 3519 102.88 -47.05 -14.49
N ILE B 3520 103.63 -47.44 -15.51
CA ILE B 3520 104.90 -46.79 -15.81
C ILE B 3520 104.68 -45.37 -16.31
N GLY B 3521 103.77 -45.22 -17.28
CA GLY B 3521 103.47 -43.91 -17.82
C GLY B 3521 102.85 -42.98 -16.81
N LEU B 3522 101.96 -43.50 -15.97
CA LEU B 3522 101.42 -42.67 -14.89
C LEU B 3522 102.49 -42.35 -13.86
N ASN B 3523 103.45 -43.25 -13.65
CA ASN B 3523 104.52 -42.99 -12.69
C ASN B 3523 105.43 -41.88 -13.17
N MET B 3524 105.56 -41.70 -14.49
CA MET B 3524 106.35 -40.57 -14.99
C MET B 3524 105.74 -39.23 -14.57
N CYS B 3525 104.42 -39.09 -14.67
CA CYS B 3525 103.78 -37.82 -14.36
C CYS B 3525 103.72 -37.59 -12.86
N ALA B 3526 103.83 -36.32 -12.45
CA ALA B 3526 103.86 -35.96 -11.05
C ALA B 3526 102.44 -35.97 -10.44
N PRO B 3527 102.32 -36.04 -9.11
CA PRO B 3527 100.97 -35.97 -8.51
C PRO B 3527 100.31 -34.62 -8.64
N THR B 3528 101.08 -33.53 -8.80
CA THR B 3528 100.50 -32.20 -8.91
C THR B 3528 99.63 -32.04 -10.15
N ASP B 3529 99.92 -32.80 -11.20
CA ASP B 3529 99.14 -32.79 -12.44
C ASP B 3529 97.80 -33.52 -12.34
N GLN B 3530 97.50 -34.20 -11.22
CA GLN B 3530 96.32 -35.05 -11.15
C GLN B 3530 95.02 -34.26 -11.28
N ASP B 3531 94.94 -33.12 -10.59
CA ASP B 3531 93.77 -32.25 -10.72
C ASP B 3531 93.64 -31.72 -12.15
N LEU B 3532 94.77 -31.39 -12.77
CA LEU B 3532 94.72 -30.96 -14.15
C LEU B 3532 94.39 -32.12 -15.08
N ILE B 3533 94.71 -33.36 -14.68
CA ILE B 3533 94.31 -34.50 -15.50
C ILE B 3533 92.80 -34.67 -15.45
N MET B 3534 92.18 -34.41 -14.29
CA MET B 3534 90.71 -34.44 -14.24
C MET B 3534 90.12 -33.35 -15.13
N LEU B 3535 90.71 -32.14 -15.08
CA LEU B 3535 90.25 -31.06 -15.96
C LEU B 3535 90.46 -31.40 -17.43
N ALA B 3536 91.56 -32.08 -17.75
CA ALA B 3536 91.83 -32.50 -19.12
C ALA B 3536 90.84 -33.55 -19.59
N LYS B 3537 90.45 -34.46 -18.69
CA LYS B 3537 89.43 -35.45 -19.00
C LYS B 3537 88.10 -34.78 -19.33
N THR B 3538 87.77 -33.71 -18.60
CA THR B 3538 86.61 -32.92 -19.00
C THR B 3538 86.84 -32.20 -20.33
N ARG B 3539 88.08 -31.79 -20.60
CA ARG B 3539 88.38 -31.06 -21.82
C ARG B 3539 88.14 -31.91 -23.06
N TYR B 3540 88.51 -33.19 -23.02
CA TYR B 3540 88.28 -34.06 -24.17
C TYR B 3540 86.81 -34.43 -24.40
N ALA B 3541 85.92 -34.13 -23.45
CA ALA B 3541 84.50 -34.30 -23.72
C ALA B 3541 84.03 -33.38 -24.84
N LEU B 3542 84.64 -32.20 -24.96
CA LEU B 3542 84.32 -31.26 -26.04
C LEU B 3542 84.84 -31.70 -27.41
N LYS B 3543 85.65 -32.76 -27.49
CA LYS B 3543 86.22 -33.23 -28.75
C LYS B 3543 87.13 -32.17 -29.37
N ASP B 3544 87.87 -31.48 -28.52
CA ASP B 3544 88.81 -30.45 -28.97
C ASP B 3544 90.05 -31.11 -29.58
N THR B 3545 90.83 -30.30 -30.27
CA THR B 3545 92.05 -30.76 -30.90
C THR B 3545 93.16 -30.90 -29.87
N ASP B 3546 94.26 -31.55 -30.29
CA ASP B 3546 95.40 -31.71 -29.40
C ASP B 3546 96.05 -30.36 -29.08
N GLU B 3547 96.15 -29.48 -30.07
CA GLU B 3547 96.72 -28.16 -29.82
C GLU B 3547 95.78 -27.31 -28.97
N GLU B 3548 94.47 -27.49 -29.13
CA GLU B 3548 93.51 -26.71 -28.35
C GLU B 3548 93.60 -27.04 -26.87
N VAL B 3549 93.56 -28.32 -26.53
CA VAL B 3549 93.66 -28.70 -25.12
C VAL B 3549 95.06 -28.40 -24.59
N ARG B 3550 96.10 -28.50 -25.45
CA ARG B 3550 97.45 -28.17 -25.04
C ARG B 3550 97.58 -26.71 -24.62
N GLU B 3551 97.13 -25.80 -25.48
CA GLU B 3551 97.24 -24.38 -25.15
C GLU B 3551 96.26 -23.98 -24.04
N PHE B 3552 95.06 -24.57 -24.03
CA PHE B 3552 94.07 -24.25 -23.02
C PHE B 3552 94.52 -24.68 -21.63
N LEU B 3553 95.34 -25.75 -21.54
CA LEU B 3553 95.97 -26.13 -20.28
C LEU B 3553 97.23 -25.33 -20.00
N GLN B 3554 97.98 -24.95 -21.03
CA GLN B 3554 99.25 -24.28 -20.81
C GLN B 3554 99.06 -22.86 -20.29
N ASN B 3555 98.15 -22.10 -20.92
CA ASN B 3555 97.91 -20.73 -20.46
C ASN B 3555 97.33 -20.70 -19.05
N ASN B 3556 96.46 -21.66 -18.74
CA ASN B 3556 95.89 -21.83 -17.40
C ASN B 3556 96.72 -22.79 -16.56
N LEU B 3557 98.04 -22.55 -16.49
CA LEU B 3557 98.93 -23.39 -15.72
C LEU B 3557 98.84 -23.15 -14.22
N HIS B 3558 98.32 -22.00 -13.79
CA HIS B 3558 98.22 -21.70 -12.36
C HIS B 3558 97.14 -22.50 -11.65
N LEU B 3559 96.28 -23.24 -12.36
CA LEU B 3559 95.24 -24.02 -11.72
C LEU B 3559 95.80 -25.18 -10.89
N GLN B 3560 97.02 -25.64 -11.18
CA GLN B 3560 97.61 -26.75 -10.45
C GLN B 3560 98.08 -26.29 -9.07
N GLY B 3561 98.76 -27.19 -8.35
CA GLY B 3561 99.27 -26.91 -7.02
C GLY B 3561 98.41 -27.51 -5.92
N LYS B 3562 97.79 -26.65 -5.12
CA LYS B 3562 97.00 -27.08 -3.97
C LYS B 3562 97.85 -27.87 -2.97
N VAL B 3563 99.11 -27.46 -2.81
CA VAL B 3563 100.02 -28.18 -1.94
C VAL B 3563 99.64 -27.95 -0.48
N GLU B 3564 99.55 -26.68 -0.08
CA GLU B 3564 99.36 -26.36 1.33
C GLU B 3564 97.94 -26.61 1.81
N GLY B 3565 96.94 -26.51 0.93
CA GLY B 3565 95.57 -26.64 1.37
C GLY B 3565 95.22 -28.03 1.86
N SER B 3566 95.70 -29.06 1.16
CA SER B 3566 95.39 -30.45 1.45
C SER B 3566 96.63 -31.16 2.00
N PRO B 3567 96.70 -31.52 3.30
CA PRO B 3567 97.88 -32.29 3.75
C PRO B 3567 97.99 -33.68 3.15
N SER B 3568 96.84 -34.28 2.85
CA SER B 3568 96.81 -35.60 2.22
C SER B 3568 97.51 -35.58 0.88
N LEU B 3569 97.36 -34.48 0.14
CA LEU B 3569 98.13 -34.32 -1.09
C LEU B 3569 99.61 -34.10 -0.79
N ARG B 3570 99.94 -33.30 0.25
CA ARG B 3570 101.32 -32.94 0.56
C ARG B 3570 102.19 -34.16 0.80
N TRP B 3571 101.61 -35.15 1.49
CA TRP B 3571 102.28 -36.43 1.67
C TRP B 3571 102.58 -37.10 0.33
N GLN B 3572 101.76 -36.88 -0.69
CA GLN B 3572 101.90 -37.62 -1.94
C GLN B 3572 103.18 -37.23 -2.67
N MET B 3573 103.34 -35.95 -3.05
CA MET B 3573 104.55 -35.56 -3.78
C MET B 3573 105.74 -35.36 -2.86
N ALA B 3574 105.57 -35.45 -1.52
CA ALA B 3574 106.74 -35.65 -0.68
C ALA B 3574 107.50 -36.91 -1.08
N LEU B 3575 106.78 -37.97 -1.47
CA LEU B 3575 107.45 -39.12 -2.07
C LEU B 3575 108.05 -38.76 -3.41
N TYR B 3576 107.31 -38.03 -4.26
CA TYR B 3576 107.71 -37.79 -5.65
C TYR B 3576 109.03 -37.06 -5.76
N ARG B 3577 109.32 -36.16 -4.81
CA ARG B 3577 110.66 -35.58 -4.78
C ARG B 3577 111.71 -36.57 -4.31
N GLY B 3578 111.31 -37.60 -3.54
CA GLY B 3578 112.25 -38.61 -3.07
C GLY B 3578 112.68 -39.66 -4.08
N LEU B 3579 112.04 -39.72 -5.25
CA LEU B 3579 112.45 -40.65 -6.30
C LEU B 3579 113.81 -40.27 -6.88
N PRO B 3580 114.40 -41.12 -7.73
CA PRO B 3580 115.64 -40.71 -8.42
C PRO B 3580 115.46 -39.52 -9.35
N GLY B 3581 114.24 -39.17 -9.75
CA GLY B 3581 114.03 -37.97 -10.53
C GLY B 3581 114.42 -36.72 -9.76
N ARG B 3582 114.89 -35.72 -10.51
CA ARG B 3582 115.48 -34.51 -9.95
C ARG B 3582 114.39 -33.45 -9.76
N GLU B 3583 114.78 -32.29 -9.26
CA GLU B 3583 113.84 -31.20 -9.00
C GLU B 3583 113.42 -30.56 -10.33
N GLU B 3584 112.69 -29.45 -10.25
CA GLU B 3584 112.04 -28.86 -11.41
C GLU B 3584 113.07 -28.19 -12.32
N ASP B 3585 113.79 -29.04 -13.05
CA ASP B 3585 114.71 -28.64 -14.12
C ASP B 3585 114.31 -29.24 -15.46
N ALA B 3586 114.13 -30.57 -15.52
CA ALA B 3586 113.68 -31.21 -16.75
C ALA B 3586 112.20 -31.01 -16.99
N ASP B 3587 111.40 -30.95 -15.93
CA ASP B 3587 109.93 -30.87 -16.06
C ASP B 3587 109.54 -29.42 -16.36
N ASP B 3588 109.79 -29.02 -17.60
CA ASP B 3588 109.34 -27.74 -18.11
C ASP B 3588 107.86 -27.81 -18.42
N PRO B 3589 107.19 -26.66 -18.66
CA PRO B 3589 105.76 -26.71 -19.01
C PRO B 3589 105.41 -27.51 -20.27
N GLU B 3590 106.31 -27.54 -21.27
CA GLU B 3590 106.03 -28.27 -22.51
C GLU B 3590 105.93 -29.77 -22.28
N LYS B 3591 106.87 -30.35 -21.52
CA LYS B 3591 106.79 -31.78 -21.23
C LYS B 3591 105.59 -32.09 -20.35
N ILE B 3592 105.22 -31.17 -19.45
CA ILE B 3592 104.12 -31.40 -18.54
C ILE B 3592 102.81 -31.49 -19.32
N VAL B 3593 102.56 -30.52 -20.21
CA VAL B 3593 101.35 -30.59 -21.02
C VAL B 3593 101.41 -31.73 -22.03
N ARG B 3594 102.61 -32.18 -22.43
CA ARG B 3594 102.68 -33.39 -23.27
C ARG B 3594 102.15 -34.61 -22.52
N ARG B 3595 102.52 -34.75 -21.25
CA ARG B 3595 101.98 -35.83 -20.42
C ARG B 3595 100.47 -35.72 -20.28
N VAL B 3596 99.97 -34.48 -20.13
CA VAL B 3596 98.51 -34.27 -20.07
C VAL B 3596 97.84 -34.73 -21.35
N GLN B 3597 98.45 -34.38 -22.50
CA GLN B 3597 97.91 -34.70 -23.82
C GLN B 3597 97.77 -36.20 -24.01
N GLU B 3598 98.77 -36.96 -23.59
CA GLU B 3598 98.67 -38.40 -23.74
C GLU B 3598 97.63 -39.01 -22.78
N VAL B 3599 97.83 -38.79 -21.47
CA VAL B 3599 97.10 -39.61 -20.50
C VAL B 3599 95.62 -39.26 -20.41
N SER B 3600 95.24 -38.00 -20.69
CA SER B 3600 93.83 -37.62 -20.62
C SER B 3600 92.98 -38.36 -21.67
N ALA B 3601 93.46 -38.41 -22.90
CA ALA B 3601 92.74 -39.16 -23.91
C ALA B 3601 92.81 -40.66 -23.66
N VAL B 3602 93.91 -41.13 -23.06
CA VAL B 3602 94.04 -42.57 -22.79
C VAL B 3602 92.96 -43.01 -21.79
N LEU B 3603 92.84 -42.31 -20.67
CA LEU B 3603 91.81 -42.69 -19.71
C LEU B 3603 90.41 -42.45 -20.26
N TYR B 3604 90.22 -41.49 -21.17
CA TYR B 3604 88.90 -41.29 -21.76
C TYR B 3604 88.46 -42.52 -22.55
N HIS B 3605 89.34 -43.00 -23.45
CA HIS B 3605 89.00 -44.16 -24.25
C HIS B 3605 88.89 -45.42 -23.39
N LEU B 3606 89.77 -45.57 -22.40
CA LEU B 3606 89.73 -46.76 -21.55
C LEU B 3606 88.49 -46.78 -20.68
N GLU B 3607 88.07 -45.61 -20.19
CA GLU B 3607 86.87 -45.55 -19.36
C GLU B 3607 85.63 -45.84 -20.18
N GLN B 3608 85.61 -45.43 -21.45
CA GLN B 3608 84.45 -45.77 -22.28
C GLN B 3608 84.41 -47.26 -22.57
N THR B 3609 85.53 -47.85 -23.01
CA THR B 3609 85.51 -49.27 -23.34
C THR B 3609 85.50 -50.19 -22.13
N GLU B 3610 85.68 -49.68 -20.91
CA GLU B 3610 85.56 -50.53 -19.73
C GLU B 3610 84.16 -51.09 -19.57
N HIS B 3611 83.14 -50.30 -19.88
CA HIS B 3611 81.75 -50.72 -19.73
C HIS B 3611 81.45 -51.85 -20.72
N PRO B 3612 81.35 -53.14 -20.30
CA PRO B 3612 81.20 -54.15 -21.34
C PRO B 3612 79.76 -54.29 -21.84
N THR B 3639 53.81 -74.52 -46.04
CA THR B 3639 53.10 -75.53 -46.82
C THR B 3639 52.94 -75.04 -48.27
N PRO B 3640 53.25 -75.87 -49.27
CA PRO B 3640 53.29 -75.33 -50.64
C PRO B 3640 51.92 -75.23 -51.26
N LEU B 3641 51.72 -74.17 -52.03
CA LEU B 3641 50.49 -74.02 -52.81
C LEU B 3641 50.39 -75.11 -53.86
N TYR B 3642 51.51 -75.46 -54.47
CA TYR B 3642 51.52 -76.54 -55.46
C TYR B 3642 51.28 -77.89 -54.76
N ASN B 3643 51.21 -78.94 -55.59
CA ASN B 3643 50.78 -80.30 -55.26
C ASN B 3643 49.58 -80.40 -54.33
N LEU B 3644 48.61 -79.49 -54.50
CA LEU B 3644 47.34 -79.53 -53.78
C LEU B 3644 46.29 -80.26 -54.61
N PRO B 3645 45.14 -80.59 -54.03
CA PRO B 3645 44.05 -81.15 -54.85
C PRO B 3645 43.55 -80.13 -55.86
N THR B 3646 43.20 -80.61 -57.05
CA THR B 3646 42.72 -79.71 -58.09
C THR B 3646 41.37 -79.11 -57.75
N HIS B 3647 40.52 -79.84 -57.04
CA HIS B 3647 39.22 -79.30 -56.66
C HIS B 3647 39.32 -78.29 -55.53
N ARG B 3648 40.35 -78.40 -54.68
CA ARG B 3648 40.49 -77.47 -53.57
C ARG B 3648 40.82 -76.06 -54.06
N ALA B 3649 41.65 -75.98 -55.10
CA ALA B 3649 42.08 -74.69 -55.62
C ALA B 3649 40.92 -73.91 -56.22
N CYS B 3650 39.91 -74.61 -56.75
CA CYS B 3650 38.72 -73.92 -57.26
C CYS B 3650 37.97 -73.22 -56.14
N ASN B 3651 37.84 -73.91 -55.00
CA ASN B 3651 37.19 -73.32 -53.83
C ASN B 3651 37.97 -72.13 -53.32
N MET B 3652 39.30 -72.21 -53.37
CA MET B 3652 40.11 -71.05 -53.00
C MET B 3652 39.93 -69.90 -53.99
N PHE B 3653 39.86 -70.25 -55.28
CA PHE B 3653 39.86 -69.25 -56.34
C PHE B 3653 38.59 -68.43 -56.31
N LEU B 3654 37.44 -69.08 -56.09
CA LEU B 3654 36.20 -68.33 -56.05
C LEU B 3654 36.16 -67.38 -54.86
N GLU B 3655 36.78 -67.76 -53.74
CA GLU B 3655 36.78 -66.89 -52.58
C GLU B 3655 37.60 -65.64 -52.84
N SER B 3656 38.81 -65.82 -53.37
CA SER B 3656 39.65 -64.66 -53.65
C SER B 3656 39.06 -63.80 -54.76
N TYR B 3657 38.48 -64.43 -55.79
CA TYR B 3657 37.87 -63.67 -56.87
C TYR B 3657 36.63 -62.94 -56.40
N LYS B 3658 35.88 -63.51 -55.46
CA LYS B 3658 34.76 -62.81 -54.87
C LYS B 3658 35.22 -61.59 -54.11
N ALA B 3659 36.35 -61.70 -53.41
CA ALA B 3659 36.89 -60.58 -52.65
C ALA B 3659 37.75 -59.63 -53.47
N ALA B 3660 38.00 -59.91 -54.76
CA ALA B 3660 38.94 -59.16 -55.58
C ALA B 3660 38.26 -58.30 -56.64
N TRP B 3661 37.51 -58.92 -57.53
CA TRP B 3661 36.80 -58.22 -58.60
C TRP B 3661 35.39 -57.87 -58.18
N ILE B 3662 34.68 -58.84 -57.62
CA ILE B 3662 33.40 -58.57 -57.01
C ILE B 3662 33.65 -57.83 -55.68
N LEU B 3663 32.64 -57.07 -55.26
CA LEU B 3663 32.76 -56.02 -54.22
C LEU B 3663 33.63 -54.89 -54.75
N THR B 3664 33.33 -54.46 -55.98
CA THR B 3664 33.89 -53.28 -56.60
C THR B 3664 32.75 -52.41 -57.12
N GLU B 3665 32.87 -51.10 -56.93
CA GLU B 3665 31.79 -50.20 -57.24
C GLU B 3665 31.64 -50.07 -58.75
N ASP B 3666 30.82 -50.96 -59.33
CA ASP B 3666 30.49 -50.96 -60.74
C ASP B 3666 28.98 -51.05 -60.97
N HIS B 3667 28.16 -50.77 -59.95
CA HIS B 3667 26.72 -50.94 -60.05
C HIS B 3667 26.12 -49.96 -61.05
N SER B 3668 26.15 -48.68 -60.73
CA SER B 3668 25.79 -47.59 -61.65
C SER B 3668 24.37 -47.71 -62.19
N PHE B 3669 23.42 -48.08 -61.32
CA PHE B 3669 22.01 -48.22 -61.70
C PHE B 3669 21.03 -47.74 -60.65
N GLU B 3670 21.49 -47.10 -59.57
CA GLU B 3670 20.58 -46.69 -58.51
C GLU B 3670 19.65 -45.59 -58.98
N ASP B 3671 20.17 -44.62 -59.73
CA ASP B 3671 19.34 -43.52 -60.19
C ASP B 3671 18.32 -43.98 -61.23
N ARG B 3672 18.71 -44.98 -62.05
CA ARG B 3672 17.86 -45.42 -63.14
C ARG B 3672 16.56 -46.03 -62.66
N MET B 3673 16.56 -46.68 -61.51
CA MET B 3673 15.33 -47.30 -61.00
C MET B 3673 14.29 -46.25 -60.66
N ILE B 3674 14.69 -45.25 -59.87
CA ILE B 3674 13.75 -44.22 -59.44
C ILE B 3674 13.28 -43.42 -60.63
N ASP B 3675 14.22 -43.10 -61.54
CA ASP B 3675 13.88 -42.36 -62.75
C ASP B 3675 12.91 -43.14 -63.63
N ASP B 3676 13.20 -44.42 -63.88
CA ASP B 3676 12.39 -45.21 -64.79
C ASP B 3676 11.01 -45.49 -64.20
N LEU B 3677 10.94 -45.75 -62.90
CA LEU B 3677 9.66 -46.06 -62.30
C LEU B 3677 8.76 -44.83 -62.26
N SER B 3678 9.31 -43.66 -61.96
CA SER B 3678 8.48 -42.47 -61.79
C SER B 3678 8.24 -41.69 -63.08
N LYS B 3679 9.13 -41.80 -64.07
CA LYS B 3679 8.97 -41.01 -65.29
C LYS B 3679 7.75 -41.43 -66.07
N ALA B 3680 7.47 -42.74 -66.12
CA ALA B 3680 6.35 -43.27 -66.88
C ALA B 3680 5.11 -43.26 -65.98
N GLY B 3681 4.61 -42.04 -65.75
CA GLY B 3681 3.35 -41.90 -65.06
C GLY B 3681 2.20 -42.52 -65.84
N GLU B 3682 2.27 -42.44 -67.17
CA GLU B 3682 1.29 -43.08 -68.03
C GLU B 3682 1.90 -43.21 -69.42
N GLN B 3683 1.39 -44.17 -70.18
CA GLN B 3683 1.82 -44.33 -71.56
C GLN B 3683 1.36 -43.14 -72.39
N GLU B 3684 2.02 -42.95 -73.54
CA GLU B 3684 1.64 -41.87 -74.44
C GLU B 3684 0.24 -42.09 -74.98
N GLU B 3685 -0.10 -43.32 -75.37
CA GLU B 3685 -1.45 -43.65 -75.79
C GLU B 3685 -2.39 -43.78 -74.59
N GLU B 3686 -1.89 -44.30 -73.48
CA GLU B 3686 -2.73 -44.51 -72.31
C GLU B 3686 -3.11 -43.19 -71.67
N GLU B 3687 -4.41 -43.00 -71.41
CA GLU B 3687 -4.89 -41.80 -70.76
C GLU B 3687 -6.34 -42.00 -70.31
N GLU B 3688 -6.62 -41.70 -69.04
CA GLU B 3688 -7.99 -41.81 -68.55
C GLU B 3688 -8.90 -40.79 -69.21
N GLU B 3689 -8.41 -39.56 -69.39
CA GLU B 3689 -9.14 -38.47 -70.03
C GLU B 3689 -10.41 -38.07 -69.27
N VAL B 3690 -10.47 -38.35 -67.96
CA VAL B 3690 -11.55 -37.87 -67.08
C VAL B 3690 -10.99 -37.29 -65.78
N GLU B 3691 -9.69 -36.94 -65.75
CA GLU B 3691 -9.03 -36.39 -64.57
C GLU B 3691 -9.04 -37.35 -63.37
N GLU B 3692 -9.14 -38.65 -63.61
CA GLU B 3692 -9.06 -39.68 -62.55
C GLU B 3692 -7.65 -40.26 -62.59
N LYS B 3693 -6.71 -39.49 -62.07
CA LYS B 3693 -5.33 -39.96 -61.98
C LYS B 3693 -5.21 -41.08 -60.98
N LYS B 3694 -4.36 -42.06 -61.31
CA LYS B 3694 -4.12 -43.26 -60.53
C LYS B 3694 -2.68 -43.24 -60.04
N PRO B 3695 -2.27 -44.10 -59.11
CA PRO B 3695 -0.88 -44.09 -58.66
C PRO B 3695 0.09 -44.52 -59.75
N ASP B 3696 1.31 -44.07 -59.58
CA ASP B 3696 2.40 -44.40 -60.47
C ASP B 3696 2.96 -45.76 -60.06
N PRO B 3697 3.91 -46.32 -60.82
CA PRO B 3697 4.57 -47.55 -60.36
C PRO B 3697 5.29 -47.41 -59.02
N LEU B 3698 6.03 -46.32 -58.86
CA LEU B 3698 6.78 -46.08 -57.63
C LEU B 3698 5.84 -45.91 -56.44
N HIS B 3699 4.71 -45.25 -56.67
CA HIS B 3699 3.75 -45.03 -55.62
C HIS B 3699 3.14 -46.35 -55.14
N GLN B 3700 2.89 -47.25 -56.09
CA GLN B 3700 2.40 -48.58 -55.74
C GLN B 3700 3.43 -49.33 -54.90
N LEU B 3701 4.70 -49.18 -55.27
CA LEU B 3701 5.77 -49.85 -54.51
C LEU B 3701 5.81 -49.36 -53.08
N VAL B 3702 5.66 -48.04 -52.88
CA VAL B 3702 5.72 -47.51 -51.53
C VAL B 3702 4.51 -47.97 -50.73
N LEU B 3703 3.33 -47.96 -51.36
CA LEU B 3703 2.12 -48.30 -50.64
C LEU B 3703 2.10 -49.76 -50.22
N HIS B 3704 2.78 -50.64 -50.96
CA HIS B 3704 2.85 -52.03 -50.54
C HIS B 3704 3.58 -52.18 -49.21
N PHE B 3705 4.72 -51.50 -49.05
CA PHE B 3705 5.44 -51.58 -47.79
C PHE B 3705 4.66 -50.92 -46.66
N SER B 3706 3.97 -49.83 -46.96
CA SER B 3706 3.19 -49.18 -45.91
C SER B 3706 2.04 -50.05 -45.45
N ARG B 3707 1.41 -50.76 -46.39
CA ARG B 3707 0.36 -51.70 -46.03
C ARG B 3707 0.92 -52.86 -45.22
N THR B 3708 2.12 -53.31 -45.57
CA THR B 3708 2.74 -54.41 -44.82
C THR B 3708 3.07 -53.99 -43.40
N ALA B 3709 3.52 -52.75 -43.22
CA ALA B 3709 3.91 -52.29 -41.90
C ALA B 3709 2.71 -52.17 -40.97
N LEU B 3710 1.54 -51.82 -41.50
CA LEU B 3710 0.37 -51.58 -40.67
C LEU B 3710 -0.25 -52.85 -40.12
N THR B 3711 0.17 -54.03 -40.56
CA THR B 3711 -0.43 -55.26 -40.06
C THR B 3711 -0.07 -55.47 -38.60
N GLU B 3712 -1.01 -56.05 -37.87
CA GLU B 3712 -0.83 -56.28 -36.44
C GLU B 3712 0.10 -57.47 -36.24
N LYS B 3713 1.22 -57.23 -35.57
CA LYS B 3713 2.22 -58.27 -35.34
C LYS B 3713 3.05 -57.89 -34.14
N SER B 3714 3.75 -58.87 -33.58
CA SER B 3714 4.66 -58.68 -32.46
C SER B 3714 6.05 -58.30 -32.96
N LYS B 3715 6.64 -59.17 -33.77
CA LYS B 3715 8.00 -59.02 -34.30
C LYS B 3715 7.92 -58.94 -35.82
N LEU B 3716 8.66 -58.00 -36.38
CA LEU B 3716 8.65 -57.80 -37.83
C LEU B 3716 9.49 -58.86 -38.52
N ASP B 3717 9.11 -59.17 -39.75
CA ASP B 3717 9.79 -60.18 -40.54
C ASP B 3717 11.13 -59.66 -41.07
N GLU B 3718 11.94 -60.58 -41.57
CA GLU B 3718 13.25 -60.22 -42.09
C GLU B 3718 13.13 -59.34 -43.33
N ASP B 3719 12.39 -59.81 -44.33
CA ASP B 3719 12.03 -59.02 -45.51
C ASP B 3719 13.27 -58.55 -46.28
N TYR B 3720 13.97 -59.53 -46.86
CA TYR B 3720 15.19 -59.24 -47.59
C TYR B 3720 14.95 -58.39 -48.84
N LEU B 3721 13.73 -58.39 -49.37
CA LEU B 3721 13.43 -57.54 -50.51
C LEU B 3721 13.53 -56.07 -50.15
N TYR B 3722 13.08 -55.71 -48.95
CA TYR B 3722 13.01 -54.31 -48.55
C TYR B 3722 14.38 -53.66 -48.47
N MET B 3723 15.42 -54.44 -48.16
CA MET B 3723 16.78 -53.91 -48.08
C MET B 3723 17.22 -53.32 -49.42
N ALA B 3724 16.86 -53.99 -50.51
CA ALA B 3724 17.23 -53.54 -51.84
C ALA B 3724 16.61 -52.19 -52.15
N TYR B 3725 15.28 -52.11 -52.10
CA TYR B 3725 14.63 -50.86 -52.48
C TYR B 3725 14.88 -49.74 -51.48
N ALA B 3726 15.14 -50.05 -50.22
CA ALA B 3726 15.55 -49.03 -49.27
C ALA B 3726 16.87 -48.41 -49.67
N ASP B 3727 17.87 -49.24 -49.96
CA ASP B 3727 19.17 -48.70 -50.34
C ASP B 3727 19.13 -48.01 -51.70
N ILE B 3728 18.35 -48.55 -52.63
CA ILE B 3728 18.21 -47.98 -53.96
C ILE B 3728 17.58 -46.60 -53.86
N MET B 3729 16.56 -46.45 -53.02
CA MET B 3729 15.94 -45.15 -52.85
C MET B 3729 16.89 -44.16 -52.20
N ALA B 3730 17.59 -44.60 -51.15
CA ALA B 3730 18.42 -43.67 -50.38
C ALA B 3730 19.62 -43.17 -51.19
N LYS B 3731 20.22 -44.05 -52.00
CA LYS B 3731 21.40 -43.64 -52.75
C LYS B 3731 21.09 -42.61 -53.84
N SER B 3732 19.82 -42.52 -54.27
CA SER B 3732 19.46 -41.55 -55.30
C SER B 3732 19.64 -40.12 -54.80
N CYS B 3733 19.06 -39.80 -53.65
CA CYS B 3733 19.29 -38.48 -53.06
C CYS B 3733 20.71 -38.35 -52.53
N HIS B 3734 21.36 -39.46 -52.16
CA HIS B 3734 22.77 -39.38 -51.81
C HIS B 3734 23.64 -38.97 -53.00
N LEU B 3735 23.20 -39.20 -54.25
CA LEU B 3735 24.02 -38.89 -55.42
C LEU B 3735 24.38 -37.41 -55.51
N GLU B 3736 23.44 -36.53 -55.16
CA GLU B 3736 23.71 -35.10 -55.28
C GLU B 3736 24.78 -34.64 -54.29
N GLU B 3737 24.63 -35.00 -53.02
CA GLU B 3737 25.55 -34.54 -51.99
C GLU B 3737 26.87 -35.29 -52.00
N GLY B 3738 26.84 -36.60 -52.29
CA GLY B 3738 28.04 -37.42 -52.24
C GLY B 3738 28.77 -37.49 -53.57
N GLY B 3739 28.02 -37.68 -54.66
CA GLY B 3739 28.64 -37.76 -55.97
C GLY B 3739 29.30 -36.45 -56.38
N GLU B 3740 28.71 -35.33 -55.99
CA GLU B 3740 29.27 -34.02 -56.27
C GLU B 3740 28.69 -32.97 -55.32
N GLU B 3748 42.25 -28.30 -54.38
CA GLU B 3748 40.93 -27.82 -54.06
C GLU B 3748 40.52 -26.66 -54.97
N VAL B 3749 39.22 -26.41 -55.05
CA VAL B 3749 38.67 -25.29 -55.82
C VAL B 3749 37.37 -24.85 -55.15
N GLU B 3750 37.17 -23.54 -55.09
CA GLU B 3750 35.96 -22.98 -54.50
C GLU B 3750 34.85 -22.99 -55.54
N VAL B 3751 33.74 -23.65 -55.21
CA VAL B 3751 32.63 -23.75 -56.14
C VAL B 3751 31.96 -22.38 -56.29
N SER B 3752 31.44 -22.13 -57.48
CA SER B 3752 30.76 -20.87 -57.74
C SER B 3752 29.44 -20.80 -56.98
N PHE B 3753 28.95 -19.58 -56.82
CA PHE B 3753 27.63 -19.38 -56.21
C PHE B 3753 26.55 -20.01 -57.06
N GLU B 3754 26.63 -19.86 -58.38
CA GLU B 3754 25.65 -20.44 -59.27
C GLU B 3754 25.70 -21.97 -59.20
N GLU B 3755 26.91 -22.54 -59.15
CA GLU B 3755 27.03 -23.99 -59.09
C GLU B 3755 26.53 -24.51 -57.74
N LYS B 3756 26.78 -23.79 -56.66
CA LYS B 3756 26.34 -24.27 -55.35
C LYS B 3756 24.83 -24.19 -55.23
N GLU B 3757 24.22 -23.10 -55.70
CA GLU B 3757 22.76 -23.02 -55.68
C GLU B 3757 22.15 -24.05 -56.62
N MET B 3758 22.81 -24.33 -57.74
CA MET B 3758 22.37 -25.37 -58.65
C MET B 3758 22.51 -26.75 -58.03
N GLU B 3759 23.47 -26.92 -57.12
CA GLU B 3759 23.63 -28.17 -56.39
C GLU B 3759 22.60 -28.31 -55.29
N LYS B 3760 22.17 -27.19 -54.70
CA LYS B 3760 21.03 -27.25 -53.78
C LYS B 3760 19.77 -27.63 -54.53
N GLN B 3761 19.60 -27.09 -55.73
CA GLN B 3761 18.65 -27.64 -56.68
C GLN B 3761 19.19 -28.97 -57.21
N ARG B 3762 18.33 -29.71 -57.90
CA ARG B 3762 18.57 -31.09 -58.29
C ARG B 3762 18.70 -32.04 -57.08
N LEU B 3763 18.29 -31.61 -55.89
CA LEU B 3763 18.20 -32.41 -54.67
C LEU B 3763 16.82 -32.34 -54.07
N LEU B 3764 16.23 -31.15 -54.01
CA LEU B 3764 14.83 -31.05 -53.65
C LEU B 3764 13.96 -31.67 -54.73
N TYR B 3765 14.39 -31.58 -55.99
CA TYR B 3765 13.67 -32.28 -57.05
C TYR B 3765 13.84 -33.78 -56.91
N GLN B 3766 15.05 -34.24 -56.57
CA GLN B 3766 15.25 -35.67 -56.36
C GLN B 3766 14.47 -36.17 -55.15
N GLN B 3767 14.49 -35.39 -54.07
CA GLN B 3767 13.72 -35.73 -52.88
C GLN B 3767 12.21 -35.70 -53.17
N SER B 3768 11.79 -34.77 -54.02
CA SER B 3768 10.39 -34.67 -54.39
C SER B 3768 9.98 -35.79 -55.34
N ARG B 3769 10.92 -36.26 -56.16
CA ARG B 3769 10.69 -37.45 -56.96
C ARG B 3769 10.46 -38.64 -56.05
N LEU B 3770 11.14 -38.69 -54.90
CA LEU B 3770 11.13 -39.90 -54.10
C LEU B 3770 9.98 -39.92 -53.10
N HIS B 3771 9.95 -38.98 -52.14
CA HIS B 3771 9.25 -39.19 -50.87
C HIS B 3771 8.46 -38.03 -50.32
N THR B 3772 8.47 -36.85 -50.95
CA THR B 3772 7.60 -35.78 -50.45
C THR B 3772 6.14 -36.16 -50.63
N ARG B 3773 5.85 -36.90 -51.70
CA ARG B 3773 4.57 -37.56 -51.91
C ARG B 3773 4.80 -39.06 -51.89
N GLY B 3774 4.01 -39.76 -51.09
CA GLY B 3774 3.97 -41.21 -51.09
C GLY B 3774 4.67 -41.88 -49.93
N ALA B 3775 5.88 -41.41 -49.58
CA ALA B 3775 6.75 -42.08 -48.61
C ALA B 3775 7.19 -41.18 -47.47
N ALA B 3776 6.44 -40.14 -47.16
CA ALA B 3776 6.79 -39.31 -46.02
C ALA B 3776 6.58 -40.07 -44.73
N GLU B 3777 5.42 -40.69 -44.57
CA GLU B 3777 5.07 -41.44 -43.38
C GLU B 3777 5.46 -42.92 -43.44
N MET B 3778 5.96 -43.40 -44.59
CA MET B 3778 6.39 -44.79 -44.69
C MET B 3778 7.56 -45.05 -43.77
N VAL B 3779 8.54 -44.15 -43.78
CA VAL B 3779 9.71 -44.30 -42.92
C VAL B 3779 9.29 -44.16 -41.47
N LEU B 3780 8.42 -43.21 -41.17
CA LEU B 3780 8.03 -42.98 -39.78
C LEU B 3780 7.21 -44.13 -39.21
N GLN B 3781 6.46 -44.83 -40.05
CA GLN B 3781 5.58 -45.89 -39.57
C GLN B 3781 6.38 -47.07 -39.01
N MET B 3782 7.38 -47.51 -39.77
CA MET B 3782 8.07 -48.73 -39.42
C MET B 3782 9.04 -48.56 -38.27
N ILE B 3783 9.44 -47.32 -37.96
CA ILE B 3783 10.17 -47.08 -36.73
C ILE B 3783 9.28 -47.40 -35.55
N SER B 3784 8.02 -47.00 -35.62
CA SER B 3784 7.07 -47.33 -34.56
C SER B 3784 6.83 -48.83 -34.52
N ALA B 3785 6.83 -49.49 -35.68
CA ALA B 3785 6.70 -50.93 -35.68
C ALA B 3785 7.90 -51.60 -35.01
N CYS B 3786 9.11 -51.13 -35.32
CA CYS B 3786 10.30 -51.67 -34.68
C CYS B 3786 10.38 -51.19 -33.24
N LYS B 3787 9.88 -52.00 -32.32
CA LYS B 3787 9.64 -51.51 -30.97
C LYS B 3787 10.92 -51.36 -30.17
N GLY B 3788 11.82 -52.33 -30.26
CA GLY B 3788 13.08 -52.28 -29.54
C GLY B 3788 14.27 -52.95 -30.19
N GLU B 3789 14.13 -53.40 -31.43
CA GLU B 3789 15.16 -54.20 -32.06
C GLU B 3789 16.26 -53.32 -32.62
N THR B 3790 17.51 -53.76 -32.42
CA THR B 3790 18.69 -53.14 -33.01
C THR B 3790 19.09 -53.78 -34.33
N GLY B 3791 18.15 -54.39 -35.04
CA GLY B 3791 18.44 -55.12 -36.25
C GLY B 3791 18.57 -54.18 -37.45
N ALA B 3792 18.63 -54.81 -38.62
CA ALA B 3792 18.87 -54.08 -39.87
C ALA B 3792 17.65 -53.32 -40.37
N MET B 3793 16.45 -53.60 -39.83
CA MET B 3793 15.25 -52.82 -40.16
C MET B 3793 15.46 -51.35 -39.87
N VAL B 3794 15.85 -51.05 -38.63
CA VAL B 3794 16.02 -49.69 -38.19
C VAL B 3794 17.15 -49.02 -38.93
N SER B 3795 18.23 -49.77 -39.20
CA SER B 3795 19.39 -49.22 -39.90
C SER B 3795 19.04 -48.76 -41.31
N SER B 3796 18.38 -49.64 -42.08
CA SER B 3796 18.08 -49.30 -43.47
C SER B 3796 17.02 -48.21 -43.55
N THR B 3797 16.00 -48.28 -42.69
CA THR B 3797 14.95 -47.27 -42.69
C THR B 3797 15.51 -45.91 -42.30
N LEU B 3798 16.42 -45.89 -41.33
CA LEU B 3798 17.00 -44.63 -40.92
C LEU B 3798 17.88 -44.04 -42.00
N LYS B 3799 18.59 -44.89 -42.75
CA LYS B 3799 19.42 -44.37 -43.83
C LYS B 3799 18.59 -43.70 -44.90
N LEU B 3800 17.41 -44.27 -45.20
CA LEU B 3800 16.49 -43.58 -46.09
C LEU B 3800 16.01 -42.26 -45.49
N GLY B 3801 15.74 -42.27 -44.18
CA GLY B 3801 15.27 -41.07 -43.52
C GLY B 3801 16.29 -39.94 -43.54
N ILE B 3802 17.57 -40.27 -43.41
CA ILE B 3802 18.61 -39.26 -43.56
C ILE B 3802 18.64 -38.74 -44.99
N SER B 3803 18.45 -39.63 -45.96
CA SER B 3803 18.58 -39.20 -47.35
C SER B 3803 17.51 -38.20 -47.74
N ILE B 3804 16.26 -38.41 -47.30
CA ILE B 3804 15.20 -37.51 -47.77
C ILE B 3804 15.20 -36.18 -47.02
N LEU B 3805 15.58 -36.16 -45.74
CA LEU B 3805 15.50 -34.95 -44.93
C LEU B 3805 16.68 -34.00 -45.12
N ASN B 3806 17.67 -34.34 -45.94
CA ASN B 3806 18.91 -33.58 -45.99
C ASN B 3806 18.67 -32.20 -46.60
N GLY B 3807 19.23 -31.18 -45.93
CA GLY B 3807 19.04 -29.79 -46.28
C GLY B 3807 17.99 -29.09 -45.45
N GLY B 3808 17.03 -29.84 -44.92
CA GLY B 3808 16.03 -29.35 -43.98
C GLY B 3808 14.62 -29.74 -44.37
N ASN B 3809 14.30 -29.60 -45.67
CA ASN B 3809 13.11 -30.13 -46.34
C ASN B 3809 11.82 -29.81 -45.58
N ALA B 3810 11.49 -28.51 -45.59
CA ALA B 3810 10.36 -28.00 -44.81
C ALA B 3810 9.04 -28.64 -45.21
N GLU B 3811 8.89 -28.99 -46.49
CA GLU B 3811 7.74 -29.75 -46.93
C GLU B 3811 7.66 -31.09 -46.22
N VAL B 3812 8.81 -31.75 -46.09
CA VAL B 3812 8.83 -33.07 -45.48
C VAL B 3812 8.56 -32.97 -43.99
N GLN B 3813 9.07 -31.92 -43.34
CA GLN B 3813 8.80 -31.74 -41.92
C GLN B 3813 7.33 -31.49 -41.69
N GLN B 3814 6.70 -30.72 -42.58
CA GLN B 3814 5.25 -30.51 -42.49
C GLN B 3814 4.49 -31.82 -42.64
N LYS B 3815 4.88 -32.64 -43.61
CA LYS B 3815 4.20 -33.92 -43.85
C LYS B 3815 4.33 -34.85 -42.66
N MET B 3816 5.56 -35.00 -42.17
CA MET B 3816 5.85 -35.90 -41.06
C MET B 3816 5.14 -35.46 -39.80
N LEU B 3817 5.21 -34.16 -39.51
CA LEU B 3817 4.63 -33.66 -38.28
C LEU B 3817 3.13 -33.73 -38.30
N ASP B 3818 2.52 -33.42 -39.45
CA ASP B 3818 1.06 -33.47 -39.52
C ASP B 3818 0.55 -34.89 -39.41
N TYR B 3819 1.24 -35.85 -40.03
CA TYR B 3819 0.82 -37.25 -39.90
C TYR B 3819 0.93 -37.73 -38.45
N LEU B 3820 2.06 -37.44 -37.81
CA LEU B 3820 2.28 -37.93 -36.46
C LEU B 3820 1.37 -37.25 -35.46
N LYS B 3821 1.08 -35.97 -35.67
CA LYS B 3821 0.14 -35.28 -34.80
C LYS B 3821 -1.28 -35.77 -35.02
N ASP B 3822 -1.63 -36.11 -36.26
CA ASP B 3822 -2.99 -36.53 -36.54
C ASP B 3822 -3.30 -37.87 -35.91
N LYS B 3823 -2.41 -38.85 -36.10
CA LYS B 3823 -2.75 -40.21 -35.68
C LYS B 3823 -2.72 -40.43 -34.17
N LYS B 3824 -2.01 -39.58 -33.42
CA LYS B 3824 -1.80 -39.79 -31.98
C LYS B 3824 -1.10 -41.10 -31.70
N GLU B 3825 -0.23 -41.52 -32.62
CA GLU B 3825 0.39 -42.85 -32.55
C GLU B 3825 1.47 -42.84 -31.48
N VAL B 3826 1.01 -43.04 -30.24
CA VAL B 3826 1.94 -43.23 -29.13
C VAL B 3826 2.61 -44.58 -29.27
N GLY B 3827 3.93 -44.60 -29.13
CA GLY B 3827 4.75 -45.79 -29.29
C GLY B 3827 5.98 -45.55 -30.14
N PHE B 3828 5.87 -44.61 -31.08
CA PHE B 3828 7.03 -44.25 -31.91
C PHE B 3828 8.15 -43.68 -31.06
N PHE B 3829 7.80 -42.73 -30.19
CA PHE B 3829 8.81 -42.16 -29.29
C PHE B 3829 9.28 -43.19 -28.28
N GLN B 3830 8.40 -44.13 -27.91
CA GLN B 3830 8.83 -45.25 -27.07
C GLN B 3830 9.86 -46.11 -27.80
N SER B 3831 9.66 -46.31 -29.10
CA SER B 3831 10.61 -47.08 -29.88
C SER B 3831 11.95 -46.36 -29.96
N ILE B 3832 11.92 -45.03 -30.08
CA ILE B 3832 13.16 -44.26 -30.09
C ILE B 3832 13.86 -44.37 -28.75
N GLN B 3833 13.11 -44.34 -27.65
CA GLN B 3833 13.69 -44.46 -26.33
C GLN B 3833 14.38 -45.80 -26.14
N ALA B 3834 13.70 -46.87 -26.57
CA ALA B 3834 14.27 -48.21 -26.49
C ALA B 3834 15.53 -48.33 -27.34
N LEU B 3835 15.52 -47.71 -28.52
CA LEU B 3835 16.72 -47.74 -29.36
C LEU B 3835 17.86 -46.98 -28.72
N MET B 3836 17.56 -45.83 -28.11
CA MET B 3836 18.61 -45.00 -27.55
C MET B 3836 19.27 -45.65 -26.35
N GLN B 3837 18.50 -46.42 -25.57
CA GLN B 3837 19.08 -47.00 -24.36
C GLN B 3837 20.15 -48.05 -24.67
N THR B 3838 20.02 -48.78 -25.77
CA THR B 3838 20.92 -49.88 -26.10
C THR B 3838 22.18 -49.44 -26.83
N CYS B 3839 22.47 -48.14 -26.93
CA CYS B 3839 23.63 -47.70 -27.67
C CYS B 3839 24.92 -48.06 -26.93
N SER B 3840 25.96 -48.33 -27.70
CA SER B 3840 27.24 -48.73 -27.13
C SER B 3840 27.97 -47.53 -26.52
N VAL B 3841 28.83 -47.83 -25.54
CA VAL B 3841 29.71 -46.84 -24.91
C VAL B 3841 31.10 -47.46 -24.80
N LEU B 3842 32.00 -46.78 -24.11
CA LEU B 3842 33.38 -47.25 -23.95
C LEU B 3842 33.43 -48.24 -22.79
N ASP B 3843 33.45 -49.53 -23.12
CA ASP B 3843 33.58 -50.61 -22.16
C ASP B 3843 35.07 -50.97 -22.03
N LEU B 3844 35.64 -50.68 -20.88
CA LEU B 3844 37.06 -50.97 -20.67
C LEU B 3844 37.31 -52.45 -20.46
N ASN B 3845 36.38 -53.17 -19.82
CA ASN B 3845 36.58 -54.60 -19.58
C ASN B 3845 36.60 -55.37 -20.90
N ALA B 3846 35.67 -55.05 -21.79
CA ALA B 3846 35.65 -55.69 -23.10
C ALA B 3846 36.87 -55.29 -23.91
N PHE B 3847 37.32 -54.04 -23.77
CA PHE B 3847 38.53 -53.62 -24.46
C PHE B 3847 39.75 -54.37 -23.96
N GLU B 3848 39.83 -54.58 -22.65
CA GLU B 3848 40.98 -55.30 -22.08
C GLU B 3848 40.97 -56.75 -22.52
N ARG B 3849 39.80 -57.38 -22.52
CA ARG B 3849 39.68 -58.75 -22.98
C ARG B 3849 40.02 -58.86 -24.46
N GLN B 3850 39.58 -57.89 -25.25
CA GLN B 3850 39.89 -57.89 -26.67
C GLN B 3850 41.35 -57.57 -26.91
N ASN B 3851 41.98 -56.79 -26.03
CA ASN B 3851 43.40 -56.54 -26.16
C ASN B 3851 44.19 -57.80 -25.88
N LYS B 3852 43.74 -58.60 -24.92
CA LYS B 3852 44.38 -59.89 -24.70
C LYS B 3852 44.17 -60.81 -25.89
N ALA B 3853 42.97 -60.76 -26.49
CA ALA B 3853 42.70 -61.56 -27.67
C ALA B 3853 43.58 -61.13 -28.85
N GLU B 3854 43.74 -59.83 -29.04
CA GLU B 3854 44.62 -59.32 -30.09
C GLU B 3854 46.07 -59.68 -29.80
N GLY B 3855 46.46 -59.67 -28.51
CA GLY B 3855 47.78 -60.11 -28.13
C GLY B 3855 48.01 -61.57 -28.44
N LEU B 3856 46.96 -62.38 -28.32
CA LEU B 3856 47.02 -63.79 -28.71
C LEU B 3856 46.93 -63.83 -30.23
N GLY B 3857 48.09 -63.65 -30.86
CA GLY B 3857 48.18 -63.62 -32.31
C GLY B 3857 48.45 -64.97 -32.95
N MET B 3858 48.15 -66.06 -32.23
CA MET B 3858 48.39 -67.39 -32.76
C MET B 3858 47.44 -67.66 -33.92
N VAL B 3859 47.97 -68.26 -34.98
CA VAL B 3859 47.17 -68.63 -36.14
C VAL B 3859 46.42 -69.93 -35.87
N ASN B 3860 45.39 -70.18 -36.67
CA ASN B 3860 44.57 -71.39 -36.55
C ASN B 3860 44.07 -71.75 -37.95
N GLU B 3861 44.82 -72.65 -38.60
CA GLU B 3861 44.51 -73.07 -39.97
C GLU B 3861 44.53 -71.89 -40.94
N ASP B 3862 45.45 -70.97 -40.72
CA ASP B 3862 45.52 -69.71 -41.48
C ASP B 3862 44.22 -68.92 -41.34
N GLY B 3863 43.66 -68.92 -40.13
CA GLY B 3863 42.40 -68.26 -39.81
C GLY B 3863 42.49 -67.42 -38.55
N THR B 3864 43.63 -66.76 -38.34
CA THR B 3864 43.79 -65.91 -37.17
C THR B 3864 42.87 -64.69 -37.23
N VAL B 3865 42.72 -64.10 -38.41
CA VAL B 3865 42.02 -62.84 -38.59
C VAL B 3865 40.54 -63.03 -38.91
N ILE B 3866 39.99 -64.22 -38.69
CA ILE B 3866 38.56 -64.42 -38.92
C ILE B 3866 37.74 -63.66 -37.89
N ASN B 3867 38.25 -63.56 -36.65
CA ASN B 3867 37.62 -62.80 -35.57
C ASN B 3867 38.63 -62.01 -34.75
N ARG B 3868 39.75 -61.60 -35.38
CA ARG B 3868 40.75 -60.73 -34.77
C ARG B 3868 40.54 -59.28 -35.18
N GLN B 3869 39.28 -58.87 -35.41
CA GLN B 3869 39.00 -57.54 -35.91
C GLN B 3869 39.32 -56.47 -34.88
N ASN B 3870 38.83 -56.67 -33.64
CA ASN B 3870 38.98 -55.77 -32.50
C ASN B 3870 38.16 -54.48 -32.61
N GLY B 3871 37.37 -54.29 -33.67
CA GLY B 3871 36.51 -53.13 -33.84
C GLY B 3871 35.06 -53.50 -33.69
N GLU B 3872 34.69 -54.69 -34.19
CA GLU B 3872 33.33 -55.17 -34.04
C GLU B 3872 32.99 -55.60 -32.61
N LYS B 3873 33.98 -55.74 -31.73
CA LYS B 3873 33.75 -56.18 -30.36
C LYS B 3873 33.52 -55.02 -29.40
N VAL B 3874 34.27 -53.93 -29.57
CA VAL B 3874 34.33 -52.88 -28.55
C VAL B 3874 33.17 -51.89 -28.69
N MET B 3875 32.91 -51.37 -29.89
CA MET B 3875 31.77 -50.47 -30.15
C MET B 3875 30.60 -51.21 -30.78
N ALA B 3876 30.80 -51.77 -31.96
CA ALA B 3876 29.83 -52.55 -32.74
C ALA B 3876 28.65 -51.74 -33.28
N ASP B 3877 28.53 -50.44 -32.98
CA ASP B 3877 27.32 -49.66 -33.24
C ASP B 3877 27.66 -48.23 -33.71
N ASP B 3878 28.80 -48.03 -34.36
CA ASP B 3878 29.20 -46.68 -34.73
C ASP B 3878 28.25 -46.09 -35.79
N GLU B 3879 27.93 -46.86 -36.82
CA GLU B 3879 27.12 -46.39 -37.92
C GLU B 3879 25.70 -46.14 -37.48
N PHE B 3880 25.13 -47.07 -36.71
CA PHE B 3880 23.75 -46.97 -36.31
C PHE B 3880 23.54 -45.83 -35.33
N THR B 3881 24.46 -45.67 -34.39
CA THR B 3881 24.34 -44.60 -33.40
C THR B 3881 24.44 -43.23 -34.07
N GLN B 3882 25.41 -43.09 -34.99
CA GLN B 3882 25.55 -41.82 -35.71
C GLN B 3882 24.32 -41.53 -36.55
N ASP B 3883 23.78 -42.55 -37.22
CA ASP B 3883 22.61 -42.32 -38.06
C ASP B 3883 21.37 -41.97 -37.25
N LEU B 3884 21.23 -42.56 -36.06
CA LEU B 3884 20.07 -42.30 -35.22
C LEU B 3884 20.06 -40.84 -34.77
N PHE B 3885 21.18 -40.40 -34.19
CA PHE B 3885 21.23 -39.02 -33.74
C PHE B 3885 21.26 -38.04 -34.91
N ARG B 3886 21.74 -38.48 -36.07
CA ARG B 3886 21.67 -37.65 -37.26
C ARG B 3886 20.23 -37.42 -37.69
N PHE B 3887 19.40 -38.46 -37.58
CA PHE B 3887 18.00 -38.32 -37.93
C PHE B 3887 17.31 -37.34 -37.00
N LEU B 3888 17.63 -37.43 -35.70
CA LEU B 3888 17.06 -36.48 -34.77
C LEU B 3888 17.55 -35.07 -35.02
N GLN B 3889 18.78 -34.92 -35.48
CA GLN B 3889 19.27 -33.59 -35.87
C GLN B 3889 18.48 -33.07 -37.06
N LEU B 3890 18.37 -33.86 -38.11
CA LEU B 3890 17.79 -33.37 -39.35
C LEU B 3890 16.29 -33.17 -39.27
N LEU B 3891 15.62 -33.72 -38.26
CA LEU B 3891 14.21 -33.42 -38.09
C LEU B 3891 13.98 -31.94 -37.83
N CYS B 3892 14.85 -31.32 -37.04
CA CYS B 3892 14.75 -29.92 -36.64
C CYS B 3892 16.02 -29.16 -37.01
N GLU B 3893 16.52 -29.42 -38.22
CA GLU B 3893 17.65 -28.64 -38.72
C GLU B 3893 17.26 -27.19 -38.92
N GLY B 3894 16.19 -26.96 -39.67
CA GLY B 3894 15.61 -25.64 -39.71
C GLY B 3894 15.04 -25.26 -38.37
N HIS B 3895 15.11 -23.98 -38.06
CA HIS B 3895 14.67 -23.49 -36.76
C HIS B 3895 13.15 -23.46 -36.75
N ASN B 3896 12.57 -24.64 -36.51
CA ASN B 3896 11.12 -24.77 -36.51
C ASN B 3896 10.50 -24.07 -35.32
N ASN B 3897 10.87 -24.51 -34.12
CA ASN B 3897 10.21 -24.17 -32.85
C ASN B 3897 8.76 -24.64 -32.78
N ASP B 3898 8.37 -25.61 -33.61
CA ASP B 3898 7.12 -26.34 -33.51
C ASP B 3898 7.36 -27.83 -33.38
N PHE B 3899 8.21 -28.38 -34.26
CA PHE B 3899 8.63 -29.77 -34.10
C PHE B 3899 9.46 -29.94 -32.83
N GLN B 3900 10.26 -28.93 -32.49
CA GLN B 3900 11.08 -28.99 -31.28
C GLN B 3900 10.20 -29.05 -30.04
N ASN B 3901 9.14 -28.24 -30.01
CA ASN B 3901 8.23 -28.25 -28.88
C ASN B 3901 7.49 -29.58 -28.77
N TYR B 3902 7.09 -30.14 -29.91
CA TYR B 3902 6.42 -31.43 -29.91
C TYR B 3902 7.35 -32.54 -29.44
N LEU B 3903 8.61 -32.48 -29.86
CA LEU B 3903 9.59 -33.46 -29.43
C LEU B 3903 9.86 -33.36 -27.95
N ARG B 3904 9.86 -32.15 -27.41
CA ARG B 3904 10.06 -31.97 -25.99
C ARG B 3904 8.92 -32.57 -25.19
N THR B 3905 7.69 -32.39 -25.67
CA THR B 3905 6.51 -32.80 -24.91
C THR B 3905 5.34 -32.94 -25.87
N GLN B 3906 4.83 -34.16 -25.99
CA GLN B 3906 3.64 -34.40 -26.79
C GLN B 3906 2.41 -33.93 -26.02
N THR B 3907 1.46 -33.35 -26.74
CA THR B 3907 0.25 -32.78 -26.16
C THR B 3907 -0.91 -33.77 -26.21
N GLY B 3908 -1.30 -34.19 -27.42
CA GLY B 3908 -2.48 -35.02 -27.56
C GLY B 3908 -2.29 -36.44 -27.06
N ASN B 3909 -1.07 -36.96 -27.14
CA ASN B 3909 -0.82 -38.32 -26.71
C ASN B 3909 -0.95 -38.44 -25.20
N THR B 3910 -1.29 -39.65 -24.76
CA THR B 3910 -1.51 -39.89 -23.34
C THR B 3910 -0.23 -39.73 -22.54
N THR B 3911 0.88 -40.25 -23.05
CA THR B 3911 2.17 -40.29 -22.37
C THR B 3911 3.20 -39.53 -23.19
N THR B 3912 4.07 -38.81 -22.48
CA THR B 3912 5.13 -38.00 -23.06
C THR B 3912 6.48 -38.59 -22.68
N ILE B 3913 7.32 -38.82 -23.68
CA ILE B 3913 8.61 -39.47 -23.47
C ILE B 3913 9.70 -38.45 -23.14
N ASN B 3914 9.65 -37.28 -23.78
CA ASN B 3914 10.63 -36.20 -23.56
C ASN B 3914 12.05 -36.67 -23.93
N ILE B 3915 12.21 -36.87 -25.24
CA ILE B 3915 13.45 -37.42 -25.80
C ILE B 3915 14.65 -36.52 -25.52
N ILE B 3916 14.42 -35.21 -25.40
CA ILE B 3916 15.52 -34.27 -25.26
C ILE B 3916 16.29 -34.50 -23.96
N ILE B 3917 15.58 -34.91 -22.90
CA ILE B 3917 16.24 -35.27 -21.65
C ILE B 3917 16.96 -36.62 -21.79
N CYS B 3918 16.37 -37.54 -22.56
CA CYS B 3918 16.96 -38.87 -22.74
C CYS B 3918 18.30 -38.79 -23.46
N THR B 3919 18.43 -37.83 -24.38
CA THR B 3919 19.70 -37.61 -25.04
C THR B 3919 20.77 -37.18 -24.05
N VAL B 3920 20.39 -36.38 -23.06
CA VAL B 3920 21.32 -35.97 -22.01
C VAL B 3920 21.75 -37.17 -21.20
N ASP B 3921 20.83 -38.10 -20.96
CA ASP B 3921 21.19 -39.30 -20.22
C ASP B 3921 22.21 -40.14 -20.98
N TYR B 3922 22.04 -40.26 -22.31
CA TYR B 3922 23.02 -40.99 -23.11
C TYR B 3922 24.37 -40.29 -23.10
N LEU B 3923 24.36 -38.96 -23.13
CA LEU B 3923 25.61 -38.21 -23.06
C LEU B 3923 26.30 -38.42 -21.72
N LEU B 3924 25.54 -38.49 -20.64
CA LEU B 3924 26.14 -38.68 -19.32
C LEU B 3924 26.78 -40.05 -19.21
N ARG B 3925 26.13 -41.08 -19.78
CA ARG B 3925 26.73 -42.41 -19.82
C ARG B 3925 28.04 -42.40 -20.59
N LEU B 3926 28.06 -41.69 -21.72
CA LEU B 3926 29.27 -41.60 -22.51
C LEU B 3926 30.37 -40.85 -21.78
N GLN B 3927 29.99 -39.83 -20.99
CA GLN B 3927 30.96 -39.08 -20.22
C GLN B 3927 31.64 -39.96 -19.19
N GLU B 3928 30.88 -40.77 -18.48
CA GLU B 3928 31.50 -41.64 -17.47
C GLU B 3928 32.40 -42.68 -18.13
N SER B 3929 31.98 -43.20 -19.28
CA SER B 3929 32.78 -44.22 -19.97
C SER B 3929 34.12 -43.66 -20.46
N ILE B 3930 34.07 -42.53 -21.16
CA ILE B 3930 35.28 -41.95 -21.74
C ILE B 3930 36.20 -41.42 -20.63
N SER B 3931 35.62 -40.93 -19.54
CA SER B 3931 36.41 -40.50 -18.40
C SER B 3931 37.16 -41.66 -17.78
N ASP B 3932 36.54 -42.84 -17.71
CA ASP B 3932 37.25 -44.00 -17.18
C ASP B 3932 38.39 -44.43 -18.10
N PHE B 3933 38.19 -44.30 -19.41
CA PHE B 3933 39.27 -44.62 -20.35
C PHE B 3933 40.48 -43.73 -20.13
N TYR B 3934 40.24 -42.44 -19.81
CA TYR B 3934 41.35 -41.55 -19.53
C TYR B 3934 42.16 -42.02 -18.33
N TRP B 3935 41.49 -42.51 -17.29
CA TRP B 3935 42.20 -42.98 -16.12
C TRP B 3935 43.01 -44.22 -16.43
N TYR B 3936 42.50 -45.08 -17.32
CA TYR B 3936 43.27 -46.28 -17.65
C TYR B 3936 44.57 -45.92 -18.36
N TYR B 3937 44.52 -44.95 -19.29
CA TYR B 3937 45.73 -44.53 -20.01
C TYR B 3937 46.51 -43.39 -19.34
N SER B 3938 46.09 -42.91 -18.16
CA SER B 3938 46.77 -41.77 -17.54
C SER B 3938 48.18 -42.10 -17.11
N GLY B 3939 48.38 -43.27 -16.49
CA GLY B 3939 49.72 -43.66 -16.09
C GLY B 3939 50.64 -43.89 -17.26
N LYS B 3940 50.11 -44.49 -18.32
CA LYS B 3940 50.90 -44.72 -19.52
C LYS B 3940 51.20 -43.39 -20.21
N ASP B 3941 52.45 -43.25 -20.65
CA ASP B 3941 52.88 -42.03 -21.33
C ASP B 3941 52.49 -42.04 -22.80
N VAL B 3942 53.01 -42.99 -23.57
CA VAL B 3942 52.69 -43.13 -24.99
C VAL B 3942 51.41 -43.94 -25.12
N ILE B 3943 50.57 -43.54 -26.07
CA ILE B 3943 49.29 -44.17 -26.33
C ILE B 3943 49.46 -45.15 -27.49
N GLU B 3944 48.82 -46.31 -27.37
CA GLU B 3944 48.87 -47.30 -28.43
C GLU B 3944 48.12 -46.80 -29.66
N GLU B 3945 48.53 -47.32 -30.82
CA GLU B 3945 47.84 -46.98 -32.07
C GLU B 3945 46.39 -47.46 -32.03
N GLN B 3946 46.16 -48.68 -31.54
CA GLN B 3946 44.80 -49.20 -31.44
C GLN B 3946 43.97 -48.38 -30.47
N GLY B 3947 44.60 -47.93 -29.37
CA GLY B 3947 43.90 -47.10 -28.40
C GLY B 3947 43.46 -45.77 -28.98
N LYS B 3948 44.36 -45.11 -29.73
CA LYS B 3948 44.00 -43.84 -30.34
C LYS B 3948 42.94 -44.01 -31.41
N ARG B 3949 42.99 -45.10 -32.17
CA ARG B 3949 41.97 -45.38 -33.18
C ARG B 3949 40.58 -45.57 -32.54
N ASN B 3950 40.53 -46.33 -31.46
CA ASN B 3950 39.30 -46.54 -30.70
C ASN B 3950 38.75 -45.23 -30.15
N PHE B 3951 39.65 -44.42 -29.59
CA PHE B 3951 39.25 -43.18 -28.97
C PHE B 3951 38.75 -42.17 -30.00
N SER B 3952 39.34 -42.21 -31.21
CA SER B 3952 38.88 -41.34 -32.28
C SER B 3952 37.47 -41.71 -32.72
N LYS B 3953 37.18 -43.01 -32.77
CA LYS B 3953 35.83 -43.46 -33.13
C LYS B 3953 34.80 -42.95 -32.12
N ALA B 3954 35.13 -43.08 -30.84
CA ALA B 3954 34.25 -42.57 -29.78
C ALA B 3954 34.09 -41.07 -29.87
N MET B 3955 35.17 -40.37 -30.22
CA MET B 3955 35.13 -38.91 -30.29
C MET B 3955 34.23 -38.43 -31.44
N SER B 3956 34.25 -39.14 -32.57
CA SER B 3956 33.39 -38.77 -33.69
C SER B 3956 31.91 -38.90 -33.32
N VAL B 3957 31.57 -40.00 -32.63
CA VAL B 3957 30.18 -40.16 -32.20
C VAL B 3957 29.79 -39.09 -31.19
N ALA B 3958 30.74 -38.70 -30.34
CA ALA B 3958 30.49 -37.63 -29.38
C ALA B 3958 30.21 -36.30 -30.07
N LYS B 3959 30.93 -36.04 -31.17
CA LYS B 3959 30.72 -34.82 -31.94
C LYS B 3959 29.31 -34.77 -32.51
N GLN B 3960 28.86 -35.92 -33.05
CA GLN B 3960 27.54 -35.93 -33.67
C GLN B 3960 26.45 -35.70 -32.64
N VAL B 3961 26.60 -36.27 -31.44
CA VAL B 3961 25.57 -36.02 -30.42
C VAL B 3961 25.60 -34.55 -29.99
N PHE B 3962 26.78 -33.92 -29.95
CA PHE B 3962 26.81 -32.51 -29.57
C PHE B 3962 26.09 -31.62 -30.60
N ASN B 3963 26.28 -31.89 -31.89
CA ASN B 3963 25.58 -31.09 -32.90
C ASN B 3963 24.07 -31.33 -32.85
N SER B 3964 23.67 -32.59 -32.69
CA SER B 3964 22.25 -32.90 -32.56
C SER B 3964 21.65 -32.26 -31.32
N LEU B 3965 22.44 -32.16 -30.26
CA LEU B 3965 21.97 -31.48 -29.06
C LEU B 3965 21.81 -29.99 -29.32
N THR B 3966 22.68 -29.42 -30.16
CA THR B 3966 22.60 -27.99 -30.43
C THR B 3966 21.33 -27.64 -31.16
N GLU B 3967 20.91 -28.49 -32.11
CA GLU B 3967 19.78 -28.09 -32.95
C GLU B 3967 18.45 -28.05 -32.22
N TYR B 3968 18.34 -28.68 -31.05
CA TYR B 3968 17.11 -28.55 -30.26
C TYR B 3968 16.90 -27.16 -29.69
N ILE B 3969 17.98 -26.37 -29.53
CA ILE B 3969 17.94 -25.08 -28.88
C ILE B 3969 18.46 -23.95 -29.75
N GLN B 3970 19.12 -24.25 -30.86
CA GLN B 3970 19.41 -23.21 -31.84
C GLN B 3970 18.11 -22.62 -32.36
N GLY B 3971 18.02 -21.30 -32.33
CA GLY B 3971 16.76 -20.62 -32.46
C GLY B 3971 16.10 -20.60 -31.10
N PRO B 3972 15.60 -19.45 -30.63
CA PRO B 3972 15.25 -19.35 -29.22
C PRO B 3972 13.98 -20.10 -28.89
N CYS B 3973 14.15 -21.26 -28.26
CA CYS B 3973 13.08 -22.14 -27.81
C CYS B 3973 13.19 -22.22 -26.29
N THR B 3974 12.32 -21.47 -25.61
CA THR B 3974 12.41 -21.37 -24.15
C THR B 3974 12.13 -22.70 -23.47
N GLY B 3975 11.27 -23.55 -24.05
CA GLY B 3975 10.97 -24.82 -23.43
C GLY B 3975 12.17 -25.75 -23.36
N ASN B 3976 12.84 -25.94 -24.49
CA ASN B 3976 14.00 -26.83 -24.55
C ASN B 3976 15.14 -26.29 -23.70
N GLN B 3977 15.35 -24.98 -23.75
CA GLN B 3977 16.43 -24.34 -23.01
C GLN B 3977 16.20 -24.46 -21.52
N GLN B 3978 14.98 -24.17 -21.08
CA GLN B 3978 14.64 -24.26 -19.67
C GLN B 3978 14.70 -25.70 -19.18
N SER B 3979 14.32 -26.65 -20.03
CA SER B 3979 14.42 -28.05 -19.63
C SER B 3979 15.87 -28.45 -19.43
N LEU B 3980 16.75 -28.03 -20.34
CA LEU B 3980 18.16 -28.37 -20.16
C LEU B 3980 18.81 -27.64 -19.01
N ALA B 3981 18.25 -26.52 -18.55
CA ALA B 3981 18.85 -25.84 -17.41
C ALA B 3981 18.78 -26.70 -16.15
N HIS B 3982 17.65 -27.36 -15.91
CA HIS B 3982 17.45 -28.18 -14.72
C HIS B 3982 17.95 -29.61 -14.87
N SER B 3983 18.48 -30.00 -16.02
CA SER B 3983 18.86 -31.38 -16.25
C SER B 3983 20.25 -31.66 -15.66
N ARG B 3984 20.79 -32.82 -15.98
CA ARG B 3984 22.12 -33.24 -15.55
C ARG B 3984 23.22 -32.75 -16.49
N LEU B 3985 22.91 -31.86 -17.44
CA LEU B 3985 23.90 -31.43 -18.41
C LEU B 3985 25.02 -30.63 -17.76
N TRP B 3986 24.72 -29.93 -16.67
CA TRP B 3986 25.76 -29.19 -15.95
C TRP B 3986 26.82 -30.13 -15.40
N ASP B 3987 26.39 -31.25 -14.82
CA ASP B 3987 27.31 -32.27 -14.32
C ASP B 3987 28.11 -32.88 -15.45
N ALA B 3988 27.46 -33.08 -16.60
CA ALA B 3988 28.14 -33.65 -17.76
C ALA B 3988 29.24 -32.74 -18.26
N VAL B 3989 28.94 -31.44 -18.37
CA VAL B 3989 29.93 -30.54 -18.94
C VAL B 3989 31.08 -30.33 -17.97
N VAL B 3990 30.81 -30.32 -16.65
CA VAL B 3990 31.94 -30.16 -15.72
C VAL B 3990 32.84 -31.40 -15.78
N GLY B 3991 32.24 -32.59 -15.95
CA GLY B 3991 33.06 -33.77 -16.14
C GLY B 3991 33.89 -33.70 -17.41
N PHE B 3992 33.27 -33.22 -18.50
CA PHE B 3992 34.00 -33.03 -19.75
C PHE B 3992 35.10 -32.00 -19.59
N LEU B 3993 34.82 -30.92 -18.86
CA LEU B 3993 35.79 -29.85 -18.72
C LEU B 3993 36.98 -30.30 -17.91
N HIS B 3994 36.74 -31.15 -16.91
CA HIS B 3994 37.86 -31.70 -16.16
C HIS B 3994 38.69 -32.61 -17.04
N VAL B 3995 38.04 -33.53 -17.75
CA VAL B 3995 38.81 -34.56 -18.42
C VAL B 3995 39.51 -34.00 -19.65
N PHE B 3996 38.90 -33.00 -20.33
CA PHE B 3996 39.49 -32.45 -21.55
C PHE B 3996 40.83 -31.79 -21.29
N ALA B 3997 40.96 -31.07 -20.17
CA ALA B 3997 42.18 -30.30 -19.93
C ALA B 3997 43.38 -31.19 -19.67
N HIS B 3998 43.17 -32.39 -19.13
CA HIS B 3998 44.30 -33.23 -18.72
C HIS B 3998 44.95 -33.89 -19.93
N MET B 3999 44.15 -34.59 -20.75
CA MET B 3999 44.77 -35.39 -21.79
C MET B 3999 45.36 -34.51 -22.88
N MET B 4000 44.86 -33.29 -23.07
CA MET B 4000 45.37 -32.46 -24.14
C MET B 4000 46.82 -32.04 -23.87
N MET B 4001 47.13 -31.74 -22.61
CA MET B 4001 48.51 -31.46 -22.24
C MET B 4001 49.33 -32.74 -22.21
N LYS B 4002 48.70 -33.86 -21.88
CA LYS B 4002 49.39 -35.13 -22.02
C LYS B 4002 49.72 -35.45 -23.48
N LEU B 4003 48.80 -35.15 -24.39
CA LEU B 4003 48.90 -35.51 -25.80
C LEU B 4003 49.84 -34.60 -26.58
N ALA B 4004 50.11 -33.40 -26.07
CA ALA B 4004 51.06 -32.51 -26.72
C ALA B 4004 52.48 -33.07 -26.72
N GLN B 4005 52.81 -33.98 -25.81
CA GLN B 4005 54.16 -34.49 -25.71
C GLN B 4005 54.50 -35.33 -26.93
N ASP B 4006 55.67 -35.03 -27.53
CA ASP B 4006 56.30 -35.80 -28.60
C ASP B 4006 55.65 -35.66 -29.97
N SER B 4007 54.50 -34.99 -30.09
CA SER B 4007 53.84 -34.71 -31.36
C SER B 4007 53.38 -35.97 -32.11
N SER B 4008 53.32 -37.12 -31.43
CA SER B 4008 52.78 -38.32 -32.06
C SER B 4008 51.26 -38.28 -32.14
N GLN B 4009 50.61 -37.66 -31.15
CA GLN B 4009 49.16 -37.66 -31.00
C GLN B 4009 48.52 -36.37 -31.50
N ILE B 4010 49.12 -35.71 -32.48
CA ILE B 4010 48.59 -34.44 -32.97
C ILE B 4010 47.26 -34.63 -33.69
N GLU B 4011 47.06 -35.78 -34.33
CA GLU B 4011 45.79 -36.06 -34.99
C GLU B 4011 44.67 -36.12 -33.97
N LEU B 4012 44.92 -36.81 -32.85
CA LEU B 4012 43.94 -36.87 -31.79
C LEU B 4012 43.73 -35.51 -31.14
N LEU B 4013 44.78 -34.70 -31.07
CA LEU B 4013 44.64 -33.35 -30.53
C LEU B 4013 43.73 -32.50 -31.40
N LYS B 4014 43.86 -32.66 -32.73
CA LYS B 4014 42.96 -31.99 -33.65
C LYS B 4014 41.53 -32.44 -33.42
N GLU B 4015 41.31 -33.73 -33.22
CA GLU B 4015 39.95 -34.22 -32.99
C GLU B 4015 39.37 -33.70 -31.69
N LEU B 4016 40.18 -33.67 -30.61
CA LEU B 4016 39.69 -33.18 -29.32
C LEU B 4016 39.32 -31.71 -29.39
N LEU B 4017 40.20 -30.88 -29.98
CA LEU B 4017 39.90 -29.47 -30.06
C LEU B 4017 38.72 -29.19 -30.99
N ASP B 4018 38.60 -29.98 -32.06
CA ASP B 4018 37.49 -29.85 -32.97
C ASP B 4018 36.17 -30.14 -32.26
N LEU B 4019 36.17 -31.16 -31.40
CA LEU B 4019 34.96 -31.43 -30.62
C LEU B 4019 34.72 -30.36 -29.56
N GLN B 4020 35.79 -29.75 -29.04
CA GLN B 4020 35.61 -28.70 -28.04
C GLN B 4020 34.92 -27.48 -28.64
N LYS B 4021 35.15 -27.24 -29.93
CA LYS B 4021 34.38 -26.22 -30.64
C LYS B 4021 32.89 -26.53 -30.59
N ASP B 4022 32.53 -27.79 -30.86
CA ASP B 4022 31.13 -28.19 -30.82
C ASP B 4022 30.55 -28.12 -29.41
N MET B 4023 31.39 -28.30 -28.40
CA MET B 4023 30.92 -28.13 -27.03
C MET B 4023 30.58 -26.67 -26.74
N VAL B 4024 31.49 -25.77 -27.15
CA VAL B 4024 31.30 -24.37 -26.78
C VAL B 4024 30.13 -23.77 -27.54
N VAL B 4025 29.93 -24.16 -28.81
CA VAL B 4025 28.81 -23.61 -29.56
C VAL B 4025 27.49 -24.08 -28.98
N MET B 4026 27.45 -25.28 -28.41
CA MET B 4026 26.27 -25.72 -27.68
C MET B 4026 26.01 -24.80 -26.49
N LEU B 4027 27.08 -24.43 -25.78
CA LEU B 4027 26.89 -23.52 -24.66
C LEU B 4027 26.44 -22.13 -25.12
N LEU B 4028 26.97 -21.67 -26.25
CA LEU B 4028 26.56 -20.36 -26.78
C LEU B 4028 25.11 -20.38 -27.20
N SER B 4029 24.68 -21.44 -27.87
CA SER B 4029 23.27 -21.56 -28.26
C SER B 4029 22.38 -21.67 -27.03
N LEU B 4030 22.88 -22.26 -25.96
CA LEU B 4030 22.15 -22.24 -24.70
C LEU B 4030 22.00 -20.82 -24.18
N LEU B 4031 23.04 -20.00 -24.35
CA LEU B 4031 23.04 -18.64 -23.84
C LEU B 4031 22.20 -17.69 -24.68
N GLU B 4032 21.68 -18.10 -25.82
CA GLU B 4032 20.98 -17.19 -26.72
C GLU B 4032 19.69 -16.68 -26.11
N GLY B 4033 19.37 -15.43 -26.42
CA GLY B 4033 18.10 -14.86 -26.03
C GLY B 4033 17.93 -14.66 -24.54
N ASN B 4034 19.02 -14.59 -23.78
CA ASN B 4034 18.91 -14.46 -22.34
C ASN B 4034 18.60 -13.03 -21.93
N VAL B 4035 18.08 -12.91 -20.72
CA VAL B 4035 17.89 -11.62 -20.06
C VAL B 4035 19.26 -11.27 -19.49
N VAL B 4036 19.44 -10.03 -19.05
CA VAL B 4036 20.70 -9.60 -18.46
C VAL B 4036 20.99 -10.39 -17.19
N ASN B 4037 19.95 -10.73 -16.41
CA ASN B 4037 20.03 -11.65 -15.27
C ASN B 4037 18.87 -12.63 -15.44
N GLY B 4038 19.10 -13.68 -16.24
CA GLY B 4038 18.08 -14.65 -16.56
C GLY B 4038 18.11 -15.95 -15.77
N MET B 4039 19.13 -16.14 -14.92
CA MET B 4039 19.41 -17.32 -14.09
C MET B 4039 20.02 -18.48 -14.89
N ILE B 4040 20.09 -18.41 -16.22
CA ILE B 4040 20.82 -19.38 -17.01
C ILE B 4040 22.29 -19.00 -17.07
N ALA B 4041 22.56 -17.72 -17.27
CA ALA B 4041 23.93 -17.23 -17.16
C ALA B 4041 24.44 -17.39 -15.73
N ARG B 4042 23.54 -17.19 -14.76
CA ARG B 4042 23.90 -17.42 -13.36
C ARG B 4042 24.26 -18.88 -13.13
N GLN B 4043 23.48 -19.79 -13.69
CA GLN B 4043 23.80 -21.21 -13.63
C GLN B 4043 25.09 -21.52 -14.37
N MET B 4044 25.36 -20.78 -15.45
CA MET B 4044 26.57 -21.03 -16.23
C MET B 4044 27.81 -20.68 -15.43
N VAL B 4045 27.77 -19.53 -14.74
CA VAL B 4045 28.91 -19.17 -13.91
C VAL B 4045 29.01 -20.11 -12.71
N ASP B 4046 27.88 -20.62 -12.21
CA ASP B 4046 27.95 -21.61 -11.13
C ASP B 4046 28.63 -22.89 -11.60
N MET B 4047 28.32 -23.33 -12.82
CA MET B 4047 29.04 -24.44 -13.42
C MET B 4047 30.51 -24.12 -13.56
N LEU B 4048 30.82 -22.91 -14.01
CA LEU B 4048 32.20 -22.56 -14.33
C LEU B 4048 33.04 -22.46 -13.06
N VAL B 4049 32.50 -21.84 -12.02
CA VAL B 4049 33.21 -21.72 -10.75
C VAL B 4049 33.32 -23.08 -10.09
N GLU B 4050 32.34 -23.97 -10.33
CA GLU B 4050 32.52 -25.35 -9.86
C GLU B 4050 33.67 -26.04 -10.57
N SER B 4051 34.00 -25.64 -11.80
CA SER B 4051 35.15 -26.14 -12.54
C SER B 4051 36.39 -25.29 -12.34
N SER B 4052 36.50 -24.59 -11.20
CA SER B 4052 37.59 -23.64 -10.98
C SER B 4052 38.95 -24.30 -10.95
N SER B 4053 39.03 -25.58 -10.63
CA SER B 4053 40.26 -26.35 -10.80
C SER B 4053 40.54 -26.73 -12.25
N ASN B 4054 39.65 -26.37 -13.21
CA ASN B 4054 39.75 -26.79 -14.61
C ASN B 4054 39.64 -25.65 -15.60
N VAL B 4055 38.78 -24.67 -15.36
CA VAL B 4055 38.62 -23.57 -16.32
C VAL B 4055 39.85 -22.66 -16.35
N GLU B 4056 40.67 -22.67 -15.31
CA GLU B 4056 41.91 -21.90 -15.35
C GLU B 4056 42.94 -22.55 -16.28
N MET B 4057 43.16 -23.85 -16.15
CA MET B 4057 44.30 -24.48 -16.83
C MET B 4057 44.08 -24.61 -18.33
N ILE B 4058 42.83 -24.85 -18.73
CA ILE B 4058 42.45 -24.86 -20.14
C ILE B 4058 42.74 -23.52 -20.77
N LEU B 4059 42.57 -22.42 -20.03
CA LEU B 4059 42.97 -21.12 -20.54
C LEU B 4059 44.48 -20.97 -20.58
N LYS B 4060 45.18 -21.58 -19.62
CA LYS B 4060 46.62 -21.35 -19.53
C LYS B 4060 47.38 -21.99 -20.67
N PHE B 4061 46.87 -23.09 -21.24
CA PHE B 4061 47.54 -23.67 -22.41
C PHE B 4061 47.63 -22.67 -23.56
N PHE B 4062 46.52 -21.99 -23.80
CA PHE B 4062 46.51 -20.91 -24.80
C PHE B 4062 47.39 -19.75 -24.35
N ASP B 4063 47.42 -19.48 -23.04
CA ASP B 4063 48.21 -18.35 -22.54
C ASP B 4063 49.70 -18.55 -22.82
N MET B 4064 50.23 -19.73 -22.47
CA MET B 4064 51.63 -20.03 -22.78
C MET B 4064 51.89 -20.04 -24.28
N PHE B 4065 50.99 -20.66 -25.06
CA PHE B 4065 51.32 -20.85 -26.47
C PHE B 4065 51.20 -19.58 -27.28
N LEU B 4066 50.30 -18.68 -26.91
CA LEU B 4066 50.28 -17.37 -27.54
C LEU B 4066 51.49 -16.54 -27.12
N LYS B 4067 51.86 -16.63 -25.83
CA LYS B 4067 52.92 -15.76 -25.34
C LYS B 4067 54.27 -16.13 -25.91
N LEU B 4068 54.54 -17.41 -26.13
CA LEU B 4068 55.85 -17.76 -26.67
C LEU B 4068 55.98 -17.32 -28.13
N LYS B 4069 54.89 -17.35 -28.89
CA LYS B 4069 54.93 -16.83 -30.25
C LYS B 4069 55.19 -15.33 -30.23
N ASP B 4070 54.65 -14.63 -29.23
CA ASP B 4070 55.02 -13.22 -29.09
C ASP B 4070 56.49 -13.05 -28.70
N ILE B 4071 56.97 -13.87 -27.76
CA ILE B 4071 58.29 -13.68 -27.19
C ILE B 4071 59.37 -14.01 -28.21
N VAL B 4072 59.17 -15.06 -29.00
CA VAL B 4072 60.18 -15.47 -29.96
C VAL B 4072 60.30 -14.44 -31.07
N GLY B 4073 61.53 -14.11 -31.44
CA GLY B 4073 61.76 -13.12 -32.47
C GLY B 4073 61.39 -11.71 -32.07
N SER B 4074 61.35 -11.41 -30.76
CA SER B 4074 61.02 -10.08 -30.24
C SER B 4074 61.94 -9.73 -29.08
N GLU B 4075 63.21 -10.14 -29.16
CA GLU B 4075 64.17 -9.81 -28.12
C GLU B 4075 65.51 -9.95 -28.83
N ALA B 4076 66.58 -9.64 -28.09
CA ALA B 4076 67.94 -9.97 -28.53
C ALA B 4076 68.15 -11.42 -28.92
N PHE B 4077 67.50 -12.38 -28.26
CA PHE B 4077 67.76 -13.77 -28.63
C PHE B 4077 67.13 -14.08 -29.99
N GLN B 4078 67.92 -14.68 -30.86
CA GLN B 4078 67.63 -14.94 -32.26
C GLN B 4078 68.32 -16.26 -32.62
N ASP B 4079 68.63 -16.45 -33.89
CA ASP B 4079 69.49 -17.57 -34.28
C ASP B 4079 70.83 -17.52 -33.53
N TYR B 4080 71.61 -16.45 -33.78
CA TYR B 4080 72.95 -16.20 -33.26
C TYR B 4080 73.88 -17.42 -33.41
N VAL B 4081 74.96 -17.51 -32.61
CA VAL B 4081 76.04 -18.47 -32.84
C VAL B 4081 75.66 -19.92 -32.56
N THR B 4082 74.45 -20.18 -32.06
CA THR B 4082 73.97 -21.55 -31.93
C THR B 4082 73.92 -22.25 -33.28
N ASP B 4083 73.15 -21.70 -34.21
CA ASP B 4083 73.15 -22.17 -35.59
C ASP B 4083 72.62 -21.06 -36.50
N PRO B 4084 73.48 -20.32 -37.21
CA PRO B 4084 72.96 -19.40 -38.23
C PRO B 4084 72.20 -20.09 -39.35
N ARG B 4085 72.47 -21.37 -39.63
CA ARG B 4085 71.86 -22.09 -40.73
C ARG B 4085 70.51 -22.72 -40.38
N GLY B 4086 69.86 -22.27 -39.31
CA GLY B 4086 68.53 -22.78 -38.97
C GLY B 4086 68.50 -24.23 -38.58
N LEU B 4087 69.49 -24.68 -37.82
CA LEU B 4087 69.60 -26.05 -37.31
C LEU B 4087 70.00 -26.02 -35.85
N ILE B 4088 69.30 -25.17 -35.09
CA ILE B 4088 69.65 -24.93 -33.70
C ILE B 4088 69.45 -26.19 -32.86
N SER B 4089 70.25 -26.29 -31.80
CA SER B 4089 70.28 -27.47 -30.94
C SER B 4089 69.32 -27.28 -29.77
N LYS B 4090 69.41 -28.17 -28.78
CA LYS B 4090 68.50 -28.14 -27.64
C LYS B 4090 68.70 -26.91 -26.77
N LYS B 4091 69.93 -26.40 -26.67
CA LYS B 4091 70.29 -25.31 -25.77
C LYS B 4091 70.12 -23.93 -26.40
N ASP B 4092 69.27 -23.80 -27.41
CA ASP B 4092 69.18 -22.54 -28.13
C ASP B 4092 68.51 -21.45 -27.29
N PHE B 4093 67.51 -21.82 -26.48
CA PHE B 4093 66.73 -20.90 -25.67
C PHE B 4093 66.43 -21.54 -24.33
N GLN B 4094 67.49 -22.07 -23.69
CA GLN B 4094 67.32 -22.88 -22.49
C GLN B 4094 66.77 -22.06 -21.34
N LYS B 4095 67.36 -20.89 -21.08
CA LYS B 4095 66.89 -19.96 -20.05
C LYS B 4095 66.94 -18.52 -20.54
N ALA B 4096 66.86 -18.30 -21.85
CA ALA B 4096 66.61 -16.94 -22.32
C ALA B 4096 65.23 -16.47 -21.88
N MET B 4097 64.26 -17.39 -21.88
CA MET B 4097 62.93 -17.07 -21.37
C MET B 4097 62.94 -16.79 -19.88
N ASP B 4098 63.90 -17.35 -19.14
CA ASP B 4098 63.96 -17.17 -17.69
C ASP B 4098 64.22 -15.74 -17.28
N SER B 4099 64.85 -14.94 -18.15
CA SER B 4099 65.02 -13.52 -17.87
C SER B 4099 63.68 -12.82 -17.76
N GLN B 4100 62.75 -13.18 -18.64
CA GLN B 4100 61.40 -12.64 -18.56
C GLN B 4100 60.69 -13.16 -17.31
N LYS B 4101 59.86 -12.30 -16.73
CA LYS B 4101 59.02 -12.66 -15.60
C LYS B 4101 57.68 -13.28 -16.01
N GLN B 4102 57.46 -13.52 -17.31
CA GLN B 4102 56.17 -14.05 -17.75
C GLN B 4102 55.99 -15.49 -17.30
N PHE B 4103 56.99 -16.33 -17.54
CA PHE B 4103 56.96 -17.74 -17.19
C PHE B 4103 57.60 -17.93 -15.83
N THR B 4104 56.91 -18.66 -14.95
CA THR B 4104 57.40 -18.96 -13.62
C THR B 4104 56.83 -20.30 -13.18
N GLY B 4105 57.46 -20.89 -12.17
CA GLY B 4105 56.98 -22.12 -11.62
C GLY B 4105 57.28 -23.30 -12.53
N PRO B 4106 56.51 -24.39 -12.43
CA PRO B 4106 56.73 -25.52 -13.35
C PRO B 4106 56.28 -25.27 -14.79
N GLU B 4107 55.70 -24.11 -15.12
CA GLU B 4107 55.26 -23.88 -16.50
C GLU B 4107 56.44 -23.85 -17.47
N ILE B 4108 57.55 -23.21 -17.05
CA ILE B 4108 58.74 -23.16 -17.90
C ILE B 4108 59.32 -24.56 -18.08
N GLN B 4109 59.27 -25.38 -17.03
CA GLN B 4109 59.72 -26.75 -17.13
C GLN B 4109 58.78 -27.55 -18.02
N PHE B 4110 57.50 -27.23 -17.99
CA PHE B 4110 56.54 -27.91 -18.85
C PHE B 4110 56.81 -27.57 -20.31
N LEU B 4111 57.16 -26.32 -20.59
CA LEU B 4111 57.52 -25.98 -21.97
C LEU B 4111 58.80 -26.66 -22.41
N LEU B 4112 59.77 -26.78 -21.50
CA LEU B 4112 60.99 -27.51 -21.82
C LEU B 4112 60.71 -28.99 -22.06
N SER B 4113 59.81 -29.57 -21.26
CA SER B 4113 59.41 -30.95 -21.45
C SER B 4113 58.66 -31.13 -22.77
N CYS B 4114 57.76 -30.20 -23.07
CA CYS B 4114 57.03 -30.21 -24.31
C CYS B 4114 57.87 -29.79 -25.51
N SER B 4115 59.08 -29.27 -25.28
CA SER B 4115 59.98 -28.94 -26.38
C SER B 4115 60.36 -30.19 -27.12
N GLU B 4116 59.79 -30.38 -28.30
CA GLU B 4116 60.09 -31.54 -29.13
C GLU B 4116 61.52 -31.41 -29.61
N ALA B 4117 62.44 -32.13 -28.97
CA ALA B 4117 63.86 -32.12 -29.33
C ALA B 4117 64.14 -33.16 -30.42
N ASP B 4118 63.46 -32.99 -31.56
CA ASP B 4118 63.67 -33.86 -32.70
C ASP B 4118 65.01 -33.52 -33.35
N GLU B 4119 65.79 -34.57 -33.66
CA GLU B 4119 67.12 -34.42 -34.23
C GLU B 4119 68.04 -33.63 -33.29
N ASN B 4120 68.08 -34.07 -32.03
CA ASN B 4120 68.92 -33.42 -31.03
C ASN B 4120 70.40 -33.56 -31.35
N GLU B 4121 70.79 -34.66 -32.00
CA GLU B 4121 72.19 -34.87 -32.36
C GLU B 4121 72.61 -33.90 -33.46
N ASN B 4124 63.28 -26.04 -32.48
CA ASN B 4124 63.38 -25.04 -33.54
C ASN B 4124 62.31 -23.97 -33.37
N PHE B 4125 62.69 -22.72 -33.64
CA PHE B 4125 61.73 -21.62 -33.57
C PHE B 4125 60.67 -21.76 -34.65
N GLU B 4126 61.08 -22.11 -35.87
CA GLU B 4126 60.17 -22.16 -37.00
C GLU B 4126 59.26 -23.38 -37.03
N GLU B 4127 59.49 -24.39 -36.15
CA GLU B 4127 58.74 -25.63 -36.13
C GLU B 4127 58.00 -25.87 -34.82
N PHE B 4128 58.52 -25.38 -33.70
CA PHE B 4128 57.88 -25.62 -32.42
C PHE B 4128 56.58 -24.85 -32.31
N ALA B 4129 56.65 -23.53 -32.39
CA ALA B 4129 55.46 -22.69 -32.26
C ALA B 4129 54.58 -22.69 -33.50
N ASN B 4130 55.08 -23.16 -34.66
CA ASN B 4130 54.35 -22.99 -35.90
C ASN B 4130 53.10 -23.87 -35.96
N ARG B 4131 53.24 -25.14 -35.60
CA ARG B 4131 52.13 -26.09 -35.81
C ARG B 4131 50.95 -25.86 -34.86
N PHE B 4132 51.14 -25.14 -33.75
CA PHE B 4132 50.12 -24.95 -32.73
C PHE B 4132 49.38 -23.63 -32.90
N GLN B 4133 49.15 -23.21 -34.15
CA GLN B 4133 48.38 -22.03 -34.49
C GLN B 4133 47.12 -22.37 -35.28
N GLU B 4134 47.25 -23.23 -36.29
CA GLU B 4134 46.08 -23.66 -37.05
C GLU B 4134 45.03 -24.39 -36.20
N PRO B 4135 45.38 -25.43 -35.41
CA PRO B 4135 44.30 -26.15 -34.71
C PRO B 4135 43.70 -25.37 -33.56
N ALA B 4136 44.50 -24.64 -32.81
CA ALA B 4136 44.04 -23.97 -31.61
C ALA B 4136 43.34 -22.64 -31.87
N ARG B 4137 43.20 -22.22 -33.13
CA ARG B 4137 42.65 -20.91 -33.43
C ARG B 4137 41.17 -20.82 -33.06
N ASP B 4138 40.40 -21.81 -33.51
CA ASP B 4138 38.95 -21.73 -33.45
C ASP B 4138 38.45 -21.80 -32.01
N ILE B 4139 38.99 -22.74 -31.25
CA ILE B 4139 38.55 -22.94 -29.87
C ILE B 4139 38.93 -21.75 -29.01
N GLY B 4140 40.12 -21.18 -29.26
CA GLY B 4140 40.53 -20.01 -28.51
C GLY B 4140 39.63 -18.83 -28.76
N PHE B 4141 39.23 -18.65 -30.02
CA PHE B 4141 38.30 -17.56 -30.32
C PHE B 4141 36.95 -17.83 -29.67
N ASN B 4142 36.50 -19.09 -29.68
CA ASN B 4142 35.16 -19.39 -29.15
C ASN B 4142 35.11 -19.21 -27.64
N VAL B 4143 36.15 -19.67 -26.93
CA VAL B 4143 36.15 -19.49 -25.47
C VAL B 4143 36.28 -18.01 -25.13
N ALA B 4144 37.02 -17.25 -25.94
CA ALA B 4144 37.08 -15.81 -25.71
C ALA B 4144 35.72 -15.17 -25.90
N VAL B 4145 34.95 -15.65 -26.89
CA VAL B 4145 33.60 -15.13 -27.11
C VAL B 4145 32.72 -15.42 -25.91
N LEU B 4146 32.83 -16.65 -25.38
CA LEU B 4146 31.98 -17.04 -24.26
C LEU B 4146 32.26 -16.20 -23.02
N LEU B 4147 33.54 -16.00 -22.72
CA LEU B 4147 33.89 -15.21 -21.54
C LEU B 4147 33.51 -13.75 -21.72
N THR B 4148 33.69 -13.22 -22.94
CA THR B 4148 33.36 -11.82 -23.20
C THR B 4148 31.87 -11.57 -23.06
N ASN B 4149 31.07 -12.46 -23.64
CA ASN B 4149 29.63 -12.34 -23.57
C ASN B 4149 29.14 -12.48 -22.14
N LEU B 4150 29.72 -13.42 -21.40
CA LEU B 4150 29.31 -13.61 -20.02
C LEU B 4150 29.71 -12.44 -19.15
N SER B 4151 30.86 -11.83 -19.42
CA SER B 4151 31.28 -10.68 -18.66
C SER B 4151 30.34 -9.51 -18.87
N GLU B 4152 29.89 -9.32 -20.12
CA GLU B 4152 28.95 -8.24 -20.37
C GLU B 4152 27.55 -8.54 -19.86
N HIS B 4153 27.13 -9.81 -19.83
CA HIS B 4153 25.74 -10.12 -19.49
C HIS B 4153 25.45 -9.93 -18.01
N VAL B 4154 26.34 -10.42 -17.15
CA VAL B 4154 26.11 -10.50 -15.70
C VAL B 4154 27.28 -9.86 -14.95
N PRO B 4155 27.32 -8.53 -14.85
CA PRO B 4155 28.30 -7.90 -13.96
C PRO B 4155 27.93 -8.08 -12.50
N HIS B 4156 28.74 -7.53 -11.59
CA HIS B 4156 28.57 -7.72 -10.15
C HIS B 4156 28.60 -9.21 -9.78
N ASP B 4157 29.53 -9.92 -10.41
CA ASP B 4157 29.73 -11.37 -10.20
C ASP B 4157 31.23 -11.56 -9.95
N PRO B 4158 31.71 -11.24 -8.75
CA PRO B 4158 33.18 -11.19 -8.53
C PRO B 4158 33.90 -12.51 -8.69
N ARG B 4159 33.20 -13.64 -8.57
CA ARG B 4159 33.83 -14.92 -8.86
C ARG B 4159 34.22 -15.02 -10.33
N LEU B 4160 33.37 -14.50 -11.21
CA LEU B 4160 33.71 -14.45 -12.63
C LEU B 4160 34.87 -13.49 -12.88
N ARG B 4161 34.97 -12.42 -12.10
CA ARG B 4161 35.98 -11.40 -12.37
C ARG B 4161 37.39 -11.88 -12.12
N ASN B 4162 37.58 -12.98 -11.39
CA ASN B 4162 38.91 -13.55 -11.25
C ASN B 4162 39.43 -14.07 -12.58
N PHE B 4163 38.57 -14.68 -13.39
CA PHE B 4163 39.03 -15.42 -14.55
C PHE B 4163 39.57 -14.52 -15.65
N LEU B 4164 39.03 -13.31 -15.79
CA LEU B 4164 39.38 -12.48 -16.94
C LEU B 4164 40.82 -11.99 -16.88
N GLU B 4165 41.38 -11.86 -15.66
CA GLU B 4165 42.81 -11.57 -15.56
C GLU B 4165 43.63 -12.71 -16.13
N LEU B 4166 43.21 -13.95 -15.88
CA LEU B 4166 43.91 -15.09 -16.44
C LEU B 4166 43.70 -15.17 -17.95
N ALA B 4167 42.54 -14.75 -18.43
CA ALA B 4167 42.17 -14.83 -19.83
C ALA B 4167 42.50 -13.58 -20.63
N GLU B 4168 43.25 -12.64 -20.06
CA GLU B 4168 43.46 -11.34 -20.72
C GLU B 4168 44.29 -11.47 -21.99
N SER B 4169 45.28 -12.35 -21.99
CA SER B 4169 46.22 -12.46 -23.11
C SER B 4169 45.52 -12.99 -24.36
N ILE B 4170 44.81 -14.11 -24.22
CA ILE B 4170 44.10 -14.67 -25.35
C ILE B 4170 42.95 -13.76 -25.75
N LEU B 4171 42.37 -13.03 -24.80
CA LEU B 4171 41.26 -12.15 -25.12
C LEU B 4171 41.73 -10.98 -25.97
N GLU B 4172 42.82 -10.32 -25.56
CA GLU B 4172 43.31 -9.19 -26.34
C GLU B 4172 43.92 -9.62 -27.66
N TYR B 4173 44.35 -10.88 -27.79
CA TYR B 4173 44.84 -11.32 -29.09
C TYR B 4173 43.73 -11.30 -30.14
N PHE B 4174 42.54 -11.75 -29.78
CA PHE B 4174 41.38 -11.80 -30.67
C PHE B 4174 40.55 -10.51 -30.64
N ARG B 4175 41.07 -9.42 -30.08
CA ARG B 4175 40.38 -8.13 -30.17
C ARG B 4175 40.18 -7.66 -31.61
N PRO B 4176 41.15 -7.73 -32.54
CA PRO B 4176 40.84 -7.30 -33.91
C PRO B 4176 39.81 -8.17 -34.61
N TYR B 4177 39.71 -9.45 -34.24
CA TYR B 4177 38.85 -10.43 -34.90
C TYR B 4177 37.67 -10.81 -34.03
N LEU B 4178 37.11 -9.83 -33.32
CA LEU B 4178 35.90 -10.00 -32.52
C LEU B 4178 35.06 -8.75 -32.76
N GLY B 4179 34.23 -8.81 -33.79
CA GLY B 4179 33.27 -7.76 -34.05
C GLY B 4179 32.00 -7.95 -33.26
N ARG B 4180 31.33 -6.84 -32.97
CA ARG B 4180 30.20 -6.79 -32.07
C ARG B 4180 29.10 -5.96 -32.71
N ILE B 4181 27.88 -6.47 -32.66
CA ILE B 4181 26.71 -5.87 -33.31
C ILE B 4181 25.56 -5.94 -32.34
N GLU B 4182 24.74 -4.89 -32.34
CA GLU B 4182 23.45 -4.85 -31.66
C GLU B 4182 22.35 -4.93 -32.70
N ILE B 4183 21.29 -5.66 -32.39
CA ILE B 4183 20.15 -5.85 -33.27
C ILE B 4183 18.87 -5.74 -32.44
N MET B 4184 17.75 -5.95 -33.12
CA MET B 4184 16.44 -5.95 -32.50
C MET B 4184 15.51 -6.83 -33.32
N GLY B 4185 14.37 -7.14 -32.71
CA GLY B 4185 13.32 -7.90 -33.37
C GLY B 4185 12.96 -9.18 -32.65
N ALA B 4186 11.68 -9.54 -32.71
CA ALA B 4186 11.05 -10.73 -32.16
C ALA B 4186 10.82 -10.65 -30.65
N SER B 4187 11.35 -9.64 -29.94
CA SER B 4187 11.12 -9.47 -28.51
C SER B 4187 10.96 -8.02 -28.06
N ARG B 4188 11.11 -7.03 -28.96
CA ARG B 4188 11.24 -5.62 -28.59
C ARG B 4188 12.33 -5.45 -27.54
N ARG B 4189 13.51 -5.99 -27.86
CA ARG B 4189 14.65 -5.97 -26.96
C ARG B 4189 15.92 -6.04 -27.77
N ILE B 4190 16.99 -5.48 -27.19
CA ILE B 4190 18.30 -5.42 -27.83
C ILE B 4190 19.15 -6.55 -27.28
N GLU B 4191 19.87 -7.22 -28.18
CA GLU B 4191 20.80 -8.28 -27.82
C GLU B 4191 22.03 -8.20 -28.70
N ARG B 4192 23.13 -8.67 -28.15
CA ARG B 4192 24.43 -8.60 -28.80
C ARG B 4192 24.65 -9.81 -29.68
N ILE B 4193 25.63 -9.68 -30.59
CA ILE B 4193 26.03 -10.72 -31.50
C ILE B 4193 27.55 -10.66 -31.59
N TYR B 4194 28.16 -11.83 -31.77
CA TYR B 4194 29.59 -11.99 -31.87
C TYR B 4194 29.92 -12.91 -33.02
N PHE B 4195 31.09 -12.73 -33.60
CA PHE B 4195 31.44 -13.43 -34.83
C PHE B 4195 32.93 -13.26 -35.10
N GLU B 4196 33.39 -13.99 -36.11
CA GLU B 4196 34.76 -13.96 -36.59
C GLU B 4196 34.85 -13.15 -37.86
N ILE B 4197 36.02 -12.58 -38.11
CA ILE B 4197 36.33 -11.81 -39.30
C ILE B 4197 37.59 -12.37 -39.93
N SER B 4198 37.59 -12.49 -41.25
CA SER B 4198 38.77 -12.96 -41.95
C SER B 4198 39.85 -11.89 -41.96
N GLU B 4199 41.10 -12.36 -42.00
CA GLU B 4199 42.25 -11.46 -42.02
C GLU B 4199 42.27 -10.63 -43.29
N THR B 4200 42.05 -11.30 -44.44
CA THR B 4200 42.17 -10.65 -45.73
C THR B 4200 41.10 -9.61 -45.93
N ASN B 4201 39.91 -9.84 -45.42
CA ASN B 4201 38.83 -8.88 -45.60
C ASN B 4201 39.06 -7.63 -44.76
N ARG B 4202 39.62 -7.80 -43.55
CA ARG B 4202 40.00 -6.66 -42.74
C ARG B 4202 41.05 -5.82 -43.45
N ALA B 4203 42.03 -6.48 -44.07
CA ALA B 4203 43.01 -5.70 -44.82
C ALA B 4203 42.41 -5.10 -46.08
N GLN B 4204 41.47 -5.79 -46.71
CA GLN B 4204 40.90 -5.32 -47.98
C GLN B 4204 40.06 -4.07 -47.78
N TRP B 4205 39.33 -3.99 -46.68
CA TRP B 4205 38.50 -2.82 -46.43
C TRP B 4205 39.35 -1.56 -46.20
N GLU B 4206 40.56 -1.72 -45.66
CA GLU B 4206 41.43 -0.59 -45.38
C GLU B 4206 42.16 -0.05 -46.61
N MET B 4207 41.92 -0.61 -47.80
CA MET B 4207 42.58 -0.12 -48.99
C MET B 4207 42.08 1.29 -49.32
N PRO B 4208 42.87 2.10 -50.03
CA PRO B 4208 42.45 3.50 -50.28
C PRO B 4208 41.20 3.64 -51.15
N GLN B 4209 40.95 2.71 -52.05
CA GLN B 4209 39.82 2.85 -52.98
C GLN B 4209 38.49 2.76 -52.24
N VAL B 4210 38.34 1.73 -51.43
CA VAL B 4210 37.14 1.55 -50.63
C VAL B 4210 37.02 2.66 -49.60
N LYS B 4211 38.15 3.13 -49.08
CA LYS B 4211 38.16 4.24 -48.13
C LYS B 4211 37.58 5.50 -48.76
N GLU B 4212 37.92 5.76 -50.02
CA GLU B 4212 37.36 6.90 -50.74
C GLU B 4212 35.87 6.73 -50.98
N SER B 4213 35.46 5.51 -51.36
CA SER B 4213 34.06 5.26 -51.66
C SER B 4213 33.19 5.41 -50.42
N LYS B 4214 33.74 5.14 -49.25
CA LYS B 4214 33.01 5.40 -48.00
C LYS B 4214 32.66 6.87 -47.85
N ARG B 4215 33.62 7.75 -48.17
CA ARG B 4215 33.39 9.19 -48.07
C ARG B 4215 32.30 9.61 -49.04
N GLN B 4216 32.35 9.07 -50.27
CA GLN B 4216 31.38 9.48 -51.28
C GLN B 4216 29.96 9.04 -50.90
N PHE B 4217 29.81 7.83 -50.37
CA PHE B 4217 28.48 7.36 -49.99
C PHE B 4217 27.94 8.12 -48.78
N ILE B 4218 28.79 8.25 -47.75
CA ILE B 4218 28.35 8.75 -46.47
C ILE B 4218 28.01 10.22 -46.56
N PHE B 4219 28.63 10.96 -47.48
CA PHE B 4219 28.24 12.36 -47.66
C PHE B 4219 26.80 12.47 -48.14
N ASP B 4220 26.43 11.68 -49.14
CA ASP B 4220 25.14 11.86 -49.80
C ASP B 4220 23.99 11.49 -48.89
N VAL B 4221 24.08 10.31 -48.25
CA VAL B 4221 22.90 9.80 -47.55
C VAL B 4221 22.60 10.64 -46.31
N VAL B 4222 23.63 11.15 -45.65
CA VAL B 4222 23.41 12.00 -44.49
C VAL B 4222 23.03 13.41 -44.92
N ASN B 4223 23.50 13.87 -46.09
CA ASN B 4223 23.21 15.24 -46.46
C ASN B 4223 21.75 15.44 -46.82
N GLU B 4224 21.18 14.50 -47.59
CA GLU B 4224 19.83 14.70 -48.16
C GLU B 4224 18.86 13.54 -47.99
N GLY B 4225 19.31 12.34 -47.64
CA GLY B 4225 18.40 11.22 -47.57
C GLY B 4225 17.44 11.34 -46.40
N GLY B 4226 16.19 10.96 -46.66
CA GLY B 4226 15.19 10.96 -45.61
C GLY B 4226 15.43 9.84 -44.61
N GLU B 4227 14.72 9.94 -43.49
CA GLU B 4227 14.89 8.98 -42.41
C GLU B 4227 14.39 7.59 -42.82
N ALA B 4228 13.25 7.53 -43.52
CA ALA B 4228 12.68 6.25 -43.91
C ALA B 4228 13.57 5.55 -44.93
N GLU B 4229 14.04 6.30 -45.93
CA GLU B 4229 14.97 5.82 -46.93
C GLU B 4229 16.43 6.08 -46.54
N LYS B 4230 16.71 6.16 -45.24
CA LYS B 4230 18.06 6.51 -44.80
C LYS B 4230 19.06 5.43 -45.14
N MET B 4231 18.66 4.16 -45.00
CA MET B 4231 19.61 3.07 -44.88
C MET B 4231 19.25 1.82 -45.67
N GLU B 4232 18.21 1.86 -46.49
CA GLU B 4232 18.15 0.91 -47.59
C GLU B 4232 19.31 1.15 -48.53
N LEU B 4233 19.66 2.41 -48.75
CA LEU B 4233 20.86 2.76 -49.49
C LEU B 4233 22.11 2.23 -48.80
N PHE B 4234 22.10 2.20 -47.47
CA PHE B 4234 23.27 1.69 -46.75
C PHE B 4234 23.45 0.20 -46.98
N VAL B 4235 22.37 -0.56 -46.98
CA VAL B 4235 22.50 -1.99 -47.27
C VAL B 4235 22.90 -2.19 -48.73
N SER B 4236 22.39 -1.34 -49.62
CA SER B 4236 22.80 -1.40 -51.02
C SER B 4236 24.28 -1.10 -51.17
N PHE B 4237 24.77 -0.14 -50.40
CA PHE B 4237 26.18 0.23 -50.39
C PHE B 4237 27.04 -0.92 -49.92
N CYS B 4238 26.58 -1.61 -48.87
CA CYS B 4238 27.30 -2.80 -48.42
C CYS B 4238 27.30 -3.87 -49.50
N GLU B 4239 26.17 -4.00 -50.19
CA GLU B 4239 25.97 -5.09 -51.15
C GLU B 4239 26.92 -4.95 -52.35
N ASP B 4240 27.00 -3.75 -52.93
CA ASP B 4240 27.94 -3.54 -54.05
C ASP B 4240 29.38 -3.30 -53.57
N THR B 4241 29.56 -2.90 -52.31
CA THR B 4241 30.89 -2.82 -51.75
C THR B 4241 31.52 -4.20 -51.66
N ILE B 4242 30.71 -5.25 -51.50
CA ILE B 4242 31.25 -6.61 -51.58
C ILE B 4242 31.83 -6.86 -52.97
N PHE B 4243 31.14 -6.39 -54.01
CA PHE B 4243 31.62 -6.54 -55.38
C PHE B 4243 32.94 -5.84 -55.59
N GLU B 4244 33.13 -4.71 -54.89
CA GLU B 4244 34.41 -4.00 -55.01
C GLU B 4244 35.58 -4.86 -54.53
N MET B 4245 35.45 -5.50 -53.37
CA MET B 4245 36.55 -6.36 -52.92
C MET B 4245 36.68 -7.59 -53.78
N GLN B 4246 35.58 -8.08 -54.37
CA GLN B 4246 35.69 -9.28 -55.19
C GLN B 4246 36.49 -9.01 -56.46
N ILE B 4247 36.14 -7.93 -57.18
CA ILE B 4247 36.88 -7.57 -58.38
C ILE B 4247 38.29 -7.13 -58.02
N ALA B 4248 38.47 -6.50 -56.86
CA ALA B 4248 39.81 -6.17 -56.41
C ALA B 4248 40.62 -7.40 -56.03
N ALA B 4249 39.94 -8.45 -55.58
CA ALA B 4249 40.62 -9.67 -55.22
C ALA B 4249 41.12 -10.40 -56.44
N GLN B 4250 40.42 -10.27 -57.57
CA GLN B 4250 40.95 -10.89 -58.80
C GLN B 4250 42.29 -10.29 -59.20
N ILE B 4251 42.35 -8.97 -59.32
CA ILE B 4251 43.64 -8.34 -59.59
C ILE B 4251 44.52 -8.49 -58.36
N SER B 4252 45.78 -8.76 -58.58
CA SER B 4252 46.70 -8.99 -57.47
C SER B 4252 48.10 -9.08 -58.04
N GLU B 4253 49.06 -9.05 -57.14
CA GLU B 4253 50.48 -9.21 -57.43
C GLU B 4253 50.73 -10.68 -57.08
N PRO B 4254 50.47 -11.61 -58.01
CA PRO B 4254 49.72 -12.83 -57.67
C PRO B 4254 50.26 -13.67 -56.53
N GLU B 4255 51.58 -13.87 -56.49
CA GLU B 4255 52.20 -14.56 -55.36
C GLU B 4255 52.10 -13.73 -54.09
N PHE B 4540 51.61 -18.69 -80.69
CA PHE B 4540 51.39 -18.98 -79.28
C PHE B 4540 50.06 -18.40 -78.82
N TRP B 4541 48.97 -18.90 -79.42
CA TRP B 4541 47.64 -18.43 -79.03
C TRP B 4541 47.31 -18.80 -77.60
N GLY B 4542 47.67 -20.01 -77.19
CA GLY B 4542 47.46 -20.40 -75.80
C GLY B 4542 48.30 -19.58 -74.84
N GLU B 4543 49.53 -19.23 -75.25
CA GLU B 4543 50.43 -18.44 -74.41
C GLU B 4543 50.12 -16.93 -74.44
N LEU B 4544 49.21 -16.46 -75.30
CA LEU B 4544 48.87 -15.04 -75.38
C LEU B 4544 47.94 -14.59 -74.25
N GLU B 4545 47.11 -15.51 -73.75
CA GLU B 4545 46.10 -15.15 -72.75
C GLU B 4545 46.75 -14.67 -71.46
N VAL B 4546 47.83 -15.34 -71.04
CA VAL B 4546 48.52 -14.94 -69.82
C VAL B 4546 49.14 -13.55 -69.99
N GLN B 4547 49.61 -13.23 -71.21
CA GLN B 4547 50.21 -11.94 -71.47
C GLN B 4547 49.17 -10.83 -71.32
N ARG B 4548 47.99 -11.02 -71.93
CA ARG B 4548 46.98 -9.96 -71.84
C ARG B 4548 46.42 -9.85 -70.43
N VAL B 4549 46.29 -10.97 -69.71
CA VAL B 4549 45.74 -10.90 -68.35
C VAL B 4549 46.69 -10.16 -67.43
N LYS B 4550 48.00 -10.46 -67.51
CA LYS B 4550 48.99 -9.77 -66.70
C LYS B 4550 49.03 -8.28 -67.03
N PHE B 4551 48.94 -7.95 -68.31
CA PHE B 4551 49.04 -6.56 -68.74
C PHE B 4551 47.85 -5.74 -68.25
N LEU B 4552 46.63 -6.27 -68.45
CA LEU B 4552 45.44 -5.53 -68.05
C LEU B 4552 45.36 -5.39 -66.55
N ASN B 4553 45.78 -6.41 -65.80
CA ASN B 4553 45.77 -6.30 -64.35
C ASN B 4553 46.80 -5.29 -63.87
N TYR B 4554 47.94 -5.21 -64.55
CA TYR B 4554 48.94 -4.19 -64.23
C TYR B 4554 48.37 -2.80 -64.42
N LEU B 4555 47.55 -2.62 -65.45
CA LEU B 4555 46.83 -1.35 -65.57
C LEU B 4555 45.87 -1.14 -64.41
N SER B 4556 45.16 -2.21 -64.01
CA SER B 4556 44.06 -2.05 -63.07
C SER B 4556 44.55 -1.61 -61.69
N ARG B 4557 45.71 -2.09 -61.26
CA ARG B 4557 46.21 -1.67 -59.95
C ARG B 4557 46.59 -0.19 -59.94
N ASN B 4558 47.40 0.24 -60.91
CA ASN B 4558 48.02 1.57 -60.89
C ASN B 4558 47.28 2.57 -61.77
N PHE B 4559 45.95 2.49 -61.80
CA PHE B 4559 45.16 3.40 -62.63
C PHE B 4559 45.25 4.83 -62.14
N TYR B 4560 45.11 5.04 -60.84
CA TYR B 4560 45.21 6.39 -60.28
C TYR B 4560 46.61 6.97 -60.45
N THR B 4561 47.63 6.12 -60.39
CA THR B 4561 49.00 6.59 -60.51
C THR B 4561 49.29 7.13 -61.91
N LEU B 4562 48.91 6.39 -62.94
CA LEU B 4562 49.07 6.88 -64.30
C LEU B 4562 48.12 8.03 -64.61
N ARG B 4563 46.98 8.10 -63.93
CA ARG B 4563 46.15 9.29 -64.07
C ARG B 4563 46.87 10.52 -63.53
N PHE B 4564 47.58 10.35 -62.41
CA PHE B 4564 48.42 11.43 -61.90
C PHE B 4564 49.57 11.72 -62.84
N LEU B 4565 50.07 10.70 -63.55
CA LEU B 4565 51.16 10.91 -64.52
C LEU B 4565 50.72 11.81 -65.66
N ALA B 4566 49.44 11.74 -66.02
CA ALA B 4566 48.91 12.62 -67.06
C ALA B 4566 49.07 14.10 -66.71
N LEU B 4567 48.99 14.44 -65.42
CA LEU B 4567 49.23 15.83 -65.01
C LEU B 4567 50.66 16.25 -65.28
N PHE B 4568 51.62 15.39 -64.98
CA PHE B 4568 53.02 15.73 -65.19
C PHE B 4568 53.31 15.91 -66.67
N LEU B 4569 52.73 15.04 -67.51
CA LEU B 4569 52.85 15.22 -68.95
C LEU B 4569 52.24 16.54 -69.41
N ALA B 4570 51.06 16.88 -68.88
CA ALA B 4570 50.35 18.07 -69.32
C ALA B 4570 51.06 19.34 -68.89
N PHE B 4571 51.55 19.37 -67.66
CA PHE B 4571 52.26 20.56 -67.19
C PHE B 4571 53.58 20.72 -67.93
N ALA B 4572 54.27 19.61 -68.17
CA ALA B 4572 55.56 19.67 -68.82
C ALA B 4572 55.44 20.12 -70.27
N ILE B 4573 54.44 19.61 -70.98
CA ILE B 4573 54.26 20.03 -72.37
C ILE B 4573 53.81 21.49 -72.41
N ASN B 4574 52.96 21.91 -71.47
CA ASN B 4574 52.51 23.30 -71.49
C ASN B 4574 53.62 24.26 -71.09
N PHE B 4575 54.65 23.79 -70.39
CA PHE B 4575 55.80 24.66 -70.15
C PHE B 4575 56.52 24.96 -71.46
N ILE B 4576 56.66 23.96 -72.33
CA ILE B 4576 57.28 24.17 -73.63
C ILE B 4576 56.38 24.99 -74.54
N LEU B 4577 55.07 25.00 -74.29
CA LEU B 4577 54.19 25.80 -75.14
C LEU B 4577 54.45 27.31 -75.07
N LEU B 4578 55.18 27.81 -74.08
CA LEU B 4578 55.42 29.25 -73.96
C LEU B 4578 56.44 29.74 -74.97
N PHE B 4579 57.57 29.03 -75.11
CA PHE B 4579 58.67 29.54 -75.91
C PHE B 4579 58.30 29.44 -77.38
N TYR B 4580 57.59 30.47 -77.86
CA TYR B 4580 57.20 30.64 -79.25
C TYR B 4580 57.44 32.07 -79.70
N LYS B 4581 57.41 32.26 -81.01
CA LYS B 4581 57.53 33.55 -81.65
C LYS B 4581 56.88 33.46 -83.02
N VAL B 4582 56.62 34.64 -83.60
CA VAL B 4582 56.15 34.76 -84.97
C VAL B 4582 57.03 35.79 -85.68
N SER B 4583 56.92 35.80 -87.01
CA SER B 4583 57.73 36.67 -87.83
C SER B 4583 57.04 36.92 -89.15
N ASP B 4584 57.43 38.02 -89.80
CA ASP B 4584 56.87 38.37 -91.10
C ASP B 4584 57.24 37.34 -92.17
N SER B 4585 58.38 36.67 -92.02
CA SER B 4585 58.89 35.65 -92.92
C SER B 4585 59.34 34.46 -92.08
N PRO B 4586 59.53 33.28 -92.69
CA PRO B 4586 60.13 32.18 -91.93
C PRO B 4586 61.58 32.49 -91.58
N PRO B 4587 62.17 31.77 -90.64
CA PRO B 4587 63.51 32.14 -90.16
C PRO B 4587 64.58 31.84 -91.20
N GLY B 4588 65.68 32.58 -91.11
CA GLY B 4588 66.80 32.42 -92.01
C GLY B 4588 68.03 33.16 -91.55
N ASP B 4624 51.73 40.11 -94.78
CA ASP B 4624 51.35 39.82 -96.16
C ASP B 4624 51.01 38.34 -96.33
N GLU B 4625 50.32 37.78 -95.33
CA GLU B 4625 49.94 36.37 -95.31
C GLU B 4625 51.18 35.47 -95.36
N ASN B 4626 52.12 35.75 -94.46
CA ASN B 4626 53.36 34.98 -94.33
C ASN B 4626 53.68 34.75 -92.86
N MET B 4627 52.66 34.52 -92.04
CA MET B 4627 52.88 34.20 -90.64
C MET B 4627 53.51 32.82 -90.52
N VAL B 4628 54.50 32.71 -89.63
CA VAL B 4628 55.27 31.48 -89.43
C VAL B 4628 55.46 31.31 -87.93
N TYR B 4629 54.81 30.31 -87.35
CA TYR B 4629 54.98 29.98 -85.95
C TYR B 4629 56.20 29.08 -85.78
N TYR B 4630 57.07 29.44 -84.84
CA TYR B 4630 58.27 28.66 -84.58
C TYR B 4630 58.82 29.01 -83.21
N PHE B 4631 59.81 28.22 -82.80
CA PHE B 4631 60.32 28.27 -81.43
C PHE B 4631 61.31 29.42 -81.26
N LEU B 4632 61.58 29.72 -80.00
CA LEU B 4632 62.58 30.69 -79.55
C LEU B 4632 63.39 30.10 -78.41
N GLU B 4633 63.88 28.88 -78.63
CA GLU B 4633 64.63 28.15 -77.62
C GLU B 4633 65.91 28.89 -77.23
N GLU B 4634 66.23 28.85 -75.94
CA GLU B 4634 67.30 29.66 -75.37
C GLU B 4634 68.64 28.94 -75.56
N SER B 4635 69.06 28.86 -76.82
CA SER B 4635 70.37 28.32 -77.20
C SER B 4635 70.49 26.84 -76.84
N THR B 4636 69.42 26.08 -77.07
CA THR B 4636 69.43 24.64 -76.86
C THR B 4636 68.40 24.03 -77.78
N GLY B 4637 68.83 23.07 -78.61
CA GLY B 4637 68.00 22.45 -79.61
C GLY B 4637 67.20 21.25 -79.17
N TYR B 4638 67.24 20.87 -77.89
CA TYR B 4638 66.56 19.66 -77.44
C TYR B 4638 65.04 19.83 -77.34
N MET B 4639 64.55 21.06 -77.24
CA MET B 4639 63.13 21.29 -76.96
C MET B 4639 62.23 20.83 -78.10
N GLU B 4640 62.64 21.10 -79.34
CA GLU B 4640 61.78 20.75 -80.48
C GLU B 4640 61.62 19.25 -80.66
N PRO B 4641 62.67 18.42 -80.61
CA PRO B 4641 62.43 16.96 -80.52
C PRO B 4641 61.66 16.55 -79.28
N ALA B 4642 61.91 17.25 -78.16
CA ALA B 4642 61.31 16.85 -76.90
C ALA B 4642 59.79 17.01 -76.94
N LEU B 4643 59.30 18.02 -77.66
CA LEU B 4643 57.85 18.22 -77.75
C LEU B 4643 57.17 17.05 -78.46
N TRP B 4644 57.78 16.55 -79.54
CA TRP B 4644 57.23 15.40 -80.25
C TRP B 4644 57.23 14.16 -79.38
N CYS B 4645 58.33 13.93 -78.65
CA CYS B 4645 58.42 12.78 -77.76
C CYS B 4645 57.37 12.85 -76.65
N LEU B 4646 57.23 14.02 -76.05
CA LEU B 4646 56.28 14.22 -74.96
C LEU B 4646 54.85 14.06 -75.44
N SER B 4647 54.55 14.53 -76.66
CA SER B 4647 53.20 14.41 -77.20
C SER B 4647 52.82 12.95 -77.40
N LEU B 4648 53.76 12.17 -77.93
CA LEU B 4648 53.51 10.75 -78.12
C LEU B 4648 53.25 10.05 -76.79
N LEU B 4649 54.03 10.40 -75.77
CA LEU B 4649 53.82 9.80 -74.45
C LEU B 4649 52.48 10.18 -73.85
N HIS B 4650 52.07 11.44 -74.03
CA HIS B 4650 50.80 11.89 -73.45
C HIS B 4650 49.62 11.15 -74.08
N THR B 4651 49.66 10.97 -75.40
CA THR B 4651 48.60 10.23 -76.08
C THR B 4651 48.55 8.79 -75.59
N LEU B 4652 49.72 8.17 -75.42
CA LEU B 4652 49.76 6.78 -75.01
C LEU B 4652 49.21 6.60 -73.60
N VAL B 4653 49.66 7.42 -72.65
CA VAL B 4653 49.24 7.24 -71.27
C VAL B 4653 47.75 7.55 -71.10
N ALA B 4654 47.19 8.46 -71.91
CA ALA B 4654 45.75 8.65 -71.88
C ALA B 4654 45.01 7.39 -72.32
N PHE B 4655 45.52 6.74 -73.37
CA PHE B 4655 44.93 5.48 -73.80
C PHE B 4655 45.03 4.41 -72.71
N LEU B 4656 46.11 4.44 -71.95
CA LEU B 4656 46.22 3.53 -70.82
C LEU B 4656 45.16 3.81 -69.76
N CYS B 4657 44.83 5.10 -69.55
CA CYS B 4657 43.77 5.46 -68.61
C CYS B 4657 42.44 4.86 -69.02
N ILE B 4658 42.07 5.01 -70.30
CA ILE B 4658 40.74 4.56 -70.70
C ILE B 4658 40.64 3.04 -70.66
N ILE B 4659 41.72 2.35 -71.04
CA ILE B 4659 41.68 0.87 -71.00
C ILE B 4659 41.57 0.37 -69.55
N GLY B 4660 42.33 0.96 -68.63
CA GLY B 4660 42.24 0.55 -67.23
C GLY B 4660 40.89 0.86 -66.62
N TYR B 4661 40.30 1.98 -67.02
CA TYR B 4661 38.97 2.32 -66.53
C TYR B 4661 37.92 1.36 -67.06
N ASN B 4662 38.12 0.85 -68.29
CA ASN B 4662 37.23 -0.18 -68.77
C ASN B 4662 37.33 -1.43 -67.93
N CYS B 4663 38.55 -1.77 -67.49
CA CYS B 4663 38.66 -2.97 -66.67
C CYS B 4663 38.06 -2.78 -65.27
N LEU B 4664 38.28 -1.63 -64.63
CA LEU B 4664 38.06 -1.54 -63.19
C LEU B 4664 36.62 -1.18 -62.80
N LYS B 4665 36.15 0.02 -63.19
CA LYS B 4665 34.92 0.58 -62.65
C LYS B 4665 33.66 0.22 -63.44
N VAL B 4666 33.82 -0.14 -64.71
CA VAL B 4666 32.66 -0.55 -65.52
C VAL B 4666 31.88 -1.71 -64.92
N PRO B 4667 32.50 -2.74 -64.33
CA PRO B 4667 31.73 -3.76 -63.60
C PRO B 4667 30.82 -3.22 -62.52
N LEU B 4668 31.24 -2.15 -61.83
CA LEU B 4668 30.44 -1.64 -60.73
C LEU B 4668 29.17 -0.96 -61.23
N VAL B 4669 29.29 -0.13 -62.27
CA VAL B 4669 28.13 0.60 -62.74
C VAL B 4669 27.13 -0.35 -63.39
N ILE B 4670 27.65 -1.38 -64.08
CA ILE B 4670 26.76 -2.41 -64.60
C ILE B 4670 26.09 -3.17 -63.46
N PHE B 4671 26.81 -3.37 -62.35
CA PHE B 4671 26.23 -4.06 -61.20
C PHE B 4671 25.08 -3.26 -60.61
N LYS B 4672 25.22 -1.94 -60.56
CA LYS B 4672 24.15 -1.09 -60.05
C LYS B 4672 22.89 -1.21 -60.89
N ARG B 4673 23.03 -1.13 -62.22
CA ARG B 4673 21.84 -1.20 -63.07
C ARG B 4673 21.18 -2.57 -63.01
N GLU B 4674 22.00 -3.63 -62.98
CA GLU B 4674 21.44 -4.98 -62.92
C GLU B 4674 20.67 -5.21 -61.63
N LYS B 4675 21.21 -4.71 -60.51
CA LYS B 4675 20.52 -4.82 -59.24
C LYS B 4675 19.21 -4.05 -59.25
N GLU B 4676 19.20 -2.89 -59.89
CA GLU B 4676 17.98 -2.09 -59.92
C GLU B 4676 16.87 -2.80 -60.65
N LEU B 4677 17.17 -3.39 -61.81
CA LEU B 4677 16.15 -4.12 -62.55
C LEU B 4677 15.67 -5.35 -61.78
N ALA B 4678 16.60 -6.07 -61.14
CA ALA B 4678 16.21 -7.31 -60.47
C ALA B 4678 15.30 -7.04 -59.27
N ARG B 4679 15.68 -6.08 -58.42
CA ARG B 4679 14.86 -5.79 -57.25
C ARG B 4679 13.51 -5.20 -57.65
N LYS B 4680 13.50 -4.31 -58.65
CA LYS B 4680 12.24 -3.69 -59.04
C LYS B 4680 11.30 -4.69 -59.67
N LEU B 4681 11.83 -5.63 -60.46
CA LEU B 4681 10.97 -6.63 -61.06
C LEU B 4681 10.45 -7.62 -60.03
N GLU B 4682 11.30 -8.02 -59.09
CA GLU B 4682 10.89 -9.00 -58.10
C GLU B 4682 9.81 -8.45 -57.19
N PHE B 4683 10.06 -7.27 -56.61
CA PHE B 4683 9.16 -6.69 -55.61
C PHE B 4683 8.17 -5.69 -56.19
N ASP B 4684 8.13 -5.52 -57.51
CA ASP B 4684 7.23 -4.54 -58.11
C ASP B 4684 7.06 -4.90 -59.59
N GLY B 4685 6.16 -4.19 -60.25
CA GLY B 4685 5.68 -4.51 -61.59
C GLY B 4685 6.05 -3.51 -62.66
N LEU B 4686 7.31 -3.07 -62.67
CA LEU B 4686 7.73 -1.98 -63.55
C LEU B 4686 7.66 -2.32 -65.04
N TYR B 4687 7.61 -3.60 -65.40
CA TYR B 4687 7.48 -4.05 -66.78
C TYR B 4687 6.41 -5.11 -67.01
N ILE B 4688 5.71 -5.56 -65.95
CA ILE B 4688 4.72 -6.61 -66.04
C ILE B 4688 3.33 -6.10 -65.66
N THR B 4689 3.25 -5.24 -64.65
CA THR B 4689 2.00 -4.69 -64.14
C THR B 4689 1.72 -3.29 -64.68
N GLU B 4690 2.68 -2.38 -64.55
CA GLU B 4690 2.60 -1.03 -65.07
C GLU B 4690 3.88 -0.71 -65.83
N GLN B 4691 3.71 -0.12 -67.01
CA GLN B 4691 4.84 0.33 -67.79
C GLN B 4691 5.42 1.58 -67.13
N PRO B 4692 6.61 2.03 -67.58
CA PRO B 4692 7.13 3.30 -67.05
C PRO B 4692 6.33 4.50 -67.51
N GLY B 4693 6.80 5.69 -67.16
CA GLY B 4693 6.10 6.92 -67.51
C GLY B 4693 6.19 7.33 -68.97
N ASP B 4694 6.92 6.60 -69.82
CA ASP B 4694 7.08 6.90 -71.23
C ASP B 4694 7.77 8.25 -71.49
N ASP B 4695 8.54 8.76 -70.51
CA ASP B 4695 9.37 9.95 -70.66
C ASP B 4695 10.80 9.67 -70.20
N ASP B 4696 10.96 8.86 -69.16
CA ASP B 4696 12.29 8.52 -68.66
C ASP B 4696 12.99 7.59 -69.64
N VAL B 4697 14.14 8.02 -70.14
CA VAL B 4697 14.92 7.21 -71.07
C VAL B 4697 15.56 6.00 -70.39
N LYS B 4698 15.79 6.06 -69.08
CA LYS B 4698 16.41 4.96 -68.36
C LYS B 4698 15.53 3.71 -68.42
N GLY B 4699 14.24 3.90 -68.13
CA GLY B 4699 13.31 2.79 -68.14
C GLY B 4699 13.10 2.23 -69.54
N GLN B 4700 13.06 3.10 -70.55
CA GLN B 4700 12.85 2.62 -71.91
C GLN B 4700 14.07 1.87 -72.41
N TRP B 4701 15.27 2.37 -72.10
CA TRP B 4701 16.48 1.69 -72.56
C TRP B 4701 16.65 0.35 -71.86
N ASP B 4702 16.17 0.22 -70.62
CA ASP B 4702 16.28 -1.07 -69.95
C ASP B 4702 15.36 -2.15 -70.54
N ARG B 4703 14.44 -1.81 -71.44
CA ARG B 4703 13.51 -2.82 -71.95
C ARG B 4703 14.19 -3.88 -72.80
N LEU B 4704 15.29 -3.53 -73.47
CA LEU B 4704 15.88 -4.44 -74.45
C LEU B 4704 16.50 -5.66 -73.79
N VAL B 4705 17.16 -5.47 -72.64
CA VAL B 4705 17.93 -6.54 -72.03
C VAL B 4705 17.06 -7.66 -71.46
N LEU B 4706 15.75 -7.42 -71.28
CA LEU B 4706 14.89 -8.40 -70.64
C LEU B 4706 14.77 -9.67 -71.47
N ASN B 4707 14.66 -9.53 -72.79
CA ASN B 4707 14.54 -10.69 -73.66
C ASN B 4707 15.83 -11.50 -73.73
N THR B 4708 16.98 -10.90 -73.42
CA THR B 4708 18.23 -11.59 -73.61
C THR B 4708 18.39 -12.70 -72.56
N PRO B 4709 19.22 -13.72 -72.86
CA PRO B 4709 19.42 -14.81 -71.89
C PRO B 4709 20.46 -14.51 -70.84
N SER B 4710 21.45 -13.67 -71.19
CA SER B 4710 22.61 -13.37 -70.34
C SER B 4710 22.42 -12.06 -69.59
N PHE B 4711 21.18 -11.80 -69.16
CA PHE B 4711 20.87 -10.56 -68.46
C PHE B 4711 21.63 -10.41 -67.15
N PRO B 4712 21.55 -11.34 -66.18
CA PRO B 4712 22.27 -11.16 -64.91
C PRO B 4712 23.72 -11.64 -65.01
N SER B 4713 24.49 -11.00 -65.88
CA SER B 4713 25.87 -11.42 -66.10
C SER B 4713 26.73 -11.15 -64.88
N ASN B 4714 26.64 -9.93 -64.33
CA ASN B 4714 27.47 -9.49 -63.23
C ASN B 4714 26.81 -9.63 -61.87
N TYR B 4715 25.48 -9.56 -61.82
CA TYR B 4715 24.78 -9.77 -60.57
C TYR B 4715 24.95 -11.21 -60.10
N TRP B 4716 24.78 -11.42 -58.80
CA TRP B 4716 24.99 -12.74 -58.23
C TRP B 4716 23.91 -13.72 -58.67
N ASP B 4717 22.66 -13.40 -58.40
CA ASP B 4717 21.57 -14.34 -58.63
C ASP B 4717 21.32 -14.52 -60.12
N LYS B 4718 21.24 -15.79 -60.54
CA LYS B 4718 20.89 -16.18 -61.90
C LYS B 4718 19.50 -16.82 -61.95
N PHE B 4719 18.60 -16.40 -61.07
CA PHE B 4719 17.30 -17.02 -60.86
C PHE B 4719 16.15 -16.02 -60.75
N VAL B 4720 16.39 -14.73 -60.98
CA VAL B 4720 15.32 -13.74 -60.85
C VAL B 4720 14.28 -13.94 -61.94
N LYS B 4721 14.73 -14.37 -63.14
CA LYS B 4721 13.85 -14.66 -64.25
C LYS B 4721 12.86 -15.77 -63.88
N ARG B 4722 13.33 -16.77 -63.13
CA ARG B 4722 12.47 -17.84 -62.66
C ARG B 4722 11.66 -17.44 -61.42
N LYS B 4723 12.06 -16.39 -60.71
CA LYS B 4723 11.34 -15.98 -59.50
C LYS B 4723 10.11 -15.16 -59.84
N VAL B 4724 10.20 -14.30 -60.85
CA VAL B 4724 9.08 -13.40 -61.15
C VAL B 4724 7.89 -14.18 -61.67
N LEU B 4725 8.14 -15.21 -62.48
CA LEU B 4725 7.02 -16.02 -62.96
C LEU B 4725 6.37 -16.80 -61.83
N ASP B 4726 7.17 -17.18 -60.82
CA ASP B 4726 6.57 -17.81 -59.65
C ASP B 4726 5.69 -16.84 -58.90
N LYS B 4727 6.11 -15.58 -58.80
CA LYS B 4727 5.31 -14.60 -58.08
C LYS B 4727 4.08 -14.21 -58.89
N HIS B 4728 4.29 -13.56 -60.03
CA HIS B 4728 3.21 -13.04 -60.88
C HIS B 4728 2.86 -14.02 -62.00
N GLY B 4729 2.59 -15.27 -61.64
CA GLY B 4729 2.31 -16.32 -62.60
C GLY B 4729 0.84 -16.54 -62.86
N ASP B 4730 0.06 -16.60 -61.78
CA ASP B 4730 -1.35 -16.96 -61.91
C ASP B 4730 -2.20 -15.81 -62.44
N ILE B 4731 -1.82 -14.56 -62.14
CA ILE B 4731 -2.64 -13.43 -62.56
C ILE B 4731 -2.54 -13.25 -64.06
N PHE B 4732 -1.34 -12.95 -64.55
CA PHE B 4732 -1.09 -12.74 -65.97
C PHE B 4732 -0.77 -14.06 -66.65
N GLY B 4733 -0.82 -14.05 -67.98
CA GLY B 4733 -0.49 -15.22 -68.75
C GLY B 4733 0.99 -15.55 -68.65
N ARG B 4734 1.31 -16.73 -68.15
CA ARG B 4734 2.71 -17.13 -68.00
C ARG B 4734 3.44 -17.24 -69.33
N GLU B 4735 2.73 -17.59 -70.40
CA GLU B 4735 3.34 -17.63 -71.72
C GLU B 4735 3.71 -16.23 -72.20
N ARG B 4736 2.83 -15.26 -71.96
CA ARG B 4736 3.16 -13.87 -72.27
C ARG B 4736 4.33 -13.38 -71.43
N ILE B 4737 4.41 -13.85 -70.18
CA ILE B 4737 5.52 -13.52 -69.32
C ILE B 4737 6.81 -14.10 -69.87
N ALA B 4738 6.74 -15.30 -70.46
CA ALA B 4738 7.90 -15.85 -71.14
C ALA B 4738 8.30 -14.98 -72.32
N GLU B 4739 7.32 -14.39 -73.00
CA GLU B 4739 7.64 -13.44 -74.07
C GLU B 4739 8.37 -12.23 -73.51
N LEU B 4740 7.96 -11.72 -72.34
CA LEU B 4740 8.59 -10.53 -71.80
C LEU B 4740 10.04 -10.78 -71.42
N LEU B 4741 10.32 -11.93 -70.80
CA LEU B 4741 11.67 -12.27 -70.35
C LEU B 4741 12.51 -12.98 -71.41
N GLY B 4742 11.97 -13.22 -72.61
CA GLY B 4742 12.64 -14.04 -73.59
C GLY B 4742 12.37 -15.50 -73.31
N MET B 4743 13.08 -16.05 -72.32
CA MET B 4743 12.90 -17.42 -71.84
C MET B 4743 13.07 -18.43 -72.98
N ASP B 4744 14.30 -18.49 -73.48
CA ASP B 4744 14.64 -19.39 -74.58
C ASP B 4744 14.42 -20.84 -74.13
N LEU B 4745 13.55 -21.53 -74.86
CA LEU B 4745 13.06 -22.86 -74.48
C LEU B 4745 12.38 -22.78 -73.10
N ALA B 4746 11.29 -22.02 -73.06
CA ALA B 4746 10.54 -21.86 -71.82
C ALA B 4746 9.94 -23.17 -71.35
N SER B 4747 9.57 -24.05 -72.29
CA SER B 4747 9.13 -25.39 -71.93
C SER B 4747 10.26 -26.17 -71.27
N LEU B 4748 11.49 -25.98 -71.76
CA LEU B 4748 12.64 -26.64 -71.16
C LEU B 4748 13.01 -26.06 -69.80
N GLU B 4749 12.50 -24.88 -69.43
CA GLU B 4749 12.82 -24.29 -68.13
C GLU B 4749 12.29 -25.13 -66.97
N ILE B 4750 11.23 -25.92 -67.20
CA ILE B 4750 10.74 -26.81 -66.16
C ILE B 4750 11.76 -27.88 -65.83
N THR B 4751 12.51 -28.35 -66.83
CA THR B 4751 13.50 -29.42 -66.69
C THR B 4751 14.77 -29.07 -67.44
N ALA B 4752 15.22 -27.83 -67.27
CA ALA B 4752 16.46 -27.39 -67.92
C ALA B 4752 17.68 -28.14 -67.35
N HIS B 4753 17.73 -28.31 -66.03
CA HIS B 4753 18.81 -29.02 -65.36
C HIS B 4753 18.29 -29.90 -64.21
N ASN B 4754 17.06 -30.41 -64.34
CA ASN B 4754 16.43 -31.27 -63.34
C ASN B 4754 16.45 -32.74 -63.76
N GLU B 4755 16.04 -33.03 -64.99
CA GLU B 4755 16.06 -34.40 -65.48
C GLU B 4755 17.48 -34.93 -65.62
N ARG B 4756 18.40 -34.08 -66.06
CA ARG B 4756 19.79 -34.46 -66.23
C ARG B 4756 20.65 -33.20 -66.20
N LYS B 4757 21.95 -33.37 -66.47
CA LYS B 4757 22.93 -32.28 -66.50
C LYS B 4757 23.75 -32.39 -67.78
N PRO B 4758 23.15 -32.12 -68.94
CA PRO B 4758 23.92 -32.20 -70.19
C PRO B 4758 24.98 -31.12 -70.28
N ASP B 4759 26.02 -31.40 -71.07
CA ASP B 4759 27.19 -30.53 -71.17
C ASP B 4759 27.94 -30.80 -72.47
N PRO B 4760 27.56 -30.21 -73.61
CA PRO B 4760 28.33 -30.42 -74.84
C PRO B 4760 29.69 -29.77 -74.75
N PRO B 4761 30.64 -30.14 -75.61
CA PRO B 4761 32.03 -29.70 -75.42
C PRO B 4761 32.26 -28.31 -75.98
N PRO B 4762 33.43 -27.69 -75.69
CA PRO B 4762 33.73 -26.37 -76.26
C PRO B 4762 34.42 -26.48 -77.61
N GLY B 4763 34.79 -25.34 -78.19
CA GLY B 4763 35.51 -25.33 -79.45
C GLY B 4763 36.24 -24.02 -79.63
N LEU B 4764 37.09 -23.98 -80.65
CA LEU B 4764 37.86 -22.79 -80.98
C LEU B 4764 37.01 -21.82 -81.79
N LEU B 4765 37.30 -20.53 -81.61
CA LEU B 4765 36.59 -19.44 -82.30
C LEU B 4765 35.10 -19.41 -81.95
N THR B 4766 34.74 -19.87 -80.75
CA THR B 4766 33.36 -19.78 -80.30
C THR B 4766 32.94 -18.36 -79.95
N TRP B 4767 33.90 -17.47 -79.65
CA TRP B 4767 33.58 -16.10 -79.27
C TRP B 4767 32.89 -15.33 -80.41
N LEU B 4768 33.16 -15.72 -81.66
CA LEU B 4768 32.61 -14.97 -82.80
C LEU B 4768 31.12 -15.23 -83.02
N MET B 4769 30.53 -16.27 -82.40
CA MET B 4769 29.10 -16.55 -82.52
C MET B 4769 28.50 -17.00 -81.19
N SER B 4770 29.05 -16.54 -80.07
CA SER B 4770 28.55 -16.84 -78.73
C SER B 4770 28.52 -15.59 -77.88
N ILE B 4771 28.03 -14.50 -78.46
CA ILE B 4771 27.87 -13.21 -77.78
C ILE B 4771 26.51 -12.65 -78.13
N ASP B 4772 25.78 -12.19 -77.12
CA ASP B 4772 24.45 -11.63 -77.32
C ASP B 4772 24.59 -10.18 -77.78
N VAL B 4773 24.14 -9.91 -79.01
CA VAL B 4773 24.31 -8.59 -79.60
C VAL B 4773 23.47 -7.56 -78.87
N LYS B 4774 22.25 -7.94 -78.48
CA LYS B 4774 21.36 -7.02 -77.77
C LYS B 4774 21.95 -6.61 -76.43
N TYR B 4775 22.52 -7.58 -75.71
CA TYR B 4775 23.12 -7.30 -74.41
C TYR B 4775 24.33 -6.39 -74.56
N GLN B 4776 25.15 -6.63 -75.57
CA GLN B 4776 26.35 -5.82 -75.78
C GLN B 4776 25.98 -4.40 -76.15
N ILE B 4777 24.93 -4.24 -76.97
CA ILE B 4777 24.48 -2.90 -77.36
C ILE B 4777 23.96 -2.15 -76.14
N TRP B 4778 23.23 -2.86 -75.27
CA TRP B 4778 22.76 -2.27 -74.02
C TRP B 4778 23.92 -1.84 -73.13
N LYS B 4779 24.95 -2.68 -73.07
CA LYS B 4779 26.15 -2.37 -72.30
C LYS B 4779 26.81 -1.11 -72.82
N PHE B 4780 26.95 -0.99 -74.14
CA PHE B 4780 27.61 0.18 -74.70
C PHE B 4780 26.80 1.44 -74.48
N GLY B 4781 25.47 1.32 -74.51
CA GLY B 4781 24.63 2.48 -74.22
C GLY B 4781 24.82 2.99 -72.81
N VAL B 4782 24.80 2.08 -71.83
CA VAL B 4782 24.97 2.54 -70.45
C VAL B 4782 26.41 3.01 -70.21
N ILE B 4783 27.38 2.38 -70.87
CA ILE B 4783 28.77 2.78 -70.68
C ILE B 4783 29.00 4.18 -71.23
N PHE B 4784 28.33 4.53 -72.32
CA PHE B 4784 28.43 5.88 -72.85
C PHE B 4784 27.55 6.88 -72.12
N THR B 4785 26.58 6.43 -71.33
CA THR B 4785 25.66 7.37 -70.69
C THR B 4785 26.27 8.05 -69.47
N ASP B 4786 27.12 7.37 -68.71
CA ASP B 4786 27.60 7.96 -67.46
C ASP B 4786 28.62 9.06 -67.74
N ASN B 4787 28.76 9.97 -66.78
CA ASN B 4787 29.59 11.15 -66.97
C ASN B 4787 31.08 10.81 -66.99
N SER B 4788 31.49 9.87 -66.13
CA SER B 4788 32.91 9.60 -65.90
C SER B 4788 33.59 9.07 -67.15
N PHE B 4789 32.96 8.15 -67.85
CA PHE B 4789 33.55 7.57 -69.05
C PHE B 4789 33.62 8.60 -70.17
N LEU B 4790 32.58 9.43 -70.28
CA LEU B 4790 32.58 10.47 -71.30
C LEU B 4790 33.66 11.50 -71.04
N TYR B 4791 34.03 11.72 -69.77
CA TYR B 4791 35.12 12.65 -69.49
C TYR B 4791 36.44 12.12 -70.05
N LEU B 4792 36.66 10.80 -69.94
CA LEU B 4792 37.85 10.21 -70.52
C LEU B 4792 37.83 10.29 -72.04
N GLY B 4793 36.66 10.07 -72.63
CA GLY B 4793 36.57 10.21 -74.09
C GLY B 4793 36.80 11.63 -74.56
N TRP B 4794 36.35 12.60 -73.78
CA TRP B 4794 36.63 14.00 -74.04
C TRP B 4794 38.12 14.27 -73.98
N TYR B 4795 38.80 13.66 -73.00
CA TYR B 4795 40.25 13.75 -72.93
C TYR B 4795 40.89 13.14 -74.17
N MET B 4796 40.32 12.03 -74.64
CA MET B 4796 40.91 11.31 -75.76
C MET B 4796 40.80 12.09 -77.05
N VAL B 4797 39.68 12.79 -77.25
CA VAL B 4797 39.47 13.46 -78.54
C VAL B 4797 40.46 14.59 -78.71
N MET B 4798 40.61 15.45 -77.69
CA MET B 4798 41.65 16.46 -77.77
C MET B 4798 43.04 15.86 -77.71
N SER B 4799 43.21 14.68 -77.11
CA SER B 4799 44.54 14.07 -77.13
C SER B 4799 44.95 13.65 -78.54
N LEU B 4800 44.07 12.92 -79.23
CA LEU B 4800 44.34 12.48 -80.60
C LEU B 4800 44.45 13.67 -81.54
N LEU B 4801 43.55 14.64 -81.36
CA LEU B 4801 43.63 15.87 -82.13
C LEU B 4801 44.86 16.68 -81.77
N GLY B 4802 45.43 16.49 -80.59
CA GLY B 4802 46.58 17.27 -80.17
C GLY B 4802 47.83 16.97 -80.99
N HIS B 4803 47.89 15.80 -81.62
CA HIS B 4803 49.02 15.54 -82.50
C HIS B 4803 48.99 16.40 -83.74
N TYR B 4804 47.83 16.97 -84.09
CA TYR B 4804 47.79 18.12 -84.99
C TYR B 4804 48.57 19.27 -84.38
N ASN B 4805 48.37 19.52 -83.08
CA ASN B 4805 49.12 20.49 -82.29
C ASN B 4805 48.96 21.90 -82.84
N ASN B 4806 47.71 22.32 -82.92
CA ASN B 4806 47.33 23.73 -83.02
C ASN B 4806 47.05 24.29 -81.63
N PHE B 4807 47.99 24.08 -80.70
CA PHE B 4807 48.02 24.54 -79.32
C PHE B 4807 46.99 23.87 -78.43
N PHE B 4808 46.21 22.91 -78.92
CA PHE B 4808 45.08 22.38 -78.17
C PHE B 4808 45.47 21.32 -77.15
N PHE B 4809 46.75 21.15 -76.86
CA PHE B 4809 47.13 20.37 -75.68
C PHE B 4809 46.72 21.07 -74.40
N ALA B 4810 46.67 22.40 -74.41
CA ALA B 4810 46.35 23.15 -73.20
C ALA B 4810 44.94 22.93 -72.70
N ALA B 4811 44.03 22.48 -73.55
CA ALA B 4811 42.66 22.23 -73.09
C ALA B 4811 42.58 21.09 -72.08
N HIS B 4812 43.54 20.16 -72.13
CA HIS B 4812 43.61 19.12 -71.11
C HIS B 4812 43.87 19.74 -69.74
N LEU B 4813 44.73 20.75 -69.72
CA LEU B 4813 45.26 21.31 -68.48
C LEU B 4813 44.19 22.00 -67.65
N LEU B 4814 43.12 22.47 -68.27
CA LEU B 4814 42.09 23.16 -67.50
C LEU B 4814 41.32 22.15 -66.68
N ASP B 4815 40.59 21.28 -67.35
CA ASP B 4815 39.64 20.42 -66.67
C ASP B 4815 40.30 19.21 -66.02
N ILE B 4816 41.61 18.99 -66.21
CA ILE B 4816 42.25 17.93 -65.44
C ILE B 4816 42.29 18.25 -63.95
N ALA B 4817 42.28 19.53 -63.57
CA ALA B 4817 42.43 19.91 -62.18
C ALA B 4817 41.17 19.72 -61.33
N MET B 4818 40.13 19.03 -61.83
CA MET B 4818 38.98 18.66 -61.01
C MET B 4818 39.32 17.78 -59.81
N GLY B 4819 40.45 17.06 -59.85
CA GLY B 4819 40.79 16.13 -58.77
C GLY B 4819 40.96 16.80 -57.42
N VAL B 4820 41.31 18.08 -57.40
CA VAL B 4820 41.31 18.83 -56.15
C VAL B 4820 39.87 19.06 -55.73
N LYS B 4821 39.60 18.88 -54.44
CA LYS B 4821 38.24 19.00 -53.93
C LYS B 4821 37.79 20.46 -53.92
N THR B 4822 38.67 21.33 -53.41
CA THR B 4822 38.34 22.74 -53.27
C THR B 4822 38.08 23.39 -54.61
N LEU B 4823 38.90 23.04 -55.59
CA LEU B 4823 38.70 23.56 -56.93
C LEU B 4823 37.42 23.01 -57.55
N ARG B 4824 37.10 21.75 -57.26
CA ARG B 4824 35.91 21.14 -57.84
C ARG B 4824 34.64 21.80 -57.35
N THR B 4825 34.66 22.27 -56.11
CA THR B 4825 33.50 22.98 -55.57
C THR B 4825 33.20 24.25 -56.35
N ILE B 4826 34.25 24.92 -56.86
CA ILE B 4826 34.06 26.17 -57.60
C ILE B 4826 33.28 25.91 -58.87
N LEU B 4827 33.71 24.90 -59.63
CA LEU B 4827 33.04 24.60 -60.89
C LEU B 4827 31.64 24.09 -60.65
N SER B 4828 31.44 23.31 -59.58
CA SER B 4828 30.10 22.86 -59.28
C SER B 4828 29.19 23.99 -58.82
N SER B 4829 29.75 25.08 -58.29
CA SER B 4829 28.90 26.14 -57.77
C SER B 4829 28.14 26.89 -58.86
N VAL B 4830 28.72 26.97 -60.06
CA VAL B 4830 28.09 27.73 -61.15
C VAL B 4830 26.77 27.08 -61.54
N THR B 4831 26.77 25.77 -61.70
CA THR B 4831 25.57 25.03 -62.07
C THR B 4831 24.66 24.75 -60.87
N HIS B 4832 25.03 25.16 -59.67
CA HIS B 4832 24.17 24.90 -58.52
C HIS B 4832 22.89 25.70 -58.59
N ASN B 4833 22.92 26.90 -59.18
CA ASN B 4833 21.78 27.79 -59.33
C ASN B 4833 21.63 28.21 -60.79
N GLY B 4834 21.64 27.23 -61.68
CA GLY B 4834 21.60 27.52 -63.10
C GLY B 4834 20.29 28.15 -63.55
N LYS B 4835 19.17 27.67 -63.00
CA LYS B 4835 17.85 28.17 -63.38
C LYS B 4835 17.70 29.63 -63.03
N GLN B 4836 18.01 29.98 -61.78
CA GLN B 4836 17.87 31.34 -61.31
C GLN B 4836 18.84 32.28 -62.01
N LEU B 4837 20.06 31.80 -62.24
CA LEU B 4837 21.07 32.61 -62.91
C LEU B 4837 20.67 32.91 -64.34
N VAL B 4838 20.16 31.92 -65.05
CA VAL B 4838 19.85 32.12 -66.46
C VAL B 4838 18.66 33.07 -66.60
N MET B 4839 17.65 32.92 -65.73
CA MET B 4839 16.54 33.86 -65.74
C MET B 4839 16.99 35.28 -65.43
N THR B 4840 17.92 35.44 -64.51
CA THR B 4840 18.38 36.77 -64.14
C THR B 4840 19.16 37.41 -65.29
N VAL B 4841 19.97 36.62 -65.99
CA VAL B 4841 20.70 37.15 -67.14
C VAL B 4841 19.72 37.56 -68.24
N GLY B 4842 18.61 36.83 -68.37
CA GLY B 4842 17.58 37.25 -69.31
C GLY B 4842 16.98 38.60 -68.94
N LEU B 4843 16.77 38.83 -67.64
CA LEU B 4843 16.23 40.12 -67.22
C LEU B 4843 17.23 41.25 -67.47
N LEU B 4844 18.52 40.94 -67.38
CA LEU B 4844 19.51 41.95 -67.78
C LEU B 4844 19.38 42.28 -69.26
N ALA B 4845 19.21 41.24 -70.07
CA ALA B 4845 19.13 41.42 -71.52
C ALA B 4845 17.92 42.24 -71.95
N VAL B 4846 16.83 42.19 -71.19
CA VAL B 4846 15.62 42.94 -71.55
C VAL B 4846 15.59 44.35 -70.94
N VAL B 4847 16.08 44.50 -69.71
CA VAL B 4847 16.03 45.81 -69.07
C VAL B 4847 16.98 46.77 -69.77
N VAL B 4848 18.10 46.27 -70.29
CA VAL B 4848 18.98 47.12 -71.08
C VAL B 4848 18.37 47.48 -72.45
N TYR B 4849 17.57 46.58 -73.01
CA TYR B 4849 17.00 46.80 -74.33
C TYR B 4849 16.03 47.97 -74.33
N LEU B 4850 15.33 48.18 -73.22
CA LEU B 4850 14.49 49.37 -73.13
C LEU B 4850 15.31 50.66 -73.19
N TYR B 4851 16.50 50.66 -72.58
CA TYR B 4851 17.33 51.85 -72.63
C TYR B 4851 17.83 52.10 -74.04
N THR B 4852 18.08 51.02 -74.80
CA THR B 4852 18.56 51.22 -76.16
C THR B 4852 17.49 51.85 -77.04
N VAL B 4853 16.24 51.40 -76.92
CA VAL B 4853 15.23 51.98 -77.82
C VAL B 4853 14.94 53.43 -77.44
N VAL B 4854 15.02 53.76 -76.14
CA VAL B 4854 14.85 55.15 -75.73
C VAL B 4854 15.96 56.02 -76.33
N ALA B 4855 17.19 55.53 -76.29
CA ALA B 4855 18.32 56.26 -76.86
C ALA B 4855 18.17 56.42 -78.36
N PHE B 4856 17.66 55.39 -79.03
CA PHE B 4856 17.49 55.44 -80.47
C PHE B 4856 16.48 56.50 -80.88
N ASN B 4857 15.39 56.61 -80.11
CA ASN B 4857 14.41 57.65 -80.43
C ASN B 4857 14.99 59.04 -80.22
N PHE B 4858 15.58 59.29 -79.05
CA PHE B 4858 15.86 60.65 -78.61
C PHE B 4858 17.31 61.07 -78.74
N PHE B 4859 18.24 60.28 -78.21
CA PHE B 4859 19.62 60.70 -77.97
C PHE B 4859 20.58 60.23 -79.05
N ARG B 4860 20.15 60.26 -80.31
CA ARG B 4860 20.99 59.76 -81.40
C ARG B 4860 22.23 60.62 -81.60
N LYS B 4861 22.09 61.93 -81.43
CA LYS B 4861 23.18 62.85 -81.76
C LYS B 4861 24.37 62.69 -80.83
N PHE B 4862 24.16 62.23 -79.60
CA PHE B 4862 25.24 62.20 -78.64
C PHE B 4862 26.27 61.14 -78.98
N TYR B 4863 25.82 59.97 -79.42
CA TYR B 4863 26.72 58.85 -79.67
C TYR B 4863 27.51 59.13 -80.93
N ASN B 4864 28.74 59.60 -80.77
CA ASN B 4864 29.59 59.91 -81.92
C ASN B 4864 31.04 59.86 -81.47
N LYS B 4865 31.76 58.85 -81.92
CA LYS B 4865 33.20 58.77 -81.68
C LYS B 4865 33.93 59.68 -82.64
N SER B 4866 34.96 60.35 -82.13
CA SER B 4866 35.62 61.40 -82.89
C SER B 4866 36.43 60.81 -84.03
N GLU B 4867 36.40 61.52 -85.16
CA GLU B 4867 37.24 61.22 -86.32
C GLU B 4867 37.75 62.51 -86.94
N ASP B 4868 38.08 63.48 -86.09
CA ASP B 4868 38.55 64.81 -86.53
C ASP B 4868 37.50 65.50 -87.40
N GLU B 4869 36.25 65.45 -86.96
CA GLU B 4869 35.10 65.98 -87.69
C GLU B 4869 34.98 65.38 -89.09
N ASP B 4870 35.29 64.09 -89.20
CA ASP B 4870 35.05 63.29 -90.40
C ASP B 4870 34.53 61.93 -89.95
N GLU B 4871 33.57 61.96 -89.02
CA GLU B 4871 33.12 60.80 -88.27
C GLU B 4871 31.78 60.33 -88.79
N PRO B 4872 31.72 59.27 -89.61
CA PRO B 4872 30.46 58.55 -89.83
C PRO B 4872 30.22 57.43 -88.81
N ASP B 4873 30.94 57.44 -87.69
CA ASP B 4873 30.94 56.34 -86.73
C ASP B 4873 29.89 56.50 -85.65
N MET B 4874 28.76 57.14 -85.97
CA MET B 4874 27.63 57.16 -85.05
C MET B 4874 27.11 55.74 -84.88
N LYS B 4875 27.24 55.19 -83.68
CA LYS B 4875 26.99 53.77 -83.41
C LYS B 4875 25.54 53.49 -83.02
N CYS B 4876 24.60 54.38 -83.34
CA CYS B 4876 23.19 54.15 -83.10
C CYS B 4876 22.35 54.67 -84.27
N ASP B 4877 22.83 54.46 -85.48
CA ASP B 4877 22.03 54.51 -86.69
C ASP B 4877 21.40 53.16 -87.04
N ASP B 4878 21.39 52.23 -86.10
CA ASP B 4878 20.94 50.87 -86.35
C ASP B 4878 20.82 50.17 -85.01
N MET B 4879 19.71 49.44 -84.82
CA MET B 4879 19.44 48.85 -83.51
C MET B 4879 20.43 47.77 -83.14
N MET B 4880 20.87 46.97 -84.11
CA MET B 4880 21.84 45.92 -83.81
C MET B 4880 23.15 46.53 -83.34
N THR B 4881 23.58 47.61 -84.00
CA THR B 4881 24.80 48.31 -83.61
C THR B 4881 24.67 48.92 -82.22
N CYS B 4882 23.54 49.55 -81.94
CA CYS B 4882 23.35 50.21 -80.65
C CYS B 4882 23.23 49.20 -79.53
N TYR B 4883 22.52 48.11 -79.78
CA TYR B 4883 22.30 47.11 -78.76
C TYR B 4883 23.60 46.39 -78.43
N LEU B 4884 24.43 46.13 -79.44
CA LEU B 4884 25.72 45.54 -79.17
C LEU B 4884 26.66 46.53 -78.50
N PHE B 4885 26.52 47.82 -78.81
CA PHE B 4885 27.33 48.85 -78.18
C PHE B 4885 27.06 48.88 -76.68
N HIS B 4886 25.80 48.75 -76.30
CA HIS B 4886 25.48 48.76 -74.88
C HIS B 4886 25.98 47.52 -74.15
N MET B 4887 26.22 46.42 -74.86
CA MET B 4887 26.84 45.26 -74.23
C MET B 4887 28.35 45.44 -74.09
N TYR B 4888 29.04 45.68 -75.20
CA TYR B 4888 30.49 45.67 -75.15
C TYR B 4888 31.04 46.88 -74.41
N VAL B 4889 30.68 48.08 -74.87
CA VAL B 4889 31.21 49.31 -74.29
C VAL B 4889 30.51 49.69 -72.99
N GLY B 4890 29.39 49.07 -72.66
CA GLY B 4890 28.46 49.54 -71.65
C GLY B 4890 28.72 48.85 -70.34
N VAL B 4891 28.04 47.71 -70.11
CA VAL B 4891 27.88 47.09 -68.79
C VAL B 4891 29.22 46.76 -68.16
N ARG B 4892 30.18 46.32 -68.97
CA ARG B 4892 31.54 46.02 -68.48
C ARG B 4892 32.37 47.30 -68.44
N ALA B 4893 31.93 48.23 -67.60
CA ALA B 4893 32.59 49.51 -67.41
C ALA B 4893 32.00 50.18 -66.20
N GLY B 4894 32.87 50.74 -65.37
CA GLY B 4894 32.40 51.47 -64.22
C GLY B 4894 31.67 52.72 -64.62
N GLY B 4895 30.74 53.13 -63.78
CA GLY B 4895 30.01 54.36 -63.99
C GLY B 4895 28.94 54.31 -65.07
N GLY B 4896 28.73 53.17 -65.70
CA GLY B 4896 27.70 53.08 -66.71
C GLY B 4896 28.08 53.75 -68.01
N ILE B 4897 27.04 54.06 -68.78
CA ILE B 4897 27.22 54.54 -70.14
C ILE B 4897 27.89 55.90 -70.17
N GLY B 4898 27.63 56.74 -69.16
CA GLY B 4898 27.95 58.16 -69.24
C GLY B 4898 29.43 58.49 -69.36
N ASP B 4899 30.31 57.55 -69.02
CA ASP B 4899 31.73 57.82 -69.13
C ASP B 4899 32.17 57.94 -70.58
N GLU B 4900 31.60 57.11 -71.45
CA GLU B 4900 32.07 56.99 -72.83
C GLU B 4900 31.39 57.97 -73.78
N ILE B 4901 30.16 58.35 -73.49
CA ILE B 4901 29.40 59.21 -74.39
C ILE B 4901 29.84 60.66 -74.17
N GLU B 4902 29.66 61.47 -75.21
CA GLU B 4902 29.94 62.88 -75.12
C GLU B 4902 29.09 63.55 -74.05
N ASP B 4903 29.68 64.54 -73.39
CA ASP B 4903 29.02 65.21 -72.28
C ASP B 4903 27.83 66.02 -72.80
N PRO B 4904 26.64 65.94 -72.17
CA PRO B 4904 25.62 66.94 -72.51
C PRO B 4904 26.00 68.32 -72.02
N ALA B 4905 26.35 69.20 -72.96
CA ALA B 4905 26.86 70.53 -72.66
C ALA B 4905 25.74 71.57 -72.65
N GLY B 4906 24.68 71.29 -71.90
CA GLY B 4906 23.57 72.22 -71.78
C GLY B 4906 22.87 72.47 -73.10
N ASP B 4907 22.58 71.38 -73.82
CA ASP B 4907 22.12 71.41 -75.20
C ASP B 4907 20.81 70.66 -75.34
N GLU B 4908 19.85 71.00 -74.47
CA GLU B 4908 18.49 70.46 -74.46
C GLU B 4908 18.47 69.01 -74.01
N TYR B 4909 17.35 68.62 -73.40
CA TYR B 4909 17.19 67.30 -72.77
C TYR B 4909 18.26 67.06 -71.70
N GLU B 4910 18.67 68.11 -71.00
CA GLU B 4910 19.73 67.99 -70.01
C GLU B 4910 19.27 67.13 -68.83
N LEU B 4911 18.12 67.46 -68.25
CA LEU B 4911 17.58 66.66 -67.16
C LEU B 4911 17.13 65.29 -67.67
N TYR B 4912 16.57 65.25 -68.88
CA TYR B 4912 16.15 64.00 -69.47
C TYR B 4912 17.33 63.06 -69.75
N ARG B 4913 18.53 63.61 -69.95
CA ARG B 4913 19.73 62.83 -70.19
C ARG B 4913 20.40 62.41 -68.88
N VAL B 4914 20.44 63.32 -67.93
CA VAL B 4914 21.17 63.03 -66.70
C VAL B 4914 20.42 61.96 -65.92
N VAL B 4915 19.08 61.98 -65.98
CA VAL B 4915 18.34 60.91 -65.33
C VAL B 4915 18.55 59.59 -66.06
N PHE B 4916 18.79 59.62 -67.38
CA PHE B 4916 18.99 58.40 -68.14
C PHE B 4916 20.24 57.69 -67.67
N ASP B 4917 21.34 58.44 -67.56
CA ASP B 4917 22.55 57.78 -67.10
C ASP B 4917 22.49 57.39 -65.64
N ILE B 4918 21.87 58.20 -64.77
CA ILE B 4918 21.80 57.83 -63.36
C ILE B 4918 20.93 56.60 -63.16
N THR B 4919 19.77 56.53 -63.80
CA THR B 4919 18.90 55.39 -63.58
C THR B 4919 19.47 54.12 -64.21
N PHE B 4920 20.23 54.26 -65.31
CA PHE B 4920 20.93 53.12 -65.87
C PHE B 4920 21.93 52.56 -64.87
N PHE B 4921 22.80 53.42 -64.36
CA PHE B 4921 23.79 52.98 -63.38
C PHE B 4921 23.14 52.51 -62.09
N PHE B 4922 21.97 53.06 -61.75
CA PHE B 4922 21.31 52.67 -60.52
C PHE B 4922 20.69 51.29 -60.62
N PHE B 4923 20.29 50.84 -61.81
CA PHE B 4923 19.62 49.56 -61.97
C PHE B 4923 20.52 48.45 -62.49
N VAL B 4924 21.26 48.68 -63.58
CA VAL B 4924 21.91 47.54 -64.23
C VAL B 4924 23.16 47.11 -63.48
N ILE B 4925 23.94 48.05 -62.94
CA ILE B 4925 25.30 47.78 -62.51
C ILE B 4925 25.34 47.53 -61.02
N VAL B 4926 25.01 48.56 -60.24
CA VAL B 4926 25.16 48.48 -58.80
C VAL B 4926 24.17 47.53 -58.13
N ILE B 4927 23.13 47.08 -58.84
CA ILE B 4927 22.07 46.23 -58.30
C ILE B 4927 22.08 44.88 -59.00
N LEU B 4928 21.78 44.88 -60.29
CA LEU B 4928 21.46 43.64 -60.98
C LEU B 4928 22.71 42.81 -61.25
N LEU B 4929 23.79 43.47 -61.65
CA LEU B 4929 25.06 42.78 -61.80
C LEU B 4929 25.54 42.27 -60.46
N ALA B 4930 25.26 42.99 -59.39
CA ALA B 4930 25.58 42.49 -58.07
C ALA B 4930 24.73 41.30 -57.71
N ILE B 4931 23.52 41.17 -58.27
CA ILE B 4931 22.76 39.93 -58.04
C ILE B 4931 23.47 38.77 -58.73
N ILE B 4932 23.95 39.00 -59.96
CA ILE B 4932 24.64 37.94 -60.70
C ILE B 4932 25.90 37.52 -59.97
N GLN B 4933 26.64 38.50 -59.43
CA GLN B 4933 27.77 38.16 -58.59
C GLN B 4933 27.33 37.46 -57.32
N GLY B 4934 26.26 37.93 -56.70
CA GLY B 4934 25.89 37.48 -55.37
C GLY B 4934 25.31 36.09 -55.33
N LEU B 4935 24.85 35.58 -56.47
CA LEU B 4935 24.17 34.28 -56.45
C LEU B 4935 25.15 33.16 -56.16
N ILE B 4936 26.13 32.98 -57.04
CA ILE B 4936 26.94 31.77 -56.95
C ILE B 4936 27.98 31.88 -55.84
N ILE B 4937 28.38 33.08 -55.46
CA ILE B 4937 29.30 33.22 -54.34
C ILE B 4937 28.62 32.76 -53.05
N ASP B 4938 27.35 33.14 -52.88
CA ASP B 4938 26.56 32.61 -51.80
C ASP B 4938 26.40 31.10 -51.92
N ALA B 4939 26.27 30.61 -53.15
CA ALA B 4939 26.14 29.16 -53.36
C ALA B 4939 27.42 28.42 -52.97
N PHE B 4940 28.56 29.01 -53.27
CA PHE B 4940 29.85 28.44 -52.91
C PHE B 4940 30.01 28.35 -51.40
N GLY B 4941 29.61 29.43 -50.72
CA GLY B 4941 29.57 29.41 -49.27
C GLY B 4941 28.63 28.33 -48.73
N GLU B 4942 27.51 28.14 -49.40
CA GLU B 4942 26.54 27.15 -48.98
C GLU B 4942 27.08 25.74 -49.12
N LEU B 4943 27.77 25.46 -50.23
CA LEU B 4943 28.30 24.12 -50.45
C LEU B 4943 29.40 23.79 -49.45
N ARG B 4944 30.26 24.77 -49.18
CA ARG B 4944 31.31 24.57 -48.18
C ARG B 4944 30.69 24.34 -46.80
N ASP B 4945 29.62 25.09 -46.49
CA ASP B 4945 28.94 24.92 -45.23
C ASP B 4945 28.28 23.55 -45.14
N GLN B 4946 27.79 23.02 -46.26
CA GLN B 4946 27.19 21.68 -46.23
C GLN B 4946 28.22 20.62 -45.90
N GLN B 4947 29.42 20.73 -46.48
CA GLN B 4947 30.47 19.75 -46.18
C GLN B 4947 30.85 19.80 -44.70
N GLU B 4948 31.04 21.01 -44.18
CA GLU B 4948 31.35 21.15 -42.76
C GLU B 4948 30.18 20.69 -41.88
N GLN B 4949 28.94 20.88 -42.37
CA GLN B 4949 27.76 20.46 -41.63
C GLN B 4949 27.73 18.94 -41.49
N VAL B 4950 28.11 18.23 -42.55
CA VAL B 4950 28.14 16.77 -42.47
C VAL B 4950 29.17 16.32 -41.44
N LYS B 4951 30.36 16.93 -41.49
CA LYS B 4951 31.41 16.51 -40.55
C LYS B 4951 31.02 16.80 -39.11
N GLU B 4952 30.40 17.95 -38.85
CA GLU B 4952 29.97 18.25 -37.49
C GLU B 4952 28.78 17.40 -37.07
N ASP B 4953 27.89 17.09 -37.99
CA ASP B 4953 26.69 16.33 -37.63
C ASP B 4953 27.03 14.89 -37.27
N MET B 4954 28.05 14.32 -37.89
CA MET B 4954 28.41 12.95 -37.55
C MET B 4954 28.92 12.83 -36.12
N GLU B 4955 29.76 13.78 -35.70
CA GLU B 4955 30.35 13.69 -34.36
C GLU B 4955 29.33 13.87 -33.27
N THR B 4956 28.32 14.70 -33.49
CA THR B 4956 27.32 15.03 -32.48
C THR B 4956 26.09 14.13 -32.53
N LYS B 4957 26.10 13.06 -33.32
CA LYS B 4957 24.95 12.17 -33.38
C LYS B 4957 25.38 10.81 -33.90
N CYS B 4958 24.84 9.76 -33.30
CA CYS B 4958 25.06 8.41 -33.77
C CYS B 4958 24.45 8.23 -35.14
N PHE B 4959 25.15 7.52 -36.00
CA PHE B 4959 24.70 7.36 -37.37
C PHE B 4959 23.59 6.33 -37.47
N ILE B 4960 23.89 5.10 -37.09
CA ILE B 4960 22.91 4.03 -37.22
C ILE B 4960 21.78 4.23 -36.22
N CYS B 4961 22.11 4.20 -34.93
CA CYS B 4961 21.13 4.52 -33.92
C CYS B 4961 20.82 6.01 -33.95
N GLY B 4962 19.56 6.32 -33.67
CA GLY B 4962 19.11 7.70 -33.68
C GLY B 4962 19.45 8.51 -32.44
N ILE B 4963 20.16 7.94 -31.49
CA ILE B 4963 20.43 8.61 -30.22
C ILE B 4963 21.52 9.64 -30.43
N GLY B 4964 21.35 10.81 -29.80
CA GLY B 4964 22.35 11.84 -29.88
C GLY B 4964 23.57 11.50 -29.05
N SER B 4965 24.68 12.18 -29.37
CA SER B 4965 25.93 11.92 -28.67
C SER B 4965 25.90 12.42 -27.23
N ASP B 4966 25.00 13.34 -26.88
CA ASP B 4966 25.01 13.91 -25.53
C ASP B 4966 24.66 12.88 -24.47
N TYR B 4967 23.85 11.88 -24.81
CA TYR B 4967 23.53 10.83 -23.86
C TYR B 4967 24.77 9.99 -23.53
N PHE B 4968 25.53 9.63 -24.55
CA PHE B 4968 26.78 8.90 -24.36
C PHE B 4968 27.92 9.77 -23.87
N ASP B 4969 27.76 11.10 -23.88
CA ASP B 4969 28.76 12.00 -23.30
C ASP B 4969 28.71 12.07 -21.78
N THR B 4970 27.80 11.34 -21.11
CA THR B 4970 27.73 11.30 -19.66
C THR B 4970 28.70 10.29 -19.02
N THR B 4971 29.72 9.85 -19.75
CA THR B 4971 30.76 8.96 -19.27
C THR B 4971 32.07 9.38 -19.93
N PRO B 4972 33.23 9.13 -19.30
CA PRO B 4972 34.49 9.32 -20.04
C PRO B 4972 34.60 8.36 -21.22
N HIS B 4973 34.73 8.93 -22.41
CA HIS B 4973 34.84 8.18 -23.66
C HIS B 4973 33.60 7.32 -23.93
N GLY B 4974 32.44 7.73 -23.43
CA GLY B 4974 31.25 6.91 -23.63
C GLY B 4974 30.82 6.86 -25.08
N PHE B 4975 30.76 8.01 -25.74
CA PHE B 4975 30.39 8.05 -27.14
C PHE B 4975 31.47 7.41 -28.01
N GLU B 4976 32.73 7.63 -27.67
CA GLU B 4976 33.82 7.11 -28.48
C GLU B 4976 33.85 5.58 -28.44
N THR B 4977 33.73 5.00 -27.25
CA THR B 4977 33.64 3.55 -27.15
C THR B 4977 32.37 3.02 -27.80
N HIS B 4978 31.26 3.76 -27.64
CA HIS B 4978 29.98 3.35 -28.18
C HIS B 4978 30.03 3.23 -29.69
N THR B 4979 30.47 4.28 -30.37
CA THR B 4979 30.61 4.23 -31.80
C THR B 4979 31.77 3.34 -32.23
N LEU B 4980 32.74 3.09 -31.35
CA LEU B 4980 33.83 2.20 -31.73
C LEU B 4980 33.34 0.76 -31.91
N GLU B 4981 32.51 0.28 -30.98
CA GLU B 4981 32.16 -1.14 -30.92
C GLU B 4981 30.71 -1.43 -31.27
N GLU B 4982 29.75 -0.73 -30.65
CA GLU B 4982 28.35 -1.09 -30.83
C GLU B 4982 27.86 -0.81 -32.25
N HIS B 4983 28.22 0.35 -32.80
CA HIS B 4983 27.88 0.74 -34.16
C HIS B 4983 29.17 1.24 -34.81
N ASN B 4984 29.95 0.29 -35.33
CA ASN B 4984 31.25 0.62 -35.89
C ASN B 4984 31.18 1.13 -37.32
N LEU B 4985 30.13 0.81 -38.07
CA LEU B 4985 29.83 1.06 -39.48
C LEU B 4985 30.60 0.15 -40.44
N ALA B 4986 31.62 -0.58 -39.97
CA ALA B 4986 32.33 -1.60 -40.73
C ALA B 4986 31.93 -2.99 -40.33
N ASN B 4987 31.70 -3.19 -39.03
CA ASN B 4987 31.29 -4.48 -38.52
C ASN B 4987 29.94 -4.92 -39.06
N TYR B 4988 29.06 -3.98 -39.38
CA TYR B 4988 27.82 -4.31 -40.05
C TYR B 4988 28.08 -4.83 -41.47
N MET B 4989 29.00 -4.18 -42.18
CA MET B 4989 29.40 -4.63 -43.51
C MET B 4989 30.06 -5.99 -43.40
N PHE B 4990 30.89 -6.20 -42.38
CA PHE B 4990 31.44 -7.53 -42.15
C PHE B 4990 30.38 -8.53 -41.76
N PHE B 4991 29.29 -8.06 -41.13
CA PHE B 4991 28.21 -8.95 -40.74
C PHE B 4991 27.55 -9.54 -41.98
N LEU B 4992 27.31 -8.71 -42.97
CA LEU B 4992 26.64 -9.22 -44.17
C LEU B 4992 27.49 -10.16 -45.01
N MET B 4993 28.80 -10.23 -44.78
CA MET B 4993 29.67 -10.98 -45.68
C MET B 4993 29.68 -12.47 -45.36
N TYR B 4994 30.08 -12.84 -44.14
CA TYR B 4994 30.17 -14.25 -43.81
C TYR B 4994 28.81 -14.92 -43.78
N LEU B 4995 27.74 -14.15 -43.58
CA LEU B 4995 26.39 -14.68 -43.76
C LEU B 4995 26.21 -15.21 -45.17
N ILE B 4996 26.71 -14.48 -46.16
CA ILE B 4996 26.72 -14.99 -47.53
C ILE B 4996 27.66 -16.19 -47.61
N ASN B 4997 28.82 -16.09 -46.95
CA ASN B 4997 29.82 -17.14 -47.07
C ASN B 4997 29.45 -18.40 -46.30
N LYS B 4998 28.76 -18.27 -45.17
CA LYS B 4998 28.46 -19.40 -44.32
C LYS B 4998 27.28 -20.19 -44.87
N ASP B 4999 27.31 -21.49 -44.63
CA ASP B 4999 26.27 -22.37 -45.15
C ASP B 4999 24.96 -22.16 -44.40
N GLU B 5000 23.85 -22.46 -45.09
CA GLU B 5000 22.52 -22.23 -44.55
C GLU B 5000 22.26 -23.09 -43.34
N THR B 5001 22.75 -24.34 -43.36
CA THR B 5001 22.55 -25.24 -42.25
C THR B 5001 23.27 -24.77 -40.99
N GLU B 5002 24.44 -24.15 -41.16
CA GLU B 5002 25.26 -23.73 -40.04
C GLU B 5002 24.87 -22.38 -39.47
N HIS B 5003 23.86 -21.71 -40.00
CA HIS B 5003 23.42 -20.46 -39.42
C HIS B 5003 22.84 -20.69 -38.04
N THR B 5004 23.19 -19.83 -37.12
CA THR B 5004 22.65 -19.89 -35.77
C THR B 5004 21.22 -19.33 -35.78
N GLY B 5005 20.64 -19.19 -34.58
CA GLY B 5005 19.29 -18.67 -34.50
C GLY B 5005 19.20 -17.23 -34.93
N GLN B 5006 19.99 -16.37 -34.29
CA GLN B 5006 19.95 -14.94 -34.56
C GLN B 5006 20.48 -14.63 -35.96
N GLU B 5007 21.46 -15.40 -36.41
CA GLU B 5007 22.00 -15.23 -37.75
C GLU B 5007 20.95 -15.49 -38.81
N SER B 5008 20.20 -16.58 -38.65
CA SER B 5008 19.13 -16.90 -39.58
C SER B 5008 18.00 -15.88 -39.49
N TYR B 5009 17.76 -15.34 -38.29
CA TYR B 5009 16.76 -14.30 -38.12
C TYR B 5009 17.09 -13.08 -38.97
N VAL B 5010 18.37 -12.70 -39.01
CA VAL B 5010 18.75 -11.57 -39.84
C VAL B 5010 18.66 -11.92 -41.32
N TRP B 5011 19.15 -13.10 -41.70
CA TRP B 5011 19.27 -13.48 -43.11
C TRP B 5011 17.91 -13.57 -43.79
N LYS B 5012 16.89 -14.01 -43.06
CA LYS B 5012 15.56 -14.12 -43.63
C LYS B 5012 15.01 -12.75 -44.02
N MET B 5013 15.18 -11.76 -43.16
CA MET B 5013 14.70 -10.42 -43.47
C MET B 5013 15.54 -9.78 -44.56
N TYR B 5014 16.83 -10.13 -44.64
CA TYR B 5014 17.64 -9.57 -45.72
C TYR B 5014 17.15 -10.07 -47.07
N GLN B 5015 16.74 -11.34 -47.14
CA GLN B 5015 16.10 -11.79 -48.38
C GLN B 5015 14.76 -11.09 -48.59
N GLU B 5016 13.99 -10.89 -47.53
CA GLU B 5016 12.69 -10.24 -47.66
C GLU B 5016 12.76 -8.73 -47.79
N ARG B 5017 13.90 -8.10 -47.52
CA ARG B 5017 14.07 -6.65 -47.63
C ARG B 5017 13.14 -5.91 -46.67
N CYS B 5018 13.35 -6.19 -45.38
CA CYS B 5018 12.66 -5.50 -44.29
C CYS B 5018 13.72 -5.04 -43.30
N TRP B 5019 13.94 -3.73 -43.24
CA TRP B 5019 15.03 -3.13 -42.47
C TRP B 5019 14.56 -2.70 -41.08
N ASP B 5020 13.89 -3.61 -40.39
CA ASP B 5020 13.35 -3.37 -39.06
C ASP B 5020 14.23 -3.89 -37.94
N PHE B 5021 15.05 -4.90 -38.21
CA PHE B 5021 15.83 -5.54 -37.15
C PHE B 5021 16.93 -4.66 -36.59
N PHE B 5022 17.31 -3.59 -37.28
CA PHE B 5022 18.25 -2.65 -36.71
C PHE B 5022 17.63 -1.95 -35.51
N PRO B 5023 18.46 -1.41 -34.57
CA PRO B 5023 17.92 -0.97 -33.28
C PRO B 5023 16.96 0.20 -33.36
N ALA B 5024 17.42 1.32 -33.94
CA ALA B 5024 16.59 2.50 -34.21
C ALA B 5024 15.94 3.06 -32.93
N GLY B 5025 16.75 3.33 -31.92
CA GLY B 5025 16.29 3.98 -30.70
C GLY B 5025 16.96 3.53 -29.41
N ASP B 5026 17.48 2.30 -29.38
CA ASP B 5026 18.09 1.71 -28.20
C ASP B 5026 19.39 1.04 -28.58
N CYS B 5027 20.35 1.04 -27.64
CA CYS B 5027 21.72 0.59 -27.88
C CYS B 5027 22.25 -0.22 -26.72
N PHE B 5028 21.41 -1.11 -26.18
CA PHE B 5028 21.71 -2.01 -25.06
C PHE B 5028 21.84 -1.31 -23.71
N ARG B 5029 21.72 0.02 -23.64
CA ARG B 5029 21.96 0.83 -22.47
C ARG B 5029 20.70 1.52 -21.98
N LYS B 5030 19.91 2.05 -22.90
CA LYS B 5030 18.60 2.59 -22.53
C LYS B 5030 17.66 1.51 -22.05
N GLN B 5031 17.85 0.26 -22.51
CA GLN B 5031 17.02 -0.83 -22.03
C GLN B 5031 17.33 -1.15 -20.58
N TYR B 5032 18.61 -1.17 -20.22
CA TYR B 5032 19.11 -1.57 -18.91
C TYR B 5032 19.78 -0.41 -18.20
N GLU B 5033 19.25 0.80 -18.37
CA GLU B 5033 19.82 1.96 -17.70
C GLU B 5033 19.62 1.89 -16.19
N ASP B 5034 18.51 1.30 -15.74
CA ASP B 5034 18.24 1.25 -14.30
C ASP B 5034 19.19 0.29 -13.60
N GLN B 5035 19.47 -0.86 -14.22
CA GLN B 5035 20.29 -1.87 -13.55
C GLN B 5035 21.78 -1.51 -13.69
N LEU B 5036 22.30 -1.58 -14.91
CA LEU B 5036 23.69 -1.31 -15.25
C LEU B 5036 23.82 -1.45 -16.75
N SER B 5037 24.86 -0.82 -17.30
CA SER B 5037 25.16 -0.90 -18.72
C SER B 5037 25.50 -2.33 -19.13
N GLU C 10 12.93 -29.27 -0.78
CA GLU C 10 13.09 -30.36 -1.74
C GLU C 10 13.92 -31.47 -1.14
N VAL C 11 14.12 -32.54 -1.90
CA VAL C 11 14.87 -33.70 -1.42
C VAL C 11 16.36 -33.39 -1.51
N GLN C 12 17.03 -33.45 -0.36
CA GLN C 12 18.46 -33.20 -0.31
C GLN C 12 19.23 -34.42 -0.78
N PHE C 13 20.53 -34.21 -1.04
CA PHE C 13 21.44 -35.23 -1.51
C PHE C 13 22.65 -35.27 -0.58
N LEU C 14 23.30 -36.42 -0.56
CA LEU C 14 24.39 -36.68 0.37
C LEU C 14 25.68 -36.10 -0.21
N ARG C 15 26.05 -34.92 0.28
CA ARG C 15 27.23 -34.21 -0.17
C ARG C 15 28.45 -34.68 0.62
N THR C 16 29.61 -34.55 0.00
CA THR C 16 30.85 -34.91 0.68
C THR C 16 31.18 -33.88 1.74
N ASP C 17 32.11 -34.26 2.63
CA ASP C 17 32.54 -33.45 3.76
C ASP C 17 31.37 -33.07 4.67
N ASP C 18 30.46 -34.04 4.86
CA ASP C 18 29.30 -33.91 5.73
C ASP C 18 29.26 -35.09 6.68
N GLU C 19 28.93 -34.82 7.94
CA GLU C 19 28.81 -35.87 8.92
C GLU C 19 27.64 -36.77 8.60
N VAL C 20 27.74 -38.04 8.99
CA VAL C 20 26.73 -39.03 8.64
C VAL C 20 26.85 -40.19 9.62
N VAL C 21 25.78 -40.99 9.69
CA VAL C 21 25.70 -42.15 10.56
C VAL C 21 25.09 -43.30 9.76
N LEU C 22 25.72 -44.46 9.84
CA LEU C 22 25.17 -45.67 9.25
C LEU C 22 24.00 -46.17 10.10
N GLN C 23 23.12 -46.94 9.47
CA GLN C 23 21.90 -47.39 10.13
C GLN C 23 21.40 -48.66 9.48
N CYS C 24 20.79 -49.51 10.30
CA CYS C 24 20.20 -50.76 9.84
C CYS C 24 19.14 -51.17 10.85
N SER C 25 18.30 -52.11 10.43
CA SER C 25 17.25 -52.66 11.28
C SER C 25 17.07 -54.14 11.00
N ALA C 26 16.71 -54.87 12.06
CA ALA C 26 16.45 -56.29 11.96
C ALA C 26 15.48 -56.68 13.07
N THR C 27 14.82 -57.81 12.88
CA THR C 27 13.77 -58.29 13.76
C THR C 27 14.32 -59.33 14.72
N VAL C 28 14.11 -59.10 16.02
CA VAL C 28 14.47 -60.02 17.10
C VAL C 28 13.23 -60.48 17.85
N LEU C 29 12.18 -59.63 17.89
CA LEU C 29 10.90 -59.95 18.52
C LEU C 29 9.74 -59.54 17.63
N LYS C 30 9.94 -59.58 16.30
CA LYS C 30 9.00 -59.06 15.31
C LYS C 30 8.80 -57.55 15.52
N GLU C 31 9.92 -56.83 15.41
CA GLU C 31 9.90 -55.37 15.48
C GLU C 31 11.17 -54.86 14.82
N GLN C 32 11.04 -53.78 14.05
CA GLN C 32 12.16 -53.20 13.33
C GLN C 32 12.96 -52.36 14.32
N LEU C 33 13.98 -52.98 14.90
CA LEU C 33 14.83 -52.30 15.87
C LEU C 33 15.68 -51.25 15.18
N LYS C 34 15.86 -50.11 15.84
CA LYS C 34 16.71 -49.03 15.34
C LYS C 34 18.12 -49.26 15.84
N LEU C 35 19.06 -49.45 14.90
CA LEU C 35 20.43 -49.83 15.19
C LEU C 35 21.37 -48.93 14.40
N CYS C 36 22.62 -48.86 14.87
CA CYS C 36 23.61 -48.03 14.21
C CYS C 36 25.00 -48.52 14.57
N LEU C 37 25.90 -48.47 13.60
CA LEU C 37 27.27 -48.91 13.80
C LEU C 37 28.04 -47.91 14.65
N ALA C 38 29.04 -48.40 15.36
CA ALA C 38 29.88 -47.56 16.19
C ALA C 38 31.18 -48.28 16.51
N ALA C 39 32.09 -47.56 17.16
CA ALA C 39 33.34 -48.11 17.62
C ALA C 39 33.96 -47.15 18.61
N GLU C 40 34.60 -47.71 19.64
CA GLU C 40 35.20 -46.86 20.68
C GLU C 40 36.46 -46.18 20.19
N GLY C 41 37.26 -46.89 19.39
CA GLY C 41 38.52 -46.37 18.90
C GLY C 41 39.68 -46.73 19.81
N PHE C 42 40.05 -45.81 20.70
CA PHE C 42 41.20 -46.02 21.57
C PHE C 42 40.89 -47.10 22.59
N GLY C 43 41.25 -48.33 22.26
CA GLY C 43 40.95 -49.49 23.08
C GLY C 43 40.59 -50.66 22.19
N ASN C 44 39.43 -51.25 22.43
CA ASN C 44 38.91 -52.27 21.52
C ASN C 44 38.61 -51.62 20.17
N ARG C 45 39.44 -51.92 19.17
CA ARG C 45 39.29 -51.31 17.86
C ARG C 45 38.17 -51.92 17.04
N LEU C 46 37.71 -53.12 17.37
CA LEU C 46 36.66 -53.74 16.60
C LEU C 46 35.34 -53.01 16.79
N CYS C 47 34.60 -52.87 15.70
CA CYS C 47 33.34 -52.15 15.75
C CYS C 47 32.30 -52.97 16.51
N PHE C 48 31.27 -52.25 16.97
CA PHE C 48 30.18 -52.86 17.72
C PHE C 48 28.91 -52.08 17.45
N LEU C 49 27.79 -52.73 17.73
CA LEU C 49 26.47 -52.23 17.37
C LEU C 49 25.86 -51.53 18.56
N GLU C 50 25.28 -50.35 18.30
CA GLU C 50 24.66 -49.49 19.32
C GLU C 50 23.15 -49.47 19.07
N PRO C 51 22.34 -50.15 19.89
CA PRO C 51 20.88 -50.00 19.74
C PRO C 51 20.41 -48.59 20.06
N THR C 52 19.35 -48.18 19.36
CA THR C 52 18.70 -46.88 19.57
C THR C 52 17.18 -46.97 19.57
N SER C 53 16.59 -48.18 19.61
CA SER C 53 15.15 -48.31 19.52
C SER C 53 14.43 -47.72 20.72
N ASN C 54 15.08 -47.72 21.90
CA ASN C 54 14.50 -47.20 23.14
C ASN C 54 14.77 -45.72 23.35
N ALA C 55 15.02 -44.97 22.28
CA ALA C 55 15.42 -43.56 22.40
C ALA C 55 14.32 -42.70 23.01
N GLN C 56 13.06 -43.08 22.83
CA GLN C 56 11.96 -42.33 23.41
C GLN C 56 11.99 -42.40 24.93
N ASN C 57 12.31 -43.57 25.48
CA ASN C 57 12.27 -43.82 26.92
C ASN C 57 13.63 -43.76 27.59
N VAL C 58 14.73 -43.83 26.83
CA VAL C 58 16.07 -43.62 27.39
C VAL C 58 17.02 -43.34 26.23
N PRO C 59 17.81 -42.26 26.24
CA PRO C 59 18.51 -41.88 25.01
C PRO C 59 19.75 -42.73 24.80
N PRO C 60 20.28 -42.80 23.54
CA PRO C 60 21.53 -43.54 23.31
C PRO C 60 22.74 -42.64 23.44
N ASP C 61 23.95 -43.19 23.21
CA ASP C 61 25.20 -42.45 23.17
C ASP C 61 25.67 -42.40 21.72
N LEU C 62 25.33 -41.30 21.04
CA LEU C 62 25.59 -41.12 19.62
C LEU C 62 26.91 -40.43 19.30
N ALA C 63 27.73 -40.10 20.29
CA ALA C 63 28.95 -39.35 20.04
C ALA C 63 29.96 -40.18 19.25
N ILE C 64 30.16 -41.43 19.66
CA ILE C 64 31.07 -42.31 18.93
C ILE C 64 30.51 -42.65 17.54
N CYS C 65 29.19 -42.69 17.40
CA CYS C 65 28.57 -43.14 16.17
C CYS C 65 28.81 -42.19 15.00
N CYS C 66 29.12 -40.92 15.26
CA CYS C 66 29.20 -39.91 14.22
C CYS C 66 30.39 -40.17 13.31
N PHE C 67 30.10 -40.51 12.06
CA PHE C 67 31.09 -40.68 11.00
C PHE C 67 31.09 -39.46 10.10
N THR C 68 32.13 -39.37 9.26
CA THR C 68 32.34 -38.27 8.34
C THR C 68 32.81 -38.79 7.00
N LEU C 69 32.28 -38.19 5.93
CA LEU C 69 32.65 -38.53 4.57
C LEU C 69 33.89 -37.73 4.20
N GLU C 70 35.02 -38.42 4.06
CA GLU C 70 36.27 -37.72 3.76
C GLU C 70 36.32 -37.26 2.32
N GLN C 71 36.13 -38.18 1.38
CA GLN C 71 36.16 -37.86 -0.04
C GLN C 71 35.55 -39.04 -0.79
N SER C 72 35.43 -38.86 -2.10
CA SER C 72 34.84 -39.88 -2.97
C SER C 72 35.36 -39.66 -4.38
N LEU C 73 35.43 -40.75 -5.13
CA LEU C 73 35.94 -40.73 -6.50
C LEU C 73 35.55 -42.04 -7.16
N SER C 74 36.00 -42.21 -8.40
CA SER C 74 35.69 -43.40 -9.17
C SER C 74 36.68 -44.51 -8.85
N VAL C 75 36.33 -45.71 -9.31
CA VAL C 75 37.12 -46.89 -9.01
C VAL C 75 38.46 -46.84 -9.73
N ARG C 76 38.44 -46.50 -11.01
CA ARG C 76 39.68 -46.42 -11.77
C ARG C 76 40.57 -45.30 -11.27
N ALA C 77 39.96 -44.18 -10.89
CA ALA C 77 40.71 -43.08 -10.30
C ALA C 77 41.32 -43.50 -8.97
N LEU C 78 40.59 -44.31 -8.19
CA LEU C 78 41.14 -44.84 -6.96
C LEU C 78 42.31 -45.77 -7.22
N GLN C 79 42.23 -46.57 -8.28
CA GLN C 79 43.35 -47.44 -8.62
C GLN C 79 44.56 -46.64 -9.06
N GLU C 80 44.33 -45.51 -9.74
CA GLU C 80 45.44 -44.65 -10.11
C GLU C 80 46.04 -43.97 -8.89
N MET C 81 45.20 -43.63 -7.91
CA MET C 81 45.70 -43.12 -6.64
C MET C 81 46.52 -44.17 -5.92
N LEU C 82 46.09 -45.42 -5.99
CA LEU C 82 46.84 -46.53 -5.39
C LEU C 82 48.20 -46.66 -6.05
N ALA C 83 48.25 -46.61 -7.38
CA ALA C 83 49.52 -46.68 -8.07
C ALA C 83 50.37 -45.45 -7.77
N ASN C 84 49.74 -44.27 -7.74
CA ASN C 84 50.41 -43.03 -7.36
C ASN C 84 50.34 -42.87 -5.85
N THR C 85 51.04 -43.78 -5.17
CA THR C 85 51.05 -43.76 -3.71
C THR C 85 51.76 -42.53 -3.16
N VAL C 86 52.74 -42.00 -3.89
CA VAL C 86 53.46 -40.83 -3.44
C VAL C 86 52.54 -39.61 -3.52
N GLU C 87 52.48 -38.85 -2.44
CA GLU C 87 51.64 -37.66 -2.39
C GLU C 87 52.31 -36.51 -3.15
N GLY C 95 40.59 -29.81 -2.82
CA GLY C 95 40.37 -28.38 -2.98
C GLY C 95 39.04 -27.93 -2.43
N GLY C 96 38.15 -27.49 -3.32
CA GLY C 96 36.83 -27.07 -2.88
C GLY C 96 36.00 -28.21 -2.34
N GLY C 97 36.10 -29.38 -2.97
CA GLY C 97 35.36 -30.53 -2.50
C GLY C 97 33.86 -30.36 -2.72
N HIS C 98 33.08 -30.96 -1.81
CA HIS C 98 31.63 -30.96 -1.87
C HIS C 98 31.09 -31.58 -3.15
N ARG C 99 31.81 -32.55 -3.70
CA ARG C 99 31.31 -33.27 -4.85
C ARG C 99 30.17 -34.17 -4.44
N THR C 100 29.07 -34.10 -5.16
CA THR C 100 27.91 -34.94 -4.86
C THR C 100 28.24 -36.40 -5.13
N LEU C 101 27.71 -37.27 -4.28
CA LEU C 101 27.98 -38.69 -4.39
C LEU C 101 27.10 -39.34 -5.44
N LEU C 102 27.68 -40.31 -6.15
CA LEU C 102 27.00 -41.11 -7.15
C LEU C 102 27.22 -42.58 -6.84
N TYR C 103 26.27 -43.40 -7.25
CA TYR C 103 26.41 -44.84 -7.12
C TYR C 103 27.57 -45.32 -7.97
N GLY C 104 28.29 -46.31 -7.44
CA GLY C 104 29.49 -46.82 -8.07
C GLY C 104 30.77 -46.11 -7.68
N HIS C 105 30.69 -44.98 -6.98
CA HIS C 105 31.88 -44.30 -6.50
C HIS C 105 32.48 -45.06 -5.31
N ALA C 106 33.77 -44.82 -5.10
CA ALA C 106 34.52 -45.42 -4.00
C ALA C 106 34.50 -44.47 -2.82
N ILE C 107 33.66 -44.79 -1.83
CA ILE C 107 33.52 -43.94 -0.65
C ILE C 107 34.68 -44.17 0.31
N LEU C 108 34.84 -43.23 1.24
CA LEU C 108 35.85 -43.33 2.30
C LEU C 108 35.25 -42.74 3.56
N LEU C 109 34.76 -43.61 4.44
CA LEU C 109 34.24 -43.19 5.73
C LEU C 109 35.38 -42.89 6.69
N ARG C 110 35.05 -42.13 7.73
CA ARG C 110 36.02 -41.80 8.77
C ARG C 110 35.27 -41.58 10.06
N HIS C 111 35.87 -42.04 11.16
CA HIS C 111 35.33 -41.77 12.48
C HIS C 111 35.61 -40.31 12.81
N ALA C 112 34.54 -39.54 13.03
CA ALA C 112 34.70 -38.11 13.31
C ALA C 112 35.44 -37.89 14.61
N HIS C 113 35.20 -38.76 15.60
CA HIS C 113 35.76 -38.58 16.93
C HIS C 113 37.20 -39.08 17.00
N SER C 114 37.38 -40.39 16.81
CA SER C 114 38.69 -40.99 17.00
C SER C 114 39.72 -40.59 15.96
N ARG C 115 39.26 -40.09 14.80
CA ARG C 115 40.16 -39.76 13.68
C ARG C 115 40.92 -40.99 13.19
N MET C 116 40.25 -42.14 13.22
CA MET C 116 40.74 -43.39 12.67
C MET C 116 39.74 -43.89 11.65
N TYR C 117 40.25 -44.37 10.52
CA TYR C 117 39.44 -44.60 9.34
C TYR C 117 38.86 -46.01 9.35
N LEU C 118 37.63 -46.13 8.89
CA LEU C 118 36.97 -47.42 8.81
C LEU C 118 37.63 -48.30 7.77
N SER C 119 37.74 -49.59 8.09
CA SER C 119 38.41 -50.52 7.18
C SER C 119 38.04 -51.94 7.58
N CYS C 120 38.41 -52.88 6.71
CA CYS C 120 38.34 -54.29 7.02
C CYS C 120 39.56 -54.72 7.82
N LEU C 121 39.50 -55.94 8.36
CA LEU C 121 40.59 -56.52 9.11
C LEU C 121 40.69 -58.00 8.79
N THR C 122 41.93 -58.52 8.85
CA THR C 122 42.23 -59.90 8.51
C THR C 122 42.15 -60.77 9.75
N THR C 123 40.93 -60.88 10.28
CA THR C 123 40.62 -61.63 11.49
C THR C 123 39.45 -62.57 11.27
N SER C 124 38.98 -63.21 12.34
CA SER C 124 37.83 -64.09 12.27
C SER C 124 37.16 -64.12 13.64
N ARG C 125 35.90 -64.53 13.64
CA ARG C 125 35.13 -64.59 14.88
C ARG C 125 33.92 -65.48 14.67
N SER C 126 33.53 -66.17 15.74
CA SER C 126 32.40 -67.07 15.88
C SER C 126 32.62 -68.45 15.23
N MET C 127 33.74 -68.67 14.52
CA MET C 127 34.11 -69.98 13.98
C MET C 127 33.08 -70.49 12.97
N THR C 128 32.82 -69.66 11.97
CA THR C 128 31.91 -70.02 10.90
C THR C 128 32.51 -70.95 9.86
N ASP C 129 33.82 -71.27 9.95
CA ASP C 129 34.54 -72.00 8.90
C ASP C 129 34.42 -71.28 7.56
N LYS C 130 34.45 -69.96 7.60
CA LYS C 130 34.19 -69.12 6.44
C LYS C 130 34.71 -67.74 6.77
N LEU C 131 34.95 -66.95 5.73
CA LEU C 131 35.39 -65.58 5.92
C LEU C 131 34.35 -64.77 6.66
N ALA C 132 34.80 -64.08 7.70
CA ALA C 132 34.03 -63.08 8.43
C ALA C 132 34.61 -61.69 8.25
N PHE C 133 35.91 -61.54 8.53
CA PHE C 133 36.65 -60.29 8.39
C PHE C 133 35.99 -59.17 9.19
N ASP C 134 36.10 -59.32 10.51
CA ASP C 134 35.47 -58.40 11.46
C ASP C 134 35.98 -56.98 11.23
N VAL C 135 35.06 -56.08 10.92
CA VAL C 135 35.45 -54.73 10.53
C VAL C 135 35.98 -53.97 11.73
N GLY C 136 36.80 -52.98 11.45
CA GLY C 136 37.39 -52.16 12.49
C GLY C 136 37.91 -50.86 11.93
N LEU C 137 38.63 -50.14 12.79
CA LEU C 137 39.11 -48.79 12.50
C LEU C 137 40.63 -48.86 12.34
N GLN C 138 41.09 -48.71 11.10
CA GLN C 138 42.51 -48.65 10.86
C GLN C 138 43.06 -47.31 11.31
N GLU C 139 44.31 -47.33 11.75
CA GLU C 139 44.94 -46.14 12.31
C GLU C 139 45.33 -45.12 11.25
N ASP C 140 45.45 -45.53 9.98
CA ASP C 140 45.84 -44.65 8.90
C ASP C 140 45.09 -45.03 7.63
N ALA C 141 44.83 -44.02 6.81
CA ALA C 141 44.09 -44.22 5.57
C ALA C 141 44.96 -44.81 4.45
N THR C 142 46.27 -44.92 4.64
CA THR C 142 47.12 -45.54 3.64
C THR C 142 46.75 -47.01 3.49
N GLY C 143 46.98 -47.52 2.29
CA GLY C 143 46.60 -48.86 1.93
C GLY C 143 45.20 -48.92 1.35
N GLU C 144 44.98 -49.92 0.51
CA GLU C 144 43.76 -50.01 -0.27
C GLU C 144 42.59 -50.63 0.50
N ALA C 145 42.85 -51.29 1.63
CA ALA C 145 41.77 -51.90 2.39
C ALA C 145 40.83 -50.87 3.01
N CYS C 146 41.29 -49.63 3.21
CA CYS C 146 40.47 -48.63 3.86
C CYS C 146 39.26 -48.23 3.02
N TRP C 147 39.37 -48.32 1.69
CA TRP C 147 38.34 -47.79 0.82
C TRP C 147 37.17 -48.76 0.69
N TRP C 148 35.99 -48.19 0.46
CA TRP C 148 34.74 -48.92 0.28
C TRP C 148 34.03 -48.38 -0.94
N THR C 149 33.11 -49.19 -1.48
CA THR C 149 32.31 -48.85 -2.66
C THR C 149 30.84 -49.04 -2.34
N MET C 150 30.04 -48.10 -2.84
CA MET C 150 28.60 -48.12 -2.67
C MET C 150 27.95 -48.92 -3.80
N HIS C 151 26.69 -49.28 -3.60
CA HIS C 151 25.90 -49.95 -4.62
C HIS C 151 24.43 -49.75 -4.30
N PRO C 152 23.53 -49.93 -5.27
CA PRO C 152 22.11 -49.68 -5.03
C PRO C 152 21.38 -50.88 -4.50
N ALA C 153 20.51 -50.62 -3.52
CA ALA C 153 19.68 -51.65 -2.91
C ALA C 153 18.37 -51.81 -3.69
N SER C 154 17.59 -50.74 -3.78
CA SER C 154 16.33 -50.77 -4.51
C SER C 154 16.59 -50.67 -6.01
N LYS C 155 15.77 -51.39 -6.79
CA LYS C 155 15.93 -51.38 -8.24
C LYS C 155 15.44 -50.09 -8.89
N GLN C 156 14.64 -49.28 -8.18
CA GLN C 156 14.13 -48.04 -8.78
C GLN C 156 15.24 -47.05 -9.09
N ARG C 157 16.34 -47.10 -8.35
CA ARG C 157 17.59 -46.43 -8.71
C ARG C 157 18.47 -47.40 -9.50
N SER C 158 19.52 -46.85 -10.10
CA SER C 158 20.50 -47.64 -10.84
C SER C 158 21.86 -46.96 -10.70
N GLU C 159 22.84 -47.48 -11.44
CA GLU C 159 24.18 -46.94 -11.37
C GLU C 159 24.25 -45.58 -12.06
N GLY C 160 25.03 -44.67 -11.47
CA GLY C 160 25.22 -43.34 -12.00
C GLY C 160 24.23 -42.30 -11.51
N GLU C 161 23.15 -42.71 -10.86
CA GLU C 161 22.20 -41.75 -10.32
C GLU C 161 22.83 -40.99 -9.15
N LYS C 162 22.29 -39.80 -8.89
CA LYS C 162 22.66 -39.04 -7.72
C LYS C 162 21.97 -39.63 -6.51
N VAL C 163 22.76 -40.16 -5.58
CA VAL C 163 22.21 -40.76 -4.37
C VAL C 163 21.59 -39.66 -3.51
N ARG C 164 20.42 -39.95 -2.98
CA ARG C 164 19.66 -39.06 -2.11
C ARG C 164 19.72 -39.59 -0.68
N VAL C 165 18.99 -38.92 0.20
CA VAL C 165 18.88 -39.31 1.59
C VAL C 165 17.73 -40.30 1.74
N GLY C 166 17.85 -41.18 2.73
CA GLY C 166 16.80 -42.11 3.08
C GLY C 166 16.85 -43.44 2.34
N ASP C 167 17.29 -43.42 1.08
CA ASP C 167 17.32 -44.65 0.30
C ASP C 167 18.36 -45.62 0.85
N ASP C 168 18.10 -46.91 0.67
CA ASP C 168 18.94 -47.95 1.22
C ASP C 168 20.13 -48.21 0.32
N LEU C 169 21.28 -48.51 0.93
CA LEU C 169 22.55 -48.67 0.25
C LEU C 169 23.16 -50.02 0.59
N ILE C 170 24.07 -50.45 -0.28
CA ILE C 170 24.80 -51.71 -0.14
C ILE C 170 26.28 -51.38 -0.21
N LEU C 171 26.90 -51.21 0.94
CA LEU C 171 28.34 -50.95 0.98
C LEU C 171 29.11 -52.22 0.71
N VAL C 172 30.22 -52.08 -0.02
CA VAL C 172 31.08 -53.19 -0.40
C VAL C 172 32.52 -52.78 -0.16
N SER C 173 33.33 -53.75 0.27
CA SER C 173 34.75 -53.53 0.46
C SER C 173 35.50 -53.63 -0.85
N VAL C 174 36.64 -52.95 -0.90
CA VAL C 174 37.46 -52.88 -2.10
C VAL C 174 38.41 -54.06 -2.11
N SER C 175 39.32 -54.09 -1.13
CA SER C 175 40.35 -55.12 -1.13
C SER C 175 39.79 -56.48 -0.72
N SER C 176 38.93 -56.48 0.30
CA SER C 176 38.35 -57.73 0.76
C SER C 176 37.40 -58.34 -0.26
N GLU C 177 36.76 -57.50 -1.09
CA GLU C 177 35.78 -57.94 -2.09
C GLU C 177 34.61 -58.66 -1.40
N ARG C 178 34.20 -58.11 -0.27
CA ARG C 178 33.18 -58.69 0.59
C ARG C 178 32.20 -57.61 1.01
N TYR C 179 30.98 -58.02 1.28
CA TYR C 179 29.84 -57.13 1.47
C TYR C 179 29.56 -56.96 2.96
N LEU C 180 29.21 -55.73 3.33
CA LEU C 180 28.83 -55.44 4.71
C LEU C 180 27.57 -56.20 5.07
N HIS C 181 27.49 -56.62 6.33
CA HIS C 181 26.52 -57.62 6.74
C HIS C 181 26.25 -57.49 8.23
N LEU C 182 24.96 -57.50 8.58
CA LEU C 182 24.52 -57.63 9.96
C LEU C 182 24.40 -59.12 10.27
N SER C 183 25.33 -59.62 11.07
CA SER C 183 25.41 -61.06 11.36
C SER C 183 24.62 -61.36 12.63
N THR C 184 23.46 -61.96 12.45
CA THR C 184 22.68 -62.50 13.56
C THR C 184 23.22 -63.86 13.95
N ALA C 185 23.36 -64.09 15.24
CA ALA C 185 23.90 -65.33 15.76
C ALA C 185 23.34 -65.54 17.16
N SER C 186 23.93 -66.49 17.89
CA SER C 186 23.48 -66.79 19.25
C SER C 186 23.69 -65.59 20.18
N GLY C 187 24.83 -64.93 20.05
CA GLY C 187 25.16 -63.82 20.93
C GLY C 187 24.54 -62.52 20.47
N GLU C 188 25.17 -61.43 20.88
CA GLU C 188 24.73 -60.10 20.48
C GLU C 188 24.92 -59.93 18.98
N LEU C 189 24.14 -59.02 18.40
CA LEU C 189 24.09 -58.82 16.95
C LEU C 189 25.43 -58.30 16.46
N GLN C 190 26.21 -59.19 15.86
CA GLN C 190 27.51 -58.85 15.31
C GLN C 190 27.34 -58.23 13.93
N VAL C 191 28.30 -57.36 13.57
CA VAL C 191 28.28 -56.58 12.34
C VAL C 191 29.43 -56.98 11.42
N ASP C 192 29.85 -58.25 11.47
CA ASP C 192 30.90 -58.72 10.59
C ASP C 192 30.43 -58.74 9.15
N ALA C 193 31.33 -58.37 8.23
CA ALA C 193 31.04 -58.32 6.81
C ALA C 193 31.38 -59.67 6.19
N SER C 194 30.41 -60.59 6.28
CA SER C 194 30.61 -61.99 5.90
C SER C 194 29.74 -62.42 4.72
N PHE C 195 28.41 -62.33 4.81
CA PHE C 195 27.52 -63.14 3.99
C PHE C 195 26.55 -62.33 3.13
N MET C 196 25.74 -61.45 3.71
CA MET C 196 24.52 -60.95 3.09
C MET C 196 24.60 -59.44 2.88
N GLN C 197 24.01 -58.99 1.78
CA GLN C 197 24.06 -57.60 1.36
C GLN C 197 22.94 -56.82 2.06
N THR C 198 23.20 -56.49 3.32
CA THR C 198 22.18 -55.88 4.17
C THR C 198 21.84 -54.48 3.69
N LEU C 199 20.54 -54.17 3.77
CA LEU C 199 20.05 -52.85 3.37
C LEU C 199 20.48 -51.83 4.40
N TRP C 200 21.56 -51.12 4.09
CA TRP C 200 22.21 -50.20 5.01
C TRP C 200 21.70 -48.81 4.70
N ASN C 201 20.79 -48.32 5.54
CA ASN C 201 20.35 -46.94 5.44
C ASN C 201 21.47 -46.01 5.88
N MET C 202 21.33 -44.74 5.51
CA MET C 202 22.42 -43.77 5.58
C MET C 202 21.79 -42.45 6.04
N ASN C 203 21.87 -42.18 7.33
CA ASN C 203 21.19 -41.04 7.94
C ASN C 203 22.15 -39.85 8.02
N PRO C 204 21.87 -38.69 7.35
CA PRO C 204 22.72 -37.52 7.60
C PRO C 204 22.47 -36.89 8.96
N ILE C 205 23.43 -37.07 9.85
CA ILE C 205 23.36 -36.44 11.17
C ILE C 205 23.56 -34.94 11.07
N CYS C 206 24.37 -34.48 10.13
CA CYS C 206 24.68 -33.05 10.01
C CYS C 206 25.35 -32.83 8.67
N SER C 207 25.70 -31.58 8.40
CA SER C 207 26.27 -31.17 7.13
C SER C 207 27.02 -29.87 7.37
N CYS C 208 27.30 -29.14 6.29
CA CYS C 208 28.03 -27.88 6.37
C CYS C 208 27.30 -26.87 7.24
N CYS C 209 27.95 -26.46 8.32
CA CYS C 209 27.39 -25.57 9.33
C CYS C 209 27.84 -24.13 9.09
N GLU C 210 27.07 -23.21 9.65
CA GLU C 210 27.38 -21.79 9.56
C GLU C 210 28.49 -21.42 10.54
N GLU C 211 29.32 -20.47 10.12
CA GLU C 211 30.44 -20.05 10.94
C GLU C 211 29.94 -19.30 12.17
N GLY C 212 30.48 -19.65 13.34
CA GLY C 212 30.19 -18.94 14.56
C GLY C 212 28.74 -19.07 15.01
N TYR C 213 28.18 -20.28 14.93
CA TYR C 213 26.82 -20.53 15.37
C TYR C 213 26.74 -21.94 15.94
N VAL C 214 25.84 -22.13 16.88
CA VAL C 214 25.75 -23.36 17.65
C VAL C 214 24.96 -24.41 16.88
N THR C 215 25.33 -25.66 17.08
CA THR C 215 24.65 -26.82 16.52
C THR C 215 24.71 -27.96 17.53
N GLY C 216 23.90 -28.97 17.29
CA GLY C 216 23.94 -30.16 18.12
C GLY C 216 25.26 -30.91 17.95
N GLY C 217 25.68 -31.56 19.03
CA GLY C 217 26.90 -32.33 19.06
C GLY C 217 28.10 -31.56 19.54
N HIS C 218 28.15 -30.25 19.28
CA HIS C 218 29.28 -29.44 19.73
C HIS C 218 29.25 -29.30 21.24
N VAL C 219 30.36 -29.66 21.87
CA VAL C 219 30.50 -29.53 23.32
C VAL C 219 30.91 -28.10 23.64
N LEU C 220 30.33 -27.56 24.71
CA LEU C 220 30.44 -26.15 25.05
C LEU C 220 30.54 -26.01 26.57
N ARG C 221 31.00 -24.84 26.99
CA ARG C 221 31.12 -24.46 28.38
C ARG C 221 30.14 -23.33 28.67
N LEU C 222 29.31 -23.53 29.70
CA LEU C 222 28.27 -22.58 30.05
C LEU C 222 28.86 -21.51 30.96
N PHE C 223 28.77 -20.26 30.54
CA PHE C 223 29.27 -19.11 31.28
C PHE C 223 28.12 -18.36 31.94
N HIS C 224 28.47 -17.62 33.00
CA HIS C 224 27.51 -16.88 33.81
C HIS C 224 28.20 -15.60 34.25
N GLY C 225 27.40 -14.61 34.63
CA GLY C 225 27.96 -13.30 34.92
C GLY C 225 28.51 -12.70 33.65
N HIS C 226 29.60 -11.93 33.80
CA HIS C 226 30.27 -11.34 32.64
C HIS C 226 31.20 -12.37 31.98
N MET C 227 32.19 -12.88 32.72
CA MET C 227 33.02 -14.01 32.26
C MET C 227 33.41 -15.00 33.34
N ASP C 228 33.47 -14.62 34.61
CA ASP C 228 34.20 -15.36 35.64
C ASP C 228 33.31 -16.33 36.40
N GLU C 229 32.56 -17.16 35.68
CA GLU C 229 31.75 -18.21 36.28
C GLU C 229 31.56 -19.32 35.26
N CYS C 230 31.46 -20.55 35.77
CA CYS C 230 31.28 -21.71 34.92
C CYS C 230 30.54 -22.78 35.69
N LEU C 231 29.52 -23.36 35.06
CA LEU C 231 28.81 -24.48 35.66
C LEU C 231 29.66 -25.73 35.60
N THR C 232 29.70 -26.46 36.71
CA THR C 232 30.50 -27.67 36.77
C THR C 232 30.05 -28.54 37.94
N ILE C 233 30.44 -29.79 37.86
CA ILE C 233 30.35 -30.74 38.96
C ILE C 233 31.65 -30.63 39.72
N SER C 234 31.61 -30.91 41.03
CA SER C 234 32.83 -30.90 41.83
C SER C 234 33.80 -31.97 41.35
N ALA C 235 35.08 -31.76 41.67
CA ALA C 235 36.12 -32.68 41.25
C ALA C 235 35.96 -34.03 41.96
N ALA C 236 36.70 -35.01 41.45
CA ALA C 236 36.62 -36.36 41.98
C ALA C 236 37.21 -36.42 43.38
N ASP C 237 37.01 -37.57 44.03
CA ASP C 237 37.33 -37.79 45.43
C ASP C 237 36.64 -36.74 46.31
N SER C 238 35.31 -36.76 46.23
CA SER C 238 34.45 -35.82 46.94
C SER C 238 33.27 -36.57 47.53
N ASP C 239 32.69 -35.99 48.57
CA ASP C 239 31.60 -36.63 49.30
C ASP C 239 30.30 -36.63 48.51
N ASP C 240 30.11 -35.69 47.58
CA ASP C 240 28.88 -35.64 46.80
C ASP C 240 28.78 -36.74 45.75
N GLN C 241 29.85 -37.51 45.51
CA GLN C 241 29.91 -38.51 44.44
C GLN C 241 29.77 -37.91 43.04
N ARG C 242 30.06 -36.61 42.89
CA ARG C 242 30.01 -35.90 41.61
C ARG C 242 28.63 -36.01 40.97
N ARG C 243 27.64 -35.42 41.65
CA ARG C 243 26.25 -35.38 41.18
C ARG C 243 25.61 -34.01 41.30
N LEU C 244 26.10 -33.14 42.17
CA LEU C 244 25.62 -31.77 42.26
C LEU C 244 26.31 -30.90 41.20
N VAL C 245 25.76 -29.70 41.02
CA VAL C 245 26.27 -28.71 40.07
C VAL C 245 26.41 -27.39 40.79
N TYR C 246 27.51 -26.69 40.53
CA TYR C 246 27.84 -25.42 41.17
C TYR C 246 28.38 -24.44 40.13
N TYR C 247 28.18 -23.15 40.42
CA TYR C 247 28.70 -22.07 39.58
C TYR C 247 30.08 -21.68 40.11
N GLU C 248 31.05 -22.51 39.77
CA GLU C 248 32.41 -22.29 40.23
C GLU C 248 33.06 -21.14 39.45
N GLY C 249 34.17 -20.65 40.01
CA GLY C 249 34.85 -19.50 39.45
C GLY C 249 35.64 -19.82 38.20
N GLY C 250 36.65 -18.98 37.95
CA GLY C 250 37.43 -19.06 36.74
C GLY C 250 38.59 -20.03 36.74
N ALA C 251 38.90 -20.65 37.89
CA ALA C 251 40.00 -21.61 37.92
C ALA C 251 39.65 -22.87 37.12
N VAL C 252 38.40 -23.33 37.23
CA VAL C 252 37.96 -24.54 36.54
C VAL C 252 37.60 -24.29 35.07
N CYS C 253 37.77 -23.07 34.57
CA CYS C 253 37.33 -22.75 33.21
C CYS C 253 38.14 -23.51 32.17
N THR C 254 39.45 -23.63 32.37
CA THR C 254 40.30 -24.36 31.45
C THR C 254 40.19 -25.87 31.62
N HIS C 255 39.79 -26.34 32.79
CA HIS C 255 39.83 -27.77 33.07
C HIS C 255 38.75 -28.51 32.28
N ALA C 256 38.84 -29.83 32.32
CA ALA C 256 37.91 -30.73 31.65
C ALA C 256 36.74 -31.14 32.54
N ARG C 257 36.43 -30.34 33.56
CA ARG C 257 35.36 -30.64 34.49
C ARG C 257 34.03 -30.06 34.04
N SER C 258 34.05 -28.90 33.39
CA SER C 258 32.86 -28.15 33.01
C SER C 258 32.40 -28.44 31.59
N LEU C 259 32.66 -29.65 31.10
CA LEU C 259 32.33 -30.02 29.72
C LEU C 259 30.91 -30.57 29.67
N TRP C 260 30.12 -30.03 28.74
CA TRP C 260 28.74 -30.43 28.52
C TRP C 260 28.51 -30.64 27.04
N ARG C 261 27.68 -31.63 26.72
CA ARG C 261 27.31 -31.99 25.36
C ARG C 261 25.83 -31.73 25.17
N LEU C 262 25.49 -31.02 24.09
CA LEU C 262 24.11 -30.72 23.74
C LEU C 262 23.61 -31.79 22.77
N GLU C 263 22.76 -32.68 23.27
CA GLU C 263 22.19 -33.79 22.51
C GLU C 263 20.71 -33.52 22.28
N PRO C 264 20.29 -33.10 21.08
CA PRO C 264 18.84 -33.04 20.80
C PRO C 264 18.18 -34.41 20.84
N LEU C 265 16.86 -34.38 20.81
CA LEU C 265 16.08 -35.58 21.12
C LEU C 265 16.19 -36.61 20.00
N ARG C 266 15.74 -36.25 18.80
CA ARG C 266 15.63 -37.21 17.72
C ARG C 266 16.96 -37.41 17.03
N ILE C 267 17.15 -38.62 16.50
CA ILE C 267 18.43 -39.00 15.90
C ILE C 267 18.63 -38.26 14.59
N SER C 268 17.59 -38.14 13.79
CA SER C 268 17.72 -37.60 12.44
C SER C 268 18.05 -36.12 12.48
N TRP C 269 19.18 -35.75 11.88
CA TRP C 269 19.62 -34.36 11.77
C TRP C 269 19.82 -33.74 13.14
N SER C 270 20.57 -34.45 13.99
CA SER C 270 20.81 -33.98 15.34
C SER C 270 21.65 -32.71 15.37
N GLY C 271 22.57 -32.55 14.42
CA GLY C 271 23.47 -31.41 14.40
C GLY C 271 22.95 -30.23 13.60
N SER C 272 21.63 -30.08 13.54
CA SER C 272 21.05 -28.93 12.86
C SER C 272 21.27 -27.66 13.67
N HIS C 273 20.93 -26.53 13.05
CA HIS C 273 21.05 -25.25 13.74
C HIS C 273 20.02 -25.17 14.86
N LEU C 274 20.52 -25.05 16.09
CA LEU C 274 19.63 -24.99 17.23
C LEU C 274 18.87 -23.67 17.24
N ARG C 275 17.66 -23.72 17.80
CA ARG C 275 16.73 -22.60 17.85
C ARG C 275 16.22 -22.43 19.27
N TRP C 276 15.62 -21.27 19.51
CA TRP C 276 15.07 -20.98 20.83
C TRP C 276 13.87 -21.87 21.12
N GLY C 277 13.81 -22.38 22.34
CA GLY C 277 12.72 -23.24 22.74
C GLY C 277 12.81 -24.66 22.22
N GLN C 278 13.87 -25.03 21.51
CA GLN C 278 14.00 -26.38 21.02
C GLN C 278 14.24 -27.32 22.21
N PRO C 279 13.49 -28.41 22.36
CA PRO C 279 13.87 -29.38 23.40
C PRO C 279 15.20 -30.04 23.07
N LEU C 280 15.96 -30.33 24.12
CA LEU C 280 17.25 -30.98 23.97
C LEU C 280 17.60 -31.64 25.29
N ARG C 281 18.81 -32.20 25.35
CA ARG C 281 19.31 -32.89 26.53
C ARG C 281 20.76 -32.51 26.75
N ILE C 282 21.17 -32.55 28.02
CA ILE C 282 22.52 -32.20 28.46
C ILE C 282 23.22 -33.48 28.90
N ARG C 283 24.48 -33.61 28.50
CA ARG C 283 25.27 -34.82 28.69
C ARG C 283 26.64 -34.40 29.19
N HIS C 284 26.96 -34.78 30.42
CA HIS C 284 28.29 -34.58 30.95
C HIS C 284 29.22 -35.61 30.33
N VAL C 285 30.06 -35.16 29.41
CA VAL C 285 30.88 -36.08 28.63
C VAL C 285 31.96 -36.74 29.48
N THR C 286 32.47 -36.03 30.48
CA THR C 286 33.58 -36.57 31.27
C THR C 286 33.12 -37.74 32.13
N THR C 287 31.98 -37.58 32.79
CA THR C 287 31.39 -38.62 33.63
C THR C 287 30.42 -39.52 32.88
N GLY C 288 29.92 -39.09 31.72
CA GLY C 288 28.93 -39.86 30.99
C GLY C 288 27.52 -39.76 31.52
N ARG C 289 27.23 -38.75 32.34
CA ARG C 289 25.94 -38.61 33.01
C ARG C 289 25.11 -37.54 32.31
N TYR C 290 23.87 -37.39 32.76
CA TYR C 290 22.88 -36.47 32.20
C TYR C 290 22.31 -35.60 33.30
N LEU C 291 22.20 -34.30 33.01
CA LEU C 291 21.53 -33.39 33.92
C LEU C 291 20.03 -33.62 33.85
N ALA C 292 19.37 -33.54 35.00
CA ALA C 292 17.93 -33.77 35.07
C ALA C 292 17.40 -33.22 36.39
N LEU C 293 16.11 -33.47 36.64
CA LEU C 293 15.44 -33.12 37.90
C LEU C 293 14.62 -34.34 38.31
N THR C 294 15.24 -35.23 39.08
CA THR C 294 14.58 -36.47 39.50
C THR C 294 13.58 -36.26 40.64
N GLU C 295 13.64 -35.13 41.35
CA GLU C 295 12.72 -34.66 42.38
C GLU C 295 12.90 -35.38 43.72
N ASP C 296 13.71 -36.44 43.80
CA ASP C 296 13.95 -37.09 45.08
C ASP C 296 14.79 -36.22 46.01
N GLN C 297 15.70 -35.42 45.44
CA GLN C 297 16.47 -34.40 46.15
C GLN C 297 16.36 -33.03 45.50
N GLY C 298 16.28 -32.96 44.18
CA GLY C 298 16.19 -31.72 43.44
C GLY C 298 16.91 -31.78 42.13
N LEU C 299 17.42 -30.65 41.66
CA LEU C 299 18.24 -30.61 40.46
C LEU C 299 19.53 -31.39 40.70
N VAL C 300 19.74 -32.43 39.88
CA VAL C 300 20.83 -33.37 40.11
C VAL C 300 21.17 -34.03 38.80
N VAL C 301 22.38 -34.57 38.71
CA VAL C 301 22.93 -35.18 37.50
C VAL C 301 22.73 -36.68 37.65
N VAL C 302 21.76 -37.22 36.90
CA VAL C 302 21.37 -38.62 36.99
C VAL C 302 22.15 -39.44 35.97
N ASP C 303 22.10 -40.76 36.17
CA ASP C 303 22.73 -41.68 35.24
C ASP C 303 21.94 -41.76 33.94
N ALA C 304 22.63 -42.21 32.89
CA ALA C 304 22.01 -42.31 31.58
C ALA C 304 20.91 -43.36 31.54
N CYS C 305 21.00 -44.40 32.37
CA CYS C 305 20.05 -45.51 32.36
C CYS C 305 18.80 -45.24 33.21
N LYS C 306 18.51 -43.97 33.57
CA LYS C 306 17.32 -43.59 34.30
C LYS C 306 16.70 -42.32 33.73
N ALA C 307 16.91 -42.04 32.44
CA ALA C 307 16.50 -40.80 31.82
C ALA C 307 15.15 -41.00 31.16
N HIS C 308 14.13 -40.33 31.68
CA HIS C 308 12.76 -40.44 31.19
C HIS C 308 12.43 -39.49 30.05
N THR C 309 13.37 -38.65 29.62
CA THR C 309 13.20 -37.72 28.50
C THR C 309 12.15 -36.63 28.74
N LYS C 310 11.76 -36.40 30.01
CA LYS C 310 10.93 -35.26 30.42
C LYS C 310 11.52 -34.51 31.60
N ALA C 311 12.09 -35.23 32.58
CA ALA C 311 12.90 -34.58 33.61
C ALA C 311 14.28 -34.23 33.07
N THR C 312 14.82 -35.08 32.20
CA THR C 312 16.14 -34.84 31.63
C THR C 312 16.10 -33.78 30.55
N SER C 313 14.99 -33.66 29.84
CA SER C 313 14.90 -32.74 28.72
C SER C 313 14.90 -31.29 29.20
N PHE C 314 15.49 -30.42 28.38
CA PHE C 314 15.63 -29.01 28.67
C PHE C 314 15.46 -28.23 27.37
N CYS C 315 15.28 -26.92 27.49
CA CYS C 315 15.15 -26.05 26.34
C CYS C 315 15.60 -24.64 26.72
N PHE C 316 16.07 -23.90 25.72
CA PHE C 316 16.48 -22.52 25.87
C PHE C 316 15.29 -21.60 25.68
N ARG C 317 15.51 -20.32 25.95
CA ARG C 317 14.46 -19.31 25.76
C ARG C 317 15.11 -17.97 25.48
N VAL C 318 14.40 -17.15 24.70
CA VAL C 318 14.91 -15.83 24.30
C VAL C 318 15.07 -14.94 25.53
N SER C 319 14.13 -15.00 26.46
CA SER C 319 14.12 -14.12 27.61
C SER C 319 13.24 -14.74 28.69
N LYS C 320 13.32 -14.17 29.88
CA LYS C 320 12.52 -14.62 31.01
C LYS C 320 11.07 -14.12 30.97
N GLU C 321 10.68 -13.35 29.95
CA GLU C 321 9.29 -12.98 29.79
C GLU C 321 8.44 -14.22 29.58
N LYS C 322 7.33 -14.31 30.31
CA LYS C 322 6.50 -15.51 30.31
C LYS C 322 5.74 -15.59 29.00
N LEU C 323 6.09 -16.56 28.16
CA LEU C 323 5.43 -16.86 26.91
C LEU C 323 5.13 -18.35 26.86
N ASP C 324 3.91 -18.69 26.45
CA ASP C 324 3.51 -20.09 26.43
C ASP C 324 4.32 -20.88 25.41
N THR C 325 4.60 -20.28 24.25
CA THR C 325 5.27 -20.94 23.13
C THR C 325 4.48 -22.17 22.69
N ALA C 326 3.15 -21.99 22.59
CA ALA C 326 2.29 -23.06 22.11
C ALA C 326 2.60 -23.49 20.68
N PRO C 327 2.67 -22.58 19.67
CA PRO C 327 2.98 -23.06 18.31
C PRO C 327 4.43 -23.44 18.15
N LYS C 328 4.70 -24.74 18.06
CA LYS C 328 6.04 -25.24 17.78
C LYS C 328 6.39 -25.02 16.31
N ARG C 329 7.59 -25.46 15.93
CA ARG C 329 8.06 -25.42 14.55
C ARG C 329 8.91 -26.65 14.30
N ASP C 330 9.05 -27.00 13.02
CA ASP C 330 9.83 -28.16 12.63
C ASP C 330 10.28 -28.01 11.18
N VAL C 331 11.50 -28.46 10.90
CA VAL C 331 12.02 -28.51 9.55
C VAL C 331 13.10 -29.58 9.50
N GLU C 332 13.16 -30.29 8.36
CA GLU C 332 14.15 -31.35 8.21
C GLU C 332 15.54 -30.80 7.96
N GLY C 333 15.65 -29.67 7.28
CA GLY C 333 16.94 -29.13 6.91
C GLY C 333 17.66 -28.49 8.08
N MET C 334 18.70 -27.73 7.75
CA MET C 334 19.48 -27.03 8.77
C MET C 334 18.63 -25.96 9.46
N GLY C 335 17.87 -25.21 8.69
CA GLY C 335 17.14 -24.08 9.21
C GLY C 335 18.05 -22.88 9.40
N PRO C 336 17.50 -21.76 9.87
CA PRO C 336 18.32 -20.57 10.05
C PRO C 336 19.25 -20.74 11.24
N PRO C 337 20.37 -20.01 11.30
CA PRO C 337 21.13 -19.94 12.57
C PRO C 337 20.54 -18.87 13.48
N GLU C 338 20.08 -19.29 14.66
CA GLU C 338 19.54 -18.38 15.66
C GLU C 338 20.60 -17.95 16.67
N ILE C 339 21.19 -18.91 17.38
CA ILE C 339 22.01 -18.64 18.54
C ILE C 339 23.47 -18.67 18.11
N LYS C 340 24.15 -17.53 18.29
CA LYS C 340 25.56 -17.37 17.99
C LYS C 340 26.36 -17.37 19.28
N TYR C 341 27.58 -17.91 19.21
CA TYR C 341 28.46 -17.91 20.37
C TYR C 341 28.88 -16.49 20.72
N GLY C 342 29.39 -16.34 21.93
CA GLY C 342 29.91 -15.07 22.42
C GLY C 342 28.89 -14.16 23.05
N GLU C 343 27.77 -13.92 22.37
CA GLU C 343 26.73 -12.99 22.80
C GLU C 343 25.37 -13.65 22.57
N SER C 344 24.87 -14.33 23.59
CA SER C 344 23.53 -14.88 23.64
C SER C 344 22.71 -14.35 24.81
N LEU C 345 23.28 -14.42 26.02
CA LEU C 345 22.59 -14.01 27.25
C LEU C 345 21.30 -14.81 27.45
N CYS C 346 21.37 -16.10 27.14
CA CYS C 346 20.20 -16.97 27.09
C CYS C 346 19.85 -17.51 28.48
N PHE C 347 18.63 -18.05 28.57
CA PHE C 347 18.10 -18.69 29.76
C PHE C 347 17.63 -20.08 29.40
N VAL C 348 17.63 -20.97 30.39
CA VAL C 348 17.34 -22.39 30.22
C VAL C 348 16.39 -22.83 31.32
N GLN C 349 15.44 -23.69 30.95
CA GLN C 349 14.47 -24.24 31.89
C GLN C 349 14.06 -25.62 31.40
N HIS C 350 13.16 -26.26 32.16
CA HIS C 350 12.64 -27.55 31.77
C HIS C 350 11.63 -27.41 30.65
N VAL C 351 11.49 -28.48 29.86
CA VAL C 351 10.47 -28.51 28.82
C VAL C 351 9.09 -28.67 29.44
N ALA C 352 8.97 -29.45 30.52
CA ALA C 352 7.70 -29.72 31.15
C ALA C 352 7.31 -28.60 32.11
N SER C 353 8.12 -28.38 33.15
CA SER C 353 7.78 -27.40 34.16
C SER C 353 8.02 -25.97 33.69
N GLY C 354 9.04 -25.75 32.87
CA GLY C 354 9.42 -24.39 32.52
C GLY C 354 9.97 -23.60 33.70
N LEU C 355 10.54 -24.28 34.68
CA LEU C 355 11.00 -23.67 35.92
C LEU C 355 12.45 -23.26 35.77
N TRP C 356 12.71 -21.96 35.86
CA TRP C 356 14.05 -21.44 35.64
C TRP C 356 15.00 -21.88 36.75
N LEU C 357 16.20 -22.29 36.36
CA LEU C 357 17.27 -22.64 37.30
C LEU C 357 18.10 -21.40 37.57
N THR C 358 18.42 -21.17 38.84
CA THR C 358 19.32 -20.09 39.21
C THR C 358 19.90 -20.39 40.59
N TYR C 359 21.06 -19.82 40.85
CA TYR C 359 21.61 -19.78 42.20
C TYR C 359 20.73 -18.93 43.11
N ALA C 360 20.95 -19.10 44.42
CA ALA C 360 20.30 -18.30 45.46
C ALA C 360 21.24 -17.80 46.54
N ALA C 361 22.39 -18.43 46.74
CA ALA C 361 23.30 -18.14 47.85
C ALA C 361 22.63 -18.18 49.23
N PRO C 362 22.12 -19.34 49.66
CA PRO C 362 21.58 -19.46 51.02
C PRO C 362 22.57 -19.93 52.06
N ASP C 363 23.86 -19.97 51.74
CA ASP C 363 24.82 -20.74 52.52
C ASP C 363 25.11 -20.07 53.86
N PRO C 364 25.64 -20.83 54.86
CA PRO C 364 26.07 -20.19 56.12
C PRO C 364 27.38 -19.44 55.96
N LYS C 365 27.93 -18.95 57.08
CA LYS C 365 29.21 -18.23 57.03
C LYS C 365 30.35 -19.12 56.57
N ALA C 366 30.30 -20.42 56.88
CA ALA C 366 31.45 -21.28 56.69
C ALA C 366 31.76 -21.48 55.21
N LEU C 367 30.74 -21.79 54.41
CA LEU C 367 30.93 -21.86 52.97
C LEU C 367 31.12 -20.47 52.38
N ARG C 368 30.50 -19.44 52.99
CA ARG C 368 30.60 -18.08 52.47
C ARG C 368 32.04 -17.57 52.50
N LEU C 369 32.74 -17.79 53.61
CA LEU C 369 34.15 -17.43 53.69
C LEU C 369 35.06 -18.38 52.94
N GLY C 370 34.64 -19.63 52.73
CA GLY C 370 35.44 -20.62 52.02
C GLY C 370 35.22 -20.61 50.52
N VAL C 371 34.81 -21.76 49.98
CA VAL C 371 34.65 -21.89 48.54
C VAL C 371 33.40 -21.14 48.08
N LEU C 372 33.43 -20.66 46.85
CA LEU C 372 32.34 -19.89 46.25
C LEU C 372 31.36 -20.77 45.48
N LYS C 373 31.20 -22.03 45.89
CA LYS C 373 30.25 -22.90 45.22
C LYS C 373 28.83 -22.43 45.49
N LYS C 374 28.04 -22.31 44.42
CA LYS C 374 26.65 -21.84 44.47
C LYS C 374 25.79 -22.96 43.87
N LYS C 375 25.12 -23.71 44.74
CA LYS C 375 24.22 -24.75 44.28
C LYS C 375 23.05 -24.10 43.55
N ALA C 376 22.94 -24.40 42.25
CA ALA C 376 21.95 -23.75 41.39
C ALA C 376 20.62 -24.50 41.43
N ILE C 377 20.04 -24.56 42.63
CA ILE C 377 18.74 -25.19 42.80
C ILE C 377 17.68 -24.29 42.16
N LEU C 378 16.79 -24.89 41.38
CA LEU C 378 15.81 -24.14 40.62
C LEU C 378 14.63 -23.75 41.50
N HIS C 379 14.02 -22.61 41.17
CA HIS C 379 12.89 -22.08 41.91
C HIS C 379 12.10 -21.17 40.98
N GLN C 380 10.95 -20.72 41.46
CA GLN C 380 10.07 -19.90 40.65
C GLN C 380 10.68 -18.53 40.42
N GLU C 381 10.72 -18.11 39.16
CA GLU C 381 11.18 -16.83 38.63
C GLU C 381 12.71 -16.69 38.60
N GLY C 382 13.47 -17.61 39.21
CA GLY C 382 14.92 -17.53 39.17
C GLY C 382 15.46 -16.25 39.79
N HIS C 383 16.32 -15.57 39.04
CA HIS C 383 16.77 -14.22 39.36
C HIS C 383 16.96 -13.46 38.07
N MET C 384 17.13 -12.15 38.19
CA MET C 384 17.26 -11.29 37.03
C MET C 384 18.55 -11.56 36.25
N ASP C 385 19.62 -11.93 36.95
CA ASP C 385 20.94 -12.12 36.34
C ASP C 385 21.21 -13.58 35.99
N ASP C 386 20.18 -14.32 35.59
CA ASP C 386 20.32 -15.71 35.16
C ASP C 386 20.76 -15.86 33.70
N ALA C 387 21.14 -14.78 33.03
CA ALA C 387 21.55 -14.88 31.64
C ALA C 387 22.85 -15.64 31.51
N LEU C 388 22.98 -16.40 30.43
CA LEU C 388 24.13 -17.24 30.16
C LEU C 388 24.50 -17.10 28.70
N PHE C 389 25.78 -17.33 28.40
CA PHE C 389 26.30 -17.34 27.05
C PHE C 389 27.29 -18.48 26.92
N LEU C 390 27.57 -18.83 25.66
CA LEU C 390 28.24 -20.08 25.31
C LEU C 390 29.62 -19.82 24.75
N THR C 391 30.56 -20.72 25.07
CA THR C 391 31.92 -20.68 24.56
C THR C 391 32.27 -22.09 24.10
N ARG C 392 32.62 -22.22 22.82
CA ARG C 392 32.96 -23.52 22.27
C ARG C 392 34.38 -23.91 22.66
N CYS C 393 34.58 -25.21 22.82
CA CYS C 393 35.86 -25.80 23.17
C CYS C 393 36.58 -26.28 21.93
N GLN C 394 37.90 -26.29 22.01
CA GLN C 394 38.74 -26.70 20.90
C GLN C 394 38.68 -28.22 20.75
N GLN C 395 39.29 -28.71 19.67
CA GLN C 395 39.16 -30.11 19.27
C GLN C 395 39.78 -31.06 20.28
N GLU C 396 40.92 -30.68 20.86
CA GLU C 396 41.72 -31.64 21.63
C GLU C 396 41.04 -32.03 22.93
N GLU C 397 40.44 -31.06 23.61
CA GLU C 397 39.97 -31.30 24.98
C GLU C 397 38.76 -32.22 24.99
N SER C 398 37.88 -32.11 23.99
CA SER C 398 36.72 -32.99 23.93
C SER C 398 37.14 -34.44 23.71
N GLN C 399 38.10 -34.63 22.80
CA GLN C 399 38.64 -35.95 22.54
C GLN C 399 39.29 -36.52 23.79
N ALA C 400 40.07 -35.70 24.48
CA ALA C 400 40.76 -36.12 25.68
C ALA C 400 39.78 -36.50 26.78
N ALA C 401 38.68 -35.73 26.90
CA ALA C 401 37.68 -36.04 27.90
C ALA C 401 36.99 -37.36 27.61
N ARG C 402 36.73 -37.65 26.33
CA ARG C 402 36.12 -38.92 26.00
C ARG C 402 37.07 -40.09 26.28
N MET C 403 38.37 -39.91 25.98
CA MET C 403 39.33 -40.94 26.33
C MET C 403 39.41 -41.14 27.83
N ILE C 404 39.28 -40.04 28.59
CA ILE C 404 39.29 -40.11 30.04
C ILE C 404 38.11 -40.93 30.53
N HIS C 405 36.94 -40.69 29.95
CA HIS C 405 35.74 -41.42 30.36
C HIS C 405 35.86 -42.91 30.05
N SER C 406 36.33 -43.23 28.85
CA SER C 406 36.42 -44.64 28.46
C SER C 406 37.48 -45.37 29.29
N THR C 407 38.64 -44.74 29.49
CA THR C 407 39.69 -45.37 30.27
C THR C 407 39.29 -45.51 31.73
N ALA C 408 38.57 -44.50 32.26
CA ALA C 408 38.09 -44.57 33.62
C ALA C 408 37.10 -45.71 33.79
N GLY C 409 36.19 -45.89 32.83
CA GLY C 409 35.26 -46.99 32.91
C GLY C 409 35.93 -48.34 32.84
N LEU C 410 36.88 -48.49 31.91
CA LEU C 410 37.58 -49.76 31.76
C LEU C 410 38.41 -50.09 33.01
N TYR C 411 39.13 -49.10 33.54
CA TYR C 411 39.97 -49.35 34.70
C TYR C 411 39.13 -49.53 35.96
N ASN C 412 37.96 -48.90 36.03
CA ASN C 412 37.08 -49.15 37.16
C ASN C 412 36.53 -50.56 37.10
N GLN C 413 36.21 -51.06 35.90
CA GLN C 413 35.82 -52.44 35.74
C GLN C 413 36.95 -53.38 36.14
N PHE C 414 38.18 -53.01 35.78
CA PHE C 414 39.35 -53.80 36.13
C PHE C 414 39.53 -53.86 37.64
N ILE C 415 39.41 -52.71 38.31
CA ILE C 415 39.58 -52.65 39.76
C ILE C 415 38.49 -53.45 40.45
N LYS C 416 37.25 -53.35 39.96
CA LYS C 416 36.15 -54.11 40.53
C LYS C 416 36.38 -55.61 40.35
N GLY C 417 36.90 -56.01 39.20
CA GLY C 417 37.20 -57.42 38.98
C GLY C 417 38.28 -57.93 39.91
N LEU C 418 39.37 -57.16 40.04
CA LEU C 418 40.47 -57.59 40.91
C LEU C 418 40.04 -57.64 42.37
N ASP C 419 39.22 -56.67 42.80
CA ASP C 419 38.69 -56.72 44.15
C ASP C 419 37.66 -57.82 44.35
N SER C 420 37.05 -58.32 43.26
CA SER C 420 36.04 -59.36 43.39
C SER C 420 36.64 -60.66 43.93
N PHE C 421 37.82 -61.03 43.44
CA PHE C 421 38.51 -62.27 43.81
C PHE C 421 39.77 -62.03 44.63
N SER C 422 39.89 -60.87 45.28
CA SER C 422 41.10 -60.56 46.03
C SER C 422 41.20 -61.45 47.27
N GLY C 423 40.25 -61.32 48.18
CA GLY C 423 40.21 -62.09 49.41
C GLY C 423 39.38 -63.36 49.25
N LYS C 424 39.86 -64.27 48.41
CA LYS C 424 39.14 -65.52 48.13
C LYS C 424 40.12 -66.59 47.68
N PRO C 425 40.46 -67.59 48.52
CA PRO C 425 41.14 -68.76 47.98
C PRO C 425 40.29 -69.47 46.95
N ARG C 426 40.98 -70.09 45.98
CA ARG C 426 40.31 -70.74 44.86
C ARG C 426 41.18 -71.91 44.39
N GLY C 427 40.52 -73.00 44.01
CA GLY C 427 41.19 -74.24 43.65
C GLY C 427 41.43 -74.40 42.16
N SER C 428 41.31 -75.63 41.66
CA SER C 428 41.50 -75.92 40.24
C SER C 428 40.18 -75.63 39.52
N GLY C 429 40.09 -74.45 38.92
CA GLY C 429 38.92 -74.06 38.17
C GLY C 429 38.92 -72.57 37.89
N PRO C 430 37.90 -72.09 37.18
CA PRO C 430 37.82 -70.65 36.91
C PRO C 430 37.46 -69.89 38.18
N PRO C 431 37.83 -68.60 38.29
CA PRO C 431 37.56 -67.88 39.54
C PRO C 431 36.11 -67.49 39.72
N ALA C 432 35.50 -66.95 38.66
CA ALA C 432 34.14 -66.43 38.72
C ALA C 432 33.64 -66.25 37.29
N GLY C 433 32.44 -65.72 37.16
CA GLY C 433 31.82 -65.51 35.87
C GLY C 433 32.55 -64.48 35.03
N PRO C 434 32.51 -63.20 35.44
CA PRO C 434 33.10 -62.14 34.60
C PRO C 434 34.62 -62.13 34.69
N ALA C 435 35.27 -62.60 33.65
CA ALA C 435 36.71 -62.51 33.55
C ALA C 435 37.12 -61.08 33.22
N LEU C 436 38.41 -60.79 33.42
CA LEU C 436 38.91 -59.45 33.22
C LEU C 436 39.05 -59.14 31.73
N PRO C 437 39.00 -57.85 31.33
CA PRO C 437 39.22 -57.50 29.91
C PRO C 437 40.71 -57.29 29.61
N ILE C 438 41.41 -58.40 29.44
CA ILE C 438 42.87 -58.37 29.36
C ILE C 438 43.32 -57.71 28.06
N GLU C 439 42.78 -58.17 26.92
CA GLU C 439 43.23 -57.68 25.62
C GLU C 439 42.86 -56.23 25.41
N ALA C 440 41.64 -55.86 25.82
CA ALA C 440 41.20 -54.48 25.69
C ALA C 440 42.05 -53.55 26.52
N VAL C 441 42.40 -53.98 27.73
CA VAL C 441 43.23 -53.16 28.61
C VAL C 441 44.63 -53.03 28.05
N ILE C 442 45.16 -54.10 27.43
CA ILE C 442 46.50 -54.04 26.86
C ILE C 442 46.54 -53.06 25.69
N LEU C 443 45.54 -53.16 24.81
CA LEU C 443 45.47 -52.23 23.68
C LEU C 443 45.28 -50.80 24.15
N SER C 444 44.51 -50.63 25.24
CA SER C 444 44.33 -49.31 25.81
C SER C 444 45.64 -48.74 26.32
N LEU C 445 46.40 -49.55 27.05
CA LEU C 445 47.67 -49.09 27.61
C LEU C 445 48.66 -48.72 26.50
N GLN C 446 48.71 -49.54 25.45
CA GLN C 446 49.59 -49.26 24.32
C GLN C 446 49.20 -47.96 23.62
N ASP C 447 47.90 -47.78 23.37
CA ASP C 447 47.47 -46.57 22.67
C ASP C 447 47.66 -45.33 23.53
N LEU C 448 47.45 -45.45 24.85
CA LEU C 448 47.63 -44.29 25.72
C LEU C 448 49.09 -43.88 25.82
N ILE C 449 50.02 -44.85 25.91
CA ILE C 449 51.43 -44.45 25.93
C ILE C 449 51.84 -43.89 24.58
N GLY C 450 51.28 -44.41 23.49
CA GLY C 450 51.54 -43.80 22.20
C GLY C 450 51.01 -42.39 22.09
N TYR C 451 49.91 -42.09 22.77
CA TYR C 451 49.27 -40.79 22.65
C TYR C 451 50.12 -39.69 23.28
N PHE C 452 50.64 -39.95 24.48
CA PHE C 452 51.39 -38.97 25.26
C PHE C 452 52.88 -38.93 24.87
N GLU C 453 53.27 -39.54 23.76
CA GLU C 453 54.67 -39.59 23.39
C GLU C 453 55.17 -38.19 23.04
N PRO C 454 56.37 -37.79 23.48
CA PRO C 454 56.79 -36.41 23.26
C PRO C 454 57.20 -36.21 21.81
N PRO C 455 57.30 -34.96 21.36
CA PRO C 455 57.64 -34.73 19.96
C PRO C 455 59.11 -34.97 19.69
N SER C 456 59.42 -35.13 18.41
CA SER C 456 60.80 -35.37 18.00
C SER C 456 61.62 -34.10 18.20
N GLU C 457 62.79 -34.26 18.82
CA GLU C 457 63.68 -33.13 19.03
C GLU C 457 64.28 -32.60 17.72
N GLU C 458 64.35 -33.42 16.68
CA GLU C 458 64.86 -32.96 15.39
C GLU C 458 63.96 -31.93 14.73
N LEU C 459 62.69 -31.85 15.11
CA LEU C 459 61.76 -30.95 14.47
C LEU C 459 62.13 -29.49 14.75
N GLN C 460 61.56 -28.60 13.95
CA GLN C 460 61.85 -27.18 14.06
C GLN C 460 61.35 -26.64 15.40
N HIS C 461 61.86 -25.45 15.75
CA HIS C 461 61.72 -24.94 17.10
C HIS C 461 60.27 -24.56 17.43
N GLU C 462 59.62 -23.81 16.54
CA GLU C 462 58.34 -23.21 16.87
C GLU C 462 57.24 -24.26 16.99
N GLU C 463 57.14 -25.14 16.00
CA GLU C 463 56.14 -26.20 16.07
C GLU C 463 56.44 -27.18 17.19
N LYS C 464 57.72 -27.38 17.50
CA LYS C 464 58.09 -28.20 18.65
C LYS C 464 57.57 -27.58 19.94
N GLN C 465 57.71 -26.25 20.06
CA GLN C 465 57.21 -25.56 21.24
C GLN C 465 55.69 -25.67 21.32
N SER C 466 55.01 -25.58 20.18
CA SER C 466 53.56 -25.68 20.16
C SER C 466 53.11 -27.07 20.58
N LYS C 467 53.77 -28.11 20.07
CA LYS C 467 53.45 -29.47 20.46
C LYS C 467 53.75 -29.70 21.94
N LEU C 468 54.82 -29.08 22.44
CA LEU C 468 55.14 -29.19 23.86
C LEU C 468 54.05 -28.57 24.71
N ARG C 469 53.54 -27.41 24.30
CA ARG C 469 52.47 -26.76 25.05
C ARG C 469 51.20 -27.59 25.00
N SER C 470 50.92 -28.19 23.85
CA SER C 470 49.75 -29.06 23.72
C SER C 470 49.87 -30.27 24.63
N LEU C 471 51.07 -30.85 24.69
CA LEU C 471 51.28 -32.01 25.55
C LEU C 471 51.15 -31.65 27.02
N ARG C 472 51.68 -30.48 27.40
CA ARG C 472 51.57 -30.03 28.78
C ARG C 472 50.12 -29.81 29.16
N ASN C 473 49.36 -29.22 28.24
CA ASN C 473 47.93 -29.03 28.46
C ASN C 473 47.20 -30.36 28.60
N ARG C 474 47.52 -31.32 27.74
CA ARG C 474 46.85 -32.62 27.79
C ARG C 474 47.16 -33.34 29.09
N GLN C 475 48.41 -33.24 29.55
CA GLN C 475 48.79 -33.83 30.83
C GLN C 475 48.03 -33.17 31.96
N SER C 476 47.86 -31.85 31.90
CA SER C 476 47.10 -31.16 32.94
C SER C 476 45.64 -31.57 32.94
N LEU C 477 45.04 -31.70 31.75
CA LEU C 477 43.64 -32.13 31.66
C LEU C 477 43.46 -33.54 32.19
N PHE C 478 44.40 -34.43 31.92
CA PHE C 478 44.30 -35.79 32.46
C PHE C 478 44.49 -35.80 33.96
N GLN C 479 45.47 -35.05 34.47
CA GLN C 479 45.81 -35.15 35.88
C GLN C 479 44.80 -34.46 36.77
N GLU C 480 44.14 -33.40 36.29
CA GLU C 480 43.20 -32.68 37.13
C GLU C 480 41.99 -33.53 37.46
N GLU C 481 41.45 -34.24 36.48
CA GLU C 481 40.30 -35.10 36.72
C GLU C 481 40.68 -36.37 37.44
N GLY C 482 41.95 -36.81 37.33
CA GLY C 482 42.46 -37.93 38.09
C GLY C 482 43.50 -38.71 37.32
N MET C 483 43.34 -40.04 37.28
CA MET C 483 44.07 -41.02 36.47
C MET C 483 45.47 -41.32 36.99
N LEU C 484 45.95 -40.63 38.02
CA LEU C 484 47.09 -41.07 38.81
C LEU C 484 46.64 -41.94 39.96
N SER C 485 45.50 -41.59 40.56
CA SER C 485 44.93 -42.42 41.62
C SER C 485 44.51 -43.78 41.08
N LEU C 486 43.92 -43.80 39.89
CA LEU C 486 43.49 -45.08 39.30
C LEU C 486 44.69 -45.94 38.97
N VAL C 487 45.73 -45.35 38.39
CA VAL C 487 46.93 -46.10 38.02
C VAL C 487 47.64 -46.59 39.27
N LEU C 488 47.73 -45.73 40.29
CA LEU C 488 48.36 -46.11 41.55
C LEU C 488 47.61 -47.25 42.21
N ASN C 489 46.28 -47.16 42.23
CA ASN C 489 45.47 -48.21 42.82
C ASN C 489 45.62 -49.51 42.04
N CYS C 490 45.68 -49.42 40.72
CA CYS C 490 45.79 -50.61 39.89
C CYS C 490 47.11 -51.32 40.10
N ILE C 491 48.21 -50.56 40.09
CA ILE C 491 49.52 -51.18 40.27
C ILE C 491 49.68 -51.71 41.69
N ASP C 492 49.13 -51.01 42.68
CA ASP C 492 49.20 -51.49 44.05
C ASP C 492 48.40 -52.77 44.22
N ARG C 493 47.24 -52.85 43.59
CA ARG C 493 46.44 -54.07 43.64
C ARG C 493 47.15 -55.21 42.94
N LEU C 494 47.81 -54.91 41.82
CA LEU C 494 48.51 -55.97 41.07
C LEU C 494 49.70 -56.49 41.84
N ASN C 495 50.45 -55.60 42.50
CA ASN C 495 51.71 -55.98 43.14
C ASN C 495 51.53 -56.69 44.48
N VAL C 496 50.31 -57.07 44.86
CA VAL C 496 50.15 -57.95 46.01
C VAL C 496 50.80 -59.30 45.76
N TYR C 497 50.76 -59.77 44.52
CA TYR C 497 51.45 -60.99 44.11
C TYR C 497 52.88 -60.66 43.74
N THR C 498 53.74 -61.68 43.76
CA THR C 498 55.18 -61.53 43.62
C THR C 498 55.78 -62.48 42.59
N THR C 499 55.15 -63.64 42.37
CA THR C 499 55.73 -64.63 41.46
C THR C 499 55.71 -64.14 40.02
N ALA C 500 54.59 -63.54 39.61
CA ALA C 500 54.22 -63.09 38.26
C ALA C 500 53.78 -64.24 37.35
N ALA C 501 53.94 -65.50 37.75
CA ALA C 501 53.47 -66.68 37.02
C ALA C 501 52.52 -67.53 37.84
N HIS C 502 52.95 -67.93 39.04
CA HIS C 502 52.26 -68.95 39.83
C HIS C 502 51.29 -68.34 40.83
N PHE C 503 51.78 -67.48 41.72
CA PHE C 503 50.97 -67.00 42.84
C PHE C 503 49.83 -66.11 42.38
N ALA C 504 49.92 -65.51 41.19
CA ALA C 504 48.78 -64.83 40.58
C ALA C 504 47.82 -65.89 40.04
N GLU C 505 47.05 -66.46 40.97
CA GLU C 505 46.12 -67.54 40.72
C GLU C 505 44.69 -67.08 40.50
N TYR C 506 44.21 -66.17 41.35
CA TYR C 506 42.80 -65.81 41.38
C TYR C 506 42.36 -65.10 40.11
N ALA C 507 43.29 -64.50 39.36
CA ALA C 507 42.92 -63.93 38.07
C ALA C 507 42.59 -65.03 37.06
N GLY C 508 43.37 -66.09 37.03
CA GLY C 508 43.23 -67.16 36.07
C GLY C 508 44.58 -67.57 35.52
N GLU C 509 44.68 -68.83 35.10
CA GLU C 509 45.91 -69.30 34.46
C GLU C 509 46.14 -68.61 33.12
N GLU C 510 45.06 -68.20 32.44
CA GLU C 510 45.19 -67.46 31.19
C GLU C 510 45.94 -66.14 31.38
N ALA C 511 45.79 -65.52 32.54
CA ALA C 511 46.45 -64.26 32.87
C ALA C 511 47.87 -64.44 33.37
N ALA C 512 48.47 -65.64 33.23
CA ALA C 512 49.83 -65.86 33.72
C ALA C 512 50.83 -65.02 32.92
N GLU C 513 50.70 -65.02 31.60
CA GLU C 513 51.66 -64.32 30.75
C GLU C 513 51.44 -62.81 30.77
N SER C 514 50.19 -62.37 30.91
CA SER C 514 49.87 -60.97 30.71
C SER C 514 50.30 -60.06 31.84
N TRP C 515 50.62 -60.61 33.02
CA TRP C 515 50.87 -59.79 34.20
C TRP C 515 52.11 -58.92 34.05
N LYS C 516 53.18 -59.50 33.50
CA LYS C 516 54.42 -58.76 33.29
C LYS C 516 54.22 -57.61 32.31
N GLU C 517 53.51 -57.89 31.22
CA GLU C 517 53.24 -56.84 30.23
C GLU C 517 52.38 -55.75 30.84
N ILE C 518 51.40 -56.13 31.67
CA ILE C 518 50.50 -55.15 32.26
C ILE C 518 51.27 -54.22 33.19
N VAL C 519 52.10 -54.79 34.06
CA VAL C 519 52.80 -53.95 35.03
C VAL C 519 53.84 -53.07 34.35
N ASN C 520 54.55 -53.62 33.35
CA ASN C 520 55.55 -52.83 32.64
C ASN C 520 54.90 -51.67 31.87
N LEU C 521 53.81 -51.96 31.17
CA LEU C 521 53.13 -50.91 30.41
C LEU C 521 52.50 -49.88 31.34
N LEU C 522 52.03 -50.30 32.50
CA LEU C 522 51.45 -49.35 33.45
C LEU C 522 52.50 -48.41 34.00
N SER C 523 53.69 -48.95 34.30
CA SER C 523 54.80 -48.11 34.74
C SER C 523 55.20 -47.12 33.66
N GLU C 524 55.25 -47.59 32.41
CA GLU C 524 55.61 -46.70 31.31
C GLU C 524 54.54 -45.63 31.09
N LEU C 525 53.27 -45.98 31.32
CA LEU C 525 52.19 -45.00 31.17
C LEU C 525 52.29 -43.93 32.24
N LEU C 526 52.62 -44.32 33.46
CA LEU C 526 52.83 -43.35 34.52
C LEU C 526 54.00 -42.45 34.20
N ALA C 527 55.05 -43.02 33.60
CA ALA C 527 56.18 -42.23 33.13
C ALA C 527 55.75 -41.24 32.05
N SER C 528 54.85 -41.66 31.18
CA SER C 528 54.40 -40.80 30.10
C SER C 528 53.62 -39.62 30.64
N LEU C 529 52.82 -39.84 31.69
CA LEU C 529 52.13 -38.71 32.31
C LEU C 529 53.11 -37.77 33.00
N ILE C 530 53.99 -38.32 33.83
CA ILE C 530 54.79 -37.48 34.70
C ILE C 530 55.87 -36.69 33.97
N ARG C 531 56.17 -37.03 32.71
CA ARG C 531 57.25 -36.36 31.99
C ARG C 531 56.91 -34.91 31.71
N GLY C 532 57.87 -34.03 31.96
CA GLY C 532 57.81 -32.66 31.51
C GLY C 532 57.10 -31.69 32.42
N ASN C 533 55.84 -31.97 32.72
CA ASN C 533 55.00 -30.98 33.39
C ASN C 533 55.41 -30.79 34.84
N ARG C 534 55.55 -29.54 35.24
CA ARG C 534 55.95 -29.23 36.61
C ARG C 534 54.82 -29.54 37.60
N ALA C 535 53.59 -29.25 37.21
CA ALA C 535 52.46 -29.41 38.13
C ALA C 535 52.22 -30.88 38.47
N ASN C 536 52.40 -31.76 37.49
CA ASN C 536 52.18 -33.18 37.70
C ASN C 536 53.14 -33.75 38.74
N CYS C 537 54.43 -33.48 38.58
CA CYS C 537 55.39 -33.99 39.54
C CYS C 537 55.29 -33.26 40.87
N ALA C 538 54.87 -32.00 40.85
CA ALA C 538 54.64 -31.26 42.09
C ALA C 538 53.53 -31.91 42.91
N LEU C 539 52.46 -32.33 42.23
CA LEU C 539 51.41 -33.08 42.92
C LEU C 539 51.90 -34.45 43.34
N PHE C 540 52.67 -35.12 42.49
CA PHE C 540 53.07 -36.49 42.71
C PHE C 540 54.21 -36.65 43.71
N SER C 541 54.83 -35.55 44.16
CA SER C 541 55.92 -35.63 45.12
C SER C 541 55.52 -36.24 46.47
N THR C 542 54.23 -36.26 46.80
CA THR C 542 53.78 -36.88 48.04
C THR C 542 54.07 -38.37 48.08
N ASN C 543 54.12 -39.05 46.93
CA ASN C 543 54.25 -40.50 46.84
C ASN C 543 55.72 -40.95 46.76
N LEU C 544 56.64 -40.17 47.33
CA LEU C 544 58.06 -40.54 47.30
C LEU C 544 58.30 -41.83 48.07
N ASP C 545 57.68 -41.97 49.24
CA ASP C 545 57.83 -43.19 50.02
C ASP C 545 57.23 -44.39 49.30
N TRP C 546 56.10 -44.17 48.62
CA TRP C 546 55.46 -45.26 47.89
C TRP C 546 56.32 -45.75 46.74
N VAL C 547 56.85 -44.82 45.93
CA VAL C 547 57.64 -45.24 44.77
C VAL C 547 58.97 -45.85 45.23
N VAL C 548 59.62 -45.26 46.24
CA VAL C 548 60.91 -45.79 46.65
C VAL C 548 60.74 -47.13 47.36
N SER C 549 59.59 -47.36 48.01
CA SER C 549 59.32 -48.69 48.55
C SER C 549 59.03 -49.68 47.44
N LYS C 550 58.43 -49.23 46.34
CA LYS C 550 58.10 -50.14 45.24
C LYS C 550 59.33 -50.65 44.50
N LEU C 551 60.51 -50.05 44.67
CA LEU C 551 61.71 -50.45 43.95
C LEU C 551 62.39 -51.65 44.63
N ASP C 552 61.66 -52.77 44.66
CA ASP C 552 62.16 -54.00 45.27
C ASP C 552 61.66 -55.24 44.51
N ARG C 553 61.50 -55.13 43.18
CA ARG C 553 61.00 -56.28 42.42
C ARG C 553 61.35 -56.11 40.95
N LEU C 554 61.56 -57.25 40.29
CA LEU C 554 61.83 -57.24 38.86
C LEU C 554 60.62 -56.77 38.06
N GLU C 555 59.41 -57.07 38.53
CA GLU C 555 58.21 -56.53 37.89
C GLU C 555 58.13 -55.03 38.08
N ALA C 556 58.63 -54.54 39.21
CA ALA C 556 58.84 -53.10 39.43
C ALA C 556 60.18 -52.72 38.78
N SER C 557 60.17 -52.72 37.46
CA SER C 557 61.38 -52.59 36.66
C SER C 557 61.80 -51.12 36.60
N SER C 558 62.71 -50.80 35.68
CA SER C 558 63.30 -49.48 35.56
C SER C 558 62.33 -48.41 35.07
N GLY C 559 61.09 -48.74 34.70
CA GLY C 559 60.12 -47.71 34.39
C GLY C 559 59.85 -46.80 35.56
N ILE C 560 59.61 -47.38 36.74
CA ILE C 560 59.43 -46.56 37.94
C ILE C 560 60.73 -45.87 38.34
N LEU C 561 61.87 -46.48 38.01
CA LEU C 561 63.16 -45.86 38.30
C LEU C 561 63.32 -44.56 37.54
N GLU C 562 63.07 -44.60 36.23
CA GLU C 562 63.16 -43.37 35.45
C GLU C 562 61.98 -42.43 35.71
N VAL C 563 60.87 -42.93 36.26
CA VAL C 563 59.83 -42.03 36.78
C VAL C 563 60.40 -41.21 37.93
N LEU C 564 61.10 -41.88 38.84
CA LEU C 564 61.74 -41.17 39.96
C LEU C 564 62.80 -40.21 39.45
N TYR C 565 63.51 -40.59 38.38
CA TYR C 565 64.50 -39.72 37.79
C TYR C 565 63.87 -38.44 37.27
N CYS C 566 62.74 -38.58 36.57
CA CYS C 566 62.03 -37.40 36.08
C CYS C 566 61.49 -36.56 37.22
N VAL C 567 61.01 -37.20 38.28
CA VAL C 567 60.45 -36.49 39.42
C VAL C 567 61.53 -35.64 40.09
N LEU C 568 62.71 -36.22 40.26
CA LEU C 568 63.80 -35.47 40.88
C LEU C 568 64.31 -34.38 39.95
N ILE C 569 64.24 -34.59 38.63
CA ILE C 569 64.67 -33.54 37.71
C ILE C 569 63.71 -32.36 37.78
N GLU C 570 62.41 -32.63 37.71
CA GLU C 570 61.43 -31.58 37.46
C GLU C 570 60.91 -30.92 38.73
N SER C 571 60.80 -31.67 39.82
CA SER C 571 60.28 -31.20 41.11
C SER C 571 61.40 -31.16 42.13
N PRO C 572 62.31 -30.18 42.07
CA PRO C 572 63.43 -30.17 43.02
C PRO C 572 63.04 -29.90 44.46
N GLU C 573 61.84 -29.40 44.72
CA GLU C 573 61.43 -29.08 46.09
C GLU C 573 61.32 -30.32 46.97
N VAL C 574 61.08 -31.49 46.38
CA VAL C 574 61.00 -32.72 47.15
C VAL C 574 62.35 -33.20 47.68
N LEU C 575 63.46 -32.61 47.21
CA LEU C 575 64.78 -33.12 47.55
C LEU C 575 65.10 -32.98 49.04
N ASN C 576 64.48 -32.02 49.72
CA ASN C 576 64.71 -31.89 51.15
C ASN C 576 64.08 -33.04 51.94
N ILE C 577 62.98 -33.60 51.44
CA ILE C 577 62.26 -34.65 52.17
C ILE C 577 63.07 -35.94 52.29
N ILE C 578 64.05 -36.16 51.42
CA ILE C 578 64.73 -37.44 51.34
C ILE C 578 65.53 -37.73 52.61
N GLN C 579 65.51 -38.99 53.04
CA GLN C 579 66.16 -39.47 54.25
C GLN C 579 67.18 -40.54 53.88
N GLU C 580 67.79 -41.11 54.92
CA GLU C 580 68.91 -42.04 54.72
C GLU C 580 68.42 -43.39 54.19
N ASN C 581 67.26 -43.85 54.67
CA ASN C 581 66.77 -45.16 54.28
C ASN C 581 66.44 -45.22 52.79
N HIS C 582 66.03 -44.10 52.20
CA HIS C 582 65.79 -44.08 50.77
C HIS C 582 67.09 -44.24 49.99
N ILE C 583 68.17 -43.62 50.47
CA ILE C 583 69.47 -43.77 49.83
C ILE C 583 69.95 -45.21 49.96
N LYS C 584 69.71 -45.82 51.12
CA LYS C 584 70.08 -47.22 51.30
C LYS C 584 69.28 -48.12 50.37
N SER C 585 68.01 -47.81 50.14
CA SER C 585 67.20 -48.57 49.22
C SER C 585 67.72 -48.44 47.79
N ILE C 586 68.14 -47.23 47.41
CA ILE C 586 68.66 -47.01 46.07
C ILE C 586 69.97 -47.77 45.87
N ILE C 587 70.84 -47.74 46.87
CA ILE C 587 72.10 -48.46 46.77
C ILE C 587 71.85 -49.96 46.75
N SER C 588 70.84 -50.42 47.49
CA SER C 588 70.46 -51.83 47.45
C SER C 588 69.96 -52.22 46.06
N LEU C 589 69.26 -51.31 45.39
CA LEU C 589 68.84 -51.56 44.02
C LEU C 589 70.04 -51.67 43.10
N LEU C 590 71.04 -50.80 43.30
CA LEU C 590 72.23 -50.85 42.45
C LEU C 590 72.97 -52.16 42.66
N ASP C 591 73.05 -52.63 43.90
CA ASP C 591 73.74 -53.89 44.17
C ASP C 591 72.94 -55.08 43.64
N LYS C 592 71.62 -55.01 43.74
CA LYS C 592 70.77 -56.16 43.42
C LYS C 592 70.55 -56.35 41.93
N HIS C 593 70.54 -55.26 41.16
CA HIS C 593 70.27 -55.29 39.73
C HIS C 593 71.49 -54.96 38.88
N GLY C 594 72.69 -55.07 39.44
CA GLY C 594 73.89 -54.89 38.66
C GLY C 594 74.15 -53.44 38.33
N ARG C 595 75.26 -53.23 37.61
CA ARG C 595 75.67 -51.89 37.23
C ARG C 595 74.71 -51.29 36.23
N ASN C 596 74.40 -50.01 36.41
CA ASN C 596 73.45 -49.31 35.56
C ASN C 596 73.73 -47.82 35.66
N HIS C 597 74.00 -47.18 34.52
CA HIS C 597 74.25 -45.74 34.50
C HIS C 597 73.02 -44.92 34.87
N LYS C 598 71.82 -45.47 34.70
CA LYS C 598 70.61 -44.73 35.01
C LYS C 598 70.52 -44.41 36.49
N VAL C 599 70.91 -45.36 37.34
CA VAL C 599 70.93 -45.11 38.77
C VAL C 599 71.97 -44.04 39.12
N LEU C 600 73.09 -44.04 38.39
CA LEU C 600 74.10 -43.02 38.62
C LEU C 600 73.57 -41.64 38.29
N ASP C 601 72.84 -41.52 37.19
CA ASP C 601 72.21 -40.24 36.87
C ASP C 601 71.15 -39.87 37.89
N VAL C 602 70.44 -40.87 38.44
CA VAL C 602 69.44 -40.62 39.47
C VAL C 602 70.10 -40.02 40.70
N LEU C 603 71.21 -40.62 41.13
CA LEU C 603 71.90 -40.13 42.31
C LEU C 603 72.51 -38.75 42.06
N CYS C 604 73.01 -38.52 40.85
CA CYS C 604 73.58 -37.23 40.51
C CYS C 604 72.52 -36.14 40.53
N SER C 605 71.34 -36.44 40.00
CA SER C 605 70.25 -35.47 40.06
C SER C 605 69.78 -35.27 41.50
N LEU C 606 69.79 -36.35 42.28
CA LEU C 606 69.40 -36.27 43.68
C LEU C 606 70.38 -35.44 44.49
N CYS C 607 71.64 -35.35 44.05
CA CYS C 607 72.67 -34.71 44.87
C CYS C 607 72.43 -33.21 44.99
N VAL C 608 72.21 -32.54 43.87
CA VAL C 608 72.24 -31.08 43.77
C VAL C 608 70.86 -30.58 43.38
N CYS C 609 70.41 -29.53 44.05
CA CYS C 609 69.10 -28.93 43.80
C CYS C 609 69.23 -27.93 42.67
N ASN C 610 68.19 -27.13 42.44
CA ASN C 610 68.21 -26.17 41.35
C ASN C 610 69.17 -25.02 41.67
N GLY C 611 70.41 -25.15 41.23
CA GLY C 611 71.42 -24.16 41.52
C GLY C 611 71.79 -24.04 42.99
N VAL C 612 71.48 -25.04 43.81
CA VAL C 612 71.72 -25.03 45.24
C VAL C 612 72.20 -26.41 45.65
N ALA C 613 73.20 -26.44 46.52
CA ALA C 613 73.72 -27.68 47.06
C ALA C 613 72.88 -28.14 48.25
N VAL C 614 73.09 -29.40 48.63
CA VAL C 614 72.46 -30.00 49.79
C VAL C 614 73.52 -30.84 50.50
N ARG C 615 74.05 -30.32 51.60
CA ARG C 615 75.13 -31.00 52.29
C ARG C 615 74.67 -32.30 52.95
N SER C 616 73.38 -32.39 53.32
CA SER C 616 72.90 -33.54 54.08
C SER C 616 72.95 -34.81 53.23
N ASN C 617 72.22 -34.83 52.12
CA ASN C 617 72.23 -36.00 51.25
C ASN C 617 73.61 -36.24 50.64
N GLN C 618 74.39 -35.19 50.44
CA GLN C 618 75.77 -35.34 49.98
C GLN C 618 76.59 -36.16 50.97
N ASP C 619 76.54 -35.78 52.25
CA ASP C 619 77.29 -36.53 53.25
C ASP C 619 76.75 -37.94 53.41
N LEU C 620 75.42 -38.11 53.30
CA LEU C 620 74.83 -39.42 53.47
C LEU C 620 75.26 -40.38 52.36
N ILE C 621 75.16 -39.94 51.11
CA ILE C 621 75.54 -40.81 50.00
C ILE C 621 77.04 -41.04 49.99
N THR C 622 77.83 -40.04 50.38
CA THR C 622 79.27 -40.21 50.46
C THR C 622 79.65 -41.23 51.52
N GLU C 623 78.96 -41.22 52.65
CA GLU C 623 79.23 -42.20 53.68
C GLU C 623 78.82 -43.58 53.24
N ASN C 624 77.65 -43.71 52.62
CA ASN C 624 77.12 -45.04 52.35
C ASN C 624 77.85 -45.73 51.21
N LEU C 625 78.15 -44.99 50.13
CA LEU C 625 78.57 -45.64 48.89
C LEU C 625 80.08 -45.85 48.82
N LEU C 626 80.85 -44.77 48.97
CA LEU C 626 82.27 -44.82 48.61
C LEU C 626 83.11 -45.71 49.51
N PRO C 627 83.16 -45.52 50.84
CA PRO C 627 84.24 -46.15 51.62
C PRO C 627 84.14 -47.66 51.74
N GLY C 628 83.01 -48.27 51.39
CA GLY C 628 82.96 -49.71 51.33
C GLY C 628 83.89 -50.28 50.29
N ARG C 629 83.87 -49.68 49.08
CA ARG C 629 84.74 -49.98 47.94
C ARG C 629 84.47 -51.31 47.27
N GLU C 630 83.53 -52.12 47.74
CA GLU C 630 83.24 -53.41 47.14
C GLU C 630 82.35 -53.33 45.91
N LEU C 631 81.86 -52.13 45.54
CA LEU C 631 80.77 -51.97 44.60
C LEU C 631 81.19 -51.24 43.33
N LEU C 632 81.73 -50.04 43.45
CA LEU C 632 82.20 -49.28 42.31
C LEU C 632 83.59 -49.75 41.91
N LEU C 633 84.03 -49.30 40.75
CA LEU C 633 85.36 -49.59 40.26
C LEU C 633 86.39 -48.75 41.00
N GLN C 634 87.64 -49.18 40.90
CA GLN C 634 88.79 -48.55 41.54
C GLN C 634 89.90 -48.36 40.53
N THR C 635 90.78 -47.40 40.84
CA THR C 635 91.91 -47.05 40.00
C THR C 635 93.15 -46.88 40.85
N ASN C 636 94.30 -47.20 40.27
CA ASN C 636 95.59 -46.99 40.91
C ASN C 636 96.67 -47.17 39.87
N LEU C 637 97.78 -46.47 40.07
CA LEU C 637 98.97 -46.72 39.29
C LEU C 637 99.57 -48.07 39.67
N ILE C 638 100.30 -48.67 38.74
CA ILE C 638 100.87 -49.99 38.95
C ILE C 638 102.07 -50.13 38.03
N ASN C 639 103.09 -50.82 38.53
CA ASN C 639 104.33 -51.08 37.81
C ASN C 639 104.25 -52.42 37.10
N TYR C 640 105.18 -52.62 36.17
CA TYR C 640 105.33 -53.91 35.54
C TYR C 640 105.72 -54.98 36.55
N VAL C 641 105.35 -56.21 36.24
CA VAL C 641 105.99 -57.40 36.80
C VAL C 641 106.30 -58.31 35.62
N THR C 642 107.57 -58.69 35.49
CA THR C 642 108.06 -59.46 34.38
C THR C 642 109.05 -60.49 34.89
N SER C 643 109.23 -61.55 34.11
CA SER C 643 110.06 -62.68 34.51
C SER C 643 110.69 -63.31 33.30
N ILE C 644 111.80 -64.02 33.55
CA ILE C 644 112.55 -64.76 32.54
C ILE C 644 112.91 -66.11 33.14
N ARG C 645 113.31 -67.03 32.27
CA ARG C 645 113.61 -68.42 32.61
C ARG C 645 114.94 -68.84 31.98
N PRO C 646 115.74 -69.67 32.66
CA PRO C 646 116.60 -70.58 31.93
C PRO C 646 115.79 -71.66 31.25
N ASN C 647 116.35 -72.21 30.17
CA ASN C 647 115.69 -73.28 29.40
C ASN C 647 116.11 -74.66 29.93
N ILE C 648 115.87 -74.84 31.23
CA ILE C 648 116.31 -76.00 31.99
C ILE C 648 115.10 -76.81 32.41
N PHE C 649 114.71 -77.75 31.57
CA PHE C 649 113.51 -78.56 31.78
C PHE C 649 113.85 -79.83 32.53
N VAL C 650 113.00 -80.16 33.51
CA VAL C 650 113.08 -81.39 34.28
C VAL C 650 111.67 -81.95 34.43
N GLY C 651 111.53 -83.05 35.16
CA GLY C 651 110.21 -83.61 35.44
C GLY C 651 110.24 -85.07 35.84
N ARG C 652 109.23 -85.48 36.62
CA ARG C 652 109.13 -86.86 37.08
C ARG C 652 108.45 -87.70 36.00
N ALA C 653 109.25 -88.35 35.18
CA ALA C 653 108.78 -89.31 34.19
C ALA C 653 108.51 -90.64 34.88
N GLU C 654 108.37 -91.71 34.09
CA GLU C 654 108.16 -93.07 34.60
C GLU C 654 109.47 -93.79 34.96
N GLY C 655 110.56 -93.06 35.23
CA GLY C 655 111.82 -93.62 35.64
C GLY C 655 113.03 -92.88 35.12
N SER C 656 112.89 -92.21 33.98
CA SER C 656 113.95 -91.39 33.39
C SER C 656 113.81 -89.93 33.81
N THR C 657 113.67 -89.72 35.12
CA THR C 657 113.51 -88.39 35.70
C THR C 657 114.84 -87.72 36.02
N GLN C 658 115.98 -88.35 35.73
CA GLN C 658 117.31 -87.82 36.05
C GLN C 658 117.47 -87.53 37.54
N TYR C 659 116.92 -88.43 38.37
CA TYR C 659 117.05 -88.49 39.85
C TYR C 659 116.71 -87.18 40.58
N GLY C 660 115.92 -86.28 39.95
CA GLY C 660 115.32 -85.10 40.57
C GLY C 660 116.11 -84.27 41.56
N LYS C 661 117.23 -83.68 41.15
CA LYS C 661 118.12 -82.99 42.08
C LYS C 661 118.90 -81.93 41.33
N TRP C 662 118.53 -80.67 41.54
CA TRP C 662 119.25 -79.52 41.02
C TRP C 662 119.25 -78.44 42.09
N TYR C 663 120.11 -77.44 41.90
CA TYR C 663 120.37 -76.39 42.88
C TYR C 663 120.39 -75.03 42.20
N PHE C 664 119.82 -74.04 42.87
CA PHE C 664 119.70 -72.68 42.38
C PHE C 664 120.88 -71.84 42.90
N GLU C 665 121.04 -70.67 42.30
CA GLU C 665 121.96 -69.66 42.82
C GLU C 665 121.66 -68.33 42.13
N VAL C 666 121.58 -67.27 42.94
CA VAL C 666 121.25 -65.93 42.46
C VAL C 666 122.17 -64.93 43.13
N MET C 667 122.38 -63.81 42.45
CA MET C 667 123.15 -62.68 42.96
C MET C 667 122.46 -61.39 42.54
N VAL C 668 122.44 -60.42 43.46
CA VAL C 668 121.88 -59.11 43.22
C VAL C 668 122.88 -58.07 43.74
N ASP C 669 123.02 -56.98 43.00
CA ASP C 669 124.02 -55.93 43.24
C ASP C 669 123.35 -54.56 43.18
N GLU C 670 122.25 -54.43 43.90
CA GLU C 670 121.42 -53.23 43.83
C GLU C 670 120.49 -53.26 45.05
N VAL C 671 119.80 -52.13 45.26
CA VAL C 671 118.69 -52.06 46.22
C VAL C 671 117.44 -51.60 45.50
N VAL C 672 117.43 -50.33 45.08
CA VAL C 672 116.35 -49.61 44.41
C VAL C 672 114.99 -49.94 45.04
N PRO C 673 114.77 -49.58 46.31
CA PRO C 673 113.52 -50.00 46.96
C PRO C 673 112.29 -49.32 46.41
N PHE C 674 112.42 -48.07 45.96
CA PHE C 674 111.32 -47.29 45.40
C PHE C 674 111.88 -46.57 44.18
N LEU C 675 111.64 -47.13 43.00
CA LEU C 675 112.15 -46.51 41.78
C LEU C 675 111.45 -45.19 41.51
N THR C 676 110.14 -45.24 41.27
CA THR C 676 109.29 -44.06 41.13
C THR C 676 108.22 -43.98 42.20
N ALA C 677 107.31 -44.97 42.24
CA ALA C 677 106.10 -44.90 43.07
C ALA C 677 105.98 -46.05 44.05
N GLN C 678 105.92 -47.29 43.58
CA GLN C 678 105.34 -48.37 44.38
C GLN C 678 106.38 -49.18 45.14
N ALA C 679 107.23 -49.92 44.41
CA ALA C 679 108.12 -50.91 45.02
C ALA C 679 109.02 -51.50 43.94
N THR C 680 109.81 -52.50 44.31
CA THR C 680 110.47 -53.40 43.38
C THR C 680 110.04 -54.83 43.70
N HIS C 681 109.93 -55.66 42.66
CA HIS C 681 109.23 -56.94 42.72
C HIS C 681 110.14 -58.13 42.40
N LEU C 682 111.31 -58.19 43.03
CA LEU C 682 112.22 -59.31 42.82
C LEU C 682 111.72 -60.53 43.56
N ARG C 683 111.50 -61.62 42.83
CA ARG C 683 111.18 -62.92 43.39
C ARG C 683 111.88 -63.98 42.56
N VAL C 684 112.08 -65.15 43.17
CA VAL C 684 112.75 -66.28 42.55
C VAL C 684 111.97 -67.54 42.92
N GLY C 685 111.85 -68.47 41.98
CA GLY C 685 111.00 -69.62 42.22
C GLY C 685 111.06 -70.62 41.09
N TRP C 686 110.13 -71.57 41.17
CA TRP C 686 109.95 -72.65 40.20
C TRP C 686 108.87 -72.28 39.19
N ALA C 687 108.74 -73.13 38.16
CA ALA C 687 107.85 -72.83 37.03
C ALA C 687 107.51 -74.12 36.30
N LEU C 688 106.23 -74.52 36.32
CA LEU C 688 105.83 -75.85 35.86
C LEU C 688 105.21 -75.88 34.45
N THR C 689 105.34 -74.80 33.67
CA THR C 689 105.10 -74.74 32.23
C THR C 689 103.61 -74.72 31.83
N GLU C 690 102.67 -74.99 32.75
CA GLU C 690 101.25 -75.15 32.43
C GLU C 690 100.43 -73.93 32.79
N GLY C 691 100.55 -73.44 34.02
CA GLY C 691 99.74 -72.32 34.45
C GLY C 691 100.18 -70.96 33.95
N TYR C 692 101.30 -70.86 33.24
CA TYR C 692 101.97 -69.61 32.95
C TYR C 692 101.74 -69.14 31.51
N SER C 693 101.07 -67.99 31.40
CA SER C 693 101.23 -67.08 30.28
C SER C 693 101.26 -65.66 30.86
N PRO C 694 102.36 -65.28 31.54
CA PRO C 694 102.34 -63.99 32.24
C PRO C 694 102.41 -62.81 31.28
N TYR C 695 101.26 -62.48 30.69
CA TYR C 695 101.20 -61.38 29.76
C TYR C 695 101.39 -60.07 30.52
N PRO C 696 101.99 -59.04 29.89
CA PRO C 696 102.19 -57.77 30.59
C PRO C 696 100.91 -56.94 30.55
N GLY C 697 100.27 -56.78 31.71
CA GLY C 697 99.02 -56.06 31.80
C GLY C 697 98.16 -56.50 32.95
N GLY C 698 96.95 -56.94 32.64
CA GLY C 698 96.01 -57.38 33.64
C GLY C 698 96.45 -58.68 34.27
N GLY C 699 95.58 -59.19 35.13
CA GLY C 699 95.93 -60.38 35.89
C GLY C 699 94.71 -61.01 36.53
N GLU C 700 94.98 -62.11 37.23
CA GLU C 700 94.00 -62.81 38.04
C GLU C 700 94.00 -62.34 39.49
N GLY C 701 94.26 -61.06 39.72
CA GLY C 701 94.25 -60.54 41.06
C GLY C 701 94.17 -59.03 41.10
N TRP C 702 94.94 -58.43 42.00
CA TRP C 702 95.10 -56.99 42.11
C TRP C 702 96.47 -56.62 41.56
N GLY C 703 96.48 -55.69 40.61
CA GLY C 703 97.74 -55.32 40.01
C GLY C 703 98.26 -56.41 39.08
N GLY C 704 99.58 -56.51 39.01
CA GLY C 704 100.24 -57.38 38.06
C GLY C 704 100.25 -58.84 38.47
N ASN C 705 100.77 -59.67 37.57
CA ASN C 705 100.89 -61.11 37.78
C ASN C 705 102.12 -61.39 38.63
N GLY C 706 101.92 -61.55 39.93
CA GLY C 706 103.02 -61.90 40.80
C GLY C 706 103.49 -63.32 40.55
N VAL C 707 104.81 -63.50 40.56
CA VAL C 707 105.38 -64.83 40.45
C VAL C 707 105.14 -65.50 41.80
N GLY C 708 104.08 -66.31 41.87
CA GLY C 708 103.48 -66.74 43.11
C GLY C 708 101.98 -66.49 43.16
N ASP C 709 101.49 -65.58 42.31
CA ASP C 709 100.08 -65.23 42.31
C ASP C 709 99.21 -66.40 41.88
N ASP C 710 99.60 -67.08 40.81
CA ASP C 710 98.86 -68.26 40.38
C ASP C 710 99.13 -69.42 41.33
N LEU C 711 98.21 -70.38 41.33
CA LEU C 711 98.44 -71.59 42.12
C LEU C 711 99.62 -72.38 41.57
N TYR C 712 99.82 -72.37 40.26
CA TYR C 712 100.96 -73.05 39.63
C TYR C 712 102.20 -72.16 39.66
N SER C 713 102.61 -71.79 40.87
CA SER C 713 103.72 -70.85 41.06
C SER C 713 104.23 -70.97 42.48
N TYR C 714 105.52 -71.24 42.62
CA TYR C 714 106.18 -71.44 43.91
C TYR C 714 107.46 -70.61 43.91
N GLY C 715 107.48 -69.54 44.71
CA GLY C 715 108.60 -68.63 44.76
C GLY C 715 108.76 -67.95 46.11
N PHE C 716 109.57 -66.89 46.17
CA PHE C 716 109.93 -66.28 47.44
C PHE C 716 110.53 -64.90 47.19
N ASP C 717 110.19 -63.95 48.06
CA ASP C 717 110.53 -62.54 47.87
C ASP C 717 111.83 -62.15 48.54
N GLY C 718 112.10 -62.69 49.74
CA GLY C 718 113.23 -62.31 50.56
C GLY C 718 112.85 -62.21 52.02
N LEU C 719 111.62 -61.77 52.28
CA LEU C 719 111.03 -61.72 53.61
C LEU C 719 109.77 -62.55 53.74
N HIS C 720 109.08 -62.84 52.64
CA HIS C 720 107.91 -63.70 52.65
C HIS C 720 107.77 -64.31 51.26
N LEU C 721 106.79 -65.20 51.12
CA LEU C 721 106.53 -65.93 49.89
C LEU C 721 105.05 -65.85 49.55
N TRP C 722 104.77 -65.99 48.25
CA TRP C 722 103.42 -66.05 47.72
C TRP C 722 103.29 -67.31 46.89
N THR C 723 102.25 -68.09 47.17
CA THR C 723 101.84 -69.21 46.33
C THR C 723 100.32 -69.16 46.29
N GLY C 724 99.77 -68.86 45.11
CA GLY C 724 98.36 -68.60 45.00
C GLY C 724 97.92 -67.23 45.46
N HIS C 725 98.82 -66.25 45.44
CA HIS C 725 98.50 -64.86 45.79
C HIS C 725 98.03 -64.74 47.24
N VAL C 726 98.84 -65.28 48.15
CA VAL C 726 98.56 -65.26 49.58
C VAL C 726 99.84 -64.88 50.31
N ALA C 727 99.73 -63.92 51.23
CA ALA C 727 100.86 -63.57 52.08
C ALA C 727 101.12 -64.68 53.08
N ARG C 728 102.39 -65.05 53.23
CA ARG C 728 102.80 -66.16 54.10
C ARG C 728 104.21 -65.89 54.58
N PRO C 729 104.38 -64.99 55.55
CA PRO C 729 105.72 -64.73 56.06
C PRO C 729 106.27 -65.91 56.84
N VAL C 730 107.60 -65.96 56.90
CA VAL C 730 108.35 -67.06 57.51
C VAL C 730 109.38 -66.45 58.45
N THR C 731 109.46 -67.00 59.66
CA THR C 731 110.43 -66.55 60.64
C THR C 731 111.80 -67.13 60.31
N SER C 732 112.82 -66.28 60.31
CA SER C 732 114.19 -66.70 60.06
C SER C 732 115.12 -65.63 60.63
N PRO C 733 116.39 -65.97 60.89
CA PRO C 733 117.35 -64.91 61.20
C PRO C 733 117.64 -64.06 59.97
N GLY C 734 118.03 -62.81 60.22
CA GLY C 734 118.39 -61.89 59.16
C GLY C 734 117.24 -61.58 58.23
N GLN C 735 116.08 -61.29 58.81
CA GLN C 735 114.90 -61.00 58.01
C GLN C 735 115.05 -59.64 57.32
N HIS C 736 114.86 -59.64 56.01
CA HIS C 736 114.89 -58.42 55.20
C HIS C 736 114.44 -58.80 53.80
N LEU C 737 114.27 -57.79 52.96
CA LEU C 737 114.05 -58.02 51.53
C LEU C 737 115.36 -58.45 50.89
N LEU C 738 115.34 -58.57 49.57
CA LEU C 738 116.53 -58.95 48.83
C LEU C 738 117.53 -57.80 48.83
N ALA C 739 118.42 -57.80 49.81
CA ALA C 739 119.43 -56.77 49.93
C ALA C 739 120.54 -56.99 48.90
N PRO C 740 121.36 -55.97 48.60
CA PRO C 740 122.52 -56.22 47.72
C PRO C 740 123.52 -57.16 48.38
N GLU C 741 124.20 -57.93 47.53
CA GLU C 741 125.22 -58.91 47.93
C GLU C 741 124.63 -59.95 48.89
N ASP C 742 123.70 -60.73 48.33
CA ASP C 742 123.06 -61.83 49.03
C ASP C 742 122.97 -63.02 48.09
N VAL C 743 122.88 -64.21 48.70
CA VAL C 743 122.75 -65.48 48.00
C VAL C 743 121.48 -66.16 48.46
N VAL C 744 120.70 -66.66 47.50
CA VAL C 744 119.47 -67.41 47.75
C VAL C 744 119.49 -68.58 46.80
N SER C 745 118.91 -69.70 47.24
CA SER C 745 118.90 -70.91 46.44
C SER C 745 117.74 -71.80 46.88
N CYS C 746 117.68 -73.00 46.30
CA CYS C 746 116.57 -73.91 46.50
C CYS C 746 117.06 -75.32 46.23
N CYS C 747 116.20 -76.29 46.55
CA CYS C 747 116.44 -77.68 46.18
C CYS C 747 115.10 -78.37 46.03
N LEU C 748 115.04 -79.31 45.08
CA LEU C 748 113.82 -80.01 44.70
C LEU C 748 114.08 -81.51 44.68
N ASP C 749 113.06 -82.28 45.05
CA ASP C 749 113.04 -83.73 44.95
C ASP C 749 111.78 -84.15 44.20
N LEU C 750 111.97 -84.90 43.12
CA LEU C 750 110.84 -85.41 42.35
C LEU C 750 110.19 -86.65 42.95
N SER C 751 110.91 -87.37 43.82
CA SER C 751 110.35 -88.55 44.45
C SER C 751 109.18 -88.18 45.36
N VAL C 752 109.47 -87.42 46.40
CA VAL C 752 108.48 -86.82 47.30
C VAL C 752 108.42 -85.33 46.98
N PRO C 753 107.23 -84.70 46.85
CA PRO C 753 107.24 -83.26 46.57
C PRO C 753 107.76 -82.46 47.75
N SER C 754 108.92 -81.84 47.59
CA SER C 754 109.60 -81.14 48.67
C SER C 754 110.42 -80.01 48.05
N ILE C 755 109.89 -78.79 48.14
CA ILE C 755 110.55 -77.57 47.67
C ILE C 755 111.02 -76.84 48.92
N SER C 756 112.34 -76.78 49.10
CA SER C 756 112.98 -76.16 50.25
C SER C 756 113.95 -75.10 49.77
N PHE C 757 113.94 -73.96 50.46
CA PHE C 757 114.72 -72.79 50.10
C PHE C 757 115.79 -72.53 51.15
N ARG C 758 116.76 -71.71 50.78
CA ARG C 758 117.81 -71.31 51.70
C ARG C 758 118.40 -69.99 51.23
N ILE C 759 119.04 -69.29 52.16
CA ILE C 759 119.58 -67.95 51.97
C ILE C 759 121.02 -67.95 52.46
N ASN C 760 121.64 -66.77 52.44
CA ASN C 760 122.98 -66.61 52.97
C ASN C 760 123.02 -66.91 54.45
N GLY C 761 124.03 -67.65 54.86
CA GLY C 761 124.26 -67.94 56.26
C GLY C 761 123.56 -69.17 56.82
N CYS C 762 122.26 -69.30 56.54
CA CYS C 762 121.44 -70.34 57.13
C CYS C 762 120.21 -70.54 56.26
N PRO C 763 119.48 -71.66 56.43
CA PRO C 763 118.28 -71.88 55.62
C PRO C 763 117.04 -71.25 56.25
N VAL C 764 116.06 -71.03 55.39
CA VAL C 764 114.79 -70.46 55.80
C VAL C 764 113.90 -71.56 56.35
N GLN C 765 112.99 -71.18 57.26
CA GLN C 765 112.13 -72.13 57.96
C GLN C 765 110.78 -72.22 57.26
N GLY C 766 110.81 -72.82 56.08
CA GLY C 766 109.60 -73.01 55.30
C GLY C 766 109.85 -73.76 54.02
N VAL C 767 108.96 -74.70 53.69
CA VAL C 767 109.03 -75.53 52.49
C VAL C 767 107.63 -75.65 51.91
N PHE C 768 107.54 -76.34 50.78
CA PHE C 768 106.29 -76.70 50.13
C PHE C 768 106.26 -78.21 49.91
N GLU C 769 105.06 -78.75 49.79
CA GLU C 769 104.89 -80.17 49.59
C GLU C 769 103.45 -80.45 49.17
N ALA C 770 103.22 -81.68 48.72
CA ALA C 770 101.89 -82.18 48.37
C ALA C 770 101.25 -81.37 47.25
N PHE C 771 101.87 -81.44 46.07
CA PHE C 771 101.38 -80.80 44.87
C PHE C 771 101.52 -81.74 43.69
N ASN C 772 100.64 -81.57 42.71
CA ASN C 772 100.74 -82.31 41.46
C ASN C 772 102.00 -81.90 40.71
N LEU C 773 102.59 -82.87 40.03
CA LEU C 773 103.83 -82.69 39.27
C LEU C 773 103.72 -83.40 37.92
N ASP C 774 102.54 -83.33 37.30
CA ASP C 774 102.29 -83.96 36.01
C ASP C 774 102.84 -83.16 34.82
N GLY C 775 103.55 -82.05 35.06
CA GLY C 775 104.24 -81.31 34.03
C GLY C 775 105.71 -81.14 34.38
N LEU C 776 106.42 -80.33 33.60
CA LEU C 776 107.84 -80.13 33.79
C LEU C 776 108.07 -79.15 34.95
N PHE C 777 109.32 -78.73 35.14
CA PHE C 777 109.67 -77.64 36.04
C PHE C 777 110.88 -76.92 35.46
N PHE C 778 111.06 -75.66 35.84
CA PHE C 778 112.30 -74.95 35.51
C PHE C 778 112.45 -73.73 36.41
N PRO C 779 113.66 -73.18 36.56
CA PRO C 779 113.83 -71.97 37.38
C PRO C 779 113.30 -70.73 36.71
N VAL C 780 112.90 -69.77 37.54
CA VAL C 780 112.49 -68.43 37.11
C VAL C 780 112.94 -67.38 38.10
N VAL C 781 112.97 -66.13 37.63
CA VAL C 781 113.28 -64.95 38.41
C VAL C 781 112.37 -63.83 37.96
N SER C 782 111.73 -63.15 38.92
CA SER C 782 110.85 -62.02 38.66
C SER C 782 111.62 -60.72 38.82
N PHE C 783 111.09 -59.67 38.20
CA PHE C 783 111.73 -58.37 38.24
C PHE C 783 110.78 -57.33 37.67
N SER C 784 110.69 -56.18 38.34
CA SER C 784 109.86 -55.07 37.92
C SER C 784 110.66 -54.08 37.09
N ALA C 785 111.66 -53.44 37.69
CA ALA C 785 112.51 -52.45 37.05
C ALA C 785 113.58 -52.03 38.03
N GLY C 786 114.61 -51.38 37.51
CA GLY C 786 115.68 -50.85 38.36
C GLY C 786 116.45 -51.90 39.10
N VAL C 787 116.76 -53.02 38.44
CA VAL C 787 117.55 -54.11 39.01
C VAL C 787 118.54 -54.57 37.94
N LYS C 788 119.74 -54.95 38.38
CA LYS C 788 120.84 -55.39 37.53
C LYS C 788 121.41 -56.71 38.03
N VAL C 789 120.52 -57.65 38.34
CA VAL C 789 120.89 -58.91 38.95
C VAL C 789 121.60 -59.80 37.94
N ARG C 790 122.16 -60.90 38.41
CA ARG C 790 122.78 -61.92 37.56
C ARG C 790 122.46 -63.29 38.14
N PHE C 791 122.04 -64.21 37.27
CA PHE C 791 121.57 -65.54 37.67
C PHE C 791 122.70 -66.54 37.46
N LEU C 792 123.61 -66.59 38.44
CA LEU C 792 124.71 -67.55 38.39
C LEU C 792 124.15 -68.95 38.51
N LEU C 793 124.27 -69.74 37.45
CA LEU C 793 123.63 -71.04 37.40
C LEU C 793 124.42 -72.09 38.17
N GLY C 794 125.63 -72.38 37.71
CA GLY C 794 126.42 -73.50 38.20
C GLY C 794 127.25 -74.22 37.16
N GLY C 795 127.10 -73.88 35.88
CA GLY C 795 127.76 -74.57 34.79
C GLY C 795 129.28 -74.54 34.86
N ARG C 796 129.87 -73.35 34.75
CA ARG C 796 131.30 -73.13 34.93
C ARG C 796 131.61 -71.97 35.87
N HIS C 797 130.81 -70.89 35.82
CA HIS C 797 131.04 -69.68 36.60
C HIS C 797 130.12 -69.54 37.81
N GLY C 798 129.19 -70.47 38.03
CA GLY C 798 128.30 -70.40 39.16
C GLY C 798 128.91 -70.95 40.43
N GLU C 799 129.85 -70.20 41.02
CA GLU C 799 130.51 -70.64 42.24
C GLU C 799 129.53 -70.58 43.40
N PHE C 800 129.05 -71.73 43.85
CA PHE C 800 128.07 -71.83 44.93
C PHE C 800 128.75 -71.48 46.24
N LYS C 801 128.61 -70.23 46.66
CA LYS C 801 129.17 -69.81 47.95
C LYS C 801 128.48 -70.54 49.10
N PHE C 802 127.14 -70.53 49.10
CA PHE C 802 126.35 -71.37 49.99
C PHE C 802 126.26 -72.75 49.35
N LEU C 803 126.87 -73.74 49.99
CA LEU C 803 127.15 -75.00 49.31
C LEU C 803 125.85 -75.80 49.09
N PRO C 804 125.79 -76.65 48.05
CA PRO C 804 124.62 -77.52 47.90
C PRO C 804 124.68 -78.68 48.87
N PRO C 805 123.58 -79.42 49.06
CA PRO C 805 123.68 -80.76 49.64
C PRO C 805 124.23 -81.72 48.62
N PRO C 806 124.52 -82.97 49.00
CA PRO C 806 124.92 -83.96 48.00
C PRO C 806 123.79 -84.30 47.05
N GLY C 807 124.16 -84.63 45.81
CA GLY C 807 123.23 -85.09 44.80
C GLY C 807 122.68 -84.01 43.90
N TYR C 808 122.67 -82.76 44.35
CA TYR C 808 122.19 -81.62 43.56
C TYR C 808 123.38 -81.03 42.81
N ALA C 809 123.35 -81.13 41.48
CA ALA C 809 124.44 -80.77 40.59
C ALA C 809 123.93 -79.89 39.45
N PRO C 810 124.81 -79.06 38.83
CA PRO C 810 124.36 -78.12 37.77
C PRO C 810 124.39 -78.68 36.35
N CYS C 811 123.34 -79.40 35.99
CA CYS C 811 123.09 -79.83 34.60
C CYS C 811 124.18 -80.79 34.11
N HIS C 812 124.24 -81.96 34.74
CA HIS C 812 125.37 -82.87 34.52
C HIS C 812 125.24 -83.66 33.23
N GLU C 813 124.22 -84.51 33.12
CA GLU C 813 124.26 -85.58 32.13
C GLU C 813 123.99 -85.08 30.72
N ALA C 814 122.76 -84.62 30.47
CA ALA C 814 122.34 -84.09 29.17
C ALA C 814 121.43 -82.88 29.27
N VAL C 815 121.23 -82.30 30.47
CA VAL C 815 120.57 -81.01 30.57
C VAL C 815 121.43 -79.99 29.85
N LEU C 816 120.77 -78.99 29.25
CA LEU C 816 121.19 -78.24 28.08
C LEU C 816 121.28 -79.22 26.91
N PRO C 817 120.15 -79.80 26.46
CA PRO C 817 120.23 -80.81 25.41
C PRO C 817 120.57 -80.21 24.05
N ARG C 818 121.84 -80.39 23.63
CA ARG C 818 122.34 -80.05 22.30
C ARG C 818 122.45 -78.54 22.00
N GLU C 819 121.96 -77.67 22.89
CA GLU C 819 121.74 -76.26 22.62
C GLU C 819 122.43 -75.43 23.69
N ARG C 820 123.05 -74.35 23.25
CA ARG C 820 123.70 -73.44 24.17
C ARG C 820 122.67 -72.78 25.08
N LEU C 821 123.05 -72.58 26.33
CA LEU C 821 122.14 -71.96 27.29
C LEU C 821 121.86 -70.52 26.90
N ARG C 822 120.62 -70.10 27.12
CA ARG C 822 120.22 -68.73 26.83
C ARG C 822 118.93 -68.45 27.57
N LEU C 823 118.92 -67.39 28.36
CA LEU C 823 117.70 -66.96 29.02
C LEU C 823 116.72 -66.45 27.97
N GLU C 824 115.42 -66.68 28.24
CA GLU C 824 114.32 -66.38 27.35
C GLU C 824 113.20 -65.71 28.13
N PRO C 825 112.38 -64.85 27.51
CA PRO C 825 111.12 -64.47 28.16
C PRO C 825 110.13 -65.63 28.14
N ILE C 826 109.27 -65.65 29.15
CA ILE C 826 108.32 -66.74 29.34
C ILE C 826 107.14 -66.48 28.41
N LYS C 827 107.04 -67.26 27.34
CA LYS C 827 105.91 -67.23 26.41
C LYS C 827 105.78 -65.87 25.74
N GLU C 828 106.87 -65.49 25.07
CA GLU C 828 106.91 -64.19 24.40
C GLU C 828 105.94 -64.14 23.24
N TYR C 829 105.42 -62.93 22.99
CA TYR C 829 104.56 -62.65 21.85
C TYR C 829 104.90 -61.32 21.17
N ARG C 830 106.04 -60.71 21.49
CA ARG C 830 106.50 -59.50 20.83
C ARG C 830 107.98 -59.35 21.13
N ARG C 831 108.80 -59.18 20.10
CA ARG C 831 110.24 -58.97 20.23
C ARG C 831 110.69 -57.94 19.24
N GLU C 832 111.60 -57.07 19.67
CA GLU C 832 112.14 -56.04 18.80
C GLU C 832 113.16 -56.65 17.84
N GLY C 833 113.01 -56.33 16.56
CA GLY C 833 114.00 -56.63 15.56
C GLY C 833 114.84 -55.40 15.29
N PRO C 834 115.84 -55.52 14.41
CA PRO C 834 116.64 -54.33 14.07
C PRO C 834 115.85 -53.35 13.23
N ARG C 835 115.18 -53.86 12.21
CA ARG C 835 114.36 -53.03 11.34
C ARG C 835 113.02 -52.68 11.98
N GLY C 836 112.45 -53.60 12.76
CA GLY C 836 111.21 -53.32 13.44
C GLY C 836 110.77 -54.44 14.37
N PRO C 837 109.66 -54.23 15.09
CA PRO C 837 109.15 -55.30 15.95
C PRO C 837 108.64 -56.48 15.14
N HIS C 838 108.65 -57.65 15.78
CA HIS C 838 108.22 -58.90 15.18
C HIS C 838 107.22 -59.59 16.10
N LEU C 839 106.04 -59.85 15.59
CA LEU C 839 105.07 -60.66 16.31
C LEU C 839 105.50 -62.11 16.30
N VAL C 840 105.19 -62.80 17.40
CA VAL C 840 105.65 -64.16 17.67
C VAL C 840 104.44 -65.02 18.00
N GLY C 841 104.37 -66.19 17.37
CA GLY C 841 103.32 -67.14 17.65
C GLY C 841 103.58 -67.92 18.91
N PRO C 842 102.64 -68.79 19.26
CA PRO C 842 102.79 -69.58 20.49
C PRO C 842 103.92 -70.60 20.36
N SER C 843 104.48 -70.95 21.52
CA SER C 843 105.56 -71.93 21.62
C SER C 843 104.96 -73.29 21.97
N ARG C 844 105.42 -74.32 21.28
CA ARG C 844 104.96 -75.67 21.57
C ARG C 844 105.47 -76.13 22.93
N CYS C 845 104.82 -77.16 23.46
CA CYS C 845 105.29 -77.80 24.66
C CYS C 845 106.56 -78.58 24.34
N LEU C 846 107.67 -78.22 24.98
CA LEU C 846 108.96 -78.85 24.71
C LEU C 846 109.04 -80.17 25.49
N SER C 847 108.24 -81.13 25.02
CA SER C 847 108.14 -82.47 25.63
C SER C 847 107.69 -82.35 27.08
N HIS C 848 106.43 -81.92 27.22
CA HIS C 848 105.86 -81.60 28.53
C HIS C 848 105.83 -82.83 29.44
N THR C 849 105.61 -84.01 28.87
CA THR C 849 105.77 -85.28 29.57
C THR C 849 106.45 -86.23 28.59
N ASP C 850 106.49 -87.52 28.95
CA ASP C 850 107.01 -88.58 28.09
C ASP C 850 108.50 -88.38 27.80
N PHE C 851 109.25 -87.98 28.83
CA PHE C 851 110.70 -88.12 28.75
C PHE C 851 111.08 -89.59 28.62
N VAL C 852 110.38 -90.46 29.34
CA VAL C 852 110.55 -91.90 29.14
C VAL C 852 110.09 -92.24 27.72
N PRO C 853 110.90 -92.92 26.89
CA PRO C 853 110.55 -93.02 25.48
C PRO C 853 109.57 -94.16 25.23
N CYS C 854 109.26 -94.43 23.95
CA CYS C 854 108.28 -95.43 23.54
C CYS C 854 108.96 -96.40 22.58
N PRO C 855 109.78 -97.31 23.08
CA PRO C 855 110.35 -98.35 22.19
C PRO C 855 109.28 -99.30 21.70
N VAL C 856 109.58 -99.94 20.57
CA VAL C 856 108.67 -100.90 19.97
C VAL C 856 108.51 -102.10 20.89
N ASP C 857 107.29 -102.65 20.94
CA ASP C 857 106.96 -103.80 21.78
C ASP C 857 106.08 -104.77 21.00
N ILE C 861 106.63 -112.74 18.68
CA ILE C 861 107.50 -113.63 19.42
C ILE C 861 107.40 -115.01 18.78
N VAL C 862 108.22 -115.23 17.75
CA VAL C 862 108.22 -116.46 16.96
C VAL C 862 109.65 -116.73 16.51
N LEU C 863 109.86 -117.89 15.87
CA LEU C 863 111.17 -118.27 15.33
C LEU C 863 110.96 -119.25 14.18
N PRO C 864 110.58 -118.76 12.99
CA PRO C 864 110.48 -119.67 11.83
C PRO C 864 111.85 -120.12 11.36
N PRO C 865 111.93 -121.12 10.45
CA PRO C 865 113.25 -121.58 10.01
C PRO C 865 113.95 -120.65 9.04
N HIS C 866 113.19 -120.04 8.11
CA HIS C 866 113.80 -119.13 7.15
C HIS C 866 114.36 -117.90 7.86
N LEU C 867 113.65 -117.41 8.86
CA LEU C 867 114.18 -116.33 9.68
C LEU C 867 115.38 -116.81 10.51
N GLU C 868 115.39 -118.09 10.91
CA GLU C 868 116.52 -118.61 11.66
C GLU C 868 117.80 -118.61 10.82
N ARG C 869 117.72 -119.10 9.58
CA ARG C 869 118.93 -119.14 8.75
C ARG C 869 119.36 -117.73 8.35
N ILE C 870 118.41 -116.84 8.02
CA ILE C 870 118.82 -115.51 7.58
C ILE C 870 119.37 -114.70 8.75
N ARG C 871 118.87 -114.93 9.99
CA ARG C 871 119.45 -114.23 11.13
C ARG C 871 120.79 -114.83 11.52
N GLU C 872 121.02 -116.12 11.26
CA GLU C 872 122.37 -116.66 11.41
C GLU C 872 123.34 -115.99 10.44
N LYS C 873 122.90 -115.82 9.18
CA LYS C 873 123.71 -115.11 8.21
C LYS C 873 123.96 -113.66 8.64
N LEU C 874 122.94 -113.01 9.19
CA LEU C 874 123.09 -111.65 9.68
C LEU C 874 124.03 -111.60 10.89
N ALA C 875 123.99 -112.62 11.74
CA ALA C 875 124.91 -112.70 12.88
C ALA C 875 126.35 -112.78 12.39
N GLU C 876 126.58 -113.60 11.37
CA GLU C 876 127.92 -113.67 10.77
C GLU C 876 128.33 -112.34 10.15
N ASN C 877 127.40 -111.67 9.48
CA ASN C 877 127.70 -110.39 8.82
C ASN C 877 128.05 -109.32 9.85
N ILE C 878 127.25 -109.19 10.91
CA ILE C 878 127.55 -108.17 11.91
C ILE C 878 128.81 -108.51 12.68
N HIS C 879 129.12 -109.80 12.90
CA HIS C 879 130.35 -110.14 13.58
C HIS C 879 131.58 -109.83 12.74
N GLU C 880 131.56 -110.16 11.44
CA GLU C 880 132.72 -109.85 10.62
C GLU C 880 132.85 -108.35 10.41
N LEU C 881 131.73 -107.62 10.33
CA LEU C 881 131.82 -106.16 10.28
C LEU C 881 132.34 -105.58 11.60
N TRP C 882 131.99 -106.20 12.73
CA TRP C 882 132.50 -105.76 14.02
C TRP C 882 134.01 -105.95 14.10
N ALA C 883 134.50 -107.10 13.62
CA ALA C 883 135.93 -107.34 13.57
C ALA C 883 136.62 -106.37 12.63
N LEU C 884 135.95 -106.03 11.51
CA LEU C 884 136.48 -105.03 10.59
C LEU C 884 136.61 -103.67 11.27
N THR C 885 135.59 -103.27 12.03
CA THR C 885 135.65 -101.99 12.73
C THR C 885 136.73 -102.01 13.81
N ARG C 886 136.91 -103.16 14.46
CA ARG C 886 137.92 -103.27 15.50
C ARG C 886 139.33 -103.11 14.91
N ILE C 887 139.62 -103.85 13.83
CA ILE C 887 140.96 -103.76 13.25
C ILE C 887 141.17 -102.43 12.54
N GLU C 888 140.11 -101.81 12.03
CA GLU C 888 140.24 -100.46 11.48
C GLU C 888 140.56 -99.46 12.58
N GLN C 889 139.95 -99.63 13.75
CA GLN C 889 140.34 -98.80 14.89
C GLN C 889 141.77 -99.08 15.31
N GLY C 890 142.20 -100.35 15.21
CA GLY C 890 143.54 -100.79 15.55
C GLY C 890 143.54 -101.75 16.74
N TRP C 891 142.47 -102.52 16.90
CA TRP C 891 142.29 -103.43 18.02
C TRP C 891 142.68 -104.83 17.58
N THR C 892 143.82 -105.31 18.05
CA THR C 892 144.25 -106.67 17.80
C THR C 892 143.50 -107.63 18.71
N TYR C 893 143.66 -108.92 18.45
CA TYR C 893 143.02 -109.97 19.23
C TYR C 893 143.92 -110.41 20.37
N GLY C 894 143.33 -110.56 21.55
CA GLY C 894 144.01 -111.12 22.70
C GLY C 894 143.04 -111.68 23.71
N PRO C 895 143.54 -112.50 24.66
CA PRO C 895 142.62 -113.16 25.59
C PRO C 895 142.02 -112.22 26.61
N VAL C 896 142.86 -111.35 27.18
CA VAL C 896 142.44 -110.36 28.16
C VAL C 896 142.09 -109.06 27.45
N ARG C 897 141.31 -108.22 28.12
CA ARG C 897 140.92 -106.91 27.60
C ARG C 897 141.94 -105.87 28.08
N ASP C 898 142.61 -105.23 27.13
CA ASP C 898 143.60 -104.19 27.39
C ASP C 898 143.33 -103.01 26.48
N ASP C 899 143.71 -101.82 26.96
CA ASP C 899 143.50 -100.55 26.26
C ASP C 899 144.74 -100.06 25.53
N ASN C 900 145.91 -100.15 26.16
CA ASN C 900 147.14 -99.74 25.48
C ASN C 900 147.46 -100.69 24.33
N LYS C 901 147.46 -102.00 24.60
CA LYS C 901 147.65 -102.99 23.56
C LYS C 901 146.40 -103.20 22.71
N ARG C 902 145.22 -102.81 23.20
CA ARG C 902 143.97 -102.84 22.43
C ARG C 902 143.58 -104.28 22.08
N LEU C 903 143.58 -105.13 23.10
CA LEU C 903 143.17 -106.51 22.99
C LEU C 903 141.68 -106.66 23.28
N HIS C 904 141.09 -107.75 22.78
CA HIS C 904 139.69 -108.07 23.05
C HIS C 904 139.47 -109.53 22.68
N PRO C 905 138.76 -110.33 23.47
CA PRO C 905 138.62 -111.76 23.13
C PRO C 905 137.50 -112.11 22.17
N CYS C 906 136.70 -111.14 21.72
CA CYS C 906 135.64 -111.40 20.76
C CYS C 906 136.14 -111.55 19.32
N LEU C 907 137.44 -111.39 19.07
CA LEU C 907 137.97 -111.23 17.71
C LEU C 907 138.36 -112.59 17.13
N VAL C 908 137.35 -113.47 17.06
CA VAL C 908 137.47 -114.80 16.48
C VAL C 908 136.14 -115.14 15.79
N ASN C 909 136.22 -115.90 14.70
CA ASN C 909 135.01 -116.35 14.03
C ASN C 909 134.24 -117.34 14.92
N PHE C 910 132.98 -117.58 14.55
CA PHE C 910 132.07 -118.41 15.34
C PHE C 910 132.55 -119.85 15.50
N HIS C 911 133.39 -120.34 14.59
CA HIS C 911 133.88 -121.72 14.71
C HIS C 911 134.81 -121.91 15.90
N SER C 912 135.40 -120.82 16.44
CA SER C 912 136.17 -120.89 17.67
C SER C 912 135.96 -119.65 18.56
N LEU C 913 134.88 -118.90 18.37
CA LEU C 913 134.59 -117.79 19.28
C LEU C 913 134.18 -118.35 20.64
N PRO C 914 134.37 -117.61 21.74
CA PRO C 914 133.79 -118.05 23.01
C PRO C 914 132.26 -118.11 22.96
N GLU C 915 131.71 -119.06 23.70
CA GLU C 915 130.26 -119.28 23.68
C GLU C 915 129.43 -118.09 24.17
N PRO C 916 129.78 -117.38 25.26
CA PRO C 916 129.00 -116.17 25.62
C PRO C 916 128.97 -115.12 24.52
N GLU C 917 130.07 -114.94 23.80
CA GLU C 917 130.08 -114.00 22.69
C GLU C 917 129.16 -114.47 21.56
N ARG C 918 129.14 -115.79 21.30
CA ARG C 918 128.24 -116.34 20.29
C ARG C 918 126.78 -116.12 20.68
N ASN C 919 126.45 -116.38 21.95
CA ASN C 919 125.08 -116.20 22.42
C ASN C 919 124.68 -114.73 22.36
N TYR C 920 125.58 -113.83 22.75
CA TYR C 920 125.31 -112.39 22.69
C TYR C 920 125.08 -111.93 21.25
N ASN C 921 125.93 -112.41 20.33
CA ASN C 921 125.83 -112.05 18.92
C ASN C 921 124.49 -112.50 18.32
N LEU C 922 124.17 -113.79 18.51
CA LEU C 922 122.90 -114.31 18.00
C LEU C 922 121.71 -113.66 18.68
N GLN C 923 121.85 -113.26 19.95
CA GLN C 923 120.75 -112.66 20.67
C GLN C 923 120.36 -111.31 20.07
N MET C 924 121.32 -110.37 19.95
CA MET C 924 120.87 -109.07 19.42
C MET C 924 120.66 -109.14 17.91
N SER C 925 121.24 -110.12 17.20
CA SER C 925 120.87 -110.31 15.79
C SER C 925 119.40 -110.71 15.66
N GLY C 926 118.97 -111.67 16.47
CA GLY C 926 117.57 -112.07 16.46
C GLY C 926 116.64 -110.96 16.91
N GLU C 927 117.08 -110.17 17.89
CA GLU C 927 116.26 -109.05 18.34
C GLU C 927 116.15 -107.97 17.26
N THR C 928 117.24 -107.74 16.50
CA THR C 928 117.19 -106.80 15.40
C THR C 928 116.22 -107.27 14.33
N LEU C 929 116.24 -108.56 14.02
CA LEU C 929 115.30 -109.08 13.02
C LEU C 929 113.86 -109.02 13.54
N LYS C 930 113.66 -109.27 14.84
CA LYS C 930 112.32 -109.18 15.41
C LYS C 930 111.80 -107.75 15.35
N THR C 931 112.66 -106.78 15.63
CA THR C 931 112.27 -105.38 15.48
C THR C 931 111.99 -105.04 14.02
N LEU C 932 112.73 -105.66 13.10
CA LEU C 932 112.52 -105.41 11.68
C LEU C 932 111.13 -105.86 11.23
N LEU C 933 110.57 -106.89 11.86
CA LEU C 933 109.22 -107.40 11.60
C LEU C 933 108.43 -107.51 12.90
N ALA C 934 108.56 -106.51 13.78
CA ALA C 934 107.75 -106.48 14.98
C ALA C 934 106.28 -106.27 14.64
N LEU C 935 106.00 -105.32 13.74
CA LEU C 935 104.65 -105.04 13.27
C LEU C 935 104.30 -106.03 12.17
N GLY C 936 103.20 -105.79 11.46
CA GLY C 936 102.76 -106.65 10.38
C GLY C 936 103.52 -106.46 9.09
N CYS C 937 104.83 -106.71 9.12
CA CYS C 937 105.68 -106.60 7.93
C CYS C 937 105.69 -107.91 7.16
N HIS C 938 105.61 -107.81 5.84
CA HIS C 938 105.52 -108.97 4.98
C HIS C 938 106.89 -109.52 4.63
N VAL C 939 106.97 -110.84 4.52
CA VAL C 939 108.19 -111.53 4.11
C VAL C 939 107.79 -112.95 3.73
N GLY C 940 108.53 -113.57 2.83
CA GLY C 940 108.18 -114.91 2.39
C GLY C 940 109.27 -115.57 1.60
N MET C 941 108.87 -116.54 0.79
CA MET C 941 109.81 -117.32 0.01
C MET C 941 110.45 -116.46 -1.07
N ALA C 942 111.77 -116.61 -1.25
CA ALA C 942 112.48 -116.00 -2.36
C ALA C 942 113.57 -116.91 -2.95
N ASP C 943 113.45 -118.23 -2.77
CA ASP C 943 114.35 -119.23 -3.34
C ASP C 943 115.79 -119.17 -2.79
N GLU C 944 116.03 -118.42 -1.71
CA GLU C 944 117.34 -118.30 -1.08
C GLU C 944 118.37 -117.73 -2.07
N LYS C 945 118.15 -116.46 -2.44
CA LYS C 945 119.02 -115.79 -3.40
C LYS C 945 120.40 -115.44 -2.84
N ALA C 946 120.64 -115.61 -1.53
CA ALA C 946 121.95 -115.32 -0.97
C ALA C 946 123.03 -116.23 -1.56
N GLU C 947 122.74 -117.53 -1.67
CA GLU C 947 123.66 -118.44 -2.36
C GLU C 947 123.65 -118.19 -3.87
N ASP C 948 122.55 -117.68 -4.44
CA ASP C 948 122.45 -117.48 -5.87
C ASP C 948 123.41 -116.41 -6.37
N ASN C 949 123.55 -115.31 -5.62
CA ASN C 949 124.24 -114.11 -6.07
C ASN C 949 125.37 -113.74 -5.10
N LEU C 950 126.20 -114.74 -4.76
CA LEU C 950 127.27 -114.53 -3.79
C LEU C 950 128.33 -113.58 -4.33
N LYS C 951 128.70 -112.61 -3.50
CA LYS C 951 129.80 -111.69 -3.77
C LYS C 951 130.56 -111.48 -2.46
N LYS C 952 131.86 -111.18 -2.58
CA LYS C 952 132.74 -110.98 -1.44
C LYS C 952 133.64 -109.79 -1.67
N THR C 953 133.92 -109.07 -0.59
CA THR C 953 134.76 -107.87 -0.64
C THR C 953 136.23 -108.28 -0.79
N LYS C 954 137.02 -107.38 -1.38
CA LYS C 954 138.45 -107.60 -1.53
C LYS C 954 139.12 -107.68 -0.17
N LEU C 955 140.24 -108.42 -0.11
CA LEU C 955 140.99 -108.69 1.11
C LEU C 955 142.47 -108.42 0.90
N PRO C 956 142.90 -107.15 0.94
CA PRO C 956 144.34 -106.87 1.05
C PRO C 956 144.87 -107.16 2.45
N LYS C 957 146.13 -106.82 2.70
CA LYS C 957 146.71 -107.00 4.02
C LYS C 957 146.18 -106.01 5.06
N THR C 958 145.45 -104.98 4.64
CA THR C 958 144.86 -104.04 5.60
C THR C 958 143.86 -104.72 6.52
N TYR C 959 143.14 -105.72 6.01
CA TYR C 959 142.22 -106.51 6.82
C TYR C 959 142.89 -107.63 7.60
N MET C 960 144.21 -107.78 7.53
CA MET C 960 144.89 -108.89 8.19
C MET C 960 144.78 -108.76 9.70
N MET C 961 144.38 -109.86 10.35
CA MET C 961 144.02 -109.90 11.75
C MET C 961 145.12 -110.62 12.50
N SER C 962 145.20 -110.37 13.81
CA SER C 962 146.23 -110.98 14.64
C SER C 962 146.10 -112.49 14.67
N ASN C 963 144.88 -113.00 14.85
CA ASN C 963 144.69 -114.46 14.84
C ASN C 963 144.88 -115.03 13.44
N GLY C 964 144.43 -114.30 12.41
CA GLY C 964 144.42 -114.74 11.03
C GLY C 964 143.06 -114.74 10.38
N TYR C 965 141.97 -114.78 11.17
CA TYR C 965 140.61 -114.81 10.64
C TYR C 965 140.21 -113.37 10.30
N LYS C 966 140.72 -112.89 9.17
CA LYS C 966 140.37 -111.56 8.71
C LYS C 966 138.88 -111.52 8.33
N PRO C 967 138.23 -110.35 8.44
CA PRO C 967 136.81 -110.31 8.06
C PRO C 967 136.63 -110.46 6.55
N ALA C 968 135.47 -111.02 6.18
CA ALA C 968 135.10 -111.28 4.79
C ALA C 968 133.70 -110.74 4.57
N PRO C 969 133.52 -109.42 4.60
CA PRO C 969 132.17 -108.86 4.43
C PRO C 969 131.63 -109.08 3.03
N LEU C 970 130.30 -109.21 2.96
CA LEU C 970 129.64 -109.44 1.68
C LEU C 970 129.58 -108.14 0.90
N ASP C 971 130.12 -108.16 -0.32
CA ASP C 971 130.18 -106.96 -1.16
C ASP C 971 128.84 -106.76 -1.86
N LEU C 972 127.84 -106.38 -1.07
CA LEU C 972 126.48 -106.09 -1.51
C LEU C 972 126.23 -104.59 -1.59
N SER C 973 127.24 -103.85 -2.05
CA SER C 973 127.14 -102.39 -2.16
C SER C 973 126.22 -101.93 -3.29
N HIS C 974 125.77 -102.83 -4.17
CA HIS C 974 124.81 -102.47 -5.21
C HIS C 974 123.43 -102.11 -4.67
N VAL C 975 123.13 -102.42 -3.40
CA VAL C 975 121.94 -101.89 -2.75
C VAL C 975 122.07 -100.37 -2.69
N ARG C 976 121.15 -99.67 -3.36
CA ARG C 976 121.23 -98.21 -3.41
C ARG C 976 120.63 -97.58 -2.15
N LEU C 977 119.32 -97.73 -1.95
CA LEU C 977 118.62 -97.14 -0.82
C LEU C 977 117.16 -97.59 -0.87
N THR C 978 116.45 -97.32 0.23
CA THR C 978 115.00 -97.35 0.28
C THR C 978 114.59 -96.41 1.42
N PRO C 979 113.84 -95.28 1.18
CA PRO C 979 113.70 -94.28 2.25
C PRO C 979 112.90 -94.73 3.47
N ALA C 980 111.74 -95.33 3.23
CA ALA C 980 110.81 -95.65 4.32
C ALA C 980 111.40 -96.69 5.27
N GLN C 981 111.98 -97.76 4.72
CA GLN C 981 112.53 -98.79 5.59
C GLN C 981 113.82 -98.33 6.24
N THR C 982 114.58 -97.44 5.60
CA THR C 982 115.76 -96.87 6.28
C THR C 982 115.34 -96.03 7.48
N THR C 983 114.29 -95.21 7.32
CA THR C 983 113.79 -94.43 8.46
C THR C 983 113.23 -95.34 9.55
N LEU C 984 112.53 -96.40 9.15
CA LEU C 984 111.98 -97.33 10.13
C LEU C 984 113.08 -98.07 10.87
N VAL C 985 114.15 -98.44 10.16
CA VAL C 985 115.28 -99.07 10.83
C VAL C 985 116.00 -98.07 11.72
N ASP C 986 116.02 -96.79 11.34
CA ASP C 986 116.65 -95.78 12.18
C ASP C 986 115.90 -95.60 13.49
N ARG C 987 114.57 -95.47 13.42
CA ARG C 987 113.81 -95.35 14.67
C ARG C 987 113.77 -96.66 15.44
N LEU C 988 113.95 -97.81 14.77
CA LEU C 988 114.12 -99.06 15.50
C LEU C 988 115.47 -99.11 16.21
N ALA C 989 116.50 -98.53 15.60
CA ALA C 989 117.78 -98.37 16.30
C ALA C 989 117.60 -97.43 17.49
N GLU C 990 116.77 -96.41 17.34
CA GLU C 990 116.44 -95.55 18.47
C GLU C 990 115.70 -96.32 19.56
N ASN C 991 114.86 -97.29 19.17
CA ASN C 991 114.20 -98.14 20.16
C ASN C 991 115.20 -99.05 20.85
N GLY C 992 116.20 -99.52 20.10
CA GLY C 992 117.31 -100.23 20.72
C GLY C 992 118.04 -99.38 21.73
N HIS C 993 118.26 -98.11 21.38
CA HIS C 993 118.87 -97.17 22.32
C HIS C 993 117.96 -96.91 23.51
N ASN C 994 116.64 -96.92 23.30
CA ASN C 994 115.69 -96.70 24.38
C ASN C 994 115.77 -97.82 25.40
N VAL C 995 115.73 -99.07 24.94
CA VAL C 995 115.82 -100.19 25.87
C VAL C 995 117.21 -100.24 26.50
N TRP C 996 118.25 -99.87 25.76
CA TRP C 996 119.60 -99.80 26.33
C TRP C 996 119.68 -98.77 27.45
N ALA C 997 119.06 -97.60 27.24
CA ALA C 997 119.07 -96.59 28.27
C ALA C 997 118.22 -97.00 29.46
N ARG C 998 117.12 -97.73 29.21
CA ARG C 998 116.32 -98.25 30.30
C ARG C 998 117.13 -99.23 31.15
N ASP C 999 117.87 -100.13 30.49
CA ASP C 999 118.74 -101.06 31.22
C ASP C 999 119.84 -100.32 31.96
N ARG C 1000 120.36 -99.25 31.37
CA ARG C 1000 121.47 -98.53 31.97
C ARG C 1000 121.03 -97.73 33.20
N VAL C 1001 119.87 -97.08 33.13
CA VAL C 1001 119.42 -96.12 34.13
C VAL C 1001 118.32 -96.69 35.01
N ALA C 1002 117.28 -97.29 34.40
CA ALA C 1002 116.11 -97.69 35.18
C ALA C 1002 116.44 -98.86 36.11
N GLN C 1003 117.24 -99.81 35.62
CA GLN C 1003 117.72 -100.95 36.41
C GLN C 1003 119.12 -100.76 36.96
N GLY C 1004 119.97 -99.99 36.27
CA GLY C 1004 121.34 -99.78 36.70
C GLY C 1004 121.47 -98.60 37.63
N TRP C 1005 120.84 -97.48 37.25
CA TRP C 1005 120.90 -96.16 37.92
C TRP C 1005 122.31 -95.79 38.38
N SER C 1006 123.27 -95.99 37.48
CA SER C 1006 124.67 -95.64 37.74
C SER C 1006 124.84 -94.14 37.52
N TYR C 1007 126.10 -93.69 37.47
CA TYR C 1007 126.44 -92.28 37.36
C TYR C 1007 127.66 -92.12 36.47
N SER C 1008 127.66 -91.06 35.66
CA SER C 1008 128.82 -90.67 34.85
C SER C 1008 129.69 -89.66 35.58
N ALA C 1009 130.08 -90.03 36.80
CA ALA C 1009 130.88 -89.18 37.68
C ALA C 1009 130.18 -87.85 37.98
N ARG C 1020 125.33 -91.03 33.31
CA ARG C 1020 124.40 -91.67 32.39
C ARG C 1020 124.07 -90.72 31.25
N LEU C 1021 123.12 -91.13 30.40
CA LEU C 1021 122.61 -90.31 29.32
C LEU C 1021 121.09 -90.40 29.30
N VAL C 1022 120.45 -89.29 28.96
CA VAL C 1022 118.98 -89.22 28.95
C VAL C 1022 118.45 -90.12 27.85
N PRO C 1023 117.27 -90.79 28.01
CA PRO C 1023 116.66 -91.43 26.85
C PRO C 1023 116.05 -90.42 25.90
N TYR C 1024 116.68 -90.25 24.74
CA TYR C 1024 116.32 -89.26 23.73
C TYR C 1024 115.86 -89.99 22.47
N ARG C 1025 115.53 -89.20 21.45
CA ARG C 1025 115.24 -89.67 20.11
C ARG C 1025 116.05 -88.93 19.05
N LEU C 1026 116.23 -87.62 19.20
CA LEU C 1026 116.97 -86.78 18.24
C LEU C 1026 117.81 -85.75 18.97
N LEU C 1027 118.49 -86.17 20.05
CA LEU C 1027 119.31 -85.23 20.80
C LEU C 1027 120.53 -84.81 19.99
N ASP C 1028 121.42 -85.77 19.72
CA ASP C 1028 122.73 -85.51 19.11
C ASP C 1028 122.75 -86.05 17.69
N GLU C 1029 123.11 -85.20 16.75
CA GLU C 1029 123.13 -85.60 15.34
C GLU C 1029 124.36 -86.44 15.00
N ALA C 1030 125.47 -86.28 15.72
CA ALA C 1030 126.66 -87.07 15.41
C ALA C 1030 126.45 -88.54 15.77
N THR C 1031 125.95 -88.80 16.99
CA THR C 1031 125.69 -90.18 17.41
C THR C 1031 124.59 -90.80 16.58
N LYS C 1032 123.55 -90.02 16.26
CA LYS C 1032 122.47 -90.49 15.41
C LYS C 1032 123.00 -90.83 14.02
N ARG C 1033 123.90 -90.01 13.49
CA ARG C 1033 124.50 -90.29 12.18
C ARG C 1033 125.33 -91.56 12.23
N SER C 1034 126.07 -91.77 13.32
CA SER C 1034 126.89 -92.98 13.44
C SER C 1034 126.03 -94.23 13.50
N ASN C 1035 124.97 -94.20 14.32
CA ASN C 1035 124.07 -95.34 14.41
C ASN C 1035 123.34 -95.57 13.09
N ARG C 1036 122.95 -94.48 12.41
CA ARG C 1036 122.29 -94.61 11.12
C ARG C 1036 123.22 -95.19 10.08
N ASP C 1037 124.51 -94.82 10.12
CA ASP C 1037 125.46 -95.37 9.17
C ASP C 1037 125.69 -96.86 9.40
N SER C 1038 125.84 -97.26 10.67
CA SER C 1038 126.04 -98.67 10.99
C SER C 1038 124.82 -99.50 10.59
N LEU C 1039 123.63 -99.05 10.97
CA LEU C 1039 122.43 -99.77 10.58
C LEU C 1039 122.12 -99.62 9.09
N CYS C 1040 122.69 -98.61 8.42
CA CYS C 1040 122.54 -98.51 6.97
C CYS C 1040 123.38 -99.56 6.27
N GLN C 1041 124.60 -99.82 6.77
CA GLN C 1041 125.38 -100.94 6.27
C GLN C 1041 124.67 -102.26 6.55
N ALA C 1042 124.04 -102.36 7.73
CA ALA C 1042 123.22 -103.54 8.04
C ALA C 1042 122.08 -103.71 7.04
N VAL C 1043 121.35 -102.63 6.75
CA VAL C 1043 120.24 -102.67 5.80
C VAL C 1043 120.75 -103.00 4.40
N ARG C 1044 121.95 -102.52 4.05
CA ARG C 1044 122.55 -102.88 2.76
C ARG C 1044 122.76 -104.39 2.67
N THR C 1045 123.27 -105.00 3.74
CA THR C 1045 123.40 -106.46 3.76
C THR C 1045 122.03 -107.15 3.70
N LEU C 1046 121.05 -106.62 4.45
CA LEU C 1046 119.72 -107.23 4.50
C LEU C 1046 119.04 -107.23 3.14
N LEU C 1047 119.05 -106.10 2.44
CA LEU C 1047 118.46 -106.03 1.12
C LEU C 1047 119.34 -106.70 0.06
N GLY C 1048 120.65 -106.84 0.30
CA GLY C 1048 121.49 -107.61 -0.58
C GLY C 1048 121.26 -109.10 -0.48
N TYR C 1049 120.74 -109.58 0.66
CA TYR C 1049 120.27 -110.97 0.71
C TYR C 1049 119.12 -111.19 -0.26
N GLY C 1050 118.26 -110.19 -0.45
CA GLY C 1050 117.10 -110.27 -1.31
C GLY C 1050 115.83 -110.55 -0.54
N TYR C 1051 115.64 -109.82 0.56
CA TYR C 1051 114.49 -109.93 1.47
C TYR C 1051 113.84 -108.55 1.55
N ASN C 1052 112.83 -108.34 0.69
CA ASN C 1052 112.13 -107.06 0.68
C ASN C 1052 111.23 -106.92 1.90
N ILE C 1053 110.87 -105.68 2.21
CA ILE C 1053 110.02 -105.38 3.35
C ILE C 1053 109.36 -104.03 3.11
N GLU C 1054 108.15 -103.88 3.60
CA GLU C 1054 107.35 -102.66 3.52
C GLU C 1054 106.57 -102.52 4.82
N PRO C 1055 106.11 -101.30 5.15
CA PRO C 1055 105.45 -101.12 6.45
C PRO C 1055 104.08 -101.78 6.46
N PRO C 1056 103.43 -101.89 7.63
CA PRO C 1056 102.10 -102.54 7.66
C PRO C 1056 101.03 -101.73 6.96
N ASP C 1057 100.91 -100.44 7.32
CA ASP C 1057 99.93 -99.53 6.74
C ASP C 1057 100.56 -98.17 6.46
N GLN C 1058 101.81 -98.18 5.99
CA GLN C 1058 102.57 -96.96 5.68
C GLN C 1058 102.76 -96.06 6.90
N GLU C 1059 102.87 -96.67 8.09
CA GLU C 1059 103.11 -95.97 9.35
C GLU C 1059 102.02 -94.93 9.62
N PRO C 1060 100.78 -95.35 9.89
CA PRO C 1060 99.71 -94.38 10.14
C PRO C 1060 99.79 -93.74 11.52
N ASN C 1065 97.39 -84.41 18.78
CA ASN C 1065 96.17 -83.65 18.98
C ASN C 1065 95.41 -84.09 20.25
N GLN C 1066 96.16 -84.53 21.26
CA GLN C 1066 95.55 -85.01 22.49
C GLN C 1066 95.21 -83.86 23.44
N SER C 1067 96.07 -82.85 23.52
CA SER C 1067 95.80 -81.68 24.35
C SER C 1067 96.64 -80.54 23.78
N ARG C 1068 96.01 -79.66 23.01
CA ARG C 1068 96.74 -78.61 22.30
C ARG C 1068 97.05 -77.42 23.18
N TRP C 1069 95.99 -76.77 23.71
CA TRP C 1069 96.05 -75.64 24.64
C TRP C 1069 96.49 -74.32 23.98
N ASP C 1070 96.89 -74.34 22.70
CA ASP C 1070 97.52 -73.19 22.06
C ASP C 1070 97.08 -73.19 20.59
N ARG C 1071 96.03 -72.44 20.31
CA ARG C 1071 95.59 -72.22 18.94
C ARG C 1071 96.53 -71.22 18.27
N VAL C 1072 96.32 -70.99 16.98
CA VAL C 1072 97.06 -69.95 16.29
C VAL C 1072 96.61 -68.59 16.83
N ARG C 1073 97.59 -67.78 17.21
CA ARG C 1073 97.29 -66.50 17.84
C ARG C 1073 96.95 -65.47 16.79
N ILE C 1074 95.97 -64.63 17.11
CA ILE C 1074 95.28 -63.77 16.15
C ILE C 1074 95.51 -62.33 16.56
N PHE C 1075 95.73 -61.47 15.56
CA PHE C 1075 96.11 -60.08 15.75
C PHE C 1075 95.26 -59.20 14.86
N ARG C 1076 94.87 -58.04 15.38
CA ARG C 1076 94.07 -57.09 14.64
C ARG C 1076 94.28 -55.69 15.22
N ALA C 1077 93.64 -54.72 14.59
CA ALA C 1077 93.52 -53.37 15.11
C ALA C 1077 92.20 -53.22 15.84
N GLU C 1078 92.07 -52.13 16.60
CA GLU C 1078 90.85 -51.90 17.35
C GLU C 1078 89.72 -51.50 16.42
N LYS C 1079 88.53 -51.40 17.00
CA LYS C 1079 87.36 -50.99 16.24
C LYS C 1079 87.37 -49.51 15.88
N SER C 1080 88.22 -48.70 16.53
CA SER C 1080 88.26 -47.28 16.23
C SER C 1080 88.80 -47.01 14.83
N TYR C 1081 89.75 -47.83 14.37
CA TYR C 1081 90.35 -47.70 13.05
C TYR C 1081 89.56 -48.44 11.97
N THR C 1082 88.28 -48.71 12.19
CA THR C 1082 87.48 -49.43 11.21
C THR C 1082 87.28 -48.59 9.96
N VAL C 1083 87.48 -49.22 8.81
CA VAL C 1083 87.37 -48.56 7.51
C VAL C 1083 85.94 -48.77 7.04
N GLN C 1084 85.07 -47.81 7.35
CA GLN C 1084 83.70 -47.87 6.85
C GLN C 1084 83.65 -47.71 5.35
N SER C 1085 84.49 -46.82 4.81
CA SER C 1085 84.50 -46.56 3.37
C SER C 1085 85.82 -45.90 3.00
N GLY C 1086 86.44 -46.40 1.94
CA GLY C 1086 87.72 -45.88 1.51
C GLY C 1086 88.43 -46.90 0.64
N ARG C 1087 89.75 -46.72 0.54
CA ARG C 1087 90.57 -47.63 -0.27
C ARG C 1087 92.02 -47.40 0.13
N TRP C 1088 92.63 -48.43 0.73
CA TRP C 1088 93.95 -48.32 1.37
C TRP C 1088 94.85 -49.49 1.00
N TYR C 1089 96.00 -49.59 1.65
CA TYR C 1089 96.99 -50.62 1.37
C TYR C 1089 97.85 -50.81 2.60
N PHE C 1090 98.32 -52.04 2.80
CA PHE C 1090 99.39 -52.33 3.75
C PHE C 1090 100.13 -53.56 3.27
N GLU C 1091 101.10 -54.00 4.08
CA GLU C 1091 101.90 -55.17 3.74
C GLU C 1091 102.40 -55.85 4.99
N PHE C 1092 102.78 -57.12 4.82
CA PHE C 1092 103.25 -57.99 5.89
C PHE C 1092 104.48 -58.73 5.40
N GLU C 1093 105.40 -59.00 6.34
CA GLU C 1093 106.56 -59.85 6.14
C GLU C 1093 106.63 -60.86 7.26
N ALA C 1094 107.10 -62.07 6.93
CA ALA C 1094 107.33 -63.14 7.89
C ALA C 1094 108.70 -63.74 7.65
N VAL C 1095 109.47 -63.92 8.71
CA VAL C 1095 110.82 -64.44 8.58
C VAL C 1095 110.79 -65.91 8.18
N THR C 1096 109.88 -66.69 8.76
CA THR C 1096 109.78 -68.13 8.58
C THR C 1096 108.41 -68.48 8.02
N THR C 1097 108.40 -69.38 7.02
CA THR C 1097 107.16 -69.86 6.46
C THR C 1097 106.46 -70.80 7.42
N GLY C 1098 105.13 -70.79 7.35
CA GLY C 1098 104.34 -71.65 8.21
C GLY C 1098 102.87 -71.31 8.09
N GLU C 1099 102.10 -71.82 9.05
CA GLU C 1099 100.66 -71.59 9.07
C GLU C 1099 100.40 -70.15 9.52
N MET C 1100 100.03 -69.30 8.57
CA MET C 1100 99.73 -67.91 8.86
C MET C 1100 98.85 -67.38 7.75
N ARG C 1101 97.95 -66.46 8.12
CA ARG C 1101 96.97 -65.87 7.22
C ARG C 1101 96.93 -64.37 7.45
N VAL C 1102 96.85 -63.62 6.35
CA VAL C 1102 96.88 -62.17 6.34
C VAL C 1102 95.76 -61.68 5.43
N GLY C 1103 95.17 -60.55 5.79
CA GLY C 1103 94.13 -59.95 4.97
C GLY C 1103 93.35 -58.88 5.69
N TRP C 1104 92.04 -58.86 5.45
CA TRP C 1104 91.10 -57.91 6.03
C TRP C 1104 89.96 -58.70 6.66
N ALA C 1105 89.27 -58.06 7.59
CA ALA C 1105 88.19 -58.72 8.30
C ALA C 1105 87.27 -57.70 8.94
N ARG C 1106 86.04 -58.16 9.19
CA ARG C 1106 85.07 -57.36 9.92
C ARG C 1106 85.44 -57.31 11.40
N PRO C 1107 85.00 -56.28 12.12
CA PRO C 1107 85.53 -56.07 13.48
C PRO C 1107 84.93 -56.97 14.55
N GLU C 1108 83.98 -57.85 14.21
CA GLU C 1108 83.32 -58.74 15.17
C GLU C 1108 83.93 -60.14 15.14
N LEU C 1109 85.24 -60.22 14.95
CA LEU C 1109 85.92 -61.52 14.89
C LEU C 1109 85.89 -62.17 16.26
N ARG C 1110 85.02 -63.14 16.42
CA ARG C 1110 85.06 -63.94 17.63
C ARG C 1110 86.32 -64.82 17.60
N PRO C 1111 87.04 -64.98 18.71
CA PRO C 1111 88.17 -65.89 18.72
C PRO C 1111 87.67 -67.33 18.83
N ASP C 1112 88.63 -68.26 18.94
CA ASP C 1112 88.37 -69.70 18.89
C ASP C 1112 87.77 -70.13 17.54
N VAL C 1113 88.08 -69.38 16.48
CA VAL C 1113 87.67 -69.70 15.12
C VAL C 1113 88.85 -69.40 14.22
N GLU C 1114 89.19 -70.33 13.35
CA GLU C 1114 90.27 -70.11 12.40
C GLU C 1114 89.85 -69.03 11.42
N LEU C 1115 90.81 -68.21 11.02
CA LEU C 1115 90.52 -67.06 10.18
C LEU C 1115 90.09 -67.52 8.80
N GLY C 1116 88.97 -66.98 8.33
CA GLY C 1116 88.38 -67.40 7.08
C GLY C 1116 87.51 -68.64 7.17
N ALA C 1117 87.41 -69.27 8.34
CA ALA C 1117 86.49 -70.39 8.53
C ALA C 1117 85.03 -69.95 8.59
N ASP C 1118 84.74 -68.66 8.70
CA ASP C 1118 83.39 -68.10 8.77
C ASP C 1118 83.34 -66.90 7.82
N GLU C 1119 82.17 -66.27 7.72
CA GLU C 1119 82.01 -65.15 6.79
C GLU C 1119 82.74 -63.88 7.21
N LEU C 1120 83.29 -63.81 8.42
CA LEU C 1120 83.81 -62.57 8.98
C LEU C 1120 85.27 -62.32 8.63
N ALA C 1121 85.78 -62.88 7.53
CA ALA C 1121 87.16 -62.68 7.15
C ALA C 1121 87.31 -62.96 5.66
N TYR C 1122 88.37 -62.40 5.09
CA TYR C 1122 88.75 -62.60 3.70
C TYR C 1122 90.26 -62.77 3.59
N VAL C 1123 90.83 -63.55 4.51
CA VAL C 1123 92.28 -63.73 4.57
C VAL C 1123 92.77 -64.55 3.40
N PHE C 1124 94.09 -64.59 3.22
CA PHE C 1124 94.77 -65.48 2.30
C PHE C 1124 95.84 -66.24 3.06
N ASN C 1125 95.85 -67.56 2.89
CA ASN C 1125 96.86 -68.45 3.46
C ASN C 1125 97.66 -69.04 2.32
N GLY C 1126 98.97 -68.85 2.37
CA GLY C 1126 99.86 -69.25 1.28
C GLY C 1126 100.52 -70.60 1.46
N HIS C 1127 100.76 -71.00 2.71
CA HIS C 1127 101.49 -72.25 2.97
C HIS C 1127 100.74 -73.46 2.44
N ARG C 1128 99.46 -73.58 2.77
CA ARG C 1128 98.61 -74.53 2.07
C ARG C 1128 98.33 -74.08 0.65
N GLY C 1129 98.26 -72.77 0.41
CA GLY C 1129 98.07 -72.23 -0.91
C GLY C 1129 96.63 -72.19 -1.34
N GLN C 1130 95.79 -71.54 -0.54
CA GLN C 1130 94.37 -71.41 -0.87
C GLN C 1130 93.78 -70.26 -0.09
N ARG C 1131 93.01 -69.42 -0.78
CA ARG C 1131 92.31 -68.31 -0.14
C ARG C 1131 91.12 -68.83 0.64
N TRP C 1132 90.98 -68.38 1.87
CA TRP C 1132 90.09 -68.99 2.85
C TRP C 1132 88.82 -68.18 3.01
N HIS C 1133 87.69 -68.88 2.96
CA HIS C 1133 86.36 -68.34 3.22
C HIS C 1133 85.50 -69.56 3.55
N LEU C 1134 84.18 -69.39 3.50
CA LEU C 1134 83.31 -70.55 3.63
C LEU C 1134 83.49 -71.41 2.38
N GLY C 1135 84.42 -72.36 2.46
CA GLY C 1135 84.85 -73.16 1.32
C GLY C 1135 86.15 -72.59 0.78
N SER C 1136 87.27 -73.22 1.14
CA SER C 1136 88.59 -72.67 0.80
C SER C 1136 88.94 -73.09 -0.62
N GLU C 1137 88.72 -72.18 -1.56
CA GLU C 1137 89.04 -72.42 -2.95
C GLU C 1137 90.54 -72.28 -3.17
N PRO C 1138 91.11 -72.96 -4.17
CA PRO C 1138 92.56 -72.87 -4.35
C PRO C 1138 92.96 -71.55 -4.99
N PHE C 1139 94.09 -71.02 -4.53
CA PHE C 1139 94.56 -69.73 -4.99
C PHE C 1139 95.96 -69.52 -4.44
N GLY C 1140 96.83 -68.91 -5.26
CA GLY C 1140 98.15 -68.58 -4.80
C GLY C 1140 99.08 -69.79 -4.80
N ARG C 1141 100.09 -69.73 -3.94
CA ARG C 1141 101.14 -70.74 -3.92
C ARG C 1141 101.85 -70.64 -2.58
N PRO C 1142 102.75 -71.58 -2.27
CA PRO C 1142 103.67 -71.37 -1.15
C PRO C 1142 104.65 -70.25 -1.45
N TRP C 1143 105.38 -69.87 -0.40
CA TRP C 1143 106.32 -68.77 -0.47
C TRP C 1143 107.42 -69.01 0.56
N GLN C 1144 108.64 -68.67 0.18
CA GLN C 1144 109.82 -69.01 0.97
C GLN C 1144 109.97 -68.04 2.13
N SER C 1145 111.09 -68.11 2.84
CA SER C 1145 111.37 -67.21 3.97
C SER C 1145 111.67 -65.82 3.40
N GLY C 1146 110.59 -65.09 3.13
CA GLY C 1146 110.66 -63.81 2.47
C GLY C 1146 109.33 -63.52 1.82
N ASP C 1147 109.35 -62.94 0.61
CA ASP C 1147 108.14 -62.71 -0.19
C ASP C 1147 107.16 -61.79 0.56
N VAL C 1148 107.57 -60.53 0.67
CA VAL C 1148 106.79 -59.50 1.36
C VAL C 1148 105.42 -59.39 0.72
N VAL C 1149 104.39 -59.73 1.49
CA VAL C 1149 103.02 -59.79 0.99
C VAL C 1149 102.36 -58.44 1.18
N GLY C 1150 101.92 -57.83 0.09
CA GLY C 1150 101.18 -56.58 0.12
C GLY C 1150 99.69 -56.79 0.00
N CYS C 1151 98.98 -56.76 1.12
CA CYS C 1151 97.53 -56.88 1.11
C CYS C 1151 96.91 -55.57 0.67
N MET C 1152 95.67 -55.66 0.19
CA MET C 1152 95.07 -54.57 -0.57
C MET C 1152 93.55 -54.70 -0.52
N ILE C 1153 92.87 -53.57 -0.72
CA ILE C 1153 91.42 -53.51 -0.63
C ILE C 1153 90.94 -52.29 -1.39
N ASP C 1154 89.72 -52.38 -1.93
CA ASP C 1154 89.08 -51.26 -2.61
C ASP C 1154 87.57 -51.39 -2.39
N LEU C 1155 87.02 -50.49 -1.58
CA LEU C 1155 85.58 -50.46 -1.32
C LEU C 1155 84.82 -49.60 -2.32
N THR C 1156 85.49 -48.84 -3.19
CA THR C 1156 84.77 -48.08 -4.20
C THR C 1156 84.06 -49.00 -5.17
N GLU C 1157 84.79 -50.02 -5.66
CA GLU C 1157 84.27 -51.04 -6.57
C GLU C 1157 84.14 -52.42 -5.93
N ASN C 1158 84.38 -52.55 -4.61
CA ASN C 1158 84.20 -53.80 -3.87
C ASN C 1158 85.09 -54.91 -4.42
N THR C 1159 86.40 -54.69 -4.31
CA THR C 1159 87.41 -55.63 -4.78
C THR C 1159 88.54 -55.74 -3.77
N ILE C 1160 89.09 -56.94 -3.64
CA ILE C 1160 90.24 -57.25 -2.79
C ILE C 1160 91.24 -58.00 -3.65
N ILE C 1161 92.53 -57.65 -3.48
CA ILE C 1161 93.62 -58.31 -4.18
C ILE C 1161 94.77 -58.51 -3.20
N PHE C 1162 95.70 -59.39 -3.58
CA PHE C 1162 96.91 -59.69 -2.81
C PHE C 1162 98.09 -59.71 -3.77
N THR C 1163 99.30 -59.59 -3.20
CA THR C 1163 100.54 -59.47 -3.94
C THR C 1163 101.60 -60.37 -3.32
N LEU C 1164 102.62 -60.69 -4.12
CA LEU C 1164 103.76 -61.50 -3.68
C LEU C 1164 105.04 -60.92 -4.28
N ASN C 1165 106.04 -60.72 -3.43
CA ASN C 1165 107.37 -60.22 -3.82
C ASN C 1165 107.22 -58.85 -4.50
N GLY C 1166 106.33 -58.02 -3.95
CA GLY C 1166 106.05 -56.73 -4.53
C GLY C 1166 105.45 -56.81 -5.92
N GLU C 1167 104.69 -57.88 -6.20
CA GLU C 1167 104.11 -58.11 -7.52
C GLU C 1167 102.75 -58.76 -7.36
N VAL C 1168 101.85 -58.44 -8.28
CA VAL C 1168 100.47 -58.91 -8.19
C VAL C 1168 100.42 -60.41 -8.38
N LEU C 1169 99.60 -61.07 -7.58
CA LEU C 1169 99.38 -62.50 -7.63
C LEU C 1169 98.24 -62.82 -8.59
N MET C 1170 98.34 -63.99 -9.22
CA MET C 1170 97.39 -64.46 -10.23
C MET C 1170 96.67 -65.69 -9.69
N SER C 1171 95.39 -65.81 -10.04
CA SER C 1171 94.56 -66.91 -9.60
C SER C 1171 94.56 -68.04 -10.63
N ASP C 1172 94.04 -69.19 -10.21
CA ASP C 1172 93.89 -70.33 -11.10
C ASP C 1172 92.70 -70.18 -12.03
N SER C 1173 91.65 -69.46 -11.62
CA SER C 1173 90.41 -69.37 -12.36
C SER C 1173 90.40 -68.22 -13.38
N GLY C 1174 91.57 -67.74 -13.81
CA GLY C 1174 91.62 -66.69 -14.81
C GLY C 1174 91.04 -65.37 -14.36
N SER C 1175 91.37 -64.94 -13.15
CA SER C 1175 90.85 -63.68 -12.61
C SER C 1175 91.79 -63.20 -11.52
N GLU C 1176 91.59 -61.94 -11.11
CA GLU C 1176 92.44 -61.26 -10.14
C GLU C 1176 91.73 -61.22 -8.79
N THR C 1177 91.87 -62.32 -8.05
CA THR C 1177 91.45 -62.43 -6.65
C THR C 1177 89.94 -62.19 -6.50
N ALA C 1178 89.18 -63.16 -6.99
CA ALA C 1178 87.74 -63.00 -7.16
C ALA C 1178 87.03 -62.94 -5.81
N PHE C 1179 86.95 -61.74 -5.23
CA PHE C 1179 86.12 -61.43 -4.08
C PHE C 1179 85.23 -60.23 -4.41
N ARG C 1180 84.68 -60.22 -5.62
CA ARG C 1180 83.82 -59.14 -6.04
C ARG C 1180 82.45 -59.26 -5.38
N GLU C 1181 81.74 -58.13 -5.34
CA GLU C 1181 80.39 -58.05 -4.80
C GLU C 1181 80.37 -58.43 -3.32
N ILE C 1182 81.07 -57.62 -2.53
CA ILE C 1182 81.21 -57.80 -1.08
C ILE C 1182 80.50 -56.64 -0.40
N GLU C 1183 79.58 -56.98 0.51
CA GLU C 1183 78.85 -55.95 1.22
C GLU C 1183 79.79 -55.23 2.18
N ILE C 1184 79.67 -53.90 2.21
CA ILE C 1184 80.50 -53.10 3.10
C ILE C 1184 80.17 -53.40 4.55
N GLY C 1185 78.90 -53.34 4.90
CA GLY C 1185 78.50 -53.57 6.27
C GLY C 1185 79.04 -52.49 7.18
N ASP C 1186 79.66 -52.92 8.28
CA ASP C 1186 80.22 -52.03 9.29
C ASP C 1186 81.71 -51.78 9.10
N GLY C 1187 82.20 -51.91 7.87
CA GLY C 1187 83.61 -51.68 7.58
C GLY C 1187 84.46 -52.90 7.88
N PHE C 1188 85.75 -52.76 7.53
CA PHE C 1188 86.76 -53.79 7.70
C PHE C 1188 88.01 -53.17 8.29
N LEU C 1189 88.97 -54.02 8.60
CA LEU C 1189 90.22 -53.59 9.20
C LEU C 1189 91.27 -54.69 8.96
N PRO C 1190 92.56 -54.36 9.01
CA PRO C 1190 93.57 -55.40 8.79
C PRO C 1190 93.63 -56.40 9.93
N VAL C 1191 94.02 -57.62 9.58
CA VAL C 1191 94.07 -58.75 10.49
C VAL C 1191 95.30 -59.59 10.15
N CYS C 1192 95.79 -60.32 11.15
CA CYS C 1192 96.95 -61.18 11.00
C CYS C 1192 96.81 -62.39 11.91
N SER C 1193 97.60 -63.42 11.61
CA SER C 1193 97.64 -64.65 12.38
C SER C 1193 99.07 -65.17 12.38
N LEU C 1194 99.33 -66.10 13.30
CA LEU C 1194 100.63 -66.75 13.39
C LEU C 1194 100.45 -68.17 13.89
N GLY C 1195 101.14 -69.11 13.25
CA GLY C 1195 101.15 -70.48 13.69
C GLY C 1195 102.07 -70.67 14.87
N PRO C 1196 102.11 -71.91 15.39
CA PRO C 1196 102.97 -72.16 16.56
C PRO C 1196 104.44 -72.18 16.18
N GLY C 1197 105.22 -71.31 16.83
CA GLY C 1197 106.63 -71.19 16.57
C GLY C 1197 107.03 -70.27 15.43
N GLN C 1198 106.06 -69.78 14.66
CA GLN C 1198 106.36 -68.90 13.53
C GLN C 1198 106.63 -67.48 14.02
N VAL C 1199 107.14 -66.66 13.09
CA VAL C 1199 107.51 -65.27 13.34
C VAL C 1199 106.93 -64.42 12.22
N GLY C 1200 106.41 -63.24 12.59
CA GLY C 1200 105.84 -62.30 11.64
C GLY C 1200 106.47 -60.93 11.80
N HIS C 1201 106.15 -60.05 10.84
CA HIS C 1201 106.64 -58.67 10.86
C HIS C 1201 105.62 -57.85 10.07
N LEU C 1202 104.73 -57.18 10.80
CA LEU C 1202 103.62 -56.43 10.22
C LEU C 1202 103.98 -54.95 10.24
N ASN C 1203 104.55 -54.49 9.14
CA ASN C 1203 104.73 -53.05 8.90
C ASN C 1203 103.43 -52.52 8.33
N LEU C 1204 102.72 -51.71 9.12
CA LEU C 1204 101.45 -51.13 8.73
C LEU C 1204 101.61 -49.89 7.85
N GLY C 1205 102.82 -49.55 7.43
CA GLY C 1205 103.02 -48.43 6.53
C GLY C 1205 102.90 -47.07 7.18
N GLN C 1206 103.50 -46.90 8.36
CA GLN C 1206 103.50 -45.60 9.03
C GLN C 1206 104.22 -44.54 8.21
N ASP C 1207 105.23 -44.94 7.44
CA ASP C 1207 105.93 -44.06 6.53
C ASP C 1207 106.31 -44.84 5.28
N VAL C 1208 106.60 -44.09 4.21
CA VAL C 1208 106.91 -44.71 2.93
C VAL C 1208 108.23 -45.48 2.99
N SER C 1209 109.21 -44.90 3.68
CA SER C 1209 110.57 -45.45 3.66
C SER C 1209 110.63 -46.82 4.33
N SER C 1210 109.78 -47.07 5.32
CA SER C 1210 109.78 -48.37 5.99
C SER C 1210 109.22 -49.49 5.12
N LEU C 1211 108.42 -49.17 4.11
CA LEU C 1211 107.87 -50.19 3.24
C LEU C 1211 108.97 -50.81 2.39
N ARG C 1212 108.98 -52.14 2.34
CA ARG C 1212 110.02 -52.87 1.64
C ARG C 1212 110.01 -52.61 0.15
N PHE C 1213 108.94 -53.05 -0.53
CA PHE C 1213 108.86 -52.94 -1.99
C PHE C 1213 108.08 -51.70 -2.40
N PHE C 1214 106.78 -51.71 -2.10
CA PHE C 1214 105.81 -50.69 -2.53
C PHE C 1214 105.94 -50.35 -4.00
N ALA C 1215 106.08 -51.41 -4.83
CA ALA C 1215 106.21 -51.28 -6.28
C ALA C 1215 104.89 -51.55 -7.00
N ILE C 1216 103.76 -51.34 -6.32
CA ILE C 1216 102.45 -51.71 -6.82
C ILE C 1216 101.82 -50.51 -7.51
N CYS C 1217 100.89 -50.79 -8.43
CA CYS C 1217 100.27 -49.75 -9.26
C CYS C 1217 99.37 -48.78 -8.47
N GLY C 1218 99.02 -49.10 -7.23
CA GLY C 1218 98.10 -48.25 -6.49
C GLY C 1218 98.63 -46.86 -6.18
N LEU C 1219 99.94 -46.75 -6.00
CA LEU C 1219 100.53 -45.44 -5.71
C LEU C 1219 100.39 -44.48 -6.88
N GLN C 1220 100.31 -44.99 -8.11
CA GLN C 1220 100.09 -44.13 -9.27
C GLN C 1220 98.69 -43.52 -9.29
N GLU C 1221 97.72 -44.14 -8.62
CA GLU C 1221 96.31 -43.78 -8.66
C GLU C 1221 95.85 -43.49 -7.23
N GLY C 1222 94.53 -43.37 -7.04
CA GLY C 1222 93.97 -42.90 -5.79
C GLY C 1222 94.24 -43.78 -4.57
N PHE C 1223 94.67 -45.02 -4.77
CA PHE C 1223 95.04 -45.87 -3.65
C PHE C 1223 96.25 -45.31 -2.91
N GLU C 1224 96.27 -45.52 -1.59
CA GLU C 1224 97.37 -45.11 -0.71
C GLU C 1224 97.61 -46.19 0.33
N PRO C 1225 98.68 -46.11 1.13
CA PRO C 1225 98.83 -47.01 2.27
C PRO C 1225 97.76 -46.83 3.32
N PHE C 1226 97.78 -47.71 4.32
CA PHE C 1226 96.83 -47.63 5.41
C PHE C 1226 97.22 -46.55 6.41
N ALA C 1227 98.41 -46.67 7.00
CA ALA C 1227 98.80 -45.83 8.13
C ALA C 1227 99.47 -44.54 7.64
N ILE C 1228 98.64 -43.64 7.14
CA ILE C 1228 99.13 -42.51 6.37
C ILE C 1228 99.80 -41.50 7.28
N ASN C 1229 99.03 -40.90 8.19
CA ASN C 1229 99.52 -39.79 9.02
C ASN C 1229 98.83 -39.87 10.39
N MET C 1230 99.52 -40.51 11.32
CA MET C 1230 99.21 -40.46 12.75
C MET C 1230 100.45 -40.09 13.53
N GLN C 1231 100.23 -39.39 14.63
CA GLN C 1231 101.32 -39.10 15.54
C GLN C 1231 101.82 -40.37 16.21
N ARG C 1232 100.90 -41.22 16.63
CA ARG C 1232 101.19 -42.47 17.31
C ARG C 1232 101.18 -43.62 16.32
N PRO C 1233 101.68 -44.80 16.70
CA PRO C 1233 101.34 -46.01 15.95
C PRO C 1233 99.97 -46.53 16.36
N VAL C 1234 99.45 -47.42 15.53
CA VAL C 1234 98.19 -48.07 15.84
C VAL C 1234 98.41 -49.01 17.02
N THR C 1235 97.41 -49.08 17.91
CA THR C 1235 97.60 -49.75 19.19
C THR C 1235 97.66 -51.26 19.02
N THR C 1236 96.84 -51.82 18.12
CA THR C 1236 96.73 -53.25 17.85
C THR C 1236 96.10 -54.01 19.01
N TRP C 1237 95.54 -55.18 18.71
CA TRP C 1237 94.91 -56.06 19.68
C TRP C 1237 95.38 -57.48 19.42
N PHE C 1238 95.26 -58.31 20.45
CA PHE C 1238 95.66 -59.71 20.35
C PHE C 1238 94.83 -60.52 21.33
N SER C 1239 94.84 -61.83 21.09
CA SER C 1239 94.04 -62.79 21.84
C SER C 1239 94.89 -63.52 22.86
N LYS C 1240 94.32 -63.75 24.03
CA LYS C 1240 94.93 -64.49 25.13
C LYS C 1240 94.20 -65.82 25.26
N SER C 1241 94.98 -66.89 25.38
CA SER C 1241 94.44 -68.20 25.68
C SER C 1241 94.23 -68.44 27.17
N LEU C 1242 94.27 -67.38 28.01
CA LEU C 1242 93.70 -67.39 29.35
C LEU C 1242 92.31 -68.01 29.35
N PRO C 1243 92.07 -69.12 30.09
CA PRO C 1243 90.68 -69.57 30.23
C PRO C 1243 89.92 -68.68 31.19
N GLN C 1244 89.42 -67.59 30.63
CA GLN C 1244 88.84 -66.50 31.40
C GLN C 1244 87.33 -66.67 31.39
N PHE C 1245 86.72 -66.46 32.56
CA PHE C 1245 85.27 -66.54 32.66
C PHE C 1245 84.57 -65.49 31.82
N GLU C 1246 83.30 -65.74 31.57
CA GLU C 1246 82.44 -64.84 30.83
C GLU C 1246 80.99 -65.26 31.06
N PRO C 1247 80.01 -64.46 30.69
CA PRO C 1247 78.61 -64.86 30.85
C PRO C 1247 78.12 -65.71 29.70
N VAL C 1248 77.03 -66.43 29.96
CA VAL C 1248 76.41 -67.24 28.91
C VAL C 1248 75.81 -66.30 27.87
N PRO C 1249 75.94 -66.56 26.57
CA PRO C 1249 75.27 -65.69 25.59
C PRO C 1249 73.76 -65.86 25.67
N PRO C 1250 72.98 -64.87 25.23
CA PRO C 1250 71.52 -64.99 25.39
C PRO C 1250 70.91 -66.05 24.49
N GLU C 1251 71.45 -66.25 23.29
CA GLU C 1251 70.94 -67.19 22.30
C GLU C 1251 72.09 -67.96 21.69
N HIS C 1252 72.92 -68.54 22.55
CA HIS C 1252 73.85 -69.56 22.09
C HIS C 1252 73.04 -70.69 21.45
N PRO C 1253 73.45 -71.22 20.28
CA PRO C 1253 72.50 -72.03 19.51
C PRO C 1253 72.18 -73.38 20.14
N HIS C 1254 73.18 -74.02 20.75
CA HIS C 1254 72.96 -75.32 21.37
C HIS C 1254 72.34 -75.22 22.76
N TYR C 1255 72.65 -74.15 23.50
CA TYR C 1255 72.37 -74.06 24.92
C TYR C 1255 71.29 -73.02 25.17
N GLU C 1256 70.43 -73.32 26.14
CA GLU C 1256 69.41 -72.41 26.62
C GLU C 1256 69.27 -72.62 28.12
N VAL C 1257 68.79 -71.58 28.81
CA VAL C 1257 68.60 -71.58 30.25
C VAL C 1257 67.26 -70.93 30.57
N ALA C 1258 66.90 -70.98 31.86
CA ALA C 1258 65.64 -70.42 32.31
C ALA C 1258 65.72 -70.13 33.79
N ARG C 1259 65.07 -69.04 34.19
CA ARG C 1259 65.01 -68.58 35.59
C ARG C 1259 63.62 -68.92 36.09
N MET C 1260 63.45 -70.15 36.59
CA MET C 1260 62.14 -70.61 37.04
C MET C 1260 61.76 -69.92 38.34
N ASP C 1261 60.64 -69.21 38.33
CA ASP C 1261 60.16 -68.56 39.53
C ASP C 1261 59.62 -69.58 40.52
N GLY C 1262 59.79 -69.28 41.80
CA GLY C 1262 59.42 -70.19 42.85
C GLY C 1262 57.97 -70.06 43.27
N THR C 1263 57.54 -71.05 44.06
CA THR C 1263 56.22 -71.08 44.67
C THR C 1263 56.39 -71.52 46.12
N VAL C 1264 55.27 -71.84 46.78
CA VAL C 1264 55.35 -72.50 48.08
C VAL C 1264 55.90 -73.91 47.92
N ASP C 1265 55.65 -74.56 46.78
CA ASP C 1265 56.13 -75.92 46.57
C ASP C 1265 57.64 -75.97 46.49
N THR C 1266 58.28 -74.94 45.93
CA THR C 1266 59.73 -74.89 45.80
C THR C 1266 60.15 -73.44 45.62
N PRO C 1267 61.35 -73.04 46.07
CA PRO C 1267 61.82 -71.67 45.82
C PRO C 1267 62.23 -71.50 44.36
N PRO C 1268 62.59 -70.29 43.94
CA PRO C 1268 62.97 -70.08 42.53
C PRO C 1268 64.24 -70.82 42.16
N CYS C 1269 64.29 -71.23 40.90
CA CYS C 1269 65.25 -72.18 40.39
C CYS C 1269 65.75 -71.75 39.03
N LEU C 1270 67.04 -71.94 38.80
CA LEU C 1270 67.68 -71.73 37.51
C LEU C 1270 67.77 -73.07 36.79
N ARG C 1271 67.14 -73.17 35.62
CA ARG C 1271 67.04 -74.40 34.85
C ARG C 1271 67.89 -74.30 33.60
N LEU C 1272 68.75 -75.29 33.40
CA LEU C 1272 69.54 -75.44 32.19
C LEU C 1272 68.74 -76.23 31.15
N ALA C 1273 69.15 -76.06 29.88
CA ALA C 1273 68.54 -76.78 28.78
C ALA C 1273 69.59 -77.02 27.69
N HIS C 1274 69.31 -78.00 26.84
CA HIS C 1274 70.24 -78.37 25.78
C HIS C 1274 69.49 -79.19 24.73
N ARG C 1275 69.86 -79.00 23.48
CA ARG C 1275 69.31 -79.82 22.40
C ARG C 1275 69.79 -81.25 22.54
N THR C 1276 68.91 -82.19 22.18
CA THR C 1276 69.17 -83.62 22.35
C THR C 1276 69.80 -84.25 21.11
N TRP C 1277 70.83 -83.58 20.58
CA TRP C 1277 71.73 -84.08 19.54
C TRP C 1277 72.78 -82.99 19.35
N GLY C 1278 72.48 -81.96 18.54
CA GLY C 1278 73.27 -80.75 18.49
C GLY C 1278 74.61 -80.78 17.78
N SER C 1279 75.22 -81.96 17.66
CA SER C 1279 76.66 -82.10 17.38
C SER C 1279 77.48 -81.26 18.37
N GLN C 1280 77.06 -81.29 19.64
CA GLN C 1280 77.64 -80.47 20.71
C GLN C 1280 77.74 -81.26 21.99
N ASN C 1281 78.17 -82.52 21.89
CA ASN C 1281 78.59 -83.33 23.04
C ASN C 1281 80.07 -83.12 23.30
N SER C 1282 80.41 -81.86 23.55
CA SER C 1282 81.80 -81.41 23.64
C SER C 1282 82.33 -81.74 25.02
N LEU C 1283 83.47 -81.14 25.37
CA LEU C 1283 84.08 -81.36 26.68
C LEU C 1283 83.15 -80.87 27.79
N VAL C 1284 83.41 -81.38 29.00
CA VAL C 1284 82.57 -81.09 30.14
C VAL C 1284 82.72 -79.62 30.50
N GLU C 1285 81.59 -78.95 30.73
CA GLU C 1285 81.58 -77.50 30.87
C GLU C 1285 81.97 -77.09 32.29
N MET C 1286 82.56 -75.90 32.38
CA MET C 1286 82.91 -75.24 33.64
C MET C 1286 81.98 -74.02 33.78
N LEU C 1287 80.85 -74.24 34.45
CA LEU C 1287 79.84 -73.21 34.69
C LEU C 1287 79.95 -72.69 36.13
N PHE C 1288 79.39 -71.50 36.34
CA PHE C 1288 79.42 -70.87 37.66
C PHE C 1288 78.37 -69.78 37.73
N LEU C 1289 77.96 -69.47 38.96
CA LEU C 1289 77.05 -68.37 39.26
C LEU C 1289 77.83 -67.08 39.51
N ARG C 1290 77.16 -65.96 39.26
CA ARG C 1290 77.86 -64.70 39.02
C ARG C 1290 78.55 -64.17 40.27
N LEU C 1291 77.78 -63.83 41.29
CA LEU C 1291 78.33 -63.06 42.39
C LEU C 1291 79.19 -63.92 43.31
N SER C 1292 80.03 -63.24 44.08
CA SER C 1292 81.02 -63.85 44.95
C SER C 1292 80.48 -64.00 46.37
N LEU C 1293 81.32 -64.60 47.23
CA LEU C 1293 81.03 -64.74 48.65
C LEU C 1293 82.34 -64.76 49.41
N PRO C 1294 82.82 -63.61 49.90
CA PRO C 1294 84.00 -63.67 50.78
C PRO C 1294 83.65 -64.30 52.11
N VAL C 1295 84.59 -65.09 52.63
CA VAL C 1295 84.48 -65.56 53.99
C VAL C 1295 84.61 -64.35 54.91
N GLN C 1296 84.05 -64.47 56.12
CA GLN C 1296 83.62 -63.33 56.95
C GLN C 1296 84.74 -62.34 57.24
N PHE C 1297 85.80 -62.79 57.92
CA PHE C 1297 86.91 -61.91 58.19
C PHE C 1297 88.12 -62.76 58.59
N HIS C 1298 89.29 -62.12 58.52
CA HIS C 1298 90.53 -62.73 58.99
C HIS C 1298 90.79 -62.50 60.48
N GLN C 1299 89.77 -62.09 61.25
CA GLN C 1299 89.95 -61.88 62.67
C GLN C 1299 90.19 -63.20 63.39
N LEU C 1428 90.61 -69.80 66.68
CA LEU C 1428 90.28 -68.44 67.07
C LEU C 1428 88.80 -68.32 67.44
N ASN C 1429 87.95 -68.90 66.58
CA ASN C 1429 86.50 -68.97 66.71
C ASN C 1429 85.78 -67.65 66.44
N THR C 1430 86.50 -66.57 66.12
CA THR C 1430 85.85 -65.29 65.83
C THR C 1430 85.31 -65.28 64.39
N THR C 1431 86.18 -65.55 63.42
CA THR C 1431 85.80 -65.63 62.01
C THR C 1431 86.70 -66.70 61.39
N THR C 1432 86.20 -67.94 61.36
CA THR C 1432 86.93 -69.11 60.88
C THR C 1432 86.14 -69.95 59.90
N TYR C 1433 84.83 -70.13 60.12
CA TYR C 1433 83.94 -70.95 59.28
C TYR C 1433 84.41 -72.41 59.23
N TYR C 1434 83.67 -73.26 58.50
CA TYR C 1434 84.00 -74.67 58.32
C TYR C 1434 83.77 -75.02 56.85
N TYR C 1435 83.93 -76.30 56.52
CA TYR C 1435 83.74 -76.75 55.14
C TYR C 1435 83.36 -78.22 55.11
N SER C 1436 82.21 -78.50 54.51
CA SER C 1436 81.70 -79.87 54.39
C SER C 1436 80.67 -79.88 53.26
N VAL C 1437 80.30 -81.10 52.84
CA VAL C 1437 79.28 -81.34 51.83
C VAL C 1437 78.35 -82.43 52.33
N ARG C 1438 77.06 -82.28 52.01
CA ARG C 1438 76.02 -83.24 52.40
C ARG C 1438 75.10 -83.47 51.21
N VAL C 1439 74.94 -84.75 50.82
CA VAL C 1439 74.09 -85.13 49.70
C VAL C 1439 72.69 -85.41 50.23
N PHE C 1440 72.59 -86.43 51.09
CA PHE C 1440 71.38 -86.75 51.84
C PHE C 1440 71.62 -86.98 53.32
N ALA C 1441 72.85 -87.31 53.72
CA ALA C 1441 73.24 -87.46 55.12
C ALA C 1441 74.63 -86.86 55.26
N GLY C 1442 75.28 -87.12 56.39
CA GLY C 1442 76.59 -86.54 56.64
C GLY C 1442 77.72 -87.35 56.04
N GLN C 1443 78.18 -86.94 54.87
CA GLN C 1443 79.37 -87.50 54.26
C GLN C 1443 80.61 -86.88 54.92
N GLU C 1444 81.78 -87.42 54.58
CA GLU C 1444 83.07 -87.00 55.14
C GLU C 1444 84.03 -86.66 54.00
N PRO C 1445 83.80 -85.56 53.28
CA PRO C 1445 84.82 -85.07 52.34
C PRO C 1445 85.95 -84.37 53.09
N SER C 1446 85.58 -83.55 54.07
CA SER C 1446 86.51 -82.80 54.90
C SER C 1446 87.38 -81.88 54.05
N CYS C 1447 86.74 -81.15 53.13
CA CYS C 1447 87.44 -80.11 52.40
C CYS C 1447 87.88 -79.01 53.35
N VAL C 1448 89.12 -78.55 53.19
CA VAL C 1448 89.71 -77.68 54.19
C VAL C 1448 89.12 -76.28 54.07
N TRP C 1449 88.54 -75.80 55.16
CA TRP C 1449 88.21 -74.39 55.26
C TRP C 1449 89.49 -73.57 55.33
N VAL C 1450 89.49 -72.41 54.69
CA VAL C 1450 90.70 -71.60 54.58
C VAL C 1450 90.86 -70.69 55.79
N GLY C 1451 89.79 -70.00 56.18
CA GLY C 1451 89.78 -69.21 57.40
C GLY C 1451 89.95 -67.71 57.19
N TRP C 1452 90.81 -67.33 56.24
CA TRP C 1452 90.98 -65.93 55.88
C TRP C 1452 89.80 -65.53 54.99
N VAL C 1453 89.86 -64.31 54.43
CA VAL C 1453 88.71 -63.75 53.71
C VAL C 1453 88.39 -64.55 52.44
N THR C 1454 89.44 -64.89 51.65
CA THR C 1454 89.55 -65.92 50.60
C THR C 1454 88.29 -66.15 49.77
N PRO C 1455 87.88 -65.21 48.93
CA PRO C 1455 86.60 -65.37 48.21
C PRO C 1455 86.63 -66.52 47.23
N ASP C 1456 85.52 -67.24 47.18
CA ASP C 1456 85.36 -68.42 46.37
C ASP C 1456 83.97 -68.41 45.77
N TYR C 1457 83.88 -68.77 44.50
CA TYR C 1457 82.64 -68.69 43.76
C TYR C 1457 81.88 -69.99 43.88
N HIS C 1458 80.59 -69.91 43.56
CA HIS C 1458 79.83 -71.07 43.17
C HIS C 1458 80.51 -71.73 41.97
N GLN C 1459 80.33 -73.04 41.85
CA GLN C 1459 80.91 -73.73 40.70
C GLN C 1459 80.26 -75.08 40.55
N HIS C 1460 80.25 -75.58 39.32
CA HIS C 1460 79.75 -76.90 39.01
C HIS C 1460 80.13 -77.21 37.58
N ASP C 1461 80.04 -78.50 37.25
CA ASP C 1461 80.34 -79.02 35.92
C ASP C 1461 79.32 -80.07 35.58
N MET C 1462 79.13 -80.28 34.27
CA MET C 1462 78.10 -81.20 33.80
C MET C 1462 78.37 -81.56 32.36
N ASN C 1463 78.42 -82.85 32.07
CA ASN C 1463 78.51 -83.35 30.71
C ASN C 1463 77.11 -83.50 30.12
N PHE C 1464 77.04 -83.46 28.80
CA PHE C 1464 75.76 -83.55 28.13
C PHE C 1464 75.19 -84.96 28.25
N ASP C 1465 73.86 -85.04 28.37
CA ASP C 1465 73.11 -86.28 28.38
C ASP C 1465 71.94 -86.28 27.39
N LEU C 1466 71.81 -85.26 26.53
CA LEU C 1466 70.69 -85.12 25.61
C LEU C 1466 69.36 -85.07 26.34
N SER C 1467 69.33 -84.32 27.45
CA SER C 1467 68.16 -84.19 28.29
C SER C 1467 68.20 -82.80 28.91
N LYS C 1468 67.41 -82.59 29.97
CA LYS C 1468 67.44 -81.34 30.71
C LYS C 1468 68.76 -81.10 31.45
N VAL C 1469 69.57 -82.15 31.68
CA VAL C 1469 70.87 -82.10 32.34
C VAL C 1469 70.64 -81.80 33.82
N ARG C 1470 70.34 -80.55 34.17
CA ARG C 1470 70.32 -80.14 35.58
C ARG C 1470 69.63 -78.80 35.71
N ALA C 1471 69.54 -78.32 36.95
CA ALA C 1471 68.87 -77.07 37.27
C ALA C 1471 69.36 -76.60 38.63
N VAL C 1472 70.01 -75.44 38.67
CA VAL C 1472 70.51 -74.87 39.91
C VAL C 1472 69.35 -74.20 40.65
N THR C 1473 69.35 -74.30 41.98
CA THR C 1473 68.28 -73.76 42.81
C THR C 1473 68.89 -73.28 44.13
N VAL C 1474 68.23 -72.31 44.76
CA VAL C 1474 68.57 -71.82 46.09
C VAL C 1474 67.43 -72.25 47.02
N THR C 1475 67.77 -73.03 48.06
CA THR C 1475 66.80 -73.66 48.96
C THR C 1475 67.23 -73.50 50.42
N MET C 1476 66.59 -74.27 51.31
CA MET C 1476 67.04 -74.48 52.69
C MET C 1476 66.97 -73.18 53.49
N GLY C 1477 65.78 -72.62 53.62
CA GLY C 1477 65.57 -71.38 54.35
C GLY C 1477 65.23 -71.56 55.81
N ASP C 1478 65.42 -72.75 56.36
CA ASP C 1478 64.97 -73.04 57.72
C ASP C 1478 65.96 -72.49 58.76
N GLU C 1479 67.22 -72.99 58.76
CA GLU C 1479 68.21 -72.58 59.74
C GLU C 1479 69.65 -72.49 59.22
N GLN C 1480 69.92 -72.78 57.95
CA GLN C 1480 71.30 -72.81 57.44
C GLN C 1480 71.33 -72.45 55.97
N GLY C 1481 72.48 -71.95 55.53
CA GLY C 1481 72.72 -71.73 54.10
C GLY C 1481 73.15 -73.02 53.42
N ASN C 1482 72.70 -73.20 52.18
CA ASN C 1482 72.96 -74.45 51.47
C ASN C 1482 72.69 -74.31 49.98
N VAL C 1483 73.70 -74.61 49.17
CA VAL C 1483 73.49 -74.77 47.73
C VAL C 1483 72.61 -75.98 47.48
N HIS C 1484 71.81 -75.93 46.42
CA HIS C 1484 71.04 -77.06 45.91
C HIS C 1484 71.46 -77.34 44.48
N SER C 1485 71.69 -78.63 44.18
CA SER C 1485 72.17 -79.07 42.87
C SER C 1485 71.42 -80.35 42.49
N SER C 1486 70.33 -80.21 41.75
CA SER C 1486 69.58 -81.35 41.24
C SER C 1486 70.29 -81.97 40.04
N LEU C 1487 70.02 -83.25 39.82
CA LEU C 1487 70.58 -83.99 38.70
C LEU C 1487 69.82 -85.30 38.57
N LYS C 1488 69.47 -85.66 37.32
CA LYS C 1488 68.59 -86.80 37.06
C LYS C 1488 68.99 -87.63 35.83
N CYS C 1489 70.22 -87.48 35.31
CA CYS C 1489 70.64 -88.15 34.08
C CYS C 1489 72.06 -88.72 34.07
N SER C 1490 72.95 -88.36 34.98
CA SER C 1490 74.33 -88.87 34.89
C SER C 1490 75.06 -88.54 36.19
N ASN C 1491 76.38 -88.80 36.16
CA ASN C 1491 77.31 -88.45 37.23
C ASN C 1491 78.19 -87.29 36.74
N CYS C 1492 78.32 -86.26 37.57
CA CYS C 1492 79.15 -85.10 37.24
C CYS C 1492 79.48 -84.34 38.51
N TYR C 1493 80.43 -83.42 38.38
CA TYR C 1493 80.99 -82.68 39.51
C TYR C 1493 80.17 -81.43 39.79
N MET C 1494 79.74 -81.25 41.05
CA MET C 1494 78.96 -80.07 41.43
C MET C 1494 79.20 -79.76 42.91
N VAL C 1495 80.22 -78.92 43.17
CA VAL C 1495 80.53 -78.40 44.50
C VAL C 1495 81.20 -77.04 44.24
N TRP C 1496 81.17 -76.17 45.28
CA TRP C 1496 81.82 -74.86 45.33
C TRP C 1496 83.22 -74.84 44.73
N GLY C 1497 83.51 -73.77 43.99
CA GLY C 1497 84.77 -73.55 43.32
C GLY C 1497 85.69 -72.62 44.07
N GLY C 1498 86.47 -71.86 43.31
CA GLY C 1498 87.42 -70.88 43.80
C GLY C 1498 87.14 -69.51 43.19
N ASP C 1499 88.23 -68.78 42.96
CA ASP C 1499 88.18 -67.47 42.32
C ASP C 1499 89.18 -67.36 41.18
N PHE C 1500 90.32 -68.05 41.28
CA PHE C 1500 91.40 -67.93 40.32
C PHE C 1500 91.30 -69.04 39.26
N VAL C 1501 90.10 -69.58 39.05
CA VAL C 1501 89.95 -70.82 38.30
C VAL C 1501 90.19 -70.53 36.83
N SER C 1502 91.20 -71.17 36.27
CA SER C 1502 91.45 -71.07 34.84
C SER C 1502 92.30 -72.25 34.38
N PRO C 1503 91.78 -73.48 34.49
CA PRO C 1503 92.61 -74.66 34.18
C PRO C 1503 92.65 -75.07 32.72
N GLY C 1504 91.81 -74.48 31.87
CA GLY C 1504 91.63 -74.92 30.49
C GLY C 1504 90.34 -75.69 30.35
N GLN C 1505 90.29 -76.60 29.37
CA GLN C 1505 89.11 -77.41 29.10
C GLN C 1505 89.56 -78.82 28.80
N GLN C 1506 89.28 -79.73 29.74
CA GLN C 1506 89.56 -81.15 29.55
C GLN C 1506 88.77 -81.90 30.62
N GLY C 1507 88.70 -83.23 30.48
CA GLY C 1507 88.13 -84.08 31.50
C GLY C 1507 88.87 -83.92 32.82
N ARG C 1508 88.18 -83.37 33.80
CA ARG C 1508 88.83 -82.84 35.00
C ARG C 1508 88.85 -83.88 36.11
N ILE C 1509 90.04 -84.12 36.66
CA ILE C 1509 90.19 -84.86 37.91
C ILE C 1509 91.56 -84.54 38.49
N SER C 1510 91.58 -84.21 39.79
CA SER C 1510 92.78 -84.09 40.62
C SER C 1510 93.79 -83.09 40.05
N HIS C 1511 93.34 -81.83 39.91
CA HIS C 1511 94.13 -80.74 39.35
C HIS C 1511 94.44 -79.63 40.35
N THR C 1512 93.69 -79.52 41.45
CA THR C 1512 94.10 -78.67 42.55
C THR C 1512 95.31 -79.27 43.23
N ASP C 1513 96.09 -78.42 43.91
CA ASP C 1513 97.40 -78.83 44.40
C ASP C 1513 97.84 -77.92 45.54
N LEU C 1514 98.96 -78.32 46.15
CA LEU C 1514 99.80 -77.54 47.07
C LEU C 1514 99.33 -77.55 48.51
N VAL C 1515 100.29 -77.72 49.41
CA VAL C 1515 100.10 -77.55 50.85
C VAL C 1515 101.34 -76.84 51.38
N ILE C 1516 101.13 -75.84 52.23
CA ILE C 1516 102.24 -75.04 52.74
C ILE C 1516 102.97 -75.83 53.82
N GLY C 1517 104.28 -75.98 53.64
CA GLY C 1517 105.16 -76.56 54.65
C GLY C 1517 105.82 -75.51 55.50
N CYS C 1518 105.02 -74.70 56.20
CA CYS C 1518 105.58 -73.68 57.08
C CYS C 1518 106.29 -74.34 58.25
N LEU C 1519 107.50 -73.85 58.56
CA LEU C 1519 108.43 -74.50 59.48
C LEU C 1519 108.97 -73.49 60.48
N VAL C 1520 109.86 -73.99 61.33
CA VAL C 1520 110.48 -73.25 62.42
C VAL C 1520 111.95 -73.68 62.48
N ASP C 1521 112.74 -73.04 63.35
CA ASP C 1521 114.18 -73.30 63.40
C ASP C 1521 114.51 -74.75 63.77
N LEU C 1522 113.66 -75.40 64.55
CA LEU C 1522 113.76 -76.84 64.79
C LEU C 1522 113.32 -77.69 63.60
N ALA C 1523 112.73 -77.10 62.56
CA ALA C 1523 112.22 -77.82 61.39
C ALA C 1523 111.12 -78.80 61.78
N THR C 1524 110.26 -78.38 62.73
CA THR C 1524 109.07 -79.13 63.13
C THR C 1524 107.90 -78.19 63.40
N GLY C 1525 107.83 -77.07 62.69
CA GLY C 1525 106.82 -76.05 62.92
C GLY C 1525 105.40 -76.53 62.69
N LEU C 1526 104.52 -76.25 63.65
CA LEU C 1526 103.12 -76.68 63.61
C LEU C 1526 102.23 -75.62 62.98
N MET C 1527 102.63 -75.14 61.80
CA MET C 1527 101.92 -74.15 61.02
C MET C 1527 101.57 -74.63 59.61
N THR C 1528 101.86 -75.89 59.27
CA THR C 1528 101.49 -76.40 57.95
C THR C 1528 99.98 -76.53 57.84
N PHE C 1529 99.47 -76.31 56.63
CA PHE C 1529 98.05 -76.11 56.45
C PHE C 1529 97.69 -76.33 54.99
N THR C 1530 96.87 -77.35 54.71
CA THR C 1530 96.37 -77.56 53.37
C THR C 1530 95.47 -76.40 52.97
N ALA C 1531 95.68 -75.89 51.76
CA ALA C 1531 95.02 -74.68 51.30
C ALA C 1531 95.02 -74.69 49.78
N ASN C 1532 94.73 -73.53 49.20
CA ASN C 1532 94.75 -73.33 47.75
C ASN C 1532 93.71 -74.19 47.07
N GLY C 1533 92.48 -74.11 47.57
CA GLY C 1533 91.36 -74.79 46.95
C GLY C 1533 90.89 -74.07 45.70
N LYS C 1534 91.71 -74.12 44.64
CA LYS C 1534 91.36 -73.48 43.38
C LYS C 1534 90.08 -74.09 42.80
N GLU C 1535 90.05 -75.41 42.68
CA GLU C 1535 88.84 -76.19 42.38
C GLU C 1535 88.61 -77.07 43.59
N SER C 1536 87.96 -76.49 44.60
CA SER C 1536 87.64 -77.20 45.84
C SER C 1536 86.32 -77.95 45.68
N ASN C 1537 86.32 -78.90 44.75
CA ASN C 1537 85.15 -79.64 44.31
C ASN C 1537 85.33 -81.11 44.68
N THR C 1538 84.34 -81.67 45.37
CA THR C 1538 84.36 -83.09 45.70
C THR C 1538 83.84 -83.90 44.52
N PHE C 1539 84.50 -85.02 44.27
CA PHE C 1539 84.24 -85.79 43.06
C PHE C 1539 83.05 -86.72 43.30
N PHE C 1540 82.00 -86.53 42.50
CA PHE C 1540 80.80 -87.35 42.57
C PHE C 1540 80.94 -88.68 41.84
N GLN C 1541 82.11 -89.00 41.29
CA GLN C 1541 82.33 -90.32 40.72
C GLN C 1541 82.22 -91.41 41.78
N VAL C 1542 82.58 -91.10 43.04
CA VAL C 1542 82.70 -92.11 44.08
C VAL C 1542 81.42 -92.27 44.89
N GLU C 1543 80.59 -91.23 44.99
CA GLU C 1543 79.54 -91.26 46.02
C GLU C 1543 78.41 -92.22 45.68
N PRO C 1544 77.77 -92.18 44.49
CA PRO C 1544 76.80 -93.22 44.14
C PRO C 1544 77.42 -94.34 43.32
N ASN C 1545 76.71 -95.46 43.29
CA ASN C 1545 76.92 -96.47 42.25
C ASN C 1545 75.62 -97.26 42.13
N THR C 1546 74.79 -96.87 41.15
CA THR C 1546 73.48 -97.46 40.96
C THR C 1546 73.10 -97.31 39.48
N LYS C 1547 72.08 -98.06 39.07
CA LYS C 1547 71.65 -98.11 37.67
C LYS C 1547 70.58 -97.05 37.42
N LEU C 1548 71.05 -95.83 37.11
CA LEU C 1548 70.32 -94.62 36.70
C LEU C 1548 68.93 -94.43 37.31
N PHE C 1549 67.99 -93.72 36.60
CA PHE C 1549 66.80 -93.02 37.11
C PHE C 1549 67.01 -92.46 38.52
N PRO C 1550 68.03 -91.62 38.74
CA PRO C 1550 68.31 -91.15 40.09
C PRO C 1550 67.44 -89.94 40.45
N ALA C 1551 67.58 -89.50 41.70
CA ALA C 1551 66.98 -88.28 42.23
C ALA C 1551 68.04 -87.51 43.01
N VAL C 1552 69.19 -87.31 42.38
CA VAL C 1552 70.34 -86.72 43.04
C VAL C 1552 70.04 -85.27 43.40
N PHE C 1553 70.27 -84.92 44.66
CA PHE C 1553 70.08 -83.57 45.21
C PHE C 1553 71.27 -83.19 46.08
N VAL C 1554 72.46 -83.29 45.49
CA VAL C 1554 73.70 -82.86 46.15
C VAL C 1554 73.55 -81.40 46.57
N LEU C 1555 74.11 -81.08 47.74
CA LEU C 1555 73.88 -79.80 48.40
C LEU C 1555 75.00 -79.46 49.38
N PRO C 1556 76.08 -78.81 48.97
CA PRO C 1556 77.08 -78.40 49.95
C PRO C 1556 76.61 -77.22 50.79
N THR C 1557 77.33 -77.01 51.89
CA THR C 1557 77.02 -75.99 52.88
C THR C 1557 78.33 -75.44 53.41
N HIS C 1558 78.61 -74.16 53.10
CA HIS C 1558 79.71 -73.40 53.68
C HIS C 1558 79.24 -72.30 54.60
N GLN C 1559 78.07 -71.72 54.36
CA GLN C 1559 77.58 -70.62 55.19
C GLN C 1559 77.19 -71.18 56.54
N ASN C 1560 78.08 -71.02 57.53
CA ASN C 1560 77.83 -71.58 58.85
C ASN C 1560 76.65 -70.89 59.54
N VAL C 1561 76.50 -69.58 59.32
CA VAL C 1561 75.38 -68.79 59.83
C VAL C 1561 75.38 -68.76 61.35
N ILE C 1562 75.85 -67.66 61.93
CA ILE C 1562 75.53 -67.40 63.33
C ILE C 1562 74.03 -67.19 63.44
N GLN C 1563 73.44 -67.76 64.49
CA GLN C 1563 71.99 -67.73 64.64
C GLN C 1563 71.56 -66.32 65.05
N PHE C 1564 71.05 -65.57 64.08
CA PHE C 1564 70.29 -64.35 64.35
C PHE C 1564 68.82 -64.74 64.39
N GLU C 1565 68.20 -64.55 65.56
CA GLU C 1565 66.81 -64.93 65.81
C GLU C 1565 66.61 -66.43 65.57
N LEU C 1566 67.24 -67.22 66.44
CA LEU C 1566 67.26 -68.68 66.33
C LEU C 1566 65.85 -69.25 66.29
N GLY C 1567 65.12 -69.09 67.40
CA GLY C 1567 63.66 -69.21 67.48
C GLY C 1567 62.96 -70.35 66.77
N LYS C 1568 63.66 -71.47 66.56
CA LYS C 1568 63.18 -72.57 65.74
C LYS C 1568 62.90 -72.10 64.31
N GLN C 1569 62.11 -72.85 63.55
CA GLN C 1569 61.74 -72.42 62.21
C GLN C 1569 60.63 -73.30 61.65
N MET C 1573 67.96 -68.60 56.98
CA MET C 1573 69.38 -68.54 56.64
C MET C 1573 69.62 -68.88 55.17
N PRO C 1574 69.05 -68.12 54.25
CA PRO C 1574 69.17 -68.47 52.83
C PRO C 1574 70.54 -68.09 52.29
N LEU C 1575 70.80 -68.55 51.06
CA LEU C 1575 72.03 -68.15 50.38
C LEU C 1575 72.03 -66.66 50.08
N SER C 1576 70.88 -66.13 49.63
CA SER C 1576 70.79 -64.75 49.16
C SER C 1576 71.08 -63.72 50.24
N ALA C 1577 70.95 -64.08 51.51
CA ALA C 1577 71.27 -63.15 52.59
C ALA C 1577 72.74 -62.78 52.57
N ALA C 1578 73.61 -63.74 52.29
CA ALA C 1578 75.04 -63.52 52.29
C ALA C 1578 75.57 -62.91 50.99
N MET C 1579 74.78 -62.92 49.91
CA MET C 1579 75.29 -62.44 48.64
C MET C 1579 75.37 -60.92 48.61
N PHE C 1580 74.24 -60.25 48.79
CA PHE C 1580 74.09 -58.85 48.43
C PHE C 1580 74.41 -57.86 49.54
N LEU C 1581 74.54 -58.30 50.79
CA LEU C 1581 74.82 -57.41 51.93
C LEU C 1581 73.70 -56.40 52.18
N SER C 1582 72.46 -56.69 51.73
CA SER C 1582 71.29 -55.90 52.07
C SER C 1582 70.05 -56.74 52.30
N GLU C 1583 70.22 -58.05 52.56
CA GLU C 1583 69.13 -58.95 52.91
C GLU C 1583 69.55 -59.91 54.02
N ARG C 1584 70.44 -59.45 54.91
CA ARG C 1584 70.86 -60.29 56.02
C ARG C 1584 69.70 -60.55 56.97
N LYS C 1585 68.91 -59.51 57.24
CA LYS C 1585 67.70 -59.70 58.03
C LYS C 1585 66.66 -60.56 57.31
N ASN C 1586 66.68 -60.55 55.98
CA ASN C 1586 65.67 -61.28 55.22
C ASN C 1586 65.93 -62.78 55.34
N PRO C 1587 64.98 -63.60 55.89
CA PRO C 1587 65.23 -65.05 55.97
C PRO C 1587 64.79 -65.82 54.74
N ALA C 1588 63.86 -65.26 53.97
CA ALA C 1588 63.36 -65.96 52.80
C ALA C 1588 64.41 -65.92 51.69
N PRO C 1589 64.41 -66.90 50.77
CA PRO C 1589 65.34 -66.84 49.65
C PRO C 1589 64.82 -65.92 48.54
N GLN C 1590 65.76 -65.42 47.75
CA GLN C 1590 65.45 -64.55 46.63
C GLN C 1590 66.49 -64.74 45.54
N CYS C 1591 66.10 -64.40 44.31
CA CYS C 1591 66.95 -64.49 43.12
C CYS C 1591 66.83 -63.20 42.33
N PRO C 1592 67.57 -62.16 42.70
CA PRO C 1592 67.55 -60.93 41.89
C PRO C 1592 68.22 -61.16 40.54
N PRO C 1593 68.04 -60.24 39.59
CA PRO C 1593 68.55 -60.50 38.23
C PRO C 1593 70.06 -60.51 38.12
N ARG C 1594 70.78 -59.95 39.08
CA ARG C 1594 72.23 -59.93 38.99
C ARG C 1594 72.82 -61.33 39.08
N LEU C 1595 72.16 -62.24 39.79
CA LEU C 1595 72.56 -63.63 39.77
C LEU C 1595 72.26 -64.21 38.40
N GLU C 1596 73.30 -64.66 37.71
CA GLU C 1596 73.19 -65.23 36.38
C GLU C 1596 74.16 -66.39 36.25
N VAL C 1597 73.70 -67.43 35.57
CA VAL C 1597 74.59 -68.52 35.20
C VAL C 1597 75.59 -68.01 34.20
N GLN C 1598 76.83 -68.46 34.33
CA GLN C 1598 77.95 -67.97 33.54
C GLN C 1598 78.88 -69.13 33.21
N MET C 1599 79.44 -69.11 32.00
CA MET C 1599 80.15 -70.25 31.43
C MET C 1599 81.52 -69.77 30.98
N LEU C 1600 82.47 -70.69 31.02
CA LEU C 1600 83.88 -70.38 30.86
C LEU C 1600 84.29 -70.46 29.40
N MET C 1601 84.66 -69.31 28.82
CA MET C 1601 85.31 -69.30 27.52
C MET C 1601 86.77 -69.75 27.67
N PRO C 1602 87.36 -70.34 26.63
CA PRO C 1602 88.79 -70.68 26.70
C PRO C 1602 89.73 -69.54 26.32
N VAL C 1603 89.21 -68.48 25.69
CA VAL C 1603 90.04 -67.52 24.99
C VAL C 1603 89.23 -66.24 24.88
N SER C 1604 89.92 -65.10 24.93
CA SER C 1604 89.27 -63.80 24.79
C SER C 1604 90.27 -62.79 24.25
N TRP C 1605 89.73 -61.68 23.78
CA TRP C 1605 90.52 -60.62 23.18
C TRP C 1605 91.23 -59.78 24.23
N SER C 1606 92.22 -59.03 23.78
CA SER C 1606 92.98 -58.15 24.67
C SER C 1606 93.74 -57.14 23.82
N ARG C 1607 94.47 -56.27 24.52
CA ARG C 1607 95.20 -55.16 23.91
C ARG C 1607 96.54 -55.07 24.61
N MET C 1608 97.62 -55.16 23.84
CA MET C 1608 98.96 -55.07 24.40
C MET C 1608 99.31 -53.61 24.67
N PRO C 1609 100.35 -53.36 25.47
CA PRO C 1609 100.80 -51.97 25.63
C PRO C 1609 101.40 -51.43 24.35
N ASN C 1610 101.31 -50.11 24.21
CA ASN C 1610 101.94 -49.44 23.08
C ASN C 1610 103.46 -49.49 23.21
N HIS C 1611 103.97 -49.30 24.43
CA HIS C 1611 105.39 -49.33 24.74
C HIS C 1611 105.65 -50.52 25.64
N PHE C 1612 106.29 -51.54 25.09
CA PHE C 1612 106.73 -52.67 25.90
C PHE C 1612 107.90 -52.26 26.77
N LEU C 1613 108.24 -53.12 27.71
CA LEU C 1613 109.39 -52.89 28.58
C LEU C 1613 110.66 -52.99 27.74
N GLN C 1614 111.19 -51.84 27.34
CA GLN C 1614 112.36 -51.80 26.48
C GLN C 1614 113.59 -52.36 27.19
N VAL C 1615 113.69 -52.13 28.48
CA VAL C 1615 114.72 -52.75 29.31
C VAL C 1615 114.34 -54.21 29.53
N GLU C 1616 115.25 -54.97 30.15
CA GLU C 1616 115.25 -56.44 30.16
C GLU C 1616 115.58 -56.97 28.77
N THR C 1617 116.58 -56.36 28.13
CA THR C 1617 117.15 -56.80 26.88
C THR C 1617 118.66 -56.68 26.93
N ARG C 1618 119.25 -56.97 28.09
CA ARG C 1618 120.70 -56.88 28.31
C ARG C 1618 121.36 -58.18 27.88
N ARG C 1619 121.29 -58.44 26.58
CA ARG C 1619 121.88 -59.59 25.90
C ARG C 1619 121.27 -60.93 26.28
N ALA C 1620 120.17 -60.96 27.04
CA ALA C 1620 119.53 -62.19 27.50
C ALA C 1620 120.50 -63.06 28.30
N GLY C 1621 121.34 -62.40 29.11
CA GLY C 1621 122.40 -63.06 29.87
C GLY C 1621 123.76 -62.90 29.22
N GLU C 1622 124.57 -61.98 29.74
CA GLU C 1622 125.81 -61.60 29.06
C GLU C 1622 126.93 -62.59 29.34
N ARG C 1623 127.41 -62.63 30.59
CA ARG C 1623 128.58 -63.41 30.97
C ARG C 1623 128.71 -63.31 32.49
N LEU C 1624 129.56 -64.15 33.05
CA LEU C 1624 129.84 -64.19 34.49
C LEU C 1624 128.56 -64.55 35.26
N GLY C 1625 127.85 -65.54 34.74
CA GLY C 1625 126.58 -65.97 35.31
C GLY C 1625 125.37 -65.31 34.69
N TRP C 1626 125.44 -64.89 33.42
CA TRP C 1626 124.28 -64.44 32.65
C TRP C 1626 123.62 -63.21 33.27
N ALA C 1627 124.36 -62.11 33.29
CA ALA C 1627 123.87 -60.87 33.87
C ALA C 1627 122.72 -60.31 33.06
N VAL C 1628 121.73 -59.75 33.77
CA VAL C 1628 120.55 -59.10 33.18
C VAL C 1628 120.38 -57.73 33.81
N GLN C 1629 120.03 -56.74 32.98
CA GLN C 1629 119.97 -55.33 33.37
C GLN C 1629 118.55 -54.81 33.15
N CYS C 1630 118.07 -54.02 34.10
CA CYS C 1630 116.75 -53.42 34.03
C CYS C 1630 116.79 -52.11 34.81
N GLN C 1631 116.52 -51.00 34.11
CA GLN C 1631 116.63 -49.66 34.67
C GLN C 1631 115.33 -48.87 34.62
N ASP C 1632 114.71 -48.74 33.45
CA ASP C 1632 113.76 -47.65 33.26
C ASP C 1632 112.37 -48.00 33.82
N PRO C 1633 111.55 -46.97 34.18
CA PRO C 1633 110.20 -47.24 34.70
C PRO C 1633 109.12 -47.17 33.63
N LEU C 1634 108.01 -47.89 33.82
CA LEU C 1634 106.85 -47.75 32.96
C LEU C 1634 105.67 -48.43 33.66
N THR C 1635 104.48 -47.84 33.52
CA THR C 1635 103.33 -48.17 34.36
C THR C 1635 102.04 -48.23 33.56
N MET C 1636 101.03 -48.88 34.15
CA MET C 1636 99.62 -48.75 33.80
C MET C 1636 98.89 -47.98 34.89
N MET C 1637 97.62 -47.70 34.60
CA MET C 1637 96.58 -47.54 35.59
C MET C 1637 95.78 -48.85 35.60
N ALA C 1638 94.65 -48.86 36.30
CA ALA C 1638 93.85 -50.08 36.43
C ALA C 1638 92.38 -49.77 36.60
N LEU C 1639 91.56 -50.78 36.29
CA LEU C 1639 90.12 -50.81 36.51
C LEU C 1639 89.77 -52.07 37.30
N HIS C 1640 90.42 -52.23 38.44
CA HIS C 1640 90.24 -53.44 39.24
C HIS C 1640 88.82 -53.58 39.73
N ILE C 1641 88.10 -54.54 39.17
CA ILE C 1641 86.74 -54.79 39.62
C ILE C 1641 86.81 -55.36 41.04
N PRO C 1642 85.95 -54.96 41.98
CA PRO C 1642 86.08 -55.53 43.33
C PRO C 1642 85.65 -56.98 43.38
N GLU C 1643 84.60 -57.33 42.66
CA GLU C 1643 84.05 -58.68 42.75
C GLU C 1643 84.93 -59.68 42.02
N GLU C 1644 85.39 -59.34 40.83
CA GLU C 1644 86.05 -60.30 39.96
C GLU C 1644 87.53 -60.47 40.26
N ASN C 1645 88.17 -59.44 40.81
CA ASN C 1645 89.55 -59.50 41.25
C ASN C 1645 90.51 -59.76 40.08
N ARG C 1646 90.34 -58.95 39.03
CA ARG C 1646 91.29 -58.86 37.92
C ARG C 1646 91.60 -57.39 37.70
N CYS C 1647 92.36 -57.05 36.65
CA CYS C 1647 92.76 -55.67 36.36
C CYS C 1647 92.67 -55.42 34.87
N MET C 1648 92.19 -54.23 34.51
CA MET C 1648 92.08 -53.76 33.14
C MET C 1648 92.53 -52.30 33.09
N ASP C 1649 93.33 -52.02 32.02
CA ASP C 1649 93.88 -50.68 31.81
C ASP C 1649 92.76 -49.80 31.33
N ILE C 1650 92.93 -48.48 31.42
CA ILE C 1650 91.86 -47.55 31.10
C ILE C 1650 91.90 -47.40 29.58
N LEU C 1651 91.58 -48.45 28.81
CA LEU C 1651 92.06 -48.59 27.44
C LEU C 1651 91.31 -49.57 26.51
N GLU C 1652 90.72 -50.67 26.99
CA GLU C 1652 90.11 -51.68 26.07
C GLU C 1652 88.84 -51.13 25.37
N LEU C 1653 88.86 -50.46 24.21
CA LEU C 1653 87.74 -49.69 23.65
C LEU C 1653 86.62 -50.57 23.12
N SER C 1654 86.93 -51.78 22.68
CA SER C 1654 85.88 -52.72 22.29
C SER C 1654 85.11 -53.19 23.52
N GLU C 1655 85.81 -53.72 24.52
CA GLU C 1655 85.14 -54.13 25.75
C GLU C 1655 84.61 -52.94 26.53
N ARG C 1656 85.26 -51.78 26.41
CA ARG C 1656 84.92 -50.62 27.21
C ARG C 1656 83.67 -49.91 26.71
N LEU C 1657 83.03 -50.37 25.63
CA LEU C 1657 81.86 -49.67 25.11
C LEU C 1657 80.70 -49.68 26.10
N ASP C 1658 80.53 -50.78 26.82
CA ASP C 1658 79.55 -50.84 27.89
C ASP C 1658 80.10 -50.27 29.19
N LEU C 1659 81.37 -50.55 29.50
CA LEU C 1659 81.90 -50.21 30.81
C LEU C 1659 82.18 -48.72 30.95
N GLN C 1660 82.72 -48.08 29.91
CA GLN C 1660 83.10 -46.67 30.00
C GLN C 1660 81.88 -45.77 30.13
N ARG C 1661 80.73 -46.20 29.62
CA ARG C 1661 79.48 -45.49 29.87
C ARG C 1661 79.21 -45.39 31.37
N PHE C 1662 79.31 -46.53 32.05
CA PHE C 1662 79.11 -46.58 33.50
C PHE C 1662 80.18 -45.79 34.23
N HIS C 1663 81.42 -45.89 33.77
CA HIS C 1663 82.52 -45.29 34.50
C HIS C 1663 82.52 -43.77 34.38
N SER C 1664 82.22 -43.26 33.18
CA SER C 1664 82.10 -41.82 32.99
C SER C 1664 80.93 -41.27 33.80
N HIS C 1665 79.83 -42.03 33.84
CA HIS C 1665 78.72 -41.55 34.66
C HIS C 1665 79.07 -41.59 36.15
N THR C 1666 79.94 -42.52 36.56
CA THR C 1666 80.39 -42.51 37.96
C THR C 1666 81.25 -41.30 38.24
N LEU C 1667 82.03 -40.85 37.25
CA LEU C 1667 82.73 -39.59 37.42
C LEU C 1667 81.76 -38.43 37.53
N ARG C 1668 80.61 -38.53 36.88
CA ARG C 1668 79.57 -37.54 37.10
C ARG C 1668 79.12 -37.53 38.55
N LEU C 1669 78.98 -38.72 39.15
CA LEU C 1669 78.65 -38.77 40.57
C LEU C 1669 79.75 -38.15 41.43
N TYR C 1670 81.01 -38.42 41.08
CA TYR C 1670 82.13 -37.88 41.84
C TYR C 1670 82.14 -36.35 41.81
N ARG C 1671 81.88 -35.78 40.65
CA ARG C 1671 81.81 -34.33 40.57
C ARG C 1671 80.56 -33.79 41.25
N ALA C 1672 79.48 -34.56 41.28
CA ALA C 1672 78.26 -34.10 41.92
C ALA C 1672 78.44 -33.98 43.44
N VAL C 1673 78.95 -35.04 44.07
CA VAL C 1673 79.13 -35.00 45.52
C VAL C 1673 80.21 -34.03 45.94
N CYS C 1674 81.12 -33.67 45.04
CA CYS C 1674 81.96 -32.49 45.18
C CYS C 1674 81.21 -31.30 44.62
N ALA C 1675 80.13 -30.95 45.29
CA ALA C 1675 79.19 -29.96 44.81
C ALA C 1675 79.77 -28.56 44.92
N LEU C 1676 78.95 -27.56 44.66
CA LEU C 1676 79.35 -26.19 44.82
C LEU C 1676 79.60 -25.90 46.29
N GLY C 1677 80.81 -25.46 46.61
CA GLY C 1677 81.13 -25.05 47.96
C GLY C 1677 81.13 -26.17 48.98
N ASN C 1678 81.75 -27.29 48.64
CA ASN C 1678 82.01 -28.39 49.58
C ASN C 1678 83.46 -28.79 49.46
N ASN C 1679 84.07 -29.08 50.61
CA ASN C 1679 85.50 -29.39 50.72
C ASN C 1679 85.77 -30.65 51.54
N ARG C 1680 84.89 -30.98 52.48
CA ARG C 1680 85.07 -32.19 53.29
C ARG C 1680 84.99 -33.43 52.40
N VAL C 1681 83.98 -33.48 51.54
CA VAL C 1681 83.83 -34.59 50.60
C VAL C 1681 84.99 -34.60 49.62
N ALA C 1682 85.50 -33.43 49.24
CA ALA C 1682 86.61 -33.35 48.29
C ALA C 1682 87.87 -33.98 48.86
N HIS C 1683 88.15 -33.69 50.13
CA HIS C 1683 89.26 -34.33 50.82
C HIS C 1683 89.05 -35.83 50.88
N ALA C 1684 87.80 -36.27 51.08
CA ALA C 1684 87.55 -37.70 51.07
C ALA C 1684 87.80 -38.30 49.69
N LEU C 1685 87.42 -37.58 48.62
CA LEU C 1685 87.62 -38.09 47.27
C LEU C 1685 89.07 -38.13 46.85
N CYS C 1686 89.95 -37.38 47.52
CA CYS C 1686 91.36 -37.45 47.17
C CYS C 1686 91.95 -38.85 47.42
N SER C 1687 91.39 -39.62 48.34
CA SER C 1687 91.84 -40.99 48.54
C SER C 1687 91.53 -41.86 47.33
N HIS C 1688 90.29 -41.80 46.85
CA HIS C 1688 89.89 -42.66 45.73
C HIS C 1688 90.64 -42.30 44.46
N VAL C 1689 90.97 -41.02 44.29
CA VAL C 1689 91.71 -40.52 43.14
C VAL C 1689 92.77 -39.59 43.69
N ASP C 1690 94.02 -40.03 43.62
CA ASP C 1690 95.14 -39.29 44.18
C ASP C 1690 95.72 -38.34 43.11
N GLN C 1691 96.78 -37.65 43.51
CA GLN C 1691 97.43 -36.69 42.63
C GLN C 1691 98.09 -37.37 41.44
N ALA C 1692 98.75 -38.52 41.67
CA ALA C 1692 99.55 -39.13 40.61
C ALA C 1692 98.67 -39.70 39.51
N GLN C 1693 97.57 -40.34 39.90
CA GLN C 1693 96.58 -40.85 38.94
C GLN C 1693 96.05 -39.73 38.07
N LEU C 1694 95.76 -38.59 38.70
CA LEU C 1694 95.17 -37.46 38.00
C LEU C 1694 96.16 -36.87 37.01
N LEU C 1695 97.40 -36.69 37.45
CA LEU C 1695 98.42 -36.07 36.60
C LEU C 1695 98.74 -36.98 35.41
N HIS C 1696 98.80 -38.29 35.64
CA HIS C 1696 99.05 -39.18 34.53
C HIS C 1696 97.87 -39.22 33.59
N ALA C 1697 96.65 -39.00 34.09
CA ALA C 1697 95.53 -38.83 33.18
C ALA C 1697 95.67 -37.57 32.34
N LEU C 1698 96.23 -36.50 32.92
CA LEU C 1698 96.45 -35.29 32.12
C LEU C 1698 97.44 -35.54 31.00
N GLU C 1699 98.55 -36.23 31.28
CA GLU C 1699 99.57 -36.38 30.24
C GLU C 1699 99.17 -37.35 29.14
N ASP C 1700 98.33 -38.34 29.44
CA ASP C 1700 98.08 -39.42 28.48
C ASP C 1700 97.29 -38.94 27.27
N ALA C 1701 97.47 -39.65 26.16
CA ALA C 1701 96.82 -39.36 24.89
C ALA C 1701 96.38 -40.64 24.19
N HIS C 1702 95.83 -41.59 24.97
CA HIS C 1702 95.23 -42.81 24.45
C HIS C 1702 93.84 -43.07 25.05
N LEU C 1703 93.22 -42.07 25.68
CA LEU C 1703 91.98 -42.28 26.37
C LEU C 1703 90.84 -42.46 25.36
N PRO C 1704 89.70 -43.03 25.79
CA PRO C 1704 88.54 -43.06 24.88
C PRO C 1704 88.03 -41.68 24.51
N GLY C 1705 88.17 -40.72 25.41
CA GLY C 1705 87.82 -39.32 25.16
C GLY C 1705 86.78 -38.77 26.10
N PRO C 1706 85.67 -39.50 26.32
CA PRO C 1706 84.76 -39.09 27.41
C PRO C 1706 85.42 -39.13 28.77
N LEU C 1707 86.28 -40.11 28.99
CA LEU C 1707 87.03 -40.15 30.23
C LEU C 1707 88.05 -39.05 30.30
N ARG C 1708 88.60 -38.61 29.16
CA ARG C 1708 89.57 -37.52 29.20
C ARG C 1708 88.92 -36.23 29.66
N ALA C 1709 87.74 -35.95 29.13
CA ALA C 1709 86.95 -34.81 29.58
C ALA C 1709 86.56 -34.96 31.03
N GLY C 1710 86.17 -36.17 31.42
CA GLY C 1710 85.75 -36.41 32.79
C GLY C 1710 86.87 -36.22 33.80
N TYR C 1711 88.06 -36.70 33.46
CA TYR C 1711 89.17 -36.63 34.40
C TYR C 1711 89.70 -35.21 34.52
N TYR C 1712 89.78 -34.49 33.39
CA TYR C 1712 90.13 -33.07 33.45
C TYR C 1712 89.10 -32.30 34.27
N ASP C 1713 87.83 -32.60 34.06
CA ASP C 1713 86.77 -31.92 34.80
C ASP C 1713 86.78 -32.30 36.27
N LEU C 1714 87.20 -33.52 36.59
CA LEU C 1714 87.31 -33.91 37.99
C LEU C 1714 88.41 -33.15 38.70
N LEU C 1715 89.53 -32.91 37.98
CA LEU C 1715 90.58 -32.04 38.52
C LEU C 1715 90.02 -30.66 38.81
N ILE C 1716 89.20 -30.13 37.90
CA ILE C 1716 88.62 -28.82 38.14
C ILE C 1716 87.65 -28.87 39.32
N SER C 1717 86.86 -29.94 39.41
CA SER C 1717 85.81 -30.01 40.42
C SER C 1717 86.39 -30.10 41.83
N ILE C 1718 87.46 -30.86 42.00
CA ILE C 1718 87.98 -31.07 43.34
C ILE C 1718 88.73 -29.84 43.82
N HIS C 1719 89.82 -29.50 43.14
CA HIS C 1719 90.75 -28.50 43.63
C HIS C 1719 90.36 -27.08 43.25
N LEU C 1720 90.10 -26.84 41.96
CA LEU C 1720 90.03 -25.49 41.41
C LEU C 1720 88.64 -24.87 41.40
N GLU C 1721 87.59 -25.61 41.78
CA GLU C 1721 86.23 -25.07 41.69
C GLU C 1721 86.00 -23.94 42.67
N SER C 1722 86.36 -24.16 43.94
CA SER C 1722 86.04 -23.23 45.02
C SER C 1722 86.71 -21.88 44.83
N ALA C 1723 88.02 -21.92 44.56
CA ALA C 1723 88.79 -20.70 44.38
C ALA C 1723 88.33 -19.93 43.16
N CYS C 1724 88.03 -20.64 42.08
CA CYS C 1724 87.64 -19.99 40.85
C CYS C 1724 86.31 -19.27 41.01
N ARG C 1725 85.35 -19.92 41.68
CA ARG C 1725 84.06 -19.29 41.91
C ARG C 1725 84.19 -18.04 42.79
N SER C 1726 84.97 -18.14 43.87
CA SER C 1726 85.13 -17.02 44.79
C SER C 1726 85.84 -15.85 44.13
N ARG C 1727 86.94 -16.13 43.44
CA ARG C 1727 87.70 -15.06 42.81
C ARG C 1727 86.93 -14.45 41.65
N ARG C 1728 86.10 -15.22 40.96
CA ARG C 1728 85.29 -14.62 39.91
C ARG C 1728 84.24 -13.70 40.50
N SER C 1729 83.70 -14.05 41.68
CA SER C 1729 82.75 -13.14 42.31
C SER C 1729 83.42 -11.82 42.69
N MET C 1730 84.64 -11.89 43.23
CA MET C 1730 85.35 -10.64 43.56
C MET C 1730 85.99 -9.95 42.35
N LEU C 1731 86.01 -10.58 41.18
CA LEU C 1731 86.64 -9.96 40.01
C LEU C 1731 85.92 -8.70 39.53
N SER C 1732 84.65 -8.50 39.89
CA SER C 1732 83.90 -7.34 39.46
C SER C 1732 84.03 -6.15 40.41
N GLU C 1733 85.14 -6.06 41.16
CA GLU C 1733 85.46 -4.92 42.01
C GLU C 1733 86.85 -4.44 41.64
N TYR C 1734 87.06 -3.13 41.82
CA TYR C 1734 88.21 -2.41 41.30
C TYR C 1734 88.80 -1.50 42.36
N ILE C 1735 88.99 -2.04 43.56
CA ILE C 1735 89.64 -1.27 44.61
C ILE C 1735 91.11 -1.11 44.25
N VAL C 1736 91.61 0.11 44.39
CA VAL C 1736 92.96 0.50 44.00
C VAL C 1736 93.65 1.13 45.21
N PRO C 1737 94.52 0.43 45.94
CA PRO C 1737 95.25 1.12 47.00
C PRO C 1737 96.26 2.11 46.43
N LEU C 1738 96.51 3.14 47.22
CA LEU C 1738 97.44 4.20 46.83
C LEU C 1738 98.84 3.84 47.29
N THR C 1739 99.75 3.69 46.33
CA THR C 1739 101.12 3.26 46.57
C THR C 1739 102.00 3.95 45.53
N PRO C 1740 103.31 4.06 45.76
CA PRO C 1740 104.21 4.44 44.65
C PRO C 1740 104.13 3.52 43.45
N GLU C 1741 103.97 2.21 43.67
CA GLU C 1741 103.81 1.29 42.56
C GLU C 1741 102.52 1.57 41.80
N THR C 1742 101.48 2.02 42.50
CA THR C 1742 100.24 2.39 41.84
C THR C 1742 100.44 3.60 40.94
N ARG C 1743 101.20 4.60 41.40
CA ARG C 1743 101.37 5.83 40.64
C ARG C 1743 102.18 5.62 39.37
N ALA C 1744 103.08 4.62 39.37
CA ALA C 1744 103.89 4.36 38.18
C ALA C 1744 103.06 3.87 37.01
N ILE C 1745 101.92 3.26 37.26
CA ILE C 1745 101.11 2.68 36.19
C ILE C 1745 100.50 3.79 35.36
N THR C 1746 100.42 3.56 34.05
CA THR C 1746 99.85 4.55 33.14
C THR C 1746 99.41 3.83 31.86
N LEU C 1747 98.62 4.54 31.06
CA LEU C 1747 98.24 4.05 29.75
C LEU C 1747 99.42 3.97 28.78
N PHE C 1748 100.48 4.74 29.03
CA PHE C 1748 101.63 4.76 28.14
C PHE C 1748 102.31 3.38 28.17
N PRO C 1749 102.55 2.74 27.02
CA PRO C 1749 103.39 1.55 27.03
C PRO C 1749 104.80 1.91 27.45
N PRO C 1750 105.53 0.97 28.08
CA PRO C 1750 106.77 1.35 28.79
C PRO C 1750 107.92 1.79 27.89
N GLY C 1751 108.26 0.96 26.91
CA GLY C 1751 109.53 1.08 26.20
C GLY C 1751 109.44 1.60 24.78
N ARG C 1752 108.49 2.48 24.49
CA ARG C 1752 108.41 3.09 23.17
C ARG C 1752 107.57 4.35 23.28
N LYS C 1753 108.18 5.50 23.00
CA LYS C 1753 107.46 6.77 23.03
C LYS C 1753 106.40 6.81 21.95
N GLY C 1754 105.31 7.52 22.24
CA GLY C 1754 104.19 7.59 21.33
C GLY C 1754 103.49 6.26 21.14
N GLY C 1755 103.38 5.48 22.22
CA GLY C 1755 102.77 4.16 22.13
C GLY C 1755 101.27 4.17 21.97
N ASN C 1756 100.60 5.30 22.27
CA ASN C 1756 99.17 5.39 22.02
C ASN C 1756 98.88 5.30 20.52
N ALA C 1757 99.72 5.89 19.69
CA ALA C 1757 99.61 5.69 18.25
C ALA C 1757 99.90 4.24 17.89
N ARG C 1758 100.89 3.64 18.55
CA ARG C 1758 101.25 2.25 18.35
C ARG C 1758 100.28 1.38 19.15
N ARG C 1759 100.61 0.10 19.31
CA ARG C 1759 99.79 -0.80 20.09
C ARG C 1759 99.78 -0.40 21.56
N HIS C 1760 98.87 -1.02 22.32
CA HIS C 1760 98.66 -0.72 23.73
C HIS C 1760 99.50 -1.60 24.64
N GLY C 1761 100.68 -2.01 24.19
CA GLY C 1761 101.44 -3.02 24.92
C GLY C 1761 100.86 -4.38 24.64
N LEU C 1762 100.54 -5.11 25.69
CA LEU C 1762 99.86 -6.38 25.62
C LEU C 1762 98.91 -6.49 26.80
N PRO C 1763 97.85 -7.33 26.70
CA PRO C 1763 96.86 -7.36 27.77
C PRO C 1763 97.24 -8.30 28.90
N GLY C 1764 97.18 -7.80 30.14
CA GLY C 1764 97.45 -8.61 31.31
C GLY C 1764 98.90 -8.76 31.68
N VAL C 1765 99.83 -8.37 30.81
CA VAL C 1765 101.25 -8.48 31.14
C VAL C 1765 101.62 -7.50 32.25
N GLY C 1766 101.00 -6.33 32.27
CA GLY C 1766 101.35 -5.34 33.26
C GLY C 1766 100.91 -5.74 34.65
N VAL C 1767 101.55 -5.10 35.63
CA VAL C 1767 101.21 -5.37 37.03
C VAL C 1767 99.85 -4.78 37.33
N THR C 1768 99.03 -5.57 38.02
CA THR C 1768 97.65 -5.17 38.30
C THR C 1768 97.54 -4.31 39.55
N THR C 1769 98.26 -4.66 40.62
CA THR C 1769 98.18 -4.09 41.98
C THR C 1769 96.74 -3.77 42.41
N SER C 1770 95.85 -4.72 42.18
CA SER C 1770 94.45 -4.64 42.56
C SER C 1770 94.23 -5.39 43.86
N LEU C 1771 93.32 -4.87 44.66
CA LEU C 1771 93.08 -5.41 45.99
C LEU C 1771 92.18 -6.63 45.89
N ARG C 1772 92.76 -7.81 46.08
CA ARG C 1772 92.03 -9.07 46.09
C ARG C 1772 92.73 -10.03 47.02
N PRO C 1773 92.01 -11.02 47.58
CA PRO C 1773 92.59 -11.81 48.66
C PRO C 1773 93.37 -13.00 48.13
N PRO C 1774 94.10 -13.74 49.00
CA PRO C 1774 94.68 -15.03 48.58
C PRO C 1774 93.70 -16.18 48.68
N HIS C 1775 94.17 -17.40 48.45
CA HIS C 1775 93.33 -18.60 48.37
C HIS C 1775 93.39 -19.45 49.63
N HIS C 1776 94.59 -19.69 50.17
CA HIS C 1776 94.80 -20.46 51.40
C HIS C 1776 94.29 -21.90 51.27
N PHE C 1777 94.96 -22.65 50.40
CA PHE C 1777 94.71 -24.09 50.34
C PHE C 1777 95.28 -24.78 51.57
N SER C 1778 94.92 -26.05 51.73
CA SER C 1778 95.39 -26.95 52.77
C SER C 1778 95.73 -28.30 52.15
N PRO C 1779 96.72 -29.02 52.67
CA PRO C 1779 97.11 -30.27 52.00
C PRO C 1779 96.27 -31.43 52.50
N PRO C 1780 96.22 -32.55 51.77
CA PRO C 1780 95.40 -33.68 52.20
C PRO C 1780 96.18 -34.67 53.06
N CYS C 1781 95.45 -35.31 53.96
CA CYS C 1781 96.00 -36.39 54.74
C CYS C 1781 94.85 -37.21 55.31
N PHE C 1782 95.18 -38.44 55.72
CA PHE C 1782 94.23 -39.36 56.33
C PHE C 1782 94.81 -40.05 57.56
N VAL C 1783 95.82 -39.44 58.21
CA VAL C 1783 96.48 -39.98 59.38
C VAL C 1783 96.50 -38.94 60.50
N ALA C 1784 95.52 -38.05 60.53
CA ALA C 1784 95.40 -36.98 61.50
C ALA C 1784 94.19 -37.26 62.38
N ALA C 1785 94.35 -37.00 63.68
CA ALA C 1785 93.27 -37.25 64.61
C ALA C 1785 92.11 -36.32 64.34
N LEU C 1786 90.90 -36.86 64.44
CA LEU C 1786 89.71 -36.09 64.20
C LEU C 1786 89.55 -35.04 65.30
N PRO C 1787 88.78 -33.96 65.05
CA PRO C 1787 88.51 -33.02 66.15
C PRO C 1787 87.65 -33.66 67.22
N ALA C 1788 88.22 -33.84 68.42
CA ALA C 1788 87.49 -34.48 69.51
C ALA C 1788 86.31 -33.64 69.97
N ALA C 1789 86.48 -32.31 70.00
CA ALA C 1789 85.39 -31.42 70.39
C ALA C 1789 84.37 -31.32 69.25
N GLY C 1790 83.38 -30.45 69.45
CA GLY C 1790 82.34 -30.25 68.47
C GLY C 1790 82.88 -29.52 67.24
N VAL C 1791 81.96 -29.30 66.30
CA VAL C 1791 82.31 -28.57 65.08
C VAL C 1791 82.69 -27.13 65.41
N ALA C 1792 81.87 -26.49 66.26
CA ALA C 1792 82.07 -25.10 66.68
C ALA C 1792 82.09 -24.14 65.50
N GLU C 1793 81.30 -24.45 64.46
CA GLU C 1793 81.27 -23.67 63.22
C GLU C 1793 82.65 -23.60 62.57
N ALA C 1794 83.39 -24.71 62.63
CA ALA C 1794 84.72 -24.73 62.06
C ALA C 1794 84.64 -24.71 60.53
N PRO C 1795 85.73 -24.35 59.84
CA PRO C 1795 85.68 -24.39 58.37
C PRO C 1795 85.75 -25.78 57.74
N ALA C 1796 85.85 -26.84 58.54
CA ALA C 1796 86.00 -28.22 58.08
C ALA C 1796 87.32 -28.38 57.33
N ARG C 1797 87.41 -27.87 56.10
CA ARG C 1797 88.65 -27.79 55.36
C ARG C 1797 88.63 -26.52 54.53
N LEU C 1798 89.81 -26.08 54.13
CA LEU C 1798 89.91 -24.98 53.17
C LEU C 1798 89.63 -25.51 51.77
N SER C 1799 90.53 -26.33 51.26
CA SER C 1799 90.40 -27.08 50.03
C SER C 1799 91.64 -27.95 49.89
N PRO C 1800 91.59 -29.10 49.22
CA PRO C 1800 92.82 -29.86 49.03
C PRO C 1800 93.76 -29.15 48.08
N ALA C 1801 95.05 -29.28 48.37
CA ALA C 1801 96.11 -28.54 47.71
C ALA C 1801 96.77 -29.38 46.62
N ILE C 1802 97.36 -28.67 45.66
CA ILE C 1802 98.17 -29.26 44.59
C ILE C 1802 99.37 -28.36 44.37
N PRO C 1803 100.56 -28.95 44.01
CA PRO C 1803 101.64 -28.08 43.52
C PRO C 1803 101.26 -27.39 42.22
N LEU C 1804 101.05 -26.08 42.30
CA LEU C 1804 100.54 -25.34 41.16
C LEU C 1804 101.59 -25.05 40.10
N GLU C 1805 102.87 -24.98 40.49
CA GLU C 1805 103.93 -24.74 39.52
C GLU C 1805 104.02 -25.88 38.50
N ALA C 1806 103.83 -27.11 38.97
CA ALA C 1806 103.81 -28.25 38.08
C ALA C 1806 102.66 -28.14 37.09
N LEU C 1807 101.48 -27.74 37.58
CA LEU C 1807 100.33 -27.60 36.68
C LEU C 1807 100.53 -26.47 35.69
N ARG C 1808 101.15 -25.38 36.12
CA ARG C 1808 101.38 -24.25 35.23
C ARG C 1808 102.31 -24.63 34.09
N ASP C 1809 103.46 -25.20 34.45
CA ASP C 1809 104.43 -25.60 33.43
C ASP C 1809 103.90 -26.74 32.57
N LYS C 1810 103.07 -27.62 33.14
CA LYS C 1810 102.46 -28.68 32.35
C LYS C 1810 101.47 -28.10 31.36
N ALA C 1811 100.55 -27.27 31.86
CA ALA C 1811 99.44 -26.78 31.06
C ALA C 1811 99.91 -25.90 29.93
N LEU C 1812 101.04 -25.22 30.10
CA LEU C 1812 101.64 -24.53 28.97
C LEU C 1812 102.13 -25.50 27.88
N ARG C 1813 102.43 -26.76 28.23
CA ARG C 1813 103.16 -27.64 27.34
C ARG C 1813 102.25 -28.30 26.31
N MET C 1814 101.27 -29.10 26.76
CA MET C 1814 100.49 -29.85 25.80
C MET C 1814 99.52 -28.98 25.03
N LEU C 1815 99.27 -27.74 25.48
CA LEU C 1815 98.59 -26.81 24.61
C LEU C 1815 99.42 -26.52 23.37
N GLY C 1816 100.71 -26.27 23.56
CA GLY C 1816 101.59 -26.08 22.42
C GLY C 1816 101.71 -27.34 21.59
N GLU C 1817 101.78 -28.50 22.25
CA GLU C 1817 101.86 -29.76 21.52
C GLU C 1817 100.57 -30.02 20.73
N ALA C 1818 99.42 -29.74 21.32
CA ALA C 1818 98.15 -29.95 20.65
C ALA C 1818 97.99 -29.00 19.48
N VAL C 1819 98.42 -27.75 19.65
CA VAL C 1819 98.35 -26.79 18.55
C VAL C 1819 99.30 -27.18 17.43
N ARG C 1820 100.48 -27.67 17.78
CA ARG C 1820 101.44 -28.10 16.76
C ARG C 1820 100.94 -29.33 16.02
N ASP C 1821 100.37 -30.29 16.75
CA ASP C 1821 99.79 -31.48 16.14
C ASP C 1821 98.61 -31.12 15.25
N GLY C 1822 97.80 -30.16 15.69
CA GLY C 1822 96.73 -29.66 14.84
C GLY C 1822 97.28 -28.97 13.60
N GLY C 1823 98.41 -28.29 13.75
CA GLY C 1823 99.07 -27.68 12.61
C GLY C 1823 99.54 -28.70 11.60
N GLN C 1824 99.95 -29.88 12.07
CA GLN C 1824 100.22 -30.98 11.17
C GLN C 1824 98.95 -31.49 10.50
N HIS C 1825 97.78 -31.28 11.10
CA HIS C 1825 96.50 -31.62 10.51
C HIS C 1825 96.37 -33.14 10.34
N ALA C 1826 96.48 -33.83 11.45
CA ALA C 1826 96.43 -35.29 11.47
C ALA C 1826 94.99 -35.77 11.29
N ARG C 1827 94.78 -37.08 11.44
CA ARG C 1827 93.49 -37.74 11.29
C ARG C 1827 93.17 -38.70 12.45
N ASP C 1828 93.92 -38.64 13.55
CA ASP C 1828 93.66 -39.41 14.76
C ASP C 1828 93.77 -38.47 15.95
N PRO C 1829 92.76 -37.62 16.15
CA PRO C 1829 92.82 -36.70 17.30
C PRO C 1829 92.69 -37.45 18.61
N VAL C 1830 93.24 -36.84 19.66
CA VAL C 1830 93.27 -37.47 20.96
C VAL C 1830 91.85 -37.57 21.49
N GLY C 1831 91.51 -38.75 22.01
CA GLY C 1831 90.17 -39.00 22.49
C GLY C 1831 89.15 -39.31 21.42
N GLY C 1832 89.57 -39.52 20.18
CA GLY C 1832 88.67 -39.90 19.11
C GLY C 1832 87.97 -38.75 18.41
N SER C 1833 88.27 -37.50 18.76
CA SER C 1833 87.68 -36.37 18.08
C SER C 1833 88.45 -35.11 18.43
N VAL C 1834 88.38 -34.14 17.53
CA VAL C 1834 89.13 -32.90 17.68
C VAL C 1834 88.59 -32.09 18.86
N GLU C 1835 87.27 -32.03 18.98
CA GLU C 1835 86.66 -31.27 20.06
C GLU C 1835 86.98 -31.88 21.41
N PHE C 1836 87.04 -33.21 21.48
CA PHE C 1836 87.47 -33.85 22.72
C PHE C 1836 88.92 -33.54 23.02
N GLN C 1837 89.74 -33.33 21.99
CA GLN C 1837 91.13 -32.96 22.23
C GLN C 1837 91.23 -31.57 22.82
N PHE C 1838 90.51 -30.60 22.25
CA PHE C 1838 90.74 -29.19 22.54
C PHE C 1838 89.86 -28.60 23.64
N VAL C 1839 88.69 -29.16 23.92
CA VAL C 1839 87.77 -28.61 24.92
C VAL C 1839 88.38 -28.61 26.32
N PRO C 1840 88.69 -29.77 26.92
CA PRO C 1840 89.02 -29.77 28.35
C PRO C 1840 90.35 -29.11 28.70
N VAL C 1841 91.32 -29.18 27.80
CA VAL C 1841 92.61 -28.51 28.01
C VAL C 1841 92.42 -26.99 28.06
N LEU C 1842 91.59 -26.47 27.17
CA LEU C 1842 91.29 -25.04 27.20
C LEU C 1842 90.46 -24.68 28.42
N LYS C 1843 89.65 -25.63 28.91
CA LYS C 1843 88.92 -25.39 30.15
C LYS C 1843 89.87 -25.20 31.31
N LEU C 1844 90.91 -26.04 31.36
CA LEU C 1844 91.89 -25.95 32.44
C LEU C 1844 92.64 -24.62 32.40
N VAL C 1845 93.16 -24.26 31.22
CA VAL C 1845 93.97 -23.04 31.16
C VAL C 1845 93.08 -21.81 31.36
N SER C 1846 91.81 -21.88 30.95
CA SER C 1846 90.89 -20.78 31.21
C SER C 1846 90.67 -20.57 32.70
N THR C 1847 90.55 -21.66 33.46
CA THR C 1847 90.38 -21.50 34.89
C THR C 1847 91.65 -20.95 35.54
N LEU C 1848 92.81 -21.42 35.09
CA LEU C 1848 94.04 -20.95 35.69
C LEU C 1848 94.33 -19.48 35.38
N LEU C 1849 93.77 -18.95 34.30
CA LEU C 1849 93.87 -17.50 34.13
C LEU C 1849 93.09 -16.76 35.20
N VAL C 1850 91.94 -17.29 35.59
CA VAL C 1850 91.16 -16.67 36.66
C VAL C 1850 91.89 -16.79 37.98
N MET C 1851 92.67 -17.86 38.16
CA MET C 1851 93.53 -17.93 39.34
C MET C 1851 94.57 -16.80 39.37
N GLY C 1852 95.00 -16.34 38.21
CA GLY C 1852 95.99 -15.28 38.16
C GLY C 1852 97.35 -15.71 38.68
N ILE C 1853 97.73 -16.96 38.40
CA ILE C 1853 98.99 -17.55 38.86
C ILE C 1853 99.91 -17.85 37.68
N PHE C 1854 99.81 -17.04 36.63
CA PHE C 1854 100.67 -17.14 35.45
C PHE C 1854 101.65 -15.98 35.47
N GLY C 1855 102.89 -16.27 35.10
CA GLY C 1855 103.87 -15.22 34.98
C GLY C 1855 103.56 -14.29 33.83
N ASP C 1856 104.23 -13.14 33.84
CA ASP C 1856 104.10 -12.20 32.73
C ASP C 1856 104.64 -12.81 31.42
N GLU C 1857 105.74 -13.55 31.51
CA GLU C 1857 106.21 -14.28 30.35
C GLU C 1857 105.24 -15.41 29.98
N ASP C 1858 104.54 -15.97 30.97
CA ASP C 1858 103.63 -17.07 30.69
C ASP C 1858 102.42 -16.59 29.88
N VAL C 1859 101.81 -15.48 30.30
CA VAL C 1859 100.67 -14.96 29.54
C VAL C 1859 101.14 -14.42 28.20
N LYS C 1860 102.37 -13.90 28.11
CA LYS C 1860 102.93 -13.53 26.81
C LYS C 1860 103.04 -14.75 25.89
N GLN C 1861 103.50 -15.87 26.45
CA GLN C 1861 103.63 -17.11 25.70
C GLN C 1861 102.26 -17.60 25.25
N ILE C 1862 101.28 -17.56 26.16
CA ILE C 1862 99.93 -18.02 25.84
C ILE C 1862 99.31 -17.11 24.77
N LEU C 1863 99.67 -15.83 24.78
CA LEU C 1863 99.25 -14.96 23.69
C LEU C 1863 99.92 -15.31 22.36
N LYS C 1864 101.09 -15.97 22.41
CA LYS C 1864 101.78 -16.33 21.16
C LYS C 1864 100.94 -17.25 20.28
N MET C 1865 100.63 -18.47 20.74
CA MET C 1865 100.09 -19.47 19.82
C MET C 1865 98.61 -19.26 19.47
N ILE C 1866 97.94 -18.26 20.02
CA ILE C 1866 96.62 -17.89 19.50
C ILE C 1866 96.76 -17.47 18.04
N GLU C 1867 97.68 -16.56 17.78
CA GLU C 1867 98.18 -16.27 16.44
C GLU C 1867 99.39 -15.35 16.59
N PRO C 1868 100.45 -15.45 15.76
CA PRO C 1868 101.48 -14.41 15.80
C PRO C 1868 101.06 -13.08 15.17
N GLU C 1869 100.15 -12.39 15.84
CA GLU C 1869 99.72 -11.04 15.52
C GLU C 1869 99.93 -10.10 16.69
N VAL C 1870 99.51 -10.50 17.89
CA VAL C 1870 99.73 -9.70 19.10
C VAL C 1870 101.13 -10.06 19.56
N PHE C 1871 102.12 -9.40 18.97
CA PHE C 1871 103.53 -9.71 19.10
C PHE C 1871 104.31 -8.47 19.48
N THR C 1872 105.26 -8.64 20.39
CA THR C 1872 106.09 -7.54 20.83
C THR C 1872 107.05 -7.13 19.71
N GLU C 1873 107.53 -5.88 19.81
CA GLU C 1873 108.48 -5.38 18.83
C GLU C 1873 109.80 -6.13 18.87
N GLU C 1874 110.21 -6.59 20.06
CA GLU C 1874 111.44 -7.36 20.25
C GLU C 1874 112.67 -6.56 19.85
N ASP C 1921 106.45 -25.04 9.18
CA ASP C 1921 105.30 -24.29 9.67
C ASP C 1921 105.62 -23.64 11.00
N LEU C 1922 105.42 -22.32 11.06
CA LEU C 1922 105.78 -21.51 12.22
C LEU C 1922 104.62 -21.38 13.22
N GLU C 1923 104.10 -22.54 13.65
CA GLU C 1923 103.03 -22.70 14.66
C GLU C 1923 101.85 -21.76 14.41
N GLU C 1924 101.16 -22.05 13.30
CA GLU C 1924 100.07 -21.22 12.80
C GLU C 1924 98.97 -21.04 13.85
N GLY C 1925 98.26 -19.92 13.73
CA GLY C 1925 97.38 -19.50 14.79
C GLY C 1925 96.19 -20.42 14.98
N LEU C 1926 95.79 -20.57 16.24
CA LEU C 1926 94.67 -21.42 16.57
C LEU C 1926 93.38 -20.86 16.01
N LEU C 1927 93.24 -19.54 15.98
CA LEU C 1927 92.03 -18.93 15.46
C LEU C 1927 91.89 -19.17 13.96
N GLN C 1928 93.01 -19.19 13.23
CA GLN C 1928 92.97 -19.38 11.79
C GLN C 1928 92.44 -20.76 11.41
N MET C 1929 92.63 -21.75 12.28
CA MET C 1929 92.17 -23.09 12.01
C MET C 1929 90.65 -23.15 12.04
N LYS C 1930 90.10 -24.05 11.23
CA LYS C 1930 88.69 -24.40 11.30
C LYS C 1930 88.49 -25.44 12.39
N LEU C 1931 87.53 -25.18 13.28
CA LEU C 1931 87.32 -25.98 14.47
C LEU C 1931 85.87 -25.85 14.91
N PRO C 1932 85.30 -26.86 15.60
CA PRO C 1932 83.84 -26.86 15.79
C PRO C 1932 83.35 -25.84 16.82
N GLU C 1933 82.07 -25.93 17.18
CA GLU C 1933 81.40 -24.90 17.98
C GLU C 1933 81.74 -24.98 19.47
N SER C 1934 81.88 -26.19 20.00
CA SER C 1934 82.09 -26.39 21.42
C SER C 1934 83.41 -25.77 21.87
N VAL C 1935 84.45 -25.99 21.08
CA VAL C 1935 85.76 -25.34 21.32
C VAL C 1935 85.64 -23.83 21.21
N LYS C 1936 84.81 -23.35 20.27
CA LYS C 1936 84.66 -21.91 20.04
C LYS C 1936 84.10 -21.20 21.26
N LEU C 1937 83.24 -21.89 22.02
CA LEU C 1937 82.71 -21.33 23.25
C LEU C 1937 83.82 -21.05 24.28
N GLN C 1938 84.75 -21.99 24.42
CA GLN C 1938 85.86 -21.80 25.35
C GLN C 1938 86.79 -20.70 24.88
N MET C 1939 86.92 -20.54 23.55
CA MET C 1939 87.71 -19.42 23.03
C MET C 1939 87.08 -18.10 23.42
N CYS C 1940 85.74 -18.03 23.40
CA CYS C 1940 85.06 -16.82 23.86
C CYS C 1940 85.36 -16.55 25.33
N ASN C 1941 85.44 -17.61 26.14
CA ASN C 1941 85.77 -17.41 27.56
C ASN C 1941 87.17 -16.80 27.75
N LEU C 1942 88.14 -17.30 26.99
CA LEU C 1942 89.51 -16.77 27.08
C LEU C 1942 89.57 -15.29 26.68
N LEU C 1943 88.90 -14.96 25.58
CA LEU C 1943 88.92 -13.57 25.12
C LEU C 1943 88.20 -12.65 26.09
N GLU C 1944 87.17 -13.16 26.77
CA GLU C 1944 86.48 -12.38 27.79
C GLU C 1944 87.40 -12.05 28.95
N TYR C 1945 88.25 -13.01 29.34
CA TYR C 1945 89.22 -12.73 30.40
C TYR C 1945 90.19 -11.63 29.96
N PHE C 1946 90.63 -11.68 28.70
CA PHE C 1946 91.56 -10.64 28.26
C PHE C 1946 90.91 -9.27 28.21
N CYS C 1947 89.64 -9.21 27.83
CA CYS C 1947 88.94 -7.92 27.86
C CYS C 1947 88.82 -7.39 29.27
N ASP C 1948 88.58 -8.28 30.25
CA ASP C 1948 88.50 -7.83 31.63
C ASP C 1948 89.86 -7.31 32.11
N GLN C 1949 90.95 -7.96 31.70
CA GLN C 1949 92.28 -7.46 32.09
C GLN C 1949 92.57 -6.11 31.47
N GLU C 1950 92.16 -5.90 30.22
CA GLU C 1950 92.35 -4.61 29.58
C GLU C 1950 91.57 -3.51 30.31
N LEU C 1951 90.34 -3.82 30.69
CA LEU C 1951 89.51 -2.85 31.42
C LEU C 1951 90.12 -2.52 32.77
N GLN C 1952 90.60 -3.54 33.48
CA GLN C 1952 91.17 -3.31 34.80
C GLN C 1952 92.46 -2.49 34.71
N HIS C 1953 93.26 -2.74 33.68
CA HIS C 1953 94.46 -1.92 33.46
C HIS C 1953 94.09 -0.47 33.17
N ARG C 1954 93.02 -0.28 32.40
CA ARG C 1954 92.56 1.06 32.04
C ARG C 1954 92.12 1.85 33.26
N VAL C 1955 91.26 1.26 34.08
CA VAL C 1955 90.74 1.97 35.25
C VAL C 1955 91.82 2.15 36.31
N GLU C 1956 92.75 1.19 36.40
CA GLU C 1956 93.87 1.32 37.33
C GLU C 1956 94.75 2.51 36.97
N SER C 1957 95.05 2.66 35.67
CA SER C 1957 95.83 3.81 35.23
C SER C 1957 95.05 5.11 35.43
N LEU C 1958 93.71 5.05 35.36
CA LEU C 1958 92.92 6.24 35.67
C LEU C 1958 93.11 6.66 37.13
N ALA C 1959 93.10 5.71 38.06
CA ALA C 1959 93.33 6.06 39.46
C ALA C 1959 94.74 6.61 39.68
N ALA C 1960 95.71 6.03 38.96
CA ALA C 1960 97.09 6.52 39.04
C ALA C 1960 97.20 7.96 38.58
N PHE C 1961 96.47 8.31 37.51
CA PHE C 1961 96.42 9.70 37.08
C PHE C 1961 95.73 10.58 38.11
N ALA C 1962 94.69 10.06 38.75
CA ALA C 1962 93.87 10.84 39.66
C ALA C 1962 94.67 11.33 40.85
N GLU C 1963 95.54 10.46 41.39
CA GLU C 1963 96.29 10.82 42.60
C GLU C 1963 97.23 12.01 42.34
N ARG C 1964 98.02 11.94 41.27
CA ARG C 1964 98.95 13.03 40.97
C ARG C 1964 98.19 14.29 40.59
N TYR C 1965 97.09 14.14 39.85
CA TYR C 1965 96.38 15.32 39.38
C TYR C 1965 95.70 16.05 40.53
N VAL C 1966 95.06 15.32 41.45
CA VAL C 1966 94.39 15.99 42.56
C VAL C 1966 95.43 16.58 43.52
N ASP C 1967 96.61 15.95 43.66
CA ASP C 1967 97.62 16.52 44.55
C ASP C 1967 98.13 17.87 44.02
N LYS C 1968 98.50 17.92 42.74
CA LYS C 1968 98.98 19.19 42.20
C LYS C 1968 97.86 20.23 42.11
N LEU C 1969 96.63 19.79 41.86
CA LEU C 1969 95.50 20.71 41.81
C LEU C 1969 95.23 21.33 43.17
N GLN C 1970 95.26 20.52 44.23
CA GLN C 1970 95.04 21.04 45.56
C GLN C 1970 96.18 21.97 45.98
N ALA C 1971 97.40 21.68 45.54
CA ALA C 1971 98.50 22.61 45.82
C ALA C 1971 98.28 23.94 45.11
N ASN C 1972 97.77 23.91 43.88
CA ASN C 1972 97.46 25.16 43.19
C ASN C 1972 96.34 25.91 43.91
N GLN C 1973 95.35 25.20 44.45
CA GLN C 1973 94.30 25.85 45.22
C GLN C 1973 94.87 26.51 46.47
N ARG C 1974 95.80 25.82 47.15
CA ARG C 1974 96.49 26.38 48.30
C ARG C 1974 97.24 27.65 47.93
N SER C 1975 97.94 27.63 46.80
CA SER C 1975 98.73 28.78 46.40
C SER C 1975 97.84 29.94 45.96
N ARG C 1976 96.71 29.64 45.31
CA ARG C 1976 95.79 30.71 44.90
C ARG C 1976 95.15 31.39 46.09
N TYR C 1977 94.71 30.60 47.08
CA TYR C 1977 94.18 31.18 48.31
C TYR C 1977 95.25 31.96 49.06
N ALA C 1978 96.48 31.46 49.07
CA ALA C 1978 97.57 32.17 49.71
C ALA C 1978 97.87 33.50 49.00
N LEU C 1979 97.80 33.49 47.67
CA LEU C 1979 98.00 34.71 46.89
C LEU C 1979 96.91 35.72 47.20
N LEU C 1980 95.68 35.24 47.39
CA LEU C 1980 94.62 36.13 47.85
C LEU C 1980 94.95 36.68 49.23
N MET C 1981 95.47 35.83 50.11
CA MET C 1981 95.76 36.27 51.47
C MET C 1981 96.86 37.32 51.51
N ARG C 1982 97.84 37.23 50.61
CA ARG C 1982 98.94 38.19 50.61
C ARG C 1982 98.51 39.55 50.07
N ALA C 1983 97.68 39.57 49.03
CA ALA C 1983 97.32 40.76 48.26
C ALA C 1983 95.83 40.81 48.02
N PHE C 1984 95.05 40.70 49.11
CA PHE C 1984 93.59 40.61 49.00
C PHE C 1984 92.99 41.86 48.37
N THR C 1985 93.29 43.05 48.92
CA THR C 1985 92.87 44.34 48.35
C THR C 1985 91.34 44.42 48.22
N MET C 1986 90.69 44.50 49.40
CA MET C 1986 89.29 44.14 49.56
C MET C 1986 88.34 44.97 48.68
N SER C 1987 87.43 44.28 48.00
CA SER C 1987 86.41 44.90 47.17
C SER C 1987 85.23 43.94 47.11
N ALA C 1988 84.14 44.40 46.49
CA ALA C 1988 82.94 43.58 46.38
C ALA C 1988 83.19 42.34 45.51
N ALA C 1989 83.83 42.53 44.36
CA ALA C 1989 84.10 41.42 43.45
C ALA C 1989 85.06 40.41 44.06
N GLU C 1990 86.10 40.92 44.73
CA GLU C 1990 87.06 40.02 45.38
C GLU C 1990 86.40 39.22 46.49
N THR C 1991 85.47 39.86 47.22
CA THR C 1991 84.73 39.12 48.23
C THR C 1991 83.82 38.08 47.60
N ALA C 1992 83.27 38.36 46.39
CA ALA C 1992 82.43 37.37 45.72
C ALA C 1992 83.23 36.11 45.37
N ARG C 1993 84.39 36.31 44.74
CA ARG C 1993 85.24 35.16 44.41
C ARG C 1993 85.75 34.44 45.65
N ARG C 1994 86.20 35.20 46.66
CA ARG C 1994 86.74 34.59 47.88
C ARG C 1994 85.67 33.84 48.65
N THR C 1995 84.45 34.37 48.69
CA THR C 1995 83.37 33.67 49.37
C THR C 1995 83.00 32.40 48.61
N ARG C 1996 82.94 32.47 47.28
CA ARG C 1996 82.53 31.29 46.52
C ARG C 1996 83.56 30.18 46.60
N GLU C 1997 84.84 30.52 46.81
CA GLU C 1997 85.84 29.46 46.97
C GLU C 1997 85.61 28.64 48.24
N PHE C 1998 85.28 29.29 49.36
CA PHE C 1998 85.20 28.62 50.65
C PHE C 1998 83.79 28.14 50.99
N ARG C 1999 82.79 29.01 50.86
CA ARG C 1999 81.45 28.71 51.34
C ARG C 1999 80.80 27.57 50.56
N SER C 2000 81.15 27.44 49.28
CA SER C 2000 80.64 26.32 48.52
C SER C 2000 81.26 25.02 49.04
N PRO C 2001 80.55 23.89 48.98
CA PRO C 2001 81.11 22.66 49.52
C PRO C 2001 82.15 22.09 48.57
N PRO C 2002 82.85 21.02 48.95
CA PRO C 2002 83.78 20.37 48.00
C PRO C 2002 83.10 19.83 46.75
N GLN C 2003 81.82 19.45 46.87
CA GLN C 2003 81.07 18.88 45.75
C GLN C 2003 81.03 19.87 44.58
N GLU C 2004 80.47 21.06 44.84
CA GLU C 2004 80.35 22.06 43.81
C GLU C 2004 81.70 22.64 43.43
N GLN C 2005 82.68 22.63 44.34
CA GLN C 2005 83.99 23.15 43.99
C GLN C 2005 84.65 22.29 42.93
N ILE C 2006 84.70 20.97 43.15
CA ILE C 2006 85.30 20.09 42.16
C ILE C 2006 84.46 20.08 40.88
N ASN C 2007 83.13 20.12 41.02
CA ASN C 2007 82.26 20.14 39.85
C ASN C 2007 82.47 21.38 39.01
N MET C 2008 82.58 22.56 39.65
CA MET C 2008 82.78 23.79 38.89
C MET C 2008 84.17 23.85 38.30
N LEU C 2009 85.17 23.37 39.04
CA LEU C 2009 86.57 23.39 38.58
C LEU C 2009 86.72 22.58 37.31
N LEU C 2010 86.06 21.42 37.24
CA LEU C 2010 86.16 20.58 36.06
C LEU C 2010 85.15 20.94 34.98
N HIS C 2011 84.02 21.53 35.36
CA HIS C 2011 83.04 21.97 34.38
C HIS C 2011 83.59 23.12 33.55
N PHE C 2012 84.32 24.03 34.19
CA PHE C 2012 84.94 25.12 33.44
C PHE C 2012 86.01 24.60 32.48
N LYS C 2013 86.69 23.52 32.84
CA LYS C 2013 87.76 22.99 32.00
C LYS C 2013 87.22 22.43 30.68
N ASP C 2014 86.12 21.68 30.76
CA ASP C 2014 85.50 21.06 29.58
C ASP C 2014 84.48 22.05 29.04
N GLU C 2015 84.91 22.87 28.09
CA GLU C 2015 84.01 23.83 27.47
C GLU C 2015 84.61 24.25 26.14
N ALA C 2016 83.73 24.73 25.26
CA ALA C 2016 84.12 25.22 23.94
C ALA C 2016 84.50 26.70 24.05
N ASP C 2017 85.64 26.92 24.71
CA ASP C 2017 86.29 28.22 24.90
C ASP C 2017 85.60 29.15 25.91
N GLU C 2018 84.44 28.76 26.46
CA GLU C 2018 83.75 29.52 27.50
C GLU C 2018 84.16 29.02 28.89
N GLU C 2019 85.47 28.94 29.11
CA GLU C 2019 85.97 28.24 30.29
C GLU C 2019 85.68 29.01 31.57
N ASP C 2020 86.05 30.29 31.62
CA ASP C 2020 86.01 31.09 32.85
C ASP C 2020 86.76 30.39 33.97
N CYS C 2021 87.93 29.86 33.64
CA CYS C 2021 88.65 28.97 34.55
C CYS C 2021 89.19 29.76 35.74
N PRO C 2022 88.95 29.34 36.99
CA PRO C 2022 89.72 29.91 38.11
C PRO C 2022 91.17 29.43 38.19
N LEU C 2023 91.60 28.50 37.33
CA LEU C 2023 92.91 27.87 37.33
C LEU C 2023 93.61 28.13 36.00
N PRO C 2024 94.93 28.02 35.93
CA PRO C 2024 95.63 28.38 34.69
C PRO C 2024 95.49 27.29 33.64
N GLU C 2025 95.93 27.64 32.43
CA GLU C 2025 95.82 26.76 31.27
C GLU C 2025 96.78 25.56 31.33
N ASP C 2026 97.81 25.61 32.18
CA ASP C 2026 98.86 24.60 32.18
C ASP C 2026 98.33 23.23 32.59
N ILE C 2027 97.53 23.18 33.66
CA ILE C 2027 96.95 21.92 34.10
C ILE C 2027 95.92 21.42 33.09
N ARG C 2028 95.18 22.34 32.46
CA ARG C 2028 94.14 21.97 31.51
C ARG C 2028 94.71 21.29 30.29
N GLN C 2029 95.89 21.74 29.83
CA GLN C 2029 96.54 21.09 28.70
C GLN C 2029 96.89 19.64 29.02
N ASP C 2030 97.41 19.40 30.23
CA ASP C 2030 97.76 18.05 30.65
C ASP C 2030 96.54 17.16 30.72
N LEU C 2031 95.44 17.70 31.25
CA LEU C 2031 94.21 16.91 31.35
C LEU C 2031 93.66 16.58 29.98
N GLN C 2032 93.72 17.52 29.04
CA GLN C 2032 93.25 17.22 27.69
C GLN C 2032 94.13 16.19 27.02
N ASP C 2033 95.45 16.23 27.27
CA ASP C 2033 96.33 15.20 26.74
C ASP C 2033 95.99 13.82 27.30
N PHE C 2034 95.71 13.75 28.61
CA PHE C 2034 95.34 12.47 29.21
C PHE C 2034 94.01 11.95 28.66
N HIS C 2035 93.03 12.84 28.50
CA HIS C 2035 91.73 12.42 27.98
C HIS C 2035 91.85 11.96 26.54
N GLN C 2036 92.65 12.66 25.74
CA GLN C 2036 92.88 12.22 24.37
C GLN C 2036 93.60 10.89 24.34
N ASP C 2037 94.51 10.66 25.27
CA ASP C 2037 95.20 9.37 25.34
C ASP C 2037 94.23 8.26 25.70
N LEU C 2038 93.31 8.52 26.62
CA LEU C 2038 92.33 7.52 26.99
C LEU C 2038 91.40 7.19 25.83
N LEU C 2039 90.90 8.22 25.16
CA LEU C 2039 90.04 8.00 23.99
C LEU C 2039 90.80 7.33 22.86
N ALA C 2040 92.09 7.62 22.72
CA ALA C 2040 92.92 6.95 21.73
C ALA C 2040 93.13 5.49 22.09
N HIS C 2041 93.18 5.18 23.39
CA HIS C 2041 93.32 3.79 23.82
C HIS C 2041 92.10 2.98 23.42
N CYS C 2042 90.93 3.60 23.47
CA CYS C 2042 89.70 2.95 23.05
C CYS C 2042 89.65 2.92 21.52
N GLY C 2043 88.53 2.43 20.99
CA GLY C 2043 88.39 2.30 19.54
C GLY C 2043 88.31 3.62 18.79
N ILE C 2044 87.99 4.70 19.48
CA ILE C 2044 87.84 6.00 18.82
C ILE C 2044 89.24 6.48 18.44
N GLN C 2045 89.50 6.57 17.14
CA GLN C 2045 90.81 6.96 16.63
C GLN C 2045 90.93 8.47 16.43
N LEU C 2046 89.92 9.09 15.85
CA LEU C 2046 89.92 10.52 15.53
C LEU C 2046 91.07 10.88 14.57
N GLU C 2088 97.10 -4.63 5.29
CA GLU C 2088 95.75 -5.01 4.89
C GLU C 2088 95.31 -6.25 5.68
N LYS C 2089 94.23 -6.08 6.44
CA LYS C 2089 93.76 -7.09 7.40
C LYS C 2089 94.88 -7.46 8.37
N LYS C 2090 95.52 -6.43 8.90
CA LYS C 2090 96.60 -6.53 9.88
C LYS C 2090 96.28 -5.57 11.02
N PRO C 2091 95.26 -5.88 11.84
CA PRO C 2091 94.84 -4.93 12.88
C PRO C 2091 95.90 -4.61 13.92
N GLN C 2092 96.73 -5.59 14.29
CA GLN C 2092 97.83 -5.39 15.23
C GLN C 2092 97.34 -4.95 16.60
N SER C 2093 96.13 -5.36 16.97
CA SER C 2093 95.56 -5.00 18.27
C SER C 2093 94.41 -5.93 18.56
N LEU C 2094 94.15 -6.13 19.85
CA LEU C 2094 93.10 -7.06 20.29
C LEU C 2094 91.73 -6.56 19.86
N GLN C 2095 91.49 -5.26 20.01
CA GLN C 2095 90.17 -4.66 19.84
C GLN C 2095 89.65 -4.86 18.42
N GLU C 2096 90.50 -4.61 17.43
CA GLU C 2096 90.12 -4.81 16.04
C GLU C 2096 90.15 -6.29 15.64
N LEU C 2097 91.08 -7.04 16.25
CA LEU C 2097 91.28 -8.45 15.90
C LEU C 2097 90.03 -9.26 16.18
N VAL C 2098 89.50 -9.14 17.41
CA VAL C 2098 88.35 -9.97 17.76
C VAL C 2098 87.10 -9.55 17.00
N SER C 2099 86.99 -8.27 16.63
CA SER C 2099 85.85 -7.84 15.84
C SER C 2099 85.84 -8.51 14.47
N HIS C 2100 86.99 -8.51 13.81
CA HIS C 2100 87.11 -9.22 12.54
C HIS C 2100 86.89 -10.72 12.73
N MET C 2101 87.31 -11.25 13.88
CA MET C 2101 87.22 -12.69 14.10
C MET C 2101 85.77 -13.13 14.26
N VAL C 2102 85.00 -12.43 15.08
CA VAL C 2102 83.62 -12.83 15.31
C VAL C 2102 82.79 -12.64 14.05
N VAL C 2103 83.11 -11.60 13.26
CA VAL C 2103 82.42 -11.46 11.97
C VAL C 2103 82.74 -12.64 11.07
N ARG C 2104 84.01 -13.06 11.06
CA ARG C 2104 84.42 -14.18 10.20
C ARG C 2104 83.75 -15.47 10.62
N TRP C 2105 83.59 -15.68 11.92
CA TRP C 2105 82.83 -16.84 12.38
C TRP C 2105 81.38 -16.74 11.96
N ALA C 2106 80.83 -15.52 11.92
CA ALA C 2106 79.43 -15.38 11.54
C ALA C 2106 79.19 -15.62 10.06
N GLN C 2107 80.20 -15.45 9.20
CA GLN C 2107 79.99 -15.66 7.76
C GLN C 2107 79.59 -17.10 7.46
N GLU C 2108 80.51 -18.03 7.69
CA GLU C 2108 80.28 -19.46 7.45
C GLU C 2108 79.79 -20.13 8.71
N ASP C 2109 79.21 -21.32 8.54
CA ASP C 2109 78.78 -22.17 9.64
C ASP C 2109 77.72 -21.46 10.49
N TYR C 2110 76.55 -21.32 9.88
CA TYR C 2110 75.36 -20.79 10.56
C TYR C 2110 75.09 -21.60 11.83
N VAL C 2111 75.26 -20.95 12.97
CA VAL C 2111 75.42 -21.63 14.24
C VAL C 2111 74.09 -22.20 14.69
N GLN C 2112 74.15 -23.07 15.71
CA GLN C 2112 72.98 -23.67 16.34
C GLN C 2112 73.03 -23.67 17.86
N SER C 2113 74.18 -23.45 18.47
CA SER C 2113 74.25 -23.36 19.92
C SER C 2113 73.75 -21.99 20.39
N PRO C 2114 72.69 -21.89 21.21
CA PRO C 2114 72.27 -20.56 21.68
C PRO C 2114 73.31 -19.87 22.57
N GLU C 2115 74.01 -20.63 23.39
CA GLU C 2115 74.96 -20.07 24.34
C GLU C 2115 76.13 -19.42 23.62
N LEU C 2116 76.55 -20.02 22.51
CA LEU C 2116 77.62 -19.45 21.71
C LEU C 2116 77.20 -18.11 21.11
N VAL C 2117 75.94 -18.00 20.71
CA VAL C 2117 75.43 -16.74 20.15
C VAL C 2117 75.49 -15.65 21.20
N ARG C 2118 75.00 -15.94 22.40
CA ARG C 2118 74.97 -14.93 23.45
C ARG C 2118 76.38 -14.51 23.84
N ALA C 2119 77.28 -15.48 23.97
CA ALA C 2119 78.66 -15.17 24.34
C ALA C 2119 79.37 -14.36 23.28
N MET C 2120 79.16 -14.72 22.02
CA MET C 2120 79.85 -14.07 20.91
C MET C 2120 79.43 -12.61 20.80
N PHE C 2121 78.12 -12.35 20.79
CA PHE C 2121 77.68 -10.98 20.62
C PHE C 2121 77.94 -10.15 21.88
N SER C 2122 77.94 -10.79 23.05
CA SER C 2122 78.34 -10.10 24.27
C SER C 2122 79.78 -9.64 24.16
N LEU C 2123 80.64 -10.47 23.58
CA LEU C 2123 82.02 -10.08 23.38
C LEU C 2123 82.12 -8.95 22.36
N LEU C 2124 81.31 -9.02 21.30
CA LEU C 2124 81.46 -8.08 20.19
C LEU C 2124 81.08 -6.67 20.61
N HIS C 2125 79.93 -6.52 21.26
CA HIS C 2125 79.47 -5.19 21.65
C HIS C 2125 80.41 -4.53 22.67
N ARG C 2126 81.06 -5.33 23.51
CA ARG C 2126 81.91 -4.80 24.57
C ARG C 2126 83.10 -4.02 24.04
N GLN C 2127 83.58 -4.36 22.84
CA GLN C 2127 84.84 -3.79 22.36
C GLN C 2127 84.66 -2.34 21.92
N TYR C 2128 83.72 -2.09 21.02
CA TYR C 2128 83.61 -0.77 20.42
C TYR C 2128 83.02 0.25 21.37
N ASP C 2129 82.12 -0.17 22.25
CA ASP C 2129 81.57 0.68 23.30
C ASP C 2129 82.44 0.58 24.56
N GLY C 2130 83.72 0.90 24.39
CA GLY C 2130 84.63 0.92 25.52
C GLY C 2130 84.27 2.00 26.51
N LEU C 2131 83.72 3.12 26.03
CA LEU C 2131 83.23 4.13 26.94
C LEU C 2131 82.06 3.62 27.76
N GLY C 2132 81.18 2.82 27.16
CA GLY C 2132 80.07 2.27 27.93
C GLY C 2132 80.53 1.29 28.99
N GLU C 2133 81.48 0.43 28.64
CA GLU C 2133 82.05 -0.51 29.61
C GLU C 2133 82.74 0.22 30.74
N LEU C 2134 83.54 1.22 30.40
CA LEU C 2134 84.27 2.02 31.38
C LEU C 2134 83.31 2.76 32.30
N LEU C 2135 82.31 3.41 31.71
CA LEU C 2135 81.34 4.17 32.46
C LEU C 2135 80.52 3.28 33.37
N ARG C 2136 80.23 2.06 32.93
CA ARG C 2136 79.52 1.13 33.79
C ARG C 2136 80.41 0.62 34.92
N ALA C 2137 81.73 0.54 34.70
CA ALA C 2137 82.62 0.03 35.75
C ALA C 2137 82.95 1.07 36.82
N LEU C 2138 83.11 2.33 36.44
CA LEU C 2138 83.54 3.35 37.41
C LEU C 2138 82.64 3.59 38.63
N PRO C 2139 81.32 3.37 38.60
CA PRO C 2139 80.55 3.54 39.85
C PRO C 2139 80.99 2.68 41.01
N ARG C 2140 81.42 1.46 40.75
CA ARG C 2140 81.88 0.53 41.78
C ARG C 2140 83.38 0.61 42.02
N ALA C 2141 84.12 1.43 41.29
CA ALA C 2141 85.51 1.69 41.60
C ALA C 2141 85.63 2.63 42.79
N TYR C 2142 86.65 2.42 43.61
CA TYR C 2142 86.82 3.20 44.83
C TYR C 2142 88.24 3.04 45.34
N THR C 2143 88.95 4.15 45.54
CA THR C 2143 90.31 4.15 46.04
C THR C 2143 90.35 4.29 47.56
N ILE C 2144 91.47 3.84 48.14
CA ILE C 2144 91.69 3.83 49.58
C ILE C 2144 93.16 4.11 49.87
N SER C 2145 93.46 4.32 51.15
CA SER C 2145 94.79 4.68 51.61
C SER C 2145 95.74 3.49 51.51
N PRO C 2146 97.05 3.72 51.58
CA PRO C 2146 97.96 2.59 51.82
C PRO C 2146 97.79 1.93 53.17
N SER C 2147 97.39 2.69 54.19
CA SER C 2147 97.48 2.19 55.55
C SER C 2147 96.43 1.14 55.85
N SER C 2148 95.22 1.30 55.31
CA SER C 2148 94.07 0.48 55.67
C SER C 2148 93.90 -0.75 54.79
N VAL C 2149 94.93 -1.15 54.03
CA VAL C 2149 94.80 -2.32 53.18
C VAL C 2149 94.69 -3.60 54.01
N GLU C 2150 95.33 -3.65 55.17
CA GLU C 2150 95.34 -4.87 55.97
C GLU C 2150 93.95 -5.22 56.50
N ASP C 2151 93.20 -4.22 56.95
CA ASP C 2151 91.85 -4.48 57.48
C ASP C 2151 90.89 -4.91 56.37
N THR C 2152 91.14 -4.44 55.15
CA THR C 2152 90.30 -4.84 54.03
C THR C 2152 90.43 -6.32 53.73
N MET C 2153 91.53 -6.96 54.10
CA MET C 2153 91.62 -8.41 53.92
C MET C 2153 90.62 -9.13 54.81
N SER C 2154 90.48 -8.69 56.06
CA SER C 2154 89.48 -9.25 56.96
C SER C 2154 88.08 -9.03 56.39
N LEU C 2155 87.82 -7.81 55.91
CA LEU C 2155 86.51 -7.49 55.34
C LEU C 2155 86.22 -8.32 54.10
N LEU C 2156 87.15 -8.36 53.16
CA LEU C 2156 86.90 -8.99 51.88
C LEU C 2156 86.82 -10.50 52.01
N GLU C 2157 87.69 -11.09 52.84
CA GLU C 2157 87.65 -12.54 53.01
C GLU C 2157 86.38 -12.96 53.73
N CYS C 2158 85.92 -12.16 54.70
CA CYS C 2158 84.64 -12.44 55.33
C CYS C 2158 83.50 -12.32 54.33
N LEU C 2159 83.60 -11.34 53.42
CA LEU C 2159 82.57 -11.19 52.40
C LEU C 2159 82.57 -12.37 51.44
N GLY C 2160 83.75 -12.88 51.12
CA GLY C 2160 83.84 -14.06 50.30
C GLY C 2160 83.23 -15.27 50.96
N GLN C 2161 83.39 -15.38 52.28
CA GLN C 2161 82.70 -16.42 53.04
C GLN C 2161 81.19 -16.26 52.91
N ILE C 2162 80.70 -15.04 53.01
CA ILE C 2162 79.26 -14.80 52.94
C ILE C 2162 78.72 -15.16 51.56
N ARG C 2163 79.41 -14.72 50.51
CA ARG C 2163 78.96 -14.98 49.15
C ARG C 2163 79.03 -16.47 48.83
N SER C 2164 80.06 -17.15 49.32
CA SER C 2164 80.15 -18.58 49.10
C SER C 2164 79.05 -19.33 49.82
N LEU C 2165 78.74 -18.92 51.05
CA LEU C 2165 77.67 -19.57 51.81
C LEU C 2165 76.28 -19.19 51.34
N LEU C 2166 76.14 -18.19 50.45
CA LEU C 2166 74.83 -17.81 49.96
C LEU C 2166 74.17 -18.95 49.18
N ILE C 2167 74.94 -19.67 48.37
CA ILE C 2167 74.36 -20.61 47.42
C ILE C 2167 73.88 -21.89 48.09
N VAL C 2168 74.47 -22.27 49.23
CA VAL C 2168 74.21 -23.57 49.83
C VAL C 2168 72.87 -23.53 50.55
N GLN C 2169 72.16 -24.66 50.53
CA GLN C 2169 70.93 -24.78 51.31
C GLN C 2169 71.25 -24.70 52.79
N MET C 2170 70.35 -24.07 53.53
CA MET C 2170 70.64 -23.67 54.90
C MET C 2170 70.65 -24.89 55.82
N GLY C 2171 71.47 -24.80 56.87
CA GLY C 2171 71.59 -25.85 57.85
C GLY C 2171 72.21 -25.33 59.14
N PRO C 2172 72.23 -26.16 60.20
CA PRO C 2172 72.71 -25.65 61.50
C PRO C 2172 74.17 -25.24 61.55
N GLN C 2173 75.05 -25.90 60.81
CA GLN C 2173 76.48 -25.66 60.93
C GLN C 2173 76.85 -24.30 60.34
N GLU C 2174 76.36 -24.01 59.14
CA GLU C 2174 76.65 -22.74 58.50
C GLU C 2174 76.02 -21.56 59.22
N GLU C 2175 75.01 -21.78 60.04
CA GLU C 2175 74.42 -20.69 60.82
C GLU C 2175 75.44 -20.11 61.80
N ASN C 2176 76.05 -20.99 62.59
CA ASN C 2176 77.10 -20.59 63.51
C ASN C 2176 78.28 -20.03 62.76
N LEU C 2177 78.60 -20.61 61.60
CA LEU C 2177 79.72 -20.05 60.84
C LEU C 2177 79.40 -18.67 60.26
N MET C 2178 78.15 -18.45 59.84
CA MET C 2178 77.77 -17.20 59.19
C MET C 2178 77.80 -16.03 60.16
N ILE C 2179 77.41 -16.31 61.42
CA ILE C 2179 77.46 -15.24 62.43
C ILE C 2179 78.89 -14.74 62.65
N GLN C 2180 79.91 -15.58 62.44
CA GLN C 2180 81.29 -15.13 62.63
C GLN C 2180 81.68 -14.08 61.60
N SER C 2181 81.29 -14.31 60.34
CA SER C 2181 81.55 -13.33 59.29
C SER C 2181 80.82 -12.03 59.56
N ILE C 2182 79.55 -12.12 59.96
CA ILE C 2182 78.77 -10.92 60.25
C ILE C 2182 79.37 -10.17 61.45
N GLY C 2183 79.82 -10.92 62.45
CA GLY C 2183 80.38 -10.29 63.63
C GLY C 2183 81.68 -9.56 63.36
N ASN C 2184 82.56 -10.19 62.58
CA ASN C 2184 83.84 -9.55 62.29
C ASN C 2184 83.65 -8.34 61.40
N ILE C 2185 82.80 -8.44 60.37
CA ILE C 2185 82.65 -7.31 59.46
C ILE C 2185 81.90 -6.17 60.13
N MET C 2186 80.94 -6.48 61.00
CA MET C 2186 80.20 -5.42 61.68
C MET C 2186 81.09 -4.64 62.64
N ASN C 2187 81.93 -5.36 63.39
CA ASN C 2187 82.85 -4.77 64.37
C ASN C 2187 84.28 -4.70 63.86
N ASN C 2188 84.46 -4.49 62.56
CA ASN C 2188 85.80 -4.49 61.99
C ASN C 2188 86.54 -3.24 62.43
N LYS C 2189 86.07 -2.09 61.91
CA LYS C 2189 86.60 -0.72 62.01
C LYS C 2189 86.31 -0.05 60.68
N VAL C 2190 86.71 -0.72 59.61
CA VAL C 2190 86.62 -0.15 58.27
C VAL C 2190 85.16 0.01 57.85
N PHE C 2191 84.25 -0.79 58.40
CA PHE C 2191 82.83 -0.59 58.11
C PHE C 2191 82.32 0.74 58.64
N TYR C 2192 82.93 1.27 59.70
CA TYR C 2192 82.55 2.60 60.19
C TYR C 2192 82.83 3.65 59.14
N GLN C 2193 83.98 3.56 58.48
CA GLN C 2193 84.45 4.54 57.53
C GLN C 2193 84.06 4.15 56.11
N HIS C 2194 84.09 5.13 55.21
CA HIS C 2194 83.87 4.95 53.78
C HIS C 2194 82.54 4.29 53.44
N PRO C 2195 81.39 4.89 53.76
CA PRO C 2195 80.12 4.24 53.41
C PRO C 2195 79.84 4.18 51.92
N ASN C 2196 80.54 4.98 51.11
CA ASN C 2196 80.39 4.87 49.66
C ASN C 2196 80.85 3.51 49.16
N LEU C 2197 81.96 3.01 49.73
CA LEU C 2197 82.41 1.66 49.41
C LEU C 2197 81.39 0.63 49.85
N MET C 2198 80.77 0.84 51.01
CA MET C 2198 79.78 -0.13 51.48
C MET C 2198 78.53 -0.10 50.62
N ARG C 2199 78.15 1.08 50.11
CA ARG C 2199 77.05 1.13 49.15
C ARG C 2199 77.42 0.43 47.85
N ALA C 2200 78.69 0.50 47.48
CA ALA C 2200 79.18 -0.38 46.42
C ALA C 2200 79.25 -1.80 46.95
N LEU C 2201 79.47 -2.74 46.04
CA LEU C 2201 79.61 -4.19 46.23
C LEU C 2201 78.30 -4.91 46.53
N GLY C 2202 77.18 -4.20 46.70
CA GLY C 2202 75.91 -4.84 46.94
C GLY C 2202 75.84 -5.65 48.21
N MET C 2203 76.57 -5.23 49.25
CA MET C 2203 76.61 -6.02 50.48
C MET C 2203 75.28 -5.93 51.23
N HIS C 2204 74.63 -4.77 51.20
CA HIS C 2204 73.31 -4.68 51.83
C HIS C 2204 72.29 -5.54 51.09
N GLU C 2205 72.37 -5.58 49.77
CA GLU C 2205 71.55 -6.51 49.00
C GLU C 2205 71.87 -7.95 49.33
N THR C 2206 73.15 -8.24 49.57
CA THR C 2206 73.56 -9.61 49.89
C THR C 2206 73.00 -10.08 51.22
N VAL C 2207 73.07 -9.22 52.23
CA VAL C 2207 72.50 -9.54 53.53
C VAL C 2207 70.99 -9.70 53.42
N MET C 2208 70.36 -8.84 52.60
CA MET C 2208 68.93 -8.97 52.35
C MET C 2208 68.62 -10.28 51.63
N GLU C 2209 69.50 -10.70 50.73
CA GLU C 2209 69.30 -11.92 49.96
C GLU C 2209 69.31 -13.14 50.86
N VAL C 2210 70.25 -13.18 51.82
CA VAL C 2210 70.25 -14.30 52.75
C VAL C 2210 69.03 -14.24 53.65
N MET C 2211 68.59 -13.03 54.02
CA MET C 2211 67.47 -12.93 54.95
C MET C 2211 66.16 -13.41 54.32
N VAL C 2212 65.96 -13.10 53.04
CA VAL C 2212 64.69 -13.47 52.40
C VAL C 2212 64.56 -14.99 52.27
N ASN C 2213 65.68 -15.70 52.12
CA ASN C 2213 65.64 -17.14 51.96
C ASN C 2213 65.10 -17.82 53.22
N VAL C 2214 65.64 -17.46 54.38
CA VAL C 2214 65.15 -18.04 55.62
C VAL C 2214 63.73 -17.54 55.90
N LEU C 2215 63.44 -16.28 55.59
CA LEU C 2215 62.08 -15.79 55.76
C LEU C 2215 61.13 -16.38 54.74
N GLY C 2216 61.63 -16.76 53.56
CA GLY C 2216 60.77 -17.30 52.53
C GLY C 2216 60.19 -18.66 52.90
N GLY C 2217 59.13 -19.01 52.20
CA GLY C 2217 58.38 -20.24 52.41
C GLY C 2217 56.89 -20.00 52.47
N GLY C 2218 56.49 -18.89 53.09
CA GLY C 2218 55.10 -18.47 53.17
C GLY C 2218 54.36 -18.95 54.40
N GLU C 2219 54.59 -20.20 54.80
CA GLU C 2219 53.91 -20.74 55.98
C GLU C 2219 54.40 -20.06 57.25
N THR C 2220 53.53 -20.06 58.26
CA THR C 2220 53.89 -19.51 59.56
C THR C 2220 55.01 -20.30 60.23
N LYS C 2221 55.12 -21.60 59.93
CA LYS C 2221 56.18 -22.46 60.43
C LYS C 2221 57.44 -22.44 59.56
N GLU C 2222 57.66 -21.38 58.77
CA GLU C 2222 58.87 -21.19 57.98
C GLU C 2222 59.94 -20.39 58.72
N ILE C 2223 59.96 -20.48 60.06
CA ILE C 2223 60.84 -19.69 60.91
C ILE C 2223 62.01 -20.55 61.39
N ARG C 2224 62.39 -21.56 60.59
CA ARG C 2224 63.50 -22.42 60.96
C ARG C 2224 64.79 -21.63 60.98
N PHE C 2225 65.64 -21.93 61.96
CA PHE C 2225 66.84 -21.16 62.26
C PHE C 2225 66.47 -19.71 62.56
N PRO C 2226 65.75 -19.42 63.67
CA PRO C 2226 65.29 -18.05 63.96
C PRO C 2226 66.33 -17.24 64.76
N LYS C 2227 67.57 -17.24 64.27
CA LYS C 2227 68.66 -16.44 64.81
C LYS C 2227 69.30 -15.59 63.73
N MET C 2228 69.31 -16.09 62.49
CA MET C 2228 69.85 -15.31 61.38
C MET C 2228 69.03 -14.04 61.14
N VAL C 2229 67.72 -14.09 61.41
CA VAL C 2229 66.90 -12.90 61.25
C VAL C 2229 67.35 -11.80 62.22
N THR C 2230 67.69 -12.19 63.46
CA THR C 2230 68.12 -11.21 64.45
C THR C 2230 69.47 -10.61 64.07
N SER C 2231 70.41 -11.45 63.63
CA SER C 2231 71.73 -10.96 63.27
C SER C 2231 71.66 -10.07 62.04
N CYS C 2232 70.88 -10.47 61.05
CA CYS C 2232 70.73 -9.69 59.83
C CYS C 2232 70.09 -8.34 60.11
N CYS C 2233 69.04 -8.34 60.93
CA CYS C 2233 68.37 -7.07 61.24
C CYS C 2233 69.26 -6.18 62.09
N ARG C 2234 70.07 -6.77 62.97
CA ARG C 2234 71.00 -5.98 63.78
C ARG C 2234 72.03 -5.30 62.90
N PHE C 2235 72.57 -6.04 61.92
CA PHE C 2235 73.55 -5.45 61.03
C PHE C 2235 72.93 -4.37 60.15
N LEU C 2236 71.71 -4.60 59.66
CA LEU C 2236 71.07 -3.61 58.82
C LEU C 2236 70.70 -2.35 59.59
N CYS C 2237 70.27 -2.52 60.85
CA CYS C 2237 70.00 -1.38 61.72
C CYS C 2237 71.25 -0.55 61.92
N TYR C 2238 72.38 -1.20 62.16
CA TYR C 2238 73.61 -0.44 62.33
C TYR C 2238 74.05 0.19 61.01
N PHE C 2239 73.75 -0.45 59.89
CA PHE C 2239 74.17 0.09 58.60
C PHE C 2239 73.41 1.35 58.24
N CYS C 2240 72.13 1.43 58.60
CA CYS C 2240 71.35 2.63 58.28
C CYS C 2240 71.88 3.86 59.00
N ARG C 2241 72.36 3.69 60.23
CA ARG C 2241 72.79 4.83 61.04
C ARG C 2241 74.11 5.43 60.60
N ILE C 2242 74.84 4.81 59.68
CA ILE C 2242 76.17 5.30 59.34
C ILE C 2242 76.06 6.60 58.54
N SER C 2243 75.09 6.67 57.64
CA SER C 2243 74.94 7.85 56.78
C SER C 2243 73.54 7.87 56.20
N ARG C 2244 73.18 9.05 55.69
CA ARG C 2244 71.83 9.30 55.19
C ARG C 2244 71.54 8.52 53.92
N GLN C 2245 72.53 8.48 53.02
CA GLN C 2245 72.33 7.83 51.73
C GLN C 2245 72.17 6.32 51.87
N ASN C 2246 72.69 5.74 52.95
CA ASN C 2246 72.43 4.33 53.21
C ASN C 2246 70.96 4.10 53.46
N GLN C 2247 70.32 5.02 54.19
CA GLN C 2247 68.89 4.92 54.38
C GLN C 2247 68.15 5.12 53.08
N ARG C 2248 68.68 5.96 52.19
CA ARG C 2248 68.06 6.07 50.87
C ARG C 2248 68.15 4.76 50.11
N SER C 2249 69.28 4.08 50.19
CA SER C 2249 69.42 2.80 49.52
C SER C 2249 68.47 1.75 50.12
N MET C 2250 68.34 1.76 51.45
CA MET C 2250 67.47 0.80 52.12
C MET C 2250 65.98 1.10 51.96
N PHE C 2251 65.62 2.33 51.60
CA PHE C 2251 64.21 2.70 51.50
C PHE C 2251 63.48 1.95 50.40
N ASP C 2252 64.19 1.46 49.38
CA ASP C 2252 63.53 0.82 48.24
C ASP C 2252 62.86 -0.50 48.62
N HIS C 2253 63.38 -1.21 49.64
CA HIS C 2253 62.84 -2.50 50.07
C HIS C 2253 61.76 -2.37 51.14
N LEU C 2254 61.36 -1.15 51.48
CA LEU C 2254 60.58 -0.91 52.68
C LEU C 2254 59.19 -1.49 52.58
N SER C 2255 58.62 -1.55 51.38
CA SER C 2255 57.33 -2.18 51.19
C SER C 2255 57.41 -3.67 51.48
N TYR C 2256 58.53 -4.31 51.10
CA TYR C 2256 58.65 -5.75 51.30
C TYR C 2256 58.82 -6.08 52.77
N LEU C 2257 59.59 -5.25 53.50
CA LEU C 2257 59.89 -5.61 54.90
C LEU C 2257 58.64 -5.62 55.78
N LEU C 2258 57.77 -4.63 55.64
CA LEU C 2258 56.56 -4.61 56.44
C LEU C 2258 55.57 -5.70 56.06
N GLU C 2259 55.70 -6.29 54.86
CA GLU C 2259 54.84 -7.42 54.50
C GLU C 2259 55.07 -8.61 55.41
N ASN C 2260 56.33 -8.86 55.76
CA ASN C 2260 56.71 -9.92 56.68
C ASN C 2260 56.81 -9.45 58.13
N SER C 2261 56.22 -8.30 58.46
CA SER C 2261 56.30 -7.81 59.83
C SER C 2261 55.52 -8.66 60.82
N GLY C 2262 54.56 -9.46 60.36
CA GLY C 2262 53.87 -10.38 61.25
C GLY C 2262 54.81 -11.48 61.68
N ILE C 2263 55.20 -11.45 62.96
CA ILE C 2263 56.15 -12.40 63.53
C ILE C 2263 55.64 -12.83 64.90
N GLY C 2264 56.46 -13.58 65.65
CA GLY C 2264 56.10 -14.02 66.99
C GLY C 2264 55.82 -12.89 67.96
N LEU C 2265 56.38 -11.70 67.73
CA LEU C 2265 56.10 -10.48 68.50
C LEU C 2265 56.46 -10.66 69.98
N GLY C 2266 57.78 -10.74 70.21
CA GLY C 2266 58.30 -10.97 71.54
C GLY C 2266 59.63 -11.70 71.62
N MET C 2267 60.17 -12.18 70.51
CA MET C 2267 61.55 -12.66 70.53
C MET C 2267 62.48 -11.48 70.80
N GLN C 2268 63.57 -11.77 71.51
CA GLN C 2268 64.52 -10.73 71.86
C GLN C 2268 65.31 -10.30 70.63
N GLY C 2269 65.95 -9.14 70.75
CA GLY C 2269 66.78 -8.63 69.68
C GLY C 2269 65.96 -7.95 68.60
N SER C 2270 66.66 -7.56 67.53
CA SER C 2270 66.04 -6.83 66.45
C SER C 2270 65.07 -7.73 65.68
N THR C 2271 64.25 -7.07 64.86
CA THR C 2271 63.20 -7.71 64.06
C THR C 2271 63.10 -6.96 62.74
N PRO C 2272 62.40 -7.49 61.73
CA PRO C 2272 62.24 -6.74 60.46
C PRO C 2272 61.55 -5.40 60.62
N LEU C 2273 60.57 -5.33 61.50
CA LEU C 2273 59.83 -4.10 61.71
C LEU C 2273 60.72 -3.02 62.32
N ASP C 2274 61.63 -3.41 63.20
CA ASP C 2274 62.52 -2.45 63.84
C ASP C 2274 63.45 -1.79 62.83
N VAL C 2275 64.02 -2.59 61.92
CA VAL C 2275 64.90 -2.01 60.91
C VAL C 2275 64.10 -1.14 59.94
N ALA C 2276 62.85 -1.53 59.66
CA ALA C 2276 62.00 -0.71 58.80
C ALA C 2276 61.75 0.65 59.43
N ALA C 2277 61.54 0.69 60.75
CA ALA C 2277 61.43 1.98 61.42
C ALA C 2277 62.76 2.73 61.40
N ALA C 2278 63.87 2.00 61.57
CA ALA C 2278 65.19 2.64 61.65
C ALA C 2278 65.60 3.30 60.35
N SER C 2279 65.06 2.86 59.21
CA SER C 2279 65.43 3.46 57.94
C SER C 2279 65.03 4.94 57.85
N VAL C 2280 63.81 5.27 58.30
CA VAL C 2280 63.18 6.57 58.05
C VAL C 2280 63.15 7.43 59.32
N ILE C 2281 64.12 7.22 60.20
CA ILE C 2281 64.02 7.81 61.54
C ILE C 2281 64.25 9.32 61.51
N ASP C 2282 65.24 9.79 60.74
CA ASP C 2282 65.72 11.17 60.81
C ASP C 2282 66.06 11.69 59.42
N ASN C 2283 65.19 11.41 58.44
CA ASN C 2283 65.45 11.76 57.06
C ASN C 2283 64.84 13.10 56.67
N ASN C 2284 63.55 13.27 56.91
CA ASN C 2284 62.73 14.45 56.61
C ASN C 2284 62.40 14.61 55.13
N GLU C 2285 62.79 13.66 54.27
CA GLU C 2285 62.33 13.54 52.88
C GLU C 2285 61.80 12.15 52.59
N LEU C 2286 62.43 11.11 53.14
CA LEU C 2286 61.90 9.77 53.00
C LEU C 2286 60.57 9.63 53.70
N ALA C 2287 60.36 10.39 54.78
CA ALA C 2287 59.07 10.40 55.46
C ALA C 2287 57.97 10.90 54.53
N LEU C 2288 58.28 11.92 53.75
CA LEU C 2288 57.33 12.38 52.74
C LEU C 2288 57.11 11.34 51.66
N ALA C 2289 58.13 10.54 51.35
CA ALA C 2289 58.04 9.58 50.26
C ALA C 2289 57.20 8.35 50.58
N LEU C 2290 56.72 8.19 51.83
CA LEU C 2290 55.94 7.01 52.16
C LEU C 2290 54.60 7.03 51.43
N GLN C 2291 54.25 5.87 50.89
CA GLN C 2291 52.99 5.68 50.18
C GLN C 2291 51.91 5.25 51.16
N GLU C 2292 50.66 5.49 50.76
CA GLU C 2292 49.51 5.17 51.60
C GLU C 2292 49.38 3.66 51.82
N GLN C 2293 49.77 2.87 50.81
CA GLN C 2293 49.69 1.42 50.89
C GLN C 2293 50.57 0.87 52.00
N ASP C 2294 51.69 1.55 52.29
CA ASP C 2294 52.53 1.11 53.39
C ASP C 2294 51.84 1.33 54.73
N LEU C 2295 51.17 2.48 54.89
CA LEU C 2295 50.62 2.82 56.19
C LEU C 2295 49.38 1.99 56.50
N GLU C 2296 48.56 1.70 55.50
CA GLU C 2296 47.37 0.90 55.77
C GLU C 2296 47.69 -0.55 56.16
N LYS C 2297 48.86 -1.05 55.79
CA LYS C 2297 49.18 -2.46 56.05
C LYS C 2297 49.44 -2.70 57.54
N VAL C 2298 50.21 -1.81 58.16
CA VAL C 2298 50.60 -2.01 59.56
C VAL C 2298 49.39 -1.86 60.47
N VAL C 2299 48.51 -0.91 60.17
CA VAL C 2299 47.32 -0.73 60.99
C VAL C 2299 46.32 -1.86 60.72
N SER C 2300 46.35 -2.45 59.51
CA SER C 2300 45.55 -3.65 59.29
C SER C 2300 46.02 -4.79 60.17
N TYR C 2301 47.33 -4.90 60.37
CA TYR C 2301 47.81 -5.87 61.37
C TYR C 2301 47.40 -5.48 62.78
N LEU C 2302 47.38 -4.17 63.07
CA LEU C 2302 46.97 -3.71 64.39
C LEU C 2302 45.53 -4.06 64.71
N ALA C 2303 44.68 -4.20 63.69
CA ALA C 2303 43.29 -4.59 63.93
C ALA C 2303 43.19 -5.95 64.60
N GLY C 2304 44.02 -6.91 64.17
CA GLY C 2304 43.98 -8.24 64.74
C GLY C 2304 44.51 -8.33 66.16
N CYS C 2305 45.28 -7.33 66.61
CA CYS C 2305 45.85 -7.37 67.96
C CYS C 2305 44.78 -7.34 69.03
N GLY C 2306 43.73 -6.54 68.83
CA GLY C 2306 42.65 -6.51 69.79
C GLY C 2306 41.87 -7.81 69.85
N LEU C 2307 41.73 -8.49 68.71
CA LEU C 2307 40.97 -9.73 68.66
C LEU C 2307 41.79 -10.91 69.19
N GLN C 2308 42.96 -11.14 68.59
CA GLN C 2308 43.76 -12.29 68.94
C GLN C 2308 44.39 -12.12 70.33
N SER C 2309 44.73 -13.26 70.92
CA SER C 2309 45.17 -13.36 72.31
C SER C 2309 46.68 -13.61 72.47
N CYS C 2310 47.48 -13.42 71.40
CA CYS C 2310 48.93 -13.65 71.43
C CYS C 2310 49.27 -15.08 71.82
N PRO C 2311 49.07 -16.07 70.94
CA PRO C 2311 49.21 -17.49 71.34
C PRO C 2311 50.60 -17.93 71.82
N MET C 2312 51.66 -17.16 71.53
CA MET C 2312 52.97 -17.50 72.06
C MET C 2312 52.99 -17.43 73.58
N LEU C 2313 52.36 -16.41 74.14
CA LEU C 2313 52.25 -16.33 75.60
C LEU C 2313 51.24 -17.32 76.15
N LEU C 2314 50.31 -17.82 75.33
CA LEU C 2314 49.44 -18.91 75.77
C LEU C 2314 50.27 -20.16 76.01
N ALA C 2315 51.20 -20.46 75.08
CA ALA C 2315 52.14 -21.55 75.36
C ALA C 2315 53.08 -21.22 76.51
N LYS C 2316 53.37 -19.92 76.73
CA LYS C 2316 54.23 -19.56 77.86
C LYS C 2316 53.58 -19.91 79.20
N GLY C 2317 52.28 -19.66 79.33
CA GLY C 2317 51.55 -19.92 80.57
C GLY C 2317 50.47 -18.91 80.91
N TYR C 2318 50.45 -17.77 80.24
CA TYR C 2318 49.46 -16.75 80.56
C TYR C 2318 48.08 -17.19 80.09
N PRO C 2319 47.04 -17.17 80.96
CA PRO C 2319 45.84 -17.95 80.66
C PRO C 2319 44.99 -17.46 79.50
N ASP C 2320 44.54 -16.20 79.54
CA ASP C 2320 43.66 -15.68 78.51
C ASP C 2320 43.48 -14.18 78.63
N ILE C 2321 43.77 -13.46 77.55
CA ILE C 2321 43.43 -12.04 77.41
C ILE C 2321 42.95 -11.83 75.99
N GLY C 2322 41.89 -11.05 75.83
CA GLY C 2322 41.33 -10.83 74.49
C GLY C 2322 42.27 -10.04 73.60
N TRP C 2323 42.96 -9.05 74.15
CA TRP C 2323 43.77 -8.13 73.38
C TRP C 2323 45.18 -8.67 73.20
N ASN C 2324 46.00 -7.92 72.46
CA ASN C 2324 47.42 -8.19 72.28
C ASN C 2324 48.19 -6.88 72.44
N PRO C 2325 48.35 -6.38 73.67
CA PRO C 2325 49.12 -5.13 73.85
C PRO C 2325 50.57 -5.22 73.41
N CYS C 2326 51.21 -6.38 73.61
CA CYS C 2326 52.62 -6.54 73.26
C CYS C 2326 52.82 -6.42 71.75
N GLY C 2327 51.95 -7.06 70.97
CA GLY C 2327 52.06 -6.94 69.52
C GLY C 2327 51.74 -5.54 69.05
N GLY C 2328 50.76 -4.90 69.67
CA GLY C 2328 50.38 -3.56 69.27
C GLY C 2328 51.46 -2.52 69.52
N GLU C 2329 52.23 -2.68 70.60
CA GLU C 2329 53.19 -1.65 70.99
C GLU C 2329 54.29 -1.47 69.94
N ARG C 2330 54.76 -2.57 69.35
CA ARG C 2330 55.83 -2.48 68.36
C ARG C 2330 55.35 -1.78 67.08
N TYR C 2331 54.14 -2.12 66.65
CA TYR C 2331 53.56 -1.49 65.46
C TYR C 2331 53.33 -0.01 65.71
N LEU C 2332 52.86 0.33 66.91
CA LEU C 2332 52.65 1.73 67.26
C LEU C 2332 53.98 2.47 67.37
N ASP C 2333 55.05 1.78 67.76
CA ASP C 2333 56.35 2.44 67.81
C ASP C 2333 56.82 2.84 66.42
N PHE C 2334 56.65 1.92 65.45
CA PHE C 2334 56.99 2.26 64.07
C PHE C 2334 56.11 3.39 63.55
N LEU C 2335 54.83 3.36 63.91
CA LEU C 2335 53.95 4.45 63.54
C LEU C 2335 54.36 5.77 64.19
N ARG C 2336 54.93 5.70 65.38
CA ARG C 2336 55.46 6.89 66.03
C ARG C 2336 56.59 7.50 65.22
N PHE C 2337 57.52 6.66 64.77
CA PHE C 2337 58.70 7.18 64.07
C PHE C 2337 58.40 7.84 62.72
N ALA C 2338 57.20 7.65 62.18
CA ALA C 2338 56.84 8.31 60.93
C ALA C 2338 56.74 9.82 61.07
N VAL C 2339 56.30 10.32 62.22
CA VAL C 2339 55.69 11.65 62.33
C VAL C 2339 56.62 12.68 62.95
N PHE C 2340 57.33 12.34 64.04
CA PHE C 2340 58.12 13.34 64.78
C PHE C 2340 59.54 13.49 64.21
N VAL C 2341 59.60 13.71 62.91
CA VAL C 2341 60.87 13.82 62.21
C VAL C 2341 61.45 15.19 62.52
N ASN C 2342 62.53 15.21 63.30
CA ASN C 2342 63.25 16.44 63.64
C ASN C 2342 62.38 17.40 64.45
N GLY C 2343 61.58 16.85 65.36
CA GLY C 2343 60.79 17.66 66.26
C GLY C 2343 59.71 18.48 65.59
N GLU C 2344 58.96 17.84 64.70
CA GLU C 2344 57.87 18.48 63.96
C GLU C 2344 56.73 17.47 63.91
N SER C 2345 55.77 17.70 63.02
CA SER C 2345 54.72 16.73 62.75
C SER C 2345 54.30 16.92 61.30
N VAL C 2346 54.68 15.99 60.43
CA VAL C 2346 54.36 16.10 59.02
C VAL C 2346 52.86 15.91 58.83
N GLU C 2347 52.26 16.79 58.03
CA GLU C 2347 50.81 16.83 57.94
C GLU C 2347 50.25 15.69 57.12
N GLU C 2348 50.92 15.32 56.03
CA GLU C 2348 50.35 14.39 55.06
C GLU C 2348 50.21 12.99 55.64
N ASN C 2349 51.30 12.48 56.22
CA ASN C 2349 51.28 11.15 56.83
C ASN C 2349 50.39 11.15 58.05
N ALA C 2350 50.39 12.24 58.80
CA ALA C 2350 49.52 12.35 59.98
C ALA C 2350 48.06 12.32 59.59
N ASN C 2351 47.71 12.99 58.49
CA ASN C 2351 46.34 13.00 58.01
C ASN C 2351 45.89 11.60 57.64
N VAL C 2352 46.71 10.89 56.87
CA VAL C 2352 46.33 9.54 56.45
C VAL C 2352 46.24 8.63 57.67
N VAL C 2353 47.12 8.84 58.65
CA VAL C 2353 47.12 8.02 59.85
C VAL C 2353 45.83 8.24 60.65
N VAL C 2354 45.41 9.49 60.80
CA VAL C 2354 44.23 9.74 61.64
C VAL C 2354 42.97 9.25 60.95
N ARG C 2355 42.89 9.34 59.62
CA ARG C 2355 41.74 8.73 58.93
C ARG C 2355 41.73 7.22 59.11
N LEU C 2356 42.88 6.57 58.96
CA LEU C 2356 42.90 5.12 59.11
C LEU C 2356 42.69 4.67 60.55
N LEU C 2357 43.13 5.48 61.52
CA LEU C 2357 43.05 5.11 62.93
C LEU C 2357 41.63 5.14 63.48
N ILE C 2358 40.68 5.76 62.77
CA ILE C 2358 39.30 5.73 63.24
C ILE C 2358 38.73 4.33 63.10
N ARG C 2359 39.05 3.65 61.98
CA ARG C 2359 38.39 2.40 61.65
C ARG C 2359 39.03 1.20 62.35
N LYS C 2360 40.31 0.93 62.08
CA LYS C 2360 40.86 -0.38 62.46
C LYS C 2360 41.13 -0.50 63.96
N PRO C 2361 41.58 0.56 64.66
CA PRO C 2361 41.49 0.56 66.14
C PRO C 2361 40.11 0.71 66.77
N GLU C 2362 39.02 0.46 66.03
CA GLU C 2362 37.72 0.20 66.67
C GLU C 2362 37.73 -1.07 67.53
N CYS C 2363 38.70 -1.96 67.33
CA CYS C 2363 38.98 -3.06 68.24
C CYS C 2363 39.71 -2.50 69.48
N PHE C 2364 40.28 -3.40 70.29
CA PHE C 2364 40.68 -3.15 71.70
C PHE C 2364 39.43 -2.93 72.55
N GLY C 2365 38.44 -3.81 72.35
CA GLY C 2365 37.30 -3.91 73.21
C GLY C 2365 36.38 -2.70 73.13
N PRO C 2366 35.30 -2.71 73.91
CA PRO C 2366 34.41 -1.54 73.95
C PRO C 2366 34.88 -0.42 74.87
N ALA C 2367 36.11 -0.49 75.40
CA ALA C 2367 36.57 0.54 76.33
C ALA C 2367 36.81 1.86 75.61
N LEU C 2368 37.75 1.87 74.68
CA LEU C 2368 38.05 3.05 73.86
C LEU C 2368 37.19 3.15 72.62
N ARG C 2369 36.50 2.08 72.23
CA ARG C 2369 35.58 2.16 71.10
C ARG C 2369 34.42 3.10 71.38
N GLY C 2370 34.01 3.22 72.65
CA GLY C 2370 32.87 4.01 73.04
C GLY C 2370 31.59 3.22 73.21
N GLU C 2371 31.52 2.00 72.67
CA GLU C 2371 30.37 1.14 72.90
C GLU C 2371 30.22 0.74 74.36
N GLY C 2372 31.30 0.77 75.15
CA GLY C 2372 31.28 0.45 76.56
C GLY C 2372 31.23 1.71 77.40
N GLY C 2373 32.38 2.15 77.87
CA GLY C 2373 32.49 3.31 78.74
C GLY C 2373 33.60 3.25 79.77
N SER C 2374 34.27 2.11 79.91
CA SER C 2374 35.43 2.03 80.78
C SER C 2374 36.53 2.89 80.17
N GLY C 2375 36.76 4.05 80.77
CA GLY C 2375 37.68 5.01 80.23
C GLY C 2375 39.11 4.59 80.46
N LEU C 2376 40.01 5.51 80.12
CA LEU C 2376 41.43 5.28 80.33
C LEU C 2376 41.75 5.16 81.81
N LEU C 2377 41.11 5.97 82.63
CA LEU C 2377 41.29 5.84 84.07
C LEU C 2377 40.74 4.51 84.57
N ALA C 2378 39.61 4.08 84.03
CA ALA C 2378 39.03 2.80 84.43
C ALA C 2378 39.94 1.64 84.02
N ALA C 2379 40.46 1.67 82.80
CA ALA C 2379 41.35 0.61 82.34
C ALA C 2379 42.66 0.63 83.09
N ILE C 2380 43.18 1.81 83.41
CA ILE C 2380 44.46 1.90 84.12
C ILE C 2380 44.29 1.44 85.55
N GLU C 2381 43.16 1.78 86.18
CA GLU C 2381 42.88 1.29 87.53
C GLU C 2381 42.72 -0.23 87.53
N GLU C 2382 42.08 -0.77 86.49
CA GLU C 2382 41.97 -2.22 86.34
C GLU C 2382 43.35 -2.84 86.17
N ALA C 2383 44.20 -2.19 85.38
CA ALA C 2383 45.56 -2.69 85.16
C ALA C 2383 46.37 -2.66 86.44
N ILE C 2384 46.18 -1.63 87.26
CA ILE C 2384 46.85 -1.56 88.55
C ILE C 2384 46.33 -2.67 89.46
N ARG C 2385 45.04 -2.96 89.38
CA ARG C 2385 44.46 -4.06 90.15
C ARG C 2385 45.08 -5.40 89.75
N ILE C 2386 45.28 -5.62 88.46
CA ILE C 2386 45.97 -6.82 88.02
C ILE C 2386 47.45 -6.77 88.40
N SER C 2387 48.05 -5.57 88.44
CA SER C 2387 49.48 -5.46 88.71
C SER C 2387 49.79 -5.86 90.14
N GLU C 2388 49.01 -5.36 91.10
CA GLU C 2388 49.23 -5.76 92.49
C GLU C 2388 48.80 -7.21 92.73
N ASP C 2389 47.82 -7.71 91.95
CA ASP C 2389 47.29 -9.07 92.10
C ASP C 2389 47.88 -10.00 91.04
N PRO C 2390 48.99 -10.71 91.29
CA PRO C 2390 49.49 -11.65 90.28
C PRO C 2390 48.62 -12.87 90.05
N ALA C 2391 47.61 -13.13 90.88
CA ALA C 2391 46.78 -14.31 90.70
C ALA C 2391 45.94 -14.24 89.44
N ARG C 2392 45.39 -13.06 89.13
CA ARG C 2392 44.53 -12.92 87.97
C ARG C 2392 45.31 -13.11 86.67
N ASP C 2393 46.44 -12.41 86.53
CA ASP C 2393 47.34 -12.66 85.42
C ASP C 2393 48.08 -13.98 85.63
N GLY C 2394 48.77 -14.43 84.59
CA GLY C 2394 49.50 -15.67 84.65
C GLY C 2394 50.79 -15.54 85.43
N PRO C 2395 51.52 -16.67 85.55
CA PRO C 2395 52.78 -16.65 86.30
C PRO C 2395 53.93 -16.02 85.50
N ARG C 2415 59.48 -11.32 83.00
CA ARG C 2415 59.63 -10.23 82.04
C ARG C 2415 58.32 -9.52 81.79
N VAL C 2416 57.42 -10.20 81.08
CA VAL C 2416 56.15 -9.61 80.66
C VAL C 2416 55.14 -9.71 81.78
N HIS C 2417 54.39 -8.63 81.98
CA HIS C 2417 53.24 -8.59 82.87
C HIS C 2417 52.10 -7.92 82.13
N LEU C 2418 50.90 -8.51 82.23
CA LEU C 2418 49.76 -8.02 81.48
C LEU C 2418 49.34 -6.62 81.92
N GLY C 2419 49.39 -6.34 83.22
CA GLY C 2419 49.04 -5.01 83.71
C GLY C 2419 49.99 -3.94 83.20
N HIS C 2420 51.29 -4.22 83.31
CA HIS C 2420 52.29 -3.31 82.78
C HIS C 2420 52.19 -3.21 81.26
N ALA C 2421 51.79 -4.31 80.61
CA ALA C 2421 51.61 -4.30 79.16
C ALA C 2421 50.48 -3.36 78.76
N ILE C 2422 49.36 -3.39 79.48
CA ILE C 2422 48.24 -2.52 79.15
C ILE C 2422 48.61 -1.07 79.41
N MET C 2423 49.34 -0.82 80.51
CA MET C 2423 49.84 0.53 80.81
C MET C 2423 50.71 1.05 79.67
N SER C 2424 51.66 0.23 79.22
CA SER C 2424 52.57 0.63 78.16
C SER C 2424 51.85 0.82 76.85
N PHE C 2425 50.85 -0.01 76.56
CA PHE C 2425 50.13 0.08 75.29
C PHE C 2425 49.36 1.38 75.20
N TYR C 2426 48.58 1.72 76.23
CA TYR C 2426 47.82 2.95 76.15
C TYR C 2426 48.71 4.19 76.21
N ALA C 2427 49.82 4.11 76.95
CA ALA C 2427 50.75 5.24 76.95
C ALA C 2427 51.39 5.45 75.58
N ALA C 2428 51.71 4.37 74.88
CA ALA C 2428 52.25 4.53 73.53
C ALA C 2428 51.19 5.05 72.56
N LEU C 2429 49.94 4.62 72.74
CA LEU C 2429 48.86 5.04 71.86
C LEU C 2429 48.62 6.53 71.96
N ILE C 2430 48.55 7.05 73.19
CA ILE C 2430 48.40 8.49 73.34
C ILE C 2430 49.67 9.21 72.92
N ASP C 2431 50.85 8.55 72.98
CA ASP C 2431 52.05 9.20 72.44
C ASP C 2431 51.90 9.49 70.95
N LEU C 2432 51.39 8.51 70.19
CA LEU C 2432 51.12 8.75 68.77
C LEU C 2432 50.06 9.82 68.58
N LEU C 2433 48.95 9.70 69.32
CA LEU C 2433 47.83 10.60 69.08
C LEU C 2433 48.15 12.04 69.47
N GLY C 2434 48.88 12.23 70.56
CA GLY C 2434 49.29 13.57 70.94
C GLY C 2434 50.33 14.14 69.99
N ARG C 2435 51.20 13.29 69.46
CA ARG C 2435 52.29 13.81 68.64
C ARG C 2435 51.79 14.37 67.31
N CYS C 2436 50.77 13.75 66.72
CA CYS C 2436 50.28 14.13 65.39
C CYS C 2436 49.20 15.20 65.45
N ALA C 2437 49.45 16.27 66.22
CA ALA C 2437 48.60 17.44 66.19
C ALA C 2437 48.93 18.28 64.96
N PRO C 2438 48.01 19.14 64.50
CA PRO C 2438 48.33 19.93 63.32
C PRO C 2438 49.31 21.05 63.66
N GLU C 2439 50.57 20.85 63.28
CA GLU C 2439 51.67 21.80 63.47
C GLU C 2439 51.79 22.10 64.97
N MET C 2440 52.18 23.34 65.31
CA MET C 2440 52.00 23.90 66.64
C MET C 2440 50.99 25.06 66.60
N HIS C 2441 51.26 26.09 65.80
CA HIS C 2441 50.35 27.22 65.62
C HIS C 2441 50.29 27.75 64.19
N LEU C 2442 51.06 27.19 63.25
CA LEU C 2442 51.12 27.78 61.91
C LEU C 2442 49.82 27.60 61.16
N ILE C 2443 49.44 26.35 60.89
CA ILE C 2443 48.19 26.08 60.19
C ILE C 2443 46.98 26.19 61.12
N GLN C 2444 47.17 26.08 62.43
CA GLN C 2444 46.05 26.19 63.36
C GLN C 2444 45.43 27.58 63.32
N ALA C 2445 46.23 28.61 63.05
CA ALA C 2445 45.76 29.98 62.92
C ALA C 2445 45.33 30.26 61.48
N GLY C 2446 44.26 29.56 61.07
CA GLY C 2446 43.50 29.89 59.87
C GLY C 2446 43.04 28.74 59.00
N LYS C 2447 43.83 27.68 58.86
CA LYS C 2447 43.50 26.60 57.94
C LYS C 2447 42.48 25.66 58.60
N GLY C 2448 41.57 25.12 57.78
CA GLY C 2448 40.46 24.32 58.29
C GLY C 2448 40.83 22.89 58.66
N GLU C 2449 41.86 22.33 58.01
CA GLU C 2449 42.26 20.95 58.23
C GLU C 2449 42.70 20.74 59.68
N ALA C 2450 43.39 21.73 60.23
CA ALA C 2450 43.85 21.67 61.61
C ALA C 2450 42.67 21.62 62.57
N LEU C 2451 41.65 22.43 62.31
CA LEU C 2451 40.50 22.48 63.21
C LEU C 2451 39.73 21.17 63.18
N ARG C 2452 39.55 20.59 61.99
CA ARG C 2452 38.84 19.32 61.89
C ARG C 2452 39.60 18.21 62.62
N ILE C 2453 40.92 18.16 62.44
CA ILE C 2453 41.72 17.11 63.04
C ILE C 2453 41.76 17.29 64.56
N ARG C 2454 41.83 18.53 65.03
CA ARG C 2454 41.88 18.75 66.47
C ARG C 2454 40.55 18.44 67.13
N ALA C 2455 39.44 18.71 66.45
CA ALA C 2455 38.13 18.42 67.04
C ALA C 2455 37.93 16.92 67.20
N ILE C 2456 38.21 16.16 66.13
CA ILE C 2456 38.08 14.71 66.24
C ILE C 2456 39.09 14.16 67.24
N LEU C 2457 40.26 14.79 67.36
CA LEU C 2457 41.26 14.32 68.30
C LEU C 2457 40.79 14.52 69.74
N ARG C 2458 40.17 15.66 70.04
CA ARG C 2458 39.73 15.90 71.41
C ARG C 2458 38.53 15.05 71.78
N SER C 2459 37.70 14.67 70.80
CA SER C 2459 36.49 13.91 71.14
C SER C 2459 36.81 12.53 71.71
N LEU C 2460 37.80 11.83 71.14
CA LEU C 2460 38.01 10.43 71.51
C LEU C 2460 38.53 10.26 72.93
N VAL C 2461 39.37 11.19 73.39
CA VAL C 2461 40.00 11.16 74.71
C VAL C 2461 39.68 12.49 75.37
N PRO C 2462 38.46 12.71 75.86
CA PRO C 2462 38.09 14.04 76.33
C PRO C 2462 38.80 14.41 77.62
N LEU C 2463 38.80 15.71 77.89
CA LEU C 2463 39.39 16.25 79.10
C LEU C 2463 38.62 15.77 80.34
N ASP C 2464 39.21 16.03 81.50
CA ASP C 2464 38.76 15.52 82.80
C ASP C 2464 38.93 14.01 82.91
N ASP C 2465 39.79 13.40 82.09
CA ASP C 2465 40.29 12.05 82.25
C ASP C 2465 41.81 12.01 82.31
N LEU C 2466 42.48 12.89 81.58
CA LEU C 2466 43.93 13.05 81.72
C LEU C 2466 44.29 13.53 83.12
N VAL C 2467 43.51 14.46 83.66
CA VAL C 2467 43.82 15.04 84.96
C VAL C 2467 43.67 14.00 86.06
N GLY C 2468 42.71 13.10 85.93
CA GLY C 2468 42.58 12.02 86.91
C GLY C 2468 43.73 11.04 86.81
N ILE C 2469 44.15 10.70 85.60
CA ILE C 2469 45.17 9.68 85.42
C ILE C 2469 46.53 10.21 85.86
N ILE C 2470 46.86 11.45 85.47
CA ILE C 2470 48.13 12.03 85.88
C ILE C 2470 48.15 12.28 87.39
N SER C 2471 47.01 12.58 87.98
CA SER C 2471 46.95 12.80 89.42
C SER C 2471 46.98 11.51 90.23
N LEU C 2472 46.91 10.34 89.60
CA LEU C 2472 46.91 9.10 90.35
C LEU C 2472 48.27 8.88 91.01
N PRO C 2473 48.33 8.12 92.11
CA PRO C 2473 49.61 7.90 92.78
C PRO C 2473 50.38 6.77 92.14
N LEU C 2474 51.61 6.59 92.61
CA LEU C 2474 52.46 5.49 92.20
C LEU C 2474 53.34 5.10 93.38
N GLN C 2475 53.64 3.82 93.47
CA GLN C 2475 54.46 3.32 94.56
C GLN C 2475 55.89 3.84 94.40
N ILE C 2476 56.36 4.58 95.40
CA ILE C 2476 57.64 5.28 95.37
C ILE C 2476 58.48 4.71 96.52
N PRO C 2477 59.18 3.59 96.33
CA PRO C 2477 60.03 3.06 97.42
C PRO C 2477 61.36 3.80 97.49
N THR C 2478 62.12 3.47 98.53
CA THR C 2478 63.44 4.03 98.71
C THR C 2478 64.37 3.53 97.62
N GLN C 2487 62.15 -4.16 99.43
CA GLN C 2487 61.79 -2.75 99.54
C GLN C 2487 61.52 -2.11 98.16
N PRO C 2488 62.48 -2.11 97.23
CA PRO C 2488 62.19 -1.47 95.93
C PRO C 2488 61.23 -2.31 95.09
N LYS C 2489 60.57 -1.61 94.18
CA LYS C 2489 59.66 -2.19 93.20
C LYS C 2489 60.28 -2.05 91.81
N MET C 2490 60.02 -3.04 90.96
CA MET C 2490 60.55 -2.99 89.61
C MET C 2490 59.85 -1.91 88.79
N SER C 2491 60.58 -1.38 87.82
CA SER C 2491 59.97 -0.50 86.82
C SER C 2491 59.10 -1.25 85.81
N ALA C 2492 59.14 -2.59 85.79
CA ALA C 2492 58.31 -3.40 84.90
C ALA C 2492 56.88 -3.61 85.40
N SER C 2493 56.46 -2.90 86.45
CA SER C 2493 55.08 -2.85 86.92
C SER C 2493 54.42 -1.51 86.59
N PHE C 2494 55.11 -0.41 86.88
CA PHE C 2494 54.65 0.93 86.49
C PHE C 2494 55.87 1.79 86.20
N VAL C 2495 55.65 2.84 85.40
CA VAL C 2495 56.70 3.70 84.87
C VAL C 2495 56.28 5.15 85.08
N PRO C 2496 57.20 6.11 85.46
CA PRO C 2496 56.80 7.53 85.53
C PRO C 2496 56.92 8.27 84.21
N ASP C 2497 57.84 7.81 83.36
CA ASP C 2497 57.99 8.39 82.03
C ASP C 2497 56.72 8.18 81.21
N HIS C 2498 56.06 7.05 81.39
CA HIS C 2498 54.81 6.81 80.67
C HIS C 2498 53.67 7.63 81.24
N LYS C 2499 53.79 8.09 82.50
CA LYS C 2499 52.90 9.16 82.95
C LYS C 2499 53.18 10.44 82.19
N ALA C 2500 54.47 10.75 81.96
CA ALA C 2500 54.80 11.94 81.20
C ALA C 2500 54.38 11.84 79.73
N SER C 2501 54.16 10.62 79.22
CA SER C 2501 53.63 10.48 77.87
C SER C 2501 52.24 11.12 77.73
N MET C 2502 51.42 11.04 78.79
CA MET C 2502 50.10 11.67 78.78
C MET C 2502 50.19 13.19 78.65
N VAL C 2503 51.24 13.80 79.21
CA VAL C 2503 51.40 15.25 79.20
C VAL C 2503 51.57 15.80 77.79
N LEU C 2504 52.18 14.99 76.90
CA LEU C 2504 52.44 15.44 75.54
C LEU C 2504 51.14 15.68 74.78
N PHE C 2505 50.08 14.95 75.11
CA PHE C 2505 48.78 15.23 74.52
C PHE C 2505 48.28 16.61 74.94
N LEU C 2506 48.41 16.91 76.22
CA LEU C 2506 47.84 18.15 76.75
C LEU C 2506 48.57 19.36 76.22
N ASP C 2507 49.88 19.24 76.02
CA ASP C 2507 50.65 20.41 75.59
C ASP C 2507 50.25 20.87 74.18
N ARG C 2508 50.08 19.92 73.26
CA ARG C 2508 49.88 20.23 71.85
C ARG C 2508 48.41 20.42 71.48
N VAL C 2509 47.53 19.63 72.09
CA VAL C 2509 46.14 19.54 71.65
C VAL C 2509 45.31 20.60 72.37
N TYR C 2510 45.22 20.49 73.69
CA TYR C 2510 44.25 21.29 74.44
C TYR C 2510 44.78 22.69 74.70
N GLY C 2511 45.97 22.79 75.28
CA GLY C 2511 46.42 24.04 75.86
C GLY C 2511 45.73 24.28 77.17
N ILE C 2512 46.00 25.45 77.75
CA ILE C 2512 45.47 25.82 79.06
C ILE C 2512 45.30 27.34 79.10
N GLU C 2513 44.14 27.79 79.56
CA GLU C 2513 43.84 29.23 79.64
C GLU C 2513 44.08 29.79 81.05
N ASN C 2514 43.34 29.34 82.07
CA ASN C 2514 43.50 29.77 83.45
C ASN C 2514 43.51 28.63 84.46
N GLN C 2515 42.48 27.80 84.40
CA GLN C 2515 42.07 27.00 85.55
C GLN C 2515 42.69 25.61 85.56
N ASP C 2516 42.98 25.07 84.38
CA ASP C 2516 43.68 23.80 84.31
C ASP C 2516 45.07 23.90 84.93
N PHE C 2517 45.72 25.06 84.76
CA PHE C 2517 47.00 25.28 85.42
C PHE C 2517 46.86 25.28 86.94
N LEU C 2518 45.80 25.90 87.45
CA LEU C 2518 45.61 25.96 88.90
C LEU C 2518 45.32 24.57 89.47
N LEU C 2519 44.46 23.81 88.80
CA LEU C 2519 44.16 22.45 89.25
C LEU C 2519 45.39 21.55 89.12
N HIS C 2520 46.11 21.67 88.01
CA HIS C 2520 47.25 20.82 87.76
C HIS C 2520 48.42 21.20 88.65
N VAL C 2521 48.64 22.48 88.91
CA VAL C 2521 49.75 22.84 89.78
C VAL C 2521 49.44 22.43 91.22
N LEU C 2522 48.15 22.36 91.58
CA LEU C 2522 47.83 21.76 92.88
C LEU C 2522 48.17 20.27 92.91
N ASP C 2523 47.82 19.52 91.86
CA ASP C 2523 47.99 18.05 91.87
C ASP C 2523 49.38 17.59 91.39
N VAL C 2524 49.68 17.88 90.12
CA VAL C 2524 50.83 17.33 89.39
C VAL C 2524 52.14 17.76 90.05
N GLY C 2525 52.21 19.02 90.49
CA GLY C 2525 53.38 19.47 91.21
C GLY C 2525 53.58 18.78 92.54
N PHE C 2526 52.50 18.29 93.15
CA PHE C 2526 52.53 17.63 94.45
C PHE C 2526 52.71 16.13 94.35
N LEU C 2527 52.60 15.53 93.16
CA LEU C 2527 52.98 14.12 93.04
C LEU C 2527 54.43 13.84 93.41
N PRO C 2528 55.42 14.63 92.99
CA PRO C 2528 56.75 14.48 93.60
C PRO C 2528 56.77 14.83 95.07
N ASP C 2529 57.07 13.84 95.91
CA ASP C 2529 57.25 14.05 97.34
C ASP C 2529 58.70 14.45 97.59
N MET C 2530 59.01 15.68 97.15
CA MET C 2530 60.39 16.13 96.94
C MET C 2530 61.14 15.23 95.96
N ARG C 2531 60.42 14.67 94.98
CA ARG C 2531 60.95 13.78 93.95
C ARG C 2531 61.63 12.53 94.53
N ALA C 2532 61.28 12.12 95.75
CA ALA C 2532 61.99 11.08 96.49
C ALA C 2532 63.49 11.41 96.56
N ALA C 2533 63.77 12.49 97.28
CA ALA C 2533 65.12 13.05 97.33
C ALA C 2533 66.09 12.05 97.94
N ALA C 2534 67.22 11.87 97.26
CA ALA C 2534 68.14 10.80 97.60
C ALA C 2534 68.85 11.10 98.92
N SER C 2535 69.14 10.03 99.65
CA SER C 2535 70.01 10.04 100.83
C SER C 2535 70.98 8.90 100.73
N LEU C 2536 71.47 8.63 99.51
CA LEU C 2536 72.22 7.43 99.18
C LEU C 2536 71.42 6.17 99.55
N ASP C 2537 70.10 6.24 99.32
CA ASP C 2537 69.19 5.11 99.48
C ASP C 2537 68.12 5.06 98.41
N THR C 2538 68.26 5.81 97.30
CA THR C 2538 67.22 5.92 96.29
C THR C 2538 67.91 6.15 94.96
N ALA C 2539 68.05 5.08 94.16
CA ALA C 2539 68.55 5.15 92.80
C ALA C 2539 67.76 4.20 91.88
N THR C 2540 66.50 3.90 92.23
CA THR C 2540 65.64 3.03 91.43
C THR C 2540 64.74 3.87 90.52
N PHE C 2541 63.97 4.79 91.11
CA PHE C 2541 63.11 5.71 90.36
C PHE C 2541 63.93 6.94 89.99
N SER C 2542 64.83 6.74 89.04
CA SER C 2542 65.51 7.82 88.35
C SER C 2542 64.70 8.35 87.18
N THR C 2543 63.81 7.53 86.62
CA THR C 2543 62.99 7.99 85.50
C THR C 2543 62.02 9.10 85.91
N THR C 2544 61.57 9.09 87.16
CA THR C 2544 60.68 10.15 87.62
C THR C 2544 61.42 11.49 87.71
N GLU C 2545 62.73 11.47 87.90
CA GLU C 2545 63.52 12.69 87.77
C GLU C 2545 63.43 13.25 86.37
N MET C 2546 63.50 12.37 85.37
CA MET C 2546 63.39 12.75 83.97
C MET C 2546 61.94 12.96 83.52
N ALA C 2547 60.95 12.60 84.35
CA ALA C 2547 59.56 12.90 84.03
C ALA C 2547 59.29 14.39 84.01
N LEU C 2548 60.09 15.19 84.72
CA LEU C 2548 60.02 16.64 84.63
C LEU C 2548 60.59 17.19 83.31
N ALA C 2549 61.18 16.35 82.46
CA ALA C 2549 61.59 16.80 81.13
C ALA C 2549 60.38 17.28 80.33
N LEU C 2550 59.27 16.56 80.41
CA LEU C 2550 58.02 16.91 79.76
C LEU C 2550 57.04 17.58 80.71
N ASN C 2551 56.97 17.13 81.96
CA ASN C 2551 56.00 17.66 82.90
C ASN C 2551 56.33 19.10 83.30
N ARG C 2552 57.59 19.36 83.66
CA ARG C 2552 58.00 20.70 84.07
C ARG C 2552 58.25 21.65 82.90
N TYR C 2553 58.43 21.13 81.67
CA TYR C 2553 58.66 21.98 80.52
C TYR C 2553 57.44 22.85 80.23
N LEU C 2554 56.24 22.28 80.42
CA LEU C 2554 55.02 23.05 80.27
C LEU C 2554 54.95 24.17 81.29
N CYS C 2555 55.39 23.90 82.52
CA CYS C 2555 55.38 24.93 83.56
C CYS C 2555 56.34 26.06 83.21
N LEU C 2556 57.50 25.70 82.66
CA LEU C 2556 58.45 26.73 82.23
C LEU C 2556 57.88 27.56 81.10
N ALA C 2557 57.18 26.92 80.15
CA ALA C 2557 56.70 27.65 78.99
C ALA C 2557 55.60 28.64 79.34
N VAL C 2558 54.60 28.19 80.09
CA VAL C 2558 53.40 28.99 80.36
C VAL C 2558 53.64 29.89 81.57
N LEU C 2559 53.08 31.10 81.51
CA LEU C 2559 53.21 32.11 82.57
C LEU C 2559 51.93 32.91 82.65
N PRO C 2560 50.84 32.31 83.16
CA PRO C 2560 49.60 33.08 83.32
C PRO C 2560 49.67 34.05 84.49
N THR C 2563 46.22 35.61 93.52
CA THR C 2563 45.10 35.37 94.42
C THR C 2563 45.39 34.26 95.45
N LYS C 2564 46.25 33.31 95.08
CA LYS C 2564 46.60 32.18 95.94
C LYS C 2564 45.36 31.33 96.24
N CYS C 2565 44.76 30.81 95.17
CA CYS C 2565 43.72 29.80 95.31
C CYS C 2565 44.30 28.44 95.65
N ALA C 2566 45.49 28.13 95.15
CA ALA C 2566 46.24 26.90 95.37
C ALA C 2566 47.60 27.24 95.96
N PRO C 2567 48.26 26.28 96.67
CA PRO C 2567 49.50 26.64 97.38
C PRO C 2567 50.75 26.64 96.49
N LEU C 2568 50.96 27.77 95.81
CA LEU C 2568 52.12 27.95 94.95
C LEU C 2568 53.46 28.01 95.71
N PHE C 2569 53.43 28.32 97.02
CA PHE C 2569 54.66 28.47 97.79
C PHE C 2569 55.43 27.16 97.86
N ALA C 2570 54.69 26.05 97.96
CA ALA C 2570 55.30 24.73 97.94
C ALA C 2570 56.01 24.48 96.61
N GLY C 2571 55.41 24.91 95.50
CA GLY C 2571 56.05 24.72 94.21
C GLY C 2571 57.34 25.50 94.07
N THR C 2572 57.34 26.75 94.55
CA THR C 2572 58.56 27.57 94.47
C THR C 2572 59.69 26.96 95.30
N GLU C 2573 59.40 26.59 96.55
CA GLU C 2573 60.47 26.02 97.37
C GLU C 2573 60.86 24.61 96.90
N HIS C 2574 59.92 23.89 96.26
CA HIS C 2574 60.23 22.58 95.70
C HIS C 2574 61.25 22.71 94.57
N ARG C 2575 61.09 23.73 93.72
CA ARG C 2575 62.11 23.98 92.71
C ARG C 2575 63.43 24.44 93.34
N ALA C 2576 63.34 25.22 94.42
CA ALA C 2576 64.54 25.69 95.11
C ALA C 2576 65.34 24.57 95.72
N ILE C 2577 64.70 23.45 96.09
CA ILE C 2577 65.47 22.31 96.58
C ILE C 2577 66.33 21.72 95.46
N MET C 2578 65.73 21.54 94.29
CA MET C 2578 66.41 20.81 93.23
C MET C 2578 67.51 21.63 92.58
N VAL C 2579 67.35 22.95 92.50
CA VAL C 2579 68.41 23.77 91.89
C VAL C 2579 69.69 23.71 92.72
N ASP C 2580 69.56 23.64 94.05
CA ASP C 2580 70.72 23.56 94.94
C ASP C 2580 71.20 22.12 95.15
N SER C 2581 70.28 21.17 95.21
CA SER C 2581 70.65 19.80 95.52
C SER C 2581 71.41 19.16 94.37
N MET C 2582 72.45 18.38 94.72
CA MET C 2582 73.20 17.60 93.75
C MET C 2582 73.63 16.24 94.29
N LEU C 2583 72.96 15.72 95.33
CA LEU C 2583 73.33 14.41 95.87
C LEU C 2583 73.00 13.31 94.87
N HIS C 2584 71.75 13.22 94.46
CA HIS C 2584 71.39 12.34 93.35
C HIS C 2584 72.01 12.87 92.06
N THR C 2585 72.25 11.96 91.12
CA THR C 2585 72.84 12.34 89.85
C THR C 2585 71.84 13.18 89.08
N VAL C 2586 72.08 14.50 89.04
CA VAL C 2586 71.13 15.44 88.46
C VAL C 2586 71.16 15.51 86.95
N TYR C 2587 72.21 15.00 86.29
CA TYR C 2587 72.32 14.95 84.83
C TYR C 2587 72.28 16.37 84.24
N ARG C 2588 73.43 17.05 84.42
CA ARG C 2588 73.68 18.50 84.29
C ARG C 2588 72.94 19.25 83.16
N LEU C 2589 72.70 18.61 82.02
CA LEU C 2589 71.79 19.20 81.04
C LEU C 2589 70.39 19.38 81.62
N SER C 2590 69.90 18.36 82.34
CA SER C 2590 68.66 18.52 83.07
C SER C 2590 68.77 19.51 84.20
N ARG C 2591 69.97 19.76 84.73
CA ARG C 2591 70.14 20.81 85.73
C ARG C 2591 69.87 22.19 85.13
N GLY C 2592 70.40 22.46 83.92
CA GLY C 2592 70.04 23.71 83.24
C GLY C 2592 68.56 23.80 82.92
N ARG C 2593 67.97 22.67 82.49
CA ARG C 2593 66.53 22.60 82.24
C ARG C 2593 65.73 22.94 83.49
N SER C 2594 66.12 22.39 84.64
CA SER C 2594 65.41 22.65 85.87
C SER C 2594 65.61 24.08 86.36
N LEU C 2595 66.77 24.69 86.07
CA LEU C 2595 66.98 26.08 86.44
C LEU C 2595 66.02 27.01 85.71
N THR C 2596 65.72 26.68 84.44
CA THR C 2596 64.82 27.52 83.64
C THR C 2596 63.43 27.69 84.28
N LYS C 2597 62.96 26.71 85.07
CA LYS C 2597 61.63 26.79 85.64
C LYS C 2597 61.55 27.87 86.71
N ALA C 2598 62.52 27.90 87.63
CA ALA C 2598 62.55 28.93 88.67
C ALA C 2598 62.76 30.30 88.05
N GLN C 2599 63.65 30.37 87.05
CA GLN C 2599 63.94 31.64 86.40
C GLN C 2599 62.70 32.21 85.72
N ARG C 2600 61.87 31.32 85.14
CA ARG C 2600 60.62 31.77 84.55
C ARG C 2600 59.57 32.09 85.61
N ASP C 2601 59.59 31.39 86.75
CA ASP C 2601 58.53 31.59 87.73
C ASP C 2601 58.64 32.95 88.42
N VAL C 2602 59.87 33.44 88.66
CA VAL C 2602 59.98 34.70 89.42
C VAL C 2602 59.48 35.90 88.62
N ILE C 2603 59.60 35.87 87.28
CA ILE C 2603 59.23 37.04 86.48
C ILE C 2603 57.72 37.26 86.52
N GLU C 2604 56.94 36.20 86.35
CA GLU C 2604 55.49 36.30 86.37
C GLU C 2604 54.91 36.47 87.76
N ASP C 2605 55.66 36.15 88.81
CA ASP C 2605 55.13 36.17 90.17
C ASP C 2605 54.83 37.59 90.63
N CYS C 2606 53.62 37.79 91.16
CA CYS C 2606 53.17 39.07 91.69
C CYS C 2606 53.39 39.19 93.19
N LEU C 2607 54.63 38.91 93.62
CA LEU C 2607 55.04 38.94 95.04
C LEU C 2607 54.19 38.00 95.88
N MET C 2608 54.33 36.72 95.58
CA MET C 2608 53.84 35.62 96.41
C MET C 2608 54.95 34.58 96.54
N ALA C 2609 56.16 35.08 96.86
CA ALA C 2609 57.33 34.23 97.07
C ALA C 2609 58.22 34.71 98.21
N LEU C 2610 57.68 35.49 99.16
CA LEU C 2610 58.46 35.97 100.30
C LEU C 2610 58.94 34.81 101.18
N CYS C 2611 58.05 33.82 101.39
CA CYS C 2611 58.39 32.62 102.15
C CYS C 2611 59.51 31.85 101.46
N ARG C 2612 59.45 31.75 100.13
CA ARG C 2612 60.53 31.13 99.39
C ARG C 2612 61.76 32.04 99.31
N TYR C 2613 61.56 33.36 99.32
CA TYR C 2613 62.70 34.27 99.25
C TYR C 2613 63.55 34.25 100.50
N ILE C 2614 63.01 33.79 101.64
CA ILE C 2614 63.82 33.76 102.86
C ILE C 2614 64.99 32.79 102.74
N ARG C 2615 64.77 31.63 102.12
CA ARG C 2615 65.79 30.57 102.13
C ARG C 2615 67.08 30.94 101.40
N PRO C 2616 67.06 31.44 100.15
CA PRO C 2616 68.34 31.78 99.48
C PRO C 2616 69.12 32.91 100.14
N SER C 2617 68.46 33.76 100.94
CA SER C 2617 69.17 34.86 101.59
C SER C 2617 70.21 34.35 102.58
N MET C 2618 69.88 33.29 103.32
CA MET C 2618 70.72 32.77 104.38
C MET C 2618 71.67 31.67 103.91
N LEU C 2619 71.94 31.58 102.60
CA LEU C 2619 72.84 30.56 102.07
C LEU C 2619 73.44 31.10 100.77
N GLN C 2620 74.01 30.20 99.97
CA GLN C 2620 74.66 30.52 98.70
C GLN C 2620 75.95 31.31 98.95
N HIS C 2621 75.93 32.65 98.84
CA HIS C 2621 77.15 33.41 99.06
C HIS C 2621 77.44 33.59 100.55
N LEU C 2622 76.40 33.71 101.37
CA LEU C 2622 76.62 33.86 102.81
C LEU C 2622 77.21 32.58 103.40
N LEU C 2623 76.46 31.47 103.31
CA LEU C 2623 76.98 30.14 103.61
C LEU C 2623 77.49 29.56 102.30
N ARG C 2624 78.82 29.48 102.17
CA ARG C 2624 79.49 29.30 100.89
C ARG C 2624 79.15 27.98 100.20
N ARG C 2625 78.40 28.07 99.10
CA ARG C 2625 78.06 26.96 98.24
C ARG C 2625 78.26 27.37 96.78
N LEU C 2626 79.43 27.98 96.51
CA LEU C 2626 79.70 28.63 95.22
C LEU C 2626 79.62 27.68 94.05
N VAL C 2627 79.90 26.39 94.27
CA VAL C 2627 79.80 25.42 93.19
C VAL C 2627 78.34 25.25 92.74
N PHE C 2628 77.38 25.35 93.67
CA PHE C 2628 75.95 25.26 93.39
C PHE C 2628 75.20 26.45 93.96
N ASP C 2629 75.74 27.67 93.79
CA ASP C 2629 75.01 28.91 94.11
C ASP C 2629 75.21 30.04 93.11
N VAL C 2630 76.21 29.99 92.23
CA VAL C 2630 76.40 31.05 91.23
C VAL C 2630 75.21 31.20 90.29
N PRO C 2631 74.69 30.13 89.65
CA PRO C 2631 73.44 30.30 88.88
C PRO C 2631 72.25 30.75 89.72
N ILE C 2632 72.17 30.25 90.96
CA ILE C 2632 71.16 30.75 91.88
C ILE C 2632 71.45 32.20 92.23
N LEU C 2633 72.73 32.59 92.24
CA LEU C 2633 73.07 33.99 92.48
C LEU C 2633 72.54 34.87 91.37
N ASN C 2634 72.62 34.41 90.12
CA ASN C 2634 72.05 35.19 89.02
C ASN C 2634 70.52 35.27 89.14
N GLU C 2635 69.89 34.15 89.50
CA GLU C 2635 68.43 34.12 89.66
C GLU C 2635 67.99 35.08 90.77
N PHE C 2636 68.72 35.11 91.88
CA PHE C 2636 68.43 36.07 92.94
C PHE C 2636 68.77 37.49 92.55
N ALA C 2637 69.79 37.67 91.70
CA ALA C 2637 70.15 39.01 91.22
C ALA C 2637 69.05 39.62 90.39
N LYS C 2638 68.30 38.78 89.67
CA LYS C 2638 67.16 39.29 88.92
C LYS C 2638 65.98 39.74 89.78
N MET C 2639 65.98 39.46 91.09
CA MET C 2639 64.79 39.74 91.90
C MET C 2639 64.61 41.22 92.21
N PRO C 2640 65.59 41.97 92.73
CA PRO C 2640 65.29 43.37 93.10
C PRO C 2640 65.10 44.29 91.92
N LEU C 2641 65.77 44.02 90.79
CA LEU C 2641 65.62 44.88 89.62
C LEU C 2641 64.21 44.80 89.04
N LYS C 2642 63.54 43.66 89.21
CA LYS C 2642 62.18 43.51 88.71
C LYS C 2642 61.17 44.37 89.46
N LEU C 2643 61.49 44.79 90.69
CA LEU C 2643 60.62 45.64 91.51
C LEU C 2643 61.43 46.78 92.11
N LEU C 2644 61.26 47.98 91.55
CA LEU C 2644 61.63 49.18 92.26
C LEU C 2644 60.63 49.39 93.40
N THR C 2645 60.97 50.31 94.32
CA THR C 2645 60.08 50.61 95.44
C THR C 2645 58.88 51.43 94.96
N ASN C 2646 57.96 50.79 94.24
CA ASN C 2646 56.88 51.44 93.51
C ASN C 2646 55.51 51.08 94.06
N HIS C 2647 55.17 49.79 94.10
CA HIS C 2647 53.85 49.30 94.48
C HIS C 2647 53.97 48.08 95.38
N TYR C 2648 54.92 48.10 96.31
CA TYR C 2648 55.09 46.99 97.25
C TYR C 2648 55.81 47.47 98.50
N GLU C 2649 55.53 46.77 99.60
CA GLU C 2649 56.18 47.03 100.87
C GLU C 2649 56.13 45.75 101.69
N ARG C 2650 57.21 45.46 102.42
CA ARG C 2650 57.29 44.25 103.22
C ARG C 2650 58.29 44.49 104.34
N CYS C 2651 57.79 44.66 105.57
CA CYS C 2651 58.66 44.97 106.70
C CYS C 2651 59.61 43.81 107.01
N TRP C 2652 59.12 42.58 106.94
CA TRP C 2652 59.98 41.42 107.18
C TRP C 2652 61.05 41.31 106.09
N LYS C 2653 60.67 41.54 104.84
CA LYS C 2653 61.62 41.54 103.73
C LYS C 2653 62.38 42.85 103.60
N TYR C 2654 61.95 43.93 104.28
CA TYR C 2654 62.62 45.21 104.15
C TYR C 2654 64.04 45.18 104.70
N TYR C 2655 64.23 44.50 105.84
CA TYR C 2655 65.54 44.38 106.48
C TYR C 2655 66.28 43.09 106.11
N CYS C 2656 65.60 42.08 105.56
CA CYS C 2656 66.29 40.87 105.17
C CYS C 2656 67.24 41.10 104.01
N LEU C 2657 66.77 41.84 102.98
CA LEU C 2657 67.59 42.04 101.79
C LEU C 2657 68.84 42.86 102.06
N PRO C 2658 68.80 44.01 102.76
CA PRO C 2658 70.05 44.69 103.11
C PRO C 2658 70.99 43.89 103.99
N THR C 2659 70.47 43.08 104.91
CA THR C 2659 71.35 42.23 105.71
C THR C 2659 72.08 41.22 104.83
N GLY C 2660 71.35 40.58 103.91
CA GLY C 2660 71.97 39.66 102.99
C GLY C 2660 72.95 40.34 102.05
N TRP C 2661 72.63 41.57 101.62
CA TRP C 2661 73.52 42.33 100.75
C TRP C 2661 74.81 42.70 101.48
N ALA C 2662 74.69 43.09 102.75
CA ALA C 2662 75.83 43.42 103.57
C ALA C 2662 76.76 42.21 103.72
N ASN C 2663 76.19 41.07 104.12
CA ASN C 2663 76.97 39.86 104.33
C ASN C 2663 77.59 39.36 103.02
N PHE C 2664 76.84 39.42 101.91
CA PHE C 2664 77.36 38.91 100.65
C PHE C 2664 78.48 39.79 100.11
N GLY C 2665 78.30 41.11 100.14
CA GLY C 2665 79.32 42.01 99.63
C GLY C 2665 80.61 41.93 100.45
N VAL C 2666 80.47 41.98 101.78
CA VAL C 2666 81.68 41.91 102.60
C VAL C 2666 82.29 40.51 102.54
N THR C 2667 81.48 39.47 102.34
CA THR C 2667 82.02 38.11 102.26
C THR C 2667 82.83 37.93 100.99
N SER C 2668 82.32 38.42 99.85
CA SER C 2668 83.11 38.42 98.63
C SER C 2668 84.35 39.27 98.77
N GLU C 2669 84.26 40.39 99.50
CA GLU C 2669 85.40 41.29 99.59
C GLU C 2669 86.51 40.76 100.51
N GLU C 2670 86.16 40.01 101.56
CA GLU C 2670 87.12 39.61 102.59
C GLU C 2670 87.72 38.22 102.41
N GLU C 2671 87.21 37.41 101.49
CA GLU C 2671 87.72 36.05 101.29
C GLU C 2671 87.34 35.61 99.87
N LEU C 2672 87.40 34.29 99.63
CA LEU C 2672 87.00 33.64 98.38
C LEU C 2672 88.07 33.87 97.31
N HIS C 2673 87.81 33.37 96.10
CA HIS C 2673 88.83 33.30 95.08
C HIS C 2673 89.22 34.69 94.58
N LEU C 2674 90.50 34.81 94.22
CA LEU C 2674 91.06 36.09 93.78
C LEU C 2674 90.39 36.60 92.51
N THR C 2675 90.16 35.72 91.55
CA THR C 2675 89.67 36.13 90.23
C THR C 2675 88.23 36.62 90.32
N ARG C 2676 88.01 37.88 89.94
CA ARG C 2676 86.67 38.45 89.94
C ARG C 2676 85.78 37.95 88.81
N LYS C 2677 86.38 37.45 87.71
CA LYS C 2677 85.57 37.00 86.57
C LYS C 2677 84.75 35.77 86.91
N LEU C 2678 85.22 34.93 87.85
CA LEU C 2678 84.48 33.72 88.20
C LEU C 2678 83.23 34.00 89.02
N PHE C 2679 83.04 35.23 89.53
CA PHE C 2679 81.78 35.64 90.13
C PHE C 2679 81.36 37.04 89.70
N TRP C 2680 81.95 37.61 88.64
CA TRP C 2680 81.53 38.91 88.16
C TRP C 2680 80.10 38.87 87.63
N GLY C 2681 79.76 37.79 86.90
CA GLY C 2681 78.39 37.63 86.45
C GLY C 2681 77.42 37.44 87.60
N ILE C 2682 77.81 36.65 88.60
CA ILE C 2682 77.01 36.55 89.81
C ILE C 2682 76.97 37.88 90.56
N PHE C 2683 78.06 38.63 90.52
CA PHE C 2683 78.13 39.90 91.25
C PHE C 2683 77.20 40.93 90.62
N ASP C 2684 76.38 41.56 91.47
CA ASP C 2684 75.51 42.65 91.06
C ASP C 2684 75.22 43.49 92.28
N SER C 2685 74.79 44.73 92.04
CA SER C 2685 74.37 45.62 93.11
C SER C 2685 73.16 45.04 93.83
N LEU C 2686 72.02 44.99 93.12
CA LEU C 2686 70.81 44.30 93.58
C LEU C 2686 70.27 44.89 94.89
N ALA C 2687 70.37 46.21 95.03
CA ALA C 2687 69.89 46.86 96.24
C ALA C 2687 69.81 48.35 96.02
N HIS C 2688 68.94 48.99 96.79
CA HIS C 2688 68.87 50.45 96.86
C HIS C 2688 68.45 50.84 98.26
N LYS C 2689 68.83 52.06 98.66
CA LYS C 2689 68.57 52.54 100.00
C LYS C 2689 67.17 53.14 100.10
N LYS C 2690 66.53 52.89 101.24
CA LYS C 2690 65.22 53.45 101.54
C LYS C 2690 65.40 54.85 102.12
N TYR C 2691 64.32 55.42 102.67
CA TYR C 2691 64.34 56.83 103.06
C TYR C 2691 65.07 57.02 104.38
N ASP C 2692 64.51 56.47 105.46
CA ASP C 2692 65.04 56.56 106.83
C ASP C 2692 65.14 55.21 107.52
N GLN C 2693 64.17 54.32 107.33
CA GLN C 2693 64.18 53.04 108.01
C GLN C 2693 63.08 52.15 107.48
N GLU C 2694 63.34 50.83 107.57
CA GLU C 2694 62.41 49.80 107.10
C GLU C 2694 62.33 48.62 108.06
N LEU C 2695 62.77 48.75 109.30
CA LEU C 2695 62.66 47.67 110.28
C LEU C 2695 61.23 47.60 110.81
N ASN C 2734 78.95 21.47 112.14
CA ASN C 2734 79.39 22.84 112.38
C ASN C 2734 78.86 23.34 113.73
N PHE C 2735 77.61 23.02 114.02
CA PHE C 2735 76.99 23.45 115.26
C PHE C 2735 77.40 22.53 116.41
N ASP C 2736 77.36 23.07 117.63
CA ASP C 2736 77.82 22.36 118.81
C ASP C 2736 77.22 22.95 120.08
N PRO C 2737 75.96 22.66 120.42
CA PRO C 2737 75.43 23.10 121.71
C PRO C 2737 76.13 22.41 122.87
N ARG C 2738 76.22 23.13 123.99
CA ARG C 2738 76.94 22.61 125.16
C ARG C 2738 76.12 21.50 125.81
N PRO C 2739 76.64 20.23 125.94
CA PRO C 2739 75.90 19.23 126.72
C PRO C 2739 76.13 19.42 128.22
N VAL C 2740 75.06 19.79 128.92
CA VAL C 2740 75.08 19.99 130.38
C VAL C 2740 74.35 18.80 131.00
N GLU C 2741 74.99 18.20 132.01
CA GLU C 2741 74.40 17.04 132.67
C GLU C 2741 73.14 17.44 133.43
N THR C 2742 72.11 16.61 133.34
CA THR C 2742 70.81 16.80 133.98
C THR C 2742 70.42 15.67 134.91
N LEU C 2743 70.93 14.44 134.70
CA LEU C 2743 70.62 13.33 135.60
C LEU C 2743 71.41 13.43 136.90
N ASN C 2744 72.65 13.91 136.85
CA ASN C 2744 73.52 13.89 138.03
C ASN C 2744 73.16 14.98 139.03
N VAL C 2745 72.62 16.11 138.57
CA VAL C 2745 72.32 17.21 139.48
C VAL C 2745 71.15 16.85 140.39
N ILE C 2746 71.30 17.13 141.68
CA ILE C 2746 70.29 16.87 142.70
C ILE C 2746 69.64 18.22 143.03
N ILE C 2747 68.31 18.26 142.99
CA ILE C 2747 67.57 19.50 143.21
C ILE C 2747 67.72 19.90 144.68
N PRO C 2748 67.77 21.19 145.04
CA PRO C 2748 67.72 21.53 146.46
C PRO C 2748 66.33 21.32 147.05
N GLU C 2749 66.28 21.23 148.38
CA GLU C 2749 64.99 21.10 149.06
C GLU C 2749 64.15 22.35 148.88
N LYS C 2750 64.78 23.53 148.92
CA LYS C 2750 64.05 24.79 148.81
C LYS C 2750 63.38 24.93 147.44
N LEU C 2751 64.11 24.57 146.38
CA LEU C 2751 63.55 24.66 145.04
C LEU C 2751 62.47 23.60 144.76
N ASP C 2752 62.44 22.51 145.54
CA ASP C 2752 61.46 21.45 145.32
C ASP C 2752 60.03 21.85 145.72
N SER C 2753 59.88 22.86 146.58
CA SER C 2753 58.54 23.29 146.99
C SER C 2753 57.74 23.83 145.82
N PHE C 2754 58.40 24.55 144.91
CA PHE C 2754 57.71 25.16 143.77
C PHE C 2754 57.18 24.08 142.82
N ILE C 2755 58.03 23.11 142.48
CA ILE C 2755 57.62 22.07 141.54
C ILE C 2755 56.56 21.17 142.18
N ASN C 2756 56.64 20.95 143.50
CA ASN C 2756 55.61 20.14 144.14
C ASN C 2756 54.25 20.86 144.17
N LYS C 2757 54.24 22.19 144.39
CA LYS C 2757 52.97 22.91 144.45
C LYS C 2757 52.32 23.15 143.08
N PHE C 2758 53.13 23.21 142.02
CA PHE C 2758 52.62 23.43 140.67
C PHE C 2758 51.65 22.32 140.23
N ALA C 2759 51.96 21.08 140.61
CA ALA C 2759 51.11 19.94 140.23
C ALA C 2759 49.72 20.05 140.83
N GLU C 2760 49.62 20.50 142.09
CA GLU C 2760 48.30 20.71 142.67
C GLU C 2760 47.59 21.89 142.04
N TYR C 2761 48.34 22.91 141.60
CA TYR C 2761 47.68 23.99 140.86
C TYR C 2761 47.11 23.53 139.52
N THR C 2762 47.65 22.47 138.92
CA THR C 2762 47.14 22.05 137.61
C THR C 2762 45.68 21.59 137.63
N HIS C 2763 45.18 21.03 138.74
CA HIS C 2763 43.85 20.40 138.77
C HIS C 2763 42.74 21.37 139.16
N GLU C 2764 42.82 21.94 140.37
CA GLU C 2764 41.70 22.66 140.96
C GLU C 2764 41.40 23.95 140.21
N LYS C 2765 42.44 24.70 139.83
CA LYS C 2765 42.22 25.95 139.11
C LYS C 2765 41.68 25.69 137.70
N TRP C 2766 42.10 24.59 137.07
CA TRP C 2766 41.63 24.24 135.74
C TRP C 2766 40.16 23.80 135.76
N ALA C 2767 39.73 23.19 136.87
CA ALA C 2767 38.33 22.75 136.97
C ALA C 2767 37.35 23.91 136.93
N PHE C 2768 37.70 25.06 137.51
CA PHE C 2768 36.81 26.22 137.48
C PHE C 2768 36.61 26.73 136.05
N ASP C 2769 37.67 26.72 135.24
CA ASP C 2769 37.53 27.08 133.83
C ASP C 2769 36.66 26.07 133.10
N LYS C 2770 36.82 24.77 133.43
CA LYS C 2770 35.99 23.77 132.78
C LYS C 2770 34.52 23.89 133.17
N ILE C 2771 34.21 24.47 134.33
CA ILE C 2771 32.81 24.75 134.64
C ILE C 2771 32.23 25.77 133.65
N GLN C 2772 33.03 26.79 133.29
CA GLN C 2772 32.58 27.73 132.27
C GLN C 2772 32.40 27.03 130.93
N ASN C 2773 33.36 26.19 130.55
CA ASN C 2773 33.23 25.43 129.30
C ASN C 2773 32.28 24.24 129.40
N ASN C 2774 31.98 23.77 130.62
CA ASN C 2774 31.09 22.63 130.87
C ASN C 2774 31.60 21.37 130.17
N TRP C 2775 32.85 21.01 130.50
CA TRP C 2775 33.49 19.79 130.04
C TRP C 2775 33.37 18.75 131.14
N SER C 2776 32.17 18.18 131.26
CA SER C 2776 31.82 17.29 132.36
C SER C 2776 32.30 15.87 132.08
N TYR C 2777 32.06 14.98 133.04
CA TYR C 2777 32.44 13.59 132.90
C TYR C 2777 31.62 12.91 131.82
N GLY C 2778 32.12 11.76 131.36
CA GLY C 2778 31.44 10.99 130.33
C GLY C 2778 31.94 9.56 130.32
N GLU C 2779 31.24 8.73 129.55
CA GLU C 2779 31.59 7.32 129.45
C GLU C 2779 32.94 7.14 128.76
N ASN C 2780 33.19 7.91 127.70
CA ASN C 2780 34.43 7.80 126.93
C ASN C 2780 34.68 9.12 126.24
N VAL C 2781 35.92 9.28 125.75
CA VAL C 2781 36.30 10.50 125.04
C VAL C 2781 35.57 10.55 123.70
N ASP C 2782 34.91 11.67 123.43
CA ASP C 2782 34.19 11.85 122.18
C ASP C 2782 34.02 13.34 121.93
N GLU C 2783 34.03 13.71 120.64
CA GLU C 2783 33.99 15.11 120.25
C GLU C 2783 32.58 15.68 120.23
N GLU C 2784 31.55 14.84 120.04
CA GLU C 2784 30.18 15.36 119.92
C GLU C 2784 29.70 15.97 121.23
N LEU C 2785 29.97 15.32 122.36
CA LEU C 2785 29.70 15.86 123.69
C LEU C 2785 30.91 16.54 124.34
N LYS C 2786 32.10 16.47 123.72
CA LYS C 2786 33.34 17.02 124.28
C LYS C 2786 33.65 16.42 125.65
N THR C 2787 33.52 15.10 125.75
CA THR C 2787 33.79 14.39 126.99
C THR C 2787 35.27 14.46 127.33
N HIS C 2788 35.56 14.56 128.64
CA HIS C 2788 36.92 14.77 129.14
C HIS C 2788 37.01 14.20 130.55
N PRO C 2789 36.90 12.88 130.70
CA PRO C 2789 36.70 12.29 132.04
C PRO C 2789 37.96 12.00 132.85
N MET C 2790 39.16 12.26 132.33
CA MET C 2790 40.39 11.85 132.99
C MET C 2790 40.90 12.86 134.04
N LEU C 2791 40.04 13.76 134.52
CA LEU C 2791 40.44 14.68 135.60
C LEU C 2791 40.66 13.87 136.86
N ARG C 2792 41.93 13.74 137.26
CA ARG C 2792 42.28 12.99 138.46
C ARG C 2792 43.71 13.37 138.85
N PRO C 2793 44.14 13.04 140.08
CA PRO C 2793 45.53 13.32 140.45
C PRO C 2793 46.52 12.50 139.65
N TYR C 2794 47.74 13.05 139.54
CA TYR C 2794 48.82 12.37 138.82
C TYR C 2794 49.33 11.12 139.51
N LYS C 2795 49.00 10.90 140.79
CA LYS C 2795 49.56 9.76 141.54
C LYS C 2795 49.09 8.42 140.98
N THR C 2796 47.93 8.38 140.32
CA THR C 2796 47.44 7.12 139.77
C THR C 2796 48.32 6.62 138.62
N PHE C 2797 48.97 7.52 137.90
CA PHE C 2797 49.81 7.14 136.78
C PHE C 2797 51.16 6.61 137.27
N SER C 2798 51.90 5.97 136.35
CA SER C 2798 53.20 5.42 136.68
C SER C 2798 54.23 6.54 136.81
N GLU C 2799 55.35 6.21 137.47
CA GLU C 2799 56.42 7.19 137.66
C GLU C 2799 57.07 7.56 136.34
N LYS C 2800 57.26 6.59 135.45
CA LYS C 2800 57.87 6.86 134.15
C LYS C 2800 56.99 7.78 133.30
N ASP C 2801 55.67 7.66 133.42
CA ASP C 2801 54.78 8.57 132.71
C ASP C 2801 54.90 10.00 133.25
N LYS C 2802 55.24 10.16 134.53
CA LYS C 2802 55.40 11.49 135.11
C LYS C 2802 56.65 12.22 134.61
N GLU C 2803 57.60 11.51 133.99
CA GLU C 2803 58.84 12.14 133.54
C GLU C 2803 58.58 13.17 132.45
N ILE C 2804 57.67 12.87 131.52
CA ILE C 2804 57.34 13.83 130.46
C ILE C 2804 56.64 15.06 131.04
N TYR C 2805 55.85 14.88 132.10
CA TYR C 2805 55.22 15.99 132.82
C TYR C 2805 56.07 16.54 133.95
N ARG C 2806 57.30 16.05 134.15
CA ARG C 2806 58.10 16.51 135.28
C ARG C 2806 58.57 17.94 135.08
N TRP C 2807 59.15 18.24 133.91
CA TRP C 2807 59.70 19.57 133.58
C TRP C 2807 59.18 20.01 132.23
N PRO C 2808 57.87 20.33 132.11
CA PRO C 2808 57.37 20.88 130.84
C PRO C 2808 57.70 22.35 130.69
N ILE C 2809 57.65 23.09 131.80
CA ILE C 2809 57.95 24.51 131.87
C ILE C 2809 59.18 24.73 132.74
N LYS C 2810 59.39 23.85 133.74
CA LYS C 2810 60.54 23.98 134.61
C LYS C 2810 61.85 23.73 133.88
N GLU C 2811 61.84 23.04 132.75
CA GLU C 2811 63.07 22.91 131.95
C GLU C 2811 63.50 24.26 131.40
N SER C 2812 62.54 25.07 130.95
CA SER C 2812 62.87 26.41 130.46
C SER C 2812 63.39 27.31 131.58
N LEU C 2813 62.80 27.20 132.77
CA LEU C 2813 63.30 27.97 133.91
C LEU C 2813 64.67 27.47 134.36
N LYS C 2814 64.89 26.16 134.27
CA LYS C 2814 66.21 25.60 134.55
C LYS C 2814 67.23 26.13 133.56
N ALA C 2815 66.84 26.26 132.29
CA ALA C 2815 67.70 26.90 131.31
C ALA C 2815 67.89 28.39 131.61
N MET C 2816 66.89 29.04 132.20
CA MET C 2816 67.05 30.43 132.61
C MET C 2816 68.12 30.59 133.69
N ILE C 2817 68.33 29.56 134.53
CA ILE C 2817 69.37 29.60 135.56
C ILE C 2817 70.63 28.83 135.13
N ALA C 2818 70.49 27.72 134.41
CA ALA C 2818 71.62 26.86 134.08
C ALA C 2818 72.26 27.25 132.75
N TRP C 2819 71.50 27.22 131.67
CA TRP C 2819 72.02 27.60 130.35
C TRP C 2819 72.37 29.09 130.34
N GLU C 2820 71.46 29.93 130.83
CA GLU C 2820 71.70 31.36 131.04
C GLU C 2820 72.17 31.55 132.47
N TRP C 2821 73.40 32.05 132.64
CA TRP C 2821 74.03 32.18 133.95
C TRP C 2821 73.50 33.45 134.63
N THR C 2822 72.26 33.36 135.11
CA THR C 2822 71.61 34.46 135.80
C THR C 2822 70.64 33.89 136.84
N ILE C 2823 70.66 34.50 138.03
CA ILE C 2823 69.67 34.25 139.07
C ILE C 2823 69.24 35.59 139.65
N GLU C 2824 67.94 35.79 139.77
CA GLU C 2824 67.41 37.04 140.33
C GLU C 2824 67.50 37.00 141.86
N LYS C 2825 68.04 38.07 142.43
CA LYS C 2825 68.14 38.23 143.89
C LYS C 2825 66.88 38.92 144.39
N ALA C 2826 65.77 38.18 144.35
CA ALA C 2826 64.50 38.70 144.83
C ALA C 2826 64.51 38.86 146.35
N ARG C 2827 64.71 37.75 147.06
CA ARG C 2827 64.78 37.76 148.51
C ARG C 2827 65.66 36.60 148.96
N GLU C 2828 66.17 36.72 150.18
CA GLU C 2828 67.01 35.69 150.78
C GLU C 2828 66.14 34.57 151.35
N GLY C 2829 66.81 33.51 151.80
CA GLY C 2829 66.09 32.38 152.37
C GLY C 2829 65.42 32.76 153.68
N GLU C 2830 64.14 32.43 153.80
CA GLU C 2830 63.38 32.73 155.00
C GLU C 2830 63.81 31.83 156.16
N TYR C 2855 44.03 45.15 148.55
CA TYR C 2855 43.31 43.90 148.29
C TYR C 2855 42.75 43.88 146.87
N ASN C 2856 42.19 45.02 146.45
CA ASN C 2856 41.58 45.18 145.14
C ASN C 2856 42.11 46.47 144.51
N PRO C 2857 43.39 46.49 144.11
CA PRO C 2857 43.94 47.70 143.52
C PRO C 2857 43.34 48.01 142.16
N GLN C 2858 43.25 49.31 141.86
CA GLN C 2858 42.69 49.75 140.60
C GLN C 2858 43.69 49.49 139.47
N PRO C 2859 43.22 49.39 138.22
CA PRO C 2859 44.14 49.09 137.13
C PRO C 2859 44.85 50.36 136.66
N PRO C 2860 46.18 50.48 136.81
CA PRO C 2860 46.84 51.70 136.31
C PRO C 2860 46.80 51.77 134.79
N ASP C 2861 46.78 53.01 134.29
CA ASP C 2861 46.67 53.24 132.85
C ASP C 2861 48.03 53.03 132.20
N LEU C 2862 48.17 51.91 131.49
CA LEU C 2862 49.37 51.55 130.73
C LEU C 2862 49.19 51.66 129.22
N SER C 2863 47.95 51.54 128.72
CA SER C 2863 47.70 51.61 127.28
C SER C 2863 47.69 53.03 126.73
N GLY C 2864 47.75 54.06 127.58
CA GLY C 2864 47.76 55.42 127.07
C GLY C 2864 49.03 55.75 126.30
N VAL C 2865 50.16 55.24 126.76
CA VAL C 2865 51.45 55.50 126.13
C VAL C 2865 51.63 54.59 124.92
N THR C 2866 52.28 55.12 123.89
CA THR C 2866 52.54 54.36 122.68
C THR C 2866 53.51 53.22 122.97
N LEU C 2867 53.31 52.10 122.26
CA LEU C 2867 54.16 50.93 122.43
C LEU C 2867 55.59 51.23 122.00
N SER C 2868 56.55 50.84 122.85
CA SER C 2868 57.96 51.09 122.62
C SER C 2868 58.64 49.91 121.94
N ARG C 2869 59.75 50.21 121.26
CA ARG C 2869 60.51 49.17 120.55
C ARG C 2869 61.34 48.32 121.51
N GLU C 2870 61.78 48.89 122.64
CA GLU C 2870 62.53 48.14 123.64
C GLU C 2870 61.70 47.02 124.25
N LEU C 2871 60.39 47.24 124.40
CA LEU C 2871 59.53 46.17 124.86
C LEU C 2871 59.45 45.06 123.82
N GLN C 2872 59.54 45.41 122.53
CA GLN C 2872 59.68 44.39 121.51
C GLN C 2872 60.98 43.62 121.68
N ALA C 2873 62.06 44.30 122.12
CA ALA C 2873 63.30 43.56 122.37
C ALA C 2873 63.13 42.58 123.53
N MET C 2874 62.42 42.99 124.59
CA MET C 2874 62.16 42.06 125.71
C MET C 2874 61.37 40.84 125.26
N ALA C 2875 60.25 41.07 124.56
CA ALA C 2875 59.41 39.98 124.09
C ALA C 2875 60.16 39.09 123.09
N GLU C 2876 60.90 39.69 122.16
CA GLU C 2876 61.58 38.90 121.14
C GLU C 2876 62.74 38.12 121.72
N GLN C 2877 63.50 38.70 122.65
CA GLN C 2877 64.63 37.99 123.23
C GLN C 2877 64.16 36.83 124.10
N LEU C 2878 63.16 37.06 124.95
CA LEU C 2878 62.67 35.96 125.78
C LEU C 2878 61.99 34.89 124.94
N ALA C 2879 61.18 35.30 123.95
CA ALA C 2879 60.56 34.31 123.07
C ALA C 2879 61.60 33.60 122.21
N GLU C 2880 62.71 34.26 121.89
CA GLU C 2880 63.81 33.59 121.22
C GLU C 2880 64.43 32.53 122.12
N ASN C 2881 64.58 32.83 123.41
CA ASN C 2881 65.12 31.82 124.32
C ASN C 2881 64.17 30.64 124.48
N TYR C 2882 62.88 30.93 124.65
CA TYR C 2882 61.87 29.87 124.76
C TYR C 2882 61.80 29.04 123.49
N HIS C 2883 61.81 29.71 122.33
CA HIS C 2883 61.77 29.00 121.06
C HIS C 2883 63.08 28.31 120.75
N ASN C 2884 64.21 28.81 121.24
CA ASN C 2884 65.48 28.13 121.03
C ASN C 2884 65.50 26.82 121.80
N THR C 2885 65.09 26.85 123.07
CA THR C 2885 65.05 25.62 123.87
C THR C 2885 64.00 24.65 123.32
N TRP C 2886 62.79 25.13 123.03
CA TRP C 2886 61.74 24.26 122.50
C TRP C 2886 62.08 23.77 121.09
N GLY C 2887 62.68 24.61 120.25
CA GLY C 2887 63.03 24.20 118.91
C GLY C 2887 64.11 23.15 118.90
N ARG C 2888 65.15 23.30 119.73
CA ARG C 2888 66.15 22.25 119.83
C ARG C 2888 65.56 20.99 120.45
N LYS C 2889 64.57 21.12 121.35
CA LYS C 2889 63.92 19.95 121.93
C LYS C 2889 63.20 19.15 120.85
N LYS C 2890 62.41 19.83 120.00
CA LYS C 2890 61.80 19.14 118.87
C LYS C 2890 62.84 18.72 117.84
N LYS C 2891 64.01 19.37 117.79
CA LYS C 2891 65.09 18.93 116.92
C LYS C 2891 65.60 17.56 117.36
N GLN C 2892 65.82 17.37 118.66
CA GLN C 2892 66.19 16.05 119.14
C GLN C 2892 65.07 15.04 118.95
N GLU C 2893 63.81 15.49 119.02
CA GLU C 2893 62.71 14.56 118.70
C GLU C 2893 62.78 14.09 117.25
N LEU C 2894 63.04 15.02 116.32
CA LEU C 2894 63.17 14.67 114.90
C LEU C 2894 64.36 13.74 114.67
N GLU C 2895 65.49 14.00 115.32
CA GLU C 2895 66.64 13.13 115.17
C GLU C 2895 66.39 11.76 115.79
N ALA C 2896 65.65 11.71 116.90
CA ALA C 2896 65.39 10.45 117.57
C ALA C 2896 64.46 9.57 116.75
N LYS C 2897 63.40 10.14 116.20
CA LYS C 2897 62.46 9.34 115.41
C LYS C 2897 63.01 8.92 114.05
N GLY C 2898 64.14 9.48 113.60
CA GLY C 2898 64.78 9.05 112.37
C GLY C 2898 64.25 9.73 111.12
N GLY C 2899 64.33 11.05 111.08
CA GLY C 2899 63.92 11.81 109.91
C GLY C 2899 62.43 11.74 109.64
N GLY C 2900 62.06 11.29 108.44
CA GLY C 2900 60.67 11.26 108.05
C GLY C 2900 60.15 12.62 107.63
N THR C 2901 58.83 12.73 107.61
CA THR C 2901 58.19 13.99 107.25
C THR C 2901 58.47 15.05 108.31
N HIS C 2902 58.74 16.28 107.86
CA HIS C 2902 59.23 17.37 108.70
C HIS C 2902 58.44 18.64 108.38
N PRO C 2903 57.14 18.70 108.78
CA PRO C 2903 56.33 19.89 108.47
C PRO C 2903 56.51 21.04 109.44
N LEU C 2904 56.83 20.73 110.71
CA LEU C 2904 56.89 21.74 111.75
C LEU C 2904 58.10 22.67 111.66
N LEU C 2905 59.05 22.42 110.77
CA LEU C 2905 60.21 23.29 110.65
C LEU C 2905 59.80 24.61 110.01
N VAL C 2906 59.94 25.69 110.77
CA VAL C 2906 59.65 27.06 110.33
C VAL C 2906 60.81 27.95 110.79
N PRO C 2907 61.09 29.12 110.14
CA PRO C 2907 62.04 30.06 110.75
C PRO C 2907 61.50 30.73 112.00
N TYR C 2908 62.27 31.68 112.54
CA TYR C 2908 61.99 32.27 113.85
C TYR C 2908 61.17 33.55 113.75
N ASP C 2909 61.65 34.52 112.97
CA ASP C 2909 60.96 35.82 112.88
C ASP C 2909 59.71 35.75 112.01
N THR C 2910 59.71 34.89 110.98
CA THR C 2910 58.63 34.80 110.01
C THR C 2910 57.64 33.69 110.36
N LEU C 2911 57.39 33.48 111.64
CA LEU C 2911 56.44 32.45 112.06
C LEU C 2911 55.02 32.84 111.65
N THR C 2912 54.10 31.89 111.81
CA THR C 2912 52.72 32.06 111.37
C THR C 2912 52.03 33.15 112.18
N ALA C 2913 50.80 33.47 111.75
CA ALA C 2913 50.02 34.52 112.41
C ALA C 2913 49.66 34.12 113.84
N LYS C 2914 49.42 32.83 114.08
CA LYS C 2914 49.09 32.36 115.42
C LYS C 2914 50.25 32.58 116.38
N GLU C 2915 51.49 32.34 115.93
CA GLU C 2915 52.64 32.57 116.79
C GLU C 2915 52.85 34.06 117.05
N LYS C 2916 52.64 34.90 116.03
CA LYS C 2916 52.78 36.33 116.21
C LYS C 2916 51.73 36.89 117.16
N ALA C 2917 50.54 36.30 117.21
CA ALA C 2917 49.47 36.77 118.07
C ALA C 2917 49.49 36.14 119.46
N ARG C 2918 49.93 34.89 119.59
CA ARG C 2918 49.79 34.16 120.85
C ARG C 2918 50.73 34.69 121.92
N ASP C 2919 51.97 35.03 121.53
CA ASP C 2919 52.93 35.56 122.51
C ASP C 2919 52.48 36.89 123.08
N ARG C 2920 51.79 37.70 122.28
CA ARG C 2920 51.22 38.96 122.76
C ARG C 2920 49.95 38.73 123.57
N GLU C 2921 49.12 37.75 123.15
CA GLU C 2921 47.78 37.58 123.73
C GLU C 2921 47.80 36.74 125.02
N LYS C 2922 48.83 35.93 125.26
CA LYS C 2922 48.85 35.10 126.45
C LYS C 2922 49.27 35.84 127.72
N ALA C 2923 49.66 37.12 127.62
CA ALA C 2923 49.94 37.89 128.83
C ALA C 2923 48.67 38.17 129.63
N GLN C 2924 47.54 38.40 128.94
CA GLN C 2924 46.33 38.78 129.67
C GLN C 2924 45.75 37.62 130.46
N GLU C 2925 45.83 36.40 129.93
CA GLU C 2925 45.17 35.27 130.60
C GLU C 2925 45.87 34.89 131.90
N LEU C 2926 47.20 34.76 131.87
CA LEU C 2926 47.96 34.27 133.01
C LEU C 2926 48.31 35.34 134.04
N LEU C 2927 48.08 36.63 133.73
CA LEU C 2927 48.48 37.69 134.67
C LEU C 2927 47.63 37.66 135.93
N LYS C 2928 46.32 37.38 135.79
CA LYS C 2928 45.45 37.32 136.97
C LYS C 2928 45.85 36.17 137.89
N PHE C 2929 46.24 35.03 137.32
CA PHE C 2929 46.73 33.93 138.14
C PHE C 2929 48.13 34.24 138.68
N LEU C 2930 48.99 34.86 137.87
CA LEU C 2930 50.36 35.20 138.22
C LEU C 2930 50.53 36.66 138.58
N GLN C 2931 49.48 37.30 139.13
CA GLN C 2931 49.62 38.68 139.59
C GLN C 2931 50.57 38.79 140.77
N MET C 2932 50.66 37.75 141.59
CA MET C 2932 51.65 37.71 142.66
C MET C 2932 53.06 37.68 142.08
N ASN C 2933 54.00 38.24 142.83
CA ASN C 2933 55.41 38.33 142.45
C ASN C 2933 55.61 39.20 141.22
N GLY C 2934 55.21 38.72 140.04
CA GLY C 2934 55.30 39.48 138.82
C GLY C 2934 56.66 39.37 138.16
N TYR C 2935 56.69 39.10 136.86
CA TYR C 2935 57.94 39.01 136.13
C TYR C 2935 58.58 40.39 136.04
N ALA C 2936 59.88 40.47 136.38
CA ALA C 2936 60.63 41.73 136.40
C ALA C 2936 62.04 41.45 135.86
N VAL C 2937 62.20 41.62 134.54
CA VAL C 2937 63.50 41.56 133.88
C VAL C 2937 63.52 42.69 132.83
N THR C 2938 64.67 43.33 132.68
CA THR C 2938 64.84 44.46 131.78
C THR C 2938 66.21 44.37 131.13
N ARG C 2939 66.25 44.18 129.81
CA ARG C 2939 67.52 44.12 129.08
C ARG C 2939 67.24 44.47 127.63
N GLY C 2940 67.69 45.65 127.19
CA GLY C 2940 67.51 46.08 125.82
C GLY C 2940 67.63 47.57 125.56
N LEU C 2941 68.02 47.95 124.34
CA LEU C 2941 68.09 49.34 123.89
C LEU C 2941 68.33 49.36 122.39
N LYS C 2942 67.64 50.26 121.68
CA LYS C 2942 67.77 50.30 120.22
C LYS C 2942 67.28 51.66 119.69
N ASP C 2943 67.68 51.95 118.45
CA ASP C 2943 67.23 53.15 117.72
C ASP C 2943 67.40 52.86 116.22
N MET C 2944 67.11 53.88 115.39
CA MET C 2944 67.08 53.70 113.92
C MET C 2944 67.44 55.03 113.26
N GLU C 2945 68.75 55.23 113.02
CA GLU C 2945 69.33 56.48 112.49
C GLU C 2945 70.68 56.14 111.82
N LEU C 2946 71.68 57.05 111.87
CA LEU C 2946 72.94 57.05 111.12
C LEU C 2946 73.88 55.96 111.68
N ASP C 2947 75.20 56.02 111.44
CA ASP C 2947 76.20 55.08 111.96
C ASP C 2947 75.96 53.75 111.24
N THR C 2948 76.24 52.59 111.86
CA THR C 2948 75.74 51.35 111.27
C THR C 2948 74.24 51.43 111.09
N SER C 2949 73.51 51.66 112.18
CA SER C 2949 72.10 51.92 112.07
C SER C 2949 71.47 52.63 113.27
N SER C 2950 72.28 53.26 114.11
CA SER C 2950 71.92 53.52 115.50
C SER C 2950 71.46 52.21 116.16
N ILE C 2951 72.25 51.15 115.96
CA ILE C 2951 72.02 49.80 116.50
C ILE C 2951 70.73 49.23 115.91
N GLU C 2952 70.88 48.27 114.99
CA GLU C 2952 69.78 47.41 114.51
C GLU C 2952 68.64 48.13 113.78
N LYS C 2953 68.92 48.66 112.59
CA LYS C 2953 67.95 49.38 111.73
C LYS C 2953 68.62 49.70 110.37
N ARG C 2954 68.26 50.83 109.74
CA ARG C 2954 68.72 51.20 108.40
C ARG C 2954 70.25 51.28 108.30
N PHE C 2955 70.76 50.71 107.22
CA PHE C 2955 72.17 50.53 106.93
C PHE C 2955 72.87 51.77 106.37
N ALA C 2956 72.59 52.17 105.11
CA ALA C 2956 73.05 53.39 104.40
C ALA C 2956 74.43 53.95 104.80
N PHE C 2957 74.47 54.80 105.83
CA PHE C 2957 75.71 55.30 106.45
C PHE C 2957 76.69 54.19 106.82
N GLY C 2958 76.15 53.03 107.24
CA GLY C 2958 76.99 51.95 107.71
C GLY C 2958 77.98 51.45 106.69
N PHE C 2959 77.60 51.51 105.42
CA PHE C 2959 78.42 50.87 104.37
C PHE C 2959 79.69 51.67 104.06
N LEU C 2960 79.64 52.99 104.29
CA LEU C 2960 80.74 53.90 104.02
C LEU C 2960 81.95 53.60 104.91
N GLN C 2961 81.71 53.02 106.09
CA GLN C 2961 82.78 52.56 106.96
C GLN C 2961 83.65 51.52 106.26
N GLN C 2962 83.01 50.56 105.59
CA GLN C 2962 83.75 49.53 104.88
C GLN C 2962 84.51 50.11 103.70
N LEU C 2963 83.96 51.14 103.04
CA LEU C 2963 84.68 51.80 101.96
C LEU C 2963 85.97 52.42 102.45
N LEU C 2964 85.89 53.13 103.57
CA LEU C 2964 87.08 53.79 104.11
C LEU C 2964 88.14 52.77 104.54
N ARG C 2965 87.68 51.67 105.16
CA ARG C 2965 88.60 50.63 105.62
C ARG C 2965 89.27 49.91 104.44
N TRP C 2966 88.47 49.51 103.44
CA TRP C 2966 89.02 48.80 102.30
C TRP C 2966 89.91 49.70 101.45
N MET C 2967 89.65 51.02 101.45
CA MET C 2967 90.56 51.95 100.81
C MET C 2967 91.91 51.98 101.51
N ASP C 2968 91.87 51.96 102.85
CA ASP C 2968 93.13 51.92 103.62
C ASP C 2968 93.92 50.65 103.33
N ILE C 2969 93.23 49.55 102.98
CA ILE C 2969 93.99 48.37 102.54
C ILE C 2969 94.75 48.63 101.24
N SER C 2970 94.19 49.39 100.31
CA SER C 2970 94.89 49.67 99.04
C SER C 2970 96.01 50.68 99.16
N GLN C 2971 96.02 51.47 100.25
CA GLN C 2971 97.06 52.48 100.42
C GLN C 2971 98.47 51.87 100.46
N GLU C 2972 98.63 50.74 101.16
CA GLU C 2972 99.96 50.12 101.24
C GLU C 2972 100.38 49.56 99.90
N PHE C 2973 99.44 49.04 99.10
CA PHE C 2973 99.80 48.49 97.80
C PHE C 2973 100.30 49.58 96.87
N ILE C 2974 99.58 50.72 96.81
CA ILE C 2974 100.02 51.80 95.92
C ILE C 2974 101.34 52.40 96.42
N ALA C 2975 101.54 52.47 97.73
CA ALA C 2975 102.82 52.98 98.21
C ALA C 2975 103.96 52.01 97.93
N HIS C 2976 103.74 50.71 98.14
CA HIS C 2976 104.82 49.73 97.99
C HIS C 2976 105.21 49.56 96.53
N LEU C 2977 104.24 49.53 95.63
CA LEU C 2977 104.57 49.31 94.23
C LEU C 2977 105.26 50.52 93.62
N GLU C 2978 104.99 51.72 94.13
CA GLU C 2978 105.66 52.92 93.65
C GLU C 2978 107.14 52.89 94.02
N HIS C 2991 98.72 39.68 98.16
CA HIS C 2991 98.90 41.05 97.71
C HIS C 2991 97.95 41.36 96.56
N GLU C 2992 97.92 40.44 95.58
CA GLU C 2992 97.07 40.64 94.40
C GLU C 2992 95.58 40.51 94.69
N GLN C 2993 95.19 39.87 95.80
CA GLN C 2993 93.78 39.68 96.12
C GLN C 2993 93.06 41.00 96.34
N GLU C 2994 93.73 41.91 97.05
CA GLU C 2994 93.12 43.18 97.41
C GLU C 2994 92.88 44.05 96.19
N ILE C 2995 93.77 43.94 95.19
CA ILE C 2995 93.66 44.73 93.96
C ILE C 2995 92.38 44.38 93.24
N LYS C 2996 92.15 43.08 93.03
CA LYS C 2996 90.98 42.68 92.24
C LYS C 2996 89.69 42.92 93.01
N PHE C 2997 89.69 42.68 94.32
CA PHE C 2997 88.44 42.86 95.07
C PHE C 2997 88.09 44.33 95.20
N PHE C 2998 89.05 45.20 95.54
CA PHE C 2998 88.74 46.61 95.75
C PHE C 2998 88.69 47.38 94.42
N ALA C 2999 89.78 47.34 93.67
CA ALA C 2999 89.94 48.15 92.46
C ALA C 2999 89.45 47.46 91.20
N LYS C 3000 88.81 46.28 91.30
CA LYS C 3000 88.22 45.60 90.14
C LYS C 3000 86.87 44.95 90.40
N ILE C 3001 86.34 44.97 91.61
CA ILE C 3001 85.06 44.34 91.96
C ILE C 3001 84.08 45.33 92.60
N LEU C 3002 84.59 46.34 93.31
CA LEU C 3002 83.77 47.32 94.01
C LEU C 3002 83.50 48.59 93.21
N LEU C 3003 84.19 48.81 92.09
CA LEU C 3003 83.97 50.01 91.29
C LEU C 3003 82.56 50.13 90.74
N PRO C 3004 81.98 49.13 90.05
CA PRO C 3004 80.58 49.28 89.60
C PRO C 3004 79.57 49.39 90.73
N LEU C 3005 79.84 48.80 91.90
CA LEU C 3005 78.91 48.91 93.03
C LEU C 3005 78.79 50.35 93.51
N ILE C 3006 79.92 50.99 93.81
CA ILE C 3006 79.91 52.36 94.30
C ILE C 3006 79.46 53.31 93.19
N ASN C 3007 79.86 53.03 91.95
CA ASN C 3007 79.47 53.91 90.84
C ASN C 3007 77.98 53.85 90.56
N GLN C 3008 77.37 52.68 90.75
CA GLN C 3008 75.91 52.59 90.69
C GLN C 3008 75.26 53.33 91.84
N TYR C 3009 75.89 53.26 93.03
CA TYR C 3009 75.33 53.91 94.22
C TYR C 3009 75.23 55.42 94.04
N PHE C 3010 76.25 56.04 93.44
CA PHE C 3010 76.19 57.49 93.26
C PHE C 3010 75.14 57.89 92.23
N THR C 3011 74.90 57.05 91.21
CA THR C 3011 73.96 57.43 90.16
C THR C 3011 72.52 57.29 90.63
N ASN C 3012 72.16 56.12 91.16
CA ASN C 3012 70.75 55.92 91.53
C ASN C 3012 70.34 56.77 92.72
N HIS C 3013 71.29 57.16 93.59
CA HIS C 3013 71.03 57.94 94.80
C HIS C 3013 71.71 59.30 94.76
N CYS C 3014 71.63 59.98 93.62
CA CYS C 3014 72.23 61.31 93.50
C CYS C 3014 71.52 62.32 94.40
N LEU C 3015 70.19 62.29 94.44
CA LEU C 3015 69.42 63.19 95.28
C LEU C 3015 69.68 62.94 96.76
N TYR C 3016 70.00 61.70 97.14
CA TYR C 3016 70.29 61.40 98.53
C TYR C 3016 71.53 62.14 99.01
N PHE C 3017 72.54 62.23 98.15
CA PHE C 3017 73.80 62.85 98.53
C PHE C 3017 73.73 64.37 98.42
N LEU C 3018 73.28 64.90 97.28
CA LEU C 3018 73.36 66.34 97.09
C LEU C 3018 72.34 67.10 97.94
N SER C 3019 71.19 66.51 98.23
CA SER C 3019 70.15 67.20 98.96
C SER C 3019 70.50 67.30 100.44
N THR C 3020 69.56 67.84 101.23
CA THR C 3020 69.65 68.02 102.68
C THR C 3020 68.50 67.25 103.33
N PRO C 3021 68.48 67.08 104.66
CA PRO C 3021 67.32 66.44 105.28
C PRO C 3021 66.05 67.26 105.13
N ALA C 3022 66.15 68.56 105.40
CA ALA C 3022 64.98 69.43 105.34
C ALA C 3022 64.53 69.62 103.89
N LYS C 3023 65.47 69.94 103.01
CA LYS C 3023 65.21 70.23 101.60
C LYS C 3023 65.59 69.01 100.77
N VAL C 3024 64.60 68.46 100.05
CA VAL C 3024 64.80 67.31 99.17
C VAL C 3024 64.02 67.54 97.89
N LEU C 3025 64.61 67.15 96.77
CA LEU C 3025 64.00 67.33 95.45
C LEU C 3025 63.19 66.10 95.05
N HIS C 3030 67.51 64.01 102.55
CA HIS C 3030 67.17 63.00 103.54
C HIS C 3030 68.41 62.48 104.25
N ALA C 3031 68.73 63.10 105.39
CA ALA C 3031 69.83 62.69 106.27
C ALA C 3031 71.17 62.77 105.55
N SER C 3032 71.50 64.00 105.14
CA SER C 3032 72.74 64.33 104.44
C SER C 3032 73.53 65.40 105.17
N ASN C 3033 73.47 65.42 106.50
CA ASN C 3033 74.27 66.36 107.28
C ASN C 3033 75.71 65.86 107.40
N LYS C 3034 75.89 64.69 108.01
CA LYS C 3034 77.20 64.04 108.07
C LYS C 3034 77.49 63.16 106.87
N GLU C 3035 76.48 62.76 106.09
CA GLU C 3035 76.71 61.99 104.87
C GLU C 3035 77.61 62.75 103.90
N LYS C 3036 77.40 64.06 103.75
CA LYS C 3036 78.19 64.86 102.82
C LYS C 3036 79.66 64.98 103.22
N GLU C 3037 80.01 64.72 104.48
CA GLU C 3037 81.38 64.97 104.95
C GLU C 3037 82.34 63.87 104.50
N MET C 3038 82.07 62.62 104.90
CA MET C 3038 83.05 61.58 104.65
C MET C 3038 83.10 61.19 103.18
N ILE C 3039 82.02 61.41 102.42
CA ILE C 3039 82.11 61.19 100.98
C ILE C 3039 83.04 62.23 100.37
N THR C 3040 83.02 63.46 100.87
CA THR C 3040 83.97 64.45 100.41
C THR C 3040 85.39 64.06 100.82
N SER C 3041 85.54 63.43 101.99
CA SER C 3041 86.86 62.91 102.36
C SER C 3041 87.32 61.84 101.37
N LEU C 3042 86.40 60.99 100.93
CA LEU C 3042 86.71 59.99 99.90
C LEU C 3042 87.09 60.66 98.58
N PHE C 3043 86.37 61.72 98.18
CA PHE C 3043 86.67 62.39 96.92
C PHE C 3043 88.02 63.11 96.97
N CYS C 3044 88.31 63.78 98.08
CA CYS C 3044 89.60 64.42 98.26
C CYS C 3044 90.72 63.39 98.27
N LYS C 3045 90.45 62.24 98.89
CA LYS C 3045 91.42 61.16 98.87
C LYS C 3045 91.60 60.61 97.46
N LEU C 3046 90.53 60.61 96.65
CA LEU C 3046 90.67 60.19 95.26
C LEU C 3046 91.56 61.16 94.50
N ALA C 3047 91.44 62.46 94.80
CA ALA C 3047 92.34 63.43 94.20
C ALA C 3047 93.79 63.15 94.61
N ALA C 3048 93.99 62.74 95.87
CA ALA C 3048 95.33 62.34 96.30
C ALA C 3048 95.78 61.05 95.62
N LEU C 3049 94.86 60.11 95.40
CA LEU C 3049 95.20 58.84 94.76
C LEU C 3049 95.66 59.04 93.33
N VAL C 3050 94.99 59.93 92.60
CA VAL C 3050 95.40 60.29 91.23
C VAL C 3050 96.43 61.41 91.38
N ARG C 3051 97.67 61.01 91.65
CA ARG C 3051 98.75 61.96 91.83
C ARG C 3051 99.16 62.54 90.48
N HIS C 3052 99.99 63.59 90.53
CA HIS C 3052 100.47 64.21 89.31
C HIS C 3052 101.39 63.28 88.54
N ARG C 3053 102.13 62.41 89.22
CA ARG C 3053 102.95 61.42 88.55
C ARG C 3053 102.06 60.36 87.93
N VAL C 3054 102.52 59.82 86.80
CA VAL C 3054 101.72 58.84 86.07
C VAL C 3054 101.76 57.49 86.78
N SER C 3055 102.96 56.90 86.89
CA SER C 3055 103.16 55.56 87.45
C SER C 3055 102.35 54.58 86.58
N LEU C 3056 101.82 53.50 87.17
CA LEU C 3056 100.85 52.64 86.48
C LEU C 3056 99.48 53.31 86.55
N PHE C 3057 99.32 54.29 85.66
CA PHE C 3057 98.06 54.84 85.18
C PHE C 3057 96.96 53.78 85.02
N GLY C 3058 97.31 52.64 84.40
CA GLY C 3058 96.39 51.53 84.29
C GLY C 3058 95.38 51.69 83.19
N THR C 3059 95.05 50.59 82.52
CA THR C 3059 94.09 50.62 81.42
C THR C 3059 92.64 50.75 81.89
N ASP C 3060 92.36 50.60 83.18
CA ASP C 3060 90.98 50.62 83.65
C ASP C 3060 90.42 52.04 83.66
N ALA C 3061 89.83 52.44 82.53
CA ALA C 3061 89.19 53.75 82.46
C ALA C 3061 88.03 53.94 83.46
N PRO C 3062 87.12 52.97 83.65
CA PRO C 3062 86.11 53.12 84.71
C PRO C 3062 86.67 53.29 86.10
N ALA C 3063 87.85 52.73 86.38
CA ALA C 3063 88.47 52.93 87.68
C ALA C 3063 88.88 54.38 87.89
N VAL C 3064 89.23 55.11 86.81
CA VAL C 3064 89.87 56.41 86.92
C VAL C 3064 88.86 57.53 86.68
N VAL C 3065 88.31 57.62 85.47
CA VAL C 3065 87.68 58.86 85.01
C VAL C 3065 86.17 58.85 85.22
N ASN C 3066 85.50 57.74 84.92
CA ASN C 3066 84.03 57.72 84.95
C ASN C 3066 83.52 57.85 86.38
N CYS C 3067 84.19 57.16 87.31
CA CYS C 3067 83.85 57.28 88.72
C CYS C 3067 84.03 58.71 89.20
N LEU C 3068 85.09 59.38 88.74
CA LEU C 3068 85.32 60.76 89.12
C LEU C 3068 84.23 61.68 88.57
N HIS C 3069 83.75 61.41 87.35
CA HIS C 3069 82.71 62.25 86.76
C HIS C 3069 81.42 62.15 87.54
N ILE C 3070 80.97 60.91 87.80
CA ILE C 3070 79.74 60.74 88.58
C ILE C 3070 79.94 61.18 90.03
N LEU C 3071 81.17 61.09 90.55
CA LEU C 3071 81.45 61.60 91.89
C LEU C 3071 81.26 63.10 91.96
N ALA C 3072 81.75 63.82 90.94
CA ALA C 3072 81.50 65.25 90.87
C ALA C 3072 80.02 65.54 90.68
N ARG C 3073 79.30 64.67 89.97
CA ARG C 3073 77.85 64.82 89.88
C ARG C 3073 77.20 64.62 91.23
N SER C 3074 77.70 63.67 92.03
CA SER C 3074 77.21 63.41 93.38
C SER C 3074 77.97 64.22 94.42
N LEU C 3075 78.05 65.53 94.19
CA LEU C 3075 78.76 66.46 95.06
C LEU C 3075 77.75 67.20 95.94
N ARG C 3078 75.38 71.86 104.25
CA ARG C 3078 75.90 71.75 102.90
C ARG C 3078 77.28 72.41 102.81
N THR C 3079 77.39 73.60 103.38
CA THR C 3079 78.63 74.36 103.35
C THR C 3079 79.53 73.95 104.52
N VAL C 3080 80.81 74.29 104.38
CA VAL C 3080 81.82 74.05 105.40
C VAL C 3080 82.39 75.35 105.97
N MET C 3081 82.11 76.51 105.37
CA MET C 3081 82.74 77.78 105.75
C MET C 3081 82.07 78.41 106.95
N SER C 3083 81.70 74.70 109.75
CA SER C 3083 80.60 73.74 109.80
C SER C 3083 81.13 72.33 109.60
N GLY C 3084 80.98 71.48 110.61
CA GLY C 3084 81.43 70.11 110.54
C GLY C 3084 82.95 70.03 110.59
N PRO C 3085 83.50 68.86 110.27
CA PRO C 3085 84.96 68.76 110.12
C PRO C 3085 85.46 69.64 108.99
N GLU C 3086 86.62 70.27 109.21
CA GLU C 3086 87.21 71.21 108.27
C GLU C 3086 88.22 70.54 107.34
N ILE C 3087 88.12 69.23 107.15
CA ILE C 3087 88.96 68.54 106.17
C ILE C 3087 88.52 68.89 104.75
N VAL C 3088 87.27 69.30 104.55
CA VAL C 3088 86.82 69.68 103.21
C VAL C 3088 87.54 70.93 102.73
N LYS C 3089 87.70 71.93 103.61
CA LYS C 3089 88.45 73.13 103.23
C LYS C 3089 89.92 72.81 102.96
N ALA C 3090 90.49 71.93 103.80
CA ALA C 3090 91.86 71.48 103.61
C ALA C 3090 92.04 70.78 102.28
N GLY C 3091 91.09 69.90 101.93
CA GLY C 3091 91.12 69.25 100.64
C GLY C 3091 90.93 70.23 99.49
N LEU C 3092 89.96 71.13 99.65
CA LEU C 3092 89.58 72.08 98.60
C LEU C 3092 90.72 73.02 98.24
N ARG C 3093 91.62 73.29 99.18
CA ARG C 3093 92.84 74.04 98.89
C ARG C 3093 94.02 73.15 98.49
N SER C 3094 94.21 71.98 99.14
CA SER C 3094 95.43 71.19 98.98
C SER C 3094 95.64 70.66 97.55
N PHE C 3095 94.79 69.72 97.12
CA PHE C 3095 95.00 69.15 95.80
C PHE C 3095 94.64 70.14 94.71
N PHE C 3096 93.72 71.08 94.97
CA PHE C 3096 93.41 72.11 93.99
C PHE C 3096 94.64 72.95 93.68
N GLU C 3097 95.31 73.45 94.74
CA GLU C 3097 96.51 74.24 94.55
C GLU C 3097 97.65 73.41 93.95
N SER C 3098 97.81 72.16 94.37
CA SER C 3098 98.92 71.36 93.87
C SER C 3098 98.74 71.01 92.40
N ALA C 3099 97.57 70.49 92.04
CA ALA C 3099 97.26 70.12 90.67
C ALA C 3099 97.27 71.33 89.75
N SER C 3100 96.80 72.48 90.25
CA SER C 3100 96.91 73.70 89.45
C SER C 3100 98.36 74.14 89.31
N GLU C 3101 99.09 74.21 90.43
CA GLU C 3101 100.42 74.81 90.44
C GLU C 3101 101.42 74.04 89.59
N ASP C 3102 101.18 72.74 89.38
CA ASP C 3102 101.88 72.04 88.31
C ASP C 3102 101.63 72.70 86.95
N ILE C 3103 100.38 73.05 86.65
CA ILE C 3103 100.04 73.59 85.34
C ILE C 3103 100.66 74.97 85.18
N GLU C 3104 100.53 75.83 86.21
CA GLU C 3104 101.20 77.14 86.11
C GLU C 3104 102.71 77.02 86.13
N LYS C 3105 103.26 75.92 86.65
CA LYS C 3105 104.66 75.63 86.41
C LYS C 3105 104.95 75.45 84.93
N MET C 3106 104.09 74.69 84.22
CA MET C 3106 104.38 74.25 82.85
C MET C 3106 103.43 74.80 81.77
N VAL C 3107 102.78 75.95 81.98
CA VAL C 3107 102.06 76.59 80.88
C VAL C 3107 103.04 77.08 79.81
N GLU C 3108 104.22 77.56 80.22
CA GLU C 3108 105.25 77.93 79.25
C GLU C 3108 105.92 76.72 78.65
N ASN C 3109 106.08 75.64 79.43
CA ASN C 3109 106.71 74.42 78.94
C ASN C 3109 105.72 73.55 78.18
N LEU C 3110 104.67 73.10 78.87
CA LEU C 3110 103.67 72.15 78.36
C LEU C 3110 104.42 70.88 77.97
N ARG C 3111 104.41 70.43 76.71
CA ARG C 3111 105.21 69.28 76.32
C ARG C 3111 106.70 69.61 76.20
N LEU C 3112 107.05 70.89 75.98
CA LEU C 3112 108.43 71.28 75.71
C LEU C 3112 109.35 70.95 76.88
N GLY C 3113 108.85 71.01 78.11
CA GLY C 3113 109.62 70.65 79.28
C GLY C 3113 109.90 69.16 79.35
N VAL C 3125 108.26 66.56 81.34
CA VAL C 3125 108.12 65.47 80.36
C VAL C 3125 106.70 65.45 79.83
N GLY C 3126 106.50 64.67 78.77
CA GLY C 3126 105.24 64.63 78.05
C GLY C 3126 104.34 63.46 78.40
N GLN C 3127 104.30 63.07 79.68
CA GLN C 3127 103.40 62.05 80.22
C GLN C 3127 102.62 62.52 81.43
N ASN C 3128 103.24 63.30 82.32
CA ASN C 3128 102.52 63.80 83.49
C ASN C 3128 101.46 64.83 83.10
N LEU C 3129 101.67 65.56 82.01
CA LEU C 3129 100.69 66.53 81.56
C LEU C 3129 99.42 65.83 81.08
N THR C 3130 99.55 64.73 80.34
CA THR C 3130 98.38 64.00 79.85
C THR C 3130 97.60 63.33 81.00
N TYR C 3131 98.33 62.75 81.94
CA TYR C 3131 97.70 62.15 83.12
C TYR C 3131 96.97 63.19 83.94
N THR C 3132 97.61 64.35 84.14
CA THR C 3132 96.96 65.46 84.82
C THR C 3132 95.76 65.97 84.05
N THR C 3133 95.83 65.94 82.71
CA THR C 3133 94.73 66.40 81.88
C THR C 3133 93.49 65.54 82.11
N VAL C 3134 93.59 64.23 81.86
CA VAL C 3134 92.39 63.41 82.02
C VAL C 3134 92.02 63.24 83.49
N ALA C 3135 92.96 63.44 84.42
CA ALA C 3135 92.60 63.41 85.84
C ALA C 3135 91.73 64.60 86.22
N LEU C 3136 92.07 65.80 85.74
CA LEU C 3136 91.46 67.05 86.21
C LEU C 3136 90.42 67.61 85.25
N LEU C 3137 90.79 67.81 83.98
CA LEU C 3137 90.01 68.64 83.06
C LEU C 3137 88.60 68.12 82.79
N PRO C 3138 88.34 66.83 82.53
CA PRO C 3138 86.94 66.40 82.41
C PRO C 3138 86.19 66.36 83.74
N VAL C 3139 86.88 66.05 84.84
CA VAL C 3139 86.23 65.88 86.14
C VAL C 3139 85.76 67.23 86.70
N LEU C 3140 86.60 68.24 86.55
CA LEU C 3140 86.31 69.54 87.15
C LEU C 3140 85.13 70.22 86.48
N THR C 3141 84.88 69.93 85.20
CA THR C 3141 83.72 70.49 84.51
C THR C 3141 82.41 70.07 85.18
N THR C 3142 82.29 68.78 85.48
CA THR C 3142 81.14 68.28 86.23
C THR C 3142 81.09 68.85 87.64
N LEU C 3143 82.26 69.09 88.24
CA LEU C 3143 82.29 69.70 89.58
C LEU C 3143 81.64 71.08 89.58
N PHE C 3144 82.09 71.96 88.68
CA PHE C 3144 81.50 73.30 88.67
C PHE C 3144 80.09 73.28 88.12
N GLN C 3145 79.72 72.27 87.32
CA GLN C 3145 78.31 72.17 86.93
C GLN C 3145 77.43 71.90 88.14
N HIS C 3146 77.87 71.01 89.03
CA HIS C 3146 77.11 70.76 90.26
C HIS C 3146 77.03 72.00 91.13
N ILE C 3147 78.15 72.73 91.24
CA ILE C 3147 78.13 73.94 92.08
C ILE C 3147 77.26 75.02 91.45
N ALA C 3148 77.41 75.24 90.13
CA ALA C 3148 76.75 76.37 89.49
C ALA C 3148 75.25 76.16 89.38
N GLN C 3149 74.81 74.91 89.15
CA GLN C 3149 73.38 74.64 89.06
C GLN C 3149 72.67 74.92 90.38
N HIS C 3150 73.27 74.54 91.49
CA HIS C 3150 72.74 74.81 92.82
C HIS C 3150 73.08 76.21 93.34
N GLN C 3151 73.74 77.06 92.55
CA GLN C 3151 74.09 78.46 92.89
C GLN C 3151 74.80 78.59 94.23
N PHE C 3152 75.67 77.61 94.53
CA PHE C 3152 76.58 77.67 95.68
C PHE C 3152 77.92 78.30 95.35
N GLY C 3153 78.19 78.67 94.09
CA GLY C 3153 79.48 79.24 93.74
C GLY C 3153 79.76 80.61 94.32
N ASP C 3154 78.72 81.31 94.79
CA ASP C 3154 78.90 82.67 95.30
C ASP C 3154 79.73 82.70 96.58
N ASP C 3155 79.56 81.70 97.46
CA ASP C 3155 80.06 81.74 98.83
C ASP C 3155 81.01 80.61 99.20
N VAL C 3156 80.86 79.42 98.62
CA VAL C 3156 81.54 78.23 99.15
C VAL C 3156 83.02 78.11 98.77
N ILE C 3157 83.57 79.06 98.01
CA ILE C 3157 84.98 79.04 97.58
C ILE C 3157 85.70 80.37 97.80
N LEU C 3158 85.16 81.20 98.71
CA LEU C 3158 85.67 82.54 99.03
C LEU C 3158 87.16 82.57 99.36
N ASP C 3159 87.62 81.65 100.21
CA ASP C 3159 88.86 81.84 100.96
C ASP C 3159 90.03 81.12 100.26
N ASP C 3160 90.69 81.85 99.35
CA ASP C 3160 91.92 81.47 98.65
C ASP C 3160 91.75 80.42 97.56
N VAL C 3161 90.56 79.84 97.42
CA VAL C 3161 90.23 79.08 96.23
C VAL C 3161 89.96 80.03 95.07
N GLN C 3162 89.38 81.20 95.36
CA GLN C 3162 89.31 82.28 94.37
C GLN C 3162 90.69 82.67 93.89
N VAL C 3163 91.64 82.84 94.82
CA VAL C 3163 92.98 83.27 94.45
C VAL C 3163 93.68 82.18 93.64
N SER C 3164 93.51 80.92 94.04
CA SER C 3164 94.16 79.82 93.35
C SER C 3164 93.62 79.64 91.93
N CYS C 3165 92.31 79.77 91.74
CA CYS C 3165 91.75 79.64 90.38
C CYS C 3165 92.06 80.87 89.54
N TYR C 3166 92.07 82.05 90.16
CA TYR C 3166 92.41 83.25 89.43
C TYR C 3166 93.87 83.26 89.00
N ARG C 3167 94.74 82.53 89.71
CA ARG C 3167 96.10 82.31 89.21
C ARG C 3167 96.10 81.54 87.89
N THR C 3168 95.19 80.58 87.74
CA THR C 3168 95.02 79.93 86.44
C THR C 3168 94.54 80.92 85.41
N LEU C 3169 93.69 81.87 85.82
CA LEU C 3169 93.36 82.94 84.88
C LEU C 3169 94.58 83.80 84.53
N CYS C 3170 95.51 83.98 85.46
CA CYS C 3170 96.73 84.70 85.12
C CYS C 3170 97.59 83.92 84.12
N SER C 3171 97.60 82.59 84.22
CA SER C 3171 98.41 81.76 83.32
C SER C 3171 97.69 81.35 82.04
N ILE C 3172 96.42 81.73 81.86
CA ILE C 3172 95.70 81.30 80.66
C ILE C 3172 96.19 81.98 79.38
N TYR C 3173 96.92 83.10 79.49
CA TYR C 3173 97.41 83.79 78.30
C TYR C 3173 98.39 82.94 77.52
N SER C 3174 99.23 82.17 78.22
CA SER C 3174 100.22 81.33 77.55
C SER C 3174 99.58 80.24 76.70
N LEU C 3175 98.37 79.80 77.07
CA LEU C 3175 97.60 78.86 76.25
C LEU C 3175 96.90 79.66 75.16
N GLY C 3176 97.69 80.03 74.14
CA GLY C 3176 97.24 80.82 73.01
C GLY C 3176 98.26 81.86 72.59
N THR C 3177 99.01 82.41 73.55
CA THR C 3177 100.06 83.37 73.21
C THR C 3177 101.26 82.68 72.59
N THR C 3178 101.64 81.52 73.14
CA THR C 3178 102.74 80.69 72.65
C THR C 3178 102.20 79.32 72.28
N LYS C 3179 102.66 78.82 71.12
CA LYS C 3179 102.20 77.55 70.57
C LYS C 3179 103.42 76.86 69.96
N ASN C 3180 103.96 75.86 70.68
CA ASN C 3180 105.06 75.03 70.18
C ASN C 3180 104.53 73.74 69.57
N THR C 3181 103.82 72.93 70.35
CA THR C 3181 103.06 71.78 69.83
C THR C 3181 101.69 71.61 70.47
N TYR C 3182 101.46 72.13 71.67
CA TYR C 3182 100.38 71.70 72.55
C TYR C 3182 99.24 72.71 72.59
N LYS C 3185 95.49 71.94 70.25
CA LYS C 3185 94.84 70.64 70.29
C LYS C 3185 93.82 70.57 71.43
N LEU C 3186 94.31 70.67 72.66
CA LEU C 3186 93.46 70.66 73.84
C LEU C 3186 92.79 72.00 74.11
N ARG C 3187 93.10 73.05 73.34
CA ARG C 3187 92.52 74.37 73.59
C ARG C 3187 91.00 74.43 73.54
N PRO C 3188 90.28 73.75 72.65
CA PRO C 3188 88.81 73.74 72.79
C PRO C 3188 88.31 73.03 74.05
N ALA C 3189 88.84 71.83 74.35
CA ALA C 3189 88.42 71.13 75.57
C ALA C 3189 88.84 71.92 76.81
N LEU C 3190 90.04 72.52 76.77
CA LEU C 3190 90.48 73.40 77.84
C LEU C 3190 89.56 74.61 77.93
N GLY C 3191 89.08 75.11 76.79
CA GLY C 3191 88.17 76.23 76.81
C GLY C 3191 86.83 75.88 77.43
N GLU C 3192 86.36 74.66 77.23
CA GLU C 3192 85.13 74.22 77.89
C GLU C 3192 85.32 74.16 79.41
N CYS C 3193 86.42 73.53 79.84
CA CYS C 3193 86.72 73.48 81.28
C CYS C 3193 86.93 74.88 81.85
N LEU C 3194 87.52 75.77 81.06
CA LEU C 3194 87.68 77.16 81.45
C LEU C 3194 86.34 77.85 81.56
N ALA C 3195 85.45 77.59 80.61
CA ALA C 3195 84.14 78.23 80.58
C ALA C 3195 83.31 77.86 81.79
N ARG C 3196 83.52 76.66 82.33
CA ARG C 3196 82.82 76.31 83.56
C ARG C 3196 83.25 77.14 84.76
N LEU C 3197 84.44 77.76 84.74
CA LEU C 3197 84.83 78.61 85.87
C LEU C 3197 84.00 79.87 85.95
N ALA C 3198 83.60 80.42 84.81
CA ALA C 3198 82.76 81.62 84.80
C ALA C 3198 81.40 81.33 85.41
N ALA C 3199 80.89 80.10 85.26
CA ALA C 3199 79.67 79.71 85.94
C ALA C 3199 79.83 79.71 87.46
N ALA C 3200 81.04 79.44 87.94
CA ALA C 3200 81.37 79.41 89.37
C ALA C 3200 82.31 80.56 89.73
N MET C 3201 82.00 81.75 89.22
CA MET C 3201 82.77 82.98 89.41
C MET C 3201 82.12 83.86 90.47
N PRO C 3202 82.48 83.72 91.77
CA PRO C 3202 81.86 84.59 92.78
C PRO C 3202 82.22 86.06 92.65
N VAL C 3203 83.50 86.36 92.43
CA VAL C 3203 83.95 87.74 92.38
C VAL C 3203 83.46 88.39 91.09
N ALA C 3204 82.88 89.57 91.21
CA ALA C 3204 82.43 90.37 90.07
C ALA C 3204 83.54 91.35 89.73
N PHE C 3205 84.26 91.09 88.62
CA PHE C 3205 85.44 91.85 88.23
C PHE C 3205 85.20 92.74 87.01
N LEU C 3206 83.95 93.11 86.73
CA LEU C 3206 83.70 94.10 85.69
C LEU C 3206 84.29 95.45 86.09
N GLU C 3207 84.14 95.81 87.37
CA GLU C 3207 84.75 96.98 87.99
C GLU C 3207 85.21 96.58 89.39
N PRO C 3208 86.52 96.56 89.70
CA PRO C 3208 86.91 96.19 91.09
C PRO C 3208 86.41 97.15 92.16
N GLN C 3209 86.25 98.42 91.84
CA GLN C 3209 85.77 99.40 92.81
C GLN C 3209 84.36 99.08 93.28
N LEU C 3210 83.47 98.80 92.33
CA LEU C 3210 82.12 98.40 92.69
C LEU C 3210 82.11 97.04 93.39
N ASN C 3211 83.10 96.20 93.09
CA ASN C 3211 83.22 94.93 93.81
C ASN C 3211 83.53 95.16 95.27
N GLU C 3212 84.40 96.14 95.57
CA GLU C 3212 84.56 96.54 96.97
C GLU C 3212 83.28 97.14 97.53
N TYR C 3213 82.49 97.80 96.67
CA TYR C 3213 81.16 98.21 97.09
C TYR C 3213 80.28 97.01 97.43
N ASN C 3214 80.34 95.96 96.61
CA ASN C 3214 79.53 94.78 96.80
C ASN C 3214 80.07 93.90 97.93
N ALA C 3215 79.21 93.02 98.46
CA ALA C 3215 79.60 92.15 99.56
C ALA C 3215 80.53 91.02 99.10
N CYS C 3216 80.32 90.51 97.89
CA CYS C 3216 81.12 89.40 97.39
C CYS C 3216 82.57 89.83 97.15
N VAL C 3218 86.41 89.87 97.93
CA VAL C 3218 87.29 89.07 98.76
C VAL C 3218 88.07 89.94 99.75
N TYR C 3219 88.35 91.18 99.35
CA TYR C 3219 89.01 92.12 100.25
C TYR C 3219 88.08 92.61 101.35
N THR C 3220 86.77 92.68 101.08
CA THR C 3220 85.84 93.30 102.03
C THR C 3220 85.62 92.42 103.25
N THR C 3221 85.43 91.12 103.05
CA THR C 3221 85.00 90.20 104.10
C THR C 3221 86.02 90.07 105.22
N LYS C 3222 87.20 89.51 104.91
CA LYS C 3222 88.29 89.45 105.85
C LYS C 3222 89.06 90.77 105.83
N SER C 3223 90.05 90.89 106.70
CA SER C 3223 90.90 92.07 106.68
C SER C 3223 91.77 92.03 105.42
N PRO C 3224 91.87 93.12 104.63
CA PRO C 3224 92.68 93.03 103.40
C PRO C 3224 94.18 92.90 103.66
N ARG C 3225 94.65 93.26 104.86
CA ARG C 3225 96.05 93.05 105.19
C ARG C 3225 96.40 91.55 105.22
N GLU C 3226 95.47 90.74 105.73
CA GLU C 3226 95.69 89.29 105.76
C GLU C 3226 95.76 88.70 104.35
N ARG C 3227 95.02 89.29 103.40
CA ARG C 3227 95.06 88.79 102.02
C ARG C 3227 96.43 89.02 101.38
N ALA C 3228 97.16 90.04 101.80
CA ALA C 3228 98.49 90.30 101.27
C ALA C 3228 99.46 89.19 101.66
N ASN C 3234 99.45 95.04 97.35
CA ASN C 3234 98.23 94.28 97.62
C ASN C 3234 97.02 95.00 97.04
N SER C 3235 96.55 94.53 95.89
CA SER C 3235 95.37 95.09 95.24
C SER C 3235 94.72 94.00 94.41
N VAL C 3236 93.40 94.15 94.21
CA VAL C 3236 92.65 93.16 93.43
C VAL C 3236 93.12 93.15 91.98
N GLU C 3237 93.38 94.33 91.40
CA GLU C 3237 93.86 94.40 90.03
C GLU C 3237 95.33 94.00 89.91
N GLU C 3238 96.10 94.07 91.00
CA GLU C 3238 97.49 93.64 90.97
C GLU C 3238 97.64 92.14 90.77
N MET C 3239 96.59 91.35 91.07
CA MET C 3239 96.65 89.92 90.81
C MET C 3239 96.80 89.64 89.32
N CYS C 3240 96.00 90.32 88.49
CA CYS C 3240 96.03 90.19 87.03
C CYS C 3240 96.05 91.61 86.46
N PRO C 3241 97.23 92.26 86.39
CA PRO C 3241 97.29 93.59 85.77
C PRO C 3241 96.91 93.61 84.30
N ASP C 3242 97.09 92.49 83.58
CA ASP C 3242 96.76 92.36 82.17
C ASP C 3242 95.36 91.75 81.97
N ILE C 3243 94.43 92.04 82.88
CA ILE C 3243 93.09 91.47 82.78
C ILE C 3243 92.39 92.05 81.56
N PRO C 3244 91.57 91.30 80.82
CA PRO C 3244 90.76 91.92 79.76
C PRO C 3244 89.51 92.57 80.36
N VAL C 3245 89.41 93.89 80.23
CA VAL C 3245 88.19 94.58 80.65
C VAL C 3245 87.07 94.17 79.71
N LEU C 3246 85.87 94.01 80.26
CA LEU C 3246 84.75 93.51 79.47
C LEU C 3246 84.34 94.51 78.39
N ASP C 3247 84.39 95.80 78.69
CA ASP C 3247 84.21 96.81 77.65
C ASP C 3247 85.34 96.75 76.62
N ARG C 3248 86.56 96.49 77.08
CA ARG C 3248 87.67 96.37 76.14
C ARG C 3248 87.55 95.08 75.34
N LEU C 3249 87.05 94.01 75.97
CA LEU C 3249 86.79 92.77 75.25
C LEU C 3249 85.72 92.97 74.19
N MET C 3250 84.69 93.76 74.52
CA MET C 3250 83.65 94.12 73.56
C MET C 3250 84.26 94.81 72.35
N ALA C 3251 85.14 95.78 72.58
CA ALA C 3251 85.81 96.43 71.44
C ALA C 3251 86.69 95.46 70.67
N ASP C 3252 87.34 94.53 71.39
CA ASP C 3252 88.21 93.55 70.75
C ASP C 3252 87.42 92.64 69.81
N ILE C 3253 86.32 92.07 70.30
CA ILE C 3253 85.52 91.20 69.44
C ILE C 3253 84.83 92.00 68.35
N GLY C 3254 84.47 93.26 68.61
CA GLY C 3254 83.84 94.06 67.57
C GLY C 3254 84.77 94.34 66.42
N GLY C 3255 86.02 94.70 66.71
CA GLY C 3255 87.00 94.85 65.65
C GLY C 3255 87.35 93.54 64.97
N LEU C 3256 87.46 92.46 65.75
CA LEU C 3256 87.81 91.16 65.21
C LEU C 3256 86.68 90.52 64.41
N ALA C 3257 85.44 90.95 64.62
CA ALA C 3257 84.30 90.38 63.91
C ALA C 3257 84.37 90.67 62.41
N GLU C 3258 84.78 91.88 62.05
CA GLU C 3258 84.88 92.24 60.64
C GLU C 3258 85.99 91.44 59.96
N SER C 3259 87.08 91.16 60.68
CA SER C 3259 88.16 90.38 60.10
C SER C 3259 87.74 88.92 59.94
N GLY C 3260 87.51 88.23 61.05
CA GLY C 3260 87.01 86.86 61.01
C GLY C 3260 87.94 85.86 60.36
N ALA C 3261 89.23 85.95 60.66
CA ALA C 3261 90.19 85.00 60.11
C ALA C 3261 90.10 83.67 60.87
N ARG C 3262 90.83 82.67 60.37
CA ARG C 3262 90.80 81.35 60.96
C ARG C 3262 91.46 81.35 62.33
N TYR C 3263 91.03 80.41 63.17
CA TYR C 3263 91.55 80.29 64.53
C TYR C 3263 92.95 79.70 64.50
N PRO C 3267 92.63 85.00 65.89
CA PRO C 3267 91.32 84.51 66.30
C PRO C 3267 91.34 83.21 67.13
N HIS C 3268 92.53 82.67 67.42
CA HIS C 3268 92.60 81.48 68.28
C HIS C 3268 92.05 81.76 69.68
N VAL C 3269 92.12 83.01 70.15
CA VAL C 3269 91.59 83.34 71.46
C VAL C 3269 90.06 83.30 71.51
N ILE C 3270 89.37 83.23 70.37
CA ILE C 3270 87.91 83.14 70.41
C ILE C 3270 87.46 81.81 71.00
N GLU C 3271 88.25 80.75 70.84
CA GLU C 3271 87.84 79.44 71.33
C GLU C 3271 87.76 79.38 72.87
N ILE C 3272 88.51 80.25 73.57
CA ILE C 3272 88.61 80.22 75.03
C ILE C 3272 88.08 81.51 75.66
N THR C 3273 88.27 82.65 74.99
CA THR C 3273 87.88 83.96 75.54
C THR C 3273 86.44 84.31 75.22
N LEU C 3274 85.92 83.89 74.06
CA LEU C 3274 84.49 84.08 73.79
C LEU C 3274 83.58 83.36 74.78
N PRO C 3275 83.80 82.09 75.15
CA PRO C 3275 82.91 81.49 76.14
C PRO C 3275 82.96 82.11 77.54
N MET C 3276 83.98 82.92 77.86
CA MET C 3276 83.92 83.73 79.07
C MET C 3276 82.72 84.66 79.03
N LEU C 3277 82.50 85.31 77.89
CA LEU C 3277 81.44 86.31 77.77
C LEU C 3277 80.06 85.68 77.95
N CYS C 3278 79.80 84.59 77.23
CA CYS C 3278 78.50 83.94 77.33
C CYS C 3278 78.32 83.21 78.65
N SER C 3279 79.39 82.66 79.23
CA SER C 3279 79.28 81.98 80.52
C SER C 3279 79.20 82.94 81.71
N TYR C 3280 79.58 84.20 81.54
CA TYR C 3280 79.70 85.16 82.64
C TYR C 3280 78.66 86.27 82.59
N LEU C 3281 78.51 86.96 81.46
CA LEU C 3281 77.64 88.13 81.44
C LEU C 3281 76.16 87.72 81.48
N PRO C 3282 75.74 86.65 80.79
CA PRO C 3282 74.44 86.06 81.14
C PRO C 3282 74.34 85.61 82.58
N ARG C 3283 75.41 85.08 83.15
CA ARG C 3283 75.37 84.61 84.54
C ARG C 3283 75.25 85.77 85.51
N TRP C 3284 75.76 86.96 85.16
CA TRP C 3284 75.81 88.13 86.05
C TRP C 3284 74.84 89.25 85.70
N TRP C 3285 74.13 89.16 84.57
CA TRP C 3285 73.24 90.25 84.16
C TRP C 3285 72.06 90.38 85.10
N GLU C 3286 71.41 89.25 85.41
CA GLU C 3286 70.29 89.28 86.35
C GLU C 3286 70.75 89.68 87.76
N ARG C 3287 72.00 89.36 88.11
CA ARG C 3287 72.50 89.70 89.44
C ARG C 3287 72.66 91.20 89.61
N GLY C 3288 73.18 91.87 88.58
CA GLY C 3288 73.61 93.25 88.66
C GLY C 3288 72.63 94.20 87.97
N PRO C 3289 73.10 95.35 87.46
CA PRO C 3289 72.16 96.39 87.02
C PRO C 3289 71.58 96.06 85.65
N GLU C 3290 70.64 96.90 85.22
CA GLU C 3290 69.95 96.74 83.94
C GLU C 3290 69.20 95.41 83.88
N ALA C 3291 68.64 95.01 85.01
CA ALA C 3291 67.91 93.77 85.17
C ALA C 3291 66.96 93.92 86.35
N PRO C 3292 65.67 94.20 86.16
CA PRO C 3292 64.77 94.31 87.33
C PRO C 3292 64.61 92.96 88.02
N PRO C 3293 65.09 92.80 89.27
CA PRO C 3293 64.97 91.45 89.85
C PRO C 3293 63.56 91.16 90.36
N ALA C 3300 70.52 96.25 97.25
CA ALA C 3300 70.66 97.48 98.03
C ALA C 3300 72.05 98.12 97.94
N PRO C 3301 73.13 97.34 97.93
CA PRO C 3301 74.44 97.91 97.56
C PRO C 3301 74.47 98.25 96.07
N PRO C 3302 75.54 98.89 95.60
CA PRO C 3302 75.65 99.18 94.15
C PRO C 3302 75.75 97.89 93.35
N PRO C 3303 75.07 97.77 92.20
CA PRO C 3303 75.33 96.61 91.34
C PRO C 3303 76.74 96.66 90.76
N CYS C 3304 77.46 95.55 90.89
CA CYS C 3304 78.86 95.54 90.47
C CYS C 3304 79.00 95.57 88.96
N THR C 3305 78.23 94.75 88.26
CA THR C 3305 78.36 94.64 86.81
C THR C 3305 77.67 95.80 86.11
N VAL C 3307 77.53 95.69 82.95
CA VAL C 3307 76.87 95.04 81.82
C VAL C 3307 75.44 95.53 81.75
N THR C 3308 74.93 95.58 80.53
CA THR C 3308 73.57 95.98 80.21
C THR C 3308 72.91 94.89 79.37
N SER C 3309 71.58 94.94 79.32
CA SER C 3309 70.86 94.10 78.38
C SER C 3309 71.24 94.43 76.95
N ASP C 3310 71.46 95.72 76.67
CA ASP C 3310 71.97 96.11 75.35
C ASP C 3310 73.39 95.62 75.14
N HIS C 3311 74.18 95.44 76.21
CA HIS C 3311 75.51 94.84 76.05
C HIS C 3311 75.39 93.39 75.58
N LEU C 3312 74.45 92.63 76.16
CA LEU C 3312 74.20 91.28 75.70
C LEU C 3312 73.70 91.27 74.26
N ASN C 3313 72.84 92.23 73.91
CA ASN C 3313 72.37 92.35 72.53
C ASN C 3313 73.50 92.68 71.56
N SER C 3314 74.39 93.59 71.95
CA SER C 3314 75.47 94.04 71.07
C SER C 3314 76.46 92.91 70.83
N LEU C 3315 76.88 92.24 71.91
CA LEU C 3315 77.82 91.15 71.74
C LEU C 3315 77.15 90.00 70.99
N LEU C 3316 75.84 89.78 71.20
CA LEU C 3316 75.15 88.71 70.47
C LEU C 3316 75.08 88.99 68.98
N GLY C 3317 74.90 90.26 68.61
CA GLY C 3317 75.07 90.65 67.22
C GLY C 3317 76.46 90.30 66.70
N ASN C 3318 77.48 90.53 67.54
CA ASN C 3318 78.83 90.11 67.13
C ASN C 3318 79.03 88.59 67.15
N ILE C 3319 78.30 87.85 67.99
CA ILE C 3319 78.37 86.38 67.96
C ILE C 3319 77.89 85.87 66.61
N LEU C 3320 76.73 86.38 66.17
CA LEU C 3320 76.21 86.02 64.87
C LEU C 3320 77.14 86.48 63.76
N ARG C 3321 77.75 87.66 63.92
CA ARG C 3321 78.67 88.14 62.89
C ARG C 3321 79.94 87.30 62.83
N ILE C 3322 80.39 86.77 63.97
CA ILE C 3322 81.54 85.87 63.98
C ILE C 3322 81.23 84.61 63.20
N ILE C 3323 80.04 84.04 63.42
CA ILE C 3323 79.69 82.85 62.64
C ILE C 3323 79.50 83.21 61.16
N VAL C 3324 79.00 84.41 60.86
CA VAL C 3324 78.82 84.81 59.47
C VAL C 3324 80.16 84.92 58.76
N ASN C 3325 81.15 85.55 59.39
CA ASN C 3325 82.43 85.75 58.74
C ASN C 3325 83.20 84.45 58.61
N ASN C 3326 83.16 83.60 59.64
CA ASN C 3326 83.90 82.34 59.67
C ASN C 3326 83.09 81.26 58.96
N LEU C 3327 82.97 81.42 57.64
CA LEU C 3327 82.22 80.46 56.84
C LEU C 3327 82.95 79.13 56.75
N GLY C 3328 84.25 79.17 56.50
CA GLY C 3328 85.03 77.96 56.26
C GLY C 3328 84.83 77.42 54.86
N ILE C 3329 85.81 76.67 54.35
CA ILE C 3329 85.81 76.17 52.98
C ILE C 3329 85.84 74.65 52.95
N ASP C 3330 86.45 74.01 53.95
CA ASP C 3330 86.49 72.54 54.05
C ASP C 3330 86.33 71.99 55.45
N GLU C 3331 86.49 72.77 56.52
CA GLU C 3331 86.55 72.19 57.86
C GLU C 3331 86.27 73.26 58.91
N ALA C 3332 85.50 72.87 59.93
CA ALA C 3332 85.31 73.65 61.14
C ALA C 3332 84.63 72.75 62.17
N THR C 3333 85.18 72.68 63.37
CA THR C 3333 84.68 71.83 64.45
C THR C 3333 84.69 72.60 65.78
N TRP C 3334 84.15 73.83 65.74
CA TRP C 3334 84.04 74.69 66.91
C TRP C 3334 82.69 75.39 67.05
N MET C 3335 81.82 75.37 66.03
CA MET C 3335 80.53 76.02 66.18
C MET C 3335 79.63 75.30 67.18
N LYS C 3336 79.84 73.99 67.38
CA LYS C 3336 78.92 73.17 68.16
C LYS C 3336 78.89 73.62 69.63
N ARG C 3337 80.08 73.72 70.24
CA ARG C 3337 80.16 74.08 71.65
C ARG C 3337 79.71 75.52 71.86
N LEU C 3338 80.07 76.41 70.95
CA LEU C 3338 79.74 77.82 71.14
C LEU C 3338 78.23 78.06 70.98
N ALA C 3339 77.61 77.41 69.99
CA ALA C 3339 76.18 77.56 69.81
C ALA C 3339 75.41 76.92 70.96
N VAL C 3340 75.86 75.76 71.44
CA VAL C 3340 75.18 75.09 72.55
C VAL C 3340 75.38 75.88 73.84
N PHE C 3341 76.58 76.45 74.03
CA PHE C 3341 76.90 77.15 75.28
C PHE C 3341 76.10 78.43 75.41
N ALA C 3342 75.84 79.12 74.30
CA ALA C 3342 75.13 80.40 74.29
C ALA C 3342 73.62 80.22 74.20
N GLN C 3343 73.07 79.38 75.09
CA GLN C 3343 71.63 79.15 75.18
C GLN C 3343 70.90 80.25 75.96
N PRO C 3344 71.29 80.58 77.21
CA PRO C 3344 70.47 81.55 77.97
C PRO C 3344 70.50 82.97 77.43
N ILE C 3345 71.49 83.33 76.60
CA ILE C 3345 71.51 84.66 76.01
C ILE C 3345 70.35 84.84 75.04
N VAL C 3346 69.91 83.75 74.38
CA VAL C 3346 68.75 83.80 73.50
C VAL C 3346 67.45 83.91 74.28
N SER C 3347 67.45 83.64 75.60
CA SER C 3347 66.21 83.62 76.36
C SER C 3347 65.60 85.02 76.48
N ARG C 3348 66.40 86.03 76.80
CA ARG C 3348 65.86 87.38 76.92
C ARG C 3348 65.57 87.93 75.54
N ALA C 3349 66.62 88.19 74.75
CA ALA C 3349 66.57 88.45 73.31
C ALA C 3349 65.60 89.59 72.95
N ARG C 3350 66.00 90.81 73.33
CA ARG C 3350 65.16 91.99 73.13
C ARG C 3350 64.85 92.18 71.64
N PRO C 3351 63.63 92.58 71.28
CA PRO C 3351 63.14 92.33 69.91
C PRO C 3351 63.76 93.18 68.82
N GLU C 3352 64.55 94.21 69.17
CA GLU C 3352 65.18 95.05 68.16
C GLU C 3352 66.24 94.31 67.34
N LEU C 3353 66.81 93.23 67.90
CA LEU C 3353 67.84 92.48 67.20
C LEU C 3353 67.33 91.79 65.94
N LEU C 3354 66.03 91.53 65.85
CA LEU C 3354 65.48 90.96 64.62
C LEU C 3354 65.65 91.92 63.46
N HIS C 3355 65.33 93.20 63.68
CA HIS C 3355 65.57 94.20 62.65
C HIS C 3355 67.06 94.41 62.43
N SER C 3356 67.85 94.36 63.51
CA SER C 3356 69.26 94.72 63.37
C SER C 3356 70.05 93.67 62.60
N HIS C 3357 70.14 92.46 63.14
CA HIS C 3357 71.13 91.46 62.73
C HIS C 3357 70.56 90.22 62.07
N PHE C 3358 69.42 89.71 62.57
CA PHE C 3358 68.96 88.39 62.13
C PHE C 3358 68.48 88.41 60.69
N ILE C 3359 67.90 89.52 60.23
CA ILE C 3359 67.36 89.59 58.87
C ILE C 3359 68.53 89.74 57.89
N PRO C 3360 69.52 90.62 58.11
CA PRO C 3360 70.74 90.54 57.30
C PRO C 3360 71.47 89.21 57.38
N THR C 3361 71.48 88.57 58.56
CA THR C 3361 72.17 87.30 58.71
C THR C 3361 71.48 86.20 57.90
N ILE C 3362 70.16 86.15 57.96
CA ILE C 3362 69.40 85.17 57.19
C ILE C 3362 69.49 85.52 55.70
N GLY C 3363 69.63 86.80 55.36
CA GLY C 3363 69.97 87.15 53.99
C GLY C 3363 71.32 86.60 53.59
N ARG C 3364 72.27 86.58 54.52
CA ARG C 3364 73.56 85.94 54.23
C ARG C 3364 73.41 84.46 54.03
N LEU C 3365 72.48 83.82 54.76
CA LEU C 3365 72.19 82.41 54.48
C LEU C 3365 71.48 82.23 53.15
N ARG C 3366 70.70 83.22 52.72
CA ARG C 3366 70.15 83.19 51.37
C ARG C 3366 71.28 83.27 50.34
N LYS C 3367 72.31 84.05 50.63
CA LYS C 3367 73.49 84.08 49.77
C LYS C 3367 74.32 82.80 49.91
N ARG C 3368 74.24 82.13 51.05
CA ARG C 3368 74.80 80.80 51.19
C ARG C 3368 74.05 79.79 50.35
N ALA C 3369 72.76 80.06 50.08
CA ALA C 3369 71.99 79.41 49.06
C ALA C 3369 72.13 80.21 47.76
N GLY C 3370 71.28 79.94 46.78
CA GLY C 3370 71.32 80.72 45.55
C GLY C 3370 72.51 80.39 44.68
N LYS C 3371 72.49 79.20 44.08
CA LYS C 3371 73.50 78.62 43.18
C LYS C 3371 74.70 78.04 43.93
N VAL C 3372 74.78 78.18 45.25
CA VAL C 3372 75.80 77.49 46.06
C VAL C 3372 75.25 76.19 46.62
N VAL C 3373 74.05 76.25 47.21
CA VAL C 3373 73.34 75.02 47.57
C VAL C 3373 72.99 74.22 46.33
N ALA C 3374 72.69 74.91 45.21
CA ALA C 3374 72.39 74.29 43.94
C ALA C 3374 73.64 74.11 43.07
N GLU C 3375 74.80 73.90 43.68
CA GLU C 3375 75.99 73.59 42.89
C GLU C 3375 75.90 72.23 42.22
N GLU C 3376 75.24 71.26 42.86
CA GLU C 3376 75.24 69.90 42.35
C GLU C 3376 74.45 69.78 41.05
N GLU C 3377 73.32 70.48 40.94
CA GLU C 3377 72.44 70.28 39.80
C GLU C 3377 73.05 70.79 38.50
N GLN C 3378 73.92 71.81 38.59
CA GLN C 3378 74.65 72.25 37.40
C GLN C 3378 75.57 71.15 36.89
N LEU C 3379 76.24 70.45 37.81
CA LEU C 3379 77.11 69.34 37.41
C LEU C 3379 76.31 68.18 36.82
N ARG C 3380 75.08 67.98 37.28
CA ARG C 3380 74.25 66.89 36.76
C ARG C 3380 73.71 67.15 35.36
N LEU C 3381 73.87 68.36 34.81
CA LEU C 3381 73.42 68.66 33.46
C LEU C 3381 74.19 67.84 32.42
N GLU C 3388 79.80 61.31 38.30
CA GLU C 3388 79.69 61.05 39.73
C GLU C 3388 80.67 61.89 40.58
N GLU C 3389 81.78 62.30 39.98
CA GLU C 3389 82.84 63.00 40.71
C GLU C 3389 82.37 64.36 41.24
N GLY C 3390 81.60 65.08 40.42
CA GLY C 3390 81.11 66.40 40.82
C GLY C 3390 80.23 66.36 42.04
N GLU C 3391 79.41 65.30 42.16
CA GLU C 3391 78.56 65.14 43.33
C GLU C 3391 79.41 64.95 44.59
N LEU C 3392 80.53 64.23 44.47
CA LEU C 3392 81.40 64.05 45.63
C LEU C 3392 82.02 65.38 46.07
N LEU C 3393 82.47 66.18 45.10
CA LEU C 3393 83.12 67.45 45.46
C LEU C 3393 82.10 68.43 46.09
N VAL C 3394 80.94 68.57 45.47
CA VAL C 3394 79.93 69.47 46.05
C VAL C 3394 79.39 68.92 47.36
N ARG C 3395 79.39 67.60 47.55
CA ARG C 3395 79.01 67.04 48.84
C ARG C 3395 79.99 67.42 49.93
N ASP C 3396 81.29 67.43 49.59
CA ASP C 3396 82.30 67.86 50.55
C ASP C 3396 82.10 69.33 50.93
N GLU C 3397 81.71 70.17 49.96
CA GLU C 3397 81.37 71.57 50.29
C GLU C 3397 80.07 71.66 51.11
N PHE C 3398 79.11 70.78 50.82
CA PHE C 3398 77.87 70.76 51.56
C PHE C 3398 78.06 70.32 53.01
N SER C 3399 79.16 69.65 53.33
CA SER C 3399 79.50 69.40 54.72
C SER C 3399 79.64 70.70 55.51
N VAL C 3400 80.36 71.67 54.95
CA VAL C 3400 80.49 72.99 55.59
C VAL C 3400 79.12 73.66 55.67
N LEU C 3401 78.32 73.55 54.61
CA LEU C 3401 76.99 74.18 54.65
C LEU C 3401 76.10 73.59 55.74
N CYS C 3402 76.05 72.26 55.85
CA CYS C 3402 75.19 71.62 56.84
C CYS C 3402 75.63 71.92 58.27
N ARG C 3403 76.95 71.97 58.50
CA ARG C 3403 77.45 72.42 59.80
C ARG C 3403 77.04 73.87 60.08
N ASP C 3404 77.02 74.72 59.06
CA ASP C 3404 76.59 76.10 59.27
C ASP C 3404 75.09 76.20 59.58
N LEU C 3405 74.30 75.32 58.96
CA LEU C 3405 72.88 75.26 59.30
C LEU C 3405 72.67 74.89 60.76
N TYR C 3406 73.43 73.91 61.25
CA TYR C 3406 73.38 73.60 62.68
C TYR C 3406 74.05 74.65 63.55
N ALA C 3407 74.86 75.54 62.98
CA ALA C 3407 75.34 76.68 63.77
C ALA C 3407 74.22 77.68 64.01
N LEU C 3408 73.48 78.05 62.96
CA LEU C 3408 72.52 79.14 63.09
C LEU C 3408 71.16 78.68 63.65
N TYR C 3409 70.72 77.46 63.30
CA TYR C 3409 69.35 77.05 63.62
C TYR C 3409 69.04 76.91 65.11
N PRO C 3410 69.81 76.18 65.93
CA PRO C 3410 69.39 76.00 67.35
C PRO C 3410 69.32 77.28 68.18
N LEU C 3411 70.02 78.35 67.78
CA LEU C 3411 69.73 79.66 68.34
C LEU C 3411 68.39 80.19 67.83
N LEU C 3412 68.12 79.96 66.54
CA LEU C 3412 66.91 80.48 65.92
C LEU C 3412 65.65 79.79 66.45
N ILE C 3413 65.73 78.50 66.79
CA ILE C 3413 64.57 77.77 67.29
C ILE C 3413 64.12 78.35 68.62
N ARG C 3414 65.07 78.54 69.54
CA ARG C 3414 64.72 79.07 70.85
C ARG C 3414 64.30 80.53 70.74
N TYR C 3415 64.87 81.28 69.80
CA TYR C 3415 64.40 82.65 69.61
C TYR C 3415 62.98 82.66 69.04
N VAL C 3416 62.67 81.72 68.16
CA VAL C 3416 61.34 81.66 67.56
C VAL C 3416 60.30 81.28 68.60
N ASP C 3417 60.67 80.40 69.54
CA ASP C 3417 59.71 79.97 70.56
C ASP C 3417 59.31 81.13 71.47
N ASN C 3418 60.27 81.98 71.84
CA ASN C 3418 60.01 83.09 72.75
C ASN C 3418 59.45 84.34 72.05
N ASN C 3419 59.30 84.34 70.71
CA ASN C 3419 58.83 85.50 69.96
C ASN C 3419 57.80 85.19 68.89
N ARG C 3420 57.36 83.93 68.73
CA ARG C 3420 56.33 83.62 67.75
C ARG C 3420 54.99 84.26 68.12
N ALA C 3421 54.73 84.42 69.42
CA ALA C 3421 53.46 85.00 69.87
C ALA C 3421 53.31 86.43 69.39
N HIS C 3422 54.35 87.24 69.53
CA HIS C 3422 54.29 88.63 69.10
C HIS C 3422 54.33 88.75 67.59
N TRP C 3423 54.98 87.82 66.90
CA TRP C 3423 54.93 87.82 65.44
C TRP C 3423 53.53 87.51 64.95
N LEU C 3424 52.82 86.60 65.63
CA LEU C 3424 51.45 86.31 65.24
C LEU C 3424 50.53 87.48 65.58
N THR C 3425 50.64 88.02 66.79
CA THR C 3425 49.75 89.09 67.21
C THR C 3425 50.00 90.37 66.43
N GLU C 3426 51.27 90.77 66.31
CA GLU C 3426 51.69 91.90 65.48
C GLU C 3426 52.29 91.33 64.20
N PRO C 3427 51.65 91.46 63.01
CA PRO C 3427 52.26 90.85 61.81
C PRO C 3427 53.52 91.56 61.35
N ASN C 3428 54.66 90.90 61.53
CA ASN C 3428 55.96 91.48 61.21
C ASN C 3428 56.32 91.23 59.75
N ALA C 3429 56.65 92.30 59.03
CA ALA C 3429 57.06 92.19 57.64
C ALA C 3429 58.38 91.44 57.50
N ASN C 3430 59.30 91.70 58.43
CA ASN C 3430 60.60 91.02 58.43
C ASN C 3430 60.43 89.52 58.62
N ALA C 3431 59.43 89.11 59.41
CA ALA C 3431 59.10 87.70 59.53
C ALA C 3431 58.57 87.13 58.22
N GLU C 3432 57.88 87.95 57.41
CA GLU C 3432 57.45 87.52 56.09
C GLU C 3432 58.64 87.16 55.21
N GLU C 3433 59.66 88.04 55.23
CA GLU C 3433 60.87 87.73 54.45
C GLU C 3433 61.59 86.50 54.99
N LEU C 3434 61.61 86.32 56.32
CA LEU C 3434 62.23 85.13 56.89
C LEU C 3434 61.48 83.87 56.48
N PHE C 3435 60.15 83.95 56.42
CA PHE C 3435 59.35 82.78 56.05
C PHE C 3435 59.65 82.34 54.63
N ARG C 3436 59.66 83.27 53.68
CA ARG C 3436 59.98 82.87 52.31
C ARG C 3436 61.43 82.41 52.16
N MET C 3437 62.37 83.00 52.90
CA MET C 3437 63.77 82.58 52.77
C MET C 3437 63.98 81.16 53.28
N VAL C 3438 63.52 80.87 54.50
CA VAL C 3438 63.70 79.54 55.07
C VAL C 3438 62.86 78.52 54.30
N GLY C 3439 61.74 78.92 53.71
CA GLY C 3439 61.03 78.03 52.82
C GLY C 3439 61.80 77.72 51.54
N GLU C 3440 62.56 78.69 51.04
CA GLU C 3440 63.44 78.41 49.90
C GLU C 3440 64.52 77.41 50.27
N ILE C 3441 65.06 77.53 51.49
CA ILE C 3441 66.03 76.55 51.99
C ILE C 3441 65.40 75.17 52.05
N PHE C 3442 64.15 75.10 52.55
CA PHE C 3442 63.48 73.80 52.62
C PHE C 3442 63.17 73.26 51.23
N ILE C 3443 62.88 74.13 50.26
CA ILE C 3443 62.61 73.65 48.91
C ILE C 3443 63.87 73.04 48.31
N TYR C 3444 65.02 73.67 48.57
CA TYR C 3444 66.28 73.06 48.16
C TYR C 3444 66.50 71.72 48.87
N TRP C 3445 66.12 71.66 50.15
CA TRP C 3445 66.25 70.42 50.92
C TRP C 3445 65.31 69.32 50.42
N SER C 3446 64.17 69.70 49.84
CA SER C 3446 63.14 68.73 49.52
C SER C 3446 63.58 67.78 48.42
N LYS C 3447 64.10 68.32 47.32
CA LYS C 3447 64.50 67.53 46.16
C LYS C 3447 65.95 67.05 46.22
N SER C 3448 66.78 67.62 47.09
CA SER C 3448 68.20 67.29 47.14
C SER C 3448 68.41 66.06 48.01
N HIS C 3449 68.58 64.90 47.36
CA HIS C 3449 68.87 63.68 48.09
C HIS C 3449 70.27 63.71 48.69
N ASN C 3450 71.23 64.30 47.96
CA ASN C 3450 72.60 64.37 48.47
C ASN C 3450 72.68 65.26 49.70
N PHE C 3451 71.87 66.33 49.74
CA PHE C 3451 71.82 67.16 50.93
C PHE C 3451 71.25 66.38 52.11
N LYS C 3452 70.28 65.50 51.85
CA LYS C 3452 69.76 64.67 52.92
C LYS C 3452 70.81 63.68 53.43
N ARG C 3453 71.62 63.13 52.52
CA ARG C 3453 72.69 62.23 52.96
C ARG C 3453 73.75 63.00 53.74
N GLU C 3454 74.07 64.22 53.33
CA GLU C 3454 75.01 65.05 54.07
C GLU C 3454 74.45 65.41 55.44
N GLU C 3455 73.13 65.62 55.52
CA GLU C 3455 72.47 65.80 56.81
C GLU C 3455 72.59 64.55 57.65
N GLN C 3456 72.43 63.38 57.03
CA GLN C 3456 72.57 62.10 57.72
C GLN C 3456 73.97 61.86 58.25
N ASN C 3457 74.98 62.48 57.63
CA ASN C 3457 76.36 62.25 58.07
C ASN C 3457 76.60 62.80 59.48
N PHE C 3458 76.24 64.07 59.72
CA PHE C 3458 76.58 64.69 61.00
C PHE C 3458 75.70 64.22 62.14
N VAL C 3459 74.46 63.85 61.87
CA VAL C 3459 73.58 63.42 62.96
C VAL C 3459 74.06 62.08 63.54
N VAL C 3460 74.51 61.16 62.69
CA VAL C 3460 75.02 59.89 63.17
C VAL C 3460 76.46 60.02 63.67
N GLN C 3461 77.24 60.94 63.10
CA GLN C 3461 78.60 61.14 63.60
C GLN C 3461 78.58 61.77 64.99
N ASN C 3462 77.81 62.83 65.17
CA ASN C 3462 77.75 63.53 66.45
C ASN C 3462 76.92 62.79 67.49
N GLU C 3463 75.91 62.02 67.06
CA GLU C 3463 74.99 61.31 67.94
C GLU C 3463 74.26 62.28 68.87
N ILE C 3464 73.54 63.22 68.25
CA ILE C 3464 72.75 64.23 68.94
C ILE C 3464 71.31 63.79 68.96
N ASN C 3465 70.71 63.76 70.16
CA ASN C 3465 69.32 63.36 70.30
C ASN C 3465 68.37 64.36 69.62
N ASN C 3466 68.73 65.64 69.63
CA ASN C 3466 67.91 66.70 69.02
C ASN C 3466 66.52 66.79 69.65
N MET C 3467 66.43 66.53 70.95
CA MET C 3467 65.20 66.62 71.74
C MET C 3467 65.31 67.67 72.83
N SER C 3468 66.37 67.61 73.64
CA SER C 3468 66.59 68.64 74.66
C SER C 3468 66.93 69.98 74.04
N PHE C 3469 67.54 69.99 72.84
CA PHE C 3469 67.84 71.24 72.17
C PHE C 3469 66.58 72.01 71.82
N LEU C 3470 65.54 71.29 71.38
CA LEU C 3470 64.27 71.92 71.06
C LEU C 3470 63.56 72.38 72.34
N GLN C 3506 64.23 61.88 60.39
CA GLN C 3506 62.90 62.02 60.97
C GLN C 3506 62.87 63.16 61.97
N THR C 3507 63.82 63.13 62.91
CA THR C 3507 63.99 64.19 63.91
C THR C 3507 64.93 65.29 63.39
N SER C 3508 64.61 65.83 62.22
CA SER C 3508 65.45 66.83 61.58
C SER C 3508 65.19 68.21 62.17
N LEU C 3509 66.22 69.05 62.13
CA LEU C 3509 66.14 70.42 62.61
C LEU C 3509 65.66 71.40 61.54
N ILE C 3510 65.95 71.12 60.27
CA ILE C 3510 65.53 72.01 59.19
C ILE C 3510 64.00 72.02 59.05
N VAL C 3511 63.40 70.83 59.12
CA VAL C 3511 61.94 70.71 59.06
C VAL C 3511 61.32 71.32 60.31
N ALA C 3512 62.02 71.28 61.44
CA ALA C 3512 61.52 71.93 62.65
C ALA C 3512 61.45 73.44 62.49
N THR C 3513 62.45 74.04 61.84
CA THR C 3513 62.39 75.47 61.55
C THR C 3513 61.19 75.81 60.69
N LEU C 3514 60.96 75.01 59.63
CA LEU C 3514 59.81 75.25 58.76
C LEU C 3514 58.50 75.11 59.51
N LYS C 3515 58.33 74.03 60.25
CA LYS C 3515 57.02 73.77 60.88
C LYS C 3515 56.76 74.74 62.02
N LYS C 3516 57.80 75.12 62.77
CA LYS C 3516 57.60 76.06 63.85
C LYS C 3516 57.25 77.45 63.32
N MET C 3517 57.85 77.85 62.20
CA MET C 3517 57.49 79.14 61.61
C MET C 3517 56.18 79.10 60.84
N LEU C 3518 55.72 77.93 60.41
CA LEU C 3518 54.56 77.84 59.52
C LEU C 3518 53.26 78.47 60.03
N PRO C 3519 52.95 78.50 61.34
CA PRO C 3519 51.85 79.36 61.80
C PRO C 3519 51.98 80.82 61.41
N ILE C 3520 53.18 81.39 61.46
CA ILE C 3520 53.35 82.80 61.15
C ILE C 3520 53.10 83.07 59.66
N GLY C 3521 53.72 82.25 58.81
CA GLY C 3521 53.55 82.41 57.37
C GLY C 3521 52.13 82.15 56.92
N LEU C 3522 51.48 81.14 57.51
CA LEU C 3522 50.07 80.92 57.21
C LEU C 3522 49.20 82.05 57.75
N ASN C 3523 49.60 82.65 58.88
CA ASN C 3523 48.84 83.75 59.44
C ASN C 3523 48.90 84.99 58.56
N MET C 3524 49.98 85.15 57.80
CA MET C 3524 50.04 86.27 56.86
C MET C 3524 48.96 86.16 55.78
N CYS C 3525 48.76 84.97 55.23
CA CYS C 3525 47.79 84.79 54.15
C CYS C 3525 46.36 84.83 54.68
N ALA C 3526 45.44 85.37 53.86
CA ALA C 3526 44.06 85.52 54.26
C ALA C 3526 43.30 84.20 54.16
N PRO C 3527 42.15 84.07 54.84
CA PRO C 3527 41.36 82.83 54.69
C PRO C 3527 40.74 82.66 53.31
N THR C 3528 40.52 83.75 52.57
CA THR C 3528 39.90 83.66 51.25
C THR C 3528 40.76 82.88 50.26
N ASP C 3529 42.07 82.87 50.46
CA ASP C 3529 43.01 82.14 49.61
C ASP C 3529 43.03 80.63 49.87
N GLN C 3530 42.31 80.13 50.88
CA GLN C 3530 42.43 78.73 51.29
C GLN C 3530 41.95 77.77 50.20
N ASP C 3531 40.82 78.09 49.57
CA ASP C 3531 40.33 77.28 48.45
C ASP C 3531 41.31 77.32 47.28
N LEU C 3532 41.89 78.49 47.03
CA LEU C 3532 42.90 78.58 45.99
C LEU C 3532 44.18 77.87 46.39
N ILE C 3533 44.45 77.77 47.69
CA ILE C 3533 45.62 76.99 48.12
C ILE C 3533 45.40 75.51 47.85
N MET C 3534 44.17 75.02 48.03
CA MET C 3534 43.87 73.63 47.63
C MET C 3534 44.04 73.44 46.14
N LEU C 3535 43.55 74.39 45.34
CA LEU C 3535 43.74 74.32 43.89
C LEU C 3535 45.22 74.40 43.51
N ALA C 3536 46.00 75.19 44.22
CA ALA C 3536 47.44 75.29 43.98
C ALA C 3536 48.15 73.99 44.33
N LYS C 3537 47.72 73.33 45.41
CA LYS C 3537 48.26 72.04 45.77
C LYS C 3537 48.02 71.02 44.67
N THR C 3538 46.83 71.07 44.05
CA THR C 3538 46.63 70.24 42.87
C THR C 3538 47.49 70.69 41.69
N ARG C 3539 47.75 71.99 41.58
CA ARG C 3539 48.54 72.51 40.47
C ARG C 3539 49.96 71.98 40.49
N TYR C 3540 50.58 71.90 41.68
CA TYR C 3540 51.94 71.38 41.76
C TYR C 3540 52.06 69.87 41.53
N ALA C 3541 50.94 69.14 41.48
CA ALA C 3541 51.00 67.74 41.08
C ALA C 3541 51.48 67.60 39.64
N LEU C 3542 51.14 68.57 38.79
CA LEU C 3542 51.60 68.58 37.39
C LEU C 3542 53.08 68.90 37.24
N LYS C 3543 53.78 69.30 38.31
CA LYS C 3543 55.20 69.68 38.25
C LYS C 3543 55.41 70.89 37.34
N ASP C 3544 54.48 71.83 37.39
CA ASP C 3544 54.58 73.04 36.59
C ASP C 3544 55.61 73.99 37.21
N THR C 3545 55.97 75.00 36.42
CA THR C 3545 56.95 75.99 36.85
C THR C 3545 56.30 76.99 37.79
N ASP C 3546 57.16 77.80 38.43
CA ASP C 3546 56.65 78.83 39.33
C ASP C 3546 55.87 79.90 38.57
N GLU C 3547 56.35 80.28 37.39
CA GLU C 3547 55.63 81.27 36.59
C GLU C 3547 54.33 80.68 36.04
N GLU C 3548 54.33 79.38 35.73
CA GLU C 3548 53.13 78.75 35.19
C GLU C 3548 52.00 78.74 36.21
N VAL C 3549 52.28 78.26 37.42
CA VAL C 3549 51.24 78.25 38.45
C VAL C 3549 50.88 79.68 38.86
N ARG C 3550 51.85 80.60 38.83
CA ARG C 3550 51.59 81.99 39.16
C ARG C 3550 50.57 82.61 38.20
N GLU C 3551 50.82 82.48 36.90
CA GLU C 3551 49.90 83.07 35.92
C GLU C 3551 48.59 82.29 35.86
N PHE C 3552 48.64 80.97 35.99
CA PHE C 3552 47.44 80.15 35.94
C PHE C 3552 46.51 80.44 37.11
N LEU C 3553 47.06 80.84 38.26
CA LEU C 3553 46.24 81.33 39.37
C LEU C 3553 45.84 82.78 39.22
N GLN C 3554 46.71 83.61 38.62
CA GLN C 3554 46.42 85.04 38.54
C GLN C 3554 45.29 85.35 37.58
N ASN C 3555 45.33 84.73 36.39
CA ASN C 3555 44.28 84.98 35.41
C ASN C 3555 42.93 84.45 35.91
N ASN C 3556 42.93 83.31 36.60
CA ASN C 3556 41.74 82.73 37.23
C ASN C 3556 41.60 83.19 38.67
N LEU C 3557 41.66 84.51 38.88
CA LEU C 3557 41.53 85.08 40.22
C LEU C 3557 40.10 85.10 40.73
N HIS C 3558 39.10 85.00 39.84
CA HIS C 3558 37.70 85.02 40.27
C HIS C 3558 37.25 83.73 40.96
N LEU C 3559 38.07 82.68 40.96
CA LEU C 3559 37.69 81.43 41.63
C LEU C 3559 37.60 81.57 43.15
N GLN C 3560 38.26 82.56 43.74
CA GLN C 3560 38.25 82.75 45.18
C GLN C 3560 36.91 83.36 45.61
N GLY C 3561 36.81 83.72 46.89
CA GLY C 3561 35.62 84.30 47.47
C GLY C 3561 34.78 83.30 48.25
N LYS C 3562 33.58 83.01 47.75
CA LYS C 3562 32.63 82.13 48.44
C LYS C 3562 32.27 82.67 49.83
N VAL C 3563 32.16 83.99 49.93
CA VAL C 3563 31.89 84.62 51.22
C VAL C 3563 30.45 84.36 51.63
N GLU C 3564 29.50 84.69 50.76
CA GLU C 3564 28.09 84.65 51.13
C GLU C 3564 27.54 83.23 51.16
N GLY C 3565 28.10 82.33 50.36
CA GLY C 3565 27.54 80.98 50.28
C GLY C 3565 27.69 80.19 51.56
N SER C 3566 28.85 80.29 52.20
CA SER C 3566 29.18 79.53 53.41
C SER C 3566 29.24 80.46 54.62
N PRO C 3567 28.28 80.42 55.56
CA PRO C 3567 28.44 81.28 56.76
C PRO C 3567 29.62 80.90 57.63
N SER C 3568 29.97 79.61 57.67
CA SER C 3568 31.10 79.13 58.43
C SER C 3568 32.40 79.79 57.95
N LEU C 3569 32.50 80.01 56.65
CA LEU C 3569 33.64 80.78 56.13
C LEU C 3569 33.53 82.25 56.53
N ARG C 3570 32.32 82.83 56.48
CA ARG C 3570 32.12 84.27 56.72
C ARG C 3570 32.62 84.68 58.10
N TRP C 3571 32.37 83.80 59.09
CA TRP C 3571 32.92 84.00 60.43
C TRP C 3571 34.45 84.04 60.42
N GLN C 3572 35.09 83.32 59.49
CA GLN C 3572 36.54 83.21 59.51
C GLN C 3572 37.22 84.53 59.22
N MET C 3573 37.00 85.10 58.02
CA MET C 3573 37.66 86.37 57.70
C MET C 3573 36.97 87.58 58.33
N ALA C 3574 35.82 87.40 59.01
CA ALA C 3574 35.38 88.44 59.93
C ALA C 3574 36.43 88.72 60.99
N LEU C 3575 37.13 87.68 61.46
CA LEU C 3575 38.30 87.92 62.31
C LEU C 3575 39.42 88.60 61.54
N TYR C 3576 39.69 88.14 60.29
CA TYR C 3576 40.86 88.58 59.53
C TYR C 3576 40.85 90.07 59.27
N ARG C 3577 39.66 90.65 59.07
CA ARG C 3577 39.59 92.11 59.00
C ARG C 3577 39.82 92.77 60.35
N GLY C 3578 39.57 92.06 61.46
CA GLY C 3578 39.77 92.60 62.79
C GLY C 3578 41.21 92.64 63.28
N LEU C 3579 42.15 92.02 62.57
CA LEU C 3579 43.56 92.07 62.95
C LEU C 3579 44.12 93.47 62.75
N PRO C 3580 45.36 93.74 63.20
CA PRO C 3580 45.98 95.03 62.87
C PRO C 3580 46.22 95.27 61.38
N GLY C 3581 46.20 94.23 60.55
CA GLY C 3581 46.29 94.43 59.12
C GLY C 3581 45.11 95.22 58.59
N ARG C 3582 45.38 96.00 57.53
CA ARG C 3582 44.45 96.96 56.99
C ARG C 3582 43.61 96.29 55.89
N GLU C 3583 42.70 97.06 55.29
CA GLU C 3583 41.83 96.55 54.25
C GLU C 3583 42.62 96.36 52.96
N GLU C 3584 41.91 96.04 51.86
CA GLU C 3584 42.54 95.62 50.62
C GLU C 3584 43.21 96.80 49.93
N ASP C 3585 44.36 97.20 50.48
CA ASP C 3585 45.27 98.18 49.89
C ASP C 3585 46.64 97.59 49.61
N ALA C 3586 47.27 96.97 50.62
CA ALA C 3586 48.56 96.33 50.42
C ALA C 3586 48.43 94.99 49.71
N ASP C 3587 47.33 94.26 49.95
CA ASP C 3587 47.15 92.92 49.38
C ASP C 3587 46.68 93.03 47.94
N ASP C 3588 47.62 93.38 47.07
CA ASP C 3588 47.40 93.39 45.64
C ASP C 3588 47.44 91.96 45.12
N PRO C 3589 47.01 91.73 43.87
CA PRO C 3589 47.09 90.36 43.31
C PRO C 3589 48.49 89.75 43.25
N GLU C 3590 49.53 90.57 43.05
CA GLU C 3590 50.90 90.05 42.96
C GLU C 3590 51.37 89.46 44.29
N LYS C 3591 51.15 90.15 45.40
CA LYS C 3591 51.53 89.61 46.69
C LYS C 3591 50.71 88.37 47.04
N ILE C 3592 49.44 88.35 46.61
CA ILE C 3592 48.54 87.24 46.93
C ILE C 3592 49.04 85.97 46.24
N VAL C 3593 49.34 86.06 44.93
CA VAL C 3593 49.86 84.88 44.24
C VAL C 3593 51.27 84.55 44.70
N ARG C 3594 52.04 85.51 45.23
CA ARG C 3594 53.33 85.17 45.82
C ARG C 3594 53.15 84.26 47.05
N ARG C 3595 52.17 84.58 47.89
CA ARG C 3595 51.84 83.71 49.03
C ARG C 3595 51.42 82.33 48.56
N VAL C 3596 50.62 82.27 47.48
CA VAL C 3596 50.22 80.98 46.91
C VAL C 3596 51.44 80.18 46.47
N GLN C 3597 52.39 80.85 45.80
CA GLN C 3597 53.59 80.23 45.25
C GLN C 3597 54.42 79.59 46.34
N GLU C 3598 54.57 80.28 47.47
CA GLU C 3598 55.35 79.69 48.57
C GLU C 3598 54.61 78.53 49.23
N VAL C 3599 53.41 78.79 49.75
CA VAL C 3599 52.80 77.85 50.68
C VAL C 3599 52.32 76.57 50.00
N SER C 3600 51.92 76.64 48.72
CA SER C 3600 51.43 75.44 48.04
C SER C 3600 52.54 74.38 47.89
N ALA C 3601 53.73 74.80 47.47
CA ALA C 3601 54.83 73.86 47.38
C ALA C 3601 55.30 73.42 48.75
N VAL C 3602 55.19 74.30 49.76
CA VAL C 3602 55.63 73.93 51.11
C VAL C 3602 54.78 72.79 51.65
N LEU C 3603 53.45 72.92 51.58
CA LEU C 3603 52.61 71.83 52.07
C LEU C 3603 52.74 70.59 51.20
N TYR C 3604 53.06 70.73 49.90
CA TYR C 3604 53.26 69.55 49.06
C TYR C 3604 54.44 68.72 49.56
N HIS C 3605 55.58 69.37 49.78
CA HIS C 3605 56.76 68.64 50.24
C HIS C 3605 56.56 68.12 51.67
N LEU C 3606 55.93 68.92 52.52
CA LEU C 3606 55.73 68.49 53.90
C LEU C 3606 54.76 67.32 53.99
N GLU C 3607 53.72 67.32 53.15
CA GLU C 3607 52.76 66.23 53.15
C GLU C 3607 53.40 64.95 52.63
N GLN C 3608 54.32 65.06 51.66
CA GLN C 3608 55.00 63.85 51.21
C GLN C 3608 55.93 63.30 52.27
N THR C 3609 56.77 64.15 52.88
CA THR C 3609 57.71 63.65 53.87
C THR C 3609 57.08 63.32 55.22
N GLU C 3610 55.80 63.69 55.45
CA GLU C 3610 55.14 63.31 56.69
C GLU C 3610 55.02 61.79 56.83
N HIS C 3611 54.75 61.10 55.72
CA HIS C 3611 54.58 59.65 55.75
C HIS C 3611 55.90 58.98 56.09
N PRO C 3612 56.11 58.46 57.33
CA PRO C 3612 57.46 57.96 57.63
C PRO C 3612 57.71 56.56 57.07
N THR C 3639 83.59 25.07 54.32
CA THR C 3639 84.61 24.06 54.58
C THR C 3639 85.62 24.07 53.41
N PRO C 3640 86.93 24.06 53.68
CA PRO C 3640 87.88 24.28 52.59
C PRO C 3640 88.14 23.01 51.80
N LEU C 3641 88.29 23.17 50.49
CA LEU C 3641 88.68 22.06 49.65
C LEU C 3641 90.09 21.58 49.99
N TYR C 3642 90.98 22.52 50.31
CA TYR C 3642 92.33 22.16 50.71
C TYR C 3642 92.30 21.48 52.09
N ASN C 3643 93.49 21.04 52.52
CA ASN C 3643 93.75 20.19 53.68
C ASN C 3643 92.78 19.03 53.87
N LEU C 3644 92.34 18.42 52.76
CA LEU C 3644 91.50 17.22 52.78
C LEU C 3644 92.39 15.99 52.67
N PRO C 3645 91.84 14.79 52.89
CA PRO C 3645 92.62 13.57 52.63
C PRO C 3645 92.94 13.44 51.15
N THR C 3646 94.14 12.93 50.87
CA THR C 3646 94.56 12.78 49.48
C THR C 3646 93.75 11.71 48.76
N HIS C 3647 93.32 10.67 49.46
CA HIS C 3647 92.51 9.62 48.83
C HIS C 3647 91.08 10.08 48.57
N ARG C 3648 90.57 11.01 49.38
CA ARG C 3648 89.20 11.48 49.20
C ARG C 3648 89.04 12.25 47.90
N ALA C 3649 90.05 13.05 47.56
CA ALA C 3649 89.99 13.88 46.37
C ALA C 3649 89.96 13.04 45.10
N CYS C 3650 90.57 11.86 45.11
CA CYS C 3650 90.50 10.97 43.97
C CYS C 3650 89.06 10.51 43.73
N ASN C 3651 88.35 10.16 44.81
CA ASN C 3651 86.95 9.76 44.70
C ASN C 3651 86.10 10.91 44.20
N MET C 3652 86.41 12.13 44.64
CA MET C 3652 85.69 13.29 44.09
C MET C 3652 86.00 13.50 42.61
N PHE C 3653 87.27 13.31 42.24
CA PHE C 3653 87.74 13.62 40.90
C PHE C 3653 87.12 12.71 39.87
N LEU C 3654 87.02 11.41 40.19
CA LEU C 3654 86.43 10.50 39.23
C LEU C 3654 84.95 10.79 39.02
N GLU C 3655 84.26 11.26 40.05
CA GLU C 3655 82.84 11.57 39.91
C GLU C 3655 82.64 12.75 38.99
N SER C 3656 83.39 13.83 39.23
CA SER C 3656 83.25 15.00 38.38
C SER C 3656 83.73 14.73 36.96
N TYR C 3657 84.81 13.96 36.81
CA TYR C 3657 85.30 13.63 35.48
C TYR C 3657 84.34 12.72 34.74
N LYS C 3658 83.66 11.83 35.46
CA LYS C 3658 82.62 11.01 34.86
C LYS C 3658 81.49 11.86 34.35
N ALA C 3659 81.12 12.90 35.11
CA ALA C 3659 80.04 13.79 34.72
C ALA C 3659 80.47 14.92 33.78
N ALA C 3660 81.76 15.04 33.45
CA ALA C 3660 82.30 16.18 32.72
C ALA C 3660 82.70 15.82 31.29
N TRP C 3661 83.64 14.89 31.14
CA TRP C 3661 84.13 14.45 29.83
C TRP C 3661 83.35 13.24 29.35
N ILE C 3662 83.19 12.25 30.21
CA ILE C 3662 82.30 11.15 29.92
C ILE C 3662 80.87 11.63 30.03
N LEU C 3663 79.97 10.95 29.32
CA LEU C 3663 78.61 11.42 29.00
C LEU C 3663 78.69 12.63 28.06
N THR C 3664 79.52 12.47 27.03
CA THR C 3664 79.62 13.40 25.91
C THR C 3664 79.47 12.61 24.62
N GLU C 3665 78.73 13.17 23.67
CA GLU C 3665 78.40 12.44 22.45
C GLU C 3665 79.63 12.34 21.57
N ASP C 3666 80.40 11.26 21.79
CA ASP C 3666 81.58 10.94 20.99
C ASP C 3666 81.56 9.48 20.51
N HIS C 3667 80.40 8.82 20.55
CA HIS C 3667 80.31 7.41 20.22
C HIS C 3667 80.64 7.16 18.75
N SER C 3668 79.77 7.62 17.86
CA SER C 3668 80.01 7.65 16.41
C SER C 3668 80.30 6.26 15.83
N PHE C 3669 79.54 5.25 16.29
CA PHE C 3669 79.70 3.88 15.81
C PHE C 3669 78.39 3.12 15.65
N GLU C 3670 77.23 3.79 15.78
CA GLU C 3670 75.96 3.08 15.70
C GLU C 3670 75.70 2.56 14.30
N ASP C 3671 76.00 3.37 13.28
CA ASP C 3671 75.76 2.96 11.91
C ASP C 3671 76.71 1.84 11.48
N ARG C 3672 77.94 1.85 12.03
CA ARG C 3672 78.95 0.90 11.60
C ARG C 3672 78.59 -0.52 11.95
N MET C 3673 77.88 -0.74 13.07
CA MET C 3673 77.50 -2.09 13.45
C MET C 3673 76.54 -2.72 12.46
N ILE C 3674 75.46 -2.00 12.15
CA ILE C 3674 74.46 -2.53 11.23
C ILE C 3674 75.05 -2.71 9.85
N ASP C 3675 75.86 -1.74 9.42
CA ASP C 3675 76.51 -1.81 8.12
C ASP C 3675 77.47 -3.00 8.05
N ASP C 3676 78.33 -3.16 9.06
CA ASP C 3676 79.34 -4.20 9.04
C ASP C 3676 78.72 -5.58 9.15
N LEU C 3677 77.69 -5.72 9.98
CA LEU C 3677 77.08 -7.02 10.17
C LEU C 3677 76.35 -7.46 8.91
N SER C 3678 75.63 -6.54 8.25
CA SER C 3678 74.79 -6.92 7.12
C SER C 3678 75.52 -6.89 5.77
N LYS C 3679 76.59 -6.10 5.64
CA LYS C 3679 77.26 -5.99 4.34
C LYS C 3679 77.92 -7.30 3.95
N ALA C 3680 78.52 -8.00 4.92
CA ALA C 3680 79.23 -9.25 4.67
C ALA C 3680 78.22 -10.40 4.74
N GLY C 3681 77.38 -10.46 3.71
CA GLY C 3681 76.50 -11.59 3.55
C GLY C 3681 77.27 -12.89 3.35
N GLU C 3682 78.40 -12.81 2.65
CA GLU C 3682 79.28 -13.95 2.48
C GLU C 3682 80.65 -13.43 2.08
N GLN C 3683 81.67 -14.25 2.35
CA GLN C 3683 83.01 -13.91 1.93
C GLN C 3683 83.11 -13.95 0.41
N GLU C 3684 84.15 -13.27 -0.11
CA GLU C 3684 84.37 -13.28 -1.55
C GLU C 3684 84.70 -14.67 -2.05
N GLU C 3685 85.55 -15.41 -1.32
CA GLU C 3685 85.83 -16.80 -1.65
C GLU C 3685 84.68 -17.72 -1.23
N GLU C 3686 84.03 -17.41 -0.11
CA GLU C 3686 82.97 -18.27 0.39
C GLU C 3686 81.74 -18.17 -0.49
N GLU C 3687 81.20 -19.32 -0.90
CA GLU C 3687 79.99 -19.37 -1.70
C GLU C 3687 79.45 -20.79 -1.74
N GLU C 3688 78.16 -20.94 -1.45
CA GLU C 3688 77.54 -22.27 -1.50
C GLU C 3688 77.50 -22.79 -2.95
N GLU C 3689 77.17 -21.91 -3.90
CA GLU C 3689 77.10 -22.24 -5.32
C GLU C 3689 76.03 -23.29 -5.64
N VAL C 3690 75.01 -23.43 -4.80
CA VAL C 3690 73.84 -24.27 -5.06
C VAL C 3690 72.53 -23.54 -4.75
N GLU C 3691 72.57 -22.20 -4.63
CA GLU C 3691 71.40 -21.39 -4.32
C GLU C 3691 70.79 -21.70 -2.95
N GLU C 3692 71.58 -22.24 -2.02
CA GLU C 3692 71.16 -22.50 -0.65
C GLU C 3692 71.69 -21.37 0.23
N LYS C 3693 71.04 -20.21 0.13
CA LYS C 3693 71.43 -19.07 0.95
C LYS C 3693 71.08 -19.33 2.40
N LYS C 3694 71.97 -18.87 3.28
CA LYS C 3694 71.88 -19.04 4.73
C LYS C 3694 71.69 -17.67 5.37
N PRO C 3695 71.35 -17.58 6.66
CA PRO C 3695 71.19 -16.25 7.26
C PRO C 3695 72.51 -15.50 7.36
N ASP C 3696 72.36 -14.19 7.43
CA ASP C 3696 73.48 -13.29 7.58
C ASP C 3696 73.84 -13.21 9.06
N PRO C 3697 74.92 -12.51 9.43
CA PRO C 3697 75.20 -12.31 10.86
C PRO C 3697 74.10 -11.56 11.61
N LEU C 3698 73.59 -10.50 11.01
CA LEU C 3698 72.53 -9.71 11.62
C LEU C 3698 71.26 -10.51 11.79
N HIS C 3699 70.96 -11.36 10.81
CA HIS C 3699 69.77 -12.18 10.87
C HIS C 3699 69.85 -13.19 12.01
N GLN C 3700 71.05 -13.74 12.22
CA GLN C 3700 71.27 -14.65 13.33
C GLN C 3700 71.06 -13.93 14.66
N LEU C 3701 71.53 -12.68 14.73
CA LEU C 3701 71.36 -11.90 15.95
C LEU C 3701 69.89 -11.67 16.27
N VAL C 3702 69.10 -11.38 15.24
CA VAL C 3702 67.68 -11.12 15.48
C VAL C 3702 66.99 -12.41 15.90
N LEU C 3703 67.34 -13.52 15.25
CA LEU C 3703 66.64 -14.77 15.53
C LEU C 3703 66.95 -15.28 16.93
N HIS C 3704 68.11 -14.94 17.48
CA HIS C 3704 68.39 -15.35 18.86
C HIS C 3704 67.43 -14.70 19.84
N PHE C 3705 67.18 -13.39 19.69
CA PHE C 3705 66.24 -12.73 20.58
C PHE C 3705 64.83 -13.23 20.37
N SER C 3706 64.46 -13.51 19.12
CA SER C 3706 63.11 -14.01 18.87
C SER C 3706 62.92 -15.39 19.48
N ARG C 3707 63.95 -16.23 19.42
CA ARG C 3707 63.88 -17.53 20.07
C ARG C 3707 63.80 -17.39 21.58
N THR C 3708 64.52 -16.42 22.14
CA THR C 3708 64.48 -16.19 23.57
C THR C 3708 63.10 -15.73 24.03
N ALA C 3709 62.46 -14.89 23.22
CA ALA C 3709 61.15 -14.36 23.61
C ALA C 3709 60.09 -15.43 23.61
N LEU C 3710 60.19 -16.42 22.72
CA LEU C 3710 59.15 -17.43 22.60
C LEU C 3710 59.15 -18.45 23.74
N THR C 3711 60.15 -18.45 24.60
CA THR C 3711 60.18 -19.42 25.69
C THR C 3711 59.05 -19.14 26.68
N GLU C 3712 58.52 -20.22 27.25
CA GLU C 3712 57.41 -20.11 28.18
C GLU C 3712 57.95 -19.63 29.53
N LYS C 3713 57.44 -18.50 30.00
CA LYS C 3713 57.90 -17.91 31.24
C LYS C 3713 56.81 -16.98 31.75
N SER C 3714 56.90 -16.65 33.04
CA SER C 3714 55.99 -15.72 33.69
C SER C 3714 56.49 -14.29 33.56
N LYS C 3715 57.70 -14.03 34.04
CA LYS C 3715 58.33 -12.71 34.04
C LYS C 3715 59.59 -12.77 33.22
N LEU C 3716 59.80 -11.76 32.38
CA LEU C 3716 60.95 -11.72 31.51
C LEU C 3716 62.19 -11.28 32.28
N ASP C 3717 63.33 -11.77 31.83
CA ASP C 3717 64.60 -11.47 32.47
C ASP C 3717 65.06 -10.04 32.17
N GLU C 3718 66.06 -9.59 32.91
CA GLU C 3718 66.58 -8.24 32.74
C GLU C 3718 67.24 -8.07 31.39
N ASP C 3719 68.20 -8.93 31.05
CA ASP C 3719 68.80 -9.02 29.71
C ASP C 3719 69.47 -7.69 29.32
N TYR C 3720 70.54 -7.38 30.04
CA TYR C 3720 71.26 -6.13 29.80
C TYR C 3720 71.92 -6.08 28.43
N LEU C 3721 72.17 -7.24 27.81
CA LEU C 3721 72.72 -7.25 26.46
C LEU C 3721 71.75 -6.65 25.46
N TYR C 3722 70.46 -6.94 25.62
CA TYR C 3722 69.46 -6.53 24.64
C TYR C 3722 69.33 -5.02 24.55
N MET C 3723 69.59 -4.30 25.64
CA MET C 3723 69.53 -2.84 25.64
C MET C 3723 70.48 -2.24 24.63
N ALA C 3724 71.69 -2.82 24.54
CA ALA C 3724 72.70 -2.33 23.62
C ALA C 3724 72.25 -2.46 22.19
N TYR C 3725 71.93 -3.69 21.75
CA TYR C 3725 71.58 -3.88 20.35
C TYR C 3725 70.25 -3.25 20.00
N ALA C 3726 69.34 -3.11 20.95
CA ALA C 3726 68.10 -2.37 20.70
C ALA C 3726 68.40 -0.92 20.37
N ASP C 3727 69.22 -0.26 21.19
CA ASP C 3727 69.52 1.15 20.94
C ASP C 3727 70.38 1.32 19.70
N ILE C 3728 71.30 0.38 19.47
CA ILE C 3728 72.18 0.45 18.30
C ILE C 3728 71.35 0.32 17.03
N MET C 3729 70.37 -0.58 17.03
CA MET C 3729 69.52 -0.73 15.86
C MET C 3729 68.67 0.51 15.64
N ALA C 3730 68.07 1.03 16.71
CA ALA C 3730 67.13 2.14 16.57
C ALA C 3730 67.80 3.42 16.11
N LYS C 3731 69.01 3.69 16.62
CA LYS C 3731 69.69 4.93 16.25
C LYS C 3731 70.11 4.97 14.78
N SER C 3732 70.22 3.81 14.13
CA SER C 3732 70.61 3.78 12.72
C SER C 3732 69.56 4.44 11.84
N CYS C 3733 68.30 4.02 11.97
CA CYS C 3733 67.22 4.68 11.25
C CYS C 3733 66.95 6.07 11.81
N HIS C 3734 67.25 6.31 13.09
CA HIS C 3734 67.15 7.67 13.60
C HIS C 3734 68.15 8.61 12.94
N LEU C 3735 69.26 8.10 12.39
CA LEU C 3735 70.29 8.97 11.80
C LEU C 3735 69.75 9.80 10.64
N GLU C 3736 68.87 9.23 9.82
CA GLU C 3736 68.37 9.96 8.66
C GLU C 3736 67.49 11.13 9.08
N GLU C 3737 66.51 10.87 9.95
CA GLU C 3737 65.56 11.91 10.35
C GLU C 3737 66.15 12.90 11.34
N GLY C 3738 67.00 12.43 12.26
CA GLY C 3738 67.54 13.28 13.31
C GLY C 3738 68.85 13.94 12.93
N GLY C 3739 69.76 13.16 12.34
CA GLY C 3739 71.05 13.70 11.93
C GLY C 3739 70.92 14.76 10.85
N GLU C 3740 69.96 14.58 9.95
CA GLU C 3740 69.70 15.56 8.91
C GLU C 3740 68.30 15.37 8.33
N GLU C 3748 67.68 29.72 8.88
CA GLU C 3748 66.95 28.64 8.26
C GLU C 3748 67.14 28.63 6.74
N VAL C 3749 66.87 27.50 6.12
CA VAL C 3749 66.94 27.35 4.67
C VAL C 3749 65.93 26.28 4.25
N GLU C 3750 65.24 26.53 3.15
CA GLU C 3750 64.26 25.59 2.62
C GLU C 3750 64.98 24.54 1.81
N VAL C 3751 64.80 23.27 2.19
CA VAL C 3751 65.46 22.18 1.49
C VAL C 3751 64.85 22.02 0.10
N SER C 3752 65.68 21.59 -0.85
CA SER C 3752 65.22 21.38 -2.20
C SER C 3752 64.30 20.17 -2.27
N PHE C 3753 63.51 20.11 -3.34
CA PHE C 3753 62.67 18.95 -3.59
C PHE C 3753 63.50 17.70 -3.79
N GLU C 3754 64.59 17.84 -4.54
CA GLU C 3754 65.48 16.70 -4.79
C GLU C 3754 66.12 16.24 -3.48
N GLU C 3755 66.55 17.17 -2.64
CA GLU C 3755 67.17 16.79 -1.37
C GLU C 3755 66.16 16.17 -0.44
N LYS C 3756 64.93 16.65 -0.42
CA LYS C 3756 63.93 16.09 0.48
C LYS C 3756 63.52 14.69 0.04
N GLU C 3757 63.33 14.48 -1.26
CA GLU C 3757 63.03 13.15 -1.75
C GLU C 3757 64.20 12.21 -1.53
N MET C 3758 65.43 12.73 -1.67
CA MET C 3758 66.63 11.95 -1.39
C MET C 3758 66.74 11.62 0.09
N GLU C 3759 66.19 12.48 0.96
CA GLU C 3759 66.15 12.22 2.40
C GLU C 3759 65.08 11.21 2.75
N LYS C 3760 63.98 11.18 2.00
CA LYS C 3760 63.01 10.10 2.16
C LYS C 3760 63.62 8.78 1.74
N GLN C 3761 64.39 8.79 0.66
CA GLN C 3761 65.30 7.70 0.38
C GLN C 3761 66.47 7.76 1.36
N ARG C 3762 67.26 6.70 1.38
CA ARG C 3762 68.27 6.44 2.41
C ARG C 3762 67.68 6.26 3.82
N LEU C 3763 66.37 6.03 3.92
CA LEU C 3763 65.66 5.69 5.15
C LEU C 3763 64.86 4.42 4.99
N LEU C 3764 64.17 4.27 3.86
CA LEU C 3764 63.56 2.98 3.55
C LEU C 3764 64.64 1.95 3.28
N TYR C 3765 65.77 2.37 2.71
CA TYR C 3765 66.89 1.44 2.56
C TYR C 3765 67.49 1.10 3.91
N GLN C 3766 67.60 2.08 4.81
CA GLN C 3766 68.11 1.80 6.14
C GLN C 3766 67.15 0.91 6.92
N GLN C 3767 65.86 1.20 6.82
CA GLN C 3767 64.84 0.37 7.46
C GLN C 3767 64.82 -1.03 6.85
N SER C 3768 65.07 -1.13 5.55
CA SER C 3768 65.10 -2.43 4.88
C SER C 3768 66.37 -3.20 5.22
N ARG C 3769 67.46 -2.48 5.47
CA ARG C 3769 68.66 -3.10 6.00
C ARG C 3769 68.38 -3.72 7.35
N LEU C 3770 67.52 -3.07 8.15
CA LEU C 3770 67.37 -3.48 9.53
C LEU C 3770 66.31 -4.57 9.71
N HIS C 3771 65.04 -4.27 9.40
CA HIS C 3771 63.91 -4.99 9.99
C HIS C 3771 62.75 -5.33 9.07
N THR C 3772 62.76 -4.94 7.80
CA THR C 3772 61.69 -5.39 6.91
C THR C 3772 61.78 -6.89 6.71
N ARG C 3773 62.99 -7.42 6.71
CA ARG C 3773 63.26 -8.85 6.78
C ARG C 3773 63.96 -9.15 8.10
N GLY C 3774 63.45 -10.12 8.84
CA GLY C 3774 64.11 -10.65 10.01
C GLY C 3774 63.52 -10.20 11.34
N ALA C 3775 63.21 -8.90 11.48
CA ALA C 3775 62.82 -8.30 12.75
C ALA C 3775 61.50 -7.56 12.69
N ALA C 3776 60.62 -7.92 11.77
CA ALA C 3776 59.31 -7.31 11.74
C ALA C 3776 58.49 -7.74 12.95
N GLU C 3777 58.44 -9.04 13.19
CA GLU C 3777 57.68 -9.62 14.30
C GLU C 3777 58.48 -9.74 15.59
N MET C 3778 59.80 -9.46 15.57
CA MET C 3778 60.59 -9.52 16.79
C MET C 3778 60.11 -8.49 17.80
N VAL C 3779 59.88 -7.26 17.34
CA VAL C 3779 59.39 -6.21 18.21
C VAL C 3779 57.99 -6.54 18.70
N LEU C 3780 57.15 -7.03 17.80
CA LEU C 3780 55.76 -7.31 18.18
C LEU C 3780 55.64 -8.47 19.16
N GLN C 3781 56.58 -9.42 19.11
CA GLN C 3781 56.49 -10.60 19.97
C GLN C 3781 56.68 -10.24 21.44
N MET C 3782 57.71 -9.45 21.72
CA MET C 3782 58.09 -9.21 23.10
C MET C 3782 57.17 -8.23 23.80
N ILE C 3783 56.41 -7.44 23.05
CA ILE C 3783 55.35 -6.65 23.67
C ILE C 3783 54.31 -7.59 24.25
N SER C 3784 53.97 -8.65 23.52
CA SER C 3784 53.04 -9.63 24.04
C SER C 3784 53.64 -10.37 25.22
N ALA C 3785 54.96 -10.60 25.19
CA ALA C 3785 55.61 -11.21 26.34
C ALA C 3785 55.53 -10.30 27.57
N CYS C 3786 55.79 -9.00 27.38
CA CYS C 3786 55.70 -8.06 28.49
C CYS C 3786 54.23 -7.82 28.81
N LYS C 3787 53.71 -8.55 29.79
CA LYS C 3787 52.26 -8.60 29.97
C LYS C 3787 51.72 -7.33 30.62
N GLY C 3788 52.41 -6.81 31.64
CA GLY C 3788 51.96 -5.60 32.32
C GLY C 3788 53.05 -4.72 32.88
N GLU C 3789 54.31 -5.01 32.60
CA GLU C 3789 55.40 -4.32 33.26
C GLU C 3789 55.68 -2.99 32.58
N THR C 3790 55.93 -1.96 33.40
CA THR C 3790 56.36 -0.65 32.95
C THR C 3790 57.87 -0.50 32.95
N GLY C 3791 58.60 -1.60 32.82
CA GLY C 3791 60.05 -1.58 32.91
C GLY C 3791 60.69 -1.16 31.60
N ALA C 3792 62.01 -1.31 31.54
CA ALA C 3792 62.79 -0.86 30.41
C ALA C 3792 62.68 -1.75 29.18
N MET C 3793 62.13 -2.97 29.33
CA MET C 3793 61.85 -3.84 28.18
C MET C 3793 60.96 -3.14 27.17
N VAL C 3794 59.81 -2.66 27.65
CA VAL C 3794 58.83 -2.04 26.79
C VAL C 3794 59.37 -0.75 26.21
N SER C 3795 60.13 0.00 27.01
CA SER C 3795 60.69 1.27 26.55
C SER C 3795 61.65 1.08 25.39
N SER C 3796 62.61 0.16 25.53
CA SER C 3796 63.61 -0.02 24.48
C SER C 3796 63.00 -0.65 23.24
N THR C 3797 62.10 -1.62 23.43
CA THR C 3797 61.45 -2.28 22.30
C THR C 3797 60.60 -1.29 21.52
N LEU C 3798 59.89 -0.41 22.25
CA LEU C 3798 59.06 0.57 21.58
C LEU C 3798 59.89 1.58 20.82
N LYS C 3799 61.05 1.95 21.37
CA LYS C 3799 61.90 2.91 20.65
C LYS C 3799 62.38 2.33 19.33
N LEU C 3800 62.70 1.03 19.31
CA LEU C 3800 63.00 0.39 18.03
C LEU C 3800 61.79 0.38 17.10
N GLY C 3801 60.61 0.15 17.68
CA GLY C 3801 59.40 0.12 16.88
C GLY C 3801 59.07 1.46 16.24
N ILE C 3802 59.34 2.55 16.95
CA ILE C 3802 59.18 3.87 16.33
C ILE C 3802 60.19 4.05 15.23
N SER C 3803 61.42 3.56 15.42
CA SER C 3803 62.46 3.82 14.42
C SER C 3803 62.15 3.14 13.09
N ILE C 3804 61.66 1.91 13.13
CA ILE C 3804 61.46 1.20 11.85
C ILE C 3804 60.20 1.66 11.12
N LEU C 3805 59.14 2.03 11.84
CA LEU C 3805 57.87 2.38 11.21
C LEU C 3805 57.79 3.80 10.69
N ASN C 3806 58.84 4.62 10.86
CA ASN C 3806 58.74 6.04 10.57
C ASN C 3806 58.60 6.28 9.07
N GLY C 3807 57.65 7.16 8.71
CA GLY C 3807 57.29 7.44 7.34
C GLY C 3807 56.06 6.69 6.88
N GLY C 3808 55.78 5.54 7.47
CA GLY C 3808 54.56 4.77 7.25
C GLY C 3808 54.84 3.31 6.96
N ASN C 3809 55.85 3.05 6.11
CA ASN C 3809 56.47 1.75 5.87
C ASN C 3809 55.44 0.65 5.60
N ALA C 3810 54.79 0.77 4.45
CA ALA C 3810 53.68 -0.11 4.07
C ALA C 3810 54.10 -1.58 4.03
N GLU C 3811 55.35 -1.85 3.65
CA GLU C 3811 55.89 -3.19 3.71
C GLU C 3811 55.86 -3.71 5.15
N VAL C 3812 56.25 -2.86 6.09
CA VAL C 3812 56.32 -3.27 7.48
C VAL C 3812 54.93 -3.47 8.04
N GLN C 3813 53.98 -2.63 7.65
CA GLN C 3813 52.61 -2.81 8.11
C GLN C 3813 52.04 -4.11 7.59
N GLN C 3814 52.35 -4.46 6.34
CA GLN C 3814 51.93 -5.75 5.80
C GLN C 3814 52.53 -6.91 6.58
N LYS C 3815 53.82 -6.82 6.89
CA LYS C 3815 54.50 -7.90 7.62
C LYS C 3815 53.91 -8.08 9.02
N MET C 3816 53.76 -6.97 9.73
CA MET C 3816 53.26 -6.99 11.10
C MET C 3816 51.83 -7.49 11.15
N LEU C 3817 50.99 -6.99 10.24
CA LEU C 3817 49.59 -7.34 10.27
C LEU C 3817 49.39 -8.79 9.88
N ASP C 3818 50.14 -9.27 8.88
CA ASP C 3818 49.97 -10.66 8.46
C ASP C 3818 50.44 -11.62 9.54
N TYR C 3819 51.53 -11.30 10.24
CA TYR C 3819 52.00 -12.16 11.32
C TYR C 3819 50.97 -12.21 12.45
N LEU C 3820 50.48 -11.04 12.86
CA LEU C 3820 49.57 -10.99 13.99
C LEU C 3820 48.22 -11.60 13.65
N LYS C 3821 47.77 -11.45 12.41
CA LYS C 3821 46.53 -12.10 11.99
C LYS C 3821 46.70 -13.59 11.88
N ASP C 3822 47.88 -14.05 11.46
CA ASP C 3822 48.08 -15.48 11.26
C ASP C 3822 48.09 -16.22 12.59
N LYS C 3823 48.86 -15.71 13.56
CA LYS C 3823 49.05 -16.49 14.78
C LYS C 3823 47.85 -16.51 15.71
N LYS C 3824 46.92 -15.56 15.58
CA LYS C 3824 45.80 -15.41 16.52
C LYS C 3824 46.28 -15.20 17.95
N GLU C 3825 47.42 -14.52 18.10
CA GLU C 3825 48.08 -14.39 19.40
C GLU C 3825 47.33 -13.38 20.22
N VAL C 3826 46.26 -13.85 20.86
CA VAL C 3826 45.54 -13.03 21.83
C VAL C 3826 46.40 -12.86 23.07
N GLY C 3827 46.50 -11.62 23.55
CA GLY C 3827 47.34 -11.25 24.68
C GLY C 3827 48.18 -10.02 24.42
N PHE C 3828 48.56 -9.81 23.16
CA PHE C 3828 49.30 -8.62 22.79
C PHE C 3828 48.50 -7.35 23.06
N PHE C 3829 47.25 -7.35 22.60
CA PHE C 3829 46.38 -6.21 22.87
C PHE C 3829 46.04 -6.10 24.35
N GLN C 3830 46.00 -7.24 25.06
CA GLN C 3830 45.86 -7.20 26.51
C GLN C 3830 47.06 -6.54 27.16
N SER C 3831 48.26 -6.80 26.62
CA SER C 3831 49.46 -6.17 27.14
C SER C 3831 49.42 -4.67 26.91
N ILE C 3832 48.92 -4.26 25.75
CA ILE C 3832 48.79 -2.83 25.47
C ILE C 3832 47.79 -2.19 26.41
N GLN C 3833 46.69 -2.88 26.71
CA GLN C 3833 45.69 -2.36 27.62
C GLN C 3833 46.26 -2.17 29.02
N ALA C 3834 47.01 -3.16 29.49
CA ALA C 3834 47.65 -3.08 30.79
C ALA C 3834 48.66 -1.94 30.85
N LEU C 3835 49.41 -1.75 29.75
CA LEU C 3835 50.36 -0.65 29.72
C LEU C 3835 49.65 0.69 29.75
N MET C 3836 48.55 0.80 29.02
CA MET C 3836 47.86 2.07 28.89
C MET C 3836 47.22 2.48 30.21
N GLN C 3837 46.76 1.51 31.01
CA GLN C 3837 46.07 1.88 32.24
C GLN C 3837 47.00 2.53 33.26
N THR C 3838 48.27 2.14 33.28
CA THR C 3838 49.22 2.62 34.29
C THR C 3838 49.88 3.95 33.93
N CYS C 3839 49.41 4.65 32.91
CA CYS C 3839 50.06 5.90 32.52
C CYS C 3839 49.81 6.99 33.55
N SER C 3840 50.79 7.87 33.70
CA SER C 3840 50.69 8.95 34.67
C SER C 3840 49.74 10.04 34.20
N VAL C 3841 49.17 10.76 35.17
CA VAL C 3841 48.31 11.93 34.93
C VAL C 3841 48.74 13.02 35.90
N LEU C 3842 47.99 14.12 35.92
CA LEU C 3842 48.29 15.25 36.80
C LEU C 3842 47.75 14.98 38.19
N ASP C 3843 48.63 14.56 39.09
CA ASP C 3843 48.31 14.33 40.50
C ASP C 3843 48.63 15.59 41.28
N LEU C 3844 47.59 16.26 41.78
CA LEU C 3844 47.78 17.49 42.53
C LEU C 3844 48.32 17.23 43.92
N ASN C 3845 47.93 16.12 44.56
CA ASN C 3845 48.42 15.82 45.89
C ASN C 3845 49.91 15.58 45.90
N ALA C 3846 50.39 14.79 44.93
CA ALA C 3846 51.81 14.54 44.81
C ALA C 3846 52.55 15.82 44.44
N PHE C 3847 51.94 16.67 43.62
CA PHE C 3847 52.56 17.94 43.27
C PHE C 3847 52.67 18.85 44.49
N GLU C 3848 51.63 18.86 45.33
CA GLU C 3848 51.67 19.71 46.53
C GLU C 3848 52.72 19.21 47.51
N ARG C 3849 52.80 17.89 47.69
CA ARG C 3849 53.82 17.30 48.55
C ARG C 3849 55.21 17.59 48.01
N GLN C 3850 55.39 17.48 46.70
CA GLN C 3850 56.67 17.76 46.10
C GLN C 3850 56.99 19.24 46.14
N ASN C 3851 55.97 20.10 46.12
CA ASN C 3851 56.21 21.53 46.25
C ASN C 3851 56.69 21.85 47.66
N LYS C 3852 56.13 21.17 48.66
CA LYS C 3852 56.65 21.34 50.01
C LYS C 3852 58.07 20.81 50.12
N ALA C 3853 58.36 19.70 49.44
CA ALA C 3853 59.71 19.16 49.44
C ALA C 3853 60.70 20.12 48.78
N GLU C 3854 60.30 20.72 47.65
CA GLU C 3854 61.13 21.71 46.97
C GLU C 3854 61.29 22.95 47.83
N GLY C 3855 60.23 23.32 48.56
CA GLY C 3855 60.33 24.44 49.49
C GLY C 3855 61.31 24.15 50.61
N LEU C 3856 61.39 22.89 51.04
CA LEU C 3856 62.39 22.46 52.01
C LEU C 3856 63.72 22.35 51.28
N GLY C 3857 64.39 23.50 51.16
CA GLY C 3857 65.65 23.59 50.45
C GLY C 3857 66.87 23.37 51.33
N MET C 3858 66.69 22.72 52.48
CA MET C 3858 67.80 22.50 53.40
C MET C 3858 68.77 21.50 52.77
N VAL C 3859 70.06 21.79 52.91
CA VAL C 3859 71.12 20.91 52.40
C VAL C 3859 71.34 19.77 53.39
N ASN C 3860 71.98 18.71 52.90
CA ASN C 3860 72.28 17.53 53.72
C ASN C 3860 73.58 16.92 53.19
N GLU C 3861 74.69 17.31 53.81
CA GLU C 3861 76.03 16.87 53.42
C GLU C 3861 76.34 17.26 51.97
N ASP C 3862 75.87 18.46 51.58
CA ASP C 3862 75.97 18.94 50.19
C ASP C 3862 75.26 17.99 49.24
N GLY C 3863 74.11 17.46 49.68
CA GLY C 3863 73.32 16.50 48.93
C GLY C 3863 71.85 16.89 48.87
N THR C 3864 71.56 18.18 48.76
CA THR C 3864 70.17 18.63 48.69
C THR C 3864 69.52 18.18 47.38
N VAL C 3865 70.25 18.23 46.28
CA VAL C 3865 69.70 17.99 44.95
C VAL C 3865 69.81 16.53 44.52
N ILE C 3866 70.08 15.61 45.44
CA ILE C 3866 70.12 14.19 45.09
C ILE C 3866 68.72 13.70 44.72
N ASN C 3867 67.68 14.21 45.40
CA ASN C 3867 66.29 13.89 45.12
C ASN C 3867 65.39 15.12 45.17
N ARG C 3868 65.94 16.30 44.85
CA ARG C 3868 65.18 17.54 44.71
C ARG C 3868 64.84 17.83 43.26
N GLN C 3869 64.63 16.78 42.45
CA GLN C 3869 64.42 16.96 41.03
C GLN C 3869 63.08 17.62 40.75
N ASN C 3870 62.01 17.12 41.37
CA ASN C 3870 60.63 17.56 41.24
C ASN C 3870 59.99 17.23 39.89
N GLY C 3871 60.69 16.54 38.99
CA GLY C 3871 60.16 16.13 37.70
C GLY C 3871 59.94 14.63 37.65
N GLU C 3872 60.86 13.88 38.27
CA GLU C 3872 60.72 12.44 38.36
C GLU C 3872 59.62 11.98 39.30
N LYS C 3873 59.07 12.88 40.14
CA LYS C 3873 58.04 12.53 41.11
C LYS C 3873 56.64 12.71 40.55
N VAL C 3874 56.41 13.78 39.79
CA VAL C 3874 55.05 14.20 39.45
C VAL C 3874 54.52 13.44 38.23
N MET C 3875 55.28 13.35 37.14
CA MET C 3875 54.91 12.60 35.95
C MET C 3875 55.58 11.23 35.91
N ALA C 3876 56.91 11.22 35.83
CA ALA C 3876 57.78 10.04 35.82
C ALA C 3876 57.69 9.20 34.55
N ASP C 3877 56.79 9.53 33.59
CA ASP C 3877 56.46 8.66 32.47
C ASP C 3877 56.27 9.44 31.17
N ASP C 3878 56.94 10.58 31.02
CA ASP C 3878 56.71 11.41 29.83
C ASP C 3878 57.20 10.71 28.56
N GLU C 3879 58.40 10.14 28.60
CA GLU C 3879 59.01 9.53 27.43
C GLU C 3879 58.26 8.27 27.03
N PHE C 3880 57.93 7.44 28.01
CA PHE C 3880 57.29 6.16 27.71
C PHE C 3880 55.87 6.36 27.21
N THR C 3881 55.13 7.30 27.80
CA THR C 3881 53.76 7.56 27.36
C THR C 3881 53.73 8.10 25.94
N GLN C 3882 54.64 9.06 25.65
CA GLN C 3882 54.70 9.61 24.31
C GLN C 3882 55.10 8.54 23.30
N ASP C 3883 56.06 7.67 23.65
CA ASP C 3883 56.48 6.65 22.71
C ASP C 3883 55.40 5.61 22.46
N LEU C 3884 54.61 5.28 23.49
CA LEU C 3884 53.55 4.29 23.34
C LEU C 3884 52.49 4.78 22.37
N PHE C 3885 51.98 5.99 22.61
CA PHE C 3885 50.95 6.50 21.71
C PHE C 3885 51.53 6.85 20.35
N ARG C 3886 52.83 7.15 20.27
CA ARG C 3886 53.48 7.35 18.98
C ARG C 3886 53.51 6.07 18.17
N PHE C 3887 53.74 4.94 18.84
CA PHE C 3887 53.73 3.66 18.15
C PHE C 3887 52.35 3.35 17.60
N LEU C 3888 51.32 3.63 18.40
CA LEU C 3888 49.97 3.42 17.91
C LEU C 3888 49.63 4.36 16.76
N GLN C 3889 50.18 5.57 16.77
CA GLN C 3889 49.99 6.46 15.64
C GLN C 3889 50.65 5.90 14.39
N LEU C 3890 51.93 5.52 14.50
CA LEU C 3890 52.67 5.12 13.32
C LEU C 3890 52.26 3.77 12.77
N LEU C 3891 51.49 2.98 13.53
CA LEU C 3891 50.97 1.74 12.95
C LEU C 3891 50.03 2.03 11.78
N CYS C 3892 49.20 3.07 11.91
CA CYS C 3892 48.19 3.46 10.93
C CYS C 3892 48.40 4.89 10.49
N GLU C 3893 49.66 5.27 10.25
CA GLU C 3893 49.94 6.59 9.70
C GLU C 3893 49.38 6.71 8.30
N GLY C 3894 49.74 5.77 7.43
CA GLY C 3894 49.08 5.68 6.15
C GLY C 3894 47.62 5.27 6.34
N HIS C 3895 46.77 5.78 5.45
CA HIS C 3895 45.34 5.54 5.55
C HIS C 3895 45.06 4.11 5.10
N ASN C 3896 45.29 3.18 6.02
CA ASN C 3896 45.10 1.77 5.71
C ASN C 3896 43.63 1.43 5.53
N ASN C 3897 42.85 1.64 6.59
CA ASN C 3897 41.48 1.16 6.73
C ASN C 3897 41.38 -0.37 6.74
N ASP C 3898 42.48 -1.07 7.01
CA ASP C 3898 42.51 -2.50 7.30
C ASP C 3898 43.13 -2.76 8.66
N PHE C 3899 44.28 -2.17 8.94
CA PHE C 3899 44.86 -2.23 10.27
C PHE C 3899 43.98 -1.50 11.27
N GLN C 3900 43.36 -0.40 10.84
CA GLN C 3900 42.47 0.35 11.72
C GLN C 3900 41.26 -0.47 12.12
N ASN C 3901 40.68 -1.20 11.16
CA ASN C 3901 39.54 -2.05 11.47
C ASN C 3901 39.93 -3.19 12.39
N TYR C 3902 41.11 -3.77 12.18
CA TYR C 3902 41.58 -4.84 13.05
C TYR C 3902 41.84 -4.32 14.46
N LEU C 3903 42.40 -3.13 14.57
CA LEU C 3903 42.65 -2.53 15.87
C LEU C 3903 41.36 -2.24 16.60
N ARG C 3904 40.33 -1.82 15.86
CA ARG C 3904 39.04 -1.56 16.47
C ARG C 3904 38.43 -2.83 17.02
N THR C 3905 38.55 -3.94 16.28
CA THR C 3905 37.87 -5.17 16.65
C THR C 3905 38.57 -6.32 15.96
N GLN C 3906 39.15 -7.21 16.75
CA GLN C 3906 39.74 -8.43 16.22
C GLN C 3906 38.65 -9.42 15.85
N THR C 3907 38.85 -10.13 14.74
CA THR C 3907 37.87 -11.07 14.21
C THR C 3907 38.16 -12.50 14.66
N GLY C 3908 39.34 -13.02 14.30
CA GLY C 3908 39.64 -14.41 14.57
C GLY C 3908 39.90 -14.71 16.03
N ASN C 3909 40.41 -13.73 16.78
CA ASN C 3909 40.70 -13.95 18.18
C ASN C 3909 39.41 -14.10 18.98
N THR C 3910 39.53 -14.82 20.09
CA THR C 3910 38.37 -15.10 20.93
C THR C 3910 37.80 -13.83 21.56
N THR C 3911 38.69 -12.96 22.05
CA THR C 3911 38.33 -11.76 22.79
C THR C 3911 38.88 -10.54 22.07
N THR C 3912 38.08 -9.47 22.08
CA THR C 3912 38.40 -8.21 21.43
C THR C 3912 38.57 -7.13 22.49
N ILE C 3913 39.70 -6.42 22.44
CA ILE C 3913 40.04 -5.43 23.45
C ILE C 3913 39.47 -4.06 23.09
N ASN C 3914 39.48 -3.71 21.80
CA ASN C 3914 38.97 -2.43 21.30
C ASN C 3914 39.74 -1.26 21.92
N ILE C 3915 41.00 -1.18 21.50
CA ILE C 3915 41.97 -0.21 22.02
C ILE C 3915 41.52 1.23 21.78
N ILE C 3916 40.78 1.46 20.69
CA ILE C 3916 40.41 2.82 20.30
C ILE C 3916 39.51 3.46 21.35
N ILE C 3917 38.66 2.67 21.99
CA ILE C 3917 37.85 3.18 23.11
C ILE C 3917 38.71 3.40 24.35
N CYS C 3918 39.71 2.53 24.56
CA CYS C 3918 40.56 2.64 25.73
C CYS C 3918 41.39 3.93 25.70
N THR C 3919 41.78 4.35 24.50
CA THR C 3919 42.47 5.62 24.36
C THR C 3919 41.59 6.78 24.81
N VAL C 3920 40.29 6.71 24.53
CA VAL C 3920 39.36 7.73 24.97
C VAL C 3920 39.28 7.74 26.48
N ASP C 3921 39.33 6.55 27.10
CA ASP C 3921 39.30 6.49 28.56
C ASP C 3921 40.53 7.16 29.16
N TYR C 3922 41.70 6.95 28.57
CA TYR C 3922 42.91 7.62 29.05
C TYR C 3922 42.81 9.12 28.89
N LEU C 3923 42.23 9.56 27.76
CA LEU C 3923 42.03 10.99 27.54
C LEU C 3923 41.09 11.60 28.57
N LEU C 3924 40.04 10.86 28.94
CA LEU C 3924 39.08 11.37 29.91
C LEU C 3924 39.73 11.52 31.29
N ARG C 3925 40.58 10.56 31.66
CA ARG C 3925 41.33 10.67 32.91
C ARG C 3925 42.23 11.90 32.90
N LEU C 3926 42.89 12.14 31.77
CA LEU C 3926 43.75 13.31 31.66
C LEU C 3926 42.95 14.60 31.73
N GLN C 3927 41.73 14.59 31.17
CA GLN C 3927 40.88 15.77 31.20
C GLN C 3927 40.52 16.13 32.62
N GLU C 3928 40.12 15.13 33.42
CA GLU C 3928 39.75 15.44 34.80
C GLU C 3928 40.96 15.93 35.60
N SER C 3929 42.14 15.35 35.34
CA SER C 3929 43.34 15.75 36.07
C SER C 3929 43.74 17.19 35.77
N ILE C 3930 43.83 17.52 34.48
CA ILE C 3930 44.27 18.85 34.07
C ILE C 3930 43.22 19.91 34.44
N SER C 3931 41.94 19.53 34.41
CA SER C 3931 40.88 20.43 34.84
C SER C 3931 41.00 20.75 36.32
N ASP C 3932 41.38 19.77 37.15
CA ASP C 3932 41.57 20.06 38.56
C ASP C 3932 42.77 20.98 38.80
N PHE C 3933 43.83 20.82 37.99
CA PHE C 3933 44.98 21.71 38.10
C PHE C 3933 44.59 23.17 37.83
N TYR C 3934 43.68 23.38 36.86
CA TYR C 3934 43.21 24.73 36.58
C TYR C 3934 42.52 25.34 37.79
N TRP C 3935 41.73 24.54 38.50
CA TRP C 3935 41.04 25.07 39.67
C TRP C 3935 42.02 25.41 40.78
N TYR C 3936 43.10 24.62 40.91
CA TYR C 3936 44.07 24.95 41.95
C TYR C 3936 44.75 26.29 41.68
N TYR C 3937 45.11 26.56 40.42
CA TYR C 3937 45.75 27.84 40.07
C TYR C 3937 44.78 28.96 39.68
N SER C 3938 43.46 28.74 39.74
CA SER C 3938 42.51 29.76 39.31
C SER C 3938 42.53 30.98 40.21
N GLY C 3939 42.56 30.79 41.52
CA GLY C 3939 42.62 31.92 42.44
C GLY C 3939 43.91 32.70 42.31
N LYS C 3940 45.02 31.99 42.13
CA LYS C 3940 46.30 32.65 41.96
C LYS C 3940 46.35 33.37 40.62
N ASP C 3941 46.90 34.58 40.65
CA ASP C 3941 46.99 35.40 39.43
C ASP C 3941 48.21 35.00 38.60
N VAL C 3942 49.40 35.17 39.17
CA VAL C 3942 50.65 34.81 38.49
C VAL C 3942 50.92 33.33 38.73
N ILE C 3943 51.42 32.67 37.69
CA ILE C 3943 51.72 31.25 37.71
C ILE C 3943 53.20 31.06 38.00
N GLU C 3944 53.52 30.07 38.82
CA GLU C 3944 54.90 29.78 39.13
C GLU C 3944 55.61 29.22 37.90
N GLU C 3945 56.94 29.43 37.88
CA GLU C 3945 57.75 28.87 36.80
C GLU C 3945 57.70 27.35 36.77
N GLN C 3946 57.78 26.73 37.96
CA GLN C 3946 57.69 25.28 38.04
C GLN C 3946 56.33 24.79 37.60
N GLY C 3947 55.27 25.54 37.95
CA GLY C 3947 53.93 25.16 37.55
C GLY C 3947 53.75 25.19 36.04
N LYS C 3948 54.26 26.26 35.40
CA LYS C 3948 54.15 26.35 33.95
C LYS C 3948 54.97 25.27 33.25
N ARG C 3949 56.14 24.94 33.79
CA ARG C 3949 56.97 23.89 33.22
C ARG C 3949 56.27 22.53 33.29
N ASN C 3950 55.66 22.22 34.44
CA ASN C 3950 54.89 21.00 34.62
C ASN C 3950 53.70 20.94 33.65
N PHE C 3951 53.01 22.06 33.52
CA PHE C 3951 51.82 22.11 32.69
C PHE C 3951 52.19 21.97 31.22
N SER C 3952 53.35 22.50 30.82
CA SER C 3952 53.80 22.35 29.45
C SER C 3952 54.12 20.89 29.13
N LYS C 3953 54.72 20.18 30.09
CA LYS C 3953 54.99 18.76 29.89
C LYS C 3953 53.70 17.97 29.67
N ALA C 3954 52.69 18.24 30.51
CA ALA C 3954 51.40 17.60 30.35
C ALA C 3954 50.75 17.96 29.02
N MET C 3955 50.92 19.20 28.58
CA MET C 3955 50.31 19.65 27.33
C MET C 3955 50.93 18.96 26.13
N SER C 3956 52.25 18.73 26.17
CA SER C 3956 52.91 18.03 25.06
C SER C 3956 52.40 16.61 24.92
N VAL C 3957 52.23 15.92 26.05
CA VAL C 3957 51.70 14.56 26.00
C VAL C 3957 50.26 14.56 25.49
N ALA C 3958 49.49 15.60 25.87
CA ALA C 3958 48.13 15.73 25.39
C ALA C 3958 48.07 15.91 23.87
N LYS C 3959 49.03 16.67 23.33
CA LYS C 3959 49.11 16.86 21.89
C LYS C 3959 49.35 15.56 21.17
N GLN C 3960 50.25 14.73 21.72
CA GLN C 3960 50.57 13.49 21.03
C GLN C 3960 49.38 12.55 21.03
N VAL C 3961 48.62 12.50 22.14
CA VAL C 3961 47.44 11.63 22.12
C VAL C 3961 46.40 12.16 21.14
N PHE C 3962 46.28 13.49 20.98
CA PHE C 3962 45.31 13.99 20.01
C PHE C 3962 45.67 13.60 18.58
N ASN C 3963 46.95 13.68 18.21
CA ASN C 3963 47.35 13.29 16.86
C ASN C 3963 47.15 11.78 16.64
N SER C 3964 47.52 10.99 17.64
CA SER C 3964 47.31 9.55 17.55
C SER C 3964 45.83 9.20 17.47
N LEU C 3965 44.99 9.98 18.13
CA LEU C 3965 43.56 9.79 18.01
C LEU C 3965 43.07 10.14 16.61
N THR C 3966 43.69 11.14 15.99
CA THR C 3966 43.25 11.55 14.66
C THR C 3966 43.52 10.46 13.64
N GLU C 3967 44.66 9.77 13.75
CA GLU C 3967 45.03 8.84 12.69
C GLU C 3967 44.14 7.60 12.63
N TYR C 3968 43.38 7.30 13.69
CA TYR C 3968 42.43 6.19 13.61
C TYR C 3968 41.25 6.47 12.68
N ILE C 3969 40.94 7.75 12.44
CA ILE C 3969 39.77 8.16 11.67
C ILE C 3969 40.10 9.02 10.47
N GLN C 3970 41.32 9.53 10.36
CA GLN C 3970 41.74 10.15 9.11
C GLN C 3970 41.71 9.11 8.01
N GLY C 3971 41.05 9.47 6.91
CA GLY C 3971 40.64 8.52 5.92
C GLY C 3971 39.33 7.91 6.37
N PRO C 3972 38.31 7.84 5.50
CA PRO C 3972 36.97 7.55 6.02
C PRO C 3972 36.81 6.10 6.43
N CYS C 3973 36.83 5.88 7.75
CA CYS C 3973 36.65 4.58 8.37
C CYS C 3973 35.38 4.68 9.21
N THR C 3974 34.29 4.12 8.68
CA THR C 3974 32.99 4.24 9.33
C THR C 3974 32.96 3.55 10.69
N GLY C 3975 33.71 2.44 10.84
CA GLY C 3975 33.69 1.73 12.11
C GLY C 3975 34.27 2.55 13.26
N ASN C 3976 35.46 3.11 13.06
CA ASN C 3976 36.11 3.91 14.09
C ASN C 3976 35.32 5.16 14.40
N GLN C 3977 34.80 5.80 13.35
CA GLN C 3977 34.06 7.04 13.50
C GLN C 3977 32.76 6.80 14.26
N GLN C 3978 32.04 5.74 13.89
CA GLN C 3978 30.80 5.42 14.55
C GLN C 3978 31.03 4.98 15.99
N SER C 3979 32.14 4.30 16.26
CA SER C 3979 32.46 3.92 17.62
C SER C 3979 32.72 5.16 18.47
N LEU C 3980 33.47 6.12 17.94
CA LEU C 3980 33.72 7.33 18.71
C LEU C 3980 32.49 8.20 18.86
N ALA C 3981 31.49 8.06 18.00
CA ALA C 3981 30.28 8.87 18.18
C ALA C 3981 29.56 8.52 19.48
N HIS C 3982 29.45 7.23 19.81
CA HIS C 3982 28.76 6.78 21.01
C HIS C 3982 29.63 6.77 22.27
N SER C 3983 30.90 7.12 22.17
CA SER C 3983 31.81 7.02 23.30
C SER C 3983 31.65 8.23 24.23
N ARG C 3984 32.56 8.34 25.19
CA ARG C 3984 32.61 9.46 26.12
C ARG C 3984 33.40 10.66 25.58
N LEU C 3985 33.77 10.65 24.30
CA LEU C 3985 34.59 11.72 23.76
C LEU C 3985 33.85 13.05 23.74
N TRP C 3986 32.52 13.02 23.61
CA TRP C 3986 31.73 14.25 23.65
C TRP C 3986 31.87 14.94 25.01
N ASP C 3987 31.79 14.15 26.09
CA ASP C 3987 31.98 14.69 27.43
C ASP C 3987 33.39 15.23 27.61
N ALA C 3988 34.37 14.54 27.03
CA ALA C 3988 35.76 14.97 27.13
C ALA C 3988 35.97 16.30 26.45
N VAL C 3989 35.43 16.46 25.23
CA VAL C 3989 35.68 17.69 24.50
C VAL C 3989 34.93 18.86 25.14
N VAL C 3990 33.73 18.62 25.70
CA VAL C 3990 33.05 19.74 26.36
C VAL C 3990 33.82 20.18 27.60
N GLY C 3991 34.41 19.21 28.32
CA GLY C 3991 35.26 19.58 29.45
C GLY C 3991 36.48 20.37 29.00
N PHE C 3992 37.10 19.94 27.90
CA PHE C 3992 38.22 20.67 27.35
C PHE C 3992 37.80 22.06 26.89
N LEU C 3993 36.63 22.17 26.28
CA LEU C 3993 36.18 23.44 25.75
C LEU C 3993 35.90 24.42 26.86
N HIS C 3994 35.36 23.92 27.97
CA HIS C 3994 35.16 24.79 29.12
C HIS C 3994 36.49 25.26 29.68
N VAL C 3995 37.41 24.33 29.90
CA VAL C 3995 38.60 24.70 30.65
C VAL C 3995 39.54 25.54 29.78
N PHE C 3996 39.57 25.30 28.46
CA PHE C 3996 40.48 26.02 27.57
C PHE C 3996 40.18 27.50 27.55
N ALA C 3997 38.90 27.89 27.54
CA ALA C 3997 38.55 29.29 27.39
C ALA C 3997 38.94 30.13 28.60
N HIS C 3998 38.98 29.53 29.78
CA HIS C 3998 39.20 30.31 30.99
C HIS C 3998 40.67 30.69 31.14
N MET C 3999 41.57 29.69 31.08
CA MET C 3999 42.95 30.00 31.40
C MET C 3999 43.60 30.83 30.32
N MET C 4000 43.12 30.78 29.08
CA MET C 4000 43.77 31.54 28.02
C MET C 4000 43.58 33.04 28.22
N MET C 4001 42.40 33.45 28.69
CA MET C 4001 42.19 34.84 29.04
C MET C 4001 42.89 35.18 30.33
N LYS C 4002 43.01 34.21 31.24
CA LYS C 4002 43.83 34.43 32.42
C LYS C 4002 45.31 34.62 32.06
N LEU C 4003 45.81 33.85 31.10
CA LEU C 4003 47.21 33.81 30.73
C LEU C 4003 47.64 34.99 29.88
N ALA C 4004 46.69 35.65 29.23
CA ALA C 4004 47.02 36.84 28.44
C ALA C 4004 47.52 37.99 29.31
N GLN C 4005 47.20 38.00 30.60
CA GLN C 4005 47.57 39.09 31.47
C GLN C 4005 49.09 39.13 31.66
N ASP C 4006 49.67 40.32 31.46
CA ASP C 4006 51.07 40.65 31.74
C ASP C 4006 52.09 40.07 30.78
N SER C 4007 51.68 39.22 29.83
CA SER C 4007 52.55 38.68 28.79
C SER C 4007 53.69 37.81 29.33
N SER C 4008 53.63 37.37 30.58
CA SER C 4008 54.64 36.45 31.11
C SER C 4008 54.42 35.03 30.60
N GLN C 4009 53.17 34.65 30.38
CA GLN C 4009 52.78 33.28 30.03
C GLN C 4009 52.51 33.10 28.55
N ILE C 4010 53.17 33.89 27.69
CA ILE C 4010 52.93 33.81 26.26
C ILE C 4010 53.41 32.49 25.67
N GLU C 4011 54.46 31.90 26.25
CA GLU C 4011 54.94 30.61 25.79
C GLU C 4011 53.88 29.53 26.01
N LEU C 4012 53.27 29.56 27.19
CA LEU C 4012 52.20 28.62 27.49
C LEU C 4012 50.98 28.90 26.62
N LEU C 4013 50.73 30.16 26.29
CA LEU C 4013 49.61 30.48 25.42
C LEU C 4013 49.83 29.91 24.02
N LYS C 4014 51.08 29.96 23.54
CA LYS C 4014 51.41 29.32 22.27
C LYS C 4014 51.17 27.83 22.34
N GLU C 4015 51.56 27.19 23.45
CA GLU C 4015 51.36 25.75 23.56
C GLU C 4015 49.87 25.40 23.60
N LEU C 4016 49.06 26.17 24.33
CA LEU C 4016 47.62 25.89 24.43
C LEU C 4016 46.95 26.04 23.08
N LEU C 4017 47.24 27.13 22.37
CA LEU C 4017 46.61 27.34 21.07
C LEU C 4017 47.09 26.31 20.05
N ASP C 4018 48.36 25.92 20.14
CA ASP C 4018 48.90 24.91 19.26
C ASP C 4018 48.19 23.58 19.47
N LEU C 4019 47.90 23.24 20.72
CA LEU C 4019 47.14 22.02 20.98
C LEU C 4019 45.69 22.17 20.55
N GLN C 4020 45.14 23.38 20.62
CA GLN C 4020 43.76 23.58 20.19
C GLN C 4020 43.60 23.33 18.69
N LYS C 4021 44.65 23.62 17.92
CA LYS C 4021 44.67 23.23 16.51
C LYS C 4021 44.50 21.73 16.36
N ASP C 4022 45.26 20.96 17.16
CA ASP C 4022 45.17 19.51 17.10
C ASP C 4022 43.81 19.00 17.57
N MET C 4023 43.15 19.73 18.46
CA MET C 4023 41.80 19.37 18.85
C MET C 4023 40.83 19.54 17.70
N VAL C 4024 40.91 20.69 17.02
CA VAL C 4024 39.92 20.99 16.00
C VAL C 4024 40.11 20.08 14.79
N VAL C 4025 41.36 19.76 14.43
CA VAL C 4025 41.56 18.88 13.28
C VAL C 4025 41.05 17.48 13.57
N MET C 4026 41.09 17.04 14.84
CA MET C 4026 40.45 15.79 15.20
C MET C 4026 38.96 15.88 14.96
N LEU C 4027 38.35 17.01 15.30
CA LEU C 4027 36.92 17.15 15.05
C LEU C 4027 36.61 17.19 13.55
N LEU C 4028 37.48 17.83 12.77
CA LEU C 4028 37.27 17.88 11.32
C LEU C 4028 37.39 16.51 10.70
N SER C 4029 38.38 15.73 11.14
CA SER C 4029 38.53 14.38 10.64
C SER C 4029 37.37 13.50 11.05
N LEU C 4030 36.78 13.79 12.22
CA LEU C 4030 35.55 13.11 12.60
C LEU C 4030 34.42 13.46 11.65
N LEU C 4031 34.38 14.71 11.21
CA LEU C 4031 33.31 15.18 10.33
C LEU C 4031 33.46 14.71 8.88
N GLU C 4032 34.56 14.06 8.52
CA GLU C 4032 34.81 13.70 7.13
C GLU C 4032 33.82 12.66 6.63
N GLY C 4033 33.45 12.79 5.36
CA GLY C 4033 32.62 11.79 4.71
C GLY C 4033 31.21 11.70 5.23
N ASN C 4034 30.70 12.75 5.86
CA ASN C 4034 29.38 12.72 6.42
C ASN C 4034 28.30 12.91 5.36
N VAL C 4035 27.09 12.47 5.71
CA VAL C 4035 25.90 12.73 4.91
C VAL C 4035 25.49 14.14 5.30
N VAL C 4036 24.56 14.74 4.54
CA VAL C 4036 24.06 16.07 4.85
C VAL C 4036 23.37 16.09 6.21
N ASN C 4037 22.66 15.02 6.56
CA ASN C 4037 22.11 14.79 7.90
C ASN C 4037 22.51 13.36 8.28
N GLY C 4038 23.72 13.22 8.82
CA GLY C 4038 24.27 11.93 9.18
C GLY C 4038 24.18 11.52 10.63
N MET C 4039 23.71 12.42 11.51
CA MET C 4039 23.57 12.30 12.96
C MET C 4039 24.90 12.47 13.70
N ILE C 4040 26.04 12.54 13.01
CA ILE C 4040 27.31 12.90 13.64
C ILE C 4040 27.45 14.41 13.72
N ALA C 4041 27.08 15.10 12.64
CA ALA C 4041 26.99 16.55 12.69
C ALA C 4041 25.90 16.99 13.67
N ARG C 4042 24.82 16.22 13.74
CA ARG C 4042 23.76 16.49 14.70
C ARG C 4042 24.29 16.34 16.13
N GLN C 4043 25.06 15.29 16.37
CA GLN C 4043 25.71 15.12 17.66
C GLN C 4043 26.73 16.23 17.92
N MET C 4044 27.37 16.72 16.87
CA MET C 4044 28.38 17.76 17.04
C MET C 4044 27.73 19.06 17.50
N VAL C 4045 26.61 19.42 16.89
CA VAL C 4045 25.91 20.62 17.33
C VAL C 4045 25.31 20.40 18.72
N ASP C 4046 24.91 19.17 19.06
CA ASP C 4046 24.44 18.92 20.41
C ASP C 4046 25.54 19.11 21.44
N MET C 4047 26.76 18.67 21.10
CA MET C 4047 27.92 18.96 21.94
C MET C 4047 28.15 20.45 22.04
N LEU C 4048 28.04 21.15 20.91
CA LEU C 4048 28.39 22.56 20.87
C LEU C 4048 27.38 23.40 21.65
N VAL C 4049 26.09 23.11 21.49
CA VAL C 4049 25.07 23.84 22.21
C VAL C 4049 25.13 23.47 23.69
N GLU C 4050 25.57 22.26 24.03
CA GLU C 4050 25.83 21.97 25.44
C GLU C 4050 26.97 22.81 26.01
N SER C 4051 27.91 23.24 25.15
CA SER C 4051 28.98 24.15 25.53
C SER C 4051 28.64 25.61 25.29
N SER C 4052 27.34 25.95 25.31
CA SER C 4052 26.89 27.30 24.96
C SER C 4052 27.41 28.37 25.90
N SER C 4053 27.74 28.01 27.14
CA SER C 4053 28.44 28.91 28.04
C SER C 4053 29.93 29.02 27.72
N ASN C 4054 30.46 28.30 26.71
CA ASN C 4054 31.88 28.24 26.40
C ASN C 4054 32.22 28.51 24.94
N VAL C 4055 31.39 28.04 24.00
CA VAL C 4055 31.71 28.25 22.59
C VAL C 4055 31.52 29.70 22.17
N GLU C 4056 30.76 30.49 22.93
CA GLU C 4056 30.66 31.92 22.63
C GLU C 4056 31.94 32.66 23.01
N MET C 4057 32.46 32.43 24.21
CA MET C 4057 33.54 33.28 24.72
C MET C 4057 34.88 33.02 24.03
N ILE C 4058 35.12 31.76 23.67
CA ILE C 4058 36.28 31.37 22.89
C ILE C 4058 36.27 32.11 21.55
N LEU C 4059 35.09 32.32 20.96
CA LEU C 4059 35.01 33.13 19.76
C LEU C 4059 35.24 34.60 20.05
N LYS C 4060 34.81 35.07 21.23
CA LYS C 4060 34.87 36.50 21.50
C LYS C 4060 36.29 36.99 21.69
N PHE C 4061 37.21 36.13 22.17
CA PHE C 4061 38.61 36.55 22.28
C PHE C 4061 39.16 36.96 20.92
N PHE C 4062 38.87 36.15 19.90
CA PHE C 4062 39.24 36.49 18.53
C PHE C 4062 38.47 37.72 18.05
N ASP C 4063 37.21 37.85 18.47
CA ASP C 4063 36.39 38.97 18.03
C ASP C 4063 36.98 40.31 18.48
N MET C 4064 37.31 40.42 19.78
CA MET C 4064 37.96 41.62 20.29
C MET C 4064 39.32 41.85 19.63
N PHE C 4065 40.13 40.79 19.49
CA PHE C 4065 41.50 41.02 19.06
C PHE C 4065 41.60 41.34 17.57
N LEU C 4066 40.71 40.79 16.76
CA LEU C 4066 40.65 41.22 15.36
C LEU C 4066 40.11 42.63 15.25
N LYS C 4067 39.10 42.97 16.05
CA LYS C 4067 38.45 44.25 15.89
C LYS C 4067 39.36 45.40 16.30
N LEU C 4068 40.18 45.22 17.32
CA LEU C 4068 41.05 46.33 17.73
C LEU C 4068 42.13 46.59 16.70
N LYS C 4069 42.62 45.54 16.03
CA LYS C 4069 43.58 45.75 14.94
C LYS C 4069 42.92 46.49 13.80
N ASP C 4070 41.63 46.25 13.56
CA ASP C 4070 40.93 47.06 12.56
C ASP C 4070 40.76 48.50 13.04
N ILE C 4071 40.40 48.69 14.32
CA ILE C 4071 40.05 50.00 14.84
C ILE C 4071 41.28 50.90 14.92
N VAL C 4072 42.41 50.35 15.33
CA VAL C 4072 43.62 51.15 15.50
C VAL C 4072 44.13 51.59 14.14
N GLY C 4073 44.53 52.86 14.04
CA GLY C 4073 44.99 53.41 12.79
C GLY C 4073 43.93 53.53 11.72
N SER C 4074 42.66 53.61 12.10
CA SER C 4074 41.54 53.76 11.16
C SER C 4074 40.52 54.74 11.72
N GLU C 4075 40.99 55.80 12.38
CA GLU C 4075 40.10 56.83 12.90
C GLU C 4075 41.02 58.04 13.05
N ALA C 4076 40.41 59.16 13.47
CA ALA C 4076 41.18 60.32 13.92
C ALA C 4076 42.21 60.03 14.99
N PHE C 4077 41.98 59.10 15.90
CA PHE C 4077 42.98 58.88 16.94
C PHE C 4077 44.20 58.15 16.34
N GLN C 4078 45.37 58.70 16.66
CA GLN C 4078 46.66 58.33 16.08
C GLN C 4078 47.69 58.52 17.20
N ASP C 4079 48.95 58.74 16.83
CA ASP C 4079 49.94 59.17 17.81
C ASP C 4079 49.51 60.45 18.51
N TYR C 4080 49.38 61.54 17.75
CA TYR C 4080 49.03 62.89 18.18
C TYR C 4080 49.88 63.36 19.38
N VAL C 4081 49.41 64.35 20.15
CA VAL C 4081 50.23 65.05 21.15
C VAL C 4081 50.60 64.20 22.37
N THR C 4082 50.07 62.97 22.47
CA THR C 4082 50.49 62.06 23.53
C THR C 4082 51.98 61.76 23.43
N ASP C 4083 52.41 61.22 22.30
CA ASP C 4083 53.84 61.05 22.01
C ASP C 4083 54.02 60.91 20.50
N PRO C 4084 54.45 61.96 19.79
CA PRO C 4084 54.83 61.77 18.38
C PRO C 4084 55.99 60.81 18.18
N ARG C 4085 56.87 60.64 19.17
CA ARG C 4085 58.06 59.81 19.05
C ARG C 4085 57.80 58.33 19.35
N GLY C 4086 56.56 57.88 19.31
CA GLY C 4086 56.26 56.47 19.51
C GLY C 4086 56.58 55.95 20.89
N LEU C 4087 56.29 56.73 21.92
CA LEU C 4087 56.49 56.37 23.33
C LEU C 4087 55.27 56.78 24.13
N ILE C 4088 54.10 56.41 23.61
CA ILE C 4088 52.83 56.83 24.19
C ILE C 4088 52.65 56.23 25.58
N SER C 4089 51.92 56.95 26.42
CA SER C 4089 51.70 56.61 27.82
C SER C 4089 50.43 55.76 27.95
N LYS C 4090 50.00 55.56 29.19
CA LYS C 4090 48.83 54.73 29.46
C LYS C 4090 47.54 55.34 28.92
N LYS C 4091 47.44 56.67 28.91
CA LYS C 4091 46.21 57.38 28.57
C LYS C 4091 46.10 57.68 27.08
N ASP C 4092 46.77 56.91 26.23
CA ASP C 4092 46.81 57.25 24.81
C ASP C 4092 45.46 56.99 24.14
N PHE C 4093 44.76 55.94 24.54
CA PHE C 4093 43.49 55.52 23.95
C PHE C 4093 42.56 55.04 25.06
N GLN C 4094 42.44 55.86 26.11
CA GLN C 4094 41.74 55.44 27.32
C GLN C 4094 40.25 55.20 27.05
N LYS C 4095 39.60 56.16 26.39
CA LYS C 4095 38.20 56.04 25.99
C LYS C 4095 37.96 56.57 24.58
N ALA C 4096 38.99 56.56 23.72
CA ALA C 4096 38.75 56.78 22.31
C ALA C 4096 37.90 55.64 21.73
N MET C 4097 38.15 54.42 22.20
CA MET C 4097 37.33 53.27 21.81
C MET C 4097 35.90 53.40 22.31
N ASP C 4098 35.69 54.12 23.42
CA ASP C 4098 34.35 54.24 24.00
C ASP C 4098 33.38 54.98 23.09
N SER C 4099 33.88 55.84 22.19
CA SER C 4099 33.01 56.47 21.21
C SER C 4099 32.37 55.45 20.30
N GLN C 4100 33.13 54.45 19.89
CA GLN C 4100 32.59 53.35 19.10
C GLN C 4100 31.61 52.53 19.93
N LYS C 4101 30.57 52.04 19.27
CA LYS C 4101 29.60 51.14 19.87
C LYS C 4101 30.01 49.67 19.79
N GLN C 4102 31.21 49.36 19.29
CA GLN C 4102 31.62 47.97 19.13
C GLN C 4102 31.86 47.31 20.49
N PHE C 4103 32.64 47.98 21.35
CA PHE C 4103 32.95 47.47 22.68
C PHE C 4103 31.97 48.02 23.70
N THR C 4104 31.42 47.13 24.52
CA THR C 4104 30.49 47.51 25.56
C THR C 4104 30.62 46.52 26.71
N GLY C 4105 30.12 46.92 27.87
CA GLY C 4105 30.12 46.06 29.02
C GLY C 4105 31.50 45.94 29.62
N PRO C 4106 31.78 44.84 30.35
CA PRO C 4106 33.14 44.67 30.88
C PRO C 4106 34.19 44.31 29.85
N GLU C 4107 33.87 44.15 28.57
CA GLU C 4107 34.88 43.81 27.57
C GLU C 4107 35.91 44.92 27.41
N ILE C 4108 35.45 46.18 27.41
CA ILE C 4108 36.38 47.30 27.31
C ILE C 4108 37.26 47.38 28.54
N GLN C 4109 36.71 47.07 29.71
CA GLN C 4109 37.52 47.03 30.92
C GLN C 4109 38.50 45.87 30.87
N PHE C 4110 38.10 44.76 30.25
CA PHE C 4110 39.00 43.63 30.10
C PHE C 4110 40.17 43.97 29.19
N LEU C 4111 39.91 44.74 28.13
CA LEU C 4111 41.00 45.17 27.27
C LEU C 4111 41.92 46.14 28.00
N LEU C 4112 41.35 47.03 28.82
CA LEU C 4112 42.17 47.92 29.61
C LEU C 4112 43.01 47.16 30.63
N SER C 4113 42.42 46.13 31.23
CA SER C 4113 43.16 45.28 32.17
C SER C 4113 44.25 44.50 31.46
N CYS C 4114 43.94 43.96 30.29
CA CYS C 4114 44.90 43.26 29.46
C CYS C 4114 45.90 44.19 28.77
N SER C 4115 45.67 45.51 28.81
CA SER C 4115 46.62 46.45 28.26
C SER C 4115 47.91 46.38 29.05
N GLU C 4116 48.93 45.77 28.45
CA GLU C 4116 50.23 45.65 29.09
C GLU C 4116 50.85 47.04 29.16
N ALA C 4117 50.78 47.66 30.33
CA ALA C 4117 51.33 48.99 30.56
C ALA C 4117 52.81 48.91 30.96
N ASP C 4118 53.59 48.31 30.07
CA ASP C 4118 55.03 48.21 30.28
C ASP C 4118 55.68 49.57 30.08
N GLU C 4119 56.55 49.95 31.02
CA GLU C 4119 57.22 51.25 30.99
C GLU C 4119 56.19 52.38 31.08
N ASN C 4120 55.30 52.28 32.07
CA ASN C 4120 54.28 53.31 32.26
C ASN C 4120 54.89 54.65 32.65
N GLU C 4121 56.02 54.64 33.35
CA GLU C 4121 56.66 55.89 33.75
C GLU C 4121 57.25 56.60 32.54
N ASN C 4124 51.19 50.48 23.84
CA ASN C 4124 51.67 50.90 22.54
C ASN C 4124 50.85 50.26 21.43
N PHE C 4125 50.57 51.04 20.38
CA PHE C 4125 49.84 50.50 19.24
C PHE C 4125 50.67 49.45 18.50
N GLU C 4126 51.96 49.70 18.33
CA GLU C 4126 52.82 48.82 17.55
C GLU C 4126 53.24 47.55 18.28
N GLU C 4127 52.97 47.44 19.59
CA GLU C 4127 53.39 46.30 20.41
C GLU C 4127 52.24 45.54 21.04
N PHE C 4128 51.13 46.21 21.33
CA PHE C 4128 50.01 45.53 21.98
C PHE C 4128 49.33 44.57 21.01
N ALA C 4129 48.81 45.08 19.90
CA ALA C 4129 48.11 44.26 18.93
C ALA C 4129 49.04 43.41 18.06
N ASN C 4130 50.34 43.71 18.04
CA ASN C 4130 51.23 43.07 17.07
C ASN C 4130 51.46 41.60 17.40
N ARG C 4131 51.75 41.29 18.68
CA ARG C 4131 52.18 39.94 19.02
C ARG C 4131 51.05 38.91 18.97
N PHE C 4132 49.78 39.34 18.97
CA PHE C 4132 48.63 38.45 19.01
C PHE C 4132 48.04 38.21 17.63
N GLN C 4133 48.90 38.12 16.61
CA GLN C 4133 48.53 37.79 15.24
C GLN C 4133 49.15 36.48 14.77
N GLU C 4134 50.45 36.29 15.02
CA GLU C 4134 51.10 35.04 14.67
C GLU C 4134 50.51 33.83 15.39
N PRO C 4135 50.37 33.81 16.72
CA PRO C 4135 49.91 32.55 17.34
C PRO C 4135 48.44 32.26 17.10
N ALA C 4136 47.59 33.27 17.10
CA ALA C 4136 46.15 33.07 17.00
C ALA C 4136 45.65 32.87 15.57
N ARG C 4137 46.53 32.85 14.57
CA ARG C 4137 46.10 32.78 13.18
C ARG C 4137 45.47 31.42 12.87
N ASP C 4138 46.20 30.35 13.23
CA ASP C 4138 45.85 29.02 12.77
C ASP C 4138 44.55 28.55 13.39
N ILE C 4139 44.40 28.73 14.70
CA ILE C 4139 43.22 28.27 15.40
C ILE C 4139 41.99 29.04 14.95
N GLY C 4140 42.15 30.35 14.71
CA GLY C 4140 41.03 31.14 14.24
C GLY C 4140 40.55 30.69 12.88
N PHE C 4141 41.50 30.36 12.00
CA PHE C 4141 41.10 29.84 10.70
C PHE C 4141 40.42 28.48 10.84
N ASN C 4142 40.93 27.64 11.74
CA ASN C 4142 40.38 26.30 11.86
C ASN C 4142 38.97 26.30 12.44
N VAL C 4143 38.73 27.14 13.46
CA VAL C 4143 37.39 27.22 14.02
C VAL C 4143 36.44 27.84 13.01
N ALA C 4144 36.92 28.79 12.20
CA ALA C 4144 36.07 29.33 11.15
C ALA C 4144 35.70 28.26 10.14
N VAL C 4145 36.65 27.37 9.82
CA VAL C 4145 36.38 26.28 8.89
C VAL C 4145 35.31 25.36 9.47
N LEU C 4146 35.43 25.05 10.77
CA LEU C 4146 34.48 24.12 11.40
C LEU C 4146 33.08 24.69 11.39
N LEU C 4147 32.93 25.96 11.76
CA LEU C 4147 31.60 26.57 11.77
C LEU C 4147 31.03 26.70 10.37
N THR C 4148 31.88 27.04 9.40
CA THR C 4148 31.41 27.20 8.02
C THR C 4148 30.91 25.88 7.46
N ASN C 4149 31.69 24.82 7.67
CA ASN C 4149 31.32 23.51 7.18
C ASN C 4149 30.06 23.01 7.86
N LEU C 4150 29.94 23.25 9.16
CA LEU C 4150 28.75 22.81 9.89
C LEU C 4150 27.53 23.59 9.45
N SER C 4151 27.69 24.88 9.16
CA SER C 4151 26.57 25.67 8.71
C SER C 4151 26.06 25.18 7.37
N GLU C 4152 26.98 24.80 6.48
CA GLU C 4152 26.54 24.28 5.19
C GLU C 4152 25.98 22.87 5.29
N HIS C 4153 26.47 22.05 6.21
CA HIS C 4153 26.08 20.64 6.23
C HIS C 4153 24.64 20.45 6.72
N VAL C 4154 24.28 21.12 7.80
CA VAL C 4154 23.01 20.88 8.50
C VAL C 4154 22.26 22.21 8.69
N PRO C 4155 21.58 22.71 7.65
CA PRO C 4155 20.69 23.85 7.86
C PRO C 4155 19.43 23.44 8.61
N HIS C 4156 18.52 24.40 8.85
CA HIS C 4156 17.31 24.20 9.66
C HIS C 4156 17.68 23.73 11.06
N ASP C 4157 18.73 24.35 11.63
CA ASP C 4157 19.24 24.06 12.96
C ASP C 4157 19.37 25.41 13.67
N PRO C 4158 18.26 25.99 14.15
CA PRO C 4158 18.30 27.38 14.63
C PRO C 4158 19.16 27.61 15.85
N ARG C 4159 19.46 26.57 16.63
CA ARG C 4159 20.41 26.73 17.73
C ARG C 4159 21.80 27.05 17.21
N LEU C 4160 22.18 26.42 16.10
CA LEU C 4160 23.46 26.74 15.47
C LEU C 4160 23.44 28.15 14.89
N ARG C 4161 22.29 28.61 14.42
CA ARG C 4161 22.22 29.90 13.74
C ARG C 4161 22.47 31.09 14.67
N ASN C 4162 22.37 30.89 15.99
CA ASN C 4162 22.74 31.95 16.91
C ASN C 4162 24.22 32.26 16.83
N PHE C 4163 25.06 31.23 16.68
CA PHE C 4163 26.50 31.40 16.87
C PHE C 4163 27.13 32.21 15.74
N LEU C 4164 26.61 32.09 14.52
CA LEU C 4164 27.29 32.70 13.38
C LEU C 4164 27.26 34.22 13.43
N GLU C 4165 26.24 34.81 14.07
CA GLU C 4165 26.26 36.24 14.30
C GLU C 4165 27.43 36.63 15.19
N LEU C 4166 27.70 35.83 16.21
CA LEU C 4166 28.83 36.09 17.08
C LEU C 4166 30.15 35.86 16.36
N ALA C 4167 30.18 34.89 15.44
CA ALA C 4167 31.38 34.51 14.71
C ALA C 4167 31.55 35.22 13.37
N GLU C 4168 30.75 36.26 13.10
CA GLU C 4168 30.77 36.88 11.78
C GLU C 4168 32.08 37.61 11.51
N SER C 4169 32.66 38.25 12.52
CA SER C 4169 33.85 39.08 12.33
C SER C 4169 35.06 38.24 11.94
N ILE C 4170 35.32 37.20 12.73
CA ILE C 4170 36.44 36.32 12.43
C ILE C 4170 36.18 35.55 11.15
N LEU C 4171 34.91 35.26 10.85
CA LEU C 4171 34.60 34.51 9.64
C LEU C 4171 34.89 35.34 8.41
N GLU C 4172 34.41 36.59 8.38
CA GLU C 4172 34.66 37.42 7.21
C GLU C 4172 36.10 37.84 7.10
N TYR C 4173 36.88 37.81 8.19
CA TYR C 4173 38.29 38.12 8.06
C TYR C 4173 39.01 37.07 7.20
N PHE C 4174 38.69 35.80 7.41
CA PHE C 4174 39.30 34.69 6.67
C PHE C 4174 38.53 34.34 5.39
N ARG C 4175 37.63 35.20 4.93
CA ARG C 4175 37.01 34.99 3.61
C ARG C 4175 38.01 34.94 2.46
N PRO C 4176 39.02 35.82 2.35
CA PRO C 4176 39.97 35.66 1.24
C PRO C 4176 40.80 34.40 1.31
N TYR C 4177 41.04 33.88 2.51
CA TYR C 4177 41.92 32.74 2.75
C TYR C 4177 41.14 31.50 3.14
N LEU C 4178 39.97 31.30 2.52
CA LEU C 4178 39.14 30.11 2.70
C LEU C 4178 38.63 29.74 1.32
N GLY C 4179 39.41 28.93 0.62
CA GLY C 4179 38.99 28.39 -0.66
C GLY C 4179 38.17 27.13 -0.48
N ARG C 4180 37.30 26.88 -1.45
CA ARG C 4180 36.29 25.84 -1.37
C ARG C 4180 36.27 25.08 -2.68
N ILE C 4181 36.26 23.76 -2.60
CA ILE C 4181 36.35 22.86 -3.75
C ILE C 4181 35.33 21.75 -3.55
N GLU C 4182 34.70 21.34 -4.65
CA GLU C 4182 33.87 20.15 -4.73
C GLU C 4182 34.64 19.09 -5.49
N ILE C 4183 34.51 17.83 -5.04
CA ILE C 4183 35.17 16.68 -5.65
C ILE C 4183 34.18 15.53 -5.71
N MET C 4184 34.66 14.39 -6.18
CA MET C 4184 33.90 13.16 -6.27
C MET C 4184 34.85 11.99 -6.21
N GLY C 4185 34.28 10.82 -5.99
CA GLY C 4185 35.01 9.56 -5.98
C GLY C 4185 34.91 8.80 -4.69
N ALA C 4186 34.90 7.47 -4.79
CA ALA C 4186 34.86 6.48 -3.73
C ALA C 4186 33.47 6.30 -3.12
N SER C 4187 32.48 7.16 -3.45
CA SER C 4187 31.12 7.01 -2.95
C SER C 4187 30.03 7.35 -3.97
N ARG C 4188 30.39 7.82 -5.17
CA ARG C 4188 29.44 8.42 -6.12
C ARG C 4188 28.64 9.52 -5.44
N ARG C 4189 29.37 10.44 -4.81
CA ARG C 4189 28.77 11.52 -4.05
C ARG C 4189 29.72 12.70 -4.02
N ILE C 4190 29.16 13.90 -3.89
CA ILE C 4190 29.91 15.15 -3.88
C ILE C 4190 30.09 15.57 -2.43
N GLU C 4191 31.30 16.02 -2.11
CA GLU C 4191 31.64 16.52 -0.79
C GLU C 4191 32.58 17.71 -0.93
N ARG C 4192 32.51 18.59 0.05
CA ARG C 4192 33.27 19.82 0.05
C ARG C 4192 34.63 19.62 0.67
N ILE C 4193 35.52 20.57 0.41
CA ILE C 4193 36.88 20.59 0.93
C ILE C 4193 37.19 22.04 1.28
N TYR C 4194 37.99 22.21 2.33
CA TYR C 4194 38.38 23.52 2.84
C TYR C 4194 39.87 23.49 3.12
N PHE C 4195 40.50 24.66 3.02
CA PHE C 4195 41.95 24.74 3.09
C PHE C 4195 42.37 26.20 3.26
N GLU C 4196 43.66 26.38 3.49
CA GLU C 4196 44.30 27.67 3.64
C GLU C 4196 45.07 28.02 2.37
N ILE C 4197 45.21 29.32 2.12
CA ILE C 4197 45.96 29.85 0.99
C ILE C 4197 46.98 30.84 1.52
N SER C 4198 48.18 30.78 0.97
CA SER C 4198 49.21 31.73 1.34
C SER C 4198 48.92 33.11 0.77
N GLU C 4199 49.38 34.13 1.50
CA GLU C 4199 49.18 35.51 1.09
C GLU C 4199 49.93 35.80 -0.21
N THR C 4200 51.18 35.35 -0.28
CA THR C 4200 52.04 35.68 -1.42
C THR C 4200 51.55 35.02 -2.68
N ASN C 4201 51.00 33.82 -2.58
CA ASN C 4201 50.54 33.14 -3.78
C ASN C 4201 49.27 33.78 -4.33
N ARG C 4202 48.39 34.26 -3.44
CA ARG C 4202 47.22 35.01 -3.86
C ARG C 4202 47.64 36.27 -4.59
N ALA C 4203 48.65 36.97 -4.07
CA ALA C 4203 49.12 38.15 -4.79
C ALA C 4203 49.84 37.78 -6.08
N GLN C 4204 50.55 36.66 -6.10
CA GLN C 4204 51.34 36.27 -7.25
C GLN C 4204 50.45 35.90 -8.44
N TRP C 4205 49.32 35.24 -8.17
CA TRP C 4205 48.43 34.87 -9.27
C TRP C 4205 47.79 36.08 -9.94
N GLU C 4206 47.61 37.18 -9.19
CA GLU C 4206 47.00 38.38 -9.73
C GLU C 4206 47.95 39.24 -10.56
N MET C 4207 49.19 38.82 -10.75
CA MET C 4207 50.12 39.59 -11.56
C MET C 4207 49.68 39.59 -13.02
N PRO C 4208 50.06 40.61 -13.81
CA PRO C 4208 49.57 40.68 -15.20
C PRO C 4208 50.04 39.54 -16.09
N GLN C 4209 51.21 38.97 -15.85
CA GLN C 4209 51.77 37.96 -16.75
C GLN C 4209 50.93 36.68 -16.70
N VAL C 4210 50.67 36.20 -15.50
CA VAL C 4210 49.85 35.01 -15.31
C VAL C 4210 48.42 35.28 -15.75
N LYS C 4211 47.95 36.52 -15.56
CA LYS C 4211 46.61 36.90 -15.99
C LYS C 4211 46.49 36.78 -17.51
N GLU C 4212 47.51 37.18 -18.24
CA GLU C 4212 47.52 37.03 -19.69
C GLU C 4212 47.56 35.55 -20.10
N SER C 4213 48.39 34.77 -19.40
CA SER C 4213 48.52 33.36 -19.76
C SER C 4213 47.22 32.60 -19.53
N LYS C 4214 46.40 33.04 -18.56
CA LYS C 4214 45.08 32.45 -18.38
C LYS C 4214 44.21 32.62 -19.61
N ARG C 4215 44.26 33.82 -20.22
CA ARG C 4215 43.47 34.08 -21.42
C ARG C 4215 43.93 33.19 -22.56
N GLN C 4216 45.26 33.05 -22.70
CA GLN C 4216 45.78 32.26 -23.81
C GLN C 4216 45.42 30.78 -23.68
N PHE C 4217 45.48 30.24 -22.47
CA PHE C 4217 45.14 28.83 -22.28
C PHE C 4217 43.63 28.59 -22.47
N ILE C 4218 42.83 29.44 -21.83
CA ILE C 4218 41.41 29.21 -21.74
C ILE C 4218 40.75 29.38 -23.09
N PHE C 4219 41.33 30.21 -23.97
CA PHE C 4219 40.76 30.30 -25.31
C PHE C 4219 40.89 29.00 -26.07
N ASP C 4220 42.06 28.36 -26.01
CA ASP C 4220 42.33 27.21 -26.86
C ASP C 4220 41.49 26.01 -26.44
N VAL C 4221 41.50 25.69 -25.13
CA VAL C 4221 40.92 24.42 -24.70
C VAL C 4221 39.41 24.44 -24.89
N VAL C 4222 38.78 25.59 -24.68
CA VAL C 4222 37.33 25.68 -24.88
C VAL C 4222 36.99 25.80 -26.35
N ASN C 4223 37.89 26.37 -27.17
CA ASN C 4223 37.53 26.57 -28.56
C ASN C 4223 37.51 25.25 -29.32
N GLU C 4224 38.51 24.39 -29.09
CA GLU C 4224 38.68 23.18 -29.93
C GLU C 4224 38.89 21.88 -29.17
N GLY C 4225 39.22 21.91 -27.89
CA GLY C 4225 39.51 20.66 -27.19
C GLY C 4225 38.27 19.82 -27.00
N GLY C 4226 38.44 18.51 -27.17
CA GLY C 4226 37.37 17.58 -26.95
C GLY C 4226 37.05 17.43 -25.48
N GLU C 4227 35.90 16.81 -25.21
CA GLU C 4227 35.44 16.66 -23.84
C GLU C 4227 36.34 15.72 -23.05
N ALA C 4228 36.78 14.61 -23.67
CA ALA C 4228 37.61 13.64 -22.97
C ALA C 4228 38.97 14.23 -22.63
N GLU C 4229 39.58 14.91 -23.60
CA GLU C 4229 40.83 15.63 -23.42
C GLU C 4229 40.63 17.08 -23.03
N LYS C 4230 39.51 17.39 -22.38
CA LYS C 4230 39.19 18.78 -22.06
C LYS C 4230 40.16 19.35 -21.06
N MET C 4231 40.56 18.56 -20.06
CA MET C 4231 41.11 19.08 -18.82
C MET C 4231 42.30 18.31 -18.29
N GLU C 4232 42.83 17.34 -19.03
CA GLU C 4232 44.21 16.95 -18.80
C GLU C 4232 45.13 18.12 -19.12
N LEU C 4233 44.79 18.87 -20.17
CA LEU C 4233 45.49 20.11 -20.47
C LEU C 4233 45.35 21.11 -19.33
N PHE C 4234 44.20 21.11 -18.66
CA PHE C 4234 44.00 22.04 -17.55
C PHE C 4234 44.92 21.71 -16.39
N VAL C 4235 45.08 20.44 -16.06
CA VAL C 4235 46.01 20.07 -15.00
C VAL C 4235 47.44 20.36 -15.44
N SER C 4236 47.74 20.17 -16.72
CA SER C 4236 49.07 20.52 -17.23
C SER C 4236 49.31 22.02 -17.12
N PHE C 4237 48.28 22.81 -17.40
CA PHE C 4237 48.35 24.25 -17.28
C PHE C 4237 48.61 24.67 -15.85
N CYS C 4238 47.94 24.04 -14.91
CA CYS C 4238 48.21 24.30 -13.51
C CYS C 4238 49.64 23.93 -13.15
N GLU C 4239 50.11 22.81 -13.70
CA GLU C 4239 51.41 22.26 -13.34
C GLU C 4239 52.55 23.18 -13.76
N ASP C 4240 52.53 23.66 -15.02
CA ASP C 4240 53.57 24.60 -15.46
C ASP C 4240 53.28 26.04 -15.01
N THR C 4241 52.04 26.36 -14.67
CA THR C 4241 51.75 27.65 -14.08
C THR C 4241 52.40 27.78 -12.70
N ILE C 4242 52.61 26.67 -12.01
CA ILE C 4242 53.40 26.71 -10.77
C ILE C 4242 54.82 27.16 -11.07
N PHE C 4243 55.39 26.65 -12.17
CA PHE C 4243 56.74 27.04 -12.58
C PHE C 4243 56.83 28.52 -12.87
N GLU C 4244 55.74 29.09 -13.41
CA GLU C 4244 55.74 30.52 -13.68
C GLU C 4244 55.91 31.35 -12.40
N MET C 4245 55.17 31.01 -11.33
CA MET C 4245 55.37 31.77 -10.10
C MET C 4245 56.71 31.47 -9.47
N GLN C 4246 57.25 30.27 -9.68
CA GLN C 4246 58.54 29.95 -9.05
C GLN C 4246 59.66 30.79 -9.67
N ILE C 4247 59.73 30.81 -11.01
CA ILE C 4247 60.74 31.62 -11.67
C ILE C 4247 60.47 33.10 -11.45
N ALA C 4248 59.19 33.49 -11.35
CA ALA C 4248 58.89 34.87 -11.02
C ALA C 4248 59.25 35.21 -9.58
N ALA C 4249 59.23 34.23 -8.70
CA ALA C 4249 59.59 34.46 -7.32
C ALA C 4249 61.08 34.68 -7.17
N GLN C 4250 61.89 34.05 -8.03
CA GLN C 4250 63.33 34.32 -7.97
C GLN C 4250 63.64 35.78 -8.28
N ILE C 4251 63.14 36.30 -9.40
CA ILE C 4251 63.32 37.72 -9.67
C ILE C 4251 62.47 38.50 -8.70
N SER C 4252 63.01 39.60 -8.21
CA SER C 4252 62.29 40.39 -7.22
C SER C 4252 63.07 41.67 -7.02
N GLU C 4253 62.44 42.61 -6.32
CA GLU C 4253 63.02 43.87 -5.92
C GLU C 4253 63.42 43.62 -4.47
N PRO C 4254 64.62 43.05 -4.24
CA PRO C 4254 64.75 41.93 -3.28
C PRO C 4254 64.24 42.17 -1.87
N GLU C 4255 64.52 43.34 -1.30
CA GLU C 4255 63.96 43.70 -0.01
C GLU C 4255 62.45 43.91 -0.10
N PHE C 4540 87.84 41.52 -9.18
CA PHE C 4540 86.70 41.23 -8.32
C PHE C 4540 85.80 40.17 -8.95
N TRP C 4541 86.36 38.98 -9.17
CA TRP C 4541 85.58 37.89 -9.75
C TRP C 4541 84.45 37.47 -8.83
N GLY C 4542 84.70 37.41 -7.53
CA GLY C 4542 83.64 37.09 -6.59
C GLY C 4542 82.57 38.17 -6.55
N GLU C 4543 82.97 39.43 -6.67
CA GLU C 4543 82.04 40.56 -6.67
C GLU C 4543 81.32 40.78 -8.01
N LEU C 4544 81.70 40.07 -9.08
CA LEU C 4544 81.06 40.23 -10.38
C LEU C 4544 79.71 39.52 -10.47
N GLU C 4545 79.54 38.44 -9.71
CA GLU C 4545 78.34 37.61 -9.81
C GLU C 4545 77.11 38.39 -9.38
N VAL C 4546 77.23 39.18 -8.31
CA VAL C 4546 76.10 39.98 -7.84
C VAL C 4546 75.73 41.04 -8.89
N GLN C 4547 76.72 41.57 -9.60
CA GLN C 4547 76.46 42.57 -10.63
C GLN C 4547 75.64 41.96 -11.76
N ARG C 4548 76.06 40.79 -12.26
CA ARG C 4548 75.32 40.20 -13.37
C ARG C 4548 73.94 39.72 -12.94
N VAL C 4549 73.80 39.23 -11.71
CA VAL C 4549 72.49 38.75 -11.26
C VAL C 4549 71.51 39.90 -11.14
N LYS C 4550 71.95 41.02 -10.55
CA LYS C 4550 71.09 42.19 -10.43
C LYS C 4550 70.70 42.74 -11.79
N PHE C 4551 71.65 42.75 -12.73
CA PHE C 4551 71.41 43.32 -14.05
C PHE C 4551 70.40 42.47 -14.84
N LEU C 4552 70.61 41.15 -14.85
CA LEU C 4552 69.72 40.27 -15.61
C LEU C 4552 68.32 40.26 -15.01
N ASN C 4553 68.22 40.33 -13.68
CA ASN C 4553 66.90 40.36 -13.07
C ASN C 4553 66.18 41.68 -13.36
N TYR C 4554 66.95 42.78 -13.43
CA TYR C 4554 66.37 44.05 -13.82
C TYR C 4554 65.81 43.99 -15.23
N LEU C 4555 66.47 43.26 -16.11
CA LEU C 4555 65.87 43.01 -17.42
C LEU C 4555 64.60 42.19 -17.30
N SER C 4556 64.62 41.18 -16.44
CA SER C 4556 63.54 40.20 -16.42
C SER C 4556 62.22 40.81 -15.97
N ARG C 4557 62.27 41.76 -15.03
CA ARG C 4557 61.02 42.38 -14.59
C ARG C 4557 60.39 43.23 -15.70
N ASN C 4558 61.18 44.13 -16.29
CA ASN C 4558 60.67 45.16 -17.19
C ASN C 4558 60.84 44.80 -18.65
N PHE C 4559 60.67 43.52 -18.99
CA PHE C 4559 60.85 43.07 -20.37
C PHE C 4559 59.78 43.65 -21.29
N TYR C 4560 58.52 43.61 -20.86
CA TYR C 4560 57.44 44.16 -21.67
C TYR C 4560 57.56 45.66 -21.82
N THR C 4561 58.08 46.35 -20.80
CA THR C 4561 58.21 47.79 -20.85
C THR C 4561 59.23 48.23 -21.90
N LEU C 4562 60.40 47.61 -21.90
CA LEU C 4562 61.39 47.92 -22.93
C LEU C 4562 60.97 47.42 -24.30
N ARG C 4563 60.14 46.37 -24.36
CA ARG C 4563 59.57 45.99 -25.64
C ARG C 4563 58.66 47.07 -26.17
N PHE C 4564 57.88 47.70 -25.28
CA PHE C 4564 57.10 48.86 -25.68
C PHE C 4564 57.99 50.04 -26.05
N LEU C 4565 59.16 50.16 -25.41
CA LEU C 4565 60.09 51.23 -25.74
C LEU C 4565 60.60 51.11 -27.16
N ALA C 4566 60.72 49.88 -27.65
CA ALA C 4566 61.14 49.69 -29.04
C ALA C 4566 60.18 50.33 -30.04
N LEU C 4567 58.88 50.39 -29.72
CA LEU C 4567 57.93 51.07 -30.58
C LEU C 4567 58.22 52.56 -30.65
N PHE C 4568 58.51 53.18 -29.50
CA PHE C 4568 58.79 54.61 -29.49
C PHE C 4568 60.05 54.93 -30.28
N LEU C 4569 61.07 54.08 -30.15
CA LEU C 4569 62.27 54.25 -30.97
C LEU C 4569 61.96 54.11 -32.45
N ALA C 4570 61.14 53.12 -32.81
CA ALA C 4570 60.86 52.85 -34.21
C ALA C 4570 60.02 53.96 -34.85
N PHE C 4571 59.03 54.44 -34.13
CA PHE C 4571 58.19 55.51 -34.66
C PHE C 4571 58.99 56.79 -34.77
N ALA C 4572 59.83 57.06 -33.77
CA ALA C 4572 60.59 58.31 -33.77
C ALA C 4572 61.63 58.32 -34.88
N ILE C 4573 62.31 57.21 -35.11
CA ILE C 4573 63.29 57.16 -36.19
C ILE C 4573 62.58 57.24 -37.53
N ASN C 4574 61.42 56.59 -37.66
CA ASN C 4574 60.74 56.63 -38.95
C ASN C 4574 60.14 58.00 -39.22
N PHE C 4575 59.91 58.83 -38.19
CA PHE C 4575 59.51 60.21 -38.45
C PHE C 4575 60.63 60.97 -39.14
N ILE C 4576 61.87 60.74 -38.69
CA ILE C 4576 63.02 61.39 -39.33
C ILE C 4576 63.28 60.82 -40.71
N LEU C 4577 62.83 59.59 -40.98
CA LEU C 4577 63.04 59.02 -42.31
C LEU C 4577 62.35 59.78 -43.44
N LEU C 4578 61.37 60.65 -43.14
CA LEU C 4578 60.66 61.34 -44.20
C LEU C 4578 61.49 62.47 -44.80
N PHE C 4579 62.13 63.29 -43.97
CA PHE C 4579 62.78 64.50 -44.47
C PHE C 4579 64.05 64.10 -45.21
N TYR C 4580 63.87 63.77 -46.48
CA TYR C 4580 64.94 63.46 -47.42
C TYR C 4580 64.72 64.16 -48.74
N LYS C 4581 65.77 64.17 -49.55
CA LYS C 4581 65.75 64.72 -50.89
C LYS C 4581 66.87 64.06 -51.67
N VAL C 4582 66.80 64.22 -53.00
CA VAL C 4582 67.85 63.80 -53.93
C VAL C 4582 68.16 64.96 -54.85
N SER C 4583 69.29 64.85 -55.54
CA SER C 4583 69.74 65.91 -56.44
C SER C 4583 70.66 65.32 -57.49
N ASP C 4584 70.80 66.06 -58.59
CA ASP C 4584 71.67 65.64 -59.67
C ASP C 4584 73.14 65.63 -59.25
N SER C 4585 73.52 66.47 -58.30
CA SER C 4585 74.86 66.61 -57.74
C SER C 4585 74.75 66.64 -56.23
N PRO C 4586 75.84 66.41 -55.50
CA PRO C 4586 75.79 66.61 -54.04
C PRO C 4586 75.60 68.08 -53.71
N PRO C 4587 75.21 68.40 -52.48
CA PRO C 4587 74.86 69.79 -52.17
C PRO C 4587 76.08 70.69 -52.13
N GLY C 4588 75.85 71.97 -52.36
CA GLY C 4588 76.91 72.96 -52.34
C GLY C 4588 76.38 74.38 -52.37
N ASP C 4624 73.20 61.35 -64.41
CA ASP C 4624 74.47 60.88 -64.95
C ASP C 4624 75.23 60.07 -63.91
N GLU C 4625 74.50 59.23 -63.17
CA GLU C 4625 75.05 58.40 -62.11
C GLU C 4625 75.73 59.25 -61.02
N ASN C 4626 74.99 60.25 -60.55
CA ASN C 4626 75.43 61.16 -59.50
C ASN C 4626 74.31 61.41 -58.49
N MET C 4627 73.53 60.36 -58.19
CA MET C 4627 72.50 60.48 -57.18
C MET C 4627 73.13 60.61 -55.80
N VAL C 4628 72.57 61.51 -54.99
CA VAL C 4628 73.08 61.82 -53.66
C VAL C 4628 71.89 61.95 -52.73
N TYR C 4629 71.74 61.00 -51.81
CA TYR C 4629 70.69 61.08 -50.79
C TYR C 4629 71.17 61.92 -49.63
N TYR C 4630 70.34 62.87 -49.20
CA TYR C 4630 70.68 63.74 -48.10
C TYR C 4630 69.42 64.39 -47.55
N PHE C 4631 69.58 65.06 -46.42
CA PHE C 4631 68.47 65.56 -45.64
C PHE C 4631 67.96 66.88 -46.21
N LEU C 4632 66.77 67.26 -45.75
CA LEU C 4632 66.11 68.52 -46.05
C LEU C 4632 65.52 69.10 -44.77
N GLU C 4633 66.36 69.15 -43.73
CA GLU C 4633 65.94 69.62 -42.42
C GLU C 4633 65.48 71.07 -42.47
N GLU C 4634 64.44 71.38 -41.72
CA GLU C 4634 63.75 72.67 -41.78
C GLU C 4634 64.47 73.68 -40.90
N SER C 4635 65.68 74.04 -41.33
CA SER C 4635 66.49 75.08 -40.69
C SER C 4635 66.87 74.70 -39.26
N THR C 4636 67.23 73.43 -39.07
CA THR C 4636 67.72 72.96 -37.77
C THR C 4636 68.63 71.76 -38.02
N GLY C 4637 69.85 71.85 -37.50
CA GLY C 4637 70.87 70.85 -37.73
C GLY C 4637 70.91 69.69 -36.77
N TYR C 4638 69.97 69.62 -35.81
CA TYR C 4638 70.01 68.57 -34.80
C TYR C 4638 69.59 67.20 -35.32
N MET C 4639 68.85 67.15 -36.44
CA MET C 4639 68.25 65.90 -36.89
C MET C 4639 69.30 64.88 -37.33
N GLU C 4640 70.33 65.35 -38.05
CA GLU C 4640 71.33 64.42 -38.57
C GLU C 4640 72.15 63.75 -37.46
N PRO C 4641 72.67 64.46 -36.46
CA PRO C 4641 73.21 63.75 -35.29
C PRO C 4641 72.19 62.90 -34.56
N ALA C 4642 70.94 63.37 -34.51
CA ALA C 4642 69.92 62.68 -33.74
C ALA C 4642 69.62 61.31 -34.33
N LEU C 4643 69.70 61.18 -35.65
CA LEU C 4643 69.44 59.89 -36.29
C LEU C 4643 70.48 58.84 -35.87
N TRP C 4644 71.74 59.25 -35.81
CA TRP C 4644 72.80 58.33 -35.38
C TRP C 4644 72.61 57.91 -33.92
N CYS C 4645 72.27 58.88 -33.07
CA CYS C 4645 72.04 58.59 -31.65
C CYS C 4645 70.86 57.62 -31.47
N LEU C 4646 69.77 57.90 -32.19
CA LEU C 4646 68.57 57.08 -32.09
C LEU C 4646 68.81 55.68 -32.60
N SER C 4647 69.61 55.55 -33.68
CA SER C 4647 69.90 54.22 -34.23
C SER C 4647 70.67 53.38 -33.25
N LEU C 4648 71.66 53.99 -32.58
CA LEU C 4648 72.43 53.27 -31.59
C LEU C 4648 71.55 52.80 -30.43
N LEU C 4649 70.63 53.67 -30.00
CA LEU C 4649 69.72 53.29 -28.91
C LEU C 4649 68.79 52.15 -29.32
N HIS C 4650 68.30 52.19 -30.57
CA HIS C 4650 67.37 51.15 -31.02
C HIS C 4650 68.04 49.79 -31.07
N THR C 4651 69.29 49.75 -31.56
CA THR C 4651 70.03 48.50 -31.57
C THR C 4651 70.26 47.96 -30.17
N LEU C 4652 70.60 48.87 -29.24
CA LEU C 4652 70.89 48.44 -27.88
C LEU C 4652 69.65 47.86 -27.21
N VAL C 4653 68.52 48.58 -27.29
CA VAL C 4653 67.33 48.12 -26.58
C VAL C 4653 66.78 46.83 -27.19
N ALA C 4654 66.97 46.62 -28.48
CA ALA C 4654 66.61 45.32 -29.06
C ALA C 4654 67.45 44.19 -28.45
N PHE C 4655 68.75 44.46 -28.28
CA PHE C 4655 69.59 43.45 -27.62
C PHE C 4655 69.15 43.20 -26.18
N LEU C 4656 68.67 44.24 -25.52
CA LEU C 4656 68.11 44.05 -24.18
C LEU C 4656 66.88 43.15 -24.21
N CYS C 4657 66.05 43.28 -25.27
CA CYS C 4657 64.88 42.41 -25.40
C CYS C 4657 65.29 40.95 -25.50
N ILE C 4658 66.27 40.64 -26.35
CA ILE C 4658 66.59 39.23 -26.56
C ILE C 4658 67.24 38.63 -25.32
N ILE C 4659 68.06 39.41 -24.62
CA ILE C 4659 68.70 38.87 -23.41
C ILE C 4659 67.66 38.62 -22.31
N GLY C 4660 66.71 39.54 -22.14
CA GLY C 4660 65.67 39.32 -21.14
C GLY C 4660 64.76 38.16 -21.48
N TYR C 4661 64.49 37.98 -22.78
CA TYR C 4661 63.68 36.85 -23.20
C TYR C 4661 64.40 35.53 -22.98
N ASN C 4662 65.73 35.53 -23.10
CA ASN C 4662 66.48 34.35 -22.74
C ASN C 4662 66.33 34.03 -21.26
N CYS C 4663 66.32 35.06 -20.42
CA CYS C 4663 66.17 34.78 -19.00
C CYS C 4663 64.75 34.29 -18.64
N LEU C 4664 63.71 34.89 -19.21
CA LEU C 4664 62.37 34.72 -18.64
C LEU C 4664 61.62 33.50 -19.17
N LYS C 4665 61.33 33.45 -20.48
CA LYS C 4665 60.39 32.48 -21.04
C LYS C 4665 61.01 31.18 -21.50
N VAL C 4666 62.32 31.19 -21.77
CA VAL C 4666 63.02 29.95 -22.17
C VAL C 4666 62.90 28.83 -21.15
N PRO C 4667 62.96 29.08 -19.83
CA PRO C 4667 62.66 28.01 -18.86
C PRO C 4667 61.31 27.35 -19.04
N LEU C 4668 60.29 28.10 -19.46
CA LEU C 4668 58.96 27.54 -19.57
C LEU C 4668 58.86 26.57 -20.75
N VAL C 4669 59.40 26.95 -21.90
CA VAL C 4669 59.28 26.10 -23.07
C VAL C 4669 60.12 24.83 -22.90
N ILE C 4670 61.28 24.97 -22.23
CA ILE C 4670 62.05 23.78 -21.90
C ILE C 4670 61.28 22.90 -20.91
N PHE C 4671 60.54 23.52 -20.00
CA PHE C 4671 59.75 22.76 -19.04
C PHE C 4671 58.67 21.94 -19.74
N LYS C 4672 58.05 22.52 -20.76
CA LYS C 4672 57.02 21.80 -21.51
C LYS C 4672 57.60 20.57 -22.19
N ARG C 4673 58.74 20.72 -22.87
CA ARG C 4673 59.31 19.57 -23.57
C ARG C 4673 59.77 18.48 -22.60
N GLU C 4674 60.37 18.89 -21.48
CA GLU C 4674 60.84 17.92 -20.50
C GLU C 4674 59.68 17.13 -19.91
N LYS C 4675 58.58 17.82 -19.62
CA LYS C 4675 57.40 17.14 -19.10
C LYS C 4675 56.83 16.17 -20.11
N GLU C 4676 56.86 16.55 -21.40
CA GLU C 4676 56.31 15.67 -22.42
C GLU C 4676 57.08 14.37 -22.51
N LEU C 4677 58.41 14.46 -22.51
CA LEU C 4677 59.21 13.23 -22.56
C LEU C 4677 59.02 12.38 -21.31
N ALA C 4678 58.95 13.00 -20.14
CA ALA C 4678 58.86 12.23 -18.91
C ALA C 4678 57.54 11.48 -18.81
N ARG C 4679 56.43 12.17 -19.07
CA ARG C 4679 55.13 11.51 -18.98
C ARG C 4679 54.97 10.43 -20.04
N LYS C 4680 55.43 10.71 -21.26
CA LYS C 4680 55.28 9.73 -22.33
C LYS C 4680 56.12 8.49 -22.09
N LEU C 4681 57.33 8.68 -21.56
CA LEU C 4681 58.17 7.52 -21.28
C LEU C 4681 57.64 6.71 -20.11
N GLU C 4682 57.14 7.39 -19.07
CA GLU C 4682 56.66 6.68 -17.90
C GLU C 4682 55.43 5.85 -18.22
N PHE C 4683 54.42 6.49 -18.83
CA PHE C 4683 53.13 5.85 -19.08
C PHE C 4683 53.01 5.25 -20.47
N ASP C 4684 54.07 5.26 -21.28
CA ASP C 4684 54.00 4.74 -22.64
C ASP C 4684 55.41 4.44 -23.11
N GLY C 4685 55.51 3.82 -24.28
CA GLY C 4685 56.74 3.26 -24.81
C GLY C 4685 57.28 3.93 -26.05
N LEU C 4686 57.30 5.27 -26.05
CA LEU C 4686 57.65 6.02 -27.25
C LEU C 4686 59.09 5.82 -27.72
N TYR C 4687 59.98 5.35 -26.85
CA TYR C 4687 61.37 5.06 -27.21
C TYR C 4687 61.87 3.69 -26.76
N ILE C 4688 61.04 2.89 -26.08
CA ILE C 4688 61.42 1.60 -25.54
C ILE C 4688 60.61 0.47 -26.18
N THR C 4689 59.32 0.70 -26.42
CA THR C 4689 58.41 -0.30 -26.98
C THR C 4689 58.18 -0.09 -28.48
N GLU C 4690 57.82 1.12 -28.87
CA GLU C 4690 57.65 1.50 -30.27
C GLU C 4690 58.39 2.80 -30.54
N GLN C 4691 59.11 2.83 -31.65
CA GLN C 4691 59.79 4.04 -32.07
C GLN C 4691 58.74 5.02 -32.61
N PRO C 4692 59.13 6.28 -32.86
CA PRO C 4692 58.18 7.20 -33.49
C PRO C 4692 57.89 6.85 -34.94
N GLY C 4693 57.11 7.70 -35.61
CA GLY C 4693 56.74 7.46 -36.99
C GLY C 4693 57.84 7.67 -38.02
N ASP C 4694 59.03 8.09 -37.62
CA ASP C 4694 60.16 8.33 -38.51
C ASP C 4694 59.88 9.45 -39.54
N ASP C 4695 58.94 10.34 -39.27
CA ASP C 4695 58.66 11.53 -40.07
C ASP C 4695 58.64 12.78 -39.20
N ASP C 4696 58.13 12.67 -37.98
CA ASP C 4696 58.08 13.81 -37.08
C ASP C 4696 59.48 14.14 -36.57
N VAL C 4697 59.92 15.37 -36.85
CA VAL C 4697 61.23 15.82 -36.41
C VAL C 4697 61.31 16.02 -34.90
N LYS C 4698 60.17 16.26 -34.24
CA LYS C 4698 60.15 16.49 -32.79
C LYS C 4698 60.62 15.23 -32.06
N GLY C 4699 60.07 14.09 -32.45
CA GLY C 4699 60.43 12.84 -31.82
C GLY C 4699 61.87 12.44 -32.10
N GLN C 4700 62.34 12.69 -33.32
CA GLN C 4700 63.71 12.33 -33.65
C GLN C 4700 64.70 13.21 -32.92
N TRP C 4701 64.41 14.51 -32.83
CA TRP C 4701 65.34 15.41 -32.15
C TRP C 4701 65.36 15.13 -30.66
N ASP C 4702 64.27 14.64 -30.08
CA ASP C 4702 64.29 14.31 -28.67
C ASP C 4702 65.13 13.09 -28.33
N ARG C 4703 65.60 12.31 -29.31
CA ARG C 4703 66.35 11.10 -29.01
C ARG C 4703 67.70 11.37 -28.36
N LEU C 4704 68.31 12.52 -28.65
CA LEU C 4704 69.69 12.76 -28.21
C LEU C 4704 69.78 12.94 -26.70
N VAL C 4705 68.80 13.63 -26.11
CA VAL C 4705 68.89 14.00 -24.71
C VAL C 4705 68.76 12.81 -23.76
N LEU C 4706 68.26 11.68 -24.24
CA LEU C 4706 68.00 10.53 -23.37
C LEU C 4706 69.29 9.97 -22.77
N ASN C 4707 70.36 9.91 -23.57
CA ASN C 4707 71.63 9.40 -23.07
C ASN C 4707 72.29 10.34 -22.07
N THR C 4708 71.94 11.62 -22.07
CA THR C 4708 72.63 12.57 -21.23
C THR C 4708 72.26 12.36 -19.77
N PRO C 4709 73.13 12.79 -18.83
CA PRO C 4709 72.82 12.62 -17.41
C PRO C 4709 71.94 13.72 -16.83
N SER C 4710 72.04 14.92 -17.40
CA SER C 4710 71.35 16.11 -16.89
C SER C 4710 70.07 16.39 -17.67
N PHE C 4711 69.36 15.31 -18.03
CA PHE C 4711 68.13 15.45 -18.80
C PHE C 4711 67.05 16.23 -18.06
N PRO C 4712 66.62 15.85 -16.84
CA PRO C 4712 65.55 16.60 -16.16
C PRO C 4712 66.11 17.79 -15.39
N SER C 4713 66.71 18.73 -16.12
CA SER C 4713 67.33 19.89 -15.49
C SER C 4713 66.29 20.79 -14.86
N ASN C 4714 65.24 21.13 -15.62
CA ASN C 4714 64.22 22.07 -15.20
C ASN C 4714 62.98 21.42 -14.62
N TYR C 4715 62.68 20.19 -15.03
CA TYR C 4715 61.57 19.46 -14.45
C TYR C 4715 61.85 19.15 -12.99
N TRP C 4716 60.78 18.93 -12.23
CA TRP C 4716 60.92 18.69 -10.80
C TRP C 4716 61.57 17.34 -10.52
N ASP C 4717 60.97 16.26 -11.02
CA ASP C 4717 61.41 14.92 -10.67
C ASP C 4717 62.75 14.61 -11.33
N LYS C 4718 63.68 14.10 -10.51
CA LYS C 4718 64.99 13.63 -10.96
C LYS C 4718 65.09 12.11 -10.86
N PHE C 4719 63.96 11.42 -11.03
CA PHE C 4719 63.85 9.97 -10.80
C PHE C 4719 63.09 9.23 -11.90
N VAL C 4720 62.75 9.90 -13.00
CA VAL C 4720 61.99 9.22 -14.07
C VAL C 4720 62.86 8.17 -14.74
N LYS C 4721 64.17 8.43 -14.84
CA LYS C 4721 65.12 7.48 -15.39
C LYS C 4721 65.14 6.20 -14.60
N ARG C 4722 65.03 6.31 -13.27
CA ARG C 4722 64.95 5.13 -12.40
C ARG C 4722 63.55 4.52 -12.36
N LYS C 4723 62.52 5.26 -12.77
CA LYS C 4723 61.16 4.73 -12.72
C LYS C 4723 60.86 3.85 -13.91
N VAL C 4724 61.36 4.22 -15.09
CA VAL C 4724 61.01 3.47 -16.30
C VAL C 4724 61.63 2.07 -16.26
N LEU C 4725 62.85 1.93 -15.74
CA LEU C 4725 63.44 0.62 -15.63
C LEU C 4725 62.70 -0.23 -14.62
N ASP C 4726 62.14 0.39 -13.59
CA ASP C 4726 61.30 -0.38 -12.66
C ASP C 4726 60.04 -0.86 -13.35
N LYS C 4727 59.45 -0.04 -14.22
CA LYS C 4727 58.25 -0.46 -14.90
C LYS C 4727 58.56 -1.49 -15.98
N HIS C 4728 59.29 -1.09 -17.01
CA HIS C 4728 59.61 -1.94 -18.17
C HIS C 4728 60.97 -2.60 -18.01
N GLY C 4729 61.18 -3.28 -16.88
CA GLY C 4729 62.45 -3.91 -16.58
C GLY C 4729 62.52 -5.37 -16.94
N ASP C 4730 61.47 -6.12 -16.59
CA ASP C 4730 61.51 -7.57 -16.77
C ASP C 4730 61.29 -7.97 -18.23
N ILE C 4731 60.52 -7.21 -18.99
CA ILE C 4731 60.23 -7.60 -20.36
C ILE C 4731 61.48 -7.45 -21.23
N PHE C 4732 61.97 -6.23 -21.36
CA PHE C 4732 63.16 -5.93 -22.15
C PHE C 4732 64.42 -6.09 -21.31
N GLY C 4733 65.55 -6.14 -21.99
CA GLY C 4733 66.82 -6.24 -21.30
C GLY C 4733 67.14 -4.95 -20.56
N ARG C 4734 67.31 -5.04 -19.24
CA ARG C 4734 67.60 -3.86 -18.43
C ARG C 4734 68.93 -3.22 -18.79
N GLU C 4735 69.90 -4.03 -19.22
CA GLU C 4735 71.18 -3.48 -19.66
C GLU C 4735 71.02 -2.65 -20.94
N ARG C 4736 70.22 -3.15 -21.88
CA ARG C 4736 69.90 -2.38 -23.08
C ARG C 4736 69.15 -1.10 -22.73
N ILE C 4737 68.30 -1.18 -21.71
CA ILE C 4737 67.58 -0.01 -21.24
C ILE C 4737 68.55 1.00 -20.65
N ALA C 4738 69.60 0.53 -19.98
CA ALA C 4738 70.65 1.43 -19.52
C ALA C 4738 71.35 2.08 -20.69
N GLU C 4739 71.50 1.35 -21.80
CA GLU C 4739 72.05 1.97 -23.00
C GLU C 4739 71.14 3.07 -23.53
N LEU C 4740 69.82 2.86 -23.48
CA LEU C 4740 68.91 3.87 -24.02
C LEU C 4740 68.93 5.16 -23.19
N LEU C 4741 68.98 5.04 -21.88
CA LEU C 4741 68.97 6.19 -20.98
C LEU C 4741 70.37 6.73 -20.68
N GLY C 4742 71.42 6.14 -21.23
CA GLY C 4742 72.77 6.48 -20.83
C GLY C 4742 73.15 5.74 -19.57
N MET C 4743 72.67 6.22 -18.43
CA MET C 4743 72.84 5.60 -17.12
C MET C 4743 74.33 5.41 -16.80
N ASP C 4744 75.01 6.54 -16.64
CA ASP C 4744 76.43 6.55 -16.33
C ASP C 4744 76.67 5.86 -15.00
N LEU C 4745 77.48 4.79 -15.03
CA LEU C 4745 77.65 3.89 -13.89
C LEU C 4745 76.31 3.29 -13.48
N ALA C 4746 75.73 2.52 -14.40
CA ALA C 4746 74.45 1.88 -14.15
C ALA C 4746 74.54 0.87 -13.01
N SER C 4747 75.70 0.22 -12.85
CA SER C 4747 75.92 -0.64 -11.71
C SER C 4747 75.89 0.17 -10.42
N LEU C 4748 76.45 1.38 -10.45
CA LEU C 4748 76.43 2.25 -9.29
C LEU C 4748 75.04 2.80 -8.98
N GLU C 4749 74.10 2.72 -9.93
CA GLU C 4749 72.75 3.24 -9.68
C GLU C 4749 72.03 2.47 -8.58
N ILE C 4750 72.41 1.20 -8.35
CA ILE C 4750 71.82 0.45 -7.25
C ILE C 4750 72.20 1.06 -5.91
N THR C 4751 73.42 1.59 -5.80
CA THR C 4751 73.96 2.16 -4.56
C THR C 4751 74.67 3.47 -4.85
N ALA C 4752 74.04 4.32 -5.65
CA ALA C 4752 74.61 5.62 -5.97
C ALA C 4752 74.67 6.52 -4.73
N HIS C 4753 73.60 6.52 -3.92
CA HIS C 4753 73.53 7.30 -2.69
C HIS C 4753 72.84 6.53 -1.57
N ASN C 4754 72.97 5.20 -1.56
CA ASN C 4754 72.39 4.33 -0.55
C ASN C 4754 73.43 3.85 0.46
N GLU C 4755 74.56 3.36 -0.02
CA GLU C 4755 75.62 2.90 0.87
C GLU C 4755 76.23 4.06 1.65
N ARG C 4756 76.39 5.21 1.00
CA ARG C 4756 76.96 6.39 1.63
C ARG C 4756 76.50 7.62 0.86
N LYS C 4757 77.03 8.78 1.25
CA LYS C 4757 76.73 10.07 0.61
C LYS C 4757 78.04 10.80 0.32
N PRO C 4758 78.82 10.32 -0.64
CA PRO C 4758 80.09 11.00 -0.97
C PRO C 4758 79.85 12.36 -1.59
N ASP C 4759 80.84 13.24 -1.43
CA ASP C 4759 80.74 14.63 -1.87
C ASP C 4759 82.12 15.23 -2.06
N PRO C 4760 82.77 15.06 -3.21
CA PRO C 4760 84.08 15.71 -3.43
C PRO C 4760 83.94 17.21 -3.52
N PRO C 4761 85.02 17.97 -3.37
CA PRO C 4761 84.90 19.43 -3.23
C PRO C 4761 84.79 20.10 -4.58
N PRO C 4762 84.45 21.42 -4.60
CA PRO C 4762 84.40 22.15 -5.89
C PRO C 4762 85.74 22.75 -6.26
N GLY C 4763 85.79 23.47 -7.37
CA GLY C 4763 87.01 24.15 -7.78
C GLY C 4763 86.69 25.27 -8.74
N LEU C 4764 87.72 26.07 -9.03
CA LEU C 4764 87.59 27.19 -9.94
C LEU C 4764 87.69 26.71 -11.39
N LEU C 4765 87.00 27.42 -12.28
CA LEU C 4765 86.98 27.11 -13.71
C LEU C 4765 86.41 25.73 -14.00
N THR C 4766 85.50 25.26 -13.14
CA THR C 4766 84.84 23.98 -13.39
C THR C 4766 83.81 24.07 -14.52
N TRP C 4767 83.30 25.27 -14.81
CA TRP C 4767 82.30 25.44 -15.85
C TRP C 4767 82.82 25.05 -17.23
N LEU C 4768 84.13 25.15 -17.46
CA LEU C 4768 84.68 24.87 -18.78
C LEU C 4768 84.74 23.38 -19.12
N MET C 4769 84.57 22.49 -18.13
CA MET C 4769 84.56 21.04 -18.37
C MET C 4769 83.50 20.34 -17.53
N SER C 4770 82.40 21.02 -17.20
CA SER C 4770 81.29 20.47 -16.43
C SER C 4770 79.96 20.87 -17.06
N ILE C 4771 79.89 20.77 -18.38
CA ILE C 4771 78.68 21.06 -19.15
C ILE C 4771 78.50 19.96 -20.18
N ASP C 4772 77.28 19.44 -20.27
CA ASP C 4772 76.97 18.37 -21.22
C ASP C 4772 76.73 18.99 -22.59
N VAL C 4773 77.60 18.64 -23.54
CA VAL C 4773 77.54 19.25 -24.87
C VAL C 4773 76.28 18.81 -25.60
N LYS C 4774 75.91 17.54 -25.46
CA LYS C 4774 74.71 17.02 -26.13
C LYS C 4774 73.45 17.72 -25.63
N TYR C 4775 73.37 17.93 -24.32
CA TYR C 4775 72.21 18.61 -23.74
C TYR C 4775 72.13 20.05 -24.20
N GLN C 4776 73.28 20.74 -24.27
CA GLN C 4776 73.29 22.13 -24.69
C GLN C 4776 72.90 22.27 -26.15
N ILE C 4777 73.36 21.33 -26.99
CA ILE C 4777 73.00 21.35 -28.40
C ILE C 4777 71.51 21.12 -28.58
N TRP C 4778 70.95 20.21 -27.78
CA TRP C 4778 69.50 19.97 -27.79
C TRP C 4778 68.73 21.21 -27.37
N LYS C 4779 69.24 21.91 -26.35
CA LYS C 4779 68.64 23.15 -25.88
C LYS C 4779 68.63 24.19 -26.98
N PHE C 4780 69.74 24.34 -27.68
CA PHE C 4780 69.81 25.36 -28.72
C PHE C 4780 68.90 25.01 -29.89
N GLY C 4781 68.76 23.73 -30.20
CA GLY C 4781 67.83 23.33 -31.25
C GLY C 4781 66.40 23.70 -30.93
N VAL C 4782 65.96 23.37 -29.70
CA VAL C 4782 64.57 23.72 -29.35
C VAL C 4782 64.39 25.22 -29.20
N ILE C 4783 65.42 25.92 -28.72
CA ILE C 4783 65.32 27.36 -28.56
C ILE C 4783 65.19 28.05 -29.91
N PHE C 4784 65.87 27.52 -30.93
CA PHE C 4784 65.73 28.07 -32.27
C PHE C 4784 64.49 27.59 -33.00
N THR C 4785 63.83 26.52 -32.51
CA THR C 4785 62.69 25.99 -33.24
C THR C 4785 61.42 26.80 -33.03
N ASP C 4786 61.21 27.38 -31.84
CA ASP C 4786 59.94 28.05 -31.58
C ASP C 4786 59.85 29.37 -32.33
N ASN C 4787 58.62 29.83 -32.56
CA ASN C 4787 58.40 31.00 -33.39
C ASN C 4787 58.81 32.29 -32.68
N SER C 4788 58.57 32.36 -31.37
CA SER C 4788 58.74 33.61 -30.64
C SER C 4788 60.20 34.06 -30.61
N PHE C 4789 61.12 33.14 -30.37
CA PHE C 4789 62.53 33.49 -30.31
C PHE C 4789 63.05 33.89 -31.69
N LEU C 4790 62.58 33.21 -32.72
CA LEU C 4790 62.99 33.53 -34.08
C LEU C 4790 62.47 34.91 -34.49
N TYR C 4791 61.34 35.34 -33.94
CA TYR C 4791 60.86 36.68 -34.26
C TYR C 4791 61.81 37.73 -33.70
N LEU C 4792 62.36 37.50 -32.51
CA LEU C 4792 63.34 38.43 -31.96
C LEU C 4792 64.62 38.41 -32.77
N GLY C 4793 65.05 37.23 -33.23
CA GLY C 4793 66.23 37.18 -34.07
C GLY C 4793 66.04 37.87 -35.41
N TRP C 4794 64.83 37.78 -35.96
CA TRP C 4794 64.47 38.52 -37.16
C TRP C 4794 64.55 40.02 -36.92
N TYR C 4795 64.08 40.45 -35.74
CA TYR C 4795 64.25 41.85 -35.36
C TYR C 4795 65.71 42.23 -35.27
N MET C 4796 66.53 41.33 -34.76
CA MET C 4796 67.94 41.62 -34.54
C MET C 4796 68.69 41.77 -35.85
N VAL C 4797 68.34 40.95 -36.85
CA VAL C 4797 69.13 40.96 -38.08
C VAL C 4797 68.93 42.29 -38.81
N MET C 4798 67.68 42.72 -38.97
CA MET C 4798 67.45 44.04 -39.55
C MET C 4798 67.92 45.15 -38.62
N SER C 4799 67.98 44.92 -37.31
CA SER C 4799 68.50 45.96 -36.44
C SER C 4799 69.99 46.18 -36.65
N LEU C 4800 70.77 45.10 -36.64
CA LEU C 4800 72.21 45.21 -36.88
C LEU C 4800 72.50 45.69 -38.28
N LEU C 4801 71.75 45.19 -39.26
CA LEU C 4801 71.87 45.66 -40.63
C LEU C 4801 71.40 47.10 -40.77
N GLY C 4802 70.55 47.59 -39.85
CA GLY C 4802 70.04 48.93 -39.96
C GLY C 4802 71.08 49.99 -39.75
N HIS C 4803 72.19 49.66 -39.09
CA HIS C 4803 73.27 50.62 -38.96
C HIS C 4803 73.96 50.88 -40.30
N TYR C 4804 73.81 49.97 -41.27
CA TYR C 4804 74.06 50.32 -42.67
C TYR C 4804 73.13 51.45 -43.09
N ASN C 4805 71.85 51.34 -42.71
CA ASN C 4805 70.84 52.39 -42.91
C ASN C 4805 70.64 52.71 -44.38
N ASN C 4806 70.32 51.67 -45.13
CA ASN C 4806 69.69 51.79 -46.45
C ASN C 4806 68.17 51.72 -46.31
N PHE C 4807 67.62 52.55 -45.42
CA PHE C 4807 66.21 52.75 -45.11
C PHE C 4807 65.55 51.55 -44.42
N PHE C 4808 66.30 50.50 -44.10
CA PHE C 4808 65.69 49.26 -43.62
C PHE C 4808 65.35 49.28 -42.14
N PHE C 4809 65.40 50.42 -41.48
CA PHE C 4809 64.79 50.53 -40.16
C PHE C 4809 63.29 50.39 -40.21
N ALA C 4810 62.67 50.79 -41.33
CA ALA C 4810 61.22 50.77 -41.45
C ALA C 4810 60.64 49.37 -41.43
N ALA C 4811 61.43 48.35 -41.74
CA ALA C 4811 60.91 46.98 -41.71
C ALA C 4811 60.55 46.53 -40.30
N HIS C 4812 61.18 47.12 -39.28
CA HIS C 4812 60.77 46.84 -37.91
C HIS C 4812 59.34 47.31 -37.67
N LEU C 4813 58.99 48.47 -38.24
CA LEU C 4813 57.76 49.15 -37.94
C LEU C 4813 56.54 48.40 -38.42
N LEU C 4814 56.68 47.54 -39.42
CA LEU C 4814 55.51 46.81 -39.90
C LEU C 4814 55.12 45.75 -38.89
N ASP C 4815 55.98 44.76 -38.71
CA ASP C 4815 55.62 43.58 -37.95
C ASP C 4815 55.72 43.80 -36.45
N ILE C 4816 56.21 44.96 -35.98
CA ILE C 4816 56.14 45.21 -34.54
C ILE C 4816 54.70 45.37 -34.07
N ALA C 4817 53.79 45.80 -34.94
CA ALA C 4817 52.42 46.10 -34.52
C ALA C 4817 51.55 44.84 -34.31
N MET C 4818 52.12 43.63 -34.29
CA MET C 4818 51.37 42.42 -33.92
C MET C 4818 50.79 42.47 -32.51
N GLY C 4819 51.35 43.28 -31.61
CA GLY C 4819 50.90 43.30 -30.23
C GLY C 4819 49.44 43.68 -30.06
N VAL C 4820 48.89 44.45 -31.00
CA VAL C 4820 47.47 44.72 -31.01
C VAL C 4820 46.75 43.44 -31.41
N LYS C 4821 45.66 43.14 -30.71
CA LYS C 4821 44.93 41.91 -30.95
C LYS C 4821 44.16 41.97 -32.27
N THR C 4822 43.47 43.10 -32.49
CA THR C 4822 42.64 43.27 -33.68
C THR C 4822 43.48 43.25 -34.94
N LEU C 4823 44.64 43.88 -34.90
CA LEU C 4823 45.53 43.85 -36.04
C LEU C 4823 46.10 42.46 -36.26
N ARG C 4824 46.37 41.72 -35.17
CA ARG C 4824 46.95 40.40 -35.30
C ARG C 4824 46.00 39.42 -35.97
N THR C 4825 44.70 39.61 -35.74
CA THR C 4825 43.70 38.77 -36.40
C THR C 4825 43.75 38.93 -37.92
N ILE C 4826 44.07 40.12 -38.41
CA ILE C 4826 44.12 40.37 -39.85
C ILE C 4826 45.21 39.54 -40.48
N LEU C 4827 46.41 39.58 -39.91
CA LEU C 4827 47.52 38.84 -40.48
C LEU C 4827 47.31 37.35 -40.34
N SER C 4828 46.69 36.92 -39.24
CA SER C 4828 46.41 35.49 -39.11
C SER C 4828 45.33 35.02 -40.07
N SER C 4829 44.46 35.92 -40.55
CA SER C 4829 43.38 35.50 -41.41
C SER C 4829 43.86 35.03 -42.78
N VAL C 4830 44.97 35.58 -43.27
CA VAL C 4830 45.45 35.23 -44.60
C VAL C 4830 45.88 33.77 -44.65
N THR C 4831 46.60 33.33 -43.64
CA THR C 4831 47.05 31.95 -43.56
C THR C 4831 45.99 31.00 -43.02
N HIS C 4832 44.81 31.50 -42.66
CA HIS C 4832 43.78 30.63 -42.13
C HIS C 4832 43.26 29.67 -43.19
N ASN C 4833 43.23 30.11 -44.46
CA ASN C 4833 42.76 29.34 -45.60
C ASN C 4833 43.80 29.32 -46.70
N GLY C 4834 45.04 28.99 -46.32
CA GLY C 4834 46.14 29.03 -47.27
C GLY C 4834 46.01 28.01 -48.39
N LYS C 4835 45.56 26.80 -48.05
CA LYS C 4835 45.43 25.73 -49.02
C LYS C 4835 44.43 26.08 -50.11
N GLN C 4836 43.24 26.50 -49.70
CA GLN C 4836 42.16 26.83 -50.62
C GLN C 4836 42.53 28.05 -51.46
N LEU C 4837 43.16 29.04 -50.82
CA LEU C 4837 43.55 30.26 -51.52
C LEU C 4837 44.59 29.97 -52.59
N VAL C 4838 45.57 29.15 -52.26
CA VAL C 4838 46.65 28.90 -53.20
C VAL C 4838 46.14 28.10 -54.40
N MET C 4839 45.27 27.13 -54.14
CA MET C 4839 44.65 26.38 -55.24
C MET C 4839 43.82 27.29 -56.13
N THR C 4840 43.10 28.24 -55.54
CA THR C 4840 42.25 29.11 -56.33
C THR C 4840 43.08 30.06 -57.18
N VAL C 4841 44.20 30.54 -56.64
CA VAL C 4841 45.08 31.39 -57.43
C VAL C 4841 45.68 30.60 -58.59
N GLY C 4842 45.94 29.31 -58.38
CA GLY C 4842 46.38 28.47 -59.48
C GLY C 4842 45.35 28.38 -60.58
N LEU C 4843 44.08 28.26 -60.20
CA LEU C 4843 43.03 28.20 -61.21
C LEU C 4843 42.89 29.52 -61.96
N LEU C 4844 43.18 30.63 -61.31
CA LEU C 4844 43.24 31.90 -62.03
C LEU C 4844 44.36 31.87 -63.08
N ALA C 4845 45.52 31.35 -62.67
CA ALA C 4845 46.68 31.32 -63.54
C ALA C 4845 46.47 30.46 -64.78
N VAL C 4846 45.64 29.42 -64.68
CA VAL C 4846 45.41 28.53 -65.83
C VAL C 4846 44.22 28.99 -66.69
N VAL C 4847 43.15 29.52 -66.08
CA VAL C 4847 42.00 29.91 -66.85
C VAL C 4847 42.33 31.12 -67.71
N VAL C 4848 43.21 32.01 -67.22
CA VAL C 4848 43.66 33.11 -68.06
C VAL C 4848 44.58 32.65 -69.20
N TYR C 4849 45.35 31.58 -68.97
CA TYR C 4849 46.30 31.10 -69.96
C TYR C 4849 45.59 30.60 -71.21
N LEU C 4850 44.41 30.01 -71.02
CA LEU C 4850 43.64 29.62 -72.21
C LEU C 4850 43.24 30.84 -73.06
N TYR C 4851 42.91 31.95 -72.42
CA TYR C 4851 42.56 33.14 -73.18
C TYR C 4851 43.76 33.67 -73.93
N THR C 4852 44.96 33.55 -73.35
CA THR C 4852 46.14 34.06 -74.04
C THR C 4852 46.42 33.26 -75.29
N VAL C 4853 46.31 31.92 -75.24
CA VAL C 4853 46.66 31.16 -76.45
C VAL C 4853 45.60 31.38 -77.52
N VAL C 4854 44.34 31.58 -77.13
CA VAL C 4854 43.32 31.89 -78.14
C VAL C 4854 43.63 33.22 -78.83
N ALA C 4855 44.04 34.22 -78.03
CA ALA C 4855 44.39 35.51 -78.60
C ALA C 4855 45.60 35.42 -79.49
N PHE C 4856 46.57 34.57 -79.13
CA PHE C 4856 47.77 34.44 -79.93
C PHE C 4856 47.46 33.83 -81.28
N ASN C 4857 46.57 32.85 -81.33
CA ASN C 4857 46.20 32.28 -82.62
C ASN C 4857 45.47 33.29 -83.49
N PHE C 4858 44.44 33.93 -82.95
CA PHE C 4858 43.49 34.67 -83.78
C PHE C 4858 43.66 36.19 -83.76
N PHE C 4859 43.71 36.79 -82.59
CA PHE C 4859 43.54 38.23 -82.41
C PHE C 4859 44.87 38.96 -82.28
N ARG C 4860 45.88 38.56 -83.05
CA ARG C 4860 47.20 39.17 -82.91
C ARG C 4860 47.21 40.63 -83.37
N LYS C 4861 46.44 40.94 -84.41
CA LYS C 4861 46.49 42.27 -85.00
C LYS C 4861 45.95 43.35 -84.08
N PHE C 4862 45.06 43.00 -83.16
CA PHE C 4862 44.41 44.03 -82.35
C PHE C 4862 45.39 44.63 -81.34
N TYR C 4863 46.22 43.81 -80.73
CA TYR C 4863 47.09 44.28 -79.66
C TYR C 4863 48.21 45.10 -80.27
N ASN C 4864 48.07 46.42 -80.23
CA ASN C 4864 49.08 47.30 -80.80
C ASN C 4864 48.96 48.66 -80.13
N LYS C 4865 49.94 49.00 -79.31
CA LYS C 4865 50.01 50.32 -78.70
C LYS C 4865 50.56 51.32 -79.70
N SER C 4866 49.98 52.51 -79.71
CA SER C 4866 50.28 53.48 -80.76
C SER C 4866 51.69 54.04 -80.60
N GLU C 4867 52.35 54.23 -81.74
CA GLU C 4867 53.65 54.91 -81.82
C GLU C 4867 53.68 55.83 -83.04
N ASP C 4868 52.55 56.47 -83.33
CA ASP C 4868 52.41 57.35 -84.49
C ASP C 4868 52.66 56.60 -85.79
N GLU C 4869 52.09 55.39 -85.89
CA GLU C 4869 52.27 54.49 -87.03
C GLU C 4869 53.76 54.16 -87.24
N ASP C 4870 54.50 54.03 -86.15
CA ASP C 4870 55.86 53.52 -86.14
C ASP C 4870 56.01 52.58 -84.96
N GLU C 4871 55.02 51.69 -84.82
CA GLU C 4871 54.82 50.89 -83.62
C GLU C 4871 55.25 49.45 -83.87
N PRO C 4872 56.45 49.03 -83.42
CA PRO C 4872 56.75 47.60 -83.30
C PRO C 4872 56.34 47.01 -81.96
N ASP C 4873 55.48 47.71 -81.21
CA ASP C 4873 55.14 47.35 -79.84
C ASP C 4873 53.95 46.41 -79.75
N MET C 4874 53.74 45.56 -80.74
CA MET C 4874 52.73 44.51 -80.64
C MET C 4874 53.15 43.54 -79.54
N LYS C 4875 52.37 43.50 -78.46
CA LYS C 4875 52.75 42.78 -77.25
C LYS C 4875 52.29 41.32 -77.24
N CYS C 4876 51.99 40.74 -78.39
CA CYS C 4876 51.64 39.33 -78.51
C CYS C 4876 52.27 38.71 -79.73
N ASP C 4877 53.52 39.09 -80.03
CA ASP C 4877 54.41 38.33 -80.90
C ASP C 4877 55.22 37.29 -80.14
N ASP C 4878 54.83 36.96 -78.91
CA ASP C 4878 55.59 36.08 -78.04
C ASP C 4878 54.72 35.74 -76.84
N MET C 4879 54.70 34.46 -76.48
CA MET C 4879 53.77 34.01 -75.44
C MET C 4879 54.12 34.59 -74.07
N MET C 4880 55.41 34.71 -73.76
CA MET C 4880 55.80 35.28 -72.48
C MET C 4880 55.34 36.73 -72.37
N THR C 4881 55.49 37.48 -73.45
CA THR C 4881 55.04 38.87 -73.48
C THR C 4881 53.53 38.97 -73.34
N CYS C 4882 52.80 38.12 -74.05
CA CYS C 4882 51.34 38.18 -74.02
C CYS C 4882 50.80 37.74 -72.66
N TYR C 4883 51.40 36.70 -72.11
CA TYR C 4883 50.93 36.17 -70.84
C TYR C 4883 51.19 37.14 -69.72
N LEU C 4884 52.34 37.83 -69.77
CA LEU C 4884 52.60 38.85 -68.77
C LEU C 4884 51.73 40.07 -68.98
N PHE C 4885 51.38 40.37 -70.25
CA PHE C 4885 50.49 41.48 -70.53
C PHE C 4885 49.13 41.26 -69.91
N HIS C 4886 48.64 40.03 -69.98
CA HIS C 4886 47.33 39.75 -69.38
C HIS C 4886 47.36 39.80 -67.86
N MET C 4887 48.52 39.66 -67.23
CA MET C 4887 48.62 39.85 -65.79
C MET C 4887 48.67 41.33 -65.43
N TYR C 4888 49.65 42.05 -65.97
CA TYR C 4888 49.86 43.42 -65.53
C TYR C 4888 48.75 44.34 -65.99
N VAL C 4889 48.54 44.41 -67.31
CA VAL C 4889 47.57 45.32 -67.88
C VAL C 4889 46.14 44.81 -67.77
N GLY C 4890 45.94 43.55 -67.41
CA GLY C 4890 44.69 42.85 -67.58
C GLY C 4890 43.90 42.86 -66.29
N VAL C 4891 44.11 41.85 -65.44
CA VAL C 4891 43.22 41.51 -64.33
C VAL C 4891 43.05 42.66 -63.36
N ARG C 4892 44.12 43.41 -63.10
CA ARG C 4892 44.05 44.58 -62.24
C ARG C 4892 43.59 45.80 -63.03
N ALA C 4893 42.35 45.70 -63.52
CA ALA C 4893 41.72 46.77 -64.28
C ALA C 4893 40.25 46.45 -64.41
N GLY C 4894 39.42 47.46 -64.21
CA GLY C 4894 38.00 47.29 -64.38
C GLY C 4894 37.66 47.01 -65.83
N GLY C 4895 36.57 46.27 -66.01
CA GLY C 4895 36.07 46.01 -67.34
C GLY C 4895 36.84 44.98 -68.14
N GLY C 4896 37.89 44.38 -67.57
CA GLY C 4896 38.62 43.37 -68.28
C GLY C 4896 39.50 43.94 -69.36
N ILE C 4897 39.86 43.06 -70.29
CA ILE C 4897 40.86 43.37 -71.31
C ILE C 4897 40.38 44.47 -72.24
N GLY C 4898 39.07 44.52 -72.53
CA GLY C 4898 38.55 45.30 -73.63
C GLY C 4898 38.75 46.79 -73.53
N ASP C 4899 39.04 47.31 -72.34
CA ASP C 4899 39.26 48.75 -72.20
C ASP C 4899 40.54 49.18 -72.89
N GLU C 4900 41.59 48.36 -72.80
CA GLU C 4900 42.92 48.74 -73.23
C GLU C 4900 43.18 48.43 -74.69
N ILE C 4901 42.55 47.40 -75.23
CA ILE C 4901 42.81 46.98 -76.59
C ILE C 4901 42.03 47.87 -77.55
N GLU C 4902 42.52 47.96 -78.78
CA GLU C 4902 41.85 48.71 -79.83
C GLU C 4902 40.46 48.15 -80.09
N ASP C 4903 39.54 49.04 -80.40
CA ASP C 4903 38.15 48.65 -80.60
C ASP C 4903 38.03 47.81 -81.87
N PRO C 4904 37.31 46.67 -81.85
CA PRO C 4904 36.97 46.04 -83.12
C PRO C 4904 35.98 46.87 -83.91
N ALA C 4905 36.45 47.49 -84.99
CA ALA C 4905 35.67 48.41 -85.79
C ALA C 4905 34.99 47.71 -86.96
N GLY C 4906 34.28 46.62 -86.68
CA GLY C 4906 33.56 45.89 -87.71
C GLY C 4906 34.48 45.31 -88.76
N ASP C 4907 35.55 44.66 -88.30
CA ASP C 4907 36.66 44.22 -89.14
C ASP C 4907 36.89 42.74 -88.97
N GLU C 4908 35.81 41.96 -89.10
CA GLU C 4908 35.83 40.51 -89.04
C GLU C 4908 36.09 39.99 -87.64
N TYR C 4909 35.55 38.81 -87.34
CA TYR C 4909 35.57 38.23 -86.00
C TYR C 4909 34.94 39.15 -84.96
N GLU C 4910 33.91 39.90 -85.38
CA GLU C 4910 33.28 40.86 -84.47
C GLU C 4910 32.57 40.16 -83.32
N LEU C 4911 31.72 39.20 -83.64
CA LEU C 4911 31.05 38.43 -82.61
C LEU C 4911 32.04 37.54 -81.86
N TYR C 4912 33.02 36.99 -82.59
CA TYR C 4912 34.04 36.16 -81.97
C TYR C 4912 34.90 36.94 -81.00
N ARG C 4913 35.03 38.27 -81.20
CA ARG C 4913 35.81 39.13 -80.32
C ARG C 4913 34.98 39.63 -79.14
N VAL C 4914 33.73 39.99 -79.41
CA VAL C 4914 32.92 40.58 -78.36
C VAL C 4914 32.60 39.52 -77.32
N VAL C 4915 32.42 38.27 -77.75
CA VAL C 4915 32.21 37.21 -76.77
C VAL C 4915 33.49 36.95 -75.98
N PHE C 4916 34.66 37.19 -76.59
CA PHE C 4916 35.92 36.95 -75.88
C PHE C 4916 36.07 37.90 -74.72
N ASP C 4917 35.81 39.18 -74.95
CA ASP C 4917 35.92 40.12 -73.83
C ASP C 4917 34.81 39.93 -72.81
N ILE C 4918 33.58 39.63 -73.24
CA ILE C 4918 32.50 39.45 -72.26
C ILE C 4918 32.75 38.22 -71.41
N THR C 4919 33.14 37.09 -72.01
CA THR C 4919 33.32 35.89 -71.21
C THR C 4919 34.55 36.00 -70.31
N PHE C 4920 35.57 36.75 -70.74
CA PHE C 4920 36.71 37.03 -69.87
C PHE C 4920 36.26 37.78 -68.63
N PHE C 4921 35.57 38.90 -68.84
CA PHE C 4921 35.08 39.69 -67.70
C PHE C 4921 34.06 38.92 -66.87
N PHE C 4922 33.32 38.01 -67.50
CA PHE C 4922 32.31 37.27 -66.78
C PHE C 4922 32.91 36.23 -65.86
N PHE C 4923 34.10 35.68 -66.20
CA PHE C 4923 34.70 34.62 -65.41
C PHE C 4923 35.83 35.10 -64.50
N VAL C 4924 36.79 35.85 -65.00
CA VAL C 4924 38.00 36.07 -64.20
C VAL C 4924 37.76 37.12 -63.11
N ILE C 4925 37.00 38.16 -63.40
CA ILE C 4925 36.98 39.37 -62.57
C ILE C 4925 35.79 39.33 -61.62
N VAL C 4926 34.59 39.37 -62.19
CA VAL C 4926 33.39 39.50 -61.36
C VAL C 4926 33.07 38.25 -60.54
N ILE C 4927 33.72 37.12 -60.83
CA ILE C 4927 33.45 35.83 -60.16
C ILE C 4927 34.68 35.38 -59.40
N LEU C 4928 35.77 35.09 -60.12
CA LEU C 4928 36.87 34.36 -59.54
C LEU C 4928 37.70 35.25 -58.62
N LEU C 4929 37.94 36.49 -59.04
CA LEU C 4929 38.61 37.44 -58.18
C LEU C 4929 37.75 37.75 -56.96
N ALA C 4930 36.44 37.74 -57.12
CA ALA C 4930 35.58 37.88 -55.97
C ALA C 4930 35.66 36.68 -55.05
N ILE C 4931 36.00 35.48 -55.57
CA ILE C 4931 36.24 34.37 -54.67
C ILE C 4931 37.49 34.64 -53.84
N ILE C 4932 38.54 35.15 -54.49
CA ILE C 4932 39.79 35.43 -53.78
C ILE C 4932 39.56 36.50 -52.71
N GLN C 4933 38.78 37.51 -53.04
CA GLN C 4933 38.39 38.49 -52.03
C GLN C 4933 37.53 37.84 -50.95
N GLY C 4934 36.58 37.00 -51.35
CA GLY C 4934 35.58 36.51 -50.44
C GLY C 4934 36.08 35.49 -49.44
N LEU C 4935 37.22 34.87 -49.71
CA LEU C 4935 37.68 33.80 -48.83
C LEU C 4935 38.10 34.35 -47.47
N ILE C 4936 39.13 35.20 -47.47
CA ILE C 4936 39.75 35.56 -46.21
C ILE C 4936 38.91 36.57 -45.45
N ILE C 4937 38.10 37.36 -46.14
CA ILE C 4937 37.21 38.29 -45.45
C ILE C 4937 36.19 37.52 -44.63
N ASP C 4938 35.64 36.44 -45.23
CA ASP C 4938 34.80 35.52 -44.48
C ASP C 4938 35.57 34.87 -43.34
N ALA C 4939 36.85 34.56 -43.58
CA ALA C 4939 37.67 33.95 -42.54
C ALA C 4939 37.89 34.91 -41.36
N PHE C 4940 38.09 36.19 -41.67
CA PHE C 4940 38.26 37.20 -40.64
C PHE C 4940 37.01 37.34 -39.79
N GLY C 4941 35.85 37.33 -40.46
CA GLY C 4941 34.59 37.30 -39.74
C GLY C 4941 34.45 36.07 -38.87
N GLU C 4942 34.93 34.93 -39.37
CA GLU C 4942 34.85 33.69 -38.62
C GLU C 4942 35.71 33.72 -37.37
N LEU C 4943 36.93 34.26 -37.48
CA LEU C 4943 37.82 34.31 -36.34
C LEU C 4943 37.29 35.25 -35.26
N ARG C 4944 36.76 36.40 -35.68
CA ARG C 4944 36.15 37.32 -34.72
C ARG C 4944 34.95 36.67 -34.05
N ASP C 4945 34.15 35.93 -34.82
CA ASP C 4945 33.02 35.24 -34.25
C ASP C 4945 33.45 34.15 -33.28
N GLN C 4946 34.59 33.50 -33.53
CA GLN C 4946 35.06 32.48 -32.59
C GLN C 4946 35.45 33.10 -31.25
N GLN C 4947 36.11 34.26 -31.28
CA GLN C 4947 36.47 34.92 -30.03
C GLN C 4947 35.23 35.31 -29.23
N GLU C 4948 34.25 35.90 -29.91
CA GLU C 4948 33.00 36.24 -29.24
C GLU C 4948 32.25 35.00 -28.79
N GLN C 4949 32.37 33.90 -29.53
CA GLN C 4949 31.71 32.66 -29.15
C GLN C 4949 32.29 32.11 -27.86
N VAL C 4950 33.60 32.22 -27.68
CA VAL C 4950 34.20 31.76 -26.43
C VAL C 4950 33.70 32.58 -25.27
N LYS C 4951 33.65 33.91 -25.43
CA LYS C 4951 33.21 34.76 -24.34
C LYS C 4951 31.75 34.52 -23.98
N GLU C 4952 30.91 34.31 -24.98
CA GLU C 4952 29.50 34.03 -24.69
C GLU C 4952 29.31 32.63 -24.12
N ASP C 4953 30.11 31.66 -24.57
CA ASP C 4953 29.94 30.29 -24.12
C ASP C 4953 30.34 30.12 -22.67
N MET C 4954 31.32 30.88 -22.21
CA MET C 4954 31.71 30.76 -20.81
C MET C 4954 30.61 31.22 -19.86
N GLU C 4955 29.95 32.33 -20.18
CA GLU C 4955 28.93 32.87 -19.29
C GLU C 4955 27.71 31.97 -19.19
N THR C 4956 27.35 31.31 -20.28
CA THR C 4956 26.16 30.49 -20.35
C THR C 4956 26.39 29.02 -19.98
N LYS C 4957 27.57 28.66 -19.49
CA LYS C 4957 27.84 27.28 -19.13
C LYS C 4957 28.99 27.22 -18.14
N CYS C 4958 28.84 26.36 -17.14
CA CYS C 4958 29.92 26.12 -16.19
C CYS C 4958 31.09 25.47 -16.90
N PHE C 4959 32.28 25.89 -16.53
CA PHE C 4959 33.48 25.39 -17.20
C PHE C 4959 33.84 24.00 -16.73
N ILE C 4960 34.13 23.86 -15.43
CA ILE C 4960 34.56 22.57 -14.90
C ILE C 4960 33.39 21.59 -14.91
N CYS C 4961 32.35 21.91 -14.16
CA CYS C 4961 31.15 21.10 -14.20
C CYS C 4961 30.44 21.31 -15.54
N GLY C 4962 29.84 20.24 -16.03
CA GLY C 4962 29.13 20.28 -17.29
C GLY C 4962 27.74 20.88 -17.25
N ILE C 4963 27.30 21.36 -16.10
CA ILE C 4963 25.93 21.86 -15.96
C ILE C 4963 25.82 23.23 -16.59
N GLY C 4964 24.72 23.46 -17.29
CA GLY C 4964 24.48 24.76 -17.89
C GLY C 4964 24.12 25.81 -16.85
N SER C 4965 24.29 27.06 -17.24
CA SER C 4965 24.01 28.17 -16.34
C SER C 4965 22.53 28.32 -16.03
N ASP C 4966 21.64 27.78 -16.89
CA ASP C 4966 20.21 28.00 -16.70
C ASP C 4966 19.69 27.34 -15.43
N TYR C 4967 20.31 26.23 -15.01
CA TYR C 4967 19.90 25.59 -13.77
C TYR C 4967 20.21 26.47 -12.57
N PHE C 4968 21.41 27.06 -12.54
CA PHE C 4968 21.78 27.98 -11.48
C PHE C 4968 21.15 29.35 -11.64
N ASP C 4969 20.52 29.65 -12.78
CA ASP C 4969 19.78 30.90 -12.95
C ASP C 4969 18.41 30.89 -12.27
N THR C 4970 18.02 29.80 -11.61
CA THR C 4970 16.75 29.73 -10.88
C THR C 4970 16.82 30.31 -9.46
N THR C 4971 17.85 31.11 -9.15
CA THR C 4971 18.01 31.80 -7.88
C THR C 4971 18.61 33.17 -8.18
N PRO C 4972 18.38 34.18 -7.33
CA PRO C 4972 19.16 35.42 -7.48
C PRO C 4972 20.64 35.19 -7.24
N HIS C 4973 21.45 35.50 -8.26
CA HIS C 4973 22.90 35.34 -8.22
C HIS C 4973 23.31 33.89 -8.00
N GLY C 4974 22.48 32.92 -8.42
CA GLY C 4974 22.83 31.52 -8.20
C GLY C 4974 24.05 31.09 -9.00
N PHE C 4975 24.08 31.42 -10.28
CA PHE C 4975 25.23 31.08 -11.11
C PHE C 4975 26.46 31.86 -10.69
N GLU C 4976 26.28 33.14 -10.34
CA GLU C 4976 27.42 33.98 -9.98
C GLU C 4976 28.08 33.50 -8.71
N THR C 4977 27.29 33.18 -7.68
CA THR C 4977 27.86 32.61 -6.47
C THR C 4977 28.45 31.24 -6.72
N HIS C 4978 27.78 30.44 -7.57
CA HIS C 4978 28.21 29.09 -7.87
C HIS C 4978 29.60 29.08 -8.50
N THR C 4979 29.77 29.85 -9.56
CA THR C 4979 31.09 29.95 -10.18
C THR C 4979 32.06 30.73 -9.33
N LEU C 4980 31.57 31.57 -8.40
CA LEU C 4980 32.50 32.29 -7.54
C LEU C 4980 33.23 31.35 -6.60
N GLU C 4981 32.50 30.41 -5.99
CA GLU C 4981 33.04 29.60 -4.89
C GLU C 4981 33.22 28.13 -5.24
N GLU C 4982 32.20 27.48 -5.79
CA GLU C 4982 32.27 26.03 -5.98
C GLU C 4982 33.29 25.66 -7.05
N HIS C 4983 33.31 26.38 -8.17
CA HIS C 4983 34.26 26.18 -9.26
C HIS C 4983 34.83 27.55 -9.60
N ASN C 4984 35.84 27.96 -8.86
CA ASN C 4984 36.41 29.29 -9.04
C ASN C 4984 37.42 29.40 -10.17
N LEU C 4985 38.03 28.28 -10.57
CA LEU C 4985 39.09 28.07 -11.57
C LEU C 4985 40.48 28.49 -11.06
N ALA C 4986 40.58 29.20 -9.93
CA ALA C 4986 41.84 29.51 -9.27
C ALA C 4986 42.05 28.66 -8.04
N ASN C 4987 40.97 28.40 -7.31
CA ASN C 4987 41.04 27.58 -6.11
C ASN C 4987 41.48 26.17 -6.41
N TYR C 4988 41.17 25.65 -7.60
CA TYR C 4988 41.70 24.35 -8.00
C TYR C 4988 43.22 24.42 -8.19
N MET C 4989 43.69 25.50 -8.81
CA MET C 4989 45.13 25.71 -8.97
C MET C 4989 45.79 25.87 -7.61
N PHE C 4990 45.13 26.60 -6.71
CA PHE C 4990 45.63 26.67 -5.34
C PHE C 4990 45.56 25.33 -4.63
N PHE C 4991 44.61 24.47 -5.02
CA PHE C 4991 44.49 23.16 -4.42
C PHE C 4991 45.73 22.32 -4.72
N LEU C 4992 46.18 22.37 -5.97
CA LEU C 4992 47.34 21.55 -6.34
C LEU C 4992 48.64 22.03 -5.72
N MET C 4993 48.71 23.25 -5.17
CA MET C 4993 49.98 23.80 -4.74
C MET C 4993 50.39 23.31 -3.36
N TYR C 4994 49.56 23.57 -2.34
CA TYR C 4994 49.94 23.18 -0.99
C TYR C 4994 49.98 21.67 -0.82
N LEU C 4995 49.27 20.93 -1.67
CA LEU C 4995 49.44 19.48 -1.72
C LEU C 4995 50.88 19.12 -2.02
N ILE C 4996 51.49 19.84 -2.96
CA ILE C 4996 52.92 19.65 -3.20
C ILE C 4996 53.71 20.14 -1.99
N ASN C 4997 53.29 21.26 -1.41
CA ASN C 4997 54.05 21.85 -0.32
C ASN C 4997 53.89 21.08 1.00
N LYS C 4998 52.73 20.49 1.23
CA LYS C 4998 52.44 19.83 2.50
C LYS C 4998 53.08 18.45 2.53
N ASP C 4999 53.48 18.04 3.73
CA ASP C 4999 54.15 16.75 3.90
C ASP C 4999 53.18 15.61 3.70
N GLU C 5000 53.73 14.46 3.29
CA GLU C 5000 52.92 13.29 2.98
C GLU C 5000 52.21 12.75 4.22
N THR C 5001 52.89 12.81 5.36
CA THR C 5001 52.29 12.31 6.60
C THR C 5001 51.11 13.17 7.03
N GLU C 5002 51.18 14.48 6.78
CA GLU C 5002 50.15 15.40 7.22
C GLU C 5002 48.96 15.49 6.29
N HIS C 5003 48.94 14.75 5.18
CA HIS C 5003 47.79 14.78 4.30
C HIS C 5003 46.59 14.16 5.00
N THR C 5004 45.45 14.80 4.84
CA THR C 5004 44.21 14.28 5.40
C THR C 5004 43.71 13.12 4.53
N GLY C 5005 42.51 12.64 4.82
CA GLY C 5005 41.96 11.53 4.05
C GLY C 5005 41.66 11.94 2.62
N GLN C 5006 40.85 12.98 2.45
CA GLN C 5006 40.42 13.42 1.14
C GLN C 5006 41.59 14.01 0.35
N GLU C 5007 42.51 14.67 1.04
CA GLU C 5007 43.69 15.22 0.41
C GLU C 5007 44.56 14.13 -0.20
N SER C 5008 44.78 13.06 0.56
CA SER C 5008 45.56 11.94 0.04
C SER C 5008 44.82 11.22 -1.07
N TYR C 5009 43.48 11.19 -1.00
CA TYR C 5009 42.69 10.60 -2.06
C TYR C 5009 42.92 11.32 -3.38
N VAL C 5010 43.00 12.64 -3.34
CA VAL C 5010 43.27 13.39 -4.57
C VAL C 5010 44.71 13.16 -5.03
N TRP C 5011 45.67 13.21 -4.09
CA TRP C 5011 47.09 13.18 -4.44
C TRP C 5011 47.50 11.87 -5.10
N LYS C 5012 46.88 10.77 -4.67
CA LYS C 5012 47.19 9.47 -5.25
C LYS C 5012 46.81 9.42 -6.73
N MET C 5013 45.63 9.93 -7.06
CA MET C 5013 45.22 9.92 -8.46
C MET C 5013 46.01 10.91 -9.28
N TYR C 5014 46.47 12.01 -8.66
CA TYR C 5014 47.29 12.95 -9.40
C TYR C 5014 48.61 12.30 -9.80
N GLN C 5015 49.19 11.49 -8.91
CA GLN C 5015 50.35 10.72 -9.33
C GLN C 5015 49.99 9.70 -10.39
N GLU C 5016 48.84 9.05 -10.26
CA GLU C 5016 48.44 8.05 -11.25
C GLU C 5016 47.87 8.62 -12.54
N ARG C 5017 47.54 9.92 -12.59
CA ARG C 5017 47.00 10.57 -13.78
C ARG C 5017 45.66 9.95 -14.18
N CYS C 5018 44.71 10.06 -13.27
CA CYS C 5018 43.32 9.65 -13.50
C CYS C 5018 42.43 10.82 -13.09
N TRP C 5019 41.81 11.47 -14.08
CA TRP C 5019 41.05 12.69 -13.87
C TRP C 5019 39.56 12.41 -13.68
N ASP C 5020 39.27 11.48 -12.79
CA ASP C 5020 37.90 11.07 -12.49
C ASP C 5020 37.31 11.73 -11.26
N PHE C 5021 38.15 12.16 -10.32
CA PHE C 5021 37.66 12.68 -9.06
C PHE C 5021 36.95 14.03 -9.18
N PHE C 5022 37.13 14.74 -10.29
CA PHE C 5022 36.37 15.94 -10.52
C PHE C 5022 34.89 15.60 -10.68
N PRO C 5023 33.98 16.58 -10.43
CA PRO C 5023 32.55 16.23 -10.31
C PRO C 5023 31.93 15.73 -11.60
N ALA C 5024 31.99 16.53 -12.67
CA ALA C 5024 31.54 16.14 -14.00
C ALA C 5024 30.06 15.72 -14.02
N GLY C 5025 29.19 16.60 -13.52
CA GLY C 5025 27.75 16.40 -13.59
C GLY C 5025 26.96 16.88 -12.39
N ASP C 5026 27.58 16.96 -11.22
CA ASP C 5026 26.92 17.34 -9.97
C ASP C 5026 27.79 18.34 -9.24
N CYS C 5027 27.14 19.25 -8.50
CA CYS C 5027 27.79 20.39 -7.85
C CYS C 5027 27.24 20.62 -6.46
N PHE C 5028 27.02 19.53 -5.71
CA PHE C 5028 26.53 19.52 -4.33
C PHE C 5028 25.04 19.90 -4.21
N ARG C 5029 24.36 20.24 -5.31
CA ARG C 5029 23.00 20.74 -5.32
C ARG C 5029 22.04 19.79 -6.02
N LYS C 5030 22.47 19.22 -7.14
CA LYS C 5030 21.67 18.18 -7.78
C LYS C 5030 21.58 16.94 -6.91
N GLN C 5031 22.59 16.68 -6.08
CA GLN C 5031 22.53 15.54 -5.18
C GLN C 5031 21.46 15.74 -4.12
N TYR C 5032 21.38 16.94 -3.55
CA TYR C 5032 20.50 17.29 -2.44
C TYR C 5032 19.47 18.33 -2.85
N GLU C 5033 18.98 18.22 -4.09
CA GLU C 5033 17.96 19.16 -4.54
C GLU C 5033 16.63 18.96 -3.80
N ASP C 5034 16.32 17.72 -3.42
CA ASP C 5034 15.06 17.46 -2.75
C ASP C 5034 15.03 18.03 -1.34
N GLN C 5035 16.15 17.90 -0.62
CA GLN C 5035 16.18 18.35 0.77
C GLN C 5035 16.39 19.86 0.85
N LEU C 5036 17.58 20.32 0.45
CA LEU C 5036 17.99 21.72 0.47
C LEU C 5036 19.39 21.78 -0.12
N SER C 5037 19.75 22.97 -0.59
CA SER C 5037 21.07 23.20 -1.14
C SER C 5037 22.15 23.03 -0.07
N GLU D 10 16.33 2.29 27.44
CA GLU D 10 17.69 2.05 27.91
C GLU D 10 17.82 2.48 29.36
N VAL D 11 19.01 2.30 29.93
CA VAL D 11 19.24 2.62 31.33
C VAL D 11 19.43 4.12 31.46
N GLN D 12 18.59 4.74 32.27
CA GLN D 12 18.67 6.18 32.50
C GLN D 12 19.77 6.48 33.50
N PHE D 13 20.12 7.77 33.57
CA PHE D 13 21.15 8.29 34.45
C PHE D 13 20.58 9.42 35.29
N LEU D 14 21.20 9.64 36.44
CA LEU D 14 20.70 10.59 37.42
C LEU D 14 21.15 11.99 37.03
N ARG D 15 20.25 12.73 36.40
CA ARG D 15 20.53 14.09 35.95
C ARG D 15 20.27 15.08 37.07
N THR D 16 20.95 16.22 37.00
CA THR D 16 20.73 17.26 37.99
C THR D 16 19.39 17.94 37.76
N ASP D 17 18.95 18.68 38.78
CA ASP D 17 17.66 19.38 38.78
C ASP D 17 16.50 18.41 38.58
N ASP D 18 16.61 17.23 39.20
CA ASP D 18 15.59 16.19 39.19
C ASP D 18 15.31 15.76 40.61
N GLU D 19 14.03 15.56 40.91
CA GLU D 19 13.63 15.10 42.24
C GLU D 19 14.13 13.69 42.46
N VAL D 20 14.38 13.37 43.73
CA VAL D 20 14.96 12.08 44.07
C VAL D 20 14.66 11.80 45.54
N VAL D 21 14.78 10.53 45.93
CA VAL D 21 14.54 10.06 47.29
C VAL D 21 15.66 9.10 47.67
N LEU D 22 16.24 9.30 48.84
CA LEU D 22 17.21 8.35 49.39
C LEU D 22 16.49 7.10 49.87
N GLN D 23 17.24 6.01 49.95
CA GLN D 23 16.66 4.71 50.27
C GLN D 23 17.72 3.80 50.85
N CYS D 24 17.30 2.96 51.78
CA CYS D 24 18.16 1.98 52.42
C CYS D 24 17.29 0.86 52.95
N SER D 25 17.94 -0.26 53.28
CA SER D 25 17.27 -1.42 53.83
C SER D 25 18.16 -2.09 54.86
N ALA D 26 17.52 -2.67 55.87
CA ALA D 26 18.21 -3.40 56.92
C ALA D 26 17.25 -4.43 57.50
N THR D 27 17.82 -5.44 58.14
CA THR D 27 17.08 -6.58 58.66
C THR D 27 16.82 -6.40 60.16
N VAL D 28 15.54 -6.51 60.53
CA VAL D 28 15.08 -6.47 61.92
C VAL D 28 14.43 -7.79 62.31
N LEU D 29 13.83 -8.49 61.33
CA LEU D 29 13.20 -9.79 61.53
C LEU D 29 13.60 -10.77 60.42
N LYS D 30 14.80 -10.60 59.87
CA LYS D 30 15.26 -11.31 58.67
C LYS D 30 14.36 -10.98 57.48
N GLU D 31 14.31 -9.70 57.16
CA GLU D 31 13.59 -9.22 55.99
C GLU D 31 14.15 -7.86 55.60
N GLN D 32 14.29 -7.64 54.31
CA GLN D 32 14.85 -6.37 53.80
C GLN D 32 13.74 -5.33 53.82
N LEU D 33 13.69 -4.58 54.92
CA LEU D 33 12.68 -3.54 55.08
C LEU D 33 12.96 -2.39 54.13
N LYS D 34 11.89 -1.83 53.57
CA LYS D 34 11.97 -0.67 52.67
C LYS D 34 11.89 0.59 53.52
N LEU D 35 12.95 1.39 53.49
CA LEU D 35 13.11 2.56 54.34
C LEU D 35 13.55 3.74 53.49
N CYS D 36 13.33 4.95 54.02
CA CYS D 36 13.70 6.15 53.29
C CYS D 36 13.84 7.30 54.28
N LEU D 37 14.83 8.15 54.04
CA LEU D 37 15.09 9.30 54.89
C LEU D 37 14.02 10.36 54.70
N ALA D 38 13.80 11.15 55.75
CA ALA D 38 12.82 12.23 55.71
C ALA D 38 13.12 13.21 56.82
N ALA D 39 12.36 14.31 56.82
CA ALA D 39 12.45 15.32 57.86
C ALA D 39 11.24 16.24 57.73
N GLU D 40 10.71 16.66 58.88
CA GLU D 40 9.52 17.51 58.88
C GLU D 40 9.85 18.93 58.44
N GLY D 41 11.02 19.44 58.86
CA GLY D 41 11.42 20.79 58.56
C GLY D 41 11.00 21.78 59.63
N PHE D 42 9.87 22.44 59.42
CA PHE D 42 9.40 23.45 60.34
C PHE D 42 8.94 22.81 61.64
N GLY D 43 9.85 22.72 62.61
CA GLY D 43 9.62 22.06 63.87
C GLY D 43 10.87 21.32 64.29
N ASN D 44 10.74 20.02 64.55
CA ASN D 44 11.92 19.20 64.81
C ASN D 44 12.74 19.11 63.52
N ARG D 45 13.88 19.78 63.52
CA ARG D 45 14.72 19.84 62.32
C ARG D 45 15.52 18.57 62.10
N LEU D 46 15.71 17.74 63.12
CA LEU D 46 16.49 16.52 62.96
C LEU D 46 15.75 15.54 62.06
N CYS D 47 16.51 14.88 61.19
CA CYS D 47 15.92 13.93 60.27
C CYS D 47 15.45 12.68 61.00
N PHE D 48 14.55 11.97 60.34
CA PHE D 48 13.99 10.75 60.90
C PHE D 48 13.64 9.81 59.75
N LEU D 49 13.50 8.54 60.10
CA LEU D 49 13.36 7.46 59.14
C LEU D 49 11.88 7.11 58.96
N GLU D 50 11.47 6.97 57.70
CA GLU D 50 10.10 6.69 57.30
C GLU D 50 10.03 5.28 56.73
N PRO D 51 9.49 4.28 57.45
CA PRO D 51 9.31 2.97 56.83
C PRO D 51 8.30 3.01 55.70
N THR D 52 8.53 2.13 54.70
CA THR D 52 7.65 1.97 53.56
C THR D 52 7.43 0.50 53.18
N SER D 53 7.83 -0.45 54.03
CA SER D 53 7.73 -1.86 53.67
C SER D 53 6.28 -2.32 53.57
N ASN D 54 5.37 -1.71 54.33
CA ASN D 54 3.96 -2.06 54.35
C ASN D 54 3.13 -1.31 53.31
N ALA D 55 3.77 -0.83 52.23
CA ALA D 55 3.09 0.02 51.26
C ALA D 55 1.97 -0.72 50.54
N GLN D 56 2.09 -2.04 50.39
CA GLN D 56 1.04 -2.82 49.73
C GLN D 56 -0.24 -2.80 50.54
N ASN D 57 -0.13 -2.89 51.88
CA ASN D 57 -1.28 -2.99 52.77
C ASN D 57 -1.66 -1.67 53.44
N VAL D 58 -0.77 -0.68 53.45
CA VAL D 58 -1.12 0.66 53.93
C VAL D 58 -0.08 1.64 53.41
N PRO D 59 -0.43 2.75 52.76
CA PRO D 59 0.58 3.52 52.05
C PRO D 59 1.37 4.40 53.00
N PRO D 60 2.58 4.87 52.61
CA PRO D 60 3.34 5.79 53.46
C PRO D 60 3.02 7.24 53.13
N ASP D 61 3.68 8.18 53.83
CA ASP D 61 3.60 9.62 53.56
C ASP D 61 4.92 10.06 52.94
N LEU D 62 4.94 10.11 51.61
CA LEU D 62 6.16 10.39 50.84
C LEU D 62 6.35 11.87 50.50
N ALA D 63 5.46 12.76 50.96
CA ALA D 63 5.55 14.17 50.56
C ALA D 63 6.80 14.82 51.15
N ILE D 64 7.05 14.59 52.44
CA ILE D 64 8.25 15.15 53.07
C ILE D 64 9.51 14.50 52.50
N CYS D 65 9.43 13.24 52.10
CA CYS D 65 10.61 12.49 51.68
C CYS D 65 11.23 13.03 50.39
N CYS D 66 10.48 13.75 49.57
CA CYS D 66 10.93 14.15 48.24
C CYS D 66 12.05 15.18 48.36
N PHE D 67 13.25 14.78 47.96
CA PHE D 67 14.42 15.63 47.86
C PHE D 67 14.64 16.05 46.41
N THR D 68 15.51 17.05 46.23
CA THR D 68 15.84 17.61 44.93
C THR D 68 17.34 17.85 44.83
N LEU D 69 17.90 17.55 43.67
CA LEU D 69 19.31 17.78 43.39
C LEU D 69 19.48 19.22 42.91
N GLU D 70 20.12 20.05 43.74
CA GLU D 70 20.26 21.44 43.38
C GLU D 70 21.33 21.64 42.32
N GLN D 71 22.53 21.15 42.55
CA GLN D 71 23.63 21.27 41.60
C GLN D 71 24.72 20.29 42.02
N SER D 72 25.76 20.22 41.21
CA SER D 72 26.88 19.32 41.44
C SER D 72 28.10 19.86 40.73
N LEU D 73 29.27 19.54 41.28
CA LEU D 73 30.53 20.03 40.73
C LEU D 73 31.65 19.22 41.38
N SER D 74 32.88 19.56 41.04
CA SER D 74 34.05 18.87 41.55
C SER D 74 34.45 19.41 42.91
N VAL D 75 35.34 18.68 43.56
CA VAL D 75 35.75 19.03 44.92
C VAL D 75 36.58 20.31 44.90
N ARG D 76 37.54 20.40 43.99
CA ARG D 76 38.39 21.58 43.92
C ARG D 76 37.59 22.80 43.50
N ALA D 77 36.63 22.60 42.59
CA ALA D 77 35.75 23.69 42.20
C ALA D 77 34.89 24.13 43.37
N LEU D 78 34.46 23.19 44.20
CA LEU D 78 33.71 23.53 45.40
C LEU D 78 34.57 24.32 46.38
N GLN D 79 35.85 23.96 46.49
CA GLN D 79 36.74 24.72 47.37
C GLN D 79 36.96 26.13 46.83
N GLU D 80 37.01 26.28 45.51
CA GLU D 80 37.13 27.62 44.94
C GLU D 80 35.85 28.41 45.17
N MET D 81 34.70 27.75 45.12
CA MET D 81 33.44 28.40 45.46
C MET D 81 33.44 28.84 46.92
N LEU D 82 33.99 28.00 47.79
CA LEU D 82 34.11 28.33 49.21
C LEU D 82 34.98 29.57 49.40
N ALA D 83 36.13 29.62 48.72
CA ALA D 83 36.99 30.80 48.79
C ALA D 83 36.30 32.01 48.18
N ASN D 84 35.63 31.82 47.05
CA ASN D 84 34.85 32.87 46.40
C ASN D 84 33.43 32.88 46.99
N THR D 85 33.38 33.22 48.27
CA THR D 85 32.11 33.26 48.98
C THR D 85 31.18 34.35 48.43
N VAL D 86 31.75 35.44 47.93
CA VAL D 86 30.94 36.52 47.39
C VAL D 86 30.29 36.06 46.10
N GLU D 87 28.98 36.26 45.97
CA GLU D 87 28.25 35.89 44.77
C GLU D 87 28.51 36.89 43.65
N GLY D 95 23.13 28.13 34.90
CA GLY D 95 22.58 28.40 33.59
C GLY D 95 21.66 27.30 33.11
N GLY D 96 22.09 26.61 32.05
CA GLY D 96 21.28 25.51 31.52
C GLY D 96 21.19 24.34 32.49
N GLY D 97 22.29 24.04 33.18
CA GLY D 97 22.27 22.95 34.13
C GLY D 97 22.14 21.60 33.45
N HIS D 98 21.48 20.68 34.17
CA HIS D 98 21.27 19.31 33.71
C HIS D 98 22.59 18.58 33.44
N ARG D 99 23.64 18.93 34.18
CA ARG D 99 24.89 18.20 34.07
C ARG D 99 24.73 16.82 34.68
N THR D 100 25.15 15.80 33.94
CA THR D 100 25.07 14.44 34.45
C THR D 100 26.03 14.25 35.61
N LEU D 101 25.60 13.47 36.59
CA LEU D 101 26.39 13.25 37.79
C LEU D 101 27.45 12.20 37.54
N LEU D 102 28.61 12.40 38.16
CA LEU D 102 29.73 11.48 38.14
C LEU D 102 30.17 11.19 39.56
N TYR D 103 30.75 10.01 39.75
CA TYR D 103 31.31 9.66 41.05
C TYR D 103 32.47 10.58 41.37
N GLY D 104 32.59 10.93 42.65
CA GLY D 104 33.58 11.88 43.11
C GLY D 104 33.14 13.33 43.07
N HIS D 105 32.00 13.64 42.47
CA HIS D 105 31.48 15.00 42.49
C HIS D 105 30.89 15.31 43.86
N ALA D 106 30.81 16.62 44.16
CA ALA D 106 30.26 17.13 45.40
C ALA D 106 28.79 17.43 45.19
N ILE D 107 27.93 16.56 45.70
CA ILE D 107 26.49 16.72 45.53
C ILE D 107 25.97 17.74 46.52
N LEU D 108 24.74 18.22 46.27
CA LEU D 108 24.04 19.15 47.15
C LEU D 108 22.55 18.79 47.12
N LEU D 109 22.11 18.05 48.12
CA LEU D 109 20.71 17.70 48.24
C LEU D 109 19.93 18.88 48.80
N ARG D 110 18.62 18.85 48.60
CA ARG D 110 17.74 19.88 49.11
C ARG D 110 16.37 19.27 49.35
N HIS D 111 15.72 19.68 50.44
CA HIS D 111 14.36 19.28 50.70
C HIS D 111 13.45 20.04 49.75
N ALA D 112 12.73 19.30 48.91
CA ALA D 112 11.86 19.93 47.93
C ALA D 112 10.74 20.71 48.59
N HIS D 113 10.24 20.20 49.71
CA HIS D 113 9.10 20.81 50.38
C HIS D 113 9.51 21.99 51.24
N SER D 114 10.31 21.72 52.29
CA SER D 114 10.64 22.75 53.26
C SER D 114 11.54 23.83 52.70
N ARG D 115 12.25 23.57 51.60
CA ARG D 115 13.22 24.51 51.04
C ARG D 115 14.34 24.81 52.03
N MET D 116 14.74 23.78 52.80
CA MET D 116 15.87 23.82 53.70
C MET D 116 16.82 22.70 53.33
N TYR D 117 18.10 23.02 53.31
CA TYR D 117 19.11 22.16 52.69
C TYR D 117 19.64 21.15 53.68
N LEU D 118 19.88 19.94 53.19
CA LEU D 118 20.42 18.88 54.03
C LEU D 118 21.85 19.20 54.43
N SER D 119 22.19 18.87 55.68
CA SER D 119 23.52 19.17 56.20
C SER D 119 23.76 18.35 57.45
N CYS D 120 25.00 18.37 57.91
CA CYS D 120 25.38 17.83 59.20
C CYS D 120 25.08 18.85 60.30
N LEU D 121 25.16 18.39 61.54
CA LEU D 121 24.96 19.23 62.71
C LEU D 121 25.94 18.81 63.81
N THR D 122 26.35 19.80 64.61
CA THR D 122 27.33 19.61 65.67
C THR D 122 26.62 19.26 66.98
N THR D 123 26.00 18.08 66.96
CA THR D 123 25.23 17.54 68.09
C THR D 123 25.66 16.13 68.41
N SER D 124 24.93 15.48 69.31
CA SER D 124 25.19 14.10 69.68
C SER D 124 23.90 13.47 70.18
N ARG D 125 23.87 12.14 70.15
CA ARG D 125 22.69 11.41 70.58
C ARG D 125 23.07 9.97 70.87
N SER D 126 22.38 9.38 71.84
CA SER D 126 22.49 8.00 72.33
C SER D 126 23.72 7.76 73.20
N MET D 127 24.63 8.73 73.36
CA MET D 127 25.77 8.63 74.29
C MET D 127 26.70 7.48 73.91
N THR D 128 27.14 7.51 72.66
CA THR D 128 28.08 6.51 72.17
C THR D 128 29.53 6.76 72.61
N ASP D 129 29.82 7.88 73.29
CA ASP D 129 31.19 8.31 73.58
C ASP D 129 32.02 8.41 72.30
N LYS D 130 31.37 8.89 71.24
CA LYS D 130 31.96 8.91 69.91
C LYS D 130 31.12 9.88 69.09
N LEU D 131 31.71 10.36 67.99
CA LEU D 131 31.01 11.25 67.09
C LEU D 131 29.80 10.54 66.49
N ALA D 132 28.66 11.21 66.56
CA ALA D 132 27.43 10.82 65.87
C ALA D 132 27.04 11.84 64.81
N PHE D 133 26.95 13.11 65.20
CA PHE D 133 26.64 14.24 64.31
C PHE D 133 25.31 14.00 63.59
N ASP D 134 24.25 14.06 64.40
CA ASP D 134 22.90 13.79 63.92
C ASP D 134 22.53 14.75 62.79
N VAL D 135 22.23 14.18 61.63
CA VAL D 135 22.02 15.00 60.44
C VAL D 135 20.72 15.77 60.56
N GLY D 136 20.64 16.88 59.84
CA GLY D 136 19.46 17.71 59.86
C GLY D 136 19.45 18.64 58.66
N LEU D 137 18.50 19.57 58.69
CA LEU D 137 18.22 20.47 57.59
C LEU D 137 18.64 21.87 58.00
N GLN D 138 19.73 22.34 57.41
CA GLN D 138 20.17 23.70 57.65
C GLN D 138 19.25 24.68 56.93
N GLU D 139 19.09 25.85 57.53
CA GLU D 139 18.17 26.85 57.00
C GLU D 139 18.70 27.55 55.75
N ASP D 140 20.01 27.51 55.51
CA ASP D 140 20.62 28.17 54.36
C ASP D 140 21.76 27.32 53.85
N ALA D 141 21.97 27.39 52.54
CA ALA D 141 23.03 26.64 51.88
C ALA D 141 24.41 27.24 52.06
N THR D 142 24.52 28.43 52.63
CA THR D 142 25.82 29.02 52.90
C THR D 142 26.57 28.18 53.92
N GLY D 143 27.89 28.22 53.82
CA GLY D 143 28.75 27.39 54.64
C GLY D 143 29.04 26.05 54.00
N GLU D 144 30.20 25.50 54.35
CA GLU D 144 30.71 24.32 53.69
C GLU D 144 30.11 23.01 54.23
N ALA D 145 29.48 23.04 55.40
CA ALA D 145 28.90 21.82 55.96
C ALA D 145 27.73 21.30 55.15
N CYS D 146 27.07 22.15 54.37
CA CYS D 146 25.90 21.72 53.62
C CYS D 146 26.25 20.71 52.52
N TRP D 147 27.46 20.77 51.98
CA TRP D 147 27.81 19.97 50.82
C TRP D 147 28.15 18.54 51.22
N TRP D 148 27.90 17.62 50.29
CA TRP D 148 28.17 16.20 50.45
C TRP D 148 28.87 15.70 49.18
N THR D 149 29.54 14.56 49.33
CA THR D 149 30.28 13.91 48.25
C THR D 149 29.84 12.46 48.12
N MET D 150 29.70 12.01 46.87
CA MET D 150 29.32 10.65 46.56
C MET D 150 30.55 9.77 46.48
N HIS D 151 30.32 8.46 46.50
CA HIS D 151 31.39 7.49 46.32
C HIS D 151 30.76 6.17 45.89
N PRO D 152 31.54 5.26 45.31
CA PRO D 152 30.97 4.01 44.80
C PRO D 152 30.93 2.90 45.85
N ALA D 153 29.80 2.19 45.86
CA ALA D 153 29.59 1.07 46.75
C ALA D 153 30.12 -0.23 46.13
N SER D 154 29.58 -0.59 44.97
CA SER D 154 30.02 -1.79 44.28
C SER D 154 31.32 -1.54 43.54
N LYS D 155 32.19 -2.55 43.51
CA LYS D 155 33.47 -2.42 42.84
C LYS D 155 33.37 -2.45 41.32
N GLN D 156 32.24 -2.91 40.76
CA GLN D 156 32.10 -2.99 39.32
C GLN D 156 32.11 -1.61 38.67
N ARG D 157 31.68 -0.58 39.38
CA ARG D 157 31.91 0.81 39.02
C ARG D 157 33.18 1.31 39.68
N SER D 158 33.64 2.48 39.24
CA SER D 158 34.81 3.12 39.80
C SER D 158 34.62 4.63 39.72
N GLU D 159 35.67 5.38 40.07
CA GLU D 159 35.60 6.82 40.04
C GLU D 159 35.58 7.33 38.61
N GLY D 160 34.79 8.38 38.38
CA GLY D 160 34.68 9.01 37.08
C GLY D 160 33.60 8.43 36.18
N GLU D 161 33.04 7.27 36.52
CA GLU D 161 31.96 6.72 35.72
C GLU D 161 30.70 7.57 35.85
N LYS D 162 29.84 7.46 34.84
CA LYS D 162 28.53 8.09 34.89
C LYS D 162 27.63 7.25 35.79
N VAL D 163 27.20 7.83 36.90
CA VAL D 163 26.31 7.12 37.81
C VAL D 163 24.96 6.92 37.16
N ARG D 164 24.42 5.71 37.32
CA ARG D 164 23.13 5.31 36.79
C ARG D 164 22.13 5.20 37.94
N VAL D 165 20.94 4.73 37.61
CA VAL D 165 19.88 4.52 38.59
C VAL D 165 20.00 3.10 39.13
N GLY D 166 19.57 2.93 40.38
CA GLY D 166 19.51 1.64 41.01
C GLY D 166 20.77 1.23 41.75
N ASP D 167 21.94 1.63 41.25
CA ASP D 167 23.19 1.25 41.89
C ASP D 167 23.33 1.90 43.26
N ASP D 168 24.03 1.22 44.15
CA ASP D 168 24.18 1.67 45.52
C ASP D 168 25.29 2.69 45.64
N LEU D 169 25.09 3.68 46.52
CA LEU D 169 25.97 4.81 46.69
C LEU D 169 26.41 4.93 48.14
N ILE D 170 27.51 5.63 48.34
CA ILE D 170 28.10 5.88 49.65
C ILE D 170 28.27 7.39 49.76
N LEU D 171 27.30 8.06 50.38
CA LEU D 171 27.39 9.49 50.60
C LEU D 171 28.34 9.79 51.74
N VAL D 172 29.09 10.87 51.58
CA VAL D 172 30.09 11.31 52.56
C VAL D 172 29.94 12.80 52.76
N SER D 173 30.15 13.24 53.99
CA SER D 173 30.12 14.65 54.33
C SER D 173 31.45 15.31 53.98
N VAL D 174 31.37 16.61 53.73
CA VAL D 174 32.53 17.39 53.31
C VAL D 174 33.25 17.90 54.56
N SER D 175 32.57 18.75 55.33
CA SER D 175 33.20 19.37 56.48
C SER D 175 33.37 18.39 57.62
N SER D 176 32.34 17.59 57.89
CA SER D 176 32.42 16.62 58.98
C SER D 176 33.42 15.52 58.70
N GLU D 177 33.65 15.19 57.42
CA GLU D 177 34.55 14.11 57.01
C GLU D 177 34.08 12.78 57.59
N ARG D 178 32.76 12.58 57.58
CA ARG D 178 32.11 11.43 58.18
C ARG D 178 31.08 10.89 57.21
N TYR D 179 30.81 9.59 57.33
CA TYR D 179 30.04 8.83 56.36
C TYR D 179 28.62 8.64 56.85
N LEU D 180 27.67 8.72 55.93
CA LEU D 180 26.28 8.48 56.26
C LEU D 180 26.08 7.04 56.69
N HIS D 181 25.16 6.83 57.63
CA HIS D 181 25.10 5.58 58.37
C HIS D 181 23.70 5.38 58.91
N LEU D 182 23.18 4.18 58.73
CA LEU D 182 21.95 3.73 59.39
C LEU D 182 22.34 3.12 60.72
N SER D 183 22.04 3.82 61.81
CA SER D 183 22.45 3.42 63.15
C SER D 183 21.35 2.59 63.78
N THR D 184 21.58 1.28 63.85
CA THR D 184 20.72 0.39 64.61
C THR D 184 21.12 0.43 66.07
N ALA D 185 20.10 0.50 66.94
CA ALA D 185 20.31 0.61 68.37
C ALA D 185 19.09 0.01 69.06
N SER D 186 18.99 0.26 70.37
CA SER D 186 17.87 -0.25 71.15
C SER D 186 16.55 0.36 70.69
N GLY D 187 16.55 1.66 70.40
CA GLY D 187 15.34 2.35 70.02
C GLY D 187 15.03 2.19 68.55
N GLU D 188 14.27 3.15 68.04
CA GLU D 188 13.95 3.19 66.62
C GLU D 188 15.22 3.41 65.80
N LEU D 189 15.16 2.99 64.54
CA LEU D 189 16.32 2.99 63.66
C LEU D 189 16.75 4.42 63.38
N GLN D 190 17.82 4.85 64.04
CA GLN D 190 18.37 6.18 63.86
C GLN D 190 19.25 6.22 62.63
N VAL D 191 19.34 7.41 62.03
CA VAL D 191 20.05 7.65 60.77
C VAL D 191 21.23 8.58 60.99
N ASP D 192 21.83 8.55 62.17
CA ASP D 192 22.99 9.37 62.44
C ASP D 192 24.20 8.90 61.62
N ALA D 193 24.97 9.87 61.12
CA ALA D 193 26.14 9.61 60.30
C ALA D 193 27.36 9.46 61.20
N SER D 194 27.54 8.24 61.72
CA SER D 194 28.54 7.94 62.74
C SER D 194 29.62 6.98 62.27
N PHE D 195 29.26 5.75 61.85
CA PHE D 195 30.20 4.63 61.86
C PHE D 195 30.42 3.99 60.49
N MET D 196 29.36 3.53 59.81
CA MET D 196 29.46 2.54 58.75
C MET D 196 28.98 3.13 57.43
N GLN D 197 29.63 2.71 56.35
CA GLN D 197 29.36 3.23 55.00
C GLN D 197 28.20 2.45 54.39
N THR D 198 26.99 2.81 54.81
CA THR D 198 25.80 2.07 54.43
C THR D 198 25.51 2.20 52.93
N LEU D 199 25.07 1.10 52.34
CA LEU D 199 24.74 1.07 50.93
C LEU D 199 23.45 1.84 50.72
N TRP D 200 23.59 3.09 50.30
CA TRP D 200 22.47 4.01 50.17
C TRP D 200 22.00 4.00 48.73
N ASN D 201 20.90 3.33 48.48
CA ASN D 201 20.27 3.36 47.17
C ASN D 201 19.67 4.74 46.94
N MET D 202 19.37 5.03 45.67
CA MET D 202 19.05 6.39 45.23
C MET D 202 17.95 6.25 44.18
N ASN D 203 16.71 6.42 44.63
CA ASN D 203 15.54 6.17 43.78
C ASN D 203 15.09 7.48 43.12
N PRO D 204 15.10 7.60 41.77
CA PRO D 204 14.48 8.79 41.16
C PRO D 204 12.98 8.79 41.23
N ILE D 205 12.44 9.65 42.10
CA ILE D 205 11.00 9.80 42.21
C ILE D 205 10.43 10.49 40.97
N CYS D 206 11.17 11.41 40.38
CA CYS D 206 10.67 12.17 39.24
C CYS D 206 11.86 12.87 38.60
N SER D 207 11.58 13.61 37.54
CA SER D 207 12.60 14.27 36.74
C SER D 207 11.92 15.43 36.00
N CYS D 208 12.58 15.93 34.95
CA CYS D 208 12.06 17.04 34.17
C CYS D 208 10.71 16.71 33.56
N CYS D 209 9.69 17.46 33.94
CA CYS D 209 8.31 17.25 33.54
C CYS D 209 7.94 18.15 32.37
N GLU D 210 6.89 17.74 31.66
CA GLU D 210 6.38 18.51 30.54
C GLU D 210 5.55 19.68 31.04
N GLU D 211 5.63 20.79 30.29
CA GLU D 211 4.90 21.99 30.67
C GLU D 211 3.40 21.78 30.51
N GLY D 212 2.65 22.19 31.53
CA GLY D 212 1.19 22.15 31.45
C GLY D 212 0.61 20.76 31.37
N TYR D 213 1.14 19.82 32.16
CA TYR D 213 0.63 18.46 32.20
C TYR D 213 0.78 17.92 33.61
N VAL D 214 -0.11 17.01 33.95
CA VAL D 214 -0.23 16.52 35.32
C VAL D 214 0.77 15.41 35.57
N THR D 215 1.24 15.35 36.82
CA THR D 215 2.14 14.30 37.29
C THR D 215 1.79 14.00 38.74
N GLY D 216 2.33 12.87 39.23
CA GLY D 216 2.16 12.54 40.62
C GLY D 216 2.87 13.51 41.53
N GLY D 217 2.32 13.69 42.72
CA GLY D 217 2.83 14.59 43.72
C GLY D 217 2.27 15.99 43.67
N HIS D 218 1.91 16.47 42.48
CA HIS D 218 1.35 17.81 42.36
C HIS D 218 -0.04 17.85 42.98
N VAL D 219 -0.24 18.77 43.90
CA VAL D 219 -1.54 18.96 44.54
C VAL D 219 -2.40 19.83 43.65
N LEU D 220 -3.68 19.47 43.55
CA LEU D 220 -4.60 20.06 42.60
C LEU D 220 -5.96 20.21 43.25
N ARG D 221 -6.79 21.05 42.63
CA ARG D 221 -8.17 21.31 43.04
C ARG D 221 -9.11 20.77 41.97
N LEU D 222 -10.04 19.92 42.39
CA LEU D 222 -10.97 19.27 41.48
C LEU D 222 -12.16 20.20 41.22
N PHE D 223 -12.37 20.53 39.95
CA PHE D 223 -13.45 21.40 39.51
C PHE D 223 -14.58 20.57 38.89
N HIS D 224 -15.77 21.15 38.90
CA HIS D 224 -16.99 20.51 38.41
C HIS D 224 -17.85 21.60 37.77
N GLY D 225 -18.77 21.18 36.90
CA GLY D 225 -19.51 22.15 36.14
C GLY D 225 -18.59 22.87 35.18
N HIS D 226 -18.90 24.15 34.94
CA HIS D 226 -18.03 24.97 34.09
C HIS D 226 -16.83 25.49 34.88
N MET D 227 -17.06 26.26 35.94
CA MET D 227 -16.01 26.66 36.89
C MET D 227 -16.43 26.70 38.35
N ASP D 228 -17.70 26.89 38.66
CA ASP D 228 -18.13 27.34 40.00
C ASP D 228 -18.50 26.19 40.90
N GLU D 229 -17.62 25.19 41.02
CA GLU D 229 -17.81 24.09 41.94
C GLU D 229 -16.45 23.52 42.30
N CYS D 230 -16.34 23.02 43.53
CA CYS D 230 -15.10 22.44 44.02
C CYS D 230 -15.41 21.39 45.06
N LEU D 231 -14.77 20.23 44.94
CA LEU D 231 -14.90 19.19 45.94
C LEU D 231 -14.13 19.58 47.19
N THR D 232 -14.75 19.36 48.34
CA THR D 232 -14.11 19.72 49.60
C THR D 232 -14.82 19.01 50.75
N ILE D 233 -14.11 18.95 51.86
CA ILE D 233 -14.64 18.55 53.15
C ILE D 233 -15.14 19.83 53.82
N SER D 234 -16.15 19.71 54.68
CA SER D 234 -16.65 20.87 55.41
C SER D 234 -15.56 21.41 56.34
N ALA D 235 -15.72 22.69 56.69
CA ALA D 235 -14.75 23.35 57.54
C ALA D 235 -14.78 22.77 58.95
N ALA D 236 -13.76 23.12 59.72
CA ALA D 236 -13.62 22.60 61.07
C ALA D 236 -14.71 23.14 61.98
N ASP D 237 -14.78 22.57 63.19
CA ASP D 237 -15.85 22.82 64.15
C ASP D 237 -17.21 22.52 63.51
N SER D 238 -17.37 21.26 63.10
CA SER D 238 -18.56 20.77 62.42
C SER D 238 -18.94 19.42 63.00
N ASP D 239 -20.22 19.08 62.85
CA ASP D 239 -20.74 17.85 63.42
C ASP D 239 -20.28 16.61 62.65
N ASP D 240 -19.94 16.74 61.38
CA ASP D 240 -19.49 15.60 60.59
C ASP D 240 -18.09 15.12 60.96
N GLN D 241 -17.34 15.86 61.78
CA GLN D 241 -15.94 15.58 62.10
C GLN D 241 -15.02 15.64 60.88
N ARG D 242 -15.43 16.35 59.83
CA ARG D 242 -14.64 16.52 58.59
C ARG D 242 -14.28 15.17 57.96
N ARG D 243 -15.31 14.45 57.54
CA ARG D 243 -15.16 13.16 56.87
C ARG D 243 -16.01 13.01 55.61
N LEU D 244 -17.08 13.78 55.46
CA LEU D 244 -17.87 13.79 54.24
C LEU D 244 -17.23 14.72 53.21
N VAL D 245 -17.70 14.61 51.97
CA VAL D 245 -17.24 15.41 50.84
C VAL D 245 -18.46 16.00 50.15
N TYR D 246 -18.36 17.27 49.77
CA TYR D 246 -19.45 18.01 49.13
C TYR D 246 -18.89 18.83 47.97
N TYR D 247 -19.77 19.09 46.99
CA TYR D 247 -19.45 19.94 45.84
C TYR D 247 -19.84 21.37 46.19
N GLU D 248 -18.99 22.01 46.99
CA GLU D 248 -19.27 23.37 47.43
C GLU D 248 -19.01 24.36 46.29
N GLY D 249 -19.52 25.56 46.47
CA GLY D 249 -19.45 26.59 45.45
C GLY D 249 -18.07 27.21 45.33
N GLY D 250 -18.06 28.44 44.81
CA GLY D 250 -16.83 29.15 44.51
C GLY D 250 -16.19 29.91 45.65
N ALA D 251 -16.86 30.01 46.81
CA ALA D 251 -16.25 30.71 47.94
C ALA D 251 -15.04 29.95 48.47
N VAL D 252 -15.14 28.62 48.54
CA VAL D 252 -14.06 27.78 49.07
C VAL D 252 -12.96 27.52 48.05
N CYS D 253 -13.04 28.10 46.85
CA CYS D 253 -12.08 27.77 45.79
C CYS D 253 -10.69 28.27 46.13
N THR D 254 -10.59 29.47 46.71
CA THR D 254 -9.29 30.00 47.12
C THR D 254 -8.77 29.40 48.41
N HIS D 255 -9.65 28.87 49.27
CA HIS D 255 -9.23 28.43 50.58
C HIS D 255 -8.39 27.16 50.48
N ALA D 256 -7.79 26.80 51.62
CA ALA D 256 -6.97 25.61 51.75
C ALA D 256 -7.76 24.39 52.19
N ARG D 257 -9.07 24.37 51.95
CA ARG D 257 -9.93 23.27 52.33
C ARG D 257 -10.03 22.20 51.25
N SER D 258 -9.99 22.61 49.98
CA SER D 258 -10.21 21.73 48.84
C SER D 258 -8.92 21.20 48.25
N LEU D 259 -7.89 21.03 49.07
CA LEU D 259 -6.58 20.58 48.61
C LEU D 259 -6.53 19.06 48.62
N TRP D 260 -6.10 18.49 47.50
CA TRP D 260 -5.97 17.05 47.32
C TRP D 260 -4.61 16.75 46.70
N ARG D 261 -4.03 15.63 47.12
CA ARG D 261 -2.74 15.15 46.64
C ARG D 261 -2.96 13.84 45.91
N LEU D 262 -2.39 13.75 44.70
CA LEU D 262 -2.45 12.55 43.88
C LEU D 262 -1.22 11.72 44.14
N GLU D 263 -1.39 10.62 44.86
CA GLU D 263 -0.31 9.70 45.24
C GLU D 263 -0.48 8.38 44.48
N PRO D 264 0.29 8.12 43.42
CA PRO D 264 0.26 6.79 42.82
C PRO D 264 0.73 5.71 43.78
N LEU D 265 0.52 4.47 43.35
CA LEU D 265 0.66 3.32 44.25
C LEU D 265 2.12 3.07 44.58
N ARG D 266 2.93 2.77 43.57
CA ARG D 266 4.29 2.32 43.81
C ARG D 266 5.23 3.50 44.02
N ILE D 267 6.26 3.26 44.82
CA ILE D 267 7.18 4.34 45.20
C ILE D 267 8.03 4.77 44.02
N SER D 268 8.49 3.81 43.21
CA SER D 268 9.44 4.11 42.16
C SER D 268 8.78 4.92 41.04
N TRP D 269 9.33 6.10 40.76
CA TRP D 269 8.87 6.99 39.71
C TRP D 269 7.41 7.40 39.93
N SER D 270 7.15 7.87 41.14
CA SER D 270 5.78 8.27 41.49
C SER D 270 5.32 9.49 40.70
N GLY D 271 6.24 10.40 40.37
CA GLY D 271 5.89 11.62 39.68
C GLY D 271 5.95 11.53 38.18
N SER D 272 5.70 10.34 37.63
CA SER D 272 5.68 10.17 36.19
C SER D 272 4.43 10.82 35.60
N HIS D 273 4.38 10.88 34.28
CA HIS D 273 3.23 11.42 33.59
C HIS D 273 2.04 10.50 33.78
N LEU D 274 1.00 11.01 34.43
CA LEU D 274 -0.19 10.21 34.68
C LEU D 274 -0.93 9.93 33.38
N ARG D 275 -1.60 8.78 33.34
CA ARG D 275 -2.32 8.29 32.18
C ARG D 275 -3.72 7.88 32.58
N TRP D 276 -4.57 7.70 31.58
CA TRP D 276 -5.94 7.30 31.82
C TRP D 276 -6.00 5.87 32.34
N GLY D 277 -6.85 5.65 33.34
CA GLY D 277 -6.98 4.35 33.94
C GLY D 277 -5.87 3.94 34.87
N GLN D 278 -4.90 4.82 35.13
CA GLN D 278 -3.82 4.48 36.05
C GLN D 278 -4.39 4.39 37.46
N PRO D 279 -4.15 3.32 38.23
CA PRO D 279 -4.53 3.36 39.64
C PRO D 279 -3.72 4.39 40.40
N LEU D 280 -4.38 5.01 41.38
CA LEU D 280 -3.72 6.02 42.22
C LEU D 280 -4.52 6.12 43.50
N ARG D 281 -4.11 7.08 44.35
CA ARG D 281 -4.73 7.32 45.63
C ARG D 281 -4.85 8.82 45.85
N ILE D 282 -5.86 9.21 46.63
CA ILE D 282 -6.17 10.60 46.94
C ILE D 282 -5.85 10.83 48.40
N ARG D 283 -5.22 11.96 48.69
CA ARG D 283 -4.69 12.30 50.01
C ARG D 283 -5.08 13.74 50.31
N HIS D 284 -5.94 13.92 51.32
CA HIS D 284 -6.26 15.26 51.79
C HIS D 284 -5.08 15.77 52.61
N VAL D 285 -4.34 16.71 52.03
CA VAL D 285 -3.09 17.15 52.64
C VAL D 285 -3.35 17.95 53.91
N THR D 286 -4.47 18.69 53.97
CA THR D 286 -4.71 19.56 55.11
C THR D 286 -5.01 18.75 56.37
N THR D 287 -5.85 17.72 56.23
CA THR D 287 -6.20 16.83 57.33
C THR D 287 -5.31 15.61 57.41
N GLY D 288 -4.58 15.26 56.34
CA GLY D 288 -3.77 14.07 56.35
C GLY D 288 -4.51 12.78 56.11
N ARG D 289 -5.73 12.85 55.60
CA ARG D 289 -6.62 11.70 55.43
C ARG D 289 -6.63 11.27 53.97
N TYR D 290 -7.31 10.16 53.71
CA TYR D 290 -7.41 9.54 52.39
C TYR D 290 -8.87 9.30 52.05
N LEU D 291 -9.23 9.64 50.81
CA LEU D 291 -10.57 9.32 50.31
C LEU D 291 -10.66 7.83 50.03
N ALA D 292 -11.81 7.24 50.33
CA ALA D 292 -12.01 5.81 50.14
C ALA D 292 -13.51 5.51 50.17
N LEU D 293 -13.84 4.22 50.13
CA LEU D 293 -15.21 3.70 50.26
C LEU D 293 -15.14 2.53 51.24
N THR D 294 -15.30 2.83 52.53
CA THR D 294 -15.22 1.79 53.55
C THR D 294 -16.47 0.92 53.65
N GLU D 295 -17.61 1.37 53.09
CA GLU D 295 -18.88 0.67 52.93
C GLU D 295 -19.68 0.61 54.24
N ASP D 296 -19.13 1.01 55.38
CA ASP D 296 -19.91 1.04 56.62
C ASP D 296 -20.97 2.13 56.59
N GLN D 297 -20.68 3.25 55.92
CA GLN D 297 -21.63 4.33 55.66
C GLN D 297 -21.72 4.69 54.18
N GLY D 298 -20.60 4.61 53.45
CA GLY D 298 -20.55 4.94 52.04
C GLY D 298 -19.24 5.58 51.67
N LEU D 299 -19.28 6.45 50.65
CA LEU D 299 -18.10 7.22 50.27
C LEU D 299 -17.73 8.17 51.40
N VAL D 300 -16.51 8.02 51.91
CA VAL D 300 -16.09 8.72 53.12
C VAL D 300 -14.57 8.80 53.12
N VAL D 301 -14.05 9.77 53.87
CA VAL D 301 -12.62 10.06 53.93
C VAL D 301 -12.08 9.36 55.19
N VAL D 302 -11.36 8.27 54.98
CA VAL D 302 -10.87 7.43 56.06
C VAL D 302 -9.47 7.88 56.47
N ASP D 303 -9.04 7.40 57.64
CA ASP D 303 -7.70 7.66 58.12
C ASP D 303 -6.67 6.88 57.32
N ALA D 304 -5.43 7.37 57.37
CA ALA D 304 -4.34 6.74 56.64
C ALA D 304 -4.03 5.35 57.16
N CYS D 305 -4.26 5.09 58.45
CA CYS D 305 -3.90 3.81 59.07
C CYS D 305 -4.98 2.74 58.91
N LYS D 306 -5.92 2.91 57.96
CA LYS D 306 -6.94 1.91 57.66
C LYS D 306 -7.14 1.75 56.15
N ALA D 307 -6.10 2.04 55.37
CA ALA D 307 -6.21 2.07 53.91
C ALA D 307 -5.77 0.71 53.36
N HIS D 308 -6.71 -0.02 52.77
CA HIS D 308 -6.46 -1.34 52.23
C HIS D 308 -5.96 -1.35 50.79
N THR D 309 -5.81 -0.17 50.15
CA THR D 309 -5.28 -0.04 48.80
C THR D 309 -6.18 -0.66 47.73
N LYS D 310 -7.46 -0.93 48.04
CA LYS D 310 -8.48 -1.32 47.06
C LYS D 310 -9.75 -0.50 47.20
N ALA D 311 -10.19 -0.20 48.42
CA ALA D 311 -11.23 0.79 48.63
C ALA D 311 -10.69 2.20 48.49
N THR D 312 -9.45 2.42 48.91
CA THR D 312 -8.83 3.73 48.82
C THR D 312 -8.37 4.05 47.41
N SER D 313 -8.01 3.03 46.63
CA SER D 313 -7.47 3.25 45.31
C SER D 313 -8.55 3.74 44.35
N PHE D 314 -8.14 4.59 43.41
CA PHE D 314 -9.01 5.19 42.41
C PHE D 314 -8.26 5.28 41.09
N CYS D 315 -8.99 5.55 40.03
CA CYS D 315 -8.42 5.72 38.71
C CYS D 315 -9.31 6.62 37.87
N PHE D 316 -8.69 7.29 36.91
CA PHE D 316 -9.40 8.16 35.97
C PHE D 316 -9.86 7.35 34.77
N ARG D 317 -10.64 7.98 33.90
CA ARG D 317 -11.12 7.34 32.69
C ARG D 317 -11.38 8.40 31.63
N VAL D 318 -11.18 8.00 30.37
CA VAL D 318 -11.36 8.93 29.25
C VAL D 318 -12.82 9.39 29.15
N SER D 319 -13.75 8.48 29.39
CA SER D 319 -15.16 8.79 29.23
C SER D 319 -15.97 7.76 29.99
N LYS D 320 -17.26 8.04 30.15
CA LYS D 320 -18.18 7.14 30.83
C LYS D 320 -18.63 5.95 29.99
N GLU D 321 -18.16 5.83 28.74
CA GLU D 321 -18.43 4.64 27.94
C GLU D 321 -17.82 3.42 28.63
N LYS D 322 -18.61 2.35 28.72
CA LYS D 322 -18.19 1.18 29.48
C LYS D 322 -17.15 0.41 28.68
N LEU D 323 -15.91 0.41 29.18
CA LEU D 323 -14.80 -0.33 28.60
C LEU D 323 -14.13 -1.11 29.73
N ASP D 324 -13.83 -2.38 29.45
CA ASP D 324 -13.23 -3.23 30.47
C ASP D 324 -11.84 -2.75 30.86
N THR D 325 -11.06 -2.29 29.88
CA THR D 325 -9.67 -1.89 30.08
C THR D 325 -8.85 -3.06 30.64
N ALA D 326 -9.08 -4.24 30.06
CA ALA D 326 -8.31 -5.41 30.46
C ALA D 326 -6.82 -5.28 30.19
N PRO D 327 -6.34 -4.93 28.97
CA PRO D 327 -4.89 -4.80 28.79
C PRO D 327 -4.32 -3.56 29.45
N LYS D 328 -3.59 -3.76 30.55
CA LYS D 328 -2.90 -2.67 31.22
C LYS D 328 -1.65 -2.28 30.42
N ARG D 329 -0.92 -1.29 30.94
CA ARG D 329 0.35 -0.86 30.37
C ARG D 329 1.29 -0.47 31.50
N ASP D 330 2.58 -0.47 31.20
CA ASP D 330 3.59 -0.13 32.20
C ASP D 330 4.86 0.33 31.49
N VAL D 331 5.52 1.33 32.08
CA VAL D 331 6.82 1.79 31.61
C VAL D 331 7.54 2.43 32.77
N GLU D 332 8.86 2.25 32.82
CA GLU D 332 9.65 2.80 33.90
C GLU D 332 9.85 4.31 33.73
N GLY D 333 9.95 4.79 32.50
CA GLY D 333 10.24 6.18 32.24
C GLY D 333 9.05 7.09 32.50
N MET D 334 9.18 8.33 32.02
CA MET D 334 8.10 9.29 32.17
C MET D 334 6.87 8.86 31.39
N GLY D 335 7.06 8.39 30.16
CA GLY D 335 5.96 8.09 29.27
C GLY D 335 5.40 9.35 28.66
N PRO D 336 4.40 9.22 27.80
CA PRO D 336 3.82 10.39 27.15
C PRO D 336 3.03 11.23 28.14
N PRO D 337 2.83 12.53 27.90
CA PRO D 337 1.83 13.28 28.67
C PRO D 337 0.44 13.10 28.08
N GLU D 338 -0.48 12.54 28.86
CA GLU D 338 -1.87 12.34 28.45
C GLU D 338 -2.76 13.50 28.89
N ILE D 339 -2.83 13.72 30.20
CA ILE D 339 -3.82 14.61 30.80
C ILE D 339 -3.19 15.97 31.03
N LYS D 340 -3.74 16.98 30.37
CA LYS D 340 -3.31 18.36 30.50
C LYS D 340 -4.31 19.14 31.37
N TYR D 341 -3.78 20.09 32.13
CA TYR D 341 -4.63 20.93 32.95
C TYR D 341 -5.53 21.81 32.08
N GLY D 342 -6.56 22.35 32.69
CA GLY D 342 -7.47 23.27 32.04
C GLY D 342 -8.63 22.64 31.31
N GLU D 343 -8.32 21.65 30.45
CA GLU D 343 -9.32 20.99 29.59
C GLU D 343 -9.04 19.48 29.63
N SER D 344 -9.72 18.80 30.55
CA SER D 344 -9.73 17.34 30.63
C SER D 344 -11.13 16.77 30.54
N LEU D 345 -12.07 17.29 31.34
CA LEU D 345 -13.43 16.79 31.42
C LEU D 345 -13.46 15.30 31.79
N CYS D 346 -12.60 14.94 32.73
CA CYS D 346 -12.37 13.55 33.07
C CYS D 346 -13.38 13.04 34.10
N PHE D 347 -13.43 11.72 34.24
CA PHE D 347 -14.27 11.02 35.19
C PHE D 347 -13.38 10.09 36.02
N VAL D 348 -13.85 9.80 37.24
CA VAL D 348 -13.09 9.05 38.24
C VAL D 348 -14.01 8.01 38.86
N GLN D 349 -13.47 6.82 39.11
CA GLN D 349 -14.20 5.74 39.75
C GLN D 349 -13.21 4.87 40.52
N HIS D 350 -13.73 3.83 41.16
CA HIS D 350 -12.90 2.89 41.87
C HIS D 350 -12.15 1.98 40.91
N VAL D 351 -11.01 1.49 41.37
CA VAL D 351 -10.27 0.51 40.59
C VAL D 351 -10.97 -0.85 40.62
N ALA D 352 -11.57 -1.20 41.77
CA ALA D 352 -12.22 -2.50 41.92
C ALA D 352 -13.63 -2.47 41.36
N SER D 353 -14.50 -1.63 41.92
CA SER D 353 -15.89 -1.60 41.51
C SER D 353 -16.09 -0.90 40.17
N GLY D 354 -15.30 0.13 39.89
CA GLY D 354 -15.56 0.94 38.71
C GLY D 354 -16.84 1.73 38.79
N LEU D 355 -17.29 2.05 40.01
CA LEU D 355 -18.58 2.70 40.23
C LEU D 355 -18.38 4.21 40.25
N TRP D 356 -19.02 4.89 39.30
CA TRP D 356 -18.83 6.33 39.16
C TRP D 356 -19.43 7.07 40.33
N LEU D 357 -18.69 8.07 40.83
CA LEU D 357 -19.16 8.96 41.89
C LEU D 357 -19.83 10.17 41.24
N THR D 358 -20.99 10.56 41.76
CA THR D 358 -21.65 11.77 41.31
C THR D 358 -22.61 12.23 42.41
N TYR D 359 -22.91 13.52 42.41
CA TYR D 359 -24.00 14.07 43.19
C TYR D 359 -25.33 13.53 42.69
N ALA D 360 -26.36 13.69 43.52
CA ALA D 360 -27.74 13.36 43.20
C ALA D 360 -28.75 14.42 43.58
N ALA D 361 -28.44 15.30 44.54
CA ALA D 361 -29.39 16.26 45.10
C ALA D 361 -30.68 15.62 45.62
N PRO D 362 -30.61 14.76 46.63
CA PRO D 362 -31.83 14.22 47.24
C PRO D 362 -32.37 15.01 48.43
N ASP D 363 -31.85 16.21 48.67
CA ASP D 363 -32.01 16.85 49.96
C ASP D 363 -33.43 17.36 50.16
N PRO D 364 -33.86 17.62 51.43
CA PRO D 364 -35.17 18.25 51.64
C PRO D 364 -35.15 19.74 51.31
N LYS D 365 -36.26 20.43 51.61
CA LYS D 365 -36.33 21.87 51.38
C LYS D 365 -35.32 22.64 52.22
N ALA D 366 -35.01 22.15 53.42
CA ALA D 366 -34.24 22.95 54.37
C ALA D 366 -32.81 23.16 53.90
N LEU D 367 -32.14 22.09 53.48
CA LEU D 367 -30.83 22.23 52.87
C LEU D 367 -30.92 22.87 51.49
N ARG D 368 -32.03 22.65 50.77
CA ARG D 368 -32.18 23.19 49.42
C ARG D 368 -32.18 24.72 49.44
N LEU D 369 -32.93 25.31 50.37
CA LEU D 369 -32.93 26.77 50.52
C LEU D 369 -31.68 27.29 51.19
N GLY D 370 -31.00 26.47 51.99
CA GLY D 370 -29.79 26.88 52.69
C GLY D 370 -28.53 26.66 51.89
N VAL D 371 -27.60 25.89 52.46
CA VAL D 371 -26.30 25.68 51.81
C VAL D 371 -26.47 24.75 50.61
N LEU D 372 -25.61 24.94 49.62
CA LEU D 372 -25.62 24.16 48.38
C LEU D 372 -24.73 22.94 48.44
N LYS D 373 -24.52 22.36 49.63
CA LYS D 373 -23.71 21.16 49.75
C LYS D 373 -24.41 19.99 49.07
N LYS D 374 -23.66 19.28 48.22
CA LYS D 374 -24.15 18.13 47.47
C LYS D 374 -23.28 16.94 47.84
N LYS D 375 -23.80 16.06 48.69
CA LYS D 375 -23.08 14.85 49.05
C LYS D 375 -22.95 13.96 47.82
N ALA D 376 -21.70 13.75 47.40
CA ALA D 376 -21.42 13.03 46.15
C ALA D 376 -21.34 11.52 46.41
N ILE D 377 -22.45 10.97 46.87
CA ILE D 377 -22.54 9.53 47.10
C ILE D 377 -22.58 8.84 45.75
N LEU D 378 -21.77 7.80 45.60
CA LEU D 378 -21.63 7.12 44.33
C LEU D 378 -22.78 6.14 44.09
N HIS D 379 -23.12 5.96 42.82
CA HIS D 379 -24.20 5.07 42.41
C HIS D 379 -23.94 4.64 40.98
N GLN D 380 -24.77 3.70 40.51
CA GLN D 380 -24.58 3.15 39.18
C GLN D 380 -24.91 4.18 38.12
N GLU D 381 -23.99 4.35 37.16
CA GLU D 381 -24.04 5.21 35.99
C GLU D 381 -23.81 6.68 36.30
N GLY D 382 -23.80 7.10 37.58
CA GLY D 382 -23.54 8.51 37.91
C GLY D 382 -24.58 9.44 37.33
N HIS D 383 -24.09 10.48 36.64
CA HIS D 383 -24.91 11.36 35.83
C HIS D 383 -24.08 11.78 34.62
N MET D 384 -24.77 12.39 33.65
CA MET D 384 -24.14 12.78 32.41
C MET D 384 -23.11 13.89 32.63
N ASP D 385 -23.36 14.80 33.58
CA ASP D 385 -22.52 15.96 33.83
C ASP D 385 -21.49 15.72 34.94
N ASP D 386 -20.98 14.50 35.06
CA ASP D 386 -19.96 14.15 36.02
C ASP D 386 -18.54 14.50 35.56
N ALA D 387 -18.38 15.23 34.45
CA ALA D 387 -17.05 15.56 33.97
C ALA D 387 -16.36 16.53 34.92
N LEU D 388 -15.04 16.38 35.04
CA LEU D 388 -14.23 17.18 35.94
C LEU D 388 -12.96 17.57 35.21
N PHE D 389 -12.37 18.69 35.63
CA PHE D 389 -11.09 19.15 35.12
C PHE D 389 -10.28 19.70 36.29
N LEU D 390 -8.98 19.84 36.05
CA LEU D 390 -7.99 20.04 37.09
C LEU D 390 -7.39 21.43 37.00
N THR D 391 -7.09 22.00 38.16
CA THR D 391 -6.42 23.30 38.29
C THR D 391 -5.31 23.15 39.32
N ARG D 392 -4.09 23.42 38.91
CA ARG D 392 -2.95 23.30 39.81
C ARG D 392 -2.86 24.51 40.73
N CYS D 393 -2.38 24.25 41.93
CA CYS D 393 -2.19 25.26 42.95
C CYS D 393 -0.76 25.77 42.96
N GLN D 394 -0.61 27.02 43.38
CA GLN D 394 0.71 27.65 43.43
C GLN D 394 1.52 27.08 44.60
N GLN D 395 2.79 27.48 44.64
CA GLN D 395 3.76 26.88 45.55
C GLN D 395 3.42 27.16 47.02
N GLU D 396 2.95 28.37 47.31
CA GLU D 396 2.84 28.80 48.70
C GLU D 396 1.77 28.05 49.46
N GLU D 397 0.63 27.81 48.83
CA GLU D 397 -0.53 27.30 49.56
C GLU D 397 -0.33 25.85 49.98
N SER D 398 0.34 25.04 49.13
CA SER D 398 0.59 23.65 49.49
C SER D 398 1.52 23.57 50.70
N GLN D 399 2.57 24.39 50.69
CA GLN D 399 3.50 24.45 51.80
C GLN D 399 2.78 24.89 53.08
N ALA D 400 1.93 25.91 52.96
CA ALA D 400 1.20 26.42 54.10
C ALA D 400 0.25 25.37 54.66
N ALA D 401 -0.40 24.61 53.78
CA ALA D 401 -1.31 23.56 54.22
C ALA D 401 -0.57 22.47 54.97
N ARG D 402 0.63 22.12 54.50
CA ARG D 402 1.41 21.11 55.21
C ARG D 402 1.86 21.61 56.58
N MET D 403 2.26 22.88 56.66
CA MET D 403 2.60 23.46 57.97
C MET D 403 1.39 23.48 58.88
N ILE D 404 0.20 23.73 58.31
CA ILE D 404 -1.03 23.73 59.10
C ILE D 404 -1.28 22.35 59.66
N HIS D 405 -1.09 21.31 58.83
CA HIS D 405 -1.33 19.95 59.29
C HIS D 405 -0.35 19.56 60.39
N SER D 406 0.93 19.87 60.22
CA SER D 406 1.93 19.49 61.21
C SER D 406 1.73 20.25 62.52
N THR D 407 1.45 21.55 62.43
CA THR D 407 1.25 22.34 63.64
C THR D 407 -0.03 21.92 64.34
N ALA D 408 -1.07 21.58 63.58
CA ALA D 408 -2.32 21.13 64.16
C ALA D 408 -2.12 19.81 64.90
N GLY D 409 -1.35 18.89 64.30
CA GLY D 409 -1.08 17.63 64.97
C GLY D 409 -0.28 17.81 66.25
N LEU D 410 0.76 18.65 66.19
CA LEU D 410 1.59 18.89 67.36
C LEU D 410 0.80 19.56 68.48
N TYR D 411 0.01 20.58 68.14
CA TYR D 411 -0.74 21.29 69.16
C TYR D 411 -1.89 20.46 69.68
N ASN D 412 -2.46 19.58 68.86
CA ASN D 412 -3.48 18.66 69.36
C ASN D 412 -2.88 17.67 70.34
N GLN D 413 -1.66 17.19 70.06
CA GLN D 413 -0.95 16.35 71.02
C GLN D 413 -0.68 17.11 72.30
N PHE D 414 -0.31 18.38 72.17
CA PHE D 414 -0.05 19.23 73.34
C PHE D 414 -1.32 19.39 74.18
N ILE D 415 -2.45 19.66 73.53
CA ILE D 415 -3.70 19.85 74.24
C ILE D 415 -4.13 18.57 74.92
N LYS D 416 -3.97 17.44 74.23
CA LYS D 416 -4.29 16.15 74.82
C LYS D 416 -3.42 15.86 76.03
N GLY D 417 -2.14 16.20 75.95
CA GLY D 417 -1.26 16.01 77.08
C GLY D 417 -1.65 16.86 78.27
N LEU D 418 -1.93 18.14 78.03
CA LEU D 418 -2.30 19.05 79.12
C LEU D 418 -3.62 18.64 79.75
N ASP D 419 -4.57 18.20 78.94
CA ASP D 419 -5.83 17.69 79.48
C ASP D 419 -5.67 16.35 80.18
N SER D 420 -4.60 15.60 79.88
CA SER D 420 -4.41 14.30 80.51
C SER D 420 -4.18 14.42 82.01
N PHE D 421 -3.39 15.42 82.42
CA PHE D 421 -3.02 15.64 83.82
C PHE D 421 -3.62 16.93 84.39
N SER D 422 -4.70 17.43 83.79
CA SER D 422 -5.29 18.68 84.26
C SER D 422 -5.94 18.49 85.62
N GLY D 423 -6.97 17.64 85.68
CA GLY D 423 -7.68 17.35 86.90
C GLY D 423 -7.12 16.16 87.63
N LYS D 424 -5.88 16.28 88.11
CA LYS D 424 -5.19 15.19 88.78
C LYS D 424 -4.14 15.74 89.74
N PRO D 425 -4.35 15.72 91.06
CA PRO D 425 -3.23 15.97 91.97
C PRO D 425 -2.15 14.92 91.80
N ARG D 426 -0.90 15.34 92.03
CA ARG D 426 0.26 14.49 91.83
C ARG D 426 1.35 14.91 92.81
N GLY D 427 2.07 13.92 93.32
CA GLY D 427 3.07 14.13 94.36
C GLY D 427 4.48 14.29 93.83
N SER D 428 5.45 13.75 94.56
CA SER D 428 6.86 13.81 94.18
C SER D 428 7.13 12.67 93.19
N GLY D 429 7.10 12.98 91.90
CA GLY D 429 7.37 12.00 90.88
C GLY D 429 6.93 12.50 89.51
N PRO D 430 7.16 11.70 88.47
CA PRO D 430 6.72 12.10 87.14
C PRO D 430 5.19 12.03 87.03
N PRO D 431 4.58 12.82 86.13
CA PRO D 431 3.11 12.82 86.08
C PRO D 431 2.53 11.58 85.41
N ALA D 432 3.10 11.18 84.28
CA ALA D 432 2.57 10.09 83.48
C ALA D 432 3.66 9.66 82.50
N GLY D 433 3.31 8.70 81.65
CA GLY D 433 4.23 8.19 80.66
C GLY D 433 4.62 9.21 79.61
N PRO D 434 3.67 9.61 78.75
CA PRO D 434 4.02 10.50 77.64
C PRO D 434 4.19 11.95 78.11
N ALA D 435 5.44 12.39 78.17
CA ALA D 435 5.73 13.78 78.47
C ALA D 435 5.43 14.64 77.25
N LEU D 436 5.35 15.95 77.48
CA LEU D 436 4.99 16.88 76.43
C LEU D 436 6.18 17.10 75.49
N PRO D 437 5.92 17.49 74.22
CA PRO D 437 7.04 17.80 73.30
C PRO D 437 7.46 19.26 73.41
N ILE D 438 8.25 19.55 74.45
CA ILE D 438 8.56 20.94 74.80
C ILE D 438 9.46 21.56 73.74
N GLU D 439 10.57 20.89 73.42
CA GLU D 439 11.56 21.46 72.52
C GLU D 439 11.01 21.60 71.11
N ALA D 440 10.27 20.59 70.64
CA ALA D 440 9.68 20.64 69.32
C ALA D 440 8.67 21.76 69.21
N VAL D 441 7.88 21.96 70.26
CA VAL D 441 6.88 23.01 70.25
C VAL D 441 7.56 24.38 70.28
N ILE D 442 8.66 24.51 71.01
CA ILE D 442 9.37 25.79 71.07
C ILE D 442 9.94 26.14 69.71
N LEU D 443 10.59 25.17 69.06
CA LEU D 443 11.15 25.40 67.73
C LEU D 443 10.03 25.71 66.74
N SER D 444 8.88 25.04 66.89
CA SER D 444 7.74 25.33 66.03
C SER D 444 7.26 26.76 66.20
N LEU D 445 7.13 27.21 67.45
CA LEU D 445 6.65 28.57 67.70
C LEU D 445 7.61 29.61 67.15
N GLN D 446 8.92 29.37 67.32
CA GLN D 446 9.92 30.28 66.80
C GLN D 446 9.88 30.35 65.27
N ASP D 447 9.78 29.19 64.62
CA ASP D 447 9.77 29.18 63.16
C ASP D 447 8.47 29.78 62.62
N LEU D 448 7.35 29.56 63.30
CA LEU D 448 6.10 30.13 62.83
C LEU D 448 6.07 31.65 62.96
N ILE D 449 6.60 32.20 64.07
CA ILE D 449 6.64 33.65 64.17
C ILE D 449 7.63 34.22 63.16
N GLY D 450 8.72 33.50 62.89
CA GLY D 450 9.61 33.94 61.83
C GLY D 450 8.97 33.92 60.47
N TYR D 451 8.05 32.99 60.24
CA TYR D 451 7.45 32.83 58.91
C TYR D 451 6.54 34.00 58.57
N PHE D 452 5.70 34.42 59.52
CA PHE D 452 4.71 35.46 59.31
C PHE D 452 5.28 36.87 59.53
N GLU D 453 6.60 37.03 59.59
CA GLU D 453 7.20 38.32 59.86
C GLU D 453 6.94 39.27 58.68
N PRO D 454 6.58 40.52 58.92
CA PRO D 454 6.22 41.38 57.79
C PRO D 454 7.45 41.83 57.04
N PRO D 455 7.30 42.35 55.82
CA PRO D 455 8.47 42.73 55.04
C PRO D 455 9.07 44.03 55.54
N SER D 456 10.31 44.26 55.14
CA SER D 456 11.01 45.47 55.53
C SER D 456 10.41 46.67 54.82
N GLU D 457 10.13 47.72 55.59
CA GLU D 457 9.59 48.95 55.02
C GLU D 457 10.58 49.67 54.13
N GLU D 458 11.89 49.44 54.32
CA GLU D 458 12.89 50.06 53.45
C GLU D 458 12.85 49.56 52.02
N LEU D 459 12.25 48.40 51.77
CA LEU D 459 12.23 47.83 50.44
C LEU D 459 11.38 48.67 49.50
N GLN D 460 11.57 48.43 48.20
CA GLN D 460 10.88 49.18 47.18
C GLN D 460 9.38 48.90 47.23
N HIS D 461 8.62 49.78 46.58
CA HIS D 461 7.18 49.84 46.79
C HIS D 461 6.47 48.61 46.21
N GLU D 462 6.79 48.25 44.97
CA GLU D 462 6.00 47.24 44.26
C GLU D 462 6.19 45.86 44.86
N GLU D 463 7.44 45.45 45.09
CA GLU D 463 7.69 44.15 45.69
C GLU D 463 7.21 44.11 47.13
N LYS D 464 7.26 45.26 47.82
CA LYS D 464 6.69 45.32 49.17
C LYS D 464 5.20 45.08 49.13
N GLN D 465 4.51 45.65 48.16
CA GLN D 465 3.08 45.42 48.00
C GLN D 465 2.79 43.97 47.70
N SER D 466 3.63 43.35 46.86
CA SER D 466 3.45 41.95 46.52
C SER D 466 3.64 41.05 47.74
N LYS D 467 4.67 41.32 48.53
CA LYS D 467 4.90 40.56 49.75
C LYS D 467 3.78 40.78 50.75
N LEU D 468 3.23 42.00 50.80
CA LEU D 468 2.10 42.27 51.67
C LEU D 468 0.88 41.46 51.27
N ARG D 469 0.63 41.38 49.96
CA ARG D 469 -0.50 40.60 49.48
C ARG D 469 -0.31 39.12 49.77
N SER D 470 0.92 38.64 49.62
CA SER D 470 1.22 37.25 49.93
C SER D 470 1.02 36.96 51.41
N LEU D 471 1.43 37.89 52.27
CA LEU D 471 1.25 37.71 53.71
C LEU D 471 -0.22 37.72 54.08
N ARG D 472 -0.99 38.63 53.47
CA ARG D 472 -2.42 38.68 53.75
C ARG D 472 -3.10 37.40 53.33
N ASN D 473 -2.70 36.86 52.16
CA ASN D 473 -3.23 35.59 51.70
C ASN D 473 -2.88 34.46 52.65
N ARG D 474 -1.63 34.42 53.11
CA ARG D 474 -1.19 33.35 54.01
C ARG D 474 -1.93 33.42 55.34
N GLN D 475 -2.17 34.63 55.83
CA GLN D 475 -2.95 34.80 57.05
C GLN D 475 -4.38 34.31 56.86
N SER D 476 -4.96 34.59 55.68
CA SER D 476 -6.31 34.12 55.41
C SER D 476 -6.37 32.61 55.31
N LEU D 477 -5.38 31.99 54.68
CA LEU D 477 -5.35 30.53 54.57
C LEU D 477 -5.20 29.89 55.95
N PHE D 478 -4.38 30.48 56.82
CA PHE D 478 -4.25 29.92 58.16
C PHE D 478 -5.53 30.12 58.96
N GLN D 479 -6.14 31.29 58.88
CA GLN D 479 -7.27 31.59 59.76
C GLN D 479 -8.54 30.89 59.33
N GLU D 480 -8.71 30.62 58.03
CA GLU D 480 -9.94 29.98 57.57
C GLU D 480 -10.05 28.56 58.09
N GLU D 481 -8.96 27.81 58.04
CA GLU D 481 -8.97 26.43 58.52
C GLU D 481 -8.96 26.37 60.04
N GLY D 482 -8.43 27.40 60.71
CA GLY D 482 -8.50 27.53 62.15
C GLY D 482 -7.28 28.23 62.71
N MET D 483 -6.68 27.64 63.74
CA MET D 483 -5.39 27.98 64.36
C MET D 483 -5.47 29.20 65.27
N LEU D 484 -6.60 29.90 65.35
CA LEU D 484 -6.88 30.83 66.43
C LEU D 484 -7.57 30.13 67.58
N SER D 485 -8.45 29.18 67.25
CA SER D 485 -9.09 28.37 68.28
C SER D 485 -8.07 27.51 69.02
N LEU D 486 -7.12 26.93 68.28
CA LEU D 486 -6.10 26.10 68.92
C LEU D 486 -5.21 26.93 69.83
N VAL D 487 -4.80 28.10 69.34
CA VAL D 487 -3.93 28.96 70.13
C VAL D 487 -4.67 29.50 71.35
N LEU D 488 -5.93 29.87 71.17
CA LEU D 488 -6.75 30.35 72.28
C LEU D 488 -6.94 29.26 73.33
N ASN D 489 -7.22 28.04 72.88
CA ASN D 489 -7.39 26.93 73.79
C ASN D 489 -6.10 26.62 74.53
N CYS D 490 -4.97 26.70 73.82
CA CYS D 490 -3.68 26.40 74.42
C CYS D 490 -3.32 27.41 75.49
N ILE D 491 -3.46 28.69 75.19
CA ILE D 491 -3.11 29.72 76.16
C ILE D 491 -4.07 29.70 77.35
N ASP D 492 -5.36 29.43 77.09
CA ASP D 492 -6.32 29.35 78.18
C ASP D 492 -6.02 28.16 79.08
N ARG D 493 -5.63 27.04 78.50
CA ARG D 493 -5.26 25.88 79.30
C ARG D 493 -4.00 26.16 80.10
N LEU D 494 -3.04 26.87 79.49
CA LEU D 494 -1.79 27.15 80.20
C LEU D 494 -2.01 28.12 81.35
N ASN D 495 -2.87 29.13 81.16
CA ASN D 495 -3.04 30.19 82.14
C ASN D 495 -3.91 29.79 83.33
N VAL D 496 -4.28 28.51 83.49
CA VAL D 496 -4.90 28.07 84.72
C VAL D 496 -3.96 28.24 85.90
N TYR D 497 -2.66 28.02 85.67
CA TYR D 497 -1.63 28.26 86.67
C TYR D 497 -1.21 29.72 86.63
N THR D 498 -0.62 30.17 87.73
CA THR D 498 -0.31 31.58 87.96
C THR D 498 1.13 31.82 88.41
N THR D 499 1.74 30.84 89.06
CA THR D 499 3.09 31.04 89.60
C THR D 499 4.12 31.17 88.49
N ALA D 500 4.01 30.31 87.46
CA ALA D 500 4.91 30.11 86.34
C ALA D 500 6.16 29.29 86.70
N ALA D 501 6.41 29.01 87.99
CA ALA D 501 7.51 28.17 88.46
C ALA D 501 7.02 27.00 89.30
N HIS D 502 6.23 27.28 90.34
CA HIS D 502 5.89 26.30 91.35
C HIS D 502 4.57 25.60 91.07
N PHE D 503 3.49 26.36 90.94
CA PHE D 503 2.15 25.77 90.85
C PHE D 503 1.94 24.99 89.56
N ALA D 504 2.73 25.27 88.51
CA ALA D 504 2.75 24.42 87.32
C ALA D 504 3.53 23.15 87.66
N GLU D 505 2.85 22.25 88.34
CA GLU D 505 3.41 21.00 88.85
C GLU D 505 3.14 19.82 87.95
N TYR D 506 1.90 19.68 87.48
CA TYR D 506 1.47 18.47 86.79
C TYR D 506 2.16 18.28 85.45
N ALA D 507 2.71 19.34 84.86
CA ALA D 507 3.51 19.18 83.66
C ALA D 507 4.83 18.49 83.97
N GLY D 508 5.48 18.87 85.06
CA GLY D 508 6.79 18.36 85.44
C GLY D 508 7.68 19.49 85.89
N GLU D 509 8.65 19.16 86.74
CA GLU D 509 9.64 20.14 87.17
C GLU D 509 10.53 20.59 86.02
N GLU D 510 10.74 19.71 85.03
CA GLU D 510 11.52 20.07 83.85
C GLU D 510 10.88 21.22 83.07
N ALA D 511 9.55 21.30 83.08
CA ALA D 511 8.81 22.35 82.40
C ALA D 511 8.70 23.63 83.21
N ALA D 512 9.47 23.79 84.30
CA ALA D 512 9.39 25.00 85.11
C ALA D 512 9.86 26.21 84.33
N GLU D 513 10.99 26.07 83.64
CA GLU D 513 11.58 27.21 82.93
C GLU D 513 10.84 27.51 81.63
N SER D 514 10.29 26.49 80.97
CA SER D 514 9.78 26.65 79.63
C SER D 514 8.45 27.38 79.56
N TRP D 515 7.72 27.51 80.68
CA TRP D 515 6.36 28.03 80.67
C TRP D 515 6.31 29.48 80.23
N LYS D 516 7.24 30.30 80.75
CA LYS D 516 7.29 31.71 80.41
C LYS D 516 7.60 31.90 78.92
N GLU D 517 8.54 31.13 78.40
CA GLU D 517 8.87 31.21 76.99
C GLU D 517 7.70 30.78 76.13
N ILE D 518 6.98 29.74 76.56
CA ILE D 518 5.86 29.23 75.78
C ILE D 518 4.76 30.28 75.70
N VAL D 519 4.41 30.88 76.83
CA VAL D 519 3.29 31.82 76.83
C VAL D 519 3.66 33.09 76.07
N ASN D 520 4.91 33.57 76.24
CA ASN D 520 5.34 34.77 75.53
C ASN D 520 5.36 34.54 74.02
N LEU D 521 5.92 33.40 73.60
CA LEU D 521 5.98 33.12 72.17
C LEU D 521 4.60 32.88 71.58
N LEU D 522 3.69 32.30 72.37
CA LEU D 522 2.34 32.08 71.87
C LEU D 522 1.61 33.41 71.68
N SER D 523 1.80 34.34 72.61
CA SER D 523 1.22 35.67 72.46
C SER D 523 1.78 36.38 71.23
N GLU D 524 3.09 36.25 71.02
CA GLU D 524 3.70 36.87 69.86
C GLU D 524 3.22 36.22 68.56
N LEU D 525 2.95 34.92 68.59
CA LEU D 525 2.47 34.24 67.41
C LEU D 525 1.05 34.69 67.06
N LEU D 526 0.23 34.89 68.09
CA LEU D 526 -1.11 35.42 67.86
C LEU D 526 -1.04 36.83 67.31
N ALA D 527 -0.07 37.61 67.78
CA ALA D 527 0.17 38.94 67.23
C ALA D 527 0.59 38.86 65.77
N SER D 528 1.38 37.86 65.44
CA SER D 528 1.85 37.73 64.07
C SER D 528 0.70 37.39 63.13
N LEU D 529 -0.25 36.58 63.59
CA LEU D 529 -1.43 36.31 62.77
C LEU D 529 -2.29 37.55 62.61
N ILE D 530 -2.62 38.20 63.73
CA ILE D 530 -3.62 39.25 63.69
C ILE D 530 -3.16 40.53 63.00
N ARG D 531 -1.85 40.69 62.76
CA ARG D 531 -1.34 41.92 62.16
C ARG D 531 -1.82 42.08 60.73
N GLY D 532 -2.28 43.29 60.41
CA GLY D 532 -2.51 43.69 59.05
C GLY D 532 -3.89 43.35 58.49
N ASN D 533 -4.24 42.08 58.50
CA ASN D 533 -5.41 41.61 57.77
C ASN D 533 -6.69 42.09 58.45
N ARG D 534 -7.60 42.65 57.65
CA ARG D 534 -8.87 43.15 58.18
C ARG D 534 -9.78 41.99 58.60
N ALA D 535 -9.79 40.91 57.81
CA ALA D 535 -10.71 39.82 58.07
C ALA D 535 -10.38 39.09 59.36
N ASN D 536 -9.08 38.96 59.67
CA ASN D 536 -8.66 38.27 60.87
C ASN D 536 -9.13 38.99 62.13
N CYS D 537 -8.89 40.30 62.20
CA CYS D 537 -9.34 41.05 63.37
C CYS D 537 -10.84 41.20 63.39
N ALA D 538 -11.48 41.24 62.22
CA ALA D 538 -12.93 41.28 62.16
C ALA D 538 -13.54 40.02 62.77
N LEU D 539 -12.95 38.87 62.48
CA LEU D 539 -13.39 37.64 63.12
C LEU D 539 -13.05 37.63 64.61
N PHE D 540 -11.86 38.12 64.95
CA PHE D 540 -11.35 38.04 66.31
C PHE D 540 -11.96 39.07 67.25
N SER D 541 -12.74 40.02 66.75
CA SER D 541 -13.36 41.04 67.61
C SER D 541 -14.32 40.47 68.65
N THR D 542 -14.82 39.24 68.45
CA THR D 542 -15.70 38.62 69.44
C THR D 542 -15.01 38.40 70.78
N ASN D 543 -13.67 38.20 70.78
CA ASN D 543 -12.92 37.84 71.97
C ASN D 543 -12.38 39.06 72.72
N LEU D 544 -13.08 40.20 72.63
CA LEU D 544 -12.64 41.41 73.33
C LEU D 544 -12.67 41.21 74.84
N ASP D 545 -13.74 40.59 75.34
CA ASP D 545 -13.83 40.33 76.77
C ASP D 545 -12.77 39.36 77.22
N TRP D 546 -12.46 38.36 76.39
CA TRP D 546 -11.44 37.38 76.74
C TRP D 546 -10.06 38.01 76.83
N VAL D 547 -9.69 38.81 75.83
CA VAL D 547 -8.35 39.41 75.84
C VAL D 547 -8.24 40.45 76.94
N VAL D 548 -9.28 41.27 77.14
CA VAL D 548 -9.17 42.32 78.16
C VAL D 548 -9.21 41.71 79.56
N SER D 549 -9.87 40.56 79.74
CA SER D 549 -9.78 39.86 81.01
C SER D 549 -8.40 39.24 81.19
N LYS D 550 -7.76 38.82 80.11
CA LYS D 550 -6.44 38.20 80.23
C LYS D 550 -5.34 39.17 80.64
N LEU D 551 -5.56 40.48 80.57
CA LEU D 551 -4.54 41.48 80.90
C LEU D 551 -4.48 41.71 82.42
N ASP D 552 -4.11 40.63 83.14
CA ASP D 552 -3.99 40.72 84.60
C ASP D 552 -2.84 39.82 85.09
N ARG D 553 -1.77 39.69 84.31
CA ARG D 553 -0.67 38.83 84.74
C ARG D 553 0.60 39.20 83.98
N LEU D 554 1.74 39.00 84.65
CA LEU D 554 3.03 39.25 84.02
C LEU D 554 3.29 38.26 82.90
N GLU D 555 2.81 37.02 83.03
CA GLU D 555 2.91 36.07 81.93
C GLU D 555 2.06 36.51 80.75
N ALA D 556 0.92 37.16 81.05
CA ALA D 556 0.12 37.84 80.04
C ALA D 556 0.73 39.22 79.80
N SER D 557 1.88 39.20 79.14
CA SER D 557 2.73 40.37 79.00
C SER D 557 2.18 41.26 77.88
N SER D 558 3.00 42.22 77.44
CA SER D 558 2.60 43.22 76.46
C SER D 558 2.37 42.67 75.05
N GLY D 559 2.63 41.38 74.79
CA GLY D 559 2.26 40.82 73.50
C GLY D 559 0.77 40.88 73.25
N ILE D 560 -0.03 40.47 74.24
CA ILE D 560 -1.48 40.57 74.10
C ILE D 560 -1.92 42.04 74.10
N LEU D 561 -1.16 42.91 74.77
CA LEU D 561 -1.47 44.34 74.78
C LEU D 561 -1.37 44.92 73.38
N GLU D 562 -0.26 44.65 72.69
CA GLU D 562 -0.13 45.14 71.33
C GLU D 562 -0.99 44.36 70.34
N VAL D 563 -1.43 43.15 70.70
CA VAL D 563 -2.47 42.49 69.92
C VAL D 563 -3.75 43.30 69.97
N LEU D 564 -4.14 43.74 71.17
CA LEU D 564 -5.31 44.59 71.32
C LEU D 564 -5.13 45.92 70.59
N TYR D 565 -3.90 46.44 70.59
CA TYR D 565 -3.61 47.67 69.86
C TYR D 565 -3.85 47.50 68.37
N CYS D 566 -3.38 46.38 67.83
CA CYS D 566 -3.61 46.10 66.41
C CYS D 566 -5.08 45.90 66.11
N VAL D 567 -5.79 45.23 67.02
CA VAL D 567 -7.21 44.96 66.83
C VAL D 567 -8.00 46.26 66.78
N LEU D 568 -7.68 47.18 67.68
CA LEU D 568 -8.36 48.46 67.68
C LEU D 568 -7.97 49.30 66.48
N ILE D 569 -6.74 49.17 65.98
CA ILE D 569 -6.34 49.91 64.80
C ILE D 569 -7.11 49.41 63.58
N GLU D 570 -7.15 48.09 63.39
CA GLU D 570 -7.58 47.51 62.12
C GLU D 570 -9.07 47.26 62.04
N SER D 571 -9.71 46.92 63.17
CA SER D 571 -11.14 46.60 63.26
C SER D 571 -11.86 47.68 64.05
N PRO D 572 -12.09 48.86 63.49
CA PRO D 572 -12.73 49.93 64.26
C PRO D 572 -14.18 49.67 64.64
N GLU D 573 -14.84 48.70 64.00
CA GLU D 573 -16.25 48.44 64.29
C GLU D 573 -16.46 47.93 65.71
N VAL D 574 -15.46 47.30 66.31
CA VAL D 574 -15.58 46.82 67.68
C VAL D 574 -15.59 47.94 68.72
N LEU D 575 -15.26 49.17 68.33
CA LEU D 575 -15.09 50.25 69.30
C LEU D 575 -16.40 50.60 70.00
N ASN D 576 -17.54 50.36 69.37
CA ASN D 576 -18.81 50.62 70.02
C ASN D 576 -19.07 49.66 71.18
N ILE D 577 -18.58 48.42 71.08
CA ILE D 577 -18.85 47.40 72.08
C ILE D 577 -18.24 47.73 73.44
N ILE D 578 -17.20 48.57 73.48
CA ILE D 578 -16.42 48.77 74.70
C ILE D 578 -17.27 49.45 75.78
N GLN D 579 -17.07 49.00 77.01
CA GLN D 579 -17.78 49.45 78.21
C GLN D 579 -16.80 50.06 79.20
N GLU D 580 -17.34 50.45 80.35
CA GLU D 580 -16.54 51.18 81.34
C GLU D 580 -15.55 50.27 82.06
N ASN D 581 -15.95 49.02 82.33
CA ASN D 581 -15.09 48.11 83.07
C ASN D 581 -13.83 47.78 82.30
N HIS D 582 -13.90 47.76 80.97
CA HIS D 582 -12.70 47.52 80.17
C HIS D 582 -11.72 48.68 80.31
N ILE D 583 -12.24 49.92 80.35
CA ILE D 583 -11.39 51.09 80.53
C ILE D 583 -10.77 51.05 81.92
N LYS D 584 -11.53 50.63 82.92
CA LYS D 584 -10.99 50.51 84.27
C LYS D 584 -9.90 49.45 84.32
N SER D 585 -10.08 48.35 83.58
CA SER D 585 -9.05 47.33 83.52
C SER D 585 -7.78 47.85 82.87
N ILE D 586 -7.93 48.65 81.81
CA ILE D 586 -6.77 49.20 81.12
C ILE D 586 -6.02 50.18 82.03
N ILE D 587 -6.76 51.01 82.75
CA ILE D 587 -6.12 51.96 83.66
C ILE D 587 -5.46 51.21 84.81
N SER D 588 -6.07 50.11 85.26
CA SER D 588 -5.45 49.28 86.28
C SER D 588 -4.16 48.66 85.78
N LEU D 589 -4.11 48.30 84.50
CA LEU D 589 -2.87 47.82 83.91
C LEU D 589 -1.81 48.90 83.90
N LEU D 590 -2.21 50.13 83.57
CA LEU D 590 -1.24 51.22 83.55
C LEU D 590 -0.69 51.49 84.94
N ASP D 591 -1.54 51.42 85.95
CA ASP D 591 -1.08 51.63 87.32
C ASP D 591 -0.22 50.49 87.80
N LYS D 592 -0.56 49.25 87.42
CA LYS D 592 0.09 48.07 87.97
C LYS D 592 1.44 47.80 87.33
N HIS D 593 1.62 48.13 86.05
CA HIS D 593 2.84 47.85 85.29
C HIS D 593 3.63 49.11 84.96
N GLY D 594 3.40 50.21 85.68
CA GLY D 594 4.20 51.40 85.49
C GLY D 594 3.87 52.14 84.22
N ARG D 595 4.60 53.23 84.01
CA ARG D 595 4.38 54.06 82.85
C ARG D 595 4.82 53.36 81.58
N ASN D 596 4.02 53.50 80.52
CA ASN D 596 4.28 52.84 79.25
C ASN D 596 3.56 53.60 78.16
N HIS D 597 4.31 54.06 77.15
CA HIS D 597 3.70 54.78 76.03
C HIS D 597 2.79 53.90 75.20
N LYS D 598 2.98 52.58 75.21
CA LYS D 598 2.17 51.70 74.40
C LYS D 598 0.72 51.74 74.84
N VAL D 599 0.48 51.80 76.14
CA VAL D 599 -0.89 51.90 76.65
C VAL D 599 -1.49 53.23 76.24
N LEU D 600 -0.67 54.29 76.21
CA LEU D 600 -1.16 55.59 75.78
C LEU D 600 -1.60 55.56 74.32
N ASP D 601 -0.82 54.91 73.47
CA ASP D 601 -1.24 54.74 72.08
C ASP D 601 -2.47 53.87 71.97
N VAL D 602 -2.62 52.88 72.86
CA VAL D 602 -3.80 52.03 72.86
C VAL D 602 -5.04 52.86 73.16
N LEU D 603 -4.95 53.70 74.19
CA LEU D 603 -6.09 54.53 74.56
C LEU D 603 -6.39 55.57 73.49
N CYS D 604 -5.35 56.11 72.86
CA CYS D 604 -5.56 57.08 71.78
C CYS D 604 -6.25 56.45 70.59
N SER D 605 -5.85 55.23 70.23
CA SER D 605 -6.54 54.53 69.15
C SER D 605 -7.96 54.17 69.56
N LEU D 606 -8.15 53.81 70.82
CA LEU D 606 -9.47 53.50 71.33
C LEU D 606 -10.39 54.71 71.33
N CYS D 607 -9.84 55.92 71.41
CA CYS D 607 -10.66 57.10 71.57
C CYS D 607 -11.50 57.40 70.34
N VAL D 608 -10.86 57.40 69.17
CA VAL D 608 -11.45 57.93 67.93
C VAL D 608 -11.57 56.78 66.93
N CYS D 609 -12.72 56.71 66.27
CA CYS D 609 -13.00 55.70 65.27
C CYS D 609 -12.44 56.14 63.93
N ASN D 610 -12.79 55.43 62.86
CA ASN D 610 -12.27 55.76 61.54
C ASN D 610 -12.91 57.05 61.03
N GLY D 611 -12.25 58.17 61.28
CA GLY D 611 -12.79 59.46 60.91
C GLY D 611 -14.06 59.86 61.62
N VAL D 612 -14.37 59.23 62.76
CA VAL D 612 -15.58 59.49 63.52
C VAL D 612 -15.23 59.48 65.00
N ALA D 613 -15.80 60.42 65.74
CA ALA D 613 -15.61 60.50 67.18
C ALA D 613 -16.59 59.56 67.89
N VAL D 614 -16.30 59.33 69.17
CA VAL D 614 -17.15 58.55 70.06
C VAL D 614 -17.20 59.26 71.40
N ARG D 615 -18.30 59.94 71.66
CA ARG D 615 -18.41 60.74 72.87
C ARG D 615 -18.47 59.88 74.14
N SER D 616 -18.97 58.64 74.02
CA SER D 616 -19.19 57.81 75.20
C SER D 616 -17.86 57.42 75.84
N ASN D 617 -17.01 56.72 75.09
CA ASN D 617 -15.71 56.32 75.64
C ASN D 617 -14.83 57.52 75.95
N GLN D 618 -15.00 58.63 75.20
CA GLN D 618 -14.30 59.87 75.51
C GLN D 618 -14.64 60.37 76.90
N ASP D 619 -15.94 60.46 77.20
CA ASP D 619 -16.34 60.92 78.51
C ASP D 619 -15.93 59.93 79.59
N LEU D 620 -15.98 58.63 79.30
CA LEU D 620 -15.63 57.62 80.29
C LEU D 620 -14.15 57.70 80.67
N ILE D 621 -13.28 57.75 79.66
CA ILE D 621 -11.84 57.80 79.94
C ILE D 621 -11.47 59.14 80.57
N THR D 622 -12.15 60.22 80.15
CA THR D 622 -11.87 61.52 80.75
C THR D 622 -12.26 61.54 82.22
N GLU D 623 -13.38 60.90 82.55
CA GLU D 623 -13.78 60.85 83.96
C GLU D 623 -12.84 59.98 84.77
N ASN D 624 -12.44 58.83 84.23
CA ASN D 624 -11.69 57.88 85.03
C ASN D 624 -10.25 58.33 85.24
N LEU D 625 -9.60 58.84 84.21
CA LEU D 625 -8.14 59.02 84.25
C LEU D 625 -7.72 60.36 84.83
N LEU D 626 -8.22 61.45 84.24
CA LEU D 626 -7.63 62.77 84.51
C LEU D 626 -7.86 63.27 85.93
N PRO D 627 -9.10 63.39 86.44
CA PRO D 627 -9.31 64.20 87.66
C PRO D 627 -8.74 63.61 88.92
N GLY D 628 -8.35 62.33 88.92
CA GLY D 628 -7.65 61.79 90.07
C GLY D 628 -6.31 62.47 90.29
N ARG D 629 -5.55 62.64 89.21
CA ARG D 629 -4.27 63.35 89.13
C ARG D 629 -3.11 62.64 89.83
N GLU D 630 -3.33 61.48 90.46
CA GLU D 630 -2.25 60.77 91.14
C GLU D 630 -1.37 59.95 90.20
N LEU D 631 -1.68 59.90 88.90
CA LEU D 631 -1.13 58.90 87.99
C LEU D 631 -0.28 59.54 86.89
N LEU D 632 -0.84 60.45 86.12
CA LEU D 632 -0.11 61.15 85.07
C LEU D 632 0.69 62.29 85.67
N LEU D 633 1.58 62.84 84.85
CA LEU D 633 2.37 63.99 85.24
C LEU D 633 1.51 65.25 85.22
N GLN D 634 2.02 66.29 85.88
CA GLN D 634 1.36 67.58 86.01
C GLN D 634 2.35 68.68 85.69
N THR D 635 1.80 69.84 85.30
CA THR D 635 2.57 71.02 84.93
C THR D 635 1.95 72.24 85.56
N ASN D 636 2.81 73.21 85.87
CA ASN D 636 2.38 74.50 86.39
C ASN D 636 3.56 75.45 86.34
N LEU D 637 3.25 76.73 86.19
CA LEU D 637 4.26 77.75 86.35
C LEU D 637 4.64 77.87 87.82
N ILE D 638 5.85 78.35 88.07
CA ILE D 638 6.38 78.44 89.42
C ILE D 638 7.45 79.51 89.45
N ASN D 639 7.50 80.25 90.55
CA ASN D 639 8.46 81.32 90.77
C ASN D 639 9.69 80.79 91.49
N TYR D 640 10.74 81.59 91.48
CA TYR D 640 11.91 81.28 92.28
C TYR D 640 11.59 81.30 93.76
N VAL D 641 12.35 80.53 94.52
CA VAL D 641 12.53 80.74 95.95
C VAL D 641 14.03 80.72 96.22
N THR D 642 14.53 81.78 96.83
CA THR D 642 15.95 81.98 97.06
C THR D 642 16.14 82.57 98.45
N SER D 643 17.34 82.36 98.99
CA SER D 643 17.65 82.77 100.35
C SER D 643 19.11 83.14 100.46
N ILE D 644 19.40 83.94 101.50
CA ILE D 644 20.74 84.39 101.83
C ILE D 644 20.90 84.27 103.34
N ARG D 645 22.16 84.34 103.78
CA ARG D 645 22.54 84.16 105.18
C ARG D 645 23.52 85.26 105.60
N PRO D 646 23.43 85.74 106.83
CA PRO D 646 24.65 86.24 107.48
C PRO D 646 25.59 85.10 107.81
N ASN D 647 26.88 85.43 107.90
CA ASN D 647 27.93 84.45 108.20
C ASN D 647 28.16 84.38 109.71
N ILE D 648 27.07 84.11 110.43
CA ILE D 648 27.02 84.14 111.89
C ILE D 648 26.82 82.73 112.40
N PHE D 649 27.92 82.04 112.67
CA PHE D 649 27.90 80.64 113.08
C PHE D 649 27.87 80.53 114.59
N VAL D 650 27.03 79.63 115.10
CA VAL D 650 26.94 79.29 116.51
C VAL D 650 26.82 77.78 116.62
N GLY D 651 26.66 77.28 117.85
CA GLY D 651 26.45 75.87 118.07
C GLY D 651 26.77 75.39 119.48
N ARG D 652 26.12 74.31 119.90
CA ARG D 652 26.32 73.75 121.23
C ARG D 652 27.53 72.83 121.18
N ALA D 653 28.68 73.35 121.56
CA ALA D 653 29.90 72.57 121.73
C ALA D 653 29.87 71.88 123.08
N GLU D 654 31.02 71.37 123.53
CA GLU D 654 31.16 70.72 124.84
C GLU D 654 31.40 71.72 125.99
N GLY D 655 31.02 72.99 125.84
CA GLY D 655 31.14 74.00 126.87
C GLY D 655 31.45 75.38 126.35
N SER D 656 32.12 75.46 125.20
CA SER D 656 32.44 76.73 124.54
C SER D 656 31.38 77.09 123.51
N THR D 657 30.12 77.05 123.94
CA THR D 657 28.98 77.35 123.09
C THR D 657 28.62 78.83 123.07
N GLN D 658 29.37 79.69 123.78
CA GLN D 658 29.08 81.13 123.88
C GLN D 658 27.66 81.39 124.42
N TYR D 659 27.27 80.57 125.41
CA TYR D 659 26.03 80.69 126.22
C TYR D 659 24.73 80.82 125.40
N GLY D 660 24.72 80.38 124.14
CA GLY D 660 23.55 80.22 123.28
C GLY D 660 22.43 81.24 123.31
N LYS D 661 22.72 82.50 122.95
CA LYS D 661 21.75 83.57 123.11
C LYS D 661 22.05 84.67 122.10
N TRP D 662 21.22 84.75 121.05
CA TRP D 662 21.27 85.80 120.06
C TRP D 662 19.85 86.17 119.69
N TYR D 663 19.70 87.33 119.02
CA TYR D 663 18.41 87.93 118.71
C TYR D 663 18.39 88.40 117.27
N PHE D 664 17.24 88.20 116.63
CA PHE D 664 17.03 88.56 115.22
C PHE D 664 16.40 89.94 115.13
N GLU D 665 16.41 90.49 113.91
CA GLU D 665 15.66 91.69 113.61
C GLU D 665 15.59 91.85 112.10
N VAL D 666 14.39 92.14 111.59
CA VAL D 666 14.14 92.28 110.16
C VAL D 666 13.24 93.49 109.94
N MET D 667 13.37 94.06 108.75
CA MET D 667 12.55 95.18 108.28
C MET D 667 12.20 94.96 106.82
N VAL D 668 10.95 95.27 106.47
CA VAL D 668 10.45 95.19 105.10
C VAL D 668 9.70 96.48 104.80
N ASP D 669 9.87 96.97 103.58
CA ASP D 669 9.36 98.27 103.12
C ASP D 669 8.66 98.11 101.78
N GLU D 670 7.79 97.11 101.70
CA GLU D 670 7.15 96.72 100.44
C GLU D 670 5.94 95.87 100.78
N VAL D 671 5.12 95.60 99.77
CA VAL D 671 4.06 94.59 99.87
C VAL D 671 4.26 93.56 98.76
N VAL D 672 4.04 93.99 97.51
CA VAL D 672 4.11 93.19 96.28
C VAL D 672 3.49 91.81 96.46
N PRO D 673 2.18 91.74 96.72
CA PRO D 673 1.58 90.43 97.02
C PRO D 673 1.54 89.49 95.84
N PHE D 674 1.37 90.03 94.62
CA PHE D 674 1.32 89.25 93.39
C PHE D 674 2.15 90.01 92.37
N LEU D 675 3.39 89.58 92.18
CA LEU D 675 4.26 90.26 91.23
C LEU D 675 3.77 90.05 89.80
N THR D 676 3.77 88.79 89.35
CA THR D 676 3.21 88.40 88.06
C THR D 676 2.05 87.42 88.22
N ALA D 677 2.30 86.22 88.78
CA ALA D 677 1.35 85.12 88.78
C ALA D 677 0.99 84.62 90.17
N GLN D 678 1.97 84.15 90.94
CA GLN D 678 1.67 83.26 92.05
C GLN D 678 1.56 83.96 93.39
N ALA D 679 2.67 84.50 93.89
CA ALA D 679 2.74 85.02 95.25
C ALA D 679 4.12 85.65 95.48
N THR D 680 4.39 86.06 96.71
CA THR D 680 5.74 86.37 97.19
C THR D 680 6.03 85.49 98.38
N HIS D 681 7.30 85.10 98.53
CA HIS D 681 7.71 84.01 99.42
C HIS D 681 8.70 84.46 100.50
N LEU D 682 8.37 85.54 101.20
CA LEU D 682 9.23 86.02 102.27
C LEU D 682 9.05 85.14 103.51
N ARG D 683 10.16 84.56 103.97
CA ARG D 683 10.21 83.82 105.22
C ARG D 683 11.54 84.12 105.89
N VAL D 684 11.57 83.92 107.21
CA VAL D 684 12.75 84.16 108.04
C VAL D 684 12.86 83.00 109.03
N GLY D 685 14.09 82.57 109.28
CA GLY D 685 14.26 81.39 110.10
C GLY D 685 15.71 81.09 110.40
N TRP D 686 15.92 79.89 110.95
CA TRP D 686 17.23 79.35 111.30
C TRP D 686 17.76 78.45 110.20
N ALA D 687 19.02 78.03 110.36
CA ALA D 687 19.71 77.28 109.30
C ALA D 687 20.88 76.52 109.89
N LEU D 688 20.83 75.19 109.87
CA LEU D 688 21.76 74.35 110.62
C LEU D 688 22.90 73.76 109.77
N THR D 689 23.12 74.23 108.55
CA THR D 689 24.30 74.01 107.72
C THR D 689 24.38 72.61 107.08
N GLU D 690 23.54 71.65 107.47
CA GLU D 690 23.65 70.26 107.04
C GLU D 690 22.63 69.90 105.96
N GLY D 691 21.36 70.18 106.20
CA GLY D 691 20.33 69.81 105.25
C GLY D 691 20.23 70.67 104.02
N TYR D 692 20.99 71.75 103.93
CA TYR D 692 20.79 72.80 102.94
C TYR D 692 21.77 72.73 101.79
N SER D 693 21.23 72.49 100.59
CA SER D 693 21.83 72.93 99.33
C SER D 693 20.68 73.45 98.46
N PRO D 694 20.09 74.63 98.81
CA PRO D 694 18.89 75.04 98.08
C PRO D 694 19.19 75.49 96.66
N TYR D 695 19.36 74.52 95.78
CA TYR D 695 19.66 74.82 94.40
C TYR D 695 18.43 75.46 93.75
N PRO D 696 18.61 76.37 92.75
CA PRO D 696 17.44 76.98 92.11
C PRO D 696 16.89 76.06 91.05
N GLY D 697 15.69 75.52 91.29
CA GLY D 697 15.07 74.60 90.38
C GLY D 697 14.12 73.64 91.06
N GLY D 698 14.38 72.35 90.91
CA GLY D 698 13.55 71.33 91.50
C GLY D 698 13.67 71.31 93.01
N GLY D 699 13.00 70.32 93.59
CA GLY D 699 12.94 70.26 95.04
C GLY D 699 12.47 68.91 95.52
N GLU D 700 12.41 68.80 96.85
CA GLU D 700 11.84 67.64 97.53
C GLU D 700 10.37 67.82 97.86
N GLY D 701 9.63 68.49 96.99
CA GLY D 701 8.22 68.67 97.21
C GLY D 701 7.48 69.10 95.97
N TRP D 702 6.56 70.04 96.14
CA TRP D 702 5.83 70.68 95.06
C TRP D 702 6.37 72.09 94.88
N GLY D 703 6.78 72.41 93.65
CA GLY D 703 7.35 73.71 93.42
C GLY D 703 8.75 73.82 94.02
N GLY D 704 9.08 75.02 94.45
CA GLY D 704 10.43 75.34 94.88
C GLY D 704 10.73 74.87 96.30
N ASN D 705 11.99 75.07 96.69
CA ASN D 705 12.49 74.70 98.01
C ASN D 705 12.09 75.77 99.01
N GLY D 706 10.99 75.54 99.71
CA GLY D 706 10.59 76.47 100.75
C GLY D 706 11.54 76.43 101.93
N VAL D 707 11.83 77.60 102.47
CA VAL D 707 12.64 77.69 103.68
C VAL D 707 11.73 77.26 104.82
N GLY D 708 11.86 75.99 105.21
CA GLY D 708 10.87 75.28 106.00
C GLY D 708 10.45 73.96 105.37
N ASP D 709 10.70 73.80 104.07
CA ASP D 709 10.28 72.59 103.36
C ASP D 709 11.04 71.37 103.87
N ASP D 710 12.36 71.49 104.03
CA ASP D 710 13.14 70.40 104.56
C ASP D 710 12.89 70.27 106.06
N LEU D 711 13.18 69.08 106.60
CA LEU D 711 13.08 68.90 108.03
C LEU D 711 14.12 69.74 108.77
N TYR D 712 15.30 69.91 108.17
CA TYR D 712 16.35 70.75 108.74
C TYR D 712 16.15 72.22 108.39
N SER D 713 14.98 72.75 108.79
CA SER D 713 14.59 74.11 108.44
C SER D 713 13.49 74.56 109.38
N TYR D 714 13.71 75.69 110.06
CA TYR D 714 12.79 76.25 111.03
C TYR D 714 12.63 77.74 110.71
N GLY D 715 11.44 78.12 110.24
CA GLY D 715 11.17 79.49 109.83
C GLY D 715 9.71 79.88 109.99
N PHE D 716 9.33 81.00 109.39
CA PHE D 716 7.99 81.55 109.60
C PHE D 716 7.69 82.58 108.53
N ASP D 717 6.44 82.59 108.08
CA ASP D 717 6.02 83.39 106.92
C ASP D 717 5.46 84.75 107.30
N GLY D 718 4.73 84.82 108.42
CA GLY D 718 4.04 86.03 108.82
C GLY D 718 2.65 85.72 109.34
N LEU D 719 1.99 84.71 108.76
CA LEU D 719 0.72 84.19 109.21
C LEU D 719 0.77 82.71 109.59
N HIS D 720 1.75 81.96 109.09
CA HIS D 720 1.93 80.57 109.45
C HIS D 720 3.40 80.22 109.22
N LEU D 721 3.75 79.00 109.61
CA LEU D 721 5.12 78.49 109.54
C LEU D 721 5.13 77.13 108.87
N TRP D 722 6.27 76.81 108.27
CA TRP D 722 6.53 75.51 107.67
C TRP D 722 7.81 74.95 108.26
N THR D 723 7.73 73.71 108.74
CA THR D 723 8.89 72.94 109.13
C THR D 723 8.67 71.53 108.62
N GLY D 724 9.45 71.10 107.64
CA GLY D 724 9.19 69.85 106.97
C GLY D 724 8.08 69.91 105.94
N HIS D 725 7.80 71.09 105.39
CA HIS D 725 6.81 71.25 104.32
C HIS D 725 5.41 70.87 104.80
N VAL D 726 5.00 71.46 105.91
CA VAL D 726 3.69 71.21 106.52
C VAL D 726 3.11 72.55 106.93
N ALA D 727 1.85 72.78 106.57
CA ALA D 727 1.14 73.97 107.02
C ALA D 727 0.82 73.85 108.50
N ARG D 728 1.08 74.92 109.23
CA ARG D 728 0.91 74.95 110.69
C ARG D 728 0.61 76.37 111.13
N PRO D 729 -0.63 76.84 110.91
CA PRO D 729 -0.97 78.19 111.33
C PRO D 729 -1.01 78.32 112.84
N VAL D 730 -0.79 79.56 113.30
CA VAL D 730 -0.70 79.90 114.71
C VAL D 730 -1.62 81.08 114.97
N THR D 731 -2.40 80.99 116.04
CA THR D 731 -3.30 82.06 116.43
C THR D 731 -2.52 83.14 117.15
N SER D 732 -2.73 84.40 116.74
CA SER D 732 -2.09 85.54 117.37
C SER D 732 -2.90 86.78 117.03
N PRO D 733 -2.76 87.87 117.80
CA PRO D 733 -3.35 89.13 117.36
C PRO D 733 -2.61 89.69 116.15
N GLY D 734 -3.33 90.47 115.36
CA GLY D 734 -2.77 91.10 114.19
C GLY D 734 -2.31 90.11 113.14
N GLN D 735 -3.15 89.13 112.84
CA GLN D 735 -2.78 88.11 111.87
C GLN D 735 -2.77 88.70 110.48
N HIS D 736 -1.67 88.52 109.77
CA HIS D 736 -1.52 88.95 108.38
C HIS D 736 -0.20 88.38 107.87
N LEU D 737 0.05 88.56 106.58
CA LEU D 737 1.35 88.26 106.01
C LEU D 737 2.35 89.34 106.43
N LEU D 738 3.55 89.27 105.87
CA LEU D 738 4.56 90.26 106.17
C LEU D 738 4.21 91.58 105.52
N ALA D 739 3.50 92.43 106.25
CA ALA D 739 3.11 93.73 105.75
C ALA D 739 4.30 94.69 105.75
N PRO D 740 4.24 95.80 105.01
CA PRO D 740 5.31 96.79 105.12
C PRO D 740 5.35 97.43 106.50
N GLU D 741 6.56 97.82 106.92
CA GLU D 741 6.83 98.44 108.21
C GLU D 741 6.37 97.54 109.36
N ASP D 742 7.05 96.40 109.47
CA ASP D 742 6.84 95.44 110.54
C ASP D 742 8.19 94.93 111.03
N VAL D 743 8.19 94.46 112.27
CA VAL D 743 9.37 93.90 112.93
C VAL D 743 9.05 92.47 113.35
N VAL D 744 9.98 91.57 113.06
CA VAL D 744 9.89 90.17 113.45
C VAL D 744 11.27 89.77 113.96
N SER D 745 11.29 88.85 114.92
CA SER D 745 12.54 88.42 115.52
C SER D 745 12.36 87.04 116.13
N CYS D 746 13.40 86.58 116.81
CA CYS D 746 13.46 85.22 117.35
C CYS D 746 14.44 85.20 118.52
N CYS D 747 14.45 84.07 119.23
CA CYS D 747 15.45 83.83 120.25
C CYS D 747 15.66 82.33 120.36
N LEU D 748 16.90 81.94 120.65
CA LEU D 748 17.34 80.56 120.69
C LEU D 748 18.09 80.29 121.98
N ASP D 749 17.94 79.07 122.50
CA ASP D 749 18.69 78.57 123.64
C ASP D 749 19.32 77.24 123.24
N LEU D 750 20.65 77.14 123.40
CA LEU D 750 21.36 75.91 123.10
C LEU D 750 21.27 74.89 124.24
N SER D 751 20.99 75.33 125.46
CA SER D 751 20.88 74.40 126.58
C SER D 751 19.71 73.44 126.38
N VAL D 752 18.50 73.98 126.35
CA VAL D 752 17.28 73.25 126.02
C VAL D 752 16.87 73.71 124.62
N PRO D 753 16.49 72.78 123.69
CA PRO D 753 16.07 73.28 122.37
C PRO D 753 14.76 74.05 122.44
N SER D 754 14.82 75.36 122.18
CA SER D 754 13.67 76.25 122.33
C SER D 754 13.84 77.39 121.33
N ILE D 755 13.11 77.30 120.23
CA ILE D 755 13.08 78.33 119.19
C ILE D 755 11.73 79.04 119.32
N SER D 756 11.77 80.29 119.76
CA SER D 756 10.60 81.12 119.99
C SER D 756 10.70 82.39 119.16
N PHE D 757 9.58 82.76 118.56
CA PHE D 757 9.48 83.90 117.65
C PHE D 757 8.63 84.99 118.26
N ARG D 758 8.76 86.19 117.69
CA ARG D 758 7.95 87.31 118.11
C ARG D 758 7.87 88.31 116.96
N ILE D 759 6.84 89.16 117.04
CA ILE D 759 6.47 90.11 116.00
C ILE D 759 6.29 91.48 116.66
N ASN D 760 5.89 92.45 115.85
CA ASN D 760 5.59 93.78 116.36
C ASN D 760 4.43 93.72 117.35
N GLY D 761 4.59 94.44 118.45
CA GLY D 761 3.54 94.56 119.46
C GLY D 761 3.50 93.49 120.52
N CYS D 762 3.59 92.23 120.12
CA CYS D 762 3.39 91.11 121.03
C CYS D 762 4.03 89.87 120.41
N PRO D 763 4.27 88.82 121.19
CA PRO D 763 4.87 87.60 120.64
C PRO D 763 3.82 86.66 120.07
N VAL D 764 4.30 85.80 119.18
CA VAL D 764 3.45 84.79 118.55
C VAL D 764 3.34 83.59 119.46
N GLN D 765 2.22 82.88 119.33
CA GLN D 765 1.88 81.75 120.21
C GLN D 765 2.30 80.44 119.54
N GLY D 766 3.61 80.25 119.46
CA GLY D 766 4.16 79.04 118.90
C GLY D 766 5.68 79.01 118.96
N VAL D 767 6.23 77.85 119.31
CA VAL D 767 7.67 77.64 119.42
C VAL D 767 7.99 76.27 118.83
N PHE D 768 9.29 75.94 118.82
CA PHE D 768 9.79 74.63 118.44
C PHE D 768 10.67 74.10 119.56
N GLU D 769 10.82 72.78 119.59
CA GLU D 769 11.62 72.14 120.63
C GLU D 769 11.86 70.69 120.23
N ALA D 770 12.79 70.05 120.95
CA ALA D 770 13.09 68.62 120.81
C ALA D 770 13.57 68.29 119.41
N PHE D 771 14.74 68.84 119.08
CA PHE D 771 15.41 68.58 117.81
C PHE D 771 16.90 68.39 118.04
N ASN D 772 17.52 67.60 117.17
CA ASN D 772 18.96 67.44 117.21
C ASN D 772 19.65 68.75 116.86
N LEU D 773 20.80 68.98 117.49
CA LEU D 773 21.59 70.20 117.33
C LEU D 773 23.06 69.85 117.21
N ASP D 774 23.37 68.75 116.52
CA ASP D 774 24.74 68.30 116.33
C ASP D 774 25.50 69.06 115.25
N GLY D 775 24.92 70.11 114.67
CA GLY D 775 25.59 71.01 113.74
C GLY D 775 25.47 72.44 114.21
N LEU D 776 25.90 73.38 113.37
CA LEU D 776 25.88 74.79 113.72
C LEU D 776 24.47 75.34 113.54
N PHE D 777 24.32 76.66 113.65
CA PHE D 777 23.09 77.37 113.30
C PHE D 777 23.48 78.75 112.77
N PHE D 778 22.60 79.36 111.97
CA PHE D 778 22.79 80.75 111.58
C PHE D 778 21.46 81.30 111.06
N PRO D 779 21.30 82.64 111.04
CA PRO D 779 20.05 83.22 110.50
C PRO D 779 19.97 83.12 108.99
N VAL D 780 18.74 83.09 108.48
CA VAL D 780 18.44 83.15 107.06
C VAL D 780 17.15 83.93 106.81
N VAL D 781 17.01 84.37 105.57
CA VAL D 781 15.84 85.07 105.07
C VAL D 781 15.56 84.58 103.66
N SER D 782 14.31 84.23 103.38
CA SER D 782 13.86 83.78 102.07
C SER D 782 13.25 84.95 101.29
N PHE D 783 13.23 84.79 99.98
CA PHE D 783 12.71 85.84 99.12
C PHE D 783 12.57 85.29 97.71
N SER D 784 11.43 85.59 97.07
CA SER D 784 11.15 85.18 95.71
C SER D 784 11.56 86.27 94.71
N ALA D 785 10.90 87.42 94.78
CA ALA D 785 11.17 88.55 93.89
C ALA D 785 10.30 89.70 94.35
N GLY D 786 10.63 90.89 93.85
CA GLY D 786 9.83 92.08 94.14
C GLY D 786 9.81 92.46 95.60
N VAL D 787 10.95 92.38 96.28
CA VAL D 787 11.10 92.76 97.68
C VAL D 787 12.40 93.52 97.83
N LYS D 788 12.40 94.52 98.70
CA LYS D 788 13.53 95.41 98.96
C LYS D 788 13.80 95.50 100.46
N VAL D 789 13.81 94.35 101.13
CA VAL D 789 13.92 94.28 102.58
C VAL D 789 15.33 94.63 103.01
N ARG D 790 15.52 94.79 104.32
CA ARG D 790 16.83 95.03 104.90
C ARG D 790 16.91 94.27 106.23
N PHE D 791 18.01 93.55 106.44
CA PHE D 791 18.18 92.67 107.59
C PHE D 791 19.02 93.39 108.64
N LEU D 792 18.35 94.24 109.42
CA LEU D 792 19.01 94.96 110.51
C LEU D 792 19.46 93.95 111.56
N LEU D 793 20.77 93.79 111.72
CA LEU D 793 21.30 92.74 112.58
C LEU D 793 21.25 93.14 114.05
N GLY D 794 21.99 94.19 114.42
CA GLY D 794 22.20 94.55 115.80
C GLY D 794 23.59 95.09 116.13
N GLY D 795 24.52 95.04 115.17
CA GLY D 795 25.90 95.43 115.41
C GLY D 795 26.09 96.86 115.85
N ARG D 796 25.76 97.82 114.98
CA ARG D 796 25.73 99.24 115.31
C ARG D 796 24.44 99.93 114.89
N HIS D 797 23.85 99.54 113.76
CA HIS D 797 22.66 100.18 113.21
C HIS D 797 21.38 99.37 113.44
N GLY D 798 21.46 98.18 114.03
CA GLY D 798 20.27 97.39 114.27
C GLY D 798 19.53 97.79 115.51
N GLU D 799 18.83 98.92 115.47
CA GLU D 799 18.08 99.40 116.62
C GLU D 799 16.87 98.51 116.85
N PHE D 800 16.94 97.68 117.88
CA PHE D 800 15.87 96.74 118.20
C PHE D 800 14.68 97.50 118.76
N LYS D 801 13.70 97.80 117.89
CA LYS D 801 12.49 98.47 118.34
C LYS D 801 11.71 97.59 119.30
N PHE D 802 11.48 96.33 118.91
CA PHE D 802 10.94 95.31 119.81
C PHE D 802 12.12 94.76 120.60
N LEU D 803 12.13 95.00 121.91
CA LEU D 803 13.34 94.84 122.69
C LEU D 803 13.68 93.36 122.86
N PRO D 804 14.96 93.00 123.03
CA PRO D 804 15.28 91.59 123.33
C PRO D 804 14.98 91.26 124.78
N PRO D 805 14.96 89.99 125.16
CA PRO D 805 15.08 89.65 126.58
C PRO D 805 16.52 89.81 127.04
N PRO D 806 16.80 89.66 128.33
CA PRO D 806 18.19 89.71 128.77
C PRO D 806 18.99 88.51 128.25
N GLY D 807 20.27 88.75 128.03
CA GLY D 807 21.21 87.71 127.64
C GLY D 807 21.40 87.54 126.15
N TYR D 808 20.44 87.95 125.34
CA TYR D 808 20.53 87.88 123.89
C TYR D 808 21.12 89.19 123.38
N ALA D 809 22.31 89.11 122.79
CA ALA D 809 23.12 90.26 122.37
C ALA D 809 23.62 90.06 120.95
N PRO D 810 23.92 91.18 120.21
CA PRO D 810 24.34 91.06 118.80
C PRO D 810 25.84 90.88 118.58
N CYS D 811 26.31 89.64 118.68
CA CYS D 811 27.67 89.25 118.28
C CYS D 811 28.74 89.94 119.15
N HIS D 812 28.72 89.62 120.44
CA HIS D 812 29.53 90.37 121.40
C HIS D 812 31.00 89.97 121.38
N GLU D 813 31.30 88.71 121.73
CA GLU D 813 32.67 88.39 122.14
C GLU D 813 33.62 88.29 120.95
N ALA D 814 33.40 87.28 120.10
CA ALA D 814 34.24 87.05 118.91
C ALA D 814 33.44 86.60 117.69
N VAL D 815 32.10 86.63 117.75
CA VAL D 815 31.30 86.43 116.55
C VAL D 815 31.60 87.58 115.60
N LEU D 816 31.54 87.30 114.30
CA LEU D 816 32.31 87.94 113.23
C LEU D 816 33.79 87.68 113.50
N PRO D 817 34.25 86.42 113.42
CA PRO D 817 35.64 86.14 113.76
C PRO D 817 36.61 86.66 112.71
N ARG D 818 37.28 87.78 113.00
CA ARG D 818 38.37 88.36 112.23
C ARG D 818 37.96 88.96 110.86
N GLU D 819 36.70 88.80 110.45
CA GLU D 819 36.25 89.07 109.09
C GLU D 819 35.07 90.01 109.13
N ARG D 820 35.05 90.96 108.21
CA ARG D 820 33.94 91.89 108.10
C ARG D 820 32.68 91.14 107.70
N LEU D 821 31.55 91.58 108.26
CA LEU D 821 30.28 90.94 107.96
C LEU D 821 29.91 91.16 106.50
N ARG D 822 29.30 90.14 105.90
CA ARG D 822 28.87 90.23 104.51
C ARG D 822 27.88 89.11 104.27
N LEU D 823 26.70 89.47 103.78
CA LEU D 823 25.72 88.47 103.40
C LEU D 823 26.23 87.70 102.19
N GLU D 824 25.87 86.41 102.12
CA GLU D 824 26.32 85.46 101.13
C GLU D 824 25.13 84.64 100.63
N PRO D 825 25.15 84.15 99.39
CA PRO D 825 24.19 83.10 99.03
C PRO D 825 24.56 81.78 99.69
N ILE D 826 23.54 80.98 99.95
CA ILE D 826 23.72 79.72 100.66
C ILE D 826 24.20 78.68 99.65
N LYS D 827 25.48 78.31 99.74
CA LYS D 827 26.06 77.25 98.93
C LYS D 827 26.01 77.59 97.44
N GLU D 828 26.60 78.73 97.11
CA GLU D 828 26.61 79.21 95.73
C GLU D 828 27.43 78.29 94.84
N TYR D 829 26.99 78.21 93.57
CA TYR D 829 27.72 77.49 92.53
C TYR D 829 27.76 78.26 91.21
N ARG D 830 27.40 79.54 91.19
CA ARG D 830 27.51 80.37 90.00
C ARG D 830 27.42 81.81 90.47
N ARG D 831 28.39 82.63 90.06
CA ARG D 831 28.42 84.05 90.37
C ARG D 831 28.90 84.83 89.16
N GLU D 832 28.28 85.98 88.93
CA GLU D 832 28.66 86.83 87.81
C GLU D 832 29.95 87.56 88.14
N GLY D 833 30.90 87.52 87.20
CA GLY D 833 32.07 88.34 87.25
C GLY D 833 31.90 89.55 86.34
N PRO D 834 32.88 90.44 86.30
CA PRO D 834 32.77 91.58 85.39
C PRO D 834 32.92 91.16 83.95
N ARG D 835 33.94 90.35 83.68
CA ARG D 835 34.17 89.85 82.33
C ARG D 835 33.21 88.73 81.96
N GLY D 836 32.86 87.88 82.93
CA GLY D 836 31.93 86.82 82.68
C GLY D 836 31.55 86.04 83.92
N PRO D 837 30.64 85.07 83.79
CA PRO D 837 30.29 84.23 84.94
C PRO D 837 31.45 83.35 85.36
N HIS D 838 31.42 82.97 86.64
CA HIS D 838 32.45 82.13 87.26
C HIS D 838 31.79 80.98 87.98
N LEU D 839 32.15 79.76 87.60
CA LEU D 839 31.73 78.59 88.33
C LEU D 839 32.46 78.51 89.66
N VAL D 840 31.77 77.98 90.67
CA VAL D 840 32.24 77.96 92.05
C VAL D 840 32.13 76.54 92.58
N GLY D 841 33.20 76.07 93.20
CA GLY D 841 33.22 74.76 93.80
C GLY D 841 32.52 74.76 95.16
N PRO D 842 32.46 73.58 95.77
CA PRO D 842 31.78 73.48 97.05
C PRO D 842 32.55 74.18 98.16
N SER D 843 31.80 74.61 99.18
CA SER D 843 32.34 75.29 100.35
C SER D 843 32.55 74.28 101.46
N ARG D 844 33.71 74.35 102.11
CA ARG D 844 34.00 73.47 103.22
C ARG D 844 33.11 73.80 104.41
N CYS D 845 33.00 72.84 105.32
CA CYS D 845 32.33 73.09 106.59
C CYS D 845 33.19 74.01 107.44
N LEU D 846 32.66 75.18 107.78
CA LEU D 846 33.40 76.19 108.54
C LEU D 846 33.34 75.82 110.03
N SER D 847 34.06 74.74 110.36
CA SER D 847 34.13 74.21 111.72
C SER D 847 32.73 73.83 112.21
N HIS D 848 32.18 72.79 111.55
CA HIS D 848 30.80 72.37 111.77
C HIS D 848 30.57 71.94 113.22
N THR D 849 31.56 71.34 113.85
CA THR D 849 31.56 71.07 115.28
C THR D 849 32.97 71.36 115.78
N ASP D 850 33.25 70.97 117.02
CA ASP D 850 34.58 71.10 117.62
C ASP D 850 35.00 72.56 117.75
N PHE D 851 34.05 73.42 118.13
CA PHE D 851 34.42 74.74 118.64
C PHE D 851 35.28 74.61 119.89
N VAL D 852 34.93 73.66 120.75
CA VAL D 852 35.79 73.32 121.90
C VAL D 852 37.10 72.76 121.35
N PRO D 853 38.28 73.29 121.74
CA PRO D 853 39.51 72.91 121.02
C PRO D 853 40.07 71.59 121.55
N CYS D 854 41.26 71.21 121.06
CA CYS D 854 41.91 69.94 121.40
C CYS D 854 43.31 70.24 121.92
N PRO D 855 43.43 70.72 123.16
CA PRO D 855 44.76 70.89 123.74
C PRO D 855 45.45 69.55 123.97
N VAL D 856 46.78 69.61 124.02
CA VAL D 856 47.59 68.42 124.25
C VAL D 856 47.31 67.88 125.66
N ASP D 857 47.30 66.55 125.78
CA ASP D 857 47.05 65.86 127.04
C ASP D 857 48.02 64.69 127.20
N ILE D 861 53.78 62.51 132.77
CA ILE D 861 53.70 63.03 134.13
C ILE D 861 54.88 62.47 134.92
N VAL D 862 56.01 63.16 134.84
CA VAL D 862 57.27 62.73 135.46
C VAL D 862 58.03 63.98 135.88
N LEU D 863 59.15 63.78 136.58
CA LEU D 863 60.02 64.88 136.99
C LEU D 863 61.44 64.34 137.19
N PRO D 864 62.19 64.14 136.09
CA PRO D 864 63.60 63.72 136.24
C PRO D 864 64.44 64.86 136.78
N PRO D 865 65.72 64.58 137.17
CA PRO D 865 66.54 65.66 137.73
C PRO D 865 67.09 66.63 136.68
N HIS D 866 67.49 66.12 135.51
CA HIS D 866 68.01 66.99 134.47
C HIS D 866 66.92 67.94 133.97
N LEU D 867 65.70 67.44 133.85
CA LEU D 867 64.58 68.31 133.52
C LEU D 867 64.29 69.28 134.65
N GLU D 868 64.53 68.87 135.91
CA GLU D 868 64.31 69.76 137.04
C GLU D 868 65.26 70.96 137.00
N ARG D 869 66.54 70.71 136.77
CA ARG D 869 67.50 71.83 136.74
C ARG D 869 67.29 72.71 135.52
N ILE D 870 67.00 72.11 134.35
CA ILE D 870 66.84 72.94 133.16
C ILE D 870 65.54 73.73 133.23
N ARG D 871 64.49 73.20 133.87
CA ARG D 871 63.27 74.00 134.03
C ARG D 871 63.44 75.07 135.10
N GLU D 872 64.30 74.84 136.10
CA GLU D 872 64.64 75.92 137.01
C GLU D 872 65.35 77.05 136.27
N LYS D 873 66.28 76.69 135.38
CA LYS D 873 66.95 77.69 134.55
C LYS D 873 65.96 78.41 133.65
N LEU D 874 65.00 77.67 133.08
CA LEU D 874 63.97 78.29 132.25
C LEU D 874 63.07 79.20 133.07
N ALA D 875 62.78 78.82 134.33
CA ALA D 875 61.99 79.66 135.20
C ALA D 875 62.69 80.99 135.45
N GLU D 876 64.00 80.93 135.69
CA GLU D 876 64.79 82.15 135.85
C GLU D 876 64.79 82.99 134.57
N ASN D 877 64.91 82.32 133.41
CA ASN D 877 64.94 83.03 132.13
C ASN D 877 63.62 83.74 131.85
N ILE D 878 62.50 83.05 132.04
CA ILE D 878 61.20 83.67 131.77
C ILE D 878 60.92 84.76 132.79
N HIS D 879 61.37 84.60 134.04
CA HIS D 879 61.14 85.66 135.03
C HIS D 879 61.94 86.91 134.70
N GLU D 880 63.23 86.77 134.35
CA GLU D 880 64.00 87.96 134.03
C GLU D 880 63.52 88.59 132.72
N LEU D 881 63.06 87.78 131.76
CA LEU D 881 62.45 88.36 130.56
C LEU D 881 61.13 89.05 130.87
N TRP D 882 60.36 88.52 131.84
CA TRP D 882 59.12 89.17 132.26
C TRP D 882 59.40 90.52 132.89
N ALA D 883 60.43 90.58 133.74
CA ALA D 883 60.82 91.86 134.33
C ALA D 883 61.33 92.82 133.27
N LEU D 884 62.03 92.30 132.26
CA LEU D 884 62.46 93.12 131.12
C LEU D 884 61.27 93.71 130.39
N THR D 885 60.25 92.90 130.13
CA THR D 885 59.06 93.39 129.45
C THR D 885 58.33 94.40 130.30
N ARG D 886 58.30 94.20 131.61
CA ARG D 886 57.63 95.13 132.51
C ARG D 886 58.31 96.48 132.50
N ILE D 887 59.63 96.51 132.65
CA ILE D 887 60.34 97.80 132.70
C ILE D 887 60.38 98.44 131.31
N GLU D 888 60.36 97.64 130.24
CA GLU D 888 60.25 98.22 128.90
C GLU D 888 58.89 98.87 128.71
N GLN D 889 57.83 98.25 129.24
CA GLN D 889 56.52 98.90 129.24
C GLN D 889 56.54 100.16 130.09
N GLY D 890 57.28 100.14 131.20
CA GLY D 890 57.42 101.25 132.13
C GLY D 890 56.82 100.95 133.49
N TRP D 891 56.85 99.67 133.89
CA TRP D 891 56.25 99.21 135.14
C TRP D 891 57.36 99.09 136.19
N THR D 892 57.36 100.02 137.14
CA THR D 892 58.28 99.95 138.26
C THR D 892 57.79 98.93 139.29
N TYR D 893 58.64 98.65 140.27
CA TYR D 893 58.33 97.70 141.33
C TYR D 893 57.69 98.40 142.51
N GLY D 894 56.62 97.81 143.04
CA GLY D 894 56.01 98.28 144.26
C GLY D 894 55.21 97.18 144.93
N PRO D 895 54.84 97.38 146.21
CA PRO D 895 54.18 96.30 146.94
C PRO D 895 52.75 96.07 146.49
N VAL D 896 51.99 97.16 146.30
CA VAL D 896 50.61 97.10 145.85
C VAL D 896 50.59 97.21 144.34
N ARG D 897 49.48 96.76 143.74
CA ARG D 897 49.27 96.84 142.30
C ARG D 897 48.56 98.14 141.97
N ASP D 898 49.21 98.98 141.17
CA ASP D 898 48.68 100.26 140.73
C ASP D 898 48.87 100.40 139.23
N ASP D 899 47.97 101.17 138.60
CA ASP D 899 47.97 101.38 137.16
C ASP D 899 48.59 102.72 136.75
N ASN D 900 48.28 103.80 137.47
CA ASN D 900 48.90 105.08 137.17
C ASN D 900 50.40 105.05 137.47
N LYS D 901 50.76 104.61 138.68
CA LYS D 901 52.15 104.45 139.04
C LYS D 901 52.78 103.19 138.44
N ARG D 902 51.96 102.22 138.01
CA ARG D 902 52.44 101.03 137.30
C ARG D 902 53.34 100.18 138.20
N LEU D 903 52.83 99.89 139.39
CA LEU D 903 53.50 99.03 140.36
C LEU D 903 53.04 97.59 140.19
N HIS D 904 53.88 96.66 140.68
CA HIS D 904 53.55 95.25 140.67
C HIS D 904 54.51 94.54 141.62
N PRO D 905 54.06 93.60 142.46
CA PRO D 905 54.98 92.99 143.43
C PRO D 905 55.79 91.81 142.92
N CYS D 906 55.60 91.38 141.67
CA CYS D 906 56.37 90.29 141.11
C CYS D 906 57.78 90.69 140.66
N LEU D 907 58.15 91.96 140.79
CA LEU D 907 59.37 92.50 140.14
C LEU D 907 60.56 92.40 141.09
N VAL D 908 60.85 91.15 141.49
CA VAL D 908 61.99 90.81 142.34
C VAL D 908 62.50 89.45 141.89
N ASN D 909 63.81 89.25 142.01
CA ASN D 909 64.40 87.96 141.71
C ASN D 909 63.95 86.91 142.72
N PHE D 910 64.16 85.63 142.37
CA PHE D 910 63.68 84.51 143.18
C PHE D 910 64.30 84.47 144.58
N HIS D 911 65.46 85.09 144.79
CA HIS D 911 66.08 85.08 146.11
C HIS D 911 65.28 85.90 147.13
N SER D 912 64.41 86.83 146.67
CA SER D 912 63.50 87.55 147.55
C SER D 912 62.12 87.78 146.92
N LEU D 913 61.75 87.02 145.88
CA LEU D 913 60.41 87.13 145.33
C LEU D 913 59.41 86.56 146.35
N PRO D 914 58.14 87.00 146.32
CA PRO D 914 57.14 86.30 147.15
C PRO D 914 56.94 84.86 146.72
N GLU D 915 56.64 84.02 147.70
CA GLU D 915 56.51 82.59 147.46
C GLU D 915 55.39 82.21 146.49
N PRO D 916 54.18 82.79 146.53
CA PRO D 916 53.18 82.47 145.49
C PRO D 916 53.64 82.78 144.07
N GLU D 917 54.38 83.87 143.89
CA GLU D 917 54.92 84.18 142.57
C GLU D 917 55.96 83.15 142.15
N ARG D 918 56.79 82.69 143.10
CA ARG D 918 57.77 81.64 142.80
C ARG D 918 57.08 80.35 142.39
N ASN D 919 56.03 79.95 143.12
CA ASN D 919 55.30 78.74 142.80
C ASN D 919 54.62 78.85 141.45
N TYR D 920 54.02 80.02 141.16
CA TYR D 920 53.37 80.24 139.87
C TYR D 920 54.37 80.17 138.72
N ASN D 921 55.53 80.80 138.91
CA ASN D 921 56.59 80.81 137.89
C ASN D 921 57.07 79.40 137.59
N LEU D 922 57.45 78.65 138.64
CA LEU D 922 57.91 77.28 138.46
C LEU D 922 56.81 76.39 137.91
N GLN D 923 55.55 76.67 138.25
CA GLN D 923 54.44 75.84 137.78
C GLN D 923 54.30 75.92 136.27
N MET D 924 54.13 77.14 135.71
CA MET D 924 53.93 77.14 134.25
C MET D 924 55.24 76.91 133.51
N SER D 925 56.41 77.12 134.13
CA SER D 925 57.65 76.71 133.50
C SER D 925 57.70 75.19 133.34
N GLY D 926 57.35 74.45 134.40
CA GLY D 926 57.31 73.00 134.31
C GLY D 926 56.24 72.51 133.35
N GLU D 927 55.09 73.20 133.31
CA GLU D 927 54.06 72.80 132.37
C GLU D 927 54.49 73.06 130.92
N THR D 928 55.22 74.15 130.68
CA THR D 928 55.75 74.41 129.35
C THR D 928 56.74 73.34 128.93
N LEU D 929 57.60 72.90 129.85
CA LEU D 929 58.54 71.84 129.51
C LEU D 929 57.82 70.51 129.30
N LYS D 930 56.76 70.25 130.08
CA LYS D 930 55.99 69.03 129.89
C LYS D 930 55.29 69.02 128.54
N THR D 931 54.76 70.16 128.13
CA THR D 931 54.18 70.27 126.80
C THR D 931 55.25 70.11 125.72
N LEU D 932 56.47 70.58 125.99
CA LEU D 932 57.55 70.45 125.03
C LEU D 932 57.91 68.99 124.77
N LEU D 933 57.73 68.11 125.77
CA LEU D 933 57.95 66.67 125.66
C LEU D 933 56.74 65.90 126.16
N ALA D 934 55.54 66.37 125.81
CA ALA D 934 54.34 65.63 126.14
C ALA D 934 54.29 64.32 125.37
N LEU D 935 54.58 64.37 124.08
CA LEU D 935 54.63 63.19 123.24
C LEU D 935 55.99 62.51 123.40
N GLY D 936 56.30 61.56 122.53
CA GLY D 936 57.56 60.84 122.59
C GLY D 936 58.73 61.61 122.02
N CYS D 937 59.05 62.76 122.62
CA CYS D 937 60.18 63.59 122.19
C CYS D 937 61.45 63.14 122.89
N HIS D 938 62.55 63.09 122.15
CA HIS D 938 63.82 62.59 122.65
C HIS D 938 64.61 63.71 123.33
N VAL D 939 65.33 63.33 124.38
CA VAL D 939 66.21 64.24 125.11
C VAL D 939 67.11 63.38 125.97
N GLY D 940 68.31 63.87 126.26
CA GLY D 940 69.25 63.08 127.03
C GLY D 940 70.43 63.87 127.51
N MET D 941 71.52 63.15 127.79
CA MET D 941 72.71 63.78 128.33
C MET D 941 73.37 64.66 127.28
N ALA D 942 73.83 65.85 127.70
CA ALA D 942 74.64 66.71 126.85
C ALA D 942 75.76 67.42 127.63
N ASP D 943 76.19 66.87 128.77
CA ASP D 943 77.29 67.38 129.58
C ASP D 943 77.04 68.75 130.20
N GLU D 944 75.79 69.24 130.20
CA GLU D 944 75.41 70.53 130.78
C GLU D 944 76.19 71.68 130.13
N LYS D 945 75.90 71.90 128.84
CA LYS D 945 76.57 72.93 128.07
C LYS D 945 76.17 74.36 128.46
N ALA D 946 75.15 74.54 129.30
CA ALA D 946 74.75 75.88 129.72
C ALA D 946 75.87 76.57 130.50
N GLU D 947 76.51 75.86 131.42
CA GLU D 947 77.69 76.41 132.09
C GLU D 947 78.89 76.48 131.15
N ASP D 948 78.94 75.60 130.14
CA ASP D 948 80.10 75.56 129.24
C ASP D 948 80.21 76.83 128.40
N ASN D 949 79.08 77.33 127.90
CA ASN D 949 79.02 78.39 126.89
C ASN D 949 78.23 79.59 127.41
N LEU D 950 78.51 80.03 128.62
CA LEU D 950 77.76 81.11 129.24
C LEU D 950 77.99 82.43 128.50
N LYS D 951 76.88 83.12 128.21
CA LYS D 951 76.88 84.46 127.65
C LYS D 951 75.78 85.25 128.33
N LYS D 952 75.98 86.57 128.40
CA LYS D 952 75.04 87.48 129.05
C LYS D 952 74.85 88.73 128.22
N THR D 953 73.62 89.25 128.24
CA THR D 953 73.27 90.45 127.48
C THR D 953 73.84 91.69 128.16
N LYS D 954 74.07 92.73 127.36
CA LYS D 954 74.55 94.00 127.89
C LYS D 954 73.52 94.61 128.82
N LEU D 955 74.01 95.42 129.77
CA LEU D 955 73.18 96.05 130.81
C LEU D 955 73.51 97.53 130.91
N PRO D 956 72.97 98.37 130.01
CA PRO D 956 72.99 99.82 130.26
C PRO D 956 72.00 100.22 131.33
N LYS D 957 71.84 101.54 131.54
CA LYS D 957 70.87 102.03 132.51
C LYS D 957 69.42 101.87 132.04
N THR D 958 69.17 101.52 130.78
CA THR D 958 67.81 101.31 130.30
C THR D 958 67.15 100.13 131.02
N TYR D 959 67.93 99.13 131.39
CA TYR D 959 67.43 97.99 132.17
C TYR D 959 67.37 98.25 133.67
N MET D 960 67.74 99.45 134.14
CA MET D 960 67.78 99.72 135.57
C MET D 960 66.38 99.67 136.17
N MET D 961 66.25 98.93 137.27
CA MET D 961 64.99 98.59 137.89
C MET D 961 64.86 99.39 139.18
N SER D 962 63.61 99.57 139.62
CA SER D 962 63.34 100.34 140.84
C SER D 962 63.99 99.70 142.07
N ASN D 963 63.86 98.39 142.21
CA ASN D 963 64.50 97.72 143.35
C ASN D 963 66.02 97.68 143.19
N GLY D 964 66.50 97.50 141.95
CA GLY D 964 67.90 97.33 141.64
C GLY D 964 68.22 96.04 140.92
N TYR D 965 67.38 95.01 141.03
CA TYR D 965 67.62 93.72 140.39
C TYR D 965 67.19 93.81 138.93
N LYS D 966 68.04 94.45 138.14
CA LYS D 966 67.76 94.56 136.71
C LYS D 966 67.82 93.18 136.06
N PRO D 967 67.09 92.95 134.96
CA PRO D 967 67.16 91.63 134.33
C PRO D 967 68.50 91.40 133.66
N ALA D 968 68.88 90.12 133.61
CA ALA D 968 70.14 89.67 133.03
C ALA D 968 69.86 88.52 132.07
N PRO D 969 69.19 88.80 130.95
CA PRO D 969 68.85 87.72 130.02
C PRO D 969 70.07 87.12 129.36
N LEU D 970 69.97 85.83 129.04
CA LEU D 970 71.07 85.10 128.42
C LEU D 970 71.15 85.49 126.95
N ASP D 971 72.32 85.98 126.52
CA ASP D 971 72.51 86.44 125.14
C ASP D 971 72.80 85.23 124.24
N LEU D 972 71.76 84.44 124.03
CA LEU D 972 71.78 83.24 123.18
C LEU D 972 71.12 83.52 121.83
N SER D 973 71.34 84.72 121.29
CA SER D 973 70.76 85.11 120.01
C SER D 973 71.38 84.39 118.82
N HIS D 974 72.48 83.65 118.99
CA HIS D 974 73.05 82.86 117.91
C HIS D 974 72.18 81.69 117.48
N VAL D 975 71.16 81.31 118.27
CA VAL D 975 70.15 80.37 117.80
C VAL D 975 69.42 81.01 116.63
N ARG D 976 69.52 80.38 115.45
CA ARG D 976 68.91 80.94 114.25
C ARG D 976 67.43 80.60 114.17
N LEU D 977 67.09 79.32 114.01
CA LEU D 977 65.71 78.87 113.88
C LEU D 977 65.71 77.35 113.81
N THR D 978 64.51 76.78 113.91
CA THR D 978 64.22 75.40 113.55
C THR D 978 62.73 75.34 113.21
N PRO D 979 62.30 75.02 111.95
CA PRO D 979 60.88 75.23 111.61
C PRO D 979 59.88 74.35 112.34
N ALA D 980 60.16 73.05 112.39
CA ALA D 980 59.20 72.08 112.91
C ALA D 980 58.95 72.28 114.39
N GLN D 981 60.02 72.46 115.17
CA GLN D 981 59.83 72.64 116.61
C GLN D 981 59.27 74.03 116.93
N THR D 982 59.55 75.03 116.10
CA THR D 982 58.90 76.33 116.30
C THR D 982 57.40 76.23 116.08
N THR D 983 56.98 75.53 115.03
CA THR D 983 55.55 75.34 114.80
C THR D 983 54.92 74.50 115.91
N LEU D 984 55.63 73.48 116.38
CA LEU D 984 55.11 72.65 117.47
C LEU D 984 54.99 73.46 118.76
N VAL D 985 55.97 74.32 119.03
CA VAL D 985 55.87 75.19 120.20
C VAL D 985 54.75 76.21 120.03
N ASP D 986 54.50 76.65 118.79
CA ASP D 986 53.42 77.60 118.56
C ASP D 986 52.06 76.96 118.83
N ARG D 987 51.83 75.76 118.30
CA ARG D 987 50.55 75.10 118.59
C ARG D 987 50.48 74.61 120.04
N LEU D 988 51.62 74.39 120.71
CA LEU D 988 51.58 74.14 122.15
C LEU D 988 51.23 75.40 122.92
N ALA D 989 51.67 76.56 122.45
CA ALA D 989 51.20 77.82 123.02
C ALA D 989 49.71 77.99 122.80
N GLU D 990 49.23 77.54 121.64
CA GLU D 990 47.79 77.54 121.39
C GLU D 990 47.07 76.58 122.33
N ASN D 991 47.70 75.46 122.70
CA ASN D 991 47.12 74.57 123.69
C ASN D 991 47.10 75.21 125.08
N GLY D 992 48.15 75.99 125.38
CA GLY D 992 48.13 76.80 126.59
C GLY D 992 46.98 77.78 126.59
N HIS D 993 46.73 78.42 125.44
CA HIS D 993 45.59 79.31 125.31
C HIS D 993 44.27 78.55 125.41
N ASN D 994 44.24 77.31 124.93
CA ASN D 994 43.03 76.50 125.01
C ASN D 994 42.66 76.20 126.45
N VAL D 995 43.64 75.73 127.23
CA VAL D 995 43.36 75.45 128.64
C VAL D 995 43.07 76.74 129.39
N TRP D 996 43.72 77.85 129.03
CA TRP D 996 43.43 79.14 129.64
C TRP D 996 42.00 79.57 129.37
N ALA D 997 41.54 79.40 128.13
CA ALA D 997 40.17 79.75 127.79
C ALA D 997 39.18 78.82 128.47
N ARG D 998 39.54 77.55 128.64
CA ARG D 998 38.69 76.63 129.37
C ARG D 998 38.54 77.07 130.82
N ASP D 999 39.65 77.45 131.45
CA ASP D 999 39.59 77.95 132.82
C ASP D 999 38.80 79.25 132.90
N ARG D 1000 38.91 80.10 131.87
CA ARG D 1000 38.25 81.40 131.91
C ARG D 1000 36.74 81.26 131.73
N VAL D 1001 36.30 80.38 130.82
CA VAL D 1001 34.91 80.30 130.39
C VAL D 1001 34.21 79.07 130.97
N ALA D 1002 34.83 77.89 130.85
CA ALA D 1002 34.15 76.66 131.23
C ALA D 1002 33.94 76.58 132.73
N GLN D 1003 34.92 77.01 133.52
CA GLN D 1003 34.84 77.08 134.97
C GLN D 1003 34.52 78.47 135.49
N GLY D 1004 34.92 79.52 134.77
CA GLY D 1004 34.68 80.88 135.20
C GLY D 1004 33.34 81.42 134.73
N TRP D 1005 33.07 81.22 133.44
CA TRP D 1005 31.89 81.71 132.69
C TRP D 1005 31.56 83.17 133.02
N SER D 1006 32.59 84.00 133.03
CA SER D 1006 32.45 85.42 133.28
C SER D 1006 31.99 86.11 131.98
N TYR D 1007 32.04 87.43 131.95
CA TYR D 1007 31.55 88.23 130.84
C TYR D 1007 32.47 89.43 130.63
N SER D 1008 32.69 89.77 129.35
CA SER D 1008 33.41 90.98 128.97
C SER D 1008 32.46 92.14 128.76
N ALA D 1009 31.64 92.41 129.77
CA ALA D 1009 30.61 93.45 129.73
C ALA D 1009 29.63 93.25 128.59
N ARG D 1020 34.33 87.57 127.50
CA ARG D 1020 35.25 86.47 127.32
C ARG D 1020 35.75 86.46 125.88
N LEU D 1021 36.51 85.43 125.52
CA LEU D 1021 36.99 85.21 124.17
C LEU D 1021 36.79 83.75 123.81
N VAL D 1022 36.48 83.52 122.54
CA VAL D 1022 36.19 82.17 122.05
C VAL D 1022 37.48 81.34 122.09
N PRO D 1023 37.43 80.02 122.39
CA PRO D 1023 38.64 79.21 122.16
C PRO D 1023 38.90 78.97 120.69
N TYR D 1024 39.94 79.61 120.16
CA TYR D 1024 40.30 79.59 118.75
C TYR D 1024 41.65 78.91 118.60
N ARG D 1025 42.12 78.85 117.36
CA ARG D 1025 43.45 78.40 116.99
C ARG D 1025 44.19 79.40 116.10
N LEU D 1026 43.49 80.03 115.15
CA LEU D 1026 44.07 80.98 114.22
C LEU D 1026 43.10 82.14 113.98
N LEU D 1027 42.48 82.65 115.03
CA LEU D 1027 41.53 83.74 114.87
C LEU D 1027 42.25 85.02 114.49
N ASP D 1028 43.08 85.54 115.39
CA ASP D 1028 43.71 86.85 115.26
C ASP D 1028 45.21 86.67 115.02
N GLU D 1029 45.70 87.29 113.96
CA GLU D 1029 47.12 87.17 113.61
C GLU D 1029 48.01 88.03 114.49
N ALA D 1030 47.51 89.14 115.03
CA ALA D 1030 48.34 89.99 115.88
C ALA D 1030 48.66 89.30 117.20
N THR D 1031 47.64 88.75 117.87
CA THR D 1031 47.86 88.06 119.13
C THR D 1031 48.68 86.79 118.91
N LYS D 1032 48.41 86.08 117.82
CA LYS D 1032 49.19 84.89 117.47
C LYS D 1032 50.65 85.25 117.22
N ARG D 1033 50.89 86.38 116.55
CA ARG D 1033 52.25 86.84 116.32
C ARG D 1033 52.94 87.20 117.63
N SER D 1034 52.21 87.83 118.55
CA SER D 1034 52.79 88.19 119.84
C SER D 1034 53.18 86.96 120.65
N ASN D 1035 52.27 85.98 120.72
CA ASN D 1035 52.56 84.75 121.44
C ASN D 1035 53.69 83.97 120.76
N ARG D 1036 53.71 83.96 119.43
CA ARG D 1036 54.78 83.29 118.70
C ARG D 1036 56.11 83.97 118.95
N ASP D 1037 56.13 85.30 119.04
CA ASP D 1037 57.38 86.00 119.30
C ASP D 1037 57.90 85.72 120.71
N SER D 1038 57.00 85.74 121.70
CA SER D 1038 57.40 85.45 123.07
C SER D 1038 57.92 84.02 123.21
N LEU D 1039 57.18 83.05 122.68
CA LEU D 1039 57.64 81.67 122.72
C LEU D 1039 58.81 81.43 121.79
N CYS D 1040 59.04 82.29 120.79
CA CYS D 1040 60.23 82.17 119.96
C CYS D 1040 61.47 82.60 120.72
N GLN D 1041 61.36 83.66 121.53
CA GLN D 1041 62.45 84.01 122.44
C GLN D 1041 62.67 82.91 123.45
N ALA D 1042 61.59 82.29 123.92
CA ALA D 1042 61.70 81.13 124.81
C ALA D 1042 62.47 79.99 124.14
N VAL D 1043 62.10 79.66 122.89
CA VAL D 1043 62.77 78.59 122.14
C VAL D 1043 64.22 78.95 121.87
N ARG D 1044 64.51 80.23 121.65
CA ARG D 1044 65.90 80.66 121.49
C ARG D 1044 66.70 80.35 122.74
N THR D 1045 66.14 80.63 123.93
CA THR D 1045 66.82 80.26 125.16
C THR D 1045 66.95 78.75 125.31
N LEU D 1046 65.89 78.00 124.96
CA LEU D 1046 65.89 76.54 125.10
C LEU D 1046 66.96 75.89 124.23
N LEU D 1047 67.04 76.28 122.96
CA LEU D 1047 68.07 75.74 122.10
C LEU D 1047 69.45 76.34 122.38
N GLY D 1048 69.53 77.52 122.99
CA GLY D 1048 70.80 78.04 123.44
C GLY D 1048 71.35 77.32 124.66
N TYR D 1049 70.50 76.68 125.45
CA TYR D 1049 71.00 75.77 126.48
C TYR D 1049 71.75 74.60 125.85
N GLY D 1050 71.31 74.14 124.69
CA GLY D 1050 71.90 73.00 124.00
C GLY D 1050 71.13 71.73 124.24
N TYR D 1051 69.80 71.80 124.12
CA TYR D 1051 68.87 70.69 124.32
C TYR D 1051 68.06 70.53 123.04
N ASN D 1052 68.53 69.66 122.15
CA ASN D 1052 67.83 69.43 120.89
C ASN D 1052 66.55 68.64 121.11
N ILE D 1053 65.65 68.73 120.14
CA ILE D 1053 64.36 68.04 120.20
C ILE D 1053 63.84 67.87 118.78
N GLU D 1054 63.14 66.78 118.55
CA GLU D 1054 62.51 66.44 117.27
C GLU D 1054 61.18 65.76 117.57
N PRO D 1055 60.25 65.74 116.60
CA PRO D 1055 58.92 65.19 116.89
C PRO D 1055 58.98 63.68 117.04
N PRO D 1056 57.90 63.04 117.52
CA PRO D 1056 57.94 61.58 117.68
C PRO D 1056 57.99 60.83 116.36
N ASP D 1057 57.07 61.16 115.44
CA ASP D 1057 56.99 60.54 114.12
C ASP D 1057 56.72 61.60 113.06
N GLN D 1058 57.34 62.77 113.20
CA GLN D 1058 57.20 63.88 112.26
C GLN D 1058 55.75 64.38 112.18
N GLU D 1059 55.01 64.29 113.29
CA GLU D 1059 53.63 64.76 113.40
C GLU D 1059 52.72 64.09 112.36
N PRO D 1060 52.47 62.77 112.48
CA PRO D 1060 51.62 62.10 111.49
C PRO D 1060 50.14 62.42 111.67
N ASN D 1065 39.12 63.36 106.85
CA ASN D 1065 38.39 62.47 105.97
C ASN D 1065 37.36 61.63 106.72
N GLN D 1066 36.81 62.19 107.81
CA GLN D 1066 35.85 61.46 108.63
C GLN D 1066 34.44 61.54 108.05
N SER D 1067 34.05 62.69 107.50
CA SER D 1067 32.75 62.85 106.87
C SER D 1067 32.86 64.03 105.90
N ARG D 1068 33.01 63.71 104.61
CA ARG D 1068 33.29 64.74 103.62
C ARG D 1068 32.02 65.44 103.16
N TRP D 1069 31.09 64.67 102.58
CA TRP D 1069 29.77 65.11 102.12
C TRP D 1069 29.81 65.97 100.84
N ASP D 1070 31.01 66.33 100.35
CA ASP D 1070 31.16 67.31 99.26
C ASP D 1070 32.35 66.88 98.43
N ARG D 1071 32.07 66.13 97.36
CA ARG D 1071 33.09 65.79 96.38
C ARG D 1071 33.37 67.01 95.51
N VAL D 1072 34.36 66.87 94.63
CA VAL D 1072 34.62 67.91 93.64
C VAL D 1072 33.44 67.95 92.67
N ARG D 1073 32.91 69.15 92.47
CA ARG D 1073 31.72 69.30 91.64
C ARG D 1073 32.11 69.33 90.16
N ILE D 1074 31.28 68.69 89.35
CA ILE D 1074 31.60 68.32 87.97
C ILE D 1074 30.62 69.03 87.05
N PHE D 1075 31.14 69.52 85.92
CA PHE D 1075 30.40 70.35 84.99
C PHE D 1075 30.62 69.83 83.58
N ARG D 1076 29.57 69.86 82.77
CA ARG D 1076 29.65 69.42 81.39
C ARG D 1076 28.53 70.09 80.59
N ALA D 1077 28.53 69.82 79.29
CA ALA D 1077 27.43 70.16 78.40
C ALA D 1077 26.50 68.97 78.26
N GLU D 1078 25.32 69.23 77.69
CA GLU D 1078 24.35 68.17 77.51
C GLU D 1078 24.79 67.23 76.41
N LYS D 1079 24.03 66.15 76.26
CA LYS D 1079 24.29 65.17 75.22
C LYS D 1079 23.94 65.69 73.82
N SER D 1080 23.15 66.76 73.73
CA SER D 1080 22.76 67.28 72.42
C SER D 1080 23.94 67.88 71.67
N TYR D 1081 24.89 68.48 72.39
CA TYR D 1081 26.09 69.08 71.81
C TYR D 1081 27.23 68.07 71.66
N THR D 1082 26.94 66.78 71.62
CA THR D 1082 27.98 65.77 71.50
C THR D 1082 28.66 65.86 70.14
N VAL D 1083 29.99 65.82 70.15
CA VAL D 1083 30.80 65.93 68.94
C VAL D 1083 31.05 64.50 68.47
N GLN D 1084 30.19 64.02 67.58
CA GLN D 1084 30.43 62.70 67.00
C GLN D 1084 31.66 62.70 66.11
N SER D 1085 31.85 63.78 65.35
CA SER D 1085 32.99 63.86 64.43
C SER D 1085 33.24 65.32 64.11
N GLY D 1086 34.51 65.73 64.17
CA GLY D 1086 34.87 67.10 63.91
C GLY D 1086 36.21 67.42 64.53
N ARG D 1087 36.45 68.72 64.71
CA ARG D 1087 37.70 69.17 65.30
C ARG D 1087 37.50 70.62 65.73
N TRP D 1088 37.56 70.86 67.05
CA TRP D 1088 37.18 72.14 67.65
C TRP D 1088 38.19 72.59 68.69
N TYR D 1089 37.86 73.65 69.42
CA TYR D 1089 38.76 74.23 70.43
C TYR D 1089 37.92 74.99 71.43
N PHE D 1090 38.39 75.02 72.68
CA PHE D 1090 37.88 75.94 73.68
C PHE D 1090 38.98 76.21 74.69
N GLU D 1091 38.66 76.98 75.72
CA GLU D 1091 39.62 77.33 76.75
C GLU D 1091 38.93 77.58 78.07
N PHE D 1092 39.72 77.53 79.14
CA PHE D 1092 39.28 77.68 80.51
C PHE D 1092 40.25 78.59 81.25
N GLU D 1093 39.71 79.37 82.19
CA GLU D 1093 40.49 80.16 83.13
C GLU D 1093 39.97 79.90 84.53
N ALA D 1094 40.89 79.94 85.50
CA ALA D 1094 40.59 79.80 86.91
C ALA D 1094 41.32 80.88 87.68
N VAL D 1095 40.60 81.55 88.58
CA VAL D 1095 41.19 82.65 89.32
C VAL D 1095 42.21 82.13 90.32
N THR D 1096 41.90 81.01 90.99
CA THR D 1096 42.71 80.43 92.05
C THR D 1096 43.12 79.01 91.68
N THR D 1097 44.39 78.70 91.93
CA THR D 1097 44.90 77.36 91.68
C THR D 1097 44.36 76.39 92.72
N GLY D 1098 44.19 75.14 92.30
CA GLY D 1098 43.70 74.11 93.20
C GLY D 1098 43.39 72.85 92.44
N GLU D 1099 42.65 71.95 93.10
CA GLU D 1099 42.28 70.68 92.49
C GLU D 1099 41.19 70.92 91.46
N MET D 1100 41.57 70.85 90.20
CA MET D 1100 40.62 71.05 89.10
C MET D 1100 41.19 70.38 87.86
N ARG D 1101 40.29 69.85 87.04
CA ARG D 1101 40.63 69.13 85.83
C ARG D 1101 39.74 69.60 84.69
N VAL D 1102 40.35 69.76 83.51
CA VAL D 1102 39.69 70.27 82.31
C VAL D 1102 40.07 69.37 81.15
N GLY D 1103 39.14 69.20 80.23
CA GLY D 1103 39.40 68.43 79.03
C GLY D 1103 38.14 68.05 78.28
N TRP D 1104 38.12 66.83 77.76
CA TRP D 1104 37.01 66.27 77.00
C TRP D 1104 36.63 64.94 77.61
N ALA D 1105 35.40 64.51 77.34
CA ALA D 1105 34.91 63.28 77.94
C ALA D 1105 33.73 62.76 77.14
N ARG D 1106 33.49 61.46 77.29
CA ARG D 1106 32.34 60.82 76.70
C ARG D 1106 31.08 61.19 77.49
N PRO D 1107 29.90 61.13 76.87
CA PRO D 1107 28.71 61.71 77.51
C PRO D 1107 28.09 60.85 78.60
N GLU D 1108 28.62 59.66 78.89
CA GLU D 1108 28.09 58.75 79.89
C GLU D 1108 28.86 58.85 81.20
N LEU D 1109 29.28 60.05 81.56
CA LEU D 1109 30.05 60.26 82.79
C LEU D 1109 29.15 60.02 83.99
N ARG D 1110 29.30 58.87 84.62
CA ARG D 1110 28.62 58.65 85.88
C ARG D 1110 29.27 59.55 86.94
N PRO D 1111 28.49 60.18 87.83
CA PRO D 1111 29.10 60.94 88.92
C PRO D 1111 29.58 59.98 90.01
N ASP D 1112 30.07 60.57 91.11
CA ASP D 1112 30.73 59.83 92.19
C ASP D 1112 32.00 59.12 91.71
N VAL D 1113 32.64 59.65 90.67
CA VAL D 1113 33.90 59.14 90.15
C VAL D 1113 34.75 60.35 89.79
N GLU D 1114 35.99 60.35 90.24
CA GLU D 1114 36.90 61.43 89.91
C GLU D 1114 37.20 61.39 88.42
N LEU D 1115 37.33 62.58 87.82
CA LEU D 1115 37.48 62.67 86.38
C LEU D 1115 38.83 62.10 85.96
N GLY D 1116 38.81 61.23 84.96
CA GLY D 1116 39.98 60.51 84.53
C GLY D 1116 40.32 59.28 85.33
N ALA D 1117 39.56 58.98 86.40
CA ALA D 1117 39.76 57.75 87.13
C ALA D 1117 39.25 56.51 86.39
N ASP D 1118 38.51 56.68 85.29
CA ASP D 1118 37.96 55.60 84.48
C ASP D 1118 38.23 55.94 83.02
N GLU D 1119 37.82 55.06 82.10
CA GLU D 1119 38.10 55.27 80.69
C GLU D 1119 37.28 56.40 80.05
N LEU D 1120 36.28 56.96 80.75
CA LEU D 1120 35.32 57.86 80.16
C LEU D 1120 35.76 59.32 80.20
N ALA D 1121 37.06 59.59 80.27
CA ALA D 1121 37.54 60.96 80.31
C ALA D 1121 38.99 61.00 79.86
N TYR D 1122 39.42 62.18 79.43
CA TYR D 1122 40.80 62.45 79.03
C TYR D 1122 41.22 63.82 79.55
N VAL D 1123 40.88 64.10 80.81
CA VAL D 1123 41.15 65.40 81.41
C VAL D 1123 42.65 65.58 81.65
N PHE D 1124 43.03 66.80 81.98
CA PHE D 1124 44.37 67.14 82.45
C PHE D 1124 44.23 67.89 83.76
N ASN D 1125 45.00 67.45 84.77
CA ASN D 1125 45.08 68.10 86.08
C ASN D 1125 46.49 68.65 86.23
N GLY D 1126 46.59 69.96 86.48
CA GLY D 1126 47.86 70.64 86.53
C GLY D 1126 48.44 70.82 87.91
N HIS D 1127 47.58 70.91 88.94
CA HIS D 1127 48.04 71.19 90.29
C HIS D 1127 48.94 70.07 90.81
N ARG D 1128 48.48 68.82 90.70
CA ARG D 1128 49.38 67.69 90.90
C ARG D 1128 50.37 67.56 89.75
N GLY D 1129 49.96 67.95 88.54
CA GLY D 1129 50.85 67.94 87.39
C GLY D 1129 50.93 66.58 86.73
N GLN D 1130 49.79 66.02 86.34
CA GLN D 1130 49.78 64.73 85.67
C GLN D 1130 48.47 64.56 84.93
N ARG D 1131 48.56 64.12 83.67
CA ARG D 1131 47.36 63.86 82.88
C ARG D 1131 46.72 62.55 83.34
N TRP D 1132 45.42 62.59 83.52
CA TRP D 1132 44.69 61.56 84.25
C TRP D 1132 43.95 60.63 83.30
N HIS D 1133 44.13 59.33 83.51
CA HIS D 1133 43.43 58.26 82.82
C HIS D 1133 43.54 57.04 83.73
N LEU D 1134 43.29 55.86 83.19
CA LEU D 1134 43.57 54.65 83.95
C LEU D 1134 45.07 54.52 84.09
N GLY D 1135 45.59 55.07 85.19
CA GLY D 1135 47.03 55.21 85.41
C GLY D 1135 47.47 56.60 85.06
N SER D 1136 47.63 57.46 86.07
CA SER D 1136 47.90 58.87 85.84
C SER D 1136 49.39 59.05 85.59
N GLU D 1137 49.75 59.14 84.32
CA GLU D 1137 51.13 59.35 83.93
C GLU D 1137 51.52 60.81 84.14
N PRO D 1138 52.80 61.11 84.39
CA PRO D 1138 53.17 62.50 84.65
C PRO D 1138 53.19 63.31 83.35
N PHE D 1139 52.75 64.56 83.47
CA PHE D 1139 52.63 65.44 82.32
C PHE D 1139 52.30 66.83 82.82
N GLY D 1140 52.88 67.84 82.17
CA GLY D 1140 52.56 69.21 82.52
C GLY D 1140 53.28 69.66 83.78
N ARG D 1141 52.68 70.65 84.44
CA ARG D 1141 53.30 71.29 85.59
C ARG D 1141 52.21 72.02 86.37
N PRO D 1142 52.53 72.55 87.54
CA PRO D 1142 51.61 73.49 88.20
C PRO D 1142 51.53 74.79 87.41
N TRP D 1143 50.57 75.61 87.82
CA TRP D 1143 50.28 76.88 87.16
C TRP D 1143 49.69 77.83 88.17
N GLN D 1144 50.07 79.10 88.06
CA GLN D 1144 49.75 80.09 89.07
C GLN D 1144 48.31 80.57 88.89
N SER D 1145 47.92 81.62 89.61
CA SER D 1145 46.58 82.20 89.50
C SER D 1145 46.49 82.93 88.17
N GLY D 1146 46.20 82.17 87.13
CA GLY D 1146 46.21 82.67 85.77
C GLY D 1146 46.42 81.50 84.83
N ASP D 1147 47.20 81.70 83.77
CA ASP D 1147 47.58 80.64 82.84
C ASP D 1147 46.34 80.02 82.17
N VAL D 1148 45.74 80.84 81.29
CA VAL D 1148 44.53 80.46 80.56
C VAL D 1148 44.80 79.20 79.76
N VAL D 1149 44.11 78.13 80.11
CA VAL D 1149 44.34 76.80 79.54
C VAL D 1149 43.42 76.65 78.32
N GLY D 1150 44.03 76.42 77.15
CA GLY D 1150 43.30 76.14 75.93
C GLY D 1150 43.24 74.67 75.61
N CYS D 1151 42.12 74.03 75.93
CA CYS D 1151 41.95 72.62 75.60
C CYS D 1151 41.62 72.47 74.12
N MET D 1152 41.88 71.28 73.60
CA MET D 1152 41.94 71.07 72.16
C MET D 1152 41.68 69.60 71.85
N ILE D 1153 41.21 69.34 70.64
CA ILE D 1153 40.85 67.99 70.21
C ILE D 1153 40.89 67.94 68.69
N ASP D 1154 41.18 66.76 68.15
CA ASP D 1154 41.15 66.53 66.71
C ASP D 1154 40.77 65.08 66.48
N LEU D 1155 39.55 64.85 65.99
CA LEU D 1155 39.05 63.53 65.66
C LEU D 1155 39.40 63.08 64.25
N THR D 1156 39.93 63.96 63.40
CA THR D 1156 40.33 63.53 62.06
C THR D 1156 41.49 62.55 62.14
N GLU D 1157 42.50 62.88 62.95
CA GLU D 1157 43.67 62.03 63.19
C GLU D 1157 43.72 61.46 64.60
N ASN D 1158 42.68 61.66 65.42
CA ASN D 1158 42.57 61.07 66.76
C ASN D 1158 43.72 61.54 67.67
N THR D 1159 43.75 62.85 67.93
CA THR D 1159 44.76 63.46 68.77
C THR D 1159 44.12 64.50 69.66
N ILE D 1160 44.66 64.61 70.88
CA ILE D 1160 44.25 65.59 71.88
C ILE D 1160 45.51 66.28 72.37
N ILE D 1161 45.43 67.61 72.54
CA ILE D 1161 46.53 68.41 73.06
C ILE D 1161 45.97 69.43 74.03
N PHE D 1162 46.86 70.01 74.84
CA PHE D 1162 46.55 71.05 75.80
C PHE D 1162 47.60 72.15 75.71
N THR D 1163 47.25 73.33 76.24
CA THR D 1163 48.06 74.53 76.14
C THR D 1163 48.10 75.23 77.48
N LEU D 1164 49.12 76.09 77.65
CA LEU D 1164 49.31 76.88 78.86
C LEU D 1164 49.79 78.27 78.46
N ASN D 1165 49.12 79.30 79.01
CA ASN D 1165 49.47 80.71 78.79
C ASN D 1165 49.41 81.03 77.29
N GLY D 1166 48.40 80.47 76.62
CA GLY D 1166 48.27 80.64 75.18
C GLY D 1166 49.42 80.03 74.40
N GLU D 1167 50.01 78.96 74.92
CA GLU D 1167 51.16 78.33 74.30
C GLU D 1167 51.09 76.82 74.52
N VAL D 1168 51.59 76.08 73.53
CA VAL D 1168 51.49 74.62 73.56
C VAL D 1168 52.34 74.06 74.70
N LEU D 1169 51.79 73.08 75.40
CA LEU D 1169 52.47 72.39 76.47
C LEU D 1169 53.24 71.20 75.93
N MET D 1170 54.34 70.89 76.62
CA MET D 1170 55.27 69.83 76.25
C MET D 1170 55.26 68.75 77.31
N SER D 1171 55.40 67.50 76.87
CA SER D 1171 55.36 66.34 77.74
C SER D 1171 56.77 65.95 78.17
N ASP D 1172 56.84 65.08 79.18
CA ASP D 1172 58.11 64.55 79.63
C ASP D 1172 58.66 63.47 78.69
N SER D 1173 57.79 62.72 78.02
CA SER D 1173 58.18 61.59 77.20
C SER D 1173 58.55 61.96 75.77
N GLY D 1174 58.89 63.21 75.50
CA GLY D 1174 59.30 63.60 74.16
C GLY D 1174 58.19 63.51 73.13
N SER D 1175 57.00 63.97 73.46
CA SER D 1175 55.87 63.91 72.54
C SER D 1175 54.87 64.98 72.95
N GLU D 1176 53.89 65.21 72.06
CA GLU D 1176 52.88 66.26 72.22
C GLU D 1176 51.57 65.62 72.65
N THR D 1177 51.45 65.37 73.96
CA THR D 1177 50.20 64.95 74.61
C THR D 1177 49.70 63.61 74.04
N ALA D 1178 50.45 62.57 74.38
CA ALA D 1178 50.26 61.27 73.75
C ALA D 1178 48.94 60.63 74.16
N PHE D 1179 47.87 60.97 73.43
CA PHE D 1179 46.58 60.30 73.48
C PHE D 1179 46.17 59.87 72.09
N ARG D 1180 47.12 59.33 71.33
CA ARG D 1180 46.84 58.89 69.98
C ARG D 1180 46.09 57.56 70.01
N GLU D 1181 45.42 57.29 68.89
CA GLU D 1181 44.67 56.04 68.70
C GLU D 1181 43.55 55.90 69.73
N ILE D 1182 42.61 56.84 69.66
CA ILE D 1182 41.46 56.93 70.54
C ILE D 1182 40.20 56.65 69.73
N GLU D 1183 39.42 55.69 70.19
CA GLU D 1183 38.19 55.35 69.48
C GLU D 1183 37.19 56.49 69.63
N ILE D 1184 36.53 56.82 68.51
CA ILE D 1184 35.54 57.89 68.52
C ILE D 1184 34.36 57.49 69.39
N GLY D 1185 33.80 56.31 69.14
CA GLY D 1185 32.63 55.88 69.89
C GLY D 1185 31.44 56.75 69.60
N ASP D 1186 30.78 57.21 70.68
CA ASP D 1186 29.59 58.04 70.60
C ASP D 1186 29.91 59.53 70.73
N GLY D 1187 31.13 59.94 70.38
CA GLY D 1187 31.52 61.33 70.46
C GLY D 1187 31.96 61.73 71.85
N PHE D 1188 32.42 62.98 71.94
CA PHE D 1188 32.93 63.59 73.16
C PHE D 1188 32.34 64.98 73.30
N LEU D 1189 32.63 65.61 74.43
CA LEU D 1189 32.12 66.94 74.74
C LEU D 1189 33.01 67.54 75.82
N PRO D 1190 33.05 68.87 75.95
CA PRO D 1190 33.89 69.46 77.00
C PRO D 1190 33.36 69.20 78.39
N VAL D 1191 34.29 69.15 79.33
CA VAL D 1191 34.03 68.82 80.73
C VAL D 1191 34.91 69.69 81.61
N CYS D 1192 34.47 69.92 82.84
CA CYS D 1192 35.20 70.72 83.82
C CYS D 1192 34.94 70.18 85.21
N SER D 1193 35.81 70.58 86.14
CA SER D 1193 35.70 70.21 87.54
C SER D 1193 36.18 71.37 88.39
N LEU D 1194 35.85 71.32 89.68
CA LEU D 1194 36.29 72.32 90.63
C LEU D 1194 36.48 71.68 91.99
N GLY D 1195 37.59 72.00 92.65
CA GLY D 1195 37.82 71.56 93.99
C GLY D 1195 37.05 72.37 95.00
N PRO D 1196 37.17 72.00 96.28
CA PRO D 1196 36.42 72.73 97.31
C PRO D 1196 37.01 74.11 97.57
N GLY D 1197 36.18 75.14 97.40
CA GLY D 1197 36.58 76.51 97.58
C GLY D 1197 37.23 77.17 96.38
N GLN D 1198 37.51 76.43 95.32
CA GLN D 1198 38.15 76.99 94.13
C GLN D 1198 37.12 77.73 93.27
N VAL D 1199 37.64 78.48 92.29
CA VAL D 1199 36.85 79.30 91.38
C VAL D 1199 37.33 79.02 89.96
N GLY D 1200 36.38 78.94 89.02
CA GLY D 1200 36.68 78.71 87.63
C GLY D 1200 36.02 79.77 86.76
N HIS D 1201 36.41 79.76 85.48
CA HIS D 1201 35.84 80.68 84.49
C HIS D 1201 35.97 79.99 83.13
N LEU D 1202 34.88 79.39 82.68
CA LEU D 1202 34.85 78.59 81.45
C LEU D 1202 34.22 79.43 80.35
N ASN D 1203 35.06 80.12 79.59
CA ASN D 1203 34.64 80.76 78.36
C ASN D 1203 34.66 79.71 77.26
N LEU D 1204 33.48 79.33 76.79
CA LEU D 1204 33.34 78.33 75.74
C LEU D 1204 33.56 78.89 74.34
N GLY D 1205 33.99 80.14 74.20
CA GLY D 1205 34.29 80.70 72.90
C GLY D 1205 33.09 81.05 72.06
N GLN D 1206 32.08 81.68 72.67
CA GLN D 1206 30.90 82.12 71.93
C GLN D 1206 31.25 83.15 70.87
N ASP D 1207 32.28 83.96 71.11
CA ASP D 1207 32.79 84.92 70.15
C ASP D 1207 34.31 84.99 70.29
N VAL D 1208 34.95 85.50 69.24
CA VAL D 1208 36.41 85.57 69.20
C VAL D 1208 36.92 86.56 70.25
N SER D 1209 36.24 87.69 70.40
CA SER D 1209 36.75 88.77 71.24
C SER D 1209 36.80 88.38 72.71
N SER D 1210 35.90 87.50 73.15
CA SER D 1210 35.91 87.08 74.54
C SER D 1210 37.08 86.17 74.87
N LEU D 1211 37.68 85.50 73.88
CA LEU D 1211 38.81 84.63 74.14
C LEU D 1211 40.03 85.45 74.55
N ARG D 1212 40.69 85.01 75.62
CA ARG D 1212 41.81 85.75 76.20
C ARG D 1212 42.99 85.80 75.23
N PHE D 1213 43.60 84.65 74.95
CA PHE D 1213 44.80 84.59 74.12
C PHE D 1213 44.45 84.27 72.68
N PHE D 1214 43.98 83.04 72.47
CA PHE D 1214 43.71 82.47 71.14
C PHE D 1214 44.87 82.69 70.17
N ALA D 1215 46.09 82.47 70.66
CA ALA D 1215 47.33 82.61 69.90
C ALA D 1215 47.85 81.28 69.38
N ILE D 1216 46.96 80.29 69.21
CA ILE D 1216 47.34 78.92 68.90
C ILE D 1216 47.28 78.73 67.39
N CYS D 1217 48.05 77.76 66.89
CA CYS D 1217 48.19 77.51 65.46
C CYS D 1217 46.91 77.01 64.79
N GLY D 1218 45.90 76.57 65.55
CA GLY D 1218 44.71 76.00 64.95
C GLY D 1218 43.90 76.97 64.13
N LEU D 1219 43.92 78.26 64.49
CA LEU D 1219 43.16 79.24 63.73
C LEU D 1219 43.72 79.43 62.32
N GLN D 1220 45.01 79.16 62.12
CA GLN D 1220 45.59 79.23 60.78
C GLN D 1220 45.09 78.12 59.86
N GLU D 1221 44.63 77.01 60.42
CA GLU D 1221 44.24 75.81 59.69
C GLU D 1221 42.79 75.48 60.01
N GLY D 1222 42.35 74.28 59.64
CA GLY D 1222 40.94 73.92 59.70
C GLY D 1222 40.33 73.90 61.10
N PHE D 1223 41.15 73.89 62.14
CA PHE D 1223 40.63 73.95 63.50
C PHE D 1223 39.93 75.29 63.74
N GLU D 1224 38.88 75.25 64.57
CA GLU D 1224 38.11 76.42 64.99
C GLU D 1224 37.73 76.29 66.46
N PRO D 1225 37.20 77.36 67.09
CA PRO D 1225 36.64 77.19 68.44
C PRO D 1225 35.45 76.24 68.49
N PHE D 1226 34.99 75.99 69.70
CA PHE D 1226 33.83 75.12 69.90
C PHE D 1226 32.54 75.87 69.61
N ALA D 1227 32.28 76.95 70.35
CA ALA D 1227 30.97 77.61 70.32
C ALA D 1227 30.93 78.67 69.22
N ILE D 1228 30.82 78.19 67.99
CA ILE D 1228 31.06 79.03 66.82
C ILE D 1228 29.91 80.01 66.63
N ASN D 1229 28.71 79.49 66.36
CA ASN D 1229 27.57 80.34 66.00
C ASN D 1229 26.29 79.68 66.53
N MET D 1230 25.88 80.11 67.71
CA MET D 1230 24.57 79.85 68.28
C MET D 1230 23.94 81.15 68.72
N GLN D 1231 22.61 81.20 68.61
CA GLN D 1231 21.88 82.33 69.14
C GLN D 1231 21.96 82.37 70.66
N ARG D 1232 21.82 81.22 71.30
CA ARG D 1232 21.84 81.08 72.75
C ARG D 1232 23.24 80.68 73.20
N PRO D 1233 23.54 80.75 74.50
CA PRO D 1233 24.68 80.02 75.04
C PRO D 1233 24.33 78.55 75.25
N VAL D 1234 25.38 77.75 75.45
CA VAL D 1234 25.18 76.35 75.76
C VAL D 1234 24.61 76.25 77.17
N THR D 1235 23.71 75.29 77.37
CA THR D 1235 22.93 75.26 78.61
C THR D 1235 23.77 74.81 79.78
N THR D 1236 24.68 73.84 79.56
CA THR D 1236 25.55 73.25 80.57
C THR D 1236 24.78 72.41 81.59
N TRP D 1237 25.48 71.49 82.24
CA TRP D 1237 24.93 70.60 83.26
C TRP D 1237 25.87 70.58 84.45
N PHE D 1238 25.35 70.19 85.60
CA PHE D 1238 26.14 70.09 86.80
C PHE D 1238 25.52 69.04 87.71
N SER D 1239 26.32 68.61 88.68
CA SER D 1239 25.97 67.54 89.60
C SER D 1239 25.56 68.11 90.95
N LYS D 1240 24.55 67.49 91.54
CA LYS D 1240 24.04 67.83 92.86
C LYS D 1240 24.40 66.70 93.81
N SER D 1241 24.92 67.07 94.98
CA SER D 1241 25.17 66.12 96.05
C SER D 1241 23.94 65.86 96.90
N LEU D 1242 22.74 66.26 96.45
CA LEU D 1242 21.48 65.74 96.95
C LEU D 1242 21.52 64.22 97.08
N PRO D 1243 21.34 63.63 98.26
CA PRO D 1243 21.19 62.17 98.30
C PRO D 1243 19.81 61.76 97.82
N GLN D 1244 19.71 61.66 96.50
CA GLN D 1244 18.44 61.48 95.81
C GLN D 1244 18.26 60.00 95.52
N PHE D 1245 17.04 59.50 95.74
CA PHE D 1245 16.74 58.11 95.44
C PHE D 1245 16.88 57.81 93.95
N GLU D 1246 16.98 56.52 93.67
CA GLU D 1246 17.06 56.01 92.31
C GLU D 1246 16.81 54.50 92.37
N PRO D 1247 16.60 53.85 91.23
CA PRO D 1247 16.40 52.40 91.23
C PRO D 1247 17.71 51.64 91.23
N VAL D 1248 17.62 50.38 91.63
CA VAL D 1248 18.79 49.51 91.61
C VAL D 1248 19.17 49.25 90.15
N PRO D 1249 20.46 49.27 89.76
CA PRO D 1249 20.79 48.92 88.38
C PRO D 1249 20.54 47.44 88.12
N PRO D 1250 20.33 47.04 86.86
CA PRO D 1250 20.00 45.63 86.61
C PRO D 1250 21.16 44.69 86.87
N GLU D 1251 22.39 45.12 86.60
CA GLU D 1251 23.59 44.31 86.75
C GLU D 1251 24.68 45.13 87.41
N HIS D 1252 24.35 45.73 88.55
CA HIS D 1252 25.36 46.24 89.44
C HIS D 1252 26.31 45.10 89.82
N PRO D 1253 27.64 45.30 89.80
CA PRO D 1253 28.52 44.12 89.80
C PRO D 1253 28.53 43.38 91.14
N HIS D 1254 28.46 44.09 92.25
CA HIS D 1254 28.48 43.46 93.56
C HIS D 1254 27.12 42.93 93.97
N TYR D 1255 26.03 43.58 93.55
CA TYR D 1255 24.70 43.36 94.10
C TYR D 1255 23.82 42.70 93.05
N GLU D 1256 22.97 41.79 93.52
CA GLU D 1256 21.95 41.14 92.71
C GLU D 1256 20.72 40.96 93.57
N VAL D 1257 19.56 40.87 92.92
CA VAL D 1257 18.27 40.70 93.57
C VAL D 1257 17.47 39.66 92.80
N ALA D 1258 16.30 39.33 93.36
CA ALA D 1258 15.44 38.33 92.76
C ALA D 1258 14.02 38.53 93.27
N ARG D 1259 13.06 38.27 92.38
CA ARG D 1259 11.62 38.38 92.68
C ARG D 1259 11.10 36.96 92.80
N MET D 1260 11.19 36.40 93.99
CA MET D 1260 10.79 35.01 94.22
C MET D 1260 9.27 34.90 94.18
N ASP D 1261 8.77 34.08 93.26
CA ASP D 1261 7.34 33.86 93.17
C ASP D 1261 6.85 33.02 94.34
N GLY D 1262 5.62 33.30 94.77
CA GLY D 1262 5.05 32.64 95.93
C GLY D 1262 4.39 31.33 95.61
N THR D 1263 4.07 30.60 96.68
CA THR D 1263 3.33 29.35 96.63
C THR D 1263 2.30 29.38 97.74
N VAL D 1264 1.68 28.22 98.00
CA VAL D 1264 0.86 28.09 99.20
C VAL D 1264 1.73 28.13 100.45
N ASP D 1265 2.98 27.66 100.35
CA ASP D 1265 3.87 27.65 101.50
C ASP D 1265 4.23 29.06 101.94
N THR D 1266 4.35 30.00 101.01
CA THR D 1266 4.70 31.38 101.33
C THR D 1266 4.26 32.27 100.17
N PRO D 1267 3.89 33.53 100.41
CA PRO D 1267 3.57 34.44 99.30
C PRO D 1267 4.82 34.86 98.57
N PRO D 1268 4.70 35.62 97.46
CA PRO D 1268 5.90 36.02 96.72
C PRO D 1268 6.78 36.96 97.51
N CYS D 1269 8.07 36.86 97.23
CA CYS D 1269 9.12 37.44 98.06
C CYS D 1269 10.20 38.04 97.17
N LEU D 1270 10.72 39.19 97.59
CA LEU D 1270 11.86 39.85 96.97
C LEU D 1270 13.11 39.48 97.75
N ARG D 1271 14.06 38.84 97.07
CA ARG D 1271 15.28 38.32 97.68
C ARG D 1271 16.47 39.16 97.24
N LEU D 1272 17.25 39.62 98.21
CA LEU D 1272 18.51 40.30 97.96
C LEU D 1272 19.64 39.28 97.86
N ALA D 1273 20.74 39.70 97.23
CA ALA D 1273 21.93 38.87 97.11
C ALA D 1273 23.16 39.77 97.07
N HIS D 1274 24.31 39.17 97.38
CA HIS D 1274 25.56 39.91 97.44
C HIS D 1274 26.71 38.93 97.38
N ARG D 1275 27.80 39.33 96.72
CA ARG D 1275 29.01 38.52 96.70
C ARG D 1275 29.63 38.48 98.09
N THR D 1276 30.23 37.34 98.43
CA THR D 1276 30.77 37.10 99.76
C THR D 1276 32.25 37.47 99.85
N TRP D 1277 32.59 38.66 99.35
CA TRP D 1277 33.87 39.33 99.51
C TRP D 1277 33.73 40.68 98.82
N GLY D 1278 33.91 40.74 97.50
CA GLY D 1278 33.54 41.89 96.71
C GLY D 1278 34.40 43.13 96.77
N SER D 1279 35.14 43.32 97.87
CA SER D 1279 35.70 44.62 98.26
C SER D 1279 34.60 45.68 98.29
N GLN D 1280 33.43 45.29 98.81
CA GLN D 1280 32.23 46.13 98.82
C GLN D 1280 31.49 45.96 100.14
N ASN D 1281 32.22 45.94 101.25
CA ASN D 1281 31.65 46.07 102.59
C ASN D 1281 31.60 47.54 102.98
N SER D 1282 30.87 48.29 102.16
CA SER D 1282 30.82 49.74 102.24
C SER D 1282 29.85 50.15 103.35
N LEU D 1283 29.47 51.43 103.36
CA LEU D 1283 28.54 51.94 104.34
C LEU D 1283 27.19 51.25 104.22
N VAL D 1284 26.42 51.33 105.30
CA VAL D 1284 25.13 50.64 105.38
C VAL D 1284 24.17 51.28 104.39
N GLU D 1285 23.47 50.44 103.63
CA GLU D 1285 22.68 50.93 102.51
C GLU D 1285 21.33 51.45 102.97
N MET D 1286 20.81 52.41 102.21
CA MET D 1286 19.46 52.97 102.38
C MET D 1286 18.62 52.50 101.19
N LEU D 1287 17.95 51.38 101.35
CA LEU D 1287 17.08 50.78 100.34
C LEU D 1287 15.62 51.07 100.64
N PHE D 1288 14.78 50.94 99.61
CA PHE D 1288 13.35 51.19 99.76
C PHE D 1288 12.61 50.57 98.58
N LEU D 1289 11.33 50.31 98.81
CA LEU D 1289 10.41 49.82 97.79
C LEU D 1289 9.73 50.99 97.08
N ARG D 1290 9.32 50.74 95.84
CA ARG D 1290 9.08 51.83 94.88
C ARG D 1290 7.86 52.67 95.26
N LEU D 1291 6.68 52.06 95.26
CA LEU D 1291 5.46 52.85 95.33
C LEU D 1291 5.21 53.38 96.73
N SER D 1292 4.36 54.40 96.79
CA SER D 1292 4.05 55.14 98.00
C SER D 1292 2.79 54.59 98.68
N LEU D 1293 2.47 55.18 99.83
CA LEU D 1293 1.23 54.88 100.55
C LEU D 1293 0.81 56.12 101.32
N PRO D 1294 -0.05 56.96 100.76
CA PRO D 1294 -0.59 58.06 101.57
C PRO D 1294 -1.53 57.53 102.65
N VAL D 1295 -1.44 58.16 103.82
CA VAL D 1295 -2.44 57.90 104.84
C VAL D 1295 -3.78 58.44 104.32
N GLN D 1296 -4.87 57.89 104.86
CA GLN D 1296 -6.20 57.87 104.21
C GLN D 1296 -6.70 59.26 103.87
N PHE D 1297 -6.92 60.11 104.87
CA PHE D 1297 -7.35 61.47 104.60
C PHE D 1297 -7.11 62.32 105.84
N HIS D 1298 -7.15 63.62 105.63
CA HIS D 1298 -7.06 64.60 106.71
C HIS D 1298 -8.41 64.93 107.34
N GLN D 1299 -9.44 64.12 107.08
CA GLN D 1299 -10.76 64.37 107.65
C GLN D 1299 -10.72 64.16 109.16
N LEU D 1428 -10.51 62.36 116.32
CA LEU D 1428 -11.53 62.51 115.29
C LEU D 1428 -12.15 61.16 114.95
N ASN D 1429 -11.29 60.16 114.76
CA ASN D 1429 -11.62 58.77 114.46
C ASN D 1429 -12.12 58.54 113.03
N THR D 1430 -12.21 59.58 112.19
CA THR D 1430 -12.64 59.40 110.81
C THR D 1430 -11.50 58.88 109.94
N THR D 1431 -10.37 59.59 109.95
CA THR D 1431 -9.17 59.19 109.21
C THR D 1431 -7.98 59.67 110.04
N THR D 1432 -7.48 58.79 110.90
CA THR D 1432 -6.41 59.08 111.84
C THR D 1432 -5.30 58.04 111.83
N TYR D 1433 -5.63 56.75 111.70
CA TYR D 1433 -4.68 55.63 111.70
C TYR D 1433 -3.88 55.57 113.02
N TYR D 1434 -2.99 54.59 113.14
CA TYR D 1434 -2.12 54.42 114.31
C TYR D 1434 -0.72 54.07 113.81
N TYR D 1435 0.18 53.79 114.75
CA TYR D 1435 1.55 53.44 114.39
C TYR D 1435 2.19 52.59 115.47
N SER D 1436 2.65 51.40 115.09
CA SER D 1436 3.28 50.46 115.99
C SER D 1436 4.10 49.47 115.16
N VAL D 1437 4.95 48.71 115.84
CA VAL D 1437 5.78 47.66 115.25
C VAL D 1437 5.68 46.43 116.12
N ARG D 1438 5.66 45.26 115.48
CA ARG D 1438 5.58 43.96 116.15
C ARG D 1438 6.57 43.00 115.49
N VAL D 1439 7.46 42.43 116.30
CA VAL D 1439 8.47 41.48 115.83
C VAL D 1439 7.89 40.07 115.91
N PHE D 1440 7.58 39.64 117.14
CA PHE D 1440 6.87 38.40 117.41
C PHE D 1440 5.73 38.57 118.40
N ALA D 1441 5.75 39.60 119.23
CA ALA D 1441 4.66 39.94 120.15
C ALA D 1441 4.51 41.45 120.11
N GLY D 1442 3.75 41.99 121.07
CA GLY D 1442 3.49 43.42 121.11
C GLY D 1442 4.57 44.20 121.81
N GLN D 1443 5.49 44.76 121.03
CA GLN D 1443 6.48 45.70 121.53
C GLN D 1443 5.84 47.07 121.71
N GLU D 1444 6.59 47.98 122.32
CA GLU D 1444 6.14 49.35 122.62
C GLU D 1444 7.14 50.36 122.08
N PRO D 1445 7.23 50.50 120.74
CA PRO D 1445 7.99 51.63 120.18
C PRO D 1445 7.22 52.93 120.30
N SER D 1446 5.92 52.86 119.99
CA SER D 1446 5.01 54.02 120.05
C SER D 1446 5.47 55.14 119.13
N CYS D 1447 5.84 54.76 117.90
CA CYS D 1447 6.13 55.77 116.88
C CYS D 1447 4.87 56.55 116.58
N VAL D 1448 5.01 57.87 116.48
CA VAL D 1448 3.84 58.73 116.43
C VAL D 1448 3.21 58.65 115.04
N TRP D 1449 1.93 58.28 115.01
CA TRP D 1449 1.14 58.45 113.80
C TRP D 1449 0.93 59.92 113.54
N VAL D 1450 0.96 60.31 112.27
CA VAL D 1450 0.89 61.72 111.90
C VAL D 1450 -0.56 62.19 111.79
N GLY D 1451 -1.40 61.42 111.11
CA GLY D 1451 -2.84 61.68 111.05
C GLY D 1451 -3.30 62.35 109.77
N TRP D 1452 -2.51 63.28 109.24
CA TRP D 1452 -2.81 63.91 107.96
C TRP D 1452 -2.41 62.93 106.84
N VAL D 1453 -2.46 63.39 105.59
CA VAL D 1453 -2.29 62.49 104.44
C VAL D 1453 -0.88 61.90 104.40
N THR D 1454 0.15 62.78 104.59
CA THR D 1454 1.55 62.53 104.94
C THR D 1454 2.16 61.25 104.37
N PRO D 1455 2.40 61.18 103.06
CA PRO D 1455 2.87 59.91 102.47
C PRO D 1455 4.26 59.55 102.95
N ASP D 1456 4.43 58.25 103.19
CA ASP D 1456 5.67 57.70 103.72
C ASP D 1456 5.94 56.38 103.00
N TYR D 1457 7.20 56.17 102.66
CA TYR D 1457 7.60 55.02 101.88
C TYR D 1457 7.95 53.86 102.79
N HIS D 1458 7.97 52.68 102.17
CA HIS D 1458 8.71 51.57 102.74
C HIS D 1458 10.17 51.97 102.88
N GLN D 1459 10.86 51.36 103.84
CA GLN D 1459 12.27 51.66 104.02
C GLN D 1459 12.90 50.58 104.87
N HIS D 1460 14.20 50.41 104.67
CA HIS D 1460 14.99 49.49 105.46
C HIS D 1460 16.45 49.72 105.13
N ASP D 1461 17.32 49.20 106.00
CA ASP D 1461 18.75 49.30 105.87
C ASP D 1461 19.37 47.97 106.26
N MET D 1462 20.57 47.71 105.74
CA MET D 1462 21.22 46.44 105.98
C MET D 1462 22.70 46.56 105.63
N ASN D 1463 23.55 46.16 106.57
CA ASN D 1463 24.97 46.06 106.35
C ASN D 1463 25.31 44.69 105.78
N PHE D 1464 26.43 44.63 105.07
CA PHE D 1464 26.84 43.38 104.45
C PHE D 1464 27.28 42.37 105.51
N ASP D 1465 26.98 41.09 105.24
CA ASP D 1465 27.42 39.96 106.05
C ASP D 1465 28.07 38.86 105.23
N LEU D 1466 28.33 39.08 103.93
CA LEU D 1466 28.88 38.06 103.03
C LEU D 1466 27.98 36.83 102.97
N SER D 1467 26.68 37.07 102.88
CA SER D 1467 25.68 36.01 102.85
C SER D 1467 24.50 36.52 102.02
N LYS D 1468 23.35 35.86 102.15
CA LYS D 1468 22.14 36.33 101.48
C LYS D 1468 21.61 37.65 102.04
N VAL D 1469 22.04 38.06 103.23
CA VAL D 1469 21.65 39.30 103.89
C VAL D 1469 20.19 39.20 104.31
N ARG D 1470 19.26 39.35 103.37
CA ARG D 1470 17.85 39.49 103.71
C ARG D 1470 16.99 39.28 102.48
N ALA D 1471 15.68 39.37 102.67
CA ALA D 1471 14.71 39.17 101.60
C ALA D 1471 13.39 39.80 102.01
N VAL D 1472 12.93 40.81 101.26
CA VAL D 1472 11.67 41.48 101.55
C VAL D 1472 10.54 40.62 101.04
N THR D 1473 9.42 40.60 101.76
CA THR D 1473 8.26 39.79 101.41
C THR D 1473 7.01 40.53 101.84
N VAL D 1474 5.90 40.25 101.16
CA VAL D 1474 4.56 40.73 101.51
C VAL D 1474 3.76 39.53 101.99
N THR D 1475 3.27 39.60 103.23
CA THR D 1475 2.60 38.48 103.91
C THR D 1475 1.33 38.95 104.62
N MET D 1476 0.79 38.09 105.51
CA MET D 1476 -0.24 38.46 106.48
C MET D 1476 -1.53 38.85 105.79
N GLY D 1477 -2.11 37.91 105.04
CA GLY D 1477 -3.35 38.14 104.33
C GLY D 1477 -4.62 37.77 105.08
N ASP D 1478 -4.51 37.55 106.40
CA ASP D 1478 -5.65 37.05 107.16
C ASP D 1478 -6.63 38.17 107.50
N GLU D 1479 -6.18 39.18 108.29
CA GLU D 1479 -7.05 40.28 108.71
C GLU D 1479 -6.39 41.65 108.80
N GLN D 1480 -5.10 41.80 108.49
CA GLN D 1480 -4.41 43.08 108.67
C GLN D 1480 -3.28 43.22 107.66
N GLY D 1481 -2.93 44.47 107.37
CA GLY D 1481 -1.75 44.75 106.56
C GLY D 1481 -0.48 44.72 107.41
N ASN D 1482 0.61 44.22 106.82
CA ASN D 1482 1.83 44.03 107.57
C ASN D 1482 3.03 43.81 106.65
N VAL D 1483 4.05 44.65 106.80
CA VAL D 1483 5.33 44.40 106.16
C VAL D 1483 5.96 43.15 106.79
N HIS D 1484 6.72 42.41 105.98
CA HIS D 1484 7.54 41.29 106.45
C HIS D 1484 8.99 41.58 106.11
N SER D 1485 9.89 41.36 107.07
CA SER D 1485 11.32 41.65 106.94
C SER D 1485 12.10 40.51 107.60
N SER D 1486 12.50 39.54 106.79
CA SER D 1486 13.33 38.44 107.26
C SER D 1486 14.78 38.88 107.39
N LEU D 1487 15.51 38.18 108.26
CA LEU D 1487 16.93 38.46 108.49
C LEU D 1487 17.51 37.31 109.28
N LYS D 1488 18.71 36.83 108.87
CA LYS D 1488 19.30 35.62 109.41
C LYS D 1488 20.82 35.70 109.62
N CYS D 1489 21.41 36.92 109.59
CA CYS D 1489 22.88 37.06 109.66
C CYS D 1489 23.39 38.20 110.54
N SER D 1490 22.59 39.18 110.94
CA SER D 1490 23.13 40.30 111.71
C SER D 1490 21.98 41.12 112.29
N ASN D 1491 22.35 42.26 112.88
CA ASN D 1491 21.42 43.27 113.38
C ASN D 1491 21.47 44.49 112.44
N CYS D 1492 20.30 44.96 112.04
CA CYS D 1492 20.20 46.13 111.17
C CYS D 1492 18.80 46.72 111.27
N TYR D 1493 18.64 47.91 110.71
CA TYR D 1493 17.43 48.70 110.82
C TYR D 1493 16.47 48.36 109.69
N MET D 1494 15.21 48.02 110.04
CA MET D 1494 14.20 47.69 109.03
C MET D 1494 12.82 48.04 109.57
N VAL D 1495 12.37 49.28 109.30
CA VAL D 1495 11.03 49.76 109.60
C VAL D 1495 10.74 50.85 108.57
N TRP D 1496 9.44 51.12 108.34
CA TRP D 1496 8.91 52.18 107.46
C TRP D 1496 9.67 53.50 107.57
N GLY D 1497 9.87 54.13 106.42
CA GLY D 1497 10.57 55.38 106.28
C GLY D 1497 9.64 56.57 106.13
N GLY D 1498 10.10 57.55 105.36
CA GLY D 1498 9.38 58.77 105.08
C GLY D 1498 9.24 58.97 103.58
N ASP D 1499 9.29 60.24 103.18
CA ASP D 1499 9.26 60.63 101.77
C ASP D 1499 10.36 61.60 101.42
N PHE D 1500 10.79 62.44 102.37
CA PHE D 1500 11.77 63.49 102.10
C PHE D 1500 13.17 63.01 102.47
N VAL D 1501 13.40 61.70 102.46
CA VAL D 1501 14.59 61.13 103.08
C VAL D 1501 15.79 61.43 102.19
N SER D 1502 16.74 62.17 102.73
CA SER D 1502 17.98 62.42 102.01
C SER D 1502 19.07 62.82 103.02
N PRO D 1503 19.45 61.93 103.93
CA PRO D 1503 20.41 62.30 104.98
C PRO D 1503 21.87 62.18 104.62
N GLY D 1504 22.20 61.59 103.48
CA GLY D 1504 23.57 61.26 103.11
C GLY D 1504 23.82 59.78 103.30
N GLN D 1505 25.08 59.43 103.56
CA GLN D 1505 25.50 58.04 103.73
C GLN D 1505 26.48 57.97 104.89
N GLN D 1506 26.03 57.41 106.02
CA GLN D 1506 26.89 57.20 107.18
C GLN D 1506 26.17 56.20 108.08
N GLY D 1507 26.89 55.69 109.08
CA GLY D 1507 26.29 54.88 110.12
C GLY D 1507 25.19 55.64 110.85
N ARG D 1508 23.95 55.19 110.68
CA ARG D 1508 22.78 55.98 111.02
C ARG D 1508 22.30 55.67 112.43
N ILE D 1509 22.13 56.72 113.23
CA ILE D 1509 21.42 56.61 114.49
C ILE D 1509 20.99 58.02 114.91
N SER D 1510 19.71 58.15 115.28
CA SER D 1510 19.14 59.34 115.95
C SER D 1510 19.36 60.62 115.13
N HIS D 1511 18.82 60.62 113.90
CA HIS D 1511 18.94 61.72 112.96
C HIS D 1511 17.62 62.40 112.63
N THR D 1512 16.49 61.75 112.85
CA THR D 1512 15.20 62.42 112.82
C THR D 1512 15.09 63.38 114.00
N ASP D 1513 14.24 64.39 113.86
CA ASP D 1513 14.23 65.49 114.81
C ASP D 1513 12.90 66.23 114.74
N LEU D 1514 12.74 67.15 115.70
CA LEU D 1514 11.74 68.22 115.75
C LEU D 1514 10.39 67.77 116.32
N VAL D 1515 9.85 68.64 117.19
CA VAL D 1515 8.50 68.53 117.70
C VAL D 1515 7.92 69.94 117.73
N ILE D 1516 6.69 70.09 117.26
CA ILE D 1516 6.07 71.41 117.17
C ILE D 1516 5.60 71.84 118.56
N GLY D 1517 6.05 73.02 118.98
CA GLY D 1517 5.60 73.66 120.20
C GLY D 1517 4.48 74.64 119.95
N CYS D 1518 3.37 74.17 119.40
CA CYS D 1518 2.23 75.05 119.15
C CYS D 1518 1.63 75.51 120.48
N LEU D 1519 1.34 76.81 120.57
CA LEU D 1519 1.01 77.48 121.82
C LEU D 1519 -0.24 78.34 121.64
N VAL D 1520 -0.60 79.02 122.73
CA VAL D 1520 -1.78 79.86 122.84
C VAL D 1520 -1.38 81.09 123.64
N ASP D 1521 -2.29 82.06 123.77
CA ASP D 1521 -1.98 83.33 124.43
C ASP D 1521 -1.57 83.16 125.88
N LEU D 1522 -2.09 82.14 126.56
CA LEU D 1522 -1.63 81.76 127.89
C LEU D 1522 -0.29 81.04 127.89
N ALA D 1523 0.25 80.68 126.71
CA ALA D 1523 1.51 79.94 126.59
C ALA D 1523 1.43 78.58 127.27
N THR D 1524 0.27 77.92 127.13
CA THR D 1524 0.06 76.55 127.60
C THR D 1524 -0.81 75.77 126.63
N GLY D 1525 -0.72 76.08 125.33
CA GLY D 1525 -1.56 75.47 124.32
C GLY D 1525 -1.39 73.97 124.19
N LEU D 1526 -2.50 73.25 124.18
CA LEU D 1526 -2.52 71.79 124.10
C LEU D 1526 -2.60 71.30 122.66
N MET D 1527 -1.72 71.83 121.81
CA MET D 1527 -1.63 71.48 120.40
C MET D 1527 -0.23 70.98 120.01
N THR D 1528 0.69 70.82 120.96
CA THR D 1528 2.01 70.29 120.63
C THR D 1528 1.91 68.83 120.24
N PHE D 1529 2.77 68.42 119.33
CA PHE D 1529 2.59 67.13 118.66
C PHE D 1529 3.91 66.70 118.02
N THR D 1530 4.47 65.59 118.49
CA THR D 1530 5.66 65.04 117.85
C THR D 1530 5.31 64.58 116.44
N ALA D 1531 6.17 64.93 115.50
CA ALA D 1531 5.90 64.72 114.08
C ALA D 1531 7.23 64.71 113.34
N ASN D 1532 7.15 64.82 112.02
CA ASN D 1532 8.33 64.90 111.16
C ASN D 1532 9.15 63.61 111.23
N GLY D 1533 8.46 62.49 111.05
CA GLY D 1533 9.12 61.20 110.97
C GLY D 1533 9.79 60.99 109.63
N LYS D 1534 10.87 61.73 109.40
CA LYS D 1534 11.63 61.60 108.16
C LYS D 1534 12.18 60.19 108.00
N GLU D 1535 12.90 59.71 109.02
CA GLU D 1535 13.31 58.32 109.16
C GLU D 1535 12.60 57.82 110.41
N SER D 1536 11.35 57.40 110.25
CA SER D 1536 10.54 56.87 111.34
C SER D 1536 10.80 55.37 111.50
N ASN D 1537 12.05 55.05 111.82
CA ASN D 1537 12.57 53.70 111.88
C ASN D 1537 12.95 53.37 113.32
N THR D 1538 12.43 52.25 113.83
CA THR D 1538 12.79 51.79 115.17
C THR D 1538 14.11 51.04 115.11
N PHE D 1539 14.96 51.26 116.09
CA PHE D 1539 16.32 50.74 116.06
C PHE D 1539 16.33 49.32 116.59
N PHE D 1540 16.75 48.38 115.75
CA PHE D 1540 16.87 46.97 116.10
C PHE D 1540 18.14 46.65 116.88
N GLN D 1541 18.96 47.65 117.21
CA GLN D 1541 20.10 47.39 118.09
C GLN D 1541 19.65 46.94 119.48
N VAL D 1542 18.49 47.39 119.93
CA VAL D 1542 18.05 47.18 121.31
C VAL D 1542 17.20 45.93 121.48
N GLU D 1543 16.48 45.50 120.42
CA GLU D 1543 15.42 44.51 120.63
C GLU D 1543 15.98 43.11 120.94
N PRO D 1544 16.87 42.51 120.13
CA PRO D 1544 17.49 41.25 120.52
C PRO D 1544 18.83 41.44 121.24
N ASN D 1545 19.24 40.40 121.95
CA ASN D 1545 20.64 40.25 122.32
C ASN D 1545 20.89 38.75 122.53
N THR D 1546 21.41 38.09 121.49
CA THR D 1546 21.64 36.66 121.51
C THR D 1546 22.78 36.34 120.56
N LYS D 1547 23.31 35.13 120.68
CA LYS D 1547 24.48 34.69 119.90
C LYS D 1547 24.03 34.04 118.60
N LEU D 1548 23.82 34.89 117.58
CA LEU D 1548 23.51 34.61 116.16
C LEU D 1548 22.65 33.37 115.90
N PHE D 1549 22.78 32.71 114.71
CA PHE D 1549 21.80 31.83 114.04
C PHE D 1549 20.35 32.25 114.32
N PRO D 1550 19.95 33.48 114.04
CA PRO D 1550 18.60 33.92 114.39
C PRO D 1550 17.58 33.51 113.32
N ALA D 1551 16.33 33.79 113.62
CA ALA D 1551 15.20 33.66 112.69
C ALA D 1551 14.35 34.91 112.75
N VAL D 1552 15.00 36.06 112.61
CA VAL D 1552 14.36 37.35 112.78
C VAL D 1552 13.33 37.56 111.68
N PHE D 1553 12.10 37.91 112.08
CA PHE D 1553 10.98 38.19 111.17
C PHE D 1553 10.25 39.44 111.64
N VAL D 1554 11.02 40.53 111.78
CA VAL D 1554 10.45 41.84 112.09
C VAL D 1554 9.39 42.20 111.06
N LEU D 1555 8.32 42.84 111.54
CA LEU D 1555 7.13 43.06 110.74
C LEU D 1555 6.31 44.24 111.28
N PRO D 1556 6.55 45.48 110.84
CA PRO D 1556 5.69 46.57 111.27
C PRO D 1556 4.33 46.53 110.59
N THR D 1557 3.40 47.29 111.15
CA THR D 1557 2.01 47.34 110.71
C THR D 1557 1.52 48.77 110.89
N HIS D 1558 1.26 49.46 109.78
CA HIS D 1558 0.60 50.76 109.76
C HIS D 1558 -0.79 50.70 109.16
N GLN D 1559 -1.06 49.79 108.23
CA GLN D 1559 -2.36 49.71 107.59
C GLN D 1559 -3.35 49.16 108.61
N ASN D 1560 -4.13 50.07 109.21
CA ASN D 1560 -5.07 49.65 110.25
C ASN D 1560 -6.18 48.78 109.67
N VAL D 1561 -6.63 49.08 108.45
CA VAL D 1561 -7.63 48.30 107.71
C VAL D 1561 -8.97 48.32 108.44
N ILE D 1562 -9.90 49.14 107.96
CA ILE D 1562 -11.29 48.95 108.33
C ILE D 1562 -11.74 47.60 107.77
N GLN D 1563 -12.50 46.87 108.59
CA GLN D 1563 -12.89 45.51 108.21
C GLN D 1563 -13.97 45.58 107.14
N PHE D 1564 -13.55 45.35 105.90
CA PHE D 1564 -14.47 45.05 104.81
C PHE D 1564 -14.59 43.53 104.73
N GLU D 1565 -15.81 43.03 104.94
CA GLU D 1565 -16.10 41.59 104.99
C GLU D 1565 -15.23 40.89 106.05
N LEU D 1566 -15.52 41.23 107.31
CA LEU D 1566 -14.75 40.76 108.45
C LEU D 1566 -14.71 39.23 108.50
N GLY D 1567 -15.86 38.61 108.69
CA GLY D 1567 -16.13 37.20 108.41
C GLY D 1567 -15.11 36.14 108.80
N LYS D 1568 -14.30 36.42 109.82
CA LYS D 1568 -13.16 35.59 110.19
C LYS D 1568 -12.18 35.47 109.02
N GLN D 1569 -11.30 34.48 109.03
CA GLN D 1569 -10.40 34.26 107.91
C GLN D 1569 -9.71 32.91 108.04
N MET D 1573 -6.51 41.35 104.02
CA MET D 1573 -6.00 42.71 104.20
C MET D 1573 -4.52 42.80 103.85
N PRO D 1574 -4.16 42.52 102.60
CA PRO D 1574 -2.75 42.50 102.23
C PRO D 1574 -2.21 43.91 102.04
N LEU D 1575 -0.89 43.99 101.90
CA LEU D 1575 -0.26 45.27 101.60
C LEU D 1575 -0.69 45.77 100.22
N SER D 1576 -0.73 44.87 99.24
CA SER D 1576 -0.96 45.24 97.84
C SER D 1576 -2.33 45.86 97.60
N ALA D 1577 -3.30 45.64 98.48
CA ALA D 1577 -4.61 46.27 98.34
C ALA D 1577 -4.51 47.78 98.45
N ALA D 1578 -3.67 48.27 99.36
CA ALA D 1578 -3.52 49.70 99.59
C ALA D 1578 -2.59 50.38 98.61
N MET D 1579 -1.78 49.62 97.86
CA MET D 1579 -0.79 50.25 96.99
C MET D 1579 -1.45 50.84 95.75
N PHE D 1580 -2.11 50.01 94.95
CA PHE D 1580 -2.47 50.33 93.59
C PHE D 1580 -3.83 50.99 93.41
N LEU D 1581 -4.70 50.97 94.42
CA LEU D 1581 -6.05 51.53 94.34
C LEU D 1581 -6.92 50.83 93.29
N SER D 1582 -6.61 49.56 92.96
CA SER D 1582 -7.48 48.73 92.12
C SER D 1582 -7.50 47.28 92.58
N GLU D 1583 -7.10 46.99 93.83
CA GLU D 1583 -7.18 45.67 94.43
C GLU D 1583 -7.64 45.76 95.88
N ARG D 1584 -8.47 46.76 96.20
CA ARG D 1584 -8.98 46.87 97.56
C ARG D 1584 -9.90 45.70 97.89
N LYS D 1585 -10.74 45.30 96.94
CA LYS D 1585 -11.56 44.12 97.13
C LYS D 1585 -10.70 42.85 97.19
N ASN D 1586 -9.55 42.86 96.54
CA ASN D 1586 -8.73 41.65 96.48
C ASN D 1586 -8.10 41.38 97.84
N PRO D 1587 -8.37 40.22 98.52
CA PRO D 1587 -7.74 39.97 99.82
C PRO D 1587 -6.39 39.28 99.71
N ALA D 1588 -6.13 38.58 98.60
CA ALA D 1588 -4.87 37.88 98.47
C ALA D 1588 -3.74 38.87 98.19
N PRO D 1589 -2.50 38.53 98.54
CA PRO D 1589 -1.38 39.42 98.22
C PRO D 1589 -0.93 39.22 96.78
N GLN D 1590 -0.30 40.27 96.25
CA GLN D 1590 0.22 40.26 94.89
C GLN D 1590 1.43 41.17 94.81
N CYS D 1591 2.29 40.90 93.81
CA CYS D 1591 3.51 41.65 93.56
C CYS D 1591 3.59 41.98 92.08
N PRO D 1592 2.92 43.03 91.61
CA PRO D 1592 3.06 43.42 90.21
C PRO D 1592 4.45 43.95 89.93
N PRO D 1593 4.84 44.09 88.65
CA PRO D 1593 6.22 44.46 88.34
C PRO D 1593 6.59 45.88 88.74
N ARG D 1594 5.61 46.76 88.96
CA ARG D 1594 5.95 48.14 89.32
C ARG D 1594 6.61 48.22 90.68
N LEU D 1595 6.28 47.30 91.58
CA LEU D 1595 7.02 47.20 92.84
C LEU D 1595 8.42 46.71 92.56
N GLU D 1596 9.41 47.53 92.90
CA GLU D 1596 10.81 47.21 92.68
C GLU D 1596 11.62 47.74 93.85
N VAL D 1597 12.61 46.95 94.24
CA VAL D 1597 13.58 47.42 95.22
C VAL D 1597 14.40 48.53 94.58
N GLN D 1598 14.71 49.54 95.38
CA GLN D 1598 15.36 50.76 94.91
C GLN D 1598 16.34 51.22 95.99
N MET D 1599 17.48 51.75 95.53
CA MET D 1599 18.63 52.03 96.39
C MET D 1599 19.04 53.49 96.18
N LEU D 1600 19.59 54.07 97.24
CA LEU D 1600 19.83 55.50 97.31
C LEU D 1600 21.22 55.84 96.77
N MET D 1601 21.26 56.57 95.66
CA MET D 1601 22.50 57.17 95.20
C MET D 1601 22.83 58.40 96.06
N PRO D 1602 24.11 58.75 96.21
CA PRO D 1602 24.45 59.98 96.94
C PRO D 1602 24.42 61.24 96.09
N VAL D 1603 24.39 61.10 94.76
CA VAL D 1603 24.70 62.21 93.86
C VAL D 1603 24.08 61.88 92.52
N SER D 1604 23.63 62.92 91.82
CA SER D 1604 23.04 62.74 90.50
C SER D 1604 23.22 64.00 89.69
N TRP D 1605 23.03 63.87 88.38
CA TRP D 1605 23.20 64.96 87.45
C TRP D 1605 22.03 65.92 87.48
N SER D 1606 22.24 67.12 86.93
CA SER D 1606 21.20 68.13 86.86
C SER D 1606 21.61 69.18 85.84
N ARG D 1607 20.72 70.16 85.67
CA ARG D 1607 20.87 71.22 84.68
C ARG D 1607 20.46 72.52 85.33
N MET D 1608 21.35 73.49 85.34
CA MET D 1608 21.05 74.79 85.93
C MET D 1608 20.22 75.63 84.96
N PRO D 1609 19.58 76.70 85.45
CA PRO D 1609 18.89 77.59 84.51
C PRO D 1609 19.86 78.32 83.61
N ASN D 1610 19.36 78.68 82.44
CA ASN D 1610 20.14 79.49 81.52
C ASN D 1610 20.31 80.90 82.07
N HIS D 1611 19.25 81.46 82.65
CA HIS D 1611 19.24 82.79 83.24
C HIS D 1611 19.05 82.63 84.74
N PHE D 1612 20.10 82.89 85.49
CA PHE D 1612 19.99 82.93 86.94
C PHE D 1612 19.24 84.18 87.37
N LEU D 1613 18.88 84.22 88.64
CA LEU D 1613 18.21 85.39 89.22
C LEU D 1613 19.21 86.54 89.25
N GLN D 1614 19.12 87.43 88.26
CA GLN D 1614 20.07 88.53 88.14
C GLN D 1614 19.92 89.51 89.31
N VAL D 1615 18.69 89.69 89.79
CA VAL D 1615 18.43 90.46 91.00
C VAL D 1615 18.85 89.62 92.19
N GLU D 1616 18.81 90.21 93.39
CA GLU D 1616 19.48 89.72 94.60
C GLU D 1616 20.99 89.84 94.45
N THR D 1617 21.44 90.98 93.92
CA THR D 1617 22.84 91.36 93.84
C THR D 1617 22.99 92.83 94.21
N ARG D 1618 22.21 93.28 95.19
CA ARG D 1618 22.23 94.69 95.62
C ARG D 1618 23.31 94.87 96.69
N ARG D 1619 24.56 94.69 96.24
CA ARG D 1619 25.78 94.87 97.02
C ARG D 1619 25.96 93.84 98.13
N ALA D 1620 25.11 92.80 98.21
CA ALA D 1620 25.16 91.79 99.27
C ALA D 1620 25.03 92.41 100.66
N GLY D 1621 24.18 93.43 100.76
CA GLY D 1621 24.00 94.21 101.97
C GLY D 1621 24.72 95.55 101.92
N GLU D 1622 23.98 96.62 101.66
CA GLU D 1622 24.61 97.90 101.37
C GLU D 1622 25.02 98.65 102.64
N ARG D 1623 24.04 99.08 103.43
CA ARG D 1623 24.27 99.93 104.59
C ARG D 1623 22.91 100.09 105.29
N LEU D 1624 22.96 100.62 106.52
CA LEU D 1624 21.77 100.87 107.33
C LEU D 1624 21.05 99.56 107.63
N GLY D 1625 21.83 98.55 107.98
CA GLY D 1625 21.32 97.22 108.23
C GLY D 1625 21.34 96.29 107.04
N TRP D 1626 22.27 96.49 106.10
CA TRP D 1626 22.53 95.55 105.02
C TRP D 1626 21.30 95.34 104.12
N ALA D 1627 20.92 96.42 103.44
CA ALA D 1627 19.75 96.37 102.57
C ALA D 1627 20.01 95.48 101.36
N VAL D 1628 18.96 94.74 100.95
CA VAL D 1628 18.98 93.84 99.81
C VAL D 1628 17.77 94.15 98.94
N GLN D 1629 17.98 94.14 97.62
CA GLN D 1629 16.99 94.56 96.63
C GLN D 1629 16.70 93.41 95.68
N CYS D 1630 15.42 93.23 95.36
CA CYS D 1630 14.97 92.18 94.44
C CYS D 1630 13.70 92.67 93.76
N GLN D 1631 13.76 92.79 92.43
CA GLN D 1631 12.68 93.36 91.63
C GLN D 1631 12.12 92.39 90.58
N ASP D 1632 12.98 91.84 89.72
CA ASP D 1632 12.49 91.32 88.45
C ASP D 1632 11.93 89.90 88.61
N PRO D 1633 10.99 89.47 87.70
CA PRO D 1633 10.43 88.11 87.80
C PRO D 1633 11.14 87.12 86.89
N LEU D 1634 11.12 85.83 87.26
CA LEU D 1634 11.60 84.78 86.38
C LEU D 1634 11.10 83.45 86.94
N THR D 1635 10.74 82.52 86.05
CA THR D 1635 9.96 81.33 86.40
C THR D 1635 10.47 80.09 85.68
N MET D 1636 10.08 78.93 86.21
CA MET D 1636 10.08 77.64 85.52
C MET D 1636 8.65 77.22 85.21
N MET D 1637 8.55 76.12 84.47
CA MET D 1637 7.44 75.20 84.52
C MET D 1637 7.88 74.01 85.37
N ALA D 1638 7.09 72.93 85.40
CA ALA D 1638 7.40 71.79 86.23
C ALA D 1638 6.85 70.50 85.63
N LEU D 1639 7.44 69.39 86.07
CA LEU D 1639 7.02 68.03 85.79
C LEU D 1639 6.85 67.28 87.11
N HIS D 1640 6.04 67.85 88.00
CA HIS D 1640 5.86 67.28 89.33
C HIS D 1640 5.25 65.89 89.27
N ILE D 1641 6.06 64.89 89.58
CA ILE D 1641 5.54 63.52 89.61
C ILE D 1641 4.58 63.41 90.80
N PRO D 1642 3.43 62.75 90.68
CA PRO D 1642 2.54 62.70 91.84
C PRO D 1642 3.07 61.80 92.93
N GLU D 1643 3.69 60.68 92.57
CA GLU D 1643 4.14 59.72 93.55
C GLU D 1643 5.38 60.19 94.28
N GLU D 1644 6.34 60.73 93.55
CA GLU D 1644 7.66 61.02 94.10
C GLU D 1644 7.73 62.36 94.81
N ASN D 1645 6.89 63.32 94.42
CA ASN D 1645 6.77 64.61 95.09
C ASN D 1645 8.07 65.40 94.99
N ARG D 1646 8.59 65.51 93.78
CA ARG D 1646 9.68 66.43 93.44
C ARG D 1646 9.25 67.21 92.21
N CYS D 1647 10.14 68.02 91.64
CA CYS D 1647 9.83 68.86 90.48
C CYS D 1647 11.00 68.85 89.51
N MET D 1648 10.68 68.80 88.22
CA MET D 1648 11.64 68.85 87.13
C MET D 1648 11.10 69.76 86.05
N ASP D 1649 12.04 70.60 85.52
CA ASP D 1649 11.71 71.56 84.46
C ASP D 1649 11.52 70.81 83.18
N ILE D 1650 10.87 71.42 82.20
CA ILE D 1650 10.55 70.72 80.96
C ILE D 1650 11.81 70.81 80.11
N LEU D 1651 12.90 70.15 80.51
CA LEU D 1651 14.25 70.54 80.08
C LEU D 1651 15.37 69.48 80.21
N GLU D 1652 15.35 68.57 81.20
CA GLU D 1652 16.51 67.63 81.40
C GLU D 1652 16.65 66.62 80.23
N LEU D 1653 17.36 66.84 79.12
CA LEU D 1653 17.30 66.04 77.89
C LEU D 1653 17.97 64.68 78.03
N SER D 1654 18.97 64.57 78.89
CA SER D 1654 19.55 63.26 79.17
C SER D 1654 18.57 62.38 79.93
N GLU D 1655 18.06 62.87 81.07
CA GLU D 1655 17.06 62.11 81.81
C GLU D 1655 15.74 62.03 81.06
N ARG D 1656 15.44 63.03 80.24
CA ARG D 1656 14.14 63.10 79.58
C ARG D 1656 14.03 62.17 78.38
N LEU D 1657 15.08 61.39 78.05
CA LEU D 1657 15.00 60.53 76.88
C LEU D 1657 13.95 59.44 77.03
N ASP D 1658 13.79 58.92 78.25
CA ASP D 1658 12.71 57.98 78.53
C ASP D 1658 11.42 58.71 78.86
N LEU D 1659 11.50 59.80 79.61
CA LEU D 1659 10.30 60.44 80.12
C LEU D 1659 9.54 61.21 79.05
N GLN D 1660 10.24 61.92 78.17
CA GLN D 1660 9.58 62.75 77.17
C GLN D 1660 8.85 61.91 76.14
N ARG D 1661 9.29 60.68 75.91
CA ARG D 1661 8.53 59.74 75.08
C ARG D 1661 7.13 59.53 75.66
N PHE D 1662 7.08 59.25 76.95
CA PHE D 1662 5.81 59.06 77.64
C PHE D 1662 4.99 60.34 77.66
N HIS D 1663 5.65 61.48 77.88
CA HIS D 1663 4.93 62.72 78.07
C HIS D 1663 4.34 63.23 76.75
N SER D 1664 5.10 63.11 75.66
CA SER D 1664 4.57 63.48 74.36
C SER D 1664 3.43 62.56 73.95
N HIS D 1665 3.54 61.28 74.28
CA HIS D 1665 2.42 60.40 73.96
C HIS D 1665 1.19 60.72 74.83
N THR D 1666 1.42 61.24 76.04
CA THR D 1666 0.28 61.67 76.85
C THR D 1666 -0.37 62.90 76.24
N LEU D 1667 0.41 63.78 75.62
CA LEU D 1667 -0.20 64.87 74.86
C LEU D 1667 -0.99 64.35 73.69
N ARG D 1668 -0.57 63.22 73.11
CA ARG D 1668 -1.40 62.58 72.10
C ARG D 1668 -2.75 62.16 72.68
N LEU D 1669 -2.75 61.65 73.90
CA LEU D 1669 -4.02 61.33 74.55
C LEU D 1669 -4.87 62.58 74.78
N TYR D 1670 -4.22 63.67 75.19
CA TYR D 1670 -4.94 64.92 75.45
C TYR D 1670 -5.61 65.43 74.19
N ARG D 1671 -4.90 65.38 73.07
CA ARG D 1671 -5.51 65.80 71.81
C ARG D 1671 -6.57 64.81 71.35
N ALA D 1672 -6.43 63.53 71.68
CA ALA D 1672 -7.41 62.55 71.26
C ALA D 1672 -8.75 62.76 71.95
N VAL D 1673 -8.73 62.89 73.28
CA VAL D 1673 -9.98 63.09 74.02
C VAL D 1673 -10.60 64.44 73.72
N CYS D 1674 -9.83 65.41 73.26
CA CYS D 1674 -10.35 66.61 72.61
C CYS D 1674 -10.53 66.30 71.12
N ALA D 1675 -11.46 65.41 70.86
CA ALA D 1675 -11.65 64.84 69.53
C ALA D 1675 -12.30 65.87 68.62
N LEU D 1676 -12.67 65.43 67.42
CA LEU D 1676 -13.37 66.27 66.48
C LEU D 1676 -14.74 66.62 67.04
N GLY D 1677 -15.00 67.91 67.19
CA GLY D 1677 -16.32 68.36 67.60
C GLY D 1677 -16.69 67.99 69.03
N ASN D 1678 -15.78 68.18 69.97
CA ASN D 1678 -16.05 68.07 71.39
C ASN D 1678 -15.52 69.31 72.09
N ASN D 1679 -16.28 69.80 73.07
CA ASN D 1679 -15.99 71.02 73.79
C ASN D 1679 -16.07 70.88 75.31
N ARG D 1680 -16.90 69.95 75.79
CA ARG D 1680 -17.01 69.71 77.22
C ARG D 1680 -15.69 69.21 77.79
N VAL D 1681 -15.09 68.23 77.12
CA VAL D 1681 -13.80 67.72 77.52
C VAL D 1681 -12.73 68.79 77.39
N ALA D 1682 -12.85 69.66 76.38
CA ALA D 1682 -11.86 70.72 76.19
C ALA D 1682 -11.85 71.70 77.34
N HIS D 1683 -13.05 72.07 77.80
CA HIS D 1683 -13.16 72.91 78.99
C HIS D 1683 -12.56 72.20 80.19
N ALA D 1684 -12.75 70.89 80.29
CA ALA D 1684 -12.12 70.17 81.39
C ALA D 1684 -10.60 70.19 81.28
N LEU D 1685 -10.07 70.06 80.07
CA LEU D 1685 -8.62 70.06 79.87
C LEU D 1685 -8.00 71.41 80.12
N CYS D 1686 -8.77 72.50 80.08
CA CYS D 1686 -8.18 73.81 80.38
C CYS D 1686 -7.66 73.89 81.82
N SER D 1687 -8.21 73.11 82.74
CA SER D 1687 -7.67 73.07 84.11
C SER D 1687 -6.27 72.47 84.14
N HIS D 1688 -6.10 71.32 83.50
CA HIS D 1688 -4.79 70.64 83.53
C HIS D 1688 -3.72 71.46 82.83
N VAL D 1689 -4.10 72.20 81.79
CA VAL D 1689 -3.21 73.06 81.03
C VAL D 1689 -3.92 74.38 80.85
N ASP D 1690 -3.44 75.41 81.54
CA ASP D 1690 -4.08 76.72 81.52
C ASP D 1690 -3.49 77.56 80.40
N GLN D 1691 -3.97 78.80 80.33
CA GLN D 1691 -3.53 79.73 79.29
C GLN D 1691 -2.06 80.10 79.46
N ALA D 1692 -1.63 80.35 80.70
CA ALA D 1692 -0.28 80.88 80.93
C ALA D 1692 0.79 79.86 80.60
N GLN D 1693 0.56 78.60 81.00
CA GLN D 1693 1.45 77.50 80.66
C GLN D 1693 1.61 77.36 79.16
N LEU D 1694 0.48 77.48 78.45
CA LEU D 1694 0.47 77.29 77.01
C LEU D 1694 1.24 78.41 76.33
N LEU D 1695 0.99 79.65 76.75
CA LEU D 1695 1.62 80.80 76.12
C LEU D 1695 3.12 80.80 76.37
N HIS D 1696 3.53 80.41 77.59
CA HIS D 1696 4.96 80.34 77.85
C HIS D 1696 5.60 79.20 77.07
N ALA D 1697 4.84 78.14 76.79
CA ALA D 1697 5.37 77.13 75.87
C ALA D 1697 5.55 77.69 74.47
N LEU D 1698 4.65 78.57 74.04
CA LEU D 1698 4.82 79.18 72.72
C LEU D 1698 6.09 80.02 72.66
N GLU D 1699 6.35 80.83 73.69
CA GLU D 1699 7.50 81.74 73.59
C GLU D 1699 8.84 81.02 73.74
N ASP D 1700 8.89 79.90 74.45
CA ASP D 1700 10.17 79.29 74.80
C ASP D 1700 10.87 78.70 73.58
N ALA D 1701 12.20 78.61 73.68
CA ALA D 1701 13.07 78.09 72.62
C ALA D 1701 14.18 77.23 73.22
N HIS D 1702 13.84 76.40 74.21
CA HIS D 1702 14.75 75.41 74.79
C HIS D 1702 14.10 74.03 74.89
N LEU D 1703 12.99 73.79 74.20
CA LEU D 1703 12.27 72.55 74.36
C LEU D 1703 13.03 71.42 73.68
N PRO D 1704 12.73 70.15 74.01
CA PRO D 1704 13.34 69.05 73.26
C PRO D 1704 12.94 69.02 71.80
N GLY D 1705 11.74 69.49 71.49
CA GLY D 1705 11.25 69.63 70.13
C GLY D 1705 9.99 68.84 69.83
N PRO D 1706 9.95 67.56 70.21
CA PRO D 1706 8.66 66.85 70.14
C PRO D 1706 7.60 67.47 71.03
N LEU D 1707 8.01 67.95 72.19
CA LEU D 1707 7.08 68.66 73.05
C LEU D 1707 6.69 70.00 72.48
N ARG D 1708 7.57 70.64 71.72
CA ARG D 1708 7.21 71.93 71.12
C ARG D 1708 6.10 71.76 70.10
N ALA D 1709 6.24 70.72 69.26
CA ALA D 1709 5.19 70.37 68.31
C ALA D 1709 3.91 69.96 69.04
N GLY D 1710 4.07 69.19 70.13
CA GLY D 1710 2.91 68.73 70.85
C GLY D 1710 2.15 69.86 71.52
N TYR D 1711 2.86 70.83 72.09
CA TYR D 1711 2.20 71.90 72.82
C TYR D 1711 1.53 72.88 71.87
N TYR D 1712 2.20 73.19 70.75
CA TYR D 1712 1.56 74.00 69.71
C TYR D 1712 0.31 73.29 69.18
N ASP D 1713 0.42 71.99 68.95
CA ASP D 1713 -0.73 71.23 68.45
C ASP D 1713 -1.83 71.12 69.48
N LEU D 1714 -1.48 71.12 70.77
CA LEU D 1714 -2.50 71.10 71.80
C LEU D 1714 -3.28 72.40 71.84
N LEU D 1715 -2.57 73.52 71.62
CA LEU D 1715 -3.25 74.80 71.47
C LEU D 1715 -4.24 74.75 70.32
N ILE D 1716 -3.82 74.15 69.20
CA ILE D 1716 -4.74 74.05 68.07
C ILE D 1716 -5.91 73.13 68.41
N SER D 1717 -5.64 72.03 69.11
CA SER D 1717 -6.67 71.03 69.34
C SER D 1717 -7.75 71.54 70.27
N ILE D 1718 -7.36 72.30 71.30
CA ILE D 1718 -8.35 72.73 72.29
C ILE D 1718 -9.20 73.87 71.72
N HIS D 1719 -8.57 74.99 71.43
CA HIS D 1719 -9.30 76.21 71.11
C HIS D 1719 -9.69 76.32 69.64
N LEU D 1720 -8.72 76.14 68.75
CA LEU D 1720 -8.87 76.53 67.34
C LEU D 1720 -9.39 75.43 66.43
N GLU D 1721 -9.56 74.20 66.91
CA GLU D 1721 -9.97 73.09 66.04
C GLU D 1721 -11.38 73.28 65.51
N SER D 1722 -12.32 73.54 66.42
CA SER D 1722 -13.74 73.57 66.09
C SER D 1722 -14.08 74.65 65.08
N ALA D 1723 -13.59 75.87 65.36
CA ALA D 1723 -13.87 77.01 64.50
C ALA D 1723 -13.24 76.82 63.13
N CYS D 1724 -12.02 76.29 63.10
CA CYS D 1724 -11.31 76.13 61.84
C CYS D 1724 -12.02 75.13 60.95
N ARG D 1725 -12.46 74.01 61.53
CA ARG D 1725 -13.18 73.00 60.75
C ARG D 1725 -14.49 73.56 60.20
N SER D 1726 -15.26 74.27 61.04
CA SER D 1726 -16.54 74.80 60.60
C SER D 1726 -16.38 75.87 59.53
N ARG D 1727 -15.46 76.79 59.73
CA ARG D 1727 -15.27 77.87 58.77
C ARG D 1727 -14.68 77.35 57.48
N ARG D 1728 -13.87 76.30 57.53
CA ARG D 1728 -13.36 75.71 56.29
C ARG D 1728 -14.48 75.05 55.52
N SER D 1729 -15.44 74.44 56.23
CA SER D 1729 -16.56 73.85 55.52
C SER D 1729 -17.39 74.93 54.82
N MET D 1730 -17.62 76.07 55.48
CA MET D 1730 -18.36 77.15 54.82
C MET D 1730 -17.50 77.99 53.86
N LEU D 1731 -16.19 77.77 53.80
CA LEU D 1731 -15.35 78.57 52.91
C LEU D 1731 -15.64 78.31 51.43
N SER D 1732 -16.26 77.19 51.07
CA SER D 1732 -16.55 76.86 49.68
C SER D 1732 -17.90 77.41 49.20
N GLU D 1733 -18.40 78.48 49.82
CA GLU D 1733 -19.61 79.17 49.39
C GLU D 1733 -19.27 80.64 49.22
N TYR D 1734 -19.99 81.29 48.30
CA TYR D 1734 -19.66 82.61 47.78
C TYR D 1734 -20.90 83.47 47.72
N ILE D 1735 -21.67 83.48 48.80
CA ILE D 1735 -22.82 84.37 48.88
C ILE D 1735 -22.32 85.80 48.99
N VAL D 1736 -22.92 86.69 48.21
CA VAL D 1736 -22.53 88.08 48.08
C VAL D 1736 -23.75 88.95 48.36
N PRO D 1737 -23.92 89.55 49.54
CA PRO D 1737 -25.04 90.48 49.71
C PRO D 1737 -24.81 91.75 48.91
N LEU D 1738 -25.93 92.35 48.52
CA LEU D 1738 -25.92 93.58 47.73
C LEU D 1738 -25.91 94.78 48.66
N THR D 1739 -24.85 95.58 48.58
CA THR D 1739 -24.62 96.72 49.44
C THR D 1739 -23.88 97.76 48.62
N PRO D 1740 -23.90 99.05 49.03
CA PRO D 1740 -22.96 100.01 48.42
C PRO D 1740 -21.50 99.61 48.57
N GLU D 1741 -21.12 99.02 49.71
CA GLU D 1741 -19.76 98.55 49.87
C GLU D 1741 -19.45 97.42 48.90
N THR D 1742 -20.45 96.60 48.57
CA THR D 1742 -20.25 95.55 47.58
C THR D 1742 -19.99 96.14 46.21
N ARG D 1743 -20.72 97.20 45.83
CA ARG D 1743 -20.59 97.77 44.50
C ARG D 1743 -19.25 98.45 44.29
N ALA D 1744 -18.63 98.95 45.36
CA ALA D 1744 -17.34 99.63 45.23
C ALA D 1744 -16.23 98.66 44.82
N ILE D 1745 -16.37 97.38 45.11
CA ILE D 1745 -15.31 96.42 44.84
C ILE D 1745 -15.20 96.20 43.33
N THR D 1746 -13.97 96.04 42.86
CA THR D 1746 -13.72 95.83 41.44
C THR D 1746 -12.36 95.17 41.28
N LEU D 1747 -12.12 94.66 40.07
CA LEU D 1747 -10.82 94.12 39.72
C LEU D 1747 -9.73 95.19 39.65
N PHE D 1748 -10.12 96.45 39.45
CA PHE D 1748 -9.16 97.53 39.35
C PHE D 1748 -8.43 97.71 40.67
N PRO D 1749 -7.09 97.71 40.71
CA PRO D 1749 -6.41 98.10 41.94
C PRO D 1749 -6.70 99.56 42.26
N PRO D 1750 -6.68 99.93 43.55
CA PRO D 1750 -7.27 101.22 43.94
C PRO D 1750 -6.49 102.45 43.48
N GLY D 1751 -5.20 102.49 43.77
CA GLY D 1751 -4.41 103.71 43.70
C GLY D 1751 -3.42 103.79 42.55
N ARG D 1752 -3.74 103.19 41.41
CA ARG D 1752 -2.88 103.30 40.23
C ARG D 1752 -3.70 102.94 39.00
N LYS D 1753 -3.88 103.90 38.11
CA LYS D 1753 -4.61 103.66 36.87
C LYS D 1753 -3.87 102.65 35.99
N GLY D 1754 -4.64 101.88 35.24
CA GLY D 1754 -4.06 100.83 34.41
C GLY D 1754 -3.42 99.72 35.21
N GLY D 1755 -4.02 99.36 36.35
CA GLY D 1755 -3.43 98.35 37.21
C GLY D 1755 -3.56 96.94 36.69
N ASN D 1756 -4.45 96.70 35.72
CA ASN D 1756 -4.53 95.38 35.11
C ASN D 1756 -3.24 95.05 34.36
N ALA D 1757 -2.64 96.04 33.71
CA ALA D 1757 -1.30 95.85 33.14
C ALA D 1757 -0.27 95.63 34.23
N ARG D 1758 -0.41 96.37 35.34
CA ARG D 1758 0.47 96.23 36.49
C ARG D 1758 0.00 95.05 37.32
N ARG D 1759 0.50 94.92 38.55
CA ARG D 1759 0.10 93.84 39.43
C ARG D 1759 -1.37 94.00 39.82
N HIS D 1760 -1.90 92.93 40.44
CA HIS D 1760 -3.30 92.85 40.83
C HIS D 1760 -3.55 93.35 42.24
N GLY D 1761 -2.77 94.32 42.69
CA GLY D 1761 -2.82 94.70 44.09
C GLY D 1761 -2.04 93.69 44.90
N LEU D 1762 -2.69 93.16 45.93
CA LEU D 1762 -2.15 92.08 46.75
C LEU D 1762 -3.30 91.17 47.13
N PRO D 1763 -3.02 89.89 47.47
CA PRO D 1763 -4.11 88.96 47.73
C PRO D 1763 -4.59 89.01 49.17
N GLY D 1764 -5.91 89.12 49.35
CA GLY D 1764 -6.51 89.11 50.66
C GLY D 1764 -6.52 90.44 51.39
N VAL D 1765 -5.78 91.44 50.92
CA VAL D 1765 -5.77 92.74 51.58
C VAL D 1765 -7.12 93.43 51.42
N GLY D 1766 -7.78 93.24 50.29
CA GLY D 1766 -9.04 93.90 50.06
C GLY D 1766 -10.15 93.38 50.95
N VAL D 1767 -11.18 94.20 51.08
CA VAL D 1767 -12.33 93.81 51.89
C VAL D 1767 -13.10 92.73 51.16
N THR D 1768 -13.48 91.69 51.90
CA THR D 1768 -14.15 90.53 51.32
C THR D 1768 -15.66 90.73 51.19
N THR D 1769 -16.31 91.31 52.21
CA THR D 1769 -17.77 91.43 52.39
C THR D 1769 -18.54 90.19 51.92
N SER D 1770 -18.05 89.03 52.33
CA SER D 1770 -18.66 87.74 52.04
C SER D 1770 -19.49 87.29 53.23
N LEU D 1771 -20.58 86.61 52.93
CA LEU D 1771 -21.54 86.22 53.95
C LEU D 1771 -21.04 84.96 54.65
N ARG D 1772 -20.57 85.11 55.88
CA ARG D 1772 -20.12 83.99 56.71
C ARG D 1772 -20.39 84.35 58.16
N PRO D 1773 -20.53 83.34 59.04
CA PRO D 1773 -21.01 83.62 60.38
C PRO D 1773 -19.87 83.95 61.32
N PRO D 1774 -20.16 84.40 62.58
CA PRO D 1774 -19.12 84.51 63.59
C PRO D 1774 -18.85 83.19 64.30
N HIS D 1775 -18.00 83.22 65.33
CA HIS D 1775 -17.52 82.03 66.04
C HIS D 1775 -18.22 81.81 67.38
N HIS D 1776 -18.37 82.86 68.18
CA HIS D 1776 -19.06 82.81 69.47
C HIS D 1776 -18.37 81.84 70.45
N PHE D 1777 -17.15 82.21 70.83
CA PHE D 1777 -16.48 81.49 71.91
C PHE D 1777 -17.15 81.81 73.25
N SER D 1778 -16.76 81.04 74.27
CA SER D 1778 -17.18 81.19 75.65
C SER D 1778 -15.97 81.04 76.55
N PRO D 1779 -15.91 81.73 77.70
CA PRO D 1779 -14.70 81.68 78.51
C PRO D 1779 -14.74 80.50 79.47
N PRO D 1780 -13.60 80.07 80.00
CA PRO D 1780 -13.60 78.93 80.91
C PRO D 1780 -13.76 79.33 82.37
N CYS D 1781 -14.38 78.43 83.13
CA CYS D 1781 -14.47 78.60 84.57
C CYS D 1781 -14.79 77.24 85.18
N PHE D 1782 -14.52 77.14 86.48
CA PHE D 1782 -14.80 75.94 87.27
C PHE D 1782 -15.46 76.27 88.60
N VAL D 1783 -16.13 77.42 88.71
CA VAL D 1783 -16.79 77.88 89.94
C VAL D 1783 -18.24 78.26 89.64
N ALA D 1784 -18.83 77.63 88.62
CA ALA D 1784 -20.19 77.89 88.18
C ALA D 1784 -21.04 76.67 88.50
N ALA D 1785 -22.26 76.92 88.96
CA ALA D 1785 -23.16 75.82 89.32
C ALA D 1785 -23.54 75.04 88.07
N LEU D 1786 -23.59 73.72 88.22
CA LEU D 1786 -23.94 72.86 87.11
C LEU D 1786 -25.41 73.07 86.74
N PRO D 1787 -25.83 72.72 85.51
CA PRO D 1787 -27.26 72.79 85.21
C PRO D 1787 -28.06 71.76 86.01
N ALA D 1788 -28.92 72.26 86.90
CA ALA D 1788 -29.70 71.37 87.75
C ALA D 1788 -30.69 70.55 86.94
N ALA D 1789 -31.28 71.14 85.91
CA ALA D 1789 -32.22 70.43 85.06
C ALA D 1789 -31.46 69.50 84.12
N GLY D 1790 -32.20 68.86 83.22
CA GLY D 1790 -31.61 67.94 82.27
C GLY D 1790 -30.78 68.67 81.23
N VAL D 1791 -30.22 67.88 80.32
CA VAL D 1791 -29.43 68.45 79.23
C VAL D 1791 -30.31 69.28 78.31
N ALA D 1792 -31.49 68.74 77.96
CA ALA D 1792 -32.46 69.41 77.08
C ALA D 1792 -31.87 69.73 75.71
N GLU D 1793 -30.96 68.89 75.24
CA GLU D 1793 -30.24 69.10 73.99
C GLU D 1793 -29.46 70.42 74.01
N ALA D 1794 -28.88 70.75 75.16
CA ALA D 1794 -28.15 71.99 75.28
C ALA D 1794 -26.84 71.90 74.49
N PRO D 1795 -26.20 73.04 74.18
CA PRO D 1795 -24.91 72.97 73.48
C PRO D 1795 -23.73 72.55 74.33
N ALA D 1796 -23.92 72.30 75.64
CA ALA D 1796 -22.85 71.97 76.57
C ALA D 1796 -21.89 73.16 76.72
N ARG D 1797 -21.05 73.40 75.73
CA ARG D 1797 -20.22 74.59 75.67
C ARG D 1797 -20.08 74.97 74.21
N LEU D 1798 -19.73 76.25 73.99
CA LEU D 1798 -19.37 76.69 72.64
C LEU D 1798 -17.96 76.24 72.31
N SER D 1799 -16.99 76.81 73.01
CA SER D 1799 -15.59 76.41 72.97
C SER D 1799 -14.86 77.30 73.98
N PRO D 1800 -13.76 76.85 74.58
CA PRO D 1800 -13.03 77.75 75.47
C PRO D 1800 -12.38 78.87 74.69
N ALA D 1801 -12.33 80.04 75.33
CA ALA D 1801 -11.92 81.28 74.69
C ALA D 1801 -10.47 81.60 75.04
N ILE D 1802 -9.85 82.38 74.16
CA ILE D 1802 -8.52 82.95 74.36
C ILE D 1802 -8.51 84.38 73.86
N PRO D 1803 -7.73 85.30 74.52
CA PRO D 1803 -7.52 86.60 73.87
C PRO D 1803 -6.77 86.46 72.56
N LEU D 1804 -7.47 86.71 71.46
CA LEU D 1804 -6.90 86.48 70.14
C LEU D 1804 -5.93 87.55 69.69
N GLU D 1805 -6.08 88.78 70.20
CA GLU D 1805 -5.16 89.84 69.83
C GLU D 1805 -3.74 89.54 70.29
N ALA D 1806 -3.61 88.96 71.48
CA ALA D 1806 -2.31 88.53 71.97
C ALA D 1806 -1.71 87.47 71.07
N LEU D 1807 -2.51 86.51 70.63
CA LEU D 1807 -2.00 85.47 69.75
C LEU D 1807 -1.62 86.02 68.39
N ARG D 1808 -2.39 86.99 67.89
CA ARG D 1808 -2.09 87.57 66.59
C ARG D 1808 -0.76 88.32 66.61
N ASP D 1809 -0.61 89.21 67.59
CA ASP D 1809 0.62 89.98 67.70
C ASP D 1809 1.80 89.08 68.07
N LYS D 1810 1.57 88.01 68.83
CA LYS D 1810 2.64 87.08 69.13
C LYS D 1810 3.06 86.33 67.89
N ALA D 1811 2.09 85.75 67.18
CA ALA D 1811 2.37 84.86 66.06
C ALA D 1811 3.03 85.59 64.92
N LEU D 1812 2.77 86.88 64.77
CA LEU D 1812 3.56 87.66 63.83
C LEU D 1812 5.02 87.79 64.24
N ARG D 1813 5.34 87.65 65.53
CA ARG D 1813 6.65 88.04 66.02
C ARG D 1813 7.70 86.95 65.80
N MET D 1814 7.49 85.76 66.39
CA MET D 1814 8.54 84.77 66.32
C MET D 1814 8.65 84.14 64.95
N LEU D 1815 7.64 84.32 64.08
CA LEU D 1815 7.86 83.99 62.68
C LEU D 1815 8.95 84.85 62.08
N GLY D 1816 8.90 86.15 62.34
CA GLY D 1816 9.96 87.03 61.88
C GLY D 1816 11.27 86.72 62.55
N GLU D 1817 11.25 86.40 63.84
CA GLU D 1817 12.48 86.03 64.54
C GLU D 1817 13.05 84.73 64.00
N ALA D 1818 12.21 83.75 63.73
CA ALA D 1818 12.67 82.48 63.20
C ALA D 1818 13.23 82.64 61.80
N VAL D 1819 12.60 83.47 60.98
CA VAL D 1819 13.09 83.71 59.63
C VAL D 1819 14.42 84.46 59.69
N ARG D 1820 14.54 85.42 60.59
CA ARG D 1820 15.79 86.16 60.72
C ARG D 1820 16.92 85.27 61.24
N ASP D 1821 16.62 84.42 62.21
CA ASP D 1821 17.59 83.47 62.72
C ASP D 1821 18.00 82.46 61.65
N GLY D 1822 17.04 82.02 60.83
CA GLY D 1822 17.37 81.19 59.70
C GLY D 1822 18.22 81.92 58.69
N GLY D 1823 17.98 83.22 58.53
CA GLY D 1823 18.81 84.03 57.66
C GLY D 1823 20.24 84.12 58.14
N GLN D 1824 20.43 84.12 59.47
CA GLN D 1824 21.78 83.99 60.01
C GLN D 1824 22.38 82.61 59.74
N HIS D 1825 21.54 81.59 59.52
CA HIS D 1825 21.99 80.26 59.14
C HIS D 1825 22.83 79.63 60.26
N ALA D 1826 22.19 79.51 61.42
CA ALA D 1826 22.83 78.96 62.61
C ALA D 1826 22.96 77.45 62.48
N ARG D 1827 23.39 76.81 63.58
CA ARG D 1827 23.60 75.38 63.67
C ARG D 1827 22.98 74.76 64.93
N ASP D 1828 22.12 75.50 65.65
CA ASP D 1828 21.36 75.00 66.80
C ASP D 1828 19.92 75.43 66.63
N PRO D 1829 19.18 74.78 65.74
CA PRO D 1829 17.78 75.15 65.57
C PRO D 1829 16.95 74.79 66.78
N VAL D 1830 15.85 75.51 66.95
CA VAL D 1830 15.00 75.35 68.12
C VAL D 1830 14.34 73.98 68.06
N GLY D 1831 14.37 73.27 69.17
CA GLY D 1831 13.83 71.92 69.23
C GLY D 1831 14.74 70.85 68.67
N GLY D 1832 15.99 71.17 68.36
CA GLY D 1832 16.94 70.18 67.87
C GLY D 1832 16.90 69.91 66.39
N SER D 1833 16.07 70.61 65.63
CA SER D 1833 16.05 70.42 64.19
C SER D 1833 15.31 71.59 63.55
N VAL D 1834 15.63 71.84 62.28
CA VAL D 1834 15.06 72.96 61.56
C VAL D 1834 13.57 72.74 61.31
N GLU D 1835 13.21 71.52 60.94
CA GLU D 1835 11.81 71.22 60.66
C GLU D 1835 10.96 71.32 61.92
N PHE D 1836 11.52 70.93 63.06
CA PHE D 1836 10.82 71.12 64.32
C PHE D 1836 10.66 72.61 64.63
N GLN D 1837 11.60 73.44 64.19
CA GLN D 1837 11.46 74.87 64.41
C GLN D 1837 10.33 75.44 63.58
N PHE D 1838 10.27 75.07 62.30
CA PHE D 1838 9.40 75.78 61.35
C PHE D 1838 8.02 75.16 61.15
N VAL D 1839 7.83 73.87 61.41
CA VAL D 1839 6.55 73.20 61.18
C VAL D 1839 5.43 73.79 62.04
N PRO D 1840 5.49 73.68 63.38
CA PRO D 1840 4.30 74.01 64.18
C PRO D 1840 3.93 75.49 64.18
N VAL D 1841 4.91 76.38 64.09
CA VAL D 1841 4.64 77.81 64.02
C VAL D 1841 3.87 78.14 62.75
N LEU D 1842 4.26 77.54 61.62
CA LEU D 1842 3.54 77.73 60.38
C LEU D 1842 2.17 77.08 60.44
N LYS D 1843 2.03 76.00 61.22
CA LYS D 1843 0.72 75.41 61.42
C LYS D 1843 -0.23 76.39 62.11
N LEU D 1844 0.29 77.08 63.13
CA LEU D 1844 -0.52 78.04 63.87
C LEU D 1844 -0.95 79.20 62.98
N VAL D 1845 0.00 79.80 62.25
CA VAL D 1845 -0.38 80.97 61.45
C VAL D 1845 -1.27 80.56 60.28
N SER D 1846 -1.10 79.33 59.77
CA SER D 1846 -1.97 78.84 58.72
C SER D 1846 -3.42 78.71 59.22
N THR D 1847 -3.60 78.24 60.44
CA THR D 1847 -4.96 78.15 60.98
C THR D 1847 -5.55 79.54 61.21
N LEU D 1848 -4.74 80.46 61.70
CA LEU D 1848 -5.27 81.79 61.97
C LEU D 1848 -5.62 82.55 60.69
N LEU D 1849 -5.02 82.20 59.56
CA LEU D 1849 -5.51 82.77 58.31
C LEU D 1849 -6.92 82.30 58.01
N VAL D 1850 -7.23 81.04 58.31
CA VAL D 1850 -8.58 80.53 58.09
C VAL D 1850 -9.55 81.19 59.05
N MET D 1851 -9.08 81.56 60.25
CA MET D 1851 -9.93 82.36 61.12
C MET D 1851 -10.29 83.71 60.51
N GLY D 1852 -9.41 84.27 59.68
CA GLY D 1852 -9.69 85.56 59.08
C GLY D 1852 -9.70 86.70 60.08
N ILE D 1853 -8.83 86.63 61.09
CA ILE D 1853 -8.74 87.62 62.16
C ILE D 1853 -7.42 88.37 62.10
N PHE D 1854 -6.88 88.54 60.89
CA PHE D 1854 -5.66 89.31 60.64
C PHE D 1854 -6.04 90.62 59.99
N GLY D 1855 -5.37 91.69 60.40
CA GLY D 1855 -5.58 92.96 59.76
C GLY D 1855 -5.05 92.98 58.34
N ASP D 1856 -5.47 93.99 57.59
CA ASP D 1856 -4.95 94.18 56.24
C ASP D 1856 -3.45 94.47 56.26
N GLU D 1857 -2.99 95.26 57.23
CA GLU D 1857 -1.57 95.45 57.40
C GLU D 1857 -0.90 94.15 57.87
N ASP D 1858 -1.62 93.30 58.61
CA ASP D 1858 -1.03 92.07 59.11
C ASP D 1858 -0.76 91.09 57.97
N VAL D 1859 -1.73 90.89 57.08
CA VAL D 1859 -1.51 89.99 55.95
C VAL D 1859 -0.50 90.60 54.98
N LYS D 1860 -0.45 91.94 54.88
CA LYS D 1860 0.61 92.58 54.10
C LYS D 1860 1.99 92.26 54.68
N GLN D 1861 2.09 92.32 56.01
CA GLN D 1861 3.34 92.01 56.70
C GLN D 1861 3.72 90.55 56.50
N ILE D 1862 2.74 89.65 56.62
CA ILE D 1862 3.01 88.22 56.44
C ILE D 1862 3.40 87.94 55.00
N LEU D 1863 2.88 88.71 54.05
CA LEU D 1863 3.35 88.61 52.68
C LEU D 1863 4.78 89.11 52.51
N LYS D 1864 5.25 89.98 53.41
CA LYS D 1864 6.61 90.49 53.30
C LYS D 1864 7.67 89.39 53.39
N MET D 1865 7.77 88.68 54.53
CA MET D 1865 8.94 87.82 54.73
C MET D 1865 8.89 86.51 53.97
N ILE D 1866 7.84 86.22 53.21
CA ILE D 1866 7.89 85.10 52.28
C ILE D 1866 8.99 85.36 51.26
N GLU D 1867 8.97 86.53 50.65
CA GLU D 1867 10.09 87.08 49.91
C GLU D 1867 9.74 88.53 49.57
N PRO D 1868 10.70 89.48 49.54
CA PRO D 1868 10.37 90.82 49.02
C PRO D 1868 10.23 90.86 47.49
N GLU D 1869 9.17 90.23 46.98
CA GLU D 1869 8.75 90.29 45.59
C GLU D 1869 7.34 90.82 45.45
N VAL D 1870 6.42 90.30 46.26
CA VAL D 1870 5.02 90.78 46.24
C VAL D 1870 5.02 91.98 47.18
N PHE D 1871 5.41 93.13 46.62
CA PHE D 1871 5.68 94.36 47.36
C PHE D 1871 4.92 95.52 46.75
N THR D 1872 4.36 96.35 47.61
CA THR D 1872 3.63 97.52 47.17
C THR D 1872 4.58 98.55 46.56
N GLU D 1873 4.00 99.42 45.72
CA GLU D 1873 4.79 100.48 45.10
C GLU D 1873 5.33 101.46 46.13
N GLU D 1874 4.57 101.71 47.20
CA GLU D 1874 4.97 102.60 48.28
C GLU D 1874 5.17 104.03 47.78
N ASP D 1921 21.87 91.83 55.95
CA ASP D 1921 20.90 91.00 55.25
C ASP D 1921 19.49 91.55 55.45
N LEU D 1922 18.80 91.81 54.34
CA LEU D 1922 17.47 92.43 54.35
C LEU D 1922 16.36 91.39 54.40
N GLU D 1923 16.41 90.51 55.40
CA GLU D 1923 15.42 89.46 55.73
C GLU D 1923 15.01 88.67 54.49
N GLU D 1924 15.99 87.90 53.99
CA GLU D 1924 15.85 87.16 52.74
C GLU D 1924 14.67 86.19 52.78
N GLY D 1925 14.14 85.90 51.60
CA GLY D 1925 12.87 85.22 51.50
C GLY D 1925 12.92 83.80 52.01
N LEU D 1926 11.82 83.39 52.65
CA LEU D 1926 11.72 82.04 53.19
C LEU D 1926 11.74 81.01 52.07
N LEU D 1927 11.13 81.33 50.93
CA LEU D 1927 11.10 80.39 49.82
C LEU D 1927 12.49 80.16 49.24
N GLN D 1928 13.32 81.20 49.22
CA GLN D 1928 14.67 81.09 48.67
C GLN D 1928 15.53 80.12 49.47
N MET D 1929 15.26 79.97 50.76
CA MET D 1929 16.04 79.09 51.60
C MET D 1929 15.78 77.63 51.23
N LYS D 1930 16.81 76.81 51.40
CA LYS D 1930 16.65 75.36 51.31
C LYS D 1930 16.15 74.84 52.65
N LEU D 1931 15.09 74.03 52.59
CA LEU D 1931 14.38 73.57 53.78
C LEU D 1931 13.68 72.26 53.45
N PRO D 1932 13.44 71.38 54.46
CA PRO D 1932 13.03 70.00 54.14
C PRO D 1932 11.57 69.89 53.66
N GLU D 1933 11.08 68.67 53.53
CA GLU D 1933 9.80 68.39 52.89
C GLU D 1933 8.59 68.69 53.77
N SER D 1934 8.72 68.43 55.08
CA SER D 1934 7.59 68.57 56.00
C SER D 1934 7.16 70.03 56.09
N VAL D 1935 8.13 70.93 56.19
CA VAL D 1935 7.85 72.36 56.15
C VAL D 1935 7.22 72.77 54.81
N LYS D 1936 7.68 72.15 53.72
CA LYS D 1936 7.20 72.49 52.38
C LYS D 1936 5.70 72.21 52.23
N LEU D 1937 5.22 71.17 52.92
CA LEU D 1937 3.79 70.88 52.91
C LEU D 1937 2.96 72.03 53.51
N GLN D 1938 3.43 72.59 54.62
CA GLN D 1938 2.72 73.69 55.24
C GLN D 1938 2.79 74.95 54.37
N MET D 1939 3.90 75.11 53.63
CA MET D 1939 3.98 76.22 52.69
C MET D 1939 2.92 76.08 51.59
N CYS D 1940 2.68 74.84 51.15
CA CYS D 1940 1.60 74.62 50.17
C CYS D 1940 0.25 74.99 50.76
N ASN D 1941 0.04 74.73 52.05
CA ASN D 1941 -1.23 75.12 52.68
C ASN D 1941 -1.43 76.64 52.67
N LEU D 1942 -0.37 77.39 52.99
CA LEU D 1942 -0.46 78.85 53.00
C LEU D 1942 -0.78 79.39 51.61
N LEU D 1943 -0.09 78.88 50.60
CA LEU D 1943 -0.32 79.35 49.24
C LEU D 1943 -1.71 78.99 48.76
N GLU D 1944 -2.26 77.86 49.21
CA GLU D 1944 -3.61 77.49 48.85
C GLU D 1944 -4.62 78.48 49.42
N TYR D 1945 -4.37 78.96 50.65
CA TYR D 1945 -5.26 79.98 51.22
C TYR D 1945 -5.21 81.25 50.39
N PHE D 1946 -4.02 81.64 49.93
CA PHE D 1946 -3.94 82.86 49.14
C PHE D 1946 -4.64 82.71 47.80
N CYS D 1947 -4.56 81.52 47.18
CA CYS D 1947 -5.29 81.30 45.94
C CYS D 1947 -6.79 81.38 46.16
N ASP D 1948 -7.27 80.87 47.30
CA ASP D 1948 -8.70 80.97 47.59
C ASP D 1948 -9.12 82.42 47.79
N GLN D 1949 -8.28 83.22 48.44
CA GLN D 1949 -8.61 84.64 48.61
C GLN D 1949 -8.65 85.37 47.27
N GLU D 1950 -7.72 85.04 46.37
CA GLU D 1950 -7.72 85.65 45.04
C GLU D 1950 -8.99 85.30 44.28
N LEU D 1951 -9.40 84.03 44.36
CA LEU D 1951 -10.62 83.59 43.68
C LEU D 1951 -11.85 84.29 44.25
N GLN D 1952 -11.92 84.40 45.58
CA GLN D 1952 -13.07 85.03 46.20
C GLN D 1952 -13.15 86.51 45.85
N HIS D 1953 -12.00 87.18 45.79
CA HIS D 1953 -11.97 88.58 45.35
C HIS D 1953 -12.44 88.72 43.91
N ARG D 1954 -12.04 87.77 43.07
CA ARG D 1954 -12.41 87.78 41.65
C ARG D 1954 -13.93 87.65 41.47
N VAL D 1955 -14.52 86.64 42.11
CA VAL D 1955 -15.96 86.40 41.95
C VAL D 1955 -16.77 87.50 42.65
N GLU D 1956 -16.26 88.05 43.74
CA GLU D 1956 -16.93 89.16 44.41
C GLU D 1956 -17.00 90.38 43.51
N SER D 1957 -15.89 90.70 42.84
CA SER D 1957 -15.90 91.82 41.90
C SER D 1957 -16.80 91.52 40.70
N LEU D 1958 -16.95 90.24 40.33
CA LEU D 1958 -17.91 89.91 39.28
C LEU D 1958 -19.33 90.24 39.70
N ALA D 1959 -19.71 89.91 40.93
CA ALA D 1959 -21.05 90.26 41.39
C ALA D 1959 -21.25 91.78 41.46
N ALA D 1960 -20.19 92.49 41.87
CA ALA D 1960 -20.25 93.96 41.91
C ALA D 1960 -20.48 94.54 40.52
N PHE D 1961 -19.84 93.96 39.51
CA PHE D 1961 -20.11 94.38 38.14
C PHE D 1961 -21.53 94.04 37.71
N ALA D 1962 -22.03 92.88 38.16
CA ALA D 1962 -23.32 92.38 37.72
C ALA D 1962 -24.44 93.31 38.14
N GLU D 1963 -24.37 93.84 39.37
CA GLU D 1963 -25.46 94.68 39.87
C GLU D 1963 -25.61 95.97 39.05
N ARG D 1964 -24.52 96.69 38.81
CA ARG D 1964 -24.59 97.92 38.03
C ARG D 1964 -24.98 97.63 36.59
N TYR D 1965 -24.45 96.53 36.03
CA TYR D 1965 -24.71 96.26 34.63
C TYR D 1965 -26.15 95.88 34.39
N VAL D 1966 -26.73 95.03 35.26
CA VAL D 1966 -28.13 94.66 35.05
C VAL D 1966 -29.05 95.82 35.34
N ASP D 1967 -28.67 96.72 36.27
CA ASP D 1967 -29.54 97.87 36.52
C ASP D 1967 -29.61 98.80 35.31
N LYS D 1968 -28.46 99.16 34.75
CA LYS D 1968 -28.48 100.04 33.58
C LYS D 1968 -29.07 99.34 32.36
N LEU D 1969 -28.86 98.02 32.23
CA LEU D 1969 -29.44 97.27 31.13
C LEU D 1969 -30.95 97.23 31.21
N GLN D 1970 -31.50 97.00 32.40
CA GLN D 1970 -32.94 96.99 32.55
C GLN D 1970 -33.54 98.37 32.33
N ALA D 1971 -32.81 99.43 32.71
CA ALA D 1971 -33.29 100.77 32.40
C ALA D 1971 -33.32 101.02 30.90
N ASN D 1972 -32.32 100.51 30.17
CA ASN D 1972 -32.35 100.64 28.72
C ASN D 1972 -33.50 99.84 28.11
N GLN D 1973 -33.82 98.68 28.69
CA GLN D 1973 -34.98 97.92 28.22
C GLN D 1973 -36.28 98.68 28.46
N ARG D 1974 -36.38 99.33 29.62
CA ARG D 1974 -37.53 100.18 29.93
C ARG D 1974 -37.65 101.31 28.92
N SER D 1975 -36.53 101.95 28.60
CA SER D 1975 -36.57 103.08 27.68
C SER D 1975 -36.88 102.63 26.25
N ARG D 1976 -36.38 101.46 25.85
CA ARG D 1976 -36.65 100.96 24.50
C ARG D 1976 -38.13 100.59 24.34
N TYR D 1977 -38.70 99.92 25.35
CA TYR D 1977 -40.13 99.62 25.32
C TYR D 1977 -40.96 100.90 25.36
N ALA D 1978 -40.53 101.89 26.13
CA ALA D 1978 -41.22 103.17 26.17
C ALA D 1978 -41.16 103.89 24.83
N LEU D 1979 -40.00 103.81 24.15
CA LEU D 1979 -39.85 104.39 22.83
C LEU D 1979 -40.78 103.71 21.83
N LEU D 1980 -40.93 102.40 21.96
CA LEU D 1980 -41.92 101.70 21.16
C LEU D 1980 -43.32 102.21 21.47
N MET D 1981 -43.61 102.43 22.75
CA MET D 1981 -44.95 102.86 23.14
C MET D 1981 -45.27 104.25 22.61
N ARG D 1982 -44.28 105.13 22.53
CA ARG D 1982 -44.53 106.49 22.06
C ARG D 1982 -44.76 106.54 20.56
N ALA D 1983 -44.00 105.76 19.79
CA ALA D 1983 -43.93 105.81 18.33
C ALA D 1983 -44.00 104.42 17.74
N PHE D 1984 -45.05 103.67 18.14
CA PHE D 1984 -45.16 102.25 17.73
C PHE D 1984 -45.28 102.10 16.22
N THR D 1985 -46.25 102.79 15.60
CA THR D 1985 -46.43 102.83 14.14
C THR D 1985 -46.61 101.42 13.57
N MET D 1986 -47.78 100.85 13.88
CA MET D 1986 -48.00 99.41 13.85
C MET D 1986 -47.78 98.79 12.46
N SER D 1987 -47.03 97.69 12.43
CA SER D 1987 -46.76 96.93 11.23
C SER D 1987 -46.48 95.49 11.64
N ALA D 1988 -46.34 94.62 10.64
CA ALA D 1988 -46.08 93.20 10.92
C ALA D 1988 -44.71 93.01 11.58
N ALA D 1989 -43.68 93.68 11.05
CA ALA D 1989 -42.33 93.55 11.59
C ALA D 1989 -42.23 94.11 13.00
N GLU D 1990 -42.86 95.26 13.22
CA GLU D 1990 -42.86 95.87 14.54
C GLU D 1990 -43.57 95.00 15.55
N THR D 1991 -44.66 94.35 15.13
CA THR D 1991 -45.33 93.40 16.01
C THR D 1991 -44.46 92.19 16.29
N ALA D 1992 -43.64 91.77 15.31
CA ALA D 1992 -42.74 90.62 15.56
C ALA D 1992 -41.72 90.96 16.64
N ARG D 1993 -41.06 92.11 16.52
CA ARG D 1993 -40.10 92.52 17.54
C ARG D 1993 -40.77 92.77 18.90
N ARG D 1994 -41.91 93.46 18.90
CA ARG D 1994 -42.60 93.77 20.14
C ARG D 1994 -43.11 92.51 20.84
N THR D 1995 -43.60 91.54 20.06
CA THR D 1995 -44.05 90.29 20.66
C THR D 1995 -42.89 89.52 21.22
N ARG D 1996 -41.77 89.46 20.49
CA ARG D 1996 -40.64 88.67 20.98
C ARG D 1996 -40.01 89.28 22.22
N GLU D 1997 -40.14 90.59 22.42
CA GLU D 1997 -39.62 91.17 23.66
C GLU D 1997 -40.38 90.70 24.88
N PHE D 1998 -41.71 90.62 24.81
CA PHE D 1998 -42.55 90.33 25.97
C PHE D 1998 -42.88 88.85 26.12
N ARG D 1999 -43.32 88.20 25.05
CA ARG D 1999 -43.85 86.83 25.14
C ARG D 1999 -42.75 85.84 25.51
N SER D 2000 -41.51 86.10 25.10
CA SER D 2000 -40.42 85.24 25.49
C SER D 2000 -40.18 85.39 27.00
N PRO D 2001 -39.74 84.34 27.69
CA PRO D 2001 -39.54 84.46 29.13
C PRO D 2001 -38.27 85.23 29.43
N PRO D 2002 -37.99 85.54 30.70
CA PRO D 2002 -36.70 86.18 31.04
C PRO D 2002 -35.49 85.35 30.68
N GLN D 2003 -35.62 84.02 30.67
CA GLN D 2003 -34.53 83.11 30.37
C GLN D 2003 -33.97 83.39 28.98
N GLU D 2004 -34.84 83.28 27.98
CA GLU D 2004 -34.42 83.49 26.60
C GLU D 2004 -34.12 84.95 26.33
N GLN D 2005 -34.74 85.88 27.08
CA GLN D 2005 -34.45 87.29 26.86
C GLN D 2005 -33.02 87.60 27.23
N ILE D 2006 -32.59 87.20 28.44
CA ILE D 2006 -31.21 87.47 28.85
C ILE D 2006 -30.24 86.66 27.98
N ASN D 2007 -30.62 85.43 27.64
CA ASN D 2007 -29.75 84.60 26.81
C ASN D 2007 -29.56 85.20 25.42
N MET D 2008 -30.62 85.71 24.81
CA MET D 2008 -30.50 86.31 23.48
C MET D 2008 -29.77 87.65 23.54
N LEU D 2009 -30.02 88.43 24.60
CA LEU D 2009 -29.39 89.73 24.75
C LEU D 2009 -27.89 89.60 24.85
N LEU D 2010 -27.41 88.58 25.57
CA LEU D 2010 -25.97 88.38 25.72
C LEU D 2010 -25.38 87.54 24.60
N HIS D 2011 -26.17 86.67 23.97
CA HIS D 2011 -25.69 85.90 22.84
C HIS D 2011 -25.39 86.80 21.65
N PHE D 2012 -26.25 87.80 21.42
CA PHE D 2012 -25.99 88.75 20.34
C PHE D 2012 -24.73 89.56 20.61
N LYS D 2013 -24.43 89.84 21.87
CA LYS D 2013 -23.27 90.67 22.20
C LYS D 2013 -21.96 89.96 21.87
N ASP D 2014 -21.87 88.67 22.20
CA ASP D 2014 -20.67 87.87 21.95
C ASP D 2014 -20.81 87.23 20.58
N GLU D 2015 -20.30 87.91 19.57
CA GLU D 2015 -20.35 87.38 18.21
C GLU D 2015 -19.28 88.07 17.38
N ALA D 2016 -18.88 87.39 16.31
CA ALA D 2016 -17.88 87.92 15.38
C ALA D 2016 -18.61 88.78 14.32
N ASP D 2017 -19.08 89.93 14.80
CA ASP D 2017 -19.73 90.99 14.01
C ASP D 2017 -21.15 90.65 13.54
N GLU D 2018 -21.66 89.44 13.79
CA GLU D 2018 -23.03 89.05 13.47
C GLU D 2018 -23.93 89.28 14.68
N GLU D 2019 -23.87 90.50 15.23
CA GLU D 2019 -24.49 90.73 16.53
C GLU D 2019 -26.01 90.73 16.44
N ASP D 2020 -26.58 91.51 15.52
CA ASP D 2020 -28.02 91.75 15.45
C ASP D 2020 -28.56 92.25 16.80
N CYS D 2021 -27.81 93.16 17.41
CA CYS D 2021 -28.08 93.54 18.79
C CYS D 2021 -29.38 94.33 18.89
N PRO D 2022 -30.32 93.97 19.77
CA PRO D 2022 -31.42 94.90 20.08
C PRO D 2022 -31.03 96.10 20.93
N LEU D 2023 -29.78 96.19 21.40
CA LEU D 2023 -29.26 97.22 22.30
C LEU D 2023 -28.10 97.94 21.63
N PRO D 2024 -27.75 99.15 22.08
CA PRO D 2024 -26.72 99.92 21.37
C PRO D 2024 -25.33 99.40 21.72
N GLU D 2025 -24.37 99.92 20.96
CA GLU D 2025 -22.96 99.53 21.10
C GLU D 2025 -22.31 100.01 22.38
N ASP D 2026 -22.89 101.01 23.06
CA ASP D 2026 -22.25 101.66 24.19
C ASP D 2026 -22.06 100.69 25.36
N ILE D 2027 -23.11 99.95 25.70
CA ILE D 2027 -23.01 98.97 26.78
C ILE D 2027 -22.09 97.82 26.40
N ARG D 2028 -22.09 97.43 25.12
CA ARG D 2028 -21.28 96.33 24.66
C ARG D 2028 -19.79 96.62 24.78
N GLN D 2029 -19.40 97.88 24.53
CA GLN D 2029 -18.00 98.26 24.71
C GLN D 2029 -17.56 98.11 26.16
N ASP D 2030 -18.41 98.52 27.10
CA ASP D 2030 -18.09 98.40 28.52
C ASP D 2030 -17.97 96.94 28.92
N LEU D 2031 -18.87 96.10 28.42
CA LEU D 2031 -18.80 94.69 28.77
C LEU D 2031 -17.54 94.04 28.21
N GLN D 2032 -17.15 94.40 26.99
CA GLN D 2032 -15.92 93.85 26.43
C GLN D 2032 -14.70 94.32 27.22
N ASP D 2033 -14.72 95.57 27.68
CA ASP D 2033 -13.63 96.06 28.52
C ASP D 2033 -13.55 95.28 29.83
N PHE D 2034 -14.70 95.00 30.45
CA PHE D 2034 -14.71 94.23 31.69
C PHE D 2034 -14.22 92.81 31.46
N HIS D 2035 -14.65 92.17 30.37
CA HIS D 2035 -14.23 90.80 30.09
C HIS D 2035 -12.74 90.74 29.80
N GLN D 2036 -12.22 91.72 29.06
CA GLN D 2036 -10.79 91.77 28.81
C GLN D 2036 -10.03 92.01 30.10
N ASP D 2037 -10.59 92.80 31.01
CA ASP D 2037 -9.94 93.01 32.30
C ASP D 2037 -9.90 91.73 33.12
N LEU D 2038 -10.99 90.96 33.09
CA LEU D 2038 -11.02 89.69 33.80
C LEU D 2038 -10.02 88.70 33.24
N LEU D 2039 -9.98 88.57 31.92
CA LEU D 2039 -9.02 87.68 31.28
C LEU D 2039 -7.59 88.15 31.49
N ALA D 2040 -7.39 89.46 31.56
CA ALA D 2040 -6.08 90.02 31.87
C ALA D 2040 -5.68 89.73 33.30
N HIS D 2041 -6.66 89.68 34.22
CA HIS D 2041 -6.38 89.35 35.61
C HIS D 2041 -5.87 87.91 35.72
N CYS D 2042 -6.40 87.02 34.89
CA CYS D 2042 -5.95 85.64 34.87
C CYS D 2042 -4.61 85.57 34.13
N GLY D 2043 -4.11 84.35 33.95
CA GLY D 2043 -2.81 84.17 33.31
C GLY D 2043 -2.78 84.52 31.84
N ILE D 2044 -3.93 84.59 31.18
CA ILE D 2044 -3.97 84.88 29.75
C ILE D 2044 -3.63 86.36 29.57
N GLN D 2045 -2.49 86.62 28.94
CA GLN D 2045 -1.99 87.99 28.76
C GLN D 2045 -2.49 88.61 27.46
N LEU D 2046 -2.44 87.85 26.36
CA LEU D 2046 -2.81 88.34 25.03
C LEU D 2046 -1.94 89.53 24.60
N GLU D 2088 14.29 89.89 34.56
CA GLU D 2088 14.58 88.49 34.28
C GLU D 2088 14.39 87.66 35.56
N LYS D 2089 13.46 86.71 35.48
CA LYS D 2089 12.99 85.92 36.64
C LYS D 2089 12.52 86.88 37.75
N LYS D 2090 11.69 87.84 37.34
CA LYS D 2090 11.07 88.82 38.23
C LYS D 2090 9.58 88.86 37.89
N PRO D 2091 8.84 87.80 38.26
CA PRO D 2091 7.42 87.73 37.87
C PRO D 2091 6.55 88.84 38.41
N GLN D 2092 6.83 89.30 39.64
CA GLN D 2092 6.10 90.41 40.26
C GLN D 2092 4.61 90.11 40.42
N SER D 2093 4.27 88.84 40.59
CA SER D 2093 2.88 88.44 40.76
C SER D 2093 2.85 87.03 41.34
N LEU D 2094 1.78 86.74 42.06
CA LEU D 2094 1.63 85.45 42.73
C LEU D 2094 1.53 84.31 41.73
N GLN D 2095 0.77 84.54 40.65
CA GLN D 2095 0.42 83.49 39.70
C GLN D 2095 1.66 82.93 39.01
N GLU D 2096 2.56 83.80 38.57
CA GLU D 2096 3.80 83.36 37.94
C GLU D 2096 4.82 82.89 38.97
N LEU D 2097 4.80 83.50 40.16
CA LEU D 2097 5.78 83.21 41.19
C LEU D 2097 5.68 81.77 41.65
N VAL D 2098 4.48 81.32 41.99
CA VAL D 2098 4.35 79.97 42.52
C VAL D 2098 4.60 78.92 41.44
N SER D 2099 4.32 79.25 40.17
CA SER D 2099 4.61 78.31 39.09
C SER D 2099 6.11 78.06 38.98
N HIS D 2100 6.89 79.15 38.98
CA HIS D 2100 8.34 78.99 38.99
C HIS D 2100 8.82 78.29 40.25
N MET D 2101 8.14 78.52 41.37
CA MET D 2101 8.59 77.95 42.63
C MET D 2101 8.41 76.44 42.65
N VAL D 2102 7.23 75.96 42.25
CA VAL D 2102 6.99 74.52 42.30
C VAL D 2102 7.85 73.80 41.28
N VAL D 2103 8.12 74.43 40.13
CA VAL D 2103 9.06 73.83 39.19
C VAL D 2103 10.45 73.73 39.81
N ARG D 2104 10.86 74.77 40.51
CA ARG D 2104 12.18 74.78 41.13
C ARG D 2104 12.31 73.72 42.21
N TRP D 2105 11.23 73.50 42.98
CA TRP D 2105 11.23 72.41 43.92
C TRP D 2105 11.30 71.06 43.21
N ALA D 2106 10.68 70.95 42.04
CA ALA D 2106 10.72 69.69 41.33
C ALA D 2106 12.07 69.37 40.73
N GLN D 2107 12.92 70.37 40.48
CA GLN D 2107 14.22 70.07 39.87
C GLN D 2107 15.09 69.22 40.80
N GLU D 2108 15.47 69.77 41.94
CA GLU D 2108 16.29 69.08 42.92
C GLU D 2108 15.41 68.40 43.95
N ASP D 2109 16.01 67.44 44.67
CA ASP D 2109 15.36 66.77 45.79
C ASP D 2109 14.12 66.01 45.33
N TYR D 2110 14.38 64.95 44.56
CA TYR D 2110 13.34 64.02 44.13
C TYR D 2110 12.56 63.51 45.33
N VAL D 2111 11.30 63.89 45.40
CA VAL D 2111 10.52 63.83 46.63
C VAL D 2111 10.16 62.38 46.94
N GLN D 2112 9.68 62.17 48.16
CA GLN D 2112 9.21 60.87 48.62
C GLN D 2112 7.89 60.92 49.38
N SER D 2113 7.45 62.09 49.83
CA SER D 2113 6.16 62.20 50.49
C SER D 2113 5.04 62.19 49.44
N PRO D 2114 4.10 61.24 49.47
CA PRO D 2114 3.00 61.29 48.48
C PRO D 2114 2.09 62.51 48.64
N GLU D 2115 1.85 62.92 49.88
CA GLU D 2115 0.93 64.01 50.15
C GLU D 2115 1.46 65.32 49.60
N LEU D 2116 2.78 65.52 49.69
CA LEU D 2116 3.40 66.70 49.12
C LEU D 2116 3.23 66.75 47.62
N VAL D 2117 3.31 65.60 46.95
CA VAL D 2117 3.14 65.55 45.51
C VAL D 2117 1.74 65.98 45.14
N ARG D 2118 0.73 65.42 45.82
CA ARG D 2118 -0.65 65.75 45.50
C ARG D 2118 -0.95 67.22 45.76
N ALA D 2119 -0.45 67.75 46.88
CA ALA D 2119 -0.68 69.15 47.20
C ALA D 2119 -0.01 70.08 46.21
N MET D 2120 1.23 69.75 45.84
CA MET D 2120 2.01 70.62 44.96
C MET D 2120 1.37 70.71 43.59
N PHE D 2121 1.04 69.56 42.99
CA PHE D 2121 0.47 69.61 41.65
C PHE D 2121 -0.96 70.14 41.66
N SER D 2122 -1.69 69.94 42.76
CA SER D 2122 -3.00 70.57 42.90
C SER D 2122 -2.86 72.08 42.89
N LEU D 2123 -1.82 72.59 43.54
CA LEU D 2123 -1.60 74.02 43.52
C LEU D 2123 -1.21 74.49 42.12
N LEU D 2124 -0.38 73.70 41.42
CA LEU D 2124 0.17 74.15 40.15
C LEU D 2124 -0.91 74.26 39.08
N HIS D 2125 -1.74 73.23 38.94
CA HIS D 2125 -2.78 73.26 37.91
C HIS D 2125 -3.79 74.37 38.14
N ARG D 2126 -4.05 74.72 39.40
CA ARG D 2126 -5.07 75.72 39.73
C ARG D 2126 -4.75 77.10 39.18
N GLN D 2127 -3.47 77.42 39.01
CA GLN D 2127 -3.10 78.78 38.66
C GLN D 2127 -3.42 79.10 37.21
N TYR D 2128 -2.90 78.29 36.28
CA TYR D 2128 -3.00 78.63 34.88
C TYR D 2128 -4.41 78.43 34.33
N ASP D 2129 -5.14 77.45 34.85
CA ASP D 2129 -6.54 77.24 34.50
C ASP D 2129 -7.43 78.03 35.46
N GLY D 2130 -7.21 79.34 35.48
CA GLY D 2130 -8.05 80.21 36.28
C GLY D 2130 -9.47 80.25 35.77
N LEU D 2131 -9.66 80.10 34.46
CA LEU D 2131 -11.00 79.99 33.92
C LEU D 2131 -11.69 78.73 34.41
N GLY D 2132 -10.95 77.62 34.52
CA GLY D 2132 -11.55 76.40 35.03
C GLY D 2132 -11.96 76.51 36.48
N GLU D 2133 -11.09 77.11 37.29
CA GLU D 2133 -11.39 77.34 38.71
C GLU D 2133 -12.61 78.25 38.86
N LEU D 2134 -12.63 79.33 38.10
CA LEU D 2134 -13.72 80.30 38.15
C LEU D 2134 -15.02 79.65 37.71
N LEU D 2135 -14.98 78.92 36.59
CA LEU D 2135 -16.16 78.27 36.05
C LEU D 2135 -16.68 77.21 36.99
N ARG D 2136 -15.79 76.53 37.69
CA ARG D 2136 -16.23 75.56 38.68
C ARG D 2136 -16.83 76.22 39.90
N ALA D 2137 -16.38 77.44 40.24
CA ALA D 2137 -16.91 78.11 41.43
C ALA D 2137 -18.26 78.79 41.20
N LEU D 2138 -18.48 79.37 40.02
CA LEU D 2138 -19.72 80.12 39.78
C LEU D 2138 -21.04 79.36 39.92
N PRO D 2139 -21.15 78.04 39.70
CA PRO D 2139 -22.45 77.38 39.95
C PRO D 2139 -22.99 77.52 41.35
N ARG D 2140 -22.12 77.51 42.37
CA ARG D 2140 -22.53 77.64 43.76
C ARG D 2140 -22.51 79.09 44.25
N ALA D 2141 -22.12 80.04 43.43
CA ALA D 2141 -22.27 81.46 43.78
C ALA D 2141 -23.71 81.88 43.62
N TYR D 2142 -24.16 82.79 44.49
CA TYR D 2142 -25.56 83.22 44.49
C TYR D 2142 -25.68 84.51 45.29
N THR D 2143 -26.24 85.55 44.67
CA THR D 2143 -26.44 86.85 45.32
C THR D 2143 -27.82 86.94 45.96
N ILE D 2144 -27.92 87.84 46.94
CA ILE D 2144 -29.14 88.06 47.71
C ILE D 2144 -29.27 89.54 48.05
N SER D 2145 -30.43 89.91 48.59
CA SER D 2145 -30.76 91.28 48.90
C SER D 2145 -29.97 91.77 50.11
N PRO D 2146 -29.91 93.09 50.34
CA PRO D 2146 -29.44 93.57 51.65
C PRO D 2146 -30.34 93.20 52.81
N SER D 2147 -31.65 93.08 52.56
CA SER D 2147 -32.60 93.01 53.65
C SER D 2147 -32.55 91.67 54.36
N SER D 2148 -32.36 90.58 53.62
CA SER D 2148 -32.51 89.24 54.14
C SER D 2148 -31.20 88.65 54.67
N VAL D 2149 -30.19 89.47 54.92
CA VAL D 2149 -28.92 88.95 55.43
C VAL D 2149 -29.08 88.42 56.86
N GLU D 2150 -29.95 89.02 57.65
CA GLU D 2150 -30.10 88.62 59.05
C GLU D 2150 -30.63 87.20 59.19
N ASP D 2151 -31.62 86.83 58.38
CA ASP D 2151 -32.19 85.49 58.46
C ASP D 2151 -31.20 84.43 57.99
N THR D 2152 -30.31 84.81 57.08
CA THR D 2152 -29.29 83.87 56.62
C THR D 2152 -28.32 83.48 57.72
N MET D 2153 -28.16 84.31 58.75
CA MET D 2153 -27.33 83.91 59.89
C MET D 2153 -27.95 82.73 60.62
N SER D 2154 -29.27 82.76 60.83
CA SER D 2154 -29.97 81.63 61.43
C SER D 2154 -29.81 80.39 60.58
N LEU D 2155 -29.99 80.55 59.26
CA LEU D 2155 -29.87 79.42 58.33
C LEU D 2155 -28.46 78.86 58.33
N LEU D 2156 -27.46 79.71 58.16
CA LEU D 2156 -26.10 79.25 57.99
C LEU D 2156 -25.54 78.67 59.27
N GLU D 2157 -25.84 79.29 60.41
CA GLU D 2157 -25.33 78.76 61.67
C GLU D 2157 -25.99 77.44 62.02
N CYS D 2158 -27.28 77.28 61.69
CA CYS D 2158 -27.92 75.99 61.86
C CYS D 2158 -27.30 74.94 60.93
N LEU D 2159 -26.94 75.35 59.72
CA LEU D 2159 -26.29 74.44 58.80
C LEU D 2159 -24.91 74.03 59.29
N GLY D 2160 -24.20 74.97 59.91
CA GLY D 2160 -22.92 74.64 60.50
C GLY D 2160 -23.06 73.67 61.64
N GLN D 2161 -24.12 73.80 62.43
CA GLN D 2161 -24.43 72.80 63.45
C GLN D 2161 -24.65 71.43 62.82
N ILE D 2162 -25.38 71.39 61.72
CA ILE D 2162 -25.68 70.11 61.07
C ILE D 2162 -24.41 69.47 60.54
N ARG D 2163 -23.58 70.26 59.86
CA ARG D 2163 -22.35 69.73 59.27
C ARG D 2163 -21.37 69.28 60.36
N SER D 2164 -21.31 70.03 61.46
CA SER D 2164 -20.44 69.63 62.56
C SER D 2164 -20.93 68.34 63.20
N LEU D 2165 -22.24 68.20 63.38
CA LEU D 2165 -22.79 67.00 63.98
C LEU D 2165 -22.79 65.80 63.03
N LEU D 2166 -22.50 66.01 61.74
CA LEU D 2166 -22.46 64.89 60.80
C LEU D 2166 -21.38 63.87 61.16
N ILE D 2167 -20.22 64.36 61.58
CA ILE D 2167 -19.05 63.48 61.72
C ILE D 2167 -19.14 62.61 62.97
N VAL D 2168 -19.85 63.04 64.01
CA VAL D 2168 -19.82 62.36 65.29
C VAL D 2168 -20.71 61.12 65.24
N GLN D 2169 -20.29 60.07 65.94
CA GLN D 2169 -21.13 58.89 66.06
C GLN D 2169 -22.40 59.23 66.82
N MET D 2170 -23.50 58.60 66.40
CA MET D 2170 -24.82 59.03 66.83
C MET D 2170 -25.06 58.62 68.28
N GLY D 2171 -25.87 59.44 68.96
CA GLY D 2171 -26.23 59.20 70.34
C GLY D 2171 -27.48 59.97 70.72
N PRO D 2172 -28.02 59.73 71.93
CA PRO D 2172 -29.31 60.35 72.28
C PRO D 2172 -29.28 61.87 72.39
N GLN D 2173 -28.18 62.47 72.83
CA GLN D 2173 -28.15 63.90 73.11
C GLN D 2173 -28.21 64.70 71.82
N GLU D 2174 -27.37 64.32 70.85
CA GLU D 2174 -27.34 65.02 69.57
C GLU D 2174 -28.62 64.84 68.77
N GLU D 2175 -29.42 63.81 69.05
CA GLU D 2175 -30.70 63.64 68.37
C GLU D 2175 -31.63 64.80 68.66
N ASN D 2176 -31.82 65.09 69.96
CA ASN D 2176 -32.62 66.22 70.38
C ASN D 2176 -32.02 67.52 69.90
N LEU D 2177 -30.69 67.61 69.90
CA LEU D 2177 -30.08 68.84 69.39
C LEU D 2177 -30.28 69.00 67.88
N MET D 2178 -30.23 67.90 67.13
CA MET D 2178 -30.29 67.96 65.68
C MET D 2178 -31.67 68.38 65.19
N ILE D 2179 -32.71 67.94 65.92
CA ILE D 2179 -34.06 68.35 65.56
C ILE D 2179 -34.24 69.87 65.67
N GLN D 2180 -33.49 70.55 66.55
CA GLN D 2180 -33.64 72.00 66.67
C GLN D 2180 -33.14 72.70 65.42
N SER D 2181 -32.01 72.25 64.87
CA SER D 2181 -31.50 72.82 63.64
C SER D 2181 -32.46 72.57 62.49
N ILE D 2182 -32.98 71.35 62.39
CA ILE D 2182 -33.92 71.03 61.32
C ILE D 2182 -35.20 71.85 61.46
N GLY D 2183 -35.66 72.03 62.69
CA GLY D 2183 -36.89 72.78 62.91
C GLY D 2183 -36.75 74.24 62.57
N ASN D 2184 -35.63 74.86 62.96
CA ASN D 2184 -35.45 76.27 62.65
C ASN D 2184 -35.26 76.50 61.16
N ILE D 2185 -34.46 75.65 60.50
CA ILE D 2185 -34.21 75.88 59.08
C ILE D 2185 -35.45 75.58 58.26
N MET D 2186 -36.23 74.57 58.66
CA MET D 2186 -37.44 74.23 57.91
C MET D 2186 -38.48 75.35 58.00
N ASN D 2187 -38.66 75.92 59.19
CA ASN D 2187 -39.62 76.98 59.46
C ASN D 2187 -38.96 78.33 59.57
N ASN D 2188 -37.89 78.57 58.81
CA ASN D 2188 -37.18 79.83 58.92
C ASN D 2188 -37.99 80.95 58.31
N LYS D 2189 -38.16 80.89 56.99
CA LYS D 2189 -38.77 81.85 56.06
C LYS D 2189 -37.97 81.79 54.78
N VAL D 2190 -36.65 81.93 54.92
CA VAL D 2190 -35.76 82.02 53.77
C VAL D 2190 -35.73 80.71 53.01
N PHE D 2191 -36.00 79.58 53.66
CA PHE D 2191 -36.08 78.31 52.95
C PHE D 2191 -37.24 78.28 51.97
N TYR D 2192 -38.30 79.05 52.23
CA TYR D 2192 -39.40 79.14 51.27
C TYR D 2192 -38.93 79.76 49.96
N GLN D 2193 -38.11 80.80 50.05
CA GLN D 2193 -37.65 81.56 48.92
C GLN D 2193 -36.29 81.04 48.43
N HIS D 2194 -35.96 81.39 47.20
CA HIS D 2194 -34.67 81.12 46.58
C HIS D 2194 -34.30 79.64 46.57
N PRO D 2195 -35.04 78.77 45.89
CA PRO D 2195 -34.67 77.35 45.89
C PRO D 2195 -33.39 77.05 45.13
N ASN D 2196 -32.92 77.96 44.28
CA ASN D 2196 -31.63 77.77 43.62
C ASN D 2196 -30.50 77.75 44.63
N LEU D 2197 -30.57 78.62 45.64
CA LEU D 2197 -29.60 78.59 46.72
C LEU D 2197 -29.69 77.29 47.49
N MET D 2198 -30.90 76.78 47.70
CA MET D 2198 -31.04 75.54 48.44
C MET D 2198 -30.52 74.36 47.63
N ARG D 2199 -30.68 74.39 46.31
CA ARG D 2199 -30.06 73.38 45.47
C ARG D 2199 -28.55 73.47 45.52
N ALA D 2200 -28.03 74.69 45.65
CA ALA D 2200 -26.62 74.84 46.00
C ALA D 2200 -26.42 74.42 47.45
N LEU D 2201 -25.15 74.31 47.84
CA LEU D 2201 -24.63 73.96 49.17
C LEU D 2201 -24.78 72.47 49.52
N GLY D 2202 -25.46 71.67 48.70
CA GLY D 2202 -25.59 70.25 48.97
C GLY D 2202 -26.35 69.94 50.24
N MET D 2203 -27.31 70.77 50.62
CA MET D 2203 -28.02 70.55 51.87
C MET D 2203 -28.94 69.34 51.79
N HIS D 2204 -29.56 69.11 50.63
CA HIS D 2204 -30.38 67.92 50.48
C HIS D 2204 -29.52 66.66 50.53
N GLU D 2205 -28.33 66.71 49.94
CA GLU D 2205 -27.37 65.61 50.08
C GLU D 2205 -26.95 65.44 51.53
N THR D 2206 -26.81 66.54 52.26
CA THR D 2206 -26.38 66.47 53.66
C THR D 2206 -27.42 65.78 54.53
N VAL D 2207 -28.69 66.16 54.34
CA VAL D 2207 -29.77 65.52 55.07
C VAL D 2207 -29.86 64.05 54.71
N MET D 2208 -29.65 63.74 53.42
CA MET D 2208 -29.62 62.35 53.00
C MET D 2208 -28.45 61.60 53.63
N GLU D 2209 -27.32 62.28 53.78
CA GLU D 2209 -26.13 61.67 54.35
C GLU D 2209 -26.35 61.29 55.81
N VAL D 2210 -27.00 62.17 56.58
CA VAL D 2210 -27.30 61.79 57.96
C VAL D 2210 -28.33 60.68 58.00
N MET D 2211 -29.28 60.67 57.06
CA MET D 2211 -30.33 59.66 57.10
C MET D 2211 -29.79 58.26 56.81
N VAL D 2212 -28.84 58.16 55.86
CA VAL D 2212 -28.34 56.84 55.49
C VAL D 2212 -27.55 56.20 56.63
N ASN D 2213 -26.91 57.02 57.48
CA ASN D 2213 -26.11 56.49 58.57
C ASN D 2213 -26.99 55.77 59.59
N VAL D 2214 -28.07 56.40 60.02
CA VAL D 2214 -28.98 55.75 60.95
C VAL D 2214 -29.69 54.60 60.27
N LEU D 2215 -30.05 54.75 59.00
CA LEU D 2215 -30.66 53.63 58.29
C LEU D 2215 -29.66 52.52 58.00
N GLY D 2216 -28.37 52.86 57.88
CA GLY D 2216 -27.38 51.86 57.57
C GLY D 2216 -27.18 50.86 58.70
N GLY D 2217 -26.59 49.72 58.33
CA GLY D 2217 -26.33 48.61 59.23
C GLY D 2217 -26.76 47.28 58.63
N GLY D 2218 -27.88 47.29 57.90
CA GLY D 2218 -28.38 46.12 57.19
C GLY D 2218 -29.36 45.28 57.98
N GLU D 2219 -29.10 45.09 59.27
CA GLU D 2219 -29.99 44.27 60.09
C GLU D 2219 -31.33 44.97 60.29
N THR D 2220 -32.36 44.16 60.54
CA THR D 2220 -33.68 44.70 60.83
C THR D 2220 -33.71 45.49 62.13
N LYS D 2221 -32.83 45.15 63.08
CA LYS D 2221 -32.70 45.87 64.35
C LYS D 2221 -31.72 47.04 64.27
N GLU D 2222 -31.48 47.61 63.08
CA GLU D 2222 -30.67 48.80 62.88
C GLU D 2222 -31.50 50.08 62.89
N ILE D 2223 -32.62 50.08 63.63
CA ILE D 2223 -33.58 51.20 63.66
C ILE D 2223 -33.39 52.01 64.94
N ARG D 2224 -32.17 52.02 65.49
CA ARG D 2224 -31.90 52.77 66.69
C ARG D 2224 -32.06 54.26 66.42
N PHE D 2225 -32.63 54.96 67.39
CA PHE D 2225 -33.04 56.35 67.26
C PHE D 2225 -34.03 56.50 66.10
N PRO D 2226 -35.26 55.93 66.20
CA PRO D 2226 -36.21 55.97 65.09
C PRO D 2226 -37.10 57.22 65.11
N LYS D 2227 -36.47 58.39 65.24
CA LYS D 2227 -37.13 59.69 65.15
C LYS D 2227 -36.45 60.57 64.12
N MET D 2228 -35.14 60.40 63.92
CA MET D 2228 -34.44 61.15 62.88
C MET D 2228 -34.94 60.81 61.49
N VAL D 2229 -35.39 59.57 61.29
CA VAL D 2229 -35.93 59.19 59.99
C VAL D 2229 -37.20 59.99 59.69
N THR D 2230 -38.05 60.19 60.72
CA THR D 2230 -39.28 60.94 60.52
C THR D 2230 -39.00 62.41 60.23
N SER D 2231 -38.07 63.00 60.98
CA SER D 2231 -37.75 64.41 60.78
C SER D 2231 -37.10 64.64 59.44
N CYS D 2232 -36.18 63.75 59.05
CA CYS D 2232 -35.50 63.86 57.77
C CYS D 2232 -36.48 63.73 56.62
N CYS D 2233 -37.38 62.74 56.70
CA CYS D 2233 -38.34 62.55 55.63
C CYS D 2233 -39.34 63.68 55.56
N ARG D 2234 -39.70 64.26 56.71
CA ARG D 2234 -40.60 65.40 56.73
C ARG D 2234 -39.97 66.59 56.03
N PHE D 2235 -38.70 66.86 56.32
CA PHE D 2235 -38.00 67.96 55.68
C PHE D 2235 -37.85 67.74 54.19
N LEU D 2236 -37.52 66.51 53.79
CA LEU D 2236 -37.36 66.23 52.37
C LEU D 2236 -38.67 66.32 51.61
N CYS D 2237 -39.76 65.87 52.24
CA CYS D 2237 -41.09 66.00 51.65
C CYS D 2237 -41.42 67.45 51.42
N TYR D 2238 -41.14 68.32 52.41
CA TYR D 2238 -41.43 69.73 52.21
C TYR D 2238 -40.49 70.34 51.19
N PHE D 2239 -39.26 69.83 51.07
CA PHE D 2239 -38.32 70.39 50.12
C PHE D 2239 -38.71 70.11 48.69
N CYS D 2240 -39.28 68.92 48.43
CA CYS D 2240 -39.69 68.60 47.06
C CYS D 2240 -40.79 69.52 46.56
N ARG D 2241 -41.70 69.92 47.43
CA ARG D 2241 -42.86 70.72 47.02
C ARG D 2241 -42.52 72.16 46.69
N ILE D 2242 -41.31 72.63 46.96
CA ILE D 2242 -41.00 74.04 46.77
C ILE D 2242 -40.92 74.37 45.29
N SER D 2243 -40.33 73.47 44.50
CA SER D 2243 -40.16 73.73 43.08
C SER D 2243 -39.90 72.40 42.36
N ARG D 2244 -40.06 72.45 41.04
CA ARG D 2244 -39.97 71.26 40.20
C ARG D 2244 -38.55 70.73 40.13
N GLN D 2245 -37.58 71.62 40.01
CA GLN D 2245 -36.19 71.21 39.85
C GLN D 2245 -35.65 70.55 41.12
N ASN D 2246 -36.23 70.86 42.27
CA ASN D 2246 -35.86 70.15 43.49
C ASN D 2246 -36.23 68.67 43.38
N GLN D 2247 -37.40 68.40 42.80
CA GLN D 2247 -37.77 67.02 42.56
C GLN D 2247 -36.85 66.37 41.54
N ARG D 2248 -36.37 67.15 40.56
CA ARG D 2248 -35.38 66.59 39.65
C ARG D 2248 -34.09 66.22 40.38
N SER D 2249 -33.67 67.07 41.31
CA SER D 2249 -32.46 66.75 42.07
C SER D 2249 -32.68 65.52 42.95
N MET D 2250 -33.86 65.39 43.55
CA MET D 2250 -34.15 64.26 44.42
C MET D 2250 -34.41 62.96 43.66
N PHE D 2251 -34.72 63.03 42.37
CA PHE D 2251 -35.04 61.83 41.61
C PHE D 2251 -33.87 60.87 41.48
N ASP D 2252 -32.63 61.37 41.58
CA ASP D 2252 -31.46 60.53 41.36
C ASP D 2252 -31.31 59.46 42.44
N HIS D 2253 -31.77 59.71 43.67
CA HIS D 2253 -31.65 58.77 44.78
C HIS D 2253 -32.83 57.80 44.89
N LEU D 2254 -33.77 57.86 43.94
CA LEU D 2254 -35.05 57.21 44.11
C LEU D 2254 -34.94 55.70 44.13
N SER D 2255 -33.96 55.14 43.42
CA SER D 2255 -33.73 53.71 43.49
C SER D 2255 -33.28 53.29 44.87
N TYR D 2256 -32.47 54.12 45.53
CA TYR D 2256 -31.96 53.75 46.84
C TYR D 2256 -33.07 53.81 47.90
N LEU D 2257 -33.95 54.81 47.79
CA LEU D 2257 -34.95 54.99 48.86
C LEU D 2257 -35.93 53.83 48.94
N LEU D 2258 -36.40 53.34 47.79
CA LEU D 2258 -37.32 52.21 47.82
C LEU D 2258 -36.66 50.91 48.25
N GLU D 2259 -35.32 50.82 48.18
CA GLU D 2259 -34.64 49.62 48.67
C GLU D 2259 -34.86 49.45 50.17
N ASN D 2260 -34.82 50.55 50.92
CA ASN D 2260 -35.08 50.56 52.35
C ASN D 2260 -36.54 50.82 52.70
N SER D 2261 -37.45 50.66 51.75
CA SER D 2261 -38.86 50.92 52.03
C SER D 2261 -39.47 49.91 52.99
N GLY D 2262 -38.87 48.73 53.15
CA GLY D 2262 -39.34 47.79 54.13
C GLY D 2262 -39.05 48.29 55.53
N ILE D 2263 -40.11 48.69 56.25
CA ILE D 2263 -40.02 49.27 57.58
C ILE D 2263 -41.10 48.65 58.46
N GLY D 2264 -41.27 49.17 59.67
CA GLY D 2264 -42.30 48.69 60.58
C GLY D 2264 -43.72 48.82 60.05
N LEU D 2265 -43.95 49.76 59.13
CA LEU D 2265 -45.23 49.90 58.42
C LEU D 2265 -46.38 50.20 59.40
N GLY D 2266 -46.32 51.41 59.95
CA GLY D 2266 -47.28 51.84 60.95
C GLY D 2266 -46.78 52.85 61.97
N MET D 2267 -45.50 53.18 61.98
CA MET D 2267 -45.06 54.32 62.77
C MET D 2267 -45.68 55.60 62.22
N GLN D 2268 -45.98 56.53 63.11
CA GLN D 2268 -46.58 57.78 62.71
C GLN D 2268 -45.57 58.66 61.98
N GLY D 2269 -46.10 59.65 61.28
CA GLY D 2269 -45.26 60.59 60.57
C GLY D 2269 -44.78 60.04 59.24
N SER D 2270 -43.91 60.83 58.61
CA SER D 2270 -43.39 60.47 57.29
C SER D 2270 -42.47 59.26 57.37
N THR D 2271 -42.21 58.69 56.20
CA THR D 2271 -41.41 57.49 56.02
C THR D 2271 -40.61 57.63 54.73
N PRO D 2272 -39.60 56.78 54.47
CA PRO D 2272 -38.87 56.88 53.19
C PRO D 2272 -39.74 56.68 51.96
N LEU D 2273 -40.72 55.79 52.06
CA LEU D 2273 -41.59 55.51 50.93
C LEU D 2273 -42.46 56.72 50.59
N ASP D 2274 -42.89 57.45 51.61
CA ASP D 2274 -43.73 58.62 51.39
C ASP D 2274 -43.00 59.70 50.63
N VAL D 2275 -41.74 59.97 51.00
CA VAL D 2275 -40.97 60.98 50.28
C VAL D 2275 -40.67 60.52 48.87
N ALA D 2276 -40.46 59.21 48.69
CA ALA D 2276 -40.23 58.67 47.36
C ALA D 2276 -41.45 58.90 46.46
N ALA D 2277 -42.65 58.73 47.02
CA ALA D 2277 -43.84 59.07 46.25
C ALA D 2277 -43.94 60.57 46.02
N ALA D 2278 -43.56 61.37 47.02
CA ALA D 2278 -43.70 62.82 46.92
C ALA D 2278 -42.80 63.42 45.85
N SER D 2279 -41.70 62.75 45.50
CA SER D 2279 -40.80 63.30 44.49
C SER D 2279 -41.47 63.41 43.11
N VAL D 2280 -42.21 62.39 42.70
CA VAL D 2280 -42.71 62.22 41.33
C VAL D 2280 -44.21 62.50 41.24
N ILE D 2281 -44.72 63.35 42.13
CA ILE D 2281 -46.17 63.47 42.27
C ILE D 2281 -46.80 64.19 41.08
N ASP D 2282 -46.17 65.27 40.60
CA ASP D 2282 -46.78 66.20 39.64
C ASP D 2282 -45.75 66.68 38.63
N ASN D 2283 -44.92 65.76 38.14
CA ASN D 2283 -43.82 66.11 37.24
C ASN D 2283 -44.21 65.98 35.77
N ASN D 2284 -44.72 64.82 35.37
CA ASN D 2284 -45.14 64.45 34.02
C ASN D 2284 -43.98 64.18 33.07
N GLU D 2285 -42.73 64.22 33.54
CA GLU D 2285 -41.54 63.73 32.83
C GLU D 2285 -40.73 62.77 33.67
N LEU D 2286 -40.63 63.01 34.97
CA LEU D 2286 -39.99 62.05 35.86
C LEU D 2286 -40.77 60.76 35.94
N ALA D 2287 -42.09 60.83 35.78
CA ALA D 2287 -42.91 59.63 35.73
C ALA D 2287 -42.52 58.75 34.55
N LEU D 2288 -42.25 59.38 33.40
CA LEU D 2288 -41.75 58.63 32.26
C LEU D 2288 -40.37 58.06 32.52
N ALA D 2289 -39.56 58.74 33.33
CA ALA D 2289 -38.19 58.34 33.56
C ALA D 2289 -38.04 57.13 34.49
N LEU D 2290 -39.13 56.64 35.08
CA LEU D 2290 -39.02 55.51 35.99
C LEU D 2290 -38.62 54.25 35.23
N GLN D 2291 -37.69 53.52 35.81
CA GLN D 2291 -37.20 52.26 35.25
C GLN D 2291 -38.04 51.11 35.77
N GLU D 2292 -38.02 50.01 35.02
CA GLU D 2292 -38.81 48.83 35.37
C GLU D 2292 -38.32 48.19 36.68
N GLN D 2293 -37.01 48.28 36.94
CA GLN D 2293 -36.43 47.73 38.15
C GLN D 2293 -37.00 48.38 39.41
N ASP D 2294 -37.37 49.66 39.31
CA ASP D 2294 -37.99 50.32 40.46
C ASP D 2294 -39.37 49.76 40.73
N LEU D 2295 -40.16 49.52 39.67
CA LEU D 2295 -41.54 49.12 39.87
C LEU D 2295 -41.65 47.68 40.34
N GLU D 2296 -40.77 46.80 39.85
CA GLU D 2296 -40.85 45.41 40.29
C GLU D 2296 -40.47 45.23 41.77
N LYS D 2297 -39.72 46.15 42.35
CA LYS D 2297 -39.25 45.98 43.72
C LYS D 2297 -40.39 46.16 44.72
N VAL D 2298 -41.21 47.20 44.53
CA VAL D 2298 -42.27 47.50 45.48
C VAL D 2298 -43.34 46.43 45.45
N VAL D 2299 -43.66 45.92 44.27
CA VAL D 2299 -44.67 44.86 44.18
C VAL D 2299 -44.08 43.54 44.68
N SER D 2300 -42.76 43.36 44.59
CA SER D 2300 -42.15 42.20 45.23
C SER D 2300 -42.32 42.26 46.74
N TYR D 2301 -42.21 43.46 47.31
CA TYR D 2301 -42.56 43.59 48.73
C TYR D 2301 -44.04 43.36 48.98
N LEU D 2302 -44.89 43.77 48.04
CA LEU D 2302 -46.33 43.56 48.20
C LEU D 2302 -46.70 42.08 48.22
N ALA D 2303 -45.89 41.23 47.58
CA ALA D 2303 -46.16 39.79 47.62
C ALA D 2303 -46.13 39.24 49.04
N GLY D 2304 -45.17 39.70 49.85
CA GLY D 2304 -45.08 39.22 51.22
C GLY D 2304 -46.18 39.71 52.15
N CYS D 2305 -46.90 40.76 51.77
CA CYS D 2305 -47.95 41.31 52.62
C CYS D 2305 -49.09 40.31 52.82
N GLY D 2306 -49.46 39.60 51.75
CA GLY D 2306 -50.50 38.59 51.88
C GLY D 2306 -50.09 37.42 52.76
N LEU D 2307 -48.81 37.05 52.72
CA LEU D 2307 -48.33 35.91 53.49
C LEU D 2307 -48.11 36.30 54.96
N GLN D 2308 -47.28 37.31 55.19
CA GLN D 2308 -46.91 37.68 56.55
C GLN D 2308 -48.09 38.35 57.26
N SER D 2309 -48.04 38.29 58.60
CA SER D 2309 -49.13 38.68 59.48
C SER D 2309 -48.89 40.02 60.20
N CYS D 2310 -47.90 40.83 59.76
CA CYS D 2310 -47.58 42.11 60.37
C CYS D 2310 -47.20 41.96 61.85
N PRO D 2311 -46.01 41.42 62.17
CA PRO D 2311 -45.69 41.08 63.58
C PRO D 2311 -45.66 42.25 64.58
N MET D 2312 -45.57 43.50 64.11
CA MET D 2312 -45.66 44.63 65.03
C MET D 2312 -47.01 44.68 65.72
N LEU D 2313 -48.09 44.44 64.98
CA LEU D 2313 -49.41 44.37 65.59
C LEU D 2313 -49.60 43.09 66.38
N LEU D 2314 -48.82 42.04 66.12
CA LEU D 2314 -48.86 40.87 66.98
C LEU D 2314 -48.34 41.22 68.37
N ALA D 2315 -47.25 42.00 68.43
CA ALA D 2315 -46.83 42.50 69.73
C ALA D 2315 -47.83 43.52 70.29
N LYS D 2316 -48.55 44.23 69.42
CA LYS D 2316 -49.55 45.17 69.92
C LYS D 2316 -50.67 44.45 70.68
N GLY D 2317 -51.13 43.31 70.16
CA GLY D 2317 -52.22 42.56 70.77
C GLY D 2317 -53.16 41.88 69.79
N TYR D 2318 -53.11 42.24 68.52
CA TYR D 2318 -54.02 41.66 67.54
C TYR D 2318 -53.64 40.20 67.29
N PRO D 2319 -54.59 39.24 67.38
CA PRO D 2319 -54.19 37.84 67.54
C PRO D 2319 -53.54 37.20 66.31
N ASP D 2320 -54.23 37.20 65.18
CA ASP D 2320 -53.72 36.54 63.99
C ASP D 2320 -54.54 36.88 62.76
N ILE D 2321 -53.90 37.38 61.72
CA ILE D 2321 -54.47 37.54 60.39
C ILE D 2321 -53.41 37.15 59.37
N GLY D 2322 -53.81 36.40 58.36
CA GLY D 2322 -52.86 35.95 57.36
C GLY D 2322 -52.27 37.08 56.54
N TRP D 2323 -53.09 38.07 56.20
CA TRP D 2323 -52.69 39.14 55.29
C TRP D 2323 -52.05 40.29 56.07
N ASN D 2324 -51.61 41.30 55.33
CA ASN D 2324 -51.08 42.55 55.87
C ASN D 2324 -51.68 43.71 55.09
N PRO D 2325 -52.95 44.05 55.33
CA PRO D 2325 -53.55 45.19 54.62
C PRO D 2325 -52.88 46.53 54.90
N CYS D 2326 -52.41 46.73 56.13
CA CYS D 2326 -51.78 48.00 56.50
C CYS D 2326 -50.49 48.22 55.72
N GLY D 2327 -49.66 47.18 55.61
CA GLY D 2327 -48.44 47.31 54.84
C GLY D 2327 -48.72 47.48 53.36
N GLY D 2328 -49.73 46.78 52.86
CA GLY D 2328 -50.06 46.87 51.45
C GLY D 2328 -50.57 48.23 51.03
N GLU D 2329 -51.30 48.92 51.91
CA GLU D 2329 -51.95 50.17 51.53
C GLU D 2329 -50.92 51.26 51.19
N ARG D 2330 -49.83 51.33 51.94
CA ARG D 2330 -48.82 52.35 51.70
C ARG D 2330 -48.11 52.13 50.36
N TYR D 2331 -47.78 50.87 50.07
CA TYR D 2331 -47.15 50.53 48.81
C TYR D 2331 -48.08 50.81 47.64
N LEU D 2332 -49.36 50.49 47.82
CA LEU D 2332 -50.34 50.77 46.77
C LEU D 2332 -50.55 52.27 46.60
N ASP D 2333 -50.39 53.06 47.67
CA ASP D 2333 -50.50 54.50 47.53
C ASP D 2333 -49.39 55.05 46.66
N PHE D 2334 -48.16 54.58 46.89
CA PHE D 2334 -47.06 55.01 46.04
C PHE D 2334 -47.27 54.55 44.60
N LEU D 2335 -47.79 53.33 44.42
CA LEU D 2335 -48.11 52.87 43.09
C LEU D 2335 -49.21 53.72 42.44
N ARG D 2336 -50.13 54.24 43.25
CA ARG D 2336 -51.15 55.14 42.74
C ARG D 2336 -50.52 56.40 42.17
N PHE D 2337 -49.58 57.00 42.91
CA PHE D 2337 -49.02 58.27 42.48
C PHE D 2337 -48.19 58.20 41.19
N ALA D 2338 -47.83 57.00 40.73
CA ALA D 2338 -47.11 56.87 39.48
C ALA D 2338 -47.94 57.29 38.27
N VAL D 2339 -49.25 57.06 38.30
CA VAL D 2339 -50.06 56.93 37.09
C VAL D 2339 -50.91 58.16 36.81
N PHE D 2340 -51.58 58.72 37.83
CA PHE D 2340 -52.54 59.81 37.60
C PHE D 2340 -51.88 61.19 37.60
N VAL D 2341 -50.83 61.31 36.81
CA VAL D 2341 -50.05 62.54 36.75
C VAL D 2341 -50.85 63.55 35.94
N ASN D 2342 -51.35 64.58 36.61
CA ASN D 2342 -52.09 65.67 35.98
C ASN D 2342 -53.38 65.18 35.33
N GLY D 2343 -54.07 64.26 36.00
CA GLY D 2343 -55.36 63.80 35.55
C GLY D 2343 -55.34 63.05 34.23
N GLU D 2344 -54.40 62.12 34.10
CA GLU D 2344 -54.24 61.30 32.90
C GLU D 2344 -53.92 59.89 33.37
N SER D 2345 -53.42 59.06 32.47
CA SER D 2345 -52.91 57.74 32.83
C SER D 2345 -51.82 57.39 31.84
N VAL D 2346 -50.57 57.42 32.29
CA VAL D 2346 -49.44 57.15 31.41
C VAL D 2346 -49.45 55.67 31.04
N GLU D 2347 -49.26 55.39 29.76
CA GLU D 2347 -49.45 54.04 29.26
C GLU D 2347 -48.30 53.13 29.63
N GLU D 2348 -47.07 53.64 29.59
CA GLU D 2348 -45.90 52.76 29.72
C GLU D 2348 -45.79 52.16 31.12
N ASN D 2349 -45.87 53.03 32.13
CA ASN D 2349 -45.79 52.57 33.51
C ASN D 2349 -47.01 51.73 33.86
N ALA D 2350 -48.18 52.12 33.33
CA ALA D 2350 -49.40 51.36 33.56
C ALA D 2350 -49.30 49.95 32.98
N ASN D 2351 -48.71 49.84 31.79
CA ASN D 2351 -48.53 48.55 31.14
C ASN D 2351 -47.64 47.65 31.98
N VAL D 2352 -46.50 48.19 32.43
CA VAL D 2352 -45.59 47.36 33.22
C VAL D 2352 -46.25 46.98 34.55
N VAL D 2353 -47.05 47.88 35.11
CA VAL D 2353 -47.72 47.61 36.37
C VAL D 2353 -48.73 46.49 36.21
N VAL D 2354 -49.51 46.51 35.12
CA VAL D 2354 -50.57 45.50 34.99
C VAL D 2354 -49.96 44.13 34.69
N ARG D 2355 -48.85 44.08 33.94
CA ARG D 2355 -48.17 42.80 33.77
C ARG D 2355 -47.64 42.27 35.10
N LEU D 2356 -47.01 43.13 35.90
CA LEU D 2356 -46.47 42.66 37.16
C LEU D 2356 -47.56 42.32 38.18
N LEU D 2357 -48.69 43.02 38.12
CA LEU D 2357 -49.77 42.83 39.08
C LEU D 2357 -50.51 41.51 38.91
N ILE D 2358 -50.34 40.82 37.79
CA ILE D 2358 -50.97 39.51 37.65
C ILE D 2358 -50.30 38.51 38.57
N ARG D 2359 -48.97 38.57 38.67
CA ARG D 2359 -48.22 37.52 39.34
C ARG D 2359 -48.17 37.72 40.85
N LYS D 2360 -47.59 38.83 41.32
CA LYS D 2360 -47.23 38.91 42.73
C LYS D 2360 -48.43 39.14 43.65
N PRO D 2361 -49.46 39.93 43.25
CA PRO D 2361 -50.76 39.86 43.95
C PRO D 2361 -51.61 38.62 43.73
N GLU D 2362 -51.04 37.50 43.26
CA GLU D 2362 -51.71 36.21 43.41
C GLU D 2362 -51.88 35.78 44.87
N CYS D 2363 -51.12 36.40 45.80
CA CYS D 2363 -51.37 36.29 47.23
C CYS D 2363 -52.58 37.18 47.59
N PHE D 2364 -52.77 37.42 48.89
CA PHE D 2364 -54.04 37.89 49.48
C PHE D 2364 -55.10 36.80 49.36
N GLY D 2365 -54.69 35.58 49.69
CA GLY D 2365 -55.60 34.47 49.86
C GLY D 2365 -56.23 34.02 48.57
N PRO D 2366 -57.10 33.01 48.65
CA PRO D 2366 -57.83 32.56 47.45
C PRO D 2366 -59.06 33.39 47.11
N ALA D 2367 -59.28 34.52 47.79
CA ALA D 2367 -60.48 35.31 47.53
C ALA D 2367 -60.42 35.97 46.16
N LEU D 2368 -59.44 36.86 45.96
CA LEU D 2368 -59.22 37.53 44.69
C LEU D 2368 -58.33 36.75 43.74
N ARG D 2369 -57.62 35.73 44.23
CA ARG D 2369 -56.83 34.89 43.36
C ARG D 2369 -57.71 34.11 42.38
N GLY D 2370 -58.94 33.78 42.79
CA GLY D 2370 -59.84 32.97 41.99
C GLY D 2370 -59.85 31.50 42.35
N GLU D 2371 -58.83 31.02 43.08
CA GLU D 2371 -58.84 29.65 43.56
C GLU D 2371 -59.96 29.38 44.56
N GLY D 2372 -60.47 30.41 45.23
CA GLY D 2372 -61.56 30.31 46.18
C GLY D 2372 -62.88 30.69 45.54
N GLY D 2373 -63.29 31.94 45.75
CA GLY D 2373 -64.55 32.43 45.25
C GLY D 2373 -65.24 33.47 46.12
N SER D 2374 -64.72 33.71 47.32
CA SER D 2374 -65.24 34.80 48.16
C SER D 2374 -64.93 36.11 47.46
N GLY D 2375 -65.93 36.71 46.87
CA GLY D 2375 -65.74 37.91 46.09
C GLY D 2375 -65.50 39.12 46.96
N LEU D 2376 -65.47 40.28 46.29
CA LEU D 2376 -65.30 41.54 46.99
C LEU D 2376 -66.47 41.81 47.91
N LEU D 2377 -67.69 41.48 47.46
CA LEU D 2377 -68.85 41.61 48.32
C LEU D 2377 -68.76 40.66 49.50
N ALA D 2378 -68.30 39.44 49.27
CA ALA D 2378 -68.15 38.48 50.36
C ALA D 2378 -67.12 38.94 51.37
N ALA D 2379 -65.97 39.41 50.89
CA ALA D 2379 -64.93 39.89 51.80
C ALA D 2379 -65.36 41.14 52.53
N ILE D 2380 -66.09 42.04 51.86
CA ILE D 2380 -66.53 43.28 52.50
C ILE D 2380 -67.61 42.97 53.54
N GLU D 2381 -68.50 42.03 53.24
CA GLU D 2381 -69.49 41.61 54.22
C GLU D 2381 -68.83 40.96 55.43
N GLU D 2382 -67.80 40.15 55.18
CA GLU D 2382 -67.02 39.56 56.26
C GLU D 2382 -66.34 40.65 57.08
N ALA D 2383 -65.81 41.67 56.42
CA ALA D 2383 -65.14 42.77 57.11
C ALA D 2383 -66.14 43.55 57.95
N ILE D 2384 -67.35 43.73 57.44
CA ILE D 2384 -68.40 44.40 58.22
C ILE D 2384 -68.77 43.55 59.42
N ARG D 2385 -68.79 42.23 59.25
CA ARG D 2385 -69.07 41.33 60.37
C ARG D 2385 -68.01 41.46 61.45
N ILE D 2386 -66.74 41.55 61.05
CA ILE D 2386 -65.67 41.79 62.03
C ILE D 2386 -65.78 43.21 62.61
N SER D 2387 -66.25 44.17 61.81
CA SER D 2387 -66.30 45.56 62.26
C SER D 2387 -67.31 45.74 63.39
N GLU D 2388 -68.50 45.18 63.21
CA GLU D 2388 -69.49 45.26 64.29
C GLU D 2388 -69.13 44.36 65.47
N ASP D 2389 -68.38 43.26 65.23
CA ASP D 2389 -67.97 42.31 66.27
C ASP D 2389 -66.52 42.54 66.68
N PRO D 2390 -66.23 43.34 67.70
CA PRO D 2390 -64.83 43.49 68.12
C PRO D 2390 -64.21 42.25 68.77
N ALA D 2391 -65.00 41.23 69.09
CA ALA D 2391 -64.45 40.04 69.73
C ALA D 2391 -63.53 39.27 68.81
N ARG D 2392 -63.90 39.15 67.54
CA ARG D 2392 -63.09 38.37 66.59
C ARG D 2392 -61.74 39.04 66.35
N ASP D 2393 -61.74 40.33 66.04
CA ASP D 2393 -60.50 41.08 65.96
C ASP D 2393 -59.95 41.34 67.37
N GLY D 2394 -58.72 41.83 67.42
CA GLY D 2394 -58.08 42.10 68.69
C GLY D 2394 -58.60 43.36 69.34
N PRO D 2395 -58.06 43.67 70.53
CA PRO D 2395 -58.50 44.87 71.24
C PRO D 2395 -57.89 46.15 70.67
N ARG D 2415 -56.91 52.93 67.19
CA ARG D 2415 -56.54 53.45 65.87
C ARG D 2415 -56.87 52.44 64.78
N VAL D 2416 -56.10 51.36 64.73
CA VAL D 2416 -56.22 50.38 63.67
C VAL D 2416 -57.33 49.38 64.01
N HIS D 2417 -58.13 49.05 63.00
CA HIS D 2417 -59.14 47.99 63.07
C HIS D 2417 -58.98 47.13 61.83
N LEU D 2418 -59.00 45.80 62.02
CA LEU D 2418 -58.76 44.89 60.91
C LEU D 2418 -59.88 44.97 59.85
N GLY D 2419 -61.12 45.12 60.28
CA GLY D 2419 -62.22 45.25 59.32
C GLY D 2419 -62.10 46.51 58.48
N HIS D 2420 -61.85 47.64 59.13
CA HIS D 2420 -61.62 48.87 58.41
C HIS D 2420 -60.36 48.79 57.56
N ALA D 2421 -59.36 48.05 58.03
CA ALA D 2421 -58.14 47.87 57.25
C ALA D 2421 -58.40 47.12 55.95
N ILE D 2422 -59.22 46.07 56.02
CA ILE D 2422 -59.52 45.29 54.81
C ILE D 2422 -60.36 46.13 53.84
N MET D 2423 -61.29 46.93 54.39
CA MET D 2423 -62.09 47.85 53.58
C MET D 2423 -61.18 48.83 52.85
N SER D 2424 -60.25 49.44 53.58
CA SER D 2424 -59.36 50.43 52.99
C SER D 2424 -58.42 49.81 51.97
N PHE D 2425 -57.96 48.57 52.24
CA PHE D 2425 -57.02 47.92 51.33
C PHE D 2425 -57.66 47.63 49.99
N TYR D 2426 -58.86 47.02 49.99
CA TYR D 2426 -59.49 46.71 48.72
C TYR D 2426 -59.95 47.97 47.99
N ALA D 2427 -60.38 49.00 48.73
CA ALA D 2427 -60.73 50.26 48.08
C ALA D 2427 -59.52 50.92 47.43
N ALA D 2428 -58.35 50.85 48.05
CA ALA D 2428 -57.16 51.40 47.41
C ALA D 2428 -56.73 50.56 46.21
N LEU D 2429 -56.91 49.24 46.30
CA LEU D 2429 -56.52 48.37 45.20
C LEU D 2429 -57.34 48.64 43.96
N ILE D 2430 -58.66 48.77 44.12
CA ILE D 2430 -59.47 49.11 42.95
C ILE D 2430 -59.21 50.54 42.52
N ASP D 2431 -58.76 51.42 43.44
CA ASP D 2431 -58.39 52.77 42.99
C ASP D 2431 -57.24 52.71 41.98
N LEU D 2432 -56.22 51.90 42.27
CA LEU D 2432 -55.14 51.71 41.30
C LEU D 2432 -55.65 51.07 40.02
N LEU D 2433 -56.43 50.00 40.15
CA LEU D 2433 -56.83 49.24 38.97
C LEU D 2433 -57.76 50.04 38.07
N GLY D 2434 -58.67 50.80 38.66
CA GLY D 2434 -59.55 51.64 37.86
C GLY D 2434 -58.81 52.80 37.23
N ARG D 2435 -57.79 53.33 37.92
CA ARG D 2435 -57.14 54.52 37.41
C ARG D 2435 -56.33 54.22 36.16
N CYS D 2436 -55.70 53.05 36.08
CA CYS D 2436 -54.80 52.71 34.97
C CYS D 2436 -55.54 52.06 33.81
N ALA D 2437 -56.65 52.65 33.38
CA ALA D 2437 -57.30 52.25 32.15
C ALA D 2437 -56.57 52.83 30.96
N PRO D 2438 -56.71 52.25 29.76
CA PRO D 2438 -55.99 52.81 28.62
C PRO D 2438 -56.63 54.11 28.14
N GLU D 2439 -55.98 55.23 28.49
CA GLU D 2439 -56.40 56.58 28.13
C GLU D 2439 -57.82 56.81 28.65
N MET D 2440 -58.62 57.61 27.92
CA MET D 2440 -60.06 57.63 28.04
C MET D 2440 -60.73 57.07 26.79
N HIS D 2441 -60.47 57.68 25.62
CA HIS D 2441 -60.98 57.19 24.34
C HIS D 2441 -59.99 57.30 23.19
N LEU D 2442 -58.78 57.83 23.41
CA LEU D 2442 -57.87 58.07 22.29
C LEU D 2442 -57.37 56.77 21.69
N ILE D 2443 -56.62 56.00 22.48
CA ILE D 2443 -56.10 54.72 22.00
C ILE D 2443 -57.17 53.63 22.00
N GLN D 2444 -58.23 53.78 22.80
CA GLN D 2444 -59.28 52.78 22.83
C GLN D 2444 -59.99 52.66 21.48
N ALA D 2445 -60.09 53.76 20.75
CA ALA D 2445 -60.69 53.77 19.42
C ALA D 2445 -59.63 53.45 18.36
N GLY D 2446 -59.14 52.21 18.42
CA GLY D 2446 -58.39 51.59 17.34
C GLY D 2446 -57.17 50.76 17.72
N LYS D 2447 -56.43 51.15 18.76
CA LYS D 2447 -55.19 50.46 19.10
C LYS D 2447 -55.50 49.19 19.90
N GLY D 2448 -54.70 48.14 19.67
CA GLY D 2448 -54.96 46.84 20.28
C GLY D 2448 -54.58 46.70 21.73
N GLU D 2449 -53.58 47.47 22.17
CA GLU D 2449 -53.08 47.40 23.54
C GLU D 2449 -54.16 47.75 24.54
N ALA D 2450 -54.98 48.74 24.19
CA ALA D 2450 -56.07 49.16 25.05
C ALA D 2450 -57.09 48.05 25.22
N LEU D 2451 -57.41 47.35 24.13
CA LEU D 2451 -58.41 46.30 24.20
C LEU D 2451 -57.93 45.13 25.04
N ARG D 2452 -56.64 44.75 24.88
CA ARG D 2452 -56.10 43.66 25.68
C ARG D 2452 -56.10 44.00 27.16
N ILE D 2453 -55.68 45.23 27.49
CA ILE D 2453 -55.60 45.64 28.89
C ILE D 2453 -57.00 45.74 29.49
N ARG D 2454 -57.96 46.23 28.73
CA ARG D 2454 -59.31 46.37 29.27
C ARG D 2454 -59.97 45.01 29.46
N ALA D 2455 -59.70 44.06 28.58
CA ALA D 2455 -60.30 42.74 28.72
C ALA D 2455 -59.79 42.04 29.97
N ILE D 2456 -58.46 42.03 30.17
CA ILE D 2456 -57.91 41.43 31.37
C ILE D 2456 -58.36 42.20 32.61
N LEU D 2457 -58.55 43.51 32.48
CA LEU D 2457 -58.99 44.30 33.63
C LEU D 2457 -60.42 43.95 34.03
N ARG D 2458 -61.30 43.75 33.05
CA ARG D 2458 -62.68 43.43 33.40
C ARG D 2458 -62.82 42.01 33.94
N SER D 2459 -61.94 41.09 33.53
CA SER D 2459 -62.09 39.72 33.97
C SER D 2459 -61.90 39.55 35.47
N LEU D 2460 -60.92 40.23 36.06
CA LEU D 2460 -60.55 39.97 37.45
C LEU D 2460 -61.64 40.40 38.44
N VAL D 2461 -62.31 41.52 38.15
CA VAL D 2461 -63.34 42.11 39.00
C VAL D 2461 -64.58 42.27 38.13
N PRO D 2462 -65.32 41.20 37.84
CA PRO D 2462 -66.41 41.30 36.87
C PRO D 2462 -67.58 42.11 37.39
N LEU D 2463 -68.41 42.55 36.46
CA LEU D 2463 -69.61 43.30 36.78
C LEU D 2463 -70.59 42.43 37.56
N ASP D 2464 -71.63 43.08 38.08
CA ASP D 2464 -72.60 42.50 39.01
C ASP D 2464 -71.98 42.14 40.36
N ASP D 2465 -70.84 42.75 40.70
CA ASP D 2465 -70.27 42.76 42.04
C ASP D 2465 -70.05 44.18 42.55
N LEU D 2466 -69.69 45.11 41.66
CA LEU D 2466 -69.65 46.51 42.00
C LEU D 2466 -71.02 47.03 42.41
N VAL D 2467 -72.05 46.61 41.68
CA VAL D 2467 -73.40 47.11 41.93
C VAL D 2467 -73.91 46.64 43.29
N GLY D 2468 -73.55 45.42 43.68
CA GLY D 2468 -73.92 44.95 45.00
C GLY D 2468 -73.20 45.69 46.10
N ILE D 2469 -71.91 45.96 45.91
CA ILE D 2469 -71.10 46.59 46.95
C ILE D 2469 -71.50 48.05 47.12
N ILE D 2470 -71.68 48.77 46.01
CA ILE D 2470 -72.08 50.17 46.09
C ILE D 2470 -73.49 50.29 46.64
N SER D 2471 -74.36 49.31 46.35
CA SER D 2471 -75.73 49.34 46.86
C SER D 2471 -75.83 48.95 48.33
N LEU D 2472 -74.76 48.49 48.97
CA LEU D 2472 -74.85 48.07 50.35
C LEU D 2472 -75.08 49.28 51.25
N PRO D 2473 -75.68 49.09 52.43
CA PRO D 2473 -75.95 50.23 53.31
C PRO D 2473 -74.73 50.56 54.15
N LEU D 2474 -74.85 51.67 54.88
CA LEU D 2474 -73.83 52.10 55.83
C LEU D 2474 -74.54 52.80 56.98
N GLN D 2475 -73.97 52.65 58.18
CA GLN D 2475 -74.56 53.28 59.35
C GLN D 2475 -74.41 54.78 59.25
N ILE D 2476 -75.54 55.49 59.27
CA ILE D 2476 -75.62 56.93 59.07
C ILE D 2476 -76.21 57.53 60.34
N PRO D 2477 -75.41 57.83 61.37
CA PRO D 2477 -75.97 58.44 62.57
C PRO D 2477 -76.14 59.94 62.40
N THR D 2478 -76.77 60.55 63.39
CA THR D 2478 -76.96 62.00 63.41
C THR D 2478 -75.62 62.70 63.56
N GLN D 2487 -74.05 58.03 70.11
CA GLN D 2487 -74.86 58.16 68.90
C GLN D 2487 -73.99 58.11 67.63
N PRO D 2488 -73.01 59.01 67.44
CA PRO D 2488 -72.22 58.94 66.22
C PRO D 2488 -71.27 57.75 66.21
N LYS D 2489 -70.91 57.34 64.99
CA LYS D 2489 -69.94 56.29 64.73
C LYS D 2489 -68.70 56.90 64.10
N MET D 2490 -67.54 56.32 64.43
CA MET D 2490 -66.29 56.82 63.89
C MET D 2490 -66.21 56.52 62.39
N SER D 2491 -65.47 57.38 61.68
CA SER D 2491 -65.10 57.09 60.31
C SER D 2491 -64.04 56.01 60.18
N ALA D 2492 -63.39 55.60 61.27
CA ALA D 2492 -62.39 54.53 61.25
C ALA D 2492 -62.99 53.13 61.27
N SER D 2493 -64.30 52.98 61.08
CA SER D 2493 -64.95 51.69 60.86
C SER D 2493 -65.40 51.52 59.42
N PHE D 2494 -66.05 52.54 58.84
CA PHE D 2494 -66.40 52.56 57.43
C PHE D 2494 -66.33 53.99 56.94
N VAL D 2495 -66.14 54.13 55.62
CA VAL D 2495 -65.89 55.42 54.94
C VAL D 2495 -66.82 55.51 53.73
N PRO D 2496 -67.43 56.70 53.40
CA PRO D 2496 -68.21 56.80 52.15
C PRO D 2496 -67.38 57.15 50.93
N ASP D 2497 -66.27 57.86 51.16
CA ASP D 2497 -65.34 58.17 50.07
C ASP D 2497 -64.75 56.91 49.47
N HIS D 2498 -64.51 55.90 50.31
CA HIS D 2498 -63.99 54.65 49.78
C HIS D 2498 -65.07 53.85 49.06
N LYS D 2499 -66.34 54.12 49.33
CA LYS D 2499 -67.38 53.66 48.41
C LYS D 2499 -67.26 54.35 47.07
N ALA D 2500 -66.98 55.66 47.09
CA ALA D 2500 -66.80 56.37 45.82
C ALA D 2500 -65.55 55.93 45.07
N SER D 2501 -64.57 55.30 45.75
CA SER D 2501 -63.42 54.74 45.05
C SER D 2501 -63.84 53.65 44.06
N MET D 2502 -64.87 52.86 44.40
CA MET D 2502 -65.37 51.83 43.49
C MET D 2502 -65.94 52.43 42.21
N VAL D 2503 -66.53 53.63 42.29
CA VAL D 2503 -67.16 54.27 41.13
C VAL D 2503 -66.15 54.59 40.05
N LEU D 2504 -64.91 54.89 40.44
CA LEU D 2504 -63.87 55.27 39.49
C LEU D 2504 -63.54 54.12 38.55
N PHE D 2505 -63.69 52.88 39.00
CA PHE D 2505 -63.52 51.76 38.10
C PHE D 2505 -64.60 51.74 37.03
N LEU D 2506 -65.84 51.98 37.45
CA LEU D 2506 -66.97 51.87 36.53
C LEU D 2506 -66.94 52.96 35.47
N ASP D 2507 -66.47 54.16 35.85
CA ASP D 2507 -66.50 55.27 34.90
C ASP D 2507 -65.56 55.04 33.72
N ARG D 2508 -64.35 54.55 34.00
CA ARG D 2508 -63.29 54.45 32.99
C ARG D 2508 -63.32 53.12 32.24
N VAL D 2509 -63.64 52.03 32.94
CA VAL D 2509 -63.46 50.69 32.39
C VAL D 2509 -64.71 50.28 31.62
N TYR D 2510 -65.82 50.17 32.34
CA TYR D 2510 -67.01 49.53 31.76
C TYR D 2510 -67.80 50.50 30.90
N GLY D 2511 -68.14 51.66 31.44
CA GLY D 2511 -69.13 52.51 30.83
C GLY D 2511 -70.51 51.95 31.08
N ILE D 2512 -71.51 52.61 30.47
CA ILE D 2512 -72.91 52.25 30.66
C ILE D 2512 -73.67 52.60 29.38
N GLU D 2513 -74.49 51.66 28.89
CA GLU D 2513 -75.27 51.86 27.66
C GLU D 2513 -76.70 52.30 27.96
N ASN D 2514 -77.50 51.46 28.61
CA ASN D 2514 -78.88 51.78 28.98
C ASN D 2514 -79.24 51.41 30.41
N GLN D 2515 -78.99 50.15 30.77
CA GLN D 2515 -79.69 49.51 31.88
C GLN D 2515 -78.95 49.62 33.20
N ASP D 2516 -77.63 49.70 33.15
CA ASP D 2516 -76.87 49.93 34.37
C ASP D 2516 -77.21 51.27 34.98
N PHE D 2517 -77.49 52.28 34.14
CA PHE D 2517 -77.94 53.57 34.66
C PHE D 2517 -79.28 53.45 35.35
N LEU D 2518 -80.21 52.66 34.80
CA LEU D 2518 -81.52 52.51 35.40
C LEU D 2518 -81.44 51.78 36.74
N LEU D 2519 -80.65 50.71 36.79
CA LEU D 2519 -80.48 49.97 38.03
C LEU D 2519 -79.74 50.83 39.06
N HIS D 2520 -78.69 51.53 38.62
CA HIS D 2520 -77.89 52.32 39.54
C HIS D 2520 -78.63 53.56 40.00
N VAL D 2521 -79.43 54.20 39.14
CA VAL D 2521 -80.15 55.38 39.60
C VAL D 2521 -81.27 54.96 40.54
N LEU D 2522 -81.77 53.72 40.41
CA LEU D 2522 -82.68 53.24 41.44
C LEU D 2522 -81.96 53.05 42.78
N ASP D 2523 -80.77 52.46 42.78
CA ASP D 2523 -80.09 52.13 44.04
C ASP D 2523 -79.21 53.27 44.59
N VAL D 2524 -78.18 53.64 43.82
CA VAL D 2524 -77.11 54.53 44.25
C VAL D 2524 -77.65 55.91 44.59
N GLY D 2525 -78.58 56.40 43.79
CA GLY D 2525 -79.22 57.67 44.11
C GLY D 2525 -80.03 57.64 45.39
N PHE D 2526 -80.53 56.46 45.77
CA PHE D 2526 -81.35 56.29 46.97
C PHE D 2526 -80.55 55.94 48.22
N LEU D 2527 -79.26 55.62 48.09
CA LEU D 2527 -78.44 55.49 49.30
C LEU D 2527 -78.38 56.77 50.12
N PRO D 2528 -78.21 57.97 49.56
CA PRO D 2528 -78.43 59.18 50.37
C PRO D 2528 -79.88 59.32 50.81
N ASP D 2529 -80.10 59.28 52.13
CA ASP D 2529 -81.43 59.53 52.70
C ASP D 2529 -81.57 61.04 52.90
N MET D 2530 -81.69 61.74 51.78
CA MET D 2530 -81.48 63.20 51.70
C MET D 2530 -80.08 63.58 52.18
N ARG D 2531 -79.10 62.70 51.95
CA ARG D 2531 -77.70 62.89 52.34
C ARG D 2531 -77.51 63.12 53.84
N ALA D 2532 -78.45 62.67 54.67
CA ALA D 2532 -78.49 62.99 56.10
C ALA D 2532 -78.45 64.51 56.30
N ALA D 2533 -79.52 65.15 55.84
CA ALA D 2533 -79.60 66.60 55.80
C ALA D 2533 -79.49 67.19 57.20
N ALA D 2534 -78.62 68.18 57.35
CA ALA D 2534 -78.27 68.69 58.66
C ALA D 2534 -79.43 69.48 59.26
N SER D 2535 -79.54 69.39 60.58
CA SER D 2535 -80.42 70.22 61.39
C SER D 2535 -79.64 70.76 62.58
N LEU D 2536 -78.38 71.12 62.34
CA LEU D 2536 -77.39 71.41 63.39
C LEU D 2536 -77.29 70.24 64.36
N ASP D 2537 -77.34 69.02 63.81
CA ASP D 2537 -77.13 67.78 64.57
C ASP D 2537 -76.35 66.74 63.77
N THR D 2538 -75.71 67.11 62.65
CA THR D 2538 -75.05 66.17 61.76
C THR D 2538 -73.87 66.89 61.12
N ALA D 2539 -72.67 66.65 61.66
CA ALA D 2539 -71.43 67.12 61.07
C ALA D 2539 -70.33 66.06 61.17
N THR D 2540 -70.71 64.78 61.23
CA THR D 2540 -69.77 63.66 61.29
C THR D 2540 -69.52 63.09 59.90
N PHE D 2541 -70.58 62.68 59.22
CA PHE D 2541 -70.49 62.17 57.85
C PHE D 2541 -70.60 63.35 56.88
N SER D 2542 -69.52 64.13 56.85
CA SER D 2542 -69.31 65.13 55.82
C SER D 2542 -68.66 64.53 54.57
N THR D 2543 -67.96 63.41 54.71
CA THR D 2543 -67.32 62.78 53.55
C THR D 2543 -68.36 62.25 52.57
N THR D 2544 -69.52 61.83 53.05
CA THR D 2544 -70.56 61.36 52.15
C THR D 2544 -71.12 62.51 51.29
N GLU D 2545 -71.06 63.74 51.80
CA GLU D 2545 -71.37 64.89 50.95
C GLU D 2545 -70.41 64.99 49.78
N MET D 2546 -69.12 64.74 50.03
CA MET D 2546 -68.11 64.75 48.99
C MET D 2546 -68.06 63.45 48.20
N ALA D 2547 -68.79 62.41 48.60
CA ALA D 2547 -68.89 61.20 47.80
C ALA D 2547 -69.60 61.45 46.49
N LEU D 2548 -70.45 62.47 46.40
CA LEU D 2548 -71.04 62.90 45.15
C LEU D 2548 -70.06 63.61 44.22
N ALA D 2549 -68.82 63.88 44.67
CA ALA D 2549 -67.80 64.40 43.76
C ALA D 2549 -67.53 63.42 42.63
N LEU D 2550 -67.45 62.13 42.94
CA LEU D 2550 -67.26 61.06 41.96
C LEU D 2550 -68.57 60.37 41.59
N ASN D 2551 -69.46 60.18 42.56
CA ASN D 2551 -70.69 59.45 42.29
C ASN D 2551 -71.64 60.25 41.41
N ARG D 2552 -71.86 61.52 41.73
CA ARG D 2552 -72.76 62.36 40.95
C ARG D 2552 -72.13 62.91 39.67
N TYR D 2553 -70.79 62.89 39.56
CA TYR D 2553 -70.15 63.38 38.35
C TYR D 2553 -70.49 62.52 37.15
N LEU D 2554 -70.60 61.21 37.35
CA LEU D 2554 -71.04 60.32 36.30
C LEU D 2554 -72.46 60.65 35.85
N CYS D 2555 -73.32 60.97 36.81
CA CYS D 2555 -74.70 61.32 36.46
C CYS D 2555 -74.75 62.59 35.65
N LEU D 2556 -73.92 63.57 36.00
CA LEU D 2556 -73.84 64.80 35.22
C LEU D 2556 -73.33 64.54 33.82
N ALA D 2557 -72.35 63.65 33.68
CA ALA D 2557 -71.74 63.44 32.37
C ALA D 2557 -72.69 62.75 31.41
N VAL D 2558 -73.32 61.65 31.86
CA VAL D 2558 -74.12 60.81 30.99
C VAL D 2558 -75.55 61.33 30.91
N LEU D 2559 -76.14 61.22 29.72
CA LEU D 2559 -77.50 61.69 29.44
C LEU D 2559 -78.17 60.75 28.45
N PRO D 2560 -78.52 59.52 28.88
CA PRO D 2560 -79.23 58.63 27.96
C PRO D 2560 -80.69 59.02 27.77
N THR D 2563 -89.88 56.39 29.90
CA THR D 2563 -90.74 55.26 30.22
C THR D 2563 -91.08 55.18 31.71
N LYS D 2564 -90.18 55.66 32.56
CA LYS D 2564 -90.33 55.62 34.01
C LYS D 2564 -90.43 54.17 34.50
N CYS D 2565 -89.36 53.42 34.22
CA CYS D 2565 -89.21 52.09 34.82
C CYS D 2565 -88.78 52.18 36.29
N ALA D 2566 -87.99 53.20 36.63
CA ALA D 2566 -87.49 53.48 37.98
C ALA D 2566 -87.92 54.89 38.38
N PRO D 2567 -87.98 55.19 39.71
CA PRO D 2567 -88.55 56.49 40.12
C PRO D 2567 -87.57 57.66 40.05
N LEU D 2568 -87.46 58.23 38.85
CA LEU D 2568 -86.58 59.38 38.61
C LEU D 2568 -87.04 60.66 39.32
N PHE D 2569 -88.33 60.75 39.70
CA PHE D 2569 -88.87 61.96 40.31
C PHE D 2569 -88.20 62.25 41.65
N ALA D 2570 -87.90 61.18 42.40
CA ALA D 2570 -87.16 61.31 43.64
C ALA D 2570 -85.78 61.88 43.41
N GLY D 2571 -85.11 61.45 42.34
CA GLY D 2571 -83.78 61.98 42.05
C GLY D 2571 -83.79 63.46 41.71
N THR D 2572 -84.79 63.89 40.91
CA THR D 2572 -84.88 65.30 40.56
C THR D 2572 -85.12 66.17 41.79
N GLU D 2573 -86.09 65.79 42.62
CA GLU D 2573 -86.36 66.61 43.80
C GLU D 2573 -85.25 66.48 44.84
N HIS D 2574 -84.52 65.36 44.86
CA HIS D 2574 -83.38 65.21 45.74
C HIS D 2574 -82.28 66.20 45.38
N ARG D 2575 -82.03 66.38 44.08
CA ARG D 2575 -81.08 67.43 43.67
C ARG D 2575 -81.62 68.82 43.99
N ALA D 2576 -82.94 69.01 43.85
CA ALA D 2576 -83.54 70.30 44.14
C ALA D 2576 -83.43 70.68 45.61
N ILE D 2577 -83.34 69.71 46.52
CA ILE D 2577 -83.11 70.06 47.92
C ILE D 2577 -81.73 70.66 48.10
N MET D 2578 -80.71 70.02 47.50
CA MET D 2578 -79.34 70.41 47.78
C MET D 2578 -78.96 71.71 47.11
N VAL D 2579 -79.53 72.00 45.94
CA VAL D 2579 -79.19 73.26 45.28
C VAL D 2579 -79.66 74.46 46.11
N ASP D 2580 -80.81 74.33 46.78
CA ASP D 2580 -81.35 75.41 47.61
C ASP D 2580 -80.79 75.37 49.03
N SER D 2581 -80.57 74.18 49.58
CA SER D 2581 -80.15 74.07 50.97
C SER D 2581 -78.72 74.56 51.15
N MET D 2582 -78.49 75.28 52.26
CA MET D 2582 -77.15 75.72 52.65
C MET D 2582 -76.93 75.66 54.16
N LEU D 2583 -77.71 74.87 54.90
CA LEU D 2583 -77.52 74.78 56.34
C LEU D 2583 -76.19 74.09 56.67
N HIS D 2584 -76.01 72.88 56.17
CA HIS D 2584 -74.72 72.23 56.24
C HIS D 2584 -73.73 72.98 55.37
N THR D 2585 -72.45 72.90 55.73
CA THR D 2585 -71.40 73.56 54.96
C THR D 2585 -71.29 72.90 53.60
N VAL D 2586 -71.82 73.57 52.57
CA VAL D 2586 -71.91 72.98 51.23
C VAL D 2586 -70.62 73.03 50.44
N TYR D 2587 -69.64 73.84 50.85
CA TYR D 2587 -68.32 73.91 50.20
C TYR D 2587 -68.45 74.35 48.74
N ARG D 2588 -68.73 75.65 48.60
CA ARG D 2588 -69.24 76.37 47.42
C ARG D 2588 -68.73 75.92 46.03
N LEU D 2589 -67.48 75.48 45.93
CA LEU D 2589 -67.04 74.81 44.70
C LEU D 2589 -67.88 73.56 44.43
N SER D 2590 -68.12 72.76 45.48
CA SER D 2590 -69.05 71.64 45.35
C SER D 2590 -70.48 72.10 45.11
N ARG D 2591 -70.84 73.32 45.52
CA ARG D 2591 -72.16 73.85 45.19
C ARG D 2591 -72.32 74.05 43.69
N GLY D 2592 -71.30 74.62 43.03
CA GLY D 2592 -71.34 74.70 41.57
C GLY D 2592 -71.35 73.34 40.90
N ARG D 2593 -70.56 72.40 41.45
CA ARG D 2593 -70.56 71.02 40.97
C ARG D 2593 -71.95 70.39 41.06
N SER D 2594 -72.62 70.59 42.19
CA SER D 2594 -73.95 70.01 42.38
C SER D 2594 -74.99 70.69 41.50
N LEU D 2595 -74.81 71.97 41.20
CA LEU D 2595 -75.74 72.65 40.29
C LEU D 2595 -75.69 72.06 38.89
N THR D 2596 -74.49 71.66 38.45
CA THR D 2596 -74.34 71.08 37.11
C THR D 2596 -75.20 69.83 36.89
N LYS D 2597 -75.53 69.08 37.94
CA LYS D 2597 -76.30 67.84 37.77
C LYS D 2597 -77.74 68.14 37.38
N ALA D 2598 -78.39 69.07 38.09
CA ALA D 2598 -79.75 69.47 37.75
C ALA D 2598 -79.81 70.12 36.39
N GLN D 2599 -78.81 70.97 36.09
CA GLN D 2599 -78.78 71.67 34.82
C GLN D 2599 -78.66 70.68 33.66
N ARG D 2600 -77.89 69.60 33.86
CA ARG D 2600 -77.80 68.57 32.85
C ARG D 2600 -79.05 67.69 32.79
N ASP D 2601 -79.73 67.49 33.93
CA ASP D 2601 -80.86 66.57 33.94
C ASP D 2601 -82.05 67.15 33.19
N VAL D 2602 -82.28 68.46 33.27
CA VAL D 2602 -83.49 69.01 32.63
C VAL D 2602 -83.43 68.93 31.10
N ILE D 2603 -82.24 69.02 30.52
CA ILE D 2603 -82.13 69.05 29.05
C ILE D 2603 -82.53 67.71 28.45
N GLU D 2604 -82.03 66.62 29.02
CA GLU D 2604 -82.34 65.28 28.51
C GLU D 2604 -83.75 64.81 28.90
N ASP D 2605 -84.38 65.42 29.89
CA ASP D 2605 -85.66 64.92 30.38
C ASP D 2605 -86.77 65.14 29.36
N CYS D 2606 -87.53 64.08 29.10
CA CYS D 2606 -88.66 64.09 28.16
C CYS D 2606 -89.99 64.35 28.88
N LEU D 2607 -90.02 65.42 29.67
CA LEU D 2607 -91.19 65.84 30.46
C LEU D 2607 -91.65 64.72 31.40
N MET D 2608 -90.77 64.42 32.36
CA MET D 2608 -91.07 63.60 33.52
C MET D 2608 -90.52 64.30 34.75
N ALA D 2609 -90.82 65.60 34.86
CA ALA D 2609 -90.42 66.42 35.99
C ALA D 2609 -91.48 67.43 36.41
N LEU D 2610 -92.76 67.20 36.07
CA LEU D 2610 -93.84 68.09 36.47
C LEU D 2610 -93.97 68.16 37.99
N CYS D 2611 -93.87 67.00 38.65
CA CYS D 2611 -93.92 66.93 40.10
C CYS D 2611 -92.77 67.71 40.73
N ARG D 2612 -91.58 67.61 40.15
CA ARG D 2612 -90.46 68.41 40.60
C ARG D 2612 -90.59 69.87 40.18
N TYR D 2613 -91.25 70.13 39.04
CA TYR D 2613 -91.41 71.50 38.57
C TYR D 2613 -92.34 72.31 39.47
N ILE D 2614 -93.21 71.67 40.24
CA ILE D 2614 -94.13 72.42 41.09
C ILE D 2614 -93.38 73.20 42.17
N ARG D 2615 -92.34 72.59 42.77
CA ARG D 2615 -91.69 73.20 43.93
C ARG D 2615 -91.00 74.52 43.64
N PRO D 2616 -90.14 74.66 42.61
CA PRO D 2616 -89.50 75.97 42.38
C PRO D 2616 -90.45 77.10 41.99
N SER D 2617 -91.64 76.78 41.50
CA SER D 2617 -92.59 77.82 41.12
C SER D 2617 -93.04 78.63 42.33
N MET D 2618 -93.26 77.97 43.46
CA MET D 2618 -93.80 78.60 44.66
C MET D 2618 -92.72 79.12 45.61
N LEU D 2619 -91.49 79.33 45.12
CA LEU D 2619 -90.41 79.82 45.96
C LEU D 2619 -89.42 80.56 45.06
N GLN D 2620 -88.21 80.79 45.57
CA GLN D 2620 -87.13 81.50 44.87
C GLN D 2620 -87.50 82.98 44.71
N HIS D 2621 -88.02 83.41 43.55
CA HIS D 2621 -88.35 84.82 43.38
C HIS D 2621 -89.67 85.17 44.05
N LEU D 2622 -90.63 84.23 44.07
CA LEU D 2622 -91.91 84.51 44.71
C LEU D 2622 -91.74 84.64 46.21
N LEU D 2623 -91.29 83.55 46.87
CA LEU D 2623 -90.84 83.60 48.25
C LEU D 2623 -89.34 83.87 48.24
N ARG D 2624 -88.96 85.09 48.62
CA ARG D 2624 -87.65 85.65 48.34
C ARG D 2624 -86.51 84.87 49.00
N ARG D 2625 -85.72 84.20 48.15
CA ARG D 2625 -84.51 83.49 48.56
C ARG D 2625 -83.41 83.80 47.55
N LEU D 2626 -83.24 85.10 47.27
CA LEU D 2626 -82.38 85.56 46.18
C LEU D 2626 -80.92 85.16 46.37
N VAL D 2627 -80.48 84.99 47.61
CA VAL D 2627 -79.11 84.56 47.86
C VAL D 2627 -78.89 83.13 47.35
N PHE D 2628 -79.91 82.26 47.44
CA PHE D 2628 -79.87 80.88 46.97
C PHE D 2628 -81.05 80.58 46.05
N ASP D 2629 -81.36 81.50 45.13
CA ASP D 2629 -82.34 81.24 44.05
C ASP D 2629 -81.95 81.80 42.68
N VAL D 2630 -80.98 82.72 42.59
CA VAL D 2630 -80.57 83.25 41.29
C VAL D 2630 -80.01 82.16 40.35
N PRO D 2631 -79.07 81.31 40.76
CA PRO D 2631 -78.68 80.19 39.88
C PRO D 2631 -79.82 79.23 39.58
N ILE D 2632 -80.69 78.99 40.57
CA ILE D 2632 -81.89 78.21 40.32
C ILE D 2632 -82.81 78.98 39.39
N LEU D 2633 -82.79 80.31 39.45
CA LEU D 2633 -83.58 81.11 38.52
C LEU D 2633 -83.11 80.91 37.08
N ASN D 2634 -81.79 80.81 36.87
CA ASN D 2634 -81.30 80.52 35.53
C ASN D 2634 -81.70 79.11 35.09
N GLU D 2635 -81.61 78.14 36.00
CA GLU D 2635 -81.99 76.77 35.67
C GLU D 2635 -83.47 76.67 35.31
N PHE D 2636 -84.33 77.39 36.04
CA PHE D 2636 -85.74 77.45 35.69
C PHE D 2636 -85.98 78.25 34.41
N ALA D 2637 -85.15 79.27 34.15
CA ALA D 2637 -85.29 80.04 32.92
C ALA D 2637 -85.02 79.20 31.69
N LYS D 2638 -84.15 78.21 31.81
CA LYS D 2638 -83.92 77.30 30.69
C LYS D 2638 -85.08 76.35 30.40
N MET D 2639 -86.11 76.27 31.28
CA MET D 2639 -87.14 75.26 31.10
C MET D 2639 -88.12 75.59 29.97
N PRO D 2640 -88.75 76.77 29.90
CA PRO D 2640 -89.77 76.96 28.85
C PRO D 2640 -89.18 77.08 27.45
N LEU D 2641 -87.97 77.61 27.31
CA LEU D 2641 -87.37 77.73 25.98
C LEU D 2641 -87.06 76.38 25.37
N LYS D 2642 -86.81 75.37 26.20
CA LYS D 2642 -86.53 74.03 25.68
C LYS D 2642 -87.76 73.38 25.05
N LEU D 2643 -88.97 73.84 25.39
CA LEU D 2643 -90.23 73.31 24.84
C LEU D 2643 -91.13 74.47 24.44
N LEU D 2644 -91.22 74.71 23.13
CA LEU D 2644 -92.33 75.46 22.59
C LEU D 2644 -93.60 74.61 22.69
N THR D 2645 -94.75 75.24 22.49
CA THR D 2645 -96.01 74.52 22.52
C THR D 2645 -96.20 73.66 21.26
N ASN D 2646 -95.42 72.57 21.18
CA ASN D 2646 -95.27 71.76 19.97
C ASN D 2646 -95.82 70.36 20.13
N HIS D 2647 -95.32 69.61 21.13
CA HIS D 2647 -95.66 68.20 21.33
C HIS D 2647 -95.86 67.91 22.81
N TYR D 2648 -96.51 68.83 23.52
CA TYR D 2648 -96.79 68.61 24.93
C TYR D 2648 -97.98 69.46 25.36
N GLU D 2649 -98.67 68.99 26.40
CA GLU D 2649 -99.79 69.69 26.99
C GLU D 2649 -99.93 69.22 28.44
N ARG D 2650 -100.24 70.15 29.35
CA ARG D 2650 -100.38 69.81 30.76
C ARG D 2650 -101.28 70.86 31.40
N CYS D 2651 -102.52 70.45 31.71
CA CYS D 2651 -103.49 71.38 32.27
C CYS D 2651 -103.08 71.89 33.64
N TRP D 2652 -102.53 71.01 34.49
CA TRP D 2652 -102.06 71.44 35.80
C TRP D 2652 -100.88 72.40 35.66
N LYS D 2653 -99.95 72.11 34.76
CA LYS D 2653 -98.82 72.99 34.49
C LYS D 2653 -99.18 74.15 33.57
N TYR D 2654 -100.34 74.11 32.89
CA TYR D 2654 -100.70 75.18 31.96
C TYR D 2654 -100.92 76.50 32.68
N TYR D 2655 -101.57 76.46 33.85
CA TYR D 2655 -101.85 77.66 34.64
C TYR D 2655 -100.81 77.92 35.72
N CYS D 2656 -99.99 76.94 36.09
CA CYS D 2656 -98.96 77.16 37.10
C CYS D 2656 -97.90 78.13 36.61
N LEU D 2657 -97.42 77.93 35.38
CA LEU D 2657 -96.33 78.75 34.86
C LEU D 2657 -96.72 80.22 34.68
N PRO D 2658 -97.87 80.55 34.06
CA PRO D 2658 -98.27 81.98 34.03
C PRO D 2658 -98.50 82.60 35.40
N THR D 2659 -99.03 81.84 36.37
CA THR D 2659 -99.19 82.40 37.72
C THR D 2659 -97.83 82.73 38.33
N GLY D 2660 -96.87 81.82 38.18
CA GLY D 2660 -95.52 82.09 38.67
C GLY D 2660 -94.87 83.23 37.94
N TRP D 2661 -95.10 83.34 36.63
CA TRP D 2661 -94.53 84.42 35.84
C TRP D 2661 -95.11 85.76 36.25
N ALA D 2662 -96.42 85.79 36.52
CA ALA D 2662 -97.09 86.99 37.00
C ALA D 2662 -96.51 87.46 38.32
N ASN D 2663 -96.44 86.54 39.29
CA ASN D 2663 -95.93 86.88 40.61
C ASN D 2663 -94.45 87.28 40.56
N PHE D 2664 -93.64 86.58 39.75
CA PHE D 2664 -92.22 86.89 39.71
C PHE D 2664 -91.95 88.23 39.05
N GLY D 2665 -92.62 88.50 37.92
CA GLY D 2665 -92.41 89.77 37.24
C GLY D 2665 -92.87 90.96 38.07
N VAL D 2666 -94.07 90.87 38.63
CA VAL D 2666 -94.55 91.98 39.45
C VAL D 2666 -93.74 92.09 40.74
N THR D 2667 -93.24 90.96 41.27
CA THR D 2667 -92.45 91.02 42.50
C THR D 2667 -91.11 91.70 42.27
N SER D 2668 -90.45 91.38 41.16
CA SER D 2668 -89.24 92.11 40.80
C SER D 2668 -89.53 93.57 40.52
N GLU D 2669 -90.69 93.87 39.93
CA GLU D 2669 -91.00 95.24 39.56
C GLU D 2669 -91.36 96.12 40.77
N GLU D 2670 -91.99 95.55 41.80
CA GLU D 2670 -92.55 96.33 42.92
C GLU D 2670 -91.64 96.42 44.14
N GLU D 2671 -90.56 95.65 44.21
CA GLU D 2671 -89.68 95.68 45.38
C GLU D 2671 -88.31 95.17 44.94
N LEU D 2672 -87.48 94.77 45.92
CA LEU D 2672 -86.17 94.17 45.73
C LEU D 2672 -85.15 95.23 45.33
N HIS D 2673 -83.91 94.80 45.07
CA HIS D 2673 -82.80 95.74 44.92
C HIS D 2673 -82.94 96.57 43.65
N LEU D 2674 -82.46 97.81 43.74
CA LEU D 2674 -82.56 98.78 42.64
C LEU D 2674 -81.80 98.30 41.40
N THR D 2675 -80.61 97.77 41.59
CA THR D 2675 -79.74 97.44 40.46
C THR D 2675 -80.29 96.25 39.69
N ARG D 2676 -80.56 96.45 38.40
CA ARG D 2676 -81.06 95.39 37.54
C ARG D 2676 -79.99 94.38 37.15
N LYS D 2677 -78.72 94.76 37.19
CA LYS D 2677 -77.64 93.85 36.77
C LYS D 2677 -77.52 92.65 37.71
N LEU D 2678 -77.87 92.83 38.99
CA LEU D 2678 -77.75 91.73 39.95
C LEU D 2678 -78.81 90.64 39.76
N PHE D 2679 -79.84 90.89 38.93
CA PHE D 2679 -80.78 89.85 38.53
C PHE D 2679 -81.12 89.92 37.04
N TRP D 2680 -80.35 90.66 36.24
CA TRP D 2680 -80.61 90.69 34.79
C TRP D 2680 -80.36 89.33 34.16
N GLY D 2681 -79.30 88.64 34.59
CA GLY D 2681 -79.07 87.29 34.11
C GLY D 2681 -80.15 86.33 34.55
N ILE D 2682 -80.60 86.44 35.79
CA ILE D 2682 -81.75 85.66 36.25
C ILE D 2682 -83.01 86.08 35.50
N PHE D 2683 -83.13 87.36 35.18
CA PHE D 2683 -84.33 87.86 34.51
C PHE D 2683 -84.42 87.33 33.09
N ASP D 2684 -85.59 86.78 32.75
CA ASP D 2684 -85.89 86.32 31.40
C ASP D 2684 -87.39 86.33 31.21
N SER D 2685 -87.82 86.35 29.96
CA SER D 2685 -89.23 86.27 29.63
C SER D 2685 -89.80 84.93 30.10
N LEU D 2686 -89.36 83.84 29.48
CA LEU D 2686 -89.65 82.47 29.92
C LEU D 2686 -91.15 82.18 29.91
N ALA D 2687 -91.87 82.72 28.92
CA ALA D 2687 -93.30 82.49 28.85
C ALA D 2687 -93.81 82.93 27.49
N HIS D 2688 -94.93 82.32 27.08
CA HIS D 2688 -95.66 82.75 25.90
C HIS D 2688 -97.14 82.50 26.15
N LYS D 2689 -97.97 83.28 25.45
CA LYS D 2689 -99.42 83.21 25.63
C LYS D 2689 -100.01 82.10 24.78
N LYS D 2690 -101.01 81.42 25.35
CA LYS D 2690 -101.75 80.37 24.67
C LYS D 2690 -102.87 81.03 23.85
N TYR D 2691 -103.79 80.20 23.33
CA TYR D 2691 -104.78 80.70 22.38
C TYR D 2691 -105.89 81.46 23.09
N ASP D 2692 -106.68 80.76 23.90
CA ASP D 2692 -107.82 81.30 24.64
C ASP D 2692 -107.78 80.95 26.12
N GLN D 2693 -107.37 79.73 26.48
CA GLN D 2693 -107.38 79.32 27.87
C GLN D 2693 -106.69 77.97 28.02
N GLU D 2694 -106.13 77.77 29.21
CA GLU D 2694 -105.41 76.56 29.57
C GLU D 2694 -105.72 76.08 31.00
N LEU D 2695 -106.79 76.56 31.62
CA LEU D 2695 -107.17 76.10 32.95
C LEU D 2695 -107.85 74.73 32.86
N ASN D 2734 -93.97 82.60 60.13
CA ASN D 2734 -94.73 83.48 59.26
C ASN D 2734 -96.23 83.17 59.35
N PHE D 2735 -96.56 81.88 59.39
CA PHE D 2735 -97.95 81.45 59.47
C PHE D 2735 -98.45 81.55 60.90
N ASP D 2736 -99.77 81.70 61.04
CA ASP D 2736 -100.39 81.90 62.34
C ASP D 2736 -101.88 81.55 62.30
N PRO D 2737 -102.25 80.27 62.34
CA PRO D 2737 -103.67 79.92 62.46
C PRO D 2737 -104.24 80.37 63.80
N ARG D 2738 -105.52 80.70 63.78
CA ARG D 2738 -106.18 81.21 64.98
C ARG D 2738 -106.39 80.08 65.98
N PRO D 2739 -105.84 80.14 67.24
CA PRO D 2739 -106.19 79.12 68.23
C PRO D 2739 -107.53 79.40 68.87
N VAL D 2740 -108.51 78.53 68.60
CA VAL D 2740 -109.86 78.62 69.15
C VAL D 2740 -109.99 77.55 70.23
N GLU D 2741 -110.48 77.96 71.40
CA GLU D 2741 -110.63 77.01 72.50
C GLU D 2741 -111.69 75.98 72.18
N THR D 2742 -111.41 74.72 72.52
CA THR D 2742 -112.27 73.57 72.31
C THR D 2742 -112.64 72.82 73.59
N LEU D 2743 -111.81 72.90 74.63
CA LEU D 2743 -112.13 72.24 75.89
C LEU D 2743 -113.18 73.02 76.68
N ASN D 2744 -113.14 74.36 76.62
CA ASN D 2744 -114.01 75.16 77.46
C ASN D 2744 -115.45 75.21 76.96
N VAL D 2745 -115.66 75.07 75.65
CA VAL D 2745 -117.01 75.18 75.09
C VAL D 2745 -117.82 73.96 75.51
N ILE D 2746 -119.06 74.22 75.94
CA ILE D 2746 -120.00 73.18 76.36
C ILE D 2746 -121.02 73.02 75.23
N ILE D 2747 -121.23 71.79 74.79
CA ILE D 2747 -122.12 71.52 73.66
C ILE D 2747 -123.56 71.80 74.10
N PRO D 2748 -124.45 72.29 73.23
CA PRO D 2748 -125.87 72.38 73.63
C PRO D 2748 -126.52 71.00 73.69
N GLU D 2749 -127.64 70.93 74.39
CA GLU D 2749 -128.40 69.69 74.46
C GLU D 2749 -128.98 69.31 73.10
N LYS D 2750 -129.44 70.31 72.33
CA LYS D 2750 -130.04 70.03 71.03
C LYS D 2750 -129.02 69.45 70.05
N LEU D 2751 -127.81 69.99 70.04
CA LEU D 2751 -126.77 69.48 69.15
C LEU D 2751 -126.24 68.12 69.57
N ASP D 2752 -126.42 67.72 70.84
CA ASP D 2752 -125.92 66.44 71.32
C ASP D 2752 -126.70 65.24 70.78
N SER D 2753 -127.93 65.44 70.31
CA SER D 2753 -128.72 64.33 69.77
C SER D 2753 -128.08 63.74 68.52
N PHE D 2754 -127.49 64.60 67.68
CA PHE D 2754 -126.91 64.15 66.43
C PHE D 2754 -125.68 63.28 66.69
N ILE D 2755 -124.79 63.75 67.57
CA ILE D 2755 -123.57 63.00 67.85
C ILE D 2755 -123.89 61.71 68.60
N ASN D 2756 -124.93 61.72 69.45
CA ASN D 2756 -125.29 60.48 70.12
C ASN D 2756 -125.88 59.44 69.15
N LYS D 2757 -126.68 59.88 68.16
CA LYS D 2757 -127.29 58.94 67.23
C LYS D 2757 -126.32 58.40 66.18
N PHE D 2758 -125.27 59.17 65.85
CA PHE D 2758 -124.29 58.74 64.84
C PHE D 2758 -123.57 57.46 65.27
N ALA D 2759 -123.27 57.32 66.56
CA ALA D 2759 -122.58 56.15 67.07
C ALA D 2759 -123.39 54.88 66.86
N GLU D 2760 -124.70 54.95 67.10
CA GLU D 2760 -125.54 53.78 66.82
C GLU D 2760 -125.66 53.51 65.33
N TYR D 2761 -125.60 54.56 64.50
CA TYR D 2761 -125.57 54.29 63.05
C TYR D 2761 -124.29 53.58 62.61
N THR D 2762 -123.19 53.72 63.35
CA THR D 2762 -121.94 53.09 62.92
C THR D 2762 -122.01 51.56 62.87
N HIS D 2763 -122.79 50.92 63.73
CA HIS D 2763 -122.77 49.45 63.87
C HIS D 2763 -123.75 48.74 62.94
N GLU D 2764 -125.04 49.02 63.09
CA GLU D 2764 -126.08 48.21 62.46
C GLU D 2764 -126.07 48.36 60.94
N LYS D 2765 -125.91 49.59 60.45
CA LYS D 2765 -125.89 49.79 59.00
C LYS D 2765 -124.63 49.18 58.37
N TRP D 2766 -123.51 49.21 59.09
CA TRP D 2766 -122.27 48.63 58.58
C TRP D 2766 -122.33 47.10 58.53
N ALA D 2767 -123.09 46.49 59.44
CA ALA D 2767 -123.23 45.03 59.46
C ALA D 2767 -123.89 44.49 58.19
N PHE D 2768 -124.86 45.23 57.64
CA PHE D 2768 -125.53 44.78 56.41
C PHE D 2768 -124.55 44.74 55.24
N ASP D 2769 -123.65 45.74 55.16
CA ASP D 2769 -122.62 45.70 54.13
C ASP D 2769 -121.66 44.54 54.35
N LYS D 2770 -121.33 44.26 55.62
CA LYS D 2770 -120.45 43.13 55.89
C LYS D 2770 -121.09 41.79 55.55
N ILE D 2771 -122.42 41.71 55.55
CA ILE D 2771 -123.07 40.48 55.06
C ILE D 2771 -122.77 40.28 53.58
N GLN D 2772 -122.79 41.36 52.80
CA GLN D 2772 -122.41 41.25 51.39
C GLN D 2772 -120.95 40.84 51.26
N ASN D 2773 -120.06 41.45 52.04
CA ASN D 2773 -118.65 41.06 52.01
C ASN D 2773 -118.36 39.77 52.77
N ASN D 2774 -119.26 39.34 53.67
CA ASN D 2774 -119.10 38.11 54.46
C ASN D 2774 -117.83 38.17 55.31
N TRP D 2775 -117.74 39.22 56.13
CA TRP D 2775 -116.65 39.41 57.10
C TRP D 2775 -117.18 38.95 58.46
N SER D 2776 -117.21 37.64 58.64
CA SER D 2776 -117.84 37.02 59.80
C SER D 2776 -116.86 37.00 60.97
N TYR D 2777 -117.32 36.46 62.10
CA TYR D 2777 -116.49 36.36 63.29
C TYR D 2777 -115.39 35.33 63.08
N GLY D 2778 -114.36 35.42 63.95
CA GLY D 2778 -113.24 34.51 63.88
C GLY D 2778 -112.49 34.51 65.19
N GLU D 2779 -111.56 33.54 65.30
CA GLU D 2779 -110.77 33.42 66.51
C GLU D 2779 -109.85 34.61 66.71
N ASN D 2780 -109.22 35.10 65.64
CA ASN D 2780 -108.30 36.22 65.71
C ASN D 2780 -108.25 36.90 64.35
N VAL D 2781 -107.69 38.11 64.34
CA VAL D 2781 -107.57 38.87 63.10
C VAL D 2781 -106.55 38.19 62.20
N ASP D 2782 -106.94 37.95 60.95
CA ASP D 2782 -106.06 37.31 59.98
C ASP D 2782 -106.54 37.66 58.58
N GLU D 2783 -105.58 37.77 57.65
CA GLU D 2783 -105.90 38.21 56.29
C GLU D 2783 -106.39 37.07 55.41
N GLU D 2784 -106.01 35.82 55.71
CA GLU D 2784 -106.38 34.71 54.84
C GLU D 2784 -107.90 34.47 54.82
N LEU D 2785 -108.53 34.52 55.99
CA LEU D 2785 -109.99 34.46 56.12
C LEU D 2785 -110.65 35.83 56.24
N LYS D 2786 -109.87 36.92 56.33
CA LYS D 2786 -110.40 38.29 56.51
C LYS D 2786 -111.27 38.37 57.76
N THR D 2787 -110.76 37.81 58.86
CA THR D 2787 -111.49 37.84 60.12
C THR D 2787 -111.56 39.26 60.67
N HIS D 2788 -112.69 39.57 61.31
CA HIS D 2788 -112.98 40.92 61.78
C HIS D 2788 -113.94 40.84 62.97
N PRO D 2789 -113.49 40.29 64.09
CA PRO D 2789 -114.42 39.93 65.17
C PRO D 2789 -114.77 41.02 66.17
N MET D 2790 -114.23 42.23 66.06
CA MET D 2790 -114.40 43.26 67.07
C MET D 2790 -115.69 44.09 66.90
N LEU D 2791 -116.67 43.59 66.15
CA LEU D 2791 -117.96 44.27 66.03
C LEU D 2791 -118.66 44.23 67.38
N ARG D 2792 -118.74 45.38 68.06
CA ARG D 2792 -119.38 45.47 69.35
C ARG D 2792 -119.64 46.95 69.65
N PRO D 2793 -120.49 47.25 70.65
CA PRO D 2793 -120.70 48.66 71.00
C PRO D 2793 -119.45 49.31 71.57
N TYR D 2794 -119.40 50.63 71.43
CA TYR D 2794 -118.27 51.42 71.93
C TYR D 2794 -118.21 51.49 73.46
N LYS D 2795 -119.29 51.10 74.17
CA LYS D 2795 -119.32 51.26 75.62
C LYS D 2795 -118.30 50.36 76.33
N THR D 2796 -117.91 49.25 75.71
CA THR D 2796 -116.94 48.36 76.33
C THR D 2796 -115.56 49.01 76.43
N PHE D 2797 -115.22 49.92 75.52
CA PHE D 2797 -113.92 50.57 75.53
C PHE D 2797 -113.87 51.66 76.60
N SER D 2798 -112.66 52.13 76.89
CA SER D 2798 -112.47 53.17 77.88
C SER D 2798 -112.91 54.53 77.32
N GLU D 2799 -113.15 55.47 78.23
CA GLU D 2799 -113.58 56.81 77.84
C GLU D 2799 -112.48 57.54 77.07
N LYS D 2800 -111.22 57.37 77.49
CA LYS D 2800 -110.12 58.04 76.80
C LYS D 2800 -109.94 57.51 75.38
N ASP D 2801 -110.22 56.22 75.15
CA ASP D 2801 -110.18 55.69 73.80
C ASP D 2801 -111.27 56.29 72.92
N LYS D 2802 -112.41 56.68 73.51
CA LYS D 2802 -113.50 57.28 72.76
C LYS D 2802 -113.18 58.70 72.28
N GLU D 2803 -112.15 59.34 72.83
CA GLU D 2803 -111.83 60.72 72.45
C GLU D 2803 -111.39 60.81 70.98
N ILE D 2804 -110.61 59.85 70.53
CA ILE D 2804 -110.18 59.85 69.12
C ILE D 2804 -111.37 59.62 68.19
N TYR D 2805 -112.35 58.83 68.63
CA TYR D 2805 -113.60 58.61 67.89
C TYR D 2805 -114.69 59.60 68.24
N ARG D 2806 -114.42 60.61 69.09
CA ARG D 2806 -115.48 61.52 69.50
C ARG D 2806 -115.88 62.45 68.35
N TRP D 2807 -114.89 63.08 67.70
CA TRP D 2807 -115.13 64.04 66.62
C TRP D 2807 -114.22 63.69 65.43
N PRO D 2808 -114.49 62.57 64.74
CA PRO D 2808 -113.74 62.26 63.52
C PRO D 2808 -114.22 63.08 62.33
N ILE D 2809 -115.53 63.27 62.25
CA ILE D 2809 -116.20 64.05 61.20
C ILE D 2809 -116.84 65.28 61.82
N LYS D 2810 -117.27 65.18 63.08
CA LYS D 2810 -117.89 66.33 63.73
C LYS D 2810 -116.92 67.48 63.96
N GLU D 2811 -115.60 67.22 63.97
CA GLU D 2811 -114.65 68.32 64.04
C GLU D 2811 -114.72 69.18 62.78
N SER D 2812 -114.86 68.55 61.62
CA SER D 2812 -114.99 69.29 60.37
C SER D 2812 -116.28 70.11 60.35
N LEU D 2813 -117.38 69.53 60.84
CA LEU D 2813 -118.64 70.26 60.90
C LEU D 2813 -118.57 71.39 61.94
N LYS D 2814 -117.85 71.16 63.04
CA LYS D 2814 -117.60 72.21 64.02
C LYS D 2814 -116.81 73.35 63.38
N ALA D 2815 -115.83 73.01 62.55
CA ALA D 2815 -115.12 74.03 61.78
C ALA D 2815 -116.03 74.71 60.77
N MET D 2816 -117.02 73.99 60.23
CA MET D 2816 -117.98 74.62 59.33
C MET D 2816 -118.80 75.68 60.05
N ILE D 2817 -119.04 75.55 61.36
CA ILE D 2817 -119.78 76.55 62.14
C ILE D 2817 -118.84 77.46 62.92
N ALA D 2818 -117.72 76.95 63.45
CA ALA D 2818 -116.83 77.73 64.32
C ALA D 2818 -115.75 78.45 63.53
N TRP D 2819 -114.92 77.71 62.80
CA TRP D 2819 -113.86 78.33 62.00
C TRP D 2819 -114.47 79.15 60.86
N GLU D 2820 -115.43 78.57 60.15
CA GLU D 2820 -116.23 79.29 59.16
C GLU D 2820 -117.49 79.82 59.84
N TRP D 2821 -117.65 81.14 59.85
CA TRP D 2821 -118.75 81.79 60.58
C TRP D 2821 -120.00 81.72 59.71
N THR D 2822 -120.60 80.53 59.66
CA THR D 2822 -121.83 80.29 58.91
C THR D 2822 -122.64 79.21 59.60
N ILE D 2823 -123.95 79.43 59.69
CA ILE D 2823 -124.91 78.43 60.13
C ILE D 2823 -126.10 78.49 59.17
N GLU D 2824 -126.53 77.32 58.68
CA GLU D 2824 -127.68 77.26 57.78
C GLU D 2824 -128.97 77.34 58.59
N LYS D 2825 -129.88 78.22 58.15
CA LYS D 2825 -131.19 78.37 58.75
C LYS D 2825 -132.18 77.43 58.07
N ALA D 2826 -131.98 76.13 58.34
CA ALA D 2826 -132.86 75.12 57.78
C ALA D 2826 -134.25 75.20 58.40
N ARG D 2827 -134.34 75.02 59.71
CA ARG D 2827 -135.60 75.10 60.43
C ARG D 2827 -135.31 75.54 61.86
N GLU D 2828 -136.34 76.07 62.52
CA GLU D 2828 -136.24 76.52 63.89
C GLU D 2828 -136.36 75.32 64.84
N GLY D 2829 -136.17 75.60 66.13
CA GLY D 2829 -136.27 74.56 67.13
C GLY D 2829 -137.70 74.06 67.26
N GLU D 2830 -137.88 72.75 67.22
CA GLU D 2830 -139.21 72.14 67.34
C GLU D 2830 -139.71 72.25 68.77
N TYR D 2855 -142.60 58.06 48.36
CA TYR D 2855 -141.93 56.97 49.05
C TYR D 2855 -140.78 56.42 48.21
N ASN D 2856 -141.03 56.27 46.91
CA ASN D 2856 -140.07 55.73 45.94
C ASN D 2856 -140.01 56.66 44.74
N PRO D 2857 -139.45 57.87 44.90
CA PRO D 2857 -139.40 58.80 43.77
C PRO D 2857 -138.46 58.32 42.67
N GLN D 2858 -138.81 58.67 41.44
CA GLN D 2858 -138.01 58.28 40.29
C GLN D 2858 -136.73 59.12 40.25
N PRO D 2859 -135.67 58.64 39.59
CA PRO D 2859 -134.42 59.40 39.56
C PRO D 2859 -134.48 60.49 38.49
N PRO D 2860 -134.44 61.78 38.84
CA PRO D 2860 -134.44 62.80 37.79
C PRO D 2860 -133.16 62.78 36.98
N ASP D 2861 -133.28 63.17 35.71
CA ASP D 2861 -132.16 63.13 34.78
C ASP D 2861 -131.27 64.34 35.04
N LEU D 2862 -130.10 64.08 35.65
CA LEU D 2862 -129.08 65.09 35.92
C LEU D 2862 -127.84 64.94 35.04
N SER D 2863 -127.56 63.73 34.54
CA SER D 2863 -126.39 63.50 33.70
C SER D 2863 -126.56 63.97 32.26
N GLY D 2864 -127.75 64.37 31.84
CA GLY D 2864 -127.94 64.84 30.47
C GLY D 2864 -127.19 66.14 30.20
N VAL D 2865 -127.16 67.04 31.18
CA VAL D 2865 -126.52 68.34 31.02
C VAL D 2865 -125.01 68.18 31.22
N THR D 2866 -124.24 68.96 30.47
CA THR D 2866 -122.79 68.93 30.59
C THR D 2866 -122.35 69.47 31.95
N LEU D 2867 -121.26 68.89 32.46
CA LEU D 2867 -120.72 69.31 33.75
C LEU D 2867 -120.24 70.75 33.72
N SER D 2868 -120.63 71.52 34.72
CA SER D 2868 -120.31 72.94 34.81
C SER D 2868 -119.06 73.17 35.65
N ARG D 2869 -118.40 74.31 35.40
CA ARG D 2869 -117.19 74.67 36.12
C ARG D 2869 -117.48 75.18 37.54
N GLU D 2870 -118.65 75.79 37.74
CA GLU D 2870 -119.05 76.26 39.07
C GLU D 2870 -119.22 75.10 40.06
N LEU D 2871 -119.68 73.95 39.56
CA LEU D 2871 -119.74 72.77 40.41
C LEU D 2871 -118.33 72.32 40.80
N GLN D 2872 -117.35 72.51 39.90
CA GLN D 2872 -115.96 72.29 40.28
C GLN D 2872 -115.55 73.26 41.38
N ALA D 2873 -116.04 74.50 41.35
CA ALA D 2873 -115.72 75.43 42.43
C ALA D 2873 -116.30 74.95 43.76
N MET D 2874 -117.54 74.42 43.75
CA MET D 2874 -118.14 73.88 44.97
C MET D 2874 -117.32 72.71 45.52
N ALA D 2875 -117.01 71.73 44.66
CA ALA D 2875 -116.24 70.57 45.09
C ALA D 2875 -114.84 70.95 45.56
N GLU D 2876 -114.18 71.85 44.83
CA GLU D 2876 -112.81 72.22 45.16
C GLU D 2876 -112.75 73.05 46.43
N GLN D 2877 -113.70 73.97 46.63
CA GLN D 2877 -113.68 74.81 47.82
C GLN D 2877 -113.98 73.98 49.07
N LEU D 2878 -115.01 73.12 49.00
CA LEU D 2878 -115.32 72.30 50.17
C LEU D 2878 -114.22 71.29 50.44
N ALA D 2879 -113.67 70.66 49.40
CA ALA D 2879 -112.57 69.73 49.60
C ALA D 2879 -111.32 70.46 50.06
N GLU D 2880 -111.14 71.73 49.67
CA GLU D 2880 -110.05 72.53 50.23
C GLU D 2880 -110.25 72.77 51.71
N ASN D 2881 -111.49 73.01 52.14
CA ASN D 2881 -111.72 73.20 53.58
C ASN D 2881 -111.49 71.90 54.34
N TYR D 2882 -111.99 70.78 53.82
CA TYR D 2882 -111.78 69.47 54.45
C TYR D 2882 -110.30 69.12 54.48
N HIS D 2883 -109.59 69.35 53.38
CA HIS D 2883 -108.17 69.06 53.33
C HIS D 2883 -107.35 70.06 54.13
N ASN D 2884 -107.81 71.29 54.28
CA ASN D 2884 -107.10 72.25 55.11
C ASN D 2884 -107.16 71.84 56.56
N THR D 2885 -108.36 71.47 57.05
CA THR D 2885 -108.51 71.03 58.43
C THR D 2885 -107.75 69.71 58.66
N TRP D 2886 -107.94 68.73 57.77
CA TRP D 2886 -107.25 67.45 57.92
C TRP D 2886 -105.74 67.59 57.74
N GLY D 2887 -105.29 68.42 56.80
CA GLY D 2887 -103.88 68.60 56.58
C GLY D 2887 -103.19 69.27 57.76
N ARG D 2888 -103.81 70.29 58.34
CA ARG D 2888 -103.25 70.89 59.54
C ARG D 2888 -103.31 69.91 60.72
N LYS D 2889 -104.33 69.04 60.75
CA LYS D 2889 -104.40 68.03 61.81
C LYS D 2889 -103.23 67.07 61.74
N LYS D 2890 -102.94 66.55 60.54
CA LYS D 2890 -101.73 65.74 60.37
C LYS D 2890 -100.46 66.56 60.52
N LYS D 2891 -100.52 67.89 60.29
CA LYS D 2891 -99.36 68.73 60.55
C LYS D 2891 -99.03 68.77 62.03
N GLN D 2892 -100.05 68.92 62.88
CA GLN D 2892 -99.79 68.83 64.32
C GLN D 2892 -99.37 67.43 64.72
N GLU D 2893 -99.84 66.40 64.03
CA GLU D 2893 -99.33 65.05 64.32
C GLU D 2893 -97.84 64.93 64.00
N LEU D 2894 -97.41 65.49 62.87
CA LEU D 2894 -96.00 65.48 62.50
C LEU D 2894 -95.16 66.28 63.50
N GLU D 2895 -95.66 67.44 63.93
CA GLU D 2895 -94.92 68.24 64.90
C GLU D 2895 -94.87 67.53 66.26
N ALA D 2896 -95.95 66.84 66.63
CA ALA D 2896 -96.01 66.17 67.93
C ALA D 2896 -95.05 64.99 67.98
N LYS D 2897 -95.00 64.18 66.93
CA LYS D 2897 -94.11 63.02 66.94
C LYS D 2897 -92.64 63.38 66.76
N GLY D 2898 -92.31 64.63 66.42
CA GLY D 2898 -90.93 65.07 66.36
C GLY D 2898 -90.25 64.79 65.03
N GLY D 2899 -90.80 65.32 63.94
CA GLY D 2899 -90.19 65.17 62.64
C GLY D 2899 -90.18 63.75 62.12
N GLY D 2900 -89.01 63.24 61.80
CA GLY D 2900 -88.88 61.91 61.24
C GLY D 2900 -89.23 61.88 59.76
N THR D 2901 -89.49 60.67 59.26
CA THR D 2901 -89.86 60.49 57.86
C THR D 2901 -91.23 61.12 57.60
N HIS D 2902 -91.35 61.79 56.44
CA HIS D 2902 -92.50 62.63 56.09
C HIS D 2902 -92.95 62.30 54.67
N PRO D 2903 -93.54 61.11 54.45
CA PRO D 2903 -93.95 60.75 53.08
C PRO D 2903 -95.30 61.32 52.66
N LEU D 2904 -96.20 61.52 53.63
CA LEU D 2904 -97.57 61.92 53.33
C LEU D 2904 -97.70 63.37 52.86
N LEU D 2905 -96.64 64.18 52.91
CA LEU D 2905 -96.73 65.57 52.48
C LEU D 2905 -96.86 65.62 50.96
N VAL D 2906 -98.00 66.12 50.47
CA VAL D 2906 -98.30 66.31 49.05
C VAL D 2906 -98.90 67.70 48.89
N PRO D 2907 -98.81 68.36 47.70
CA PRO D 2907 -99.61 69.57 47.49
C PRO D 2907 -101.11 69.30 47.39
N TYR D 2908 -101.89 70.35 47.10
CA TYR D 2908 -103.34 70.30 47.17
C TYR D 2908 -103.99 69.96 45.83
N ASP D 2909 -103.67 70.73 44.78
CA ASP D 2909 -104.29 70.52 43.48
C ASP D 2909 -103.72 69.31 42.75
N THR D 2910 -102.44 69.01 42.94
CA THR D 2910 -101.73 67.95 42.24
C THR D 2910 -101.70 66.65 43.04
N LEU D 2911 -102.76 66.35 43.77
CA LEU D 2911 -102.83 65.12 44.54
C LEU D 2911 -102.89 63.91 43.61
N THR D 2912 -102.76 62.73 44.20
CA THR D 2912 -102.68 61.48 43.45
C THR D 2912 -104.01 61.19 42.75
N ALA D 2913 -103.99 60.15 41.91
CA ALA D 2913 -105.18 59.78 41.15
C ALA D 2913 -106.32 59.32 42.07
N LYS D 2914 -105.97 58.66 43.18
CA LYS D 2914 -106.99 58.21 44.12
C LYS D 2914 -107.71 59.39 44.75
N GLU D 2915 -107.00 60.46 45.10
CA GLU D 2915 -107.67 61.63 45.66
C GLU D 2915 -108.53 62.33 44.61
N LYS D 2916 -108.05 62.41 43.37
CA LYS D 2916 -108.85 63.02 42.31
C LYS D 2916 -110.12 62.24 42.02
N ALA D 2917 -110.08 60.91 42.18
CA ALA D 2917 -111.25 60.07 41.90
C ALA D 2917 -112.17 59.89 43.11
N ARG D 2918 -111.62 59.89 44.33
CA ARG D 2918 -112.41 59.53 45.51
C ARG D 2918 -113.44 60.60 45.86
N ASP D 2919 -113.04 61.88 45.75
CA ASP D 2919 -113.96 62.96 46.08
C ASP D 2919 -115.15 63.00 45.13
N ARG D 2920 -114.94 62.60 43.87
CA ARG D 2920 -116.05 62.50 42.92
C ARG D 2920 -116.85 61.22 43.13
N GLU D 2921 -116.19 60.12 43.48
CA GLU D 2921 -116.84 58.81 43.54
C GLU D 2921 -117.58 58.55 44.84
N LYS D 2922 -117.24 59.25 45.92
CA LYS D 2922 -117.90 59.00 47.21
C LYS D 2922 -119.26 59.65 47.33
N ALA D 2923 -119.70 60.46 46.35
CA ALA D 2923 -121.05 60.99 46.39
C ALA D 2923 -122.10 59.91 46.18
N GLN D 2924 -121.81 58.91 45.34
CA GLN D 2924 -122.82 57.90 45.02
C GLN D 2924 -123.09 56.97 46.19
N GLU D 2925 -122.06 56.62 46.97
CA GLU D 2925 -122.23 55.64 48.02
C GLU D 2925 -123.06 56.18 49.17
N LEU D 2926 -122.75 57.39 49.65
CA LEU D 2926 -123.38 57.94 50.83
C LEU D 2926 -124.71 58.64 50.55
N LEU D 2927 -125.07 58.87 49.29
CA LEU D 2927 -126.31 59.60 48.99
C LEU D 2927 -127.54 58.80 49.38
N LYS D 2928 -127.51 57.48 49.17
CA LYS D 2928 -128.66 56.65 49.54
C LYS D 2928 -128.88 56.65 51.05
N PHE D 2929 -127.80 56.63 51.82
CA PHE D 2929 -127.92 56.72 53.27
C PHE D 2929 -128.29 58.14 53.70
N LEU D 2930 -127.71 59.15 53.03
CA LEU D 2930 -127.93 60.56 53.32
C LEU D 2930 -128.90 61.22 52.34
N GLN D 2931 -129.85 60.46 51.78
CA GLN D 2931 -130.86 61.05 50.91
C GLN D 2931 -131.77 62.00 51.68
N MET D 2932 -131.99 61.74 52.97
CA MET D 2932 -132.74 62.67 53.80
C MET D 2932 -131.97 63.97 53.95
N ASN D 2933 -132.73 65.06 54.14
CA ASN D 2933 -132.19 66.41 54.29
C ASN D 2933 -131.48 66.88 53.02
N GLY D 2934 -130.30 66.32 52.73
CA GLY D 2934 -129.56 66.67 51.52
C GLY D 2934 -128.72 67.91 51.68
N TYR D 2935 -127.45 67.83 51.28
CA TYR D 2935 -126.56 68.97 51.36
C TYR D 2935 -126.99 70.04 50.37
N ALA D 2936 -127.10 71.29 50.85
CA ALA D 2936 -127.57 72.42 50.05
C ALA D 2936 -126.73 73.64 50.40
N VAL D 2937 -125.64 73.84 49.67
CA VAL D 2937 -124.80 75.03 49.76
C VAL D 2937 -124.40 75.42 48.34
N THR D 2938 -124.37 76.73 48.07
CA THR D 2938 -124.06 77.26 46.75
C THR D 2938 -123.23 78.52 46.91
N ARG D 2939 -121.98 78.48 46.43
CA ARG D 2939 -121.09 79.64 46.49
C ARG D 2939 -120.03 79.48 45.40
N GLY D 2940 -120.12 80.31 44.36
CA GLY D 2940 -119.14 80.26 43.28
C GLY D 2940 -119.59 80.88 41.96
N LEU D 2941 -118.62 81.37 41.17
CA LEU D 2941 -118.87 81.89 39.83
C LEU D 2941 -117.52 82.11 39.14
N LYS D 2942 -117.42 81.77 37.85
CA LYS D 2942 -116.16 81.88 37.13
C LYS D 2942 -116.40 81.88 35.63
N ASP D 2943 -115.39 82.34 34.88
CA ASP D 2943 -115.37 82.31 33.42
C ASP D 2943 -113.91 82.36 32.96
N MET D 2944 -113.70 82.43 31.64
CA MET D 2944 -112.35 82.32 31.06
C MET D 2944 -112.31 83.11 29.74
N GLU D 2945 -111.97 84.40 29.85
CA GLU D 2945 -111.98 85.36 28.74
C GLU D 2945 -111.01 86.52 29.06
N LEU D 2946 -111.29 87.77 28.64
CA LEU D 2946 -110.42 88.94 28.62
C LEU D 2946 -110.25 89.45 30.08
N ASP D 2947 -109.84 90.73 30.29
CA ASP D 2947 -109.69 91.36 31.61
C ASP D 2947 -108.50 90.68 32.28
N THR D 2948 -108.46 90.55 33.62
CA THR D 2948 -107.45 89.67 34.20
C THR D 2948 -107.60 88.27 33.62
N SER D 2949 -108.77 87.67 33.75
CA SER D 2949 -109.04 86.43 33.07
C SER D 2949 -110.53 86.09 32.89
N SER D 2950 -111.41 87.07 33.01
CA SER D 2950 -112.79 86.82 33.39
C SER D 2950 -112.85 85.97 34.65
N ILE D 2951 -112.06 86.35 35.66
CA ILE D 2951 -111.94 85.69 36.96
C ILE D 2951 -111.39 84.27 36.77
N GLU D 2952 -110.12 84.07 37.16
CA GLU D 2952 -109.51 82.75 37.30
C GLU D 2952 -109.40 81.91 36.02
N LYS D 2953 -108.56 82.34 35.08
CA LYS D 2953 -108.30 81.66 33.80
C LYS D 2953 -107.16 82.38 33.06
N ARG D 2954 -107.17 82.42 31.71
CA ARG D 2954 -106.09 82.97 30.88
C ARG D 2954 -105.78 84.43 31.22
N PHE D 2955 -104.49 84.71 31.30
CA PHE D 2955 -103.92 85.98 31.73
C PHE D 2955 -103.87 87.06 30.63
N ALA D 2956 -103.01 86.92 29.60
CA ALA D 2956 -102.86 87.75 28.39
C ALA D 2956 -103.22 89.24 28.52
N PHE D 2957 -104.51 89.59 28.34
CA PHE D 2957 -105.06 90.91 28.59
C PHE D 2957 -104.72 91.47 29.96
N GLY D 2958 -104.65 90.57 30.96
CA GLY D 2958 -104.42 91.00 32.33
C GLY D 2958 -103.11 91.75 32.52
N PHE D 2959 -102.10 91.40 31.75
CA PHE D 2959 -100.75 91.95 31.99
C PHE D 2959 -100.64 93.41 31.56
N LEU D 2960 -101.44 93.80 30.58
CA LEU D 2960 -101.44 95.16 30.00
C LEU D 2960 -101.87 96.20 31.04
N GLN D 2961 -102.67 95.79 32.03
CA GLN D 2961 -103.04 96.66 33.14
C GLN D 2961 -101.80 97.11 33.92
N GLN D 2962 -100.89 96.18 34.19
CA GLN D 2962 -99.67 96.53 34.91
C GLN D 2962 -98.76 97.42 34.06
N LEU D 2963 -98.77 97.24 32.73
CA LEU D 2963 -97.99 98.14 31.87
C LEU D 2963 -98.49 99.57 31.97
N LEU D 2964 -99.81 99.75 31.91
CA LEU D 2964 -100.37 101.09 31.99
C LEU D 2964 -100.09 101.74 33.34
N ARG D 2965 -100.20 100.95 34.41
CA ARG D 2965 -99.98 101.46 35.76
C ARG D 2965 -98.50 101.84 35.97
N TRP D 2966 -97.58 100.95 35.58
CA TRP D 2966 -96.17 101.22 35.76
C TRP D 2966 -95.68 102.35 34.86
N MET D 2967 -96.33 102.54 33.71
CA MET D 2967 -96.05 103.72 32.88
C MET D 2967 -96.44 105.00 33.60
N ASP D 2968 -97.61 104.97 34.26
CA ASP D 2968 -98.04 106.14 35.04
C ASP D 2968 -97.07 106.46 36.17
N ILE D 2969 -96.37 105.44 36.71
CA ILE D 2969 -95.33 105.75 37.68
C ILE D 2969 -94.17 106.54 37.05
N SER D 2970 -93.80 106.25 35.79
CA SER D 2970 -92.70 106.99 35.15
C SER D 2970 -93.08 108.40 34.71
N GLN D 2971 -94.39 108.68 34.59
CA GLN D 2971 -94.82 110.01 34.15
C GLN D 2971 -94.34 111.13 35.09
N GLU D 2972 -94.40 110.91 36.40
CA GLU D 2972 -93.96 111.94 37.32
C GLU D 2972 -92.45 112.15 37.26
N PHE D 2973 -91.69 111.08 37.02
CA PHE D 2973 -90.23 111.22 36.94
C PHE D 2973 -89.85 112.05 35.72
N ILE D 2974 -90.44 111.75 34.57
CA ILE D 2974 -90.09 112.52 33.37
C ILE D 2974 -90.55 113.96 33.49
N ALA D 2975 -91.70 114.20 34.14
CA ALA D 2975 -92.15 115.58 34.33
C ALA D 2975 -91.24 116.33 35.31
N HIS D 2976 -90.87 115.68 36.42
CA HIS D 2976 -90.11 116.36 37.46
C HIS D 2976 -88.69 116.66 37.02
N LEU D 2977 -88.06 115.72 36.31
CA LEU D 2977 -86.68 115.94 35.89
C LEU D 2977 -86.58 117.01 34.81
N GLU D 2978 -87.62 117.16 33.99
CA GLU D 2978 -87.64 118.19 32.96
C GLU D 2978 -87.69 119.58 33.60
N HIS D 2991 -86.70 107.23 44.05
CA HIS D 2991 -86.91 107.86 42.75
C HIS D 2991 -86.20 107.06 41.66
N GLU D 2992 -84.95 106.69 41.92
CA GLU D 2992 -84.14 105.97 40.94
C GLU D 2992 -84.60 104.52 40.75
N GLN D 2993 -85.34 103.95 41.71
CA GLN D 2993 -85.78 102.56 41.62
C GLN D 2993 -86.70 102.33 40.43
N GLU D 2994 -87.63 103.27 40.22
CA GLU D 2994 -88.63 103.13 39.18
C GLU D 2994 -88.00 103.19 37.80
N ILE D 2995 -86.92 103.99 37.66
CA ILE D 2995 -86.25 104.13 36.37
C ILE D 2995 -85.66 102.80 35.93
N LYS D 2996 -84.93 102.14 36.83
CA LYS D 2996 -84.26 100.90 36.43
C LYS D 2996 -85.26 99.78 36.25
N PHE D 2997 -86.29 99.71 37.09
CA PHE D 2997 -87.24 98.60 36.94
C PHE D 2997 -88.09 98.77 35.68
N PHE D 2998 -88.62 99.97 35.43
CA PHE D 2998 -89.51 100.15 34.28
C PHE D 2998 -88.71 100.35 32.99
N ALA D 2999 -87.84 101.36 32.96
CA ALA D 2999 -87.14 101.77 31.76
C ALA D 2999 -85.79 101.06 31.55
N LYS D 3000 -85.46 100.06 32.39
CA LYS D 3000 -84.24 99.27 32.20
C LYS D 3000 -84.39 97.78 32.47
N ILE D 3001 -85.57 97.29 32.90
CA ILE D 3001 -85.81 95.88 33.22
C ILE D 3001 -86.97 95.31 32.44
N LEU D 3002 -87.97 96.14 32.10
CA LEU D 3002 -89.18 95.69 31.40
C LEU D 3002 -89.10 95.86 29.88
N LEU D 3003 -88.10 96.57 29.36
CA LEU D 3003 -88.00 96.77 27.91
C LEU D 3003 -87.81 95.47 27.13
N PRO D 3004 -86.86 94.59 27.46
CA PRO D 3004 -86.77 93.32 26.70
C PRO D 3004 -87.98 92.41 26.88
N LEU D 3005 -88.69 92.48 28.01
CA LEU D 3005 -89.88 91.65 28.20
C LEU D 3005 -90.98 92.02 27.21
N ILE D 3006 -91.34 93.31 27.17
CA ILE D 3006 -92.40 93.77 26.28
C ILE D 3006 -91.95 93.64 24.82
N ASN D 3007 -90.67 93.92 24.55
CA ASN D 3007 -90.18 93.85 23.19
C ASN D 3007 -90.15 92.42 22.67
N GLN D 3008 -89.89 91.44 23.54
CA GLN D 3008 -90.04 90.05 23.16
C GLN D 3008 -91.50 89.70 22.93
N TYR D 3009 -92.40 90.27 23.75
CA TYR D 3009 -93.83 89.98 23.64
C TYR D 3009 -94.38 90.39 22.28
N PHE D 3010 -93.96 91.55 21.78
CA PHE D 3010 -94.49 91.97 20.47
C PHE D 3010 -93.95 91.13 19.33
N THR D 3011 -92.72 90.61 19.46
CA THR D 3011 -92.14 89.85 18.36
C THR D 3011 -92.73 88.44 18.28
N ASN D 3012 -92.73 87.71 19.41
CA ASN D 3012 -93.19 86.32 19.34
C ASN D 3012 -94.69 86.23 19.09
N HIS D 3013 -95.48 87.26 19.48
CA HIS D 3013 -96.93 87.29 19.36
C HIS D 3013 -97.40 88.40 18.42
N CYS D 3014 -96.73 88.54 17.28
CA CYS D 3014 -97.13 89.55 16.30
C CYS D 3014 -98.51 89.23 15.71
N LEU D 3015 -98.74 87.96 15.36
CA LEU D 3015 -100.02 87.55 14.81
C LEU D 3015 -101.16 87.73 15.81
N TYR D 3016 -100.86 87.62 17.11
CA TYR D 3016 -101.89 87.80 18.12
C TYR D 3016 -102.43 89.23 18.11
N PHE D 3017 -101.55 90.20 17.91
CA PHE D 3017 -101.95 91.60 17.95
C PHE D 3017 -102.56 92.04 16.63
N LEU D 3018 -101.89 91.78 15.50
CA LEU D 3018 -102.36 92.34 14.24
C LEU D 3018 -103.63 91.66 13.74
N SER D 3019 -103.82 90.37 14.04
CA SER D 3019 -104.96 89.62 13.52
C SER D 3019 -106.23 90.01 14.27
N THR D 3020 -107.32 89.32 13.94
CA THR D 3020 -108.65 89.47 14.52
C THR D 3020 -109.06 88.14 15.15
N PRO D 3021 -110.16 88.08 15.93
CA PRO D 3021 -110.60 86.76 16.43
C PRO D 3021 -111.07 85.85 15.31
N ALA D 3022 -111.89 86.38 14.40
CA ALA D 3022 -112.42 85.57 13.31
C ALA D 3022 -111.33 85.20 12.32
N LYS D 3023 -110.54 86.19 11.89
CA LYS D 3023 -109.49 86.03 10.89
C LYS D 3023 -108.14 85.96 11.59
N VAL D 3024 -107.43 84.84 11.42
CA VAL D 3024 -106.11 84.63 11.99
C VAL D 3024 -105.23 83.96 10.94
N LEU D 3025 -103.97 84.37 10.88
CA LEU D 3025 -103.01 83.85 9.92
C LEU D 3025 -102.24 82.67 10.50
N HIS D 3030 -107.06 86.10 17.14
CA HIS D 3030 -107.53 85.45 18.35
C HIS D 3030 -107.70 86.45 19.49
N ALA D 3031 -108.93 86.96 19.63
CA ALA D 3031 -109.31 87.87 20.72
C ALA D 3031 -108.49 89.16 20.69
N SER D 3032 -108.64 89.88 19.57
CA SER D 3032 -107.96 91.15 19.31
C SER D 3032 -108.96 92.27 19.02
N ASN D 3033 -110.14 92.22 19.64
CA ASN D 3033 -111.11 93.30 19.49
C ASN D 3033 -110.73 94.48 20.36
N LYS D 3034 -110.69 94.28 21.69
CA LYS D 3034 -110.23 95.28 22.64
C LYS D 3034 -108.72 95.26 22.85
N GLU D 3035 -108.04 94.16 22.49
CA GLU D 3035 -106.58 94.11 22.60
C GLU D 3035 -105.92 95.19 21.76
N LYS D 3036 -106.43 95.44 20.55
CA LYS D 3036 -105.86 96.44 19.67
C LYS D 3036 -106.00 97.87 20.20
N GLU D 3037 -106.93 98.13 21.12
CA GLU D 3037 -107.20 99.50 21.54
C GLU D 3037 -106.15 100.03 22.51
N MET D 3038 -105.98 99.36 23.65
CA MET D 3038 -105.11 99.93 24.68
C MET D 3038 -103.64 99.82 24.29
N ILE D 3039 -103.27 98.88 23.42
CA ILE D 3039 -101.89 98.88 22.92
C ILE D 3039 -101.67 100.09 22.04
N THR D 3040 -102.68 100.50 21.26
CA THR D 3040 -102.56 101.73 20.50
C THR D 3040 -102.50 102.93 21.43
N SER D 3041 -103.19 102.87 22.57
CA SER D 3041 -103.06 103.94 23.57
C SER D 3041 -101.62 104.00 24.08
N LEU D 3042 -101.01 102.83 24.31
CA LEU D 3042 -99.61 102.80 24.71
C LEU D 3042 -98.69 103.36 23.63
N PHE D 3043 -98.96 103.04 22.36
CA PHE D 3043 -98.11 103.54 21.27
C PHE D 3043 -98.24 105.06 21.10
N CYS D 3044 -99.47 105.56 21.17
CA CYS D 3044 -99.70 107.00 21.11
C CYS D 3044 -99.05 107.70 22.29
N LYS D 3045 -99.11 107.06 23.46
CA LYS D 3045 -98.42 107.61 24.61
C LYS D 3045 -96.92 107.57 24.43
N LEU D 3046 -96.39 106.56 23.72
CA LEU D 3046 -94.96 106.55 23.43
C LEU D 3046 -94.58 107.70 22.51
N ALA D 3047 -95.46 108.03 21.56
CA ALA D 3047 -95.23 109.21 20.73
C ALA D 3047 -95.22 110.48 21.58
N ALA D 3048 -96.09 110.53 22.60
CA ALA D 3048 -96.05 111.67 23.51
C ALA D 3048 -94.79 111.65 24.38
N LEU D 3049 -94.32 110.46 24.77
CA LEU D 3049 -93.12 110.34 25.62
C LEU D 3049 -91.89 110.84 24.87
N VAL D 3050 -91.78 110.50 23.58
CA VAL D 3050 -90.67 111.00 22.74
C VAL D 3050 -91.15 112.35 22.19
N ARG D 3051 -90.98 113.38 23.02
CA ARG D 3051 -91.39 114.71 22.64
C ARG D 3051 -90.41 115.29 21.62
N HIS D 3052 -90.80 116.42 21.02
CA HIS D 3052 -89.93 117.07 20.05
C HIS D 3052 -88.66 117.61 20.71
N ARG D 3053 -88.75 118.02 21.97
CA ARG D 3053 -87.56 118.46 22.70
C ARG D 3053 -86.68 117.26 23.00
N VAL D 3054 -85.37 117.49 23.04
CA VAL D 3054 -84.42 116.41 23.24
C VAL D 3054 -84.41 116.00 24.71
N SER D 3055 -84.03 116.92 25.60
CA SER D 3055 -83.87 116.66 27.04
C SER D 3055 -82.81 115.56 27.18
N LEU D 3056 -82.93 114.70 28.21
CA LEU D 3056 -82.10 113.49 28.29
C LEU D 3056 -82.70 112.44 27.37
N PHE D 3057 -82.40 112.61 26.09
CA PHE D 3057 -82.45 111.60 25.04
C PHE D 3057 -82.01 110.22 25.51
N GLY D 3058 -80.90 110.14 26.24
CA GLY D 3058 -80.45 108.90 26.85
C GLY D 3058 -79.73 107.99 25.88
N THR D 3059 -78.70 107.31 26.35
CA THR D 3059 -77.93 106.41 25.52
C THR D 3059 -78.64 105.09 25.22
N ASP D 3060 -79.74 104.79 25.89
CA ASP D 3060 -80.40 103.50 25.71
C ASP D 3060 -81.15 103.46 24.38
N ALA D 3061 -80.46 103.02 23.33
CA ALA D 3061 -81.12 102.86 22.03
C ALA D 3061 -82.26 101.84 22.02
N PRO D 3062 -82.15 100.65 22.66
CA PRO D 3062 -83.32 99.76 22.75
C PRO D 3062 -84.52 100.37 23.45
N ALA D 3063 -84.29 101.30 24.40
CA ALA D 3063 -85.40 101.96 25.04
C ALA D 3063 -86.18 102.84 24.08
N VAL D 3064 -85.52 103.39 23.06
CA VAL D 3064 -86.10 104.44 22.22
C VAL D 3064 -86.57 103.87 20.89
N VAL D 3065 -85.65 103.37 20.06
CA VAL D 3065 -85.93 103.19 18.64
C VAL D 3065 -86.37 101.77 18.31
N ASN D 3066 -85.73 100.75 18.89
CA ASN D 3066 -85.99 99.37 18.49
C ASN D 3066 -87.38 98.93 18.93
N CYS D 3067 -87.77 99.34 20.15
CA CYS D 3067 -89.11 99.08 20.65
C CYS D 3067 -90.15 99.74 19.76
N LEU D 3068 -89.87 100.96 19.29
CA LEU D 3068 -90.80 101.65 18.40
C LEU D 3068 -90.92 100.93 17.06
N HIS D 3069 -89.82 100.38 16.55
CA HIS D 3069 -89.88 99.68 15.26
C HIS D 3069 -90.73 98.42 15.37
N ILE D 3070 -90.47 97.59 16.36
CA ILE D 3070 -91.28 96.38 16.53
C ILE D 3070 -92.72 96.72 16.94
N LEU D 3071 -92.91 97.86 17.62
CA LEU D 3071 -94.26 98.30 17.94
C LEU D 3071 -95.04 98.64 16.69
N ALA D 3072 -94.40 99.33 15.74
CA ALA D 3072 -95.04 99.57 14.46
C ALA D 3072 -95.27 98.28 13.69
N ARG D 3073 -94.37 97.31 13.85
CA ARG D 3073 -94.61 96.00 13.27
C ARG D 3073 -95.81 95.32 13.91
N SER D 3074 -95.98 95.47 15.22
CA SER D 3074 -97.13 94.95 15.95
C SER D 3074 -98.27 95.95 16.02
N LEU D 3075 -98.66 96.46 14.86
CA LEU D 3075 -99.73 97.45 14.72
C LEU D 3075 -101.00 96.76 14.25
N ARG D 3078 -110.79 96.18 13.80
CA ARG D 3078 -109.47 96.62 13.38
C ARG D 3078 -109.46 98.14 13.19
N THR D 3079 -110.48 98.65 12.52
CA THR D 3079 -110.59 100.07 12.25
C THR D 3079 -111.26 100.78 13.41
N VAL D 3080 -111.08 102.09 13.44
CA VAL D 3080 -111.68 102.98 14.42
C VAL D 3080 -112.67 103.96 13.80
N MET D 3081 -112.73 104.09 12.48
CA MET D 3081 -113.54 105.10 11.79
C MET D 3081 -114.99 104.71 11.67
N SER D 3083 -115.80 103.13 15.99
CA SER D 3083 -115.60 101.78 16.48
C SER D 3083 -114.67 101.79 17.70
N GLY D 3084 -115.20 101.38 18.85
CA GLY D 3084 -114.43 101.35 20.07
C GLY D 3084 -114.18 102.75 20.60
N PRO D 3085 -113.27 102.87 21.57
CA PRO D 3085 -112.84 104.21 22.00
C PRO D 3085 -112.17 104.95 20.86
N GLU D 3086 -112.44 106.26 20.79
CA GLU D 3086 -111.96 107.13 19.73
C GLU D 3086 -110.66 107.84 20.12
N ILE D 3087 -109.90 107.30 21.08
CA ILE D 3087 -108.60 107.86 21.40
C ILE D 3087 -107.59 107.55 20.30
N VAL D 3088 -107.83 106.51 19.49
CA VAL D 3088 -106.91 106.19 18.41
C VAL D 3088 -106.95 107.30 17.34
N LYS D 3089 -108.14 107.79 17.00
CA LYS D 3089 -108.22 108.90 16.04
C LYS D 3089 -107.59 110.16 16.61
N ALA D 3090 -107.82 110.42 17.90
CA ALA D 3090 -107.21 111.56 18.58
C ALA D 3090 -105.70 111.46 18.56
N GLY D 3091 -105.15 110.28 18.83
CA GLY D 3091 -103.72 110.08 18.74
C GLY D 3091 -103.21 110.21 17.32
N LEU D 3092 -103.93 109.61 16.37
CA LEU D 3092 -103.51 109.57 14.97
C LEU D 3092 -103.43 110.95 14.35
N ARG D 3093 -104.22 111.90 14.85
CA ARG D 3093 -104.09 113.29 14.44
C ARG D 3093 -103.14 114.09 15.32
N SER D 3094 -103.13 113.89 16.65
CA SER D 3094 -102.41 114.77 17.58
C SER D 3094 -100.91 114.78 17.38
N PHE D 3095 -100.24 113.66 17.70
CA PHE D 3095 -98.79 113.65 17.58
C PHE D 3095 -98.35 113.63 16.12
N PHE D 3096 -99.17 113.09 15.22
CA PHE D 3096 -98.84 113.13 13.80
C PHE D 3096 -98.76 114.57 13.30
N GLU D 3097 -99.78 115.38 13.61
CA GLU D 3097 -99.77 116.78 13.22
C GLU D 3097 -98.68 117.56 13.94
N SER D 3098 -98.44 117.29 15.23
CA SER D 3098 -97.45 118.07 15.97
C SER D 3098 -96.03 117.77 15.47
N ALA D 3099 -95.69 116.48 15.38
CA ALA D 3099 -94.38 116.05 14.93
C ALA D 3099 -94.13 116.47 13.48
N SER D 3100 -95.16 116.42 12.64
CA SER D 3100 -95.01 116.93 11.28
C SER D 3100 -94.84 118.44 11.27
N GLU D 3101 -95.72 119.16 11.97
CA GLU D 3101 -95.77 120.62 11.88
C GLU D 3101 -94.50 121.28 12.38
N ASP D 3102 -93.77 120.61 13.28
CA ASP D 3102 -92.39 121.04 13.53
C ASP D 3102 -91.55 121.01 12.25
N ILE D 3103 -91.67 119.94 11.47
CA ILE D 3103 -90.84 119.80 10.27
C ILE D 3103 -91.22 120.85 9.24
N GLU D 3104 -92.53 121.02 9.00
CA GLU D 3104 -92.93 122.08 8.06
C GLU D 3104 -92.63 123.47 8.61
N LYS D 3105 -92.48 123.62 9.93
CA LYS D 3105 -91.91 124.85 10.46
C LYS D 3105 -90.47 125.04 9.96
N MET D 3106 -89.66 123.96 9.98
CA MET D 3106 -88.21 124.08 9.77
C MET D 3106 -87.69 123.36 8.51
N VAL D 3107 -88.51 123.14 7.48
CA VAL D 3107 -87.97 122.67 6.20
C VAL D 3107 -87.09 123.75 5.56
N GLU D 3108 -87.47 125.02 5.70
CA GLU D 3108 -86.62 126.11 5.23
C GLU D 3108 -85.42 126.32 6.13
N ASN D 3109 -85.57 126.12 7.44
CA ASN D 3109 -84.48 126.30 8.38
C ASN D 3109 -83.59 125.06 8.44
N LEU D 3110 -84.17 123.92 8.85
CA LEU D 3110 -83.46 122.65 9.08
C LEU D 3110 -82.41 122.94 10.16
N ARG D 3111 -81.11 122.76 9.91
CA ARG D 3111 -80.10 123.13 10.90
C ARG D 3111 -79.89 124.63 11.00
N LEU D 3112 -80.21 125.40 9.94
CA LEU D 3112 -79.93 126.82 9.89
C LEU D 3112 -80.64 127.59 11.01
N GLY D 3113 -81.83 127.15 11.40
CA GLY D 3113 -82.54 127.77 12.50
C GLY D 3113 -81.88 127.53 13.84
N VAL D 3125 -82.70 125.13 16.47
CA VAL D 3125 -81.39 124.62 16.85
C VAL D 3125 -81.15 123.27 16.19
N GLY D 3126 -79.90 122.80 16.27
CA GLY D 3126 -79.47 121.59 15.58
C GLY D 3126 -79.40 120.36 16.46
N GLN D 3127 -80.34 120.21 17.39
CA GLN D 3127 -80.50 119.02 18.23
C GLN D 3127 -81.92 118.45 18.21
N ASN D 3128 -82.93 119.31 18.18
CA ASN D 3128 -84.30 118.81 18.13
C ASN D 3128 -84.62 118.15 16.80
N LEU D 3129 -83.97 118.60 15.71
CA LEU D 3129 -84.19 117.98 14.41
C LEU D 3129 -83.67 116.55 14.37
N THR D 3130 -82.50 116.29 14.97
CA THR D 3130 -81.94 114.94 15.00
C THR D 3130 -82.77 114.00 15.87
N TYR D 3131 -83.20 114.50 17.04
CA TYR D 3131 -84.06 113.70 17.91
C TYR D 3131 -85.38 113.38 17.25
N THR D 3132 -85.97 114.38 16.58
CA THR D 3132 -87.19 114.15 15.81
C THR D 3132 -86.96 113.18 14.67
N THR D 3133 -85.78 113.23 14.05
CA THR D 3133 -85.45 112.33 12.95
C THR D 3133 -85.46 110.88 13.41
N VAL D 3134 -84.63 110.54 14.39
CA VAL D 3134 -84.60 109.13 14.79
C VAL D 3134 -85.87 108.73 15.54
N ALA D 3135 -86.61 109.70 16.12
CA ALA D 3135 -87.89 109.37 16.72
C ALA D 3135 -88.92 108.95 15.68
N LEU D 3136 -89.00 109.67 14.56
CA LEU D 3136 -90.07 109.52 13.58
C LEU D 3136 -89.68 108.72 12.35
N LEU D 3137 -88.61 109.12 11.67
CA LEU D 3137 -88.31 108.66 10.31
C LEU D 3137 -88.09 107.16 10.19
N PRO D 3138 -87.31 106.47 11.06
CA PRO D 3138 -87.26 105.01 10.95
C PRO D 3138 -88.52 104.30 11.42
N VAL D 3139 -89.22 104.86 12.42
CA VAL D 3139 -90.38 104.20 13.00
C VAL D 3139 -91.56 104.21 12.02
N LEU D 3140 -91.76 105.35 11.36
CA LEU D 3140 -92.93 105.52 10.51
C LEU D 3140 -92.86 104.64 9.27
N THR D 3141 -91.65 104.28 8.82
CA THR D 3141 -91.51 103.37 7.67
C THR D 3141 -92.13 102.02 7.97
N THR D 3142 -91.82 101.47 9.15
CA THR D 3142 -92.44 100.22 9.58
C THR D 3142 -93.94 100.37 9.79
N LEU D 3143 -94.37 101.57 10.24
CA LEU D 3143 -95.81 101.82 10.39
C LEU D 3143 -96.56 101.67 9.07
N PHE D 3144 -96.10 102.39 8.04
CA PHE D 3144 -96.81 102.28 6.77
C PHE D 3144 -96.56 100.94 6.10
N GLN D 3145 -95.47 100.24 6.44
CA GLN D 3145 -95.32 98.88 5.92
C GLN D 3145 -96.41 97.96 6.47
N HIS D 3146 -96.71 98.08 7.78
CA HIS D 3146 -97.78 97.29 8.35
C HIS D 3146 -99.13 97.66 7.74
N ILE D 3147 -99.38 98.95 7.53
CA ILE D 3147 -100.65 99.35 6.93
C ILE D 3147 -100.75 98.90 5.48
N ALA D 3148 -99.69 99.09 4.70
CA ALA D 3148 -99.75 98.84 3.25
C ALA D 3148 -99.81 97.36 2.94
N GLN D 3149 -99.13 96.53 3.74
CA GLN D 3149 -99.16 95.10 3.49
C GLN D 3149 -100.56 94.52 3.70
N HIS D 3150 -101.26 94.98 4.74
CA HIS D 3150 -102.63 94.58 5.00
C HIS D 3150 -103.67 95.38 4.22
N GLN D 3151 -103.26 96.28 3.32
CA GLN D 3151 -104.13 97.07 2.44
C GLN D 3151 -105.23 97.81 3.20
N PHE D 3152 -104.90 98.31 4.39
CA PHE D 3152 -105.77 99.18 5.17
C PHE D 3152 -105.54 100.66 4.88
N GLY D 3153 -104.57 101.03 4.03
CA GLY D 3153 -104.30 102.42 3.78
C GLY D 3153 -105.39 103.15 3.01
N ASP D 3154 -106.30 102.42 2.37
CA ASP D 3154 -107.32 103.05 1.55
C ASP D 3154 -108.31 103.86 2.38
N ASP D 3155 -108.65 103.37 3.59
CA ASP D 3155 -109.79 103.87 4.38
C ASP D 3155 -109.42 104.38 5.77
N VAL D 3156 -108.40 103.84 6.42
CA VAL D 3156 -108.20 104.08 7.85
C VAL D 3156 -107.56 105.42 8.18
N ILE D 3157 -107.24 106.26 7.19
CA ILE D 3157 -106.61 107.57 7.41
C ILE D 3157 -107.28 108.69 6.63
N LEU D 3158 -108.55 108.49 6.25
CA LEU D 3158 -109.35 109.42 5.44
C LEU D 3158 -109.41 110.82 6.02
N ASP D 3159 -109.65 110.96 7.32
CA ASP D 3159 -110.16 112.21 7.89
C ASP D 3159 -109.03 113.05 8.48
N ASP D 3160 -108.46 113.92 7.62
CA ASP D 3160 -107.45 114.94 7.96
C ASP D 3160 -106.05 114.41 8.23
N VAL D 3161 -105.87 113.09 8.29
CA VAL D 3161 -104.54 112.51 8.24
C VAL D 3161 -104.02 112.57 6.81
N GLN D 3162 -104.90 112.42 5.82
CA GLN D 3162 -104.54 112.71 4.43
C GLN D 3162 -104.07 114.14 4.28
N VAL D 3163 -104.78 115.09 4.87
CA VAL D 3163 -104.44 116.50 4.72
C VAL D 3163 -103.11 116.79 5.43
N SER D 3164 -102.91 116.21 6.61
CA SER D 3164 -101.69 116.44 7.37
C SER D 3164 -100.47 115.85 6.66
N CYS D 3165 -100.58 114.66 6.08
CA CYS D 3165 -99.44 114.08 5.37
C CYS D 3165 -99.21 114.78 4.03
N TYR D 3166 -100.29 115.20 3.37
CA TYR D 3166 -100.14 115.91 2.12
C TYR D 3166 -99.52 117.28 2.32
N ARG D 3167 -99.66 117.87 3.52
CA ARG D 3167 -98.89 119.06 3.84
C ARG D 3167 -97.38 118.79 3.84
N THR D 3168 -96.97 117.61 4.29
CA THR D 3168 -95.57 117.22 4.14
C THR D 3168 -95.20 117.10 2.68
N LEU D 3169 -96.14 116.62 1.85
CA LEU D 3169 -95.88 116.65 0.42
C LEU D 3169 -95.74 118.08 -0.10
N CYS D 3170 -96.48 119.04 0.47
CA CYS D 3170 -96.30 120.43 0.06
C CYS D 3170 -94.94 120.96 0.46
N SER D 3171 -94.40 120.53 1.61
CA SER D 3171 -93.10 121.00 2.10
C SER D 3171 -91.92 120.17 1.59
N ILE D 3172 -92.15 119.10 0.82
CA ILE D 3172 -91.03 118.25 0.38
C ILE D 3172 -90.16 118.94 -0.67
N TYR D 3173 -90.64 120.01 -1.31
CA TYR D 3173 -89.83 120.69 -2.32
C TYR D 3173 -88.58 121.33 -1.73
N SER D 3174 -88.70 121.87 -0.50
CA SER D 3174 -87.56 122.51 0.15
C SER D 3174 -86.42 121.52 0.43
N LEU D 3175 -86.76 120.24 0.63
CA LEU D 3175 -85.74 119.19 0.77
C LEU D 3175 -85.28 118.80 -0.62
N GLY D 3176 -84.42 119.65 -1.19
CA GLY D 3176 -83.88 119.49 -2.52
C GLY D 3176 -83.81 120.79 -3.29
N THR D 3177 -84.77 121.70 -3.05
CA THR D 3177 -84.73 123.00 -3.71
C THR D 3177 -83.67 123.90 -3.09
N THR D 3178 -83.55 123.86 -1.76
CA THR D 3178 -82.56 124.61 -1.00
C THR D 3178 -81.70 123.64 -0.21
N LYS D 3179 -80.38 123.89 -0.23
CA LYS D 3179 -79.40 123.02 0.41
C LYS D 3179 -78.34 123.94 1.04
N ASN D 3180 -78.41 124.12 2.36
CA ASN D 3180 -77.42 124.86 3.11
C ASN D 3180 -76.37 123.93 3.73
N THR D 3181 -76.80 122.99 4.57
CA THR D 3181 -75.96 121.88 5.04
C THR D 3181 -76.68 120.54 5.10
N TYR D 3182 -78.00 120.52 5.19
CA TYR D 3182 -78.76 119.36 5.66
C TYR D 3182 -79.45 118.63 4.52
N LYS D 3185 -77.71 114.82 2.92
CA LYS D 3185 -77.25 113.77 3.82
C LYS D 3185 -78.39 112.79 4.13
N LEU D 3186 -79.43 113.30 4.80
CA LEU D 3186 -80.60 112.51 5.14
C LEU D 3186 -81.57 112.33 3.98
N ARG D 3187 -81.33 112.96 2.83
CA ARG D 3187 -82.25 112.87 1.69
C ARG D 3187 -82.50 111.45 1.18
N PRO D 3188 -81.53 110.55 1.09
CA PRO D 3188 -81.90 109.15 0.75
C PRO D 3188 -82.76 108.46 1.80
N ALA D 3189 -82.39 108.56 3.08
CA ALA D 3189 -83.20 107.94 4.14
C ALA D 3189 -84.57 108.61 4.22
N LEU D 3190 -84.59 109.94 4.05
CA LEU D 3190 -85.86 110.66 3.98
C LEU D 3190 -86.65 110.20 2.76
N GLY D 3191 -85.97 109.92 1.66
CA GLY D 3191 -86.65 109.44 0.48
C GLY D 3191 -87.27 108.06 0.68
N GLU D 3192 -86.62 107.20 1.46
CA GLU D 3192 -87.20 105.91 1.78
C GLU D 3192 -88.47 106.08 2.63
N CYS D 3193 -88.37 106.90 3.68
CA CYS D 3193 -89.55 107.18 4.50
C CYS D 3193 -90.65 107.86 3.70
N LEU D 3194 -90.26 108.71 2.75
CA LEU D 3194 -91.22 109.34 1.85
C LEU D 3194 -91.86 108.30 0.94
N ALA D 3195 -91.06 107.36 0.43
CA ALA D 3195 -91.55 106.34 -0.50
C ALA D 3195 -92.58 105.45 0.17
N ARG D 3196 -92.47 105.25 1.48
CA ARG D 3196 -93.50 104.48 2.17
C ARG D 3196 -94.86 105.19 2.20
N LEU D 3197 -94.92 106.51 2.03
CA LEU D 3197 -96.22 107.18 2.00
C LEU D 3197 -97.02 106.82 0.75
N ALA D 3198 -96.34 106.63 -0.38
CA ALA D 3198 -97.03 106.23 -1.60
C ALA D 3198 -97.67 104.86 -1.46
N ALA D 3199 -97.06 103.97 -0.68
CA ALA D 3199 -97.68 102.69 -0.39
C ALA D 3199 -98.97 102.85 0.41
N ALA D 3200 -99.07 103.92 1.23
CA ALA D 3200 -100.24 104.23 2.05
C ALA D 3200 -100.92 105.50 1.54
N MET D 3201 -101.07 105.60 0.22
CA MET D 3201 -101.67 106.75 -0.47
C MET D 3201 -103.11 106.45 -0.86
N PRO D 3202 -104.11 106.74 -0.01
CA PRO D 3202 -105.50 106.46 -0.41
C PRO D 3202 -106.00 107.30 -1.57
N VAL D 3203 -105.73 108.61 -1.55
CA VAL D 3203 -106.25 109.49 -2.59
C VAL D 3203 -105.49 109.24 -3.89
N ALA D 3204 -106.24 109.09 -4.97
CA ALA D 3204 -105.69 108.93 -6.32
C ALA D 3204 -105.65 110.30 -6.97
N PHE D 3205 -104.44 110.87 -7.09
CA PHE D 3205 -104.24 112.23 -7.56
C PHE D 3205 -103.63 112.31 -8.96
N LEU D 3206 -103.76 111.24 -9.77
CA LEU D 3206 -103.36 111.34 -11.16
C LEU D 3206 -104.22 112.36 -11.90
N GLU D 3207 -105.53 112.35 -11.62
CA GLU D 3207 -106.50 113.32 -12.10
C GLU D 3207 -107.46 113.64 -10.95
N PRO D 3208 -107.50 114.86 -10.39
CA PRO D 3208 -108.46 115.11 -9.31
C PRO D 3208 -109.93 114.99 -9.71
N GLN D 3209 -110.26 115.25 -10.97
CA GLN D 3209 -111.64 115.15 -11.44
C GLN D 3209 -112.14 113.72 -11.36
N LEU D 3210 -111.34 112.77 -11.85
CA LEU D 3210 -111.70 111.36 -11.73
C LEU D 3210 -111.69 110.90 -10.28
N ASN D 3211 -110.87 111.54 -9.44
CA ASN D 3211 -110.89 111.24 -8.01
C ASN D 3211 -112.23 111.63 -7.40
N GLU D 3212 -112.79 112.77 -7.81
CA GLU D 3212 -114.16 113.07 -7.40
C GLU D 3212 -115.15 112.08 -7.99
N TYR D 3213 -114.84 111.55 -9.18
CA TYR D 3213 -115.64 110.44 -9.70
C TYR D 3213 -115.52 109.21 -8.80
N ASN D 3214 -114.32 108.91 -8.32
CA ASN D 3214 -114.08 107.74 -7.49
C ASN D 3214 -114.56 107.97 -6.06
N ALA D 3215 -114.77 106.87 -5.33
CA ALA D 3215 -115.27 106.96 -3.96
C ALA D 3215 -114.19 107.43 -3.00
N CYS D 3216 -112.93 107.06 -3.21
CA CYS D 3216 -111.85 107.44 -2.32
C CYS D 3216 -111.58 108.93 -2.37
N VAL D 3218 -111.62 112.57 -0.90
CA VAL D 3218 -111.83 113.14 0.41
C VAL D 3218 -112.96 114.17 0.40
N TYR D 3219 -113.13 114.85 -0.74
CA TYR D 3219 -114.23 115.80 -0.87
C TYR D 3219 -115.58 115.11 -0.99
N THR D 3220 -115.60 113.90 -1.57
CA THR D 3220 -116.87 113.24 -1.88
C THR D 3220 -117.58 112.74 -0.63
N THR D 3221 -116.83 112.12 0.28
CA THR D 3221 -117.41 111.42 1.43
C THR D 3221 -118.14 112.35 2.38
N LYS D 3222 -117.41 113.26 3.03
CA LYS D 3222 -118.02 114.29 3.86
C LYS D 3222 -118.47 115.45 2.98
N SER D 3223 -119.11 116.44 3.60
CA SER D 3223 -119.49 117.63 2.87
C SER D 3223 -118.22 118.42 2.53
N PRO D 3224 -118.02 118.87 1.28
CA PRO D 3224 -116.76 119.60 0.99
C PRO D 3224 -116.67 120.96 1.66
N ARG D 3225 -117.79 121.55 2.09
CA ARG D 3225 -117.74 122.80 2.83
C ARG D 3225 -117.04 122.61 4.17
N GLU D 3226 -117.25 121.47 4.82
CA GLU D 3226 -116.58 121.19 6.09
C GLU D 3226 -115.07 121.04 5.90
N ARG D 3227 -114.64 120.54 4.74
CA ARG D 3227 -113.21 120.40 4.49
C ARG D 3227 -112.51 121.74 4.39
N ALA D 3228 -113.22 122.79 3.97
CA ALA D 3228 -112.65 124.13 3.88
C ALA D 3228 -112.30 124.66 5.26
N ASN D 3234 -111.24 126.59 -1.66
CA ASN D 3234 -111.33 125.18 -1.26
C ASN D 3234 -111.36 124.28 -2.49
N SER D 3235 -110.22 123.68 -2.80
CA SER D 3235 -110.12 122.75 -3.91
C SER D 3235 -109.01 121.75 -3.61
N VAL D 3236 -109.13 120.57 -4.22
CA VAL D 3236 -108.13 119.52 -4.01
C VAL D 3236 -106.78 119.94 -4.57
N GLU D 3237 -106.77 120.57 -5.75
CA GLU D 3237 -105.52 121.04 -6.34
C GLU D 3237 -104.98 122.28 -5.65
N GLU D 3238 -105.83 123.05 -4.95
CA GLU D 3238 -105.37 124.21 -4.21
C GLU D 3238 -104.48 123.83 -3.02
N MET D 3239 -104.56 122.60 -2.53
CA MET D 3239 -103.67 122.16 -1.47
C MET D 3239 -102.22 122.20 -1.92
N CYS D 3240 -101.94 121.67 -3.12
CA CYS D 3240 -100.61 121.65 -3.72
C CYS D 3240 -100.75 122.13 -5.16
N PRO D 3241 -100.79 123.45 -5.38
CA PRO D 3241 -100.84 123.96 -6.77
C PRO D 3241 -99.64 123.59 -7.62
N ASP D 3242 -98.47 123.38 -6.98
CA ASP D 3242 -97.23 123.00 -7.67
C ASP D 3242 -97.03 121.49 -7.66
N ILE D 3243 -98.11 120.72 -7.73
CA ILE D 3243 -97.99 119.26 -7.70
C ILE D 3243 -97.31 118.79 -8.98
N PRO D 3244 -96.46 117.75 -8.96
CA PRO D 3244 -95.97 117.20 -10.23
C PRO D 3244 -97.00 116.24 -10.82
N VAL D 3245 -97.52 116.59 -12.00
CA VAL D 3245 -98.41 115.69 -12.72
C VAL D 3245 -97.59 114.47 -13.17
N LEU D 3246 -98.21 113.30 -13.12
CA LEU D 3246 -97.48 112.06 -13.42
C LEU D 3246 -97.06 112.00 -14.89
N ASP D 3247 -97.91 112.50 -15.79
CA ASP D 3247 -97.50 112.66 -17.18
C ASP D 3247 -96.38 113.70 -17.31
N ARG D 3248 -96.45 114.75 -16.52
CA ARG D 3248 -95.39 115.76 -16.56
C ARG D 3248 -94.12 115.20 -15.92
N LEU D 3249 -94.27 114.37 -14.88
CA LEU D 3249 -93.11 113.70 -14.29
C LEU D 3249 -92.47 112.74 -15.28
N MET D 3250 -93.29 112.05 -16.06
CA MET D 3250 -92.80 111.19 -17.14
C MET D 3250 -91.95 111.98 -18.12
N ALA D 3251 -92.45 113.15 -18.55
CA ALA D 3251 -91.64 113.97 -19.44
C ALA D 3251 -90.38 114.47 -18.76
N ASP D 3252 -90.46 114.77 -17.46
CA ASP D 3252 -89.30 115.26 -16.72
C ASP D 3252 -88.20 114.20 -16.66
N ILE D 3253 -88.55 112.97 -16.28
CA ILE D 3253 -87.55 111.92 -16.20
C ILE D 3253 -87.08 111.53 -17.60
N GLY D 3254 -87.94 111.62 -18.61
CA GLY D 3254 -87.52 111.28 -19.96
C GLY D 3254 -86.48 112.24 -20.49
N GLY D 3255 -86.69 113.54 -20.27
CA GLY D 3255 -85.66 114.51 -20.64
C GLY D 3255 -84.41 114.39 -19.79
N LEU D 3256 -84.58 114.14 -18.49
CA LEU D 3256 -83.44 114.03 -17.58
C LEU D 3256 -82.65 112.74 -17.77
N ALA D 3257 -83.24 111.71 -18.39
CA ALA D 3257 -82.56 110.45 -18.60
C ALA D 3257 -81.38 110.60 -19.54
N GLU D 3258 -81.55 111.39 -20.60
CA GLU D 3258 -80.46 111.59 -21.54
C GLU D 3258 -79.31 112.36 -20.91
N SER D 3259 -79.62 113.30 -20.02
CA SER D 3259 -78.56 114.05 -19.34
C SER D 3259 -77.83 113.16 -18.33
N GLY D 3260 -78.53 112.72 -17.29
CA GLY D 3260 -77.96 111.79 -16.34
C GLY D 3260 -76.78 112.31 -15.55
N ALA D 3261 -76.83 113.57 -15.11
CA ALA D 3261 -75.76 114.14 -14.31
C ALA D 3261 -75.83 113.62 -12.88
N ARG D 3262 -74.81 113.96 -12.09
CA ARG D 3262 -74.73 113.49 -10.72
C ARG D 3262 -75.81 114.12 -9.86
N TYR D 3263 -76.19 113.40 -8.80
CA TYR D 3263 -77.23 113.87 -7.88
C TYR D 3263 -76.67 114.99 -7.01
N PRO D 3267 -80.39 116.49 -10.78
CA PRO D 3267 -80.75 115.09 -10.55
C PRO D 3267 -80.86 114.68 -9.09
N HIS D 3268 -80.67 115.62 -8.14
CA HIS D 3268 -80.86 115.30 -6.73
C HIS D 3268 -82.29 114.88 -6.43
N VAL D 3269 -83.27 115.38 -7.21
CA VAL D 3269 -84.66 115.01 -7.00
C VAL D 3269 -84.95 113.55 -7.37
N ILE D 3270 -84.04 112.87 -8.08
CA ILE D 3270 -84.29 111.47 -8.42
C ILE D 3270 -84.28 110.60 -7.16
N GLU D 3271 -83.51 110.98 -6.13
CA GLU D 3271 -83.41 110.15 -4.93
C GLU D 3271 -84.74 110.08 -4.16
N ILE D 3272 -85.62 111.08 -4.31
CA ILE D 3272 -86.86 111.18 -3.55
C ILE D 3272 -88.09 111.11 -4.45
N THR D 3273 -88.00 111.68 -5.66
CA THR D 3273 -89.14 111.76 -6.58
C THR D 3273 -89.27 110.50 -7.45
N LEU D 3274 -88.16 109.87 -7.81
CA LEU D 3274 -88.26 108.60 -8.53
C LEU D 3274 -88.94 107.51 -7.71
N PRO D 3275 -88.65 107.29 -6.42
CA PRO D 3275 -89.39 106.24 -5.70
C PRO D 3275 -90.89 106.52 -5.52
N MET D 3276 -91.36 107.74 -5.72
CA MET D 3276 -92.81 107.98 -5.81
C MET D 3276 -93.40 107.18 -6.95
N LEU D 3277 -92.73 107.16 -8.11
CA LEU D 3277 -93.28 106.51 -9.28
C LEU D 3277 -93.38 105.01 -9.08
N CYS D 3278 -92.30 104.38 -8.62
CA CYS D 3278 -92.31 102.94 -8.41
C CYS D 3278 -93.16 102.53 -7.22
N SER D 3279 -93.23 103.35 -6.18
CA SER D 3279 -94.06 103.03 -5.02
C SER D 3279 -95.55 103.29 -5.24
N TYR D 3280 -95.92 104.09 -6.25
CA TYR D 3280 -97.30 104.53 -6.47
C TYR D 3280 -97.94 103.92 -7.70
N LEU D 3281 -97.30 104.00 -8.87
CA LEU D 3281 -97.97 103.57 -10.10
C LEU D 3281 -98.07 102.05 -10.16
N PRO D 3282 -97.05 101.28 -9.75
CA PRO D 3282 -97.30 99.86 -9.47
C PRO D 3282 -98.38 99.63 -8.41
N ARG D 3283 -98.44 100.47 -7.38
CA ARG D 3283 -99.44 100.28 -6.34
C ARG D 3283 -100.85 100.57 -6.86
N TRP D 3284 -101.00 101.46 -7.85
CA TRP D 3284 -102.29 101.90 -8.35
C TRP D 3284 -102.67 101.36 -9.74
N TRP D 3285 -101.77 100.65 -10.42
CA TRP D 3285 -102.07 100.18 -11.77
C TRP D 3285 -103.15 99.12 -11.77
N GLU D 3286 -103.02 98.13 -10.88
CA GLU D 3286 -104.05 97.10 -10.76
C GLU D 3286 -105.37 97.68 -10.27
N ARG D 3287 -105.32 98.74 -9.47
CA ARG D 3287 -106.55 99.34 -8.96
C ARG D 3287 -107.35 100.00 -10.06
N GLY D 3288 -106.68 100.71 -10.97
CA GLY D 3288 -107.30 101.57 -11.94
C GLY D 3288 -107.30 100.98 -13.34
N PRO D 3289 -107.30 101.80 -14.40
CA PRO D 3289 -107.56 101.27 -15.74
C PRO D 3289 -106.32 100.60 -16.31
N GLU D 3290 -106.48 99.99 -17.48
CA GLU D 3290 -105.42 99.27 -18.18
C GLU D 3290 -104.89 98.11 -17.34
N ALA D 3291 -105.79 97.47 -16.61
CA ALA D 3291 -105.48 96.35 -15.72
C ALA D 3291 -106.74 95.53 -15.54
N PRO D 3292 -106.93 94.41 -16.24
CA PRO D 3292 -108.15 93.60 -16.02
C PRO D 3292 -108.17 93.00 -14.63
N PRO D 3293 -109.11 93.42 -13.74
CA PRO D 3293 -109.01 92.85 -12.38
C PRO D 3293 -109.56 91.43 -12.31
N ALA D 3300 -116.70 99.76 -11.10
CA ALA D 3300 -117.92 100.31 -11.68
C ALA D 3300 -117.89 101.84 -11.86
N PRO D 3301 -117.34 102.60 -10.90
CA PRO D 3301 -117.05 104.02 -11.18
C PRO D 3301 -115.91 104.16 -12.17
N PRO D 3302 -115.60 105.37 -12.62
CA PRO D 3302 -114.46 105.56 -13.53
C PRO D 3302 -113.15 105.20 -12.83
N PRO D 3303 -112.21 104.52 -13.50
CA PRO D 3303 -110.89 104.36 -12.88
C PRO D 3303 -110.16 105.70 -12.80
N CYS D 3304 -109.63 106.01 -11.62
CA CYS D 3304 -109.02 107.32 -11.41
C CYS D 3304 -107.69 107.45 -12.14
N THR D 3305 -106.84 106.43 -12.02
CA THR D 3305 -105.51 106.50 -12.61
C THR D 3305 -105.55 106.23 -14.11
N VAL D 3307 -102.76 106.04 -15.61
CA VAL D 3307 -101.60 105.19 -15.81
C VAL D 3307 -102.01 104.01 -16.67
N THR D 3308 -101.04 103.53 -17.45
CA THR D 3308 -101.20 102.38 -18.33
C THR D 3308 -100.08 101.39 -18.03
N SER D 3309 -100.28 100.15 -18.49
CA SER D 3309 -99.20 99.19 -18.46
C SER D 3309 -98.03 99.65 -19.32
N ASP D 3310 -98.34 100.28 -20.46
CA ASP D 3310 -97.30 100.88 -21.28
C ASP D 3310 -96.64 102.06 -20.57
N HIS D 3311 -97.35 102.73 -19.67
CA HIS D 3311 -96.70 103.78 -18.87
C HIS D 3311 -95.64 103.18 -17.94
N LEU D 3312 -95.97 102.05 -17.30
CA LEU D 3312 -94.99 101.35 -16.49
C LEU D 3312 -93.81 100.87 -17.33
N ASN D 3313 -94.10 100.37 -18.54
CA ASN D 3313 -93.05 99.96 -19.46
C ASN D 3313 -92.15 101.13 -19.86
N SER D 3314 -92.75 102.27 -20.18
CA SER D 3314 -92.00 103.43 -20.66
C SER D 3314 -91.11 103.98 -19.56
N LEU D 3315 -91.67 104.16 -18.36
CA LEU D 3315 -90.86 104.66 -17.27
C LEU D 3315 -89.80 103.65 -16.89
N LEU D 3316 -90.09 102.35 -16.98
CA LEU D 3316 -89.10 101.33 -16.66
C LEU D 3316 -87.93 101.34 -17.64
N GLY D 3317 -88.22 101.60 -18.92
CA GLY D 3317 -87.16 101.89 -19.86
C GLY D 3317 -86.32 103.07 -19.44
N ASN D 3318 -86.96 104.10 -18.91
CA ASN D 3318 -86.20 105.24 -18.38
C ASN D 3318 -85.48 104.92 -17.06
N ILE D 3319 -85.99 103.98 -16.25
CA ILE D 3319 -85.29 103.55 -15.04
C ILE D 3319 -83.95 102.91 -15.42
N LEU D 3320 -84.01 101.99 -16.39
CA LEU D 3320 -82.79 101.36 -16.89
C LEU D 3320 -81.88 102.39 -17.54
N ARG D 3321 -82.45 103.37 -18.25
CA ARG D 3321 -81.62 104.38 -18.88
C ARG D 3321 -80.96 105.29 -17.84
N ILE D 3322 -81.63 105.55 -16.72
CA ILE D 3322 -81.04 106.33 -15.65
C ILE D 3322 -79.84 105.61 -15.08
N ILE D 3323 -79.96 104.30 -14.85
CA ILE D 3323 -78.80 103.56 -14.37
C ILE D 3323 -77.71 103.48 -15.43
N VAL D 3324 -78.08 103.42 -16.71
CA VAL D 3324 -77.09 103.36 -17.78
C VAL D 3324 -76.28 104.66 -17.83
N ASN D 3325 -76.96 105.81 -17.75
CA ASN D 3325 -76.25 107.07 -17.87
C ASN D 3325 -75.41 107.35 -16.62
N ASN D 3326 -75.93 107.04 -15.43
CA ASN D 3326 -75.24 107.32 -14.18
C ASN D 3326 -74.26 106.18 -13.86
N LEU D 3327 -73.22 106.11 -14.69
CA LEU D 3327 -72.20 105.08 -14.50
C LEU D 3327 -71.39 105.32 -13.23
N GLY D 3328 -70.96 106.55 -13.01
CA GLY D 3328 -70.08 106.87 -11.90
C GLY D 3328 -68.64 106.48 -12.22
N ILE D 3329 -67.68 107.16 -11.56
CA ILE D 3329 -66.26 106.97 -11.83
C ILE D 3329 -65.53 106.49 -10.58
N ASP D 3330 -66.01 106.86 -9.38
CA ASP D 3330 -65.41 106.40 -8.12
C ASP D 3330 -66.40 106.07 -7.01
N GLU D 3331 -67.66 106.49 -7.08
CA GLU D 3331 -68.57 106.37 -5.95
C GLU D 3331 -70.01 106.47 -6.40
N ALA D 3332 -70.86 105.63 -5.79
CA ALA D 3332 -72.31 105.73 -5.89
C ALA D 3332 -72.91 104.80 -4.85
N THR D 3333 -73.84 105.30 -4.04
CA THR D 3333 -74.47 104.56 -2.96
C THR D 3333 -75.98 104.83 -2.94
N TRP D 3334 -76.59 104.73 -4.13
CA TRP D 3334 -78.04 104.94 -4.29
C TRP D 3334 -78.70 103.90 -5.19
N MET D 3335 -77.96 103.07 -5.92
CA MET D 3335 -78.60 102.06 -6.76
C MET D 3335 -79.31 100.99 -5.94
N LYS D 3336 -78.85 100.75 -4.71
CA LYS D 3336 -79.32 99.62 -3.92
C LYS D 3336 -80.80 99.75 -3.58
N ARG D 3337 -81.17 100.90 -3.02
CA ARG D 3337 -82.55 101.11 -2.61
C ARG D 3337 -83.48 101.18 -3.80
N LEU D 3338 -83.03 101.81 -4.89
CA LEU D 3338 -83.90 101.97 -6.05
C LEU D 3338 -84.13 100.65 -6.76
N ALA D 3339 -83.08 99.83 -6.89
CA ALA D 3339 -83.24 98.53 -7.52
C ALA D 3339 -84.09 97.61 -6.65
N VAL D 3340 -83.88 97.64 -5.32
CA VAL D 3340 -84.67 96.79 -4.44
C VAL D 3340 -86.11 97.26 -4.39
N PHE D 3341 -86.34 98.58 -4.42
CA PHE D 3341 -87.68 99.11 -4.30
C PHE D 3341 -88.53 98.80 -5.52
N ALA D 3342 -87.92 98.78 -6.70
CA ALA D 3342 -88.63 98.54 -7.96
C ALA D 3342 -88.73 97.05 -8.29
N GLN D 3343 -89.21 96.26 -7.33
CA GLN D 3343 -89.43 94.83 -7.52
C GLN D 3343 -90.74 94.53 -8.25
N PRO D 3344 -91.91 95.01 -7.80
CA PRO D 3344 -93.17 94.58 -8.46
C PRO D 3344 -93.34 95.09 -9.88
N ILE D 3345 -92.61 96.14 -10.30
CA ILE D 3345 -92.71 96.59 -11.68
C ILE D 3345 -92.13 95.55 -12.63
N VAL D 3346 -91.14 94.77 -12.19
CA VAL D 3346 -90.60 93.68 -13.00
C VAL D 3346 -91.55 92.49 -13.08
N SER D 3347 -92.57 92.42 -12.21
CA SER D 3347 -93.45 91.26 -12.19
C SER D 3347 -94.30 91.15 -13.44
N ARG D 3348 -94.90 92.26 -13.90
CA ARG D 3348 -95.72 92.20 -15.10
C ARG D 3348 -94.81 92.09 -16.33
N ALA D 3349 -94.06 93.17 -16.61
CA ALA D 3349 -92.94 93.20 -17.55
C ALA D 3349 -93.31 92.67 -18.94
N ARG D 3350 -94.12 93.45 -19.64
CA ARG D 3350 -94.64 93.06 -20.95
C ARG D 3350 -93.49 92.82 -21.93
N PRO D 3351 -93.56 91.79 -22.79
CA PRO D 3351 -92.34 91.24 -23.39
C PRO D 3351 -91.68 92.11 -24.45
N GLU D 3352 -92.31 93.20 -24.89
CA GLU D 3352 -91.70 94.07 -25.90
C GLU D 3352 -90.47 94.81 -25.37
N LEU D 3353 -90.36 94.98 -24.06
CA LEU D 3353 -89.23 95.70 -23.47
C LEU D 3353 -87.91 94.97 -23.68
N LEU D 3354 -87.93 93.65 -23.88
CA LEU D 3354 -86.69 92.93 -24.17
C LEU D 3354 -86.10 93.40 -25.49
N HIS D 3355 -86.93 93.54 -26.53
CA HIS D 3355 -86.45 94.09 -27.79
C HIS D 3355 -86.09 95.57 -27.62
N SER D 3356 -86.87 96.30 -26.83
CA SER D 3356 -86.68 97.75 -26.79
C SER D 3356 -85.39 98.13 -26.07
N HIS D 3357 -85.29 97.80 -24.78
CA HIS D 3357 -84.31 98.40 -23.88
C HIS D 3357 -83.26 97.43 -23.35
N PHE D 3358 -83.65 96.20 -23.00
CA PHE D 3358 -82.74 95.32 -22.28
C PHE D 3358 -81.57 94.85 -23.14
N ILE D 3359 -81.79 94.69 -24.44
CA ILE D 3359 -80.74 94.19 -25.32
C ILE D 3359 -79.74 95.32 -25.59
N PRO D 3360 -80.16 96.55 -25.91
CA PRO D 3360 -79.20 97.67 -25.89
C PRO D 3360 -78.55 97.91 -24.54
N THR D 3361 -79.28 97.71 -23.45
CA THR D 3361 -78.71 97.94 -22.12
C THR D 3361 -77.63 96.91 -21.80
N ILE D 3362 -77.88 95.65 -22.13
CA ILE D 3362 -76.89 94.60 -21.93
C ILE D 3362 -75.74 94.79 -22.90
N GLY D 3363 -76.00 95.35 -24.09
CA GLY D 3363 -74.90 95.78 -24.94
C GLY D 3363 -74.07 96.86 -24.30
N ARG D 3364 -74.71 97.75 -23.55
CA ARG D 3364 -73.94 98.75 -22.80
C ARG D 3364 -73.11 98.10 -21.72
N LEU D 3365 -73.62 97.02 -21.12
CA LEU D 3365 -72.79 96.26 -20.16
C LEU D 3365 -71.65 95.53 -20.87
N ARG D 3366 -71.87 95.12 -22.11
CA ARG D 3366 -70.78 94.59 -22.92
C ARG D 3366 -69.73 95.65 -23.17
N LYS D 3367 -70.16 96.90 -23.37
CA LYS D 3367 -69.22 98.01 -23.47
C LYS D 3367 -68.61 98.36 -22.11
N ARG D 3368 -69.31 98.06 -21.02
CA ARG D 3368 -68.73 98.16 -19.69
C ARG D 3368 -67.65 97.09 -19.50
N ALA D 3369 -67.77 95.98 -20.22
CA ALA D 3369 -66.71 95.02 -20.41
C ALA D 3369 -65.92 95.41 -21.67
N GLY D 3370 -65.09 94.51 -22.17
CA GLY D 3370 -64.38 94.80 -23.40
C GLY D 3370 -63.26 95.81 -23.22
N LYS D 3371 -62.19 95.38 -22.54
CA LYS D 3371 -60.96 96.12 -22.20
C LYS D 3371 -61.14 97.06 -21.00
N VAL D 3372 -62.34 97.20 -20.45
CA VAL D 3372 -62.57 97.93 -19.20
C VAL D 3372 -62.54 96.97 -18.01
N VAL D 3373 -63.30 95.87 -18.11
CA VAL D 3373 -63.18 94.79 -17.13
C VAL D 3373 -61.78 94.18 -17.19
N ALA D 3374 -61.19 94.13 -18.39
CA ALA D 3374 -59.83 93.63 -18.60
C ALA D 3374 -58.78 94.73 -18.50
N GLU D 3375 -59.01 95.75 -17.69
CA GLU D 3375 -57.98 96.76 -17.48
C GLU D 3375 -56.79 96.21 -16.73
N GLU D 3376 -57.02 95.27 -15.81
CA GLU D 3376 -55.95 94.80 -14.93
C GLU D 3376 -54.90 94.01 -15.69
N GLU D 3377 -55.32 93.18 -16.66
CA GLU D 3377 -54.39 92.27 -17.31
C GLU D 3377 -53.39 93.01 -18.18
N GLN D 3378 -53.76 94.17 -18.73
CA GLN D 3378 -52.80 95.00 -19.46
C GLN D 3378 -51.71 95.49 -18.53
N LEU D 3379 -52.06 95.89 -17.31
CA LEU D 3379 -51.06 96.33 -16.34
C LEU D 3379 -50.15 95.18 -15.91
N ARG D 3380 -50.67 93.95 -15.87
CA ARG D 3380 -49.86 92.81 -15.49
C ARG D 3380 -48.85 92.38 -16.54
N LEU D 3381 -48.90 92.93 -17.75
CA LEU D 3381 -47.94 92.60 -18.79
C LEU D 3381 -46.52 93.02 -18.39
N GLU D 3388 -47.69 96.16 -8.52
CA GLU D 3388 -48.84 95.98 -7.65
C GLU D 3388 -49.79 97.19 -7.63
N GLU D 3389 -49.26 98.38 -7.94
CA GLU D 3389 -50.04 99.62 -7.85
C GLU D 3389 -51.20 99.64 -8.85
N GLY D 3390 -50.96 99.14 -10.06
CA GLY D 3390 -51.99 99.14 -11.09
C GLY D 3390 -53.19 98.30 -10.71
N GLU D 3391 -52.95 97.18 -10.03
CA GLU D 3391 -54.04 96.34 -9.58
C GLU D 3391 -54.90 97.08 -8.55
N LEU D 3392 -54.29 97.89 -7.69
CA LEU D 3392 -55.06 98.67 -6.73
C LEU D 3392 -55.94 99.70 -7.43
N LEU D 3393 -55.39 100.39 -8.43
CA LEU D 3393 -56.18 101.42 -9.11
C LEU D 3393 -57.34 100.81 -9.90
N VAL D 3394 -57.08 99.75 -10.65
CA VAL D 3394 -58.16 99.11 -11.41
C VAL D 3394 -59.14 98.43 -10.48
N ARG D 3395 -58.70 97.98 -9.29
CA ARG D 3395 -59.64 97.43 -8.30
C ARG D 3395 -60.60 98.52 -7.81
N ASP D 3396 -60.08 99.73 -7.59
CA ASP D 3396 -60.95 100.84 -7.19
C ASP D 3396 -61.98 101.16 -8.28
N GLU D 3397 -61.58 101.05 -9.56
CA GLU D 3397 -62.57 101.21 -10.63
C GLU D 3397 -63.55 100.03 -10.69
N PHE D 3398 -63.06 98.83 -10.38
CA PHE D 3398 -63.92 97.66 -10.37
C PHE D 3398 -64.94 97.70 -9.25
N SER D 3399 -64.72 98.52 -8.21
CA SER D 3399 -65.77 98.76 -7.22
C SER D 3399 -67.03 99.33 -7.87
N VAL D 3400 -66.87 100.34 -8.73
CA VAL D 3400 -67.99 100.91 -9.47
C VAL D 3400 -68.62 99.85 -10.38
N LEU D 3401 -67.77 99.05 -11.04
CA LEU D 3401 -68.33 98.01 -11.92
C LEU D 3401 -69.16 96.98 -11.16
N CYS D 3402 -68.65 96.49 -10.03
CA CYS D 3402 -69.37 95.47 -9.26
C CYS D 3402 -70.68 96.01 -8.69
N ARG D 3403 -70.68 97.27 -8.23
CA ARG D 3403 -71.93 97.90 -7.82
C ARG D 3403 -72.91 98.00 -8.99
N ASP D 3404 -72.41 98.27 -10.21
CA ASP D 3404 -73.31 98.33 -11.36
C ASP D 3404 -73.87 96.95 -11.72
N LEU D 3405 -73.08 95.90 -11.52
CA LEU D 3405 -73.58 94.54 -11.73
C LEU D 3405 -74.72 94.24 -10.77
N TYR D 3406 -74.57 94.64 -9.50
CA TYR D 3406 -75.69 94.50 -8.56
C TYR D 3406 -76.81 95.47 -8.81
N ALA D 3407 -76.58 96.55 -9.57
CA ALA D 3407 -77.70 97.38 -9.99
C ALA D 3407 -78.57 96.68 -11.02
N LEU D 3408 -77.95 96.10 -12.05
CA LEU D 3408 -78.74 95.55 -13.16
C LEU D 3408 -79.23 94.13 -12.90
N TYR D 3409 -78.45 93.29 -12.21
CA TYR D 3409 -78.78 91.87 -12.11
C TYR D 3409 -80.08 91.55 -11.36
N PRO D 3410 -80.33 92.03 -10.12
CA PRO D 3410 -81.55 91.59 -9.41
C PRO D 3410 -82.87 91.97 -10.07
N LEU D 3411 -82.89 92.97 -10.94
CA LEU D 3411 -84.03 93.15 -11.83
C LEU D 3411 -84.05 92.06 -12.91
N LEU D 3412 -82.88 91.72 -13.44
CA LEU D 3412 -82.78 90.74 -14.51
C LEU D 3412 -83.15 89.34 -14.05
N ILE D 3413 -82.85 88.99 -12.80
CA ILE D 3413 -83.14 87.66 -12.28
C ILE D 3413 -84.65 87.44 -12.25
N ARG D 3414 -85.37 88.39 -11.67
CA ARG D 3414 -86.82 88.27 -11.57
C ARG D 3414 -87.46 88.37 -12.95
N TYR D 3415 -86.89 89.15 -13.86
CA TYR D 3415 -87.42 89.16 -15.22
C TYR D 3415 -87.19 87.83 -15.92
N VAL D 3416 -86.03 87.20 -15.67
CA VAL D 3416 -85.71 85.92 -16.30
C VAL D 3416 -86.64 84.83 -15.77
N ASP D 3417 -86.98 84.88 -14.48
CA ASP D 3417 -87.85 83.85 -13.91
C ASP D 3417 -89.24 83.87 -14.53
N ASN D 3418 -89.78 85.05 -14.77
CA ASN D 3418 -91.12 85.20 -15.32
C ASN D 3418 -91.19 85.08 -16.84
N ASN D 3419 -90.04 84.94 -17.54
CA ASN D 3419 -90.00 84.88 -19.00
C ASN D 3419 -89.09 83.79 -19.57
N ARG D 3420 -88.46 82.96 -18.74
CA ARG D 3420 -87.65 81.87 -19.27
C ARG D 3420 -88.49 80.82 -19.99
N ALA D 3421 -89.75 80.64 -19.57
CA ALA D 3421 -90.62 79.65 -20.20
C ALA D 3421 -90.89 79.99 -21.66
N HIS D 3422 -91.19 81.25 -21.94
CA HIS D 3422 -91.47 81.65 -23.32
C HIS D 3422 -90.20 81.72 -24.15
N TRP D 3423 -89.05 82.00 -23.52
CA TRP D 3423 -87.79 81.95 -24.24
C TRP D 3423 -87.48 80.52 -24.64
N LEU D 3424 -87.77 79.55 -23.77
CA LEU D 3424 -87.54 78.16 -24.12
C LEU D 3424 -88.52 77.69 -25.19
N THR D 3425 -89.81 78.00 -25.01
CA THR D 3425 -90.83 77.52 -25.94
C THR D 3425 -90.67 78.18 -27.30
N GLU D 3426 -90.54 79.51 -27.32
CA GLU D 3426 -90.26 80.28 -28.52
C GLU D 3426 -88.78 80.65 -28.51
N PRO D 3427 -87.91 80.06 -29.38
CA PRO D 3427 -86.48 80.42 -29.31
C PRO D 3427 -86.19 81.85 -29.75
N ASN D 3428 -85.85 82.70 -28.78
CA ASN D 3428 -85.61 84.12 -29.04
C ASN D 3428 -84.16 84.35 -29.44
N ALA D 3429 -83.97 85.03 -30.58
CA ALA D 3429 -82.63 85.35 -31.05
C ALA D 3429 -81.94 86.34 -30.11
N ASN D 3430 -82.70 87.31 -29.60
CA ASN D 3430 -82.17 88.30 -28.68
C ASN D 3430 -81.68 87.64 -27.39
N ALA D 3431 -82.35 86.57 -26.96
CA ALA D 3431 -81.87 85.78 -25.85
C ALA D 3431 -80.56 85.07 -26.18
N GLU D 3432 -80.35 84.70 -27.44
CA GLU D 3432 -79.06 84.13 -27.85
C GLU D 3432 -77.94 85.13 -27.64
N GLU D 3433 -78.17 86.38 -28.06
CA GLU D 3433 -77.15 87.40 -27.84
C GLU D 3433 -76.94 87.68 -26.35
N LEU D 3434 -78.01 87.65 -25.55
CA LEU D 3434 -77.85 87.84 -24.11
C LEU D 3434 -77.04 86.70 -23.50
N PHE D 3435 -77.25 85.47 -23.98
CA PHE D 3435 -76.54 84.33 -23.43
C PHE D 3435 -75.05 84.45 -23.67
N ARG D 3436 -74.65 84.75 -24.91
CA ARG D 3436 -73.20 84.92 -25.14
C ARG D 3436 -72.62 86.12 -24.43
N MET D 3437 -73.37 87.21 -24.27
CA MET D 3437 -72.83 88.39 -23.59
C MET D 3437 -72.59 88.11 -22.10
N VAL D 3438 -73.60 87.58 -21.41
CA VAL D 3438 -73.45 87.31 -19.98
C VAL D 3438 -72.45 86.17 -19.75
N GLY D 3439 -72.32 85.25 -20.70
CA GLY D 3439 -71.25 84.27 -20.62
C GLY D 3439 -69.87 84.88 -20.75
N GLU D 3440 -69.73 85.91 -21.58
CA GLU D 3440 -68.47 86.63 -21.66
C GLU D 3440 -68.15 87.33 -20.34
N ILE D 3441 -69.18 87.88 -19.69
CA ILE D 3441 -68.98 88.47 -18.36
C ILE D 3441 -68.52 87.40 -17.37
N PHE D 3442 -69.13 86.22 -17.42
CA PHE D 3442 -68.72 85.16 -16.52
C PHE D 3442 -67.31 84.66 -16.84
N ILE D 3443 -66.91 84.68 -18.12
CA ILE D 3443 -65.57 84.24 -18.47
C ILE D 3443 -64.55 85.22 -17.90
N TYR D 3444 -64.85 86.52 -17.95
CA TYR D 3444 -64.00 87.49 -17.28
C TYR D 3444 -63.99 87.25 -15.77
N TRP D 3445 -65.13 86.89 -15.20
CA TRP D 3445 -65.20 86.60 -13.77
C TRP D 3445 -64.44 85.34 -13.38
N SER D 3446 -64.30 84.39 -14.30
CA SER D 3446 -63.75 83.08 -13.98
C SER D 3446 -62.27 83.17 -13.60
N LYS D 3447 -61.48 83.84 -14.43
CA LYS D 3447 -60.04 83.93 -14.23
C LYS D 3447 -59.62 85.13 -13.39
N SER D 3448 -60.49 86.11 -13.18
CA SER D 3448 -60.14 87.35 -12.48
C SER D 3448 -60.30 87.13 -10.98
N HIS D 3449 -59.18 86.89 -10.30
CA HIS D 3449 -59.21 86.76 -8.85
C HIS D 3449 -59.50 88.10 -8.18
N ASN D 3450 -58.96 89.19 -8.74
CA ASN D 3450 -59.20 90.50 -8.17
C ASN D 3450 -60.67 90.90 -8.27
N PHE D 3451 -61.33 90.49 -9.36
CA PHE D 3451 -62.76 90.75 -9.47
C PHE D 3451 -63.54 89.95 -8.42
N LYS D 3452 -63.08 88.74 -8.11
CA LYS D 3452 -63.71 87.98 -7.03
C LYS D 3452 -63.52 88.64 -5.68
N ARG D 3453 -62.34 89.20 -5.43
CA ARG D 3453 -62.12 89.92 -4.17
C ARG D 3453 -62.98 91.18 -4.11
N GLU D 3454 -63.12 91.88 -5.24
CA GLU D 3454 -63.98 93.06 -5.26
C GLU D 3454 -65.44 92.66 -5.07
N GLU D 3455 -65.84 91.50 -5.59
CA GLU D 3455 -67.16 90.95 -5.28
C GLU D 3455 -67.29 90.65 -3.80
N GLN D 3456 -66.24 90.10 -3.19
CA GLN D 3456 -66.24 89.80 -1.77
C GLN D 3456 -66.34 91.05 -0.91
N ASN D 3457 -65.91 92.20 -1.42
CA ASN D 3457 -65.96 93.42 -0.62
C ASN D 3457 -67.39 93.85 -0.31
N PHE D 3458 -68.25 93.95 -1.34
CA PHE D 3458 -69.58 94.49 -1.13
C PHE D 3458 -70.52 93.51 -0.44
N VAL D 3459 -70.33 92.21 -0.62
CA VAL D 3459 -71.23 91.24 0.02
C VAL D 3459 -71.05 91.26 1.53
N VAL D 3460 -69.80 91.36 1.99
CA VAL D 3460 -69.55 91.42 3.43
C VAL D 3460 -69.79 92.81 3.98
N GLN D 3461 -69.58 93.86 3.17
CA GLN D 3461 -69.89 95.21 3.65
C GLN D 3461 -71.39 95.42 3.81
N ASN D 3462 -72.16 95.04 2.80
CA ASN D 3462 -73.61 95.25 2.83
C ASN D 3462 -74.32 94.22 3.71
N GLU D 3463 -73.77 93.01 3.83
CA GLU D 3463 -74.37 91.90 4.59
C GLU D 3463 -75.75 91.56 4.03
N ILE D 3464 -75.75 91.19 2.74
CA ILE D 3464 -76.96 90.81 2.02
C ILE D 3464 -77.04 89.29 1.99
N ASN D 3465 -78.17 88.74 2.42
CA ASN D 3465 -78.35 87.29 2.41
C ASN D 3465 -78.37 86.72 0.99
N ASN D 3466 -78.90 87.49 0.03
CA ASN D 3466 -79.00 87.08 -1.37
C ASN D 3466 -79.83 85.79 -1.54
N MET D 3467 -80.86 85.63 -0.71
CA MET D 3467 -81.81 84.52 -0.76
C MET D 3467 -83.21 85.00 -1.06
N SER D 3468 -83.72 85.97 -0.30
CA SER D 3468 -85.02 86.53 -0.59
C SER D 3468 -85.05 87.31 -1.90
N PHE D 3469 -83.90 87.86 -2.31
CA PHE D 3469 -83.84 88.58 -3.59
C PHE D 3469 -84.10 87.63 -4.76
N LEU D 3470 -83.57 86.41 -4.68
CA LEU D 3470 -83.79 85.42 -5.72
C LEU D 3470 -85.24 84.93 -5.68
N GLN D 3506 -69.91 81.90 -2.69
CA GLN D 3506 -70.71 80.70 -2.91
C GLN D 3506 -72.11 81.08 -3.37
N THR D 3507 -72.75 81.96 -2.62
CA THR D 3507 -74.08 82.49 -2.95
C THR D 3507 -73.96 83.74 -3.83
N SER D 3508 -73.24 83.61 -4.95
CA SER D 3508 -73.00 84.73 -5.83
C SER D 3508 -74.19 84.96 -6.76
N LEU D 3509 -74.36 86.22 -7.16
CA LEU D 3509 -75.43 86.61 -8.08
C LEU D 3509 -75.02 86.48 -9.55
N ILE D 3510 -73.74 86.64 -9.86
CA ILE D 3510 -73.28 86.53 -11.24
C ILE D 3510 -73.42 85.10 -11.76
N VAL D 3511 -73.04 84.13 -10.93
CA VAL D 3511 -73.19 82.72 -11.28
C VAL D 3511 -74.66 82.35 -11.35
N ALA D 3512 -75.51 83.01 -10.56
CA ALA D 3512 -76.94 82.77 -10.64
C ALA D 3512 -77.50 83.20 -11.99
N THR D 3513 -77.04 84.34 -12.51
CA THR D 3513 -77.46 84.78 -13.84
C THR D 3513 -77.07 83.74 -14.89
N LEU D 3514 -75.82 83.25 -14.81
CA LEU D 3514 -75.36 82.25 -15.77
C LEU D 3514 -76.19 80.97 -15.68
N LYS D 3515 -76.37 80.44 -14.47
CA LYS D 3515 -77.02 79.14 -14.33
C LYS D 3515 -78.50 79.23 -14.64
N LYS D 3516 -79.15 80.34 -14.28
CA LYS D 3516 -80.57 80.48 -14.58
C LYS D 3516 -80.80 80.61 -16.09
N MET D 3517 -79.90 81.31 -16.80
CA MET D 3517 -80.04 81.40 -18.25
C MET D 3517 -79.58 80.14 -18.98
N LEU D 3518 -78.75 79.30 -18.35
CA LEU D 3518 -78.12 78.17 -19.06
C LEU D 3518 -79.08 77.17 -19.71
N PRO D 3519 -80.29 76.91 -19.17
CA PRO D 3519 -81.28 76.15 -19.98
C PRO D 3519 -81.59 76.78 -21.33
N ILE D 3520 -81.68 78.10 -21.42
CA ILE D 3520 -82.04 78.74 -22.69
C ILE D 3520 -80.90 78.58 -23.70
N GLY D 3521 -79.67 78.87 -23.27
CA GLY D 3521 -78.53 78.76 -24.16
C GLY D 3521 -78.25 77.32 -24.58
N LEU D 3522 -78.41 76.38 -23.64
CA LEU D 3522 -78.30 74.97 -24.03
C LEU D 3522 -79.44 74.54 -24.93
N ASN D 3523 -80.63 75.13 -24.77
CA ASN D 3523 -81.76 74.79 -25.62
C ASN D 3523 -81.54 75.25 -27.05
N MET D 3524 -80.76 76.33 -27.23
CA MET D 3524 -80.44 76.74 -28.60
C MET D 3524 -79.65 75.68 -29.35
N CYS D 3525 -78.66 75.08 -28.70
CA CYS D 3525 -77.79 74.10 -29.36
C CYS D 3525 -78.53 72.77 -29.55
N ALA D 3526 -78.22 72.09 -30.65
CA ALA D 3526 -78.88 70.84 -30.99
C ALA D 3526 -78.31 69.67 -30.18
N PRO D 3527 -79.04 68.54 -30.06
CA PRO D 3527 -78.47 67.39 -29.35
C PRO D 3527 -77.31 66.74 -30.07
N THR D 3528 -77.20 66.89 -31.40
CA THR D 3528 -76.12 66.26 -32.15
C THR D 3528 -74.75 66.80 -31.74
N ASP D 3529 -74.69 68.03 -31.25
CA ASP D 3529 -73.45 68.66 -30.80
C ASP D 3529 -72.99 68.18 -29.43
N GLN D 3530 -73.77 67.34 -28.72
CA GLN D 3530 -73.45 66.98 -27.33
C GLN D 3530 -72.14 66.21 -27.22
N ASP D 3531 -71.93 65.24 -28.11
CA ASP D 3531 -70.68 64.49 -28.14
C ASP D 3531 -69.51 65.42 -28.46
N LEU D 3532 -69.72 66.36 -29.37
CA LEU D 3532 -68.69 67.33 -29.68
C LEU D 3532 -68.49 68.30 -28.52
N ILE D 3533 -69.52 68.54 -27.71
CA ILE D 3533 -69.35 69.37 -26.53
C ILE D 3533 -68.46 68.66 -25.51
N MET D 3534 -68.61 67.34 -25.37
CA MET D 3534 -67.69 66.59 -24.51
C MET D 3534 -66.26 66.67 -25.03
N LEU D 3535 -66.09 66.53 -26.35
CA LEU D 3535 -64.76 66.66 -26.95
C LEU D 3535 -64.20 68.07 -26.76
N ALA D 3536 -65.05 69.09 -26.84
CA ALA D 3536 -64.64 70.48 -26.63
C ALA D 3536 -64.23 70.71 -25.19
N LYS D 3537 -64.94 70.09 -24.24
CA LYS D 3537 -64.56 70.17 -22.84
C LYS D 3537 -63.18 69.58 -22.61
N THR D 3538 -62.87 68.48 -23.30
CA THR D 3538 -61.49 67.99 -23.25
C THR D 3538 -60.53 68.94 -23.95
N ARG D 3539 -60.99 69.62 -25.00
CA ARG D 3539 -60.12 70.53 -25.74
C ARG D 3539 -59.65 71.70 -24.88
N TYR D 3540 -60.54 72.26 -24.05
CA TYR D 3540 -60.13 73.37 -23.19
C TYR D 3540 -59.23 72.96 -22.04
N ALA D 3541 -59.04 71.66 -21.77
CA ALA D 3541 -58.04 71.25 -20.80
C ALA D 3541 -56.63 71.64 -21.26
N LEU D 3542 -56.39 71.65 -22.57
CA LEU D 3542 -55.10 72.06 -23.12
C LEU D 3542 -54.86 73.57 -23.04
N LYS D 3543 -55.86 74.37 -22.65
CA LYS D 3543 -55.73 75.83 -22.57
C LYS D 3543 -55.45 76.43 -23.94
N ASP D 3544 -56.09 75.87 -24.97
CA ASP D 3544 -55.95 76.36 -26.32
C ASP D 3544 -56.72 77.66 -26.50
N THR D 3545 -56.44 78.33 -27.61
CA THR D 3545 -57.10 79.59 -27.93
C THR D 3545 -58.49 79.33 -28.48
N ASP D 3546 -59.27 80.41 -28.58
CA ASP D 3546 -60.62 80.29 -29.14
C ASP D 3546 -60.57 79.91 -30.62
N GLU D 3547 -59.64 80.49 -31.38
CA GLU D 3547 -59.52 80.12 -32.79
C GLU D 3547 -59.00 78.71 -32.95
N GLU D 3548 -58.13 78.25 -32.04
CA GLU D 3548 -57.57 76.91 -32.13
C GLU D 3548 -58.65 75.85 -31.94
N VAL D 3549 -59.45 75.96 -30.87
CA VAL D 3549 -60.53 74.99 -30.66
C VAL D 3549 -61.59 75.14 -31.74
N ARG D 3550 -61.82 76.37 -32.23
CA ARG D 3550 -62.79 76.59 -33.30
C ARG D 3550 -62.41 75.84 -34.57
N GLU D 3551 -61.17 76.01 -35.03
CA GLU D 3551 -60.75 75.35 -36.25
C GLU D 3551 -60.57 73.84 -36.04
N PHE D 3552 -60.07 73.45 -34.85
CA PHE D 3552 -59.85 72.04 -34.56
C PHE D 3552 -61.17 71.27 -34.50
N LEU D 3553 -62.26 71.93 -34.11
CA LEU D 3553 -63.59 71.34 -34.19
C LEU D 3553 -64.20 71.46 -35.59
N GLN D 3554 -63.91 72.54 -36.31
CA GLN D 3554 -64.55 72.76 -37.61
C GLN D 3554 -64.03 71.78 -38.65
N ASN D 3555 -62.71 71.60 -38.72
CA ASN D 3555 -62.16 70.67 -39.71
C ASN D 3555 -62.58 69.24 -39.42
N ASN D 3556 -62.65 68.87 -38.14
CA ASN D 3556 -63.14 67.56 -37.71
C ASN D 3556 -64.65 67.59 -37.43
N LEU D 3557 -65.42 68.09 -38.39
CA LEU D 3557 -66.87 68.18 -38.24
C LEU D 3557 -67.57 66.83 -38.41
N HIS D 3558 -66.93 65.85 -39.06
CA HIS D 3558 -67.54 64.56 -39.27
C HIS D 3558 -67.65 63.71 -38.01
N LEU D 3559 -67.01 64.11 -36.89
CA LEU D 3559 -67.08 63.34 -35.66
C LEU D 3559 -68.49 63.32 -35.06
N GLN D 3560 -69.35 64.28 -35.40
CA GLN D 3560 -70.70 64.34 -34.85
C GLN D 3560 -71.58 63.30 -35.52
N GLY D 3561 -72.87 63.34 -35.21
CA GLY D 3561 -73.85 62.41 -35.76
C GLY D 3561 -74.21 61.30 -34.79
N LYS D 3562 -73.87 60.07 -35.15
CA LYS D 3562 -74.22 58.88 -34.36
C LYS D 3562 -75.74 58.74 -34.23
N VAL D 3563 -76.46 59.09 -35.30
CA VAL D 3563 -77.91 59.05 -35.26
C VAL D 3563 -78.41 57.61 -35.27
N GLU D 3564 -77.97 56.83 -36.25
CA GLU D 3564 -78.51 55.49 -36.44
C GLU D 3564 -77.98 54.49 -35.41
N GLY D 3565 -76.77 54.69 -34.89
CA GLY D 3565 -76.17 53.73 -34.00
C GLY D 3565 -76.91 53.60 -32.68
N SER D 3566 -77.32 54.74 -32.11
CA SER D 3566 -77.96 54.80 -30.79
C SER D 3566 -79.43 55.18 -30.96
N PRO D 3567 -80.41 54.28 -30.73
CA PRO D 3567 -81.82 54.72 -30.81
C PRO D 3567 -82.20 55.73 -29.73
N SER D 3568 -81.57 55.61 -28.55
CA SER D 3568 -81.82 56.53 -27.45
C SER D 3568 -81.48 57.96 -27.85
N LEU D 3569 -80.43 58.13 -28.64
CA LEU D 3569 -80.14 59.45 -29.20
C LEU D 3569 -81.17 59.85 -30.24
N ARG D 3570 -81.60 58.90 -31.10
CA ARG D 3570 -82.51 59.20 -32.21
C ARG D 3570 -83.81 59.81 -31.73
N TRP D 3571 -84.31 59.30 -30.60
CA TRP D 3571 -85.48 59.90 -29.94
C TRP D 3571 -85.23 61.34 -29.55
N GLN D 3572 -83.98 61.70 -29.23
CA GLN D 3572 -83.69 63.04 -28.69
C GLN D 3572 -83.93 64.12 -29.74
N MET D 3573 -83.19 64.09 -30.86
CA MET D 3573 -83.38 65.14 -31.86
C MET D 3573 -84.59 64.90 -32.75
N ALA D 3574 -85.30 63.76 -32.59
CA ALA D 3574 -86.66 63.70 -33.13
C ALA D 3574 -87.54 64.80 -32.54
N LEU D 3575 -87.35 65.12 -31.25
CA LEU D 3575 -87.99 66.30 -30.69
C LEU D 3575 -87.43 67.57 -31.31
N TYR D 3576 -86.09 67.66 -31.45
CA TYR D 3576 -85.42 68.91 -31.85
C TYR D 3576 -85.88 69.40 -33.21
N ARG D 3577 -86.18 68.48 -34.13
CA ARG D 3577 -86.80 68.90 -35.39
C ARG D 3577 -88.24 69.35 -35.20
N GLY D 3578 -88.92 68.88 -34.15
CA GLY D 3578 -90.29 69.27 -33.88
C GLY D 3578 -90.50 70.64 -33.26
N LEU D 3579 -89.43 71.31 -32.82
CA LEU D 3579 -89.53 72.65 -32.26
C LEU D 3579 -89.91 73.65 -33.36
N PRO D 3580 -90.21 74.91 -33.00
CA PRO D 3580 -90.41 75.94 -34.04
C PRO D 3580 -89.18 76.23 -34.89
N GLY D 3581 -87.98 75.85 -34.45
CA GLY D 3581 -86.81 76.00 -35.29
C GLY D 3581 -86.91 75.14 -36.54
N ARG D 3582 -86.30 75.65 -37.61
CA ARG D 3582 -86.43 75.08 -38.95
C ARG D 3582 -85.31 74.06 -39.18
N GLU D 3583 -85.29 73.47 -40.36
CA GLU D 3583 -84.30 72.45 -40.72
C GLU D 3583 -82.95 73.12 -40.96
N GLU D 3584 -81.98 72.34 -41.44
CA GLU D 3584 -80.58 72.79 -41.52
C GLU D 3584 -80.42 73.80 -42.64
N ASP D 3585 -80.88 75.02 -42.36
CA ASP D 3585 -80.66 76.20 -43.18
C ASP D 3585 -79.91 77.29 -42.44
N ALA D 3586 -80.39 77.68 -41.27
CA ALA D 3586 -79.69 78.68 -40.45
C ALA D 3586 -78.49 78.09 -39.74
N ASP D 3587 -78.55 76.82 -39.34
CA ASP D 3587 -77.48 76.20 -38.57
C ASP D 3587 -76.34 75.78 -39.50
N ASP D 3588 -75.60 76.78 -39.94
CA ASP D 3588 -74.39 76.56 -40.72
C ASP D 3588 -73.27 76.11 -39.78
N PRO D 3589 -72.14 75.62 -40.32
CA PRO D 3589 -71.02 75.22 -39.44
C PRO D 3589 -70.45 76.34 -38.57
N GLU D 3590 -70.47 77.60 -39.04
CA GLU D 3590 -69.92 78.71 -38.26
C GLU D 3590 -70.72 78.96 -36.99
N LYS D 3591 -72.05 78.99 -37.09
CA LYS D 3591 -72.85 79.18 -35.89
C LYS D 3591 -72.74 77.98 -34.94
N ILE D 3592 -72.57 76.78 -35.51
CA ILE D 3592 -72.49 75.57 -34.69
C ILE D 3592 -71.22 75.61 -33.84
N VAL D 3593 -70.08 75.90 -34.47
CA VAL D 3593 -68.85 75.99 -33.69
C VAL D 3593 -68.84 77.21 -32.77
N ARG D 3594 -69.61 78.27 -33.09
CA ARG D 3594 -69.76 79.37 -32.14
C ARG D 3594 -70.44 78.91 -30.85
N ARG D 3595 -71.49 78.09 -30.98
CA ARG D 3595 -72.14 77.51 -29.81
C ARG D 3595 -71.17 76.63 -29.01
N VAL D 3596 -70.34 75.86 -29.73
CA VAL D 3596 -69.33 75.04 -29.07
C VAL D 3596 -68.36 75.92 -28.27
N GLN D 3597 -67.92 77.03 -28.88
CA GLN D 3597 -66.95 77.94 -28.28
C GLN D 3597 -67.46 78.52 -26.98
N GLU D 3598 -68.75 78.90 -26.95
CA GLU D 3598 -69.28 79.45 -25.71
C GLU D 3598 -69.45 78.36 -24.64
N VAL D 3599 -70.24 77.33 -24.95
CA VAL D 3599 -70.73 76.45 -23.90
C VAL D 3599 -69.63 75.56 -23.32
N SER D 3600 -68.62 75.18 -24.11
CA SER D 3600 -67.56 74.32 -23.60
C SER D 3600 -66.75 74.99 -22.49
N ALA D 3601 -66.36 76.25 -22.70
CA ALA D 3601 -65.67 76.97 -21.65
C ALA D 3601 -66.58 77.29 -20.47
N VAL D 3602 -67.89 77.49 -20.74
CA VAL D 3602 -68.81 77.79 -19.65
C VAL D 3602 -68.92 76.61 -18.69
N LEU D 3603 -69.14 75.41 -19.22
CA LEU D 3603 -69.21 74.25 -18.32
C LEU D 3603 -67.87 73.94 -17.69
N TYR D 3604 -66.74 74.28 -18.36
CA TYR D 3604 -65.44 74.06 -17.74
C TYR D 3604 -65.28 74.90 -16.46
N HIS D 3605 -65.57 76.20 -16.56
CA HIS D 3605 -65.44 77.06 -15.39
C HIS D 3605 -66.48 76.72 -14.32
N LEU D 3606 -67.71 76.39 -14.74
CA LEU D 3606 -68.75 76.07 -13.77
C LEU D 3606 -68.44 74.77 -13.05
N GLU D 3607 -67.90 73.78 -13.76
CA GLU D 3607 -67.56 72.51 -13.14
C GLU D 3607 -66.42 72.67 -12.16
N GLN D 3608 -65.46 73.57 -12.46
CA GLN D 3608 -64.38 73.79 -11.49
C GLN D 3608 -64.92 74.49 -10.24
N THR D 3609 -65.68 75.58 -10.41
CA THR D 3609 -66.16 76.31 -9.24
C THR D 3609 -67.30 75.62 -8.49
N GLU D 3610 -67.87 74.54 -9.04
CA GLU D 3610 -68.91 73.79 -8.32
C GLU D 3610 -68.35 73.18 -7.04
N HIS D 3611 -67.11 72.67 -7.08
CA HIS D 3611 -66.51 72.03 -5.94
C HIS D 3611 -66.27 73.04 -4.83
N PRO D 3612 -67.08 73.08 -3.74
CA PRO D 3612 -66.86 74.18 -2.79
C PRO D 3612 -65.70 73.93 -1.84
N THR D 3639 -44.40 87.66 30.21
CA THR D 3639 -43.99 88.27 31.46
C THR D 3639 -42.80 89.21 31.19
N PRO D 3640 -42.81 90.45 31.69
CA PRO D 3640 -41.79 91.40 31.26
C PRO D 3640 -40.48 91.21 32.00
N LEU D 3641 -39.38 91.40 31.26
CA LEU D 3641 -38.07 91.39 31.88
C LEU D 3641 -37.91 92.55 32.85
N TYR D 3642 -38.46 93.71 32.49
CA TYR D 3642 -38.41 94.86 33.38
C TYR D 3642 -39.31 94.62 34.59
N ASN D 3643 -39.27 95.59 35.52
CA ASN D 3643 -39.86 95.57 36.87
C ASN D 3643 -39.66 94.25 37.62
N LEU D 3644 -38.48 93.63 37.46
CA LEU D 3644 -38.10 92.45 38.21
C LEU D 3644 -37.28 92.84 39.43
N PRO D 3645 -37.02 91.93 40.37
CA PRO D 3645 -36.10 92.26 41.46
C PRO D 3645 -34.69 92.49 40.94
N THR D 3646 -34.01 93.46 41.56
CA THR D 3646 -32.66 93.78 41.14
C THR D 3646 -31.67 92.65 41.42
N HIS D 3647 -31.88 91.90 42.50
CA HIS D 3647 -30.99 90.79 42.81
C HIS D 3647 -31.23 89.58 41.90
N ARG D 3648 -32.44 89.43 41.38
CA ARG D 3648 -32.74 88.29 40.52
C ARG D 3648 -31.99 88.40 39.19
N ALA D 3649 -31.89 89.62 38.66
CA ALA D 3649 -31.23 89.82 37.38
C ALA D 3649 -29.75 89.51 37.44
N CYS D 3650 -29.12 89.68 38.60
CA CYS D 3650 -27.72 89.29 38.74
C CYS D 3650 -27.54 87.78 38.58
N ASN D 3651 -28.46 87.01 39.20
CA ASN D 3651 -28.42 85.57 39.08
C ASN D 3651 -28.66 85.14 37.63
N MET D 3652 -29.54 85.84 36.93
CA MET D 3652 -29.72 85.55 35.50
C MET D 3652 -28.47 85.91 34.70
N PHE D 3653 -27.85 87.03 35.04
CA PHE D 3653 -26.74 87.57 34.27
C PHE D 3653 -25.53 86.66 34.33
N LEU D 3654 -25.23 86.14 35.52
CA LEU D 3654 -24.07 85.26 35.63
C LEU D 3654 -24.28 83.97 34.87
N GLU D 3655 -25.53 83.49 34.78
CA GLU D 3655 -25.79 82.26 34.05
C GLU D 3655 -25.56 82.46 32.56
N SER D 3656 -26.13 83.53 32.02
CA SER D 3656 -25.95 83.78 30.59
C SER D 3656 -24.51 84.13 30.26
N TYR D 3657 -23.84 84.88 31.13
CA TYR D 3657 -22.44 85.23 30.89
C TYR D 3657 -21.54 84.01 31.01
N LYS D 3658 -21.89 83.07 31.89
CA LYS D 3658 -21.16 81.82 31.97
C LYS D 3658 -21.31 81.02 30.69
N ALA D 3659 -22.50 81.05 30.11
CA ALA D 3659 -22.75 80.32 28.87
C ALA D 3659 -22.39 81.09 27.60
N ALA D 3660 -21.93 82.35 27.71
CA ALA D 3660 -21.72 83.23 26.57
C ALA D 3660 -20.24 83.48 26.29
N TRP D 3661 -19.52 84.05 27.26
CA TRP D 3661 -18.10 84.35 27.12
C TRP D 3661 -17.24 83.20 27.65
N ILE D 3662 -17.58 82.73 28.84
CA ILE D 3662 -16.97 81.51 29.35
C ILE D 3662 -17.55 80.33 28.59
N LEU D 3663 -16.76 79.24 28.53
CA LEU D 3663 -16.94 78.12 27.60
C LEU D 3663 -16.66 78.59 26.17
N THR D 3664 -15.54 79.31 26.03
CA THR D 3664 -14.98 79.71 24.75
C THR D 3664 -13.51 79.30 24.72
N GLU D 3665 -13.07 78.77 23.59
CA GLU D 3665 -11.73 78.21 23.49
C GLU D 3665 -10.69 79.32 23.51
N ASP D 3666 -10.26 79.69 24.71
CA ASP D 3666 -9.21 80.68 24.94
C ASP D 3666 -8.14 80.17 25.90
N HIS D 3667 -8.06 78.85 26.12
CA HIS D 3667 -7.14 78.28 27.10
C HIS D 3667 -5.69 78.50 26.68
N SER D 3668 -5.27 77.82 25.61
CA SER D 3668 -3.99 78.05 24.95
C SER D 3668 -2.80 77.84 25.88
N PHE D 3669 -2.87 76.80 26.72
CA PHE D 3669 -1.79 76.48 27.66
C PHE D 3669 -1.53 74.98 27.82
N GLU D 3670 -2.15 74.13 27.01
CA GLU D 3670 -1.97 72.69 27.19
C GLU D 3670 -0.55 72.26 26.85
N ASP D 3671 0.01 72.81 25.77
CA ASP D 3671 1.36 72.43 25.37
C ASP D 3671 2.40 72.94 26.35
N ARG D 3672 2.14 74.10 26.96
CA ARG D 3672 3.12 74.73 27.83
C ARG D 3672 3.40 73.91 29.07
N MET D 3673 2.40 73.18 29.59
CA MET D 3673 2.62 72.38 30.78
C MET D 3673 3.60 71.26 30.53
N ILE D 3674 3.37 70.48 29.48
CA ILE D 3674 4.23 69.34 29.17
C ILE D 3674 5.62 69.83 28.82
N ASP D 3675 5.69 70.92 28.03
CA ASP D 3675 6.97 71.49 27.66
C ASP D 3675 7.74 71.99 28.87
N ASP D 3676 7.08 72.76 29.74
CA ASP D 3676 7.76 73.36 30.89
C ASP D 3676 8.18 72.31 31.90
N LEU D 3677 7.34 71.30 32.11
CA LEU D 3677 7.68 70.28 33.10
C LEU D 3677 8.84 69.42 32.64
N SER D 3678 8.87 69.06 31.34
CA SER D 3678 9.90 68.14 30.87
C SER D 3678 11.17 68.81 30.39
N LYS D 3679 11.12 70.09 29.99
CA LYS D 3679 12.31 70.75 29.46
C LYS D 3679 13.37 70.93 30.54
N ALA D 3680 12.94 71.26 31.75
CA ALA D 3680 13.86 71.49 32.86
C ALA D 3680 14.16 70.17 33.56
N GLY D 3681 14.94 69.34 32.85
CA GLY D 3681 15.43 68.13 33.47
C GLY D 3681 16.33 68.42 34.64
N GLU D 3682 17.10 69.50 34.57
CA GLU D 3682 17.93 69.94 35.68
C GLU D 3682 18.28 71.40 35.46
N GLN D 3683 18.59 72.09 36.54
CA GLN D 3683 19.03 73.46 36.46
C GLN D 3683 20.40 73.53 35.77
N GLU D 3684 20.72 74.72 35.26
CA GLU D 3684 22.02 74.92 34.63
C GLU D 3684 23.15 74.76 35.62
N GLU D 3685 22.99 75.32 36.82
CA GLU D 3685 23.96 75.10 37.89
C GLU D 3685 23.82 73.73 38.52
N GLU D 3686 22.59 73.22 38.63
CA GLU D 3686 22.36 71.94 39.27
C GLU D 3686 22.88 70.80 38.39
N GLU D 3687 23.66 69.91 39.00
CA GLU D 3687 24.18 68.75 38.30
C GLU D 3687 24.77 67.75 39.29
N GLU D 3688 24.36 66.49 39.18
CA GLU D 3688 24.92 65.46 40.06
C GLU D 3688 26.39 65.23 39.77
N GLU D 3689 26.77 65.21 38.49
CA GLU D 3689 28.15 65.02 38.05
C GLU D 3689 28.73 63.67 38.44
N VAL D 3690 27.87 62.65 38.67
CA VAL D 3690 28.28 61.27 38.89
C VAL D 3690 27.45 60.29 38.07
N GLU D 3691 26.76 60.78 37.04
CA GLU D 3691 25.91 59.95 36.17
C GLU D 3691 24.75 59.29 36.92
N GLU D 3692 24.33 59.86 38.06
CA GLU D 3692 23.16 59.39 38.82
C GLU D 3692 21.98 60.28 38.47
N LYS D 3693 21.43 60.06 37.29
CA LYS D 3693 20.26 60.80 36.86
C LYS D 3693 19.04 60.41 37.69
N LYS D 3694 18.21 61.41 38.00
CA LYS D 3694 17.02 61.28 38.83
C LYS D 3694 15.81 61.57 37.95
N PRO D 3695 14.58 61.29 38.40
CA PRO D 3695 13.42 61.60 37.57
C PRO D 3695 13.22 63.08 37.38
N ASP D 3696 12.53 63.40 36.29
CA ASP D 3696 12.18 64.76 35.95
C ASP D 3696 10.90 65.12 36.71
N PRO D 3697 10.46 66.39 36.62
CA PRO D 3697 9.16 66.74 37.24
C PRO D 3697 7.98 65.96 36.68
N LEU D 3698 7.93 65.83 35.36
CA LEU D 3698 6.85 65.11 34.70
C LEU D 3698 6.85 63.64 35.09
N HIS D 3699 8.04 63.06 35.21
CA HIS D 3699 8.17 61.65 35.57
C HIS D 3699 7.65 61.41 36.98
N GLN D 3700 7.92 62.35 37.88
CA GLN D 3700 7.40 62.27 39.25
C GLN D 3700 5.89 62.33 39.24
N LEU D 3701 5.32 63.20 38.38
CA LEU D 3701 3.87 63.31 38.30
C LEU D 3701 3.24 62.01 37.83
N VAL D 3702 3.86 61.35 36.85
CA VAL D 3702 3.30 60.10 36.35
C VAL D 3702 3.40 59.02 37.42
N LEU D 3703 4.54 58.96 38.11
CA LEU D 3703 4.74 57.89 39.08
C LEU D 3703 3.81 58.02 40.27
N HIS D 3704 3.38 59.24 40.60
CA HIS D 3704 2.40 59.38 41.68
C HIS D 3704 1.08 58.70 41.35
N PHE D 3705 0.58 58.89 40.14
CA PHE D 3705 -0.67 58.25 39.75
C PHE D 3705 -0.49 56.75 39.65
N SER D 3706 0.66 56.29 39.15
CA SER D 3706 0.87 54.85 39.06
C SER D 3706 0.94 54.21 40.44
N ARG D 3707 1.55 54.90 41.40
CA ARG D 3707 1.58 54.40 42.78
C ARG D 3707 0.18 54.39 43.36
N THR D 3708 -0.63 55.40 43.05
CA THR D 3708 -2.00 55.45 43.56
C THR D 3708 -2.84 54.31 42.99
N ALA D 3709 -2.64 53.99 41.73
CA ALA D 3709 -3.44 52.94 41.10
C ALA D 3709 -3.14 51.57 41.67
N LEU D 3710 -1.89 51.33 42.08
CA LEU D 3710 -1.50 50.02 42.55
C LEU D 3710 -2.02 49.67 43.94
N THR D 3711 -2.60 50.63 44.66
CA THR D 3711 -3.10 50.33 45.99
C THR D 3711 -4.29 49.37 45.92
N GLU D 3712 -4.38 48.52 46.94
CA GLU D 3712 -5.44 47.52 46.99
C GLU D 3712 -6.74 48.20 47.40
N LYS D 3713 -7.76 48.11 46.55
CA LYS D 3713 -9.03 48.74 46.81
C LYS D 3713 -10.09 48.04 45.98
N SER D 3714 -11.35 48.26 46.37
CA SER D 3714 -12.49 47.71 45.65
C SER D 3714 -12.95 48.66 44.55
N LYS D 3715 -13.28 49.90 44.93
CA LYS D 3715 -13.78 50.94 44.04
C LYS D 3715 -12.81 52.10 44.05
N LEU D 3716 -12.50 52.62 42.86
CA LEU D 3716 -11.58 53.72 42.74
C LEU D 3716 -12.23 55.03 43.11
N ASP D 3717 -11.42 55.95 43.62
CA ASP D 3717 -11.90 57.25 44.06
C ASP D 3717 -12.21 58.15 42.87
N GLU D 3718 -12.89 59.26 43.16
CA GLU D 3718 -13.27 60.20 42.11
C GLU D 3718 -12.04 60.86 41.50
N ASP D 3719 -11.19 61.46 42.32
CA ASP D 3719 -9.89 62.00 41.92
C ASP D 3719 -10.04 63.06 40.82
N TYR D 3720 -10.63 64.19 41.24
CA TYR D 3720 -10.86 65.29 40.29
C TYR D 3720 -9.57 65.90 39.77
N LEU D 3721 -8.46 65.76 40.49
CA LEU D 3721 -7.18 66.26 40.01
C LEU D 3721 -6.75 65.54 38.74
N TYR D 3722 -6.99 64.23 38.68
CA TYR D 3722 -6.50 63.42 37.57
C TYR D 3722 -7.12 63.80 36.24
N MET D 3723 -8.36 64.29 36.26
CA MET D 3723 -9.04 64.73 35.05
C MET D 3723 -8.27 65.82 34.34
N ALA D 3724 -7.72 66.76 35.12
CA ALA D 3724 -6.97 67.88 34.56
C ALA D 3724 -5.73 67.39 33.84
N TYR D 3725 -4.85 66.68 34.54
CA TYR D 3725 -3.60 66.27 33.92
C TYR D 3725 -3.80 65.21 32.84
N ALA D 3726 -4.86 64.41 32.92
CA ALA D 3726 -5.18 63.50 31.83
C ALA D 3726 -5.52 64.26 30.55
N ASP D 3727 -6.40 65.26 30.66
CA ASP D 3727 -6.77 66.02 29.47
C ASP D 3727 -5.63 66.88 28.96
N ILE D 3728 -4.83 67.43 29.89
CA ILE D 3728 -3.69 68.26 29.51
C ILE D 3728 -2.66 67.43 28.77
N MET D 3729 -2.42 66.21 29.22
CA MET D 3729 -1.48 65.34 28.52
C MET D 3729 -2.01 64.95 27.15
N ALA D 3730 -3.29 64.58 27.07
CA ALA D 3730 -3.83 64.06 25.82
C ALA D 3730 -3.90 65.13 24.74
N LYS D 3731 -4.25 66.36 25.12
CA LYS D 3731 -4.38 67.41 24.11
C LYS D 3731 -3.05 67.81 23.47
N SER D 3732 -1.93 67.52 24.14
CA SER D 3732 -0.61 67.86 23.59
C SER D 3732 -0.34 67.08 22.31
N CYS D 3733 -0.47 65.76 22.36
CA CYS D 3733 -0.33 64.97 21.16
C CYS D 3733 -1.50 65.18 20.21
N HIS D 3734 -2.68 65.56 20.73
CA HIS D 3734 -3.77 65.92 19.82
C HIS D 3734 -3.46 67.18 19.01
N LEU D 3735 -2.54 68.04 19.48
CA LEU D 3735 -2.26 69.30 18.78
C LEU D 3735 -1.72 69.07 17.38
N GLU D 3736 -0.88 68.04 17.19
CA GLU D 3736 -0.29 67.80 15.87
C GLU D 3736 -1.35 67.37 14.86
N GLU D 3737 -2.17 66.38 15.22
CA GLU D 3737 -3.15 65.83 14.29
C GLU D 3737 -4.37 66.73 14.12
N GLY D 3738 -4.82 67.38 15.21
CA GLY D 3738 -6.02 68.19 15.18
C GLY D 3738 -5.76 69.64 14.84
N GLY D 3739 -4.73 70.23 15.45
CA GLY D 3739 -4.41 71.61 15.18
C GLY D 3739 -3.97 71.84 13.74
N GLU D 3740 -3.27 70.87 13.17
CA GLU D 3740 -2.85 70.95 11.78
C GLU D 3740 -2.51 69.56 11.24
N GLU D 3748 -9.66 73.83 -0.46
CA GLU D 3748 -8.74 72.76 -0.09
C GLU D 3748 -7.39 72.93 -0.77
N VAL D 3749 -6.37 72.28 -0.23
CA VAL D 3749 -5.04 72.28 -0.80
C VAL D 3749 -4.36 70.98 -0.41
N GLU D 3750 -3.63 70.40 -1.36
CA GLU D 3750 -2.91 69.15 -1.13
C GLU D 3750 -1.59 69.47 -0.45
N VAL D 3751 -1.37 68.87 0.73
CA VAL D 3751 -0.14 69.12 1.47
C VAL D 3751 1.04 68.48 0.75
N SER D 3752 2.20 69.11 0.88
CA SER D 3752 3.40 68.58 0.25
C SER D 3752 3.85 67.31 0.95
N PHE D 3753 4.67 66.54 0.25
CA PHE D 3753 5.27 65.35 0.82
C PHE D 3753 6.16 65.72 2.00
N GLU D 3754 6.95 66.78 1.84
CA GLU D 3754 7.84 67.23 2.91
C GLU D 3754 7.02 67.68 4.12
N GLU D 3755 5.94 68.41 3.88
CA GLU D 3755 5.12 68.88 5.00
C GLU D 3755 4.41 67.73 5.68
N LYS D 3756 3.96 66.73 4.91
CA LYS D 3756 3.27 65.61 5.54
C LYS D 3756 4.22 64.75 6.36
N GLU D 3757 5.41 64.48 5.83
CA GLU D 3757 6.40 63.75 6.61
C GLU D 3757 6.84 64.55 7.84
N MET D 3758 6.93 65.87 7.69
CA MET D 3758 7.25 66.73 8.81
C MET D 3758 6.12 66.74 9.84
N GLU D 3759 4.89 66.52 9.40
CA GLU D 3759 3.75 66.41 10.31
C GLU D 3759 3.71 65.07 11.00
N LYS D 3760 4.18 64.02 10.34
CA LYS D 3760 4.38 62.75 11.03
C LYS D 3760 5.46 62.87 12.08
N GLN D 3761 6.53 63.58 11.77
CA GLN D 3761 7.43 64.07 12.80
C GLN D 3761 6.75 65.20 13.55
N ARG D 3762 7.35 65.59 14.68
CA ARG D 3762 6.74 66.47 15.67
C ARG D 3762 5.49 65.86 16.34
N LEU D 3763 5.28 64.54 16.20
CA LEU D 3763 4.25 63.77 16.87
C LEU D 3763 4.83 62.59 17.61
N LEU D 3764 5.77 61.87 16.99
CA LEU D 3764 6.53 60.87 17.72
C LEU D 3764 7.43 61.53 18.74
N TYR D 3765 7.92 62.73 18.45
CA TYR D 3765 8.66 63.47 19.46
C TYR D 3765 7.75 63.94 20.59
N GLN D 3766 6.54 64.38 20.25
CA GLN D 3766 5.59 64.78 21.28
C GLN D 3766 5.16 63.58 22.11
N GLN D 3767 4.88 62.47 21.45
CA GLN D 3767 4.54 61.24 22.16
C GLN D 3767 5.70 60.74 23.01
N SER D 3768 6.93 60.92 22.52
CA SER D 3768 8.10 60.51 23.27
C SER D 3768 8.38 61.45 24.43
N ARG D 3769 8.03 62.72 24.28
CA ARG D 3769 8.05 63.64 25.40
C ARG D 3769 7.11 63.18 26.49
N LEU D 3770 5.97 62.60 26.10
CA LEU D 3770 4.93 62.34 27.07
C LEU D 3770 5.09 60.96 27.75
N HIS D 3771 5.01 59.86 26.97
CA HIS D 3771 4.62 58.57 27.54
C HIS D 3771 5.38 57.35 27.02
N THR D 3772 6.31 57.49 26.08
CA THR D 3772 7.10 56.32 25.71
C THR D 3772 7.98 55.89 26.87
N ARG D 3773 8.45 56.85 27.65
CA ARG D 3773 9.08 56.62 28.94
C ARG D 3773 8.18 57.20 30.03
N GLY D 3774 7.89 56.39 31.05
CA GLY D 3774 7.23 56.85 32.25
C GLY D 3774 5.77 56.47 32.36
N ALA D 3775 5.00 56.60 31.27
CA ALA D 3775 3.54 56.46 31.29
C ALA D 3775 3.02 55.46 30.27
N ALA D 3776 3.85 54.50 29.86
CA ALA D 3776 3.36 53.46 28.95
C ALA D 3776 2.36 52.56 29.66
N GLU D 3777 2.74 52.09 30.84
CA GLU D 3777 1.91 51.18 31.64
C GLU D 3777 0.98 51.90 32.60
N MET D 3778 1.09 53.24 32.73
CA MET D 3778 0.19 53.98 33.61
C MET D 3778 -1.24 53.89 33.13
N VAL D 3779 -1.44 54.08 31.83
CA VAL D 3779 -2.77 53.99 31.25
C VAL D 3779 -3.29 52.56 31.35
N LEU D 3780 -2.43 51.58 31.07
CA LEU D 3780 -2.87 50.19 31.08
C LEU D 3780 -3.21 49.70 32.49
N GLN D 3781 -2.58 50.26 33.51
CA GLN D 3781 -2.79 49.78 34.87
C GLN D 3781 -4.20 50.10 35.36
N MET D 3782 -4.64 51.33 35.14
CA MET D 3782 -5.88 51.79 35.73
C MET D 3782 -7.10 51.27 35.00
N ILE D 3783 -6.94 50.81 33.76
CA ILE D 3783 -8.02 50.08 33.11
C ILE D 3783 -8.29 48.79 33.86
N SER D 3784 -7.22 48.10 34.28
CA SER D 3784 -7.39 46.90 35.07
C SER D 3784 -7.96 47.22 36.43
N ALA D 3785 -7.61 48.39 36.98
CA ALA D 3785 -8.23 48.81 38.24
C ALA D 3785 -9.71 49.05 38.07
N CYS D 3786 -10.10 49.73 36.99
CA CYS D 3786 -11.52 49.97 36.73
C CYS D 3786 -12.18 48.68 36.26
N LYS D 3787 -12.78 47.95 37.19
CA LYS D 3787 -13.16 46.57 36.89
C LYS D 3787 -14.40 46.49 36.02
N GLY D 3788 -15.40 47.33 36.29
CA GLY D 3788 -16.63 47.33 35.50
C GLY D 3788 -17.35 48.65 35.36
N GLU D 3789 -16.74 49.74 35.84
CA GLU D 3789 -17.45 51.01 35.90
C GLU D 3789 -17.42 51.71 34.55
N THR D 3790 -18.56 52.30 34.18
CA THR D 3790 -18.69 53.14 33.00
C THR D 3790 -18.49 54.62 33.32
N GLY D 3791 -17.75 54.94 34.38
CA GLY D 3791 -17.59 56.30 34.81
C GLY D 3791 -16.53 57.03 34.02
N ALA D 3792 -16.19 58.22 34.50
CA ALA D 3792 -15.27 59.10 33.81
C ALA D 3792 -13.80 58.68 33.90
N MET D 3793 -13.47 57.76 34.82
CA MET D 3793 -12.13 57.19 34.89
C MET D 3793 -11.72 56.58 33.57
N VAL D 3794 -12.55 55.67 33.07
CA VAL D 3794 -12.26 54.94 31.86
C VAL D 3794 -12.25 55.88 30.67
N SER D 3795 -13.15 56.85 30.66
CA SER D 3795 -13.24 57.81 29.55
C SER D 3795 -11.98 58.64 29.42
N SER D 3796 -11.52 59.23 30.52
CA SER D 3796 -10.35 60.09 30.44
C SER D 3796 -9.07 59.30 30.18
N THR D 3797 -8.96 58.13 30.81
CA THR D 3797 -7.78 57.28 30.60
C THR D 3797 -7.71 56.81 29.17
N LEU D 3798 -8.85 56.44 28.60
CA LEU D 3798 -8.87 55.98 27.22
C LEU D 3798 -8.53 57.10 26.26
N LYS D 3799 -8.98 58.33 26.56
CA LYS D 3799 -8.64 59.44 25.66
C LYS D 3799 -7.14 59.68 25.63
N LEU D 3800 -6.47 59.54 26.79
CA LEU D 3800 -5.01 59.61 26.78
C LEU D 3800 -4.41 58.46 25.98
N GLY D 3801 -5.00 57.26 26.11
CA GLY D 3801 -4.50 56.11 25.39
C GLY D 3801 -4.61 56.25 23.88
N ILE D 3802 -5.69 56.88 23.41
CA ILE D 3802 -5.79 57.17 21.98
C ILE D 3802 -4.73 58.18 21.58
N SER D 3803 -4.46 59.17 22.43
CA SER D 3803 -3.53 60.21 22.03
C SER D 3803 -2.12 59.69 21.85
N ILE D 3804 -1.66 58.80 22.74
CA ILE D 3804 -0.26 58.38 22.63
C ILE D 3804 -0.06 57.34 21.53
N LEU D 3805 -1.04 56.47 21.28
CA LEU D 3805 -0.87 55.38 20.31
C LEU D 3805 -1.09 55.79 18.86
N ASN D 3806 -1.42 57.05 18.58
CA ASN D 3806 -1.83 57.43 17.23
C ASN D 3806 -0.66 57.37 16.27
N GLY D 3807 -0.91 56.77 15.10
CA GLY D 3807 0.09 56.51 14.09
C GLY D 3807 0.62 55.09 14.11
N GLY D 3808 0.59 54.44 15.27
CA GLY D 3808 0.93 53.03 15.44
C GLY D 3808 1.90 52.80 16.58
N ASN D 3809 2.92 53.66 16.68
CA ASN D 3809 3.84 53.81 17.82
C ASN D 3809 4.40 52.46 18.29
N ALA D 3810 5.24 51.88 17.44
CA ALA D 3810 5.77 50.54 17.65
C ALA D 3810 6.56 50.42 18.95
N GLU D 3811 7.22 51.51 19.35
CA GLU D 3811 7.88 51.57 20.65
C GLU D 3811 6.87 51.37 21.77
N VAL D 3812 5.72 52.04 21.64
CA VAL D 3812 4.71 51.99 22.69
C VAL D 3812 4.08 50.61 22.72
N GLN D 3813 3.87 50.00 21.56
CA GLN D 3813 3.30 48.66 21.54
C GLN D 3813 4.26 47.66 22.18
N GLN D 3814 5.57 47.83 21.96
CA GLN D 3814 6.55 47.00 22.62
C GLN D 3814 6.50 47.18 24.13
N LYS D 3815 6.42 48.43 24.60
CA LYS D 3815 6.39 48.71 26.03
C LYS D 3815 5.16 48.11 26.69
N MET D 3816 4.00 48.35 26.09
CA MET D 3816 2.73 47.88 26.63
C MET D 3816 2.67 46.37 26.65
N LEU D 3817 3.09 45.74 25.55
CA LEU D 3817 2.98 44.30 25.45
C LEU D 3817 3.96 43.61 26.39
N ASP D 3818 5.17 44.16 26.52
CA ASP D 3818 6.14 43.53 27.40
C ASP D 3818 5.72 43.64 28.86
N TYR D 3819 5.16 44.80 29.25
CA TYR D 3819 4.68 44.95 30.62
C TYR D 3819 3.56 43.97 30.92
N LEU D 3820 2.57 43.91 30.02
CA LEU D 3820 1.40 43.08 30.26
C LEU D 3820 1.74 41.60 30.20
N LYS D 3821 2.68 41.22 29.34
CA LYS D 3821 3.12 39.83 29.31
C LYS D 3821 3.94 39.49 30.54
N ASP D 3822 4.72 40.44 31.05
CA ASP D 3822 5.57 40.13 32.19
C ASP D 3822 4.76 39.92 33.45
N LYS D 3823 3.81 40.82 33.73
CA LYS D 3823 3.15 40.75 35.02
C LYS D 3823 2.14 39.62 35.15
N LYS D 3824 1.64 39.07 34.03
CA LYS D 3824 0.58 38.06 34.05
C LYS D 3824 -0.69 38.61 34.70
N GLU D 3825 -0.93 39.91 34.55
CA GLU D 3825 -2.00 40.58 35.28
C GLU D 3825 -3.33 40.22 34.62
N VAL D 3826 -3.86 39.07 35.02
CA VAL D 3826 -5.19 38.67 34.61
C VAL D 3826 -6.20 39.56 35.33
N GLY D 3827 -7.17 40.07 34.57
CA GLY D 3827 -8.18 40.99 35.07
C GLY D 3827 -8.38 42.21 34.17
N PHE D 3828 -7.31 42.61 33.48
CA PHE D 3828 -7.40 43.72 32.54
C PHE D 3828 -8.35 43.38 31.40
N PHE D 3829 -8.18 42.21 30.81
CA PHE D 3829 -9.07 41.77 29.75
C PHE D 3829 -10.48 41.51 30.30
N GLN D 3830 -10.58 41.09 31.56
CA GLN D 3830 -11.89 40.98 32.19
C GLN D 3830 -12.55 42.34 32.31
N SER D 3831 -11.75 43.37 32.62
CA SER D 3831 -12.30 44.73 32.70
C SER D 3831 -12.78 45.20 31.35
N ILE D 3832 -12.05 44.85 30.29
CA ILE D 3832 -12.47 45.20 28.95
C ILE D 3832 -13.78 44.50 28.59
N GLN D 3833 -13.90 43.23 28.99
CA GLN D 3833 -15.12 42.47 28.71
C GLN D 3833 -16.32 43.09 29.41
N ALA D 3834 -16.14 43.46 30.67
CA ALA D 3834 -17.21 44.11 31.42
C ALA D 3834 -17.59 45.44 30.81
N LEU D 3835 -16.60 46.20 30.34
CA LEU D 3835 -16.91 47.46 29.69
C LEU D 3835 -17.68 47.24 28.39
N MET D 3836 -17.27 46.23 27.62
CA MET D 3836 -17.88 46.02 26.32
C MET D 3836 -19.32 45.56 26.44
N GLN D 3837 -19.64 44.81 27.50
CA GLN D 3837 -21.01 44.30 27.60
C GLN D 3837 -22.03 45.40 27.84
N THR D 3838 -21.66 46.48 28.54
CA THR D 3838 -22.60 47.54 28.90
C THR D 3838 -22.78 48.60 27.83
N CYS D 3839 -22.29 48.39 26.62
CA CYS D 3839 -22.41 49.42 25.59
C CYS D 3839 -23.85 49.56 25.12
N SER D 3840 -24.22 50.77 24.75
CA SER D 3840 -25.58 51.06 24.31
C SER D 3840 -25.82 50.53 22.91
N VAL D 3841 -27.10 50.24 22.63
CA VAL D 3841 -27.57 49.83 21.31
C VAL D 3841 -28.83 50.61 21.00
N LEU D 3842 -29.50 50.27 19.89
CA LEU D 3842 -30.72 50.95 19.48
C LEU D 3842 -31.91 50.35 20.23
N ASP D 3843 -32.35 51.06 21.27
CA ASP D 3843 -33.53 50.69 22.05
C ASP D 3843 -34.73 51.42 21.48
N LEU D 3844 -35.65 50.67 20.88
CA LEU D 3844 -36.84 51.28 20.29
C LEU D 3844 -37.84 51.70 21.34
N ASN D 3845 -37.95 50.97 22.45
CA ASN D 3845 -38.90 51.34 23.50
C ASN D 3845 -38.52 52.67 24.14
N ALA D 3846 -37.24 52.84 24.44
CA ALA D 3846 -36.77 54.10 24.99
C ALA D 3846 -36.92 55.23 23.98
N PHE D 3847 -36.70 54.92 22.71
CA PHE D 3847 -36.87 55.93 21.68
C PHE D 3847 -38.32 56.35 21.56
N GLU D 3848 -39.25 55.40 21.65
CA GLU D 3848 -40.66 55.72 21.56
C GLU D 3848 -41.11 56.55 22.75
N ARG D 3849 -40.65 56.18 23.94
CA ARG D 3849 -40.96 56.95 25.14
C ARG D 3849 -40.38 58.35 25.05
N GLN D 3850 -39.15 58.46 24.55
CA GLN D 3850 -38.54 59.78 24.40
C GLN D 3850 -39.20 60.57 23.30
N ASN D 3851 -39.74 59.91 22.28
CA ASN D 3851 -40.48 60.61 21.23
C ASN D 3851 -41.77 61.18 21.80
N LYS D 3852 -42.42 60.45 22.69
CA LYS D 3852 -43.59 60.99 23.36
C LYS D 3852 -43.20 62.16 24.27
N ALA D 3853 -42.05 62.04 24.92
CA ALA D 3853 -41.56 63.14 25.77
C ALA D 3853 -41.25 64.38 24.93
N GLU D 3854 -40.62 64.19 23.78
CA GLU D 3854 -40.34 65.30 22.87
C GLU D 3854 -41.64 65.89 22.32
N GLY D 3855 -42.61 65.02 22.06
CA GLY D 3855 -43.91 65.50 21.63
C GLY D 3855 -44.60 66.33 22.69
N LEU D 3856 -44.37 65.99 23.96
CA LEU D 3856 -44.86 66.79 25.08
C LEU D 3856 -43.94 68.00 25.20
N GLY D 3857 -44.24 69.01 24.39
CA GLY D 3857 -43.45 70.23 24.34
C GLY D 3857 -43.90 71.31 25.30
N MET D 3858 -44.65 70.93 26.34
CA MET D 3858 -45.14 71.91 27.29
C MET D 3858 -43.98 72.48 28.09
N VAL D 3859 -44.01 73.79 28.30
CA VAL D 3859 -42.98 74.48 29.08
C VAL D 3859 -43.28 74.32 30.57
N ASN D 3860 -42.26 74.55 31.39
CA ASN D 3860 -42.38 74.45 32.84
C ASN D 3860 -41.41 75.46 33.46
N GLU D 3861 -41.94 76.65 33.77
CA GLU D 3861 -41.16 77.76 34.32
C GLU D 3861 -40.03 78.17 33.38
N ASP D 3862 -40.32 78.13 32.08
CA ASP D 3862 -39.31 78.37 31.03
C ASP D 3862 -38.17 77.37 31.14
N GLY D 3863 -38.50 76.12 31.44
CA GLY D 3863 -37.55 75.04 31.63
C GLY D 3863 -37.93 73.78 30.87
N THR D 3864 -38.49 73.96 29.67
CA THR D 3864 -38.86 72.80 28.86
C THR D 3864 -37.63 72.02 28.41
N VAL D 3865 -36.57 72.71 28.04
CA VAL D 3865 -35.39 72.09 27.42
C VAL D 3865 -34.33 71.70 28.44
N ILE D 3866 -34.67 71.66 29.74
CA ILE D 3866 -33.70 71.22 30.73
C ILE D 3866 -33.40 69.72 30.56
N ASN D 3867 -34.40 68.93 30.16
CA ASN D 3867 -34.25 67.51 29.90
C ASN D 3867 -35.01 67.08 28.64
N ARG D 3868 -35.18 67.99 27.67
CA ARG D 3868 -35.75 67.69 26.37
C ARG D 3868 -34.68 67.45 25.31
N GLN D 3869 -33.54 66.90 25.73
CA GLN D 3869 -32.41 66.74 24.82
C GLN D 3869 -32.70 65.70 23.74
N ASN D 3870 -33.21 64.54 24.16
CA ASN D 3870 -33.53 63.37 23.33
C ASN D 3870 -32.31 62.65 22.75
N GLY D 3871 -31.08 63.08 23.09
CA GLY D 3871 -29.86 62.43 22.64
C GLY D 3871 -29.17 61.71 23.79
N GLU D 3872 -29.22 62.33 24.97
CA GLU D 3872 -28.65 61.71 26.15
C GLU D 3872 -29.46 60.52 26.67
N LYS D 3873 -30.69 60.33 26.19
CA LYS D 3873 -31.55 59.24 26.65
C LYS D 3873 -31.40 57.98 25.82
N VAL D 3874 -31.26 58.12 24.51
CA VAL D 3874 -31.39 56.99 23.60
C VAL D 3874 -30.07 56.21 23.47
N MET D 3875 -28.95 56.90 23.22
CA MET D 3875 -27.62 56.27 23.16
C MET D 3875 -26.85 56.44 24.46
N ALA D 3876 -26.55 57.69 24.82
CA ALA D 3876 -25.85 58.11 26.03
C ALA D 3876 -24.36 57.73 26.08
N ASP D 3877 -23.84 56.99 25.08
CA ASP D 3877 -22.52 56.37 25.14
C ASP D 3877 -21.78 56.44 23.81
N ASP D 3878 -22.06 57.46 22.99
CA ASP D 3878 -21.43 57.51 21.66
C ASP D 3878 -19.92 57.72 21.76
N GLU D 3879 -19.49 58.67 22.60
CA GLU D 3879 -18.09 59.02 22.70
C GLU D 3879 -17.29 57.88 23.32
N PHE D 3880 -17.82 57.30 24.39
CA PHE D 3880 -17.09 56.27 25.11
C PHE D 3880 -16.98 54.99 24.29
N THR D 3881 -18.06 54.61 23.59
CA THR D 3881 -18.02 53.41 22.77
C THR D 3881 -17.05 53.55 21.61
N GLN D 3882 -17.07 54.72 20.96
CA GLN D 3882 -16.14 54.97 19.87
C GLN D 3882 -14.71 54.96 20.36
N ASP D 3883 -14.45 55.57 21.52
CA ASP D 3883 -13.08 55.63 22.03
C ASP D 3883 -12.58 54.26 22.45
N LEU D 3884 -13.46 53.40 22.99
CA LEU D 3884 -13.06 52.07 23.43
C LEU D 3884 -12.63 51.23 22.24
N PHE D 3885 -13.48 51.16 21.22
CA PHE D 3885 -13.09 50.36 20.06
C PHE D 3885 -11.96 51.01 19.27
N ARG D 3886 -11.82 52.33 19.36
CA ARG D 3886 -10.67 53.00 18.75
C ARG D 3886 -9.38 52.58 19.42
N PHE D 3887 -9.40 52.42 20.75
CA PHE D 3887 -8.21 51.98 21.46
C PHE D 3887 -7.83 50.58 21.05
N LEU D 3888 -8.84 49.71 20.90
CA LEU D 3888 -8.54 48.37 20.45
C LEU D 3888 -8.04 48.35 19.02
N GLN D 3889 -8.50 49.28 18.18
CA GLN D 3889 -7.96 49.39 16.84
C GLN D 3889 -6.50 49.80 16.88
N LEU D 3890 -6.20 50.87 17.62
CA LEU D 3890 -4.85 51.43 17.58
C LEU D 3890 -3.83 50.58 18.29
N LEU D 3891 -4.26 49.61 19.11
CA LEU D 3891 -3.27 48.69 19.69
C LEU D 3891 -2.56 47.89 18.61
N CYS D 3892 -3.28 47.47 17.58
CA CYS D 3892 -2.78 46.64 16.49
C CYS D 3892 -3.02 47.31 15.15
N GLU D 3893 -2.77 48.62 15.08
CA GLU D 3893 -2.84 49.32 13.81
C GLU D 3893 -1.77 48.82 12.86
N GLY D 3894 -0.52 48.84 13.32
CA GLY D 3894 0.52 48.17 12.58
C GLY D 3894 0.28 46.66 12.57
N HIS D 3895 0.69 46.03 11.48
CA HIS D 3895 0.46 44.60 11.31
C HIS D 3895 1.46 43.86 12.18
N ASN D 3896 1.13 43.76 13.46
CA ASN D 3896 2.01 43.11 14.42
C ASN D 3896 2.06 41.61 14.18
N ASN D 3897 0.90 40.95 14.30
CA ASN D 3897 0.76 39.50 14.37
C ASN D 3897 1.44 38.89 15.60
N ASP D 3898 1.72 39.69 16.63
CA ASP D 3898 2.13 39.25 17.96
C ASP D 3898 1.17 39.75 19.02
N PHE D 3899 0.86 41.03 19.00
CA PHE D 3899 -0.18 41.57 19.87
C PHE D 3899 -1.55 41.00 19.50
N GLN D 3900 -1.77 40.78 18.21
CA GLN D 3900 -3.04 40.21 17.77
C GLN D 3900 -3.22 38.80 18.29
N ASN D 3901 -2.16 37.99 18.24
CA ASN D 3901 -2.23 36.64 18.76
C ASN D 3901 -2.45 36.63 20.27
N TYR D 3902 -1.79 37.54 20.99
CA TYR D 3902 -1.97 37.63 22.43
C TYR D 3902 -3.39 38.06 22.77
N LEU D 3903 -3.94 39.00 22.01
CA LEU D 3903 -5.31 39.45 22.22
C LEU D 3903 -6.30 38.33 21.95
N ARG D 3904 -6.03 37.51 20.96
CA ARG D 3904 -6.90 36.38 20.66
C ARG D 3904 -6.90 35.38 21.80
N THR D 3905 -5.74 35.11 22.39
CA THR D 3905 -5.60 34.06 23.38
C THR D 3905 -4.35 34.32 24.20
N GLN D 3906 -4.53 34.58 25.49
CA GLN D 3906 -3.41 34.71 26.39
C GLN D 3906 -2.83 33.35 26.71
N THR D 3907 -1.50 33.29 26.81
CA THR D 3907 -0.77 32.05 27.04
C THR D 3907 -0.46 31.84 28.52
N GLY D 3908 0.28 32.78 29.11
CA GLY D 3908 0.75 32.59 30.48
C GLY D 3908 -0.35 32.75 31.51
N ASN D 3909 -1.36 33.56 31.22
CA ASN D 3909 -2.43 33.78 32.17
C ASN D 3909 -3.28 32.52 32.32
N THR D 3910 -3.91 32.40 33.48
CA THR D 3910 -4.70 31.21 33.79
C THR D 3910 -5.93 31.12 32.90
N THR D 3911 -6.60 32.25 32.67
CA THR D 3911 -7.86 32.33 31.95
C THR D 3911 -7.70 33.24 30.74
N THR D 3912 -8.33 32.86 29.64
CA THR D 3912 -8.29 33.58 28.37
C THR D 3912 -9.68 34.11 28.05
N ILE D 3913 -9.76 35.41 27.77
CA ILE D 3913 -11.05 36.08 27.55
C ILE D 3913 -11.45 36.00 26.09
N ASN D 3914 -10.49 36.11 25.17
CA ASN D 3914 -10.73 36.06 23.73
C ASN D 3914 -11.66 37.19 23.29
N ILE D 3915 -11.12 38.40 23.39
CA ILE D 3915 -11.86 39.64 23.12
C ILE D 3915 -12.37 39.71 21.69
N ILE D 3916 -11.67 39.07 20.75
CA ILE D 3916 -12.01 39.18 19.33
C ILE D 3916 -13.37 38.55 19.06
N ILE D 3917 -13.72 37.49 19.77
CA ILE D 3917 -15.06 36.91 19.67
C ILE D 3917 -16.10 37.82 20.35
N CYS D 3918 -15.71 38.46 21.45
CA CYS D 3918 -16.64 39.31 22.18
C CYS D 3918 -17.05 40.52 21.36
N THR D 3919 -16.14 41.02 20.52
CA THR D 3919 -16.48 42.10 19.62
C THR D 3919 -17.56 41.67 18.62
N VAL D 3920 -17.49 40.42 18.18
CA VAL D 3920 -18.51 39.89 17.28
C VAL D 3920 -19.85 39.83 17.99
N ASP D 3921 -19.83 39.48 19.28
CA ASP D 3921 -21.08 39.45 20.03
C ASP D 3921 -21.71 40.84 20.14
N TYR D 3922 -20.88 41.86 20.37
CA TYR D 3922 -21.40 43.23 20.40
C TYR D 3922 -21.97 43.64 19.05
N LEU D 3923 -21.30 43.24 17.97
CA LEU D 3923 -21.79 43.54 16.63
C LEU D 3923 -23.12 42.86 16.37
N LEU D 3924 -23.29 41.62 16.85
CA LEU D 3924 -24.54 40.91 16.63
C LEU D 3924 -25.70 41.58 17.37
N ARG D 3925 -25.43 42.06 18.58
CA ARG D 3925 -26.43 42.81 19.32
C ARG D 3925 -26.84 44.07 18.57
N LEU D 3926 -25.85 44.77 18.01
CA LEU D 3926 -26.15 45.97 17.24
C LEU D 3926 -26.93 45.64 15.98
N GLN D 3927 -26.64 44.50 15.37
CA GLN D 3927 -27.36 44.09 14.16
C GLN D 3927 -28.84 43.88 14.46
N GLU D 3928 -29.14 43.20 15.55
CA GLU D 3928 -30.55 42.96 15.88
C GLU D 3928 -31.26 44.26 16.20
N SER D 3929 -30.58 45.18 16.90
CA SER D 3929 -31.18 46.45 17.28
C SER D 3929 -31.50 47.31 16.06
N ILE D 3930 -30.51 47.49 15.18
CA ILE D 3930 -30.69 48.35 14.02
C ILE D 3930 -31.68 47.72 13.02
N SER D 3931 -31.69 46.39 12.94
CA SER D 3931 -32.67 45.71 12.11
C SER D 3931 -34.09 45.95 12.60
N ASP D 3932 -34.29 45.97 13.92
CA ASP D 3932 -35.63 46.27 14.44
C ASP D 3932 -36.05 47.69 14.15
N PHE D 3933 -35.09 48.63 14.18
CA PHE D 3933 -35.40 50.02 13.84
C PHE D 3933 -35.89 50.14 12.40
N TYR D 3934 -35.30 49.35 11.49
CA TYR D 3934 -35.76 49.36 10.10
C TYR D 3934 -37.21 48.93 10.00
N TRP D 3935 -37.61 47.92 10.77
CA TRP D 3935 -38.99 47.46 10.71
C TRP D 3935 -39.93 48.50 11.26
N TYR D 3936 -39.50 49.26 12.27
CA TYR D 3936 -40.38 50.30 12.80
C TYR D 3936 -40.65 51.38 11.76
N TYR D 3937 -39.62 51.80 11.02
CA TYR D 3937 -39.79 52.83 9.99
C TYR D 3937 -40.13 52.29 8.60
N SER D 3938 -40.31 50.97 8.42
CA SER D 3938 -40.56 50.43 7.10
C SER D 3938 -41.91 50.87 6.53
N GLY D 3939 -42.96 50.84 7.35
CA GLY D 3939 -44.26 51.28 6.88
C GLY D 3939 -44.28 52.76 6.56
N LYS D 3940 -43.62 53.57 7.37
CA LYS D 3940 -43.54 54.99 7.13
C LYS D 3940 -42.70 55.27 5.88
N ASP D 3941 -43.18 56.19 5.05
CA ASP D 3941 -42.48 56.54 3.83
C ASP D 3941 -41.37 57.55 4.10
N VAL D 3942 -41.72 58.74 4.58
CA VAL D 3942 -40.76 59.78 4.91
C VAL D 3942 -40.23 59.53 6.31
N ILE D 3943 -38.94 59.78 6.50
CA ILE D 3943 -38.26 59.58 7.77
C ILE D 3943 -38.17 60.91 8.48
N GLU D 3944 -38.38 60.89 9.79
CA GLU D 3944 -38.27 62.09 10.59
C GLU D 3944 -36.83 62.57 10.65
N GLU D 3945 -36.66 63.88 10.86
CA GLU D 3945 -35.33 64.45 11.01
C GLU D 3945 -34.63 63.88 12.24
N GLN D 3946 -35.35 63.76 13.36
CA GLN D 3946 -34.78 63.20 14.57
C GLN D 3946 -34.41 61.73 14.36
N GLY D 3947 -35.23 61.00 13.61
CA GLY D 3947 -34.94 59.61 13.34
C GLY D 3947 -33.68 59.44 12.51
N LYS D 3948 -33.51 60.27 11.48
CA LYS D 3948 -32.31 60.17 10.65
C LYS D 3948 -31.07 60.58 11.44
N ARG D 3949 -31.19 61.58 12.30
CA ARG D 3949 -30.06 62.00 13.15
C ARG D 3949 -29.62 60.87 14.09
N ASN D 3950 -30.60 60.22 14.72
CA ASN D 3950 -30.32 59.07 15.60
C ASN D 3950 -29.66 57.94 14.83
N PHE D 3951 -30.18 57.65 13.64
CA PHE D 3951 -29.68 56.54 12.85
C PHE D 3951 -28.27 56.83 12.35
N SER D 3952 -27.96 58.09 12.05
CA SER D 3952 -26.62 58.46 11.64
C SER D 3952 -25.62 58.27 12.77
N LYS D 3953 -26.03 58.59 14.01
CA LYS D 3953 -25.15 58.37 15.16
C LYS D 3953 -24.82 56.89 15.32
N ALA D 3954 -25.85 56.04 15.21
CA ALA D 3954 -25.64 54.60 15.29
C ALA D 3954 -24.75 54.10 14.16
N MET D 3955 -24.92 54.67 12.96
CA MET D 3955 -24.14 54.24 11.81
C MET D 3955 -22.66 54.59 11.97
N SER D 3956 -22.36 55.75 12.56
CA SER D 3956 -20.97 56.13 12.78
C SER D 3956 -20.29 55.16 13.74
N VAL D 3957 -20.98 54.78 14.81
CA VAL D 3957 -20.40 53.82 15.75
C VAL D 3957 -20.21 52.46 15.08
N ALA D 3958 -21.14 52.09 14.19
CA ALA D 3958 -21.03 50.85 13.44
C ALA D 3958 -19.80 50.85 12.55
N LYS D 3959 -19.50 52.00 11.94
CA LYS D 3959 -18.33 52.12 11.09
C LYS D 3959 -17.06 51.90 11.88
N GLN D 3960 -17.00 52.49 13.09
CA GLN D 3960 -15.78 52.36 13.88
C GLN D 3960 -15.55 50.92 14.30
N VAL D 3961 -16.63 50.19 14.66
CA VAL D 3961 -16.42 48.79 15.02
C VAL D 3961 -15.98 47.99 13.81
N PHE D 3962 -16.47 48.31 12.60
CA PHE D 3962 -16.02 47.56 11.43
C PHE D 3962 -14.53 47.75 11.16
N ASN D 3963 -14.04 48.99 11.28
CA ASN D 3963 -12.61 49.21 11.06
C ASN D 3963 -11.76 48.51 12.13
N SER D 3964 -12.20 48.60 13.38
CA SER D 3964 -11.49 47.91 14.46
C SER D 3964 -11.52 46.40 14.28
N LEU D 3965 -12.60 45.88 13.72
CA LEU D 3965 -12.66 44.47 13.40
C LEU D 3965 -11.68 44.13 12.29
N THR D 3966 -11.50 45.04 11.33
CA THR D 3966 -10.60 44.75 10.22
C THR D 3966 -9.16 44.62 10.70
N GLU D 3967 -8.76 45.47 11.64
CA GLU D 3967 -7.33 45.48 12.00
C GLU D 3967 -6.87 44.23 12.73
N TYR D 3968 -7.78 43.42 13.27
CA TYR D 3968 -7.36 42.15 13.87
C TYR D 3968 -6.90 41.13 12.84
N ILE D 3969 -7.32 41.27 11.58
CA ILE D 3969 -7.05 40.29 10.53
C ILE D 3969 -6.33 40.88 9.33
N GLN D 3970 -6.25 42.20 9.22
CA GLN D 3970 -5.38 42.81 8.22
C GLN D 3970 -3.94 42.42 8.51
N GLY D 3971 -3.27 41.92 7.50
CA GLY D 3971 -2.04 41.19 7.68
C GLY D 3971 -2.38 39.75 8.03
N PRO D 3972 -1.77 38.77 7.36
CA PRO D 3972 -2.32 37.41 7.46
C PRO D 3972 -2.05 36.77 8.81
N CYS D 3973 -3.08 36.73 9.63
CA CYS D 3973 -3.06 36.12 10.96
C CYS D 3973 -4.05 34.97 10.92
N THR D 3974 -3.53 33.75 10.81
CA THR D 3974 -4.38 32.58 10.65
C THR D 3974 -5.24 32.32 11.88
N GLY D 3975 -4.74 32.65 13.07
CA GLY D 3975 -5.53 32.42 14.28
C GLY D 3975 -6.80 33.24 14.33
N ASN D 3976 -6.68 34.55 14.12
CA ASN D 3976 -7.83 35.44 14.16
C ASN D 3976 -8.82 35.12 13.04
N GLN D 3977 -8.28 34.84 11.86
CA GLN D 3977 -9.11 34.57 10.70
C GLN D 3977 -9.88 33.27 10.89
N GLN D 3978 -9.20 32.22 11.37
CA GLN D 3978 -9.85 30.96 11.61
C GLN D 3978 -10.86 31.05 12.74
N SER D 3979 -10.59 31.87 13.75
CA SER D 3979 -11.56 32.04 14.81
C SER D 3979 -12.81 32.72 14.29
N LEU D 3980 -12.66 33.75 13.45
CA LEU D 3980 -13.85 34.39 12.91
C LEU D 3980 -14.60 33.53 11.91
N ALA D 3981 -13.95 32.52 11.32
CA ALA D 3981 -14.68 31.66 10.39
C ALA D 3981 -15.79 30.89 11.11
N HIS D 3982 -15.50 30.36 12.30
CA HIS D 3982 -16.45 29.56 13.05
C HIS D 3982 -17.40 30.37 13.92
N SER D 3983 -17.26 31.70 13.95
CA SER D 3983 -18.04 32.53 14.86
C SER D 3983 -19.42 32.79 14.27
N ARG D 3984 -20.16 33.71 14.91
CA ARG D 3984 -21.47 34.13 14.46
C ARG D 3984 -21.42 35.27 13.44
N LEU D 3985 -20.23 35.61 12.93
CA LEU D 3985 -20.11 36.73 12.02
C LEU D 3985 -20.83 36.49 10.70
N TRP D 3986 -20.93 35.22 10.28
CA TRP D 3986 -21.67 34.89 9.06
C TRP D 3986 -23.14 35.27 9.19
N ASP D 3987 -23.73 34.95 10.34
CA ASP D 3987 -25.11 35.32 10.63
C ASP D 3987 -25.28 36.83 10.68
N ALA D 3988 -24.29 37.51 11.24
CA ALA D 3988 -24.33 38.96 11.35
C ALA D 3988 -24.31 39.61 9.97
N VAL D 3989 -23.42 39.14 9.09
CA VAL D 3989 -23.31 39.78 7.79
C VAL D 3989 -24.52 39.48 6.93
N VAL D 3990 -25.11 38.27 7.06
CA VAL D 3990 -26.31 38.02 6.26
C VAL D 3990 -27.46 38.89 6.73
N GLY D 3991 -27.55 39.13 8.04
CA GLY D 3991 -28.54 40.08 8.54
C GLY D 3991 -28.31 41.48 8.03
N PHE D 3992 -27.05 41.91 8.03
CA PHE D 3992 -26.70 43.22 7.47
C PHE D 3992 -27.01 43.28 5.98
N LEU D 3993 -26.73 42.21 5.26
CA LEU D 3993 -26.93 42.21 3.82
C LEU D 3993 -28.41 42.28 3.47
N HIS D 3994 -29.24 41.62 4.28
CA HIS D 3994 -30.68 41.74 4.06
C HIS D 3994 -31.14 43.14 4.34
N VAL D 3995 -30.75 43.71 5.49
CA VAL D 3995 -31.37 44.95 5.88
C VAL D 3995 -30.84 46.11 5.04
N PHE D 3996 -29.57 46.05 4.60
CA PHE D 3996 -28.96 47.14 3.84
C PHE D 3996 -29.68 47.36 2.51
N ALA D 3997 -30.06 46.29 1.84
CA ALA D 3997 -30.64 46.43 0.50
C ALA D 3997 -32.01 47.09 0.51
N HIS D 3998 -32.76 46.93 1.60
CA HIS D 3998 -34.13 47.43 1.62
C HIS D 3998 -34.19 48.93 1.79
N MET D 3999 -33.52 49.44 2.84
CA MET D 3999 -33.70 50.85 3.16
C MET D 3999 -33.03 51.73 2.13
N MET D 4000 -32.00 51.25 1.43
CA MET D 4000 -31.32 52.10 0.47
C MET D 4000 -32.21 52.44 -0.71
N MET D 4001 -33.00 51.47 -1.16
CA MET D 4001 -33.99 51.74 -2.20
C MET D 4001 -35.16 52.53 -1.65
N LYS D 4002 -35.48 52.32 -0.36
CA LYS D 4002 -36.47 53.19 0.27
C LYS D 4002 -35.98 54.63 0.37
N LEU D 4003 -34.71 54.84 0.68
CA LEU D 4003 -34.12 56.14 0.94
C LEU D 4003 -33.85 56.93 -0.33
N ALA D 4004 -33.74 56.26 -1.48
CA ALA D 4004 -33.56 56.96 -2.73
C ALA D 4004 -34.75 57.82 -3.11
N GLN D 4005 -35.93 57.54 -2.58
CA GLN D 4005 -37.13 58.27 -2.95
C GLN D 4005 -37.05 59.71 -2.45
N ASP D 4006 -37.31 60.66 -3.35
CA ASP D 4006 -37.48 62.08 -3.08
C ASP D 4006 -36.18 62.84 -2.78
N SER D 4007 -35.05 62.16 -2.66
CA SER D 4007 -33.74 62.79 -2.47
C SER D 4007 -33.61 63.58 -1.17
N SER D 4008 -34.51 63.37 -0.20
CA SER D 4008 -34.38 64.02 1.09
C SER D 4008 -33.33 63.34 1.94
N GLN D 4009 -33.17 62.02 1.80
CA GLN D 4009 -32.31 61.20 2.65
C GLN D 4009 -30.98 60.87 1.97
N ILE D 4010 -30.48 61.74 1.11
CA ILE D 4010 -29.24 61.47 0.39
C ILE D 4010 -28.04 61.47 1.34
N GLU D 4011 -28.09 62.27 2.40
CA GLU D 4011 -27.01 62.28 3.39
C GLU D 4011 -26.90 60.93 4.08
N LEU D 4012 -28.04 60.37 4.45
CA LEU D 4012 -28.06 59.06 5.05
C LEU D 4012 -27.64 57.98 4.05
N LEU D 4013 -27.98 58.17 2.78
CA LEU D 4013 -27.54 57.22 1.76
C LEU D 4013 -26.03 57.23 1.62
N LYS D 4014 -25.43 58.41 1.70
CA LYS D 4014 -23.97 58.50 1.70
C LYS D 4014 -23.38 57.77 2.89
N GLU D 4015 -23.99 57.93 4.06
CA GLU D 4015 -23.47 57.25 5.25
C GLU D 4015 -23.60 55.73 5.13
N LEU D 4016 -24.73 55.24 4.61
CA LEU D 4016 -24.93 53.81 4.48
C LEU D 4016 -23.94 53.20 3.49
N LEU D 4017 -23.77 53.83 2.33
CA LEU D 4017 -22.85 53.29 1.34
C LEU D 4017 -21.40 53.39 1.82
N ASP D 4018 -21.08 54.46 2.56
CA ASP D 4018 -19.75 54.61 3.13
C ASP D 4018 -19.45 53.50 4.11
N LEU D 4019 -20.43 53.12 4.93
CA LEU D 4019 -20.23 52.00 5.83
C LEU D 4019 -20.17 50.68 5.08
N GLN D 4020 -20.89 50.57 3.96
CA GLN D 4020 -20.84 49.33 3.18
C GLN D 4020 -19.46 49.09 2.61
N LYS D 4021 -18.73 50.17 2.30
CA LYS D 4021 -17.32 50.04 1.93
C LYS D 4021 -16.53 49.38 3.06
N ASP D 4022 -16.74 49.83 4.29
CA ASP D 4022 -16.04 49.26 5.43
C ASP D 4022 -16.46 47.81 5.68
N MET D 4023 -17.68 47.45 5.33
CA MET D 4023 -18.08 46.05 5.43
C MET D 4023 -17.32 45.19 4.43
N VAL D 4024 -17.25 45.65 3.19
CA VAL D 4024 -16.66 44.82 2.15
C VAL D 4024 -15.16 44.67 2.36
N VAL D 4025 -14.50 45.74 2.81
CA VAL D 4025 -13.04 45.62 3.03
C VAL D 4025 -12.75 44.67 4.18
N MET D 4026 -13.64 44.58 5.17
CA MET D 4026 -13.50 43.55 6.19
C MET D 4026 -13.58 42.17 5.57
N LEU D 4027 -14.50 41.98 4.63
CA LEU D 4027 -14.59 40.68 3.97
C LEU D 4027 -13.36 40.39 3.12
N LEU D 4028 -12.83 41.41 2.45
CA LEU D 4028 -11.63 41.22 1.64
C LEU D 4028 -10.43 40.86 2.51
N SER D 4029 -10.28 41.55 3.64
CA SER D 4029 -9.20 41.22 4.55
C SER D 4029 -9.37 39.83 5.14
N LEU D 4030 -10.61 39.39 5.31
CA LEU D 4030 -10.85 38.01 5.70
C LEU D 4030 -10.38 37.05 4.62
N LEU D 4031 -10.57 37.43 3.36
CA LEU D 4031 -10.20 36.58 2.23
C LEU D 4031 -8.70 36.54 1.96
N GLU D 4032 -7.89 37.36 2.63
CA GLU D 4032 -6.48 37.45 2.31
C GLU D 4032 -5.74 36.17 2.64
N GLY D 4033 -4.75 35.85 1.81
CA GLY D 4033 -3.87 34.74 2.08
C GLY D 4033 -4.52 33.38 1.99
N ASN D 4034 -5.64 33.26 1.27
CA ASN D 4034 -6.35 32.00 1.20
C ASN D 4034 -5.69 31.05 0.22
N VAL D 4035 -6.00 29.76 0.40
CA VAL D 4035 -5.64 28.73 -0.56
C VAL D 4035 -6.70 28.81 -1.65
N VAL D 4036 -6.46 28.14 -2.77
CA VAL D 4036 -7.43 28.12 -3.86
C VAL D 4036 -8.75 27.49 -3.42
N ASN D 4037 -8.68 26.46 -2.57
CA ASN D 4037 -9.84 25.87 -1.88
C ASN D 4037 -9.45 25.78 -0.40
N GLY D 4038 -9.66 26.87 0.33
CA GLY D 4038 -9.28 26.96 1.73
C GLY D 4038 -10.37 26.76 2.75
N MET D 4039 -11.63 26.62 2.30
CA MET D 4039 -12.86 26.46 3.07
C MET D 4039 -13.36 27.78 3.67
N ILE D 4040 -12.59 28.87 3.60
CA ILE D 4040 -13.09 30.19 3.98
C ILE D 4040 -13.82 30.83 2.83
N ALA D 4041 -13.26 30.71 1.63
CA ALA D 4041 -13.99 31.12 0.43
C ALA D 4041 -15.22 30.24 0.23
N ARG D 4042 -15.12 28.96 0.59
CA ARG D 4042 -16.27 28.07 0.52
C ARG D 4042 -17.36 28.53 1.49
N GLN D 4043 -16.95 28.90 2.71
CA GLN D 4043 -17.89 29.47 3.67
C GLN D 4043 -18.44 30.80 3.18
N MET D 4044 -17.65 31.57 2.45
CA MET D 4044 -18.08 32.86 1.96
C MET D 4044 -19.20 32.70 0.94
N VAL D 4045 -19.02 31.76 0.02
CA VAL D 4045 -20.08 31.51 -0.96
C VAL D 4045 -21.29 30.88 -0.28
N ASP D 4046 -21.09 30.11 0.79
CA ASP D 4046 -22.25 29.58 1.52
C ASP D 4046 -23.04 30.70 2.20
N MET D 4047 -22.33 31.68 2.74
CA MET D 4047 -22.99 32.89 3.24
C MET D 4047 -23.73 33.60 2.13
N LEU D 4048 -23.08 33.73 0.97
CA LEU D 4048 -23.63 34.53 -0.11
C LEU D 4048 -24.86 33.88 -0.71
N VAL D 4049 -24.81 32.56 -0.92
CA VAL D 4049 -25.96 31.85 -1.45
C VAL D 4049 -27.07 31.80 -0.43
N GLU D 4050 -26.73 31.81 0.87
CA GLU D 4050 -27.78 31.96 1.88
C GLU D 4050 -28.46 33.33 1.79
N SER D 4051 -27.75 34.35 1.29
CA SER D 4051 -28.31 35.67 1.05
C SER D 4051 -28.84 35.83 -0.38
N SER D 4052 -29.24 34.74 -1.02
CA SER D 4052 -29.61 34.76 -2.44
C SER D 4052 -30.84 35.62 -2.70
N SER D 4053 -31.70 35.81 -1.70
CA SER D 4053 -32.77 36.79 -1.79
C SER D 4053 -32.30 38.23 -1.62
N ASN D 4054 -30.98 38.47 -1.37
CA ASN D 4054 -30.45 39.79 -1.06
C ASN D 4054 -29.24 40.18 -1.89
N VAL D 4055 -28.34 39.23 -2.20
CA VAL D 4055 -27.15 39.60 -2.98
C VAL D 4055 -27.49 39.91 -4.43
N GLU D 4056 -28.64 39.46 -4.93
CA GLU D 4056 -29.05 39.84 -6.28
C GLU D 4056 -29.50 41.30 -6.33
N MET D 4057 -30.36 41.73 -5.41
CA MET D 4057 -31.01 43.04 -5.54
C MET D 4057 -30.06 44.20 -5.27
N ILE D 4058 -29.12 43.99 -4.34
CA ILE D 4058 -28.06 44.95 -4.07
C ILE D 4058 -27.23 45.18 -5.33
N LEU D 4059 -27.02 44.13 -6.14
CA LEU D 4059 -26.35 44.31 -7.42
C LEU D 4059 -27.24 45.03 -8.42
N LYS D 4060 -28.57 44.79 -8.35
CA LYS D 4060 -29.45 45.34 -9.38
C LYS D 4060 -29.59 46.84 -9.27
N PHE D 4061 -29.46 47.42 -8.07
CA PHE D 4061 -29.50 48.89 -7.97
C PHE D 4061 -28.40 49.53 -8.81
N PHE D 4062 -27.20 48.98 -8.71
CA PHE D 4062 -26.10 49.42 -9.56
C PHE D 4062 -26.37 49.11 -11.02
N ASP D 4063 -27.02 47.97 -11.29
CA ASP D 4063 -27.29 47.58 -12.68
C ASP D 4063 -28.19 48.59 -13.38
N MET D 4064 -29.32 48.95 -12.74
CA MET D 4064 -30.19 49.97 -13.29
C MET D 4064 -29.50 51.32 -13.41
N PHE D 4065 -28.75 51.72 -12.37
CA PHE D 4065 -28.23 53.09 -12.37
C PHE D 4065 -27.08 53.28 -13.32
N LEU D 4066 -26.26 52.25 -13.54
CA LEU D 4066 -25.25 52.32 -14.58
C LEU D 4066 -25.89 52.29 -15.97
N LYS D 4067 -26.92 51.46 -16.13
CA LYS D 4067 -27.48 51.27 -17.46
C LYS D 4067 -28.21 52.52 -17.94
N LEU D 4068 -28.88 53.25 -17.05
CA LEU D 4068 -29.59 54.44 -17.51
C LEU D 4068 -28.62 55.54 -17.92
N LYS D 4069 -27.47 55.64 -17.25
CA LYS D 4069 -26.46 56.59 -17.67
C LYS D 4069 -25.92 56.22 -19.03
N ASP D 4070 -25.81 54.91 -19.32
CA ASP D 4070 -25.44 54.52 -20.68
C ASP D 4070 -26.55 54.86 -21.68
N ILE D 4071 -27.81 54.60 -21.31
CA ILE D 4071 -28.93 54.72 -22.25
C ILE D 4071 -29.19 56.17 -22.58
N VAL D 4072 -29.11 57.06 -21.60
CA VAL D 4072 -29.41 58.46 -21.83
C VAL D 4072 -28.33 59.08 -22.71
N GLY D 4073 -28.76 59.87 -23.69
CA GLY D 4073 -27.84 60.49 -24.61
C GLY D 4073 -27.14 59.53 -25.55
N SER D 4074 -27.73 58.35 -25.80
CA SER D 4074 -27.18 57.35 -26.70
C SER D 4074 -28.29 56.72 -27.54
N GLU D 4075 -29.27 57.54 -27.94
CA GLU D 4075 -30.35 57.05 -28.79
C GLU D 4075 -30.88 58.31 -29.44
N ALA D 4076 -31.86 58.13 -30.33
CA ALA D 4076 -32.65 59.25 -30.85
C ALA D 4076 -33.27 60.14 -29.79
N PHE D 4077 -33.68 59.61 -28.64
CA PHE D 4077 -34.32 60.48 -27.65
C PHE D 4077 -33.26 61.38 -27.01
N GLN D 4078 -33.57 62.68 -26.96
CA GLN D 4078 -32.68 63.75 -26.56
C GLN D 4078 -33.56 64.80 -25.88
N ASP D 4079 -33.13 66.05 -25.88
CA ASP D 4079 -33.99 67.15 -25.46
C ASP D 4079 -35.27 67.18 -26.29
N TYR D 4080 -35.13 67.41 -27.60
CA TYR D 4080 -36.19 67.55 -28.60
C TYR D 4080 -37.31 68.51 -28.15
N VAL D 4081 -38.51 68.42 -28.72
CA VAL D 4081 -39.55 69.44 -28.57
C VAL D 4081 -40.17 69.51 -27.17
N THR D 4082 -39.79 68.60 -26.27
CA THR D 4082 -40.23 68.69 -24.88
C THR D 4082 -39.73 70.00 -24.25
N ASP D 4083 -38.43 70.20 -24.23
CA ASP D 4083 -37.85 71.47 -23.82
C ASP D 4083 -36.44 71.60 -24.39
N PRO D 4084 -36.23 72.35 -25.48
CA PRO D 4084 -34.85 72.63 -25.90
C PRO D 4084 -34.03 73.40 -24.87
N ARG D 4085 -34.67 74.17 -23.99
CA ARG D 4085 -33.97 75.01 -23.02
C ARG D 4085 -33.60 74.28 -21.73
N GLY D 4086 -33.58 72.95 -21.74
CA GLY D 4086 -33.16 72.19 -20.57
C GLY D 4086 -34.06 72.33 -19.38
N LEU D 4087 -35.37 72.34 -19.60
CA LEU D 4087 -36.39 72.42 -18.56
C LEU D 4087 -37.50 71.42 -18.85
N ILE D 4088 -37.07 70.18 -19.15
CA ILE D 4088 -37.99 69.14 -19.58
C ILE D 4088 -38.96 68.77 -18.45
N SER D 4089 -40.16 68.34 -18.86
CA SER D 4089 -41.24 68.03 -17.94
C SER D 4089 -41.20 66.55 -17.55
N LYS D 4090 -42.26 66.09 -16.90
CA LYS D 4090 -42.32 64.71 -16.42
C LYS D 4090 -42.36 63.69 -17.56
N LYS D 4091 -42.98 64.04 -18.69
CA LYS D 4091 -43.21 63.13 -19.81
C LYS D 4091 -42.07 63.11 -20.82
N ASP D 4092 -40.86 63.48 -20.41
CA ASP D 4092 -39.77 63.61 -21.36
C ASP D 4092 -39.31 62.25 -21.88
N PHE D 4093 -39.29 61.24 -21.01
CA PHE D 4093 -38.80 59.90 -21.32
C PHE D 4093 -39.71 58.87 -20.65
N GLN D 4094 -41.02 59.04 -20.84
CA GLN D 4094 -42.00 58.25 -20.11
C GLN D 4094 -41.92 56.77 -20.49
N LYS D 4095 -41.89 56.48 -21.79
CA LYS D 4095 -41.73 55.11 -22.28
C LYS D 4095 -40.78 55.05 -23.48
N ALA D 4096 -39.86 56.00 -23.59
CA ALA D 4096 -38.76 55.84 -24.53
C ALA D 4096 -37.89 54.65 -24.12
N MET D 4097 -37.70 54.48 -22.81
CA MET D 4097 -36.97 53.32 -22.30
C MET D 4097 -37.71 52.02 -22.58
N ASP D 4098 -39.05 52.06 -22.69
CA ASP D 4098 -39.83 50.86 -22.90
C ASP D 4098 -39.55 50.19 -24.23
N SER D 4099 -39.07 50.94 -25.23
CA SER D 4099 -38.66 50.33 -26.49
C SER D 4099 -37.51 49.37 -26.27
N GLN D 4100 -36.56 49.75 -25.42
CA GLN D 4100 -35.46 48.86 -25.08
C GLN D 4100 -35.98 47.67 -24.27
N LYS D 4101 -35.36 46.51 -24.49
CA LYS D 4101 -35.64 45.30 -23.73
C LYS D 4101 -34.82 45.20 -22.45
N GLN D 4102 -34.04 46.22 -22.10
CA GLN D 4102 -33.20 46.13 -20.91
C GLN D 4102 -34.03 46.15 -19.64
N PHE D 4103 -34.95 47.11 -19.54
CA PHE D 4103 -35.82 47.25 -18.38
C PHE D 4103 -37.13 46.53 -18.62
N THR D 4104 -37.54 45.71 -17.65
CA THR D 4104 -38.79 44.97 -17.71
C THR D 4104 -39.31 44.77 -16.30
N GLY D 4105 -40.59 44.45 -16.21
CA GLY D 4105 -41.20 44.16 -14.94
C GLY D 4105 -41.42 45.43 -14.15
N PRO D 4106 -41.52 45.33 -12.81
CA PRO D 4106 -41.66 46.55 -12.00
C PRO D 4106 -40.41 47.42 -11.91
N GLU D 4107 -39.28 47.04 -12.51
CA GLU D 4107 -38.09 47.87 -12.41
C GLU D 4107 -38.28 49.22 -13.11
N ILE D 4108 -38.93 49.21 -14.27
CA ILE D 4108 -39.19 50.46 -14.99
C ILE D 4108 -40.15 51.33 -14.19
N GLN D 4109 -41.13 50.72 -13.52
CA GLN D 4109 -42.02 51.48 -12.66
C GLN D 4109 -41.27 52.01 -11.44
N PHE D 4110 -40.29 51.25 -10.96
CA PHE D 4110 -39.50 51.72 -9.82
C PHE D 4110 -38.65 52.92 -10.23
N LEU D 4111 -38.12 52.91 -11.45
CA LEU D 4111 -37.39 54.09 -11.91
C LEU D 4111 -38.31 55.29 -12.07
N LEU D 4112 -39.53 55.06 -12.58
CA LEU D 4112 -40.49 56.14 -12.69
C LEU D 4112 -40.87 56.68 -11.31
N SER D 4113 -41.03 55.78 -10.34
CA SER D 4113 -41.33 56.20 -8.97
C SER D 4113 -40.17 56.97 -8.37
N CYS D 4114 -38.96 56.49 -8.59
CA CYS D 4114 -37.75 57.14 -8.13
C CYS D 4114 -37.41 58.38 -8.94
N SER D 4115 -38.07 58.62 -10.07
CA SER D 4115 -37.86 59.83 -10.85
C SER D 4115 -38.29 61.02 -10.03
N GLU D 4116 -37.32 61.76 -9.53
CA GLU D 4116 -37.60 62.96 -8.74
C GLU D 4116 -38.18 64.00 -9.66
N ALA D 4117 -39.50 64.16 -9.62
CA ALA D 4117 -40.22 65.13 -10.44
C ALA D 4117 -40.27 66.50 -9.75
N ASP D 4118 -39.08 67.03 -9.47
CA ASP D 4118 -38.97 68.35 -8.86
C ASP D 4118 -39.31 69.42 -9.89
N GLU D 4119 -40.15 70.38 -9.49
CA GLU D 4119 -40.61 71.44 -10.38
C GLU D 4119 -41.38 70.86 -11.57
N ASN D 4120 -42.35 70.00 -11.26
CA ASN D 4120 -43.17 69.38 -12.30
C ASN D 4120 -44.02 70.41 -13.04
N GLU D 4121 -44.44 71.47 -12.37
CA GLU D 4121 -45.24 72.52 -13.00
C GLU D 4121 -44.41 73.29 -14.01
N ASN D 4124 -35.07 65.44 -14.99
CA ASN D 4124 -34.04 66.03 -15.84
C ASN D 4124 -32.92 65.03 -16.09
N PHE D 4125 -32.41 65.01 -17.33
CA PHE D 4125 -31.29 64.14 -17.66
C PHE D 4125 -30.03 64.55 -16.91
N GLU D 4126 -29.77 65.86 -16.83
CA GLU D 4126 -28.54 66.35 -16.24
C GLU D 4126 -28.51 66.33 -14.72
N GLU D 4127 -29.65 66.05 -14.05
CA GLU D 4127 -29.78 66.08 -12.61
C GLU D 4127 -30.18 64.75 -12.01
N PHE D 4128 -30.94 63.92 -12.73
CA PHE D 4128 -31.38 62.65 -12.19
C PHE D 4128 -30.21 61.68 -12.06
N ALA D 4129 -29.57 61.34 -13.17
CA ALA D 4129 -28.46 60.40 -13.17
C ALA D 4129 -27.16 60.98 -12.64
N ASN D 4130 -27.05 62.31 -12.52
CA ASN D 4130 -25.76 62.92 -12.20
C ASN D 4130 -25.34 62.64 -10.77
N ARG D 4131 -26.25 62.83 -9.81
CA ARG D 4131 -25.86 62.78 -8.40
C ARG D 4131 -25.54 61.37 -7.92
N PHE D 4132 -25.96 60.32 -8.63
CA PHE D 4132 -25.79 58.93 -8.21
C PHE D 4132 -24.57 58.28 -8.85
N GLN D 4133 -23.49 59.05 -9.04
CA GLN D 4133 -22.21 58.57 -9.54
C GLN D 4133 -21.10 58.72 -8.52
N GLU D 4134 -21.01 59.88 -7.87
CA GLU D 4134 -20.01 60.08 -6.81
C GLU D 4134 -20.18 59.12 -5.64
N PRO D 4135 -21.36 58.97 -5.01
CA PRO D 4135 -21.41 58.12 -3.81
C PRO D 4135 -21.31 56.65 -4.11
N ALA D 4136 -21.93 56.19 -5.20
CA ALA D 4136 -22.00 54.76 -5.51
C ALA D 4136 -20.74 54.20 -6.17
N ARG D 4137 -19.72 55.03 -6.38
CA ARG D 4137 -18.55 54.58 -7.14
C ARG D 4137 -17.75 53.54 -6.35
N ASP D 4138 -17.46 53.85 -5.10
CA ASP D 4138 -16.50 53.07 -4.32
C ASP D 4138 -17.05 51.69 -4.00
N ILE D 4139 -18.31 51.64 -3.56
CA ILE D 4139 -18.91 50.36 -3.18
C ILE D 4139 -19.09 49.47 -4.38
N GLY D 4140 -19.45 50.05 -5.53
CA GLY D 4140 -19.59 49.26 -6.73
C GLY D 4140 -18.28 48.65 -7.17
N PHE D 4141 -17.19 49.42 -7.06
CA PHE D 4141 -15.90 48.86 -7.39
C PHE D 4141 -15.52 47.77 -6.39
N ASN D 4142 -15.82 47.96 -5.11
CA ASN D 4142 -15.40 46.99 -4.11
C ASN D 4142 -16.16 45.67 -4.25
N VAL D 4143 -17.47 45.74 -4.50
CA VAL D 4143 -18.23 44.51 -4.68
C VAL D 4143 -17.80 43.81 -5.96
N ALA D 4144 -17.44 44.58 -6.99
CA ALA D 4144 -16.93 43.96 -8.20
C ALA D 4144 -15.62 43.24 -7.93
N VAL D 4145 -14.77 43.83 -7.07
CA VAL D 4145 -13.50 43.19 -6.71
C VAL D 4145 -13.78 41.88 -5.98
N LEU D 4146 -14.75 41.90 -5.06
CA LEU D 4146 -15.02 40.71 -4.26
C LEU D 4146 -15.53 39.57 -5.13
N LEU D 4147 -16.46 39.87 -6.04
CA LEU D 4147 -16.98 38.83 -6.91
C LEU D 4147 -15.92 38.32 -7.88
N THR D 4148 -15.07 39.22 -8.39
CA THR D 4148 -14.04 38.82 -9.33
C THR D 4148 -13.02 37.90 -8.67
N ASN D 4149 -12.58 38.28 -7.47
CA ASN D 4149 -11.62 37.48 -6.73
C ASN D 4149 -12.21 36.13 -6.36
N LEU D 4150 -13.47 36.12 -5.95
CA LEU D 4150 -14.10 34.87 -5.58
C LEU D 4150 -14.29 33.96 -6.79
N SER D 4151 -14.60 34.55 -7.94
CA SER D 4151 -14.76 33.75 -9.14
C SER D 4151 -13.45 33.09 -9.54
N GLU D 4152 -12.35 33.83 -9.40
CA GLU D 4152 -11.06 33.22 -9.74
C GLU D 4152 -10.60 32.22 -8.69
N HIS D 4153 -10.94 32.41 -7.41
CA HIS D 4153 -10.38 31.57 -6.36
C HIS D 4153 -10.97 30.16 -6.38
N VAL D 4154 -12.28 30.05 -6.51
CA VAL D 4154 -13.01 28.78 -6.34
C VAL D 4154 -13.90 28.54 -7.56
N PRO D 4155 -13.35 28.05 -8.66
CA PRO D 4155 -14.20 27.59 -9.76
C PRO D 4155 -14.89 26.28 -9.43
N HIS D 4156 -15.69 25.75 -10.36
CA HIS D 4156 -16.51 24.56 -10.15
C HIS D 4156 -17.46 24.76 -8.97
N ASP D 4157 -18.06 25.95 -8.90
CA ASP D 4157 -19.00 26.35 -7.86
C ASP D 4157 -20.21 26.93 -8.58
N PRO D 4158 -21.08 26.08 -9.15
CA PRO D 4158 -22.13 26.60 -10.04
C PRO D 4158 -23.15 27.50 -9.39
N ARG D 4159 -23.31 27.44 -8.06
CA ARG D 4159 -24.19 28.39 -7.39
C ARG D 4159 -23.63 29.81 -7.50
N LEU D 4160 -22.31 29.94 -7.41
CA LEU D 4160 -21.69 31.25 -7.62
C LEU D 4160 -21.83 31.71 -9.06
N ARG D 4161 -21.83 30.78 -10.01
CA ARG D 4161 -21.84 31.14 -11.42
C ARG D 4161 -23.15 31.78 -11.86
N ASN D 4162 -24.22 31.63 -11.09
CA ASN D 4162 -25.46 32.35 -11.41
C ASN D 4162 -25.27 33.85 -11.27
N PHE D 4163 -24.53 34.28 -10.25
CA PHE D 4163 -24.51 35.70 -9.88
C PHE D 4163 -23.79 36.56 -10.91
N LEU D 4164 -22.77 36.02 -11.58
CA LEU D 4164 -21.93 36.85 -12.43
C LEU D 4164 -22.68 37.33 -13.66
N GLU D 4165 -23.68 36.59 -14.12
CA GLU D 4165 -24.54 37.09 -15.20
C GLU D 4165 -25.29 38.32 -14.73
N LEU D 4166 -25.76 38.32 -13.49
CA LEU D 4166 -26.44 39.48 -12.95
C LEU D 4166 -25.48 40.64 -12.74
N ALA D 4167 -24.23 40.33 -12.39
CA ALA D 4167 -23.21 41.32 -12.08
C ALA D 4167 -22.35 41.71 -13.28
N GLU D 4168 -22.72 41.30 -14.49
CA GLU D 4168 -21.85 41.52 -15.65
C GLU D 4168 -21.72 43.00 -16.00
N SER D 4169 -22.80 43.77 -15.86
CA SER D 4169 -22.81 45.17 -16.29
C SER D 4169 -21.87 46.02 -15.43
N ILE D 4170 -22.03 45.92 -14.12
CA ILE D 4170 -21.18 46.68 -13.22
C ILE D 4170 -19.75 46.16 -13.28
N LEU D 4171 -19.58 44.86 -13.56
CA LEU D 4171 -18.24 44.31 -13.62
C LEU D 4171 -17.49 44.85 -14.83
N GLU D 4172 -18.12 44.81 -16.01
CA GLU D 4172 -17.44 45.32 -17.19
C GLU D 4172 -17.28 46.83 -17.17
N TYR D 4173 -18.09 47.55 -16.39
CA TYR D 4173 -17.87 48.99 -16.30
C TYR D 4173 -16.53 49.31 -15.65
N PHE D 4174 -16.18 48.57 -14.59
CA PHE D 4174 -14.91 48.76 -13.87
C PHE D 4174 -13.77 47.91 -14.42
N ARG D 4175 -13.91 47.35 -15.62
CA ARG D 4175 -12.79 46.68 -16.27
C ARG D 4175 -11.58 47.59 -16.51
N PRO D 4176 -11.71 48.84 -17.00
CA PRO D 4176 -10.50 49.67 -17.14
C PRO D 4176 -9.84 50.03 -15.82
N TYR D 4177 -10.61 50.09 -14.73
CA TYR D 4177 -10.15 50.53 -13.42
C TYR D 4177 -10.06 49.38 -12.43
N LEU D 4178 -9.63 48.21 -12.92
CA LEU D 4178 -9.38 47.03 -12.09
C LEU D 4178 -8.09 46.41 -12.61
N GLY D 4179 -6.98 46.86 -12.07
CA GLY D 4179 -5.70 46.27 -12.37
C GLY D 4179 -5.42 45.09 -11.47
N ARG D 4180 -4.61 44.17 -11.99
CA ARG D 4180 -4.37 42.87 -11.39
C ARG D 4180 -2.88 42.59 -11.42
N ILE D 4181 -2.35 42.13 -10.29
CA ILE D 4181 -0.92 41.90 -10.09
C ILE D 4181 -0.77 40.56 -9.38
N GLU D 4182 0.27 39.83 -9.75
CA GLU D 4182 0.74 38.65 -9.06
C GLU D 4182 2.03 38.99 -8.34
N ILE D 4183 2.19 38.45 -7.13
CA ILE D 4183 3.35 38.68 -6.29
C ILE D 4183 3.77 37.36 -5.66
N MET D 4184 4.79 37.42 -4.81
CA MET D 4184 5.29 36.29 -4.06
C MET D 4184 5.95 36.80 -2.80
N GLY D 4185 6.19 35.87 -1.88
CA GLY D 4185 6.89 36.12 -0.64
C GLY D 4185 6.08 35.78 0.59
N ALA D 4186 6.79 35.33 1.63
CA ALA D 4186 6.31 34.96 2.95
C ALA D 4186 5.62 33.60 2.99
N SER D 4187 5.34 32.96 1.85
CA SER D 4187 4.75 31.63 1.81
C SER D 4187 5.29 30.72 0.72
N ARG D 4188 6.18 31.20 -0.15
CA ARG D 4188 6.57 30.50 -1.38
C ARG D 4188 5.33 30.13 -2.18
N ARG D 4189 4.49 31.12 -2.42
CA ARG D 4189 3.22 30.93 -3.12
C ARG D 4189 2.83 32.24 -3.80
N ILE D 4190 2.07 32.10 -4.88
CA ILE D 4190 1.61 33.23 -5.68
C ILE D 4190 0.19 33.56 -5.26
N GLU D 4191 -0.09 34.85 -5.13
CA GLU D 4191 -1.41 35.35 -4.80
C GLU D 4191 -1.67 36.63 -5.57
N ARG D 4192 -2.94 36.88 -5.84
CA ARG D 4192 -3.37 38.01 -6.64
C ARG D 4192 -3.59 39.23 -5.76
N ILE D 4193 -3.64 40.38 -6.42
CA ILE D 4193 -3.87 41.67 -5.78
C ILE D 4193 -4.79 42.45 -6.71
N TYR D 4194 -5.65 43.27 -6.11
CA TYR D 4194 -6.61 44.09 -6.82
C TYR D 4194 -6.59 45.49 -6.23
N PHE D 4195 -6.93 46.47 -7.06
CA PHE D 4195 -6.78 47.87 -6.67
C PHE D 4195 -7.52 48.76 -7.66
N GLU D 4196 -7.58 50.04 -7.32
CA GLU D 4196 -8.19 51.08 -8.13
C GLU D 4196 -7.11 51.90 -8.81
N ILE D 4197 -7.47 52.48 -9.96
CA ILE D 4197 -6.59 53.35 -10.73
C ILE D 4197 -7.33 54.65 -11.00
N SER D 4198 -6.61 55.76 -10.87
CA SER D 4198 -7.20 57.05 -11.16
C SER D 4198 -7.39 57.23 -12.67
N GLU D 4199 -8.41 58.01 -13.01
CA GLU D 4199 -8.71 58.29 -14.41
C GLU D 4199 -7.59 59.08 -15.07
N THR D 4200 -7.10 60.11 -14.38
CA THR D 4200 -6.11 61.01 -14.94
C THR D 4200 -4.79 60.31 -15.17
N ASN D 4201 -4.43 59.40 -14.28
CA ASN D 4201 -3.15 58.71 -14.45
C ASN D 4201 -3.19 57.74 -15.60
N ARG D 4202 -4.34 57.09 -15.82
CA ARG D 4202 -4.51 56.23 -16.99
C ARG D 4202 -4.38 57.04 -18.27
N ALA D 4203 -4.98 58.23 -18.29
CA ALA D 4203 -4.81 59.07 -19.48
C ALA D 4203 -3.39 59.60 -19.59
N GLN D 4204 -2.74 59.89 -18.47
CA GLN D 4204 -1.42 60.50 -18.49
C GLN D 4204 -0.36 59.52 -19.02
N TRP D 4205 -0.49 58.24 -18.68
CA TRP D 4205 0.48 57.27 -19.16
C TRP D 4205 0.39 57.08 -20.67
N GLU D 4206 -0.79 57.28 -21.27
CA GLU D 4206 -0.97 57.10 -22.70
C GLU D 4206 -0.49 58.28 -23.53
N MET D 4207 0.11 59.31 -22.92
CA MET D 4207 0.60 60.43 -23.68
C MET D 4207 1.80 60.00 -24.53
N PRO D 4208 2.08 60.71 -25.63
CA PRO D 4208 3.18 60.26 -26.51
C PRO D 4208 4.57 60.29 -25.88
N GLN D 4209 4.81 61.22 -24.95
CA GLN D 4209 6.16 61.38 -24.40
C GLN D 4209 6.56 60.17 -23.57
N VAL D 4210 5.68 59.77 -22.66
CA VAL D 4210 5.92 58.59 -21.83
C VAL D 4210 5.94 57.34 -22.69
N LYS D 4211 5.12 57.32 -23.74
CA LYS D 4211 5.09 56.19 -24.65
C LYS D 4211 6.46 56.01 -25.33
N GLU D 4212 7.08 57.12 -25.73
CA GLU D 4212 8.41 57.04 -26.31
C GLU D 4212 9.46 56.59 -25.28
N SER D 4213 9.35 57.10 -24.06
CA SER D 4213 10.33 56.74 -23.03
C SER D 4213 10.25 55.26 -22.68
N LYS D 4214 9.07 54.66 -22.80
CA LYS D 4214 8.95 53.22 -22.61
C LYS D 4214 9.79 52.45 -23.61
N ARG D 4215 9.79 52.88 -24.87
CA ARG D 4215 10.58 52.22 -25.90
C ARG D 4215 12.06 52.34 -25.60
N GLN D 4216 12.48 53.54 -25.17
CA GLN D 4216 13.89 53.77 -24.90
C GLN D 4216 14.39 52.92 -23.74
N PHE D 4217 13.60 52.80 -22.68
CA PHE D 4217 14.02 52.01 -21.53
C PHE D 4217 14.03 50.51 -21.85
N ILE D 4218 12.94 50.06 -22.48
CA ILE D 4218 12.73 48.63 -22.66
C ILE D 4218 13.71 48.06 -23.64
N PHE D 4219 14.21 48.87 -24.60
CA PHE D 4219 15.23 48.36 -25.49
C PHE D 4219 16.52 48.03 -24.75
N ASP D 4220 16.95 48.92 -23.86
CA ASP D 4220 18.26 48.78 -23.25
C ASP D 4220 18.31 47.59 -22.30
N VAL D 4221 17.32 47.51 -21.40
CA VAL D 4221 17.42 46.52 -20.32
C VAL D 4221 17.31 45.11 -20.85
N VAL D 4222 16.50 44.90 -21.88
CA VAL D 4222 16.38 43.58 -22.47
C VAL D 4222 17.55 43.29 -23.38
N ASN D 4223 18.15 44.32 -24.00
CA ASN D 4223 19.22 44.03 -24.95
C ASN D 4223 20.48 43.55 -24.24
N GLU D 4224 20.86 44.20 -23.13
CA GLU D 4224 22.16 43.97 -22.50
C GLU D 4224 22.13 43.72 -21.00
N GLY D 4225 21.05 44.06 -20.29
CA GLY D 4225 21.07 43.92 -18.84
C GLY D 4225 21.07 42.46 -18.42
N GLY D 4226 21.86 42.18 -17.37
CA GLY D 4226 21.91 40.85 -16.82
C GLY D 4226 20.63 40.52 -16.07
N GLU D 4227 20.50 39.23 -15.75
CA GLU D 4227 19.28 38.76 -15.09
C GLU D 4227 19.17 39.30 -13.67
N ALA D 4228 20.30 39.34 -12.94
CA ALA D 4228 20.28 39.80 -11.56
C ALA D 4228 19.96 41.27 -11.48
N GLU D 4229 20.59 42.07 -12.34
CA GLU D 4229 20.32 43.50 -12.48
C GLU D 4229 19.28 43.79 -13.54
N LYS D 4230 18.37 42.85 -13.80
CA LYS D 4230 17.41 43.01 -14.88
C LYS D 4230 16.43 44.14 -14.58
N MET D 4231 16.00 44.25 -13.32
CA MET D 4231 14.77 44.97 -12.98
C MET D 4231 14.87 45.84 -11.74
N GLU D 4232 16.05 45.99 -11.15
CA GLU D 4232 16.27 47.17 -10.32
C GLU D 4232 16.17 48.42 -11.17
N LEU D 4233 16.68 48.34 -12.40
CA LEU D 4233 16.49 49.42 -13.36
C LEU D 4233 15.02 49.63 -13.68
N PHE D 4234 14.23 48.56 -13.67
CA PHE D 4234 12.81 48.69 -13.96
C PHE D 4234 12.10 49.47 -12.85
N VAL D 4235 12.43 49.19 -11.59
CA VAL D 4235 11.83 49.95 -10.50
C VAL D 4235 12.33 51.39 -10.54
N SER D 4236 13.58 51.60 -10.92
CA SER D 4236 14.10 52.96 -11.08
C SER D 4236 13.37 53.70 -12.19
N PHE D 4237 13.07 52.98 -13.27
CA PHE D 4237 12.32 53.53 -14.39
C PHE D 4237 10.92 53.93 -13.95
N CYS D 4238 10.27 53.10 -13.16
CA CYS D 4238 8.97 53.47 -12.61
C CYS D 4238 9.08 54.69 -11.72
N GLU D 4239 10.16 54.75 -10.94
CA GLU D 4239 10.32 55.78 -9.93
C GLU D 4239 10.47 57.16 -10.56
N ASP D 4240 11.33 57.30 -11.57
CA ASP D 4240 11.47 58.58 -12.27
C ASP D 4240 10.37 58.81 -13.31
N THR D 4241 9.71 57.74 -13.77
CA THR D 4241 8.55 57.91 -14.62
C THR D 4241 7.41 58.58 -13.87
N ILE D 4242 7.35 58.41 -12.55
CA ILE D 4242 6.39 59.18 -11.75
C ILE D 4242 6.68 60.67 -11.85
N PHE D 4243 7.97 61.03 -11.80
CA PHE D 4243 8.39 62.43 -11.94
C PHE D 4243 7.99 63.00 -13.27
N GLU D 4244 7.99 62.17 -14.32
CA GLU D 4244 7.58 62.65 -15.64
C GLU D 4244 6.12 63.09 -15.64
N MET D 4245 5.21 62.29 -15.05
CA MET D 4245 3.82 62.74 -15.02
C MET D 4245 3.64 63.91 -14.07
N GLN D 4246 4.47 64.01 -13.02
CA GLN D 4246 4.29 65.13 -12.09
C GLN D 4246 4.64 66.46 -12.75
N ILE D 4247 5.81 66.52 -13.41
CA ILE D 4247 6.19 67.75 -14.10
C ILE D 4247 5.27 67.98 -15.29
N ALA D 4248 4.78 66.91 -15.93
CA ALA D 4248 3.81 67.10 -17.00
C ALA D 4248 2.46 67.57 -16.46
N ALA D 4249 2.14 67.22 -15.23
CA ALA D 4249 0.89 67.66 -14.63
C ALA D 4249 0.92 69.14 -14.31
N GLN D 4250 2.10 69.67 -13.99
CA GLN D 4250 2.17 71.12 -13.76
C GLN D 4250 1.81 71.90 -15.02
N ILE D 4251 2.48 71.60 -16.14
CA ILE D 4251 2.10 72.24 -17.39
C ILE D 4251 0.75 71.71 -17.80
N SER D 4252 -0.10 72.59 -18.32
CA SER D 4252 -1.44 72.20 -18.69
C SER D 4252 -2.07 73.37 -19.42
N GLU D 4253 -3.22 73.09 -20.03
CA GLU D 4253 -4.04 74.07 -20.71
C GLU D 4253 -5.12 74.38 -19.66
N PRO D 4254 -4.86 75.32 -18.74
CA PRO D 4254 -5.16 75.07 -17.31
C PRO D 4254 -6.59 74.68 -16.98
N GLU D 4255 -7.57 75.34 -17.57
CA GLU D 4255 -8.96 74.95 -17.39
C GLU D 4255 -9.23 73.60 -18.05
N PHE D 4540 4.16 96.61 -13.18
CA PHE D 4540 3.35 95.45 -12.84
C PHE D 4540 4.23 94.23 -12.54
N TRP D 4541 5.06 94.36 -11.50
CA TRP D 4541 5.93 93.26 -11.11
C TRP D 4541 5.13 92.05 -10.65
N GLY D 4542 4.06 92.29 -9.88
CA GLY D 4542 3.21 91.18 -9.48
C GLY D 4542 2.49 90.54 -10.65
N GLU D 4543 2.10 91.34 -11.63
CA GLU D 4543 1.41 90.85 -12.83
C GLU D 4543 2.35 90.24 -13.87
N LEU D 4544 3.68 90.35 -13.70
CA LEU D 4544 4.62 89.79 -14.66
C LEU D 4544 4.80 88.27 -14.51
N GLU D 4545 4.61 87.76 -13.29
CA GLU D 4545 4.86 86.35 -13.01
C GLU D 4545 3.92 85.45 -13.80
N VAL D 4546 2.64 85.84 -13.89
CA VAL D 4546 1.68 85.06 -14.66
C VAL D 4546 2.04 85.05 -16.14
N GLN D 4547 2.59 86.15 -16.64
CA GLN D 4547 2.98 86.23 -18.04
C GLN D 4547 4.11 85.25 -18.34
N ARG D 4548 5.14 85.25 -17.48
CA ARG D 4548 6.26 84.35 -17.76
C ARG D 4548 5.87 82.89 -17.56
N VAL D 4549 4.99 82.60 -16.59
CA VAL D 4549 4.59 81.22 -16.35
C VAL D 4549 3.80 80.67 -17.53
N LYS D 4550 2.84 81.47 -18.04
CA LYS D 4550 2.05 81.06 -19.19
C LYS D 4550 2.93 80.87 -20.42
N PHE D 4551 3.90 81.75 -20.61
CA PHE D 4551 4.75 81.70 -21.79
C PHE D 4551 5.65 80.46 -21.78
N LEU D 4552 6.30 80.21 -20.63
CA LEU D 4552 7.21 79.07 -20.54
C LEU D 4552 6.45 77.76 -20.64
N ASN D 4553 5.25 77.70 -20.07
CA ASN D 4553 4.46 76.48 -20.18
C ASN D 4553 3.99 76.25 -21.62
N TYR D 4554 3.69 77.34 -22.33
CA TYR D 4554 3.34 77.22 -23.75
C TYR D 4554 4.50 76.65 -24.55
N LEU D 4555 5.72 77.02 -24.19
CA LEU D 4555 6.87 76.36 -24.80
C LEU D 4555 6.92 74.90 -24.44
N SER D 4556 6.65 74.57 -23.17
CA SER D 4556 6.88 73.22 -22.68
C SER D 4556 5.98 72.20 -23.34
N ARG D 4557 4.74 72.57 -23.64
CA ARG D 4557 3.85 71.61 -24.30
C ARG D 4557 4.32 71.30 -25.72
N ASN D 4558 4.56 72.33 -26.53
CA ASN D 4558 4.78 72.18 -27.96
C ASN D 4558 6.27 72.22 -28.33
N PHE D 4559 7.11 71.63 -27.49
CA PHE D 4559 8.54 71.63 -27.75
C PHE D 4559 8.90 70.81 -28.99
N TYR D 4560 8.32 69.61 -29.11
CA TYR D 4560 8.60 68.76 -30.26
C TYR D 4560 8.06 69.39 -31.54
N THR D 4561 6.94 70.11 -31.46
CA THR D 4561 6.35 70.72 -32.63
C THR D 4561 7.24 71.82 -33.21
N LEU D 4562 7.72 72.72 -32.36
CA LEU D 4562 8.65 73.75 -32.83
C LEU D 4562 10.01 73.16 -33.20
N ARG D 4563 10.39 72.03 -32.61
CA ARG D 4563 11.58 71.36 -33.09
C ARG D 4563 11.39 70.86 -34.51
N PHE D 4564 10.19 70.36 -34.82
CA PHE D 4564 9.88 70.00 -36.19
C PHE D 4564 9.81 71.23 -37.09
N LEU D 4565 9.40 72.37 -36.53
CA LEU D 4565 9.36 73.62 -37.31
C LEU D 4565 10.74 74.04 -37.76
N ALA D 4566 11.76 73.73 -36.95
CA ALA D 4566 13.14 74.04 -37.34
C ALA D 4566 13.53 73.36 -38.64
N LEU D 4567 13.00 72.15 -38.91
CA LEU D 4567 13.28 71.49 -40.18
C LEU D 4567 12.71 72.26 -41.35
N PHE D 4568 11.48 72.76 -41.21
CA PHE D 4568 10.86 73.49 -42.30
C PHE D 4568 11.61 74.78 -42.59
N LEU D 4569 12.06 75.46 -41.52
CA LEU D 4569 12.92 76.64 -41.71
C LEU D 4569 14.21 76.28 -42.42
N ALA D 4570 14.84 75.18 -42.02
CA ALA D 4570 16.14 74.80 -42.56
C ALA D 4570 16.04 74.39 -44.02
N PHE D 4571 15.01 73.61 -44.36
CA PHE D 4571 14.86 73.19 -45.74
C PHE D 4571 14.49 74.36 -46.62
N ALA D 4572 13.65 75.27 -46.11
CA ALA D 4572 13.21 76.39 -46.91
C ALA D 4572 14.35 77.37 -47.17
N ILE D 4573 15.17 77.64 -46.15
CA ILE D 4573 16.30 78.53 -46.37
C ILE D 4573 17.32 77.88 -47.30
N ASN D 4574 17.54 76.56 -47.16
CA ASN D 4574 18.51 75.93 -48.02
C ASN D 4574 18.02 75.82 -49.46
N PHE D 4575 16.71 75.89 -49.70
CA PHE D 4575 16.23 75.98 -51.07
C PHE D 4575 16.68 77.29 -51.71
N ILE D 4576 16.60 78.39 -50.96
CA ILE D 4576 17.05 79.67 -51.47
C ILE D 4576 18.57 79.72 -51.59
N LEU D 4577 19.29 78.88 -50.84
CA LEU D 4577 20.75 78.88 -50.96
C LEU D 4577 21.27 78.45 -52.34
N LEU D 4578 20.45 77.84 -53.20
CA LEU D 4578 20.92 77.39 -54.50
C LEU D 4578 21.07 78.55 -55.47
N PHE D 4579 20.08 79.43 -55.56
CA PHE D 4579 20.07 80.45 -56.60
C PHE D 4579 21.12 81.50 -56.27
N TYR D 4580 22.36 81.21 -56.68
CA TYR D 4580 23.50 82.11 -56.56
C TYR D 4580 24.30 82.11 -57.85
N LYS D 4581 25.17 83.12 -57.96
CA LYS D 4581 26.09 83.26 -59.08
C LYS D 4581 27.27 84.09 -58.59
N VAL D 4582 28.34 84.06 -59.38
CA VAL D 4582 29.51 84.90 -59.19
C VAL D 4582 29.84 85.57 -60.51
N SER D 4583 30.69 86.59 -60.43
CA SER D 4583 31.07 87.37 -61.60
C SER D 4583 32.42 88.03 -61.37
N ASP D 4584 33.06 88.39 -62.48
CA ASP D 4584 34.35 89.07 -62.41
C ASP D 4584 34.24 90.44 -61.77
N SER D 4585 33.08 91.10 -61.88
CA SER D 4585 32.78 92.41 -61.33
C SER D 4585 31.42 92.33 -60.65
N PRO D 4586 31.08 93.29 -59.78
CA PRO D 4586 29.71 93.32 -59.25
C PRO D 4586 28.72 93.64 -60.35
N PRO D 4587 27.42 93.39 -60.13
CA PRO D 4587 26.46 93.54 -61.22
C PRO D 4587 26.22 94.99 -61.58
N GLY D 4588 25.79 95.20 -62.82
CA GLY D 4588 25.51 96.54 -63.32
C GLY D 4588 24.79 96.51 -64.66
N ASP D 4624 40.70 89.02 -60.75
CA ASP D 4624 41.62 90.04 -60.26
C ASP D 4624 41.21 90.49 -58.87
N GLU D 4625 40.82 89.52 -58.03
CA GLU D 4625 40.37 89.79 -56.66
C GLU D 4625 39.16 90.71 -56.64
N ASN D 4626 38.15 90.35 -57.44
CA ASN D 4626 36.90 91.09 -57.55
C ASN D 4626 35.71 90.13 -57.58
N MET D 4627 35.80 89.04 -56.80
CA MET D 4627 34.67 88.12 -56.70
C MET D 4627 33.53 88.77 -55.95
N VAL D 4628 32.31 88.57 -56.46
CA VAL D 4628 31.09 89.16 -55.91
C VAL D 4628 30.01 88.10 -55.92
N TYR D 4629 29.62 87.64 -54.73
CA TYR D 4629 28.53 86.68 -54.59
C TYR D 4629 27.21 87.43 -54.58
N TYR D 4630 26.25 86.97 -55.39
CA TYR D 4630 24.95 87.60 -55.47
C TYR D 4630 23.96 86.64 -56.10
N PHE D 4631 22.69 87.03 -56.04
CA PHE D 4631 21.60 86.15 -56.40
C PHE D 4631 21.40 86.11 -57.92
N LEU D 4632 20.62 85.12 -58.34
CA LEU D 4632 20.18 84.93 -59.72
C LEU D 4632 18.71 84.58 -59.74
N GLU D 4633 17.93 85.39 -59.03
CA GLU D 4633 16.49 85.17 -58.90
C GLU D 4633 15.80 85.23 -60.25
N GLU D 4634 14.80 84.36 -60.43
CA GLU D 4634 14.17 84.15 -61.73
C GLU D 4634 13.05 85.17 -61.91
N SER D 4635 13.48 86.43 -62.07
CA SER D 4635 12.58 87.55 -62.38
C SER D 4635 11.57 87.79 -61.26
N THR D 4636 12.04 87.71 -60.02
CA THR D 4636 11.22 88.02 -58.85
C THR D 4636 12.13 88.47 -57.72
N GLY D 4637 11.86 89.66 -57.19
CA GLY D 4637 12.69 90.27 -56.19
C GLY D 4637 12.38 89.92 -54.75
N TYR D 4638 11.43 89.02 -54.49
CA TYR D 4638 11.03 88.72 -53.12
C TYR D 4638 12.03 87.86 -52.37
N MET D 4639 12.91 87.14 -53.09
CA MET D 4639 13.77 86.15 -52.46
C MET D 4639 14.80 86.79 -51.54
N GLU D 4640 15.40 87.90 -51.96
CA GLU D 4640 16.45 88.53 -51.16
C GLU D 4640 15.93 89.08 -49.85
N PRO D 4641 14.82 89.82 -49.79
CA PRO D 4641 14.21 90.10 -48.47
C PRO D 4641 13.79 88.86 -47.71
N ALA D 4642 13.32 87.84 -48.43
CA ALA D 4642 12.79 86.66 -47.79
C ALA D 4642 13.88 85.90 -47.04
N LEU D 4643 15.10 85.92 -47.55
CA LEU D 4643 16.20 85.24 -46.88
C LEU D 4643 16.49 85.86 -45.51
N TRP D 4644 16.49 87.19 -45.44
CA TRP D 4644 16.71 87.88 -44.18
C TRP D 4644 15.60 87.58 -43.18
N CYS D 4645 14.34 87.60 -43.65
CA CYS D 4645 13.21 87.29 -42.78
C CYS D 4645 13.28 85.86 -42.25
N LEU D 4646 13.59 84.92 -43.13
CA LEU D 4646 13.68 83.51 -42.77
C LEU D 4646 14.82 83.25 -41.79
N SER D 4647 15.94 83.96 -41.98
CA SER D 4647 17.09 83.79 -41.09
C SER D 4647 16.75 84.23 -39.68
N LEU D 4648 16.06 85.37 -39.57
CA LEU D 4648 15.65 85.87 -38.26
C LEU D 4648 14.72 84.89 -37.58
N LEU D 4649 13.78 84.32 -38.34
CA LEU D 4649 12.85 83.35 -37.75
C LEU D 4649 13.57 82.09 -37.30
N HIS D 4650 14.55 81.62 -38.07
CA HIS D 4650 15.26 80.39 -37.72
C HIS D 4650 16.04 80.57 -36.42
N THR D 4651 16.70 81.72 -36.27
CA THR D 4651 17.42 81.99 -35.03
C THR D 4651 16.48 82.04 -33.84
N LEU D 4652 15.32 82.68 -34.02
CA LEU D 4652 14.37 82.81 -32.93
C LEU D 4652 13.83 81.47 -32.48
N VAL D 4653 13.38 80.64 -33.43
CA VAL D 4653 12.76 79.36 -33.06
C VAL D 4653 13.79 78.41 -32.46
N ALA D 4654 15.06 78.52 -32.86
CA ALA D 4654 16.08 77.73 -32.18
C ALA D 4654 16.22 78.14 -30.71
N PHE D 4655 16.17 79.45 -30.47
CA PHE D 4655 16.21 79.92 -29.08
C PHE D 4655 14.98 79.43 -28.29
N LEU D 4656 13.85 79.33 -28.96
CA LEU D 4656 12.68 78.75 -28.30
C LEU D 4656 12.90 77.30 -27.94
N CYS D 4657 13.62 76.55 -28.80
CA CYS D 4657 13.93 75.15 -28.49
C CYS D 4657 14.76 75.04 -27.23
N ILE D 4658 15.81 75.85 -27.11
CA ILE D 4658 16.70 75.67 -25.96
C ILE D 4658 16.00 76.10 -24.66
N ILE D 4659 15.18 77.14 -24.71
CA ILE D 4659 14.48 77.57 -23.50
C ILE D 4659 13.47 76.51 -23.06
N GLY D 4660 12.71 75.94 -24.00
CA GLY D 4660 11.77 74.88 -23.64
C GLY D 4660 12.44 73.64 -23.12
N TYR D 4661 13.61 73.31 -23.68
CA TYR D 4661 14.35 72.17 -23.19
C TYR D 4661 14.88 72.40 -21.79
N ASN D 4662 15.22 73.65 -21.47
CA ASN D 4662 15.58 73.95 -20.10
C ASN D 4662 14.42 73.72 -19.16
N CYS D 4663 13.20 74.06 -19.60
CA CYS D 4663 12.07 73.84 -18.71
C CYS D 4663 11.74 72.36 -18.54
N LEU D 4664 11.77 71.57 -19.62
CA LEU D 4664 11.14 70.26 -19.60
C LEU D 4664 12.02 69.13 -19.06
N LYS D 4665 13.13 68.84 -19.75
CA LYS D 4665 13.91 67.61 -19.51
C LYS D 4665 15.01 67.76 -18.47
N VAL D 4666 15.47 68.99 -18.23
CA VAL D 4666 16.50 69.22 -17.21
C VAL D 4666 16.10 68.74 -15.82
N PRO D 4667 14.84 68.90 -15.36
CA PRO D 4667 14.44 68.26 -14.10
C PRO D 4667 14.67 66.76 -14.04
N LEU D 4668 14.51 66.06 -15.15
CA LEU D 4668 14.64 64.61 -15.13
C LEU D 4668 16.09 64.18 -14.94
N VAL D 4669 17.01 64.81 -15.65
CA VAL D 4669 18.41 64.39 -15.57
C VAL D 4669 18.98 64.76 -14.20
N ILE D 4670 18.53 65.90 -13.64
CA ILE D 4670 18.92 66.23 -12.28
C ILE D 4670 18.33 65.23 -11.30
N PHE D 4671 17.12 64.74 -11.57
CA PHE D 4671 16.50 63.74 -10.71
C PHE D 4671 17.30 62.46 -10.69
N LYS D 4672 17.82 62.05 -11.85
CA LYS D 4672 18.62 60.83 -11.93
C LYS D 4672 19.88 60.95 -11.08
N ARG D 4673 20.60 62.08 -11.20
CA ARG D 4673 21.84 62.21 -10.44
C ARG D 4673 21.57 62.29 -8.93
N GLU D 4674 20.51 63.00 -8.55
CA GLU D 4674 20.18 63.14 -7.13
C GLU D 4674 19.82 61.78 -6.52
N LYS D 4675 19.06 60.98 -7.27
CA LYS D 4675 18.72 59.64 -6.80
C LYS D 4675 19.95 58.77 -6.66
N GLU D 4676 20.90 58.91 -7.59
CA GLU D 4676 22.11 58.08 -7.54
C GLU D 4676 22.91 58.36 -6.28
N LEU D 4677 23.10 59.66 -5.97
CA LEU D 4677 23.84 59.98 -4.75
C LEU D 4677 23.11 59.53 -3.51
N ALA D 4678 21.79 59.69 -3.46
CA ALA D 4678 21.06 59.36 -2.24
C ALA D 4678 21.09 57.87 -1.96
N ARG D 4679 20.81 57.04 -2.98
CA ARG D 4679 20.81 55.60 -2.77
C ARG D 4679 22.19 55.08 -2.45
N LYS D 4680 23.21 55.60 -3.14
CA LYS D 4680 24.57 55.11 -2.91
C LYS D 4680 25.07 55.50 -1.52
N LEU D 4681 24.73 56.70 -1.06
CA LEU D 4681 25.16 57.11 0.27
C LEU D 4681 24.42 56.33 1.34
N GLU D 4682 23.12 56.10 1.15
CA GLU D 4682 22.34 55.42 2.19
C GLU D 4682 22.79 53.98 2.34
N PHE D 4683 22.85 53.24 1.23
CA PHE D 4683 23.14 51.81 1.25
C PHE D 4683 24.61 51.48 1.03
N ASP D 4684 25.49 52.48 0.94
CA ASP D 4684 26.89 52.22 0.68
C ASP D 4684 27.69 53.44 1.10
N GLY D 4685 29.01 53.31 1.07
CA GLY D 4685 29.95 54.28 1.62
C GLY D 4685 30.81 55.01 0.63
N LEU D 4686 30.20 55.48 -0.47
CA LEU D 4686 30.97 56.05 -1.57
C LEU D 4686 31.72 57.33 -1.22
N TYR D 4687 31.33 58.02 -0.15
CA TYR D 4687 32.01 59.23 0.32
C TYR D 4687 32.33 59.24 1.80
N ILE D 4688 31.96 58.19 2.56
CA ILE D 4688 32.15 58.11 4.00
C ILE D 4688 33.08 56.96 4.37
N THR D 4689 32.97 55.83 3.69
CA THR D 4689 33.75 54.63 3.98
C THR D 4689 34.93 54.47 3.02
N GLU D 4690 34.66 54.54 1.71
CA GLU D 4690 35.68 54.49 0.66
C GLU D 4690 35.44 55.62 -0.32
N GLN D 4691 36.52 56.31 -0.68
CA GLN D 4691 36.45 57.35 -1.68
C GLN D 4691 36.28 56.69 -3.05
N PRO D 4692 35.99 57.48 -4.11
CA PRO D 4692 35.95 56.89 -5.44
C PRO D 4692 37.33 56.48 -5.95
N GLY D 4693 37.39 56.04 -7.20
CA GLY D 4693 38.64 55.59 -7.79
C GLY D 4693 39.63 56.67 -8.14
N ASP D 4694 39.29 57.95 -7.95
CA ASP D 4694 40.16 59.08 -8.27
C ASP D 4694 40.51 59.20 -9.76
N ASP D 4695 39.69 58.60 -10.64
CA ASP D 4695 39.80 58.74 -12.08
C ASP D 4695 38.46 59.14 -12.70
N ASP D 4696 37.36 58.64 -12.16
CA ASP D 4696 36.04 58.99 -12.67
C ASP D 4696 35.69 60.42 -12.29
N VAL D 4697 35.44 61.24 -13.31
CA VAL D 4697 35.09 62.64 -13.08
C VAL D 4697 33.69 62.80 -12.47
N LYS D 4698 32.80 61.81 -12.69
CA LYS D 4698 31.44 61.89 -12.16
C LYS D 4698 31.45 61.91 -10.64
N GLY D 4699 32.22 61.00 -10.05
CA GLY D 4699 32.30 60.93 -8.61
C GLY D 4699 32.98 62.15 -8.01
N GLN D 4700 34.01 62.66 -8.67
CA GLN D 4700 34.71 63.82 -8.13
C GLN D 4700 33.85 65.06 -8.22
N TRP D 4701 33.11 65.23 -9.33
CA TRP D 4701 32.27 66.41 -9.46
C TRP D 4701 31.10 66.35 -8.49
N ASP D 4702 30.63 65.15 -8.13
CA ASP D 4702 29.54 65.08 -7.15
C ASP D 4702 29.96 65.46 -5.73
N ARG D 4703 31.25 65.64 -5.45
CA ARG D 4703 31.68 65.93 -4.08
C ARG D 4703 31.21 67.31 -3.60
N LEU D 4704 31.05 68.27 -4.51
CA LEU D 4704 30.79 69.64 -4.09
C LEU D 4704 29.41 69.81 -3.48
N VAL D 4705 28.41 69.12 -4.04
CA VAL D 4705 27.04 69.34 -3.63
C VAL D 4705 26.73 68.83 -2.23
N LEU D 4706 27.58 67.97 -1.67
CA LEU D 4706 27.30 67.36 -0.38
C LEU D 4706 27.26 68.38 0.75
N ASN D 4707 28.17 69.35 0.72
CA ASN D 4707 28.19 70.39 1.75
C ASN D 4707 27.01 71.33 1.65
N THR D 4708 26.35 71.44 0.50
CA THR D 4708 25.31 72.42 0.34
C THR D 4708 24.06 72.02 1.12
N PRO D 4709 23.20 72.99 1.47
CA PRO D 4709 21.98 72.64 2.22
C PRO D 4709 20.82 72.19 1.34
N SER D 4710 20.78 72.68 0.10
CA SER D 4710 19.68 72.44 -0.83
C SER D 4710 20.01 71.32 -1.80
N PHE D 4711 20.69 70.28 -1.31
CA PHE D 4711 21.09 69.16 -2.16
C PHE D 4711 19.90 68.42 -2.75
N PRO D 4712 18.94 67.90 -1.96
CA PRO D 4712 17.81 67.16 -2.56
C PRO D 4712 16.70 68.10 -2.99
N SER D 4713 17.01 68.96 -3.95
CA SER D 4713 16.03 69.94 -4.41
C SER D 4713 14.89 69.28 -5.15
N ASN D 4714 15.21 68.40 -6.10
CA ASN D 4714 14.24 67.76 -6.97
C ASN D 4714 13.82 66.38 -6.50
N TYR D 4715 14.69 65.67 -5.79
CA TYR D 4715 14.32 64.39 -5.23
C TYR D 4715 13.24 64.56 -4.17
N TRP D 4716 12.50 63.49 -3.93
CA TRP D 4716 11.39 63.56 -2.99
C TRP D 4716 11.88 63.71 -1.56
N ASP D 4717 12.69 62.77 -1.09
CA ASP D 4717 13.08 62.75 0.31
C ASP D 4717 14.03 63.90 0.64
N LYS D 4718 13.71 64.61 1.72
CA LYS D 4718 14.54 65.68 2.27
C LYS D 4718 15.17 65.26 3.61
N PHE D 4719 15.45 63.96 3.76
CA PHE D 4719 15.88 63.36 5.03
C PHE D 4719 17.05 62.39 4.88
N VAL D 4720 17.65 62.28 3.69
CA VAL D 4720 18.75 61.34 3.51
C VAL D 4720 19.97 61.80 4.30
N LYS D 4721 20.17 63.12 4.41
CA LYS D 4721 21.25 63.68 5.19
C LYS D 4721 21.14 63.26 6.65
N ARG D 4722 19.92 63.21 7.17
CA ARG D 4722 19.68 62.75 8.53
C ARG D 4722 19.68 61.24 8.66
N LYS D 4723 19.53 60.51 7.55
CA LYS D 4723 19.49 59.05 7.62
C LYS D 4723 20.89 58.46 7.67
N VAL D 4724 21.83 59.04 6.93
CA VAL D 4724 23.17 58.46 6.87
C VAL D 4724 23.89 58.56 8.21
N LEU D 4725 23.69 59.67 8.93
CA LEU D 4725 24.31 59.79 10.24
C LEU D 4725 23.69 58.81 11.22
N ASP D 4726 22.41 58.49 11.06
CA ASP D 4726 21.81 57.46 11.89
C ASP D 4726 22.42 56.11 11.59
N LYS D 4727 22.69 55.82 10.31
CA LYS D 4727 23.28 54.53 9.97
C LYS D 4727 24.75 54.47 10.38
N HIS D 4728 25.58 55.29 9.76
CA HIS D 4728 27.03 55.29 9.99
C HIS D 4728 27.43 56.34 11.00
N GLY D 4729 26.80 56.33 12.18
CA GLY D 4729 27.04 57.32 13.21
C GLY D 4729 28.04 56.88 14.26
N ASP D 4730 27.90 55.65 14.74
CA ASP D 4730 28.72 55.20 15.85
C ASP D 4730 30.13 54.83 15.41
N ILE D 4731 30.32 54.37 14.18
CA ILE D 4731 31.65 53.94 13.74
C ILE D 4731 32.55 55.16 13.56
N PHE D 4732 32.19 56.04 12.64
CA PHE D 4732 32.95 57.24 12.35
C PHE D 4732 32.50 58.38 13.25
N GLY D 4733 33.32 59.43 13.29
CA GLY D 4733 32.98 60.60 14.08
C GLY D 4733 31.80 61.33 13.48
N ARG D 4734 30.72 61.48 14.25
CA ARG D 4734 29.52 62.15 13.75
C ARG D 4734 29.77 63.62 13.44
N GLU D 4735 30.69 64.26 14.17
CA GLU D 4735 31.04 65.65 13.87
C GLU D 4735 31.75 65.77 12.52
N ARG D 4736 32.66 64.83 12.24
CA ARG D 4736 33.30 64.79 10.93
C ARG D 4736 32.28 64.51 9.83
N ILE D 4737 31.27 63.68 10.15
CA ILE D 4737 30.20 63.41 9.20
C ILE D 4737 29.39 64.68 8.94
N ALA D 4738 29.21 65.51 9.97
CA ALA D 4738 28.57 66.80 9.75
C ALA D 4738 29.42 67.67 8.84
N GLU D 4739 30.75 67.55 8.95
CA GLU D 4739 31.61 68.27 8.01
C GLU D 4739 31.40 67.78 6.58
N LEU D 4740 31.23 66.47 6.40
CA LEU D 4740 31.08 65.94 5.03
C LEU D 4740 29.77 66.41 4.39
N LEU D 4741 28.69 66.43 5.15
CA LEU D 4741 27.38 66.82 4.65
C LEU D 4741 27.11 68.32 4.75
N GLY D 4742 28.04 69.10 5.27
CA GLY D 4742 27.78 70.49 5.58
C GLY D 4742 27.08 70.62 6.91
N MET D 4743 25.77 70.33 6.93
CA MET D 4743 24.94 70.30 8.14
C MET D 4743 25.01 71.64 8.89
N ASP D 4744 24.48 72.66 8.22
CA ASP D 4744 24.44 74.00 8.79
C ASP D 4744 23.64 74.02 10.08
N LEU D 4745 24.30 74.41 11.17
CA LEU D 4745 23.75 74.28 12.52
C LEU D 4745 23.43 72.81 12.82
N ALA D 4746 24.50 72.00 12.84
CA ALA D 4746 24.35 70.58 13.12
C ALA D 4746 23.83 70.35 14.53
N SER D 4747 24.20 71.21 15.48
CA SER D 4747 23.61 71.13 16.81
C SER D 4747 22.11 71.39 16.77
N LEU D 4748 21.69 72.34 15.92
CA LEU D 4748 20.28 72.61 15.77
C LEU D 4748 19.51 71.50 15.05
N GLU D 4749 20.22 70.57 14.39
CA GLU D 4749 19.53 69.49 13.69
C GLU D 4749 18.80 68.56 14.66
N ILE D 4750 19.25 68.48 15.92
CA ILE D 4750 18.53 67.69 16.91
C ILE D 4750 17.15 68.27 17.18
N THR D 4751 17.02 69.60 17.15
CA THR D 4751 15.77 70.30 17.45
C THR D 4751 15.54 71.42 16.43
N ALA D 4752 15.75 71.10 15.15
CA ALA D 4752 15.52 72.08 14.09
C ALA D 4752 14.04 72.44 13.97
N HIS D 4753 13.15 71.45 14.06
CA HIS D 4753 11.71 71.65 14.00
C HIS D 4753 10.96 70.75 14.98
N ASN D 4754 11.59 70.43 16.11
CA ASN D 4754 11.01 69.60 17.17
C ASN D 4754 10.52 70.42 18.35
N GLU D 4755 11.37 71.32 18.85
CA GLU D 4755 10.98 72.17 19.97
C GLU D 4755 9.88 73.14 19.58
N ARG D 4756 9.94 73.68 18.36
CA ARG D 4756 8.94 74.62 17.86
C ARG D 4756 8.98 74.60 16.34
N LYS D 4757 8.20 75.48 15.73
CA LYS D 4757 8.11 75.64 14.27
C LYS D 4757 8.26 77.11 13.91
N PRO D 4758 9.46 77.67 14.06
CA PRO D 4758 9.65 79.09 13.70
C PRO D 4758 9.53 79.32 12.21
N ASP D 4759 9.15 80.55 11.85
CA ASP D 4759 8.88 80.92 10.47
C ASP D 4759 9.01 82.43 10.28
N PRO D 4760 10.21 82.97 10.04
CA PRO D 4760 10.32 84.42 9.78
C PRO D 4760 9.69 84.79 8.45
N PRO D 4761 9.40 86.07 8.23
CA PRO D 4761 8.59 86.45 7.07
C PRO D 4761 9.44 86.56 5.82
N PRO D 4762 8.80 86.68 4.62
CA PRO D 4762 9.57 86.86 3.37
C PRO D 4762 9.85 88.33 3.09
N GLY D 4763 10.51 88.61 1.97
CA GLY D 4763 10.76 89.98 1.56
C GLY D 4763 11.03 90.05 0.07
N LEU D 4764 11.09 91.29 -0.42
CA LEU D 4764 11.35 91.53 -1.83
C LEU D 4764 12.85 91.46 -2.11
N LEU D 4765 13.18 91.04 -3.33
CA LEU D 4765 14.56 90.90 -3.78
C LEU D 4765 15.35 89.89 -2.95
N THR D 4766 14.67 88.88 -2.41
CA THR D 4766 15.35 87.83 -1.68
C THR D 4766 16.11 86.88 -2.60
N TRP D 4767 15.74 86.80 -3.87
CA TRP D 4767 16.39 85.90 -4.82
C TRP D 4767 17.86 86.25 -5.02
N LEU D 4768 18.24 87.51 -4.84
CA LEU D 4768 19.61 87.93 -5.09
C LEU D 4768 20.60 87.49 -4.01
N MET D 4769 20.12 87.04 -2.84
CA MET D 4769 20.99 86.53 -1.78
C MET D 4769 20.40 85.30 -1.09
N SER D 4770 19.61 84.50 -1.81
CA SER D 4770 19.00 83.27 -1.30
C SER D 4770 19.13 82.16 -2.32
N ILE D 4771 20.32 82.03 -2.90
CA ILE D 4771 20.65 80.99 -3.87
C ILE D 4771 22.02 80.44 -3.53
N ASP D 4772 22.13 79.11 -3.50
CA ASP D 4772 23.39 78.46 -3.18
C ASP D 4772 24.26 78.42 -4.42
N VAL D 4773 25.39 79.12 -4.35
CA VAL D 4773 26.27 79.26 -5.52
C VAL D 4773 26.89 77.91 -5.88
N LYS D 4774 27.29 77.13 -4.88
CA LYS D 4774 27.90 75.84 -5.12
C LYS D 4774 26.93 74.88 -5.82
N TYR D 4775 25.67 74.88 -5.38
CA TYR D 4775 24.65 74.04 -5.98
C TYR D 4775 24.39 74.44 -7.42
N GLN D 4776 24.32 75.75 -7.68
CA GLN D 4776 24.05 76.22 -9.04
C GLN D 4776 25.20 75.89 -9.98
N ILE D 4777 26.44 76.00 -9.48
CA ILE D 4777 27.60 75.66 -10.29
C ILE D 4777 27.60 74.16 -10.62
N TRP D 4778 27.22 73.34 -9.64
CA TRP D 4778 27.09 71.91 -9.87
C TRP D 4778 26.03 71.61 -10.91
N LYS D 4779 24.91 72.34 -10.83
CA LYS D 4779 23.82 72.18 -11.80
C LYS D 4779 24.31 72.51 -13.20
N PHE D 4780 25.04 73.60 -13.34
CA PHE D 4780 25.50 74.01 -14.67
C PHE D 4780 26.51 73.02 -15.23
N GLY D 4781 27.35 72.45 -14.36
CA GLY D 4781 28.28 71.44 -14.82
C GLY D 4781 27.58 70.21 -15.37
N VAL D 4782 26.59 69.69 -14.64
CA VAL D 4782 25.89 68.51 -15.15
C VAL D 4782 25.04 68.86 -16.36
N ILE D 4783 24.48 70.06 -16.40
CA ILE D 4783 23.65 70.46 -17.54
C ILE D 4783 24.49 70.56 -18.80
N PHE D 4784 25.74 71.00 -18.67
CA PHE D 4784 26.63 71.05 -19.82
C PHE D 4784 27.27 69.71 -20.14
N THR D 4785 27.23 68.73 -19.22
CA THR D 4785 27.91 67.47 -19.47
C THR D 4785 27.14 66.55 -20.40
N ASP D 4786 25.80 66.56 -20.36
CA ASP D 4786 25.05 65.60 -21.14
C ASP D 4786 25.08 65.96 -22.63
N ASN D 4787 24.87 64.95 -23.46
CA ASN D 4787 25.00 65.13 -24.91
C ASN D 4787 23.88 65.95 -25.49
N SER D 4788 22.65 65.77 -24.98
CA SER D 4788 21.47 66.35 -25.60
C SER D 4788 21.49 67.87 -25.54
N PHE D 4789 21.87 68.43 -24.40
CA PHE D 4789 21.89 69.88 -24.25
C PHE D 4789 23.00 70.49 -25.10
N LEU D 4790 24.14 69.81 -25.17
CA LEU D 4790 25.23 70.29 -26.00
C LEU D 4790 24.88 70.27 -27.47
N TYR D 4791 24.01 69.36 -27.89
CA TYR D 4791 23.58 69.36 -29.28
C TYR D 4791 22.78 70.61 -29.60
N LEU D 4792 21.94 71.06 -28.68
CA LEU D 4792 21.21 72.30 -28.88
C LEU D 4792 22.15 73.49 -28.89
N GLY D 4793 23.16 73.48 -28.03
CA GLY D 4793 24.12 74.58 -28.04
C GLY D 4793 24.94 74.61 -29.33
N TRP D 4794 25.25 73.44 -29.88
CA TRP D 4794 25.89 73.34 -31.18
C TRP D 4794 25.01 73.92 -32.26
N TYR D 4795 23.71 73.65 -32.17
CA TYR D 4795 22.76 74.27 -33.10
C TYR D 4795 22.76 75.78 -32.94
N MET D 4796 22.88 76.25 -31.71
CA MET D 4796 22.79 77.68 -31.45
C MET D 4796 23.99 78.42 -31.99
N VAL D 4797 25.18 77.82 -31.90
CA VAL D 4797 26.39 78.54 -32.29
C VAL D 4797 26.39 78.79 -33.79
N MET D 4798 26.10 77.76 -34.58
CA MET D 4798 25.97 77.99 -36.02
C MET D 4798 24.74 78.81 -36.34
N SER D 4799 23.70 78.80 -35.49
CA SER D 4799 22.55 79.65 -35.77
C SER D 4799 22.90 81.13 -35.62
N LEU D 4800 23.52 81.50 -34.50
CA LEU D 4800 23.92 82.89 -34.29
C LEU D 4800 24.98 83.31 -35.29
N LEU D 4801 25.94 82.42 -35.57
CA LEU D 4801 26.93 82.68 -36.59
C LEU D 4801 26.30 82.73 -37.99
N GLY D 4802 25.15 82.10 -38.18
CA GLY D 4802 24.53 82.07 -39.49
C GLY D 4802 24.04 83.42 -39.96
N HIS D 4803 23.80 84.35 -39.04
CA HIS D 4803 23.45 85.69 -39.45
C HIS D 4803 24.62 86.41 -40.12
N TYR D 4804 25.85 85.95 -39.90
CA TYR D 4804 26.94 86.30 -40.79
C TYR D 4804 26.65 85.80 -42.19
N ASN D 4805 26.14 84.56 -42.30
CA ASN D 4805 25.66 83.97 -43.54
C ASN D 4805 26.76 83.87 -44.59
N ASN D 4806 27.84 83.21 -44.19
CA ASN D 4806 28.81 82.64 -45.13
C ASN D 4806 28.47 81.19 -45.44
N PHE D 4807 27.20 80.97 -45.84
CA PHE D 4807 26.61 79.70 -46.26
C PHE D 4807 26.43 78.69 -45.13
N PHE D 4808 26.77 79.03 -43.89
CA PHE D 4808 26.83 78.05 -42.82
C PHE D 4808 25.47 77.75 -42.20
N PHE D 4809 24.36 78.20 -42.80
CA PHE D 4809 23.06 77.67 -42.42
C PHE D 4809 22.91 76.20 -42.78
N ALA D 4810 23.61 75.75 -43.83
CA ALA D 4810 23.47 74.38 -44.29
C ALA D 4810 23.99 73.36 -43.30
N ALA D 4811 24.87 73.76 -42.37
CA ALA D 4811 25.37 72.80 -41.39
C ALA D 4811 24.28 72.32 -40.44
N HIS D 4812 23.25 73.12 -40.23
CA HIS D 4812 22.09 72.66 -39.46
C HIS D 4812 21.42 71.48 -40.14
N LEU D 4813 21.34 71.54 -41.47
CA LEU D 4813 20.54 70.61 -42.25
C LEU D 4813 21.10 69.19 -42.21
N LEU D 4814 22.39 69.03 -41.96
CA LEU D 4814 22.94 67.68 -41.93
C LEU D 4814 22.48 66.96 -40.67
N ASP D 4815 22.92 67.44 -39.53
CA ASP D 4815 22.74 66.71 -38.30
C ASP D 4815 21.35 66.90 -37.70
N ILE D 4816 20.49 67.75 -38.29
CA ILE D 4816 19.11 67.78 -37.81
C ILE D 4816 18.37 66.49 -38.13
N ALA D 4817 18.78 65.76 -39.17
CA ALA D 4817 18.05 64.58 -39.60
C ALA D 4817 18.28 63.33 -38.72
N MET D 4818 18.92 63.46 -37.55
CA MET D 4818 19.02 62.36 -36.59
C MET D 4818 17.68 61.84 -36.10
N GLY D 4819 16.61 62.65 -36.18
CA GLY D 4819 15.32 62.24 -35.64
C GLY D 4819 14.74 61.01 -36.31
N VAL D 4820 15.11 60.75 -37.56
CA VAL D 4820 14.75 59.48 -38.19
C VAL D 4820 15.57 58.37 -37.55
N LYS D 4821 14.90 57.26 -37.27
CA LYS D 4821 15.55 56.14 -36.59
C LYS D 4821 16.54 55.43 -37.51
N THR D 4822 16.10 55.16 -38.74
CA THR D 4822 16.91 54.43 -39.70
C THR D 4822 18.17 55.19 -40.05
N LEU D 4823 18.04 56.51 -40.21
CA LEU D 4823 19.21 57.32 -40.50
C LEU D 4823 20.13 57.39 -39.30
N ARG D 4824 19.56 57.40 -38.09
CA ARG D 4824 20.38 57.50 -36.89
C ARG D 4824 21.25 56.27 -36.69
N THR D 4825 20.74 55.11 -37.11
CA THR D 4825 21.53 53.89 -37.04
C THR D 4825 22.79 53.97 -37.88
N ILE D 4826 22.73 54.66 -39.01
CA ILE D 4826 23.88 54.78 -39.91
C ILE D 4826 25.01 55.53 -39.22
N LEU D 4827 24.68 56.68 -38.63
CA LEU D 4827 25.71 57.47 -37.97
C LEU D 4827 26.24 56.77 -36.74
N SER D 4828 25.38 56.05 -36.02
CA SER D 4828 25.86 55.29 -34.88
C SER D 4828 26.73 54.12 -35.28
N SER D 4829 26.58 53.59 -36.50
CA SER D 4829 27.35 52.42 -36.89
C SER D 4829 28.83 52.71 -37.02
N VAL D 4830 29.20 53.93 -37.41
CA VAL D 4830 30.61 54.26 -37.63
C VAL D 4830 31.39 54.16 -36.33
N THR D 4831 30.84 54.72 -35.25
CA THR D 4831 31.49 54.67 -33.95
C THR D 4831 31.26 53.35 -33.22
N HIS D 4832 30.51 52.42 -33.80
CA HIS D 4832 30.28 51.15 -33.11
C HIS D 4832 31.55 50.33 -33.00
N ASN D 4833 32.44 50.45 -33.99
CA ASN D 4833 33.71 49.72 -34.05
C ASN D 4833 34.86 50.70 -34.27
N GLY D 4834 34.89 51.75 -33.45
CA GLY D 4834 35.90 52.79 -33.64
C GLY D 4834 37.31 52.31 -33.39
N LYS D 4835 37.49 51.49 -32.35
CA LYS D 4835 38.81 50.99 -31.98
C LYS D 4835 39.43 50.15 -33.08
N GLN D 4836 38.67 49.18 -33.58
CA GLN D 4836 39.13 48.28 -34.62
C GLN D 4836 39.37 49.03 -35.92
N LEU D 4837 38.47 49.96 -36.24
CA LEU D 4837 38.58 50.73 -37.48
C LEU D 4837 39.82 51.60 -37.46
N VAL D 4838 40.09 52.25 -36.33
CA VAL D 4838 41.21 53.18 -36.28
C VAL D 4838 42.53 52.41 -36.37
N MET D 4839 42.61 51.26 -35.69
CA MET D 4839 43.80 50.43 -35.79
C MET D 4839 44.02 49.93 -37.21
N THR D 4840 42.94 49.59 -37.91
CA THR D 4840 43.08 49.07 -39.25
C THR D 4840 43.54 50.17 -40.22
N VAL D 4841 43.03 51.39 -40.03
CA VAL D 4841 43.49 52.50 -40.86
C VAL D 4841 44.96 52.78 -40.60
N GLY D 4842 45.41 52.59 -39.36
CA GLY D 4842 46.84 52.72 -39.08
C GLY D 4842 47.66 51.70 -39.84
N LEU D 4843 47.16 50.47 -39.93
CA LEU D 4843 47.89 49.46 -40.68
C LEU D 4843 47.92 49.76 -42.17
N LEU D 4844 46.88 50.42 -42.68
CA LEU D 4844 46.95 50.89 -44.06
C LEU D 4844 48.06 51.93 -44.23
N ALA D 4845 48.15 52.84 -43.26
CA ALA D 4845 49.12 53.93 -43.33
C ALA D 4845 50.55 53.43 -43.29
N VAL D 4846 50.81 52.29 -42.62
CA VAL D 4846 52.17 51.77 -42.52
C VAL D 4846 52.52 50.79 -43.67
N VAL D 4847 51.55 49.97 -44.10
CA VAL D 4847 51.84 49.01 -45.15
C VAL D 4847 52.09 49.72 -46.47
N VAL D 4848 51.42 50.85 -46.69
CA VAL D 4848 51.73 51.64 -47.89
C VAL D 4848 53.09 52.33 -47.80
N TYR D 4849 53.50 52.70 -46.58
CA TYR D 4849 54.76 53.43 -46.40
C TYR D 4849 55.95 52.58 -46.80
N LEU D 4850 55.86 51.27 -46.57
CA LEU D 4850 56.94 50.40 -47.06
C LEU D 4850 57.05 50.43 -48.59
N TYR D 4851 55.92 50.51 -49.28
CA TYR D 4851 55.98 50.56 -50.73
C TYR D 4851 56.60 51.86 -51.20
N THR D 4852 56.35 52.95 -50.46
CA THR D 4852 56.93 54.23 -50.88
C THR D 4852 58.44 54.22 -50.75
N VAL D 4853 58.98 53.67 -49.65
CA VAL D 4853 60.44 53.73 -49.52
C VAL D 4853 61.11 52.79 -50.53
N VAL D 4854 60.46 51.68 -50.87
CA VAL D 4854 60.99 50.81 -51.91
C VAL D 4854 61.05 51.55 -53.25
N ALA D 4855 59.98 52.27 -53.58
CA ALA D 4855 59.94 53.04 -54.81
C ALA D 4855 60.97 54.14 -54.82
N PHE D 4856 61.21 54.76 -53.67
CA PHE D 4856 62.17 55.84 -53.60
C PHE D 4856 63.58 55.35 -53.85
N ASN D 4857 63.91 54.16 -53.33
CA ASN D 4857 65.23 53.61 -53.59
C ASN D 4857 65.41 53.27 -55.06
N PHE D 4858 64.47 52.51 -55.63
CA PHE D 4858 64.68 51.85 -56.91
C PHE D 4858 64.00 52.53 -58.09
N PHE D 4859 62.70 52.80 -58.01
CA PHE D 4859 61.87 53.13 -59.15
C PHE D 4859 61.65 54.63 -59.30
N ARG D 4860 62.68 55.43 -59.06
CA ARG D 4860 62.51 56.88 -59.11
C ARG D 4860 62.24 57.37 -60.54
N LYS D 4861 62.87 56.74 -61.53
CA LYS D 4861 62.79 57.24 -62.89
C LYS D 4861 61.39 57.11 -63.49
N PHE D 4862 60.60 56.16 -63.01
CA PHE D 4862 59.31 55.90 -63.64
C PHE D 4862 58.31 57.02 -63.36
N TYR D 4863 58.31 57.55 -62.14
CA TYR D 4863 57.31 58.54 -61.75
C TYR D 4863 57.67 59.86 -62.40
N ASN D 4864 57.00 60.17 -63.51
CA ASN D 4864 57.26 61.41 -64.23
C ASN D 4864 56.04 61.77 -65.05
N LYS D 4865 55.34 62.81 -64.64
CA LYS D 4865 54.21 63.33 -65.41
C LYS D 4865 54.73 64.17 -66.56
N SER D 4866 54.09 64.04 -67.71
CA SER D 4866 54.61 64.63 -68.93
C SER D 4866 54.46 66.15 -68.91
N GLU D 4867 55.47 66.83 -69.43
CA GLU D 4867 55.46 68.27 -69.65
C GLU D 4867 56.11 68.60 -70.99
N ASP D 4868 55.86 67.75 -72.00
CA ASP D 4868 56.46 67.90 -73.33
C ASP D 4868 57.98 67.87 -73.27
N GLU D 4869 58.52 66.92 -72.50
CA GLU D 4869 59.96 66.79 -72.25
C GLU D 4869 60.55 68.07 -71.66
N ASP D 4870 59.79 68.73 -70.79
CA ASP D 4870 60.25 69.84 -69.98
C ASP D 4870 59.68 69.68 -68.59
N GLU D 4871 59.79 68.45 -68.07
CA GLU D 4871 59.07 68.00 -66.88
C GLU D 4871 60.03 67.92 -65.70
N PRO D 4872 60.03 68.91 -64.79
CA PRO D 4872 60.64 68.71 -63.46
C PRO D 4872 59.67 68.13 -62.44
N ASP D 4873 58.54 67.56 -62.90
CA ASP D 4873 57.45 67.14 -62.03
C ASP D 4873 57.59 65.70 -61.57
N MET D 4874 58.82 65.21 -61.40
CA MET D 4874 59.03 63.92 -60.78
C MET D 4874 58.59 63.99 -59.33
N LYS D 4875 57.54 63.25 -58.99
CA LYS D 4875 56.87 63.37 -57.70
C LYS D 4875 57.45 62.44 -56.63
N CYS D 4876 58.68 61.95 -56.81
CA CYS D 4876 59.36 61.16 -55.79
C CYS D 4876 60.83 61.53 -55.71
N ASP D 4877 61.12 62.83 -55.80
CA ASP D 4877 62.39 63.39 -55.35
C ASP D 4877 62.34 63.81 -53.88
N ASP D 4878 61.34 63.35 -53.12
CA ASP D 4878 61.13 63.79 -51.75
C ASP D 4878 60.09 62.86 -51.14
N MET D 4879 60.35 62.41 -49.91
CA MET D 4879 59.49 61.40 -49.31
C MET D 4879 58.10 61.93 -49.01
N MET D 4880 58.00 63.18 -48.58
CA MET D 4880 56.68 63.76 -48.31
C MET D 4880 55.84 63.82 -49.59
N THR D 4881 56.46 64.21 -50.69
CA THR D 4881 55.78 64.26 -51.97
C THR D 4881 55.34 62.87 -52.43
N CYS D 4882 56.23 61.87 -52.28
CA CYS D 4882 55.92 60.52 -52.74
C CYS D 4882 54.84 59.88 -51.87
N TYR D 4883 54.95 60.11 -50.57
CA TYR D 4883 54.00 59.49 -49.65
C TYR D 4883 52.62 60.08 -49.82
N LEU D 4884 52.55 61.39 -50.08
CA LEU D 4884 51.25 61.98 -50.36
C LEU D 4884 50.73 61.57 -51.73
N PHE D 4885 51.64 61.34 -52.68
CA PHE D 4885 51.21 60.88 -54.00
C PHE D 4885 50.55 59.52 -53.91
N HIS D 4886 51.09 58.65 -53.07
CA HIS D 4886 50.46 57.33 -52.92
C HIS D 4886 49.12 57.38 -52.21
N MET D 4887 48.84 58.43 -51.45
CA MET D 4887 47.51 58.61 -50.88
C MET D 4887 46.53 59.16 -51.89
N TYR D 4888 46.84 60.31 -52.48
CA TYR D 4888 45.85 60.98 -53.33
C TYR D 4888 45.66 60.24 -54.63
N VAL D 4889 46.73 60.06 -55.39
CA VAL D 4889 46.65 59.44 -56.71
C VAL D 4889 46.54 57.92 -56.65
N GLY D 4890 46.77 57.32 -55.49
CA GLY D 4890 47.02 55.90 -55.35
C GLY D 4890 45.75 55.17 -54.97
N VAL D 4891 45.51 55.03 -53.67
CA VAL D 4891 44.55 54.09 -53.09
C VAL D 4891 43.14 54.34 -53.61
N ARG D 4892 42.77 55.59 -53.80
CA ARG D 4892 41.46 55.94 -54.35
C ARG D 4892 41.50 55.90 -55.88
N ALA D 4893 41.76 54.70 -56.40
CA ALA D 4893 41.84 54.46 -57.82
C ALA D 4893 41.83 52.96 -58.06
N GLY D 4894 41.05 52.52 -59.03
CA GLY D 4894 41.04 51.13 -59.38
C GLY D 4894 42.36 50.70 -59.97
N GLY D 4895 42.68 49.42 -59.76
CA GLY D 4895 43.88 48.86 -60.34
C GLY D 4895 45.17 49.23 -59.66
N GLY D 4896 45.13 50.01 -58.59
CA GLY D 4896 46.34 50.35 -57.89
C GLY D 4896 47.17 51.38 -58.63
N ILE D 4897 48.45 51.40 -58.26
CA ILE D 4897 49.36 52.45 -58.73
C ILE D 4897 49.60 52.34 -60.23
N GLY D 4898 49.60 51.13 -60.78
CA GLY D 4898 50.12 50.88 -62.12
C GLY D 4898 49.37 51.59 -63.24
N ASP D 4899 48.15 52.05 -62.99
CA ASP D 4899 47.41 52.73 -64.05
C ASP D 4899 48.03 54.08 -64.36
N GLU D 4900 48.51 54.79 -63.35
CA GLU D 4900 48.94 56.18 -63.49
C GLU D 4900 50.40 56.30 -63.87
N ILE D 4901 51.24 55.35 -63.46
CA ILE D 4901 52.66 55.43 -63.72
C ILE D 4901 52.95 55.00 -65.14
N GLU D 4902 54.07 55.48 -65.67
CA GLU D 4902 54.52 55.09 -67.00
C GLU D 4902 54.77 53.59 -67.07
N ASP D 4903 54.48 53.02 -68.22
CA ASP D 4903 54.59 51.58 -68.40
C ASP D 4903 56.06 51.17 -68.37
N PRO D 4904 56.44 50.11 -67.63
CA PRO D 4904 57.78 49.56 -67.83
C PRO D 4904 57.91 48.90 -69.19
N ALA D 4905 58.65 49.56 -70.08
CA ALA D 4905 58.79 49.11 -71.47
C ALA D 4905 60.01 48.23 -71.67
N GLY D 4906 60.15 47.19 -70.83
CA GLY D 4906 61.25 46.27 -70.94
C GLY D 4906 62.59 46.92 -70.70
N ASP D 4907 62.68 47.72 -69.65
CA ASP D 4907 63.80 48.61 -69.37
C ASP D 4907 64.37 48.32 -68.00
N GLU D 4908 64.66 47.05 -67.74
CA GLU D 4908 65.29 46.57 -66.51
C GLU D 4908 64.34 46.66 -65.33
N TYR D 4909 64.52 45.76 -64.36
CA TYR D 4909 63.63 45.59 -63.22
C TYR D 4909 62.18 45.32 -63.66
N GLU D 4910 62.02 44.59 -64.77
CA GLU D 4910 60.69 44.33 -65.31
C GLU D 4910 59.88 43.44 -64.37
N LEU D 4911 60.45 42.31 -63.98
CA LEU D 4911 59.79 41.43 -63.03
C LEU D 4911 59.72 42.07 -61.65
N TYR D 4912 60.78 42.80 -61.27
CA TYR D 4912 60.79 43.49 -59.99
C TYR D 4912 59.73 44.57 -59.91
N ARG D 4913 59.33 45.14 -61.06
CA ARG D 4913 58.30 46.17 -61.12
C ARG D 4913 56.90 45.58 -61.18
N VAL D 4914 56.75 44.51 -61.98
CA VAL D 4914 55.43 43.96 -62.19
C VAL D 4914 54.95 43.31 -60.89
N VAL D 4915 55.87 42.71 -60.13
CA VAL D 4915 55.45 42.17 -58.84
C VAL D 4915 55.11 43.29 -57.87
N PHE D 4916 55.73 44.47 -58.02
CA PHE D 4916 55.44 45.58 -57.12
C PHE D 4916 54.01 46.05 -57.29
N ASP D 4917 53.59 46.23 -58.53
CA ASP D 4917 52.21 46.67 -58.72
C ASP D 4917 51.20 45.57 -58.38
N ILE D 4918 51.52 44.30 -58.71
CA ILE D 4918 50.55 43.24 -58.39
C ILE D 4918 50.42 43.06 -56.89
N THR D 4919 51.52 43.04 -56.15
CA THR D 4919 51.40 42.83 -54.72
C THR D 4919 50.79 44.01 -54.01
N PHE D 4920 51.00 45.23 -54.53
CA PHE D 4920 50.31 46.40 -54.01
C PHE D 4920 48.80 46.24 -54.15
N PHE D 4921 48.35 45.97 -55.38
CA PHE D 4921 46.92 45.79 -55.61
C PHE D 4921 46.37 44.58 -54.86
N PHE D 4922 47.19 43.57 -54.64
CA PHE D 4922 46.74 42.37 -53.97
C PHE D 4922 46.52 42.59 -52.49
N PHE D 4923 47.26 43.52 -51.87
CA PHE D 4923 47.17 43.75 -50.42
C PHE D 4923 46.36 44.97 -50.05
N VAL D 4924 46.61 46.13 -50.63
CA VAL D 4924 46.01 47.34 -50.08
C VAL D 4924 44.55 47.49 -50.47
N ILE D 4925 44.19 47.11 -51.70
CA ILE D 4925 42.91 47.51 -52.28
C ILE D 4925 41.90 46.39 -52.13
N VAL D 4926 42.16 45.27 -52.79
CA VAL D 4926 41.19 44.19 -52.84
C VAL D 4926 40.98 43.49 -51.50
N ILE D 4927 41.87 43.70 -50.52
CA ILE D 4927 41.83 43.02 -49.22
C ILE D 4927 41.58 44.04 -48.11
N LEU D 4928 42.52 44.95 -47.92
CA LEU D 4928 42.54 45.76 -46.71
C LEU D 4928 41.48 46.85 -46.75
N LEU D 4929 41.32 47.47 -47.91
CA LEU D 4929 40.24 48.43 -48.08
C LEU D 4929 38.89 47.76 -47.98
N ALA D 4930 38.82 46.51 -48.43
CA ALA D 4930 37.60 45.75 -48.24
C ALA D 4930 37.36 45.44 -46.77
N ILE D 4931 38.41 45.35 -45.94
CA ILE D 4931 38.18 45.21 -44.51
C ILE D 4931 37.56 46.49 -43.97
N ILE D 4932 38.07 47.63 -44.41
CA ILE D 4932 37.54 48.91 -43.94
C ILE D 4932 36.08 49.07 -44.34
N GLN D 4933 35.76 48.67 -45.56
CA GLN D 4933 34.37 48.64 -45.98
C GLN D 4933 33.57 47.62 -45.18
N GLY D 4934 34.15 46.45 -44.95
CA GLY D 4934 33.41 45.34 -44.40
C GLY D 4934 33.09 45.48 -42.93
N LEU D 4935 33.81 46.34 -42.21
CA LEU D 4935 33.61 46.42 -40.77
C LEU D 4935 32.25 47.03 -40.44
N ILE D 4936 32.03 48.27 -40.83
CA ILE D 4936 30.87 48.98 -40.34
C ILE D 4936 29.60 48.55 -41.03
N ILE D 4937 29.69 48.04 -42.26
CA ILE D 4937 28.51 47.53 -42.94
C ILE D 4937 27.98 46.31 -42.20
N ASP D 4938 28.89 45.43 -41.77
CA ASP D 4938 28.52 44.33 -40.89
C ASP D 4938 27.97 44.86 -39.57
N ALA D 4939 28.54 45.95 -39.07
CA ALA D 4939 28.05 46.53 -37.82
C ALA D 4939 26.63 47.06 -37.97
N PHE D 4940 26.34 47.68 -39.11
CA PHE D 4940 25.00 48.19 -39.39
C PHE D 4940 23.99 47.07 -39.45
N GLY D 4941 24.37 45.97 -40.11
CA GLY D 4941 23.53 44.78 -40.10
C GLY D 4941 23.32 44.25 -38.69
N GLU D 4942 24.36 44.30 -37.87
CA GLU D 4942 24.27 43.82 -36.50
C GLU D 4942 23.30 44.65 -35.67
N LEU D 4943 23.36 45.97 -35.82
CA LEU D 4943 22.50 46.85 -35.03
C LEU D 4943 21.04 46.68 -35.43
N ARG D 4944 20.79 46.55 -36.74
CA ARG D 4944 19.43 46.30 -37.21
C ARG D 4944 18.92 44.96 -36.69
N ASP D 4945 19.80 43.96 -36.68
CA ASP D 4945 19.43 42.65 -36.17
C ASP D 4945 19.16 42.70 -34.67
N GLN D 4946 19.86 43.56 -33.93
CA GLN D 4946 19.60 43.66 -32.50
C GLN D 4946 18.22 44.25 -32.23
N GLN D 4947 17.82 45.26 -33.02
CA GLN D 4947 16.49 45.84 -32.84
C GLN D 4947 15.40 44.81 -33.13
N GLU D 4948 15.56 44.07 -34.23
CA GLU D 4948 14.60 43.03 -34.54
C GLU D 4948 14.64 41.90 -33.53
N GLN D 4949 15.81 41.64 -32.95
CA GLN D 4949 15.94 40.61 -31.92
C GLN D 4949 15.16 40.97 -30.69
N VAL D 4950 15.18 42.25 -30.30
CA VAL D 4950 14.42 42.67 -29.13
C VAL D 4950 12.93 42.48 -29.39
N LYS D 4951 12.46 42.90 -30.57
CA LYS D 4951 11.03 42.78 -30.87
C LYS D 4951 10.58 41.32 -30.91
N GLU D 4952 11.40 40.44 -31.48
CA GLU D 4952 11.03 39.03 -31.51
C GLU D 4952 11.16 38.38 -30.14
N ASP D 4953 12.12 38.80 -29.33
CA ASP D 4953 12.34 38.18 -28.04
C ASP D 4953 11.21 38.51 -27.07
N MET D 4954 10.63 39.70 -27.19
CA MET D 4954 9.53 40.05 -26.28
C MET D 4954 8.31 39.17 -26.53
N GLU D 4955 7.97 38.91 -27.78
CA GLU D 4955 6.76 38.15 -28.08
C GLU D 4955 6.88 36.70 -27.66
N THR D 4956 8.07 36.13 -27.75
CA THR D 4956 8.30 34.72 -27.45
C THR D 4956 8.69 34.45 -26.00
N LYS D 4957 8.63 35.46 -25.12
CA LYS D 4957 8.99 35.24 -23.73
C LYS D 4957 8.35 36.30 -22.86
N CYS D 4958 7.85 35.88 -21.70
CA CYS D 4958 7.32 36.83 -20.73
C CYS D 4958 8.45 37.70 -20.20
N PHE D 4959 8.14 38.98 -20.01
CA PHE D 4959 9.15 39.93 -19.59
C PHE D 4959 9.44 39.80 -18.11
N ILE D 4960 8.42 40.03 -17.28
CA ILE D 4960 8.62 40.01 -15.84
C ILE D 4960 8.88 38.59 -15.37
N CYS D 4961 7.90 37.71 -15.57
CA CYS D 4961 8.10 36.31 -15.27
C CYS D 4961 9.04 35.71 -16.30
N GLY D 4962 9.86 34.76 -15.84
CA GLY D 4962 10.82 34.11 -16.69
C GLY D 4962 10.27 33.01 -17.57
N ILE D 4963 8.97 32.76 -17.54
CA ILE D 4963 8.38 31.64 -18.26
C ILE D 4963 8.30 31.99 -19.74
N GLY D 4964 8.60 31.03 -20.59
CA GLY D 4964 8.49 31.24 -22.01
C GLY D 4964 7.05 31.26 -22.47
N SER D 4965 6.84 31.84 -23.66
CA SER D 4965 5.50 31.95 -24.19
C SER D 4965 4.90 30.62 -24.61
N ASP D 4966 5.73 29.60 -24.84
CA ASP D 4966 5.24 28.32 -25.34
C ASP D 4966 4.33 27.62 -24.32
N TYR D 4967 4.59 27.83 -23.03
CA TYR D 4967 3.72 27.24 -22.02
C TYR D 4967 2.33 27.84 -22.05
N PHE D 4968 2.24 29.17 -22.18
CA PHE D 4968 0.96 29.84 -22.31
C PHE D 4968 0.36 29.71 -23.71
N ASP D 4969 1.11 29.21 -24.69
CA ASP D 4969 0.55 28.94 -26.01
C ASP D 4969 -0.27 27.65 -26.08
N THR D 4970 -0.42 26.91 -24.96
CA THR D 4970 -1.24 25.71 -24.92
C THR D 4970 -2.73 25.98 -24.69
N THR D 4971 -3.19 27.22 -24.90
CA THR D 4971 -4.58 27.61 -24.80
C THR D 4971 -4.85 28.65 -25.88
N PRO D 4972 -6.09 28.77 -26.37
CA PRO D 4972 -6.39 29.92 -27.24
C PRO D 4972 -6.24 31.24 -26.49
N HIS D 4973 -5.36 32.09 -27.01
CA HIS D 4973 -5.07 33.40 -26.44
C HIS D 4973 -4.53 33.31 -25.02
N GLY D 4974 -3.85 32.21 -24.68
CA GLY D 4974 -3.35 32.06 -23.31
C GLY D 4974 -2.25 33.05 -23.00
N PHE D 4975 -1.26 33.18 -23.89
CA PHE D 4975 -0.19 34.13 -23.68
C PHE D 4975 -0.70 35.56 -23.77
N GLU D 4976 -1.62 35.83 -24.69
CA GLU D 4976 -2.12 37.18 -24.88
C GLU D 4976 -2.89 37.65 -23.66
N THR D 4977 -3.78 36.82 -23.14
CA THR D 4977 -4.49 37.17 -21.91
C THR D 4977 -3.54 37.26 -20.72
N HIS D 4978 -2.54 36.35 -20.69
CA HIS D 4978 -1.58 36.30 -19.59
C HIS D 4978 -0.80 37.60 -19.49
N THR D 4979 -0.19 38.01 -20.60
CA THR D 4979 0.53 39.27 -20.59
C THR D 4979 -0.40 40.47 -20.54
N LEU D 4980 -1.68 40.31 -20.92
CA LEU D 4980 -2.60 41.42 -20.82
C LEU D 4980 -2.86 41.80 -19.37
N GLU D 4981 -3.10 40.80 -18.51
CA GLU D 4981 -3.59 41.04 -17.16
C GLU D 4981 -2.57 40.72 -16.07
N GLU D 4982 -1.97 39.54 -16.09
CA GLU D 4982 -1.13 39.11 -14.97
C GLU D 4982 0.14 39.93 -14.89
N HIS D 4983 0.80 40.18 -16.04
CA HIS D 4983 2.01 41.00 -16.13
C HIS D 4983 1.78 42.00 -17.27
N ASN D 4984 1.11 43.09 -16.94
CA ASN D 4984 0.75 44.08 -17.95
C ASN D 4984 1.86 45.04 -18.30
N LEU D 4985 2.84 45.25 -17.39
CA LEU D 4985 3.98 46.16 -17.41
C LEU D 4985 3.59 47.62 -17.10
N ALA D 4986 2.30 47.97 -17.10
CA ALA D 4986 1.79 49.26 -16.67
C ALA D 4986 1.14 49.18 -15.31
N ASN D 4987 0.44 48.08 -15.05
CA ASN D 4987 -0.22 47.88 -13.77
C ASN D 4987 0.77 47.82 -12.63
N TYR D 4988 1.99 47.34 -12.87
CA TYR D 4988 3.03 47.41 -11.86
C TYR D 4988 3.43 48.84 -11.56
N MET D 4989 3.56 49.65 -12.61
CA MET D 4989 3.84 51.07 -12.45
C MET D 4989 2.70 51.76 -11.73
N PHE D 4990 1.46 51.40 -12.06
CA PHE D 4990 0.33 51.90 -11.32
C PHE D 4990 0.31 51.39 -9.88
N PHE D 4991 0.87 50.20 -9.65
CA PHE D 4991 0.94 49.66 -8.30
C PHE D 4991 1.80 50.53 -7.41
N LEU D 4992 2.94 50.96 -7.93
CA LEU D 4992 3.83 51.78 -7.10
C LEU D 4992 3.30 53.17 -6.82
N MET D 4993 2.28 53.64 -7.53
CA MET D 4993 1.88 55.04 -7.41
C MET D 4993 0.96 55.27 -6.20
N TYR D 4994 -0.19 54.59 -6.17
CA TYR D 4994 -1.13 54.83 -5.07
C TYR D 4994 -0.57 54.35 -3.73
N LEU D 4995 0.38 53.43 -3.75
CA LEU D 4995 1.12 53.09 -2.53
C LEU D 4995 1.80 54.32 -1.96
N ILE D 4996 2.39 55.14 -2.83
CA ILE D 4996 2.93 56.42 -2.39
C ILE D 4996 1.80 57.33 -1.96
N ASN D 4997 0.70 57.33 -2.72
CA ASN D 4997 -0.39 58.24 -2.45
C ASN D 4997 -1.21 57.85 -1.22
N LYS D 4998 -1.35 56.56 -0.96
CA LYS D 4998 -2.20 56.09 0.13
C LYS D 4998 -1.48 56.21 1.46
N ASP D 4999 -2.27 56.47 2.50
CA ASP D 4999 -1.72 56.66 3.83
C ASP D 4999 -1.18 55.35 4.40
N GLU D 5000 -0.21 55.49 5.31
CA GLU D 5000 0.46 54.32 5.87
C GLU D 5000 -0.50 53.50 6.72
N THR D 5001 -1.41 54.15 7.43
CA THR D 5001 -2.36 53.43 8.26
C THR D 5001 -3.33 52.62 7.43
N GLU D 5002 -3.69 53.12 6.25
CA GLU D 5002 -4.69 52.48 5.41
C GLU D 5002 -4.12 51.37 4.52
N HIS D 5003 -2.82 51.10 4.60
CA HIS D 5003 -2.26 50.01 3.81
C HIS D 5003 -2.80 48.69 4.32
N THR D 5004 -3.14 47.82 3.38
CA THR D 5004 -3.60 46.48 3.72
C THR D 5004 -2.40 45.62 4.11
N GLY D 5005 -2.64 44.32 4.29
CA GLY D 5005 -1.56 43.43 4.66
C GLY D 5005 -0.55 43.27 3.55
N GLN D 5006 -1.02 42.86 2.38
CA GLN D 5006 -0.15 42.59 1.25
C GLN D 5006 0.47 43.87 0.71
N GLU D 5007 -0.28 44.97 0.77
CA GLU D 5007 0.22 46.27 0.35
C GLU D 5007 1.40 46.71 1.20
N SER D 5008 1.27 46.57 2.52
CA SER D 5008 2.37 46.92 3.42
C SER D 5008 3.54 45.97 3.25
N TYR D 5009 3.26 44.70 2.93
CA TYR D 5009 4.32 43.74 2.65
C TYR D 5009 5.18 44.18 1.48
N VAL D 5010 4.54 44.71 0.44
CA VAL D 5010 5.33 45.21 -0.70
C VAL D 5010 6.08 46.49 -0.32
N TRP D 5011 5.40 47.41 0.37
CA TRP D 5011 5.98 48.73 0.64
C TRP D 5011 7.22 48.67 1.51
N LYS D 5012 7.24 47.73 2.46
CA LYS D 5012 8.39 47.57 3.33
C LYS D 5012 9.64 47.19 2.54
N MET D 5013 9.50 46.24 1.61
CA MET D 5013 10.65 45.84 0.81
C MET D 5013 11.05 46.92 -0.17
N TYR D 5014 10.08 47.72 -0.64
CA TYR D 5014 10.44 48.81 -1.53
C TYR D 5014 11.31 49.82 -0.82
N GLN D 5015 11.01 50.09 0.45
CA GLN D 5015 11.93 50.94 1.22
C GLN D 5015 13.26 50.24 1.43
N GLU D 5016 13.24 48.93 1.69
CA GLU D 5016 14.49 48.21 1.92
C GLU D 5016 15.26 47.85 0.65
N ARG D 5017 14.65 47.99 -0.53
CA ARG D 5017 15.29 47.69 -1.81
C ARG D 5017 15.70 46.21 -1.88
N CYS D 5018 14.69 45.35 -1.80
CA CYS D 5018 14.84 43.91 -1.99
C CYS D 5018 13.80 43.47 -3.00
N TRP D 5019 14.25 43.10 -4.19
CA TRP D 5019 13.37 42.80 -5.32
C TRP D 5019 13.08 41.31 -5.43
N ASP D 5020 12.68 40.72 -4.32
CA ASP D 5020 12.37 39.29 -4.23
C ASP D 5020 10.88 38.98 -4.34
N PHE D 5021 10.02 39.93 -3.98
CA PHE D 5021 8.60 39.65 -3.94
C PHE D 5021 7.97 39.44 -5.32
N PHE D 5022 8.63 39.83 -6.39
CA PHE D 5022 8.15 39.52 -7.71
C PHE D 5022 8.20 38.01 -7.95
N PRO D 5023 7.36 37.49 -8.89
CA PRO D 5023 7.18 36.02 -8.96
C PRO D 5023 8.42 35.25 -9.36
N ALA D 5024 9.00 35.58 -10.51
CA ALA D 5024 10.26 35.00 -10.98
C ALA D 5024 10.22 33.48 -11.08
N GLY D 5025 9.23 32.96 -11.81
CA GLY D 5025 9.13 31.54 -12.09
C GLY D 5025 7.73 30.96 -12.13
N ASP D 5026 6.78 31.58 -11.44
CA ASP D 5026 5.41 31.11 -11.34
C ASP D 5026 4.45 32.27 -11.54
N CYS D 5027 3.28 31.97 -12.12
CA CYS D 5027 2.31 32.97 -12.56
C CYS D 5027 0.89 32.55 -12.22
N PHE D 5028 0.69 31.98 -11.02
CA PHE D 5028 -0.59 31.52 -10.48
C PHE D 5028 -1.12 30.25 -11.16
N ARG D 5029 -0.44 29.72 -12.17
CA ARG D 5029 -0.88 28.61 -13.00
C ARG D 5029 -0.01 27.38 -12.83
N LYS D 5030 1.31 27.57 -12.79
CA LYS D 5030 2.20 26.46 -12.48
C LYS D 5030 2.00 25.96 -11.05
N GLN D 5031 1.56 26.84 -10.15
CA GLN D 5031 1.29 26.40 -8.78
C GLN D 5031 0.09 25.47 -8.74
N TYR D 5032 -0.97 25.82 -9.47
CA TYR D 5032 -2.25 25.11 -9.47
C TYR D 5032 -2.54 24.48 -10.82
N GLU D 5033 -1.50 23.97 -11.48
CA GLU D 5033 -1.71 23.33 -12.77
C GLU D 5033 -2.49 22.03 -12.63
N ASP D 5034 -2.31 21.31 -11.52
CA ASP D 5034 -3.00 20.04 -11.34
C ASP D 5034 -4.49 20.24 -11.13
N GLN D 5035 -4.87 21.24 -10.34
CA GLN D 5035 -6.29 21.43 -10.02
C GLN D 5035 -7.01 22.15 -11.16
N LEU D 5036 -6.67 23.41 -11.39
CA LEU D 5036 -7.25 24.26 -12.41
C LEU D 5036 -6.53 25.60 -12.35
N SER D 5037 -6.59 26.34 -13.45
CA SER D 5037 -6.00 27.66 -13.52
C SER D 5037 -6.68 28.63 -12.55
N GLY E 1 -132.45 7.57 -15.22
CA GLY E 1 -131.29 7.43 -16.15
C GLY E 1 -130.74 8.78 -16.57
N VAL E 2 -131.59 9.58 -17.20
CA VAL E 2 -131.25 10.92 -17.69
C VAL E 2 -132.39 11.86 -17.29
N GLU E 3 -132.02 13.02 -16.75
CA GLU E 3 -132.98 14.03 -16.26
C GLU E 3 -132.53 15.39 -16.81
N ILE E 4 -132.99 15.71 -18.02
CA ILE E 4 -132.62 16.97 -18.66
C ILE E 4 -133.48 18.10 -18.10
N GLU E 5 -132.98 19.32 -18.28
CA GLU E 5 -133.70 20.55 -17.96
C GLU E 5 -133.54 21.44 -19.19
N THR E 6 -134.49 21.33 -20.11
CA THR E 6 -134.34 21.94 -21.42
C THR E 6 -134.50 23.46 -21.33
N ILE E 7 -134.28 24.10 -22.46
CA ILE E 7 -134.39 25.54 -22.63
C ILE E 7 -135.17 25.79 -23.92
N SER E 8 -136.02 26.82 -23.89
CA SER E 8 -137.15 26.91 -24.82
C SER E 8 -136.79 27.04 -26.30
N PRO E 9 -135.92 27.97 -26.75
CA PRO E 9 -135.90 28.29 -28.20
C PRO E 9 -135.32 27.18 -29.05
N GLY E 10 -135.87 27.07 -30.26
CA GLY E 10 -135.56 26.04 -31.22
C GLY E 10 -136.83 25.47 -31.80
N ASP E 11 -136.67 24.41 -32.59
CA ASP E 11 -137.83 23.76 -33.20
C ASP E 11 -138.65 23.02 -32.15
N GLY E 12 -138.03 22.05 -31.48
CA GLY E 12 -138.69 21.29 -30.44
C GLY E 12 -139.62 20.19 -30.93
N ARG E 13 -139.55 19.80 -32.20
CA ARG E 13 -140.36 18.75 -32.81
C ARG E 13 -139.54 17.70 -33.54
N THR E 14 -138.46 18.10 -34.20
CA THR E 14 -137.66 17.18 -35.00
C THR E 14 -136.71 16.45 -34.07
N PHE E 15 -137.15 15.29 -33.58
CA PHE E 15 -136.31 14.47 -32.75
C PHE E 15 -135.23 13.81 -33.60
N PRO E 16 -134.15 13.31 -32.99
CA PRO E 16 -133.23 12.47 -33.75
C PRO E 16 -133.88 11.17 -34.16
N LYS E 17 -133.43 10.65 -35.30
CA LYS E 17 -133.83 9.36 -35.82
C LYS E 17 -132.60 8.49 -36.03
N LYS E 18 -132.83 7.19 -36.05
CA LYS E 18 -131.75 6.21 -35.95
C LYS E 18 -130.87 6.25 -37.20
N GLY E 19 -129.57 6.02 -36.98
CA GLY E 19 -128.61 5.91 -38.06
C GLY E 19 -128.42 7.20 -38.84
N GLN E 20 -128.25 8.32 -38.14
CA GLN E 20 -128.01 9.60 -38.78
C GLN E 20 -127.09 10.46 -37.91
N THR E 21 -126.44 11.42 -38.56
CA THR E 21 -125.46 12.25 -37.90
C THR E 21 -126.13 13.25 -36.97
N CYS E 22 -125.43 13.61 -35.89
CA CYS E 22 -125.91 14.53 -34.86
C CYS E 22 -124.78 15.49 -34.47
N VAL E 23 -124.79 16.67 -35.08
CA VAL E 23 -123.89 17.75 -34.68
C VAL E 23 -124.20 18.15 -33.23
N VAL E 24 -123.18 18.59 -32.51
CA VAL E 24 -123.31 19.05 -31.13
C VAL E 24 -122.33 20.20 -30.90
N HIS E 25 -122.45 20.86 -29.75
CA HIS E 25 -121.46 21.81 -29.24
C HIS E 25 -121.29 21.59 -27.74
N TYR E 26 -121.07 20.34 -27.37
CA TYR E 26 -121.01 19.95 -25.96
C TYR E 26 -119.85 20.62 -25.24
N THR E 27 -120.07 20.93 -23.96
CA THR E 27 -119.07 21.48 -23.06
C THR E 27 -119.17 20.72 -21.75
N GLY E 28 -118.17 19.90 -21.48
CA GLY E 28 -118.21 19.05 -20.31
C GLY E 28 -118.08 19.84 -19.02
N MET E 29 -118.45 19.18 -17.93
CA MET E 29 -118.35 19.76 -16.59
C MET E 29 -118.48 18.64 -15.58
N LEU E 30 -117.55 18.59 -14.64
CA LEU E 30 -117.56 17.59 -13.59
C LEU E 30 -118.43 18.03 -12.43
N GLN E 31 -119.02 17.06 -11.74
CA GLN E 31 -119.92 17.35 -10.64
C GLN E 31 -119.14 17.90 -9.46
N ASN E 32 -119.43 19.16 -9.10
CA ASN E 32 -118.69 19.87 -8.05
C ASN E 32 -117.20 19.93 -8.38
N GLY E 33 -116.91 20.19 -9.64
CA GLY E 33 -115.56 20.22 -10.16
C GLY E 33 -115.36 21.33 -11.17
N LYS E 34 -114.78 20.97 -12.31
CA LYS E 34 -114.32 21.94 -13.30
C LYS E 34 -114.57 21.40 -14.70
N LYS E 35 -114.46 22.30 -15.67
CA LYS E 35 -114.48 21.90 -17.07
C LYS E 35 -113.29 21.01 -17.36
N PHE E 36 -113.52 20.00 -18.20
CA PHE E 36 -112.49 19.04 -18.62
C PHE E 36 -112.47 18.85 -20.14
N ASP E 37 -113.60 19.07 -20.82
CA ASP E 37 -113.64 18.95 -22.27
C ASP E 37 -114.71 19.89 -22.80
N SER E 38 -114.47 20.38 -24.02
CA SER E 38 -115.42 21.23 -24.71
C SER E 38 -115.00 21.37 -26.16
N SER E 39 -116.00 21.63 -27.01
CA SER E 39 -115.81 21.80 -28.45
C SER E 39 -115.96 23.24 -28.91
N ARG E 40 -116.63 24.09 -28.13
CA ARG E 40 -116.75 25.50 -28.50
C ARG E 40 -115.39 26.18 -28.51
N ASP E 41 -114.56 25.89 -27.51
CA ASP E 41 -113.21 26.44 -27.50
C ASP E 41 -112.35 25.83 -28.59
N ARG E 42 -112.60 24.57 -28.95
CA ARG E 42 -111.85 23.90 -29.99
C ARG E 42 -112.33 24.27 -31.40
N ASN E 43 -113.55 24.78 -31.53
CA ASN E 43 -114.11 25.19 -32.82
C ASN E 43 -114.19 24.01 -33.79
N LYS E 44 -115.02 23.03 -33.42
CA LYS E 44 -115.29 21.89 -34.27
C LYS E 44 -116.65 21.32 -33.88
N PRO E 45 -117.52 20.92 -34.83
CA PRO E 45 -118.86 20.49 -34.41
C PRO E 45 -118.94 19.11 -33.77
N PHE E 46 -117.95 18.25 -33.97
CA PHE E 46 -117.94 16.89 -33.42
C PHE E 46 -119.15 16.08 -33.92
N LYS E 47 -119.13 15.82 -35.23
CA LYS E 47 -120.15 14.98 -35.82
C LYS E 47 -120.05 13.55 -35.32
N PHE E 48 -121.20 12.91 -35.12
CA PHE E 48 -121.25 11.50 -34.78
C PHE E 48 -122.61 10.94 -35.18
N ARG E 49 -122.60 9.66 -35.52
CA ARG E 49 -123.79 8.96 -36.00
C ARG E 49 -124.35 8.09 -34.87
N ILE E 50 -125.62 8.29 -34.54
CA ILE E 50 -126.30 7.46 -33.56
C ILE E 50 -126.51 6.07 -34.13
N GLY E 51 -126.48 5.06 -33.25
CA GLY E 51 -126.76 3.68 -33.57
C GLY E 51 -125.53 2.80 -33.57
N LYS E 52 -124.37 3.33 -33.93
CA LYS E 52 -123.16 2.54 -33.95
C LYS E 52 -122.62 2.23 -32.57
N GLN E 53 -123.08 2.92 -31.52
CA GLN E 53 -122.69 2.66 -30.13
C GLN E 53 -121.19 2.90 -29.93
N GLU E 54 -120.78 4.15 -30.16
CA GLU E 54 -119.43 4.63 -29.96
C GLU E 54 -119.31 5.70 -28.89
N VAL E 55 -120.32 6.56 -28.74
CA VAL E 55 -120.36 7.58 -27.70
C VAL E 55 -120.88 6.96 -26.43
N ILE E 56 -120.80 7.72 -25.34
CA ILE E 56 -121.22 7.20 -24.04
C ILE E 56 -122.74 7.13 -24.03
N LYS E 57 -123.27 6.19 -23.23
CA LYS E 57 -124.70 5.91 -23.19
C LYS E 57 -125.50 7.12 -22.73
N GLY E 58 -124.98 7.85 -21.74
CA GLY E 58 -125.71 8.97 -21.20
C GLY E 58 -125.88 10.11 -22.18
N PHE E 59 -124.84 10.38 -22.97
CA PHE E 59 -124.89 11.50 -23.92
C PHE E 59 -125.90 11.21 -25.03
N GLU E 60 -125.85 10.01 -25.60
CA GLU E 60 -126.81 9.64 -26.63
C GLU E 60 -128.23 9.52 -26.07
N GLU E 61 -128.36 9.08 -24.82
CA GLU E 61 -129.68 9.02 -24.19
C GLU E 61 -130.26 10.43 -24.02
N GLY E 62 -129.44 11.37 -23.58
CA GLY E 62 -129.91 12.74 -23.44
C GLY E 62 -130.22 13.38 -24.78
N ALA E 63 -129.42 13.07 -25.80
CA ALA E 63 -129.70 13.57 -27.14
C ALA E 63 -130.98 12.97 -27.70
N ALA E 64 -131.29 11.73 -27.32
CA ALA E 64 -132.53 11.11 -27.77
C ALA E 64 -133.76 11.82 -27.22
N GLN E 65 -133.67 12.39 -26.02
CA GLN E 65 -134.81 12.98 -25.33
C GLN E 65 -134.97 14.47 -25.61
N MET E 66 -134.57 14.92 -26.80
CA MET E 66 -134.63 16.33 -27.16
C MET E 66 -134.75 16.42 -28.68
N SER E 67 -134.65 17.63 -29.21
CA SER E 67 -134.88 17.88 -30.63
C SER E 67 -134.05 19.08 -31.07
N LEU E 68 -134.28 19.55 -32.29
CA LEU E 68 -133.43 20.56 -32.89
C LEU E 68 -133.56 21.90 -32.18
N GLY E 69 -132.41 22.56 -31.98
CA GLY E 69 -132.36 23.92 -31.52
C GLY E 69 -132.30 24.09 -30.01
N GLN E 70 -132.98 23.23 -29.26
CA GLN E 70 -133.13 23.44 -27.83
C GLN E 70 -131.85 23.07 -27.10
N ARG E 71 -131.40 23.97 -26.23
CA ARG E 71 -130.33 23.70 -25.30
C ARG E 71 -130.86 22.90 -24.12
N ALA E 72 -129.95 22.23 -23.40
CA ALA E 72 -130.33 21.37 -22.30
C ALA E 72 -129.15 21.25 -21.34
N LYS E 73 -129.44 20.75 -20.14
CA LYS E 73 -128.47 20.46 -19.09
C LYS E 73 -128.52 18.96 -18.82
N LEU E 74 -127.72 18.21 -19.55
CA LEU E 74 -127.71 16.77 -19.41
C LEU E 74 -127.00 16.36 -18.14
N THR E 75 -127.49 15.27 -17.53
CA THR E 75 -126.90 14.66 -16.36
C THR E 75 -126.77 13.17 -16.61
N CYS E 76 -125.69 12.58 -16.08
CA CYS E 76 -125.35 11.19 -16.32
C CYS E 76 -124.85 10.57 -15.02
N THR E 77 -125.23 9.32 -14.81
CA THR E 77 -124.88 8.55 -13.62
C THR E 77 -123.56 7.83 -13.83
N PRO E 78 -122.89 7.37 -12.76
CA PRO E 78 -121.59 6.69 -12.96
C PRO E 78 -121.69 5.39 -13.74
N ASP E 79 -122.74 4.61 -13.53
CA ASP E 79 -122.88 3.35 -14.25
C ASP E 79 -123.12 3.58 -15.73
N VAL E 80 -123.97 4.56 -16.06
CA VAL E 80 -124.19 4.91 -17.45
C VAL E 80 -122.93 5.51 -18.05
N ALA E 81 -122.25 6.35 -17.28
CA ALA E 81 -121.01 7.00 -17.69
C ALA E 81 -119.83 6.08 -17.43
N TYR E 82 -118.61 6.63 -17.43
CA TYR E 82 -117.40 5.85 -17.20
C TYR E 82 -117.29 5.26 -15.79
N GLY E 83 -118.12 5.67 -14.84
CA GLY E 83 -117.84 5.46 -13.44
C GLY E 83 -117.93 4.03 -12.94
N ALA E 84 -117.00 3.20 -13.40
CA ALA E 84 -116.66 1.93 -12.78
C ALA E 84 -115.19 1.89 -12.41
N THR E 85 -114.33 2.38 -13.28
CA THR E 85 -112.93 2.72 -13.04
C THR E 85 -112.63 4.15 -13.46
N GLY E 86 -113.25 4.63 -14.53
CA GLY E 86 -113.10 5.98 -15.02
C GLY E 86 -112.22 6.05 -16.25
N HIS E 87 -112.43 7.09 -17.04
CA HIS E 87 -111.57 7.35 -18.19
C HIS E 87 -110.18 7.68 -17.66
N PRO E 88 -109.11 7.03 -18.15
CA PRO E 88 -107.84 7.09 -17.42
C PRO E 88 -107.15 8.43 -17.58
N GLY E 89 -106.75 9.00 -16.45
CA GLY E 89 -105.91 10.17 -16.44
C GLY E 89 -106.61 11.51 -16.45
N VAL E 90 -107.94 11.54 -16.65
CA VAL E 90 -108.72 12.77 -16.71
C VAL E 90 -109.91 12.71 -15.75
N ILE E 91 -110.74 11.67 -15.85
CA ILE E 91 -111.93 11.52 -15.01
C ILE E 91 -111.54 10.65 -13.83
N PRO E 92 -111.94 10.94 -12.58
CA PRO E 92 -111.63 10.02 -11.50
C PRO E 92 -112.58 8.85 -11.49
N PRO E 93 -112.37 7.86 -10.62
CA PRO E 93 -113.36 6.78 -10.51
C PRO E 93 -114.66 7.27 -9.89
N ASN E 94 -115.75 6.59 -10.23
CA ASN E 94 -117.06 6.82 -9.63
C ASN E 94 -117.55 8.24 -9.89
N ALA E 95 -117.39 8.69 -11.13
CA ALA E 95 -117.73 10.06 -11.49
C ALA E 95 -119.22 10.21 -11.79
N THR E 96 -119.66 11.46 -11.76
CA THR E 96 -121.01 11.87 -12.16
C THR E 96 -120.88 13.06 -13.07
N LEU E 97 -121.37 12.93 -14.30
CA LEU E 97 -121.02 13.80 -15.41
C LEU E 97 -122.17 14.72 -15.77
N ILE E 98 -121.81 15.90 -16.28
CA ILE E 98 -122.74 16.94 -16.70
C ILE E 98 -122.34 17.39 -18.08
N PHE E 99 -123.33 17.67 -18.92
CA PHE E 99 -123.10 18.18 -20.27
C PHE E 99 -124.21 19.16 -20.61
N ASP E 100 -123.94 19.99 -21.61
CA ASP E 100 -124.95 20.87 -22.19
C ASP E 100 -124.63 21.10 -23.66
N VAL E 101 -125.65 20.96 -24.51
CA VAL E 101 -125.49 20.72 -25.93
C VAL E 101 -126.29 21.74 -26.72
N GLU E 102 -125.70 22.23 -27.80
CA GLU E 102 -126.37 23.01 -28.84
C GLU E 102 -125.92 22.46 -30.19
N LEU E 103 -126.75 22.63 -31.21
CA LEU E 103 -126.55 21.93 -32.46
C LEU E 103 -127.20 22.66 -33.62
N LEU E 104 -126.66 22.38 -34.82
CA LEU E 104 -127.24 22.75 -36.11
C LEU E 104 -127.18 21.53 -37.03
N ASN E 105 -127.64 20.40 -36.50
CA ASN E 105 -127.45 19.12 -37.17
C ASN E 105 -128.37 18.96 -38.37
N LEU E 106 -127.86 18.24 -39.36
CA LEU E 106 -128.69 17.68 -40.42
C LEU E 106 -129.37 16.41 -39.91
N GLU E 107 -130.37 15.97 -40.67
CA GLU E 107 -131.07 14.72 -40.38
C GLU E 107 -131.40 14.03 -41.70
N GLY F 1 -13.06 -122.26 -52.12
CA GLY F 1 -11.99 -121.23 -52.13
C GLY F 1 -12.14 -120.26 -53.28
N VAL F 2 -12.11 -120.80 -54.50
CA VAL F 2 -12.24 -120.03 -55.73
C VAL F 2 -13.21 -120.78 -56.64
N GLU F 3 -14.16 -120.04 -57.22
CA GLU F 3 -15.20 -120.58 -58.09
C GLU F 3 -15.28 -119.72 -59.34
N ILE F 4 -14.44 -120.05 -60.34
CA ILE F 4 -14.40 -119.29 -61.57
C ILE F 4 -15.55 -119.71 -62.48
N GLU F 5 -15.87 -118.83 -63.43
CA GLU F 5 -16.84 -119.07 -64.50
C GLU F 5 -16.15 -118.64 -65.79
N THR F 6 -15.45 -119.57 -66.42
CA THR F 6 -14.57 -119.25 -67.52
C THR F 6 -15.38 -118.89 -68.76
N ILE F 7 -14.63 -118.47 -69.78
CA ILE F 7 -15.17 -118.09 -71.09
C ILE F 7 -14.30 -118.75 -72.15
N SER F 8 -14.94 -119.21 -73.22
CA SER F 8 -14.36 -120.24 -74.08
C SER F 8 -13.07 -119.87 -74.81
N PRO F 9 -12.95 -118.75 -75.54
CA PRO F 9 -11.84 -118.63 -76.51
C PRO F 9 -10.49 -118.47 -75.84
N GLY F 10 -9.48 -119.03 -76.51
CA GLY F 10 -8.11 -119.10 -76.04
C GLY F 10 -7.57 -120.49 -76.23
N ASP F 11 -6.36 -120.70 -75.70
CA ASP F 11 -5.74 -122.02 -75.79
C ASP F 11 -6.45 -123.04 -74.91
N GLY F 12 -6.49 -122.77 -73.60
CA GLY F 12 -7.16 -123.64 -72.67
C GLY F 12 -6.40 -124.89 -72.27
N ARG F 13 -5.08 -124.96 -72.54
CA ARG F 13 -4.22 -126.09 -72.22
C ARG F 13 -2.96 -125.68 -71.48
N THR F 14 -2.37 -124.54 -71.82
CA THR F 14 -1.12 -124.09 -71.22
C THR F 14 -1.42 -123.44 -69.88
N PHE F 15 -1.40 -124.24 -68.82
CA PHE F 15 -1.61 -123.72 -67.49
C PHE F 15 -0.37 -122.93 -67.05
N PRO F 16 -0.50 -122.08 -66.03
CA PRO F 16 0.71 -121.51 -65.45
C PRO F 16 1.55 -122.56 -64.76
N LYS F 17 2.86 -122.32 -64.76
CA LYS F 17 3.85 -123.15 -64.08
C LYS F 17 4.63 -122.27 -63.11
N LYS F 18 5.21 -122.93 -62.12
CA LYS F 18 5.76 -122.25 -60.96
C LYS F 18 6.98 -121.41 -61.33
N GLY F 19 7.12 -120.28 -60.66
CA GLY F 19 8.28 -119.42 -60.83
C GLY F 19 8.40 -118.81 -62.21
N GLN F 20 7.30 -118.26 -62.74
CA GLN F 20 7.32 -117.61 -64.04
C GLN F 20 6.32 -116.46 -64.05
N THR F 21 6.56 -115.52 -64.96
CA THR F 21 5.78 -114.30 -65.05
C THR F 21 4.38 -114.59 -65.61
N CYS F 22 3.40 -113.80 -65.16
CA CYS F 22 2.00 -113.93 -65.56
C CYS F 22 1.43 -112.55 -65.83
N VAL F 23 1.41 -112.16 -67.11
CA VAL F 23 0.72 -110.94 -67.53
C VAL F 23 -0.78 -111.09 -67.25
N VAL F 24 -1.45 -109.97 -66.96
CA VAL F 24 -2.88 -109.92 -66.69
C VAL F 24 -3.43 -108.61 -67.24
N HIS F 25 -4.76 -108.50 -67.25
CA HIS F 25 -5.46 -107.24 -67.50
C HIS F 25 -6.65 -107.14 -66.54
N TYR F 26 -6.36 -107.35 -65.26
CA TYR F 26 -7.40 -107.41 -64.23
C TYR F 26 -8.13 -106.08 -64.10
N THR F 27 -9.42 -106.18 -63.79
CA THR F 27 -10.29 -105.04 -63.51
C THR F 27 -11.10 -105.39 -62.27
N GLY F 28 -10.79 -104.71 -61.17
CA GLY F 28 -11.44 -105.03 -59.92
C GLY F 28 -12.89 -104.64 -59.90
N MET F 29 -13.61 -105.19 -58.92
CA MET F 29 -15.01 -104.89 -58.72
C MET F 29 -15.41 -105.38 -57.33
N LEU F 30 -16.04 -104.51 -56.56
CA LEU F 30 -16.50 -104.85 -55.23
C LEU F 30 -17.87 -105.52 -55.28
N GLN F 31 -18.13 -106.39 -54.31
CA GLN F 31 -19.38 -107.13 -54.27
C GLN F 31 -20.52 -106.20 -53.92
N ASN F 32 -21.47 -106.03 -54.86
CA ASN F 32 -22.57 -105.10 -54.73
C ASN F 32 -22.06 -103.69 -54.49
N GLY F 33 -21.03 -103.32 -55.25
CA GLY F 33 -20.35 -102.04 -55.13
C GLY F 33 -19.95 -101.50 -56.48
N LYS F 34 -18.69 -101.08 -56.58
CA LYS F 34 -18.19 -100.33 -57.73
C LYS F 34 -16.77 -100.76 -58.04
N LYS F 35 -16.32 -100.35 -59.22
CA LYS F 35 -14.92 -100.52 -59.59
C LYS F 35 -14.05 -99.71 -58.65
N PHE F 36 -12.89 -100.27 -58.30
CA PHE F 36 -11.90 -99.64 -57.42
C PHE F 36 -10.49 -99.69 -58.00
N ASP F 37 -10.19 -100.68 -58.84
CA ASP F 37 -8.88 -100.79 -59.46
C ASP F 37 -9.03 -101.48 -60.81
N SER F 38 -8.16 -101.10 -61.74
CA SER F 38 -8.11 -101.71 -63.05
C SER F 38 -6.84 -101.28 -63.76
N SER F 39 -6.38 -102.13 -64.68
CA SER F 39 -5.18 -101.92 -65.47
C SER F 39 -5.46 -101.57 -66.92
N ARG F 40 -6.65 -101.91 -67.43
CA ARG F 40 -6.99 -101.56 -68.80
C ARG F 40 -7.06 -100.05 -68.97
N ASP F 41 -7.65 -99.35 -68.00
CA ASP F 41 -7.68 -97.90 -68.06
C ASP F 41 -6.31 -97.31 -67.85
N ARG F 42 -5.46 -97.96 -67.04
CA ARG F 42 -4.11 -97.49 -66.81
C ARG F 42 -3.14 -97.82 -67.93
N ASN F 43 -3.46 -98.81 -68.78
CA ASN F 43 -2.63 -99.20 -69.90
C ASN F 43 -1.26 -99.69 -69.43
N LYS F 44 -1.27 -100.80 -68.68
CA LYS F 44 -0.06 -101.45 -68.23
C LYS F 44 -0.37 -102.92 -67.97
N PRO F 45 0.49 -103.88 -68.37
CA PRO F 45 0.08 -105.28 -68.20
C PRO F 45 0.15 -105.81 -66.77
N PHE F 46 0.90 -105.18 -65.87
CA PHE F 46 1.05 -105.62 -64.48
C PHE F 46 1.64 -107.04 -64.42
N LYS F 47 2.90 -107.12 -64.83
CA LYS F 47 3.63 -108.37 -64.73
C LYS F 47 3.86 -108.75 -63.28
N PHE F 48 3.79 -110.05 -62.99
CA PHE F 48 4.12 -110.56 -61.68
C PHE F 48 4.50 -112.03 -61.81
N ARG F 49 5.38 -112.47 -60.92
CA ARG F 49 5.91 -113.83 -60.92
C ARG F 49 5.24 -114.64 -59.82
N ILE F 50 4.63 -115.76 -60.19
CA ILE F 50 4.04 -116.67 -59.22
C ILE F 50 5.15 -117.35 -58.43
N GLY F 51 4.84 -117.66 -57.15
CA GLY F 51 5.71 -118.39 -56.26
C GLY F 51 6.32 -117.52 -55.17
N LYS F 52 6.58 -116.26 -55.46
CA LYS F 52 7.18 -115.38 -54.46
C LYS F 52 6.20 -114.97 -53.36
N GLN F 53 4.90 -115.16 -53.56
CA GLN F 53 3.88 -114.87 -52.55
C GLN F 53 3.85 -113.37 -52.21
N GLU F 54 3.55 -112.57 -53.24
CA GLU F 54 3.39 -111.13 -53.14
C GLU F 54 1.99 -110.65 -53.46
N VAL F 55 1.29 -111.30 -54.39
CA VAL F 55 -0.09 -110.99 -54.73
C VAL F 55 -1.02 -111.67 -53.74
N ILE F 56 -2.30 -111.35 -53.81
CA ILE F 56 -3.26 -111.90 -52.87
C ILE F 56 -3.50 -113.36 -53.24
N LYS F 57 -3.87 -114.15 -52.23
CA LYS F 57 -4.01 -115.60 -52.41
C LYS F 57 -5.11 -115.93 -53.41
N GLY F 58 -6.21 -115.19 -53.37
CA GLY F 58 -7.33 -115.51 -54.24
C GLY F 58 -7.02 -115.28 -55.71
N PHE F 59 -6.28 -114.21 -56.01
CA PHE F 59 -5.96 -113.90 -57.41
C PHE F 59 -5.04 -114.96 -58.01
N GLU F 60 -3.99 -115.32 -57.29
CA GLU F 60 -3.08 -116.36 -57.77
C GLU F 60 -3.77 -117.72 -57.81
N GLU F 61 -4.68 -117.98 -56.87
CA GLU F 61 -5.43 -119.24 -56.89
C GLU F 61 -6.31 -119.32 -58.13
N GLY F 62 -6.99 -118.22 -58.46
CA GLY F 62 -7.82 -118.20 -59.66
C GLY F 62 -6.99 -118.29 -60.93
N ALA F 63 -5.84 -117.64 -60.94
CA ALA F 63 -4.94 -117.75 -62.09
C ALA F 63 -4.39 -119.17 -62.24
N ALA F 64 -4.22 -119.88 -61.13
CA ALA F 64 -3.75 -121.26 -61.19
C ALA F 64 -4.77 -122.18 -61.87
N GLN F 65 -6.07 -121.89 -61.73
CA GLN F 65 -7.14 -122.75 -62.20
C GLN F 65 -7.60 -122.39 -63.61
N MET F 66 -6.70 -121.87 -64.44
CA MET F 66 -7.04 -121.47 -65.80
C MET F 66 -5.78 -121.55 -66.65
N SER F 67 -5.85 -121.07 -67.88
CA SER F 67 -4.77 -121.20 -68.85
C SER F 67 -4.80 -120.02 -69.80
N LEU F 68 -3.99 -120.10 -70.86
CA LEU F 68 -3.78 -118.95 -71.74
C LEU F 68 -5.04 -118.62 -72.53
N GLY F 69 -5.31 -117.33 -72.64
CA GLY F 69 -6.33 -116.80 -73.52
C GLY F 69 -7.71 -116.68 -72.90
N GLN F 70 -8.08 -117.59 -72.03
CA GLN F 70 -9.46 -117.66 -71.54
C GLN F 70 -9.71 -116.58 -70.51
N ARG F 71 -10.80 -115.84 -70.69
CA ARG F 71 -11.30 -114.91 -69.69
C ARG F 71 -12.05 -115.68 -68.61
N ALA F 72 -12.22 -115.03 -67.46
CA ALA F 72 -12.85 -115.67 -66.31
C ALA F 72 -13.43 -114.60 -65.41
N LYS F 73 -14.28 -115.04 -64.48
CA LYS F 73 -14.90 -114.20 -63.46
C LYS F 73 -14.47 -114.76 -62.10
N LEU F 74 -13.34 -114.25 -61.61
CA LEU F 74 -12.80 -114.74 -60.36
C LEU F 74 -13.61 -114.19 -59.18
N THR F 75 -13.72 -115.01 -58.14
CA THR F 75 -14.36 -114.65 -56.88
C THR F 75 -13.43 -115.04 -55.75
N CYS F 76 -13.44 -114.22 -54.69
CA CYS F 76 -12.54 -114.37 -53.56
C CYS F 76 -13.29 -114.10 -52.27
N THR F 77 -12.97 -114.88 -51.25
CA THR F 77 -13.60 -114.79 -49.94
C THR F 77 -12.85 -113.79 -49.08
N PRO F 78 -13.47 -113.32 -47.97
CA PRO F 78 -12.76 -112.33 -47.14
C PRO F 78 -11.50 -112.85 -46.48
N ASP F 79 -11.50 -114.11 -46.04
CA ASP F 79 -10.32 -114.67 -45.39
C ASP F 79 -9.17 -114.83 -46.38
N VAL F 80 -9.48 -115.31 -47.58
CA VAL F 80 -8.47 -115.41 -48.63
C VAL F 80 -8.01 -114.02 -49.05
N ALA F 81 -8.94 -113.10 -49.17
CA ALA F 81 -8.67 -111.71 -49.54
C ALA F 81 -8.27 -110.91 -48.31
N TYR F 82 -8.32 -109.58 -48.41
CA TYR F 82 -7.95 -108.69 -47.31
C TYR F 82 -8.89 -108.77 -46.10
N GLY F 83 -10.05 -109.42 -46.21
CA GLY F 83 -11.12 -109.21 -45.27
C GLY F 83 -10.92 -109.78 -43.87
N ALA F 84 -9.98 -109.18 -43.15
CA ALA F 84 -9.88 -109.28 -41.71
C ALA F 84 -9.93 -107.91 -41.06
N THR F 85 -9.24 -106.95 -41.64
CA THR F 85 -9.37 -105.51 -41.40
C THR F 85 -9.61 -104.74 -42.69
N GLY F 86 -9.00 -105.18 -43.79
CA GLY F 86 -9.17 -104.59 -45.10
C GLY F 86 -7.96 -103.74 -45.50
N HIS F 87 -7.79 -103.60 -46.80
CA HIS F 87 -6.77 -102.71 -47.33
C HIS F 87 -7.14 -101.28 -46.93
N PRO F 88 -6.23 -100.51 -46.34
CA PRO F 88 -6.67 -99.29 -45.66
C PRO F 88 -7.02 -98.19 -46.64
N GLY F 89 -8.20 -97.60 -46.44
CA GLY F 89 -8.61 -96.41 -47.15
C GLY F 89 -9.33 -96.63 -48.46
N VAL F 90 -9.40 -97.87 -48.96
CA VAL F 90 -10.05 -98.19 -50.23
C VAL F 90 -11.06 -99.32 -50.07
N ILE F 91 -10.64 -100.45 -49.50
CA ILE F 91 -11.51 -101.62 -49.31
C ILE F 91 -12.08 -101.54 -47.89
N PRO F 92 -13.35 -101.80 -47.64
CA PRO F 92 -13.84 -101.80 -46.26
C PRO F 92 -13.47 -103.10 -45.58
N PRO F 93 -13.74 -103.23 -44.27
CA PRO F 93 -13.51 -104.53 -43.62
C PRO F 93 -14.50 -105.58 -44.09
N ASN F 94 -14.08 -106.83 -44.02
CA ASN F 94 -14.94 -107.99 -44.30
C ASN F 94 -15.44 -107.97 -45.73
N ALA F 95 -14.54 -107.69 -46.66
CA ALA F 95 -14.91 -107.54 -48.06
C ALA F 95 -14.98 -108.89 -48.77
N THR F 96 -15.65 -108.88 -49.91
CA THR F 96 -15.72 -110.02 -50.82
C THR F 96 -15.45 -109.50 -52.22
N LEU F 97 -14.41 -110.03 -52.85
CA LEU F 97 -13.78 -109.40 -54.01
C LEU F 97 -14.08 -110.19 -55.28
N ILE F 98 -14.12 -109.45 -56.39
CA ILE F 98 -14.39 -109.98 -57.72
C ILE F 98 -13.31 -109.45 -58.66
N PHE F 99 -12.89 -110.30 -59.58
CA PHE F 99 -11.91 -109.94 -60.60
C PHE F 99 -12.25 -110.65 -61.90
N ASP F 100 -11.71 -110.12 -62.99
CA ASP F 100 -11.78 -110.77 -64.29
C ASP F 100 -10.56 -110.41 -65.10
N VAL F 101 -9.93 -111.42 -65.70
CA VAL F 101 -8.54 -111.36 -66.16
C VAL F 101 -8.46 -111.78 -67.61
N GLU F 102 -7.64 -111.07 -68.38
CA GLU F 102 -7.22 -111.45 -69.71
C GLU F 102 -5.71 -111.22 -69.80
N LEU F 103 -5.04 -111.96 -70.67
CA LEU F 103 -3.59 -112.01 -70.65
C LEU F 103 -3.02 -112.39 -72.01
N LEU F 104 -1.76 -112.00 -72.20
CA LEU F 104 -0.91 -112.42 -73.31
C LEU F 104 0.46 -112.79 -72.75
N ASN F 105 0.44 -113.60 -71.69
CA ASN F 105 1.65 -113.84 -70.92
C ASN F 105 2.61 -114.78 -71.64
N LEU F 106 3.89 -114.55 -71.39
CA LEU F 106 4.92 -115.53 -71.68
C LEU F 106 4.94 -116.59 -70.59
N GLU F 107 5.63 -117.69 -70.88
CA GLU F 107 5.84 -118.77 -69.92
C GLU F 107 7.25 -119.34 -70.09
N GLY G 1 99.20 -54.03 71.22
CA GLY G 1 98.92 -52.68 70.67
C GLY G 1 99.46 -52.51 69.26
N VAL G 2 100.77 -52.67 69.12
CA VAL G 2 101.47 -52.55 67.85
C VAL G 2 102.44 -53.72 67.74
N GLU G 3 102.44 -54.37 66.57
CA GLU G 3 103.28 -55.55 66.29
C GLU G 3 103.95 -55.33 64.94
N ILE G 4 105.11 -54.66 64.97
CA ILE G 4 105.85 -54.38 63.76
C ILE G 4 106.64 -55.62 63.31
N GLU G 5 107.00 -55.62 62.04
CA GLU G 5 107.88 -56.63 61.44
C GLU G 5 108.92 -55.85 60.65
N THR G 6 110.02 -55.51 61.31
CA THR G 6 110.98 -54.58 60.76
C THR G 6 111.76 -55.23 59.62
N ILE G 7 112.60 -54.41 58.98
CA ILE G 7 113.46 -54.79 57.88
C ILE G 7 114.84 -54.21 58.15
N SER G 8 115.88 -54.98 57.82
CA SER G 8 117.20 -54.79 58.41
C SER G 8 117.89 -53.45 58.13
N PRO G 9 118.04 -52.96 56.89
CA PRO G 9 119.01 -51.90 56.64
C PRO G 9 118.59 -50.56 57.23
N GLY G 10 119.60 -49.80 57.65
CA GLY G 10 119.46 -48.54 58.33
C GLY G 10 120.36 -48.49 59.55
N ASP G 11 120.21 -47.43 60.33
CA ASP G 11 121.01 -47.28 61.55
C ASP G 11 120.57 -48.28 62.60
N GLY G 12 119.30 -48.22 63.02
CA GLY G 12 118.77 -49.13 64.00
C GLY G 12 119.12 -48.84 65.44
N ARG G 13 119.63 -47.63 65.74
CA ARG G 13 120.01 -47.20 67.09
C ARG G 13 119.39 -45.86 67.47
N THR G 14 119.27 -44.93 66.54
CA THR G 14 118.76 -43.59 66.83
C THR G 14 117.24 -43.65 66.86
N PHE G 15 116.69 -43.89 68.04
CA PHE G 15 115.25 -43.89 68.21
C PHE G 15 114.72 -42.47 68.13
N PRO G 16 113.42 -42.28 67.90
CA PRO G 16 112.86 -40.93 68.05
C PRO G 16 112.89 -40.50 69.50
N LYS G 17 113.00 -39.19 69.69
CA LYS G 17 112.96 -38.54 70.99
C LYS G 17 111.86 -37.49 70.97
N LYS G 18 111.38 -37.16 72.17
CA LYS G 18 110.16 -36.39 72.33
C LYS G 18 110.31 -34.97 71.82
N GLY G 19 109.23 -34.45 71.25
CA GLY G 19 109.19 -33.08 70.79
C GLY G 19 110.13 -32.76 69.65
N GLN G 20 110.15 -33.62 68.63
CA GLN G 20 110.99 -33.40 67.46
C GLN G 20 110.30 -33.94 66.22
N THR G 21 110.71 -33.42 65.07
CA THR G 21 110.09 -33.75 63.80
C THR G 21 110.47 -35.15 63.36
N CYS G 22 109.54 -35.80 62.64
CA CYS G 22 109.71 -37.18 62.14
C CYS G 22 109.21 -37.26 60.71
N VAL G 23 110.14 -37.15 59.76
CA VAL G 23 109.84 -37.39 58.35
C VAL G 23 109.40 -38.85 58.18
N VAL G 24 108.51 -39.09 57.21
CA VAL G 24 108.02 -40.42 56.88
C VAL G 24 107.80 -40.52 55.38
N HIS G 25 107.52 -41.72 54.90
CA HIS G 25 107.04 -41.95 53.53
C HIS G 25 105.95 -43.03 53.57
N TYR G 26 104.98 -42.82 54.46
CA TYR G 26 103.94 -43.80 54.71
C TYR G 26 103.08 -44.04 53.47
N THR G 27 102.64 -45.29 53.33
CA THR G 27 101.73 -45.72 52.27
C THR G 27 100.66 -46.59 52.94
N GLY G 28 99.44 -46.06 53.01
CA GLY G 28 98.39 -46.77 53.70
C GLY G 28 97.94 -48.00 52.96
N MET G 29 97.21 -48.85 53.69
CA MET G 29 96.66 -50.08 53.14
C MET G 29 95.61 -50.59 54.10
N LEU G 30 94.43 -50.90 53.57
CA LEU G 30 93.34 -51.43 54.37
C LEU G 30 93.46 -52.94 54.50
N GLN G 31 92.97 -53.46 55.62
CA GLN G 31 93.06 -54.90 55.87
C GLN G 31 92.12 -55.65 54.96
N ASN G 32 92.70 -56.49 54.09
CA ASN G 32 91.97 -57.22 53.06
C ASN G 32 91.20 -56.26 52.17
N GLY G 33 91.88 -55.17 51.80
CA GLY G 33 91.30 -54.10 51.00
C GLY G 33 92.30 -53.55 50.01
N LYS G 34 92.41 -52.22 49.98
CA LYS G 34 93.16 -51.52 48.95
C LYS G 34 93.88 -50.33 49.56
N LYS G 35 94.80 -49.77 48.78
CA LYS G 35 95.43 -48.51 49.14
C LYS G 35 94.39 -47.41 49.19
N PHE G 36 94.55 -46.51 50.15
CA PHE G 36 93.67 -45.37 50.35
C PHE G 36 94.43 -44.06 50.52
N ASP G 37 95.67 -44.12 51.01
CA ASP G 37 96.49 -42.93 51.17
C ASP G 37 97.96 -43.31 51.04
N SER G 38 98.74 -42.37 50.52
CA SER G 38 100.17 -42.54 50.40
C SER G 38 100.81 -41.21 50.06
N SER G 39 102.08 -41.07 50.45
CA SER G 39 102.88 -39.89 50.23
C SER G 39 103.94 -40.05 49.16
N ARG G 40 104.34 -41.28 48.84
CA ARG G 40 105.31 -41.50 47.78
C ARG G 40 104.75 -41.04 46.44
N ASP G 41 103.49 -41.37 46.16
CA ASP G 41 102.86 -40.91 44.93
C ASP G 41 102.65 -39.40 44.95
N ARG G 42 102.40 -38.83 46.12
CA ARG G 42 102.20 -37.38 46.25
C ARG G 42 103.50 -36.60 46.26
N ASN G 43 104.63 -37.24 46.55
CA ASN G 43 105.94 -36.60 46.57
C ASN G 43 105.99 -35.47 47.60
N LYS G 44 105.85 -35.85 48.87
CA LYS G 44 105.96 -34.92 49.98
C LYS G 44 106.35 -35.70 51.22
N PRO G 45 107.29 -35.23 52.07
CA PRO G 45 107.71 -36.08 53.19
C PRO G 45 106.73 -36.19 54.34
N PHE G 46 105.77 -35.26 54.48
CA PHE G 46 104.79 -35.26 55.57
C PHE G 46 105.49 -35.17 56.94
N LYS G 47 106.11 -34.01 57.17
CA LYS G 47 106.72 -33.75 58.46
C LYS G 47 105.67 -33.66 59.55
N PHE G 48 106.00 -34.16 60.73
CA PHE G 48 105.15 -34.00 61.90
C PHE G 48 106.00 -34.15 63.15
N ARG G 49 105.58 -33.46 64.20
CA ARG G 49 106.29 -33.41 65.48
C ARG G 49 105.59 -34.31 66.49
N ILE G 50 106.32 -35.27 67.04
CA ILE G 50 105.79 -36.11 68.10
C ILE G 50 105.59 -35.30 69.37
N GLY G 51 104.58 -35.68 70.15
CA GLY G 51 104.28 -35.10 71.44
C GLY G 51 103.05 -34.23 71.45
N LYS G 52 102.76 -33.55 70.34
CA LYS G 52 101.59 -32.68 70.28
C LYS G 52 100.28 -33.45 70.19
N GLN G 53 100.31 -34.76 69.87
CA GLN G 53 99.12 -35.61 69.83
C GLN G 53 98.14 -35.13 68.76
N GLU G 54 98.62 -35.15 67.51
CA GLU G 54 97.84 -34.81 66.32
C GLU G 54 97.66 -35.97 65.37
N VAL G 55 98.65 -36.85 65.26
CA VAL G 55 98.56 -38.05 64.43
C VAL G 55 97.84 -39.14 65.21
N ILE G 56 97.54 -40.24 64.53
CA ILE G 56 96.81 -41.32 65.17
C ILE G 56 97.76 -42.04 66.12
N LYS G 57 97.17 -42.65 67.16
CA LYS G 57 97.96 -43.27 68.22
C LYS G 57 98.80 -44.43 67.68
N GLY G 58 98.24 -45.22 66.77
CA GLY G 58 98.95 -46.39 66.28
C GLY G 58 100.18 -46.02 65.47
N PHE G 59 100.08 -44.98 64.65
CA PHE G 59 101.21 -44.59 63.80
C PHE G 59 102.38 -44.08 64.65
N GLU G 60 102.10 -43.20 65.61
CA GLU G 60 103.16 -42.71 66.49
C GLU G 60 103.69 -43.81 67.39
N GLU G 61 102.83 -44.75 67.80
CA GLU G 61 103.31 -45.88 68.60
C GLU G 61 104.26 -46.75 67.81
N GLY G 62 103.93 -47.02 66.54
CA GLY G 62 104.83 -47.80 65.71
C GLY G 62 106.12 -47.07 65.39
N ALA G 63 106.03 -45.76 65.19
CA ALA G 63 107.24 -44.97 64.98
C ALA G 63 108.11 -44.94 66.23
N ALA G 64 107.50 -45.00 67.41
CA ALA G 64 108.26 -45.02 68.65
C ALA G 64 109.10 -46.30 68.77
N GLN G 65 108.62 -47.41 68.23
CA GLN G 65 109.24 -48.73 68.39
C GLN G 65 110.22 -49.05 67.28
N MET G 66 110.87 -48.04 66.70
CA MET G 66 111.81 -48.23 65.60
C MET G 66 112.80 -47.08 65.63
N SER G 67 113.65 -47.00 64.60
CA SER G 67 114.74 -46.03 64.56
C SER G 67 115.02 -45.68 63.10
N LEU G 68 116.11 -44.94 62.89
CA LEU G 68 116.40 -44.37 61.58
C LEU G 68 116.72 -45.45 60.55
N GLY G 69 116.18 -45.27 59.35
CA GLY G 69 116.52 -46.06 58.19
C GLY G 69 115.69 -47.31 58.00
N GLN G 70 115.28 -47.97 59.07
CA GLN G 70 114.65 -49.27 58.96
C GLN G 70 113.21 -49.14 58.51
N ARG G 71 112.84 -49.92 57.49
CA ARG G 71 111.46 -50.07 57.07
C ARG G 71 110.74 -51.02 58.02
N ALA G 72 109.41 -50.95 58.00
CA ALA G 72 108.59 -51.75 58.90
C ALA G 72 107.22 -51.92 58.29
N LYS G 73 106.46 -52.87 58.86
CA LYS G 73 105.08 -53.16 58.50
C LYS G 73 104.23 -52.93 59.74
N LEU G 74 103.76 -51.69 59.89
CA LEU G 74 102.98 -51.32 61.06
C LEU G 74 101.57 -51.90 60.96
N THR G 75 101.02 -52.27 62.11
CA THR G 75 99.65 -52.74 62.25
C THR G 75 99.00 -51.98 63.39
N CYS G 76 97.70 -51.71 63.24
CA CYS G 76 96.94 -50.89 64.17
C CYS G 76 95.55 -51.51 64.36
N THR G 77 95.08 -51.46 65.59
CA THR G 77 93.79 -52.00 65.98
C THR G 77 92.70 -50.95 65.80
N PRO G 78 91.41 -51.36 65.78
CA PRO G 78 90.36 -50.36 65.57
C PRO G 78 90.24 -49.33 66.69
N ASP G 79 90.44 -49.76 67.94
CA ASP G 79 90.33 -48.83 69.06
C ASP G 79 91.47 -47.81 69.04
N VAL G 80 92.68 -48.28 68.76
CA VAL G 80 93.82 -47.38 68.62
C VAL G 80 93.63 -46.47 67.41
N ALA G 81 93.14 -47.04 66.31
CA ALA G 81 92.88 -46.32 65.07
C ALA G 81 91.51 -45.66 65.14
N TYR G 82 90.98 -45.25 63.97
CA TYR G 82 89.67 -44.60 63.90
C TYR G 82 88.50 -45.50 64.29
N GLY G 83 88.69 -46.81 64.42
CA GLY G 83 87.59 -47.74 64.40
C GLY G 83 86.67 -47.74 65.61
N ALA G 84 85.92 -46.64 65.74
CA ALA G 84 84.72 -46.56 66.56
C ALA G 84 83.52 -46.14 65.73
N THR G 85 83.71 -45.18 64.86
CA THR G 85 82.82 -44.82 63.76
C THR G 85 83.56 -44.79 62.43
N GLY G 86 84.81 -44.37 62.43
CA GLY G 86 85.66 -44.34 61.25
C GLY G 86 85.83 -42.93 60.70
N HIS G 87 86.93 -42.74 60.00
CA HIS G 87 87.15 -41.47 59.30
C HIS G 87 86.09 -41.34 58.22
N PRO G 88 85.37 -40.22 58.13
CA PRO G 88 84.15 -40.21 57.34
C PRO G 88 84.44 -40.18 55.85
N GLY G 89 83.79 -41.09 55.13
CA GLY G 89 83.79 -41.08 53.68
C GLY G 89 84.91 -41.84 53.01
N VAL G 90 85.90 -42.33 53.76
CA VAL G 90 87.04 -43.07 53.21
C VAL G 90 87.24 -44.39 53.93
N ILE G 91 87.34 -44.37 55.27
CA ILE G 91 87.56 -45.58 56.07
C ILE G 91 86.19 -46.07 56.53
N PRO G 92 85.87 -47.37 56.49
CA PRO G 92 84.58 -47.81 57.03
C PRO G 92 84.65 -47.89 58.54
N PRO G 93 83.52 -48.18 59.21
CA PRO G 93 83.59 -48.40 60.66
C PRO G 93 84.31 -49.69 61.01
N ASN G 94 84.90 -49.71 62.20
CA ASN G 94 85.52 -50.91 62.76
C ASN G 94 86.68 -51.40 61.90
N ALA G 95 87.51 -50.47 61.47
CA ALA G 95 88.60 -50.77 60.56
C ALA G 95 89.82 -51.30 61.31
N THR G 96 90.70 -51.94 60.54
CA THR G 96 92.01 -52.40 61.01
C THR G 96 93.03 -51.98 59.98
N LEU G 97 94.00 -51.18 60.40
CA LEU G 97 94.84 -50.39 59.51
C LEU G 97 96.25 -50.95 59.44
N ILE G 98 96.87 -50.75 58.28
CA ILE G 98 98.23 -51.19 57.99
C ILE G 98 98.99 -50.01 57.41
N PHE G 99 100.26 -49.92 57.77
CA PHE G 99 101.15 -48.88 57.26
C PHE G 99 102.55 -49.45 57.11
N ASP G 100 103.35 -48.78 56.29
CA ASP G 100 104.77 -49.07 56.17
C ASP G 100 105.52 -47.79 55.83
N VAL G 101 106.62 -47.55 56.56
CA VAL G 101 107.23 -46.24 56.69
C VAL G 101 108.71 -46.32 56.34
N GLU G 102 109.19 -45.32 55.62
CA GLU G 102 110.59 -45.05 55.40
C GLU G 102 110.83 -43.56 55.60
N LEU G 103 112.05 -43.18 55.97
CA LEU G 103 112.30 -41.83 56.46
C LEU G 103 113.76 -41.44 56.26
N LEU G 104 113.97 -40.13 56.21
CA LEU G 104 115.27 -39.47 56.27
C LEU G 104 115.18 -38.30 57.24
N ASN G 105 114.63 -38.58 58.42
CA ASN G 105 114.28 -37.52 59.35
C ASN G 105 115.50 -36.94 60.05
N LEU G 106 115.40 -35.66 60.35
CA LEU G 106 116.28 -35.02 61.32
C LEU G 106 115.82 -35.35 62.73
N GLU G 107 116.69 -35.08 63.69
CA GLU G 107 116.38 -35.24 65.12
C GLU G 107 117.04 -34.10 65.90
N GLY H 1 -20.21 75.81 108.07
CA GLY H 1 -20.39 76.00 106.60
C GLY H 1 -19.16 76.54 105.93
N VAL H 2 -18.73 77.72 106.38
CA VAL H 2 -17.55 78.42 105.85
C VAL H 2 -16.75 78.93 107.04
N GLU H 3 -15.44 78.71 107.00
CA GLU H 3 -14.50 79.08 108.07
C GLU H 3 -13.31 79.79 107.43
N ILE H 4 -13.44 81.10 107.25
CA ILE H 4 -12.38 81.88 106.63
C ILE H 4 -11.31 82.20 107.66
N GLU H 5 -10.11 82.53 107.14
CA GLU H 5 -8.98 83.01 107.93
C GLU H 5 -8.47 84.25 107.20
N THR H 6 -9.01 85.40 107.58
CA THR H 6 -8.79 86.62 106.82
C THR H 6 -7.36 87.12 107.01
N ILE H 7 -7.05 88.18 106.26
CA ILE H 7 -5.76 88.85 106.29
C ILE H 7 -6.03 90.35 106.35
N SER H 8 -5.21 91.07 107.11
CA SER H 8 -5.58 92.38 107.63
C SER H 8 -5.83 93.47 106.60
N PRO H 9 -4.94 93.76 105.64
CA PRO H 9 -5.05 95.04 104.92
C PRO H 9 -6.24 95.10 103.98
N GLY H 10 -6.79 96.31 103.87
CA GLY H 10 -7.98 96.62 103.11
C GLY H 10 -8.90 97.49 103.93
N ASP H 11 -10.11 97.70 103.39
CA ASP H 11 -11.09 98.51 104.10
C ASP H 11 -11.63 97.78 105.32
N GLY H 12 -12.23 96.62 105.10
CA GLY H 12 -12.77 95.81 106.19
C GLY H 12 -14.10 96.26 106.74
N ARG H 13 -14.83 97.15 106.04
CA ARG H 13 -16.14 97.66 106.45
C ARG H 13 -17.19 97.53 105.37
N THR H 14 -16.82 97.72 104.10
CA THR H 14 -17.77 97.71 103.00
C THR H 14 -18.04 96.25 102.62
N PHE H 15 -19.06 95.66 103.24
CA PHE H 15 -19.44 94.32 102.91
C PHE H 15 -20.13 94.30 101.54
N PRO H 16 -20.23 93.13 100.90
CA PRO H 16 -21.08 93.05 99.71
C PRO H 16 -22.54 93.25 100.07
N LYS H 17 -23.28 93.80 99.11
CA LYS H 17 -24.72 93.99 99.20
C LYS H 17 -25.38 93.30 98.01
N LYS H 18 -26.65 92.98 98.19
CA LYS H 18 -27.35 92.08 97.28
C LYS H 18 -27.53 92.70 95.91
N GLY H 19 -27.46 91.85 94.88
CA GLY H 19 -27.70 92.27 93.51
C GLY H 19 -26.69 93.26 92.98
N GLN H 20 -25.40 92.98 93.18
CA GLN H 20 -24.34 93.83 92.67
C GLN H 20 -23.12 92.98 92.31
N THR H 21 -22.30 93.54 91.43
CA THR H 21 -21.15 92.82 90.90
C THR H 21 -20.06 92.71 91.96
N CYS H 22 -19.28 91.62 91.87
CA CYS H 22 -18.19 91.31 92.81
C CYS H 22 -16.99 90.79 92.02
N VAL H 23 -16.06 91.70 91.74
CA VAL H 23 -14.77 91.31 91.17
C VAL H 23 -14.02 90.41 92.15
N VAL H 24 -13.22 89.48 91.62
CA VAL H 24 -12.41 88.57 92.41
C VAL H 24 -11.09 88.32 91.69
N HIS H 25 -10.17 87.65 92.36
CA HIS H 25 -8.96 87.10 91.76
C HIS H 25 -8.69 85.71 92.33
N TYR H 26 -9.73 84.88 92.31
CA TYR H 26 -9.67 83.57 92.94
C TYR H 26 -8.63 82.67 92.29
N THR H 27 -8.02 81.82 93.12
CA THR H 27 -7.06 80.81 92.69
C THR H 27 -7.42 79.52 93.41
N GLY H 28 -7.94 78.56 92.67
CA GLY H 28 -8.39 77.33 93.28
C GLY H 28 -7.26 76.49 93.80
N MET H 29 -7.63 75.53 94.64
CA MET H 29 -6.68 74.59 95.23
C MET H 29 -7.47 73.43 95.81
N LEU H 30 -7.08 72.21 95.46
CA LEU H 30 -7.72 71.02 95.98
C LEU H 30 -7.12 70.62 97.32
N GLN H 31 -7.93 69.99 98.15
CA GLN H 31 -7.50 69.59 99.48
C GLN H 31 -6.50 68.45 99.39
N ASN H 32 -5.26 68.70 99.82
CA ASN H 32 -4.16 67.76 99.70
C ASN H 32 -3.95 67.36 98.25
N GLY H 33 -4.01 68.35 97.37
CA GLY H 33 -3.90 68.16 95.94
C GLY H 33 -3.12 69.28 95.29
N LYS H 34 -3.68 69.83 94.21
CA LYS H 34 -2.98 70.76 93.34
C LYS H 34 -3.94 71.84 92.87
N LYS H 35 -3.35 72.89 92.30
CA LYS H 35 -4.13 73.91 91.63
C LYS H 35 -4.86 73.31 90.44
N PHE H 36 -6.09 73.77 90.22
CA PHE H 36 -6.94 73.33 89.11
C PHE H 36 -7.55 74.49 88.34
N ASP H 37 -7.74 75.64 89.00
CA ASP H 37 -8.28 76.81 88.33
C ASP H 37 -7.73 78.06 89.00
N SER H 38 -7.58 79.12 88.21
CA SER H 38 -7.14 80.41 88.71
C SER H 38 -7.36 81.46 87.62
N SER H 39 -7.52 82.69 88.08
CA SER H 39 -7.75 83.85 87.22
C SER H 39 -6.56 84.79 87.13
N ARG H 40 -5.65 84.74 88.11
CA ARG H 40 -4.45 85.57 88.05
C ARG H 40 -3.58 85.19 86.86
N ASP H 41 -3.41 83.89 86.63
CA ASP H 41 -2.67 83.44 85.46
C ASP H 41 -3.40 83.75 84.17
N ARG H 42 -4.74 83.72 84.20
CA ARG H 42 -5.54 84.02 83.02
C ARG H 42 -5.68 85.51 82.75
N ASN H 43 -5.45 86.36 83.76
CA ASN H 43 -5.53 87.81 83.62
C ASN H 43 -6.94 88.25 83.20
N LYS H 44 -7.89 88.00 84.10
CA LYS H 44 -9.27 88.42 83.91
C LYS H 44 -9.92 88.54 85.28
N PRO H 45 -10.72 89.58 85.57
CA PRO H 45 -11.23 89.72 86.95
C PRO H 45 -12.36 88.76 87.31
N PHE H 46 -13.07 88.17 86.34
CA PHE H 46 -14.19 87.27 86.59
C PHE H 46 -15.30 87.96 87.39
N LYS H 47 -15.93 88.93 86.73
CA LYS H 47 -17.06 89.61 87.32
C LYS H 47 -18.24 88.66 87.46
N PHE H 48 -18.99 88.81 88.56
CA PHE H 48 -20.22 88.08 88.76
C PHE H 48 -21.10 88.84 89.74
N ARG H 49 -22.41 88.68 89.56
CA ARG H 49 -23.41 89.39 90.35
C ARG H 49 -24.00 88.42 91.38
N ILE H 50 -23.93 88.81 92.65
CA ILE H 50 -24.54 88.03 93.71
C ILE H 50 -26.06 88.13 93.61
N GLY H 51 -26.75 87.05 94.00
CA GLY H 51 -28.19 86.98 94.08
C GLY H 51 -28.81 86.10 93.01
N LYS H 52 -28.21 86.07 91.82
CA LYS H 52 -28.75 85.25 90.73
C LYS H 52 -28.55 83.75 90.95
N GLN H 53 -27.67 83.35 91.87
CA GLN H 53 -27.45 81.94 92.21
C GLN H 53 -26.90 81.16 91.00
N GLU H 54 -25.72 81.60 90.55
CA GLU H 54 -24.98 80.97 89.46
C GLU H 54 -23.65 80.39 89.91
N VAL H 55 -22.96 81.03 90.85
CA VAL H 55 -21.71 80.53 91.40
C VAL H 55 -22.01 79.50 92.48
N ILE H 56 -20.97 78.84 92.96
CA ILE H 56 -21.16 77.79 93.96
C ILE H 56 -21.50 78.45 95.29
N LYS H 57 -22.22 77.71 96.13
CA LYS H 57 -22.72 78.24 97.39
C LYS H 57 -21.59 78.63 98.33
N GLY H 58 -20.53 77.83 98.36
CA GLY H 58 -19.45 78.11 99.28
C GLY H 58 -18.69 79.38 98.96
N PHE H 59 -18.47 79.63 97.66
CA PHE H 59 -17.73 80.82 97.25
C PHE H 59 -18.48 82.10 97.59
N GLU H 60 -19.77 82.14 97.25
CA GLU H 60 -20.58 83.31 97.58
C GLU H 60 -20.76 83.45 99.09
N GLU H 61 -20.85 82.33 99.81
CA GLU H 61 -20.95 82.40 101.27
C GLU H 61 -19.69 82.99 101.87
N GLY H 62 -18.52 82.58 101.38
CA GLY H 62 -17.27 83.15 101.87
C GLY H 62 -17.12 84.61 101.49
N ALA H 63 -17.55 84.97 100.29
CA ALA H 63 -17.52 86.37 99.88
C ALA H 63 -18.48 87.22 100.72
N ALA H 64 -19.59 86.63 101.17
CA ALA H 64 -20.52 87.36 102.02
C ALA H 64 -19.90 87.72 103.37
N GLN H 65 -18.99 86.87 103.88
CA GLN H 65 -18.44 87.02 105.22
C GLN H 65 -17.14 87.83 105.23
N MET H 66 -16.99 88.77 104.31
CA MET H 66 -15.78 89.59 104.20
C MET H 66 -16.16 90.91 103.56
N SER H 67 -15.16 91.71 103.22
CA SER H 67 -15.37 93.07 102.73
C SER H 67 -14.22 93.45 101.80
N LEU H 68 -14.18 94.72 101.41
CA LEU H 68 -13.25 95.17 100.39
C LEU H 68 -11.81 95.09 100.86
N GLY H 69 -10.93 94.64 99.97
CA GLY H 69 -9.51 94.68 100.15
C GLY H 69 -8.90 93.48 100.84
N GLN H 70 -9.61 92.88 101.79
CA GLN H 70 -9.02 91.84 102.63
C GLN H 70 -8.94 90.53 101.88
N ARG H 71 -7.76 89.91 101.91
CA ARG H 71 -7.56 88.56 101.43
C ARG H 71 -8.08 87.57 102.47
N ALA H 72 -8.33 86.34 102.02
CA ALA H 72 -8.89 85.30 102.88
C ALA H 72 -8.51 83.95 102.33
N LYS H 73 -8.71 82.92 103.16
CA LYS H 73 -8.50 81.51 102.83
C LYS H 73 -9.84 80.81 102.99
N LEU H 74 -10.61 80.78 101.92
CA LEU H 74 -11.93 80.19 101.97
C LEU H 74 -11.83 78.67 101.97
N THR H 75 -12.75 78.03 102.68
CA THR H 75 -12.90 76.59 102.74
C THR H 75 -14.36 76.24 102.48
N CYS H 76 -14.56 75.10 101.80
CA CYS H 76 -15.88 74.67 101.38
C CYS H 76 -16.01 73.17 101.57
N THR H 77 -17.18 72.75 101.99
CA THR H 77 -17.50 71.35 102.26
C THR H 77 -18.00 70.68 100.99
N PRO H 78 -18.02 69.33 100.95
CA PRO H 78 -18.49 68.68 99.71
C PRO H 78 -19.96 68.92 99.40
N ASP H 79 -20.81 68.97 100.40
CA ASP H 79 -22.24 69.20 100.16
C ASP H 79 -22.49 70.60 99.65
N VAL H 80 -21.81 71.59 100.24
CA VAL H 80 -21.92 72.96 99.76
C VAL H 80 -21.31 73.08 98.37
N ALA H 81 -20.18 72.41 98.16
CA ALA H 81 -19.48 72.40 96.88
C ALA H 81 -20.06 71.34 95.97
N TYR H 82 -19.33 70.96 94.92
CA TYR H 82 -19.79 69.95 93.97
C TYR H 82 -19.92 68.54 94.55
N GLY H 83 -19.40 68.29 95.75
CA GLY H 83 -19.14 66.94 96.19
C GLY H 83 -20.36 66.08 96.50
N ALA H 84 -21.11 65.75 95.46
CA ALA H 84 -22.06 64.65 95.44
C ALA H 84 -21.74 63.66 94.34
N THR H 85 -21.39 64.16 93.18
CA THR H 85 -20.76 63.43 92.09
C THR H 85 -19.48 64.11 91.63
N GLY H 86 -19.44 65.45 91.65
CA GLY H 86 -18.29 66.24 91.29
C GLY H 86 -18.43 66.87 89.91
N HIS H 87 -17.72 67.97 89.72
CA HIS H 87 -17.65 68.59 88.42
C HIS H 87 -16.95 67.63 87.45
N PRO H 88 -17.52 67.34 86.28
CA PRO H 88 -17.03 66.17 85.54
C PRO H 88 -15.70 66.44 84.86
N GLY H 89 -14.76 65.53 85.07
CA GLY H 89 -13.51 65.51 84.35
C GLY H 89 -12.38 66.31 84.98
N VAL H 90 -12.64 67.07 86.05
CA VAL H 90 -11.63 67.90 86.70
C VAL H 90 -11.62 67.64 88.22
N ILE H 91 -12.76 67.75 88.87
CA ILE H 91 -12.87 67.57 90.32
C ILE H 91 -13.28 66.11 90.56
N PRO H 92 -12.72 65.37 91.51
CA PRO H 92 -13.21 64.02 91.76
C PRO H 92 -14.48 64.06 92.60
N PRO H 93 -15.12 62.92 92.83
CA PRO H 93 -16.28 62.92 93.73
C PRO H 93 -15.86 63.16 95.17
N ASN H 94 -16.79 63.72 95.95
CA ASN H 94 -16.62 63.90 97.40
C ASN H 94 -15.45 64.82 97.70
N ALA H 95 -15.36 65.92 96.97
CA ALA H 95 -14.23 66.83 97.09
C ALA H 95 -14.43 67.81 98.24
N THR H 96 -13.32 68.41 98.66
CA THR H 96 -13.30 69.49 99.64
C THR H 96 -12.41 70.58 99.08
N LEU H 97 -12.97 71.78 98.92
CA LEU H 97 -12.41 72.82 98.07
C LEU H 97 -11.85 73.96 98.91
N ILE H 98 -10.83 74.61 98.35
CA ILE H 98 -10.13 75.73 98.97
C ILE H 98 -10.04 76.84 97.94
N PHE H 99 -10.18 78.07 98.40
CA PHE H 99 -10.06 79.25 97.55
C PHE H 99 -9.43 80.38 98.36
N ASP H 100 -8.89 81.35 97.64
CA ASP H 100 -8.40 82.58 98.23
C ASP H 100 -8.55 83.72 97.24
N VAL H 101 -9.11 84.84 97.72
CA VAL H 101 -9.71 85.86 96.87
C VAL H 101 -9.12 87.22 97.19
N GLU H 102 -8.87 88.01 96.15
CA GLU H 102 -8.55 89.42 96.24
C GLU H 102 -9.38 90.14 95.18
N LEU H 103 -9.67 91.42 95.41
CA LEU H 103 -10.65 92.12 94.61
C LEU H 103 -10.41 93.62 94.61
N LEU H 104 -10.94 94.26 93.57
CA LEU H 104 -11.06 95.71 93.43
C LEU H 104 -12.46 96.03 92.93
N ASN H 105 -13.45 95.43 93.57
CA ASN H 105 -14.81 95.46 93.06
C ASN H 105 -15.47 96.81 93.28
N LEU H 106 -16.35 97.15 92.34
CA LEU H 106 -17.33 98.21 92.53
C LEU H 106 -18.48 97.68 93.36
N GLU H 107 -19.29 98.60 93.86
CA GLU H 107 -20.52 98.27 94.60
C GLU H 107 -21.60 99.28 94.24
PG ATP I . 5.15 18.45 -52.47
O1G ATP I . 4.83 17.27 -51.61
O2G ATP I . 6.53 18.36 -53.12
O3G ATP I . 5.02 19.78 -51.73
PB ATP I . 2.79 17.89 -54.21
O1B ATP I . 3.02 16.53 -54.75
O2B ATP I . 2.13 18.88 -55.15
O3B ATP I . 4.13 18.56 -53.69
PA ATP I . 1.41 18.89 -51.80
O1A ATP I . 1.20 20.22 -52.41
O2A ATP I . 0.18 18.27 -51.14
O3A ATP I . 1.92 17.85 -52.87
O5' ATP I . 2.59 18.93 -50.75
C5' ATP I . 2.42 18.41 -49.41
C4' ATP I . 3.54 18.91 -48.53
O4' ATP I . 2.91 19.54 -47.39
C3' ATP I . 4.33 17.76 -47.92
O3' ATP I . 5.46 18.35 -47.31
C2' ATP I . 3.42 17.33 -46.78
O2' ATP I . 4.28 16.81 -45.78
C1' ATP I . 3.01 18.69 -46.24
N9 ATP I . 1.68 18.66 -45.64
C8 ATP I . 0.48 18.70 -46.30
N7 ATP I . -0.57 18.63 -45.50
C5 ATP I . 0.00 18.54 -44.24
C6 ATP I . -0.57 18.45 -42.95
N6 ATP I . -1.88 18.43 -42.72
N1 ATP I . 0.27 18.37 -41.89
C2 ATP I . 1.59 18.39 -42.12
N3 ATP I . 2.23 18.48 -43.28
C4 ATP I . 1.38 18.56 -44.31
CA CA J . -31.70 12.57 -37.63
ZN ZN K . -2.15 17.11 -37.80
PG ATP L . 38.18 10.60 -39.35
O1G ATP L . 37.91 9.89 -38.06
O2G ATP L . 39.02 11.86 -39.20
O3G ATP L . 36.90 10.93 -40.13
PB ATP L . 39.54 8.17 -40.43
O1B ATP L . 40.68 7.92 -39.52
O2B ATP L . 39.80 7.87 -41.91
O3B ATP L . 39.01 9.66 -40.33
PA ATP L . 36.75 7.23 -40.48
O1A ATP L . 36.63 7.47 -41.93
O2A ATP L . 36.24 5.87 -40.01
O3A ATP L . 38.25 7.35 -40.00
O5' ATP L . 36.01 8.36 -39.65
C5' ATP L . 35.06 8.03 -38.62
C4' ATP L . 34.26 9.26 -38.28
O4' ATP L . 32.87 8.89 -38.41
C3' ATP L . 34.40 9.63 -36.80
O3' ATP L . 33.78 10.89 -36.66
C2' ATP L . 33.44 8.64 -36.15
O2' ATP L . 32.94 9.28 -34.99
C1' ATP L . 32.27 8.71 -37.14
N9 ATP L . 31.53 7.46 -37.19
C8 ATP L . 31.87 6.33 -37.90
N7 ATP L . 31.03 5.34 -37.76
C5 ATP L . 30.07 5.85 -36.90
C6 ATP L . 28.89 5.29 -36.36
N6 ATP L . 28.47 4.05 -36.60
N1 ATP L . 28.15 6.07 -35.53
C2 ATP L . 28.57 7.31 -35.27
N3 ATP L . 29.65 7.94 -35.73
C4 ATP L . 30.37 7.15 -36.54
CA CA M . 21.57 -25.95 -37.95
ZN ZN N . 24.74 3.40 -33.19
PG ATP O . 36.05 39.15 -16.92
O1G ATP O . 35.21 38.68 -15.79
O2G ATP O . 35.49 40.37 -17.65
O3G ATP O . 36.36 38.05 -17.94
PB ATP O . 38.34 39.60 -15.06
O1B ATP O . 37.86 40.60 -14.08
O2B ATP O . 39.81 39.72 -15.46
O3B ATP O . 37.48 39.62 -16.39
PA ATP O . 38.33 36.66 -15.11
O1A ATP O . 39.47 36.61 -16.06
O2A ATP O . 38.45 35.72 -13.91
O3A ATP O . 38.11 38.12 -14.55
O5' ATP O . 36.97 36.35 -15.86
C5' ATP O . 36.05 35.36 -15.36
C4' ATP O . 35.05 35.02 -16.44
O4' ATP O . 35.08 33.58 -16.59
C3' ATP O . 33.62 35.28 -15.97
O3' ATP O . 32.81 35.14 -17.12
C2' ATP O . 33.34 34.06 -15.12
O2' ATP O . 31.94 33.82 -15.22
C1' ATP O . 33.96 32.97 -16.00
N9 ATP O . 34.45 31.86 -15.21
C8 ATP O . 35.64 31.80 -14.53
N7 ATP O . 35.83 30.66 -13.89
C5 ATP O . 34.69 29.94 -14.17
C6 ATP O . 34.26 28.65 -13.78
N6 ATP O . 34.98 27.83 -13.01
N1 ATP O . 33.06 28.22 -14.23
C2 ATP O . 32.34 29.03 -15.01
N3 ATP O . 32.63 30.27 -15.43
C4 ATP O . 33.83 30.66 -14.98
CA CA P . 48.70 11.19 9.00
ZN ZN Q . 31.66 24.13 -11.89
PG ATP R . 3.05 46.99 -30.03
O1G ATP R . 2.13 46.04 -29.33
O2G ATP R . 3.02 46.87 -31.54
O3G ATP R . 4.50 46.91 -29.53
PB ATP R . 1.61 49.32 -28.82
O1B ATP R . 0.22 49.21 -29.30
O2B ATP R . 2.16 50.74 -28.70
O3B ATP R . 2.62 48.50 -29.73
PA ATP R . 3.01 48.31 -26.44
O1A ATP R . 4.05 49.35 -26.53
O2A ATP R . 2.41 48.12 -25.04
O3A ATP R . 1.80 48.61 -27.41
O5' ATP R . 3.56 46.92 -26.94
C5' ATP R . 3.43 45.72 -26.14
C4' ATP R . 4.35 44.65 -26.68
O4' ATP R . 5.15 44.21 -25.57
C3' ATP R . 3.58 43.40 -27.08
O3' ATP R . 4.50 42.58 -27.77
C2' ATP R . 3.34 42.74 -25.74
O2' ATP R . 3.29 41.35 -25.99
C1' ATP R . 4.72 42.95 -25.10
N9 ATP R . 4.62 43.04 -23.66
C8 ATP R . 4.26 44.15 -22.92
N7 ATP R . 4.25 43.95 -21.62
C5 ATP R . 4.63 42.62 -21.50
C6 ATP R . 4.82 41.79 -20.37
N6 ATP R . 4.64 42.20 -19.11
N1 ATP R . 5.20 40.51 -20.58
C2 ATP R . 5.38 40.10 -21.84
N3 ATP R . 5.24 40.79 -22.97
C4 ATP R . 4.86 42.05 -22.74
CA CA S . -4.57 49.71 9.32
ZN ZN T . 4.78 37.84 -16.48
#